data_7PQH
#
_entry.id   7PQH
#
_cell.length_a   1.00
_cell.length_b   1.00
_cell.length_c   1.00
_cell.angle_alpha   90.00
_cell.angle_beta   90.00
_cell.angle_gamma   90.00
#
_symmetry.space_group_name_H-M   'P 1'
#
loop_
_entity.id
_entity.type
_entity.pdbx_description
1 polymer 'Target of rapamycin complex 1 subunit KOG1,Target of rapamycin complex 1 subunit Kog1'
2 polymer 'Target of rapamycin complex subunit LST8'
3 polymer 'Serine/threonine-protein kinase TOR2'
#
loop_
_entity_poly.entity_id
_entity_poly.type
_entity_poly.pdbx_seq_one_letter_code
_entity_poly.pdbx_strand_id
1 'polypeptide(L)'
;MPEIYGPQPLKPLNTVMRHGFEEQYQSDQLLQSLANDFIFYFDDKRHKTNGNPIPEEDKQRDVNRYYQPITDWKIMKDRQ
KTVSAALLLCLNLGVDPPDVMKTHPCARVEAWVDPLNFQDSKKAIEQIGKNLQAQYETLSLRTRYKQSLDPCVEDVKRFC
NSLRRTSKEDRILFHYNGHGVPKPTKSGEIWVFNRGYTQYIPVSLYDLQTWLGAPCIFVYDCNSAENILINFQKFVQKRI
KDDEEGNHDVAAPSPTSAYQDCFQLASCTSDELLLMSPELPADLFSCCLTCPIEISIRIFLMQSPLKDSKYKIFFENSTS
NQPFGDSKNSFKSKIPNVNIPGMLSDRRTPLGELNWIFTAITDTIAWTSLPRPLFKKLFRHDLMIAALFRNFLLAKRIMP
WYNCHPVSDPELPDSITTHPMWKSWDLAMDEVLTKIVIDLKNAPPATALESQMILQQQETLQNGGSSKSNAQDTKAGSIQ
TQSRFAVANLSTMSLVNNPALQSRKSISLQSSQQQLQQQQQQQQQFTGFFEQNLTAFELWLKYASNVRHPPEQLPIVLQV
LLSQVHRIRALVLLSRFLDLGPWAVYLSLSIGIFPYVLKLLQSPAPELKPILVFIWARIMSIDYKNTQSELIKEKGYMYF
VTVLVPDWGVNGMSATNGSAMINSGNPLTMTASQNINGPSSRYYERQQGNRTSNLGHNNLPFYHSNDTTDEQKAMAVFVL
ASFVRNFPLGQKNCFSLELVNKLCFYIDNSEIPLLRQWCVILLGLLFADNPLNRFVCMNTGAVEILLKSLKDPVPEVRTA
SIFALKHFISGFQDAEVILRLQQEFEEQYQQLHSQLQHLQNQSHLQQQQSQQQQQHLEQQQMKIEKQIRHCQVMQNQLEV
IDLRKLKRQEIGNLISILPLINDGSSLVRKELVVYFSHIVSRYSNFFIVVVFNDLLEEIKLLEKSDINTRNTSDKYSVSQ
GSIFYTVWKSLLILAEDPFLENKELSKQVIDYILLELSAHKELGGPFAVMEKFLLKRSSKAHQTGKFGFNSSQVQFVKSS
LRSFSPNERVDNNAFKKEQQQHDPKISHPMRTSLAKLFQSLGFSESNSDSDTQSSNTSMKSHTSKKGPSGLYLLNGNNNI
YPTAETPRFRKHTEPLQLPLNSSFLDYSREYFQEPQMKKQEADEPGSVEYNARLWRRNRNETIIQETQGEKKLSIYGNWS
KKLISLNNKSQPKLMKFAQFEDQLITADDRSTITVFDWEKGKTLSKFSNGTPFGTKVTDLKLINEDDSALLLTGSSDGVI
KIYRDYQDVDTFKIVSAWRGLTDMLLTPRSTGLLTEWLQIRGSLLTTGDVKVIRVWDAHTETVEVDIPAKTSSLITSLTA
DQLAGNIFVAGFADGSLRVYDRRLDPRDSMIRRWRAGNDKQGVWINNVHLQRGGYRELVSGATNGVVELWDIRSEDPVES
FVDQNVTSQYGSQQKPTTMTCMQVHEHAPIIATGTKQIKIWTTSGDLLNSFKNSHNNGVTSTLAATGIPKSLSYSSTSDA
FLSSMAFHPHRMMIAATNSHDSIVNIYKCEDERIDYFRTLQVDKRRWKKNFIAVSAANRFKKISSSGALDYDIPTTASVD
GSENLYFQ
;
A,B,G,J
2 'polypeptide(L)'
;MSVILVSAGYDHTIRFWEALTGVCSRTIQHSDSQVNRLEITNDKKLLATAGHQNVRLYDIRTTNPNPVASFEGHRGNVTS
VSFQQDNRWMVTSSEDGTIKVWDVRSPSIPRNYKHNAPVNEVVIHPNQGELISCDRDGNIRIWDLGENQCTHQLTPEDDT
SLQSLSMASDGSMLAAANTKGNCYVWEMPNHTDASHLKPVTKFRAHSTYITRILLSSDVKHLATCSADHTARVWSIDDDF
KLETTLDGHQRWVWDCAFSADSAYLVTASSDHYVRLWDLSTREIVRQYGGHHKGAVCVALNDV
;
C,D,I,L
3 'polypeptide(L)'
;MNKYINKYTTPPNLLSLRQRAEGKHRTRKKLTHKSHSHDDEMSTTSNTDSNHNGPNDSGRVITGSAGHIGKISFVDSELD
TTFSTLNLIFDKLKSDVPQERASGANELSTTLTSLAREVSAEQFQRFSNSLNNKIFELIHGFTSSEKIGGILAVDTLISF
YLSTEELPNQTSRLANYLRVLIPSSDIEVMRLAANTLGRLTVPGGTLTSDFVEFEVRTCIDWLTLTADNNSSSSKLEYRR
HAALLIIKALADNSPYLLYPYVNSILDNIWVPLRDAKLIIRLDAAVALGKCLTIIQDRDPALGKQWFQRLFQGCTHGLSL
NTNDSVHATLLVFRELLSLKAPYLRDKYDDIYKSTMKYKEYKFDVIRREVYAILPLLAAFDPAIFTKKYLDRIMVHYLRY
LKNIDMNAANNSDKPFILVSIGDIAFEVGSSISPYMTLILDNIREGLRTKFKVRKQFEKDLFYCIGKLACALGPAFAKHL
NKDLLNLMLNCPMSDHMQETLMILNEKIPSLESTVNSRILNLLSISLSGEKFIQSNQYDFNNQFSIEKARKSRNQSFMKK
TGESNDDITDAQILIQCFKMLQLIHHQYSLTEFVRLITISYIEHEDSSVRKLAALTSCDLFIKDDICKQTSVHALHSVSE
VLSKLLMIAITDPVAEIRLEILQHLGSNFDPQLAQPDNLRLLFMALNDEIFGIQLEAIKIIGRLSSVNPAYVVPSLRKTL
LELLTQLKFSNMPKKKEESATLLCTLINSSDEVAKPYIDPILDVILPKCQDASSAVASTALKVLGELSVVGGKEMTRYLK
ELMPLIINTFQDQSNSFKRDAALTTLGQLAASSGYVVGPLLDYPELLGILINILKTENNPHIRRGTVRLIGILGALDPYK
HREIEVTSNSKSSVEQNAPSIDIALLMQGVSPSNDEYYPTVVIHNLMKILNDPSLSIHHTAAIQAIMHIFQNLGLRCVSF
LDQIIPGIILVMRSCPPSQLDFYFQQLGSLISIVKQHIRPHVEKIYGVIREFFPIIKLQITIISVIESISKALEGEFKRF
VPETLTFFLDILENDQSNKRIVPIRILKSLVTFGPNLEDYSHLIMPIVVRMTEYSAGSLKKISIITLGRLAKNINLSEMS
SRIVQALVRILNNGDRELTKATMNTLSLLLLQLGTDFVVFVPVINKALLRNRIQHSVYDQLVNKLLNNECLPTNIIFDKE
NEVPERKNYEDEMQVTKLPVNQNILKNAWYCSQQKTKEDWQEWIRRLSIQLLKESPSACLRSCSSLVSVYYPLARELFNA
SFSSCWVELQTSYQEDLIQALCKALSSSENPPEIYQMLLNLVEFMEHDDKPLPIPIHTLGKYAQKCHAFAKALHYKEVEF
LEEPKNSTIEALISINNQLHQTDSAIGILKHAQQHNELQLKETWYEKLQRWEDALAAYNEKEAAGEDSVEVMMGKLRSLY
ALGEWEELSKLASEKWGTAKPEVKKAMAPLAAGAAWGLEQWDEIAQYTSVMKSQSPDKEFYDAILCLHRNNFKKAEVHIF
NARDLLVTELSALVNESYNRAYNVVVRAQIIAELEEIIKYKKLPQNSDKRLTMRETWNTRLLGCQKNIDVWQRILRVRSL
VIKPKEDAQVRIKFANLCRKSGRMALAKKVLNTLLEETDDPDHPNTAKASPPVVYAQLKYLWATGLQDEALKQLINFTSR
MAHDLGLDPNNMIAQSVPQQSKRVPRHVEDYTKLLARCFLKQGEWRVCLQPKWRLSNPDSILGSYLLATHFDNTWYKAWH
NWALANFEVISMLTSVSKKKQEGSDASSVTDINEFDNGMIGVNTFDAKEVHYSSNLIHRHVIPAIKGFFHSISLSESSSL
QDALRLLTLWFTFGGIPEATQAMHEGFNLIQIGTWLEVLPQLISRIHQPNQIVSRSLLSLLSDLGKAHPQALVYPLMVAI
KSESLSRQKAALSIIEKMRIHSPVLVDQAELVSHELIRMAVLWHEQWYEGLDDASRQFFGEHNTEKMFAALEPLYEMLKR
GPETLREISFQNSFGRDLNDAYEWLMNYKKSKDVSNLNQAWDIYYNVFRKIGKQLPQLQTLELQHVSPKLLSAHDLELAV
PGTRASGGKPIVKISKFEPVFSVISSKQRPRKFCIKGSDGKDYKYVLKGHEDIRQDSLVMQLFGLVNTLLQNDAECFRRH
LDIQQYPAIPLSPKSGLLGWVPNSDTFHVLIREHREAKKIPLNIEHWVMLQMAPDYDNLTLLQKVEVFTYALNNTEGQDL
YKVLWLKSRSSETWLERRTTYTRSLAVMSMTGYILGLGDRHPSNLMLDRITGKVIHIDFGDCFEAAILREKFPEKVPFRL
TRMLTYAMEVSGIEGSFRITCENVMKVLRDNKGSLMAILEAFAFDPLINWGFDLPTKKIEEETGIQLPVMNANELLSNGA
ITEEEVQRVENEHKNAIRNARAMLVLKRITDKLTGNDIRRFNDLDVPEQVDKLIQQATSVENLCQHYIGWCPFW
;
E,F,H,K
#
# COMPACT_ATOMS: atom_id res chain seq x y z
N ILE A 39 67.24 -22.35 -79.65
CA ILE A 39 66.56 -23.63 -79.51
C ILE A 39 67.48 -24.78 -79.90
N PHE A 40 67.36 -25.88 -79.17
CA PHE A 40 68.27 -27.01 -79.29
C PHE A 40 67.53 -28.22 -79.85
N TYR A 41 68.20 -28.98 -80.71
CA TYR A 41 67.60 -30.07 -81.45
C TYR A 41 68.22 -31.41 -81.03
N PHE A 42 67.60 -32.49 -81.49
CA PHE A 42 68.05 -33.86 -81.25
C PHE A 42 68.15 -34.18 -79.76
N ASP A 43 67.29 -33.59 -78.94
CA ASP A 43 67.39 -33.75 -77.50
C ASP A 43 66.02 -33.91 -76.85
N ASP A 44 65.07 -34.53 -77.55
CA ASP A 44 63.72 -34.64 -77.03
C ASP A 44 63.47 -36.02 -76.42
N LYS A 45 62.21 -36.24 -76.01
CA LYS A 45 61.83 -37.48 -75.34
C LYS A 45 62.02 -38.68 -76.25
N ARG A 46 61.70 -38.51 -77.53
CA ARG A 46 61.88 -39.60 -78.50
C ARG A 46 63.33 -40.04 -78.56
N HIS A 47 64.25 -39.06 -78.65
CA HIS A 47 65.66 -39.37 -78.77
C HIS A 47 66.23 -39.95 -77.48
N LYS A 48 65.75 -39.46 -76.33
CA LYS A 48 66.32 -39.95 -75.08
C LYS A 48 65.65 -41.22 -74.58
N THR A 49 64.55 -41.66 -75.18
CA THR A 49 63.88 -42.87 -74.72
C THR A 49 63.79 -43.99 -75.75
N ASN A 50 64.04 -43.70 -77.03
CA ASN A 50 64.16 -44.71 -78.10
C ASN A 50 62.85 -45.44 -78.39
N GLY A 51 61.79 -45.13 -77.68
CA GLY A 51 60.52 -45.79 -77.86
C GLY A 51 60.20 -46.85 -76.84
N ASN A 52 61.16 -47.27 -76.03
CA ASN A 52 60.90 -48.25 -74.99
C ASN A 52 60.14 -47.60 -73.84
N PRO A 53 59.34 -48.38 -73.11
CA PRO A 53 58.71 -47.86 -71.90
C PRO A 53 59.67 -47.93 -70.72
N ILE A 54 59.20 -47.43 -69.58
CA ILE A 54 60.01 -47.43 -68.35
C ILE A 54 60.23 -48.88 -67.90
N PRO A 55 61.48 -49.28 -67.65
CA PRO A 55 61.75 -50.71 -67.39
C PRO A 55 61.13 -51.21 -66.09
N GLU A 56 60.68 -52.47 -66.14
CA GLU A 56 60.05 -53.07 -64.97
C GLU A 56 61.07 -53.47 -63.91
N GLU A 57 62.30 -53.78 -64.30
CA GLU A 57 63.32 -54.07 -63.31
C GLU A 57 63.76 -52.81 -62.56
N ASP A 58 63.60 -51.65 -63.17
CA ASP A 58 63.81 -50.37 -62.50
C ASP A 58 62.53 -49.86 -61.84
N LYS A 59 61.39 -50.45 -62.19
CA LYS A 59 60.11 -49.99 -61.68
C LYS A 59 60.05 -50.07 -60.16
N GLN A 60 60.40 -51.23 -59.60
CA GLN A 60 60.26 -51.46 -58.17
C GLN A 60 61.45 -50.98 -57.34
N ARG A 61 62.59 -50.68 -57.97
CA ARG A 61 63.69 -50.02 -57.26
C ARG A 61 63.44 -48.51 -57.24
N ASP A 62 62.45 -48.12 -56.43
CA ASP A 62 62.04 -46.72 -56.36
C ASP A 62 63.10 -45.90 -55.64
N VAL A 63 63.87 -45.13 -56.40
CA VAL A 63 64.97 -44.34 -55.86
C VAL A 63 64.50 -42.98 -55.37
N ASN A 64 63.70 -42.30 -56.17
CA ASN A 64 63.20 -40.97 -55.83
C ASN A 64 61.88 -41.10 -55.08
N ARG A 65 61.49 -42.33 -54.72
CA ARG A 65 60.22 -42.63 -54.05
C ARG A 65 59.03 -42.16 -54.89
N TYR A 66 59.15 -42.30 -56.21
CA TYR A 66 58.20 -41.72 -57.14
C TYR A 66 57.11 -42.68 -57.58
N TYR A 67 57.33 -43.98 -57.48
CA TYR A 67 56.36 -44.95 -57.99
C TYR A 67 55.84 -45.88 -56.90
N GLN A 68 55.47 -45.36 -55.74
CA GLN A 68 55.05 -46.24 -54.65
C GLN A 68 53.66 -46.82 -54.95
N PRO A 69 53.51 -48.14 -55.02
CA PRO A 69 52.27 -48.74 -55.50
C PRO A 69 51.30 -49.14 -54.41
N ILE A 70 50.02 -49.08 -54.77
CA ILE A 70 48.92 -49.67 -53.98
C ILE A 70 48.08 -50.46 -54.98
N THR A 71 48.35 -51.77 -55.10
CA THR A 71 47.67 -52.56 -56.11
C THR A 71 46.22 -52.86 -55.71
N ASP A 72 46.00 -53.18 -54.44
CA ASP A 72 44.66 -53.55 -53.96
C ASP A 72 43.86 -52.32 -53.51
N TRP A 73 43.65 -51.42 -54.45
CA TRP A 73 43.00 -50.14 -54.14
C TRP A 73 41.49 -50.21 -54.19
N LYS A 74 40.91 -51.07 -55.03
CA LYS A 74 39.48 -51.09 -55.28
C LYS A 74 38.83 -52.17 -54.44
N ILE A 75 37.74 -51.81 -53.74
CA ILE A 75 37.00 -52.76 -52.94
C ILE A 75 36.36 -53.82 -53.84
N MET A 76 36.34 -55.06 -53.36
CA MET A 76 35.88 -56.20 -54.16
C MET A 76 34.38 -56.35 -54.19
N LYS A 77 33.63 -55.34 -53.74
CA LYS A 77 32.16 -55.29 -53.79
C LYS A 77 31.51 -56.41 -52.98
N ASP A 78 32.25 -57.03 -52.05
CA ASP A 78 31.70 -58.02 -51.16
C ASP A 78 31.23 -57.29 -49.90
N ARG A 79 29.93 -57.07 -49.79
CA ARG A 79 29.36 -56.22 -48.75
C ARG A 79 28.61 -57.09 -47.75
N GLN A 80 29.02 -56.98 -46.47
CA GLN A 80 28.32 -57.65 -45.37
C GLN A 80 27.45 -56.60 -44.70
N LYS A 81 26.24 -56.42 -45.24
CA LYS A 81 25.33 -55.41 -44.71
C LYS A 81 24.82 -55.80 -43.33
N THR A 82 24.38 -54.78 -42.59
CA THR A 82 23.68 -54.97 -41.32
C THR A 82 22.21 -54.69 -41.55
N VAL A 83 21.35 -55.60 -41.14
CA VAL A 83 19.93 -55.49 -41.46
C VAL A 83 19.07 -55.55 -40.19
N SER A 84 19.57 -56.19 -39.15
CA SER A 84 18.76 -56.43 -37.97
C SER A 84 19.54 -56.07 -36.72
N ALA A 85 18.80 -55.65 -35.69
CA ALA A 85 19.41 -55.24 -34.44
C ALA A 85 18.60 -55.74 -33.27
N ALA A 86 19.30 -56.07 -32.19
CA ALA A 86 18.71 -56.44 -30.91
C ALA A 86 19.18 -55.44 -29.88
N LEU A 87 18.23 -54.85 -29.16
CA LEU A 87 18.50 -53.79 -28.18
C LEU A 87 18.16 -54.34 -26.81
N LEU A 88 19.13 -54.98 -26.18
CA LEU A 88 18.95 -55.56 -24.85
C LEU A 88 19.12 -54.44 -23.82
N LEU A 89 18.07 -54.17 -23.06
CA LEU A 89 18.01 -53.06 -22.11
C LEU A 89 17.55 -53.61 -20.77
N CYS A 90 18.50 -54.07 -19.94
CA CYS A 90 18.16 -54.66 -18.65
C CYS A 90 18.08 -53.57 -17.59
N LEU A 91 17.00 -52.78 -17.68
CA LEU A 91 16.78 -51.64 -16.80
C LEU A 91 15.44 -51.80 -16.10
N ASN A 92 15.44 -52.35 -14.90
CA ASN A 92 14.26 -52.36 -14.03
C ASN A 92 14.38 -51.14 -13.11
N LEU A 93 13.75 -50.05 -13.52
CA LEU A 93 13.95 -48.78 -12.83
C LEU A 93 13.33 -48.80 -11.44
N GLY A 94 14.11 -48.39 -10.44
CA GLY A 94 13.66 -48.31 -9.06
C GLY A 94 14.49 -49.16 -8.11
N VAL A 95 15.01 -50.29 -8.58
CA VAL A 95 15.77 -51.22 -7.75
C VAL A 95 17.20 -51.27 -8.26
N ASP A 96 18.15 -51.35 -7.33
CA ASP A 96 19.56 -51.38 -7.65
C ASP A 96 20.17 -52.76 -7.38
N PRO A 97 21.24 -53.12 -8.08
CA PRO A 97 21.91 -54.39 -7.79
C PRO A 97 22.55 -54.35 -6.41
N PRO A 98 22.66 -55.49 -5.74
CA PRO A 98 23.22 -55.51 -4.39
C PRO A 98 24.74 -55.57 -4.32
N ASP A 99 25.45 -55.36 -5.43
CA ASP A 99 26.89 -55.45 -5.46
C ASP A 99 27.60 -54.12 -5.63
N VAL A 100 26.86 -53.03 -5.82
CA VAL A 100 27.45 -51.71 -6.03
C VAL A 100 26.72 -50.72 -5.13
N MET A 101 27.46 -50.06 -4.24
CA MET A 101 26.87 -49.03 -3.42
C MET A 101 26.57 -47.79 -4.25
N LYS A 102 25.60 -47.00 -3.78
CA LYS A 102 25.15 -45.82 -4.50
C LYS A 102 25.00 -44.64 -3.57
N THR A 103 25.27 -43.46 -4.11
CA THR A 103 24.94 -42.21 -3.42
C THR A 103 23.47 -41.88 -3.64
N HIS A 104 22.89 -41.15 -2.68
CA HIS A 104 21.47 -40.85 -2.76
C HIS A 104 21.09 -40.04 -4.00
N PRO A 105 21.83 -39.00 -4.41
CA PRO A 105 21.69 -38.55 -5.81
C PRO A 105 22.65 -39.30 -6.70
N CYS A 106 22.15 -39.92 -7.77
CA CYS A 106 22.98 -40.77 -8.61
C CYS A 106 22.68 -40.49 -10.07
N ALA A 107 23.53 -41.05 -10.94
CA ALA A 107 23.34 -40.94 -12.38
C ALA A 107 22.12 -41.79 -12.78
N ARG A 108 21.07 -41.12 -13.24
CA ARG A 108 19.80 -41.79 -13.50
C ARG A 108 19.16 -41.49 -14.85
N VAL A 109 19.53 -40.40 -15.53
CA VAL A 109 18.94 -40.14 -16.84
C VAL A 109 19.47 -41.16 -17.85
N GLU A 110 18.60 -41.59 -18.76
CA GLU A 110 18.91 -42.65 -19.71
C GLU A 110 18.32 -42.29 -21.06
N ALA A 111 19.20 -42.08 -22.05
CA ALA A 111 18.80 -41.72 -23.41
C ALA A 111 17.91 -40.48 -23.44
N TRP A 112 18.29 -39.47 -22.66
CA TRP A 112 17.68 -38.15 -22.58
C TRP A 112 16.27 -38.14 -22.01
N VAL A 113 15.79 -39.22 -21.42
CA VAL A 113 14.49 -39.23 -20.75
C VAL A 113 14.70 -39.62 -19.30
N ASP A 114 14.08 -38.85 -18.41
CA ASP A 114 14.27 -38.98 -16.96
C ASP A 114 13.27 -39.98 -16.38
N PRO A 115 13.73 -40.87 -15.49
CA PRO A 115 12.83 -41.88 -14.92
C PRO A 115 11.97 -41.38 -13.78
N LEU A 116 12.09 -40.12 -13.37
CA LEU A 116 11.20 -39.59 -12.34
C LEU A 116 9.97 -38.91 -12.93
N ASN A 117 10.08 -38.37 -14.15
CA ASN A 117 8.93 -37.72 -14.77
C ASN A 117 7.88 -38.74 -15.20
N PHE A 118 8.28 -39.98 -15.43
CA PHE A 118 7.36 -41.07 -15.72
C PHE A 118 7.39 -42.06 -14.57
N GLN A 119 6.24 -42.62 -14.24
CA GLN A 119 6.04 -43.18 -12.90
C GLN A 119 6.74 -44.53 -12.72
N ASP A 120 6.25 -45.58 -13.39
CA ASP A 120 6.80 -46.90 -13.20
C ASP A 120 7.32 -47.54 -14.48
N SER A 121 6.50 -47.66 -15.53
CA SER A 121 6.87 -48.49 -16.66
C SER A 121 6.49 -47.88 -18.00
N LYS A 122 6.06 -46.62 -18.05
CA LYS A 122 5.89 -45.94 -19.32
C LYS A 122 7.22 -45.50 -19.91
N LYS A 123 8.30 -45.61 -19.14
CA LYS A 123 9.64 -45.33 -19.63
C LYS A 123 10.63 -46.43 -19.27
N ALA A 124 10.19 -47.52 -18.64
CA ALA A 124 11.09 -48.61 -18.31
C ALA A 124 11.68 -49.23 -19.58
N ILE A 125 10.84 -49.43 -20.59
CA ILE A 125 11.32 -49.78 -21.92
C ILE A 125 10.68 -48.85 -22.94
N GLU A 126 9.35 -48.75 -22.92
CA GLU A 126 8.62 -48.17 -24.05
C GLU A 126 8.87 -46.67 -24.28
N GLN A 127 9.74 -45.99 -23.55
CA GLN A 127 10.19 -44.66 -23.94
C GLN A 127 11.70 -44.61 -24.19
N ILE A 128 12.50 -45.22 -23.31
CA ILE A 128 13.94 -45.27 -23.50
C ILE A 128 14.28 -45.98 -24.80
N GLY A 129 13.67 -47.15 -25.02
CA GLY A 129 13.93 -47.89 -26.24
C GLY A 129 13.43 -47.18 -27.48
N LYS A 130 12.31 -46.47 -27.37
CA LYS A 130 11.81 -45.71 -28.52
C LYS A 130 12.79 -44.60 -28.90
N ASN A 131 13.29 -43.87 -27.90
CA ASN A 131 14.25 -42.81 -28.17
C ASN A 131 15.56 -43.39 -28.69
N LEU A 132 16.00 -44.51 -28.13
CA LEU A 132 17.24 -45.15 -28.57
C LEU A 132 17.13 -45.65 -30.01
N GLN A 133 15.98 -46.23 -30.36
CA GLN A 133 15.77 -46.66 -31.74
C GLN A 133 15.73 -45.47 -32.69
N ALA A 134 15.06 -44.39 -32.29
CA ALA A 134 15.02 -43.20 -33.13
C ALA A 134 16.41 -42.61 -33.34
N GLN A 135 17.27 -42.71 -32.33
CA GLN A 135 18.64 -42.21 -32.49
C GLN A 135 19.47 -43.15 -33.35
N TYR A 136 19.29 -44.46 -33.21
CA TYR A 136 19.98 -45.41 -34.09
C TYR A 136 19.53 -45.29 -35.54
N GLU A 137 18.33 -44.78 -35.79
CA GLU A 137 17.89 -44.58 -37.17
C GLU A 137 18.78 -43.61 -37.94
N THR A 138 19.46 -42.69 -37.25
CA THR A 138 20.27 -41.71 -37.95
C THR A 138 21.47 -42.34 -38.63
N LEU A 139 22.07 -43.36 -38.02
CA LEU A 139 23.25 -43.98 -38.60
C LEU A 139 22.91 -44.76 -39.87
N SER A 140 21.79 -45.49 -39.86
CA SER A 140 21.39 -46.28 -41.02
C SER A 140 19.88 -46.40 -41.01
N LEU A 141 19.22 -45.75 -41.96
CA LEU A 141 17.77 -45.76 -42.03
C LEU A 141 17.21 -47.02 -42.69
N ARG A 142 18.05 -47.84 -43.32
CA ARG A 142 17.60 -49.02 -44.02
C ARG A 142 17.70 -50.28 -43.17
N THR A 143 17.79 -50.13 -41.85
CA THR A 143 17.86 -51.25 -40.92
C THR A 143 16.64 -51.20 -40.02
N ARG A 144 15.96 -52.33 -39.89
CA ARG A 144 14.79 -52.41 -39.02
C ARG A 144 15.21 -52.83 -37.61
N TYR A 145 14.45 -52.36 -36.63
CA TYR A 145 14.78 -52.56 -35.23
C TYR A 145 13.58 -53.17 -34.50
N LYS A 146 13.87 -54.00 -33.50
CA LYS A 146 12.85 -54.53 -32.61
C LYS A 146 13.50 -54.88 -31.27
N GLN A 147 12.91 -54.35 -30.21
CA GLN A 147 13.56 -54.14 -28.93
C GLN A 147 13.25 -55.25 -27.93
N SER A 148 13.66 -55.02 -26.70
CA SER A 148 13.51 -55.98 -25.60
C SER A 148 12.77 -55.34 -24.44
N LEU A 149 11.78 -56.05 -23.91
CA LEU A 149 10.97 -55.58 -22.79
C LEU A 149 11.44 -56.19 -21.46
N ASP A 150 12.68 -55.86 -21.05
CA ASP A 150 13.32 -56.39 -19.84
C ASP A 150 13.26 -57.91 -19.85
N PRO A 151 14.08 -58.57 -20.65
CA PRO A 151 13.76 -59.91 -21.15
C PRO A 151 13.96 -61.00 -20.10
N CYS A 152 13.60 -62.21 -20.53
CA CYS A 152 13.84 -63.46 -19.82
C CYS A 152 14.43 -64.44 -20.81
N VAL A 153 14.86 -65.61 -20.31
CA VAL A 153 15.56 -66.57 -21.17
C VAL A 153 14.61 -67.17 -22.20
N GLU A 154 13.37 -67.47 -21.81
CA GLU A 154 12.40 -67.96 -22.78
C GLU A 154 11.97 -66.89 -23.78
N ASP A 155 12.32 -65.63 -23.55
CA ASP A 155 12.10 -64.57 -24.53
C ASP A 155 13.29 -64.41 -25.47
N VAL A 156 14.51 -64.49 -24.93
CA VAL A 156 15.70 -64.33 -25.76
C VAL A 156 16.04 -65.65 -26.43
N LYS A 157 15.21 -66.68 -26.25
CA LYS A 157 15.13 -67.73 -27.25
C LYS A 157 14.82 -67.11 -28.60
N ARG A 158 13.61 -66.55 -28.69
CA ARG A 158 13.09 -66.04 -29.96
C ARG A 158 13.81 -64.78 -30.39
N PHE A 159 14.08 -63.88 -29.43
CA PHE A 159 14.68 -62.58 -29.69
C PHE A 159 16.01 -62.69 -30.44
N CYS A 160 16.69 -63.83 -30.33
CA CYS A 160 17.91 -64.07 -31.07
C CYS A 160 17.72 -65.03 -32.23
N ASN A 161 17.00 -66.15 -32.03
CA ASN A 161 16.95 -67.14 -33.08
C ASN A 161 16.08 -66.71 -34.26
N SER A 162 15.06 -65.88 -34.03
CA SER A 162 14.29 -65.35 -35.15
C SER A 162 15.14 -64.45 -36.02
N LEU A 163 15.97 -63.60 -35.40
CA LEU A 163 16.89 -62.76 -36.16
C LEU A 163 17.89 -63.61 -36.93
N ARG A 164 18.42 -64.66 -36.31
CA ARG A 164 19.37 -65.53 -37.00
C ARG A 164 18.71 -66.23 -38.19
N ARG A 165 17.48 -66.71 -38.03
CA ARG A 165 16.83 -67.42 -39.13
C ARG A 165 16.29 -66.47 -40.20
N THR A 166 16.12 -65.18 -39.90
CA THR A 166 15.66 -64.24 -40.92
C THR A 166 16.80 -63.48 -41.59
N SER A 167 18.01 -63.51 -41.02
CA SER A 167 19.18 -62.92 -41.66
C SER A 167 20.27 -63.98 -41.72
N LYS A 168 20.57 -64.45 -42.94
CA LYS A 168 21.43 -65.61 -43.10
C LYS A 168 22.88 -65.29 -42.79
N GLU A 169 23.48 -64.41 -43.56
CA GLU A 169 24.88 -64.06 -43.39
C GLU A 169 25.11 -62.58 -43.14
N ASP A 170 24.05 -61.77 -43.16
CA ASP A 170 24.19 -60.35 -42.85
C ASP A 170 24.41 -60.17 -41.35
N ARG A 171 24.97 -59.02 -41.00
CA ARG A 171 25.33 -58.75 -39.62
C ARG A 171 24.11 -58.46 -38.77
N ILE A 172 24.14 -58.91 -37.51
CA ILE A 172 23.10 -58.59 -36.54
C ILE A 172 23.73 -57.82 -35.39
N LEU A 173 23.28 -56.58 -35.19
CA LEU A 173 23.80 -55.75 -34.11
C LEU A 173 23.20 -56.20 -32.79
N PHE A 174 24.00 -56.10 -31.72
CA PHE A 174 23.57 -56.50 -30.39
C PHE A 174 24.06 -55.46 -29.40
N HIS A 175 23.15 -54.70 -28.81
CA HIS A 175 23.51 -53.62 -27.90
C HIS A 175 23.00 -53.95 -26.51
N TYR A 176 23.90 -54.30 -25.61
CA TYR A 176 23.57 -54.63 -24.23
C TYR A 176 23.81 -53.44 -23.33
N ASN A 177 22.76 -53.01 -22.62
CA ASN A 177 22.88 -52.05 -21.54
C ASN A 177 22.41 -52.71 -20.26
N GLY A 178 23.26 -52.66 -19.23
CA GLY A 178 22.92 -53.24 -17.95
C GLY A 178 23.25 -52.36 -16.77
N HIS A 179 22.22 -51.99 -16.01
CA HIS A 179 22.40 -51.25 -14.76
C HIS A 179 21.63 -51.83 -13.59
N GLY A 180 20.58 -52.61 -13.83
CA GLY A 180 19.90 -53.32 -12.78
C GLY A 180 20.27 -54.79 -12.81
N VAL A 181 21.54 -55.05 -13.07
CA VAL A 181 22.07 -56.40 -13.27
C VAL A 181 23.40 -56.50 -12.54
N PRO A 182 23.69 -57.62 -11.86
CA PRO A 182 25.00 -57.78 -11.24
C PRO A 182 26.10 -57.79 -12.29
N LYS A 183 27.27 -57.28 -11.90
CA LYS A 183 28.36 -57.12 -12.85
C LYS A 183 28.80 -58.47 -13.39
N PRO A 184 29.14 -58.55 -14.67
CA PRO A 184 29.45 -59.84 -15.28
C PRO A 184 30.62 -60.55 -14.61
N THR A 185 30.53 -61.87 -14.55
CA THR A 185 31.51 -62.69 -13.85
C THR A 185 32.64 -63.10 -14.77
N LYS A 186 33.74 -63.55 -14.16
CA LYS A 186 34.91 -63.99 -14.91
C LYS A 186 34.68 -65.32 -15.63
N SER A 187 33.63 -66.05 -15.27
CA SER A 187 33.30 -67.29 -15.97
C SER A 187 32.41 -67.06 -17.19
N GLY A 188 32.12 -65.81 -17.53
CA GLY A 188 31.43 -65.50 -18.76
C GLY A 188 29.92 -65.62 -18.71
N GLU A 189 29.28 -64.86 -17.83
CA GLU A 189 27.82 -64.83 -17.76
C GLU A 189 27.32 -63.40 -17.67
N ILE A 190 26.16 -63.17 -18.27
CA ILE A 190 25.39 -61.96 -18.05
C ILE A 190 24.11 -62.39 -17.35
N TRP A 191 23.28 -61.43 -16.97
CA TRP A 191 22.07 -61.75 -16.23
C TRP A 191 20.85 -61.12 -16.88
N VAL A 192 19.72 -61.82 -16.78
CA VAL A 192 18.41 -61.33 -17.19
C VAL A 192 17.42 -61.61 -16.06
N PHE A 193 16.15 -61.29 -16.31
CA PHE A 193 15.12 -61.40 -15.29
C PHE A 193 14.20 -62.60 -15.56
N ASN A 194 13.17 -62.73 -14.73
CA ASN A 194 12.13 -63.73 -14.87
C ASN A 194 10.80 -63.00 -15.09
N ARG A 195 9.69 -63.76 -15.08
CA ARG A 195 8.40 -63.17 -15.37
C ARG A 195 7.98 -62.19 -14.27
N GLY A 196 8.21 -62.54 -13.01
CA GLY A 196 7.81 -61.68 -11.92
C GLY A 196 8.81 -60.63 -11.52
N TYR A 197 9.94 -60.54 -12.24
CA TYR A 197 11.01 -59.58 -11.96
C TYR A 197 11.52 -59.74 -10.52
N THR A 198 11.93 -60.96 -10.20
CA THR A 198 12.33 -61.29 -8.83
C THR A 198 13.80 -61.67 -8.71
N GLN A 199 14.27 -62.67 -9.44
CA GLN A 199 15.60 -63.24 -9.23
C GLN A 199 16.43 -63.11 -10.49
N TYR A 200 17.63 -62.57 -10.37
CA TYR A 200 18.52 -62.40 -11.51
C TYR A 200 19.04 -63.76 -11.96
N ILE A 201 18.73 -64.14 -13.19
CA ILE A 201 19.10 -65.46 -13.69
C ILE A 201 20.22 -65.34 -14.71
N PRO A 202 21.22 -66.23 -14.65
CA PRO A 202 22.39 -66.07 -15.51
C PRO A 202 22.18 -66.68 -16.89
N VAL A 203 23.01 -66.19 -17.82
CA VAL A 203 23.10 -66.72 -19.17
C VAL A 203 24.57 -66.72 -19.58
N SER A 204 25.01 -67.82 -20.18
CA SER A 204 26.41 -67.98 -20.55
C SER A 204 26.65 -67.41 -21.95
N LEU A 205 27.80 -66.77 -22.13
CA LEU A 205 28.13 -66.20 -23.42
C LEU A 205 28.33 -67.28 -24.48
N TYR A 206 28.73 -68.47 -24.06
CA TYR A 206 28.78 -69.61 -24.98
C TYR A 206 27.40 -69.92 -25.55
N ASP A 207 26.41 -69.99 -24.66
CA ASP A 207 25.05 -70.25 -25.11
C ASP A 207 24.53 -69.09 -25.94
N LEU A 208 24.94 -67.86 -25.60
CA LEU A 208 24.52 -66.69 -26.36
C LEU A 208 25.08 -66.69 -27.78
N GLN A 209 26.35 -67.07 -27.94
CA GLN A 209 26.93 -67.12 -29.27
C GLN A 209 26.47 -68.34 -30.06
N THR A 210 25.97 -69.38 -29.38
CA THR A 210 25.27 -70.44 -30.11
C THR A 210 23.87 -69.99 -30.51
N TRP A 211 23.24 -69.15 -29.69
CA TRP A 211 21.94 -68.57 -30.01
C TRP A 211 22.03 -67.71 -31.26
N LEU A 212 22.98 -66.78 -31.27
CA LEU A 212 23.25 -65.95 -32.44
C LEU A 212 24.21 -66.70 -33.35
N GLY A 213 24.76 -66.01 -34.34
CA GLY A 213 25.68 -66.60 -35.27
C GLY A 213 26.96 -65.79 -35.40
N ALA A 214 27.49 -65.78 -36.62
CA ALA A 214 28.81 -65.23 -36.90
C ALA A 214 28.89 -63.70 -36.93
N PRO A 215 28.15 -62.99 -37.83
CA PRO A 215 28.49 -61.57 -38.03
C PRO A 215 27.87 -60.65 -36.98
N CYS A 216 28.73 -60.05 -36.16
CA CYS A 216 28.29 -59.32 -34.98
C CYS A 216 28.83 -57.91 -35.01
N ILE A 217 28.09 -56.99 -34.42
CA ILE A 217 28.68 -55.85 -33.74
C ILE A 217 28.04 -55.78 -32.35
N PHE A 218 28.85 -56.03 -31.33
CA PHE A 218 28.41 -56.04 -29.94
C PHE A 218 28.80 -54.71 -29.31
N VAL A 219 27.86 -54.08 -28.64
CA VAL A 219 28.11 -52.83 -27.93
C VAL A 219 27.72 -53.05 -26.47
N TYR A 220 28.71 -53.05 -25.57
CA TYR A 220 28.45 -53.29 -24.16
C TYR A 220 28.36 -51.97 -23.40
N ASP A 221 27.55 -51.96 -22.34
CA ASP A 221 27.47 -50.79 -21.49
C ASP A 221 27.44 -51.14 -20.00
N CYS A 222 27.95 -52.31 -19.61
CA CYS A 222 27.91 -52.73 -18.21
C CYS A 222 29.03 -52.05 -17.44
N ASN A 223 29.25 -52.48 -16.19
CA ASN A 223 30.24 -51.87 -15.32
C ASN A 223 31.63 -52.44 -15.49
N SER A 224 31.77 -53.63 -16.07
CA SER A 224 33.09 -54.17 -16.41
C SER A 224 32.89 -55.10 -17.61
N ALA A 225 33.09 -54.55 -18.80
CA ALA A 225 32.83 -55.28 -20.03
C ALA A 225 34.06 -55.98 -20.58
N GLU A 226 35.25 -55.68 -20.05
CA GLU A 226 36.44 -56.39 -20.51
C GLU A 226 36.37 -57.86 -20.15
N ASN A 227 35.68 -58.19 -19.05
CA ASN A 227 35.51 -59.58 -18.67
C ASN A 227 34.76 -60.37 -19.73
N ILE A 228 33.62 -59.84 -20.20
CA ILE A 228 32.88 -60.58 -21.21
C ILE A 228 33.56 -60.50 -22.57
N LEU A 229 34.33 -59.45 -22.83
CA LEU A 229 35.07 -59.41 -24.09
C LEU A 229 36.13 -60.50 -24.13
N ILE A 230 36.91 -60.65 -23.05
CA ILE A 230 37.92 -61.70 -23.04
C ILE A 230 37.28 -63.08 -22.90
N ASN A 231 36.11 -63.15 -22.25
CA ASN A 231 35.37 -64.41 -22.19
C ASN A 231 34.91 -64.85 -23.58
N PHE A 232 34.43 -63.90 -24.39
CA PHE A 232 34.05 -64.23 -25.74
C PHE A 232 35.27 -64.62 -26.58
N GLN A 233 36.39 -63.93 -26.35
CA GLN A 233 37.64 -64.28 -27.06
C GLN A 233 38.06 -65.73 -26.75
N LYS A 234 38.07 -66.09 -25.47
CA LYS A 234 38.53 -67.44 -25.14
C LYS A 234 37.50 -68.51 -25.49
N PHE A 235 36.21 -68.19 -25.46
CA PHE A 235 35.23 -69.13 -25.99
C PHE A 235 35.39 -69.31 -27.49
N VAL A 236 35.72 -68.25 -28.21
CA VAL A 236 35.93 -68.37 -29.66
C VAL A 236 37.13 -69.27 -29.95
N GLN A 237 38.23 -69.07 -29.24
CA GLN A 237 39.39 -69.93 -29.50
C GLN A 237 39.14 -71.35 -29.02
N LYS A 238 38.32 -71.53 -27.97
CA LYS A 238 37.94 -72.87 -27.53
C LYS A 238 37.11 -73.58 -28.60
N ARG A 239 36.16 -72.86 -29.21
CA ARG A 239 35.41 -73.43 -30.33
C ARG A 239 36.33 -73.77 -31.49
N ILE A 240 37.33 -72.92 -31.76
CA ILE A 240 38.28 -73.19 -32.83
C ILE A 240 39.03 -74.50 -32.56
N LYS A 241 39.55 -74.64 -31.34
CA LYS A 241 40.32 -75.82 -30.98
C LYS A 241 39.46 -77.08 -31.01
N ASP A 242 38.22 -76.99 -30.49
CA ASP A 242 37.35 -78.15 -30.46
C ASP A 242 36.88 -78.53 -31.85
N ASP A 243 36.67 -77.55 -32.74
CA ASP A 243 36.24 -77.84 -34.09
C ASP A 243 37.37 -78.38 -34.96
N GLU A 244 38.61 -77.98 -34.68
CA GLU A 244 39.74 -78.42 -35.50
C GLU A 244 40.34 -79.73 -34.99
N GLU A 245 40.83 -79.74 -33.75
CA GLU A 245 41.58 -80.90 -33.28
C GLU A 245 40.68 -81.97 -32.69
N GLY A 246 39.82 -81.59 -31.74
CA GLY A 246 38.95 -82.57 -31.10
C GLY A 246 37.91 -83.17 -32.02
N ASN A 247 37.55 -82.47 -33.09
CA ASN A 247 36.63 -82.88 -34.16
C ASN A 247 35.19 -83.04 -33.69
N HIS A 248 34.90 -82.79 -32.41
CA HIS A 248 33.53 -82.85 -31.91
C HIS A 248 32.87 -81.50 -32.15
N ASP A 249 32.48 -81.28 -33.40
CA ASP A 249 31.88 -80.01 -33.81
C ASP A 249 30.48 -79.89 -33.22
N VAL A 250 30.30 -78.94 -32.30
CA VAL A 250 28.99 -78.68 -31.74
C VAL A 250 28.10 -78.07 -32.81
N ALA A 251 26.83 -78.46 -32.82
CA ALA A 251 25.91 -78.00 -33.86
C ALA A 251 25.59 -76.53 -33.67
N ALA A 252 26.33 -75.66 -34.36
CA ALA A 252 26.25 -74.21 -34.38
C ALA A 252 25.58 -73.71 -35.65
N PRO A 253 24.68 -72.74 -35.53
CA PRO A 253 23.92 -72.28 -36.71
C PRO A 253 24.78 -71.63 -37.79
N SER A 254 25.98 -71.18 -37.48
CA SER A 254 26.82 -70.44 -38.41
C SER A 254 28.17 -71.15 -38.54
N PRO A 255 28.87 -70.93 -39.66
CA PRO A 255 30.15 -71.62 -39.87
C PRO A 255 31.18 -71.26 -38.81
N THR A 256 32.10 -72.21 -38.59
CA THR A 256 33.00 -72.13 -37.44
C THR A 256 33.98 -70.97 -37.55
N SER A 257 34.65 -70.83 -38.71
CA SER A 257 35.70 -69.84 -38.86
C SER A 257 35.17 -68.42 -39.00
N ALA A 258 33.86 -68.23 -39.16
CA ALA A 258 33.29 -66.91 -39.35
C ALA A 258 32.97 -66.19 -38.05
N TYR A 259 33.21 -66.83 -36.90
CA TYR A 259 33.11 -66.14 -35.62
C TYR A 259 34.16 -65.05 -35.45
N GLN A 260 35.23 -65.05 -36.23
CA GLN A 260 36.26 -64.04 -36.09
C GLN A 260 35.82 -62.67 -36.58
N ASP A 261 34.86 -62.62 -37.50
CA ASP A 261 34.34 -61.36 -38.01
C ASP A 261 33.52 -60.62 -36.94
N CYS A 262 32.95 -61.37 -35.98
CA CYS A 262 32.20 -60.80 -34.86
C CYS A 262 33.00 -59.71 -34.15
N PHE A 263 32.49 -58.48 -34.16
CA PHE A 263 33.18 -57.33 -33.59
C PHE A 263 32.61 -56.97 -32.22
N GLN A 264 33.46 -56.37 -31.38
CA GLN A 264 33.10 -56.05 -30.01
C GLN A 264 33.59 -54.66 -29.63
N LEU A 265 32.75 -53.92 -28.91
CA LEU A 265 33.12 -52.64 -28.30
C LEU A 265 32.63 -52.65 -26.86
N ALA A 266 33.50 -52.20 -25.95
CA ALA A 266 33.30 -52.39 -24.53
C ALA A 266 33.63 -51.11 -23.76
N SER A 267 32.95 -50.92 -22.64
CA SER A 267 33.02 -49.67 -21.89
C SER A 267 34.26 -49.60 -21.00
N CYS A 268 34.47 -50.60 -20.16
CA CYS A 268 35.47 -50.54 -19.10
C CYS A 268 36.61 -51.51 -19.39
N THR A 269 37.84 -51.01 -19.27
CA THR A 269 39.02 -51.78 -19.67
C THR A 269 39.42 -52.83 -18.66
N SER A 270 38.93 -52.75 -17.42
CA SER A 270 39.38 -53.65 -16.37
C SER A 270 38.31 -53.65 -15.28
N ASP A 271 38.67 -54.16 -14.10
CA ASP A 271 37.78 -54.07 -12.96
C ASP A 271 37.75 -52.65 -12.41
N GLU A 272 37.23 -51.71 -13.19
CA GLU A 272 37.05 -50.34 -12.73
C GLU A 272 35.60 -49.93 -12.99
N LEU A 273 34.99 -49.34 -11.97
CA LEU A 273 33.56 -49.09 -11.97
C LEU A 273 33.25 -47.81 -12.75
N LEU A 274 32.02 -47.73 -13.25
CA LEU A 274 31.54 -46.54 -13.93
C LEU A 274 31.29 -45.43 -12.91
N LEU A 275 30.90 -44.27 -13.41
CA LEU A 275 30.72 -43.08 -12.58
C LEU A 275 29.25 -42.87 -12.25
N MET A 276 28.96 -42.76 -10.96
CA MET A 276 27.63 -42.48 -10.48
C MET A 276 27.37 -41.00 -10.28
N SER A 277 28.18 -40.14 -10.90
CA SER A 277 28.02 -38.70 -10.72
C SER A 277 26.71 -38.23 -11.34
N PRO A 278 26.00 -37.32 -10.68
CA PRO A 278 24.67 -36.92 -11.16
C PRO A 278 24.68 -35.79 -12.19
N GLU A 279 25.83 -35.48 -12.78
CA GLU A 279 25.93 -34.47 -13.81
C GLU A 279 25.79 -35.06 -15.21
N LEU A 280 26.40 -36.18 -15.46
CA LEU A 280 26.50 -36.89 -16.72
C LEU A 280 25.52 -38.04 -16.78
N PRO A 281 25.04 -38.38 -17.98
CA PRO A 281 24.12 -39.52 -18.11
C PRO A 281 24.79 -40.85 -17.82
N ALA A 282 24.00 -41.78 -17.29
CA ALA A 282 24.51 -43.06 -16.81
C ALA A 282 24.97 -43.98 -17.92
N ASP A 283 24.72 -43.65 -19.17
CA ASP A 283 25.04 -44.51 -20.31
C ASP A 283 25.91 -43.75 -21.31
N LEU A 284 26.99 -43.14 -20.79
CA LEU A 284 27.83 -42.25 -21.59
C LEU A 284 28.46 -42.97 -22.78
N PHE A 285 28.78 -44.26 -22.66
CA PHE A 285 29.35 -44.99 -23.79
C PHE A 285 28.33 -45.16 -24.90
N SER A 286 27.10 -45.54 -24.56
CA SER A 286 26.07 -45.66 -25.57
C SER A 286 25.74 -44.32 -26.19
N CYS A 287 25.78 -43.25 -25.40
CA CYS A 287 25.58 -41.92 -25.96
C CYS A 287 26.69 -41.56 -26.94
N CYS A 288 27.93 -41.93 -26.61
CA CYS A 288 29.04 -41.72 -27.53
C CYS A 288 28.83 -42.47 -28.84
N LEU A 289 28.44 -43.74 -28.74
CA LEU A 289 28.28 -44.57 -29.92
C LEU A 289 26.98 -44.30 -30.67
N THR A 290 26.06 -43.53 -30.11
CA THR A 290 24.77 -43.31 -30.74
C THR A 290 24.56 -41.87 -31.20
N CYS A 291 24.71 -40.89 -30.31
CA CYS A 291 24.50 -39.48 -30.63
C CYS A 291 25.76 -38.69 -30.31
N PRO A 292 26.67 -38.54 -31.28
CA PRO A 292 27.97 -37.93 -30.97
C PRO A 292 27.91 -36.42 -30.79
N ILE A 293 27.20 -35.74 -31.69
CA ILE A 293 27.18 -34.28 -31.69
C ILE A 293 26.62 -33.75 -30.39
N GLU A 294 25.51 -34.33 -29.93
CA GLU A 294 24.82 -33.87 -28.73
C GLU A 294 25.72 -33.93 -27.50
N ILE A 295 26.13 -35.14 -27.08
CA ILE A 295 26.89 -35.21 -25.85
C ILE A 295 28.28 -34.61 -26.01
N SER A 296 28.82 -34.60 -27.23
CA SER A 296 30.14 -34.01 -27.39
C SER A 296 30.07 -32.50 -27.17
N ILE A 297 29.01 -31.85 -27.66
CA ILE A 297 28.79 -30.44 -27.39
C ILE A 297 28.54 -30.21 -25.90
N ARG A 298 27.72 -31.06 -25.27
CA ARG A 298 27.38 -30.82 -23.87
C ARG A 298 28.56 -31.09 -22.94
N ILE A 299 29.43 -32.05 -23.28
CA ILE A 299 30.60 -32.25 -22.43
C ILE A 299 31.64 -31.17 -22.72
N PHE A 300 31.62 -30.57 -23.91
CA PHE A 300 32.42 -29.37 -24.14
C PHE A 300 31.95 -28.23 -23.24
N LEU A 301 30.63 -28.07 -23.10
CA LEU A 301 30.12 -27.09 -22.14
C LEU A 301 30.48 -27.46 -20.71
N MET A 302 30.55 -28.76 -20.39
CA MET A 302 31.00 -29.19 -19.07
C MET A 302 32.44 -28.78 -18.81
N GLN A 303 33.32 -29.00 -19.79
CA GLN A 303 34.75 -28.86 -19.57
C GLN A 303 35.32 -27.55 -20.11
N SER A 304 34.47 -26.60 -20.49
CA SER A 304 34.98 -25.29 -20.89
C SER A 304 35.54 -24.58 -19.67
N PRO A 305 36.76 -24.03 -19.76
CA PRO A 305 37.28 -23.23 -18.63
C PRO A 305 36.39 -22.07 -18.26
N LEU A 306 35.76 -21.43 -19.24
CA LEU A 306 34.78 -20.39 -18.99
C LEU A 306 33.40 -20.99 -18.78
N LYS A 307 32.75 -20.63 -17.68
CA LYS A 307 31.35 -20.97 -17.47
C LYS A 307 30.50 -19.74 -17.15
N ASP A 308 31.12 -18.58 -16.93
CA ASP A 308 30.39 -17.33 -16.89
C ASP A 308 30.07 -16.89 -18.32
N SER A 309 29.08 -16.00 -18.45
CA SER A 309 28.57 -15.53 -19.74
C SER A 309 28.11 -16.70 -20.60
N LYS A 310 27.34 -17.60 -20.00
CA LYS A 310 26.77 -18.74 -20.69
C LYS A 310 25.36 -18.97 -20.18
N TYR A 311 24.57 -19.70 -20.98
CA TYR A 311 23.17 -19.95 -20.65
C TYR A 311 23.00 -21.11 -19.67
N LYS A 312 23.71 -21.05 -18.54
CA LYS A 312 23.68 -22.07 -17.49
C LYS A 312 23.99 -23.46 -18.02
N SER A 333 23.73 -29.86 -9.54
CA SER A 333 23.50 -30.59 -10.78
C SER A 333 22.84 -29.70 -11.82
N LYS A 334 23.65 -28.94 -12.56
CA LYS A 334 23.18 -27.98 -13.56
C LYS A 334 23.60 -28.49 -14.94
N ILE A 335 22.74 -29.28 -15.55
CA ILE A 335 22.97 -29.75 -16.92
C ILE A 335 22.53 -28.66 -17.89
N PRO A 336 23.39 -28.21 -18.80
CA PRO A 336 23.02 -27.10 -19.69
C PRO A 336 21.94 -27.49 -20.68
N ASN A 337 21.12 -26.51 -21.04
CA ASN A 337 20.03 -26.69 -21.99
C ASN A 337 20.43 -26.17 -23.37
N VAL A 338 21.29 -26.95 -24.04
CA VAL A 338 21.81 -26.58 -25.34
C VAL A 338 20.85 -27.10 -26.41
N ASN A 339 20.16 -26.18 -27.08
CA ASN A 339 19.30 -26.52 -28.21
C ASN A 339 19.94 -25.97 -29.48
N ILE A 340 20.18 -26.83 -30.44
CA ILE A 340 20.83 -26.48 -31.70
C ILE A 340 19.84 -26.69 -32.83
N PRO A 341 19.57 -25.68 -33.65
CA PRO A 341 18.59 -25.85 -34.73
C PRO A 341 19.13 -26.65 -35.90
N GLY A 342 18.22 -27.32 -36.59
CA GLY A 342 18.55 -28.05 -37.80
C GLY A 342 18.38 -29.55 -37.62
N MET A 343 18.74 -30.27 -38.68
CA MET A 343 18.66 -31.72 -38.71
C MET A 343 20.05 -32.30 -39.01
N LEU A 344 20.23 -33.57 -38.62
CA LEU A 344 21.50 -34.24 -38.89
C LEU A 344 21.75 -34.41 -40.37
N SER A 345 20.72 -34.79 -41.13
CA SER A 345 20.89 -35.13 -42.54
C SER A 345 21.01 -33.91 -43.44
N ASP A 346 20.69 -32.72 -42.94
CA ASP A 346 20.84 -31.52 -43.74
C ASP A 346 22.30 -31.10 -43.80
N ARG A 347 22.58 -30.09 -44.61
CA ARG A 347 23.93 -29.56 -44.68
C ARG A 347 24.00 -28.06 -44.45
N ARG A 348 23.02 -27.31 -44.95
CA ARG A 348 23.02 -25.87 -44.75
C ARG A 348 22.61 -25.46 -43.35
N THR A 349 21.92 -26.34 -42.62
CA THR A 349 21.58 -26.06 -41.24
C THR A 349 22.82 -26.17 -40.35
N PRO A 350 22.86 -25.43 -39.24
CA PRO A 350 24.02 -25.53 -38.33
C PRO A 350 24.28 -26.93 -37.79
N LEU A 351 23.23 -27.67 -37.45
CA LEU A 351 23.42 -29.01 -36.90
C LEU A 351 23.97 -29.95 -37.96
N GLY A 352 23.48 -29.86 -39.19
CA GLY A 352 24.02 -30.66 -40.27
C GLY A 352 25.47 -30.30 -40.59
N GLU A 353 25.79 -29.00 -40.52
CA GLU A 353 27.17 -28.57 -40.72
C GLU A 353 28.08 -29.15 -39.65
N LEU A 354 27.61 -29.17 -38.39
CA LEU A 354 28.40 -29.74 -37.31
C LEU A 354 28.61 -31.23 -37.51
N ASN A 355 27.56 -31.94 -37.93
CA ASN A 355 27.71 -33.37 -38.20
C ASN A 355 28.68 -33.62 -39.34
N TRP A 356 28.62 -32.80 -40.39
CA TRP A 356 29.50 -32.94 -41.54
C TRP A 356 30.96 -32.74 -41.15
N ILE A 357 31.24 -31.67 -40.41
CA ILE A 357 32.62 -31.40 -40.01
C ILE A 357 33.11 -32.46 -39.03
N PHE A 358 32.23 -32.96 -38.16
CA PHE A 358 32.60 -34.08 -37.29
C PHE A 358 32.98 -35.30 -38.11
N THR A 359 32.19 -35.64 -39.12
CA THR A 359 32.49 -36.79 -39.96
C THR A 359 33.85 -36.63 -40.62
N ALA A 360 34.12 -35.44 -41.16
CA ALA A 360 35.39 -35.19 -41.82
C ALA A 360 36.56 -35.34 -40.86
N ILE A 361 36.48 -34.72 -39.68
CA ILE A 361 37.62 -34.72 -38.78
C ILE A 361 37.86 -36.12 -38.18
N THR A 362 36.78 -36.85 -37.88
CA THR A 362 36.98 -38.18 -37.31
C THR A 362 37.36 -39.20 -38.37
N ASP A 363 37.13 -38.89 -39.65
CA ASP A 363 37.74 -39.73 -40.67
C ASP A 363 39.22 -39.42 -40.83
N THR A 364 39.58 -38.13 -40.75
CA THR A 364 40.98 -37.75 -40.93
C THR A 364 41.86 -38.32 -39.83
N ILE A 365 41.41 -38.25 -38.58
CA ILE A 365 42.21 -38.77 -37.46
C ILE A 365 42.42 -40.27 -37.62
N ALA A 366 41.36 -41.00 -37.99
CA ALA A 366 41.46 -42.44 -38.16
C ALA A 366 42.42 -42.79 -39.29
N TRP A 367 42.33 -42.09 -40.42
CA TRP A 367 43.23 -42.39 -41.53
C TRP A 367 44.67 -42.11 -41.17
N THR A 368 44.92 -40.99 -40.46
CA THR A 368 46.29 -40.63 -40.11
C THR A 368 46.90 -41.64 -39.13
N SER A 369 46.12 -42.10 -38.14
CA SER A 369 46.69 -42.95 -37.12
C SER A 369 46.76 -44.41 -37.52
N LEU A 370 45.68 -44.94 -38.08
CA LEU A 370 45.57 -46.38 -38.28
C LEU A 370 46.47 -46.87 -39.40
N PRO A 371 46.96 -48.11 -39.32
CA PRO A 371 47.55 -48.75 -40.49
C PRO A 371 46.50 -49.01 -41.58
N ARG A 372 47.00 -49.12 -42.81
CA ARG A 372 46.12 -49.17 -43.98
C ARG A 372 45.21 -50.40 -44.04
N PRO A 373 45.68 -51.64 -43.82
CA PRO A 373 44.73 -52.77 -43.86
C PRO A 373 43.62 -52.68 -42.82
N LEU A 374 43.96 -52.21 -41.62
CA LEU A 374 42.93 -52.08 -40.59
C LEU A 374 41.98 -50.94 -40.93
N PHE A 375 42.49 -49.85 -41.50
CA PHE A 375 41.63 -48.76 -41.92
C PHE A 375 40.64 -49.22 -42.99
N LYS A 376 41.12 -50.01 -43.95
CA LYS A 376 40.23 -50.56 -44.97
C LYS A 376 39.21 -51.51 -44.36
N LYS A 377 39.64 -52.34 -43.41
CA LYS A 377 38.73 -53.33 -42.83
C LYS A 377 37.64 -52.67 -41.99
N LEU A 378 37.95 -51.55 -41.35
CA LEU A 378 37.00 -50.95 -40.42
C LEU A 378 36.21 -49.76 -40.96
N PHE A 379 36.69 -49.04 -41.97
CA PHE A 379 36.03 -47.80 -42.36
C PHE A 379 35.50 -47.74 -43.78
N ARG A 380 35.91 -48.64 -44.67
CA ARG A 380 35.50 -48.54 -46.06
C ARG A 380 34.51 -49.60 -46.50
N HIS A 381 34.26 -50.63 -45.68
CA HIS A 381 33.48 -51.77 -46.17
C HIS A 381 31.99 -51.55 -46.02
N ASP A 382 31.51 -51.18 -44.84
CA ASP A 382 30.08 -50.94 -44.66
C ASP A 382 29.81 -49.76 -43.74
N LEU A 383 28.69 -49.09 -44.02
CA LEU A 383 28.44 -47.76 -43.45
C LEU A 383 28.10 -47.84 -41.97
N MET A 384 27.38 -48.89 -41.56
CA MET A 384 26.96 -49.00 -40.17
C MET A 384 28.15 -49.18 -39.24
N ILE A 385 29.03 -50.14 -39.58
CA ILE A 385 30.22 -50.38 -38.77
C ILE A 385 31.17 -49.20 -38.85
N ALA A 386 31.25 -48.57 -40.04
CA ALA A 386 32.07 -47.37 -40.17
C ALA A 386 31.61 -46.26 -39.24
N ALA A 387 30.29 -46.03 -39.16
CA ALA A 387 29.78 -44.99 -38.29
C ALA A 387 29.98 -45.32 -36.81
N LEU A 388 29.79 -46.59 -36.43
CA LEU A 388 30.02 -46.97 -35.04
C LEU A 388 31.47 -46.80 -34.62
N PHE A 389 32.42 -47.16 -35.48
CA PHE A 389 33.82 -46.95 -35.09
C PHE A 389 34.22 -45.49 -35.19
N ARG A 390 33.57 -44.72 -36.07
CA ARG A 390 33.73 -43.28 -36.08
C ARG A 390 33.35 -42.68 -34.73
N ASN A 391 32.24 -43.14 -34.16
CA ASN A 391 31.84 -42.69 -32.84
C ASN A 391 32.74 -43.24 -31.74
N PHE A 392 33.29 -44.44 -31.96
CA PHE A 392 34.22 -45.01 -30.98
C PHE A 392 35.50 -44.19 -30.89
N LEU A 393 35.91 -43.55 -31.98
CA LEU A 393 37.05 -42.65 -31.93
C LEU A 393 36.81 -41.49 -30.99
N LEU A 394 35.59 -40.94 -31.00
CA LEU A 394 35.20 -39.90 -30.04
C LEU A 394 35.09 -40.45 -28.63
N ALA A 395 34.62 -41.69 -28.48
CA ALA A 395 34.52 -42.29 -27.16
C ALA A 395 35.91 -42.46 -26.52
N LYS A 396 36.90 -42.87 -27.32
CA LYS A 396 38.25 -43.11 -26.81
C LYS A 396 38.93 -41.85 -26.32
N ARG A 397 38.38 -40.68 -26.62
CA ARG A 397 38.87 -39.43 -26.06
C ARG A 397 37.99 -38.92 -24.92
N ILE A 398 36.68 -38.96 -25.09
CA ILE A 398 35.78 -38.39 -24.09
C ILE A 398 35.77 -39.23 -22.82
N MET A 399 35.60 -40.55 -22.96
CA MET A 399 35.48 -41.44 -21.82
C MET A 399 36.71 -41.48 -20.90
N PRO A 400 37.96 -41.52 -21.39
CA PRO A 400 39.11 -41.51 -20.47
C PRO A 400 39.27 -40.23 -19.66
N TRP A 401 38.52 -39.16 -19.95
CA TRP A 401 38.52 -38.01 -19.05
C TRP A 401 37.86 -38.32 -17.71
N TYR A 402 37.17 -39.45 -17.59
CA TYR A 402 36.43 -39.80 -16.39
C TYR A 402 36.81 -41.21 -15.93
N ASN A 403 38.11 -41.47 -15.84
CA ASN A 403 38.71 -42.69 -15.25
C ASN A 403 38.06 -43.98 -15.75
N CYS A 404 37.74 -44.02 -17.04
CA CYS A 404 37.21 -45.22 -17.68
C CYS A 404 37.79 -45.32 -19.08
N HIS A 405 38.39 -46.47 -19.40
CA HIS A 405 39.03 -46.64 -20.69
C HIS A 405 38.23 -47.60 -21.56
N PRO A 406 37.75 -47.17 -22.72
CA PRO A 406 37.04 -48.08 -23.62
C PRO A 406 37.98 -49.09 -24.26
N VAL A 407 37.40 -50.16 -24.80
CA VAL A 407 38.14 -51.24 -25.43
C VAL A 407 37.43 -51.65 -26.72
N SER A 408 38.21 -51.92 -27.76
CA SER A 408 37.70 -52.51 -28.98
C SER A 408 38.28 -53.90 -29.18
N ASP A 409 37.59 -54.72 -29.96
CA ASP A 409 38.09 -56.08 -30.16
C ASP A 409 39.25 -56.09 -31.15
N PRO A 410 39.18 -55.39 -32.32
CA PRO A 410 40.43 -55.04 -32.99
C PRO A 410 41.03 -53.80 -32.35
N GLU A 411 42.15 -54.00 -31.64
CA GLU A 411 42.71 -52.94 -30.81
C GLU A 411 43.20 -51.78 -31.66
N LEU A 412 43.04 -50.58 -31.14
CA LEU A 412 43.41 -49.37 -31.84
C LEU A 412 44.57 -48.69 -31.13
N PRO A 413 45.46 -48.02 -31.87
CA PRO A 413 46.55 -47.30 -31.23
C PRO A 413 46.04 -46.15 -30.36
N ASP A 414 46.79 -45.86 -29.30
CA ASP A 414 46.37 -44.93 -28.27
C ASP A 414 46.70 -43.47 -28.62
N SER A 415 47.17 -43.21 -29.84
CA SER A 415 47.38 -41.85 -30.29
C SER A 415 46.08 -41.10 -30.55
N ILE A 416 44.94 -41.78 -30.51
CA ILE A 416 43.65 -41.14 -30.80
C ILE A 416 43.34 -40.08 -29.75
N THR A 417 43.54 -40.41 -28.48
CA THR A 417 43.18 -39.49 -27.40
C THR A 417 44.18 -38.36 -27.23
N THR A 418 45.36 -38.44 -27.85
CA THR A 418 46.34 -37.36 -27.80
C THR A 418 46.62 -36.77 -29.18
N HIS A 419 45.78 -37.07 -30.17
CA HIS A 419 45.97 -36.51 -31.49
C HIS A 419 45.77 -35.00 -31.47
N PRO A 420 46.61 -34.23 -32.17
CA PRO A 420 46.52 -32.76 -32.08
C PRO A 420 45.32 -32.18 -32.82
N MET A 421 44.63 -32.97 -33.64
CA MET A 421 43.65 -32.40 -34.56
C MET A 421 42.32 -32.09 -33.89
N TRP A 422 42.06 -32.64 -32.70
CA TRP A 422 40.81 -32.41 -31.98
C TRP A 422 40.58 -30.94 -31.63
N LYS A 423 41.65 -30.13 -31.61
CA LYS A 423 41.51 -28.73 -31.23
C LYS A 423 40.67 -27.96 -32.25
N SER A 424 40.80 -28.32 -33.53
CA SER A 424 39.98 -27.68 -34.55
C SER A 424 38.50 -28.01 -34.37
N TRP A 425 38.18 -29.24 -33.97
CA TRP A 425 36.79 -29.60 -33.67
C TRP A 425 36.27 -28.83 -32.47
N ASP A 426 37.10 -28.64 -31.45
CA ASP A 426 36.71 -27.81 -30.31
C ASP A 426 36.44 -26.37 -30.74
N LEU A 427 37.30 -25.83 -31.61
CA LEU A 427 37.11 -24.48 -32.10
C LEU A 427 35.86 -24.37 -32.96
N ALA A 428 35.53 -25.44 -33.70
CA ALA A 428 34.30 -25.45 -34.48
C ALA A 428 33.09 -25.38 -33.58
N MET A 429 33.09 -26.14 -32.48
CA MET A 429 32.01 -26.00 -31.51
C MET A 429 31.94 -24.59 -30.95
N ASP A 430 33.10 -24.00 -30.64
CA ASP A 430 33.08 -22.64 -30.10
C ASP A 430 32.47 -21.66 -31.10
N GLU A 431 32.83 -21.80 -32.37
CA GLU A 431 32.32 -20.91 -33.41
C GLU A 431 30.81 -21.05 -33.59
N VAL A 432 30.31 -22.28 -33.56
CA VAL A 432 28.86 -22.47 -33.70
C VAL A 432 28.13 -21.97 -32.46
N LEU A 433 28.64 -22.28 -31.28
CA LEU A 433 27.95 -21.94 -30.05
C LEU A 433 27.95 -20.44 -29.79
N THR A 434 28.95 -19.72 -30.30
CA THR A 434 28.89 -18.26 -30.24
C THR A 434 27.72 -17.72 -31.04
N LYS A 435 27.48 -18.29 -32.22
CA LYS A 435 26.32 -17.89 -33.02
C LYS A 435 25.02 -18.25 -32.29
N ILE A 436 24.99 -19.41 -31.65
CA ILE A 436 23.81 -19.83 -30.90
C ILE A 436 23.52 -18.86 -29.76
N VAL A 437 24.56 -18.48 -29.01
CA VAL A 437 24.32 -17.61 -27.85
C VAL A 437 23.99 -16.19 -28.29
N ILE A 438 24.55 -15.73 -29.42
CA ILE A 438 24.20 -14.38 -29.85
C ILE A 438 22.81 -14.37 -30.48
N ASP A 439 22.34 -15.51 -31.00
CA ASP A 439 20.96 -15.60 -31.47
C ASP A 439 20.00 -15.59 -30.27
N LEU A 440 20.32 -16.37 -29.24
CA LEU A 440 19.48 -16.39 -28.05
C LEU A 440 19.53 -15.10 -27.26
N LYS A 441 20.57 -14.28 -27.47
CA LYS A 441 20.60 -12.96 -26.86
C LYS A 441 19.48 -12.08 -27.40
N ASN A 442 19.23 -12.16 -28.71
CA ASN A 442 18.17 -11.37 -29.33
C ASN A 442 17.05 -12.27 -29.84
N PHE A 526 27.63 -21.10 -40.23
CA PHE A 526 28.54 -22.22 -40.44
C PHE A 526 29.98 -21.77 -40.34
N THR A 527 30.87 -22.70 -39.98
CA THR A 527 32.26 -22.37 -39.69
C THR A 527 33.07 -22.26 -40.98
N GLY A 528 34.29 -21.70 -40.83
CA GLY A 528 35.20 -21.53 -41.94
C GLY A 528 36.23 -22.62 -42.02
N PHE A 529 35.92 -23.76 -41.40
CA PHE A 529 36.86 -24.87 -41.32
C PHE A 529 37.21 -25.40 -42.71
N PHE A 530 36.23 -25.53 -43.59
CA PHE A 530 36.48 -26.07 -44.92
C PHE A 530 37.40 -25.16 -45.72
N GLU A 531 37.15 -23.85 -45.67
CA GLU A 531 38.00 -22.89 -46.36
C GLU A 531 39.42 -22.90 -45.79
N GLN A 532 39.54 -22.98 -44.45
CA GLN A 532 40.86 -23.01 -43.84
C GLN A 532 41.64 -24.25 -44.26
N ASN A 533 40.97 -25.40 -44.31
CA ASN A 533 41.65 -26.62 -44.71
C ASN A 533 41.98 -26.62 -46.20
N LEU A 534 41.16 -25.97 -47.02
CA LEU A 534 41.50 -25.82 -48.43
C LEU A 534 42.76 -24.98 -48.59
N THR A 535 42.87 -23.88 -47.82
CA THR A 535 44.09 -23.08 -47.87
C THR A 535 45.30 -23.88 -47.39
N ALA A 536 45.12 -24.67 -46.33
CA ALA A 536 46.23 -25.51 -45.84
C ALA A 536 46.67 -26.52 -46.89
N PHE A 537 45.70 -27.13 -47.59
CA PHE A 537 46.05 -28.05 -48.66
C PHE A 537 46.76 -27.34 -49.80
N GLU A 538 46.38 -26.08 -50.08
CA GLU A 538 47.07 -25.32 -51.11
C GLU A 538 48.53 -25.08 -50.75
N LEU A 539 48.79 -24.70 -49.50
CA LEU A 539 50.19 -24.52 -49.07
C LEU A 539 50.95 -25.84 -49.09
N TRP A 540 50.32 -26.94 -48.71
CA TRP A 540 51.02 -28.22 -48.78
C TRP A 540 51.35 -28.60 -50.21
N LEU A 541 50.44 -28.33 -51.14
CA LEU A 541 50.72 -28.60 -52.55
C LEU A 541 51.85 -27.72 -53.07
N LYS A 542 51.90 -26.46 -52.62
CA LYS A 542 52.89 -25.53 -53.16
C LYS A 542 54.29 -25.78 -52.58
N TYR A 543 54.41 -25.73 -51.25
CA TYR A 543 55.72 -25.61 -50.62
C TYR A 543 56.21 -26.85 -49.90
N ALA A 544 55.36 -27.85 -49.65
CA ALA A 544 55.75 -29.01 -48.88
C ALA A 544 55.70 -30.31 -49.68
N SER A 545 55.60 -30.24 -51.00
CA SER A 545 55.47 -31.42 -51.83
C SER A 545 56.79 -32.11 -52.12
N ASN A 546 57.89 -31.60 -51.57
CA ASN A 546 59.20 -32.21 -51.83
C ASN A 546 59.34 -33.58 -51.17
N VAL A 547 58.60 -33.82 -50.09
CA VAL A 547 58.50 -35.14 -49.48
C VAL A 547 57.22 -35.80 -49.98
N ARG A 548 57.32 -37.07 -50.36
CA ARG A 548 56.25 -37.76 -51.07
C ARG A 548 55.42 -38.64 -50.12
N HIS A 549 55.22 -38.17 -48.90
CA HIS A 549 54.45 -38.79 -47.84
C HIS A 549 53.04 -38.20 -47.80
N PRO A 550 52.06 -38.90 -47.23
CA PRO A 550 50.65 -38.51 -47.37
C PRO A 550 50.37 -37.12 -46.86
N PRO A 551 49.47 -36.38 -47.51
CA PRO A 551 49.31 -34.95 -47.23
C PRO A 551 48.51 -34.63 -45.98
N GLU A 552 47.82 -35.61 -45.40
CA GLU A 552 47.16 -35.51 -44.10
C GLU A 552 45.91 -34.63 -44.16
N GLN A 553 45.67 -33.96 -45.28
CA GLN A 553 44.49 -33.12 -45.45
C GLN A 553 43.60 -33.59 -46.59
N LEU A 554 43.75 -34.84 -47.00
CA LEU A 554 43.05 -35.40 -48.15
C LEU A 554 41.61 -35.80 -47.82
N PRO A 555 41.30 -36.41 -46.67
CA PRO A 555 39.88 -36.66 -46.36
C PRO A 555 39.02 -35.41 -46.29
N ILE A 556 39.58 -34.25 -45.93
CA ILE A 556 38.78 -33.03 -45.89
C ILE A 556 38.40 -32.59 -47.30
N VAL A 557 39.36 -32.62 -48.23
CA VAL A 557 39.05 -32.21 -49.59
C VAL A 557 38.19 -33.25 -50.29
N LEU A 558 38.19 -34.50 -49.82
CA LEU A 558 37.20 -35.44 -50.31
C LEU A 558 35.82 -35.15 -49.73
N GLN A 559 35.76 -34.77 -48.46
CA GLN A 559 34.46 -34.53 -47.83
C GLN A 559 33.79 -33.29 -48.38
N VAL A 560 34.57 -32.29 -48.81
CA VAL A 560 33.97 -31.05 -49.31
C VAL A 560 33.47 -31.20 -50.74
N LEU A 561 33.56 -32.39 -51.32
CA LEU A 561 33.12 -32.66 -52.68
C LEU A 561 31.64 -33.01 -52.76
N LEU A 562 30.81 -32.53 -51.82
CA LEU A 562 29.40 -32.92 -51.78
C LEU A 562 28.41 -31.76 -51.88
N SER A 563 28.84 -30.51 -51.75
CA SER A 563 27.91 -29.39 -51.71
C SER A 563 28.37 -28.26 -52.65
N GLN A 564 27.42 -27.70 -53.39
CA GLN A 564 27.68 -26.67 -54.39
C GLN A 564 28.01 -25.32 -53.74
N VAL A 565 29.10 -25.31 -52.99
CA VAL A 565 29.65 -24.04 -52.50
C VAL A 565 31.11 -23.93 -52.88
N HIS A 566 31.83 -25.06 -52.96
CA HIS A 566 33.25 -25.01 -53.27
C HIS A 566 33.72 -26.18 -54.14
N ARG A 567 32.83 -26.78 -54.94
CA ARG A 567 33.24 -27.97 -55.66
C ARG A 567 34.26 -27.67 -56.74
N ILE A 568 34.15 -26.50 -57.37
CA ILE A 568 35.12 -26.11 -58.40
C ILE A 568 36.51 -25.96 -57.80
N ARG A 569 36.62 -25.25 -56.68
CA ARG A 569 37.91 -25.04 -56.04
C ARG A 569 38.48 -26.33 -55.48
N ALA A 570 37.65 -27.12 -54.80
CA ALA A 570 38.11 -28.38 -54.26
C ALA A 570 38.57 -29.32 -55.36
N LEU A 571 37.85 -29.33 -56.48
CA LEU A 571 38.21 -30.20 -57.59
C LEU A 571 39.49 -29.72 -58.28
N VAL A 572 39.71 -28.41 -58.38
CA VAL A 572 40.95 -27.96 -59.02
C VAL A 572 42.14 -28.20 -58.11
N LEU A 573 41.98 -28.08 -56.78
CA LEU A 573 43.08 -28.46 -55.89
C LEU A 573 43.34 -29.96 -55.94
N LEU A 574 42.27 -30.77 -56.05
CA LEU A 574 42.44 -32.21 -56.18
C LEU A 574 43.16 -32.57 -57.47
N SER A 575 42.84 -31.88 -58.57
CA SER A 575 43.54 -32.13 -59.83
C SER A 575 44.99 -31.68 -59.76
N ARG A 576 45.25 -30.57 -59.07
CA ARG A 576 46.63 -30.13 -58.89
C ARG A 576 47.43 -31.15 -58.08
N PHE A 577 46.80 -31.75 -57.06
CA PHE A 577 47.47 -32.83 -56.34
C PHE A 577 47.68 -34.04 -57.24
N LEU A 578 46.70 -34.37 -58.07
CA LEU A 578 46.81 -35.51 -58.96
C LEU A 578 47.87 -35.31 -60.03
N ASP A 579 48.27 -34.06 -60.27
CA ASP A 579 49.30 -33.78 -61.28
C ASP A 579 50.65 -34.37 -60.89
N LEU A 580 50.95 -34.48 -59.58
CA LEU A 580 52.32 -34.70 -59.13
C LEU A 580 52.91 -36.02 -59.63
N GLY A 581 52.14 -37.09 -59.61
CA GLY A 581 52.64 -38.35 -60.09
C GLY A 581 51.79 -39.56 -59.74
N PRO A 582 52.33 -40.75 -59.96
CA PRO A 582 51.55 -41.97 -59.72
C PRO A 582 51.37 -42.29 -58.25
N TRP A 583 52.16 -41.70 -57.36
CA TRP A 583 51.90 -41.89 -55.94
C TRP A 583 50.66 -41.13 -55.51
N ALA A 584 50.40 -39.98 -56.11
CA ALA A 584 49.22 -39.18 -55.77
C ALA A 584 47.94 -39.92 -56.14
N VAL A 585 47.88 -40.49 -57.34
CA VAL A 585 46.66 -41.18 -57.77
C VAL A 585 46.45 -42.45 -56.97
N TYR A 586 47.53 -43.14 -56.59
CA TYR A 586 47.40 -44.31 -55.72
C TYR A 586 46.88 -43.93 -54.34
N LEU A 587 47.38 -42.83 -53.77
CA LEU A 587 46.85 -42.39 -52.48
C LEU A 587 45.39 -41.94 -52.60
N SER A 588 45.02 -41.35 -53.73
CA SER A 588 43.65 -40.90 -53.93
C SER A 588 42.70 -42.05 -54.25
N LEU A 589 43.24 -43.19 -54.70
CA LEU A 589 42.39 -44.34 -54.98
C LEU A 589 42.29 -45.30 -53.80
N SER A 590 43.30 -45.33 -52.94
CA SER A 590 43.20 -46.09 -51.69
C SER A 590 42.47 -45.32 -50.61
N ILE A 591 41.77 -44.25 -50.97
CA ILE A 591 40.92 -43.52 -50.05
C ILE A 591 39.47 -43.41 -50.53
N GLY A 592 39.20 -43.65 -51.82
CA GLY A 592 37.84 -43.64 -52.33
C GLY A 592 37.37 -42.38 -53.02
N ILE A 593 38.11 -41.90 -54.01
CA ILE A 593 37.65 -40.80 -54.87
C ILE A 593 36.92 -41.30 -56.09
N PHE A 594 37.05 -42.58 -56.43
CA PHE A 594 36.39 -43.12 -57.61
C PHE A 594 34.87 -43.04 -57.56
N PRO A 595 34.17 -43.37 -56.46
CA PRO A 595 32.71 -43.13 -56.44
C PRO A 595 32.34 -41.68 -56.63
N TYR A 596 33.14 -40.75 -56.09
CA TYR A 596 32.83 -39.33 -56.26
C TYR A 596 32.96 -38.91 -57.71
N VAL A 597 34.07 -39.26 -58.36
CA VAL A 597 34.26 -38.84 -59.74
C VAL A 597 33.33 -39.59 -60.68
N LEU A 598 32.80 -40.74 -60.25
CA LEU A 598 31.71 -41.36 -61.01
C LEU A 598 30.42 -40.59 -60.84
N LYS A 599 30.15 -40.09 -59.63
CA LYS A 599 28.88 -39.44 -59.36
C LYS A 599 28.79 -38.06 -60.00
N LEU A 600 29.91 -37.33 -60.08
CA LEU A 600 29.86 -36.01 -60.73
C LEU A 600 29.63 -36.07 -62.24
N LEU A 601 29.68 -37.25 -62.86
CA LEU A 601 29.45 -37.34 -64.29
C LEU A 601 28.03 -36.97 -64.66
N GLN A 602 27.05 -37.38 -63.85
CA GLN A 602 25.66 -37.14 -64.19
C GLN A 602 25.22 -35.69 -63.98
N SER A 603 26.01 -34.88 -63.29
CA SER A 603 25.64 -33.49 -63.05
C SER A 603 26.16 -32.63 -64.20
N PRO A 604 25.29 -31.98 -64.97
CA PRO A 604 25.77 -31.23 -66.14
C PRO A 604 26.12 -29.78 -65.81
N ALA A 605 27.34 -29.38 -66.16
CA ALA A 605 27.80 -28.01 -66.03
C ALA A 605 29.00 -27.81 -66.93
N PRO A 606 29.02 -26.75 -67.75
CA PRO A 606 30.18 -26.51 -68.62
C PRO A 606 31.47 -26.27 -67.86
N GLU A 607 31.40 -25.72 -66.64
CA GLU A 607 32.62 -25.41 -65.90
C GLU A 607 33.31 -26.65 -65.36
N LEU A 608 32.54 -27.67 -64.96
CA LEU A 608 33.15 -28.89 -64.45
C LEU A 608 33.70 -29.79 -65.55
N LYS A 609 33.28 -29.58 -66.80
CA LYS A 609 33.67 -30.49 -67.88
C LYS A 609 35.18 -30.58 -68.10
N PRO A 610 35.95 -29.48 -68.24
CA PRO A 610 37.40 -29.66 -68.40
C PRO A 610 38.07 -30.26 -67.17
N ILE A 611 37.60 -29.92 -65.97
CA ILE A 611 38.22 -30.46 -64.77
C ILE A 611 37.95 -31.96 -64.67
N LEU A 612 36.71 -32.39 -64.96
CA LEU A 612 36.41 -33.81 -64.95
C LEU A 612 37.20 -34.55 -66.02
N VAL A 613 37.33 -33.98 -67.21
CA VAL A 613 38.05 -34.71 -68.25
C VAL A 613 39.54 -34.80 -67.93
N PHE A 614 40.12 -33.77 -67.30
CA PHE A 614 41.51 -33.84 -66.91
C PHE A 614 41.72 -34.85 -65.80
N ILE A 615 40.85 -34.85 -64.80
CA ILE A 615 40.98 -35.78 -63.68
C ILE A 615 40.82 -37.21 -64.18
N TRP A 616 39.88 -37.45 -65.10
CA TRP A 616 39.68 -38.80 -65.62
C TRP A 616 40.84 -39.24 -66.51
N ALA A 617 41.41 -38.31 -67.29
CA ALA A 617 42.57 -38.63 -68.10
C ALA A 617 43.75 -38.99 -67.21
N ARG A 618 43.90 -38.30 -66.08
CA ARG A 618 44.93 -38.67 -65.13
C ARG A 618 44.66 -40.03 -64.51
N ILE A 619 43.40 -40.31 -64.15
CA ILE A 619 43.12 -41.49 -63.35
C ILE A 619 43.16 -42.77 -64.20
N MET A 620 42.89 -42.67 -65.50
CA MET A 620 42.82 -43.87 -66.33
C MET A 620 44.16 -44.25 -66.95
N SER A 621 45.23 -43.52 -66.65
CA SER A 621 46.53 -43.79 -67.25
C SER A 621 47.41 -44.69 -66.41
N ILE A 622 46.98 -45.06 -65.21
CA ILE A 622 47.75 -45.90 -64.31
C ILE A 622 47.13 -47.28 -64.17
N ASP A 623 45.84 -47.34 -63.79
CA ASP A 623 45.12 -48.61 -63.65
C ASP A 623 43.84 -48.49 -64.48
N TYR A 624 43.96 -48.78 -65.76
CA TYR A 624 42.82 -48.84 -66.67
C TYR A 624 42.15 -50.20 -66.68
N LYS A 625 42.81 -51.23 -66.14
CA LYS A 625 42.22 -52.55 -66.09
C LYS A 625 40.97 -52.58 -65.22
N ASN A 626 41.07 -52.00 -64.02
CA ASN A 626 39.97 -52.02 -63.08
C ASN A 626 39.03 -50.84 -63.22
N THR A 627 39.38 -49.82 -64.00
CA THR A 627 38.46 -48.72 -64.29
C THR A 627 38.26 -48.65 -65.80
N GLN A 628 37.42 -49.57 -66.31
CA GLN A 628 36.76 -49.41 -67.60
C GLN A 628 35.35 -49.96 -67.60
N SER A 629 34.97 -50.78 -66.63
CA SER A 629 33.64 -51.35 -66.54
C SER A 629 32.69 -50.49 -65.72
N GLU A 630 33.18 -49.45 -65.06
CA GLU A 630 32.35 -48.53 -64.32
C GLU A 630 31.87 -47.36 -65.15
N LEU A 631 32.26 -47.29 -66.42
CA LEU A 631 31.85 -46.22 -67.30
C LEU A 631 30.65 -46.58 -68.18
N ILE A 632 30.23 -47.84 -68.18
CA ILE A 632 29.13 -48.30 -69.01
C ILE A 632 27.81 -48.36 -68.25
N LYS A 633 27.81 -48.06 -66.95
CA LYS A 633 26.65 -48.33 -66.12
C LYS A 633 25.49 -47.41 -66.45
N GLU A 634 25.74 -46.10 -66.53
CA GLU A 634 24.70 -45.11 -66.71
C GLU A 634 25.07 -44.16 -67.86
N LYS A 635 25.54 -44.75 -68.96
CA LYS A 635 26.01 -44.02 -70.14
C LYS A 635 27.06 -42.98 -69.76
N GLY A 636 28.03 -43.42 -68.95
CA GLY A 636 29.08 -42.53 -68.49
C GLY A 636 30.09 -42.17 -69.57
N TYR A 637 30.11 -42.90 -70.68
CA TYR A 637 30.96 -42.54 -71.80
C TYR A 637 30.44 -41.31 -72.53
N MET A 638 29.15 -41.01 -72.39
CA MET A 638 28.55 -39.88 -73.08
C MET A 638 29.17 -38.55 -72.70
N TYR A 639 29.72 -38.44 -71.49
CA TYR A 639 30.38 -37.20 -71.07
C TYR A 639 31.57 -36.89 -71.98
N PHE A 640 32.45 -37.88 -72.16
CA PHE A 640 33.60 -37.69 -73.04
C PHE A 640 33.18 -37.61 -74.51
N VAL A 641 32.15 -38.36 -74.89
CA VAL A 641 31.67 -38.30 -76.27
C VAL A 641 31.12 -36.92 -76.59
N THR A 642 30.45 -36.27 -75.65
CA THR A 642 29.90 -34.95 -75.93
C THR A 642 30.88 -33.82 -75.68
N VAL A 643 31.96 -34.04 -74.93
CA VAL A 643 32.97 -33.00 -74.90
C VAL A 643 33.84 -33.08 -76.14
N LEU A 644 33.95 -34.26 -76.76
CA LEU A 644 34.61 -34.33 -78.05
C LEU A 644 33.71 -33.79 -79.16
N VAL A 645 32.49 -34.31 -79.27
CA VAL A 645 31.55 -33.95 -80.32
C VAL A 645 30.34 -33.27 -79.70
N PRO A 646 30.15 -31.96 -79.88
CA PRO A 646 29.00 -31.27 -79.28
C PRO A 646 27.75 -31.31 -80.15
N THR A 708 36.67 -25.22 -74.71
CA THR A 708 36.99 -26.55 -75.21
C THR A 708 38.20 -26.50 -76.15
N THR A 709 39.39 -26.51 -75.57
CA THR A 709 40.62 -26.43 -76.34
C THR A 709 41.06 -27.79 -76.83
N ASP A 710 42.06 -27.78 -77.71
CA ASP A 710 42.57 -29.01 -78.28
C ASP A 710 43.23 -29.89 -77.21
N GLU A 711 43.78 -29.30 -76.15
CA GLU A 711 44.28 -30.08 -75.04
C GLU A 711 43.15 -30.83 -74.34
N GLN A 712 42.02 -30.18 -74.12
CA GLN A 712 40.86 -30.85 -73.54
C GLN A 712 40.36 -31.98 -74.44
N LYS A 713 40.31 -31.73 -75.74
CA LYS A 713 39.92 -32.79 -76.66
C LYS A 713 40.90 -33.95 -76.65
N ALA A 714 42.19 -33.65 -76.43
CA ALA A 714 43.19 -34.71 -76.31
C ALA A 714 42.95 -35.55 -75.05
N MET A 715 42.60 -34.90 -73.94
CA MET A 715 42.24 -35.65 -72.74
C MET A 715 41.06 -36.56 -73.02
N ALA A 716 40.04 -36.04 -73.70
CA ALA A 716 38.84 -36.82 -73.98
C ALA A 716 39.15 -38.03 -74.85
N VAL A 717 39.94 -37.84 -75.91
CA VAL A 717 40.22 -38.97 -76.79
C VAL A 717 41.12 -39.99 -76.09
N PHE A 718 42.02 -39.55 -75.19
CA PHE A 718 42.80 -40.53 -74.44
C PHE A 718 41.92 -41.34 -73.50
N VAL A 719 40.94 -40.69 -72.87
CA VAL A 719 40.01 -41.41 -71.99
C VAL A 719 39.24 -42.45 -72.80
N LEU A 720 38.76 -42.08 -73.99
CA LEU A 720 38.03 -43.02 -74.82
C LEU A 720 38.90 -44.18 -75.27
N ALA A 721 40.15 -43.90 -75.63
CA ALA A 721 41.06 -44.97 -76.05
C ALA A 721 41.35 -45.94 -74.91
N SER A 722 41.53 -45.41 -73.71
CA SER A 722 41.71 -46.28 -72.54
C SER A 722 40.46 -47.08 -72.25
N PHE A 723 39.28 -46.52 -72.52
CA PHE A 723 38.04 -47.27 -72.38
C PHE A 723 37.95 -48.41 -73.38
N VAL A 724 38.40 -48.17 -74.62
CA VAL A 724 38.26 -49.16 -75.68
C VAL A 724 39.35 -50.25 -75.62
N ARG A 725 40.48 -50.00 -74.96
CA ARG A 725 41.60 -50.94 -74.98
C ARG A 725 41.20 -52.31 -74.42
N ASN A 726 41.22 -53.32 -75.29
CA ASN A 726 40.96 -54.72 -74.93
C ASN A 726 39.57 -54.93 -74.33
N PHE A 727 38.60 -54.11 -74.71
CA PHE A 727 37.27 -54.12 -74.10
C PHE A 727 36.25 -54.15 -75.23
N PRO A 728 36.01 -55.34 -75.81
CA PRO A 728 35.08 -55.44 -76.94
C PRO A 728 33.65 -55.06 -76.61
N LEU A 729 33.26 -55.12 -75.35
CA LEU A 729 31.95 -54.62 -74.96
C LEU A 729 31.89 -53.11 -75.12
N GLY A 730 32.99 -52.43 -74.82
CA GLY A 730 33.04 -50.99 -74.97
C GLY A 730 33.27 -50.52 -76.39
N GLN A 731 33.82 -51.38 -77.25
CA GLN A 731 33.90 -51.03 -78.66
C GLN A 731 32.52 -50.77 -79.24
N LYS A 732 31.55 -51.60 -78.88
CA LYS A 732 30.16 -51.42 -79.30
C LYS A 732 29.63 -50.06 -78.84
N ASN A 733 29.88 -49.72 -77.57
CA ASN A 733 29.31 -48.49 -77.02
C ASN A 733 29.98 -47.25 -77.57
N CYS A 734 31.28 -47.34 -77.91
CA CYS A 734 32.02 -46.16 -78.32
C CYS A 734 31.97 -45.91 -79.82
N PHE A 735 31.83 -46.95 -80.64
CA PHE A 735 31.92 -46.76 -82.09
C PHE A 735 30.64 -46.14 -82.62
N SER A 736 30.71 -44.85 -82.96
CA SER A 736 29.61 -44.17 -83.64
C SER A 736 30.16 -43.39 -84.82
N LEU A 737 29.35 -43.31 -85.88
CA LEU A 737 29.79 -42.67 -87.12
C LEU A 737 30.05 -41.19 -86.91
N GLU A 738 29.26 -40.52 -86.07
CA GLU A 738 29.53 -39.12 -85.78
C GLU A 738 30.88 -38.94 -85.11
N LEU A 739 31.22 -39.87 -84.20
CA LEU A 739 32.52 -39.82 -83.53
C LEU A 739 33.66 -40.04 -84.52
N VAL A 740 33.51 -41.03 -85.42
CA VAL A 740 34.62 -41.27 -86.35
C VAL A 740 34.74 -40.14 -87.37
N ASN A 741 33.63 -39.50 -87.74
CA ASN A 741 33.70 -38.38 -88.67
C ASN A 741 34.36 -37.17 -88.01
N LYS A 742 34.03 -36.90 -86.74
CA LYS A 742 34.70 -35.82 -86.02
C LYS A 742 36.18 -36.14 -85.82
N LEU A 743 36.51 -37.41 -85.62
CA LEU A 743 37.91 -37.81 -85.52
C LEU A 743 38.63 -37.54 -86.83
N CYS A 744 38.02 -37.86 -87.97
CA CYS A 744 38.64 -37.59 -89.25
C CYS A 744 38.81 -36.08 -89.47
N PHE A 745 37.82 -35.29 -89.06
CA PHE A 745 37.94 -33.84 -89.17
C PHE A 745 39.11 -33.32 -88.32
N TYR A 746 39.24 -33.82 -87.09
CA TYR A 746 40.32 -33.37 -86.22
C TYR A 746 41.69 -33.77 -86.75
N ILE A 747 41.82 -35.00 -87.26
CA ILE A 747 43.11 -35.43 -87.77
C ILE A 747 43.42 -34.73 -89.10
N ASP A 748 42.40 -34.28 -89.84
CA ASP A 748 42.66 -33.43 -91.00
C ASP A 748 43.21 -32.07 -90.57
N ASN A 749 42.52 -31.41 -89.63
CA ASN A 749 43.04 -30.10 -89.19
C ASN A 749 42.82 -29.89 -87.68
N SER A 750 43.82 -30.31 -86.91
CA SER A 750 43.99 -29.88 -85.53
C SER A 750 45.47 -29.55 -85.33
N GLU A 751 45.75 -28.46 -84.61
CA GLU A 751 47.10 -27.92 -84.57
C GLU A 751 48.04 -28.77 -83.71
N ILE A 752 47.68 -28.98 -82.44
CA ILE A 752 48.60 -29.60 -81.47
C ILE A 752 48.78 -31.08 -81.82
N PRO A 753 50.03 -31.58 -81.88
CA PRO A 753 50.26 -32.96 -82.29
C PRO A 753 49.82 -34.03 -81.29
N LEU A 754 49.46 -33.66 -80.05
CA LEU A 754 49.04 -34.67 -79.09
C LEU A 754 47.74 -35.34 -79.52
N LEU A 755 46.75 -34.55 -79.94
CA LEU A 755 45.53 -35.14 -80.50
C LEU A 755 45.82 -35.80 -81.84
N ARG A 756 46.75 -35.27 -82.62
CA ARG A 756 47.13 -35.89 -83.88
C ARG A 756 47.71 -37.29 -83.65
N GLN A 757 48.30 -37.51 -82.48
CA GLN A 757 48.66 -38.84 -82.00
C GLN A 757 47.43 -39.65 -81.58
N TRP A 758 46.63 -39.09 -80.67
CA TRP A 758 45.68 -39.91 -79.95
C TRP A 758 44.47 -40.28 -80.80
N CYS A 759 44.13 -39.47 -81.80
CA CYS A 759 43.05 -39.83 -82.71
C CYS A 759 43.42 -41.05 -83.56
N VAL A 760 44.66 -41.07 -84.06
CA VAL A 760 45.15 -42.23 -84.81
C VAL A 760 45.23 -43.44 -83.89
N ILE A 761 45.63 -43.24 -82.63
CA ILE A 761 45.64 -44.34 -81.67
C ILE A 761 44.23 -44.87 -81.45
N LEU A 762 43.24 -43.97 -81.35
CA LEU A 762 41.86 -44.40 -81.14
C LEU A 762 41.34 -45.22 -82.30
N LEU A 763 41.63 -44.80 -83.54
CA LEU A 763 41.22 -45.64 -84.68
C LEU A 763 41.95 -46.96 -84.71
N GLY A 764 43.25 -46.96 -84.39
CA GLY A 764 43.98 -48.21 -84.34
C GLY A 764 43.41 -49.19 -83.32
N LEU A 765 42.96 -48.65 -82.18
CA LEU A 765 42.35 -49.50 -81.17
C LEU A 765 40.95 -49.95 -81.58
N LEU A 766 40.21 -49.09 -82.29
CA LEU A 766 38.89 -49.49 -82.77
C LEU A 766 38.97 -50.52 -83.88
N PHE A 767 40.09 -50.59 -84.59
CA PHE A 767 40.28 -51.58 -85.65
C PHE A 767 40.85 -52.90 -85.14
N ALA A 768 40.72 -53.19 -83.84
CA ALA A 768 41.46 -54.29 -83.22
C ALA A 768 41.10 -55.65 -83.81
N ASP A 769 39.87 -56.11 -83.55
CA ASP A 769 39.27 -57.30 -84.16
C ASP A 769 37.77 -57.01 -84.24
N ASN A 770 37.36 -56.45 -85.37
CA ASN A 770 35.96 -56.12 -85.57
C ASN A 770 35.72 -55.95 -87.07
N PRO A 771 35.36 -57.01 -87.78
CA PRO A 771 35.13 -56.89 -89.23
C PRO A 771 34.03 -55.91 -89.59
N LEU A 772 33.00 -55.78 -88.75
CA LEU A 772 31.98 -54.76 -88.98
C LEU A 772 32.58 -53.37 -88.93
N ASN A 773 33.42 -53.11 -87.91
CA ASN A 773 34.07 -51.80 -87.80
C ASN A 773 35.01 -51.55 -88.97
N ARG A 774 35.73 -52.59 -89.41
CA ARG A 774 36.63 -52.44 -90.54
C ARG A 774 35.86 -52.11 -91.82
N PHE A 775 34.72 -52.77 -92.03
CA PHE A 775 33.91 -52.47 -93.20
C PHE A 775 33.36 -51.04 -93.14
N VAL A 776 32.87 -50.62 -91.96
CA VAL A 776 32.29 -49.28 -91.83
C VAL A 776 33.36 -48.21 -92.03
N CYS A 777 34.55 -48.40 -91.45
CA CYS A 777 35.60 -47.41 -91.60
C CYS A 777 36.12 -47.36 -93.03
N MET A 778 36.22 -48.52 -93.68
CA MET A 778 36.62 -48.54 -95.09
C MET A 778 35.62 -47.80 -95.96
N ASN A 779 34.32 -48.00 -95.71
CA ASN A 779 33.30 -47.34 -96.50
C ASN A 779 33.29 -45.83 -96.24
N THR A 780 33.44 -45.41 -94.98
CA THR A 780 33.41 -43.99 -94.68
C THR A 780 34.73 -43.29 -95.00
N GLY A 781 35.77 -44.03 -95.33
CA GLY A 781 36.99 -43.42 -95.81
C GLY A 781 37.96 -42.95 -94.75
N ALA A 782 37.83 -43.45 -93.52
CA ALA A 782 38.85 -43.17 -92.51
C ALA A 782 40.19 -43.81 -92.89
N VAL A 783 40.15 -44.89 -93.67
CA VAL A 783 41.38 -45.53 -94.13
C VAL A 783 42.14 -44.59 -95.05
N GLU A 784 41.44 -43.87 -95.93
CA GLU A 784 42.11 -42.93 -96.82
C GLU A 784 42.75 -41.79 -96.05
N ILE A 785 42.05 -41.26 -95.04
CA ILE A 785 42.59 -40.18 -94.22
C ILE A 785 43.81 -40.66 -93.45
N LEU A 786 43.72 -41.85 -92.87
CA LEU A 786 44.84 -42.37 -92.10
C LEU A 786 46.00 -42.80 -93.00
N LEU A 787 45.73 -43.07 -94.27
CA LEU A 787 46.80 -43.31 -95.24
C LEU A 787 47.49 -42.02 -95.64
N LYS A 788 46.72 -40.95 -95.82
CA LYS A 788 47.31 -39.65 -96.12
C LYS A 788 48.07 -39.07 -94.92
N SER A 789 47.69 -39.46 -93.71
CA SER A 789 48.39 -39.00 -92.51
C SER A 789 49.71 -39.71 -92.27
N LEU A 790 50.16 -40.58 -93.17
CA LEU A 790 51.51 -41.12 -93.08
C LEU A 790 52.56 -40.02 -93.24
N LYS A 791 52.32 -39.08 -94.16
CA LYS A 791 53.25 -37.98 -94.39
C LYS A 791 52.83 -36.80 -93.51
N ASP A 792 53.58 -36.57 -92.44
CA ASP A 792 53.27 -35.53 -91.46
C ASP A 792 54.58 -35.14 -90.79
N PRO A 793 54.73 -33.88 -90.36
CA PRO A 793 56.01 -33.43 -89.79
C PRO A 793 56.54 -34.25 -88.62
N VAL A 794 55.79 -34.38 -87.54
CA VAL A 794 56.29 -35.07 -86.35
C VAL A 794 56.32 -36.58 -86.58
N PRO A 795 57.28 -37.30 -86.01
CA PRO A 795 57.36 -38.75 -86.25
C PRO A 795 56.43 -39.57 -85.39
N GLU A 796 55.92 -39.02 -84.28
CA GLU A 796 55.03 -39.78 -83.42
C GLU A 796 53.74 -40.16 -84.13
N VAL A 797 53.17 -39.24 -84.92
CA VAL A 797 51.94 -39.56 -85.61
C VAL A 797 52.20 -40.53 -86.76
N ARG A 798 53.41 -40.51 -87.32
CA ARG A 798 53.74 -41.49 -88.35
C ARG A 798 53.83 -42.89 -87.76
N THR A 799 54.47 -43.01 -86.60
CA THR A 799 54.51 -44.29 -85.90
C THR A 799 53.11 -44.74 -85.48
N ALA A 800 52.27 -43.79 -85.06
CA ALA A 800 50.89 -44.10 -84.72
C ALA A 800 50.12 -44.62 -85.94
N SER A 801 50.36 -44.01 -87.11
CA SER A 801 49.70 -44.46 -88.33
C SER A 801 50.12 -45.88 -88.69
N ILE A 802 51.40 -46.20 -88.51
CA ILE A 802 51.85 -47.57 -88.77
C ILE A 802 51.24 -48.54 -87.76
N PHE A 803 51.07 -48.10 -86.51
CA PHE A 803 50.41 -48.93 -85.49
C PHE A 803 48.95 -49.22 -85.87
N ALA A 804 48.24 -48.19 -86.35
CA ALA A 804 46.86 -48.39 -86.76
C ALA A 804 46.76 -49.33 -87.96
N LEU A 805 47.67 -49.19 -88.93
CA LEU A 805 47.62 -50.13 -90.06
C LEU A 805 48.15 -51.51 -89.69
N LYS A 806 48.91 -51.62 -88.59
CA LYS A 806 49.17 -52.93 -88.00
C LYS A 806 47.86 -53.56 -87.52
N HIS A 807 47.03 -52.77 -86.83
CA HIS A 807 45.74 -53.30 -86.41
C HIS A 807 44.78 -53.54 -87.58
N PHE A 808 45.01 -52.91 -88.71
CA PHE A 808 44.08 -53.01 -89.84
C PHE A 808 44.24 -54.34 -90.62
N ILE A 809 44.98 -55.33 -90.10
CA ILE A 809 44.93 -56.65 -90.71
C ILE A 809 43.55 -57.25 -90.50
N SER A 810 43.04 -57.96 -91.52
CA SER A 810 41.61 -58.21 -91.63
C SER A 810 41.08 -59.10 -90.50
N GLY A 811 41.70 -60.25 -90.29
CA GLY A 811 41.22 -61.17 -89.27
C GLY A 811 41.35 -62.63 -89.62
N PHE A 812 41.88 -63.43 -88.70
CA PHE A 812 42.08 -64.86 -88.96
C PHE A 812 40.83 -65.66 -88.60
N GLN A 813 40.24 -65.39 -87.44
CA GLN A 813 39.00 -66.05 -87.03
C GLN A 813 37.79 -65.24 -87.47
N ASP A 814 37.77 -64.86 -88.74
CA ASP A 814 36.73 -63.93 -89.22
C ASP A 814 35.39 -64.63 -89.39
N ALA A 815 35.38 -65.83 -89.96
CA ALA A 815 34.14 -66.54 -90.22
C ALA A 815 33.42 -66.95 -88.94
N GLU A 816 34.12 -66.96 -87.81
CA GLU A 816 33.48 -67.18 -86.52
C GLU A 816 33.23 -65.89 -85.75
N VAL A 817 34.07 -64.85 -85.91
CA VAL A 817 33.80 -63.62 -85.20
C VAL A 817 32.60 -62.89 -85.79
N ILE A 818 32.29 -63.12 -87.07
CA ILE A 818 31.12 -62.46 -87.65
C ILE A 818 29.84 -63.03 -87.04
N LEU A 819 29.76 -64.35 -86.85
CA LEU A 819 28.64 -64.94 -86.13
C LEU A 819 28.68 -64.56 -84.66
N ARG A 820 29.89 -64.48 -84.09
CA ARG A 820 30.08 -64.14 -82.68
C ARG A 820 29.59 -62.72 -82.39
N LEU A 821 29.52 -61.88 -83.42
CA LEU A 821 28.92 -60.55 -83.25
C LEU A 821 27.44 -60.54 -83.64
N GLN A 822 27.05 -61.37 -84.61
CA GLN A 822 25.64 -61.47 -85.01
C GLN A 822 24.76 -61.91 -83.86
N GLN A 823 25.27 -62.81 -83.00
CA GLN A 823 24.42 -63.35 -81.93
C GLN A 823 23.99 -62.26 -80.95
N GLU A 824 24.92 -61.44 -80.47
CA GLU A 824 24.52 -60.47 -79.47
C GLU A 824 23.87 -59.24 -80.11
N PHE A 825 24.09 -59.00 -81.41
CA PHE A 825 23.18 -58.03 -82.04
C PHE A 825 21.75 -58.54 -82.06
N GLU A 826 21.56 -59.83 -82.36
CA GLU A 826 20.22 -60.40 -82.30
C GLU A 826 19.64 -60.32 -80.88
N GLU A 827 20.47 -60.65 -79.89
CA GLU A 827 20.02 -60.67 -78.51
C GLU A 827 19.70 -59.27 -78.01
N GLN A 828 20.53 -58.28 -78.35
CA GLN A 828 20.26 -56.90 -77.97
C GLN A 828 19.00 -56.38 -78.63
N TYR A 829 18.79 -56.74 -79.91
CA TYR A 829 17.57 -56.35 -80.60
C TYR A 829 16.34 -56.93 -79.90
N GLN A 830 16.40 -58.22 -79.56
CA GLN A 830 15.27 -58.86 -78.87
C GLN A 830 15.03 -58.23 -77.50
N GLN A 831 16.10 -57.99 -76.74
CA GLN A 831 15.94 -57.45 -75.38
C GLN A 831 15.38 -56.03 -75.41
N LEU A 832 15.90 -55.18 -76.31
CA LEU A 832 15.41 -53.81 -76.39
C LEU A 832 13.98 -53.78 -76.94
N HIS A 833 13.65 -54.69 -77.85
CA HIS A 833 12.28 -54.79 -78.35
C HIS A 833 11.31 -55.19 -77.24
N SER A 834 11.70 -56.18 -76.43
CA SER A 834 10.88 -56.59 -75.30
C SER A 834 10.71 -55.46 -74.29
N GLN A 835 11.79 -54.72 -74.05
CA GLN A 835 11.70 -53.55 -73.17
C GLN A 835 10.79 -52.49 -73.76
N LEU A 836 10.79 -52.35 -75.09
CA LEU A 836 9.91 -51.38 -75.74
C LEU A 836 8.44 -51.73 -75.53
N GLN A 837 8.07 -53.00 -75.74
CA GLN A 837 6.67 -53.36 -75.48
C GLN A 837 6.35 -53.37 -73.98
N HIS A 838 7.33 -53.66 -73.12
CA HIS A 838 7.08 -53.55 -71.68
C HIS A 838 6.76 -52.11 -71.30
N LEU A 839 7.52 -51.15 -71.84
CA LEU A 839 7.24 -49.75 -71.56
C LEU A 839 5.93 -49.31 -72.21
N GLN A 840 5.59 -49.87 -73.37
CA GLN A 840 4.29 -49.57 -73.98
C GLN A 840 3.13 -50.06 -73.13
N ASN A 841 3.25 -51.27 -72.58
CA ASN A 841 2.23 -51.77 -71.67
C ASN A 841 2.17 -50.97 -70.39
N GLN A 842 3.32 -50.48 -69.91
CA GLN A 842 3.32 -49.59 -68.75
C GLN A 842 2.62 -48.28 -69.05
N SER A 843 2.85 -47.71 -70.24
CA SER A 843 2.20 -46.47 -70.63
C SER A 843 0.72 -46.66 -70.96
N HIS A 844 0.30 -47.88 -71.25
CA HIS A 844 -1.11 -48.19 -71.45
C HIS A 844 -1.78 -48.50 -70.11
N LEU A 845 -1.65 -47.56 -69.18
CA LEU A 845 -2.19 -47.71 -67.83
C LEU A 845 -3.51 -46.96 -67.64
N GLN A 846 -4.08 -46.43 -68.72
CA GLN A 846 -5.33 -45.65 -68.70
C GLN A 846 -5.23 -44.46 -67.75
N GLN A 847 -4.06 -43.81 -67.74
CA GLN A 847 -3.85 -42.60 -66.94
C GLN A 847 -3.06 -41.62 -67.78
N GLN A 848 -3.60 -40.41 -67.96
CA GLN A 848 -2.91 -39.41 -68.78
C GLN A 848 -1.62 -38.94 -68.13
N GLN A 849 -1.69 -38.56 -66.85
CA GLN A 849 -0.55 -38.07 -66.07
C GLN A 849 0.16 -36.91 -66.79
N SER A 850 -0.56 -35.81 -66.95
CA SER A 850 -0.03 -34.65 -67.64
C SER A 850 1.09 -34.00 -66.84
N GLN A 851 2.15 -33.59 -67.54
CA GLN A 851 3.35 -32.99 -66.95
C GLN A 851 3.93 -33.89 -65.86
N GLN A 852 4.08 -35.17 -66.20
CA GLN A 852 4.40 -36.20 -65.22
C GLN A 852 5.24 -37.27 -65.91
N GLN A 853 5.23 -38.48 -65.33
CA GLN A 853 6.06 -39.58 -65.82
C GLN A 853 5.83 -39.89 -67.28
N GLN A 854 4.61 -39.72 -67.79
CA GLN A 854 4.37 -39.94 -69.22
C GLN A 854 5.14 -38.92 -70.06
N GLN A 855 5.11 -37.64 -69.65
CA GLN A 855 5.88 -36.60 -70.32
C GLN A 855 7.37 -36.82 -70.19
N HIS A 856 7.80 -37.48 -69.11
CA HIS A 856 9.19 -37.90 -69.01
C HIS A 856 9.46 -39.21 -69.76
N LEU A 857 8.41 -39.85 -70.27
CA LEU A 857 8.57 -41.14 -70.93
C LEU A 857 8.55 -41.08 -72.45
N GLU A 858 7.92 -40.08 -73.08
CA GLU A 858 7.93 -40.10 -74.56
C GLU A 858 9.35 -39.92 -75.10
N GLN A 859 10.17 -39.08 -74.47
CA GLN A 859 11.54 -38.92 -74.95
C GLN A 859 12.33 -40.21 -74.80
N GLN A 860 12.10 -40.96 -73.72
CA GLN A 860 12.69 -42.28 -73.60
C GLN A 860 12.15 -43.23 -74.66
N GLN A 861 10.89 -43.06 -75.06
CA GLN A 861 10.31 -43.91 -76.09
C GLN A 861 11.05 -43.75 -77.41
N MET A 862 11.20 -42.52 -77.89
CA MET A 862 11.90 -42.49 -79.18
C MET A 862 13.41 -42.53 -79.03
N LYS A 863 13.96 -42.37 -77.82
CA LYS A 863 15.37 -42.70 -77.61
C LYS A 863 15.60 -44.19 -77.78
N ILE A 864 14.71 -45.01 -77.20
CA ILE A 864 14.77 -46.45 -77.40
C ILE A 864 14.57 -46.80 -78.86
N GLU A 865 13.63 -46.11 -79.53
CA GLU A 865 13.43 -46.35 -80.96
C GLU A 865 14.69 -46.01 -81.77
N LYS A 866 15.38 -44.93 -81.42
CA LYS A 866 16.61 -44.57 -82.11
C LYS A 866 17.69 -45.62 -81.87
N GLN A 867 17.80 -46.14 -80.65
CA GLN A 867 18.77 -47.20 -80.38
C GLN A 867 18.45 -48.45 -81.20
N ILE A 868 17.16 -48.80 -81.29
CA ILE A 868 16.75 -49.93 -82.12
C ILE A 868 17.15 -49.71 -83.57
N ARG A 869 16.85 -48.50 -84.10
CA ARG A 869 17.12 -48.25 -85.51
C ARG A 869 18.63 -48.28 -85.79
N HIS A 870 19.44 -47.81 -84.84
CA HIS A 870 20.88 -47.98 -84.97
C HIS A 870 21.24 -49.46 -85.01
N CYS A 871 20.57 -50.27 -84.19
CA CYS A 871 20.84 -51.70 -84.17
C CYS A 871 20.58 -52.34 -85.52
N GLN A 872 19.45 -52.02 -86.16
CA GLN A 872 19.29 -52.65 -87.47
C GLN A 872 20.10 -51.98 -88.57
N VAL A 873 20.58 -50.75 -88.38
CA VAL A 873 21.56 -50.21 -89.33
C VAL A 873 22.83 -51.04 -89.32
N MET A 874 23.37 -51.31 -88.13
CA MET A 874 24.56 -52.18 -88.08
C MET A 874 24.23 -53.58 -88.57
N GLN A 875 23.04 -54.09 -88.24
CA GLN A 875 22.65 -55.43 -88.68
C GLN A 875 22.58 -55.52 -90.20
N ASN A 876 22.06 -54.48 -90.85
CA ASN A 876 22.04 -54.45 -92.30
C ASN A 876 23.42 -54.30 -92.89
N GLN A 877 24.33 -53.59 -92.21
CA GLN A 877 25.70 -53.54 -92.69
C GLN A 877 26.46 -54.84 -92.51
N LEU A 878 26.00 -55.73 -91.63
CA LEU A 878 26.74 -56.96 -91.36
C LEU A 878 26.86 -57.85 -92.58
N GLU A 879 25.75 -58.12 -93.27
CA GLU A 879 25.76 -59.19 -94.28
C GLU A 879 26.64 -58.87 -95.47
N VAL A 880 26.79 -57.60 -95.82
CA VAL A 880 27.75 -57.21 -96.88
C VAL A 880 29.07 -56.88 -96.18
N ILE A 881 29.88 -57.92 -95.99
CA ILE A 881 31.16 -57.80 -95.28
C ILE A 881 32.34 -57.81 -96.24
N ASP A 882 32.40 -58.81 -97.12
CA ASP A 882 33.33 -58.92 -98.25
C ASP A 882 34.78 -58.88 -97.73
N LEU A 883 35.14 -60.00 -97.08
CA LEU A 883 36.51 -60.23 -96.63
C LEU A 883 37.52 -60.06 -97.76
N ARG A 884 37.12 -60.36 -99.00
CA ARG A 884 38.01 -60.20 -100.14
C ARG A 884 38.37 -58.73 -100.38
N LYS A 885 37.39 -57.82 -100.29
CA LYS A 885 37.69 -56.39 -100.42
C LYS A 885 38.50 -55.89 -99.23
N LEU A 886 38.24 -56.46 -98.04
CA LEU A 886 39.08 -56.13 -96.89
C LEU A 886 40.55 -56.47 -97.14
N LYS A 887 40.80 -57.68 -97.68
CA LYS A 887 42.15 -58.11 -98.00
C LYS A 887 42.76 -57.23 -99.09
N ARG A 888 41.95 -56.83 -100.08
CA ARG A 888 42.44 -55.97 -101.14
C ARG A 888 42.88 -54.62 -100.60
N GLN A 889 42.09 -54.03 -99.70
CA GLN A 889 42.48 -52.76 -99.11
C GLN A 889 43.73 -52.90 -98.24
N GLU A 890 43.87 -54.04 -97.55
CA GLU A 890 45.08 -54.25 -96.75
C GLU A 890 46.31 -54.33 -97.65
N ILE A 891 46.22 -55.06 -98.76
CA ILE A 891 47.36 -55.17 -99.66
C ILE A 891 47.61 -53.87 -100.40
N GLY A 892 46.59 -52.99 -100.50
CA GLY A 892 46.82 -51.67 -101.02
C GLY A 892 47.46 -50.73 -100.01
N ASN A 893 47.22 -50.97 -98.72
CA ASN A 893 47.83 -50.15 -97.69
C ASN A 893 49.30 -50.51 -97.49
N LEU A 894 49.64 -51.78 -97.66
CA LEU A 894 51.02 -52.22 -97.41
C LEU A 894 52.01 -51.56 -98.35
N ILE A 895 51.66 -51.43 -99.63
CA ILE A 895 52.58 -50.83 -100.60
C ILE A 895 52.80 -49.36 -100.31
N SER A 896 51.81 -48.66 -99.76
CA SER A 896 51.99 -47.27 -99.35
C SER A 896 52.71 -47.15 -98.01
N ILE A 897 52.70 -48.21 -97.20
CA ILE A 897 53.57 -48.24 -96.03
C ILE A 897 55.03 -48.37 -96.46
N LEU A 898 55.29 -49.12 -97.53
CA LEU A 898 56.66 -49.38 -97.97
C LEU A 898 57.57 -48.16 -98.18
N PRO A 899 57.14 -47.04 -98.77
CA PRO A 899 58.10 -45.93 -99.01
C PRO A 899 58.62 -45.23 -97.76
N LEU A 900 58.17 -45.60 -96.56
CA LEU A 900 58.77 -45.06 -95.33
C LEU A 900 59.95 -45.89 -94.85
N ILE A 901 60.61 -46.61 -95.74
CA ILE A 901 61.84 -47.31 -95.38
C ILE A 901 62.96 -46.31 -95.14
N ASN A 902 63.04 -45.26 -95.94
CA ASN A 902 64.03 -44.20 -95.75
C ASN A 902 63.48 -43.08 -94.87
N ASP A 903 63.00 -43.48 -93.69
CA ASP A 903 62.40 -42.55 -92.72
C ASP A 903 63.51 -41.90 -91.89
N GLY A 904 63.10 -41.15 -90.86
CA GLY A 904 64.05 -40.40 -90.07
C GLY A 904 64.59 -41.09 -88.83
N SER A 905 63.70 -41.58 -87.97
CA SER A 905 64.09 -42.08 -86.66
C SER A 905 64.19 -43.60 -86.67
N SER A 906 64.80 -44.13 -85.62
CA SER A 906 64.77 -45.56 -85.36
C SER A 906 63.44 -46.01 -84.74
N LEU A 907 62.66 -45.07 -84.21
CA LEU A 907 61.34 -45.39 -83.69
C LEU A 907 60.43 -45.92 -84.80
N VAL A 908 60.33 -45.18 -85.89
CA VAL A 908 59.51 -45.61 -87.02
C VAL A 908 60.08 -46.87 -87.64
N ARG A 909 61.40 -47.04 -87.64
CA ARG A 909 62.00 -48.26 -88.16
C ARG A 909 61.64 -49.47 -87.32
N LYS A 910 61.66 -49.33 -85.99
CA LYS A 910 61.26 -50.44 -85.12
C LYS A 910 59.79 -50.77 -85.29
N GLU A 911 58.94 -49.75 -85.43
CA GLU A 911 57.52 -50.02 -85.65
C GLU A 911 57.31 -50.69 -87.00
N LEU A 912 58.12 -50.33 -87.99
CA LEU A 912 58.06 -50.99 -89.29
C LEU A 912 58.49 -52.45 -89.21
N VAL A 913 59.54 -52.75 -88.45
CA VAL A 913 59.99 -54.14 -88.40
C VAL A 913 59.00 -55.00 -87.60
N VAL A 914 58.33 -54.44 -86.59
CA VAL A 914 57.33 -55.26 -85.91
C VAL A 914 56.09 -55.43 -86.80
N TYR A 915 55.74 -54.43 -87.61
CA TYR A 915 54.65 -54.61 -88.56
C TYR A 915 54.99 -55.69 -89.59
N PHE A 916 56.23 -55.69 -90.06
CA PHE A 916 56.67 -56.71 -91.01
C PHE A 916 56.66 -58.09 -90.37
N SER A 917 57.04 -58.17 -89.08
CA SER A 917 56.98 -59.44 -88.37
C SER A 917 55.54 -59.95 -88.26
N HIS A 918 54.59 -59.04 -88.04
CA HIS A 918 53.18 -59.45 -87.97
C HIS A 918 52.67 -59.90 -89.34
N ILE A 919 53.14 -59.25 -90.41
CA ILE A 919 52.80 -59.71 -91.75
C ILE A 919 53.36 -61.10 -92.01
N VAL A 920 54.59 -61.35 -91.55
CA VAL A 920 55.18 -62.69 -91.62
C VAL A 920 54.31 -63.68 -90.84
N SER A 921 53.83 -63.27 -89.67
CA SER A 921 53.01 -64.15 -88.84
C SER A 921 51.71 -64.51 -89.54
N ARG A 922 51.08 -63.55 -90.19
CA ARG A 922 49.77 -63.81 -90.78
C ARG A 922 49.91 -64.55 -92.12
N TYR A 923 50.62 -63.96 -93.08
CA TYR A 923 50.75 -64.56 -94.40
C TYR A 923 52.09 -65.29 -94.50
N SER A 924 52.16 -66.41 -93.78
CA SER A 924 53.42 -67.13 -93.66
C SER A 924 53.80 -67.83 -94.95
N ASN A 925 52.85 -68.54 -95.56
CA ASN A 925 53.18 -69.45 -96.66
C ASN A 925 53.70 -68.72 -97.89
N PHE A 926 53.26 -67.48 -98.11
CA PHE A 926 53.86 -66.68 -99.18
C PHE A 926 55.34 -66.44 -98.92
N PHE A 927 55.69 -66.11 -97.67
CA PHE A 927 57.11 -65.96 -97.31
C PHE A 927 57.85 -67.28 -97.51
N ILE A 928 57.22 -68.39 -97.13
CA ILE A 928 57.89 -69.68 -97.21
C ILE A 928 58.14 -70.06 -98.67
N VAL A 929 57.19 -69.76 -99.56
CA VAL A 929 57.40 -70.12 -100.95
C VAL A 929 58.35 -69.14 -101.64
N VAL A 930 58.45 -67.90 -101.15
CA VAL A 930 59.33 -66.96 -101.84
C VAL A 930 60.78 -67.10 -101.38
N VAL A 931 61.02 -67.55 -100.14
CA VAL A 931 62.40 -67.59 -99.65
C VAL A 931 63.21 -68.66 -100.39
N PHE A 932 62.56 -69.79 -100.71
CA PHE A 932 63.24 -70.85 -101.46
C PHE A 932 63.75 -70.31 -102.79
N ASN A 933 62.86 -69.69 -103.56
CA ASN A 933 63.22 -69.18 -104.88
C ASN A 933 64.27 -68.08 -104.77
N ASP A 934 64.11 -67.17 -103.80
CA ASP A 934 65.05 -66.07 -103.69
C ASP A 934 66.45 -66.55 -103.35
N LEU A 935 66.58 -67.45 -102.38
CA LEU A 935 67.95 -67.82 -102.02
C LEU A 935 68.52 -68.89 -102.95
N LEU A 936 67.71 -69.63 -103.70
CA LEU A 936 68.28 -70.45 -104.75
C LEU A 936 68.77 -69.59 -105.91
N GLU A 937 68.07 -68.50 -106.22
CA GLU A 937 68.58 -67.56 -107.20
C GLU A 937 69.84 -66.86 -106.70
N GLU A 938 69.93 -66.60 -105.40
CA GLU A 938 71.15 -66.05 -104.82
C GLU A 938 72.30 -67.05 -104.93
N ILE A 939 72.01 -68.34 -104.79
CA ILE A 939 73.00 -69.38 -105.05
C ILE A 939 73.43 -69.31 -106.51
N LYS A 940 72.47 -69.22 -107.42
CA LYS A 940 72.76 -69.13 -108.84
C LYS A 940 73.30 -67.74 -109.19
N SER A 959 58.77 -67.70 -108.25
CA SER A 959 58.07 -66.91 -109.24
C SER A 959 58.49 -65.44 -109.17
N GLN A 960 58.39 -64.87 -107.96
CA GLN A 960 58.78 -63.50 -107.66
C GLN A 960 58.02 -62.48 -108.50
N GLY A 961 58.54 -61.25 -108.54
CA GLY A 961 57.95 -60.20 -109.34
C GLY A 961 56.77 -59.49 -108.72
N SER A 962 56.25 -59.98 -107.59
CA SER A 962 55.10 -59.37 -106.96
C SER A 962 55.52 -58.28 -105.98
N ILE A 963 54.53 -57.55 -105.47
CA ILE A 963 54.76 -56.58 -104.41
C ILE A 963 55.17 -57.24 -103.10
N PHE A 964 54.94 -58.55 -102.98
CA PHE A 964 55.36 -59.29 -101.80
C PHE A 964 56.87 -59.41 -101.72
N TYR A 965 57.52 -59.62 -102.87
CA TYR A 965 58.97 -59.65 -102.94
C TYR A 965 59.57 -58.33 -102.48
N THR A 966 58.86 -57.22 -102.68
CA THR A 966 59.33 -55.92 -102.19
C THR A 966 59.43 -55.90 -100.68
N VAL A 967 58.41 -56.44 -99.98
CA VAL A 967 58.46 -56.51 -98.53
C VAL A 967 59.54 -57.48 -98.08
N TRP A 968 59.70 -58.58 -98.81
CA TRP A 968 60.75 -59.56 -98.48
C TRP A 968 62.14 -58.93 -98.59
N LYS A 969 62.35 -58.07 -99.59
CA LYS A 969 63.61 -57.36 -99.72
C LYS A 969 63.76 -56.24 -98.70
N SER A 970 62.65 -55.58 -98.35
CA SER A 970 62.70 -54.50 -97.37
C SER A 970 63.05 -55.03 -95.98
N LEU A 971 62.64 -56.26 -95.67
CA LEU A 971 63.06 -56.86 -94.41
C LEU A 971 64.58 -57.03 -94.36
N LEU A 972 65.18 -57.48 -95.47
CA LEU A 972 66.64 -57.58 -95.53
C LEU A 972 67.30 -56.21 -95.50
N ILE A 973 66.62 -55.19 -96.05
CA ILE A 973 67.14 -53.83 -95.99
C ILE A 973 67.19 -53.35 -94.55
N LEU A 974 66.11 -53.57 -93.80
CA LEU A 974 66.09 -53.22 -92.38
C LEU A 974 67.02 -54.09 -91.55
N ALA A 975 67.39 -55.27 -92.05
CA ALA A 975 68.34 -56.11 -91.35
C ALA A 975 69.74 -55.50 -91.27
N GLU A 976 70.01 -54.46 -92.03
CA GLU A 976 71.28 -53.74 -91.97
C GLU A 976 71.07 -52.31 -91.44
N ASP A 977 70.25 -52.19 -90.40
CA ASP A 977 69.97 -50.89 -89.81
C ASP A 977 71.21 -50.33 -89.12
N PRO A 978 71.34 -49.00 -89.04
CA PRO A 978 72.48 -48.41 -88.33
C PRO A 978 72.31 -48.33 -86.84
N PHE A 979 71.16 -48.76 -86.30
CA PHE A 979 70.88 -48.66 -84.88
C PHE A 979 71.27 -49.97 -84.20
N LEU A 980 71.29 -49.96 -82.86
CA LEU A 980 71.72 -51.13 -82.12
C LEU A 980 70.63 -52.20 -82.07
N GLU A 981 69.49 -51.87 -81.44
CA GLU A 981 68.46 -52.87 -81.16
C GLU A 981 67.75 -53.34 -82.43
N ASN A 982 67.60 -52.46 -83.42
CA ASN A 982 66.88 -52.81 -84.64
C ASN A 982 67.56 -53.96 -85.39
N LYS A 983 68.88 -54.05 -85.30
CA LYS A 983 69.61 -55.11 -85.99
C LYS A 983 69.20 -56.49 -85.47
N GLU A 984 69.30 -56.69 -84.15
CA GLU A 984 68.92 -57.99 -83.61
C GLU A 984 67.41 -58.19 -83.66
N LEU A 985 66.63 -57.11 -83.68
CA LEU A 985 65.18 -57.29 -83.82
C LEU A 985 64.83 -57.86 -85.19
N SER A 986 65.41 -57.30 -86.25
CA SER A 986 65.20 -57.86 -87.57
C SER A 986 65.80 -59.26 -87.71
N LYS A 987 66.93 -59.52 -87.02
CA LYS A 987 67.49 -60.86 -87.03
C LYS A 987 66.54 -61.86 -86.39
N GLN A 988 65.91 -61.48 -85.27
CA GLN A 988 64.94 -62.38 -84.65
C GLN A 988 63.68 -62.54 -85.49
N VAL A 989 63.31 -61.51 -86.25
CA VAL A 989 62.20 -61.67 -87.19
C VAL A 989 62.54 -62.70 -88.26
N ILE A 990 63.74 -62.61 -88.83
CA ILE A 990 64.12 -63.54 -89.89
C ILE A 990 64.43 -64.93 -89.33
N ASP A 991 64.67 -65.03 -88.01
CA ASP A 991 65.00 -66.31 -87.43
C ASP A 991 63.83 -67.28 -87.47
N TYR A 992 62.59 -66.78 -87.42
CA TYR A 992 61.44 -67.67 -87.60
C TYR A 992 61.46 -68.30 -88.98
N ILE A 993 61.73 -67.48 -90.01
CA ILE A 993 61.80 -67.99 -91.37
C ILE A 993 62.89 -69.05 -91.47
N LEU A 994 64.06 -68.76 -90.90
CA LEU A 994 65.17 -69.71 -90.93
C LEU A 994 64.81 -71.02 -90.26
N LEU A 995 64.23 -70.95 -89.06
CA LEU A 995 63.84 -72.16 -88.34
C LEU A 995 62.76 -72.93 -89.09
N GLU A 996 61.88 -72.22 -89.81
CA GLU A 996 60.82 -72.92 -90.52
C GLU A 996 61.37 -73.68 -91.72
N LEU A 997 62.20 -73.02 -92.54
CA LEU A 997 62.65 -73.75 -93.72
C LEU A 997 63.81 -74.68 -93.40
N SER A 998 64.31 -74.65 -92.17
CA SER A 998 65.29 -75.65 -91.74
C SER A 998 64.76 -77.06 -91.93
N ALA A 999 63.48 -77.27 -91.65
CA ALA A 999 62.85 -78.56 -91.92
C ALA A 999 61.75 -78.47 -92.97
N HIS A 1000 60.71 -77.67 -92.74
CA HIS A 1000 59.45 -77.72 -93.50
C HIS A 1000 59.04 -79.18 -93.78
N LYS A 1001 58.99 -79.97 -92.71
CA LYS A 1001 58.67 -81.39 -92.75
C LYS A 1001 59.53 -82.16 -93.75
N GLU A 1002 58.99 -82.40 -94.95
CA GLU A 1002 59.66 -83.21 -95.95
C GLU A 1002 60.75 -82.46 -96.71
N LEU A 1003 60.84 -81.15 -96.56
CA LEU A 1003 61.70 -80.31 -97.38
C LEU A 1003 63.09 -80.13 -96.78
N GLY A 1004 63.35 -80.67 -95.59
CA GLY A 1004 64.62 -80.43 -94.92
C GLY A 1004 65.81 -80.99 -95.68
N GLY A 1005 65.64 -82.15 -96.31
CA GLY A 1005 66.67 -82.73 -97.14
C GLY A 1005 67.07 -81.86 -98.32
N PRO A 1006 66.07 -81.45 -99.13
CA PRO A 1006 66.37 -80.48 -100.21
C PRO A 1006 66.97 -79.18 -99.69
N PHE A 1007 66.50 -78.67 -98.55
CA PHE A 1007 67.05 -77.44 -98.00
C PHE A 1007 68.51 -77.61 -97.60
N ALA A 1008 68.87 -78.76 -97.02
CA ALA A 1008 70.26 -79.02 -96.70
C ALA A 1008 71.09 -79.12 -97.97
N VAL A 1009 70.55 -79.79 -99.00
CA VAL A 1009 71.26 -79.95 -100.26
C VAL A 1009 71.59 -78.59 -100.86
N MET A 1010 70.64 -77.66 -100.85
CA MET A 1010 70.93 -76.34 -101.38
C MET A 1010 71.57 -75.42 -100.35
N GLU A 1011 71.67 -75.86 -99.09
CA GLU A 1011 72.44 -75.19 -98.06
C GLU A 1011 73.93 -75.43 -98.20
N LYS A 1012 74.35 -76.61 -98.65
CA LYS A 1012 75.78 -76.82 -98.92
C LYS A 1012 76.32 -75.87 -99.99
N PHE A 1013 75.45 -75.27 -100.81
CA PHE A 1013 75.92 -74.30 -101.79
C PHE A 1013 76.15 -72.92 -101.20
N LEU A 1014 75.83 -72.71 -99.93
CA LEU A 1014 75.99 -71.39 -99.31
C LEU A 1014 77.46 -71.01 -99.22
N LEU A 1015 78.33 -71.96 -98.86
CA LEU A 1015 79.76 -71.67 -98.77
C LEU A 1015 80.34 -71.39 -100.16
N LYS A 1016 79.87 -72.11 -101.17
CA LYS A 1016 80.33 -71.91 -102.53
C LYS A 1016 79.73 -70.63 -103.14
N PRO A 1069 60.97 -82.29 -109.85
CA PRO A 1069 59.86 -82.61 -108.95
C PRO A 1069 59.72 -81.58 -107.83
N MET A 1070 60.85 -81.17 -107.26
CA MET A 1070 60.82 -80.15 -106.23
C MET A 1070 60.34 -78.81 -106.78
N ARG A 1071 60.53 -78.57 -108.08
CA ARG A 1071 60.00 -77.37 -108.70
C ARG A 1071 58.47 -77.34 -108.65
N THR A 1072 57.84 -78.47 -108.95
CA THR A 1072 56.38 -78.56 -108.84
C THR A 1072 55.95 -78.53 -107.39
N SER A 1073 56.73 -79.14 -106.51
CA SER A 1073 56.41 -79.14 -105.08
C SER A 1073 56.39 -77.72 -104.52
N LEU A 1074 57.35 -76.89 -104.94
CA LEU A 1074 57.36 -75.50 -104.50
C LEU A 1074 56.28 -74.69 -105.21
N ALA A 1075 56.00 -74.99 -106.48
CA ALA A 1075 55.03 -74.21 -107.23
C ALA A 1075 53.61 -74.48 -106.77
N LYS A 1076 53.35 -75.66 -106.20
CA LYS A 1076 51.98 -76.02 -105.82
C LYS A 1076 51.45 -75.16 -104.68
N LEU A 1077 52.33 -74.65 -103.81
CA LEU A 1077 51.87 -73.92 -102.63
C LEU A 1077 51.42 -72.50 -102.93
N PHE A 1078 51.72 -71.98 -104.12
CA PHE A 1078 51.33 -70.61 -104.43
C PHE A 1078 49.82 -70.50 -104.62
N GLN A 1079 49.23 -71.43 -105.37
CA GLN A 1079 47.80 -71.41 -105.61
C GLN A 1079 46.99 -71.67 -104.35
N SER A 1080 47.57 -72.37 -103.38
CA SER A 1080 46.86 -72.70 -102.15
C SER A 1080 46.42 -71.46 -101.39
N LEU A 1081 47.15 -70.35 -101.53
CA LEU A 1081 46.73 -69.08 -100.96
C LEU A 1081 46.23 -68.09 -102.00
N GLY A 1082 46.66 -68.23 -103.26
CA GLY A 1082 46.06 -67.43 -104.32
C GLY A 1082 44.56 -67.63 -104.43
N PHE A 1083 44.11 -68.88 -104.26
CA PHE A 1083 42.68 -69.16 -104.27
C PHE A 1083 42.01 -68.62 -103.02
N SER A 1084 42.69 -68.72 -101.87
CA SER A 1084 42.12 -68.21 -100.62
C SER A 1084 41.99 -66.70 -100.63
N GLU A 1085 42.75 -66.01 -101.50
CA GLU A 1085 42.49 -64.60 -101.74
C GLU A 1085 41.04 -64.37 -102.17
N SER A 1086 40.59 -65.14 -103.17
CA SER A 1086 39.22 -65.12 -103.69
C SER A 1086 38.73 -63.72 -104.08
N SER A 1095 53.09 -46.84 -110.15
CA SER A 1095 52.17 -47.86 -109.67
C SER A 1095 52.91 -48.92 -108.86
N ASN A 1096 53.05 -50.12 -109.44
CA ASN A 1096 53.75 -51.22 -108.78
C ASN A 1096 55.27 -51.10 -108.98
N THR A 1097 55.81 -49.98 -108.52
CA THR A 1097 57.24 -49.68 -108.66
C THR A 1097 57.99 -50.34 -107.52
N SER A 1098 58.19 -51.65 -107.65
CA SER A 1098 58.97 -52.40 -106.68
C SER A 1098 60.42 -51.92 -106.64
N MET A 1099 61.03 -51.75 -107.82
CA MET A 1099 62.23 -50.98 -108.16
C MET A 1099 63.51 -51.47 -107.47
N LYS A 1100 63.39 -52.43 -106.54
CA LYS A 1100 64.46 -53.31 -106.04
C LYS A 1100 65.85 -52.69 -105.95
N SER A 1101 65.96 -51.50 -105.38
CA SER A 1101 67.24 -50.80 -105.31
C SER A 1101 67.83 -50.95 -103.92
N HIS A 1102 69.08 -51.44 -103.86
CA HIS A 1102 69.72 -51.75 -102.59
C HIS A 1102 71.22 -51.87 -102.82
N THR A 1103 72.00 -51.13 -102.03
CA THR A 1103 73.46 -51.21 -102.08
C THR A 1103 73.87 -52.51 -101.41
N SER A 1104 74.10 -53.54 -102.22
CA SER A 1104 74.40 -54.87 -101.70
C SER A 1104 75.90 -55.05 -101.47
N LYS A 1105 76.43 -54.23 -100.56
CA LYS A 1105 77.82 -54.36 -100.13
C LYS A 1105 77.98 -55.30 -98.95
N LYS A 1106 76.89 -55.90 -98.47
CA LYS A 1106 76.93 -56.85 -97.38
C LYS A 1106 75.94 -57.98 -97.66
N GLY A 1107 76.11 -59.10 -96.97
CA GLY A 1107 75.27 -60.26 -97.17
C GLY A 1107 74.78 -60.87 -95.89
N PRO A 1108 73.58 -61.46 -95.93
CA PRO A 1108 73.03 -62.14 -94.75
C PRO A 1108 73.61 -63.53 -94.60
N SER A 1109 74.45 -63.72 -93.58
CA SER A 1109 75.07 -65.01 -93.31
C SER A 1109 74.19 -65.79 -92.35
N GLY A 1110 73.55 -66.84 -92.85
CA GLY A 1110 72.66 -67.66 -92.04
C GLY A 1110 73.39 -68.49 -91.01
N HIS A 1132 67.24 -60.60 -76.52
CA HIS A 1132 67.93 -61.41 -75.52
C HIS A 1132 67.13 -62.66 -75.17
N THR A 1133 65.89 -62.71 -75.68
CA THR A 1133 65.03 -63.85 -75.39
C THR A 1133 65.48 -65.07 -76.18
N GLU A 1134 65.39 -66.24 -75.54
CA GLU A 1134 65.74 -67.51 -76.18
C GLU A 1134 64.68 -67.97 -77.19
N PRO A 1135 63.37 -68.07 -76.84
CA PRO A 1135 62.41 -68.49 -77.87
C PRO A 1135 61.90 -67.30 -78.67
N LEU A 1136 60.97 -67.54 -79.59
CA LEU A 1136 60.46 -66.49 -80.45
C LEU A 1136 58.95 -66.66 -80.63
N GLN A 1137 58.20 -65.68 -80.14
CA GLN A 1137 56.79 -65.55 -80.48
C GLN A 1137 56.70 -64.75 -81.78
N LEU A 1138 56.11 -65.36 -82.81
CA LEU A 1138 56.20 -64.79 -84.15
C LEU A 1138 55.49 -63.44 -84.28
N PRO A 1139 54.21 -63.26 -83.85
CA PRO A 1139 53.67 -61.90 -83.84
C PRO A 1139 54.29 -61.09 -82.70
N LEU A 1140 55.19 -60.18 -83.05
CA LEU A 1140 55.97 -59.46 -82.05
C LEU A 1140 55.08 -58.46 -81.31
N ASN A 1141 55.53 -58.10 -80.11
CA ASN A 1141 54.83 -57.09 -79.33
C ASN A 1141 55.17 -55.69 -79.82
N SER A 1142 54.45 -54.71 -79.30
CA SER A 1142 54.65 -53.31 -79.67
C SER A 1142 54.37 -52.47 -78.43
N SER A 1143 55.45 -52.07 -77.73
CA SER A 1143 55.33 -51.31 -76.50
C SER A 1143 55.04 -49.83 -76.74
N PHE A 1144 54.69 -49.45 -77.97
CA PHE A 1144 54.44 -48.04 -78.27
C PHE A 1144 53.21 -47.53 -77.55
N LEU A 1145 52.20 -48.37 -77.34
CA LEU A 1145 51.01 -47.93 -76.62
C LEU A 1145 51.34 -47.63 -75.16
N ASP A 1146 52.12 -48.49 -74.52
CA ASP A 1146 52.56 -48.22 -73.15
C ASP A 1146 53.45 -46.99 -73.09
N TYR A 1147 54.30 -46.80 -74.10
CA TYR A 1147 55.14 -45.59 -74.15
C TYR A 1147 54.28 -44.34 -74.25
N SER A 1148 53.25 -44.37 -75.08
CA SER A 1148 52.38 -43.20 -75.22
C SER A 1148 51.55 -42.97 -73.97
N ARG A 1149 51.17 -44.05 -73.28
CA ARG A 1149 50.41 -43.89 -72.04
C ARG A 1149 51.28 -43.32 -70.93
N GLU A 1150 52.58 -43.64 -70.92
CA GLU A 1150 53.46 -43.13 -69.89
C GLU A 1150 53.71 -41.63 -70.00
N TYR A 1151 53.31 -41.01 -71.11
CA TYR A 1151 53.41 -39.56 -71.21
C TYR A 1151 52.51 -38.87 -70.21
N PHE A 1152 51.39 -39.49 -69.86
CA PHE A 1152 50.38 -38.86 -69.01
C PHE A 1152 50.71 -38.95 -67.53
N GLN A 1153 51.96 -39.22 -67.17
CA GLN A 1153 52.39 -39.19 -65.78
C GLN A 1153 53.38 -38.07 -65.48
N GLU A 1154 54.15 -37.61 -66.47
CA GLU A 1154 54.93 -36.41 -66.30
C GLU A 1154 54.00 -35.20 -66.16
N PRO A 1155 54.41 -34.19 -65.40
CA PRO A 1155 53.51 -33.06 -65.12
C PRO A 1155 53.13 -32.30 -66.37
N GLN A 1156 51.92 -31.73 -66.33
CA GLN A 1156 51.39 -30.91 -67.40
C GLN A 1156 50.97 -29.52 -66.97
N MET A 1157 50.44 -29.36 -65.76
CA MET A 1157 50.12 -28.02 -65.27
C MET A 1157 51.33 -27.28 -64.72
N LYS A 1158 52.44 -28.00 -64.48
CA LYS A 1158 53.65 -27.41 -63.93
C LYS A 1158 54.84 -27.91 -64.72
N LYS A 1159 55.79 -27.02 -65.00
CA LYS A 1159 56.96 -27.39 -65.80
C LYS A 1159 57.80 -28.43 -65.07
N GLN A 1160 58.49 -29.25 -65.85
CA GLN A 1160 59.16 -30.43 -65.32
C GLN A 1160 60.55 -30.05 -64.78
N GLU A 1161 61.33 -31.08 -64.46
CA GLU A 1161 62.69 -30.87 -63.96
C GLU A 1161 63.58 -30.36 -65.09
N ALA A 1162 64.68 -29.72 -64.69
CA ALA A 1162 65.71 -29.11 -65.53
C ALA A 1162 65.22 -27.85 -66.25
N ASP A 1163 63.97 -27.44 -66.05
CA ASP A 1163 63.45 -26.20 -66.61
C ASP A 1163 62.81 -25.33 -65.55
N GLU A 1164 62.92 -25.72 -64.28
CA GLU A 1164 62.45 -24.91 -63.18
C GLU A 1164 63.32 -23.66 -63.03
N PRO A 1165 62.82 -22.61 -62.38
CA PRO A 1165 63.63 -21.40 -62.18
C PRO A 1165 64.88 -21.61 -61.33
N GLY A 1166 65.09 -22.80 -60.76
CA GLY A 1166 66.37 -23.13 -60.14
C GLY A 1166 66.46 -24.59 -59.75
N SER A 1167 67.51 -25.26 -60.17
CA SER A 1167 67.71 -26.69 -59.92
C SER A 1167 69.16 -27.02 -60.27
N VAL A 1168 69.50 -28.31 -60.21
CA VAL A 1168 70.87 -28.73 -60.52
C VAL A 1168 71.19 -28.45 -61.99
N GLU A 1169 70.32 -28.89 -62.89
CA GLU A 1169 70.56 -28.69 -64.32
C GLU A 1169 70.43 -27.22 -64.68
N TYR A 1170 69.58 -26.47 -64.00
CA TYR A 1170 69.47 -25.04 -64.25
C TYR A 1170 70.75 -24.33 -63.86
N ASN A 1171 71.32 -24.66 -62.69
CA ASN A 1171 72.58 -24.06 -62.29
C ASN A 1171 73.71 -24.44 -63.23
N ALA A 1172 73.72 -25.70 -63.70
CA ALA A 1172 74.70 -26.12 -64.69
C ALA A 1172 74.56 -25.32 -65.98
N ARG A 1173 73.32 -25.08 -66.40
CA ARG A 1173 73.08 -24.31 -67.63
C ARG A 1173 73.55 -22.87 -67.48
N LEU A 1174 73.32 -22.25 -66.33
CA LEU A 1174 73.81 -20.89 -66.13
C LEU A 1174 75.34 -20.84 -66.06
N TRP A 1175 75.97 -21.85 -65.45
CA TRP A 1175 77.43 -21.91 -65.45
C TRP A 1175 77.97 -22.03 -66.87
N ARG A 1176 77.35 -22.89 -67.68
CA ARG A 1176 77.74 -23.02 -69.07
C ARG A 1176 77.55 -21.72 -69.84
N ARG A 1177 76.43 -21.03 -69.58
CA ARG A 1177 76.16 -19.77 -70.28
C ARG A 1177 77.19 -18.71 -69.93
N ASN A 1178 77.57 -18.62 -68.65
CA ASN A 1178 78.63 -17.70 -68.24
C ASN A 1178 79.95 -18.04 -68.92
N ARG A 1179 80.27 -19.33 -69.03
CA ARG A 1179 81.52 -19.69 -69.69
C ARG A 1179 81.48 -19.35 -71.19
N ASN A 1180 80.34 -19.53 -71.86
CA ASN A 1180 80.27 -19.14 -73.28
C ASN A 1180 80.41 -17.63 -73.42
N GLU A 1181 79.80 -16.88 -72.51
CA GLU A 1181 79.90 -15.43 -72.55
C GLU A 1181 81.35 -14.97 -72.39
N THR A 1182 82.07 -15.55 -71.44
CA THR A 1182 83.44 -15.10 -71.19
C THR A 1182 84.37 -15.51 -72.34
N ILE A 1183 84.17 -16.70 -72.93
CA ILE A 1183 85.01 -17.09 -74.06
C ILE A 1183 84.71 -16.22 -75.29
N ILE A 1184 83.43 -15.91 -75.53
CA ILE A 1184 83.07 -15.07 -76.66
C ILE A 1184 83.65 -13.67 -76.50
N GLN A 1185 83.57 -13.10 -75.28
CA GLN A 1185 84.14 -11.78 -75.05
C GLN A 1185 85.65 -11.78 -75.20
N GLU A 1186 86.33 -12.79 -74.66
CA GLU A 1186 87.79 -12.81 -74.74
C GLU A 1186 88.27 -13.07 -76.16
N THR A 1187 87.49 -13.76 -76.98
CA THR A 1187 87.86 -13.93 -78.38
C THR A 1187 87.86 -12.60 -79.11
N GLN A 1188 86.83 -11.77 -78.88
CA GLN A 1188 86.81 -10.44 -79.45
C GLN A 1188 87.94 -9.59 -78.90
N GLY A 1189 88.30 -9.80 -77.62
CA GLY A 1189 89.42 -9.07 -77.05
C GLY A 1189 90.75 -9.44 -77.69
N GLU A 1190 90.95 -10.72 -77.98
CA GLU A 1190 92.21 -11.23 -78.50
C GLU A 1190 92.19 -11.44 -80.02
N LYS A 1191 91.22 -10.86 -80.72
CA LYS A 1191 91.14 -11.01 -82.17
C LYS A 1191 92.38 -10.46 -82.88
N LYS A 1192 92.86 -9.29 -82.45
CA LYS A 1192 93.93 -8.61 -83.18
C LYS A 1192 95.32 -9.20 -82.93
N LEU A 1193 95.46 -10.07 -81.93
CA LEU A 1193 96.78 -10.58 -81.56
C LEU A 1193 97.38 -11.50 -82.62
N SER A 1194 96.57 -12.08 -83.49
CA SER A 1194 97.06 -13.04 -84.46
C SER A 1194 97.75 -12.38 -85.66
N ILE A 1195 97.50 -11.10 -85.89
CA ILE A 1195 98.06 -10.44 -87.07
C ILE A 1195 99.57 -10.26 -86.93
N TYR A 1196 100.03 -9.81 -85.77
CA TYR A 1196 101.43 -9.48 -85.57
C TYR A 1196 102.17 -10.43 -84.63
N GLY A 1197 101.51 -11.47 -84.14
CA GLY A 1197 102.16 -12.43 -83.28
C GLY A 1197 102.91 -13.50 -84.06
N ASN A 1198 103.50 -14.42 -83.31
CA ASN A 1198 104.23 -15.54 -83.90
C ASN A 1198 103.37 -16.81 -83.88
N TRP A 1199 103.76 -17.77 -84.73
CA TRP A 1199 103.04 -19.03 -84.83
C TRP A 1199 103.98 -20.23 -84.85
N SER A 1200 105.24 -20.04 -84.45
CA SER A 1200 106.25 -21.07 -84.55
C SER A 1200 106.49 -21.84 -83.26
N LYS A 1201 105.70 -21.57 -82.22
CA LYS A 1201 105.88 -22.24 -80.93
C LYS A 1201 104.90 -23.39 -80.80
N LYS A 1202 105.38 -24.51 -80.25
CA LYS A 1202 104.59 -25.72 -80.12
C LYS A 1202 104.03 -25.83 -78.71
N LEU A 1203 102.77 -26.25 -78.60
CA LEU A 1203 102.12 -26.38 -77.30
C LEU A 1203 102.24 -27.79 -76.75
N ILE A 1204 101.72 -28.78 -77.48
CA ILE A 1204 101.75 -30.17 -77.03
C ILE A 1204 101.65 -31.08 -78.24
N SER A 1205 102.18 -32.30 -78.10
CA SER A 1205 102.13 -33.31 -79.14
C SER A 1205 101.56 -34.59 -78.57
N LEU A 1206 100.72 -35.26 -79.35
CA LEU A 1206 100.04 -36.47 -78.92
C LEU A 1206 100.26 -37.58 -79.94
N ASN A 1207 100.15 -38.82 -79.47
CA ASN A 1207 100.33 -40.00 -80.31
C ASN A 1207 99.00 -40.71 -80.46
N ASN A 1208 98.43 -40.65 -81.66
CA ASN A 1208 97.13 -41.25 -81.93
C ASN A 1208 97.21 -42.72 -82.30
N LYS A 1209 98.42 -43.29 -82.36
CA LYS A 1209 98.69 -44.68 -82.72
C LYS A 1209 98.20 -45.03 -84.11
N SER A 1210 97.89 -44.04 -84.94
CA SER A 1210 97.41 -44.24 -86.30
C SER A 1210 97.53 -42.92 -87.03
N GLN A 1211 97.23 -42.94 -88.33
CA GLN A 1211 97.26 -41.71 -89.11
C GLN A 1211 95.88 -41.08 -89.13
N PRO A 1212 95.70 -39.92 -88.49
CA PRO A 1212 94.37 -39.30 -88.46
C PRO A 1212 94.17 -38.29 -89.58
N LYS A 1213 92.95 -38.28 -90.12
CA LYS A 1213 92.57 -37.30 -91.13
C LYS A 1213 91.36 -36.47 -90.75
N LEU A 1214 90.51 -36.93 -89.84
CA LEU A 1214 89.41 -36.13 -89.33
C LEU A 1214 89.85 -35.49 -88.03
N MET A 1215 89.77 -34.17 -87.96
CA MET A 1215 90.51 -33.42 -86.96
C MET A 1215 89.65 -32.23 -86.58
N LYS A 1216 89.14 -32.19 -85.34
CA LYS A 1216 88.21 -31.12 -84.99
C LYS A 1216 88.38 -30.72 -83.53
N PHE A 1217 88.72 -29.46 -83.31
CA PHE A 1217 88.62 -28.88 -81.98
C PHE A 1217 87.16 -28.66 -81.61
N ALA A 1218 86.82 -28.89 -80.35
CA ALA A 1218 85.51 -28.50 -79.87
C ALA A 1218 85.44 -26.98 -79.78
N GLN A 1219 84.26 -26.42 -80.07
CA GLN A 1219 84.17 -24.98 -80.30
C GLN A 1219 84.48 -24.18 -79.04
N PHE A 1220 83.89 -24.55 -77.91
CA PHE A 1220 84.05 -23.80 -76.68
C PHE A 1220 84.82 -24.58 -75.61
N GLU A 1221 84.36 -25.77 -75.26
CA GLU A 1221 85.03 -26.57 -74.24
C GLU A 1221 86.28 -27.22 -74.84
N ASP A 1222 87.28 -27.44 -74.00
CA ASP A 1222 88.62 -27.80 -74.44
C ASP A 1222 88.71 -29.30 -74.70
N GLN A 1223 88.35 -29.71 -75.91
CA GLN A 1223 88.50 -31.10 -76.34
C GLN A 1223 88.87 -31.16 -77.81
N LEU A 1224 89.37 -32.32 -78.22
CA LEU A 1224 89.90 -32.52 -79.56
C LEU A 1224 89.49 -33.90 -80.05
N ILE A 1225 88.70 -33.94 -81.13
CA ILE A 1225 88.15 -35.19 -81.65
C ILE A 1225 88.91 -35.55 -82.92
N THR A 1226 89.41 -36.79 -82.98
CA THR A 1226 90.16 -37.28 -84.13
C THR A 1226 89.56 -38.59 -84.61
N ALA A 1227 89.65 -38.80 -85.93
CA ALA A 1227 89.22 -40.04 -86.56
C ALA A 1227 90.16 -40.38 -87.71
N ASP A 1228 90.33 -41.69 -87.93
CA ASP A 1228 91.33 -42.24 -88.84
C ASP A 1228 90.68 -43.23 -89.81
N ASP A 1229 91.53 -43.98 -90.51
CA ASP A 1229 91.04 -44.96 -91.49
C ASP A 1229 90.21 -46.05 -90.84
N ARG A 1230 90.64 -46.56 -89.68
CA ARG A 1230 90.03 -47.73 -89.07
C ARG A 1230 88.75 -47.43 -88.31
N SER A 1231 88.16 -46.25 -88.50
CA SER A 1231 86.94 -45.81 -87.82
C SER A 1231 87.11 -45.82 -86.30
N THR A 1232 88.34 -45.64 -85.83
CA THR A 1232 88.64 -45.58 -84.41
C THR A 1232 88.71 -44.11 -84.01
N ILE A 1233 87.67 -43.65 -83.32
CA ILE A 1233 87.52 -42.25 -82.96
C ILE A 1233 88.09 -42.05 -81.56
N THR A 1234 88.92 -41.01 -81.41
CA THR A 1234 89.63 -40.75 -80.17
C THR A 1234 89.38 -39.31 -79.74
N VAL A 1235 89.30 -39.10 -78.43
CA VAL A 1235 89.06 -37.78 -77.85
C VAL A 1235 90.25 -37.44 -76.94
N PHE A 1236 90.76 -36.22 -77.09
CA PHE A 1236 91.88 -35.72 -76.31
C PHE A 1236 91.47 -34.49 -75.51
N ASP A 1237 91.94 -34.42 -74.28
CA ASP A 1237 91.86 -33.20 -73.46
C ASP A 1237 93.26 -32.61 -73.46
N TRP A 1238 93.47 -31.55 -74.26
CA TRP A 1238 94.79 -31.00 -74.47
C TRP A 1238 95.30 -30.19 -73.29
N GLU A 1239 94.41 -29.66 -72.45
CA GLU A 1239 94.85 -28.86 -71.30
C GLU A 1239 95.64 -29.71 -70.31
N LYS A 1240 95.18 -30.93 -70.05
CA LYS A 1240 95.91 -31.86 -69.20
C LYS A 1240 96.75 -32.85 -70.01
N GLY A 1241 96.66 -32.83 -71.33
CA GLY A 1241 97.38 -33.78 -72.15
C GLY A 1241 96.94 -35.21 -71.94
N LYS A 1242 95.64 -35.45 -71.87
CA LYS A 1242 95.09 -36.74 -71.51
C LYS A 1242 94.25 -37.29 -72.66
N THR A 1243 94.18 -38.63 -72.73
CA THR A 1243 93.29 -39.31 -73.66
C THR A 1243 92.00 -39.67 -72.92
N LEU A 1244 90.87 -39.14 -73.40
CA LEU A 1244 89.60 -39.35 -72.71
C LEU A 1244 88.96 -40.67 -73.12
N SER A 1245 88.81 -40.89 -74.43
CA SER A 1245 88.18 -42.10 -74.92
C SER A 1245 88.76 -42.48 -76.26
N LYS A 1246 88.65 -43.76 -76.60
CA LYS A 1246 89.12 -44.29 -77.88
C LYS A 1246 88.25 -45.49 -78.22
N PHE A 1247 87.31 -45.30 -79.14
CA PHE A 1247 86.30 -46.31 -79.43
C PHE A 1247 86.20 -46.53 -80.93
N SER A 1248 85.30 -47.42 -81.33
CA SER A 1248 85.06 -47.74 -82.73
C SER A 1248 83.68 -47.24 -83.14
N ASN A 1249 83.57 -46.79 -84.40
CA ASN A 1249 82.31 -46.27 -84.89
C ASN A 1249 81.31 -47.35 -85.25
N GLY A 1250 81.73 -48.62 -85.34
CA GLY A 1250 80.85 -49.70 -85.71
C GLY A 1250 80.56 -49.82 -87.18
N THR A 1251 81.19 -49.01 -88.03
CA THR A 1251 81.00 -49.11 -89.46
C THR A 1251 81.61 -50.40 -89.99
N PRO A 1252 81.03 -50.97 -91.05
CA PRO A 1252 81.62 -52.18 -91.64
C PRO A 1252 82.99 -51.91 -92.25
N PHE A 1253 83.78 -52.97 -92.32
CA PHE A 1253 85.14 -52.87 -92.84
C PHE A 1253 85.11 -52.51 -94.32
N GLY A 1254 86.08 -51.70 -94.75
CA GLY A 1254 86.15 -51.20 -96.11
C GLY A 1254 85.63 -49.79 -96.27
N THR A 1255 84.86 -49.29 -95.31
CA THR A 1255 84.39 -47.92 -95.30
C THR A 1255 85.22 -47.09 -94.32
N LYS A 1256 85.21 -45.78 -94.53
CA LYS A 1256 85.96 -44.86 -93.69
C LYS A 1256 85.05 -43.71 -93.26
N VAL A 1257 85.29 -43.22 -92.06
CA VAL A 1257 84.55 -42.06 -91.56
C VAL A 1257 85.11 -40.82 -92.25
N THR A 1258 84.21 -40.01 -92.83
CA THR A 1258 84.63 -38.89 -93.66
C THR A 1258 84.36 -37.53 -93.04
N ASP A 1259 83.60 -37.45 -91.94
CA ASP A 1259 83.32 -36.16 -91.35
C ASP A 1259 83.01 -36.33 -89.86
N LEU A 1260 83.45 -35.35 -89.07
CA LEU A 1260 83.08 -35.24 -87.66
C LEU A 1260 82.55 -33.84 -87.43
N LYS A 1261 81.48 -33.75 -86.65
CA LYS A 1261 80.87 -32.45 -86.34
C LYS A 1261 80.25 -32.49 -84.95
N LEU A 1262 79.81 -31.32 -84.48
CA LEU A 1262 79.25 -31.17 -83.16
C LEU A 1262 77.81 -30.70 -83.24
N ILE A 1263 77.00 -31.16 -82.28
CA ILE A 1263 75.57 -30.87 -82.23
C ILE A 1263 75.24 -30.25 -80.88
N ASN A 1264 74.48 -29.16 -80.91
CA ASN A 1264 74.07 -28.44 -79.69
C ASN A 1264 75.28 -28.01 -78.87
N GLU A 1265 76.18 -27.27 -79.50
CA GLU A 1265 77.45 -26.91 -78.88
C GLU A 1265 77.26 -25.96 -77.71
N ASP A 1266 76.16 -25.21 -77.69
CA ASP A 1266 75.95 -24.19 -76.65
C ASP A 1266 75.70 -24.80 -75.27
N ASP A 1267 75.06 -25.96 -75.18
CA ASP A 1267 74.74 -26.56 -73.90
C ASP A 1267 75.49 -27.87 -73.67
N SER A 1268 75.34 -28.84 -74.57
CA SER A 1268 76.01 -30.13 -74.42
C SER A 1268 76.20 -30.71 -75.81
N ALA A 1269 77.45 -30.83 -76.24
CA ALA A 1269 77.74 -31.21 -77.60
C ALA A 1269 77.51 -32.71 -77.81
N LEU A 1270 77.17 -33.06 -79.04
CA LEU A 1270 76.98 -34.44 -79.48
C LEU A 1270 77.84 -34.68 -80.71
N LEU A 1271 78.58 -35.78 -80.72
CA LEU A 1271 79.48 -36.08 -81.82
C LEU A 1271 78.70 -36.69 -82.98
N LEU A 1272 78.81 -36.07 -84.15
CA LEU A 1272 78.20 -36.59 -85.38
C LEU A 1272 79.32 -37.15 -86.25
N THR A 1273 79.25 -38.45 -86.55
CA THR A 1273 80.23 -39.14 -87.35
C THR A 1273 79.58 -39.57 -88.67
N GLY A 1274 80.06 -38.99 -89.77
CA GLY A 1274 79.55 -39.35 -91.08
C GLY A 1274 80.57 -40.11 -91.90
N SER A 1275 80.23 -41.35 -92.25
CA SER A 1275 81.14 -42.23 -92.98
C SER A 1275 80.75 -42.34 -94.44
N SER A 1276 81.69 -42.79 -95.25
CA SER A 1276 81.55 -42.84 -96.70
C SER A 1276 80.40 -43.72 -97.18
N ASP A 1277 79.76 -44.49 -96.29
CA ASP A 1277 78.63 -45.31 -96.64
C ASP A 1277 77.29 -44.66 -96.36
N GLY A 1278 77.28 -43.37 -96.01
CA GLY A 1278 76.03 -42.68 -95.74
C GLY A 1278 75.41 -42.98 -94.40
N VAL A 1279 76.12 -43.64 -93.50
CA VAL A 1279 75.60 -44.00 -92.19
C VAL A 1279 75.86 -42.84 -91.23
N ILE A 1280 74.81 -42.11 -90.87
CA ILE A 1280 74.92 -40.96 -89.99
C ILE A 1280 74.53 -41.39 -88.58
N LYS A 1281 75.44 -41.21 -87.63
CA LYS A 1281 75.21 -41.53 -86.24
C LYS A 1281 75.39 -40.29 -85.39
N ILE A 1282 74.69 -40.26 -84.25
CA ILE A 1282 74.80 -39.19 -83.27
C ILE A 1282 75.13 -39.82 -81.93
N TYR A 1283 76.15 -39.29 -81.25
CA TYR A 1283 76.68 -39.88 -80.03
C TYR A 1283 76.47 -38.94 -78.85
N ARG A 1284 76.35 -39.54 -77.66
CA ARG A 1284 76.18 -38.79 -76.43
C ARG A 1284 77.20 -39.28 -75.41
N ASP A 1285 77.72 -38.33 -74.61
CA ASP A 1285 78.74 -38.59 -73.59
C ASP A 1285 79.97 -39.26 -74.21
N TYR A 1286 80.49 -38.64 -75.26
CA TYR A 1286 81.63 -39.21 -75.99
C TYR A 1286 82.93 -39.14 -75.21
N GLN A 1287 83.00 -38.34 -74.16
CA GLN A 1287 84.23 -38.18 -73.40
C GLN A 1287 84.44 -39.26 -72.36
N ASP A 1288 83.47 -40.14 -72.15
CA ASP A 1288 83.59 -41.22 -71.18
C ASP A 1288 83.33 -42.55 -71.86
N VAL A 1289 84.23 -43.51 -71.65
CA VAL A 1289 84.05 -44.84 -72.23
C VAL A 1289 82.89 -45.56 -71.57
N ASP A 1290 82.71 -45.35 -70.27
CA ASP A 1290 81.71 -46.12 -69.52
C ASP A 1290 80.28 -45.70 -69.85
N THR A 1291 80.04 -44.41 -70.09
CA THR A 1291 78.68 -43.89 -70.20
C THR A 1291 78.37 -43.32 -71.58
N PHE A 1292 79.11 -43.71 -72.62
CA PHE A 1292 78.81 -43.22 -73.95
C PHE A 1292 77.60 -43.96 -74.52
N LYS A 1293 76.78 -43.24 -75.29
CA LYS A 1293 75.57 -43.81 -75.87
C LYS A 1293 75.42 -43.32 -77.30
N ILE A 1294 74.71 -44.10 -78.10
CA ILE A 1294 74.33 -43.72 -79.45
C ILE A 1294 72.87 -43.35 -79.44
N VAL A 1295 72.57 -42.09 -79.71
CA VAL A 1295 71.19 -41.60 -79.60
C VAL A 1295 70.39 -41.96 -80.84
N SER A 1296 70.82 -41.48 -82.00
CA SER A 1296 70.08 -41.68 -83.24
C SER A 1296 71.05 -42.11 -84.34
N ALA A 1297 70.51 -42.80 -85.34
CA ALA A 1297 71.32 -43.30 -86.44
C ALA A 1297 70.40 -43.58 -87.63
N TRP A 1298 70.77 -43.04 -88.79
CA TRP A 1298 69.98 -43.29 -89.99
C TRP A 1298 70.91 -43.26 -91.20
N ARG A 1299 70.32 -43.23 -92.39
CA ARG A 1299 71.03 -43.07 -93.65
C ARG A 1299 70.45 -41.84 -94.35
N GLY A 1300 71.14 -40.71 -94.24
CA GLY A 1300 70.71 -39.51 -94.94
C GLY A 1300 70.80 -39.66 -96.45
N LEU A 1301 71.83 -40.34 -96.93
CA LEU A 1301 72.02 -40.60 -98.35
C LEU A 1301 71.96 -42.10 -98.60
N THR A 1302 71.44 -42.48 -99.76
CA THR A 1302 71.16 -43.88 -100.07
C THR A 1302 71.78 -44.36 -101.38
N ASP A 1303 71.87 -43.50 -102.39
CA ASP A 1303 72.17 -43.94 -103.75
C ASP A 1303 73.63 -43.79 -104.14
N MET A 1304 74.52 -43.54 -103.19
CA MET A 1304 75.93 -43.41 -103.52
C MET A 1304 76.53 -44.75 -103.92
N LEU A 1305 77.52 -44.69 -104.82
CA LEU A 1305 78.24 -45.86 -105.28
C LEU A 1305 79.69 -45.76 -104.83
N LEU A 1306 80.20 -46.81 -104.20
CA LEU A 1306 81.53 -46.80 -103.59
C LEU A 1306 82.59 -46.91 -104.68
N THR A 1307 82.88 -45.76 -105.30
CA THR A 1307 83.97 -45.67 -106.25
C THR A 1307 85.31 -45.60 -105.52
N PRO A 1308 86.40 -46.05 -106.16
CA PRO A 1308 87.73 -45.92 -105.53
C PRO A 1308 88.13 -44.47 -105.25
N ARG A 1309 87.71 -43.52 -106.09
CA ARG A 1309 88.02 -42.11 -105.91
C ARG A 1309 86.86 -41.34 -105.26
N SER A 1310 86.12 -41.98 -104.37
CA SER A 1310 84.93 -41.38 -103.78
C SER A 1310 85.31 -40.32 -102.76
N THR A 1311 84.66 -39.16 -102.84
CA THR A 1311 84.84 -38.13 -101.82
C THR A 1311 84.09 -38.47 -100.53
N GLY A 1312 83.15 -39.41 -100.59
CA GLY A 1312 82.44 -39.83 -99.40
C GLY A 1312 81.29 -38.91 -99.04
N LEU A 1313 80.84 -39.05 -97.79
CA LEU A 1313 79.74 -38.25 -97.28
C LEU A 1313 80.27 -36.89 -96.84
N LEU A 1314 79.84 -35.83 -97.52
CA LEU A 1314 80.24 -34.47 -97.20
C LEU A 1314 79.02 -33.74 -96.65
N THR A 1315 79.11 -33.30 -95.40
CA THR A 1315 77.99 -32.74 -94.67
C THR A 1315 78.38 -31.42 -94.02
N GLU A 1316 77.41 -30.50 -93.98
CA GLU A 1316 77.58 -29.22 -93.31
C GLU A 1316 76.35 -28.93 -92.46
N TRP A 1317 76.56 -28.19 -91.38
CA TRP A 1317 75.56 -27.95 -90.36
C TRP A 1317 75.14 -26.48 -90.39
N LEU A 1318 73.87 -26.23 -90.09
CA LEU A 1318 73.37 -24.85 -89.99
C LEU A 1318 72.36 -24.87 -88.84
N GLN A 1319 72.79 -24.36 -87.68
CA GLN A 1319 72.10 -24.65 -86.43
C GLN A 1319 70.78 -23.90 -86.31
N ILE A 1320 70.72 -22.65 -86.80
CA ILE A 1320 69.54 -21.82 -86.59
C ILE A 1320 68.32 -22.44 -87.28
N ARG A 1321 68.49 -22.90 -88.51
CA ARG A 1321 67.44 -23.64 -89.19
C ARG A 1321 67.47 -25.13 -88.87
N GLY A 1322 68.52 -25.60 -88.19
CA GLY A 1322 68.66 -27.03 -87.95
C GLY A 1322 68.95 -27.83 -89.18
N SER A 1323 69.37 -27.18 -90.25
CA SER A 1323 69.61 -27.84 -91.52
C SER A 1323 70.89 -28.65 -91.48
N LEU A 1324 70.84 -29.83 -92.10
CA LEU A 1324 72.05 -30.59 -92.38
C LEU A 1324 72.09 -30.80 -93.89
N LEU A 1325 73.05 -30.15 -94.55
CA LEU A 1325 73.23 -30.31 -95.99
C LEU A 1325 74.19 -31.47 -96.23
N THR A 1326 73.76 -32.45 -97.01
CA THR A 1326 74.56 -33.65 -97.24
C THR A 1326 74.68 -33.92 -98.73
N THR A 1327 75.83 -34.46 -99.12
CA THR A 1327 76.10 -34.78 -100.51
C THR A 1327 77.25 -35.78 -100.59
N GLY A 1328 77.61 -36.13 -101.81
CA GLY A 1328 78.64 -37.12 -102.05
C GLY A 1328 78.66 -37.61 -103.50
N ASP A 1329 78.69 -38.92 -103.69
CA ASP A 1329 78.70 -39.50 -105.03
C ASP A 1329 77.37 -39.38 -105.76
N VAL A 1330 76.32 -38.99 -105.07
CA VAL A 1330 75.06 -38.66 -105.73
C VAL A 1330 75.17 -37.28 -106.35
N LYS A 1331 74.45 -37.06 -107.45
CA LYS A 1331 74.52 -35.80 -108.17
C LYS A 1331 73.61 -34.72 -107.58
N VAL A 1332 73.11 -34.92 -106.36
CA VAL A 1332 72.17 -34.00 -105.74
C VAL A 1332 72.59 -33.78 -104.29
N ILE A 1333 72.62 -32.52 -103.87
CA ILE A 1333 72.80 -32.17 -102.46
C ILE A 1333 71.42 -32.15 -101.82
N ARG A 1334 71.22 -32.93 -100.77
CA ARG A 1334 69.95 -32.99 -100.09
C ARG A 1334 70.01 -32.17 -98.80
N VAL A 1335 68.87 -31.60 -98.40
CA VAL A 1335 68.78 -31.00 -97.07
C VAL A 1335 68.00 -31.93 -96.17
N TRP A 1336 68.47 -32.10 -94.95
CA TRP A 1336 67.77 -32.87 -93.92
C TRP A 1336 67.37 -31.93 -92.80
N ASP A 1337 66.10 -31.96 -92.43
CA ASP A 1337 65.59 -31.19 -91.30
C ASP A 1337 65.66 -32.04 -90.04
N ALA A 1338 65.67 -31.37 -88.90
CA ALA A 1338 65.74 -32.06 -87.61
C ALA A 1338 64.45 -31.95 -86.80
N HIS A 1339 63.67 -30.89 -87.00
CA HIS A 1339 62.42 -30.75 -86.26
C HIS A 1339 61.35 -31.69 -86.80
N THR A 1340 61.45 -32.06 -88.07
CA THR A 1340 60.50 -32.97 -88.70
C THR A 1340 61.14 -34.27 -89.18
N GLU A 1341 62.47 -34.31 -89.26
CA GLU A 1341 63.23 -35.49 -89.70
C GLU A 1341 62.82 -35.95 -91.10
N THR A 1342 62.37 -35.02 -91.93
CA THR A 1342 61.97 -35.28 -93.30
C THR A 1342 62.86 -34.50 -94.26
N VAL A 1343 62.98 -35.01 -95.48
CA VAL A 1343 63.80 -34.37 -96.50
C VAL A 1343 63.02 -33.18 -97.06
N GLU A 1344 63.49 -31.98 -96.77
CA GLU A 1344 62.77 -30.78 -97.19
C GLU A 1344 62.87 -30.60 -98.70
N VAL A 1345 64.08 -30.67 -99.26
CA VAL A 1345 64.26 -30.44 -100.69
C VAL A 1345 65.59 -31.06 -101.13
N ASP A 1346 65.68 -31.34 -102.43
CA ASP A 1346 66.87 -31.87 -103.09
C ASP A 1346 67.30 -30.88 -104.17
N ILE A 1347 68.59 -30.57 -104.22
CA ILE A 1347 69.12 -29.61 -105.18
C ILE A 1347 70.15 -30.29 -106.06
N PRO A 1348 69.92 -30.39 -107.37
CA PRO A 1348 70.92 -31.02 -108.24
C PRO A 1348 72.17 -30.17 -108.37
N ALA A 1349 73.30 -30.85 -108.60
CA ALA A 1349 74.58 -30.17 -108.72
C ALA A 1349 74.84 -29.64 -110.13
N LYS A 1350 74.07 -30.10 -111.11
CA LYS A 1350 74.18 -29.65 -112.51
C LYS A 1350 75.59 -29.85 -113.07
N THR A 1351 76.17 -31.01 -112.77
CA THR A 1351 77.52 -31.34 -113.21
C THR A 1351 77.68 -32.85 -113.20
N SER A 1352 78.91 -33.32 -113.42
CA SER A 1352 79.25 -34.72 -113.30
C SER A 1352 80.46 -34.97 -112.40
N SER A 1353 81.12 -33.91 -111.93
CA SER A 1353 82.29 -34.06 -111.08
C SER A 1353 81.87 -34.30 -109.63
N LEU A 1354 82.88 -34.50 -108.79
CA LEU A 1354 82.64 -34.72 -107.37
C LEU A 1354 82.66 -33.39 -106.61
N ILE A 1355 82.24 -33.45 -105.36
CA ILE A 1355 82.22 -32.28 -104.49
C ILE A 1355 83.36 -32.37 -103.49
N THR A 1356 84.18 -31.32 -103.43
CA THR A 1356 85.27 -31.27 -102.47
C THR A 1356 84.95 -30.47 -101.21
N SER A 1357 84.08 -29.47 -101.30
CA SER A 1357 83.79 -28.67 -100.11
C SER A 1357 82.42 -28.03 -100.24
N LEU A 1358 81.90 -27.58 -99.10
CA LEU A 1358 80.65 -26.84 -99.04
C LEU A 1358 80.65 -26.03 -97.76
N THR A 1359 79.95 -24.90 -97.78
CA THR A 1359 79.84 -24.05 -96.60
C THR A 1359 78.55 -23.25 -96.71
N ALA A 1360 78.15 -22.68 -95.58
CA ALA A 1360 76.90 -21.95 -95.52
C ALA A 1360 76.98 -20.89 -94.43
N ASP A 1361 76.07 -19.91 -94.51
CA ASP A 1361 76.01 -18.84 -93.53
C ASP A 1361 75.21 -19.28 -92.30
N GLN A 1362 75.84 -19.18 -91.14
CA GLN A 1362 75.29 -19.76 -89.92
C GLN A 1362 74.18 -18.90 -89.29
N LEU A 1363 74.04 -17.64 -89.71
CA LEU A 1363 73.03 -16.76 -89.13
C LEU A 1363 71.88 -16.49 -90.08
N ALA A 1364 72.16 -16.10 -91.33
CA ALA A 1364 71.08 -15.86 -92.28
C ALA A 1364 70.41 -17.15 -92.71
N GLY A 1365 71.21 -18.19 -92.98
CA GLY A 1365 70.67 -19.49 -93.28
C GLY A 1365 69.92 -19.63 -94.57
N ASN A 1366 70.36 -18.96 -95.64
CA ASN A 1366 69.73 -19.09 -96.94
C ASN A 1366 70.70 -19.27 -98.10
N ILE A 1367 71.98 -18.94 -97.95
CA ILE A 1367 72.95 -18.98 -99.03
C ILE A 1367 74.04 -19.96 -98.65
N PHE A 1368 74.27 -20.97 -99.51
CA PHE A 1368 75.33 -21.93 -99.31
C PHE A 1368 76.14 -22.07 -100.60
N VAL A 1369 77.45 -22.17 -100.45
CA VAL A 1369 78.39 -22.19 -101.57
C VAL A 1369 79.17 -23.50 -101.53
N ALA A 1370 79.24 -24.17 -102.67
CA ALA A 1370 79.90 -25.47 -102.78
C ALA A 1370 81.04 -25.40 -103.79
N GLY A 1371 82.16 -26.03 -103.44
CA GLY A 1371 83.32 -26.10 -104.31
C GLY A 1371 83.50 -27.52 -104.84
N PHE A 1372 83.63 -27.63 -106.15
CA PHE A 1372 83.61 -28.88 -106.88
C PHE A 1372 85.00 -29.21 -107.41
N ALA A 1373 85.30 -30.52 -107.49
CA ALA A 1373 86.64 -30.98 -107.83
C ALA A 1373 87.11 -30.55 -109.21
N ASP A 1374 86.19 -30.14 -110.09
CA ASP A 1374 86.56 -29.67 -111.41
C ASP A 1374 86.81 -28.16 -111.45
N GLY A 1375 87.09 -27.54 -110.31
CA GLY A 1375 87.42 -26.13 -110.33
C GLY A 1375 86.27 -25.19 -110.58
N SER A 1376 85.04 -25.63 -110.28
CA SER A 1376 83.85 -24.82 -110.49
C SER A 1376 83.27 -24.40 -109.16
N LEU A 1377 83.11 -23.10 -108.96
CA LEU A 1377 82.56 -22.54 -107.73
C LEU A 1377 81.16 -22.02 -108.01
N ARG A 1378 80.18 -22.53 -107.27
CA ARG A 1378 78.77 -22.29 -107.56
C ARG A 1378 78.03 -21.83 -106.31
N VAL A 1379 77.05 -20.96 -106.52
CA VAL A 1379 76.22 -20.43 -105.43
C VAL A 1379 74.78 -20.83 -105.70
N TYR A 1380 74.14 -21.48 -104.73
CA TYR A 1380 72.76 -21.91 -104.83
C TYR A 1380 71.90 -21.17 -103.80
N ASP A 1381 70.60 -21.24 -103.99
CA ASP A 1381 69.63 -20.64 -103.07
C ASP A 1381 68.48 -21.62 -102.82
N ARG A 1382 68.04 -21.68 -101.57
CA ARG A 1382 66.92 -22.53 -101.19
C ARG A 1382 65.57 -21.83 -101.27
N ARG A 1383 65.54 -20.53 -101.57
CA ARG A 1383 64.31 -19.77 -101.58
C ARG A 1383 63.48 -20.00 -102.85
N LEU A 1384 64.06 -20.58 -103.88
CA LEU A 1384 63.39 -20.80 -105.15
C LEU A 1384 63.20 -22.30 -105.39
N ASP A 1385 62.68 -22.63 -106.58
CA ASP A 1385 62.47 -24.01 -106.95
C ASP A 1385 63.80 -24.75 -107.15
N PRO A 1386 63.81 -26.08 -107.00
CA PRO A 1386 65.07 -26.84 -107.16
C PRO A 1386 65.64 -26.80 -108.56
N ARG A 1387 64.83 -26.55 -109.58
CA ARG A 1387 65.33 -26.50 -110.95
C ARG A 1387 66.10 -25.23 -111.24
N ASP A 1388 65.65 -24.09 -110.71
CA ASP A 1388 66.35 -22.83 -110.85
C ASP A 1388 66.90 -22.34 -109.52
N SER A 1389 67.21 -23.29 -108.61
CA SER A 1389 67.92 -22.95 -107.39
C SER A 1389 69.34 -22.48 -107.67
N MET A 1390 69.87 -22.81 -108.85
CA MET A 1390 71.16 -22.28 -109.29
C MET A 1390 71.06 -20.77 -109.47
N ILE A 1391 72.02 -20.05 -108.88
CA ILE A 1391 72.07 -18.60 -109.10
C ILE A 1391 73.23 -18.28 -110.03
N ARG A 1392 74.45 -18.58 -109.59
CA ARG A 1392 75.64 -18.16 -110.32
C ARG A 1392 76.71 -19.24 -110.25
N ARG A 1393 77.53 -19.29 -111.30
CA ARG A 1393 78.59 -20.27 -111.45
C ARG A 1393 79.81 -19.60 -112.06
N TRP A 1394 80.98 -19.85 -111.48
CA TRP A 1394 82.23 -19.37 -112.03
C TRP A 1394 83.27 -20.48 -111.95
N ARG A 1395 84.46 -20.21 -112.49
CA ARG A 1395 85.57 -21.15 -112.47
C ARG A 1395 86.74 -20.53 -111.72
N ALA A 1396 87.38 -21.33 -110.87
CA ALA A 1396 88.52 -20.88 -110.08
C ALA A 1396 89.74 -20.77 -110.98
N GLY A 1397 90.24 -19.55 -111.17
CA GLY A 1397 91.38 -19.31 -112.02
C GLY A 1397 90.98 -19.15 -113.48
N ASN A 1398 91.93 -18.64 -114.26
CA ASN A 1398 91.72 -18.42 -115.68
C ASN A 1398 92.10 -19.64 -116.53
N ASP A 1399 92.68 -20.67 -115.93
CA ASP A 1399 93.05 -21.86 -116.68
C ASP A 1399 91.83 -22.67 -117.06
N LYS A 1400 91.84 -23.22 -118.27
CA LYS A 1400 90.73 -24.03 -118.75
C LYS A 1400 90.73 -25.44 -118.18
N GLN A 1401 91.86 -25.89 -117.64
CA GLN A 1401 91.95 -27.23 -117.06
C GLN A 1401 91.26 -27.27 -115.70
N GLY A 1402 90.66 -28.41 -115.39
CA GLY A 1402 90.01 -28.59 -114.09
C GLY A 1402 91.00 -28.72 -112.96
N VAL A 1403 91.04 -27.72 -112.09
CA VAL A 1403 91.98 -27.70 -110.96
C VAL A 1403 91.25 -28.17 -109.72
N TRP A 1404 91.88 -29.09 -108.97
CA TRP A 1404 91.28 -29.57 -107.74
C TRP A 1404 91.22 -28.47 -106.69
N ILE A 1405 90.10 -28.43 -105.97
CA ILE A 1405 89.86 -27.42 -104.95
C ILE A 1405 90.01 -28.06 -103.59
N ASN A 1406 90.81 -27.43 -102.72
CA ASN A 1406 91.04 -27.98 -101.39
C ASN A 1406 89.88 -27.66 -100.44
N ASN A 1407 89.53 -26.38 -100.31
CA ASN A 1407 88.43 -26.00 -99.43
C ASN A 1407 87.94 -24.61 -99.82
N VAL A 1408 86.63 -24.42 -99.68
CA VAL A 1408 85.98 -23.11 -99.81
C VAL A 1408 85.27 -22.83 -98.50
N HIS A 1409 85.50 -21.64 -97.95
CA HIS A 1409 85.01 -21.33 -96.61
C HIS A 1409 84.47 -19.92 -96.55
N LEU A 1410 83.38 -19.77 -95.79
CA LEU A 1410 82.83 -18.47 -95.42
C LEU A 1410 82.97 -18.32 -93.91
N GLN A 1411 83.64 -17.25 -93.49
CA GLN A 1411 83.86 -17.04 -92.06
C GLN A 1411 82.57 -16.66 -91.37
N ARG A 1412 82.41 -17.11 -90.13
CA ARG A 1412 81.21 -16.78 -89.36
C ARG A 1412 81.20 -15.32 -88.94
N GLY A 1413 82.33 -14.82 -88.44
CA GLY A 1413 82.44 -13.47 -87.96
C GLY A 1413 83.33 -12.60 -88.83
N GLY A 1414 83.62 -11.41 -88.32
CA GLY A 1414 84.46 -10.47 -89.06
C GLY A 1414 83.69 -9.88 -90.22
N TYR A 1415 84.33 -9.85 -91.40
CA TYR A 1415 83.73 -9.30 -92.60
C TYR A 1415 83.20 -10.37 -93.54
N ARG A 1416 83.32 -11.65 -93.18
CA ARG A 1416 82.76 -12.79 -93.94
C ARG A 1416 83.29 -12.81 -95.37
N GLU A 1417 84.59 -13.01 -95.48
CA GLU A 1417 85.25 -13.08 -96.78
C GLU A 1417 85.24 -14.52 -97.29
N LEU A 1418 84.72 -14.71 -98.50
CA LEU A 1418 84.63 -16.03 -99.10
C LEU A 1418 85.99 -16.42 -99.66
N VAL A 1419 86.66 -17.37 -98.99
CA VAL A 1419 88.03 -17.74 -99.33
C VAL A 1419 88.02 -19.13 -99.94
N SER A 1420 88.59 -19.27 -101.13
CA SER A 1420 88.59 -20.52 -101.87
C SER A 1420 90.02 -20.88 -102.25
N GLY A 1421 90.41 -22.12 -101.98
CA GLY A 1421 91.76 -22.57 -102.25
C GLY A 1421 91.79 -23.69 -103.26
N ALA A 1422 92.88 -23.75 -104.03
CA ALA A 1422 93.07 -24.80 -105.02
C ALA A 1422 94.41 -25.49 -104.80
N THR A 1423 94.54 -26.69 -105.36
CA THR A 1423 95.73 -27.52 -105.15
C THR A 1423 96.94 -27.02 -105.92
N ASN A 1424 96.79 -26.04 -106.80
CA ASN A 1424 97.92 -25.44 -107.50
C ASN A 1424 98.57 -24.32 -106.68
N GLY A 1425 98.08 -24.07 -105.47
CA GLY A 1425 98.57 -23.01 -104.64
C GLY A 1425 97.78 -21.71 -104.75
N VAL A 1426 96.83 -21.62 -105.67
CA VAL A 1426 96.07 -20.40 -105.87
C VAL A 1426 94.99 -20.28 -104.80
N VAL A 1427 95.03 -19.19 -104.05
CA VAL A 1427 93.99 -18.88 -103.08
C VAL A 1427 93.33 -17.57 -103.47
N GLU A 1428 92.02 -17.53 -103.30
CA GLU A 1428 91.16 -16.50 -103.86
C GLU A 1428 90.20 -15.99 -102.81
N LEU A 1429 89.82 -14.72 -102.95
CA LEU A 1429 88.77 -14.10 -102.16
C LEU A 1429 87.72 -13.57 -103.13
N TRP A 1430 86.48 -14.04 -102.97
CA TRP A 1430 85.40 -13.81 -103.93
C TRP A 1430 84.26 -13.03 -103.31
N ASP A 1431 83.27 -12.71 -104.15
CA ASP A 1431 82.02 -12.07 -103.75
C ASP A 1431 80.86 -12.79 -104.40
N ILE A 1432 79.78 -12.96 -103.64
CA ILE A 1432 78.60 -13.64 -104.16
C ILE A 1432 77.89 -12.78 -105.20
N ARG A 1433 77.75 -11.48 -104.91
CA ARG A 1433 76.97 -10.60 -105.79
C ARG A 1433 77.67 -10.37 -107.11
N SER A 1434 78.98 -10.05 -107.06
CA SER A 1434 79.73 -9.73 -108.27
C SER A 1434 80.15 -11.02 -108.97
N GLU A 1435 80.94 -10.89 -110.03
CA GLU A 1435 81.39 -12.03 -110.82
C GLU A 1435 82.89 -12.23 -110.75
N ASP A 1436 83.67 -11.19 -111.00
CA ASP A 1436 85.13 -11.31 -110.95
C ASP A 1436 85.60 -11.49 -109.51
N PRO A 1437 86.66 -12.26 -109.30
CA PRO A 1437 87.21 -12.41 -107.94
C PRO A 1437 87.76 -11.11 -107.40
N VAL A 1438 87.70 -10.97 -106.08
CA VAL A 1438 88.14 -9.75 -105.42
C VAL A 1438 89.64 -9.74 -105.19
N GLU A 1439 90.21 -10.84 -104.69
CA GLU A 1439 91.63 -10.88 -104.42
C GLU A 1439 92.18 -12.27 -104.74
N SER A 1440 93.48 -12.35 -104.97
CA SER A 1440 94.11 -13.62 -105.31
C SER A 1440 95.60 -13.56 -104.97
N PHE A 1441 96.13 -14.67 -104.48
CA PHE A 1441 97.57 -14.81 -104.31
C PHE A 1441 97.92 -16.29 -104.23
N VAL A 1442 99.17 -16.58 -103.88
CA VAL A 1442 99.62 -17.96 -103.73
C VAL A 1442 100.20 -18.17 -102.34
N MET A 1459 100.60 -28.43 -102.18
CA MET A 1459 99.42 -27.82 -101.58
C MET A 1459 98.47 -28.91 -101.08
N THR A 1460 98.39 -29.07 -99.76
CA THR A 1460 97.56 -30.12 -99.16
C THR A 1460 96.18 -29.62 -98.77
N CYS A 1461 96.09 -28.51 -98.04
CA CYS A 1461 94.79 -27.97 -97.64
C CYS A 1461 94.94 -26.51 -97.27
N MET A 1462 93.88 -25.75 -97.51
CA MET A 1462 93.79 -24.34 -97.13
C MET A 1462 92.78 -24.22 -96.01
N GLN A 1463 93.18 -23.60 -94.90
CA GLN A 1463 92.30 -23.44 -93.75
C GLN A 1463 92.18 -21.97 -93.37
N VAL A 1464 91.02 -21.62 -92.83
CA VAL A 1464 90.74 -20.26 -92.39
C VAL A 1464 90.25 -20.30 -90.95
N HIS A 1465 90.91 -19.53 -90.08
CA HIS A 1465 90.39 -19.34 -88.74
C HIS A 1465 89.07 -18.58 -88.80
N GLU A 1466 88.14 -18.94 -87.92
CA GLU A 1466 86.77 -18.45 -88.03
C GLU A 1466 86.68 -16.94 -87.83
N HIS A 1467 87.45 -16.39 -86.89
CA HIS A 1467 87.41 -14.97 -86.62
C HIS A 1467 88.73 -14.26 -86.83
N ALA A 1468 89.85 -14.97 -86.95
CA ALA A 1468 91.14 -14.35 -87.15
C ALA A 1468 91.42 -14.16 -88.63
N PRO A 1469 91.70 -12.94 -89.09
CA PRO A 1469 91.96 -12.73 -90.52
C PRO A 1469 93.27 -13.34 -90.97
N ILE A 1470 93.31 -14.66 -91.12
CA ILE A 1470 94.49 -15.37 -91.59
C ILE A 1470 94.05 -16.44 -92.58
N ILE A 1471 95.03 -16.91 -93.38
CA ILE A 1471 94.84 -18.03 -94.28
C ILE A 1471 96.05 -18.95 -94.14
N ALA A 1472 95.81 -20.22 -93.87
CA ALA A 1472 96.88 -21.19 -93.63
C ALA A 1472 96.96 -22.14 -94.82
N THR A 1473 98.16 -22.30 -95.37
CA THR A 1473 98.37 -23.13 -96.55
C THR A 1473 99.27 -24.32 -96.19
N GLY A 1474 98.86 -25.51 -96.61
CA GLY A 1474 99.61 -26.70 -96.29
C GLY A 1474 100.59 -27.16 -97.35
N THR A 1475 101.88 -27.06 -97.03
CA THR A 1475 102.96 -27.51 -97.90
C THR A 1475 103.97 -28.22 -97.01
N LYS A 1476 105.17 -28.44 -97.54
CA LYS A 1476 106.27 -28.91 -96.70
C LYS A 1476 106.64 -27.89 -95.63
N GLN A 1477 106.36 -26.60 -95.87
CA GLN A 1477 106.52 -25.55 -94.89
C GLN A 1477 105.17 -24.89 -94.65
N ILE A 1478 104.77 -24.83 -93.38
CA ILE A 1478 103.48 -24.26 -93.01
C ILE A 1478 103.56 -22.75 -93.12
N LYS A 1479 102.65 -22.15 -93.88
CA LYS A 1479 102.64 -20.72 -94.13
C LYS A 1479 101.30 -20.13 -93.70
N ILE A 1480 101.37 -19.03 -92.95
CA ILE A 1480 100.19 -18.33 -92.45
C ILE A 1480 100.23 -16.92 -92.98
N TRP A 1481 99.14 -16.51 -93.63
CA TRP A 1481 99.06 -15.28 -94.40
C TRP A 1481 97.92 -14.42 -93.84
N THR A 1482 97.90 -13.16 -94.27
CA THR A 1482 96.75 -12.31 -94.03
C THR A 1482 95.71 -12.56 -95.11
N THR A 1483 94.43 -12.38 -94.75
CA THR A 1483 93.37 -12.45 -95.75
C THR A 1483 93.49 -11.36 -96.79
N SER A 1484 94.16 -10.25 -96.48
CA SER A 1484 94.46 -9.22 -97.47
C SER A 1484 95.61 -9.61 -98.39
N GLY A 1485 96.26 -10.74 -98.15
CA GLY A 1485 97.28 -11.26 -99.04
C GLY A 1485 98.68 -11.32 -98.46
N ASP A 1486 99.01 -10.45 -97.52
CA ASP A 1486 100.37 -10.39 -96.98
C ASP A 1486 100.68 -11.61 -96.13
N LEU A 1487 101.90 -12.12 -96.28
CA LEU A 1487 102.35 -13.22 -95.44
C LEU A 1487 102.60 -12.73 -94.02
N LEU A 1488 102.33 -13.61 -93.05
CA LEU A 1488 102.56 -13.31 -91.64
C LEU A 1488 103.65 -14.17 -91.02
N ASN A 1489 103.64 -15.48 -91.26
CA ASN A 1489 104.65 -16.34 -90.65
C ASN A 1489 104.81 -17.60 -91.47
N SER A 1490 105.91 -18.30 -91.21
CA SER A 1490 106.16 -19.61 -91.81
C SER A 1490 107.06 -20.40 -90.89
N PHE A 1491 106.84 -21.72 -90.86
CA PHE A 1491 107.61 -22.60 -90.01
C PHE A 1491 107.51 -24.02 -90.57
N LYS A 1492 108.00 -24.99 -89.80
CA LYS A 1492 108.00 -26.38 -90.21
C LYS A 1492 107.42 -27.24 -89.09
N ASN A 1493 106.63 -28.24 -89.46
CA ASN A 1493 106.05 -29.17 -88.49
C ASN A 1493 106.91 -30.43 -88.44
N SER A 1494 108.03 -30.31 -87.72
CA SER A 1494 108.97 -31.43 -87.57
C SER A 1494 108.43 -32.45 -86.59
N ALA A 1520 108.22 -34.50 -95.88
CA ALA A 1520 106.96 -35.20 -96.07
C ALA A 1520 105.83 -34.23 -96.38
N PHE A 1521 104.59 -34.67 -96.21
CA PHE A 1521 103.42 -33.86 -96.50
C PHE A 1521 102.50 -33.83 -95.28
N LEU A 1522 101.87 -32.68 -95.07
CA LEU A 1522 100.88 -32.51 -94.03
C LEU A 1522 99.63 -33.32 -94.35
N SER A 1523 98.90 -33.70 -93.31
CA SER A 1523 97.63 -34.39 -93.51
C SER A 1523 96.47 -33.38 -93.64
N SER A 1524 96.25 -32.59 -92.59
CA SER A 1524 95.23 -31.55 -92.59
C SER A 1524 95.44 -30.66 -91.38
N MET A 1525 95.08 -29.39 -91.52
CA MET A 1525 95.07 -28.48 -90.39
C MET A 1525 93.65 -28.16 -89.96
N ALA A 1526 93.53 -27.67 -88.74
CA ALA A 1526 92.27 -27.17 -88.20
C ALA A 1526 92.60 -26.13 -87.14
N PHE A 1527 91.62 -25.28 -86.86
CA PHE A 1527 91.76 -24.25 -85.84
C PHE A 1527 90.74 -24.49 -84.73
N HIS A 1528 91.13 -24.13 -83.52
CA HIS A 1528 90.15 -23.96 -82.47
C HIS A 1528 89.29 -22.76 -82.86
N PRO A 1529 87.95 -22.88 -82.85
CA PRO A 1529 87.11 -21.85 -83.48
C PRO A 1529 87.21 -20.47 -82.86
N HIS A 1530 87.64 -20.35 -81.61
CA HIS A 1530 87.80 -19.03 -81.01
C HIS A 1530 89.22 -18.75 -80.54
N ARG A 1531 89.84 -19.67 -79.81
CA ARG A 1531 91.23 -19.48 -79.42
C ARG A 1531 92.16 -19.78 -80.59
N MET A 1532 93.38 -19.25 -80.51
CA MET A 1532 94.33 -19.31 -81.62
C MET A 1532 95.18 -20.57 -81.48
N MET A 1533 94.49 -21.71 -81.62
CA MET A 1533 95.11 -23.03 -81.64
C MET A 1533 95.07 -23.53 -83.07
N ILE A 1534 96.21 -23.98 -83.59
CA ILE A 1534 96.26 -24.63 -84.90
C ILE A 1534 96.83 -26.04 -84.73
N ALA A 1535 96.19 -27.00 -85.37
CA ALA A 1535 96.55 -28.40 -85.24
C ALA A 1535 97.21 -28.90 -86.52
N ALA A 1536 98.28 -29.67 -86.38
CA ALA A 1536 99.01 -30.16 -87.53
C ALA A 1536 99.36 -31.63 -87.35
N THR A 1537 99.40 -32.37 -88.46
CA THR A 1537 99.86 -33.74 -88.48
C THR A 1537 100.33 -34.09 -89.89
N ASN A 1538 101.30 -34.99 -89.97
CA ASN A 1538 101.92 -35.35 -91.23
C ASN A 1538 101.34 -36.66 -91.77
N SER A 1539 101.46 -36.83 -93.08
CA SER A 1539 101.15 -38.11 -93.69
C SER A 1539 102.17 -39.15 -93.25
N HIS A 1540 101.71 -40.40 -93.07
CA HIS A 1540 102.51 -41.49 -92.53
C HIS A 1540 103.10 -41.11 -91.17
N ASP A 1541 102.30 -40.44 -90.34
CA ASP A 1541 102.71 -40.00 -89.03
C ASP A 1541 101.56 -40.18 -88.05
N SER A 1542 101.88 -40.66 -86.85
CA SER A 1542 100.90 -40.84 -85.79
C SER A 1542 101.02 -39.76 -84.72
N ILE A 1543 101.82 -38.73 -84.96
CA ILE A 1543 102.05 -37.66 -84.00
C ILE A 1543 101.32 -36.41 -84.47
N VAL A 1544 100.50 -35.85 -83.60
CA VAL A 1544 99.73 -34.63 -83.89
C VAL A 1544 100.22 -33.53 -82.96
N ASN A 1545 100.57 -32.39 -83.54
CA ASN A 1545 101.10 -31.26 -82.79
C ASN A 1545 100.08 -30.14 -82.75
N ILE A 1546 100.12 -29.36 -81.67
CA ILE A 1546 99.27 -28.19 -81.50
C ILE A 1546 100.16 -26.99 -81.32
N TYR A 1547 99.89 -25.92 -82.07
CA TYR A 1547 100.64 -24.67 -81.97
C TYR A 1547 99.70 -23.58 -81.48
N LYS A 1548 100.25 -22.70 -80.63
CA LYS A 1548 99.51 -21.64 -79.99
C LYS A 1548 100.04 -20.29 -80.44
N CYS A 1549 99.14 -19.40 -80.86
CA CYS A 1549 99.57 -18.05 -81.21
C CYS A 1549 99.68 -17.18 -79.96
N GLU A 1550 100.77 -16.44 -79.85
CA GLU A 1550 101.01 -15.55 -78.72
C GLU A 1550 101.66 -14.27 -79.21
N ASP A 1551 101.88 -13.34 -78.29
CA ASP A 1551 102.56 -12.09 -78.60
C ASP A 1551 104.00 -12.12 -78.11
N ILE B 39 -38.45 20.13 97.40
CA ILE B 39 -38.43 21.46 96.81
C ILE B 39 -38.24 22.51 97.90
N PHE B 40 -37.53 23.58 97.57
CA PHE B 40 -37.16 24.62 98.52
C PHE B 40 -37.88 25.91 98.16
N TYR B 41 -38.26 26.67 99.18
CA TYR B 41 -39.07 27.86 99.03
C TYR B 41 -38.27 29.10 99.43
N PHE B 42 -38.81 30.26 99.06
CA PHE B 42 -38.29 31.57 99.49
C PHE B 42 -36.87 31.80 99.02
N ASP B 43 -36.49 31.19 97.89
CA ASP B 43 -35.13 31.30 97.37
C ASP B 43 -35.17 31.48 95.86
N ASP B 44 -36.04 32.37 95.39
CA ASP B 44 -36.21 32.58 93.97
C ASP B 44 -35.67 33.96 93.55
N LYS B 45 -35.82 34.25 92.26
CA LYS B 45 -35.19 35.43 91.67
C LYS B 45 -35.74 36.71 92.26
N ARG B 46 -37.06 36.78 92.45
CA ARG B 46 -37.65 37.99 93.00
C ARG B 46 -37.22 38.23 94.44
N HIS B 47 -37.10 37.16 95.23
CA HIS B 47 -36.64 37.31 96.61
C HIS B 47 -35.17 37.71 96.68
N LYS B 48 -34.35 37.15 95.79
CA LYS B 48 -32.92 37.48 95.83
C LYS B 48 -32.59 38.79 95.14
N THR B 49 -33.50 39.37 94.35
CA THR B 49 -33.22 40.59 93.63
C THR B 49 -34.02 41.80 94.08
N ASN B 50 -35.09 41.61 94.86
CA ASN B 50 -35.90 42.67 95.47
C ASN B 50 -36.70 43.50 94.46
N GLY B 51 -36.55 43.23 93.17
CA GLY B 51 -37.24 43.99 92.17
C GLY B 51 -36.39 45.01 91.44
N ASN B 52 -35.18 45.25 91.89
CA ASN B 52 -34.31 46.18 91.19
C ASN B 52 -33.67 45.51 89.97
N PRO B 53 -33.39 46.26 88.91
CA PRO B 53 -32.53 45.75 87.85
C PRO B 53 -31.08 45.82 88.28
N ILE B 54 -30.23 45.13 87.51
CA ILE B 54 -28.82 45.05 87.89
C ILE B 54 -28.16 46.42 87.73
N PRO B 55 -27.27 46.82 88.63
CA PRO B 55 -26.81 48.21 88.65
C PRO B 55 -25.88 48.54 87.49
N GLU B 56 -25.81 49.83 87.18
CA GLU B 56 -25.01 50.29 86.05
C GLU B 56 -23.52 50.20 86.35
N GLU B 57 -23.12 50.43 87.60
CA GLU B 57 -21.70 50.31 87.93
C GLU B 57 -21.25 48.85 87.85
N ASP B 58 -22.12 47.91 88.22
CA ASP B 58 -21.80 46.50 88.02
C ASP B 58 -21.87 46.13 86.55
N LYS B 59 -22.70 46.83 85.77
CA LYS B 59 -22.70 46.64 84.32
C LYS B 59 -21.36 47.02 83.72
N GLN B 60 -20.82 48.17 84.11
CA GLN B 60 -19.61 48.68 83.48
C GLN B 60 -18.33 48.18 84.13
N ARG B 61 -18.41 47.56 85.31
CA ARG B 61 -17.27 46.82 85.86
C ARG B 61 -17.49 45.33 85.57
N ASP B 62 -17.24 44.96 84.31
CA ASP B 62 -17.47 43.58 83.90
C ASP B 62 -16.40 42.67 84.50
N VAL B 63 -16.84 41.70 85.29
CA VAL B 63 -15.95 40.81 86.03
C VAL B 63 -15.85 39.45 85.34
N ASN B 64 -16.99 38.86 85.01
CA ASN B 64 -17.01 37.60 84.28
C ASN B 64 -16.95 37.84 82.77
N ARG B 65 -16.70 39.09 82.36
CA ARG B 65 -16.66 39.51 80.95
C ARG B 65 -17.99 39.15 80.24
N TYR B 66 -19.09 39.33 80.97
CA TYR B 66 -20.39 38.88 80.51
C TYR B 66 -21.17 39.96 79.79
N TYR B 67 -20.87 41.22 80.02
CA TYR B 67 -21.62 42.32 79.42
C TYR B 67 -20.75 43.20 78.55
N GLN B 68 -19.93 42.62 77.67
CA GLN B 68 -19.04 43.45 76.88
C GLN B 68 -19.84 44.29 75.88
N PRO B 69 -19.78 45.61 75.96
CA PRO B 69 -20.71 46.43 75.18
C PRO B 69 -20.15 46.98 73.88
N ILE B 70 -21.01 47.03 72.86
CA ILE B 70 -20.81 47.90 71.71
C ILE B 70 -22.06 48.75 71.55
N THR B 71 -21.88 50.02 71.18
CA THR B 71 -22.99 50.94 71.03
C THR B 71 -23.20 51.41 69.60
N ASP B 72 -22.12 51.62 68.86
CA ASP B 72 -22.21 52.04 67.46
C ASP B 72 -22.23 50.82 66.55
N TRP B 73 -23.34 50.09 66.61
CA TRP B 73 -23.48 48.86 65.85
C TRP B 73 -24.27 49.03 64.56
N LYS B 74 -25.19 49.99 64.51
CA LYS B 74 -26.09 50.16 63.38
C LYS B 74 -25.53 51.23 62.45
N ILE B 75 -25.44 50.91 61.16
CA ILE B 75 -24.95 51.87 60.18
C ILE B 75 -25.95 53.01 60.04
N MET B 76 -25.44 54.23 59.90
CA MET B 76 -26.25 55.43 59.93
C MET B 76 -26.88 55.77 58.59
N LYS B 77 -26.85 54.85 57.63
CA LYS B 77 -27.50 54.96 56.31
C LYS B 77 -26.93 56.11 55.47
N ASP B 78 -25.78 56.68 55.86
CA ASP B 78 -25.12 57.69 55.05
C ASP B 78 -24.24 56.95 54.04
N ARG B 79 -24.81 56.65 52.88
CA ARG B 79 -24.18 55.79 51.90
C ARG B 79 -23.54 56.63 50.80
N GLN B 80 -22.25 56.43 50.59
CA GLN B 80 -21.52 57.07 49.48
C GLN B 80 -21.48 56.07 48.33
N LYS B 81 -22.53 56.07 47.52
CA LYS B 81 -22.61 55.13 46.41
C LYS B 81 -21.58 55.45 45.33
N THR B 82 -21.13 54.41 44.65
CA THR B 82 -20.33 54.55 43.44
C THR B 82 -21.27 54.51 42.25
N VAL B 83 -21.15 55.50 41.36
CA VAL B 83 -22.14 55.62 40.31
C VAL B 83 -21.50 55.61 38.93
N SER B 84 -20.23 56.01 38.84
CA SER B 84 -19.58 56.13 37.54
C SER B 84 -18.11 55.77 37.63
N ALA B 85 -17.58 55.29 36.50
CA ALA B 85 -16.22 54.79 36.46
C ALA B 85 -15.45 55.41 35.30
N ALA B 86 -14.14 55.48 35.49
CA ALA B 86 -13.20 55.91 34.47
C ALA B 86 -12.19 54.78 34.29
N LEU B 87 -12.11 54.29 33.05
CA LEU B 87 -11.25 53.15 32.71
C LEU B 87 -10.16 53.69 31.80
N LEU B 88 -9.01 54.03 32.39
CA LEU B 88 -7.87 54.57 31.67
C LEU B 88 -6.93 53.42 31.34
N LEU B 89 -6.73 53.17 30.05
CA LEU B 89 -5.90 52.05 29.57
C LEU B 89 -4.90 52.63 28.59
N CYS B 90 -3.71 52.97 29.08
CA CYS B 90 -2.68 53.55 28.23
C CYS B 90 -1.86 52.42 27.58
N LEU B 91 -2.51 51.75 26.64
CA LEU B 91 -1.95 50.59 25.97
C LEU B 91 -1.91 50.85 24.46
N ASN B 92 -0.74 51.22 23.95
CA ASN B 92 -0.51 51.30 22.52
C ASN B 92 0.24 50.02 22.13
N LEU B 93 -0.53 49.02 21.70
CA LEU B 93 0.03 47.69 21.48
C LEU B 93 0.99 47.70 20.29
N GLY B 94 2.17 47.12 20.49
CA GLY B 94 3.16 47.06 19.44
C GLY B 94 4.48 47.74 19.78
N VAL B 95 4.41 48.84 20.53
CA VAL B 95 5.59 49.61 20.89
C VAL B 95 5.79 49.53 22.40
N ASP B 96 7.05 49.51 22.82
CA ASP B 96 7.40 49.41 24.23
C ASP B 96 8.09 50.69 24.73
N PRO B 97 8.00 50.99 26.02
CA PRO B 97 8.70 52.14 26.54
C PRO B 97 10.21 51.93 26.50
N PRO B 98 11.00 53.00 26.37
CA PRO B 98 12.45 52.85 26.27
C PRO B 98 13.17 52.74 27.60
N ASP B 99 12.46 52.46 28.70
CA ASP B 99 13.09 52.42 30.02
C ASP B 99 13.07 51.03 30.65
N VAL B 100 12.50 50.03 29.98
CA VAL B 100 12.43 48.68 30.51
C VAL B 100 12.81 47.72 29.39
N MET B 101 13.89 46.97 29.60
CA MET B 101 14.26 45.95 28.63
C MET B 101 13.27 44.80 28.65
N LYS B 102 13.13 44.13 27.51
CA LYS B 102 12.12 43.09 27.35
C LYS B 102 12.74 41.85 26.71
N THR B 103 12.26 40.69 27.14
CA THR B 103 12.59 39.43 26.49
C THR B 103 11.67 39.21 25.31
N HIS B 104 12.18 38.51 24.29
CA HIS B 104 11.43 38.36 23.04
C HIS B 104 10.08 37.68 23.22
N PRO B 105 9.93 36.60 24.01
CA PRO B 105 8.59 36.26 24.48
C PRO B 105 8.31 36.96 25.80
N CYS B 106 7.23 37.74 25.86
CA CYS B 106 6.95 38.56 27.03
C CYS B 106 5.49 38.42 27.42
N ALA B 107 5.16 38.94 28.60
CA ALA B 107 3.78 38.96 29.06
C ALA B 107 2.98 39.94 28.23
N ARG B 108 2.01 39.43 27.47
CA ARG B 108 1.32 40.24 26.48
C ARG B 108 -0.19 40.15 26.56
N VAL B 109 -0.72 39.06 27.12
CA VAL B 109 -2.17 38.89 27.18
C VAL B 109 -2.77 39.86 28.18
N GLU B 110 -3.90 40.46 27.81
CA GLU B 110 -4.50 41.55 28.58
C GLU B 110 -6.01 41.34 28.61
N ALA B 111 -6.55 41.06 29.80
CA ALA B 111 -7.98 40.82 30.01
C ALA B 111 -8.52 39.73 29.09
N TRP B 112 -7.74 38.65 28.96
CA TRP B 112 -8.13 37.42 28.24
C TRP B 112 -8.36 37.64 26.75
N VAL B 113 -7.51 38.45 26.12
CA VAL B 113 -7.47 38.53 24.66
C VAL B 113 -6.03 38.41 24.22
N ASP B 114 -5.82 37.75 23.09
CA ASP B 114 -4.49 37.61 22.51
C ASP B 114 -4.23 38.77 21.56
N PRO B 115 -3.25 39.64 21.83
CA PRO B 115 -3.00 40.76 20.92
C PRO B 115 -2.54 40.34 19.53
N LEU B 116 -1.99 39.14 19.39
CA LEU B 116 -1.59 38.66 18.08
C LEU B 116 -2.77 38.30 17.21
N ASN B 117 -3.89 37.91 17.80
CA ASN B 117 -5.09 37.59 17.04
C ASN B 117 -5.83 38.82 16.55
N PHE B 118 -5.41 40.00 16.95
CA PHE B 118 -5.97 41.26 16.48
C PHE B 118 -4.86 42.10 15.85
N GLN B 119 -5.25 43.22 15.25
CA GLN B 119 -4.36 43.98 14.39
C GLN B 119 -4.28 45.44 14.86
N ASP B 120 -4.04 45.62 16.15
CA ASP B 120 -3.51 46.82 16.81
C ASP B 120 -4.62 47.89 16.91
N SER B 121 -5.73 47.74 16.22
CA SER B 121 -6.76 48.78 16.26
C SER B 121 -8.09 48.27 16.80
N LYS B 122 -8.43 47.02 16.55
CA LYS B 122 -9.70 46.45 17.01
C LYS B 122 -9.62 45.92 18.43
N LYS B 123 -8.44 45.92 19.05
CA LYS B 123 -8.30 45.44 20.42
C LYS B 123 -7.43 46.34 21.29
N ALA B 124 -6.92 47.46 20.77
CA ALA B 124 -6.14 48.35 21.61
C ALA B 124 -6.99 48.92 22.73
N ILE B 125 -8.22 49.32 22.43
CA ILE B 125 -9.19 49.70 23.46
C ILE B 125 -10.48 48.93 23.22
N GLU B 126 -11.02 48.98 22.01
CA GLU B 126 -12.40 48.56 21.79
C GLU B 126 -12.63 47.04 21.96
N GLN B 127 -11.66 46.22 22.38
CA GLN B 127 -11.95 44.87 22.84
C GLN B 127 -11.52 44.65 24.28
N ILE B 128 -10.33 45.11 24.65
CA ILE B 128 -9.85 44.97 26.02
C ILE B 128 -10.76 45.72 26.98
N GLY B 129 -11.09 46.96 26.66
CA GLY B 129 -11.98 47.74 27.50
C GLY B 129 -13.39 47.18 27.55
N LYS B 130 -13.86 46.61 26.43
CA LYS B 130 -15.18 45.97 26.43
C LYS B 130 -15.21 44.79 27.39
N ASN B 131 -14.21 43.91 27.30
CA ASN B 131 -14.15 42.76 28.19
C ASN B 131 -13.95 43.19 29.65
N LEU B 132 -13.13 44.22 29.87
CA LEU B 132 -12.85 44.69 31.22
C LEU B 132 -14.08 45.34 31.84
N GLN B 133 -14.85 46.09 31.05
CA GLN B 133 -16.10 46.65 31.54
C GLN B 133 -17.12 45.56 31.84
N ALA B 134 -17.19 44.53 30.98
CA ALA B 134 -18.10 43.43 31.22
C ALA B 134 -17.75 42.70 32.51
N GLN B 135 -16.46 42.57 32.81
CA GLN B 135 -16.05 41.95 34.06
C GLN B 135 -16.32 42.85 35.26
N TYR B 136 -16.12 44.17 35.13
CA TYR B 136 -16.49 45.08 36.20
C TYR B 136 -17.98 45.13 36.46
N GLU B 137 -18.81 44.77 35.48
CA GLU B 137 -20.25 44.72 35.70
C GLU B 137 -20.65 43.76 36.80
N THR B 138 -19.85 42.72 37.05
CA THR B 138 -20.23 41.71 38.04
C THR B 138 -20.17 42.25 39.47
N LEU B 139 -19.24 43.17 39.74
CA LEU B 139 -19.13 43.72 41.09
C LEU B 139 -20.33 44.59 41.43
N SER B 140 -20.76 45.44 40.49
CA SER B 140 -21.90 46.33 40.72
C SER B 140 -22.56 46.63 39.39
N LEU B 141 -23.82 46.21 39.26
CA LEU B 141 -24.55 46.37 38.00
C LEU B 141 -25.22 47.72 37.86
N ARG B 142 -25.21 48.56 38.90
CA ARG B 142 -25.92 49.83 38.87
C ARG B 142 -25.00 51.02 38.70
N THR B 143 -23.77 50.79 38.23
CA THR B 143 -22.80 51.86 38.00
C THR B 143 -22.53 51.98 36.51
N ARG B 144 -22.36 53.20 36.03
CA ARG B 144 -22.14 53.45 34.62
C ARG B 144 -20.64 53.50 34.31
N TYR B 145 -20.29 52.98 33.14
CA TYR B 145 -18.91 52.88 32.70
C TYR B 145 -18.75 53.55 31.35
N LYS B 146 -17.66 54.30 31.20
CA LYS B 146 -17.25 54.79 29.90
C LYS B 146 -15.73 54.91 29.88
N GLN B 147 -15.13 54.33 28.86
CA GLN B 147 -13.72 54.00 28.85
C GLN B 147 -12.90 55.10 28.19
N SER B 148 -11.59 54.91 28.15
CA SER B 148 -10.68 55.84 27.52
C SER B 148 -10.04 55.23 26.28
N LEU B 149 -9.98 56.02 25.21
CA LEU B 149 -9.43 55.57 23.93
C LEU B 149 -7.99 56.06 23.75
N ASP B 150 -7.09 55.59 24.63
CA ASP B 150 -5.67 55.99 24.66
C ASP B 150 -5.56 57.51 24.67
N PRO B 151 -5.84 58.15 25.80
CA PRO B 151 -6.25 59.55 25.80
C PRO B 151 -5.09 60.51 25.60
N CYS B 152 -5.43 61.80 25.68
CA CYS B 152 -4.49 62.91 25.71
C CYS B 152 -4.87 63.85 26.84
N VAL B 153 -4.02 64.86 27.06
CA VAL B 153 -4.27 65.79 28.14
C VAL B 153 -5.51 66.62 27.86
N GLU B 154 -5.82 66.86 26.58
CA GLU B 154 -7.03 67.57 26.19
C GLU B 154 -8.26 66.67 26.19
N ASP B 155 -8.09 65.35 26.25
CA ASP B 155 -9.22 64.44 26.29
C ASP B 155 -9.60 64.04 27.71
N VAL B 156 -8.62 63.96 28.62
CA VAL B 156 -8.96 63.67 30.01
C VAL B 156 -9.75 64.80 30.67
N LYS B 157 -9.73 66.00 30.08
CA LYS B 157 -10.58 67.09 30.56
C LYS B 157 -12.05 66.70 30.54
N ARG B 158 -12.57 66.32 29.36
CA ARG B 158 -13.94 65.83 29.31
C ARG B 158 -14.07 64.43 29.89
N PHE B 159 -12.98 63.67 29.96
CA PHE B 159 -13.07 62.33 30.53
C PHE B 159 -13.17 62.35 32.05
N CYS B 160 -12.87 63.49 32.68
CA CYS B 160 -12.92 63.61 34.13
C CYS B 160 -13.93 64.63 34.63
N ASN B 161 -13.90 65.86 34.10
CA ASN B 161 -14.76 66.91 34.65
C ASN B 161 -16.23 66.66 34.36
N SER B 162 -16.54 65.99 33.24
CA SER B 162 -17.92 65.63 32.98
C SER B 162 -18.43 64.63 34.01
N LEU B 163 -17.60 63.66 34.38
CA LEU B 163 -17.97 62.72 35.44
C LEU B 163 -18.17 63.44 36.77
N ARG B 164 -17.29 64.39 37.07
CA ARG B 164 -17.42 65.12 38.33
C ARG B 164 -18.65 66.01 38.34
N ARG B 165 -19.03 66.59 37.21
CA ARG B 165 -20.24 67.40 37.19
C ARG B 165 -21.51 66.58 37.14
N THR B 166 -21.45 65.33 36.66
CA THR B 166 -22.65 64.50 36.68
C THR B 166 -22.77 63.66 37.95
N SER B 167 -21.73 63.59 38.77
CA SER B 167 -21.79 62.95 40.08
C SER B 167 -21.25 63.92 41.12
N LYS B 168 -22.15 64.50 41.90
CA LYS B 168 -21.78 65.63 42.76
C LYS B 168 -20.85 65.20 43.89
N GLU B 169 -21.33 64.33 44.77
CA GLU B 169 -20.51 63.86 45.89
C GLU B 169 -20.40 62.34 45.92
N ASP B 170 -20.94 61.65 44.93
CA ASP B 170 -20.78 60.21 44.85
C ASP B 170 -19.40 59.84 44.35
N ARG B 171 -19.05 58.57 44.50
CA ARG B 171 -17.70 58.11 44.23
C ARG B 171 -17.44 57.94 42.73
N ILE B 172 -16.19 58.21 42.34
CA ILE B 172 -15.75 58.09 40.97
C ILE B 172 -14.65 57.03 40.94
N LEU B 173 -14.86 55.95 40.19
CA LEU B 173 -13.79 54.97 40.09
C LEU B 173 -12.76 55.42 39.06
N PHE B 174 -11.49 55.11 39.31
CA PHE B 174 -10.40 55.46 38.40
C PHE B 174 -9.45 54.27 38.33
N HIS B 175 -9.48 53.54 37.22
CA HIS B 175 -8.62 52.38 37.04
C HIS B 175 -7.62 52.68 35.94
N TYR B 176 -6.37 52.90 36.31
CA TYR B 176 -5.31 53.27 35.37
C TYR B 176 -4.38 52.08 35.16
N ASN B 177 -4.28 51.64 33.91
CA ASN B 177 -3.35 50.60 33.52
C ASN B 177 -2.33 51.21 32.57
N GLY B 178 -1.05 50.97 32.85
CA GLY B 178 0.01 51.50 32.02
C GLY B 178 1.10 50.50 31.68
N HIS B 179 1.28 50.24 30.40
CA HIS B 179 2.38 49.41 29.92
C HIS B 179 3.14 50.01 28.74
N GLY B 180 2.54 50.93 27.99
CA GLY B 180 3.26 51.65 26.96
C GLY B 180 3.58 53.05 27.44
N VAL B 181 3.92 53.16 28.71
CA VAL B 181 4.11 54.44 29.39
C VAL B 181 5.39 54.33 30.23
N PRO B 182 6.22 55.38 30.29
CA PRO B 182 7.35 55.35 31.21
C PRO B 182 6.88 55.29 32.66
N LYS B 183 7.71 54.69 33.50
CA LYS B 183 7.34 54.49 34.90
C LYS B 183 7.15 55.83 35.58
N PRO B 184 6.15 55.96 36.46
CA PRO B 184 5.87 57.25 37.11
C PRO B 184 7.07 57.78 37.88
N THR B 185 7.26 59.09 37.78
CA THR B 185 8.43 59.75 38.36
C THR B 185 8.16 60.16 39.80
N LYS B 186 9.25 60.50 40.50
CA LYS B 186 9.14 60.86 41.91
C LYS B 186 8.49 62.23 42.12
N SER B 187 8.44 63.06 41.09
CA SER B 187 7.80 64.36 41.19
C SER B 187 6.32 64.33 40.89
N GLY B 188 5.73 63.14 40.76
CA GLY B 188 4.30 63.01 40.63
C GLY B 188 3.75 63.23 39.24
N GLU B 189 4.15 62.39 38.28
CA GLU B 189 3.63 62.48 36.93
C GLU B 189 3.26 61.09 36.42
N ILE B 190 2.18 61.05 35.64
CA ILE B 190 1.82 59.89 34.84
C ILE B 190 1.98 60.37 33.40
N TRP B 191 1.85 59.50 32.41
CA TRP B 191 2.00 59.93 31.03
C TRP B 191 0.82 59.45 30.20
N VAL B 192 0.44 60.28 29.23
CA VAL B 192 -0.54 59.94 28.20
C VAL B 192 0.08 60.26 26.83
N PHE B 193 -0.71 60.08 25.78
CA PHE B 193 -0.23 60.26 24.42
C PHE B 193 -0.76 61.57 23.82
N ASN B 194 -0.42 61.80 22.56
CA ASN B 194 -0.92 62.92 21.77
C ASN B 194 -1.85 62.40 20.69
N ARG B 195 -2.30 63.29 19.81
CA ARG B 195 -3.22 62.90 18.75
C ARG B 195 -2.56 61.92 17.78
N GLY B 196 -1.32 62.17 17.40
CA GLY B 196 -0.62 61.34 16.45
C GLY B 196 0.05 60.12 17.02
N TYR B 197 -0.08 59.89 18.33
CA TYR B 197 0.50 58.73 19.01
C TYR B 197 2.02 58.69 18.84
N THR B 198 2.68 59.80 19.15
CA THR B 198 4.11 59.93 18.91
C THR B 198 4.92 60.09 20.19
N GLN B 199 4.63 61.08 21.02
CA GLN B 199 5.51 61.45 22.12
C GLN B 199 4.74 61.42 23.44
N TYR B 200 5.33 60.79 24.45
CA TYR B 200 4.67 60.63 25.74
C TYR B 200 4.67 61.97 26.47
N ILE B 201 3.49 62.44 26.85
CA ILE B 201 3.34 63.76 27.48
C ILE B 201 2.91 63.59 28.93
N PRO B 202 3.46 64.38 29.85
CA PRO B 202 3.21 64.15 31.27
C PRO B 202 1.92 64.80 31.75
N VAL B 203 1.44 64.29 32.88
CA VAL B 203 0.33 64.86 33.62
C VAL B 203 0.69 64.80 35.10
N SER B 204 0.36 65.86 35.82
CA SER B 204 0.70 65.97 37.23
C SER B 204 -0.48 65.58 38.09
N LEU B 205 -0.20 64.84 39.16
CA LEU B 205 -1.27 64.39 40.05
C LEU B 205 -1.95 65.54 40.77
N TYR B 206 -1.26 66.67 40.95
CA TYR B 206 -1.88 67.86 41.49
C TYR B 206 -3.05 68.32 40.61
N ASP B 207 -2.78 68.48 39.31
CA ASP B 207 -3.83 68.86 38.39
C ASP B 207 -4.84 67.73 38.19
N LEU B 208 -4.42 66.47 38.39
CA LEU B 208 -5.36 65.37 38.24
C LEU B 208 -6.38 65.35 39.37
N GLN B 209 -5.94 65.57 40.60
CA GLN B 209 -6.88 65.65 41.71
C GLN B 209 -7.65 66.97 41.70
N THR B 210 -7.14 67.99 41.01
CA THR B 210 -7.97 69.17 40.77
C THR B 210 -9.05 68.88 39.74
N TRP B 211 -8.73 68.06 38.73
CA TRP B 211 -9.72 67.70 37.71
C TRP B 211 -10.83 66.85 38.32
N LEU B 212 -10.45 65.80 39.03
CA LEU B 212 -11.42 64.98 39.74
C LEU B 212 -11.82 65.66 41.05
N GLY B 213 -12.65 64.98 41.83
CA GLY B 213 -13.13 65.55 43.08
C GLY B 213 -12.61 64.84 44.31
N ALA B 214 -13.41 64.85 45.37
CA ALA B 214 -13.01 64.31 46.65
C ALA B 214 -13.12 62.79 46.78
N PRO B 215 -14.28 62.14 46.45
CA PRO B 215 -14.35 60.69 46.63
C PRO B 215 -13.47 59.96 45.63
N CYS B 216 -13.04 58.75 45.98
CA CYS B 216 -12.08 58.04 45.14
C CYS B 216 -12.27 56.55 45.28
N ILE B 217 -11.86 55.83 44.24
CA ILE B 217 -11.15 54.57 44.36
C ILE B 217 -10.20 54.45 43.18
N PHE B 218 -8.91 54.44 43.49
CA PHE B 218 -7.86 54.41 42.48
C PHE B 218 -7.27 53.00 42.42
N VAL B 219 -7.14 52.48 41.21
CA VAL B 219 -6.53 51.17 41.00
C VAL B 219 -5.43 51.36 39.97
N TYR B 220 -4.18 51.31 40.43
CA TYR B 220 -3.03 51.44 39.56
C TYR B 220 -2.55 50.07 39.10
N ASP B 221 -2.01 50.00 37.89
CA ASP B 221 -1.43 48.76 37.42
C ASP B 221 -0.10 49.00 36.70
N CYS B 222 0.60 50.07 37.04
CA CYS B 222 1.86 50.41 36.38
C CYS B 222 2.99 49.58 36.99
N ASN B 223 4.22 49.92 36.63
CA ASN B 223 5.37 49.17 37.09
C ASN B 223 5.73 49.48 38.54
N SER B 224 5.58 50.74 38.96
CA SER B 224 5.87 51.14 40.34
C SER B 224 4.76 52.10 40.78
N ALA B 225 3.71 51.54 41.37
CA ALA B 225 2.57 52.35 41.80
C ALA B 225 2.80 53.06 43.13
N GLU B 226 3.82 52.65 43.89
CA GLU B 226 4.08 53.29 45.17
C GLU B 226 4.51 54.73 44.98
N ASN B 227 5.11 55.07 43.83
CA ASN B 227 5.52 56.44 43.58
C ASN B 227 4.32 57.38 43.52
N ILE B 228 3.31 57.04 42.71
CA ILE B 228 2.12 57.89 42.64
C ILE B 228 1.32 57.78 43.92
N LEU B 229 1.36 56.62 44.58
CA LEU B 229 0.71 56.48 45.87
C LEU B 229 1.23 57.49 46.89
N ILE B 230 2.56 57.56 47.06
CA ILE B 230 3.12 58.52 48.00
C ILE B 230 3.08 59.94 47.45
N ASN B 231 3.00 60.11 46.13
CA ASN B 231 2.82 61.46 45.58
C ASN B 231 1.48 62.03 45.98
N PHE B 232 0.42 61.25 45.86
CA PHE B 232 -0.89 61.66 46.37
C PHE B 232 -0.86 61.81 47.88
N GLN B 233 -0.17 60.88 48.56
CA GLN B 233 -0.12 60.86 50.01
C GLN B 233 0.67 62.03 50.60
N LYS B 234 1.49 62.72 49.79
CA LYS B 234 2.10 63.95 50.27
C LYS B 234 1.43 65.20 49.73
N PHE B 235 0.88 65.16 48.52
CA PHE B 235 0.13 66.28 48.00
C PHE B 235 -1.13 66.54 48.80
N VAL B 236 -1.68 65.53 49.47
CA VAL B 236 -2.87 65.75 50.29
C VAL B 236 -2.58 66.68 51.46
N GLN B 237 -1.47 66.46 52.18
CA GLN B 237 -1.22 67.42 53.24
C GLN B 237 -0.54 68.68 52.75
N LYS B 238 0.04 68.68 51.54
CA LYS B 238 0.35 69.96 50.92
C LYS B 238 -0.91 70.80 50.74
N ARG B 239 -1.98 70.16 50.26
CA ARG B 239 -3.28 70.83 50.11
C ARG B 239 -3.82 71.32 51.46
N ILE B 240 -3.74 70.48 52.49
CA ILE B 240 -4.35 70.90 53.75
C ILE B 240 -3.48 71.94 54.47
N LYS B 241 -2.17 71.91 54.24
CA LYS B 241 -1.30 72.97 54.76
C LYS B 241 -1.55 74.27 54.02
N ASP B 242 -1.92 74.20 52.74
CA ASP B 242 -2.43 75.35 52.02
C ASP B 242 -3.90 75.54 52.35
N ASP B 243 -4.60 76.34 51.53
CA ASP B 243 -6.04 76.53 51.58
C ASP B 243 -6.45 77.27 52.85
N GLU B 244 -7.24 76.62 53.71
CA GLU B 244 -7.75 77.27 54.90
C GLU B 244 -6.65 77.54 55.91
N GLU B 245 -5.74 76.59 56.11
CA GLU B 245 -4.67 76.76 57.09
C GLU B 245 -3.68 77.82 56.64
N GLY B 246 -3.32 77.83 55.37
CA GLY B 246 -2.32 78.74 54.85
C GLY B 246 -2.89 80.08 54.47
N ASN B 247 -2.10 80.82 53.67
CA ASN B 247 -2.48 82.17 53.28
C ASN B 247 -3.55 82.17 52.18
N HIS B 248 -3.45 81.26 51.22
CA HIS B 248 -4.28 81.31 50.04
C HIS B 248 -4.91 79.95 49.75
N ASP B 249 -6.06 79.99 49.08
CA ASP B 249 -6.81 78.81 48.71
C ASP B 249 -6.95 78.75 47.20
N VAL B 250 -6.81 77.54 46.66
CA VAL B 250 -6.93 77.29 45.22
C VAL B 250 -8.36 76.82 44.94
N ALA B 251 -8.91 77.27 43.81
CA ALA B 251 -10.29 76.94 43.47
C ALA B 251 -10.38 75.47 43.07
N ALA B 252 -10.85 74.64 44.00
CA ALA B 252 -10.99 73.21 43.80
C ALA B 252 -12.47 72.83 43.76
N PRO B 253 -12.87 71.89 42.90
CA PRO B 253 -14.30 71.61 42.73
C PRO B 253 -14.98 70.94 43.92
N SER B 254 -14.22 70.33 44.84
CA SER B 254 -14.79 69.64 45.97
C SER B 254 -14.09 70.07 47.26
N PRO B 255 -14.76 69.95 48.42
CA PRO B 255 -14.21 70.52 49.66
C PRO B 255 -12.88 69.92 50.05
N THR B 256 -12.14 70.70 50.85
CA THR B 256 -10.74 70.38 51.14
C THR B 256 -10.60 69.12 51.98
N SER B 257 -11.35 69.03 53.08
CA SER B 257 -11.17 67.94 54.04
C SER B 257 -11.76 66.62 53.57
N ALA B 258 -12.52 66.61 52.47
CA ALA B 258 -13.07 65.37 51.95
C ALA B 258 -12.11 64.65 51.01
N TYR B 259 -10.92 65.21 50.78
CA TYR B 259 -9.86 64.49 50.09
C TYR B 259 -9.30 63.34 50.92
N GLN B 260 -9.56 63.33 52.23
CA GLN B 260 -9.05 62.25 53.07
C GLN B 260 -9.82 60.96 52.86
N ASP B 261 -11.07 61.03 52.41
CA ASP B 261 -11.85 59.85 52.08
C ASP B 261 -11.32 59.15 50.83
N CYS B 262 -10.46 59.81 50.05
CA CYS B 262 -9.91 59.23 48.84
C CYS B 262 -9.09 57.98 49.15
N PHE B 263 -9.61 56.83 48.72
CA PHE B 263 -8.95 55.54 48.91
C PHE B 263 -8.06 55.25 47.72
N GLN B 264 -7.02 54.45 47.94
CA GLN B 264 -6.04 54.14 46.92
C GLN B 264 -5.58 52.70 47.06
N LEU B 265 -5.36 52.05 45.92
CA LEU B 265 -4.83 50.70 45.85
C LEU B 265 -3.71 50.69 44.83
N ALA B 266 -2.67 49.91 45.11
CA ALA B 266 -1.44 49.95 44.31
C ALA B 266 -0.99 48.54 43.98
N SER B 267 -0.25 48.42 42.88
CA SER B 267 0.26 47.14 42.42
C SER B 267 1.65 46.83 42.98
N CYS B 268 2.53 47.82 43.01
CA CYS B 268 3.90 47.67 43.43
C CYS B 268 4.12 48.32 44.80
N THR B 269 5.37 48.26 45.27
CA THR B 269 5.72 48.84 46.57
C THR B 269 7.02 49.61 46.59
N SER B 270 7.90 49.48 45.60
CA SER B 270 9.24 50.02 45.68
C SER B 270 9.77 50.15 44.26
N ASP B 271 11.09 50.29 44.12
CA ASP B 271 11.73 50.25 42.81
C ASP B 271 11.93 48.79 42.37
N GLU B 272 10.84 48.04 42.37
CA GLU B 272 10.83 46.66 41.91
C GLU B 272 9.86 46.55 40.73
N LEU B 273 10.30 45.88 39.68
CA LEU B 273 9.57 45.84 38.42
C LEU B 273 8.58 44.69 38.42
N LEU B 274 7.57 44.81 37.56
CA LEU B 274 6.61 43.74 37.36
C LEU B 274 7.27 42.58 36.60
N LEU B 275 6.49 41.53 36.35
CA LEU B 275 7.01 40.30 35.76
C LEU B 275 6.71 40.28 34.27
N MET B 276 7.76 40.06 33.48
CA MET B 276 7.63 39.88 32.04
C MET B 276 7.52 38.41 31.66
N SER B 277 7.22 37.54 32.60
CA SER B 277 7.13 36.11 32.31
C SER B 277 5.93 35.85 31.40
N PRO B 278 6.09 35.03 30.36
CA PRO B 278 5.03 34.83 29.36
C PRO B 278 3.99 33.79 29.71
N GLU B 279 3.91 33.36 30.98
CA GLU B 279 2.92 32.38 31.37
C GLU B 279 1.69 33.03 32.00
N LEU B 280 1.88 34.03 32.79
CA LEU B 280 0.90 34.81 33.52
C LEU B 280 0.50 36.06 32.76
N PRO B 281 -0.74 36.52 32.93
CA PRO B 281 -1.18 37.75 32.26
C PRO B 281 -0.45 38.98 32.78
N ALA B 282 -0.25 39.94 31.88
CA ALA B 282 0.54 41.13 32.17
C ALA B 282 -0.14 42.09 33.14
N ASP B 283 -1.41 41.86 33.47
CA ASP B 283 -2.15 42.76 34.34
C ASP B 283 -2.73 41.99 35.52
N LEU B 284 -1.85 41.24 36.20
CA LEU B 284 -2.29 40.32 37.25
C LEU B 284 -3.02 41.05 38.37
N PHE B 285 -2.60 42.27 38.70
CA PHE B 285 -3.26 43.00 39.78
C PHE B 285 -4.69 43.39 39.42
N SER B 286 -4.89 43.89 38.20
CA SER B 286 -6.24 44.20 37.76
C SER B 286 -7.08 42.95 37.63
N CYS B 287 -6.46 41.84 37.24
CA CYS B 287 -7.17 40.57 37.21
C CYS B 287 -7.63 40.15 38.61
N CYS B 288 -6.79 40.38 39.62
CA CYS B 288 -7.18 40.14 41.00
C CYS B 288 -8.36 41.01 41.39
N LEU B 289 -8.23 42.32 41.18
CA LEU B 289 -9.26 43.25 41.62
C LEU B 289 -10.53 43.17 40.79
N THR B 290 -10.52 42.46 39.67
CA THR B 290 -11.68 42.41 38.80
C THR B 290 -12.33 41.03 38.74
N CYS B 291 -11.58 39.98 38.38
CA CYS B 291 -12.10 38.62 38.27
C CYS B 291 -11.34 37.68 39.18
N PRO B 292 -11.82 37.47 40.41
CA PRO B 292 -11.03 36.69 41.38
C PRO B 292 -11.05 35.20 41.13
N ILE B 293 -12.22 34.65 40.81
CA ILE B 293 -12.37 33.19 40.73
C ILE B 293 -11.52 32.63 39.59
N GLU B 294 -11.53 33.29 38.44
CA GLU B 294 -10.85 32.75 37.26
C GLU B 294 -9.34 32.68 37.48
N ILE B 295 -8.71 33.80 37.81
CA ILE B 295 -7.26 33.74 37.96
C ILE B 295 -6.85 33.03 39.23
N SER B 296 -7.72 32.98 40.24
CA SER B 296 -7.33 32.22 41.43
C SER B 296 -7.33 30.73 41.12
N ILE B 297 -8.29 30.26 40.34
CA ILE B 297 -8.28 28.87 39.88
C ILE B 297 -7.06 28.61 39.01
N ARG B 298 -6.75 29.53 38.09
CA ARG B 298 -5.63 29.29 37.20
C ARG B 298 -4.29 29.38 37.94
N ILE B 299 -4.16 30.25 38.94
CA ILE B 299 -2.94 30.26 39.74
C ILE B 299 -2.85 29.01 40.59
N PHE B 300 -4.00 28.44 40.98
CA PHE B 300 -3.98 27.16 41.69
C PHE B 300 -3.45 26.05 40.79
N LEU B 301 -3.86 26.04 39.52
CA LEU B 301 -3.27 25.11 38.57
C LEU B 301 -1.80 25.40 38.30
N MET B 302 -1.40 26.67 38.35
CA MET B 302 0.01 27.01 38.18
C MET B 302 0.84 26.44 39.32
N GLN B 303 0.37 26.61 40.55
CA GLN B 303 1.15 26.27 41.74
C GLN B 303 0.80 24.89 42.31
N SER B 304 0.00 24.11 41.60
CA SER B 304 -0.30 22.76 42.06
C SER B 304 0.97 21.92 42.00
N PRO B 305 1.39 21.29 43.10
CA PRO B 305 2.59 20.45 43.07
C PRO B 305 2.46 19.24 42.18
N LEU B 306 1.25 18.83 41.83
CA LEU B 306 1.01 17.65 41.00
C LEU B 306 0.35 18.10 39.70
N LYS B 307 1.17 18.44 38.71
CA LYS B 307 0.69 18.83 37.40
C LYS B 307 0.45 17.65 36.47
N ASP B 308 0.85 16.45 36.88
CA ASP B 308 0.49 15.25 36.15
C ASP B 308 -0.98 14.90 36.44
N SER B 309 -1.57 14.13 35.53
CA SER B 309 -2.99 13.76 35.58
C SER B 309 -3.89 15.01 35.62
N LYS B 310 -3.62 15.93 34.70
CA LYS B 310 -4.41 17.14 34.55
C LYS B 310 -4.54 17.46 33.07
N TYR B 311 -5.55 18.26 32.75
CA TYR B 311 -5.85 18.61 31.36
C TYR B 311 -4.98 19.73 30.82
N LYS B 312 -3.65 19.58 30.97
CA LYS B 312 -2.67 20.56 30.52
C LYS B 312 -2.91 21.95 31.12
N SER B 333 5.32 27.76 27.84
CA SER B 333 4.14 28.58 27.98
C SER B 333 2.87 27.77 27.70
N LYS B 334 2.39 27.05 28.71
CA LYS B 334 1.19 26.22 28.61
C LYS B 334 0.17 26.72 29.62
N ILE B 335 -0.64 27.69 29.21
CA ILE B 335 -1.71 28.19 30.07
C ILE B 335 -2.85 27.16 30.07
N PRO B 336 -3.29 26.70 31.23
CA PRO B 336 -4.35 25.70 31.27
C PRO B 336 -5.67 26.25 30.77
N ASN B 337 -6.44 25.39 30.11
CA ASN B 337 -7.75 25.75 29.57
C ASN B 337 -8.85 25.27 30.53
N VAL B 338 -8.99 26.00 31.62
CA VAL B 338 -9.96 25.66 32.66
C VAL B 338 -11.28 26.36 32.33
N ASN B 339 -12.28 25.59 31.92
CA ASN B 339 -13.63 26.09 31.72
C ASN B 339 -14.52 25.55 32.83
N ILE B 340 -15.20 26.44 33.54
CA ILE B 340 -16.06 26.09 34.66
C ILE B 340 -17.49 26.47 34.29
N PRO B 341 -18.44 25.55 34.36
CA PRO B 341 -19.82 25.88 33.99
C PRO B 341 -20.53 26.70 35.06
N GLY B 342 -21.45 27.53 34.61
CA GLY B 342 -22.31 28.29 35.50
C GLY B 342 -22.10 29.79 35.34
N MET B 343 -22.68 30.52 36.28
CA MET B 343 -22.61 31.97 36.28
C MET B 343 -22.28 32.46 37.68
N LEU B 344 -21.75 33.69 37.76
CA LEU B 344 -21.39 34.26 39.04
C LEU B 344 -22.62 34.55 39.89
N SER B 345 -23.70 35.03 39.27
CA SER B 345 -24.87 35.44 40.03
C SER B 345 -25.69 34.26 40.54
N ASP B 346 -25.53 33.08 39.94
CA ASP B 346 -26.26 31.91 40.40
C ASP B 346 -25.68 31.40 41.72
N ARG B 347 -26.40 30.46 42.33
CA ARG B 347 -25.95 29.86 43.58
C ARG B 347 -26.07 28.35 43.63
N ARG B 348 -26.69 27.72 42.62
CA ARG B 348 -26.68 26.27 42.52
C ARG B 348 -25.70 25.76 41.48
N THR B 349 -25.28 26.61 40.54
CA THR B 349 -24.24 26.24 39.61
C THR B 349 -22.88 26.19 40.32
N PRO B 350 -21.95 25.36 39.82
CA PRO B 350 -20.62 25.29 40.46
C PRO B 350 -19.87 26.61 40.52
N LEU B 351 -19.95 27.42 39.47
CA LEU B 351 -19.23 28.69 39.46
C LEU B 351 -19.82 29.65 40.50
N GLY B 352 -21.15 29.69 40.60
CA GLY B 352 -21.78 30.51 41.61
C GLY B 352 -21.47 30.05 43.02
N GLU B 353 -21.42 28.74 43.23
CA GLU B 353 -21.06 28.21 44.54
C GLU B 353 -19.62 28.56 44.89
N LEU B 354 -18.73 28.53 43.90
CA LEU B 354 -17.34 28.93 44.13
C LEU B 354 -17.25 30.41 44.49
N ASN B 355 -18.04 31.25 43.82
CA ASN B 355 -18.04 32.67 44.18
C ASN B 355 -18.60 32.89 45.58
N TRP B 356 -19.64 32.12 45.94
CA TRP B 356 -20.25 32.24 47.27
C TRP B 356 -19.27 31.84 48.36
N ILE B 357 -18.57 30.71 48.17
CA ILE B 357 -17.61 30.26 49.18
C ILE B 357 -16.43 31.22 49.24
N PHE B 358 -16.03 31.82 48.11
CA PHE B 358 -14.99 32.84 48.15
C PHE B 358 -15.44 34.03 48.99
N THR B 359 -16.67 34.50 48.77
CA THR B 359 -17.17 35.65 49.53
C THR B 359 -17.15 35.36 51.01
N ALA B 360 -17.61 34.16 51.40
CA ALA B 360 -17.61 33.77 52.80
C ALA B 360 -16.20 33.77 53.39
N ILE B 361 -15.26 33.10 52.72
CA ILE B 361 -13.94 32.91 53.32
C ILE B 361 -13.17 34.23 53.37
N THR B 362 -13.29 35.06 52.33
CA THR B 362 -12.55 36.32 52.33
C THR B 362 -13.23 37.37 53.18
N ASP B 363 -14.50 37.19 53.55
CA ASP B 363 -15.06 38.02 54.61
C ASP B 363 -14.56 37.57 55.98
N THR B 364 -14.46 36.25 56.18
CA THR B 364 -14.04 35.73 57.49
C THR B 364 -12.61 36.13 57.80
N ILE B 365 -11.71 36.02 56.82
CA ILE B 365 -10.30 36.37 57.05
C ILE B 365 -10.18 37.85 57.42
N ALA B 366 -10.88 38.71 56.68
CA ALA B 366 -10.83 40.14 56.93
C ALA B 366 -11.37 40.49 58.31
N TRP B 367 -12.50 39.89 58.69
CA TRP B 367 -13.08 40.19 60.00
C TRP B 367 -12.16 39.71 61.12
N THR B 368 -11.55 38.53 60.96
CA THR B 368 -10.68 38.01 62.01
C THR B 368 -9.43 38.85 62.17
N SER B 369 -8.85 39.32 61.06
CA SER B 369 -7.56 40.01 61.15
C SER B 369 -7.73 41.48 61.50
N LEU B 370 -8.59 42.20 60.80
CA LEU B 370 -8.62 43.64 60.89
C LEU B 370 -9.22 44.11 62.22
N PRO B 371 -8.80 45.27 62.72
CA PRO B 371 -9.51 45.88 63.84
C PRO B 371 -10.91 46.33 63.44
N ARG B 372 -11.79 46.41 64.43
CA ARG B 372 -13.21 46.65 64.19
C ARG B 372 -13.52 47.99 63.53
N PRO B 373 -12.97 49.15 63.98
CA PRO B 373 -13.33 50.39 63.27
C PRO B 373 -12.92 50.40 61.81
N LEU B 374 -11.74 49.89 61.49
CA LEU B 374 -11.33 49.83 60.09
C LEU B 374 -12.15 48.82 59.31
N PHE B 375 -12.54 47.71 59.94
CA PHE B 375 -13.39 46.73 59.27
C PHE B 375 -14.74 47.33 58.92
N LYS B 376 -15.33 48.07 59.86
CA LYS B 376 -16.59 48.74 59.58
C LYS B 376 -16.44 49.81 58.52
N LYS B 377 -15.33 50.57 58.55
CA LYS B 377 -15.11 51.63 57.59
C LYS B 377 -14.89 51.07 56.19
N LEU B 378 -14.32 49.86 56.09
CA LEU B 378 -13.84 49.35 54.83
C LEU B 378 -14.78 48.35 54.17
N PHE B 379 -15.52 47.54 54.93
CA PHE B 379 -16.17 46.36 54.38
C PHE B 379 -17.69 46.37 54.42
N ARG B 380 -18.33 47.33 55.07
CA ARG B 380 -19.78 47.32 55.18
C ARG B 380 -20.45 48.61 54.71
N HIS B 381 -19.69 49.66 54.40
CA HIS B 381 -20.33 50.92 54.06
C HIS B 381 -20.96 50.89 52.67
N ASP B 382 -20.27 50.35 51.68
CA ASP B 382 -20.86 50.20 50.36
C ASP B 382 -20.26 49.02 49.62
N LEU B 383 -21.08 48.46 48.74
CA LEU B 383 -20.81 47.15 48.16
C LEU B 383 -19.62 47.17 47.21
N MET B 384 -19.47 48.25 46.44
CA MET B 384 -18.40 48.30 45.46
C MET B 384 -17.04 48.34 46.13
N ILE B 385 -16.88 49.22 47.13
CA ILE B 385 -15.63 49.29 47.88
C ILE B 385 -15.39 47.98 48.63
N ALA B 386 -16.45 47.39 49.17
CA ALA B 386 -16.31 46.11 49.86
C ALA B 386 -15.79 45.03 48.93
N ALA B 387 -16.32 44.97 47.71
CA ALA B 387 -15.88 43.95 46.75
C ALA B 387 -14.45 44.18 46.29
N LEU B 388 -14.07 45.44 46.06
CA LEU B 388 -12.69 45.72 45.66
C LEU B 388 -11.69 45.32 46.75
N PHE B 389 -11.99 45.63 48.02
CA PHE B 389 -11.02 45.22 49.03
C PHE B 389 -11.10 43.72 49.33
N ARG B 390 -12.26 43.10 49.07
CA ARG B 390 -12.36 41.65 49.14
C ARG B 390 -11.41 41.01 48.15
N ASN B 391 -11.33 41.55 46.93
CA ASN B 391 -10.38 41.03 45.96
C ASN B 391 -8.95 41.42 46.31
N PHE B 392 -8.76 42.56 46.96
CA PHE B 392 -7.42 42.96 47.38
C PHE B 392 -6.86 42.00 48.42
N LEU B 393 -7.74 41.37 49.22
CA LEU B 393 -7.28 40.34 50.15
C LEU B 393 -6.67 39.16 49.41
N LEU B 394 -7.26 38.76 48.28
CA LEU B 394 -6.63 37.73 47.45
C LEU B 394 -5.34 38.24 46.82
N ALA B 395 -5.31 39.52 46.43
CA ALA B 395 -4.12 40.07 45.81
C ALA B 395 -2.93 40.03 46.75
N LYS B 396 -3.15 40.38 48.03
CA LYS B 396 -2.08 40.41 49.02
C LYS B 396 -1.46 39.04 49.28
N ARG B 397 -2.11 37.95 48.85
CA ARG B 397 -1.54 36.62 48.95
C ARG B 397 -0.96 36.14 47.63
N ILE B 398 -1.68 36.36 46.52
CA ILE B 398 -1.23 35.84 45.23
C ILE B 398 0.00 36.59 44.72
N MET B 399 0.07 37.91 44.94
CA MET B 399 1.10 38.71 44.31
C MET B 399 2.47 38.60 44.98
N PRO B 400 2.59 38.51 46.32
CA PRO B 400 3.92 38.27 46.90
C PRO B 400 4.56 36.95 46.52
N TRP B 401 3.79 35.98 46.01
CA TRP B 401 4.41 34.77 45.46
C TRP B 401 5.33 35.09 44.29
N TYR B 402 5.07 36.21 43.61
CA TYR B 402 5.81 36.57 42.41
C TYR B 402 6.55 37.89 42.64
N ASN B 403 7.25 37.99 43.77
CA ASN B 403 8.16 39.08 44.16
C ASN B 403 7.64 40.48 43.79
N CYS B 404 6.35 40.70 44.05
CA CYS B 404 5.76 42.03 44.00
C CYS B 404 4.81 42.16 45.19
N HIS B 405 4.87 43.30 45.87
CA HIS B 405 4.09 43.48 47.09
C HIS B 405 3.04 44.57 46.90
N PRO B 406 1.75 44.24 46.91
CA PRO B 406 0.72 45.28 46.81
C PRO B 406 0.67 46.14 48.06
N VAL B 407 0.22 47.37 47.88
CA VAL B 407 0.05 48.34 48.97
C VAL B 407 -1.31 48.98 48.84
N SER B 408 -1.97 49.20 49.98
CA SER B 408 -3.22 49.94 50.05
C SER B 408 -3.01 51.24 50.80
N ASP B 409 -3.96 52.17 50.64
CA ASP B 409 -3.78 53.46 51.31
C ASP B 409 -4.13 53.38 52.78
N PRO B 410 -5.28 52.78 53.20
CA PRO B 410 -5.39 52.38 54.61
C PRO B 410 -4.72 51.03 54.81
N GLU B 411 -3.58 51.03 55.50
CA GLU B 411 -2.76 49.84 55.60
C GLU B 411 -3.46 48.74 56.38
N LEU B 412 -3.25 47.51 55.97
CA LEU B 412 -3.79 46.32 56.56
C LEU B 412 -2.69 45.49 57.21
N PRO B 413 -3.00 44.67 58.21
CA PRO B 413 -1.96 43.82 58.80
C PRO B 413 -1.48 42.76 57.80
N ASP B 414 -0.23 42.35 57.99
CA ASP B 414 0.47 41.47 57.07
C ASP B 414 0.08 40.01 57.31
N SER B 415 -0.78 39.76 58.31
CA SER B 415 -1.25 38.42 58.60
C SER B 415 -2.18 37.86 57.51
N ILE B 416 -2.60 38.68 56.54
CA ILE B 416 -3.50 38.23 55.49
C ILE B 416 -2.86 37.11 54.68
N THR B 417 -1.59 37.29 54.30
CA THR B 417 -0.93 36.32 53.44
C THR B 417 -0.42 35.09 54.18
N THR B 418 -0.47 35.10 55.52
CA THR B 418 -0.07 33.95 56.32
C THR B 418 -1.22 33.37 57.13
N HIS B 419 -2.44 33.87 56.92
CA HIS B 419 -3.60 33.33 57.61
C HIS B 419 -3.80 31.86 57.27
N PRO B 420 -4.12 31.01 58.26
CA PRO B 420 -4.22 29.57 57.99
C PRO B 420 -5.47 29.17 57.25
N MET B 421 -6.44 30.07 57.09
CA MET B 421 -7.76 29.70 56.60
C MET B 421 -7.80 29.50 55.09
N TRP B 422 -6.79 29.99 54.36
CA TRP B 422 -6.74 29.85 52.90
C TRP B 422 -6.72 28.39 52.44
N LYS B 423 -6.29 27.48 53.32
CA LYS B 423 -6.17 26.08 52.93
C LYS B 423 -7.52 25.47 52.62
N SER B 424 -8.57 25.89 53.34
CA SER B 424 -9.91 25.40 53.05
C SER B 424 -10.39 25.85 51.69
N TRP B 425 -10.06 27.08 51.29
CA TRP B 425 -10.43 27.56 49.96
C TRP B 425 -9.68 26.80 48.88
N ASP B 426 -8.41 26.48 49.15
CA ASP B 426 -7.66 25.63 48.22
C ASP B 426 -8.29 24.24 48.11
N LEU B 427 -8.77 23.70 49.23
CA LEU B 427 -9.41 22.39 49.18
C LEU B 427 -10.73 22.44 48.42
N ALA B 428 -11.48 23.53 48.57
CA ALA B 428 -12.72 23.70 47.81
C ALA B 428 -12.42 23.74 46.31
N MET B 429 -11.37 24.46 45.93
CA MET B 429 -10.89 24.42 44.54
C MET B 429 -10.57 23.00 44.11
N ASP B 430 -9.88 22.25 44.96
CA ASP B 430 -9.51 20.89 44.60
C ASP B 430 -10.75 20.03 44.36
N GLU B 431 -11.75 20.16 45.23
CA GLU B 431 -12.96 19.35 45.10
C GLU B 431 -13.71 19.68 43.82
N VAL B 432 -13.93 20.98 43.56
CA VAL B 432 -14.66 21.37 42.35
C VAL B 432 -13.90 20.96 41.11
N LEU B 433 -12.58 21.14 41.10
CA LEU B 433 -11.78 20.82 39.92
C LEU B 433 -11.72 19.32 39.68
N THR B 434 -11.70 18.50 40.73
CA THR B 434 -11.82 17.06 40.52
C THR B 434 -13.16 16.68 39.93
N LYS B 435 -14.24 17.35 40.36
CA LYS B 435 -15.54 17.10 39.75
C LYS B 435 -15.51 17.45 38.26
N ILE B 436 -14.90 18.59 37.92
CA ILE B 436 -14.85 19.02 36.53
C ILE B 436 -14.00 18.07 35.70
N VAL B 437 -12.87 17.60 36.23
CA VAL B 437 -12.02 16.70 35.45
C VAL B 437 -12.67 15.34 35.30
N ILE B 438 -13.47 14.89 36.29
CA ILE B 438 -14.23 13.66 36.11
C ILE B 438 -15.28 13.83 35.03
N ASP B 439 -15.96 14.98 35.01
CA ASP B 439 -16.96 15.24 33.98
C ASP B 439 -16.31 15.26 32.60
N LEU B 440 -15.14 15.89 32.48
CA LEU B 440 -14.45 15.94 31.19
C LEU B 440 -13.92 14.56 30.79
N LYS B 441 -13.55 13.74 31.76
CA LYS B 441 -13.15 12.36 31.46
C LYS B 441 -14.33 11.58 30.91
N ASN B 442 -15.52 11.75 31.49
CA ASN B 442 -16.70 11.06 31.00
C ASN B 442 -17.61 12.02 30.22
N PHE B 526 -20.98 19.83 44.48
CA PHE B 526 -20.58 21.03 45.22
C PHE B 526 -19.90 20.66 46.53
N THR B 527 -19.16 21.61 47.10
CA THR B 527 -18.33 21.34 48.25
C THR B 527 -19.16 21.13 49.51
N GLY B 528 -18.57 20.45 50.49
CA GLY B 528 -19.19 20.23 51.77
C GLY B 528 -18.71 21.22 52.80
N PHE B 529 -18.17 22.34 52.32
CA PHE B 529 -17.57 23.34 53.20
C PHE B 529 -18.60 23.94 54.15
N PHE B 530 -19.80 24.22 53.66
CA PHE B 530 -20.81 24.84 54.51
C PHE B 530 -21.23 23.91 55.63
N GLU B 531 -21.44 22.63 55.31
CA GLU B 531 -21.78 21.63 56.32
C GLU B 531 -20.65 21.48 57.33
N GLN B 532 -19.41 21.45 56.86
CA GLN B 532 -18.26 21.29 57.75
C GLN B 532 -18.15 22.47 58.70
N ASN B 533 -18.36 23.68 58.20
CA ASN B 533 -18.29 24.86 59.06
C ASN B 533 -19.45 24.92 60.02
N LEU B 534 -20.63 24.42 59.62
CA LEU B 534 -21.73 24.33 60.57
C LEU B 534 -21.42 23.36 61.70
N THR B 535 -20.80 22.22 61.39
CA THR B 535 -20.39 21.29 62.45
C THR B 535 -19.34 21.91 63.36
N ALA B 536 -18.38 22.63 62.78
CA ALA B 536 -17.36 23.29 63.58
C ALA B 536 -17.98 24.34 64.51
N PHE B 537 -18.94 25.10 64.01
CA PHE B 537 -19.62 26.07 64.85
C PHE B 537 -20.41 25.38 65.95
N GLU B 538 -20.97 24.20 65.67
CA GLU B 538 -21.68 23.46 66.71
C GLU B 538 -20.73 23.04 67.83
N LEU B 539 -19.54 22.52 67.47
CA LEU B 539 -18.57 22.17 68.51
C LEU B 539 -18.10 23.40 69.28
N TRP B 540 -17.94 24.54 68.60
CA TRP B 540 -17.54 25.73 69.34
C TRP B 540 -18.62 26.17 70.31
N LEU B 541 -19.89 26.06 69.91
CA LEU B 541 -20.98 26.40 70.82
C LEU B 541 -21.01 25.44 72.02
N LYS B 542 -20.75 24.16 71.76
CA LYS B 542 -20.88 23.17 72.83
C LYS B 542 -19.71 23.25 73.82
N TYR B 543 -18.48 23.07 73.33
CA TYR B 543 -17.34 22.79 74.20
C TYR B 543 -16.36 23.92 74.36
N ALA B 544 -16.40 24.95 73.53
CA ALA B 544 -15.41 26.02 73.58
C ALA B 544 -16.01 27.37 73.96
N SER B 545 -17.25 27.39 74.45
CA SER B 545 -17.92 28.64 74.77
C SER B 545 -17.48 29.24 76.11
N ASN B 546 -16.64 28.53 76.87
CA ASN B 546 -16.22 29.02 78.18
C ASN B 546 -15.38 30.29 78.10
N VAL B 547 -14.70 30.52 76.98
CA VAL B 547 -14.04 31.79 76.72
C VAL B 547 -14.91 32.61 75.79
N ARG B 548 -15.09 33.90 76.14
CA ARG B 548 -16.07 34.75 75.49
C ARG B 548 -15.46 35.59 74.36
N HIS B 549 -14.41 35.09 73.72
CA HIS B 549 -13.83 35.70 72.54
C HIS B 549 -14.70 35.41 71.32
N PRO B 550 -14.53 36.18 70.24
CA PRO B 550 -15.38 35.98 69.07
C PRO B 550 -15.23 34.58 68.50
N PRO B 551 -16.31 34.01 67.96
CA PRO B 551 -16.29 32.59 67.59
C PRO B 551 -15.50 32.26 66.34
N GLU B 552 -15.07 33.26 65.62
CA GLU B 552 -14.22 33.05 64.43
C GLU B 552 -14.84 32.15 63.39
N GLN B 553 -16.12 31.88 63.47
CA GLN B 553 -16.85 31.14 62.44
C GLN B 553 -18.22 31.76 62.14
N LEU B 554 -18.45 33.00 62.53
CA LEU B 554 -19.75 33.67 62.40
C LEU B 554 -20.07 34.16 61.00
N PRO B 555 -19.13 34.75 60.24
CA PRO B 555 -19.47 35.14 58.85
C PRO B 555 -19.92 33.99 57.98
N ILE B 556 -19.44 32.76 58.21
CA ILE B 556 -19.88 31.63 57.40
C ILE B 556 -21.36 31.33 57.66
N VAL B 557 -21.76 31.26 58.93
CA VAL B 557 -23.15 30.96 59.24
C VAL B 557 -24.06 32.13 58.89
N LEU B 558 -23.52 33.36 58.83
CA LEU B 558 -24.32 34.44 58.24
C LEU B 558 -24.45 34.28 56.73
N GLN B 559 -23.42 33.76 56.07
CA GLN B 559 -23.53 33.54 54.62
C GLN B 559 -24.50 32.42 54.30
N VAL B 560 -24.69 31.46 55.21
CA VAL B 560 -25.60 30.33 54.93
C VAL B 560 -27.02 30.82 54.72
N LEU B 561 -27.39 31.94 55.34
CA LEU B 561 -28.76 32.46 55.35
C LEU B 561 -29.25 32.93 54.00
N LEU B 562 -28.53 32.78 52.89
CA LEU B 562 -28.99 33.26 51.60
C LEU B 562 -29.61 32.17 50.73
N SER B 563 -29.72 30.94 51.23
CA SER B 563 -30.23 29.86 50.41
C SER B 563 -31.04 28.89 51.28
N GLN B 564 -32.01 28.24 50.67
CA GLN B 564 -32.88 27.29 51.37
C GLN B 564 -32.37 25.88 51.11
N VAL B 565 -31.20 25.59 51.69
CA VAL B 565 -30.72 24.22 51.73
C VAL B 565 -30.39 23.85 53.17
N HIS B 566 -30.00 24.85 53.98
CA HIS B 566 -29.78 24.64 55.41
C HIS B 566 -30.21 25.84 56.23
N ARG B 567 -31.25 26.56 55.79
CA ARG B 567 -31.63 27.79 56.50
C ARG B 567 -32.12 27.50 57.91
N ILE B 568 -32.92 26.44 58.07
CA ILE B 568 -33.46 26.11 59.39
C ILE B 568 -32.34 25.72 60.35
N ARG B 569 -31.39 24.90 59.88
CA ARG B 569 -30.31 24.43 60.75
C ARG B 569 -29.35 25.58 61.10
N ALA B 570 -28.99 26.40 60.12
CA ALA B 570 -28.14 27.54 60.40
C ALA B 570 -28.82 28.51 61.35
N LEU B 571 -30.13 28.70 61.19
CA LEU B 571 -30.86 29.62 62.05
C LEU B 571 -30.97 29.09 63.47
N VAL B 572 -31.15 27.78 63.66
CA VAL B 572 -31.22 27.27 65.02
C VAL B 572 -29.84 27.28 65.67
N LEU B 573 -28.77 27.06 64.90
CA LEU B 573 -27.43 27.25 65.47
C LEU B 573 -27.19 28.71 65.86
N LEU B 574 -27.66 29.64 65.04
CA LEU B 574 -27.53 31.06 65.36
C LEU B 574 -28.32 31.42 66.61
N SER B 575 -29.51 30.85 66.76
CA SER B 575 -30.29 31.09 67.98
C SER B 575 -29.61 30.50 69.20
N ARG B 576 -29.01 29.32 69.05
CA ARG B 576 -28.26 28.73 70.16
C ARG B 576 -27.08 29.60 70.55
N PHE B 577 -26.42 30.22 69.56
CA PHE B 577 -25.37 31.19 69.88
C PHE B 577 -25.93 32.41 70.58
N LEU B 578 -27.09 32.89 70.13
CA LEU B 578 -27.72 34.07 70.72
C LEU B 578 -28.23 33.81 72.13
N ASP B 579 -28.33 32.54 72.53
CA ASP B 579 -28.75 32.23 73.90
C ASP B 579 -27.77 32.77 74.94
N LEU B 580 -26.47 32.76 74.63
CA LEU B 580 -25.44 32.80 75.66
C LEU B 580 -25.48 34.09 76.49
N GLY B 581 -25.69 35.23 75.86
CA GLY B 581 -25.78 36.46 76.62
C GLY B 581 -25.71 37.72 75.78
N PRO B 582 -25.54 38.86 76.45
CA PRO B 582 -25.50 40.14 75.73
C PRO B 582 -24.24 40.34 74.92
N TRP B 583 -23.19 39.57 75.15
CA TRP B 583 -22.01 39.68 74.31
C TRP B 583 -22.24 39.04 72.94
N ALA B 584 -22.99 37.94 72.91
CA ALA B 584 -23.26 37.26 71.65
C ALA B 584 -24.10 38.14 70.72
N VAL B 585 -25.13 38.79 71.26
CA VAL B 585 -26.00 39.62 70.43
C VAL B 585 -25.24 40.84 69.92
N TYR B 586 -24.33 41.40 70.73
CA TYR B 586 -23.51 42.51 70.25
C TYR B 586 -22.55 42.08 69.15
N LEU B 587 -21.92 40.91 69.30
CA LEU B 587 -21.06 40.43 68.22
C LEU B 587 -21.86 40.14 66.96
N SER B 588 -23.11 39.72 67.10
CA SER B 588 -23.93 39.45 65.93
C SER B 588 -24.44 40.75 65.28
N LEU B 589 -24.65 41.79 66.07
CA LEU B 589 -25.10 43.06 65.52
C LEU B 589 -23.97 43.87 64.92
N SER B 590 -22.73 43.68 65.39
CA SER B 590 -21.60 44.32 64.75
C SER B 590 -21.40 43.80 63.33
N ILE B 591 -21.52 42.48 63.14
CA ILE B 591 -21.43 41.91 61.80
C ILE B 591 -22.72 42.12 61.01
N GLY B 592 -23.86 42.34 61.68
CA GLY B 592 -25.04 42.77 60.95
C GLY B 592 -26.03 41.71 60.50
N ILE B 593 -26.54 40.92 61.46
CA ILE B 593 -27.60 39.96 61.15
C ILE B 593 -28.95 40.64 60.96
N PHE B 594 -29.06 41.91 61.34
CA PHE B 594 -30.34 42.61 61.29
C PHE B 594 -30.96 42.69 59.90
N PRO B 595 -30.23 42.99 58.81
CA PRO B 595 -30.87 42.89 57.48
C PRO B 595 -31.38 41.50 57.16
N TYR B 596 -30.66 40.45 57.56
CA TYR B 596 -31.11 39.10 57.26
C TYR B 596 -32.39 38.75 58.02
N VAL B 597 -32.45 39.10 59.30
CA VAL B 597 -33.66 38.78 60.06
C VAL B 597 -34.81 39.71 59.69
N LEU B 598 -34.54 40.86 59.10
CA LEU B 598 -35.63 41.66 58.53
C LEU B 598 -36.14 41.04 57.25
N LYS B 599 -35.23 40.55 56.40
CA LYS B 599 -35.63 40.01 55.11
C LYS B 599 -36.36 38.68 55.25
N LEU B 600 -35.99 37.87 56.24
CA LEU B 600 -36.63 36.57 56.41
C LEU B 600 -38.07 36.66 56.89
N LEU B 601 -38.54 37.84 57.30
CA LEU B 601 -39.91 37.98 57.75
C LEU B 601 -40.90 37.77 56.62
N GLN B 602 -40.56 38.22 55.41
CA GLN B 602 -41.51 38.17 54.31
C GLN B 602 -41.72 36.75 53.77
N SER B 603 -40.82 35.82 54.05
CA SER B 603 -40.96 34.46 53.56
C SER B 603 -41.83 33.67 54.52
N PRO B 604 -43.02 33.22 54.12
CA PRO B 604 -43.90 32.53 55.06
C PRO B 604 -43.67 31.03 55.11
N ALA B 605 -43.45 30.51 56.31
CA ALA B 605 -43.30 29.09 56.55
C ALA B 605 -43.53 28.81 58.03
N PRO B 606 -44.35 27.81 58.38
CA PRO B 606 -44.54 27.49 59.80
C PRO B 606 -43.28 27.00 60.47
N GLU B 607 -42.33 26.44 59.74
CA GLU B 607 -41.11 25.91 60.36
C GLU B 607 -40.19 27.03 60.83
N LEU B 608 -40.12 28.14 60.09
CA LEU B 608 -39.29 29.26 60.51
C LEU B 608 -39.94 30.13 61.57
N LYS B 609 -41.25 29.97 61.80
CA LYS B 609 -41.98 30.91 62.65
C LYS B 609 -41.46 30.98 64.08
N PRO B 610 -41.43 29.88 64.87
CA PRO B 610 -40.97 30.03 66.26
C PRO B 610 -39.52 30.44 66.37
N ILE B 611 -38.68 30.04 65.41
CA ILE B 611 -37.28 30.43 65.44
C ILE B 611 -37.13 31.93 65.25
N LEU B 612 -37.88 32.50 64.30
CA LEU B 612 -37.86 33.94 64.13
C LEU B 612 -38.39 34.66 65.37
N VAL B 613 -39.46 34.14 65.99
CA VAL B 613 -39.98 34.81 67.18
C VAL B 613 -38.95 34.79 68.31
N PHE B 614 -38.28 33.66 68.51
CA PHE B 614 -37.27 33.58 69.56
C PHE B 614 -36.08 34.48 69.29
N ILE B 615 -35.56 34.45 68.06
CA ILE B 615 -34.41 35.27 67.70
C ILE B 615 -34.75 36.75 67.81
N TRP B 616 -35.97 37.11 67.41
CA TRP B 616 -36.37 38.51 67.47
C TRP B 616 -36.57 38.97 68.91
N ALA B 617 -37.09 38.09 69.77
CA ALA B 617 -37.19 38.42 71.19
C ALA B 617 -35.82 38.65 71.80
N ARG B 618 -34.86 37.78 71.45
CA ARG B 618 -33.51 37.94 71.96
C ARG B 618 -32.87 39.23 71.46
N ILE B 619 -33.09 39.57 70.19
CA ILE B 619 -32.41 40.73 69.62
C ILE B 619 -33.07 42.03 70.09
N MET B 620 -34.36 41.99 70.44
CA MET B 620 -35.03 43.20 70.90
C MET B 620 -34.98 43.37 72.41
N SER B 621 -34.61 42.33 73.16
CA SER B 621 -34.46 42.48 74.60
C SER B 621 -33.25 43.31 75.00
N ILE B 622 -32.36 43.63 74.07
CA ILE B 622 -31.06 44.23 74.38
C ILE B 622 -31.05 45.71 74.04
N ASP B 623 -31.24 46.04 72.76
CA ASP B 623 -31.26 47.43 72.30
C ASP B 623 -32.55 47.63 71.51
N TYR B 624 -33.62 47.93 72.22
CA TYR B 624 -34.92 48.21 71.62
C TYR B 624 -35.03 49.64 71.10
N LYS B 625 -34.11 50.53 71.51
CA LYS B 625 -34.16 51.92 71.06
C LYS B 625 -33.98 52.03 69.56
N ASN B 626 -32.95 51.38 69.04
CA ASN B 626 -32.61 51.49 67.63
C ASN B 626 -33.26 50.43 66.76
N THR B 627 -33.92 49.43 67.34
CA THR B 627 -34.70 48.47 66.57
C THR B 627 -36.13 48.49 67.05
N GLN B 628 -36.87 49.51 66.62
CA GLN B 628 -38.32 49.49 66.60
C GLN B 628 -38.91 50.19 65.39
N SER B 629 -38.14 51.00 64.67
CA SER B 629 -38.60 51.71 63.50
C SER B 629 -38.39 50.92 62.21
N GLU B 630 -37.67 49.81 62.28
CA GLU B 630 -37.46 48.95 61.11
C GLU B 630 -38.51 47.86 61.01
N LEU B 631 -39.49 47.86 61.90
CA LEU B 631 -40.55 46.85 61.90
C LEU B 631 -41.84 47.37 61.27
N ILE B 632 -41.88 48.63 60.87
CA ILE B 632 -43.06 49.25 60.29
C ILE B 632 -42.92 49.46 58.79
N LYS B 633 -41.80 49.05 58.19
CA LYS B 633 -41.50 49.43 56.81
C LYS B 633 -42.46 48.76 55.83
N GLU B 634 -42.66 47.46 55.96
CA GLU B 634 -43.54 46.72 55.07
C GLU B 634 -44.41 45.78 55.89
N LYS B 635 -45.05 46.35 56.92
CA LYS B 635 -45.93 45.64 57.85
C LYS B 635 -45.23 44.46 58.49
N GLY B 636 -44.10 44.76 59.15
CA GLY B 636 -43.33 43.72 59.81
C GLY B 636 -43.93 43.23 61.11
N TYR B 637 -44.90 43.96 61.67
CA TYR B 637 -45.62 43.50 62.84
C TYR B 637 -46.68 42.46 62.51
N MET B 638 -46.96 42.27 61.21
CA MET B 638 -47.92 41.26 60.81
C MET B 638 -47.46 39.87 61.24
N TYR B 639 -46.15 39.63 61.19
CA TYR B 639 -45.60 38.34 61.60
C TYR B 639 -45.88 38.07 63.07
N PHE B 640 -45.57 39.04 63.93
CA PHE B 640 -45.74 38.89 65.37
C PHE B 640 -47.21 38.99 65.79
N VAL B 641 -48.09 39.46 64.92
CA VAL B 641 -49.51 39.44 65.28
C VAL B 641 -50.22 38.21 64.72
N THR B 642 -49.71 37.58 63.67
CA THR B 642 -50.29 36.32 63.22
C THR B 642 -49.70 35.12 63.95
N VAL B 643 -48.54 35.28 64.58
CA VAL B 643 -48.06 34.22 65.45
C VAL B 643 -48.85 34.18 66.76
N LEU B 644 -49.47 35.30 67.15
CA LEU B 644 -50.32 35.33 68.33
C LEU B 644 -51.78 35.03 67.99
N VAL B 645 -52.33 35.74 67.00
CA VAL B 645 -53.73 35.63 66.60
C VAL B 645 -53.75 35.05 65.19
N PRO B 646 -54.17 33.79 65.01
CA PRO B 646 -54.20 33.20 63.67
C PRO B 646 -55.49 33.52 62.91
N THR B 708 -47.84 25.21 67.77
CA THR B 708 -47.30 26.24 68.63
C THR B 708 -47.52 25.92 70.10
N THR B 709 -46.72 26.54 70.96
CA THR B 709 -46.86 26.43 72.41
C THR B 709 -47.16 27.81 72.98
N ASP B 710 -47.19 27.89 74.31
CA ASP B 710 -47.45 29.15 74.99
C ASP B 710 -46.18 29.95 75.23
N GLU B 711 -45.03 29.29 75.27
CA GLU B 711 -43.76 29.99 75.39
C GLU B 711 -43.50 30.85 74.16
N GLN B 712 -43.84 30.34 72.97
CA GLN B 712 -43.71 31.12 71.75
C GLN B 712 -44.58 32.36 71.78
N LYS B 713 -45.81 32.22 72.28
CA LYS B 713 -46.70 33.37 72.42
C LYS B 713 -46.16 34.37 73.43
N ALA B 714 -45.47 33.89 74.46
CA ALA B 714 -44.81 34.80 75.39
C ALA B 714 -43.70 35.60 74.71
N MET B 715 -42.91 34.93 73.85
CA MET B 715 -41.91 35.64 73.06
C MET B 715 -42.58 36.70 72.19
N ALA B 716 -43.71 36.35 71.57
CA ALA B 716 -44.39 37.26 70.67
C ALA B 716 -44.91 38.49 71.39
N VAL B 717 -45.55 38.30 72.56
CA VAL B 717 -46.07 39.46 73.27
C VAL B 717 -44.94 40.32 73.82
N PHE B 718 -43.79 39.72 74.16
CA PHE B 718 -42.65 40.55 74.55
C PHE B 718 -42.14 41.38 73.38
N VAL B 719 -42.10 40.79 72.18
CA VAL B 719 -41.66 41.54 71.00
C VAL B 719 -42.60 42.70 70.74
N LEU B 720 -43.91 42.46 70.87
CA LEU B 720 -44.88 43.53 70.67
C LEU B 720 -44.73 44.62 71.72
N ALA B 721 -44.50 44.25 72.98
CA ALA B 721 -44.35 45.25 74.04
C ALA B 721 -43.10 46.10 73.82
N SER B 722 -42.00 45.48 73.36
CA SER B 722 -40.82 46.25 73.03
C SER B 722 -41.05 47.15 71.83
N PHE B 723 -41.90 46.72 70.89
CA PHE B 723 -42.26 47.58 69.76
C PHE B 723 -43.09 48.77 70.21
N VAL B 724 -43.93 48.59 71.23
CA VAL B 724 -44.84 49.65 71.67
C VAL B 724 -44.18 50.63 72.65
N ARG B 725 -43.12 50.22 73.36
CA ARG B 725 -42.53 51.05 74.41
C ARG B 725 -42.07 52.41 73.88
N ASN B 726 -42.74 53.47 74.35
CA ASN B 726 -42.40 54.87 74.05
C ASN B 726 -42.42 55.15 72.55
N PHE B 727 -43.33 54.50 71.82
CA PHE B 727 -43.40 54.61 70.37
C PHE B 727 -44.86 54.81 69.97
N PRO B 728 -45.34 56.05 70.05
CA PRO B 728 -46.78 56.31 69.82
C PRO B 728 -47.25 55.97 68.42
N LEU B 729 -46.36 55.94 67.43
CA LEU B 729 -46.75 55.43 66.12
C LEU B 729 -46.99 53.92 66.18
N GLY B 730 -46.16 53.21 66.95
CA GLY B 730 -46.36 51.79 67.12
C GLY B 730 -47.64 51.47 67.85
N GLN B 731 -48.05 52.32 68.79
CA GLN B 731 -49.34 52.12 69.43
C GLN B 731 -50.48 52.15 68.41
N LYS B 732 -50.45 53.13 67.50
CA LYS B 732 -51.47 53.23 66.46
C LYS B 732 -51.43 52.02 65.53
N ASN B 733 -50.24 51.60 65.12
CA ASN B 733 -50.14 50.48 64.20
C ASN B 733 -50.44 49.13 64.86
N CYS B 734 -50.36 49.04 66.18
CA CYS B 734 -50.50 47.75 66.84
C CYS B 734 -51.84 47.54 67.53
N PHE B 735 -52.54 48.61 67.93
CA PHE B 735 -53.76 48.44 68.71
C PHE B 735 -54.88 47.94 67.82
N SER B 736 -55.15 46.63 67.89
CA SER B 736 -56.28 46.01 67.21
C SER B 736 -57.20 45.38 68.24
N LEU B 737 -58.51 45.52 68.01
CA LEU B 737 -59.49 44.96 68.93
C LEU B 737 -59.42 43.44 68.98
N GLU B 738 -59.13 42.80 67.86
CA GLU B 738 -58.93 41.37 67.86
C GLU B 738 -57.74 40.99 68.72
N LEU B 739 -56.66 41.77 68.65
CA LEU B 739 -55.49 41.52 69.47
C LEU B 739 -55.79 41.69 70.96
N VAL B 740 -56.53 42.74 71.33
CA VAL B 740 -56.80 42.92 72.75
C VAL B 740 -57.79 41.86 73.25
N ASN B 741 -58.71 41.39 72.40
CA ASN B 741 -59.60 40.31 72.81
C ASN B 741 -58.85 39.02 73.01
N LYS B 742 -57.91 38.71 72.12
CA LYS B 742 -57.09 37.52 72.30
C LYS B 742 -56.21 37.64 73.54
N LEU B 743 -55.73 38.85 73.83
CA LEU B 743 -54.96 39.08 75.04
C LEU B 743 -55.80 38.81 76.28
N CYS B 744 -57.04 39.30 76.29
CA CYS B 744 -57.94 39.04 77.42
C CYS B 744 -58.21 37.55 77.55
N PHE B 745 -58.38 36.85 76.44
CA PHE B 745 -58.57 35.40 76.50
C PHE B 745 -57.35 34.71 77.10
N TYR B 746 -56.16 35.14 76.70
CA TYR B 746 -54.94 34.51 77.21
C TYR B 746 -54.77 34.74 78.71
N ILE B 747 -55.03 35.96 79.18
CA ILE B 747 -54.89 36.21 80.62
C ILE B 747 -56.01 35.53 81.40
N ASP B 748 -57.18 35.32 80.77
CA ASP B 748 -58.24 34.56 81.45
C ASP B 748 -57.86 33.10 81.61
N ASN B 749 -57.33 32.47 80.57
CA ASN B 749 -56.87 31.09 80.76
C ASN B 749 -55.63 30.83 79.89
N SER B 750 -54.46 31.05 80.47
CA SER B 750 -53.20 30.51 79.99
C SER B 750 -52.39 30.09 81.20
N GLU B 751 -51.80 28.89 81.15
CA GLU B 751 -51.25 28.28 82.36
C GLU B 751 -49.94 28.94 82.79
N ILE B 752 -49.05 29.22 81.85
CA ILE B 752 -47.70 29.68 82.18
C ILE B 752 -47.75 31.12 82.70
N PRO B 753 -47.14 31.41 83.85
CA PRO B 753 -47.22 32.77 84.41
C PRO B 753 -46.46 33.82 83.62
N LEU B 754 -45.49 33.44 82.78
CA LEU B 754 -44.73 34.42 82.02
C LEU B 754 -45.63 35.20 81.05
N LEU B 755 -46.51 34.48 80.34
CA LEU B 755 -47.43 35.15 79.43
C LEU B 755 -48.48 35.94 80.19
N ARG B 756 -48.93 35.43 81.33
CA ARG B 756 -49.87 36.17 82.17
C ARG B 756 -49.24 37.44 82.73
N GLN B 757 -47.91 37.48 82.80
CA GLN B 757 -47.20 38.72 83.11
C GLN B 757 -47.13 39.65 81.91
N TRP B 758 -46.71 39.11 80.76
CA TRP B 758 -46.38 39.97 79.63
C TRP B 758 -47.62 40.52 78.94
N CYS B 759 -48.76 39.82 79.03
CA CYS B 759 -49.99 40.37 78.49
C CYS B 759 -50.46 41.58 79.28
N VAL B 760 -50.36 41.50 80.61
CA VAL B 760 -50.69 42.64 81.45
C VAL B 760 -49.71 43.78 81.20
N ILE B 761 -48.44 43.44 80.97
CA ILE B 761 -47.46 44.46 80.62
C ILE B 761 -47.82 45.14 79.30
N LEU B 762 -48.27 44.36 78.32
CA LEU B 762 -48.63 44.93 77.02
C LEU B 762 -49.82 45.88 77.13
N LEU B 763 -50.84 45.51 77.91
CA LEU B 763 -51.94 46.47 78.09
C LEU B 763 -51.51 47.68 78.90
N GLY B 764 -50.64 47.50 79.90
CA GLY B 764 -50.14 48.65 80.63
C GLY B 764 -49.36 49.61 79.73
N LEU B 765 -48.62 49.06 78.77
CA LEU B 765 -47.90 49.91 77.84
C LEU B 765 -48.82 50.55 76.81
N LEU B 766 -49.90 49.85 76.43
CA LEU B 766 -50.87 50.44 75.53
C LEU B 766 -51.71 51.52 76.21
N PHE B 767 -51.78 51.49 77.54
CA PHE B 767 -52.48 52.51 78.32
C PHE B 767 -51.61 53.73 78.61
N ALA B 768 -50.52 53.93 77.87
CA ALA B 768 -49.51 54.92 78.25
C ALA B 768 -50.05 56.33 78.27
N ASP B 769 -50.35 56.89 77.10
CA ASP B 769 -51.07 58.15 76.94
C ASP B 769 -51.82 58.04 75.61
N ASN B 770 -53.06 57.59 75.68
CA ASN B 770 -53.86 57.41 74.48
C ASN B 770 -55.32 57.37 74.89
N PRO B 771 -56.02 58.50 74.94
CA PRO B 771 -57.41 58.49 75.39
C PRO B 771 -58.34 57.63 74.55
N LEU B 772 -58.07 57.51 73.25
CA LEU B 772 -58.86 56.58 72.43
C LEU B 772 -58.71 55.15 72.92
N ASN B 773 -57.47 54.74 73.22
CA ASN B 773 -57.25 53.41 73.77
C ASN B 773 -57.88 53.28 75.16
N ARG B 774 -57.77 54.31 75.99
CA ARG B 774 -58.31 54.26 77.33
C ARG B 774 -59.83 54.25 77.34
N PHE B 775 -60.47 54.64 76.25
CA PHE B 775 -61.92 54.50 76.10
C PHE B 775 -62.30 53.15 75.50
N VAL B 776 -61.56 52.70 74.48
CA VAL B 776 -61.88 51.45 73.80
C VAL B 776 -61.69 50.27 74.74
N CYS B 777 -60.68 50.34 75.62
CA CYS B 777 -60.45 49.25 76.56
C CYS B 777 -61.59 49.11 77.55
N MET B 778 -62.09 50.23 78.08
CA MET B 778 -63.24 50.18 78.98
C MET B 778 -64.46 49.66 78.24
N ASN B 779 -64.67 50.10 77.00
CA ASN B 779 -65.84 49.67 76.25
C ASN B 779 -65.79 48.17 75.92
N THR B 780 -64.60 47.63 75.68
CA THR B 780 -64.48 46.20 75.37
C THR B 780 -64.30 45.35 76.62
N GLY B 781 -64.11 45.95 77.78
CA GLY B 781 -64.08 45.20 79.01
C GLY B 781 -62.73 44.63 79.39
N ALA B 782 -61.64 45.15 78.85
CA ALA B 782 -60.32 44.70 79.28
C ALA B 782 -60.00 45.20 80.68
N VAL B 783 -60.62 46.30 81.10
CA VAL B 783 -60.33 46.86 82.41
C VAL B 783 -60.79 45.93 83.53
N GLU B 784 -61.98 45.34 83.40
CA GLU B 784 -62.44 44.45 84.47
C GLU B 784 -61.68 43.14 84.47
N ILE B 785 -61.23 42.66 83.31
CA ILE B 785 -60.38 41.47 83.27
C ILE B 785 -59.05 41.73 83.95
N LEU B 786 -58.44 42.89 83.65
CA LEU B 786 -57.19 43.27 84.26
C LEU B 786 -57.35 43.75 85.69
N LEU B 787 -58.58 43.91 86.16
CA LEU B 787 -58.87 44.09 87.57
C LEU B 787 -59.03 42.77 88.30
N LYS B 788 -59.71 41.80 87.67
CA LYS B 788 -59.85 40.47 88.26
C LYS B 788 -58.51 39.75 88.32
N SER B 789 -57.60 40.07 87.39
CA SER B 789 -56.26 39.48 87.44
C SER B 789 -55.42 39.97 88.61
N LEU B 790 -55.94 40.86 89.45
CA LEU B 790 -55.24 41.22 90.68
C LEU B 790 -55.13 40.04 91.63
N LYS B 791 -56.17 39.20 91.67
CA LYS B 791 -56.17 37.97 92.47
C LYS B 791 -55.63 36.84 91.61
N ASP B 792 -54.32 36.63 91.68
CA ASP B 792 -53.66 35.54 90.98
C ASP B 792 -52.57 35.02 91.91
N PRO B 793 -52.25 33.71 91.84
CA PRO B 793 -51.27 33.14 92.78
C PRO B 793 -49.90 33.80 92.81
N VAL B 794 -49.21 33.85 91.67
CA VAL B 794 -47.84 34.39 91.64
C VAL B 794 -47.87 35.90 91.87
N PRO B 795 -46.90 36.46 92.61
CA PRO B 795 -46.97 37.90 92.93
C PRO B 795 -46.50 38.80 91.80
N GLU B 796 -45.76 38.26 90.84
CA GLU B 796 -45.21 39.07 89.77
C GLU B 796 -46.28 39.52 88.77
N VAL B 797 -47.29 38.70 88.51
CA VAL B 797 -48.42 39.19 87.71
C VAL B 797 -49.23 40.21 88.49
N ARG B 798 -49.27 40.10 89.83
CA ARG B 798 -49.96 41.11 90.63
C ARG B 798 -49.26 42.46 90.55
N THR B 799 -47.93 42.45 90.61
CA THR B 799 -47.16 43.67 90.45
C THR B 799 -47.34 44.24 89.03
N ALA B 800 -47.41 43.36 88.02
CA ALA B 800 -47.70 43.83 86.67
C ALA B 800 -49.09 44.46 86.58
N SER B 801 -50.06 43.89 87.29
CA SER B 801 -51.40 44.46 87.29
C SER B 801 -51.40 45.85 87.90
N ILE B 802 -50.68 46.04 89.01
CA ILE B 802 -50.60 47.37 89.61
C ILE B 802 -49.88 48.33 88.67
N PHE B 803 -48.89 47.84 87.93
CA PHE B 803 -48.20 48.69 86.94
C PHE B 803 -49.16 49.13 85.84
N ALA B 804 -50.01 48.22 85.36
CA ALA B 804 -50.97 48.56 84.33
C ALA B 804 -51.99 49.58 84.83
N LEU B 805 -52.52 49.40 86.05
CA LEU B 805 -53.42 50.43 86.55
C LEU B 805 -52.70 51.74 86.86
N LYS B 806 -51.39 51.68 87.11
CA LYS B 806 -50.62 52.92 87.26
C LYS B 806 -50.55 53.67 85.95
N HIS B 807 -50.41 52.95 84.83
CA HIS B 807 -50.53 53.60 83.53
C HIS B 807 -51.97 54.02 83.22
N PHE B 808 -52.97 53.40 83.85
CA PHE B 808 -54.36 53.72 83.55
C PHE B 808 -54.80 55.09 84.14
N ILE B 809 -53.89 55.87 84.71
CA ILE B 809 -54.22 57.25 85.05
C ILE B 809 -54.57 58.02 83.78
N SER B 810 -55.62 58.83 83.85
CA SER B 810 -56.33 59.36 82.69
C SER B 810 -55.46 60.14 81.71
N GLY B 811 -54.87 61.24 82.16
CA GLY B 811 -54.07 62.09 81.30
C GLY B 811 -54.23 63.56 81.62
N PHE B 812 -53.11 64.27 81.78
CA PHE B 812 -53.14 65.66 82.19
C PHE B 812 -53.17 66.63 81.01
N GLN B 813 -52.60 66.22 79.87
CA GLN B 813 -52.58 67.04 78.67
C GLN B 813 -53.73 66.72 77.74
N ASP B 814 -54.88 66.30 78.29
CA ASP B 814 -55.88 65.57 77.51
C ASP B 814 -56.57 66.43 76.47
N ALA B 815 -56.98 67.65 76.84
CA ALA B 815 -57.79 68.49 75.97
C ALA B 815 -57.06 68.88 74.69
N GLU B 816 -55.74 68.78 74.67
CA GLU B 816 -54.96 69.00 73.46
C GLU B 816 -54.33 67.75 72.87
N VAL B 817 -54.13 66.69 73.66
CA VAL B 817 -53.67 65.45 73.02
C VAL B 817 -54.80 64.83 72.23
N ILE B 818 -56.05 65.15 72.56
CA ILE B 818 -57.16 64.64 71.76
C ILE B 818 -57.15 65.28 70.37
N LEU B 819 -56.86 66.57 70.27
CA LEU B 819 -56.74 67.21 68.96
C LEU B 819 -55.48 66.75 68.24
N ARG B 820 -54.38 66.61 68.99
CA ARG B 820 -53.14 66.09 68.43
C ARG B 820 -53.32 64.65 67.95
N LEU B 821 -54.34 63.98 68.45
CA LEU B 821 -54.67 62.66 67.97
C LEU B 821 -55.59 62.72 66.75
N GLN B 822 -56.39 63.80 66.75
CA GLN B 822 -57.47 64.08 65.77
C GLN B 822 -56.95 64.63 64.46
N GLN B 823 -55.69 65.00 64.43
CA GLN B 823 -55.06 65.55 63.23
C GLN B 823 -54.48 64.46 62.34
N GLU B 824 -53.73 63.52 62.90
CA GLU B 824 -53.11 62.49 62.08
C GLU B 824 -54.07 61.42 61.58
N PHE B 825 -55.16 61.11 62.29
CA PHE B 825 -56.18 60.28 61.65
C PHE B 825 -56.85 61.01 60.49
N GLU B 826 -57.06 62.32 60.60
CA GLU B 826 -57.57 63.07 59.45
C GLU B 826 -56.61 63.00 58.28
N GLU B 827 -55.32 63.22 58.55
CA GLU B 827 -54.31 63.21 57.51
C GLU B 827 -54.15 61.81 56.89
N GLN B 828 -54.19 60.77 57.72
CA GLN B 828 -54.09 59.41 57.22
C GLN B 828 -55.30 59.05 56.37
N TYR B 829 -56.49 59.49 56.78
CA TYR B 829 -57.68 59.27 55.97
C TYR B 829 -57.55 59.93 54.61
N GLN B 830 -57.07 61.18 54.59
CA GLN B 830 -56.89 61.88 53.32
C GLN B 830 -55.85 61.19 52.44
N GLN B 831 -54.73 60.76 53.04
CA GLN B 831 -53.67 60.13 52.25
C GLN B 831 -54.09 58.78 51.70
N LEU B 832 -54.76 57.97 52.52
CA LEU B 832 -55.26 56.69 52.04
C LEU B 832 -56.34 56.86 50.99
N HIS B 833 -57.19 57.87 51.14
CA HIS B 833 -58.16 58.19 50.10
C HIS B 833 -57.46 58.52 48.79
N SER B 834 -56.44 59.39 48.85
CA SER B 834 -55.73 59.80 47.65
C SER B 834 -55.06 58.61 46.97
N GLN B 835 -54.46 57.72 47.77
CA GLN B 835 -53.93 56.48 47.23
C GLN B 835 -55.03 55.63 46.60
N LEU B 836 -56.25 55.70 47.16
CA LEU B 836 -57.36 54.93 46.59
C LEU B 836 -57.73 55.43 45.20
N GLN B 837 -57.91 56.75 45.02
CA GLN B 837 -58.26 57.13 43.64
C GLN B 837 -57.05 57.08 42.72
N HIS B 838 -55.83 57.15 43.26
CA HIS B 838 -54.66 56.90 42.42
C HIS B 838 -54.67 55.48 41.88
N LEU B 839 -54.99 54.51 42.73
CA LEU B 839 -55.12 53.13 42.29
C LEU B 839 -56.28 52.97 41.31
N GLN B 840 -57.37 53.69 41.55
CA GLN B 840 -58.52 53.62 40.64
C GLN B 840 -58.17 54.16 39.26
N ASN B 841 -57.45 55.28 39.20
CA ASN B 841 -57.01 55.82 37.92
C ASN B 841 -55.99 54.91 37.24
N GLN B 842 -55.13 54.25 38.03
CA GLN B 842 -54.22 53.27 37.45
C GLN B 842 -54.96 52.09 36.87
N SER B 843 -55.99 51.61 37.56
CA SER B 843 -56.78 50.47 37.07
C SER B 843 -57.69 50.86 35.92
N HIS B 844 -58.00 52.14 35.76
CA HIS B 844 -58.77 52.61 34.60
C HIS B 844 -57.83 52.88 33.42
N LEU B 845 -57.06 51.87 33.05
CA LEU B 845 -56.10 51.96 31.97
C LEU B 845 -56.59 51.32 30.67
N GLN B 846 -57.85 50.87 30.66
CA GLN B 846 -58.46 50.20 29.50
C GLN B 846 -57.66 48.96 29.08
N GLN B 847 -57.18 48.21 30.06
CA GLN B 847 -56.46 46.96 29.82
C GLN B 847 -56.92 45.94 30.84
N GLN B 848 -57.41 44.79 30.36
CA GLN B 848 -57.94 43.77 31.26
C GLN B 848 -56.82 43.16 32.12
N GLN B 849 -55.75 42.71 31.47
CA GLN B 849 -54.59 42.09 32.13
C GLN B 849 -55.04 40.92 33.01
N SER B 850 -55.56 39.89 32.34
CA SER B 850 -56.13 38.74 33.04
C SER B 850 -55.06 37.93 33.77
N GLN B 851 -55.40 37.48 34.98
CA GLN B 851 -54.52 36.70 35.85
C GLN B 851 -53.19 37.41 36.09
N GLN B 852 -53.27 38.68 36.45
CA GLN B 852 -52.10 39.55 36.43
C GLN B 852 -52.23 40.61 37.52
N GLN B 853 -51.48 41.71 37.33
CA GLN B 853 -51.42 42.78 38.31
C GLN B 853 -52.79 43.35 38.63
N GLN B 854 -53.74 43.31 37.69
CA GLN B 854 -55.10 43.73 38.02
C GLN B 854 -55.74 42.79 39.04
N GLN B 855 -55.56 41.48 38.85
CA GLN B 855 -56.07 40.51 39.82
C GLN B 855 -55.33 40.57 41.14
N HIS B 856 -54.14 41.17 41.17
CA HIS B 856 -53.54 41.52 42.46
C HIS B 856 -54.16 42.81 43.02
N LEU B 857 -54.45 43.77 42.14
CA LEU B 857 -54.97 45.06 42.55
C LEU B 857 -56.34 44.93 43.19
N GLU B 858 -57.08 43.87 42.84
CA GLU B 858 -58.39 43.66 43.47
C GLU B 858 -58.26 43.50 45.00
N GLN B 859 -57.44 42.55 45.45
CA GLN B 859 -57.27 42.42 46.89
C GLN B 859 -56.47 43.57 47.48
N GLN B 860 -55.57 44.18 46.70
CA GLN B 860 -54.87 45.36 47.20
C GLN B 860 -55.86 46.48 47.54
N GLN B 861 -56.80 46.77 46.64
CA GLN B 861 -57.74 47.84 46.90
C GLN B 861 -58.75 47.47 47.98
N MET B 862 -59.18 46.21 48.05
CA MET B 862 -60.13 45.89 49.12
C MET B 862 -59.46 45.95 50.49
N LYS B 863 -58.18 45.58 50.58
CA LYS B 863 -57.43 45.82 51.80
C LYS B 863 -57.33 47.32 52.08
N ILE B 864 -57.24 48.13 51.02
CA ILE B 864 -57.20 49.58 51.21
C ILE B 864 -58.48 50.08 51.87
N GLU B 865 -59.67 49.69 51.36
CA GLU B 865 -60.83 50.26 52.05
C GLU B 865 -61.12 49.54 53.37
N LYS B 866 -60.57 48.34 53.61
CA LYS B 866 -60.67 47.81 54.97
C LYS B 866 -59.86 48.66 55.95
N GLN B 867 -58.66 49.10 55.54
CA GLN B 867 -57.91 50.03 56.38
C GLN B 867 -58.66 51.34 56.55
N ILE B 868 -59.29 51.82 55.48
CA ILE B 868 -60.09 53.04 55.56
C ILE B 868 -61.23 52.89 56.56
N ARG B 869 -61.98 51.80 56.45
CA ARG B 869 -63.13 51.59 57.33
C ARG B 869 -62.69 51.43 58.78
N HIS B 870 -61.52 50.83 59.03
CA HIS B 870 -60.95 50.86 60.36
C HIS B 870 -60.70 52.29 60.80
N CYS B 871 -60.20 53.12 59.89
CA CYS B 871 -59.90 54.51 60.23
C CYS B 871 -61.15 55.27 60.65
N GLN B 872 -62.25 55.13 59.91
CA GLN B 872 -63.43 55.85 60.38
C GLN B 872 -64.12 55.15 61.54
N VAL B 873 -63.84 53.86 61.81
CA VAL B 873 -64.32 53.26 63.05
C VAL B 873 -63.67 53.96 64.24
N MET B 874 -62.34 54.11 64.21
CA MET B 874 -61.69 54.87 65.28
C MET B 874 -62.18 56.31 65.31
N GLN B 875 -62.37 56.92 64.13
CA GLN B 875 -62.82 58.31 64.07
C GLN B 875 -64.21 58.48 64.71
N ASN B 876 -65.12 57.56 64.44
CA ASN B 876 -66.43 57.60 65.06
C ASN B 876 -66.38 57.27 66.54
N GLN B 877 -65.32 56.58 67.00
CA GLN B 877 -65.15 56.43 68.45
C GLN B 877 -64.51 57.66 69.10
N LEU B 878 -63.85 58.52 68.31
CA LEU B 878 -63.11 59.63 68.91
C LEU B 878 -64.01 60.65 69.58
N GLU B 879 -65.06 61.10 68.88
CA GLU B 879 -65.80 62.28 69.31
C GLU B 879 -66.58 62.08 70.62
N VAL B 880 -66.72 60.84 71.09
CA VAL B 880 -67.27 60.57 72.41
C VAL B 880 -66.13 59.97 73.23
N ILE B 881 -65.61 60.73 74.19
CA ILE B 881 -64.48 60.31 75.00
C ILE B 881 -64.81 60.29 76.49
N ASP B 882 -65.45 61.36 76.99
CA ASP B 882 -66.02 61.47 78.33
C ASP B 882 -64.95 61.22 79.41
N LEU B 883 -64.04 62.21 79.49
CA LEU B 883 -63.04 62.27 80.56
C LEU B 883 -63.68 62.09 81.93
N ARG B 884 -64.94 62.51 82.08
CA ARG B 884 -65.69 62.23 83.30
C ARG B 884 -65.79 60.73 83.58
N LYS B 885 -66.14 59.94 82.57
CA LYS B 885 -66.22 58.50 82.75
C LYS B 885 -64.86 57.90 83.00
N LEU B 886 -63.82 58.45 82.35
CA LEU B 886 -62.45 57.97 82.64
C LEU B 886 -62.08 58.20 84.10
N LYS B 887 -62.42 59.38 84.62
CA LYS B 887 -62.10 59.73 86.01
C LYS B 887 -62.85 58.81 86.97
N ARG B 888 -64.14 58.57 86.68
CA ARG B 888 -64.95 57.67 87.50
C ARG B 888 -64.39 56.25 87.48
N GLN B 889 -63.96 55.78 86.32
CA GLN B 889 -63.42 54.43 86.23
C GLN B 889 -62.13 54.29 87.03
N GLU B 890 -61.23 55.28 86.99
CA GLU B 890 -59.99 55.06 87.71
C GLU B 890 -60.22 55.19 89.21
N ILE B 891 -61.14 56.07 89.61
CA ILE B 891 -61.44 56.17 91.04
C ILE B 891 -62.18 54.93 91.52
N GLY B 892 -62.84 54.19 90.62
CA GLY B 892 -63.30 52.87 90.97
C GLY B 892 -62.21 51.83 91.00
N ASN B 893 -61.14 52.06 90.24
CA ASN B 893 -60.00 51.14 90.25
C ASN B 893 -59.18 51.28 91.53
N LEU B 894 -59.06 52.51 92.04
CA LEU B 894 -58.22 52.78 93.22
C LEU B 894 -58.70 52.02 94.44
N ILE B 895 -60.02 51.99 94.65
CA ILE B 895 -60.59 51.38 95.84
C ILE B 895 -60.40 49.87 95.81
N SER B 896 -60.32 49.26 94.62
CA SER B 896 -60.03 47.85 94.50
C SER B 896 -58.52 47.55 94.53
N ILE B 897 -57.69 48.54 94.21
CA ILE B 897 -56.26 48.42 94.49
C ILE B 897 -56.02 48.40 95.99
N LEU B 898 -56.78 49.19 96.74
CA LEU B 898 -56.57 49.34 98.19
C LEU B 898 -56.48 48.06 99.01
N PRO B 899 -57.29 47.01 98.81
CA PRO B 899 -57.17 45.82 99.67
C PRO B 899 -55.88 45.04 99.53
N LEU B 900 -54.94 45.43 98.66
CA LEU B 900 -53.63 44.80 98.61
C LEU B 900 -52.63 45.46 99.56
N ILE B 901 -53.13 46.13 100.60
CA ILE B 901 -52.25 46.68 101.61
C ILE B 901 -51.62 45.57 102.45
N ASN B 902 -52.37 44.52 102.74
CA ASN B 902 -51.85 43.35 103.43
C ASN B 902 -51.38 42.28 102.45
N ASP B 903 -50.51 42.69 101.53
CA ASP B 903 -49.99 41.81 100.49
C ASP B 903 -48.87 40.95 101.08
N GLY B 904 -48.23 40.14 100.23
CA GLY B 904 -47.21 39.24 100.69
C GLY B 904 -45.79 39.75 100.64
N SER B 905 -45.35 40.21 99.48
CA SER B 905 -43.95 40.56 99.26
C SER B 905 -43.74 42.07 99.33
N SER B 906 -42.47 42.45 99.41
CA SER B 906 -42.09 43.86 99.33
C SER B 906 -42.13 44.38 97.90
N LEU B 907 -42.13 43.49 96.91
CA LEU B 907 -42.25 43.90 95.51
C LEU B 907 -43.58 44.61 95.28
N VAL B 908 -44.68 43.98 95.69
CA VAL B 908 -46.00 44.57 95.54
C VAL B 908 -46.12 45.84 96.38
N ARG B 909 -45.47 45.88 97.54
CA ARG B 909 -45.51 47.07 98.37
C ARG B 909 -44.81 48.25 97.71
N LYS B 910 -43.64 48.01 97.10
CA LYS B 910 -42.94 49.08 96.40
C LYS B 910 -43.73 49.56 95.19
N GLU B 911 -44.34 48.64 94.44
CA GLU B 911 -45.16 49.06 93.32
C GLU B 911 -46.37 49.85 93.80
N LEU B 912 -46.93 49.46 94.95
CA LEU B 912 -48.03 50.21 95.54
C LEU B 912 -47.62 51.62 95.92
N VAL B 913 -46.45 51.78 96.54
CA VAL B 913 -46.07 53.12 96.98
C VAL B 913 -45.71 54.01 95.80
N VAL B 914 -45.13 53.45 94.72
CA VAL B 914 -44.88 54.31 93.56
C VAL B 914 -46.20 54.66 92.85
N TYR B 915 -47.17 53.74 92.85
CA TYR B 915 -48.48 54.07 92.29
C TYR B 915 -49.16 55.17 93.10
N PHE B 916 -49.04 55.09 94.43
CA PHE B 916 -49.61 56.12 95.29
C PHE B 916 -48.91 57.46 95.06
N SER B 917 -47.60 57.43 94.81
CA SER B 917 -46.88 58.66 94.50
C SER B 917 -47.39 59.28 93.20
N HIS B 918 -47.63 58.47 92.17
CA HIS B 918 -48.19 59.00 90.94
C HIS B 918 -49.59 59.58 91.16
N ILE B 919 -50.42 58.89 91.94
CA ILE B 919 -51.78 59.35 92.18
C ILE B 919 -51.78 60.68 92.94
N VAL B 920 -50.94 60.81 93.96
CA VAL B 920 -50.90 62.06 94.71
C VAL B 920 -50.26 63.17 93.88
N SER B 921 -49.31 62.84 93.01
CA SER B 921 -48.72 63.84 92.13
C SER B 921 -49.75 64.41 91.17
N ARG B 922 -50.61 63.54 90.64
CA ARG B 922 -51.67 64.03 89.75
C ARG B 922 -52.71 64.83 90.53
N TYR B 923 -53.34 64.20 91.52
CA TYR B 923 -54.37 64.87 92.32
C TYR B 923 -53.78 65.34 93.64
N SER B 924 -52.83 66.26 93.54
CA SER B 924 -52.22 66.87 94.71
C SER B 924 -53.25 67.59 95.57
N ASN B 925 -54.10 68.40 94.95
CA ASN B 925 -54.93 69.33 95.72
C ASN B 925 -56.00 68.61 96.54
N PHE B 926 -56.49 67.48 96.06
CA PHE B 926 -57.36 66.66 96.91
C PHE B 926 -56.60 66.19 98.14
N PHE B 927 -55.36 65.74 97.96
CA PHE B 927 -54.52 65.45 99.11
C PHE B 927 -54.16 66.71 99.88
N ILE B 928 -54.23 67.89 99.25
CA ILE B 928 -53.97 69.12 99.98
C ILE B 928 -55.09 69.37 100.98
N VAL B 929 -56.34 69.22 100.55
CA VAL B 929 -57.42 69.42 101.52
C VAL B 929 -57.50 68.26 102.50
N VAL B 930 -57.05 67.06 102.09
CA VAL B 930 -56.95 65.95 103.03
C VAL B 930 -55.95 66.26 104.14
N VAL B 931 -54.78 66.79 103.79
CA VAL B 931 -53.80 67.10 104.83
C VAL B 931 -54.21 68.34 105.61
N PHE B 932 -55.01 69.23 105.01
CA PHE B 932 -55.60 70.32 105.78
C PHE B 932 -56.51 69.78 106.88
N ASN B 933 -57.39 68.84 106.52
CA ASN B 933 -58.26 68.21 107.51
C ASN B 933 -57.45 67.44 108.55
N ASP B 934 -56.38 66.78 108.11
CA ASP B 934 -55.53 66.04 109.05
C ASP B 934 -54.86 66.98 110.06
N LEU B 935 -54.36 68.12 109.59
CA LEU B 935 -53.80 69.12 110.49
C LEU B 935 -54.85 69.68 111.43
N LEU B 936 -56.08 69.85 110.95
CA LEU B 936 -57.16 70.31 111.81
C LEU B 936 -57.53 69.29 112.88
N GLU B 937 -57.50 67.99 112.55
CA GLU B 937 -57.99 66.98 113.47
C GLU B 937 -56.92 66.39 114.39
N GLU B 938 -55.64 66.53 114.05
CA GLU B 938 -54.60 65.89 114.86
C GLU B 938 -54.44 66.53 116.23
N ILE B 939 -54.96 67.73 116.45
CA ILE B 939 -54.97 68.31 117.80
C ILE B 939 -55.85 67.48 118.71
N LYS B 940 -57.05 67.13 118.25
CA LYS B 940 -58.00 66.35 119.04
C LYS B 940 -57.55 64.90 119.17
N SER B 959 -64.00 68.73 105.73
CA SER B 959 -64.68 67.53 105.25
C SER B 959 -63.75 66.32 105.33
N GLN B 960 -64.23 65.27 105.99
CA GLN B 960 -63.48 64.03 106.13
C GLN B 960 -64.23 62.88 105.47
N GLY B 961 -63.67 61.68 105.61
CA GLY B 961 -64.30 60.49 105.07
C GLY B 961 -64.13 60.28 103.58
N SER B 962 -63.29 61.09 102.92
CA SER B 962 -63.06 60.92 101.50
C SER B 962 -62.12 59.74 101.24
N ILE B 963 -62.18 59.23 100.01
CA ILE B 963 -61.33 58.09 99.65
C ILE B 963 -59.87 58.49 99.62
N PHE B 964 -59.58 59.76 99.36
CA PHE B 964 -58.21 60.24 99.42
C PHE B 964 -57.68 60.24 100.84
N TYR B 965 -58.55 60.45 101.83
CA TYR B 965 -58.13 60.31 103.22
C TYR B 965 -57.76 58.87 103.53
N THR B 966 -58.52 57.91 102.99
CA THR B 966 -58.18 56.51 103.18
C THR B 966 -56.87 56.15 102.50
N VAL B 967 -56.63 56.69 101.31
CA VAL B 967 -55.34 56.47 100.63
C VAL B 967 -54.20 57.08 101.42
N TRP B 968 -54.43 58.25 102.02
CA TRP B 968 -53.43 58.86 102.89
C TRP B 968 -53.11 57.99 104.10
N LYS B 969 -54.16 57.44 104.73
CA LYS B 969 -53.95 56.55 105.86
C LYS B 969 -53.20 55.29 105.45
N SER B 970 -53.53 54.76 104.26
CA SER B 970 -52.82 53.59 103.76
C SER B 970 -51.35 53.90 103.49
N LEU B 971 -51.07 55.10 102.98
CA LEU B 971 -49.68 55.48 102.75
C LEU B 971 -48.93 55.61 104.07
N LEU B 972 -49.58 56.14 105.10
CA LEU B 972 -48.96 56.16 106.42
C LEU B 972 -48.75 54.76 106.99
N ILE B 973 -49.65 53.82 106.66
CA ILE B 973 -49.45 52.44 107.09
C ILE B 973 -48.23 51.84 106.39
N LEU B 974 -48.12 52.03 105.08
CA LEU B 974 -46.94 51.57 104.36
C LEU B 974 -45.67 52.30 104.76
N ALA B 975 -45.79 53.47 105.39
CA ALA B 975 -44.62 54.17 105.91
C ALA B 975 -43.96 53.45 107.07
N GLU B 976 -44.62 52.44 107.63
CA GLU B 976 -44.06 51.61 108.69
C GLU B 976 -43.80 50.19 108.19
N ASP B 977 -43.29 50.07 106.97
CA ASP B 977 -43.04 48.76 106.37
C ASP B 977 -41.93 48.03 107.11
N PRO B 978 -41.97 46.70 107.11
CA PRO B 978 -40.91 45.93 107.75
C PRO B 978 -39.65 45.78 106.90
N PHE B 979 -39.66 46.29 105.68
CA PHE B 979 -38.53 46.17 104.77
C PHE B 979 -37.62 47.39 104.90
N LEU B 980 -36.43 47.28 104.33
CA LEU B 980 -35.48 48.39 104.42
C LEU B 980 -35.83 49.50 103.44
N GLU B 981 -35.80 49.20 102.13
CA GLU B 981 -35.90 50.24 101.11
C GLU B 981 -37.28 50.89 101.06
N ASN B 982 -38.33 50.11 101.31
CA ASN B 982 -39.68 50.66 101.30
C ASN B 982 -39.86 51.75 102.34
N LYS B 983 -39.11 51.66 103.45
CA LYS B 983 -39.24 52.65 104.51
C LYS B 983 -38.84 54.04 104.02
N GLU B 984 -37.64 54.17 103.45
CA GLU B 984 -37.26 55.49 102.96
C GLU B 984 -37.95 55.85 101.66
N LEU B 985 -38.42 54.88 100.88
CA LEU B 985 -39.18 55.24 99.68
C LEU B 985 -40.51 55.88 100.06
N SER B 986 -41.23 55.26 101.00
CA SER B 986 -42.46 55.87 101.50
C SER B 986 -42.16 57.17 102.23
N LYS B 987 -41.01 57.27 102.89
CA LYS B 987 -40.64 58.53 103.53
C LYS B 987 -40.44 59.63 102.50
N GLN B 988 -39.80 59.32 101.37
CA GLN B 988 -39.61 60.32 100.33
C GLN B 988 -40.94 60.71 99.68
N VAL B 989 -41.84 59.73 99.52
CA VAL B 989 -43.17 60.06 98.99
C VAL B 989 -43.93 60.97 99.95
N ILE B 990 -43.89 60.65 101.25
CA ILE B 990 -44.67 61.41 102.20
C ILE B 990 -44.02 62.76 102.49
N ASP B 991 -42.72 62.90 102.21
CA ASP B 991 -42.00 64.12 102.54
C ASP B 991 -42.31 65.27 101.60
N TYR B 992 -42.62 64.97 100.33
CA TYR B 992 -42.94 66.05 99.41
C TYR B 992 -44.20 66.79 99.83
N ILE B 993 -45.15 66.08 100.42
CA ILE B 993 -46.38 66.72 100.90
C ILE B 993 -46.05 67.73 101.99
N LEU B 994 -45.18 67.36 102.93
CA LEU B 994 -44.78 68.30 103.97
C LEU B 994 -43.99 69.46 103.39
N LEU B 995 -43.13 69.19 102.40
CA LEU B 995 -42.34 70.25 101.78
C LEU B 995 -43.23 71.29 101.09
N GLU B 996 -44.18 70.83 100.28
CA GLU B 996 -45.10 71.76 99.63
C GLU B 996 -46.07 72.40 100.62
N LEU B 997 -46.40 71.71 101.71
CA LEU B 997 -47.23 72.34 102.74
C LEU B 997 -46.51 73.50 103.40
N SER B 998 -45.20 73.33 103.63
CA SER B 998 -44.41 74.46 104.11
C SER B 998 -44.28 75.54 103.05
N ALA B 999 -44.14 75.15 101.78
CA ALA B 999 -43.97 76.10 100.69
C ALA B 999 -45.22 76.92 100.40
N HIS B 1000 -46.41 76.38 100.70
CA HIS B 1000 -47.64 77.10 100.48
C HIS B 1000 -47.72 78.31 101.41
N LYS B 1001 -47.93 79.49 100.83
CA LYS B 1001 -47.73 80.73 101.56
C LYS B 1001 -48.82 80.98 102.60
N GLU B 1002 -50.02 80.46 102.38
CA GLU B 1002 -51.17 80.86 103.17
C GLU B 1002 -51.33 80.07 104.46
N LEU B 1003 -50.56 79.01 104.67
CA LEU B 1003 -50.72 78.15 105.84
C LEU B 1003 -49.46 78.07 106.69
N GLY B 1004 -48.48 78.95 106.47
CA GLY B 1004 -47.22 78.94 107.17
C GLY B 1004 -47.35 79.04 108.69
N GLY B 1005 -47.95 80.14 109.15
CA GLY B 1005 -48.31 80.28 110.55
C GLY B 1005 -49.24 79.21 111.10
N PRO B 1006 -50.30 78.82 110.37
CA PRO B 1006 -51.14 77.72 110.86
C PRO B 1006 -50.41 76.42 111.12
N PHE B 1007 -49.46 76.01 110.27
CA PHE B 1007 -48.74 74.78 110.60
C PHE B 1007 -47.56 75.04 111.52
N ALA B 1008 -47.07 76.28 111.60
CA ALA B 1008 -46.09 76.62 112.62
C ALA B 1008 -46.67 76.47 114.01
N VAL B 1009 -47.92 76.88 114.19
CA VAL B 1009 -48.60 76.70 115.48
C VAL B 1009 -48.73 75.20 115.79
N MET B 1010 -49.04 74.40 114.77
CA MET B 1010 -49.15 72.95 114.95
C MET B 1010 -47.83 72.34 115.39
N GLU B 1011 -46.73 72.71 114.74
CA GLU B 1011 -45.46 72.11 115.11
C GLU B 1011 -44.94 72.64 116.45
N LYS B 1012 -45.29 73.90 116.80
CA LYS B 1012 -45.01 74.38 118.15
C LYS B 1012 -45.77 73.57 119.20
N PHE B 1013 -47.04 73.23 118.91
CA PHE B 1013 -47.80 72.41 119.84
C PHE B 1013 -47.20 71.01 119.96
N LEU B 1014 -46.79 70.43 118.84
CA LEU B 1014 -46.26 69.06 118.87
C LEU B 1014 -44.83 68.97 119.36
N LEU B 1015 -44.10 70.09 119.43
CA LEU B 1015 -42.74 70.08 119.97
C LEU B 1015 -42.74 69.70 121.44
N LYS B 1016 -43.70 70.22 122.21
CA LYS B 1016 -43.78 69.92 123.63
C LYS B 1016 -44.40 68.55 123.87
N PRO B 1069 -61.59 82.51 109.49
CA PRO B 1069 -61.25 82.84 108.10
C PRO B 1069 -60.41 81.75 107.44
N MET B 1070 -59.47 81.19 108.21
CA MET B 1070 -58.68 80.09 107.68
C MET B 1070 -59.53 78.87 107.39
N ARG B 1071 -60.66 78.72 108.10
CA ARG B 1071 -61.59 77.63 107.79
C ARG B 1071 -62.17 77.79 106.39
N THR B 1072 -62.56 79.01 106.01
CA THR B 1072 -63.05 79.24 104.66
C THR B 1072 -61.92 79.13 103.64
N SER B 1073 -60.71 79.55 104.03
CA SER B 1073 -59.56 79.43 103.13
C SER B 1073 -59.27 77.97 102.80
N LEU B 1074 -59.37 77.09 103.80
CA LEU B 1074 -59.22 75.66 103.53
C LEU B 1074 -60.44 75.11 102.78
N ALA B 1075 -61.64 75.63 103.07
CA ALA B 1075 -62.85 75.08 102.50
C ALA B 1075 -62.98 75.39 101.01
N LYS B 1076 -62.41 76.52 100.58
CA LYS B 1076 -62.57 76.92 99.18
C LYS B 1076 -61.89 75.95 98.22
N LEU B 1077 -60.84 75.27 98.67
CA LEU B 1077 -60.06 74.43 97.76
C LEU B 1077 -60.72 73.08 97.50
N PHE B 1078 -61.77 72.71 98.24
CA PHE B 1078 -62.53 71.51 97.89
C PHE B 1078 -63.20 71.68 96.54
N GLN B 1079 -63.97 72.76 96.38
CA GLN B 1079 -64.79 72.91 95.19
C GLN B 1079 -63.98 73.21 93.94
N SER B 1080 -62.75 73.73 94.09
CA SER B 1080 -61.94 74.09 92.94
C SER B 1080 -61.65 72.87 92.07
N LEU B 1081 -61.48 71.71 92.69
CA LEU B 1081 -61.36 70.47 91.94
C LEU B 1081 -62.63 69.64 91.95
N GLY B 1082 -63.52 69.83 92.92
CA GLY B 1082 -64.81 69.15 92.86
C GLY B 1082 -65.60 69.53 91.62
N PHE B 1083 -65.55 70.80 91.22
CA PHE B 1083 -66.23 71.23 90.00
C PHE B 1083 -65.55 70.67 88.77
N SER B 1084 -64.22 70.65 88.76
CA SER B 1084 -63.49 70.05 87.65
C SER B 1084 -63.77 68.56 87.53
N GLU B 1085 -64.24 67.98 88.61
CA GLU B 1085 -64.69 66.59 88.56
C GLU B 1085 -66.08 66.67 87.98
N SER B 1086 -66.16 66.89 86.67
CA SER B 1086 -67.46 67.05 86.02
C SER B 1086 -68.09 65.71 85.72
N SER B 1095 -72.12 50.19 98.57
CA SER B 1095 -70.83 50.87 98.56
C SER B 1095 -69.73 49.95 99.09
N ASN B 1096 -68.71 50.57 99.70
CA ASN B 1096 -67.52 49.84 100.12
C ASN B 1096 -67.49 49.65 101.63
N THR B 1097 -66.38 49.11 102.11
CA THR B 1097 -66.08 48.96 103.53
C THR B 1097 -64.73 49.64 103.76
N SER B 1098 -64.77 50.93 104.12
CA SER B 1098 -63.56 51.72 104.19
C SER B 1098 -62.66 51.33 105.36
N MET B 1099 -63.20 50.66 106.38
CA MET B 1099 -62.42 49.97 107.40
C MET B 1099 -61.59 50.92 108.25
N LYS B 1100 -60.51 51.46 107.67
CA LYS B 1100 -59.54 52.39 108.27
C LYS B 1100 -59.12 52.03 109.70
N SER B 1101 -59.02 50.75 110.00
CA SER B 1101 -58.53 50.29 111.31
C SER B 1101 -57.04 49.97 111.19
N HIS B 1102 -56.28 50.45 112.17
CA HIS B 1102 -54.82 50.32 112.12
C HIS B 1102 -54.26 50.39 113.54
N THR B 1103 -53.31 49.52 113.83
CA THR B 1103 -52.60 49.59 115.09
C THR B 1103 -51.69 50.80 115.09
N SER B 1104 -51.97 51.76 115.98
CA SER B 1104 -51.25 53.03 116.02
C SER B 1104 -50.31 53.01 117.21
N LYS B 1105 -49.10 52.49 116.98
CA LYS B 1105 -48.05 52.50 117.99
C LYS B 1105 -46.82 53.29 117.56
N LYS B 1106 -46.87 53.92 116.39
CA LYS B 1106 -45.79 54.76 115.88
C LYS B 1106 -46.36 56.09 115.44
N GLY B 1107 -45.48 57.06 115.20
CA GLY B 1107 -45.91 58.40 114.87
C GLY B 1107 -45.22 58.98 113.65
N PRO B 1108 -45.99 59.71 112.84
CA PRO B 1108 -45.41 60.47 111.70
C PRO B 1108 -44.80 61.79 112.15
N SER B 1109 -43.60 61.70 112.71
CA SER B 1109 -42.89 62.86 113.26
C SER B 1109 -42.15 63.55 112.12
N GLY B 1110 -42.72 64.64 111.62
CA GLY B 1110 -42.12 65.39 110.53
C GLY B 1110 -40.88 66.15 110.93
N HIS B 1132 -31.67 58.01 98.70
CA HIS B 1132 -30.33 58.59 98.80
C HIS B 1132 -30.27 59.92 98.07
N THR B 1133 -31.21 60.14 97.14
CA THR B 1133 -31.24 61.36 96.36
C THR B 1133 -31.65 62.55 97.23
N GLU B 1134 -31.02 63.70 96.96
CA GLU B 1134 -31.33 64.93 97.68
C GLU B 1134 -32.66 65.56 97.24
N PRO B 1135 -32.91 65.83 95.93
CA PRO B 1135 -34.20 66.42 95.59
C PRO B 1135 -35.28 65.37 95.37
N LEU B 1136 -36.48 65.79 95.01
CA LEU B 1136 -37.60 64.88 94.85
C LEU B 1136 -38.48 65.31 93.68
N GLN B 1137 -38.95 64.32 92.93
CA GLN B 1137 -40.02 64.50 91.97
C GLN B 1137 -41.12 63.51 92.33
N LEU B 1138 -42.33 64.02 92.55
CA LEU B 1138 -43.41 63.17 93.02
C LEU B 1138 -43.78 62.02 92.08
N PRO B 1139 -43.87 62.19 90.74
CA PRO B 1139 -44.06 60.99 89.91
C PRO B 1139 -42.80 60.14 89.92
N LEU B 1140 -42.84 59.04 90.65
CA LEU B 1140 -41.66 58.22 90.86
C LEU B 1140 -41.48 57.23 89.72
N ASN B 1141 -40.22 56.92 89.43
CA ASN B 1141 -39.91 55.92 88.42
C ASN B 1141 -40.27 54.52 88.91
N SER B 1142 -40.42 53.61 87.95
CA SER B 1142 -40.77 52.21 88.22
C SER B 1142 -39.86 51.34 87.37
N SER B 1143 -38.81 50.81 88.00
CA SER B 1143 -37.82 49.98 87.31
C SER B 1143 -38.31 48.56 87.05
N PHE B 1144 -39.60 48.28 87.27
CA PHE B 1144 -40.11 46.94 87.08
C PHE B 1144 -40.05 46.51 85.61
N LEU B 1145 -40.22 47.45 84.69
CA LEU B 1145 -40.13 47.09 83.27
C LEU B 1145 -38.72 46.67 82.89
N ASP B 1146 -37.71 47.41 83.37
CA ASP B 1146 -36.32 47.02 83.13
C ASP B 1146 -36.00 45.69 83.81
N TYR B 1147 -36.55 45.47 85.01
CA TYR B 1147 -36.35 44.19 85.69
C TYR B 1147 -36.94 43.05 84.87
N SER B 1148 -38.15 43.25 84.33
CA SER B 1148 -38.77 42.20 83.55
C SER B 1148 -38.04 41.96 82.24
N ARG B 1149 -37.47 43.01 81.66
CA ARG B 1149 -36.69 42.83 80.44
C ARG B 1149 -35.38 42.09 80.72
N GLU B 1150 -34.78 42.31 81.88
CA GLU B 1150 -33.53 41.63 82.23
C GLU B 1150 -33.70 40.13 82.45
N TYR B 1151 -34.93 39.64 82.55
CA TYR B 1151 -35.15 38.20 82.54
C TYR B 1151 -34.77 37.58 81.20
N PHE B 1152 -34.90 38.33 80.12
CA PHE B 1152 -34.73 37.76 78.79
C PHE B 1152 -33.27 37.62 78.39
N GLN B 1153 -32.33 38.11 79.20
CA GLN B 1153 -30.92 37.88 78.92
C GLN B 1153 -30.43 36.55 79.50
N GLU B 1154 -31.04 36.09 80.59
CA GLU B 1154 -30.67 34.82 81.19
C GLU B 1154 -31.07 33.67 80.26
N PRO B 1155 -30.29 32.58 80.25
CA PRO B 1155 -30.55 31.50 79.29
C PRO B 1155 -31.86 30.79 79.55
N GLN B 1156 -32.44 30.27 78.47
CA GLN B 1156 -33.68 29.51 78.54
C GLN B 1156 -33.66 28.20 77.78
N MET B 1157 -32.80 28.04 76.76
CA MET B 1157 -32.68 26.75 76.10
C MET B 1157 -31.75 25.79 76.85
N LYS B 1158 -30.96 26.31 77.79
CA LYS B 1158 -30.08 25.50 78.62
C LYS B 1158 -30.20 25.94 80.07
N LYS B 1159 -29.84 25.03 80.98
CA LYS B 1159 -29.96 25.31 82.40
C LYS B 1159 -28.99 26.40 82.82
N GLN B 1160 -29.29 27.04 83.95
CA GLN B 1160 -28.49 28.15 84.42
C GLN B 1160 -27.35 27.64 85.30
N GLU B 1161 -26.60 28.57 85.87
CA GLU B 1161 -25.55 28.24 86.82
C GLU B 1161 -26.17 27.66 88.08
N ALA B 1162 -25.38 26.82 88.77
CA ALA B 1162 -25.69 26.11 90.02
C ALA B 1162 -26.70 24.98 89.82
N ASP B 1163 -27.19 24.75 88.61
CA ASP B 1163 -28.04 23.61 88.31
C ASP B 1163 -27.48 22.74 87.20
N GLU B 1164 -26.25 23.01 86.77
CA GLU B 1164 -25.59 22.17 85.79
C GLU B 1164 -25.20 20.83 86.42
N PRO B 1165 -24.93 19.80 85.61
CA PRO B 1165 -24.53 18.50 86.18
C PRO B 1165 -23.20 18.51 86.92
N GLY B 1166 -22.50 19.64 86.92
CA GLY B 1166 -21.35 19.80 87.79
C GLY B 1166 -20.82 21.22 87.79
N SER B 1167 -20.66 21.81 88.98
CA SER B 1167 -20.20 23.20 89.12
C SER B 1167 -19.82 23.38 90.58
N VAL B 1168 -19.48 24.63 90.94
CA VAL B 1168 -19.08 24.93 92.31
C VAL B 1168 -20.24 24.72 93.27
N GLU B 1169 -21.39 25.33 92.96
CA GLU B 1169 -22.54 25.19 93.85
C GLU B 1169 -23.14 23.79 93.79
N TYR B 1170 -23.01 23.12 92.65
CA TYR B 1170 -23.45 21.73 92.57
C TYR B 1170 -22.61 20.82 93.47
N ASN B 1171 -21.29 21.02 93.47
CA ASN B 1171 -20.43 20.25 94.37
C ASN B 1171 -20.72 20.58 95.82
N ALA B 1172 -21.00 21.85 96.11
CA ALA B 1172 -21.38 22.23 97.47
C ALA B 1172 -22.69 21.55 97.89
N ARG B 1173 -23.65 21.47 96.97
CA ARG B 1173 -24.92 20.82 97.27
C ARG B 1173 -24.75 19.33 97.52
N LEU B 1174 -23.92 18.66 96.72
CA LEU B 1174 -23.64 17.24 96.98
C LEU B 1174 -22.90 17.04 98.30
N TRP B 1175 -21.98 17.94 98.65
CA TRP B 1175 -21.31 17.84 99.94
C TRP B 1175 -22.30 17.99 101.09
N ARG B 1176 -23.21 18.96 100.98
CA ARG B 1176 -24.22 19.16 102.00
C ARG B 1176 -25.16 17.97 102.09
N ARG B 1177 -25.50 17.37 100.96
CA ARG B 1177 -26.38 16.20 100.96
C ARG B 1177 -25.71 15.00 101.62
N ASN B 1178 -24.42 14.78 101.34
CA ASN B 1178 -23.70 13.69 101.98
C ASN B 1178 -23.57 13.91 103.48
N ARG B 1179 -23.29 15.15 103.89
CA ARG B 1179 -23.22 15.46 105.31
C ARG B 1179 -24.58 15.30 105.99
N ASN B 1180 -25.66 15.56 105.25
CA ASN B 1180 -27.00 15.28 105.77
C ASN B 1180 -27.21 13.79 105.96
N GLU B 1181 -26.82 13.00 104.96
CA GLU B 1181 -27.06 11.55 105.02
C GLU B 1181 -26.27 10.91 106.15
N THR B 1182 -25.06 11.39 106.40
CA THR B 1182 -24.25 10.82 107.49
C THR B 1182 -24.95 10.98 108.85
N ILE B 1183 -25.42 12.20 109.14
CA ILE B 1183 -26.07 12.44 110.43
C ILE B 1183 -27.41 11.72 110.50
N ILE B 1184 -28.13 11.67 109.37
CA ILE B 1184 -29.43 10.99 109.33
C ILE B 1184 -29.26 9.51 109.64
N GLN B 1185 -28.24 8.87 109.05
CA GLN B 1185 -27.98 7.47 109.34
C GLN B 1185 -27.49 7.28 110.77
N GLU B 1186 -26.64 8.19 111.26
CA GLU B 1186 -25.98 7.98 112.55
C GLU B 1186 -26.97 8.13 113.71
N THR B 1187 -27.89 9.09 113.62
CA THR B 1187 -28.77 9.35 114.75
C THR B 1187 -29.76 8.20 114.97
N GLN B 1188 -30.07 7.44 113.91
CA GLN B 1188 -30.93 6.26 114.07
C GLN B 1188 -30.26 5.21 114.95
N GLY B 1189 -28.98 4.96 114.72
CA GLY B 1189 -28.24 4.05 115.60
C GLY B 1189 -28.03 4.62 116.98
N GLU B 1190 -27.85 5.94 117.07
CA GLU B 1190 -27.58 6.59 118.35
C GLU B 1190 -28.84 6.86 119.16
N LYS B 1191 -30.02 6.52 118.63
CA LYS B 1191 -31.27 6.77 119.36
C LYS B 1191 -31.32 6.05 120.70
N LYS B 1192 -30.90 4.78 120.74
CA LYS B 1192 -31.07 3.96 121.93
C LYS B 1192 -30.16 4.39 123.08
N LEU B 1193 -29.09 5.12 122.80
CA LEU B 1193 -28.12 5.48 123.84
C LEU B 1193 -28.70 6.43 124.88
N SER B 1194 -29.68 7.26 124.51
CA SER B 1194 -30.22 8.25 125.42
C SER B 1194 -31.07 7.64 126.53
N ILE B 1195 -31.57 6.42 126.33
CA ILE B 1195 -32.44 5.80 127.32
C ILE B 1195 -31.67 5.46 128.59
N TYR B 1196 -30.50 4.84 128.44
CA TYR B 1196 -29.73 4.36 129.58
C TYR B 1196 -28.48 5.18 129.86
N GLY B 1197 -28.21 6.23 129.09
CA GLY B 1197 -27.05 7.05 129.33
C GLY B 1197 -27.26 8.05 130.47
N ASN B 1198 -26.17 8.70 130.85
CA ASN B 1198 -26.22 9.71 131.89
C ASN B 1198 -26.28 11.12 131.28
N TRP B 1199 -27.08 11.98 131.91
CA TRP B 1199 -27.30 13.34 131.43
C TRP B 1199 -26.75 14.37 132.40
N SER B 1200 -25.76 14.00 133.22
CA SER B 1200 -25.27 14.86 134.29
C SER B 1200 -23.96 15.55 133.95
N LYS B 1201 -23.47 15.44 132.73
CA LYS B 1201 -22.20 16.04 132.34
C LYS B 1201 -22.42 17.31 131.53
N LYS B 1202 -21.55 18.29 131.73
CA LYS B 1202 -21.64 19.57 131.05
C LYS B 1202 -20.54 19.67 130.00
N LEU B 1203 -20.90 20.15 128.80
CA LEU B 1203 -19.92 20.32 127.74
C LEU B 1203 -19.33 21.74 127.73
N ILE B 1204 -20.20 22.75 127.61
CA ILE B 1204 -19.74 24.13 127.45
C ILE B 1204 -20.77 25.06 128.06
N SER B 1205 -20.35 26.29 128.34
CA SER B 1205 -21.22 27.36 128.81
C SER B 1205 -20.86 28.64 128.09
N LEU B 1206 -21.86 29.48 127.85
CA LEU B 1206 -21.69 30.71 127.11
C LEU B 1206 -22.34 31.87 127.86
N ASN B 1207 -21.80 33.08 127.66
CA ASN B 1207 -22.33 34.28 128.27
C ASN B 1207 -22.99 35.13 127.20
N ASN B 1208 -24.31 35.21 127.25
CA ASN B 1208 -25.09 35.96 126.27
C ASN B 1208 -25.25 37.43 126.63
N LYS B 1209 -24.76 37.85 127.80
CA LYS B 1209 -24.84 39.22 128.30
C LYS B 1209 -26.27 39.70 128.45
N SER B 1210 -27.22 38.79 128.51
CA SER B 1210 -28.64 39.10 128.64
C SER B 1210 -29.37 37.83 129.05
N GLN B 1211 -30.67 37.97 129.29
CA GLN B 1211 -31.50 36.83 129.62
C GLN B 1211 -32.10 36.25 128.34
N PRO B 1212 -31.73 35.03 127.95
CA PRO B 1212 -32.26 34.46 126.71
C PRO B 1212 -33.51 33.61 126.94
N LYS B 1213 -34.45 33.75 126.01
CA LYS B 1213 -35.67 32.94 126.02
C LYS B 1213 -35.87 32.15 124.74
N LEU B 1214 -35.54 32.71 123.58
CA LEU B 1214 -35.58 31.99 122.33
C LEU B 1214 -34.24 31.32 122.11
N MET B 1215 -34.26 30.01 121.86
CA MET B 1215 -33.10 29.17 122.10
C MET B 1215 -33.21 27.97 121.17
N LYS B 1216 -32.47 27.96 120.05
CA LYS B 1216 -32.68 26.93 119.04
C LYS B 1216 -31.36 26.45 118.46
N PHE B 1217 -31.11 25.14 118.54
CA PHE B 1217 -30.04 24.53 117.79
C PHE B 1217 -30.45 24.35 116.33
N ALA B 1218 -29.47 24.38 115.43
CA ALA B 1218 -29.76 24.07 114.04
C ALA B 1218 -29.90 22.57 113.85
N GLN B 1219 -30.66 22.17 112.82
CA GLN B 1219 -31.05 20.77 112.68
C GLN B 1219 -29.89 19.90 112.22
N PHE B 1220 -29.10 20.40 111.27
CA PHE B 1220 -28.07 19.59 110.64
C PHE B 1220 -26.68 20.21 110.64
N GLU B 1221 -26.50 21.41 111.19
CA GLU B 1221 -25.21 22.08 111.21
C GLU B 1221 -25.00 22.64 112.60
N ASP B 1222 -23.74 22.76 113.01
CA ASP B 1222 -23.40 23.04 114.39
C ASP B 1222 -23.51 24.54 114.67
N GLN B 1223 -24.73 24.99 114.94
CA GLN B 1223 -24.98 26.38 115.31
C GLN B 1223 -26.13 26.48 116.29
N LEU B 1224 -26.15 27.58 117.03
CA LEU B 1224 -27.12 27.81 118.10
C LEU B 1224 -27.53 29.27 118.07
N ILE B 1225 -28.82 29.52 117.87
CA ILE B 1225 -29.35 30.87 117.72
C ILE B 1225 -30.16 31.21 118.98
N THR B 1226 -29.82 32.34 119.59
CA THR B 1226 -30.48 32.80 120.80
C THR B 1226 -31.00 34.23 120.61
N ALA B 1227 -32.04 34.56 121.37
CA ALA B 1227 -32.62 35.89 121.35
C ALA B 1227 -32.96 36.31 122.78
N ASP B 1228 -33.11 37.62 122.97
CA ASP B 1228 -33.34 38.18 124.29
C ASP B 1228 -34.46 39.22 124.20
N ASP B 1229 -34.64 39.96 125.30
CA ASP B 1229 -35.68 40.98 125.36
C ASP B 1229 -35.41 42.13 124.40
N ARG B 1230 -34.15 42.55 124.30
CA ARG B 1230 -33.78 43.74 123.54
C ARG B 1230 -33.70 43.50 122.03
N SER B 1231 -34.24 42.39 121.53
CA SER B 1231 -34.19 42.01 120.12
C SER B 1231 -32.75 41.91 119.61
N THR B 1232 -31.82 41.55 120.50
CA THR B 1232 -30.41 41.38 120.15
C THR B 1232 -30.18 39.88 119.96
N ILE B 1233 -30.13 39.48 118.71
CA ILE B 1233 -30.05 38.07 118.35
C ILE B 1233 -28.59 37.69 118.18
N THR B 1234 -28.22 36.53 118.74
CA THR B 1234 -26.83 36.09 118.76
C THR B 1234 -26.74 34.67 118.21
N VAL B 1235 -25.62 34.40 117.54
CA VAL B 1235 -25.33 33.07 116.99
C VAL B 1235 -24.06 32.54 117.63
N PHE B 1236 -24.09 31.27 118.03
CA PHE B 1236 -22.97 30.62 118.70
C PHE B 1236 -22.58 29.36 117.92
N ASP B 1237 -21.27 29.19 117.74
CA ASP B 1237 -20.71 27.95 117.24
C ASP B 1237 -20.13 27.20 118.44
N TRP B 1238 -20.79 26.11 118.83
CA TRP B 1238 -20.46 25.45 120.10
C TRP B 1238 -19.26 24.51 120.00
N GLU B 1239 -18.85 24.14 118.78
CA GLU B 1239 -17.67 23.29 118.66
C GLU B 1239 -16.41 24.03 119.06
N LYS B 1240 -16.29 25.31 118.70
CA LYS B 1240 -15.17 26.12 119.10
C LYS B 1240 -15.51 27.09 120.22
N GLY B 1241 -16.77 27.11 120.67
CA GLY B 1241 -17.19 28.06 121.69
C GLY B 1241 -17.08 29.50 121.24
N LYS B 1242 -17.45 29.78 120.00
CA LYS B 1242 -17.23 31.09 119.40
C LYS B 1242 -18.55 31.81 119.19
N THR B 1243 -18.49 33.14 119.31
CA THR B 1243 -19.63 33.99 118.99
C THR B 1243 -19.53 34.41 117.52
N LEU B 1244 -20.48 33.98 116.71
CA LEU B 1244 -20.43 34.25 115.28
C LEU B 1244 -20.92 35.66 114.97
N SER B 1245 -22.13 35.99 115.41
CA SER B 1245 -22.70 37.30 115.15
C SER B 1245 -23.61 37.69 116.30
N LYS B 1246 -23.81 39.00 116.46
CA LYS B 1246 -24.68 39.54 117.50
C LYS B 1246 -25.24 40.86 116.96
N PHE B 1247 -26.49 40.82 116.50
CA PHE B 1247 -27.07 41.94 115.79
C PHE B 1247 -28.42 42.31 116.40
N SER B 1248 -29.05 43.34 115.85
CA SER B 1248 -30.36 43.81 116.29
C SER B 1248 -31.41 43.49 115.23
N ASN B 1249 -32.62 43.16 115.69
CA ASN B 1249 -33.70 42.82 114.79
C ASN B 1249 -34.35 44.02 114.14
N GLY B 1250 -34.08 45.23 114.62
CA GLY B 1250 -34.67 46.43 114.07
C GLY B 1250 -36.09 46.72 114.55
N THR B 1251 -36.63 45.91 115.45
CA THR B 1251 -37.96 46.15 115.97
C THR B 1251 -37.97 47.38 116.87
N PRO B 1252 -39.08 48.11 116.94
CA PRO B 1252 -39.16 49.25 117.84
C PRO B 1252 -39.10 48.83 119.30
N PHE B 1253 -38.74 49.79 120.15
CA PHE B 1253 -38.62 49.53 121.58
C PHE B 1253 -39.99 49.20 122.17
N GLY B 1254 -39.97 48.33 123.18
CA GLY B 1254 -41.18 47.83 123.79
C GLY B 1254 -41.69 46.53 123.21
N THR B 1255 -41.11 46.07 122.11
CA THR B 1255 -41.47 44.79 121.51
C THR B 1255 -40.34 43.80 121.73
N LYS B 1256 -40.71 42.52 121.85
CA LYS B 1256 -39.74 41.45 122.06
C LYS B 1256 -39.94 40.38 121.01
N VAL B 1257 -38.84 39.75 120.60
CA VAL B 1257 -38.89 38.65 119.66
C VAL B 1257 -39.48 37.44 120.37
N THR B 1258 -40.46 36.80 119.75
CA THR B 1258 -41.20 35.72 120.40
C THR B 1258 -40.98 34.36 119.76
N ASP B 1259 -40.34 34.28 118.60
CA ASP B 1259 -40.10 32.99 117.98
C ASP B 1259 -38.90 33.08 117.04
N LEU B 1260 -38.10 32.02 117.02
CA LEU B 1260 -37.03 31.85 116.05
C LEU B 1260 -37.16 30.48 115.40
N LYS B 1261 -36.97 30.44 114.09
CA LYS B 1261 -37.04 29.19 113.35
C LYS B 1261 -36.06 29.22 112.18
N LEU B 1262 -35.98 28.10 111.47
CA LEU B 1262 -35.08 27.96 110.33
C LEU B 1262 -35.86 27.62 109.07
N ILE B 1263 -35.35 28.11 107.94
CA ILE B 1263 -36.00 27.96 106.63
C ILE B 1263 -35.03 27.24 105.70
N ASN B 1264 -35.53 26.21 105.01
CA ASN B 1264 -34.74 25.44 104.03
C ASN B 1264 -33.47 24.89 104.66
N GLU B 1265 -33.65 24.07 105.70
CA GLU B 1265 -32.51 23.59 106.48
C GLU B 1265 -31.68 22.59 105.70
N ASP B 1266 -32.25 21.96 104.66
CA ASP B 1266 -31.55 20.92 103.94
C ASP B 1266 -30.36 21.46 103.14
N ASP B 1267 -30.47 22.66 102.59
CA ASP B 1267 -29.41 23.23 101.77
C ASP B 1267 -28.76 24.45 102.42
N SER B 1268 -29.54 25.47 102.75
CA SER B 1268 -28.99 26.68 103.36
C SER B 1268 -30.09 27.32 104.19
N ALA B 1269 -29.92 27.31 105.50
CA ALA B 1269 -30.97 27.76 106.40
C ALA B 1269 -31.07 29.28 106.40
N LEU B 1270 -32.28 29.77 106.67
CA LEU B 1270 -32.56 31.18 106.82
C LEU B 1270 -33.22 31.39 108.18
N LEU B 1271 -32.72 32.36 108.94
CA LEU B 1271 -33.28 32.63 110.26
C LEU B 1271 -34.61 33.38 110.12
N LEU B 1272 -35.65 32.85 110.74
CA LEU B 1272 -36.96 33.49 110.78
C LEU B 1272 -37.19 34.01 112.18
N THR B 1273 -37.40 35.32 112.30
CA THR B 1273 -37.60 35.99 113.58
C THR B 1273 -39.02 36.54 113.62
N GLY B 1274 -39.77 36.14 114.64
CA GLY B 1274 -41.11 36.66 114.84
C GLY B 1274 -41.23 37.37 116.17
N SER B 1275 -41.56 38.66 116.12
CA SER B 1275 -41.63 39.49 117.32
C SER B 1275 -43.07 39.68 117.77
N SER B 1276 -43.21 40.29 118.95
CA SER B 1276 -44.50 40.39 119.62
C SER B 1276 -45.52 41.22 118.85
N ASP B 1277 -45.08 41.96 117.84
CA ASP B 1277 -45.98 42.77 117.02
C ASP B 1277 -46.26 42.14 115.65
N GLY B 1278 -45.91 40.88 115.44
CA GLY B 1278 -46.24 40.23 114.18
C GLY B 1278 -45.39 40.63 113.00
N VAL B 1279 -44.20 41.17 113.22
CA VAL B 1279 -43.30 41.59 112.14
C VAL B 1279 -42.47 40.37 111.75
N ILE B 1280 -42.83 39.72 110.65
CA ILE B 1280 -42.14 38.51 110.22
C ILE B 1280 -41.00 38.90 109.30
N LYS B 1281 -39.77 38.71 109.78
CA LYS B 1281 -38.57 39.01 109.01
C LYS B 1281 -37.82 37.72 108.71
N ILE B 1282 -37.10 37.70 107.60
CA ILE B 1282 -36.32 36.55 107.18
C ILE B 1282 -34.92 37.03 106.83
N TYR B 1283 -33.91 36.31 107.31
CA TYR B 1283 -32.52 36.73 107.19
C TYR B 1283 -31.71 35.69 106.43
N ARG B 1284 -30.67 36.16 105.74
CA ARG B 1284 -29.74 35.31 105.02
C ARG B 1284 -28.32 35.62 105.49
N ASP B 1285 -27.49 34.58 105.57
CA ASP B 1285 -26.10 34.66 106.03
C ASP B 1285 -26.04 35.27 107.45
N TYR B 1286 -26.82 34.68 108.36
CA TYR B 1286 -26.90 35.18 109.72
C TYR B 1286 -25.61 34.93 110.51
N GLN B 1287 -24.74 34.05 110.03
CA GLN B 1287 -23.52 33.71 110.76
C GLN B 1287 -22.39 34.69 110.52
N ASP B 1288 -22.57 35.67 109.65
CA ASP B 1288 -21.54 36.68 109.38
C ASP B 1288 -22.11 38.07 109.60
N VAL B 1289 -21.39 38.90 110.36
CA VAL B 1289 -21.82 40.27 110.59
C VAL B 1289 -21.73 41.09 109.31
N ASP B 1290 -20.70 40.84 108.51
CA ASP B 1290 -20.44 41.67 107.35
C ASP B 1290 -21.43 41.42 106.21
N THR B 1291 -21.79 40.17 105.95
CA THR B 1291 -22.54 39.82 104.75
C THR B 1291 -23.94 39.30 105.05
N PHE B 1292 -24.54 39.68 106.16
CA PHE B 1292 -25.91 39.28 106.45
C PHE B 1292 -26.88 40.15 105.66
N LYS B 1293 -27.97 39.54 105.20
CA LYS B 1293 -28.96 40.22 104.39
C LYS B 1293 -30.36 39.85 104.87
N ILE B 1294 -31.31 40.74 104.61
CA ILE B 1294 -32.72 40.48 104.89
C ILE B 1294 -33.40 40.23 103.55
N VAL B 1295 -33.89 39.01 103.36
CA VAL B 1295 -34.48 38.65 102.08
C VAL B 1295 -35.90 39.19 101.96
N SER B 1296 -36.73 38.92 102.96
CA SER B 1296 -38.13 39.30 102.92
C SER B 1296 -38.61 39.68 104.32
N ALA B 1297 -39.70 40.45 104.36
CA ALA B 1297 -40.28 40.89 105.61
C ALA B 1297 -41.71 41.35 105.35
N TRP B 1298 -42.65 40.86 106.15
CA TRP B 1298 -44.04 41.26 105.98
C TRP B 1298 -44.74 41.25 107.33
N ARG B 1299 -46.06 41.38 107.27
CA ARG B 1299 -46.94 41.43 108.44
C ARG B 1299 -47.87 40.22 108.34
N GLY B 1300 -47.61 39.20 109.17
CA GLY B 1300 -48.40 37.99 109.09
C GLY B 1300 -49.85 38.18 109.48
N LEU B 1301 -50.10 38.91 110.57
CA LEU B 1301 -51.45 39.16 111.05
C LEU B 1301 -51.80 40.63 110.94
N THR B 1302 -53.07 40.95 111.22
CA THR B 1302 -53.58 42.30 111.03
C THR B 1302 -54.01 42.96 112.33
N ASP B 1303 -54.89 42.34 113.11
CA ASP B 1303 -55.59 43.00 114.20
C ASP B 1303 -55.13 42.54 115.58
N MET B 1304 -53.85 42.27 115.74
CA MET B 1304 -53.34 41.88 117.05
C MET B 1304 -53.25 43.09 117.97
N LEU B 1305 -53.73 42.94 119.20
CA LEU B 1305 -53.70 43.99 120.21
C LEU B 1305 -52.67 43.64 121.27
N LEU B 1306 -51.75 44.58 121.53
CA LEU B 1306 -50.63 44.34 122.44
C LEU B 1306 -51.11 44.46 123.87
N THR B 1307 -51.70 43.36 124.37
CA THR B 1307 -52.09 43.28 125.76
C THR B 1307 -50.87 43.07 126.65
N PRO B 1308 -50.93 43.48 127.91
CA PRO B 1308 -49.79 43.21 128.83
C PRO B 1308 -49.50 41.73 129.02
N ARG B 1309 -50.52 40.87 128.98
CA ARG B 1309 -50.34 39.43 129.13
C ARG B 1309 -50.31 38.70 127.79
N SER B 1310 -49.85 39.38 126.73
CA SER B 1310 -49.88 38.80 125.40
C SER B 1310 -48.85 37.68 125.25
N THR B 1311 -49.28 36.56 124.70
CA THR B 1311 -48.36 35.47 124.41
C THR B 1311 -47.50 35.75 123.19
N GLY B 1312 -47.87 36.76 122.39
CA GLY B 1312 -47.08 37.12 121.24
C GLY B 1312 -47.48 36.36 119.98
N LEU B 1313 -46.63 36.49 118.96
CA LEU B 1313 -46.81 35.77 117.71
C LEU B 1313 -46.26 34.35 117.88
N LEU B 1314 -47.12 33.36 117.67
CA LEU B 1314 -46.72 31.96 117.78
C LEU B 1314 -46.86 31.33 116.41
N THR B 1315 -45.75 30.79 115.90
CA THR B 1315 -45.67 30.26 114.55
C THR B 1315 -45.03 28.88 114.57
N GLU B 1316 -45.46 28.01 113.66
CA GLU B 1316 -44.76 26.76 113.42
C GLU B 1316 -44.83 26.43 111.94
N TRP B 1317 -43.85 25.63 111.50
CA TRP B 1317 -43.49 25.51 110.10
C TRP B 1317 -43.89 24.15 109.56
N LEU B 1318 -44.41 24.14 108.32
CA LEU B 1318 -44.69 22.91 107.58
C LEU B 1318 -43.92 23.02 106.28
N GLN B 1319 -42.79 22.31 106.18
CA GLN B 1319 -41.90 22.47 105.03
C GLN B 1319 -42.44 21.79 103.79
N ILE B 1320 -43.09 20.64 103.95
CA ILE B 1320 -43.60 19.91 102.79
C ILE B 1320 -44.70 20.70 102.11
N ARG B 1321 -45.61 21.29 102.88
CA ARG B 1321 -46.67 22.11 102.32
C ARG B 1321 -46.30 23.58 102.21
N GLY B 1322 -45.18 24.00 102.79
CA GLY B 1322 -44.82 25.41 102.75
C GLY B 1322 -45.78 26.32 103.49
N SER B 1323 -46.16 25.93 104.70
CA SER B 1323 -47.15 26.68 105.48
C SER B 1323 -46.49 27.24 106.73
N LEU B 1324 -46.61 28.56 106.90
CA LEU B 1324 -46.12 29.22 108.11
C LEU B 1324 -47.34 29.47 109.01
N LEU B 1325 -47.74 28.40 109.72
CA LEU B 1325 -48.96 28.47 110.52
C LEU B 1325 -48.76 29.41 111.69
N THR B 1326 -49.55 30.48 111.75
CA THR B 1326 -49.31 31.56 112.70
C THR B 1326 -50.58 31.86 113.49
N THR B 1327 -50.39 32.41 114.69
CA THR B 1327 -51.50 32.83 115.54
C THR B 1327 -50.97 33.76 116.62
N GLY B 1328 -51.87 34.20 117.49
CA GLY B 1328 -51.55 35.16 118.53
C GLY B 1328 -52.77 35.66 119.25
N ASP B 1329 -52.90 36.98 119.39
CA ASP B 1329 -54.03 37.57 120.11
C ASP B 1329 -55.29 37.68 119.27
N VAL B 1330 -55.24 37.32 118.00
CA VAL B 1330 -56.43 37.21 117.19
C VAL B 1330 -57.03 35.83 117.40
N LYS B 1331 -58.34 35.73 117.24
CA LYS B 1331 -59.05 34.47 117.52
C LYS B 1331 -59.03 33.50 116.35
N VAL B 1332 -58.14 33.70 115.38
CA VAL B 1332 -58.08 32.90 114.17
C VAL B 1332 -56.66 32.39 113.99
N ILE B 1333 -56.51 31.10 113.72
CA ILE B 1333 -55.22 30.53 113.39
C ILE B 1333 -55.04 30.65 111.88
N ARG B 1334 -54.11 31.52 111.47
CA ARG B 1334 -53.98 31.87 110.07
C ARG B 1334 -52.95 30.98 109.35
N VAL B 1335 -53.29 30.66 108.11
CA VAL B 1335 -52.45 29.87 107.22
C VAL B 1335 -51.80 30.83 106.23
N TRP B 1336 -50.48 30.92 106.27
CA TRP B 1336 -49.73 31.70 105.29
C TRP B 1336 -48.99 30.74 104.38
N ASP B 1337 -49.29 30.82 103.08
CA ASP B 1337 -48.66 29.96 102.09
C ASP B 1337 -47.32 30.55 101.66
N ALA B 1338 -46.43 29.67 101.21
CA ALA B 1338 -45.10 30.10 100.80
C ALA B 1338 -44.94 30.28 99.31
N HIS B 1339 -45.71 29.56 98.50
CA HIS B 1339 -45.52 29.59 97.04
C HIS B 1339 -46.27 30.75 96.42
N THR B 1340 -47.57 30.87 96.69
CA THR B 1340 -48.36 31.97 96.14
C THR B 1340 -48.32 33.21 97.02
N GLU B 1341 -47.77 33.09 98.23
CA GLU B 1341 -47.65 34.19 99.19
C GLU B 1341 -49.00 34.81 99.53
N THR B 1342 -50.07 34.00 99.48
CA THR B 1342 -51.42 34.44 99.78
C THR B 1342 -51.98 33.60 100.93
N VAL B 1343 -52.96 34.17 101.63
CA VAL B 1343 -53.60 33.48 102.74
C VAL B 1343 -54.58 32.47 102.16
N GLU B 1344 -54.28 31.19 102.35
CA GLU B 1344 -55.10 30.13 101.76
C GLU B 1344 -56.45 30.02 102.47
N VAL B 1345 -56.44 30.00 103.79
CA VAL B 1345 -57.66 29.78 104.57
C VAL B 1345 -57.43 30.30 105.98
N ASP B 1346 -58.52 30.68 106.64
CA ASP B 1346 -58.48 31.18 108.01
C ASP B 1346 -59.31 30.27 108.90
N ILE B 1347 -58.72 29.80 109.99
CA ILE B 1347 -59.36 28.85 110.89
C ILE B 1347 -59.46 29.51 112.28
N PRO B 1348 -60.65 29.65 112.84
CA PRO B 1348 -60.79 30.32 114.14
C PRO B 1348 -60.36 29.41 115.30
N ALA B 1349 -60.28 30.03 116.48
CA ALA B 1349 -59.88 29.33 117.69
C ALA B 1349 -61.05 28.86 118.54
N LYS B 1350 -62.23 29.46 118.37
CA LYS B 1350 -63.47 29.04 119.04
C LYS B 1350 -63.35 29.09 120.55
N THR B 1351 -62.69 30.13 121.07
CA THR B 1351 -62.54 30.33 122.51
C THR B 1351 -62.21 31.79 122.76
N SER B 1352 -61.83 32.11 123.99
CA SER B 1352 -61.45 33.45 124.36
C SER B 1352 -60.09 33.53 125.05
N SER B 1353 -59.43 32.39 125.25
CA SER B 1353 -58.12 32.37 125.90
C SER B 1353 -57.02 32.61 124.90
N LEU B 1354 -55.78 32.55 125.38
CA LEU B 1354 -54.60 32.75 124.55
C LEU B 1354 -54.06 31.40 124.06
N ILE B 1355 -52.98 31.46 123.28
CA ILE B 1355 -52.35 30.28 122.73
C ILE B 1355 -50.92 30.19 123.25
N THR B 1356 -50.55 29.04 123.80
CA THR B 1356 -49.21 28.83 124.31
C THR B 1356 -48.38 27.84 123.50
N SER B 1357 -48.99 27.03 122.65
CA SER B 1357 -48.22 26.11 121.83
C SER B 1357 -49.03 25.72 120.60
N LEU B 1358 -48.33 25.15 119.61
CA LEU B 1358 -48.95 24.58 118.43
C LEU B 1358 -47.90 23.77 117.68
N THR B 1359 -48.27 22.56 117.28
CA THR B 1359 -47.41 21.70 116.46
C THR B 1359 -48.24 21.07 115.36
N ALA B 1360 -47.57 20.37 114.45
CA ALA B 1360 -48.24 19.75 113.33
C ALA B 1360 -47.39 18.60 112.80
N ASP B 1361 -48.02 17.76 111.99
CA ASP B 1361 -47.34 16.59 111.41
C ASP B 1361 -46.49 17.08 110.25
N GLN B 1362 -45.17 17.14 110.47
CA GLN B 1362 -44.25 17.64 109.46
C GLN B 1362 -44.22 16.78 108.21
N LEU B 1363 -44.62 15.51 108.30
CA LEU B 1363 -44.58 14.62 107.15
C LEU B 1363 -45.88 14.58 106.38
N ALA B 1364 -46.94 15.20 106.89
CA ALA B 1364 -48.23 15.19 106.21
C ALA B 1364 -48.79 16.58 105.95
N GLY B 1365 -48.63 17.50 106.89
CA GLY B 1365 -49.12 18.85 106.71
C GLY B 1365 -50.62 19.00 106.72
N ASN B 1366 -51.33 18.05 107.32
CA ASN B 1366 -52.79 18.09 107.35
C ASN B 1366 -53.40 17.95 108.74
N ILE B 1367 -52.60 17.74 109.77
CA ILE B 1367 -53.08 17.66 111.15
C ILE B 1367 -52.24 18.60 112.00
N PHE B 1368 -52.88 19.56 112.66
CA PHE B 1368 -52.17 20.46 113.56
C PHE B 1368 -52.94 20.57 114.87
N VAL B 1369 -52.20 20.51 115.97
CA VAL B 1369 -52.76 20.53 117.32
C VAL B 1369 -52.21 21.73 118.05
N ALA B 1370 -53.10 22.54 118.63
CA ALA B 1370 -52.72 23.76 119.32
C ALA B 1370 -53.08 23.64 120.79
N GLY B 1371 -52.24 24.24 121.64
CA GLY B 1371 -52.42 24.22 123.07
C GLY B 1371 -52.64 25.63 123.60
N PHE B 1372 -53.73 25.78 124.35
CA PHE B 1372 -54.23 27.06 124.84
C PHE B 1372 -54.07 27.15 126.35
N ALA B 1373 -53.80 28.37 126.83
CA ALA B 1373 -53.47 28.60 128.23
C ALA B 1373 -54.60 28.23 129.18
N ASP B 1374 -55.82 28.04 128.69
CA ASP B 1374 -56.93 27.62 129.52
C ASP B 1374 -57.03 26.10 129.72
N GLY B 1375 -56.05 25.33 129.24
CA GLY B 1375 -56.11 23.90 129.45
C GLY B 1375 -57.03 23.15 128.53
N SER B 1376 -57.47 23.77 127.43
CA SER B 1376 -58.30 23.11 126.43
C SER B 1376 -57.43 22.77 125.23
N LEU B 1377 -57.36 21.48 124.91
CA LEU B 1377 -56.51 20.99 123.83
C LEU B 1377 -57.42 20.51 122.70
N ARG B 1378 -57.27 21.10 121.51
CA ARG B 1378 -58.09 20.73 120.38
C ARG B 1378 -57.26 20.37 119.15
N VAL B 1379 -57.81 19.47 118.37
CA VAL B 1379 -57.29 19.07 117.06
C VAL B 1379 -58.29 19.50 116.01
N TYR B 1380 -57.81 20.19 114.98
CA TYR B 1380 -58.60 20.82 113.94
C TYR B 1380 -58.45 20.06 112.62
N ASP B 1381 -59.04 20.62 111.57
CA ASP B 1381 -59.02 20.03 110.24
C ASP B 1381 -58.63 21.08 109.21
N ARG B 1382 -58.09 20.60 108.09
CA ARG B 1382 -57.85 21.44 106.93
C ARG B 1382 -58.51 20.93 105.65
N ARG B 1383 -59.03 19.70 105.64
CA ARG B 1383 -59.67 19.16 104.44
C ARG B 1383 -61.11 19.62 104.28
N LEU B 1384 -61.66 20.33 105.25
CA LEU B 1384 -63.06 20.74 105.24
C LEU B 1384 -63.15 22.26 105.31
N ASP B 1385 -64.37 22.77 105.45
CA ASP B 1385 -64.60 24.19 105.56
C ASP B 1385 -64.11 24.72 106.91
N PRO B 1386 -63.79 26.01 107.00
CA PRO B 1386 -63.30 26.57 108.28
C PRO B 1386 -64.33 26.56 109.39
N ARG B 1387 -65.63 26.53 109.07
CA ARG B 1387 -66.65 26.53 110.11
C ARG B 1387 -66.70 25.18 110.82
N ASP B 1388 -66.60 24.09 110.08
CA ASP B 1388 -66.51 22.74 110.66
C ASP B 1388 -65.10 22.18 110.56
N SER B 1389 -64.10 23.06 110.55
CA SER B 1389 -62.71 22.62 110.68
C SER B 1389 -62.40 22.09 112.07
N MET B 1390 -63.27 22.34 113.04
CA MET B 1390 -63.17 21.73 114.35
C MET B 1390 -63.36 20.22 114.26
N ILE B 1391 -62.46 19.47 114.88
CA ILE B 1391 -62.58 18.01 114.98
C ILE B 1391 -62.82 17.56 116.41
N ARG B 1392 -61.86 17.79 117.31
CA ARG B 1392 -61.97 17.20 118.64
C ARG B 1392 -61.41 18.12 119.70
N ARG B 1393 -62.07 18.11 120.88
CA ARG B 1393 -61.70 18.95 122.01
C ARG B 1393 -61.61 18.11 123.27
N TRP B 1394 -60.51 18.27 124.01
CA TRP B 1394 -60.30 17.61 125.29
C TRP B 1394 -59.78 18.62 126.29
N ARG B 1395 -59.70 18.21 127.55
CA ARG B 1395 -59.21 19.07 128.62
C ARG B 1395 -58.03 18.41 129.31
N ALA B 1396 -57.01 19.21 129.61
CA ALA B 1396 -55.81 18.71 130.28
C ALA B 1396 -56.15 18.36 131.72
N GLY B 1397 -56.24 17.07 132.02
CA GLY B 1397 -56.57 16.61 133.35
C GLY B 1397 -58.06 16.61 133.61
N ASN B 1398 -58.44 16.08 134.77
CA ASN B 1398 -59.83 16.01 135.19
C ASN B 1398 -60.27 17.24 135.99
N ASP B 1399 -59.35 18.16 136.29
CA ASP B 1399 -59.69 19.34 137.05
C ASP B 1399 -60.49 20.31 136.21
N LYS B 1400 -61.53 20.90 136.81
CA LYS B 1400 -62.35 21.88 136.12
C LYS B 1400 -61.65 23.23 135.98
N GLN B 1401 -60.67 23.53 136.84
CA GLN B 1401 -59.97 24.79 136.79
C GLN B 1401 -59.04 24.83 135.58
N GLY B 1402 -58.93 26.01 134.97
CA GLY B 1402 -58.06 26.18 133.83
C GLY B 1402 -56.58 26.12 134.19
N VAL B 1403 -55.92 25.06 133.76
CA VAL B 1403 -54.51 24.86 134.04
C VAL B 1403 -53.69 25.36 132.87
N TRP B 1404 -52.67 26.16 133.16
CA TRP B 1404 -51.79 26.67 132.11
C TRP B 1404 -51.00 25.52 131.49
N ILE B 1405 -50.87 25.57 130.17
CA ILE B 1405 -50.12 24.59 129.40
C ILE B 1405 -48.87 25.27 128.87
N ASN B 1406 -47.71 24.65 129.11
CA ASN B 1406 -46.45 25.24 128.67
C ASN B 1406 -46.07 24.78 127.26
N ASN B 1407 -46.20 23.48 126.98
CA ASN B 1407 -45.87 23.00 125.64
C ASN B 1407 -46.63 21.72 125.33
N VAL B 1408 -47.07 21.63 124.07
CA VAL B 1408 -47.60 20.41 123.47
C VAL B 1408 -46.78 20.14 122.22
N HIS B 1409 -46.32 18.91 122.06
CA HIS B 1409 -45.42 18.56 120.97
C HIS B 1409 -45.84 17.25 120.34
N LEU B 1410 -45.64 17.16 119.03
CA LEU B 1410 -45.81 15.92 118.28
C LEU B 1410 -44.48 15.61 117.63
N GLN B 1411 -43.92 14.44 117.93
CA GLN B 1411 -42.59 14.09 117.45
C GLN B 1411 -42.62 13.78 115.96
N ARG B 1412 -41.57 14.21 115.26
CA ARG B 1412 -41.47 13.95 113.83
C ARG B 1412 -41.25 12.48 113.53
N GLY B 1413 -40.34 11.84 114.28
CA GLY B 1413 -40.01 10.46 114.08
C GLY B 1413 -40.40 9.58 115.25
N GLY B 1414 -39.90 8.35 115.24
CA GLY B 1414 -40.23 7.41 116.29
C GLY B 1414 -41.67 6.93 116.13
N TYR B 1415 -42.37 6.80 117.26
CA TYR B 1415 -43.76 6.38 117.25
C TYR B 1415 -44.74 7.55 117.20
N ARG B 1416 -44.23 8.78 117.25
CA ARG B 1416 -45.02 10.00 117.04
C ARG B 1416 -46.18 10.08 118.05
N GLU B 1417 -45.81 10.23 119.32
CA GLU B 1417 -46.77 10.33 120.40
C GLU B 1417 -47.06 11.80 120.71
N LEU B 1418 -48.34 12.12 120.84
CA LEU B 1418 -48.77 13.48 121.15
C LEU B 1418 -48.60 13.73 122.64
N VAL B 1419 -47.59 14.54 123.00
CA VAL B 1419 -47.23 14.79 124.39
C VAL B 1419 -47.67 16.20 124.76
N SER B 1420 -48.24 16.35 125.94
CA SER B 1420 -48.73 17.64 126.44
C SER B 1420 -48.28 17.82 127.88
N GLY B 1421 -47.95 19.06 128.24
CA GLY B 1421 -47.54 19.36 129.60
C GLY B 1421 -48.36 20.49 130.19
N ALA B 1422 -48.51 20.44 131.52
CA ALA B 1422 -49.22 21.49 132.23
C ALA B 1422 -48.37 22.02 133.37
N THR B 1423 -48.66 23.26 133.78
CA THR B 1423 -47.84 23.94 134.78
C THR B 1423 -47.95 23.31 136.16
N ASN B 1424 -49.09 22.67 136.46
CA ASN B 1424 -49.23 21.98 137.75
C ASN B 1424 -48.27 20.80 137.87
N GLY B 1425 -47.86 20.21 136.75
CA GLY B 1425 -46.92 19.11 136.74
C GLY B 1425 -47.36 17.90 135.96
N VAL B 1426 -48.58 17.86 135.41
CA VAL B 1426 -49.04 16.66 134.72
C VAL B 1426 -48.56 16.68 133.27
N VAL B 1427 -47.97 15.57 132.85
CA VAL B 1427 -47.56 15.36 131.46
C VAL B 1427 -48.32 14.15 130.95
N GLU B 1428 -49.00 14.31 129.82
CA GLU B 1428 -49.90 13.30 129.31
C GLU B 1428 -49.62 13.02 127.84
N LEU B 1429 -49.71 11.75 127.48
CA LEU B 1429 -49.56 11.30 126.09
C LEU B 1429 -50.91 10.82 125.62
N TRP B 1430 -51.39 11.38 124.52
CA TRP B 1430 -52.76 11.16 124.06
C TRP B 1430 -52.78 10.55 122.66
N ASP B 1431 -54.00 10.40 122.13
CA ASP B 1431 -54.25 9.95 120.77
C ASP B 1431 -55.27 10.88 120.12
N ILE B 1432 -55.07 11.16 118.84
CA ILE B 1432 -56.01 12.02 118.11
C ILE B 1432 -57.34 11.31 117.89
N ARG B 1433 -57.29 10.03 117.53
CA ARG B 1433 -58.51 9.31 117.17
C ARG B 1433 -59.42 9.08 118.37
N SER B 1434 -58.86 8.68 119.50
CA SER B 1434 -59.66 8.37 120.66
C SER B 1434 -60.03 9.65 121.42
N GLU B 1435 -60.72 9.48 122.54
CA GLU B 1435 -61.15 10.60 123.37
C GLU B 1435 -60.55 10.61 124.76
N ASP B 1436 -60.03 9.48 125.24
CA ASP B 1436 -59.49 9.39 126.58
C ASP B 1436 -57.97 9.45 126.55
N PRO B 1437 -57.35 9.97 127.61
CA PRO B 1437 -55.89 9.97 127.69
C PRO B 1437 -55.31 8.56 127.67
N VAL B 1438 -54.14 8.42 127.05
CA VAL B 1438 -53.48 7.13 126.95
C VAL B 1438 -52.51 6.91 128.09
N GLU B 1439 -51.68 7.91 128.41
CA GLU B 1439 -50.76 7.76 129.53
C GLU B 1439 -50.60 9.11 130.22
N SER B 1440 -50.26 9.06 131.51
CA SER B 1440 -50.10 10.27 132.29
C SER B 1440 -49.07 10.03 133.39
N PHE B 1441 -48.39 11.10 133.78
CA PHE B 1441 -47.48 11.08 134.92
C PHE B 1441 -47.28 12.50 135.41
N VAL B 1442 -46.53 12.64 136.49
CA VAL B 1442 -46.31 13.95 137.09
C VAL B 1442 -44.82 14.17 137.40
N THR B 1458 -45.40 24.43 139.82
CA THR B 1458 -45.09 25.38 138.76
C THR B 1458 -44.07 24.79 137.79
N MET B 1459 -44.51 23.84 136.96
CA MET B 1459 -43.63 23.23 135.97
C MET B 1459 -43.34 24.27 134.89
N THR B 1460 -42.09 24.73 134.83
CA THR B 1460 -41.76 25.89 134.01
C THR B 1460 -41.70 25.56 132.52
N CYS B 1461 -41.10 24.43 132.15
CA CYS B 1461 -40.86 24.15 130.73
C CYS B 1461 -40.67 22.66 130.51
N MET B 1462 -41.52 22.07 129.68
CA MET B 1462 -41.45 20.66 129.31
C MET B 1462 -41.04 20.57 127.85
N GLN B 1463 -40.03 19.76 127.56
CA GLN B 1463 -39.53 19.61 126.21
C GLN B 1463 -39.40 18.13 125.85
N VAL B 1464 -39.67 17.82 124.60
CA VAL B 1464 -39.52 16.47 124.08
C VAL B 1464 -38.52 16.53 122.92
N HIS B 1465 -37.43 15.77 123.04
CA HIS B 1465 -36.49 15.66 121.94
C HIS B 1465 -37.17 14.92 120.79
N GLU B 1466 -36.84 15.33 119.56
CA GLU B 1466 -37.64 14.95 118.39
C GLU B 1466 -37.62 13.45 118.12
N HIS B 1467 -36.53 12.77 118.42
CA HIS B 1467 -36.44 11.35 118.14
C HIS B 1467 -36.13 10.48 119.35
N ALA B 1468 -35.43 11.01 120.35
CA ALA B 1468 -35.11 10.23 121.53
C ALA B 1468 -36.35 10.07 122.40
N PRO B 1469 -36.73 8.84 122.77
CA PRO B 1469 -37.92 8.65 123.60
C PRO B 1469 -37.72 9.15 125.03
N ILE B 1470 -37.74 10.48 125.19
CA ILE B 1470 -37.58 11.10 126.50
C ILE B 1470 -38.55 12.27 126.62
N ILE B 1471 -38.88 12.63 127.86
CA ILE B 1471 -39.65 13.83 128.17
C ILE B 1471 -38.95 14.53 129.32
N ALA B 1472 -38.56 15.78 129.14
CA ALA B 1472 -37.75 16.48 130.11
C ALA B 1472 -38.54 17.63 130.71
N THR B 1473 -38.47 17.77 132.04
CA THR B 1473 -39.11 18.85 132.76
C THR B 1473 -38.06 19.70 133.47
N GLY B 1474 -38.15 21.01 133.26
CA GLY B 1474 -37.21 21.95 133.83
C GLY B 1474 -37.75 22.63 135.06
N THR B 1475 -37.08 22.41 136.19
CA THR B 1475 -37.47 22.94 137.49
C THR B 1475 -36.19 23.34 138.19
N LYS B 1476 -36.24 23.48 139.51
CA LYS B 1476 -35.02 23.59 140.30
C LYS B 1476 -34.10 22.38 140.08
N GLN B 1477 -34.66 21.23 139.72
CA GLN B 1477 -33.90 20.08 139.26
C GLN B 1477 -34.46 19.61 137.93
N ILE B 1478 -33.59 19.49 136.93
CA ILE B 1478 -33.99 19.02 135.61
C ILE B 1478 -34.23 17.52 135.69
N LYS B 1479 -35.39 17.06 135.23
CA LYS B 1479 -35.80 15.68 135.48
C LYS B 1479 -36.34 15.07 134.20
N ILE B 1480 -35.80 13.90 133.83
CA ILE B 1480 -35.96 13.33 132.50
C ILE B 1480 -36.59 11.94 132.62
N TRP B 1481 -37.67 11.74 131.87
CA TRP B 1481 -38.54 10.58 131.87
C TRP B 1481 -38.41 9.82 130.55
N THR B 1482 -38.73 8.53 130.59
CA THR B 1482 -39.03 7.80 129.37
C THR B 1482 -40.44 8.19 128.90
N THR B 1483 -40.62 8.25 127.58
CA THR B 1483 -41.92 8.56 127.00
C THR B 1483 -43.00 7.54 127.37
N SER B 1484 -42.60 6.34 127.78
CA SER B 1484 -43.54 5.36 128.33
C SER B 1484 -43.84 5.59 129.80
N GLY B 1485 -43.25 6.61 130.42
CA GLY B 1485 -43.61 7.02 131.76
C GLY B 1485 -42.57 6.70 132.83
N ASP B 1486 -41.48 6.03 132.49
CA ASP B 1486 -40.49 5.66 133.50
C ASP B 1486 -39.45 6.76 133.67
N LEU B 1487 -39.07 7.02 134.92
CA LEU B 1487 -38.01 7.96 135.22
C LEU B 1487 -36.67 7.46 134.67
N LEU B 1488 -35.90 8.38 134.10
CA LEU B 1488 -34.55 8.08 133.65
C LEU B 1488 -33.49 8.74 134.49
N ASN B 1489 -33.55 10.06 134.70
CA ASN B 1489 -32.42 10.73 135.32
C ASN B 1489 -32.94 12.04 135.92
N SER B 1490 -32.13 12.61 136.82
CA SER B 1490 -32.40 13.94 137.37
C SER B 1490 -31.06 14.57 137.77
N PHE B 1491 -30.94 15.87 137.56
CA PHE B 1491 -29.70 16.57 137.88
C PHE B 1491 -30.02 18.05 138.08
N LYS B 1492 -28.98 18.87 138.18
CA LYS B 1492 -29.15 20.30 138.31
C LYS B 1492 -28.36 21.03 137.22
N ALA B 1520 -33.38 28.69 142.26
CA ALA B 1520 -33.84 29.60 141.21
C ALA B 1520 -34.73 28.87 140.21
N PHE B 1521 -35.00 29.51 139.08
CA PHE B 1521 -35.87 28.95 138.06
C PHE B 1521 -35.19 29.01 136.69
N LEU B 1522 -35.29 27.91 135.94
CA LEU B 1522 -34.81 27.86 134.59
C LEU B 1522 -35.65 28.74 133.68
N SER B 1523 -35.07 29.13 132.55
CA SER B 1523 -35.79 29.96 131.58
C SER B 1523 -36.55 29.11 130.57
N SER B 1524 -35.84 28.28 129.80
CA SER B 1524 -36.47 27.43 128.80
C SER B 1524 -35.51 26.31 128.42
N MET B 1525 -36.06 25.14 128.09
CA MET B 1525 -35.28 24.01 127.63
C MET B 1525 -35.35 23.90 126.12
N ALA B 1526 -34.34 23.27 125.54
CA ALA B 1526 -34.29 23.04 124.10
C ALA B 1526 -33.35 21.87 123.84
N PHE B 1527 -33.62 21.18 122.73
CA PHE B 1527 -32.82 20.04 122.30
C PHE B 1527 -32.26 20.28 120.91
N HIS B 1528 -31.04 19.81 120.70
CA HIS B 1528 -30.54 19.65 119.34
C HIS B 1528 -31.37 18.58 118.66
N PRO B 1529 -31.84 18.80 117.43
CA PRO B 1529 -32.88 17.93 116.86
C PRO B 1529 -32.49 16.47 116.69
N HIS B 1530 -31.21 16.16 116.52
CA HIS B 1530 -30.83 14.78 116.29
C HIS B 1530 -29.77 14.26 117.27
N ARG B 1531 -28.82 15.09 117.67
CA ARG B 1531 -27.87 14.68 118.68
C ARG B 1531 -28.43 14.95 120.08
N MET B 1532 -28.00 14.13 121.05
CA MET B 1532 -28.53 14.17 122.40
C MET B 1532 -27.87 15.31 123.16
N MET B 1533 -28.33 16.53 122.85
CA MET B 1533 -27.71 17.75 123.33
C MET B 1533 -28.83 18.62 123.88
N ILE B 1534 -28.72 19.04 125.14
CA ILE B 1534 -29.80 19.77 125.81
C ILE B 1534 -29.27 21.09 126.35
N ALA B 1535 -30.00 22.17 126.09
CA ALA B 1535 -29.57 23.51 126.47
C ALA B 1535 -30.36 23.99 127.68
N ALA B 1536 -29.65 24.55 128.67
CA ALA B 1536 -30.28 25.02 129.90
C ALA B 1536 -29.77 26.41 130.25
N THR B 1537 -30.70 27.32 130.54
CA THR B 1537 -30.36 28.63 131.04
C THR B 1537 -31.33 29.01 132.16
N ASN B 1538 -30.82 29.78 133.12
CA ASN B 1538 -31.59 30.20 134.28
C ASN B 1538 -32.18 31.58 134.07
N SER B 1539 -33.36 31.79 134.65
CA SER B 1539 -33.91 33.13 134.76
C SER B 1539 -33.03 33.98 135.66
N HIS B 1540 -32.95 35.27 135.36
CA HIS B 1540 -32.01 36.19 136.02
C HIS B 1540 -30.58 35.69 135.92
N ASP B 1541 -30.22 35.18 134.74
CA ASP B 1541 -28.88 34.69 134.49
C ASP B 1541 -28.55 34.91 133.02
N SER B 1542 -27.29 35.24 132.75
CA SER B 1542 -26.79 35.43 131.39
C SER B 1542 -25.89 34.29 130.94
N ILE B 1543 -25.81 33.22 131.71
CA ILE B 1543 -24.96 32.08 131.39
C ILE B 1543 -25.84 30.90 130.98
N VAL B 1544 -25.55 30.33 129.82
CA VAL B 1544 -26.28 29.19 129.28
C VAL B 1544 -25.32 28.00 129.23
N ASN B 1545 -25.72 26.90 129.86
CA ASN B 1545 -24.94 25.67 129.83
C ASN B 1545 -25.57 24.72 128.82
N ILE B 1546 -24.74 23.86 128.23
CA ILE B 1546 -25.22 22.86 127.29
C ILE B 1546 -24.70 21.51 127.74
N TYR B 1547 -25.59 20.53 127.87
CA TYR B 1547 -25.27 19.21 128.40
C TYR B 1547 -25.40 18.16 127.29
N LYS B 1548 -24.58 17.12 127.39
CA LYS B 1548 -24.49 16.08 126.37
C LYS B 1548 -24.79 14.73 126.99
N CYS B 1549 -25.58 13.90 126.30
CA CYS B 1549 -25.79 12.54 126.77
C CYS B 1549 -24.72 11.61 126.20
N GLU B 1550 -24.11 10.81 127.08
CA GLU B 1550 -23.08 9.86 126.68
C GLU B 1550 -23.31 8.55 127.41
N ASP B 1551 -22.39 7.61 127.24
CA ASP B 1551 -22.49 6.32 127.91
C ASP B 1551 -21.65 6.31 129.18
N VAL C 3 -33.90 -101.00 -0.79
CA VAL C 3 -34.05 -99.70 -0.17
C VAL C 3 -32.91 -98.79 -0.61
N ILE C 4 -33.20 -97.49 -0.75
CA ILE C 4 -32.18 -96.54 -1.20
C ILE C 4 -32.08 -95.40 -0.20
N LEU C 5 -30.84 -94.95 0.00
CA LEU C 5 -30.49 -93.75 0.75
C LEU C 5 -29.75 -92.83 -0.19
N VAL C 6 -30.16 -91.55 -0.23
CA VAL C 6 -29.51 -90.56 -1.08
C VAL C 6 -29.05 -89.42 -0.18
N SER C 7 -27.76 -89.06 -0.30
CA SER C 7 -27.15 -88.08 0.59
C SER C 7 -26.48 -86.97 -0.21
N ALA C 8 -26.63 -85.74 0.25
CA ALA C 8 -26.07 -84.60 -0.43
C ALA C 8 -25.57 -83.58 0.59
N GLY C 9 -24.52 -82.85 0.19
CA GLY C 9 -23.88 -81.91 1.09
C GLY C 9 -22.93 -80.96 0.41
N TYR C 10 -21.93 -80.46 1.15
CA TYR C 10 -21.06 -79.40 0.65
C TYR C 10 -19.90 -79.92 -0.19
N ASP C 11 -19.78 -81.23 -0.37
CA ASP C 11 -18.74 -81.77 -1.26
C ASP C 11 -19.00 -81.53 -2.72
N HIS C 12 -20.07 -80.82 -3.08
CA HIS C 12 -20.53 -80.68 -4.46
C HIS C 12 -20.78 -82.05 -5.08
N THR C 13 -21.21 -83.01 -4.26
CA THR C 13 -21.50 -84.36 -4.71
C THR C 13 -22.80 -84.84 -4.09
N ILE C 14 -23.62 -85.52 -4.87
CA ILE C 14 -24.71 -86.32 -4.34
C ILE C 14 -24.29 -87.78 -4.49
N ARG C 15 -24.65 -88.61 -3.51
CA ARG C 15 -24.25 -90.00 -3.55
C ARG C 15 -25.38 -90.91 -3.13
N PHE C 16 -25.34 -92.14 -3.64
CA PHE C 16 -26.30 -93.18 -3.31
C PHE C 16 -25.62 -94.19 -2.38
N TRP C 17 -26.20 -94.40 -1.21
CA TRP C 17 -25.58 -95.22 -0.17
C TRP C 17 -26.08 -96.65 -0.24
N GLU C 18 -25.18 -97.59 0.00
CA GLU C 18 -25.49 -99.02 0.03
C GLU C 18 -25.19 -99.57 1.41
N ALA C 19 -26.13 -100.35 1.95
CA ALA C 19 -26.01 -100.86 3.31
C ALA C 19 -25.45 -102.28 3.37
N LEU C 20 -25.69 -103.09 2.34
CA LEU C 20 -25.22 -104.47 2.34
C LEU C 20 -23.69 -104.53 2.32
N THR C 21 -23.06 -103.68 1.53
CA THR C 21 -21.61 -103.64 1.42
C THR C 21 -20.97 -102.51 2.21
N GLY C 22 -21.76 -101.54 2.68
CA GLY C 22 -21.24 -100.49 3.53
C GLY C 22 -20.45 -99.40 2.83
N VAL C 23 -20.49 -99.34 1.51
CA VAL C 23 -19.77 -98.32 0.76
C VAL C 23 -20.73 -97.73 -0.26
N CYS C 24 -20.44 -96.50 -0.68
CA CYS C 24 -21.26 -95.81 -1.68
C CYS C 24 -21.28 -96.55 -3.01
N SER C 25 -22.41 -96.47 -3.69
CA SER C 25 -22.59 -97.10 -5.00
C SER C 25 -22.31 -96.13 -6.14
N ARG C 26 -23.05 -95.02 -6.20
CA ARG C 26 -22.94 -94.07 -7.30
C ARG C 26 -22.73 -92.66 -6.77
N THR C 27 -21.88 -91.91 -7.47
CA THR C 27 -21.56 -90.53 -7.15
C THR C 27 -21.88 -89.67 -8.36
N ILE C 28 -22.52 -88.52 -8.12
CA ILE C 28 -22.81 -87.56 -9.18
C ILE C 28 -22.30 -86.20 -8.73
N GLN C 29 -21.48 -85.58 -9.57
CA GLN C 29 -20.96 -84.25 -9.28
C GLN C 29 -22.01 -83.18 -9.57
N HIS C 30 -22.11 -82.21 -8.66
CA HIS C 30 -23.06 -81.12 -8.75
C HIS C 30 -22.28 -79.81 -8.54
N SER C 31 -21.61 -79.36 -9.60
CA SER C 31 -20.63 -78.28 -9.49
C SER C 31 -21.16 -76.95 -10.03
N ASP C 32 -22.29 -76.50 -9.47
CA ASP C 32 -22.72 -75.14 -9.75
C ASP C 32 -23.04 -74.37 -8.49
N SER C 33 -23.62 -75.06 -7.51
CA SER C 33 -24.06 -74.43 -6.27
C SER C 33 -24.13 -75.51 -5.20
N GLN C 34 -24.73 -75.18 -4.06
CA GLN C 34 -24.88 -76.13 -2.96
C GLN C 34 -26.09 -77.02 -3.24
N VAL C 35 -26.45 -77.83 -2.24
CA VAL C 35 -27.69 -78.58 -2.23
C VAL C 35 -28.38 -78.30 -0.91
N ASN C 36 -29.71 -78.18 -0.94
CA ASN C 36 -30.49 -77.91 0.26
C ASN C 36 -31.34 -79.09 0.70
N ARG C 37 -32.02 -79.75 -0.23
CA ARG C 37 -32.87 -80.90 0.08
C ARG C 37 -33.06 -81.70 -1.20
N LEU C 38 -33.65 -82.88 -1.08
CA LEU C 38 -33.98 -83.67 -2.25
C LEU C 38 -35.15 -84.58 -1.91
N GLU C 39 -35.68 -85.24 -2.95
CA GLU C 39 -36.84 -86.11 -2.80
C GLU C 39 -36.75 -87.26 -3.79
N ILE C 40 -37.35 -88.39 -3.40
CA ILE C 40 -37.32 -89.64 -4.16
C ILE C 40 -38.73 -90.00 -4.57
N THR C 41 -38.90 -90.41 -5.83
CA THR C 41 -40.18 -90.91 -6.29
C THR C 41 -40.52 -92.23 -5.60
N ASN C 42 -41.82 -92.52 -5.52
CA ASN C 42 -42.28 -93.77 -4.93
C ASN C 42 -41.84 -94.97 -5.77
N ASP C 43 -41.88 -94.83 -7.09
CA ASP C 43 -41.55 -95.93 -8.00
C ASP C 43 -40.08 -95.99 -8.37
N LYS C 44 -39.24 -95.13 -7.78
CA LYS C 44 -37.79 -95.12 -7.97
C LYS C 44 -37.43 -94.91 -9.44
N LYS C 45 -37.86 -93.78 -9.98
CA LYS C 45 -37.57 -93.39 -11.35
C LYS C 45 -36.52 -92.29 -11.46
N LEU C 46 -36.75 -91.16 -10.80
CA LEU C 46 -35.82 -90.05 -10.79
C LEU C 46 -35.68 -89.53 -9.38
N LEU C 47 -34.63 -88.75 -9.14
CA LEU C 47 -34.49 -88.03 -7.87
C LEU C 47 -34.43 -86.54 -8.12
N ALA C 48 -35.16 -85.78 -7.30
CA ALA C 48 -35.27 -84.34 -7.46
C ALA C 48 -34.41 -83.66 -6.41
N THR C 49 -33.35 -83.00 -6.84
CA THR C 49 -32.44 -82.29 -5.95
C THR C 49 -32.63 -80.79 -6.08
N ALA C 50 -32.46 -80.09 -4.96
CA ALA C 50 -32.69 -78.67 -4.86
C ALA C 50 -31.38 -77.95 -4.59
N GLY C 51 -31.04 -77.00 -5.45
CA GLY C 51 -29.85 -76.20 -5.27
C GLY C 51 -30.15 -74.72 -5.10
N HIS C 52 -29.67 -73.90 -6.03
CA HIS C 52 -29.94 -72.47 -6.03
C HIS C 52 -30.52 -72.07 -7.37
N GLN C 53 -31.69 -71.43 -7.34
CA GLN C 53 -32.44 -70.93 -8.52
C GLN C 53 -32.54 -71.96 -9.65
N ASN C 54 -32.46 -73.23 -9.30
CA ASN C 54 -32.52 -74.33 -10.27
C ASN C 54 -32.77 -75.63 -9.53
N VAL C 55 -33.81 -76.36 -9.95
CA VAL C 55 -34.10 -77.68 -9.38
C VAL C 55 -33.88 -78.73 -10.46
N ARG C 56 -33.21 -79.81 -10.09
CA ARG C 56 -32.79 -80.80 -11.07
C ARG C 56 -33.46 -82.14 -10.81
N LEU C 57 -33.76 -82.86 -11.88
CA LEU C 57 -34.26 -84.23 -11.85
C LEU C 57 -33.19 -85.10 -12.50
N TYR C 58 -32.53 -85.91 -11.68
CA TYR C 58 -31.46 -86.79 -12.12
C TYR C 58 -31.95 -88.22 -12.23
N ASP C 59 -31.33 -88.97 -13.14
CA ASP C 59 -31.72 -90.35 -13.42
C ASP C 59 -31.12 -91.30 -12.40
N ILE C 60 -31.43 -92.59 -12.55
CA ILE C 60 -30.95 -93.62 -11.63
C ILE C 60 -30.18 -94.69 -12.40
N ARG C 61 -30.84 -95.33 -13.37
CA ARG C 61 -30.22 -96.45 -14.08
C ARG C 61 -29.05 -96.00 -14.96
N THR C 62 -29.15 -94.81 -15.55
CA THR C 62 -28.08 -94.31 -16.39
C THR C 62 -26.84 -94.02 -15.53
N THR C 63 -25.67 -94.39 -16.06
CA THR C 63 -24.44 -94.35 -15.29
C THR C 63 -23.83 -92.96 -15.36
N ASN C 64 -24.01 -92.17 -14.29
CA ASN C 64 -23.48 -90.83 -14.06
C ASN C 64 -23.67 -89.87 -15.24
N PRO C 65 -24.91 -89.59 -15.67
CA PRO C 65 -25.07 -88.68 -16.81
C PRO C 65 -25.06 -87.22 -16.38
N ASN C 66 -25.34 -86.34 -17.31
CA ASN C 66 -25.58 -84.93 -17.03
C ASN C 66 -26.98 -84.79 -16.43
N PRO C 67 -27.38 -83.58 -16.02
CA PRO C 67 -28.78 -83.37 -15.62
C PRO C 67 -29.76 -83.83 -16.69
N VAL C 68 -30.75 -84.61 -16.26
CA VAL C 68 -31.76 -85.13 -17.17
C VAL C 68 -32.89 -84.14 -17.37
N ALA C 69 -33.40 -83.56 -16.28
CA ALA C 69 -34.37 -82.49 -16.38
C ALA C 69 -33.96 -81.35 -15.45
N SER C 70 -34.28 -80.12 -15.85
CA SER C 70 -33.94 -78.95 -15.06
C SER C 70 -35.05 -77.92 -15.16
N PHE C 71 -35.42 -77.35 -14.02
CA PHE C 71 -36.40 -76.28 -13.96
C PHE C 71 -35.75 -75.04 -13.35
N GLU C 72 -35.92 -73.90 -14.01
CA GLU C 72 -35.32 -72.64 -13.61
C GLU C 72 -36.35 -71.53 -13.69
N GLY C 73 -36.11 -70.46 -12.95
CA GLY C 73 -36.99 -69.31 -12.99
C GLY C 73 -37.20 -68.62 -11.65
N HIS C 74 -36.77 -69.27 -10.57
CA HIS C 74 -36.92 -68.68 -9.25
C HIS C 74 -35.80 -67.67 -8.98
N ARG C 75 -36.11 -66.69 -8.15
CA ARG C 75 -35.15 -65.65 -7.80
C ARG C 75 -34.36 -65.97 -6.54
N GLY C 76 -34.93 -66.76 -5.63
CA GLY C 76 -34.23 -67.20 -4.43
C GLY C 76 -33.82 -68.66 -4.54
N ASN C 77 -33.13 -69.11 -3.50
CA ASN C 77 -32.67 -70.49 -3.45
C ASN C 77 -33.82 -71.45 -3.14
N VAL C 78 -33.90 -72.52 -3.92
CA VAL C 78 -34.96 -73.50 -3.76
C VAL C 78 -34.73 -74.32 -2.49
N THR C 79 -35.80 -74.51 -1.71
CA THR C 79 -35.72 -75.14 -0.40
C THR C 79 -36.38 -76.52 -0.36
N SER C 80 -37.66 -76.61 -0.72
CA SER C 80 -38.38 -77.87 -0.66
C SER C 80 -39.11 -78.12 -1.96
N VAL C 81 -38.92 -79.31 -2.53
CA VAL C 81 -39.60 -79.73 -3.75
C VAL C 81 -40.41 -80.98 -3.43
N SER C 82 -41.64 -81.03 -3.92
CA SER C 82 -42.55 -82.12 -3.65
C SER C 82 -43.05 -82.72 -4.95
N PHE C 83 -43.03 -84.06 -4.99
CA PHE C 83 -43.51 -84.86 -6.10
C PHE C 83 -45.04 -84.94 -6.05
N GLN C 84 -45.59 -85.82 -6.89
CA GLN C 84 -46.99 -86.22 -6.79
C GLN C 84 -47.05 -87.72 -7.00
N GLN C 85 -48.04 -88.37 -6.36
CA GLN C 85 -48.13 -89.82 -6.47
C GLN C 85 -48.48 -90.29 -7.88
N ASP C 86 -49.11 -89.45 -8.68
CA ASP C 86 -49.29 -89.72 -10.10
C ASP C 86 -48.20 -89.11 -10.96
N ASN C 87 -47.22 -88.43 -10.35
CA ASN C 87 -46.09 -87.80 -11.04
C ASN C 87 -46.57 -86.81 -12.10
N ARG C 88 -47.58 -86.00 -11.74
CA ARG C 88 -48.18 -85.06 -12.68
C ARG C 88 -47.65 -83.64 -12.50
N TRP C 89 -47.80 -83.08 -11.30
CA TRP C 89 -47.35 -81.72 -11.02
C TRP C 89 -46.22 -81.73 -9.99
N MET C 90 -45.22 -80.87 -10.22
CA MET C 90 -44.11 -80.69 -9.30
C MET C 90 -44.35 -79.39 -8.54
N VAL C 91 -44.29 -79.43 -7.22
CA VAL C 91 -44.56 -78.23 -6.43
C VAL C 91 -43.28 -77.83 -5.71
N THR C 92 -42.77 -76.65 -6.04
CA THR C 92 -41.47 -76.21 -5.53
C THR C 92 -41.62 -74.93 -4.71
N SER C 93 -40.76 -74.79 -3.71
CA SER C 93 -40.72 -73.62 -2.85
C SER C 93 -39.35 -72.98 -2.91
N SER C 94 -39.29 -71.68 -2.61
CA SER C 94 -38.04 -70.96 -2.62
C SER C 94 -38.15 -69.75 -1.69
N GLU C 95 -37.02 -69.10 -1.45
CA GLU C 95 -36.95 -67.95 -0.57
C GLU C 95 -37.21 -66.64 -1.32
N ASP C 96 -37.91 -66.71 -2.45
CA ASP C 96 -38.34 -65.52 -3.18
C ASP C 96 -39.84 -65.31 -3.14
N GLY C 97 -40.56 -66.08 -2.32
CA GLY C 97 -41.99 -65.94 -2.19
C GLY C 97 -42.82 -66.64 -3.24
N THR C 98 -42.20 -67.35 -4.17
CA THR C 98 -42.92 -68.01 -5.24
C THR C 98 -43.07 -69.49 -4.90
N ILE C 99 -44.30 -69.97 -4.90
CA ILE C 99 -44.60 -71.38 -4.70
C ILE C 99 -45.09 -71.89 -6.05
N LYS C 100 -44.20 -72.53 -6.80
CA LYS C 100 -44.38 -72.72 -8.22
C LYS C 100 -44.82 -74.13 -8.56
N VAL C 101 -45.73 -74.24 -9.52
CA VAL C 101 -46.13 -75.51 -10.11
C VAL C 101 -45.28 -75.74 -11.36
N TRP C 102 -45.02 -77.01 -11.65
CA TRP C 102 -44.21 -77.38 -12.81
C TRP C 102 -44.81 -78.62 -13.47
N ASP C 103 -44.75 -78.65 -14.80
CA ASP C 103 -45.30 -79.73 -15.61
C ASP C 103 -44.21 -80.70 -16.03
N VAL C 104 -44.65 -81.90 -16.41
CA VAL C 104 -43.80 -83.01 -16.83
C VAL C 104 -44.36 -83.46 -18.18
N ARG C 105 -43.68 -84.41 -18.85
CA ARG C 105 -44.11 -85.00 -20.13
C ARG C 105 -44.17 -83.93 -21.22
N SER C 106 -42.98 -83.48 -21.61
CA SER C 106 -42.69 -82.38 -22.53
C SER C 106 -43.22 -81.07 -21.94
N PRO C 107 -42.57 -80.56 -20.89
CA PRO C 107 -43.09 -79.38 -20.20
C PRO C 107 -42.95 -78.12 -21.02
N SER C 108 -43.80 -77.14 -20.71
CA SER C 108 -43.74 -75.80 -21.25
C SER C 108 -43.52 -74.82 -20.10
N ILE C 109 -43.63 -73.54 -20.39
CA ILE C 109 -43.50 -72.53 -19.32
C ILE C 109 -44.72 -72.62 -18.40
N PRO C 110 -44.52 -72.80 -17.10
CA PRO C 110 -45.69 -72.98 -16.20
C PRO C 110 -46.20 -71.67 -15.66
N ARG C 111 -47.29 -71.74 -14.89
CA ARG C 111 -47.83 -70.59 -14.18
C ARG C 111 -47.17 -70.47 -12.80
N ASN C 112 -47.37 -69.32 -12.17
CA ASN C 112 -46.76 -69.02 -10.89
C ASN C 112 -47.83 -68.62 -9.88
N TYR C 113 -47.59 -68.96 -8.62
CA TYR C 113 -48.47 -68.62 -7.52
C TYR C 113 -47.65 -67.87 -6.48
N LYS C 114 -47.56 -66.55 -6.67
CA LYS C 114 -46.72 -65.72 -5.82
C LYS C 114 -47.37 -65.48 -4.46
N HIS C 115 -46.54 -65.09 -3.50
CA HIS C 115 -46.99 -64.79 -2.14
C HIS C 115 -45.91 -63.96 -1.46
N ASN C 116 -46.33 -62.95 -0.70
CA ASN C 116 -45.39 -62.10 0.01
C ASN C 116 -44.79 -62.86 1.20
N ALA C 117 -43.78 -62.24 1.82
CA ALA C 117 -43.05 -62.80 2.97
C ALA C 117 -42.51 -64.19 2.65
N PRO C 118 -41.36 -64.29 1.95
CA PRO C 118 -40.97 -65.52 1.24
C PRO C 118 -41.04 -66.82 2.02
N VAL C 119 -41.73 -67.79 1.43
CA VAL C 119 -42.19 -69.00 2.10
C VAL C 119 -41.03 -69.96 2.27
N ASN C 120 -40.98 -70.63 3.42
CA ASN C 120 -39.90 -71.56 3.71
C ASN C 120 -40.22 -72.97 3.22
N GLU C 121 -41.31 -73.57 3.71
CA GLU C 121 -41.54 -74.98 3.45
C GLU C 121 -42.97 -75.23 2.96
N VAL C 122 -43.13 -76.36 2.27
CA VAL C 122 -44.33 -76.69 1.49
C VAL C 122 -44.62 -78.19 1.61
N VAL C 123 -45.91 -78.52 1.73
CA VAL C 123 -46.35 -79.91 1.73
C VAL C 123 -47.69 -79.99 0.97
N ILE C 124 -47.93 -81.14 0.36
CA ILE C 124 -49.14 -81.41 -0.42
C ILE C 124 -50.03 -82.37 0.36
N HIS C 125 -51.30 -82.00 0.53
CA HIS C 125 -52.26 -82.89 1.16
C HIS C 125 -52.55 -84.09 0.26
N PRO C 126 -52.77 -85.27 0.84
CA PRO C 126 -53.01 -86.47 0.01
C PRO C 126 -54.26 -86.41 -0.86
N ASN C 127 -55.13 -85.42 -0.67
CA ASN C 127 -56.25 -85.23 -1.59
C ASN C 127 -55.80 -84.72 -2.95
N GLN C 128 -54.53 -84.33 -3.10
CA GLN C 128 -53.96 -83.80 -4.35
C GLN C 128 -54.66 -82.52 -4.80
N GLY C 129 -55.25 -81.79 -3.87
CA GLY C 129 -55.89 -80.53 -4.19
C GLY C 129 -55.56 -79.42 -3.21
N GLU C 130 -54.89 -79.77 -2.11
CA GLU C 130 -54.64 -78.81 -1.04
C GLU C 130 -53.14 -78.67 -0.78
N LEU C 131 -52.74 -77.44 -0.49
CA LEU C 131 -51.34 -77.05 -0.32
C LEU C 131 -51.18 -76.37 1.03
N ILE C 132 -50.28 -76.88 1.86
CA ILE C 132 -50.04 -76.31 3.19
C ILE C 132 -48.59 -75.87 3.27
N SER C 133 -48.36 -74.60 3.57
CA SER C 133 -47.03 -74.02 3.55
C SER C 133 -46.77 -73.26 4.84
N CYS C 134 -45.51 -73.24 5.27
CA CYS C 134 -45.09 -72.45 6.40
C CYS C 134 -44.04 -71.43 5.97
N ASP C 135 -44.07 -70.29 6.64
CA ASP C 135 -43.35 -69.09 6.26
C ASP C 135 -42.18 -68.86 7.22
N ARG C 136 -41.14 -68.21 6.73
CA ARG C 136 -40.06 -67.78 7.60
C ARG C 136 -40.42 -66.52 8.38
N ASP C 137 -41.52 -65.86 8.03
CA ASP C 137 -42.08 -64.79 8.84
C ASP C 137 -42.82 -65.37 10.04
N GLY C 138 -43.50 -66.50 9.84
CA GLY C 138 -44.32 -67.09 10.89
C GLY C 138 -45.77 -67.25 10.50
N ASN C 139 -46.01 -67.43 9.20
CA ASN C 139 -47.36 -67.56 8.66
C ASN C 139 -47.59 -68.98 8.18
N ILE C 140 -48.85 -69.40 8.21
CA ILE C 140 -49.28 -70.69 7.69
C ILE C 140 -50.31 -70.44 6.59
N ARG C 141 -50.07 -71.00 5.42
CA ARG C 141 -50.91 -70.76 4.25
C ARG C 141 -51.53 -72.07 3.79
N ILE C 142 -52.86 -72.09 3.67
CA ILE C 142 -53.60 -73.23 3.14
C ILE C 142 -54.27 -72.77 1.85
N TRP C 143 -54.01 -73.48 0.76
CA TRP C 143 -54.46 -73.06 -0.56
C TRP C 143 -54.96 -74.25 -1.34
N ASP C 144 -55.71 -73.97 -2.41
CA ASP C 144 -56.15 -75.00 -3.34
C ASP C 144 -56.02 -74.47 -4.76
N LEU C 145 -55.93 -75.41 -5.70
CA LEU C 145 -55.76 -75.05 -7.11
C LEU C 145 -56.98 -74.32 -7.65
N GLY C 146 -58.16 -74.56 -7.06
CA GLY C 146 -59.37 -73.90 -7.53
C GLY C 146 -59.36 -72.40 -7.32
N GLU C 147 -58.78 -71.94 -6.22
CA GLU C 147 -58.70 -70.52 -5.95
C GLU C 147 -57.59 -69.88 -6.78
N ASN C 148 -57.50 -68.55 -6.70
CA ASN C 148 -56.43 -67.82 -7.37
C ASN C 148 -55.56 -67.04 -6.39
N GLN C 149 -56.16 -66.28 -5.48
CA GLN C 149 -55.40 -65.48 -4.53
C GLN C 149 -55.89 -65.59 -3.08
N CYS C 150 -57.14 -65.97 -2.85
CA CYS C 150 -57.66 -66.07 -1.49
C CYS C 150 -57.15 -67.33 -0.80
N THR C 151 -57.05 -67.26 0.52
CA THR C 151 -56.55 -68.37 1.32
C THR C 151 -57.05 -68.22 2.74
N HIS C 152 -56.59 -69.11 3.61
CA HIS C 152 -56.91 -69.08 5.03
C HIS C 152 -55.67 -68.63 5.81
N GLN C 153 -55.88 -67.81 6.83
CA GLN C 153 -54.79 -67.23 7.61
C GLN C 153 -54.79 -67.83 9.00
N LEU C 154 -53.68 -68.47 9.37
CA LEU C 154 -53.45 -68.95 10.72
C LEU C 154 -52.13 -68.40 11.19
N THR C 155 -52.12 -67.75 12.35
CA THR C 155 -50.95 -67.04 12.87
C THR C 155 -50.66 -67.56 14.27
N PRO C 156 -49.92 -68.67 14.38
CA PRO C 156 -49.61 -69.21 15.71
C PRO C 156 -48.60 -68.39 16.49
N GLU C 157 -47.72 -67.65 15.81
CA GLU C 157 -46.66 -66.92 16.47
C GLU C 157 -46.73 -65.44 16.11
N ASP C 158 -46.20 -64.61 17.00
CA ASP C 158 -46.19 -63.16 16.79
C ASP C 158 -44.84 -62.77 16.20
N ASP C 159 -44.76 -62.84 14.86
CA ASP C 159 -43.61 -62.43 14.07
C ASP C 159 -42.34 -63.16 14.51
N THR C 160 -42.45 -64.48 14.57
CA THR C 160 -41.33 -65.35 14.90
C THR C 160 -41.20 -66.40 13.80
N SER C 161 -39.97 -66.71 13.41
CA SER C 161 -39.73 -67.55 12.25
C SER C 161 -40.21 -68.98 12.49
N LEU C 162 -40.85 -69.54 11.46
CA LEU C 162 -41.41 -70.89 11.50
C LEU C 162 -40.65 -71.73 10.49
N GLN C 163 -39.85 -72.67 10.96
CA GLN C 163 -38.86 -73.31 10.11
C GLN C 163 -39.50 -74.26 9.10
N SER C 164 -40.14 -75.33 9.58
CA SER C 164 -40.65 -76.36 8.70
C SER C 164 -42.05 -76.77 9.15
N LEU C 165 -42.75 -77.48 8.27
CA LEU C 165 -44.00 -78.12 8.61
C LEU C 165 -44.02 -79.51 7.99
N SER C 166 -44.88 -80.36 8.54
CA SER C 166 -45.10 -81.69 7.99
C SER C 166 -46.47 -82.17 8.47
N MET C 167 -46.91 -83.29 7.91
CA MET C 167 -48.24 -83.80 8.21
C MET C 167 -48.22 -85.31 8.08
N ALA C 168 -49.07 -85.96 8.88
CA ALA C 168 -49.12 -87.41 8.92
C ALA C 168 -49.57 -87.99 7.58
N SER C 169 -49.16 -89.25 7.34
CA SER C 169 -49.57 -89.92 6.11
C SER C 169 -51.06 -90.20 6.08
N ASP C 170 -51.70 -90.31 7.24
CA ASP C 170 -53.13 -90.52 7.33
C ASP C 170 -53.92 -89.22 7.38
N GLY C 171 -53.26 -88.07 7.30
CA GLY C 171 -53.93 -86.79 7.33
C GLY C 171 -54.60 -86.46 8.65
N SER C 172 -53.91 -86.73 9.77
CA SER C 172 -54.45 -86.47 11.10
C SER C 172 -53.69 -85.39 11.84
N MET C 173 -52.37 -85.52 11.96
CA MET C 173 -51.56 -84.59 12.72
C MET C 173 -50.80 -83.67 11.77
N LEU C 174 -50.78 -82.38 12.09
CA LEU C 174 -50.04 -81.38 11.32
C LEU C 174 -49.06 -80.69 12.26
N ALA C 175 -47.78 -80.94 12.07
CA ALA C 175 -46.74 -80.42 12.95
C ALA C 175 -45.94 -79.32 12.26
N ALA C 176 -45.39 -78.43 13.08
CA ALA C 176 -44.60 -77.30 12.59
C ALA C 176 -43.39 -77.11 13.49
N ALA C 177 -42.55 -76.14 13.13
CA ALA C 177 -41.31 -75.91 13.86
C ALA C 177 -40.98 -74.42 13.86
N ASN C 178 -40.93 -73.83 15.05
CA ASN C 178 -40.60 -72.41 15.21
C ASN C 178 -39.20 -72.29 15.76
N THR C 179 -38.41 -71.39 15.17
CA THR C 179 -36.97 -71.30 15.37
C THR C 179 -36.58 -70.89 16.79
N LYS C 180 -37.51 -70.40 17.60
CA LYS C 180 -37.22 -70.19 19.02
C LYS C 180 -37.02 -71.50 19.76
N GLY C 181 -37.35 -72.62 19.14
CA GLY C 181 -37.19 -73.92 19.75
C GLY C 181 -38.53 -74.51 20.14
N ASN C 182 -39.56 -74.25 19.34
CA ASN C 182 -40.91 -74.67 19.69
C ASN C 182 -41.52 -75.48 18.57
N CYS C 183 -42.55 -76.25 18.91
CA CYS C 183 -43.27 -77.05 17.93
C CYS C 183 -44.75 -76.98 18.21
N TYR C 184 -45.53 -76.82 17.14
CA TYR C 184 -46.98 -76.80 17.19
C TYR C 184 -47.51 -78.05 16.51
N VAL C 185 -48.59 -78.61 17.05
CA VAL C 185 -49.27 -79.75 16.43
C VAL C 185 -50.77 -79.48 16.42
N TRP C 186 -51.40 -79.77 15.29
CA TRP C 186 -52.83 -79.55 15.09
C TRP C 186 -53.48 -80.87 14.68
N GLU C 187 -54.73 -81.05 15.11
CA GLU C 187 -55.51 -82.24 14.79
C GLU C 187 -56.54 -81.89 13.72
N MET C 188 -56.59 -82.70 12.66
CA MET C 188 -57.52 -82.47 11.58
C MET C 188 -58.68 -83.45 11.69
N PRO C 189 -59.89 -82.98 12.01
CA PRO C 189 -61.05 -83.90 12.04
C PRO C 189 -61.56 -84.22 10.65
N ASN C 190 -62.73 -84.87 10.59
CA ASN C 190 -63.35 -85.24 9.32
C ASN C 190 -63.63 -84.00 8.47
N HIS C 191 -63.97 -84.24 7.20
CA HIS C 191 -64.02 -83.23 6.16
C HIS C 191 -62.67 -82.52 6.05
N THR C 192 -61.66 -83.30 5.67
CA THR C 192 -60.28 -82.85 5.63
C THR C 192 -60.02 -81.79 4.55
N ASP C 193 -60.94 -81.61 3.61
CA ASP C 193 -60.81 -80.57 2.59
C ASP C 193 -61.43 -79.26 3.07
N ALA C 194 -61.00 -78.79 4.25
CA ALA C 194 -61.54 -77.59 4.86
C ALA C 194 -60.50 -77.08 5.85
N SER C 195 -60.91 -76.17 6.74
CA SER C 195 -60.06 -75.60 7.77
C SER C 195 -60.75 -75.79 9.12
N HIS C 196 -60.51 -76.95 9.74
CA HIS C 196 -61.05 -77.26 11.06
C HIS C 196 -59.94 -77.66 12.02
N LEU C 197 -58.73 -77.15 11.80
CA LEU C 197 -57.55 -77.58 12.54
C LEU C 197 -57.62 -77.02 13.96
N LYS C 198 -58.12 -77.83 14.89
CA LYS C 198 -58.20 -77.44 16.29
C LYS C 198 -56.81 -77.49 16.91
N PRO C 199 -56.32 -76.39 17.49
CA PRO C 199 -54.99 -76.42 18.15
C PRO C 199 -55.03 -77.29 19.39
N VAL C 200 -54.12 -78.27 19.45
CA VAL C 200 -54.13 -79.23 20.55
C VAL C 200 -53.11 -78.84 21.60
N THR C 201 -51.82 -78.89 21.24
CA THR C 201 -50.75 -78.59 22.17
C THR C 201 -49.63 -77.84 21.46
N LYS C 202 -48.82 -77.14 22.25
CA LYS C 202 -47.58 -76.54 21.81
C LYS C 202 -46.49 -76.93 22.81
N PHE C 203 -45.31 -77.28 22.30
CA PHE C 203 -44.23 -77.74 23.17
C PHE C 203 -42.95 -76.97 22.91
N ARG C 204 -42.27 -76.59 23.98
CA ARG C 204 -40.89 -76.13 23.89
C ARG C 204 -40.01 -77.35 23.64
N ALA C 205 -39.69 -77.59 22.37
CA ALA C 205 -38.98 -78.81 22.00
C ALA C 205 -37.57 -78.82 22.55
N HIS C 206 -36.75 -77.85 22.15
CA HIS C 206 -35.35 -77.80 22.55
C HIS C 206 -34.94 -76.33 22.68
N SER C 207 -33.73 -76.13 23.20
CA SER C 207 -33.30 -74.80 23.62
C SER C 207 -32.85 -73.90 22.47
N THR C 208 -32.58 -74.46 21.30
CA THR C 208 -32.07 -73.66 20.19
C THR C 208 -32.93 -73.81 18.96
N TYR C 209 -32.45 -73.31 17.81
CA TYR C 209 -33.17 -73.45 16.55
C TYR C 209 -33.36 -74.93 16.21
N ILE C 210 -34.41 -75.21 15.44
CA ILE C 210 -34.77 -76.58 15.11
C ILE C 210 -34.92 -76.70 13.60
N THR C 211 -34.45 -77.82 13.05
CA THR C 211 -34.56 -78.10 11.63
C THR C 211 -35.88 -78.84 11.37
N ARG C 212 -36.00 -79.44 10.19
CA ARG C 212 -37.25 -80.04 9.77
C ARG C 212 -37.61 -81.27 10.61
N ILE C 213 -38.91 -81.48 10.80
CA ILE C 213 -39.45 -82.64 11.49
C ILE C 213 -40.31 -83.42 10.50
N LEU C 214 -40.08 -84.73 10.42
CA LEU C 214 -40.82 -85.62 9.55
C LEU C 214 -41.62 -86.62 10.40
N LEU C 215 -42.64 -87.21 9.79
CA LEU C 215 -43.45 -88.23 10.42
C LEU C 215 -43.52 -89.45 9.51
N SER C 216 -43.53 -90.64 10.11
CA SER C 216 -43.47 -91.89 9.37
C SER C 216 -44.82 -92.20 8.74
N SER C 217 -44.84 -93.29 7.95
CA SER C 217 -46.10 -93.76 7.36
C SER C 217 -47.08 -94.20 8.44
N ASP C 218 -46.60 -94.94 9.44
CA ASP C 218 -47.39 -95.26 10.62
C ASP C 218 -47.21 -94.15 11.65
N VAL C 219 -48.33 -93.60 12.10
CA VAL C 219 -48.30 -92.39 12.93
C VAL C 219 -48.17 -92.87 14.37
N LYS C 220 -46.93 -93.16 14.77
CA LYS C 220 -46.65 -93.54 16.14
C LYS C 220 -45.32 -93.04 16.66
N HIS C 221 -44.55 -92.29 15.86
CA HIS C 221 -43.19 -91.91 16.27
C HIS C 221 -42.84 -90.61 15.54
N LEU C 222 -42.81 -89.50 16.26
CA LEU C 222 -42.49 -88.20 15.68
C LEU C 222 -41.17 -87.73 16.27
N ALA C 223 -40.13 -87.64 15.44
CA ALA C 223 -38.79 -87.30 15.90
C ALA C 223 -38.41 -85.91 15.41
N THR C 224 -37.75 -85.15 16.29
CA THR C 224 -37.30 -83.80 16.02
C THR C 224 -35.78 -83.79 16.03
N CYS C 225 -35.17 -83.19 15.00
CA CYS C 225 -33.72 -83.00 14.95
C CYS C 225 -33.44 -81.52 15.14
N SER C 226 -32.58 -81.21 16.10
CA SER C 226 -32.39 -79.82 16.52
C SER C 226 -30.90 -79.45 16.49
N ALA C 227 -30.59 -78.28 17.04
CA ALA C 227 -29.27 -77.68 16.94
C ALA C 227 -28.42 -77.90 18.18
N ASP C 228 -28.84 -78.74 19.11
CA ASP C 228 -28.08 -79.04 20.32
C ASP C 228 -27.59 -80.49 20.32
N HIS C 229 -27.19 -80.99 19.14
CA HIS C 229 -26.69 -82.36 18.96
C HIS C 229 -27.76 -83.39 19.28
N THR C 230 -29.01 -83.08 18.96
CA THR C 230 -30.15 -83.88 19.38
C THR C 230 -31.02 -84.34 18.21
N ALA C 231 -31.43 -85.60 18.29
CA ALA C 231 -32.53 -86.15 17.48
C ALA C 231 -33.38 -86.96 18.45
N ARG C 232 -34.52 -86.40 18.86
CA ARG C 232 -35.34 -86.97 19.92
C ARG C 232 -36.70 -87.37 19.35
N VAL C 233 -37.09 -88.62 19.57
CA VAL C 233 -38.37 -89.15 19.10
C VAL C 233 -39.36 -89.14 20.26
N TRP C 234 -40.60 -88.74 19.96
CA TRP C 234 -41.69 -88.60 20.89
C TRP C 234 -42.90 -89.37 20.36
N SER C 235 -43.89 -89.54 21.22
CA SER C 235 -45.12 -90.24 20.88
C SER C 235 -46.15 -89.29 20.30
N ILE C 236 -47.16 -89.86 19.65
CA ILE C 236 -48.26 -89.10 19.10
C ILE C 236 -49.61 -89.52 19.68
N ASP C 237 -49.71 -90.69 20.31
CA ASP C 237 -50.94 -91.14 20.94
C ASP C 237 -50.73 -91.55 22.40
N ASP C 238 -49.55 -91.27 22.95
CA ASP C 238 -49.24 -91.60 24.34
C ASP C 238 -49.01 -90.32 25.13
N ASP C 239 -49.88 -89.34 24.93
CA ASP C 239 -49.81 -88.02 25.57
C ASP C 239 -48.53 -87.28 25.21
N PHE C 240 -48.02 -87.53 23.99
CA PHE C 240 -46.87 -86.83 23.43
C PHE C 240 -45.62 -86.95 24.31
N LYS C 241 -45.45 -88.11 24.94
CA LYS C 241 -44.31 -88.32 25.82
C LYS C 241 -43.03 -88.54 25.02
N LEU C 242 -41.92 -88.02 25.52
CA LEU C 242 -40.63 -88.19 24.86
C LEU C 242 -40.19 -89.65 24.99
N GLU C 243 -40.13 -90.36 23.88
CA GLU C 243 -39.73 -91.77 23.91
C GLU C 243 -38.23 -91.91 24.06
N THR C 244 -37.45 -91.39 23.11
CA THR C 244 -36.04 -91.74 23.08
C THR C 244 -35.21 -90.61 22.50
N THR C 245 -34.21 -90.16 23.25
CA THR C 245 -33.28 -89.16 22.76
C THR C 245 -32.19 -89.81 21.91
N LEU C 246 -31.51 -88.97 21.13
CA LEU C 246 -30.39 -89.42 20.31
C LEU C 246 -29.33 -88.34 20.30
N ASP C 247 -28.16 -88.66 20.85
CA ASP C 247 -27.07 -87.71 20.99
C ASP C 247 -25.78 -88.40 20.53
N GLY C 248 -24.65 -87.76 20.83
CA GLY C 248 -23.36 -88.30 20.45
C GLY C 248 -22.83 -87.82 19.11
N HIS C 249 -23.61 -87.06 18.37
CA HIS C 249 -23.16 -86.51 17.10
C HIS C 249 -22.11 -85.43 17.33
N GLN C 250 -21.11 -85.40 16.44
CA GLN C 250 -20.01 -84.45 16.60
C GLN C 250 -20.46 -83.03 16.33
N ARG C 251 -21.28 -82.81 15.30
CA ARG C 251 -21.76 -81.49 14.91
C ARG C 251 -23.29 -81.50 14.88
N TRP C 252 -23.85 -80.46 14.27
CA TRP C 252 -25.30 -80.27 14.20
C TRP C 252 -25.98 -81.42 13.47
N VAL C 253 -27.17 -81.78 13.94
CA VAL C 253 -27.94 -82.90 13.39
C VAL C 253 -29.04 -82.34 12.51
N TRP C 254 -28.86 -82.47 11.19
CA TRP C 254 -29.81 -81.96 10.21
C TRP C 254 -30.80 -83.07 9.83
N ASP C 255 -31.46 -82.90 8.67
CA ASP C 255 -32.66 -83.63 8.25
C ASP C 255 -32.58 -85.13 8.54
N CYS C 256 -33.73 -85.68 8.93
CA CYS C 256 -33.86 -87.08 9.32
C CYS C 256 -35.06 -87.69 8.61
N ALA C 257 -35.01 -89.01 8.49
CA ALA C 257 -36.08 -89.79 7.87
C ALA C 257 -36.25 -91.10 8.64
N PHE C 258 -37.36 -91.78 8.38
CA PHE C 258 -37.77 -92.96 9.13
C PHE C 258 -37.87 -94.17 8.19
N SER C 259 -37.82 -95.36 8.79
CA SER C 259 -38.08 -96.58 8.04
C SER C 259 -39.58 -96.79 7.89
N ALA C 260 -39.95 -97.72 7.02
CA ALA C 260 -41.36 -98.07 6.84
C ALA C 260 -41.94 -98.68 8.11
N ASP C 261 -41.19 -99.57 8.76
CA ASP C 261 -41.60 -100.10 10.05
C ASP C 261 -41.43 -99.11 11.19
N SER C 262 -40.76 -97.97 10.93
CA SER C 262 -40.59 -96.89 11.91
C SER C 262 -39.81 -97.34 13.14
N ALA C 263 -38.98 -98.37 13.00
CA ALA C 263 -38.05 -98.76 14.05
C ALA C 263 -36.61 -98.43 13.71
N TYR C 264 -36.35 -97.88 12.53
CA TYR C 264 -35.03 -97.44 12.13
C TYR C 264 -35.09 -95.98 11.73
N LEU C 265 -34.08 -95.22 12.16
CA LEU C 265 -34.09 -93.77 12.00
C LEU C 265 -32.76 -93.32 11.41
N VAL C 266 -32.82 -92.52 10.34
CA VAL C 266 -31.63 -92.07 9.62
C VAL C 266 -31.53 -90.56 9.73
N THR C 267 -30.31 -90.07 9.96
CA THR C 267 -30.02 -88.65 10.06
C THR C 267 -28.85 -88.29 9.18
N ALA C 268 -28.97 -87.19 8.44
CA ALA C 268 -27.82 -86.54 7.85
C ALA C 268 -27.39 -85.39 8.77
N SER C 269 -26.08 -85.21 8.88
CA SER C 269 -25.57 -84.23 9.83
C SER C 269 -24.29 -83.63 9.25
N SER C 270 -23.91 -82.46 9.78
CA SER C 270 -22.71 -81.78 9.33
C SER C 270 -21.45 -82.33 9.98
N ASP C 271 -21.54 -83.52 10.57
CA ASP C 271 -20.38 -84.24 11.09
C ASP C 271 -19.69 -85.07 10.01
N HIS C 272 -19.91 -84.75 8.74
CA HIS C 272 -19.34 -85.41 7.57
C HIS C 272 -19.78 -86.87 7.45
N TYR C 273 -20.73 -87.32 8.27
CA TYR C 273 -21.19 -88.69 8.30
C TYR C 273 -22.70 -88.70 8.23
N VAL C 274 -23.28 -89.85 7.86
CA VAL C 274 -24.72 -90.05 7.95
C VAL C 274 -24.97 -91.31 8.77
N ARG C 275 -25.99 -91.28 9.61
CA ARG C 275 -26.17 -92.30 10.64
C ARG C 275 -27.53 -92.96 10.52
N LEU C 276 -27.57 -94.26 10.82
CA LEU C 276 -28.79 -95.04 10.89
C LEU C 276 -28.79 -95.81 12.19
N TRP C 277 -29.88 -95.68 12.96
CA TRP C 277 -29.98 -96.29 14.28
C TRP C 277 -31.24 -97.13 14.38
N ASP C 278 -31.20 -98.09 15.30
CA ASP C 278 -32.38 -98.84 15.71
C ASP C 278 -32.97 -98.18 16.95
N LEU C 279 -34.26 -97.88 16.90
CA LEU C 279 -34.88 -97.05 17.95
C LEU C 279 -35.07 -97.84 19.23
N SER C 280 -35.45 -99.12 19.13
CA SER C 280 -35.70 -99.93 20.32
C SER C 280 -34.42 -100.15 21.12
N THR C 281 -33.32 -100.42 20.44
CA THR C 281 -32.05 -100.67 21.09
C THR C 281 -31.20 -99.42 21.29
N ARG C 282 -31.65 -98.28 20.74
CA ARG C 282 -30.95 -96.97 20.75
C ARG C 282 -29.45 -97.12 20.57
N GLU C 283 -29.07 -97.82 19.50
CA GLU C 283 -27.66 -98.08 19.18
C GLU C 283 -27.43 -97.87 17.70
N ILE C 284 -26.15 -97.96 17.30
CA ILE C 284 -25.77 -97.81 15.91
C ILE C 284 -26.25 -99.02 15.11
N VAL C 285 -26.94 -98.75 14.00
CA VAL C 285 -27.13 -99.76 12.97
C VAL C 285 -26.07 -99.61 11.87
N ARG C 286 -25.95 -98.42 11.31
CA ARG C 286 -24.93 -98.15 10.30
C ARG C 286 -24.43 -96.72 10.45
N GLN C 287 -23.18 -96.51 10.03
CA GLN C 287 -22.53 -95.20 10.09
C GLN C 287 -21.77 -95.02 8.77
N TYR C 288 -22.42 -94.41 7.78
CA TYR C 288 -21.80 -94.23 6.49
C TYR C 288 -20.94 -92.97 6.49
N GLY C 289 -19.68 -93.11 6.08
CA GLY C 289 -18.78 -91.99 6.00
C GLY C 289 -18.13 -91.93 4.64
N GLY C 290 -17.64 -90.74 4.31
CA GLY C 290 -17.07 -90.50 2.99
C GLY C 290 -17.35 -89.10 2.50
N HIS C 291 -18.20 -88.37 3.23
CA HIS C 291 -18.42 -86.96 2.95
C HIS C 291 -17.24 -86.17 3.50
N HIS C 292 -16.65 -85.31 2.66
CA HIS C 292 -15.49 -84.53 3.08
C HIS C 292 -15.87 -83.16 3.63
N LYS C 293 -17.14 -82.78 3.56
CA LYS C 293 -17.64 -81.57 4.19
C LYS C 293 -19.01 -81.88 4.79
N GLY C 294 -19.74 -80.84 5.16
CA GLY C 294 -21.01 -81.02 5.84
C GLY C 294 -22.09 -81.65 4.99
N ALA C 295 -22.45 -82.90 5.31
CA ALA C 295 -23.59 -83.53 4.69
C ALA C 295 -24.87 -82.87 5.18
N VAL C 296 -25.66 -82.34 4.25
CA VAL C 296 -26.75 -81.44 4.62
C VAL C 296 -28.13 -82.06 4.46
N CYS C 297 -28.30 -83.08 3.62
CA CYS C 297 -29.63 -83.64 3.46
C CYS C 297 -29.55 -85.11 3.05
N VAL C 298 -30.56 -85.87 3.44
CA VAL C 298 -30.66 -87.29 3.13
C VAL C 298 -32.14 -87.61 2.87
N ALA C 299 -32.37 -88.61 2.03
CA ALA C 299 -33.71 -89.14 1.82
C ALA C 299 -33.66 -90.65 1.76
N LEU C 300 -34.66 -91.29 2.39
CA LEU C 300 -34.78 -92.73 2.49
C LEU C 300 -36.00 -93.20 1.72
N ASN C 301 -35.88 -94.36 1.09
CA ASN C 301 -37.04 -95.01 0.51
C ASN C 301 -37.05 -96.48 0.90
N ASP C 302 -38.25 -97.02 1.07
CA ASP C 302 -38.42 -98.42 1.44
C ASP C 302 -39.25 -99.17 0.41
N VAL D 3 -5.32 103.91 -23.25
CA VAL D 3 -4.68 102.66 -23.63
C VAL D 3 -4.71 101.68 -22.47
N ILE D 4 -5.12 100.43 -22.74
CA ILE D 4 -5.15 99.38 -21.74
C ILE D 4 -4.43 98.16 -22.27
N LEU D 5 -3.59 97.58 -21.41
CA LEU D 5 -2.99 96.28 -21.65
C LEU D 5 -3.29 95.40 -20.44
N VAL D 6 -3.65 94.15 -20.72
CA VAL D 6 -4.18 93.23 -19.72
C VAL D 6 -3.41 91.92 -19.81
N SER D 7 -3.12 91.31 -18.66
CA SER D 7 -2.27 90.14 -18.59
C SER D 7 -2.92 89.05 -17.75
N ALA D 8 -2.57 87.80 -18.06
CA ALA D 8 -3.10 86.66 -17.33
C ALA D 8 -2.12 85.50 -17.45
N GLY D 9 -2.08 84.67 -16.43
CA GLY D 9 -1.10 83.61 -16.38
C GLY D 9 -1.38 82.59 -15.29
N TYR D 10 -0.35 81.79 -15.01
CA TYR D 10 -0.47 80.63 -14.12
C TYR D 10 -0.81 80.99 -12.68
N ASP D 11 -0.50 82.20 -12.23
CA ASP D 11 -0.60 82.56 -10.83
C ASP D 11 -2.03 82.90 -10.39
N HIS D 12 -3.03 82.49 -11.17
CA HIS D 12 -4.44 82.58 -10.81
C HIS D 12 -4.89 84.02 -10.60
N THR D 13 -4.20 84.95 -11.25
CA THR D 13 -4.56 86.36 -11.18
C THR D 13 -4.49 86.95 -12.57
N ILE D 14 -5.59 87.54 -13.02
CA ILE D 14 -5.58 88.40 -14.19
C ILE D 14 -5.42 89.82 -13.69
N ARG D 15 -4.80 90.68 -14.50
CA ARG D 15 -4.53 92.04 -14.03
C ARG D 15 -4.51 93.02 -15.19
N PHE D 16 -4.74 94.29 -14.85
CA PHE D 16 -4.79 95.39 -15.80
C PHE D 16 -3.56 96.26 -15.56
N TRP D 17 -2.61 96.24 -16.49
CA TRP D 17 -1.36 96.97 -16.30
C TRP D 17 -1.55 98.45 -16.60
N GLU D 18 -0.90 99.28 -15.79
CA GLU D 18 -0.91 100.73 -15.98
C GLU D 18 0.51 101.21 -16.26
N ALA D 19 0.66 102.04 -17.29
CA ALA D 19 1.98 102.46 -17.74
C ALA D 19 2.40 103.80 -17.16
N LEU D 20 1.46 104.71 -16.89
CA LEU D 20 1.81 106.03 -16.39
C LEU D 20 2.43 105.96 -14.99
N THR D 21 1.87 105.12 -14.12
CA THR D 21 2.39 104.95 -12.76
C THR D 21 3.34 103.77 -12.62
N GLY D 22 3.41 102.89 -13.62
CA GLY D 22 4.36 101.79 -13.60
C GLY D 22 3.98 100.62 -12.72
N VAL D 23 2.78 100.63 -12.13
CA VAL D 23 2.33 99.55 -11.27
C VAL D 23 0.93 99.16 -11.73
N CYS D 24 0.55 97.91 -11.44
CA CYS D 24 -0.76 97.42 -11.83
C CYS D 24 -1.88 98.18 -11.13
N SER D 25 -3.01 98.32 -11.82
CA SER D 25 -4.16 99.03 -11.28
C SER D 25 -5.14 98.08 -10.60
N ARG D 26 -5.65 97.09 -11.34
CA ARG D 26 -6.66 96.18 -10.82
C ARG D 26 -6.22 94.74 -11.03
N THR D 27 -6.49 93.90 -10.04
CA THR D 27 -6.22 92.47 -10.10
C THR D 27 -7.50 91.72 -9.77
N ILE D 28 -7.83 90.73 -10.59
CA ILE D 28 -8.99 89.87 -10.38
C ILE D 28 -8.50 88.44 -10.20
N GLN D 29 -8.92 87.81 -9.11
CA GLN D 29 -8.51 86.45 -8.80
C GLN D 29 -9.37 85.45 -9.56
N HIS D 30 -8.71 84.49 -10.20
CA HIS D 30 -9.37 83.49 -11.04
C HIS D 30 -8.92 82.10 -10.54
N SER D 31 -9.58 81.61 -9.49
CA SER D 31 -9.13 80.42 -8.78
C SER D 31 -9.96 79.20 -9.18
N ASP D 32 -9.99 78.92 -10.49
CA ASP D 32 -10.60 77.67 -10.93
C ASP D 32 -9.68 76.89 -11.87
N SER D 33 -8.96 77.61 -12.74
CA SER D 33 -8.14 76.98 -13.77
C SER D 33 -7.19 78.03 -14.32
N GLN D 34 -6.22 77.55 -15.09
CA GLN D 34 -5.28 78.44 -15.74
C GLN D 34 -5.94 79.14 -16.93
N VAL D 35 -5.52 80.38 -17.18
CA VAL D 35 -6.07 81.17 -18.28
C VAL D 35 -5.23 80.92 -19.53
N ASN D 36 -5.90 80.79 -20.68
CA ASN D 36 -5.24 80.50 -21.96
C ASN D 36 -5.21 81.69 -22.90
N ARG D 37 -6.26 82.51 -22.93
CA ARG D 37 -6.31 83.64 -23.85
C ARG D 37 -7.24 84.69 -23.26
N LEU D 38 -7.17 85.89 -23.82
CA LEU D 38 -8.10 86.94 -23.39
C LEU D 38 -8.16 87.98 -24.50
N GLU D 39 -9.27 88.72 -24.53
CA GLU D 39 -9.52 89.70 -25.58
C GLU D 39 -10.28 90.90 -25.02
N ILE D 40 -10.12 92.02 -25.72
CA ILE D 40 -10.66 93.33 -25.36
C ILE D 40 -11.69 93.73 -26.40
N THR D 41 -12.81 94.28 -25.93
CA THR D 41 -13.80 94.85 -26.84
C THR D 41 -13.24 96.10 -27.52
N ASN D 42 -13.87 96.46 -28.64
CA ASN D 42 -13.47 97.68 -29.33
C ASN D 42 -13.73 98.92 -28.49
N ASP D 43 -14.85 98.96 -27.78
CA ASP D 43 -15.28 100.13 -27.03
C ASP D 43 -14.94 100.06 -25.53
N LYS D 44 -14.10 99.10 -25.12
CA LYS D 44 -13.60 98.97 -23.75
C LYS D 44 -14.75 98.83 -22.74
N LYS D 45 -15.55 97.78 -22.94
CA LYS D 45 -16.67 97.48 -22.04
C LYS D 45 -16.39 96.28 -21.14
N LEU D 46 -15.87 95.19 -21.71
CA LEU D 46 -15.69 93.94 -20.97
C LEU D 46 -14.36 93.32 -21.35
N LEU D 47 -13.95 92.34 -20.54
CA LEU D 47 -12.80 91.50 -20.81
C LEU D 47 -13.26 90.07 -21.02
N ALA D 48 -12.88 89.45 -22.13
CA ALA D 48 -13.22 88.06 -22.39
C ALA D 48 -12.01 87.21 -22.06
N THR D 49 -12.09 86.48 -20.96
CA THR D 49 -11.03 85.58 -20.54
C THR D 49 -11.42 84.14 -20.87
N ALA D 50 -10.42 83.34 -21.24
CA ALA D 50 -10.64 82.00 -21.78
C ALA D 50 -9.62 81.07 -21.15
N GLY D 51 -10.11 80.22 -20.23
CA GLY D 51 -9.28 79.24 -19.55
C GLY D 51 -9.64 77.81 -19.90
N HIS D 52 -10.40 77.15 -19.05
CA HIS D 52 -10.80 75.76 -19.25
C HIS D 52 -12.31 75.63 -19.09
N GLN D 53 -12.94 75.00 -20.09
CA GLN D 53 -14.36 74.58 -20.11
C GLN D 53 -15.33 75.69 -19.70
N ASN D 54 -14.89 76.94 -19.78
CA ASN D 54 -15.70 78.09 -19.41
C ASN D 54 -15.04 79.35 -19.93
N VAL D 55 -15.80 80.20 -20.62
CA VAL D 55 -15.30 81.49 -21.08
C VAL D 55 -16.08 82.58 -20.34
N ARG D 56 -15.35 83.55 -19.79
CA ARG D 56 -15.96 84.53 -18.91
C ARG D 56 -15.84 85.93 -19.48
N LEU D 57 -16.84 86.76 -19.18
CA LEU D 57 -16.85 88.18 -19.48
C LEU D 57 -16.84 88.91 -18.15
N TYR D 58 -15.76 89.65 -17.90
CA TYR D 58 -15.53 90.38 -16.66
C TYR D 58 -15.70 91.87 -16.90
N ASP D 59 -16.30 92.55 -15.93
CA ASP D 59 -16.56 93.98 -16.02
C ASP D 59 -15.26 94.76 -15.77
N ILE D 60 -15.29 96.05 -16.09
CA ILE D 60 -14.13 96.92 -15.96
C ILE D 60 -14.31 97.95 -14.84
N ARG D 61 -15.35 98.79 -14.95
CA ARG D 61 -15.53 99.86 -13.98
C ARG D 61 -15.94 99.38 -12.60
N THR D 62 -16.57 98.21 -12.50
CA THR D 62 -16.92 97.67 -11.20
C THR D 62 -15.67 97.20 -10.47
N THR D 63 -15.60 97.48 -9.17
CA THR D 63 -14.40 97.24 -8.38
C THR D 63 -14.35 95.77 -7.97
N ASN D 64 -13.60 94.98 -8.75
CA ASN D 64 -13.29 93.59 -8.43
C ASN D 64 -14.51 92.70 -8.14
N PRO D 65 -15.46 92.58 -9.08
CA PRO D 65 -16.64 91.77 -8.79
C PRO D 65 -16.41 90.29 -9.06
N ASN D 66 -17.47 89.50 -8.96
CA ASN D 66 -17.48 88.11 -9.39
C ASN D 66 -17.56 88.09 -10.91
N PRO D 67 -17.51 86.90 -11.52
CA PRO D 67 -17.80 86.81 -12.96
C PRO D 67 -19.15 87.44 -13.30
N VAL D 68 -19.14 88.26 -14.35
CA VAL D 68 -20.35 88.95 -14.79
C VAL D 68 -21.13 88.12 -15.79
N ALA D 69 -20.45 87.57 -16.79
CA ALA D 69 -21.07 86.64 -17.72
C ALA D 69 -20.21 85.40 -17.86
N SER D 70 -20.85 84.25 -18.04
CA SER D 70 -20.14 82.99 -18.17
C SER D 70 -20.82 82.12 -19.21
N PHE D 71 -20.01 81.45 -20.04
CA PHE D 71 -20.51 80.48 -21.01
C PHE D 71 -19.78 79.17 -20.82
N GLU D 72 -20.55 78.09 -20.64
CA GLU D 72 -20.02 76.77 -20.37
C GLU D 72 -20.69 75.76 -21.31
N GLY D 73 -20.00 74.64 -21.52
CA GLY D 73 -20.56 73.58 -22.35
C GLY D 73 -19.55 72.85 -23.20
N HIS D 74 -18.31 73.35 -23.25
CA HIS D 74 -17.27 72.73 -24.04
C HIS D 74 -16.58 71.63 -23.25
N ARG D 75 -16.32 70.51 -23.92
CA ARG D 75 -15.66 69.40 -23.26
C ARG D 75 -14.16 69.64 -23.10
N GLY D 76 -13.54 70.28 -24.09
CA GLY D 76 -12.13 70.60 -24.00
C GLY D 76 -11.89 72.01 -23.50
N ASN D 77 -10.61 72.33 -23.29
CA ASN D 77 -10.26 73.66 -22.82
C ASN D 77 -10.37 74.70 -23.93
N VAL D 78 -10.91 75.87 -23.56
CA VAL D 78 -11.13 76.94 -24.53
C VAL D 78 -9.80 77.58 -24.90
N THR D 79 -9.60 77.81 -26.20
CA THR D 79 -8.34 78.30 -26.74
C THR D 79 -8.41 79.73 -27.24
N SER D 80 -9.44 80.08 -28.01
CA SER D 80 -9.54 81.42 -28.57
C SER D 80 -10.99 81.87 -28.58
N VAL D 81 -11.24 83.07 -28.03
CA VAL D 81 -12.55 83.70 -28.06
C VAL D 81 -12.46 84.96 -28.91
N SER D 82 -13.47 85.20 -29.73
CA SER D 82 -13.50 86.35 -30.61
C SER D 82 -14.73 87.20 -30.36
N PHE D 83 -14.53 88.52 -30.36
CA PHE D 83 -15.63 89.47 -30.36
C PHE D 83 -16.13 89.74 -31.77
N GLN D 84 -17.23 90.47 -31.82
CA GLN D 84 -17.77 91.06 -33.04
C GLN D 84 -17.85 92.56 -32.83
N GLN D 85 -17.61 93.33 -33.89
CA GLN D 85 -17.60 94.79 -33.71
C GLN D 85 -18.98 95.33 -33.35
N ASP D 86 -20.05 94.61 -33.71
CA ASP D 86 -21.38 94.91 -33.23
C ASP D 86 -21.73 94.21 -31.92
N ASN D 87 -20.82 93.36 -31.41
CA ASN D 87 -20.99 92.65 -30.13
C ASN D 87 -22.27 91.80 -30.13
N ARG D 88 -22.51 91.10 -31.24
CA ARG D 88 -23.72 90.31 -31.40
C ARG D 88 -23.49 88.83 -31.14
N TRP D 89 -22.55 88.21 -31.85
CA TRP D 89 -22.26 86.80 -31.70
C TRP D 89 -20.86 86.60 -31.13
N MET D 90 -20.73 85.68 -30.17
CA MET D 90 -19.45 85.30 -29.61
C MET D 90 -19.01 83.98 -30.22
N VAL D 91 -17.84 83.94 -30.84
CA VAL D 91 -17.33 82.75 -31.49
C VAL D 91 -16.17 82.22 -30.66
N THR D 92 -16.26 80.96 -30.24
CA THR D 92 -15.27 80.37 -29.37
C THR D 92 -14.74 79.07 -29.95
N SER D 93 -13.46 78.82 -29.70
CA SER D 93 -12.78 77.60 -30.11
C SER D 93 -12.27 76.86 -28.89
N SER D 94 -12.19 75.54 -28.99
CA SER D 94 -11.73 74.72 -27.87
C SER D 94 -11.16 73.42 -28.41
N GLU D 95 -10.74 72.56 -27.49
CA GLU D 95 -10.08 71.30 -27.83
C GLU D 95 -11.05 70.14 -27.97
N ASP D 96 -12.35 70.39 -27.92
CA ASP D 96 -13.34 69.33 -28.11
C ASP D 96 -13.81 69.23 -29.56
N GLY D 97 -13.27 70.06 -30.46
CA GLY D 97 -13.69 70.06 -31.83
C GLY D 97 -14.89 70.93 -32.15
N THR D 98 -15.49 71.56 -31.15
CA THR D 98 -16.68 72.37 -31.34
C THR D 98 -16.27 73.83 -31.47
N ILE D 99 -16.63 74.45 -32.58
CA ILE D 99 -16.43 75.88 -32.79
C ILE D 99 -17.79 76.52 -32.59
N LYS D 100 -18.00 77.09 -31.41
CA LYS D 100 -19.35 77.38 -30.94
C LYS D 100 -19.70 78.86 -31.10
N VAL D 101 -20.97 79.11 -31.42
CA VAL D 101 -21.54 80.46 -31.43
C VAL D 101 -22.29 80.65 -30.12
N TRP D 102 -22.35 81.90 -29.68
CA TRP D 102 -22.98 82.25 -28.41
C TRP D 102 -23.71 83.57 -28.54
N ASP D 103 -24.87 83.65 -27.90
CA ASP D 103 -25.73 84.83 -27.93
C ASP D 103 -25.48 85.72 -26.71
N VAL D 104 -25.87 86.99 -26.86
CA VAL D 104 -25.73 88.03 -25.85
C VAL D 104 -27.12 88.66 -25.73
N ARG D 105 -27.29 89.60 -24.81
CA ARG D 105 -28.53 90.36 -24.61
C ARG D 105 -29.68 89.43 -24.22
N SER D 106 -29.56 88.92 -22.98
CA SER D 106 -30.41 87.89 -22.36
C SER D 106 -30.24 86.59 -23.12
N PRO D 107 -29.08 85.94 -23.00
CA PRO D 107 -28.80 84.74 -23.81
C PRO D 107 -29.63 83.54 -23.39
N SER D 108 -29.81 82.65 -24.34
CA SER D 108 -30.42 81.34 -24.14
C SER D 108 -29.41 80.28 -24.54
N ILE D 109 -29.86 79.02 -24.59
CA ILE D 109 -28.97 77.95 -25.04
C ILE D 109 -28.69 78.11 -26.53
N PRO D 110 -27.43 78.16 -26.96
CA PRO D 110 -27.13 78.42 -28.36
C PRO D 110 -27.04 77.12 -29.17
N ARG D 111 -26.90 77.30 -30.48
CA ARG D 111 -26.59 76.18 -31.36
C ARG D 111 -25.09 75.94 -31.37
N ASN D 112 -24.71 74.76 -31.88
CA ASN D 112 -23.31 74.35 -31.92
C ASN D 112 -22.96 73.93 -33.34
N TYR D 113 -21.70 74.15 -33.70
CA TYR D 113 -21.17 73.78 -35.02
C TYR D 113 -20.00 72.83 -34.80
N LYS D 114 -20.31 71.55 -34.68
CA LYS D 114 -19.31 70.54 -34.38
C LYS D 114 -18.45 70.26 -35.60
N HIS D 115 -17.27 69.71 -35.35
CA HIS D 115 -16.31 69.39 -36.40
C HIS D 115 -15.28 68.42 -35.84
N ASN D 116 -14.91 67.43 -36.64
CA ASN D 116 -13.83 66.53 -36.26
C ASN D 116 -12.50 67.28 -36.33
N ALA D 117 -11.42 66.60 -35.91
CA ALA D 117 -10.10 67.21 -35.77
C ALA D 117 -10.16 68.41 -34.85
N PRO D 118 -10.11 68.21 -33.51
CA PRO D 118 -10.27 69.31 -32.54
C PRO D 118 -9.48 70.57 -32.83
N VAL D 119 -10.20 71.65 -33.13
CA VAL D 119 -9.65 72.81 -33.81
C VAL D 119 -8.89 73.69 -32.83
N ASN D 120 -7.72 74.17 -33.27
CA ASN D 120 -6.88 74.98 -32.39
C ASN D 120 -7.34 76.44 -32.38
N GLU D 121 -7.32 77.10 -33.54
CA GLU D 121 -7.52 78.55 -33.57
C GLU D 121 -8.56 78.93 -34.61
N VAL D 122 -9.20 80.07 -34.39
CA VAL D 122 -10.23 80.60 -35.28
C VAL D 122 -9.99 82.09 -35.50
N VAL D 123 -10.61 82.62 -36.55
CA VAL D 123 -10.58 84.05 -36.84
C VAL D 123 -11.80 84.37 -37.69
N ILE D 124 -12.29 85.60 -37.56
CA ILE D 124 -13.53 86.05 -38.22
C ILE D 124 -13.15 87.07 -39.28
N HIS D 125 -13.61 86.83 -40.52
CA HIS D 125 -13.39 87.77 -41.60
C HIS D 125 -14.24 89.03 -41.36
N PRO D 126 -13.73 90.22 -41.72
CA PRO D 126 -14.48 91.47 -41.45
C PRO D 126 -15.80 91.59 -42.19
N ASN D 127 -16.12 90.62 -43.05
CA ASN D 127 -17.44 90.56 -43.67
C ASN D 127 -18.52 90.07 -42.70
N GLN D 128 -18.13 89.61 -41.51
CA GLN D 128 -19.05 89.13 -40.47
C GLN D 128 -19.88 87.93 -40.94
N GLY D 129 -19.36 87.20 -41.93
CA GLY D 129 -20.06 86.03 -42.43
C GLY D 129 -19.15 84.83 -42.62
N GLU D 130 -17.84 85.04 -42.50
CA GLU D 130 -16.85 84.01 -42.81
C GLU D 130 -15.95 83.74 -41.61
N LEU D 131 -15.68 82.45 -41.39
CA LEU D 131 -14.86 81.98 -40.29
C LEU D 131 -13.73 81.13 -40.85
N ILE D 132 -12.48 81.47 -40.50
CA ILE D 132 -11.31 80.76 -40.96
C ILE D 132 -10.64 80.14 -39.74
N SER D 133 -10.43 78.82 -39.78
CA SER D 133 -9.95 78.09 -38.62
C SER D 133 -8.75 77.22 -39.01
N CYS D 134 -7.81 77.10 -38.09
CA CYS D 134 -6.66 76.24 -38.26
C CYS D 134 -6.64 75.18 -37.17
N ASP D 135 -6.16 74.00 -37.53
CA ASP D 135 -6.26 72.81 -36.69
C ASP D 135 -4.88 72.24 -36.38
N ARG D 136 -4.79 71.53 -35.24
CA ARG D 136 -3.60 70.84 -34.75
C ARG D 136 -3.28 69.56 -35.52
N ASP D 137 -3.96 69.26 -36.62
CA ASP D 137 -3.53 68.21 -37.53
C ASP D 137 -2.94 68.81 -38.80
N GLY D 138 -3.43 69.99 -39.19
CA GLY D 138 -2.96 70.64 -40.40
C GLY D 138 -4.08 71.03 -41.34
N ASN D 139 -5.27 71.24 -40.78
CA ASN D 139 -6.47 71.48 -41.57
C ASN D 139 -6.82 72.97 -41.47
N ILE D 140 -7.21 73.54 -42.61
CA ILE D 140 -7.76 74.89 -42.70
C ILE D 140 -9.21 74.79 -43.12
N ARG D 141 -10.09 75.37 -42.32
CA ARG D 141 -11.53 75.30 -42.55
C ARG D 141 -12.07 76.70 -42.78
N ILE D 142 -12.70 76.92 -43.92
CA ILE D 142 -13.37 78.17 -44.25
C ILE D 142 -14.86 77.89 -44.28
N TRP D 143 -15.61 78.57 -43.41
CA TRP D 143 -17.02 78.27 -43.23
C TRP D 143 -17.82 79.57 -43.21
N ASP D 144 -19.11 79.43 -43.49
CA ASP D 144 -20.03 80.57 -43.42
C ASP D 144 -21.30 80.13 -42.72
N LEU D 145 -22.01 81.12 -42.16
CA LEU D 145 -23.24 80.85 -41.42
C LEU D 145 -24.34 80.30 -42.35
N GLY D 146 -24.27 80.61 -43.64
CA GLY D 146 -25.30 80.14 -44.56
C GLY D 146 -25.28 78.63 -44.73
N GLU D 147 -24.09 78.03 -44.75
CA GLU D 147 -23.98 76.58 -44.89
C GLU D 147 -24.26 75.91 -43.56
N ASN D 148 -24.27 74.57 -43.57
CA ASN D 148 -24.46 73.78 -42.36
C ASN D 148 -23.28 72.87 -42.07
N GLN D 149 -22.80 72.12 -43.06
CA GLN D 149 -21.70 71.18 -42.84
C GLN D 149 -20.62 71.32 -43.90
N CYS D 150 -20.99 71.80 -45.08
CA CYS D 150 -20.04 71.92 -46.18
C CYS D 150 -19.06 73.06 -45.93
N THR D 151 -17.82 72.86 -46.38
CA THR D 151 -16.77 73.85 -46.19
C THR D 151 -15.71 73.64 -47.26
N HIS D 152 -14.62 74.41 -47.15
CA HIS D 152 -13.49 74.32 -48.07
C HIS D 152 -12.29 73.78 -47.32
N GLN D 153 -11.52 72.91 -47.97
CA GLN D 153 -10.38 72.25 -47.36
C GLN D 153 -9.10 72.66 -48.06
N LEU D 154 -8.14 73.18 -47.29
CA LEU D 154 -6.80 73.48 -47.77
C LEU D 154 -5.80 72.78 -46.86
N THR D 155 -4.85 72.08 -47.44
CA THR D 155 -3.92 71.22 -46.72
C THR D 155 -2.49 71.60 -47.05
N PRO D 156 -1.93 72.59 -46.35
CA PRO D 156 -0.54 73.01 -46.63
C PRO D 156 0.49 71.93 -46.29
N GLU D 157 0.43 71.40 -45.08
CA GLU D 157 1.38 70.39 -44.63
C GLU D 157 0.79 68.99 -44.79
N ASP D 158 1.67 68.00 -44.81
CA ASP D 158 1.26 66.60 -44.87
C ASP D 158 0.98 66.12 -43.45
N ASP D 159 -0.16 66.57 -42.92
CA ASP D 159 -0.65 66.22 -41.58
C ASP D 159 0.38 66.56 -40.50
N THR D 160 0.68 67.86 -40.41
CA THR D 160 1.54 68.41 -39.37
C THR D 160 0.78 69.49 -38.64
N SER D 161 0.96 69.56 -37.32
CA SER D 161 0.15 70.42 -36.48
C SER D 161 0.39 71.90 -36.81
N LEU D 162 -0.69 72.62 -37.09
CA LEU D 162 -0.64 74.04 -37.41
C LEU D 162 -1.15 74.80 -36.19
N GLN D 163 -0.30 75.68 -35.65
CA GLN D 163 -0.58 76.23 -34.33
C GLN D 163 -1.66 77.31 -34.39
N SER D 164 -1.40 78.41 -35.09
CA SER D 164 -2.28 79.57 -35.08
C SER D 164 -2.49 80.08 -36.50
N LEU D 165 -3.51 80.91 -36.66
CA LEU D 165 -3.71 81.65 -37.90
C LEU D 165 -4.14 83.07 -37.55
N SER D 166 -3.90 83.98 -38.48
CA SER D 166 -4.31 85.37 -38.34
C SER D 166 -4.45 85.97 -39.73
N MET D 167 -5.06 87.14 -39.80
CA MET D 167 -5.33 87.77 -41.07
C MET D 167 -5.28 89.29 -40.90
N ALA D 168 -4.92 89.98 -41.99
CA ALA D 168 -4.73 91.41 -41.97
C ALA D 168 -6.04 92.14 -41.68
N SER D 169 -5.91 93.39 -41.21
CA SER D 169 -7.08 94.21 -40.95
C SER D 169 -7.82 94.57 -42.24
N ASP D 170 -7.09 94.69 -43.35
CA ASP D 170 -7.70 94.98 -44.64
C ASP D 170 -8.15 93.73 -45.38
N GLY D 171 -7.99 92.56 -44.79
CA GLY D 171 -8.39 91.31 -45.44
C GLY D 171 -7.56 90.96 -46.66
N SER D 172 -6.24 91.12 -46.59
CA SER D 172 -5.37 90.84 -47.71
C SER D 172 -4.42 89.67 -47.45
N MET D 173 -3.73 89.66 -46.32
CA MET D 173 -2.74 88.64 -46.01
C MET D 173 -3.30 87.69 -44.96
N LEU D 174 -3.18 86.38 -45.21
CA LEU D 174 -3.62 85.36 -44.26
C LEU D 174 -2.42 84.51 -43.90
N ALA D 175 -1.98 84.60 -42.63
CA ALA D 175 -0.78 83.92 -42.17
C ALA D 175 -1.14 82.81 -41.18
N ALA D 176 -0.26 81.81 -41.10
CA ALA D 176 -0.47 80.68 -40.20
C ALA D 176 0.86 80.34 -39.53
N ALA D 177 0.83 79.35 -38.64
CA ALA D 177 1.99 78.95 -37.86
C ALA D 177 2.05 77.44 -37.74
N ASN D 178 3.21 76.85 -38.01
CA ASN D 178 3.41 75.42 -38.01
C ASN D 178 4.26 75.01 -36.82
N THR D 179 3.91 73.87 -36.21
CA THR D 179 4.65 73.39 -35.05
C THR D 179 6.08 73.01 -35.40
N LYS D 180 6.36 72.66 -36.66
CA LYS D 180 7.74 72.36 -37.06
C LYS D 180 8.59 73.61 -37.19
N GLY D 181 7.98 74.79 -37.18
CA GLY D 181 8.71 76.03 -37.28
C GLY D 181 8.59 76.75 -38.60
N ASN D 182 7.44 76.65 -39.28
CA ASN D 182 7.24 77.29 -40.57
C ASN D 182 6.01 78.18 -40.51
N CYS D 183 5.80 78.95 -41.58
CA CYS D 183 4.65 79.83 -41.67
C CYS D 183 4.20 79.91 -43.12
N TYR D 184 2.89 79.84 -43.34
CA TYR D 184 2.27 79.99 -44.64
C TYR D 184 1.54 81.33 -44.70
N VAL D 185 1.76 82.08 -45.78
CA VAL D 185 1.09 83.35 -46.02
C VAL D 185 0.40 83.27 -47.38
N TRP D 186 -0.86 83.72 -47.41
CA TRP D 186 -1.69 83.69 -48.60
C TRP D 186 -2.21 85.09 -48.91
N GLU D 187 -2.35 85.37 -50.20
CA GLU D 187 -2.82 86.66 -50.68
C GLU D 187 -4.25 86.54 -51.17
N MET D 188 -5.12 87.44 -50.72
CA MET D 188 -6.53 87.41 -51.09
C MET D 188 -6.81 88.47 -52.14
N PRO D 189 -7.14 88.10 -53.37
CA PRO D 189 -7.53 89.09 -54.37
C PRO D 189 -8.96 89.57 -54.18
N ASN D 190 -9.48 90.31 -55.17
CA ASN D 190 -10.85 90.79 -55.13
C ASN D 190 -11.85 89.63 -55.02
N HIS D 191 -13.08 89.98 -54.66
CA HIS D 191 -14.12 89.03 -54.24
C HIS D 191 -13.61 88.19 -53.06
N THR D 192 -13.36 88.89 -51.95
CA THR D 192 -12.78 88.27 -50.77
C THR D 192 -13.72 87.31 -50.07
N ASP D 193 -15.02 87.36 -50.38
CA ASP D 193 -16.00 86.45 -49.79
C ASP D 193 -16.10 85.14 -50.59
N ALA D 194 -14.95 84.51 -50.82
CA ALA D 194 -14.87 83.27 -51.58
C ALA D 194 -13.56 82.58 -51.21
N SER D 195 -13.19 81.59 -52.00
CA SER D 195 -11.93 80.86 -51.83
C SER D 195 -11.03 81.18 -53.02
N HIS D 196 -10.27 82.26 -52.91
CA HIS D 196 -9.32 82.66 -53.95
C HIS D 196 -7.91 82.81 -53.40
N LEU D 197 -7.60 82.14 -52.29
CA LEU D 197 -6.32 82.32 -51.62
C LEU D 197 -5.18 81.69 -52.41
N LYS D 198 -4.52 82.50 -53.22
CA LYS D 198 -3.36 82.02 -53.99
C LYS D 198 -2.16 81.87 -53.07
N PRO D 199 -1.56 80.69 -52.98
CA PRO D 199 -0.38 80.52 -52.11
C PRO D 199 0.81 81.29 -52.66
N VAL D 200 1.38 82.15 -51.83
CA VAL D 200 2.48 83.00 -52.27
C VAL D 200 3.82 82.39 -51.85
N THR D 201 4.04 82.28 -50.55
CA THR D 201 5.31 81.79 -50.02
C THR D 201 5.07 81.02 -48.73
N LYS D 202 6.01 80.12 -48.45
CA LYS D 202 6.09 79.44 -47.16
C LYS D 202 7.49 79.62 -46.62
N PHE D 203 7.61 80.17 -45.42
CA PHE D 203 8.90 80.58 -44.87
C PHE D 203 9.19 79.82 -43.59
N ARG D 204 10.42 79.30 -43.47
CA ARG D 204 10.87 78.70 -42.22
C ARG D 204 11.12 79.81 -41.21
N ALA D 205 10.23 79.95 -40.24
CA ALA D 205 10.32 81.06 -39.29
C ALA D 205 11.48 80.87 -38.33
N HIS D 206 11.45 79.81 -37.53
CA HIS D 206 12.48 79.56 -36.54
C HIS D 206 12.66 78.06 -36.38
N SER D 207 13.57 77.66 -35.49
CA SER D 207 13.98 76.27 -35.37
C SER D 207 12.98 75.39 -34.65
N THR D 208 12.25 75.95 -33.68
CA THR D 208 11.40 75.15 -32.79
C THR D 208 9.94 75.54 -32.99
N TYR D 209 9.09 75.05 -32.07
CA TYR D 209 7.68 75.39 -32.05
C TYR D 209 7.47 76.90 -32.02
N ILE D 210 6.35 77.35 -32.57
CA ILE D 210 6.03 78.77 -32.63
C ILE D 210 4.63 78.99 -32.08
N THR D 211 4.47 80.05 -31.29
CA THR D 211 3.19 80.43 -30.73
C THR D 211 2.45 81.32 -31.73
N ARG D 212 1.40 81.98 -31.27
CA ARG D 212 0.53 82.75 -32.15
C ARG D 212 1.26 83.92 -32.80
N ILE D 213 0.95 84.18 -34.06
CA ILE D 213 1.50 85.30 -34.82
C ILE D 213 0.37 86.25 -35.14
N LEU D 214 0.58 87.53 -34.86
CA LEU D 214 -0.42 88.57 -35.06
C LEU D 214 0.08 89.57 -36.09
N LEU D 215 -0.85 90.34 -36.65
CA LEU D 215 -0.56 91.41 -37.59
C LEU D 215 -1.20 92.69 -37.09
N SER D 216 -0.53 93.81 -37.31
CA SER D 216 -0.99 95.10 -36.78
C SER D 216 -2.17 95.62 -37.60
N SER D 217 -2.70 96.78 -37.17
CA SER D 217 -3.79 97.42 -37.91
C SER D 217 -3.32 97.87 -39.28
N ASP D 218 -2.13 98.46 -39.37
CA ASP D 218 -1.51 98.77 -40.64
C ASP D 218 -0.63 97.60 -41.07
N VAL D 219 -0.81 97.17 -42.31
CA VAL D 219 -0.16 95.93 -42.79
C VAL D 219 1.22 96.34 -43.29
N LYS D 220 2.15 96.47 -42.34
CA LYS D 220 3.54 96.73 -42.68
C LYS D 220 4.54 96.03 -41.77
N HIS D 221 4.10 95.25 -40.79
CA HIS D 221 5.01 94.66 -39.82
C HIS D 221 4.36 93.41 -39.24
N LEU D 222 4.86 92.24 -39.61
CA LEU D 222 4.34 90.97 -39.11
C LEU D 222 5.40 90.36 -38.19
N ALA D 223 5.12 90.35 -36.89
CA ALA D 223 6.07 89.86 -35.90
C ALA D 223 5.63 88.51 -35.37
N THR D 224 6.58 87.57 -35.33
CA THR D 224 6.34 86.22 -34.85
C THR D 224 7.11 86.00 -33.55
N CYS D 225 6.44 85.42 -32.56
CA CYS D 225 7.06 85.05 -31.29
C CYS D 225 7.22 83.54 -31.23
N SER D 226 8.42 83.07 -30.91
CA SER D 226 8.72 81.65 -31.01
C SER D 226 9.27 81.08 -29.71
N ALA D 227 9.77 79.85 -29.77
CA ALA D 227 10.20 79.11 -28.60
C ALA D 227 11.71 79.08 -28.42
N ASP D 228 12.43 80.03 -29.01
CA ASP D 228 13.87 80.13 -28.85
C ASP D 228 14.27 81.50 -28.31
N HIS D 229 13.45 82.05 -27.41
CA HIS D 229 13.66 83.37 -26.80
C HIS D 229 13.62 84.47 -27.84
N THR D 230 12.77 84.31 -28.86
CA THR D 230 12.76 85.20 -30.02
C THR D 230 11.39 85.81 -30.27
N ALA D 231 11.40 87.10 -30.62
CA ALA D 231 10.24 87.78 -31.20
C ALA D 231 10.78 88.62 -32.36
N ARG D 232 10.58 88.15 -33.58
CA ARG D 232 11.22 88.73 -34.76
C ARG D 232 10.15 89.30 -35.69
N VAL D 233 10.38 90.53 -36.16
CA VAL D 233 9.42 91.20 -37.03
C VAL D 233 9.91 91.14 -38.47
N TRP D 234 8.98 90.97 -39.40
CA TRP D 234 9.28 90.81 -40.82
C TRP D 234 8.40 91.75 -41.62
N SER D 235 8.82 92.01 -42.85
CA SER D 235 8.09 92.88 -43.76
C SER D 235 7.02 92.09 -44.51
N ILE D 236 6.05 92.82 -45.04
CA ILE D 236 4.96 92.22 -45.79
C ILE D 236 4.88 92.73 -47.23
N ASP D 237 5.39 93.93 -47.52
CA ASP D 237 5.44 94.45 -48.88
C ASP D 237 6.86 94.70 -49.35
N ASP D 238 7.85 94.30 -48.56
CA ASP D 238 9.26 94.44 -48.91
C ASP D 238 9.92 93.08 -49.12
N ASP D 239 9.18 92.18 -49.79
CA ASP D 239 9.63 90.82 -50.11
C ASP D 239 9.99 90.02 -48.85
N PHE D 240 9.27 90.27 -47.76
CA PHE D 240 9.29 89.45 -46.54
C PHE D 240 10.69 89.37 -45.93
N LYS D 241 11.41 90.48 -45.93
CA LYS D 241 12.70 90.54 -45.25
C LYS D 241 12.52 90.73 -43.75
N LEU D 242 13.38 90.06 -42.98
CA LEU D 242 13.45 90.28 -41.54
C LEU D 242 13.94 91.69 -41.25
N GLU D 243 13.32 92.35 -40.27
CA GLU D 243 13.67 93.71 -39.92
C GLU D 243 14.36 93.83 -38.57
N THR D 244 13.75 93.31 -37.51
CA THR D 244 14.28 93.48 -36.17
C THR D 244 13.97 92.26 -35.34
N THR D 245 15.02 91.65 -34.78
CA THR D 245 14.86 90.59 -33.79
C THR D 245 14.69 91.20 -32.41
N LEU D 246 14.09 90.44 -31.51
CA LEU D 246 13.84 90.90 -30.15
C LEU D 246 14.11 89.72 -29.23
N ASP D 247 15.23 89.80 -28.50
CA ASP D 247 15.67 88.71 -27.63
C ASP D 247 15.97 89.25 -26.24
N GLY D 248 16.59 88.43 -25.40
CA GLY D 248 16.95 88.84 -24.06
C GLY D 248 16.01 88.38 -22.98
N HIS D 249 14.91 87.71 -23.33
CA HIS D 249 14.04 87.13 -22.33
C HIS D 249 14.73 85.96 -21.62
N GLN D 250 14.27 85.68 -20.41
CA GLN D 250 14.78 84.51 -19.70
C GLN D 250 14.18 83.23 -20.28
N ARG D 251 12.88 83.22 -20.53
CA ARG D 251 12.14 82.03 -20.97
C ARG D 251 11.48 82.32 -22.33
N TRP D 252 10.63 81.40 -22.78
CA TRP D 252 10.00 81.53 -24.09
C TRP D 252 9.09 82.75 -24.15
N VAL D 253 9.06 83.39 -25.32
CA VAL D 253 8.21 84.54 -25.57
C VAL D 253 6.85 84.03 -26.03
N TRP D 254 5.83 84.25 -25.21
CA TRP D 254 4.46 83.90 -25.53
C TRP D 254 3.80 85.07 -26.25
N ASP D 255 2.47 85.09 -26.29
CA ASP D 255 1.65 85.94 -27.14
C ASP D 255 2.11 87.40 -27.17
N CYS D 256 1.99 88.00 -28.36
CA CYS D 256 2.44 89.37 -28.60
C CYS D 256 1.32 90.17 -29.26
N ALA D 257 1.41 91.49 -29.09
CA ALA D 257 0.46 92.42 -29.68
C ALA D 257 1.21 93.69 -30.04
N PHE D 258 0.59 94.51 -30.89
CA PHE D 258 1.23 95.71 -31.41
C PHE D 258 0.38 96.94 -31.13
N SER D 259 1.02 98.10 -31.18
CA SER D 259 0.32 99.36 -31.02
C SER D 259 -0.39 99.74 -32.32
N ALA D 260 -1.25 100.76 -32.24
CA ALA D 260 -1.96 101.24 -33.41
C ALA D 260 -0.99 101.82 -34.44
N ASP D 261 -0.02 102.60 -33.98
CA ASP D 261 1.02 103.11 -34.87
C ASP D 261 2.02 102.03 -35.30
N SER D 262 1.98 100.85 -34.67
CA SER D 262 2.85 99.72 -35.01
C SER D 262 4.34 100.04 -34.83
N ALA D 263 4.65 101.00 -33.97
CA ALA D 263 6.03 101.26 -33.60
C ALA D 263 6.41 100.68 -32.25
N TYR D 264 5.43 100.23 -31.45
CA TYR D 264 5.68 99.59 -30.18
C TYR D 264 4.96 98.25 -30.13
N LEU D 265 5.56 97.31 -29.41
CA LEU D 265 4.98 95.98 -29.30
C LEU D 265 5.07 95.48 -27.86
N VAL D 266 4.01 94.81 -27.42
CA VAL D 266 3.94 94.21 -26.10
C VAL D 266 4.04 92.70 -26.27
N THR D 267 4.74 92.05 -25.35
CA THR D 267 4.96 90.61 -25.38
C THR D 267 4.80 90.05 -23.98
N ALA D 268 4.13 88.91 -23.89
CA ALA D 268 4.07 88.12 -22.66
C ALA D 268 5.06 86.96 -22.77
N SER D 269 5.47 86.47 -21.60
CA SER D 269 6.45 85.40 -21.55
C SER D 269 6.37 84.74 -20.18
N SER D 270 6.88 83.51 -20.11
CA SER D 270 6.87 82.77 -18.85
C SER D 270 8.03 83.12 -17.94
N ASP D 271 8.66 84.28 -18.16
CA ASP D 271 9.71 84.78 -17.28
C ASP D 271 9.16 85.62 -16.14
N HIS D 272 7.89 85.43 -15.78
CA HIS D 272 7.15 86.16 -14.76
C HIS D 272 6.98 87.64 -15.07
N TYR D 273 7.40 88.10 -16.26
CA TYR D 273 7.38 89.51 -16.61
C TYR D 273 6.67 89.67 -17.95
N VAL D 274 6.22 90.89 -18.23
CA VAL D 274 5.74 91.25 -19.57
C VAL D 274 6.47 92.50 -20.01
N ARG D 275 6.66 92.64 -21.31
CA ARG D 275 7.58 93.64 -21.83
C ARG D 275 6.94 94.45 -22.95
N LEU D 276 7.39 95.69 -23.08
CA LEU D 276 6.95 96.62 -24.12
C LEU D 276 8.17 97.26 -24.74
N TRP D 277 8.37 97.05 -26.04
CA TRP D 277 9.55 97.52 -26.74
C TRP D 277 9.17 98.48 -27.87
N ASP D 278 10.15 99.31 -28.24
CA ASP D 278 10.06 100.18 -29.41
C ASP D 278 10.82 99.50 -30.56
N LEU D 279 10.13 99.28 -31.68
CA LEU D 279 10.72 98.52 -32.78
C LEU D 279 11.81 99.32 -33.48
N SER D 280 11.66 100.64 -33.59
CA SER D 280 12.62 101.44 -34.33
C SER D 280 13.98 101.48 -33.64
N THR D 281 13.99 101.68 -32.32
CA THR D 281 15.24 101.75 -31.57
C THR D 281 15.66 100.44 -30.96
N ARG D 282 14.87 99.37 -31.16
CA ARG D 282 15.05 98.03 -30.58
C ARG D 282 15.57 98.07 -29.14
N GLU D 283 14.85 98.80 -28.30
CA GLU D 283 15.22 98.97 -26.90
C GLU D 283 13.99 98.83 -26.02
N ILE D 284 14.21 98.85 -24.71
CA ILE D 284 13.14 98.70 -23.73
C ILE D 284 12.37 100.00 -23.62
N VAL D 285 11.05 99.92 -23.74
CA VAL D 285 10.16 101.01 -23.35
C VAL D 285 9.64 100.80 -21.94
N ARG D 286 9.04 99.65 -21.66
CA ARG D 286 8.55 99.34 -20.32
C ARG D 286 8.77 97.86 -20.02
N GLN D 287 8.91 97.56 -18.74
CA GLN D 287 9.10 96.19 -18.26
C GLN D 287 8.19 96.01 -17.05
N TYR D 288 6.98 95.51 -17.28
CA TYR D 288 6.02 95.34 -16.20
C TYR D 288 6.29 94.02 -15.47
N GLY D 289 6.53 94.12 -14.16
CA GLY D 289 6.71 92.95 -13.34
C GLY D 289 5.84 93.04 -12.10
N GLY D 290 5.56 91.86 -11.54
CA GLY D 290 4.59 91.75 -10.47
C GLY D 290 3.81 90.46 -10.58
N HIS D 291 3.73 89.92 -11.80
CA HIS D 291 3.26 88.55 -11.99
C HIS D 291 4.24 87.60 -11.32
N HIS D 292 3.74 86.75 -10.42
CA HIS D 292 4.65 85.91 -9.64
C HIS D 292 5.05 84.65 -10.40
N LYS D 293 4.07 83.84 -10.81
CA LYS D 293 4.38 82.52 -11.33
C LYS D 293 4.59 82.53 -12.84
N GLY D 294 3.60 82.96 -13.60
CA GLY D 294 3.67 82.94 -15.05
C GLY D 294 2.81 84.02 -15.69
N ALA D 295 3.24 84.48 -16.87
CA ALA D 295 2.46 85.36 -17.71
C ALA D 295 2.28 84.67 -19.05
N VAL D 296 1.06 84.23 -19.33
CA VAL D 296 0.82 83.37 -20.48
C VAL D 296 0.22 84.16 -21.63
N CYS D 297 -0.64 85.13 -21.32
CA CYS D 297 -1.38 85.80 -22.38
C CYS D 297 -1.62 87.26 -22.01
N VAL D 298 -1.57 88.11 -23.04
CA VAL D 298 -1.81 89.54 -22.89
C VAL D 298 -2.70 90.03 -24.03
N ALA D 299 -3.29 91.20 -23.83
CA ALA D 299 -4.08 91.86 -24.86
C ALA D 299 -3.92 93.36 -24.72
N LEU D 300 -3.80 94.04 -25.85
CA LEU D 300 -3.57 95.48 -25.89
C LEU D 300 -4.66 96.15 -26.73
N ASN D 301 -5.08 97.33 -26.29
CA ASN D 301 -6.04 98.13 -27.06
C ASN D 301 -5.61 99.59 -27.03
N ASP D 302 -5.78 100.27 -28.15
CA ASP D 302 -5.46 101.69 -28.25
C ASP D 302 -6.71 102.53 -28.52
N THR E 85 70.54 -5.92 -3.56
CA THR E 85 70.11 -4.53 -3.52
C THR E 85 71.16 -3.60 -4.12
N LEU E 86 72.06 -3.12 -3.26
CA LEU E 86 73.12 -2.20 -3.66
C LEU E 86 74.40 -2.92 -4.08
N ASN E 87 74.36 -4.25 -4.16
CA ASN E 87 75.57 -5.02 -4.46
C ASN E 87 76.06 -4.77 -5.88
N LEU E 88 75.17 -4.42 -6.80
CA LEU E 88 75.60 -4.11 -8.17
C LEU E 88 76.48 -2.86 -8.20
N ILE E 89 76.04 -1.79 -7.54
CA ILE E 89 76.85 -0.59 -7.47
C ILE E 89 78.08 -0.82 -6.61
N PHE E 90 77.98 -1.67 -5.59
CA PHE E 90 79.16 -2.03 -4.81
C PHE E 90 80.22 -2.71 -5.67
N ASP E 91 79.79 -3.62 -6.55
CA ASP E 91 80.72 -4.24 -7.50
C ASP E 91 81.21 -3.24 -8.53
N LYS E 92 80.41 -2.23 -8.85
CA LYS E 92 80.87 -1.15 -9.73
C LYS E 92 82.04 -0.41 -9.09
N LEU E 93 81.95 -0.13 -7.79
CA LEU E 93 83.10 0.43 -7.07
C LEU E 93 84.28 -0.55 -7.07
N LYS E 94 84.05 -1.79 -6.65
CA LYS E 94 85.15 -2.76 -6.66
C LYS E 94 85.20 -3.54 -7.98
N SER E 95 85.15 -2.79 -9.08
CA SER E 95 85.25 -3.34 -10.42
C SER E 95 86.59 -2.95 -11.03
N ASP E 96 87.31 -3.94 -11.55
CA ASP E 96 88.62 -3.69 -12.12
C ASP E 96 88.49 -2.97 -13.46
N VAL E 97 89.60 -2.35 -13.88
CA VAL E 97 89.64 -1.57 -15.12
C VAL E 97 89.39 -2.38 -16.40
N PRO E 98 89.60 -3.70 -16.50
CA PRO E 98 89.07 -4.41 -17.67
C PRO E 98 87.59 -4.74 -17.57
N GLN E 99 86.94 -4.47 -16.44
CA GLN E 99 85.53 -4.76 -16.25
C GLN E 99 84.64 -3.53 -16.46
N GLU E 100 85.07 -2.62 -17.35
CA GLU E 100 84.27 -1.44 -17.64
C GLU E 100 82.96 -1.79 -18.35
N ARG E 101 82.97 -2.85 -19.17
CA ARG E 101 81.73 -3.30 -19.80
C ARG E 101 80.75 -3.82 -18.74
N ALA E 102 81.25 -4.56 -17.75
CA ALA E 102 80.40 -5.02 -16.66
C ALA E 102 79.89 -3.85 -15.84
N SER E 103 80.74 -2.84 -15.61
CA SER E 103 80.29 -1.65 -14.88
C SER E 103 79.20 -0.91 -15.64
N GLY E 104 79.34 -0.80 -16.97
CA GLY E 104 78.30 -0.17 -17.76
C GLY E 104 77.01 -0.96 -17.78
N ALA E 105 77.10 -2.28 -17.84
CA ALA E 105 75.91 -3.12 -17.77
C ALA E 105 75.21 -2.97 -16.42
N ASN E 106 75.99 -2.91 -15.34
CA ASN E 106 75.40 -2.68 -14.03
C ASN E 106 74.78 -1.29 -13.91
N GLU E 107 75.39 -0.29 -14.57
CA GLU E 107 74.80 1.04 -14.60
C GLU E 107 73.47 1.05 -15.33
N LEU E 108 73.40 0.33 -16.46
CA LEU E 108 72.13 0.20 -17.18
C LEU E 108 71.09 -0.53 -16.34
N SER E 109 71.52 -1.56 -15.61
CA SER E 109 70.60 -2.28 -14.74
C SER E 109 70.09 -1.38 -13.61
N THR E 110 70.97 -0.56 -13.03
CA THR E 110 70.56 0.37 -11.99
C THR E 110 69.57 1.39 -12.54
N THR E 111 69.82 1.89 -13.75
CA THR E 111 68.88 2.81 -14.38
C THR E 111 67.53 2.15 -14.62
N LEU E 112 67.53 0.89 -15.05
CA LEU E 112 66.29 0.17 -15.28
C LEU E 112 65.52 -0.05 -13.98
N THR E 113 66.22 -0.40 -12.90
CA THR E 113 65.56 -0.59 -11.61
C THR E 113 65.00 0.73 -11.08
N SER E 114 65.73 1.84 -11.29
CA SER E 114 65.21 3.13 -10.87
C SER E 114 63.97 3.53 -11.68
N LEU E 115 64.00 3.25 -12.99
CA LEU E 115 62.84 3.56 -13.83
C LEU E 115 61.68 2.63 -13.56
N ALA E 116 61.93 1.45 -12.98
CA ALA E 116 60.85 0.54 -12.62
C ALA E 116 59.92 1.11 -11.56
N ARG E 117 60.41 2.07 -10.77
CA ARG E 117 59.55 2.74 -9.81
C ARG E 117 58.49 3.56 -10.54
N GLU E 118 57.24 3.45 -10.09
CA GLU E 118 56.13 4.10 -10.76
C GLU E 118 55.37 5.10 -9.89
N VAL E 119 55.69 5.21 -8.61
CA VAL E 119 54.99 6.11 -7.71
C VAL E 119 55.94 7.22 -7.28
N SER E 120 55.36 8.29 -6.74
CA SER E 120 56.12 9.43 -6.25
C SER E 120 56.44 9.21 -4.77
N ALA E 121 57.72 9.05 -4.47
CA ALA E 121 58.17 8.82 -3.10
C ALA E 121 59.58 9.38 -2.96
N GLU E 122 60.22 9.05 -1.84
CA GLU E 122 61.57 9.55 -1.57
C GLU E 122 62.51 8.44 -1.09
N GLN E 123 62.07 7.19 -1.07
CA GLN E 123 62.93 6.10 -0.63
C GLN E 123 64.12 5.91 -1.56
N PHE E 124 63.88 5.98 -2.87
CA PHE E 124 64.98 5.89 -3.83
C PHE E 124 65.92 7.09 -3.70
N GLN E 125 65.37 8.27 -3.42
CA GLN E 125 66.20 9.47 -3.27
C GLN E 125 67.11 9.34 -2.05
N ARG E 126 66.56 8.91 -0.91
CA ARG E 126 67.39 8.79 0.29
C ARG E 126 68.38 7.65 0.18
N PHE E 127 68.00 6.55 -0.49
CA PHE E 127 68.95 5.46 -0.73
C PHE E 127 70.10 5.93 -1.61
N SER E 128 69.80 6.69 -2.67
CA SER E 128 70.84 7.22 -3.54
C SER E 128 71.74 8.20 -2.80
N ASN E 129 71.15 9.04 -1.95
CA ASN E 129 71.95 9.99 -1.18
C ASN E 129 72.88 9.29 -0.19
N SER E 130 72.36 8.27 0.51
CA SER E 130 73.20 7.52 1.43
C SER E 130 74.30 6.76 0.71
N LEU E 131 73.98 6.20 -0.46
CA LEU E 131 74.99 5.50 -1.25
C LEU E 131 76.06 6.46 -1.74
N ASN E 132 75.66 7.67 -2.16
CA ASN E 132 76.63 8.67 -2.59
C ASN E 132 77.52 9.09 -1.42
N ASN E 133 76.93 9.23 -0.23
CA ASN E 133 77.73 9.59 0.95
C ASN E 133 78.74 8.50 1.29
N LYS E 134 78.33 7.24 1.26
CA LYS E 134 79.27 6.18 1.58
C LYS E 134 80.30 5.99 0.48
N ILE E 135 79.95 6.28 -0.78
CA ILE E 135 80.93 6.25 -1.86
C ILE E 135 81.98 7.34 -1.65
N PHE E 136 81.54 8.55 -1.30
CA PHE E 136 82.47 9.63 -1.02
C PHE E 136 83.33 9.32 0.20
N GLU E 137 82.80 8.57 1.16
CA GLU E 137 83.61 8.15 2.30
C GLU E 137 84.61 7.05 1.90
N LEU E 138 84.25 6.21 0.94
CA LEU E 138 85.04 5.03 0.60
C LEU E 138 85.86 5.19 -0.67
N ILE E 139 85.98 6.42 -1.21
CA ILE E 139 86.87 6.62 -2.35
C ILE E 139 88.32 6.37 -1.92
N HIS E 140 89.14 5.93 -2.87
CA HIS E 140 90.56 5.65 -2.65
C HIS E 140 91.34 6.30 -3.79
N GLY E 141 91.73 7.57 -3.59
CA GLY E 141 92.45 8.28 -4.63
C GLY E 141 93.90 7.89 -4.78
N PHE E 142 94.50 7.31 -3.74
CA PHE E 142 95.90 6.91 -3.83
C PHE E 142 96.08 5.75 -4.81
N THR E 143 95.18 4.77 -4.78
CA THR E 143 95.22 3.64 -5.69
C THR E 143 94.34 3.83 -6.92
N SER E 144 93.68 4.99 -7.05
CA SER E 144 92.78 5.29 -8.16
C SER E 144 91.68 4.24 -8.28
N SER E 145 91.12 3.82 -7.15
CA SER E 145 90.09 2.81 -7.11
C SER E 145 88.94 3.27 -6.23
N GLU E 146 87.76 2.70 -6.48
CA GLU E 146 86.52 2.99 -5.76
C GLU E 146 86.14 4.48 -5.83
N LYS E 147 86.53 5.13 -6.91
CA LYS E 147 86.20 6.54 -7.12
C LYS E 147 85.40 6.79 -8.39
N ILE E 148 85.61 5.99 -9.45
CA ILE E 148 84.83 6.12 -10.66
C ILE E 148 83.39 5.68 -10.46
N GLY E 149 83.10 4.93 -9.38
CA GLY E 149 81.73 4.56 -9.09
C GLY E 149 80.86 5.75 -8.77
N GLY E 150 81.42 6.76 -8.10
CA GLY E 150 80.68 7.98 -7.86
C GLY E 150 80.34 8.72 -9.13
N ILE E 151 81.28 8.76 -10.08
CA ILE E 151 81.02 9.42 -11.36
C ILE E 151 80.01 8.62 -12.17
N LEU E 152 80.06 7.29 -12.06
CA LEU E 152 79.04 6.45 -12.70
C LEU E 152 77.65 6.71 -12.11
N ALA E 153 77.59 6.88 -10.79
CA ALA E 153 76.33 7.24 -10.15
C ALA E 153 75.86 8.63 -10.59
N VAL E 154 76.81 9.55 -10.82
CA VAL E 154 76.46 10.87 -11.35
C VAL E 154 75.85 10.74 -12.74
N ASP E 155 76.48 9.92 -13.59
CA ASP E 155 75.96 9.69 -14.94
C ASP E 155 74.63 8.95 -14.91
N THR E 156 74.38 8.18 -13.85
CA THR E 156 73.07 7.53 -13.69
C THR E 156 72.02 8.55 -13.29
N LEU E 157 72.37 9.47 -12.38
CA LEU E 157 71.41 10.42 -11.85
C LEU E 157 71.20 11.61 -12.78
N ILE E 158 72.03 11.77 -13.81
CA ILE E 158 71.82 12.81 -14.81
C ILE E 158 71.58 12.16 -16.16
N SER E 159 70.93 12.91 -17.05
CA SER E 159 70.70 12.53 -18.45
C SER E 159 69.98 11.20 -18.57
N PHE E 160 69.09 10.89 -17.63
CA PHE E 160 68.33 9.64 -17.68
C PHE E 160 66.83 9.86 -17.78
N TYR E 161 66.31 10.96 -17.24
CA TYR E 161 64.89 11.25 -17.26
C TYR E 161 64.71 12.75 -17.05
N LEU E 162 63.66 13.30 -17.67
CA LEU E 162 63.36 14.73 -17.56
C LEU E 162 62.65 14.99 -16.23
N SER E 163 63.42 14.86 -15.15
CA SER E 163 62.88 15.02 -13.81
C SER E 163 62.76 16.49 -13.44
N THR E 164 61.65 16.85 -12.80
CA THR E 164 61.49 18.18 -12.24
C THR E 164 62.04 18.28 -10.82
N GLU E 165 62.41 17.17 -10.21
CA GLU E 165 62.97 17.15 -8.86
C GLU E 165 64.37 16.56 -8.82
N GLU E 166 64.60 15.42 -9.47
CA GLU E 166 65.91 14.78 -9.41
C GLU E 166 66.95 15.56 -10.19
N LEU E 167 66.57 16.18 -11.31
CA LEU E 167 67.55 16.92 -12.12
C LEU E 167 68.04 18.20 -11.43
N PRO E 168 67.19 19.19 -11.13
CA PRO E 168 67.75 20.48 -10.68
C PRO E 168 68.25 20.48 -9.25
N ASN E 169 67.75 19.60 -8.38
CA ASN E 169 68.17 19.59 -6.99
C ASN E 169 69.56 19.02 -6.81
N GLN E 170 69.97 18.10 -7.69
CA GLN E 170 71.25 17.42 -7.57
C GLN E 170 72.38 18.11 -8.31
N THR E 171 72.09 19.20 -9.03
CA THR E 171 73.12 19.86 -9.83
C THR E 171 74.25 20.39 -8.96
N SER E 172 73.91 21.17 -7.93
CA SER E 172 74.91 21.73 -7.04
C SER E 172 75.66 20.64 -6.28
N ARG E 173 74.94 19.60 -5.85
CA ARG E 173 75.57 18.52 -5.08
C ARG E 173 76.58 17.77 -5.93
N LEU E 174 76.23 17.42 -7.17
CA LEU E 174 77.17 16.72 -8.03
C LEU E 174 78.30 17.63 -8.50
N ALA E 175 78.03 18.92 -8.66
CA ALA E 175 79.10 19.86 -9.00
C ALA E 175 80.11 19.96 -7.86
N ASN E 176 79.62 20.02 -6.61
CA ASN E 176 80.52 20.03 -5.46
C ASN E 176 81.29 18.71 -5.35
N TYR E 177 80.63 17.59 -5.65
CA TYR E 177 81.30 16.29 -5.63
C TYR E 177 82.45 16.27 -6.63
N LEU E 178 82.21 16.75 -7.84
CA LEU E 178 83.25 16.73 -8.87
C LEU E 178 84.35 17.75 -8.58
N ARG E 179 83.99 18.90 -7.99
CA ARG E 179 85.00 19.87 -7.59
C ARG E 179 85.88 19.33 -6.47
N VAL E 180 85.32 18.51 -5.59
CA VAL E 180 86.13 17.84 -4.57
C VAL E 180 87.02 16.78 -5.22
N LEU E 181 86.47 16.03 -6.18
CA LEU E 181 87.21 14.92 -6.77
C LEU E 181 88.32 15.37 -7.73
N ILE E 182 88.22 16.58 -8.27
CA ILE E 182 89.20 17.02 -9.28
C ILE E 182 90.63 17.10 -8.75
N PRO E 183 90.93 17.81 -7.62
CA PRO E 183 92.35 17.94 -7.24
C PRO E 183 92.93 16.66 -6.65
N SER E 184 92.12 15.89 -5.93
CA SER E 184 92.58 14.67 -5.27
C SER E 184 92.39 13.44 -6.16
N SER E 185 92.91 13.49 -7.37
CA SER E 185 92.81 12.36 -8.28
C SER E 185 93.96 12.40 -9.29
N ASP E 186 94.28 11.23 -9.82
CA ASP E 186 95.38 11.06 -10.77
C ASP E 186 94.86 11.18 -12.20
N ILE E 187 95.70 10.79 -13.15
CA ILE E 187 95.36 10.84 -14.58
C ILE E 187 94.30 9.79 -14.91
N GLU E 188 93.73 9.88 -16.11
CA GLU E 188 92.65 9.06 -16.65
C GLU E 188 91.32 9.29 -15.92
N VAL E 189 91.26 10.23 -14.98
CA VAL E 189 90.03 10.57 -14.30
C VAL E 189 89.59 12.00 -14.61
N MET E 190 90.48 12.86 -15.10
CA MET E 190 90.14 14.26 -15.33
C MET E 190 89.11 14.42 -16.42
N ARG E 191 89.22 13.63 -17.50
CA ARG E 191 88.23 13.67 -18.57
C ARG E 191 86.86 13.24 -18.07
N LEU E 192 86.82 12.15 -17.29
CA LEU E 192 85.56 11.63 -16.78
C LEU E 192 84.97 12.53 -15.71
N ALA E 193 85.79 13.39 -15.10
CA ALA E 193 85.26 14.38 -14.16
C ALA E 193 84.79 15.66 -14.86
N ALA E 194 85.45 16.03 -15.96
CA ALA E 194 85.14 17.29 -16.62
C ALA E 194 83.94 17.16 -17.57
N ASN E 195 83.81 16.02 -18.25
CA ASN E 195 82.68 15.87 -19.16
C ASN E 195 81.35 15.82 -18.41
N THR E 196 81.35 15.24 -17.21
CA THR E 196 80.14 15.25 -16.39
C THR E 196 79.79 16.66 -15.93
N LEU E 197 80.79 17.47 -15.58
CA LEU E 197 80.55 18.86 -15.24
C LEU E 197 79.97 19.63 -16.42
N GLY E 198 80.52 19.39 -17.61
CA GLY E 198 79.97 20.01 -18.81
C GLY E 198 78.54 19.58 -19.09
N ARG E 199 78.24 18.30 -18.83
CA ARG E 199 76.88 17.81 -19.01
C ARG E 199 75.92 18.47 -18.02
N LEU E 200 76.35 18.65 -16.77
CA LEU E 200 75.48 19.26 -15.77
C LEU E 200 75.49 20.78 -15.81
N THR E 201 76.30 21.40 -16.69
CA THR E 201 76.13 22.82 -16.93
C THR E 201 74.74 23.14 -17.49
N VAL E 202 74.25 22.31 -18.41
CA VAL E 202 72.94 22.52 -19.03
C VAL E 202 72.08 21.26 -18.92
N PRO E 203 71.66 20.85 -17.72
CA PRO E 203 70.82 19.65 -17.60
C PRO E 203 69.32 19.92 -17.53
N GLY E 204 68.88 21.15 -17.76
CA GLY E 204 67.50 21.53 -17.57
C GLY E 204 67.21 22.26 -16.28
N GLY E 205 68.24 22.64 -15.52
CA GLY E 205 68.06 23.33 -14.26
C GLY E 205 67.96 24.83 -14.44
N THR E 206 68.23 25.55 -13.35
CA THR E 206 68.11 27.00 -13.32
C THR E 206 69.42 27.72 -13.01
N LEU E 207 70.46 27.03 -12.57
CA LEU E 207 71.73 27.64 -12.21
C LEU E 207 72.80 27.15 -13.18
N THR E 208 73.02 27.93 -14.25
CA THR E 208 74.04 27.60 -15.24
C THR E 208 75.13 28.67 -15.34
N SER E 209 74.74 29.94 -15.53
CA SER E 209 75.71 30.99 -15.82
C SER E 209 76.62 31.26 -14.62
N ASP E 210 76.06 31.27 -13.41
CA ASP E 210 76.87 31.53 -12.23
C ASP E 210 77.89 30.41 -12.01
N PHE E 211 77.47 29.16 -12.17
CA PHE E 211 78.40 28.04 -12.05
C PHE E 211 79.49 28.12 -13.13
N VAL E 212 79.10 28.41 -14.37
CA VAL E 212 80.06 28.48 -15.47
C VAL E 212 81.09 29.58 -15.21
N GLU E 213 80.62 30.74 -14.74
CA GLU E 213 81.54 31.81 -14.36
C GLU E 213 82.43 31.38 -13.19
N PHE E 214 81.93 30.51 -12.31
CA PHE E 214 82.76 30.00 -11.23
C PHE E 214 83.91 29.15 -11.76
N GLU E 215 83.62 28.24 -12.70
CA GLU E 215 84.76 27.49 -13.26
C GLU E 215 85.68 28.37 -14.10
N VAL E 216 85.14 29.41 -14.74
CA VAL E 216 85.99 30.33 -15.49
C VAL E 216 86.94 31.06 -14.54
N ARG E 217 86.41 31.52 -13.40
CA ARG E 217 87.24 32.18 -12.40
C ARG E 217 88.30 31.22 -11.84
N THR E 218 87.91 29.97 -11.57
CA THR E 218 88.88 28.99 -11.10
C THR E 218 89.97 28.74 -12.14
N CYS E 219 89.58 28.64 -13.42
CA CYS E 219 90.54 28.38 -14.48
C CYS E 219 91.52 29.54 -14.64
N ILE E 220 91.03 30.78 -14.61
CA ILE E 220 91.93 31.91 -14.78
C ILE E 220 92.80 32.09 -13.54
N ASP E 221 92.29 31.76 -12.35
CA ASP E 221 93.11 31.80 -11.14
C ASP E 221 94.23 30.77 -11.21
N TRP E 222 93.93 29.57 -11.71
CA TRP E 222 94.96 28.55 -11.88
C TRP E 222 95.97 28.95 -12.93
N LEU E 223 95.51 29.54 -14.04
CA LEU E 223 96.38 29.91 -15.14
C LEU E 223 97.15 31.21 -14.89
N THR E 224 96.82 31.95 -13.83
CA THR E 224 97.56 33.16 -13.50
C THR E 224 98.94 32.75 -12.98
N LEU E 225 99.94 32.85 -13.85
CA LEU E 225 101.31 32.46 -13.52
C LEU E 225 102.26 33.61 -13.87
N THR E 226 103.21 33.85 -12.98
CA THR E 226 104.20 34.90 -13.17
C THR E 226 105.59 34.31 -13.36
N ALA E 227 106.41 34.99 -14.16
CA ALA E 227 107.77 34.53 -14.42
C ALA E 227 108.61 34.57 -13.15
N ASP E 228 108.48 35.63 -12.36
CA ASP E 228 109.18 35.76 -11.10
C ASP E 228 108.24 35.46 -9.93
N ASN E 229 108.82 34.95 -8.85
CA ASN E 229 108.08 34.52 -7.66
C ASN E 229 106.99 33.50 -8.02
N ASN E 230 107.45 32.35 -8.51
CA ASN E 230 106.56 31.31 -9.01
C ASN E 230 105.73 30.73 -7.87
N SER E 231 104.41 30.90 -7.95
CA SER E 231 103.48 30.34 -6.99
C SER E 231 102.47 29.39 -7.60
N SER E 232 102.26 29.44 -8.91
CA SER E 232 101.34 28.55 -9.61
C SER E 232 102.05 27.37 -10.27
N SER E 233 103.35 27.18 -9.97
CA SER E 233 104.08 26.07 -10.55
C SER E 233 103.58 24.73 -10.03
N SER E 234 103.04 24.70 -8.81
CA SER E 234 102.49 23.46 -8.28
C SER E 234 101.21 23.04 -9.00
N LYS E 235 100.48 24.02 -9.56
CA LYS E 235 99.27 23.70 -10.32
C LYS E 235 99.58 23.05 -11.66
N LEU E 236 100.82 23.16 -12.14
CA LEU E 236 101.21 22.60 -13.42
C LEU E 236 101.25 21.07 -13.40
N GLU E 237 101.13 20.44 -12.23
CA GLU E 237 101.11 18.99 -12.17
C GLU E 237 99.81 18.44 -12.75
N TYR E 238 98.67 18.86 -12.20
CA TYR E 238 97.38 18.35 -12.64
C TYR E 238 96.31 19.42 -12.84
N ARG E 239 96.43 20.60 -12.25
CA ARG E 239 95.32 21.56 -12.25
C ARG E 239 95.10 22.16 -13.63
N ARG E 240 96.19 22.46 -14.35
CA ARG E 240 96.07 23.12 -15.65
C ARG E 240 95.39 22.24 -16.67
N HIS E 241 95.72 20.94 -16.69
CA HIS E 241 95.08 20.02 -17.62
C HIS E 241 93.59 19.88 -17.31
N ALA E 242 93.24 19.78 -16.02
CA ALA E 242 91.84 19.73 -15.64
C ALA E 242 91.12 21.04 -15.97
N ALA E 243 91.82 22.16 -15.81
CA ALA E 243 91.23 23.45 -16.17
C ALA E 243 90.94 23.53 -17.66
N LEU E 244 91.86 23.04 -18.49
CA LEU E 244 91.63 23.06 -19.93
C LEU E 244 90.55 22.06 -20.35
N LEU E 245 90.42 20.95 -19.62
CA LEU E 245 89.33 20.03 -19.90
C LEU E 245 87.98 20.66 -19.54
N ILE E 246 87.92 21.40 -18.43
CA ILE E 246 86.69 22.13 -18.10
C ILE E 246 86.42 23.21 -19.13
N ILE E 247 87.49 23.81 -19.66
CA ILE E 247 87.35 24.78 -20.75
C ILE E 247 86.72 24.12 -21.98
N LYS E 248 87.18 22.91 -22.31
CA LYS E 248 86.58 22.16 -23.42
C LYS E 248 85.12 21.85 -23.16
N ALA E 249 84.79 21.47 -21.92
CA ALA E 249 83.41 21.16 -21.56
C ALA E 249 82.52 22.38 -21.73
N LEU E 250 82.98 23.54 -21.27
CA LEU E 250 82.23 24.77 -21.46
C LEU E 250 82.12 25.12 -22.94
N ALA E 251 83.18 24.86 -23.71
CA ALA E 251 83.17 25.17 -25.13
C ALA E 251 82.15 24.34 -25.90
N ASP E 252 82.09 23.05 -25.63
CA ASP E 252 81.19 22.18 -26.39
C ASP E 252 79.84 21.99 -25.73
N ASN E 253 79.59 22.61 -24.56
CA ASN E 253 78.26 22.59 -23.97
C ASN E 253 77.57 23.94 -23.95
N SER E 254 78.32 25.04 -24.00
CA SER E 254 77.73 26.38 -24.01
C SER E 254 78.72 27.36 -24.61
N PRO E 255 78.82 27.46 -25.94
CA PRO E 255 79.78 28.39 -26.55
C PRO E 255 79.48 29.85 -26.27
N TYR E 256 78.21 30.20 -26.02
CA TYR E 256 77.85 31.60 -25.80
C TYR E 256 78.45 32.14 -24.51
N LEU E 257 78.47 31.32 -23.46
CA LEU E 257 79.03 31.78 -22.18
C LEU E 257 80.54 31.96 -22.25
N LEU E 258 81.24 31.09 -22.97
CA LEU E 258 82.69 31.17 -23.10
C LEU E 258 83.11 32.14 -24.21
N TYR E 259 82.18 32.62 -25.03
CA TYR E 259 82.52 33.58 -26.07
C TYR E 259 83.16 34.87 -25.55
N PRO E 260 82.71 35.49 -24.45
CA PRO E 260 83.52 36.59 -23.88
C PRO E 260 84.91 36.16 -23.44
N TYR E 261 85.06 34.92 -22.96
CA TYR E 261 86.36 34.43 -22.50
C TYR E 261 87.08 33.76 -23.66
N VAL E 262 87.63 34.58 -24.54
CA VAL E 262 88.42 34.09 -25.67
C VAL E 262 89.82 34.71 -25.59
N ASN E 263 89.88 36.05 -25.61
CA ASN E 263 91.16 36.73 -25.48
C ASN E 263 91.81 36.43 -24.14
N SER E 264 91.00 36.18 -23.11
CA SER E 264 91.54 35.74 -21.83
C SER E 264 92.26 34.41 -21.96
N ILE E 265 91.67 33.48 -22.72
CA ILE E 265 92.30 32.17 -22.91
C ILE E 265 93.58 32.31 -23.72
N LEU E 266 93.55 33.13 -24.78
CA LEU E 266 94.77 33.37 -25.56
C LEU E 266 95.88 33.98 -24.71
N ASP E 267 95.52 34.95 -23.86
CA ASP E 267 96.53 35.57 -23.00
C ASP E 267 97.05 34.60 -21.94
N ASN E 268 96.17 33.74 -21.42
CA ASN E 268 96.55 32.80 -20.37
C ASN E 268 97.24 31.56 -20.91
N ILE E 269 97.25 31.35 -22.23
CA ILE E 269 97.95 30.20 -22.79
C ILE E 269 99.17 30.61 -23.62
N TRP E 270 99.29 31.87 -24.04
CA TRP E 270 100.42 32.27 -24.86
C TRP E 270 101.72 32.26 -24.06
N VAL E 271 101.71 32.86 -22.88
CA VAL E 271 102.94 32.97 -22.09
C VAL E 271 103.28 31.64 -21.39
N PRO E 272 102.38 30.99 -20.57
CA PRO E 272 102.74 29.71 -19.95
C PRO E 272 102.37 28.50 -20.82
N LEU E 273 102.76 28.56 -22.09
CA LEU E 273 102.53 27.43 -22.98
C LEU E 273 103.46 26.27 -22.66
N ARG E 274 104.69 26.57 -22.25
CA ARG E 274 105.66 25.52 -21.93
C ARG E 274 105.37 24.94 -20.55
N ASP E 275 105.29 23.62 -20.47
CA ASP E 275 104.93 22.94 -19.25
C ASP E 275 105.84 21.73 -19.06
N ALA E 276 105.55 20.93 -18.02
CA ALA E 276 106.39 19.78 -17.73
C ALA E 276 106.16 18.64 -18.71
N LYS E 277 104.90 18.37 -19.06
CA LYS E 277 104.56 17.22 -19.90
C LYS E 277 103.77 17.69 -21.13
N LEU E 278 103.50 16.73 -22.01
CA LEU E 278 102.81 17.00 -23.26
C LEU E 278 101.30 17.13 -23.10
N ILE E 279 100.74 16.70 -21.96
CA ILE E 279 99.29 16.65 -21.80
C ILE E 279 98.70 18.04 -21.79
N ILE E 280 99.33 18.97 -21.05
CA ILE E 280 98.81 20.33 -20.97
C ILE E 280 98.90 21.02 -22.33
N ARG E 281 100.01 20.83 -23.03
CA ARG E 281 100.14 21.43 -24.36
C ARG E 281 99.13 20.86 -25.34
N LEU E 282 98.91 19.54 -25.29
CA LEU E 282 97.98 18.90 -26.23
C LEU E 282 96.54 19.34 -25.97
N ASP E 283 96.09 19.29 -24.71
CA ASP E 283 94.71 19.68 -24.46
C ASP E 283 94.52 21.19 -24.52
N ALA E 284 95.59 21.98 -24.35
CA ALA E 284 95.52 23.40 -24.65
C ALA E 284 95.31 23.64 -26.14
N ALA E 285 96.00 22.86 -26.99
CA ALA E 285 95.78 22.96 -28.42
C ALA E 285 94.35 22.55 -28.79
N VAL E 286 93.83 21.51 -28.15
CA VAL E 286 92.45 21.09 -28.41
C VAL E 286 91.46 22.18 -27.98
N ALA E 287 91.72 22.81 -26.83
CA ALA E 287 90.86 23.90 -26.38
C ALA E 287 90.95 25.09 -27.34
N LEU E 288 92.14 25.36 -27.88
CA LEU E 288 92.29 26.42 -28.87
C LEU E 288 91.52 26.10 -30.14
N GLY E 289 91.52 24.83 -30.56
CA GLY E 289 90.71 24.45 -31.70
C GLY E 289 89.22 24.59 -31.45
N LYS E 290 88.78 24.24 -30.24
CA LYS E 290 87.38 24.43 -29.87
C LYS E 290 87.02 25.91 -29.88
N CYS E 291 87.92 26.76 -29.38
CA CYS E 291 87.69 28.20 -29.40
C CYS E 291 87.65 28.72 -30.84
N LEU E 292 88.49 28.18 -31.71
CA LEU E 292 88.45 28.56 -33.12
C LEU E 292 87.13 28.16 -33.77
N THR E 293 86.62 26.98 -33.44
CA THR E 293 85.31 26.55 -33.92
C THR E 293 84.21 27.48 -33.42
N ILE E 294 84.30 27.88 -32.14
CA ILE E 294 83.33 28.82 -31.57
C ILE E 294 83.36 30.15 -32.31
N ILE E 295 84.58 30.66 -32.58
CA ILE E 295 84.72 31.94 -33.29
C ILE E 295 84.17 31.83 -34.70
N GLN E 296 84.45 30.72 -35.38
CA GLN E 296 83.94 30.53 -36.74
C GLN E 296 82.42 30.43 -36.76
N ASP E 297 81.83 29.76 -35.77
CA ASP E 297 80.38 29.66 -35.71
C ASP E 297 79.74 31.01 -35.39
N ARG E 298 80.36 31.79 -34.50
CA ARG E 298 79.78 33.07 -34.12
C ARG E 298 79.94 34.12 -35.21
N ASP E 299 81.04 34.07 -35.98
CA ASP E 299 81.42 35.04 -37.00
C ASP E 299 81.43 36.46 -36.42
N PRO E 300 82.38 36.80 -35.56
CA PRO E 300 82.40 38.14 -34.97
C PRO E 300 82.98 39.17 -35.93
N ALA E 301 82.72 40.44 -35.61
CA ALA E 301 83.26 41.53 -36.40
C ALA E 301 84.76 41.65 -36.19
N LEU E 302 85.50 41.77 -37.30
CA LEU E 302 86.96 41.94 -37.29
C LEU E 302 87.66 40.77 -36.60
N GLY E 303 87.51 39.58 -37.19
CA GLY E 303 88.21 38.41 -36.72
C GLY E 303 89.68 38.37 -37.07
N LYS E 304 90.14 39.30 -37.91
CA LYS E 304 91.56 39.39 -38.24
C LYS E 304 92.39 39.72 -37.01
N GLN E 305 91.80 40.45 -36.04
CA GLN E 305 92.49 40.74 -34.79
C GLN E 305 92.80 39.49 -33.99
N TRP E 306 92.11 38.38 -34.27
CA TRP E 306 92.45 37.08 -33.71
C TRP E 306 93.34 36.27 -34.64
N PHE E 307 92.99 36.25 -35.94
CA PHE E 307 93.72 35.42 -36.91
C PHE E 307 95.15 35.89 -37.12
N GLN E 308 95.46 37.16 -36.86
CA GLN E 308 96.83 37.64 -36.93
C GLN E 308 97.55 37.60 -35.59
N ARG E 309 96.82 37.80 -34.50
CA ARG E 309 97.45 37.73 -33.18
C ARG E 309 97.87 36.30 -32.84
N LEU E 310 97.11 35.30 -33.28
CA LEU E 310 97.55 33.92 -33.07
C LEU E 310 98.85 33.63 -33.81
N PHE E 311 98.99 34.14 -35.04
CA PHE E 311 100.23 33.97 -35.78
C PHE E 311 101.37 34.74 -35.13
N GLN E 312 101.08 35.92 -34.59
CA GLN E 312 102.11 36.69 -33.89
C GLN E 312 102.61 35.94 -32.65
N GLY E 313 101.68 35.36 -31.89
CA GLY E 313 102.07 34.54 -30.75
C GLY E 313 102.84 33.29 -31.17
N CYS E 314 102.47 32.71 -32.31
CA CYS E 314 103.21 31.57 -32.84
C CYS E 314 104.64 31.96 -33.18
N THR E 315 104.83 33.11 -33.81
CA THR E 315 106.17 33.57 -34.15
C THR E 315 106.97 33.92 -32.90
N HIS E 316 106.31 34.49 -31.89
CA HIS E 316 106.98 34.77 -30.63
C HIS E 316 107.44 33.50 -29.94
N GLY E 317 106.61 32.46 -29.96
CA GLY E 317 107.02 31.18 -29.42
C GLY E 317 108.14 30.53 -30.21
N LEU E 318 108.10 30.67 -31.54
CA LEU E 318 109.14 30.11 -32.39
C LEU E 318 110.47 30.81 -32.18
N SER E 319 110.45 32.12 -31.89
CA SER E 319 111.69 32.85 -31.66
C SER E 319 112.41 32.40 -30.39
N LEU E 320 111.72 31.72 -29.49
CA LEU E 320 112.34 31.25 -28.25
C LEU E 320 113.23 30.03 -28.46
N ASN E 321 113.10 29.36 -29.61
CA ASN E 321 113.93 28.28 -30.14
C ASN E 321 114.48 27.29 -29.10
N THR E 322 113.62 26.83 -28.20
CA THR E 322 113.97 25.77 -27.26
C THR E 322 113.31 24.46 -27.68
N ASN E 323 113.68 23.39 -26.98
CA ASN E 323 113.17 22.06 -27.31
C ASN E 323 111.65 21.99 -27.16
N ASP E 324 111.12 22.58 -26.09
CA ASP E 324 109.67 22.63 -25.91
C ASP E 324 109.01 23.54 -26.95
N SER E 325 109.62 24.70 -27.21
CA SER E 325 109.01 25.70 -28.08
C SER E 325 109.04 25.33 -29.54
N VAL E 326 109.91 24.40 -29.94
CA VAL E 326 109.91 23.94 -31.34
C VAL E 326 108.59 23.25 -31.67
N HIS E 327 108.13 22.36 -30.79
CA HIS E 327 106.90 21.62 -31.04
C HIS E 327 105.65 22.29 -30.45
N ALA E 328 105.81 23.22 -29.50
CA ALA E 328 104.65 23.95 -29.00
C ALA E 328 104.03 24.81 -30.10
N THR E 329 104.86 25.43 -30.94
CA THR E 329 104.34 26.22 -32.05
C THR E 329 103.56 25.36 -33.04
N LEU E 330 104.06 24.16 -33.32
CA LEU E 330 103.31 23.24 -34.18
C LEU E 330 102.02 22.78 -33.53
N LEU E 331 102.03 22.60 -32.21
CA LEU E 331 100.80 22.26 -31.49
C LEU E 331 99.77 23.37 -31.63
N VAL E 332 100.21 24.62 -31.57
CA VAL E 332 99.29 25.74 -31.78
C VAL E 332 98.81 25.78 -33.23
N PHE E 333 99.72 25.53 -34.18
CA PHE E 333 99.39 25.52 -35.60
C PHE E 333 98.54 24.32 -36.03
N ARG E 334 98.34 23.34 -35.15
CA ARG E 334 97.52 22.17 -35.47
C ARG E 334 96.16 22.55 -36.04
N GLU E 335 95.53 23.59 -35.48
CA GLU E 335 94.18 23.99 -35.88
C GLU E 335 94.23 25.30 -36.64
N LEU E 336 93.92 25.24 -37.94
CA LEU E 336 93.83 26.43 -38.77
C LEU E 336 92.98 26.09 -39.99
N LEU E 337 92.24 27.09 -40.49
CA LEU E 337 91.44 26.92 -41.69
C LEU E 337 91.55 28.07 -42.69
N SER E 338 91.97 29.26 -42.27
CA SER E 338 92.15 30.39 -43.16
C SER E 338 93.55 30.94 -43.00
N LEU E 339 94.12 31.41 -44.12
CA LEU E 339 95.49 31.89 -44.15
C LEU E 339 95.53 33.33 -44.64
N LYS E 340 96.20 34.19 -43.86
CA LYS E 340 96.53 35.55 -44.30
C LYS E 340 97.93 35.94 -43.87
N ALA E 341 98.75 34.97 -43.47
CA ALA E 341 100.09 35.17 -42.94
C ALA E 341 101.01 34.15 -43.58
N PRO E 342 102.33 34.42 -43.61
CA PRO E 342 103.27 33.46 -44.23
C PRO E 342 103.44 32.17 -43.42
N TYR E 343 102.33 31.47 -43.16
CA TYR E 343 102.41 30.14 -42.57
C TYR E 343 103.09 29.16 -43.52
N LEU E 344 102.87 29.34 -44.82
CA LEU E 344 103.52 28.58 -45.90
C LEU E 344 104.97 28.99 -46.09
N ARG E 345 105.52 29.84 -45.25
CA ARG E 345 106.91 30.28 -45.38
C ARG E 345 107.70 30.10 -44.10
N ASP E 346 107.08 30.28 -42.94
CA ASP E 346 107.81 30.27 -41.67
C ASP E 346 107.90 28.89 -41.03
N LYS E 347 107.27 27.87 -41.61
CA LYS E 347 107.26 26.54 -41.02
C LYS E 347 108.07 25.51 -41.79
N TYR E 348 108.19 25.64 -43.12
CA TYR E 348 109.01 24.72 -43.90
C TYR E 348 110.47 24.79 -43.44
N ASP E 349 111.00 26.00 -43.33
CA ASP E 349 112.37 26.17 -42.83
C ASP E 349 112.48 25.74 -41.37
N ASP E 350 111.41 25.92 -40.58
CA ASP E 350 111.42 25.47 -39.19
C ASP E 350 111.59 23.95 -39.12
N ILE E 351 110.82 23.22 -39.93
CA ILE E 351 110.95 21.76 -39.94
C ILE E 351 112.31 21.34 -40.49
N TYR E 352 112.78 22.02 -41.55
CA TYR E 352 114.05 21.66 -42.14
C TYR E 352 115.24 21.97 -41.23
N LYS E 353 115.09 22.93 -40.31
CA LYS E 353 116.10 23.19 -39.30
C LYS E 353 115.96 22.29 -38.07
N SER E 354 114.76 21.79 -37.81
CA SER E 354 114.49 20.91 -36.67
C SER E 354 114.10 19.51 -37.14
N THR E 355 114.79 19.01 -38.18
CA THR E 355 114.54 17.66 -38.67
C THR E 355 114.77 16.63 -37.57
N MET E 356 115.90 16.73 -36.86
CA MET E 356 116.22 15.80 -35.78
C MET E 356 116.58 16.58 -34.53
N LYS E 357 116.34 15.96 -33.38
CA LYS E 357 116.73 16.50 -32.09
C LYS E 357 117.88 15.66 -31.53
N TYR E 358 119.02 16.32 -31.27
CA TYR E 358 120.23 15.70 -30.76
C TYR E 358 120.78 14.66 -31.74
N LYS E 359 120.09 13.54 -31.88
CA LYS E 359 120.46 12.52 -32.85
C LYS E 359 119.27 12.18 -33.74
N GLU E 360 119.39 11.13 -34.53
CA GLU E 360 118.30 10.70 -35.42
C GLU E 360 117.28 9.82 -34.73
N TYR E 361 117.41 9.59 -33.41
CA TYR E 361 116.48 8.76 -32.66
C TYR E 361 115.72 9.51 -31.58
N LYS E 362 116.22 10.68 -31.14
CA LYS E 362 115.60 11.44 -30.07
C LYS E 362 114.54 12.42 -30.57
N PHE E 363 113.94 12.16 -31.72
CA PHE E 363 112.90 13.01 -32.29
C PHE E 363 111.50 12.47 -32.01
N ASP E 364 111.35 11.61 -31.00
CA ASP E 364 110.12 10.85 -30.81
C ASP E 364 108.94 11.76 -30.50
N VAL E 365 109.15 12.78 -29.67
CA VAL E 365 108.06 13.67 -29.27
C VAL E 365 107.56 14.47 -30.48
N ILE E 366 108.47 14.96 -31.31
CA ILE E 366 108.13 15.93 -32.34
C ILE E 366 107.87 15.29 -33.70
N ARG E 367 108.31 14.04 -33.91
CA ARG E 367 108.11 13.41 -35.22
C ARG E 367 106.64 13.19 -35.52
N ARG E 368 105.85 12.79 -34.52
CA ARG E 368 104.42 12.58 -34.74
C ARG E 368 103.71 13.89 -35.03
N GLU E 369 104.08 14.95 -34.32
CA GLU E 369 103.49 16.27 -34.59
C GLU E 369 103.86 16.75 -35.98
N VAL E 370 105.10 16.52 -36.41
CA VAL E 370 105.53 16.93 -37.75
C VAL E 370 104.75 16.16 -38.81
N TYR E 371 104.60 14.85 -38.63
CA TYR E 371 103.86 14.06 -39.60
C TYR E 371 102.38 14.39 -39.58
N ALA E 372 101.86 14.89 -38.45
CA ALA E 372 100.47 15.32 -38.40
C ALA E 372 100.27 16.68 -39.05
N ILE E 373 101.23 17.60 -38.92
CA ILE E 373 101.07 18.93 -39.49
C ILE E 373 101.54 19.03 -40.94
N LEU E 374 102.22 18.01 -41.46
CA LEU E 374 102.56 17.99 -42.87
C LEU E 374 101.32 18.03 -43.78
N PRO E 375 100.24 17.28 -43.54
CA PRO E 375 99.00 17.56 -44.28
C PRO E 375 98.46 18.95 -44.02
N LEU E 376 98.63 19.49 -42.82
CA LEU E 376 98.19 20.86 -42.57
C LEU E 376 99.03 21.87 -43.34
N LEU E 377 100.31 21.57 -43.54
CA LEU E 377 101.14 22.44 -44.37
C LEU E 377 100.77 22.28 -45.85
N ALA E 378 100.41 21.07 -46.26
CA ALA E 378 100.05 20.82 -47.66
C ALA E 378 98.64 21.25 -48.00
N ALA E 379 97.82 21.59 -46.99
CA ALA E 379 96.44 21.98 -47.25
C ALA E 379 96.32 23.30 -48.01
N PHE E 380 97.39 24.10 -48.08
CA PHE E 380 97.33 25.39 -48.74
C PHE E 380 98.14 25.44 -50.02
N ASP E 381 99.45 25.17 -49.96
CA ASP E 381 100.26 25.19 -51.18
C ASP E 381 101.47 24.29 -51.05
N PRO E 382 101.44 23.08 -51.63
CA PRO E 382 102.66 22.27 -51.71
C PRO E 382 103.51 22.65 -52.92
N ALA E 383 103.20 23.80 -53.53
CA ALA E 383 103.80 24.26 -54.78
C ALA E 383 103.63 23.20 -55.88
N ILE E 384 102.36 22.90 -56.17
CA ILE E 384 102.05 21.93 -57.23
C ILE E 384 102.41 22.50 -58.59
N PHE E 385 102.02 23.75 -58.85
CA PHE E 385 102.35 24.41 -60.11
C PHE E 385 103.73 25.06 -60.09
N THR E 386 104.15 25.59 -58.93
CA THR E 386 105.48 26.18 -58.82
C THR E 386 106.57 25.13 -58.90
N LYS E 387 106.28 23.91 -58.43
CA LYS E 387 107.23 22.79 -58.42
C LYS E 387 108.50 23.13 -57.66
N LYS E 388 108.35 23.84 -56.53
CA LYS E 388 109.47 24.18 -55.67
C LYS E 388 109.37 23.60 -54.26
N TYR E 389 108.19 23.14 -53.84
CA TYR E 389 108.05 22.49 -52.54
C TYR E 389 107.79 20.99 -52.62
N LEU E 390 107.26 20.49 -53.73
CA LEU E 390 107.07 19.05 -53.86
C LEU E 390 108.40 18.31 -53.85
N ASP E 391 109.40 18.86 -54.54
CA ASP E 391 110.73 18.26 -54.50
C ASP E 391 111.36 18.38 -53.12
N ARG E 392 111.09 19.47 -52.39
CA ARG E 392 111.60 19.58 -51.03
C ARG E 392 110.96 18.55 -50.11
N ILE E 393 109.66 18.31 -50.27
CA ILE E 393 109.01 17.22 -49.55
C ILE E 393 109.67 15.90 -49.88
N MET E 394 109.97 15.67 -51.17
CA MET E 394 110.65 14.44 -51.56
C MET E 394 112.03 14.32 -50.90
N VAL E 395 112.78 15.42 -50.86
CA VAL E 395 114.09 15.43 -50.22
C VAL E 395 113.97 15.16 -48.72
N HIS E 396 112.85 15.55 -48.11
CA HIS E 396 112.68 15.40 -46.67
C HIS E 396 112.65 13.93 -46.23
N TYR E 397 112.51 12.98 -47.14
CA TYR E 397 112.18 11.61 -46.72
C TYR E 397 113.33 10.64 -46.93
N LEU E 398 114.50 11.15 -47.34
CA LEU E 398 115.60 10.25 -47.72
C LEU E 398 116.14 9.49 -46.53
N ARG E 399 116.42 10.17 -45.42
CA ARG E 399 116.94 9.44 -44.26
C ARG E 399 115.88 8.56 -43.62
N TYR E 400 114.60 8.83 -43.86
CA TYR E 400 113.51 7.96 -43.43
C TYR E 400 113.36 6.74 -44.34
N LEU E 401 113.87 6.81 -45.57
CA LEU E 401 113.91 5.63 -46.44
C LEU E 401 114.86 4.54 -45.92
N LYS E 402 115.73 4.85 -44.97
CA LYS E 402 116.68 3.89 -44.44
C LYS E 402 116.67 3.99 -42.92
N ASN E 403 117.68 3.39 -42.28
CA ASN E 403 117.76 3.30 -40.83
C ASN E 403 117.93 4.69 -40.20
N ILE E 404 117.53 4.78 -38.93
CA ILE E 404 117.44 6.05 -38.23
C ILE E 404 118.33 6.08 -36.99
N ASP E 405 119.29 5.17 -36.87
CA ASP E 405 120.19 5.18 -35.72
C ASP E 405 121.48 4.47 -36.08
N MET E 406 122.59 4.95 -35.53
CA MET E 406 123.90 4.33 -35.68
C MET E 406 124.28 3.46 -34.51
N ASN E 407 123.41 3.30 -33.52
CA ASN E 407 123.70 2.55 -32.30
C ASN E 407 123.21 1.11 -32.35
N ALA E 408 121.99 0.87 -32.85
CA ALA E 408 121.43 -0.47 -32.90
C ALA E 408 120.76 -0.80 -34.23
N ALA E 409 120.73 0.13 -35.18
CA ALA E 409 120.15 -0.05 -36.51
C ALA E 409 118.69 -0.48 -36.43
N ASN E 410 117.88 0.37 -35.81
CA ASN E 410 116.45 0.17 -35.67
C ASN E 410 115.70 1.17 -36.54
N ASN E 411 114.37 1.00 -36.56
CA ASN E 411 113.48 1.89 -37.31
C ASN E 411 112.18 2.00 -36.53
N SER E 412 112.07 3.06 -35.71
CA SER E 412 110.89 3.26 -34.90
C SER E 412 109.81 4.08 -35.61
N ASP E 413 110.21 4.93 -36.56
CA ASP E 413 109.27 5.81 -37.24
C ASP E 413 108.88 5.33 -38.63
N LYS E 414 109.26 4.10 -39.01
CA LYS E 414 108.89 3.62 -40.34
C LYS E 414 107.39 3.34 -40.54
N PRO E 415 106.55 3.04 -39.49
CA PRO E 415 105.11 3.06 -39.77
C PRO E 415 104.55 4.47 -39.85
N PHE E 416 105.05 5.36 -38.99
CA PHE E 416 104.56 6.73 -38.96
C PHE E 416 104.91 7.46 -40.25
N ILE E 417 106.03 7.10 -40.88
CA ILE E 417 106.47 7.83 -42.05
C ILE E 417 105.58 7.47 -43.24
N LEU E 418 105.15 6.20 -43.30
CA LEU E 418 104.18 5.78 -44.30
C LEU E 418 102.80 6.37 -44.00
N VAL E 419 102.47 6.52 -42.71
CA VAL E 419 101.25 7.24 -42.33
C VAL E 419 101.29 8.66 -42.88
N SER E 420 102.44 9.32 -42.76
CA SER E 420 102.59 10.68 -43.26
C SER E 420 102.42 10.75 -44.78
N ILE E 421 103.07 9.84 -45.51
CA ILE E 421 102.98 9.91 -46.97
C ILE E 421 101.57 9.57 -47.44
N GLY E 422 100.91 8.62 -46.78
CA GLY E 422 99.53 8.31 -47.13
C GLY E 422 98.58 9.44 -46.82
N ASP E 423 98.80 10.13 -45.69
CA ASP E 423 97.96 11.26 -45.33
C ASP E 423 98.12 12.41 -46.33
N ILE E 424 99.35 12.71 -46.73
CA ILE E 424 99.52 13.79 -47.70
C ILE E 424 99.04 13.35 -49.07
N ALA E 425 99.06 12.05 -49.36
CA ALA E 425 98.46 11.54 -50.60
C ALA E 425 96.96 11.77 -50.61
N PHE E 426 96.28 11.44 -49.51
CA PHE E 426 94.84 11.59 -49.44
C PHE E 426 94.44 13.05 -49.43
N GLU E 427 95.24 13.90 -48.78
CA GLU E 427 94.94 15.33 -48.79
C GLU E 427 95.13 15.94 -50.18
N VAL E 428 96.29 15.71 -50.79
CA VAL E 428 96.60 16.25 -52.11
C VAL E 428 97.24 15.13 -52.93
N GLY E 429 96.50 14.59 -53.89
CA GLY E 429 97.06 13.56 -54.75
C GLY E 429 98.12 14.10 -55.70
N SER E 430 97.91 15.31 -56.22
CA SER E 430 98.80 15.90 -57.21
C SER E 430 100.19 16.19 -56.66
N SER E 431 100.38 16.19 -55.34
CA SER E 431 101.70 16.39 -54.76
C SER E 431 102.60 15.19 -54.95
N ILE E 432 102.03 13.98 -54.99
CA ILE E 432 102.82 12.76 -55.12
C ILE E 432 102.59 12.08 -56.48
N SER E 433 101.59 12.52 -57.25
CA SER E 433 101.40 12.04 -58.61
C SER E 433 102.63 12.21 -59.53
N PRO E 434 103.58 13.14 -59.28
CA PRO E 434 104.87 13.03 -59.99
C PRO E 434 105.71 11.81 -59.58
N TYR E 435 105.92 11.63 -58.29
CA TYR E 435 106.93 10.70 -57.78
C TYR E 435 106.25 9.63 -56.92
N MET E 436 106.11 8.41 -57.46
CA MET E 436 105.66 7.31 -56.62
C MET E 436 106.46 6.03 -56.80
N THR E 437 107.32 5.91 -57.81
CA THR E 437 108.05 4.67 -58.03
C THR E 437 109.03 4.37 -56.90
N LEU E 438 109.59 5.41 -56.28
CA LEU E 438 110.43 5.19 -55.10
C LEU E 438 109.60 4.67 -53.93
N ILE E 439 108.37 5.16 -53.78
CA ILE E 439 107.47 4.66 -52.75
C ILE E 439 107.14 3.20 -53.01
N LEU E 440 106.90 2.84 -54.28
CA LEU E 440 106.63 1.44 -54.60
C LEU E 440 107.85 0.56 -54.37
N ASP E 441 109.05 1.07 -54.63
CA ASP E 441 110.26 0.32 -54.31
C ASP E 441 110.38 0.10 -52.81
N ASN E 442 110.06 1.11 -52.01
CA ASN E 442 110.05 0.97 -50.56
C ASN E 442 109.01 -0.04 -50.11
N ILE E 443 107.85 -0.05 -50.78
CA ILE E 443 106.79 -1.01 -50.46
C ILE E 443 107.27 -2.43 -50.73
N ARG E 444 107.93 -2.65 -51.88
CA ARG E 444 108.41 -3.98 -52.22
C ARG E 444 109.53 -4.41 -51.27
N GLU E 445 110.39 -3.47 -50.88
CA GLU E 445 111.45 -3.78 -49.92
C GLU E 445 110.87 -4.15 -48.56
N GLY E 446 109.82 -3.45 -48.13
CA GLY E 446 109.19 -3.79 -46.86
C GLY E 446 108.46 -5.12 -46.91
N LEU E 447 107.80 -5.42 -48.03
CA LEU E 447 106.99 -6.63 -48.17
C LEU E 447 107.76 -7.83 -48.69
N ARG E 448 109.07 -7.70 -48.92
CA ARG E 448 109.87 -8.87 -49.27
C ARG E 448 109.79 -9.96 -48.21
N THR E 449 109.98 -9.60 -46.94
CA THR E 449 109.84 -10.54 -45.84
C THR E 449 109.04 -9.89 -44.72
N LYS E 450 108.37 -10.73 -43.93
CA LYS E 450 107.48 -10.26 -42.89
C LYS E 450 107.80 -10.95 -41.57
N PHE E 451 108.06 -10.16 -40.54
CA PHE E 451 108.16 -10.62 -39.16
C PHE E 451 106.96 -10.08 -38.40
N LYS E 452 106.95 -10.29 -37.08
CA LYS E 452 105.93 -9.66 -36.25
C LYS E 452 106.06 -8.15 -36.28
N VAL E 453 107.29 -7.64 -36.26
CA VAL E 453 107.52 -6.20 -36.36
C VAL E 453 107.10 -5.68 -37.72
N ARG E 454 107.37 -6.45 -38.79
CA ARG E 454 106.94 -6.04 -40.11
C ARG E 454 105.42 -6.02 -40.22
N LYS E 455 104.74 -6.97 -39.59
CA LYS E 455 103.28 -6.98 -39.63
C LYS E 455 102.69 -5.82 -38.84
N GLN E 456 103.23 -5.56 -37.64
CA GLN E 456 102.73 -4.44 -36.84
C GLN E 456 103.08 -3.09 -37.46
N PHE E 457 104.06 -3.05 -38.37
CA PHE E 457 104.34 -1.84 -39.10
C PHE E 457 103.56 -1.75 -40.41
N GLU E 458 103.14 -2.87 -40.96
CA GLU E 458 102.32 -2.91 -42.17
C GLU E 458 100.83 -2.86 -41.88
N LYS E 459 100.45 -2.86 -40.60
CA LYS E 459 99.03 -2.80 -40.23
C LYS E 459 98.33 -1.55 -40.78
N ASP E 460 99.08 -0.48 -41.01
CA ASP E 460 98.50 0.74 -41.58
C ASP E 460 99.06 1.00 -42.98
N LEU E 461 100.02 0.18 -43.43
CA LEU E 461 100.56 0.30 -44.79
C LEU E 461 99.47 0.13 -45.83
N PHE E 462 98.57 -0.83 -45.61
CA PHE E 462 97.49 -1.06 -46.56
C PHE E 462 96.55 0.14 -46.64
N TYR E 463 96.27 0.77 -45.50
CA TYR E 463 95.39 1.93 -45.47
C TYR E 463 96.03 3.13 -46.18
N CYS E 464 97.34 3.32 -45.96
CA CYS E 464 98.06 4.38 -46.68
C CYS E 464 98.10 4.11 -48.18
N ILE E 465 98.32 2.85 -48.57
CA ILE E 465 98.33 2.49 -49.98
C ILE E 465 96.96 2.71 -50.60
N GLY E 466 95.90 2.42 -49.85
CA GLY E 466 94.55 2.68 -50.35
C GLY E 466 94.28 4.16 -50.55
N LYS E 467 94.75 5.00 -49.62
CA LYS E 467 94.63 6.44 -49.81
C LYS E 467 95.40 6.91 -51.05
N LEU E 468 96.62 6.39 -51.23
CA LEU E 468 97.43 6.77 -52.39
C LEU E 468 96.77 6.32 -53.69
N ALA E 469 96.20 5.11 -53.70
CA ALA E 469 95.52 4.61 -54.88
C ALA E 469 94.27 5.43 -55.21
N CYS E 470 93.52 5.83 -54.18
CA CYS E 470 92.36 6.68 -54.41
C CYS E 470 92.78 8.04 -54.95
N ALA E 471 93.89 8.58 -54.44
CA ALA E 471 94.40 9.85 -54.94
C ALA E 471 94.84 9.74 -56.39
N LEU E 472 95.51 8.65 -56.75
CA LEU E 472 96.02 8.50 -58.11
C LEU E 472 94.90 8.19 -59.10
N GLY E 473 93.86 7.48 -58.66
CA GLY E 473 92.73 7.21 -59.50
C GLY E 473 93.01 6.25 -60.64
N PRO E 474 92.36 6.47 -61.78
CA PRO E 474 92.54 5.55 -62.92
C PRO E 474 93.94 5.53 -63.49
N ALA E 475 94.75 6.57 -63.25
CA ALA E 475 96.12 6.59 -63.75
C ALA E 475 96.99 5.55 -63.05
N PHE E 476 96.58 5.07 -61.87
CA PHE E 476 97.32 4.04 -61.14
C PHE E 476 96.95 2.70 -61.77
N ALA E 477 97.48 2.47 -62.96
CA ALA E 477 97.24 1.25 -63.73
C ALA E 477 98.53 0.50 -64.02
N LYS E 478 99.57 1.19 -64.50
CA LYS E 478 100.85 0.53 -64.75
C LYS E 478 101.50 0.09 -63.45
N HIS E 479 101.36 0.89 -62.38
CA HIS E 479 101.96 0.52 -61.10
C HIS E 479 101.27 -0.68 -60.49
N LEU E 480 99.95 -0.78 -60.64
CA LEU E 480 99.23 -1.98 -60.21
C LEU E 480 99.32 -2.98 -61.37
N ASN E 481 100.45 -3.69 -61.42
CA ASN E 481 100.66 -4.71 -62.43
C ASN E 481 100.88 -6.10 -61.85
N LYS E 482 101.83 -6.23 -60.93
CA LYS E 482 102.19 -7.52 -60.34
C LYS E 482 103.14 -7.24 -59.18
N ASP E 483 103.54 -8.31 -58.49
CA ASP E 483 104.50 -8.33 -57.39
C ASP E 483 103.99 -7.55 -56.17
N LEU E 484 102.78 -7.00 -56.20
CA LEU E 484 102.23 -6.23 -55.10
C LEU E 484 101.00 -6.89 -54.50
N LEU E 485 100.00 -7.21 -55.31
CA LEU E 485 98.78 -7.81 -54.79
C LEU E 485 98.99 -9.25 -54.36
N ASN E 486 99.89 -9.98 -55.02
CA ASN E 486 100.22 -11.33 -54.58
C ASN E 486 100.86 -11.35 -53.20
N LEU E 487 101.82 -10.45 -52.94
CA LEU E 487 102.32 -10.30 -51.58
C LEU E 487 101.26 -9.77 -50.62
N MET E 488 100.36 -8.91 -51.10
CA MET E 488 99.31 -8.37 -50.25
C MET E 488 98.36 -9.48 -49.77
N LEU E 489 98.06 -10.43 -50.65
CA LEU E 489 97.26 -11.60 -50.26
C LEU E 489 98.08 -12.70 -49.59
N ASN E 490 99.40 -12.66 -49.70
CA ASN E 490 100.26 -13.59 -48.96
C ASN E 490 100.54 -13.01 -47.58
N CYS E 491 99.51 -13.08 -46.72
CA CYS E 491 99.53 -12.48 -45.39
C CYS E 491 98.33 -12.98 -44.60
N PRO E 492 98.41 -13.05 -43.27
CA PRO E 492 97.21 -13.33 -42.47
C PRO E 492 96.18 -12.23 -42.63
N MET E 493 94.91 -12.65 -42.57
CA MET E 493 93.80 -11.75 -42.88
C MET E 493 93.60 -10.72 -41.76
N SER E 494 93.26 -9.50 -42.17
CA SER E 494 92.93 -8.46 -41.21
C SER E 494 91.77 -7.63 -41.75
N ASP E 495 91.07 -6.99 -40.82
CA ASP E 495 89.98 -6.09 -41.18
C ASP E 495 90.49 -4.95 -42.06
N HIS E 496 91.69 -4.43 -41.75
CA HIS E 496 92.30 -3.44 -42.61
C HIS E 496 92.57 -4.01 -44.00
N MET E 497 92.99 -5.28 -44.08
CA MET E 497 93.29 -5.89 -45.37
C MET E 497 92.03 -5.96 -46.23
N GLN E 498 90.94 -6.51 -45.69
CA GLN E 498 89.72 -6.62 -46.47
C GLN E 498 89.15 -5.24 -46.80
N GLU E 499 89.24 -4.28 -45.86
CA GLU E 499 88.73 -2.95 -46.09
C GLU E 499 89.48 -2.26 -47.22
N THR E 500 90.80 -2.35 -47.22
CA THR E 500 91.58 -1.69 -48.26
C THR E 500 91.41 -2.37 -49.61
N LEU E 501 91.25 -3.70 -49.61
CA LEU E 501 91.01 -4.39 -50.86
C LEU E 501 89.67 -3.96 -51.47
N MET E 502 88.62 -3.85 -50.65
CA MET E 502 87.33 -3.44 -51.22
C MET E 502 87.33 -1.95 -51.57
N ILE E 503 88.12 -1.14 -50.84
CA ILE E 503 88.24 0.27 -51.20
C ILE E 503 88.89 0.44 -52.56
N LEU E 504 90.01 -0.26 -52.80
CA LEU E 504 90.64 -0.16 -54.11
C LEU E 504 89.76 -0.76 -55.21
N ASN E 505 88.97 -1.78 -54.85
CA ASN E 505 88.02 -2.35 -55.81
C ASN E 505 86.98 -1.31 -56.23
N GLU E 506 86.37 -0.61 -55.27
CA GLU E 506 85.36 0.37 -55.65
C GLU E 506 86.01 1.62 -56.24
N LYS E 507 87.29 1.84 -55.99
CA LYS E 507 87.97 3.00 -56.57
C LYS E 507 88.26 2.78 -58.04
N ILE E 508 89.03 1.75 -58.37
CA ILE E 508 89.39 1.48 -59.76
C ILE E 508 88.66 0.22 -60.21
N PRO E 509 87.82 0.29 -61.24
CA PRO E 509 87.17 -0.92 -61.78
C PRO E 509 88.02 -1.59 -62.86
N SER E 510 89.22 -2.03 -62.47
CA SER E 510 90.14 -2.69 -63.38
C SER E 510 90.30 -4.17 -63.07
N LEU E 511 90.67 -4.51 -61.84
CA LEU E 511 90.81 -5.89 -61.40
C LEU E 511 89.79 -6.16 -60.31
N GLU E 512 88.74 -6.90 -60.64
CA GLU E 512 87.70 -7.26 -59.68
C GLU E 512 87.72 -8.75 -59.38
N SER E 513 87.60 -9.60 -60.40
CA SER E 513 87.68 -11.03 -60.20
C SER E 513 89.10 -11.51 -59.95
N THR E 514 90.09 -10.67 -60.24
CA THR E 514 91.48 -11.03 -59.95
C THR E 514 91.76 -11.01 -58.45
N VAL E 515 90.99 -10.23 -57.70
CA VAL E 515 91.23 -10.03 -56.27
C VAL E 515 90.12 -10.63 -55.42
N ASN E 516 88.86 -10.52 -55.84
CA ASN E 516 87.77 -11.06 -55.03
C ASN E 516 87.81 -12.58 -55.01
N SER E 517 88.19 -13.21 -56.13
CA SER E 517 88.36 -14.66 -56.12
C SER E 517 89.49 -15.07 -55.17
N ARG E 518 90.56 -14.28 -55.12
CA ARG E 518 91.66 -14.58 -54.20
C ARG E 518 91.22 -14.46 -52.75
N ILE E 519 90.43 -13.43 -52.42
CA ILE E 519 90.00 -13.30 -51.02
C ILE E 519 88.99 -14.39 -50.67
N LEU E 520 88.15 -14.81 -51.62
CA LEU E 520 87.27 -15.94 -51.37
C LEU E 520 88.06 -17.23 -51.19
N ASN E 521 89.16 -17.39 -51.91
CA ASN E 521 89.98 -18.59 -51.74
C ASN E 521 90.72 -18.57 -50.40
N LEU E 522 91.15 -17.39 -49.96
CA LEU E 522 91.75 -17.28 -48.63
C LEU E 522 90.73 -17.63 -47.55
N LEU E 523 89.50 -17.12 -47.70
CA LEU E 523 88.43 -17.48 -46.79
C LEU E 523 88.16 -18.97 -46.81
N SER E 524 88.19 -19.57 -48.01
CA SER E 524 88.03 -21.01 -48.19
C SER E 524 89.06 -21.76 -47.37
N ILE E 525 90.35 -21.58 -47.72
CA ILE E 525 91.43 -22.32 -47.08
C ILE E 525 91.50 -22.04 -45.58
N SER E 526 90.95 -20.91 -45.12
CA SER E 526 90.82 -20.70 -43.68
C SER E 526 89.71 -21.56 -43.10
N LEU E 527 88.58 -21.69 -43.80
CA LEU E 527 87.46 -22.44 -43.26
C LEU E 527 87.64 -23.95 -43.44
N SER E 528 87.65 -24.41 -44.69
CA SER E 528 87.93 -25.81 -45.01
C SER E 528 88.73 -25.84 -46.30
N GLY E 529 89.55 -26.88 -46.46
CA GLY E 529 90.50 -26.83 -47.56
C GLY E 529 89.95 -27.31 -48.89
N GLU E 530 89.46 -26.36 -49.69
CA GLU E 530 89.07 -26.56 -51.07
C GLU E 530 89.03 -25.17 -51.72
N LYS E 531 88.48 -25.10 -52.93
CA LYS E 531 88.25 -23.85 -53.62
C LYS E 531 86.75 -23.69 -53.86
N PHE E 532 86.23 -22.47 -53.63
CA PHE E 532 84.83 -22.20 -53.87
C PHE E 532 84.47 -22.36 -55.35
N ILE E 533 83.52 -23.25 -55.62
CA ILE E 533 83.00 -23.51 -56.96
C ILE E 533 81.48 -23.59 -56.87
N GLN E 534 80.82 -23.33 -58.00
CA GLN E 534 79.37 -23.46 -58.00
C GLN E 534 78.93 -24.82 -58.52
N SER E 535 79.23 -25.14 -59.78
CA SER E 535 78.87 -26.44 -60.33
C SER E 535 79.79 -26.72 -61.53
N ASN E 536 80.84 -27.50 -61.31
CA ASN E 536 81.58 -28.10 -62.39
C ASN E 536 81.80 -29.59 -62.13
N GLN E 537 81.93 -29.94 -60.85
CA GLN E 537 82.19 -31.31 -60.42
C GLN E 537 81.86 -31.41 -58.94
N GLN E 543 82.18 -31.59 -54.88
CA GLN E 543 82.91 -30.97 -53.80
C GLN E 543 83.13 -32.03 -52.71
N PHE E 544 83.67 -31.64 -51.57
CA PHE E 544 83.97 -32.55 -50.48
C PHE E 544 83.17 -32.16 -49.23
N SER E 545 83.30 -32.99 -48.20
CA SER E 545 82.62 -32.78 -46.93
C SER E 545 83.48 -31.89 -46.03
N ILE E 546 83.11 -31.80 -44.75
CA ILE E 546 83.77 -30.90 -43.81
C ILE E 546 84.30 -31.76 -42.66
N GLU E 547 85.53 -32.25 -42.80
CA GLU E 547 86.22 -32.91 -41.70
C GLU E 547 87.68 -32.49 -41.56
N LYS E 548 88.33 -32.04 -42.64
CA LYS E 548 89.75 -31.70 -42.63
C LYS E 548 89.99 -30.21 -42.39
N ALA E 549 89.06 -29.53 -41.74
CA ALA E 549 89.19 -28.08 -41.53
C ALA E 549 90.37 -27.75 -40.63
N ARG E 550 90.49 -28.43 -39.50
CA ARG E 550 91.60 -28.16 -38.59
C ARG E 550 92.93 -28.58 -39.20
N LYS E 551 92.94 -29.70 -39.93
CA LYS E 551 94.18 -30.15 -40.57
C LYS E 551 94.61 -29.19 -41.67
N SER E 552 93.67 -28.55 -42.35
CA SER E 552 94.02 -27.55 -43.36
C SER E 552 94.43 -26.23 -42.73
N ARG E 553 93.89 -25.89 -41.56
CA ARG E 553 94.13 -24.58 -40.98
C ARG E 553 95.31 -24.55 -40.02
N ASN E 554 95.78 -25.69 -39.52
CA ASN E 554 96.90 -25.66 -38.59
C ASN E 554 98.21 -25.29 -39.31
N GLN E 555 98.43 -25.84 -40.50
CA GLN E 555 99.61 -25.49 -41.28
C GLN E 555 99.53 -24.08 -41.85
N SER E 556 98.33 -23.48 -41.86
CA SER E 556 98.15 -22.17 -42.50
C SER E 556 98.93 -21.08 -41.78
N PHE E 557 98.84 -21.03 -40.45
CA PHE E 557 99.54 -19.96 -39.75
C PHE E 557 101.03 -20.23 -39.61
N MET E 558 101.46 -21.50 -39.61
CA MET E 558 102.89 -21.79 -39.60
C MET E 558 103.53 -21.61 -40.95
N LYS E 559 102.74 -21.60 -42.04
CA LYS E 559 103.28 -21.24 -43.34
C LYS E 559 103.72 -19.78 -43.40
N LYS E 560 103.19 -18.95 -42.51
CA LYS E 560 103.61 -17.55 -42.40
C LYS E 560 104.57 -17.32 -41.25
N THR E 561 104.28 -17.89 -40.08
CA THR E 561 105.14 -17.72 -38.91
C THR E 561 105.82 -19.04 -38.55
N ILE E 568 95.35 -24.40 -29.76
CA ILE E 568 95.32 -23.04 -29.23
C ILE E 568 93.89 -22.53 -29.23
N THR E 569 93.73 -21.20 -29.20
CA THR E 569 92.41 -20.61 -29.23
C THR E 569 91.81 -20.67 -30.63
N ASP E 570 92.48 -20.01 -31.59
CA ASP E 570 92.09 -19.97 -33.00
C ASP E 570 90.69 -19.38 -33.22
N ALA E 571 90.17 -18.66 -32.24
CA ALA E 571 88.88 -18.00 -32.40
C ALA E 571 88.98 -16.75 -33.26
N GLN E 572 90.10 -16.03 -33.15
CA GLN E 572 90.24 -14.74 -33.83
C GLN E 572 90.23 -14.91 -35.35
N ILE E 573 90.89 -15.94 -35.86
CA ILE E 573 90.95 -16.14 -37.30
C ILE E 573 89.56 -16.46 -37.86
N LEU E 574 88.82 -17.33 -37.18
CA LEU E 574 87.47 -17.67 -37.63
C LEU E 574 86.54 -16.49 -37.52
N ILE E 575 86.67 -15.69 -36.46
CA ILE E 575 85.82 -14.52 -36.29
C ILE E 575 86.09 -13.50 -37.39
N GLN E 576 87.36 -13.27 -37.71
CA GLN E 576 87.70 -12.34 -38.79
C GLN E 576 87.23 -12.86 -40.15
N CYS E 577 87.34 -14.17 -40.38
CA CYS E 577 86.87 -14.73 -41.63
C CYS E 577 85.36 -14.70 -41.75
N PHE E 578 84.65 -14.77 -40.62
CA PHE E 578 83.20 -14.65 -40.65
C PHE E 578 82.74 -13.21 -40.74
N LYS E 579 83.57 -12.25 -40.34
CA LYS E 579 83.16 -10.86 -40.37
C LYS E 579 83.16 -10.27 -41.77
N MET E 580 83.62 -10.99 -42.79
CA MET E 580 83.57 -10.51 -44.16
C MET E 580 82.40 -11.07 -44.95
N LEU E 581 81.94 -12.29 -44.61
CA LEU E 581 80.81 -12.87 -45.33
C LEU E 581 79.54 -12.07 -45.14
N GLN E 582 79.43 -11.35 -44.03
CA GLN E 582 78.28 -10.48 -43.81
C GLN E 582 78.47 -9.09 -44.39
N LEU E 583 79.66 -8.74 -44.87
CA LEU E 583 79.97 -7.38 -45.27
C LEU E 583 80.24 -7.24 -46.77
N ILE E 584 81.22 -7.97 -47.32
CA ILE E 584 81.63 -7.76 -48.70
C ILE E 584 80.81 -8.65 -49.63
N HIS E 585 80.18 -8.03 -50.62
CA HIS E 585 79.29 -8.71 -51.54
C HIS E 585 80.07 -9.36 -52.68
N HIS E 586 79.63 -10.55 -53.09
CA HIS E 586 80.26 -11.30 -54.16
C HIS E 586 79.19 -11.71 -55.17
N GLN E 587 79.44 -11.42 -56.44
CA GLN E 587 78.46 -11.68 -57.50
C GLN E 587 78.34 -13.16 -57.86
N TYR E 588 79.25 -14.00 -57.37
CA TYR E 588 79.18 -15.43 -57.60
C TYR E 588 78.01 -16.04 -56.83
N SER E 589 77.74 -17.32 -57.09
CA SER E 589 76.70 -18.02 -56.37
C SER E 589 77.02 -18.08 -54.88
N LEU E 590 76.04 -17.75 -54.05
CA LEU E 590 76.29 -17.47 -52.64
C LEU E 590 75.42 -18.29 -51.68
N THR E 591 74.80 -19.37 -52.16
CA THR E 591 73.92 -20.17 -51.31
C THR E 591 74.43 -21.60 -51.15
N GLU E 592 75.72 -21.84 -51.35
CA GLU E 592 76.29 -23.17 -51.24
C GLU E 592 77.26 -23.32 -50.08
N PHE E 593 78.09 -22.31 -49.80
CA PHE E 593 78.97 -22.37 -48.64
C PHE E 593 78.23 -22.19 -47.32
N VAL E 594 76.90 -21.98 -47.37
CA VAL E 594 76.07 -22.16 -46.19
C VAL E 594 76.16 -23.58 -45.68
N ARG E 595 76.37 -24.55 -46.59
CA ARG E 595 76.57 -25.94 -46.19
C ARG E 595 77.92 -26.17 -45.52
N LEU E 596 78.80 -25.16 -45.51
CA LEU E 596 79.98 -25.13 -44.66
C LEU E 596 79.70 -24.40 -43.35
N ILE E 597 79.05 -23.24 -43.47
CA ILE E 597 78.88 -22.34 -42.32
C ILE E 597 77.98 -22.99 -41.27
N THR E 598 76.85 -23.58 -41.69
CA THR E 598 75.92 -24.16 -40.73
C THR E 598 76.51 -25.37 -40.03
N ILE E 599 77.38 -26.12 -40.71
CA ILE E 599 78.08 -27.22 -40.04
C ILE E 599 79.20 -26.67 -39.18
N SER E 600 79.61 -25.42 -39.40
CA SER E 600 80.58 -24.76 -38.54
C SER E 600 79.92 -23.99 -37.39
N TYR E 601 78.77 -24.43 -36.91
CA TYR E 601 78.11 -23.75 -35.78
C TYR E 601 78.88 -23.95 -34.48
N ILE E 602 79.00 -25.20 -34.01
CA ILE E 602 79.54 -25.45 -32.68
C ILE E 602 80.98 -25.94 -32.88
N GLU E 603 81.62 -25.49 -33.96
CA GLU E 603 83.01 -25.88 -34.21
C GLU E 603 83.92 -25.36 -33.11
N HIS E 604 83.69 -24.13 -32.65
CA HIS E 604 84.35 -23.59 -31.47
C HIS E 604 83.28 -23.13 -30.49
N GLU E 605 83.36 -23.61 -29.25
CA GLU E 605 82.39 -23.24 -28.23
C GLU E 605 82.60 -21.78 -27.82
N ASP E 606 81.56 -20.97 -27.98
CA ASP E 606 81.62 -19.57 -27.60
C ASP E 606 80.21 -19.02 -27.56
N SER E 607 80.06 -17.88 -26.88
CA SER E 607 78.86 -17.07 -27.02
C SER E 607 78.95 -16.13 -28.22
N SER E 608 80.07 -16.11 -28.92
CA SER E 608 80.27 -15.26 -30.08
C SER E 608 80.39 -16.03 -31.38
N VAL E 609 81.11 -17.16 -31.39
CA VAL E 609 81.33 -17.91 -32.62
C VAL E 609 80.02 -18.49 -33.14
N ARG E 610 79.26 -19.14 -32.27
CA ARG E 610 77.97 -19.69 -32.68
C ARG E 610 77.01 -18.60 -33.12
N LYS E 611 76.96 -17.50 -32.36
CA LYS E 611 76.05 -16.40 -32.69
C LYS E 611 76.39 -15.78 -34.03
N LEU E 612 77.68 -15.53 -34.27
CA LEU E 612 78.10 -14.90 -35.53
C LEU E 612 77.89 -15.85 -36.71
N ALA E 613 78.17 -17.15 -36.53
CA ALA E 613 77.92 -18.10 -37.60
C ALA E 613 76.44 -18.21 -37.93
N ALA E 614 75.60 -18.25 -36.90
CA ALA E 614 74.16 -18.35 -37.12
C ALA E 614 73.62 -17.11 -37.81
N LEU E 615 74.06 -15.92 -37.40
CA LEU E 615 73.57 -14.71 -38.05
C LEU E 615 74.16 -14.52 -39.44
N THR E 616 75.35 -15.06 -39.70
CA THR E 616 75.88 -15.06 -41.06
C THR E 616 75.04 -15.95 -41.98
N SER E 617 74.69 -17.14 -41.49
CA SER E 617 73.79 -18.01 -42.26
C SER E 617 72.43 -17.36 -42.45
N CYS E 618 71.96 -16.62 -41.43
CA CYS E 618 70.66 -15.98 -41.53
C CYS E 618 70.68 -14.81 -42.51
N ASP E 619 71.78 -14.07 -42.57
CA ASP E 619 71.91 -12.94 -43.48
C ASP E 619 72.35 -13.34 -44.88
N LEU E 620 72.77 -14.59 -45.08
CA LEU E 620 72.99 -15.05 -46.44
C LEU E 620 71.70 -15.31 -47.21
N PHE E 621 70.57 -15.47 -46.52
CA PHE E 621 69.27 -15.67 -47.14
C PHE E 621 68.37 -14.50 -46.73
N ILE E 622 68.33 -13.45 -47.54
CA ILE E 622 67.58 -12.26 -47.13
C ILE E 622 66.19 -12.16 -47.75
N LYS E 623 66.07 -12.00 -49.07
CA LYS E 623 64.77 -11.87 -49.70
C LYS E 623 64.53 -12.91 -50.78
N ASP E 624 65.39 -13.00 -51.79
CA ASP E 624 65.22 -13.97 -52.87
C ASP E 624 66.61 -14.31 -53.42
N ASP E 625 67.21 -15.35 -52.88
CA ASP E 625 68.39 -15.96 -53.49
C ASP E 625 68.11 -17.41 -53.85
N ILE E 626 67.66 -18.22 -52.90
CA ILE E 626 67.19 -19.58 -53.15
C ILE E 626 65.88 -19.73 -52.38
N CYS E 627 65.35 -18.61 -51.89
CA CYS E 627 64.27 -18.66 -50.92
C CYS E 627 62.92 -18.90 -51.56
N LYS E 628 62.48 -17.99 -52.44
CA LYS E 628 61.12 -18.04 -52.97
C LYS E 628 61.03 -18.72 -54.33
N GLN E 629 62.07 -19.44 -54.76
CA GLN E 629 61.97 -20.25 -55.96
C GLN E 629 61.68 -21.69 -55.59
N THR E 630 60.77 -22.32 -56.32
CA THR E 630 60.19 -23.60 -55.96
C THR E 630 60.68 -24.67 -56.93
N SER E 631 61.49 -25.60 -56.42
CA SER E 631 61.92 -26.79 -57.15
C SER E 631 62.69 -27.68 -56.19
N VAL E 632 62.83 -28.95 -56.57
CA VAL E 632 63.71 -29.84 -55.84
C VAL E 632 65.14 -29.35 -56.00
N HIS E 633 65.91 -29.40 -54.91
CA HIS E 633 67.22 -28.79 -54.75
C HIS E 633 67.18 -27.27 -54.82
N ALA E 634 65.99 -26.67 -54.84
CA ALA E 634 65.80 -25.27 -54.55
C ALA E 634 64.87 -25.05 -53.38
N LEU E 635 64.33 -26.13 -52.81
CA LEU E 635 63.40 -26.07 -51.70
C LEU E 635 63.85 -26.89 -50.50
N HIS E 636 64.41 -28.08 -50.73
CA HIS E 636 64.83 -28.89 -49.59
C HIS E 636 66.09 -28.37 -48.94
N SER E 637 66.95 -27.65 -49.68
CA SER E 637 68.08 -26.99 -49.05
C SER E 637 67.62 -25.90 -48.09
N VAL E 638 66.61 -25.11 -48.51
CA VAL E 638 66.02 -24.11 -47.62
C VAL E 638 65.38 -24.79 -46.41
N SER E 639 64.69 -25.90 -46.63
CA SER E 639 64.07 -26.62 -45.52
C SER E 639 65.12 -27.11 -44.53
N GLU E 640 66.23 -27.65 -45.04
CA GLU E 640 67.28 -28.16 -44.16
C GLU E 640 67.94 -27.04 -43.37
N VAL E 641 68.24 -25.91 -44.02
CA VAL E 641 68.92 -24.84 -43.31
C VAL E 641 67.98 -24.18 -42.29
N LEU E 642 66.68 -24.08 -42.62
CA LEU E 642 65.74 -23.50 -41.67
C LEU E 642 65.52 -24.43 -40.48
N SER E 643 65.48 -25.73 -40.72
CA SER E 643 65.37 -26.69 -39.63
C SER E 643 66.60 -26.63 -38.73
N LYS E 644 67.80 -26.54 -39.33
CA LYS E 644 69.01 -26.45 -38.52
C LYS E 644 69.05 -25.17 -37.71
N LEU E 645 68.60 -24.05 -38.31
CA LEU E 645 68.58 -22.79 -37.59
C LEU E 645 67.58 -22.82 -36.44
N LEU E 646 66.43 -23.43 -36.64
CA LEU E 646 65.46 -23.54 -35.55
C LEU E 646 65.95 -24.47 -34.46
N MET E 647 66.65 -25.54 -34.84
CA MET E 647 67.19 -26.48 -33.85
C MET E 647 68.24 -25.79 -32.99
N ILE E 648 69.17 -25.06 -33.60
CA ILE E 648 70.17 -24.35 -32.80
C ILE E 648 69.55 -23.15 -32.11
N ALA E 649 68.40 -22.68 -32.59
CA ALA E 649 67.69 -21.58 -31.95
C ALA E 649 66.98 -21.99 -30.68
N ILE E 650 66.54 -23.25 -30.58
CA ILE E 650 65.83 -23.72 -29.40
C ILE E 650 66.66 -24.65 -28.54
N THR E 651 67.86 -25.04 -29.00
CA THR E 651 68.69 -26.00 -28.27
C THR E 651 69.83 -25.35 -27.50
N ASP E 652 70.36 -24.22 -27.98
CA ASP E 652 71.58 -23.64 -27.43
C ASP E 652 71.37 -23.20 -25.99
N PRO E 653 72.20 -23.69 -25.05
CA PRO E 653 71.92 -23.41 -23.63
C PRO E 653 72.12 -21.96 -23.22
N VAL E 654 73.16 -21.29 -23.74
CA VAL E 654 73.45 -19.91 -23.36
C VAL E 654 72.31 -19.02 -23.83
N ALA E 655 71.58 -18.43 -22.89
CA ALA E 655 70.31 -17.77 -23.19
C ALA E 655 70.49 -16.33 -23.66
N GLU E 656 71.36 -16.13 -24.64
CA GLU E 656 71.44 -14.87 -25.38
C GLU E 656 71.59 -15.05 -26.88
N ILE E 657 71.81 -16.27 -27.38
CA ILE E 657 71.75 -16.52 -28.81
C ILE E 657 70.30 -16.45 -29.28
N ARG E 658 69.39 -17.08 -28.53
CA ARG E 658 68.00 -17.26 -28.93
C ARG E 658 67.15 -16.01 -28.74
N LEU E 659 67.69 -14.94 -28.17
CA LEU E 659 66.97 -13.69 -28.12
C LEU E 659 66.99 -12.95 -29.45
N GLU E 660 67.93 -13.29 -30.35
CA GLU E 660 67.99 -12.65 -31.65
C GLU E 660 68.04 -13.61 -32.83
N ILE E 661 68.44 -14.87 -32.63
CA ILE E 661 68.42 -15.80 -33.76
C ILE E 661 66.99 -16.10 -34.19
N LEU E 662 66.03 -16.03 -33.26
CA LEU E 662 64.63 -16.13 -33.65
C LEU E 662 64.12 -14.80 -34.18
N GLN E 663 64.67 -13.68 -33.69
CA GLN E 663 64.19 -12.37 -34.08
C GLN E 663 64.57 -12.00 -35.50
N HIS E 664 65.75 -12.44 -35.96
CA HIS E 664 66.21 -12.12 -37.30
C HIS E 664 65.60 -13.03 -38.37
N LEU E 665 64.58 -13.81 -38.05
CA LEU E 665 63.90 -14.65 -39.03
C LEU E 665 62.97 -13.77 -39.84
N GLY E 666 63.40 -13.43 -41.06
CA GLY E 666 62.61 -12.57 -41.91
C GLY E 666 61.34 -13.24 -42.39
N SER E 667 60.47 -12.42 -42.98
CA SER E 667 59.16 -12.90 -43.44
C SER E 667 59.24 -13.73 -44.71
N ASN E 668 60.44 -14.09 -45.18
CA ASN E 668 60.58 -14.92 -46.36
C ASN E 668 60.63 -16.40 -46.04
N PHE E 669 60.85 -16.77 -44.78
CA PHE E 669 60.85 -18.18 -44.38
C PHE E 669 59.49 -18.67 -43.92
N ASP E 670 58.47 -17.80 -43.99
CA ASP E 670 57.12 -18.16 -43.56
C ASP E 670 56.53 -19.37 -44.26
N PRO E 671 56.57 -19.52 -45.60
CA PRO E 671 55.98 -20.72 -46.20
C PRO E 671 56.70 -22.01 -45.86
N GLN E 672 57.95 -21.94 -45.39
CA GLN E 672 58.68 -23.14 -45.01
C GLN E 672 58.54 -23.47 -43.53
N LEU E 673 58.45 -22.48 -42.65
CA LEU E 673 58.29 -22.75 -41.23
C LEU E 673 56.84 -22.68 -40.77
N ALA E 674 55.89 -22.47 -41.70
CA ALA E 674 54.48 -22.51 -41.34
C ALA E 674 53.89 -23.91 -41.36
N GLN E 675 54.66 -24.90 -41.84
CA GLN E 675 54.20 -26.27 -41.84
C GLN E 675 54.09 -26.79 -40.40
N PRO E 676 53.17 -27.72 -40.14
CA PRO E 676 52.98 -28.21 -38.76
C PRO E 676 54.20 -28.88 -38.16
N ASP E 677 55.06 -29.50 -38.98
CA ASP E 677 56.21 -30.21 -38.44
C ASP E 677 57.19 -29.26 -37.76
N ASN E 678 57.42 -28.08 -38.34
CA ASN E 678 58.23 -27.06 -37.68
C ASN E 678 57.44 -26.25 -36.69
N LEU E 679 56.14 -26.05 -36.94
CA LEU E 679 55.31 -25.23 -36.07
C LEU E 679 55.15 -25.86 -34.69
N ARG E 680 55.06 -27.19 -34.64
CA ARG E 680 54.93 -27.88 -33.36
C ARG E 680 56.15 -27.64 -32.48
N LEU E 681 57.35 -27.76 -33.05
CA LEU E 681 58.55 -27.46 -32.31
C LEU E 681 58.70 -25.96 -32.07
N LEU E 682 58.04 -25.14 -32.88
CA LEU E 682 58.16 -23.70 -32.67
C LEU E 682 57.34 -23.24 -31.48
N PHE E 683 56.10 -23.70 -31.31
CA PHE E 683 55.31 -23.03 -30.29
C PHE E 683 55.62 -23.53 -28.89
N MET E 684 56.54 -24.47 -28.73
CA MET E 684 57.03 -24.77 -27.39
C MET E 684 58.06 -23.74 -26.92
N ALA E 685 58.47 -22.83 -27.79
CA ALA E 685 59.26 -21.68 -27.39
C ALA E 685 58.39 -20.58 -26.78
N LEU E 686 57.07 -20.72 -26.83
CA LEU E 686 56.19 -19.80 -26.11
C LEU E 686 56.36 -19.89 -24.61
N ASN E 687 56.88 -21.00 -24.10
CA ASN E 687 57.21 -21.16 -22.69
C ASN E 687 58.73 -21.35 -22.61
N ASP E 688 59.45 -20.27 -22.31
CA ASP E 688 60.90 -20.31 -22.24
C ASP E 688 61.35 -19.42 -21.07
N GLU E 689 62.66 -19.36 -20.86
CA GLU E 689 63.18 -18.70 -19.66
C GLU E 689 63.05 -17.18 -19.75
N ILE E 690 63.72 -16.57 -20.72
CA ILE E 690 63.70 -15.12 -20.82
C ILE E 690 62.37 -14.67 -21.41
N PHE E 691 61.83 -13.58 -20.87
CA PHE E 691 60.52 -13.12 -21.30
C PHE E 691 60.53 -12.54 -22.71
N GLY E 692 61.68 -12.04 -23.17
CA GLY E 692 61.78 -11.55 -24.52
C GLY E 692 61.56 -12.63 -25.56
N ILE E 693 61.98 -13.86 -25.25
CA ILE E 693 61.76 -14.98 -26.15
C ILE E 693 60.27 -15.20 -26.35
N GLN E 694 59.49 -15.17 -25.26
CA GLN E 694 58.04 -15.30 -25.37
C GLN E 694 57.45 -14.12 -26.12
N LEU E 695 57.95 -12.91 -25.85
CA LEU E 695 57.40 -11.71 -26.48
C LEU E 695 57.56 -11.73 -27.99
N GLU E 696 58.69 -12.22 -28.49
CA GLU E 696 58.88 -12.31 -29.93
C GLU E 696 58.29 -13.57 -30.54
N ALA E 697 58.25 -14.69 -29.80
CA ALA E 697 57.69 -15.92 -30.33
C ALA E 697 56.19 -15.80 -30.54
N ILE E 698 55.49 -15.12 -29.62
CA ILE E 698 54.06 -14.95 -29.83
C ILE E 698 53.80 -14.02 -31.01
N LYS E 699 54.71 -13.09 -31.30
CA LYS E 699 54.57 -12.25 -32.49
C LYS E 699 54.78 -13.06 -33.75
N ILE E 700 55.73 -14.00 -33.72
CA ILE E 700 55.92 -14.90 -34.86
C ILE E 700 54.68 -15.75 -35.09
N ILE E 701 54.08 -16.25 -34.01
CA ILE E 701 52.86 -17.03 -34.11
C ILE E 701 51.72 -16.17 -34.69
N GLY E 702 51.59 -14.94 -34.22
CA GLY E 702 50.57 -14.05 -34.75
C GLY E 702 50.77 -13.74 -36.22
N ARG E 703 52.03 -13.63 -36.65
CA ARG E 703 52.31 -13.42 -38.07
C ARG E 703 51.93 -14.65 -38.89
N LEU E 704 52.26 -15.85 -38.39
CA LEU E 704 51.87 -17.07 -39.08
C LEU E 704 50.38 -17.36 -39.00
N SER E 705 49.63 -16.64 -38.18
CA SER E 705 48.19 -16.85 -38.07
C SER E 705 47.41 -16.50 -39.35
N SER E 706 48.04 -16.11 -40.46
CA SER E 706 47.35 -15.92 -41.73
C SER E 706 48.04 -16.63 -42.88
N VAL E 707 49.02 -17.49 -42.58
CA VAL E 707 49.73 -18.24 -43.62
C VAL E 707 49.16 -19.65 -43.70
N ASN E 708 49.23 -20.38 -42.59
CA ASN E 708 48.67 -21.72 -42.48
C ASN E 708 47.75 -21.74 -41.27
N PRO E 709 46.59 -21.08 -41.36
CA PRO E 709 45.77 -20.86 -40.15
C PRO E 709 45.14 -22.12 -39.59
N ALA E 710 45.00 -23.19 -40.38
CA ALA E 710 44.32 -24.39 -39.91
C ALA E 710 45.08 -25.04 -38.76
N TYR E 711 46.40 -25.01 -38.81
CA TYR E 711 47.24 -25.58 -37.77
C TYR E 711 47.74 -24.56 -36.76
N VAL E 712 47.33 -23.30 -36.89
CA VAL E 712 47.76 -22.22 -36.00
C VAL E 712 46.63 -21.77 -35.09
N VAL E 713 45.46 -21.49 -35.67
CA VAL E 713 44.39 -20.83 -34.91
C VAL E 713 43.89 -21.65 -33.73
N PRO E 714 43.63 -22.96 -33.84
CA PRO E 714 43.26 -23.71 -32.61
C PRO E 714 44.32 -23.71 -31.53
N SER E 715 45.60 -23.79 -31.90
CA SER E 715 46.67 -23.70 -30.90
C SER E 715 46.69 -22.32 -30.26
N LEU E 716 46.40 -21.28 -31.04
CA LEU E 716 46.27 -19.93 -30.51
C LEU E 716 45.13 -19.85 -29.51
N ARG E 717 44.00 -20.50 -29.82
CA ARG E 717 42.90 -20.56 -28.87
C ARG E 717 43.30 -21.26 -27.59
N LYS E 718 44.05 -22.35 -27.70
CA LYS E 718 44.49 -23.09 -26.52
C LYS E 718 45.39 -22.25 -25.63
N THR E 719 46.38 -21.58 -26.23
CA THR E 719 47.29 -20.78 -25.40
C THR E 719 46.61 -19.53 -24.87
N LEU E 720 45.64 -18.98 -25.60
CA LEU E 720 44.86 -17.87 -25.07
C LEU E 720 44.05 -18.29 -23.85
N LEU E 721 43.42 -19.46 -23.91
CA LEU E 721 42.68 -19.95 -22.75
C LEU E 721 43.60 -20.24 -21.57
N GLU E 722 44.79 -20.80 -21.85
CA GLU E 722 45.74 -21.06 -20.77
C GLU E 722 46.18 -19.77 -20.09
N LEU E 723 46.51 -18.75 -20.88
CA LEU E 723 46.91 -17.47 -20.31
C LEU E 723 45.78 -16.81 -19.54
N LEU E 724 44.55 -16.90 -20.06
CA LEU E 724 43.43 -16.29 -19.36
C LEU E 724 43.13 -17.00 -18.04
N THR E 725 43.34 -18.31 -17.99
CA THR E 725 43.17 -19.03 -16.72
C THR E 725 44.25 -18.64 -15.72
N GLN E 726 45.51 -18.58 -16.18
CA GLN E 726 46.61 -18.24 -15.28
C GLN E 726 46.51 -16.81 -14.77
N LEU E 727 46.00 -15.89 -15.59
CA LEU E 727 45.96 -14.48 -15.23
C LEU E 727 45.09 -14.23 -14.01
N LYS E 728 44.08 -15.06 -13.78
CA LYS E 728 43.22 -14.89 -12.63
C LYS E 728 43.45 -15.93 -11.54
N PHE E 729 43.97 -17.11 -11.87
CA PHE E 729 44.26 -18.09 -10.82
C PHE E 729 45.68 -18.01 -10.28
N SER E 730 46.51 -17.09 -10.77
CA SER E 730 47.83 -16.88 -10.19
C SER E 730 47.78 -15.71 -9.22
N ASN E 731 48.72 -15.70 -8.29
CA ASN E 731 48.73 -14.71 -7.21
C ASN E 731 50.13 -14.15 -7.00
N MET E 732 50.79 -13.76 -8.09
CA MET E 732 52.10 -13.16 -7.88
C MET E 732 52.31 -12.08 -8.94
N PRO E 733 52.71 -10.86 -8.52
CA PRO E 733 52.65 -9.71 -9.44
C PRO E 733 53.49 -9.83 -10.69
N LYS E 734 54.66 -10.47 -10.64
CA LYS E 734 55.47 -10.59 -11.85
C LYS E 734 54.80 -11.53 -12.86
N LYS E 735 54.19 -12.61 -12.37
CA LYS E 735 53.42 -13.48 -13.25
C LYS E 735 52.23 -12.74 -13.86
N LYS E 736 51.56 -11.91 -13.05
CA LYS E 736 50.48 -11.09 -13.58
C LYS E 736 50.99 -10.15 -14.67
N GLU E 737 52.16 -9.53 -14.44
CA GLU E 737 52.76 -8.62 -15.42
C GLU E 737 53.02 -9.34 -16.74
N GLU E 738 53.67 -10.50 -16.65
CA GLU E 738 54.04 -11.25 -17.85
C GLU E 738 52.82 -11.69 -18.62
N SER E 739 51.79 -12.18 -17.91
CA SER E 739 50.56 -12.58 -18.60
C SER E 739 49.88 -11.39 -19.27
N ALA E 740 49.83 -10.24 -18.60
CA ALA E 740 49.16 -9.08 -19.16
C ALA E 740 49.84 -8.59 -20.43
N THR E 741 51.16 -8.44 -20.41
CA THR E 741 51.81 -7.92 -21.60
C THR E 741 51.99 -8.97 -22.68
N LEU E 742 52.01 -10.27 -22.33
CA LEU E 742 51.91 -11.30 -23.35
C LEU E 742 50.57 -11.22 -24.07
N LEU E 743 49.50 -10.97 -23.32
CA LEU E 743 48.20 -10.75 -23.93
C LEU E 743 48.22 -9.51 -24.83
N CYS E 744 48.90 -8.45 -24.40
CA CYS E 744 49.03 -7.25 -25.23
C CYS E 744 49.69 -7.56 -26.57
N THR E 745 50.85 -8.20 -26.53
CA THR E 745 51.57 -8.45 -27.77
C THR E 745 50.87 -9.48 -28.64
N LEU E 746 50.17 -10.45 -28.04
CA LEU E 746 49.37 -11.38 -28.84
C LEU E 746 48.20 -10.67 -29.52
N ILE E 747 47.48 -9.83 -28.78
CA ILE E 747 46.30 -9.19 -29.35
C ILE E 747 46.71 -8.18 -30.41
N ASN E 748 47.91 -7.62 -30.31
CA ASN E 748 48.40 -6.77 -31.39
C ASN E 748 48.87 -7.58 -32.59
N SER E 749 49.51 -8.73 -32.36
CA SER E 749 50.13 -9.47 -33.45
C SER E 749 49.17 -10.40 -34.19
N SER E 750 47.97 -10.65 -33.66
CA SER E 750 47.01 -11.48 -34.38
C SER E 750 45.61 -10.93 -34.18
N ASP E 751 44.97 -10.52 -35.27
CA ASP E 751 43.60 -10.02 -35.21
C ASP E 751 42.55 -11.09 -35.52
N GLU E 752 42.98 -12.28 -35.97
CA GLU E 752 42.02 -13.32 -36.33
C GLU E 752 41.44 -14.00 -35.09
N VAL E 753 42.25 -14.16 -34.05
CA VAL E 753 41.81 -14.79 -32.82
C VAL E 753 41.28 -13.76 -31.81
N ALA E 754 41.00 -12.55 -32.28
CA ALA E 754 40.73 -11.43 -31.40
C ALA E 754 39.24 -11.25 -31.10
N LYS E 755 38.45 -11.00 -32.15
CA LYS E 755 37.11 -10.45 -31.97
C LYS E 755 36.13 -11.35 -31.22
N PRO E 756 35.97 -12.64 -31.55
CA PRO E 756 34.93 -13.42 -30.86
C PRO E 756 35.18 -13.64 -29.38
N TYR E 757 36.42 -13.47 -28.90
CA TYR E 757 36.76 -13.72 -27.52
C TYR E 757 36.81 -12.44 -26.68
N ILE E 758 36.08 -11.41 -27.08
CA ILE E 758 36.18 -10.12 -26.40
C ILE E 758 35.56 -10.18 -25.00
N ASP E 759 34.43 -10.85 -24.86
CA ASP E 759 33.79 -10.97 -23.55
C ASP E 759 34.63 -11.71 -22.52
N PRO E 760 35.16 -12.92 -22.79
CA PRO E 760 36.00 -13.56 -21.75
C PRO E 760 37.29 -12.84 -21.50
N ILE E 761 37.86 -12.18 -22.50
CA ILE E 761 39.12 -11.47 -22.29
C ILE E 761 38.90 -10.14 -21.59
N LEU E 762 37.67 -9.62 -21.58
CA LEU E 762 37.39 -8.40 -20.83
C LEU E 762 36.89 -8.68 -19.42
N ASP E 763 36.24 -9.83 -19.20
CA ASP E 763 35.72 -10.14 -17.88
C ASP E 763 36.81 -10.36 -16.86
N VAL E 764 38.05 -10.62 -17.29
CA VAL E 764 39.16 -10.76 -16.36
C VAL E 764 39.91 -9.44 -16.20
N ILE E 765 40.20 -8.76 -17.31
CA ILE E 765 41.00 -7.53 -17.27
C ILE E 765 40.24 -6.39 -16.61
N LEU E 766 38.94 -6.28 -16.89
CA LEU E 766 38.17 -5.15 -16.39
C LEU E 766 38.16 -5.02 -14.86
N PRO E 767 38.01 -6.10 -14.05
CA PRO E 767 38.20 -5.93 -12.60
C PRO E 767 39.65 -6.17 -12.17
N LYS E 768 40.56 -5.41 -12.77
CA LYS E 768 41.97 -5.45 -12.39
C LYS E 768 42.53 -4.06 -12.15
N CYS E 769 41.69 -3.14 -11.69
CA CYS E 769 42.16 -1.83 -11.23
C CYS E 769 42.22 -1.81 -9.70
N GLN E 770 43.10 -2.65 -9.16
CA GLN E 770 43.28 -2.73 -7.72
C GLN E 770 44.45 -1.85 -7.29
N ASP E 771 44.76 -1.89 -6.01
CA ASP E 771 45.88 -1.15 -5.43
C ASP E 771 47.02 -2.08 -5.00
N ALA E 772 47.14 -3.25 -5.62
CA ALA E 772 48.25 -4.14 -5.31
C ALA E 772 49.57 -3.51 -5.74
N SER E 773 49.62 -2.97 -6.96
CA SER E 773 50.76 -2.20 -7.43
C SER E 773 50.29 -1.32 -8.56
N SER E 774 51.11 -0.32 -8.89
CA SER E 774 50.76 0.58 -9.99
C SER E 774 50.97 -0.08 -11.34
N ALA E 775 51.96 -0.97 -11.44
CA ALA E 775 52.33 -1.54 -12.74
C ALA E 775 51.27 -2.52 -13.24
N VAL E 776 50.66 -3.29 -12.33
CA VAL E 776 49.61 -4.21 -12.77
C VAL E 776 48.41 -3.44 -13.30
N ALA E 777 48.05 -2.33 -12.67
CA ALA E 777 46.93 -1.53 -13.15
C ALA E 777 47.26 -0.84 -14.46
N SER E 778 48.49 -0.35 -14.60
CA SER E 778 48.90 0.26 -15.86
C SER E 778 48.87 -0.75 -17.00
N THR E 779 49.37 -1.96 -16.78
CA THR E 779 49.34 -2.97 -17.82
C THR E 779 47.93 -3.47 -18.10
N ALA E 780 47.07 -3.50 -17.08
CA ALA E 780 45.67 -3.86 -17.34
C ALA E 780 44.98 -2.82 -18.20
N LEU E 781 45.23 -1.54 -17.94
CA LEU E 781 44.68 -0.49 -18.79
C LEU E 781 45.27 -0.56 -20.19
N LYS E 782 46.53 -0.94 -20.31
CA LYS E 782 47.14 -1.14 -21.62
C LYS E 782 46.47 -2.29 -22.37
N VAL E 783 46.18 -3.39 -21.67
CA VAL E 783 45.44 -4.50 -22.27
C VAL E 783 44.09 -4.03 -22.77
N LEU E 784 43.38 -3.25 -21.94
CA LEU E 784 42.04 -2.81 -22.29
C LEU E 784 42.07 -1.88 -23.51
N GLY E 785 43.03 -0.96 -23.56
CA GLY E 785 43.14 -0.08 -24.71
C GLY E 785 43.51 -0.82 -25.98
N GLU E 786 44.44 -1.78 -25.88
CA GLU E 786 44.81 -2.58 -27.04
C GLU E 786 43.63 -3.40 -27.53
N LEU E 787 42.85 -3.98 -26.61
CA LEU E 787 41.67 -4.74 -27.00
C LEU E 787 40.67 -3.86 -27.71
N SER E 788 40.46 -2.65 -27.20
CA SER E 788 39.50 -1.74 -27.82
C SER E 788 39.95 -1.34 -29.22
N VAL E 789 41.23 -1.02 -29.40
CA VAL E 789 41.67 -0.57 -30.71
C VAL E 789 41.74 -1.74 -31.69
N VAL E 790 41.98 -2.96 -31.20
CA VAL E 790 41.97 -4.11 -32.08
C VAL E 790 40.55 -4.42 -32.54
N GLY E 791 39.60 -4.44 -31.60
CA GLY E 791 38.24 -4.73 -31.99
C GLY E 791 37.58 -3.60 -32.76
N GLY E 792 37.21 -2.53 -32.05
CA GLY E 792 36.71 -1.34 -32.71
C GLY E 792 35.27 -1.45 -33.18
N LYS E 793 34.43 -0.50 -32.77
CA LYS E 793 33.04 -0.31 -33.21
C LYS E 793 32.07 -1.41 -32.79
N GLU E 794 32.51 -2.47 -32.12
CA GLU E 794 31.53 -3.39 -31.54
C GLU E 794 31.32 -3.15 -30.05
N MET E 795 31.97 -2.13 -29.48
CA MET E 795 31.79 -1.82 -28.06
C MET E 795 30.62 -0.88 -27.81
N THR E 796 29.64 -0.83 -28.71
CA THR E 796 28.45 -0.03 -28.45
C THR E 796 27.68 -0.56 -27.26
N ARG E 797 27.79 -1.85 -26.98
CA ARG E 797 27.20 -2.47 -25.80
C ARG E 797 28.23 -2.79 -24.71
N TYR E 798 29.44 -2.25 -24.80
CA TYR E 798 30.35 -2.20 -23.66
C TYR E 798 30.65 -0.81 -23.12
N LEU E 799 30.48 0.25 -23.91
CA LEU E 799 31.00 1.56 -23.54
C LEU E 799 30.33 2.11 -22.29
N LYS E 800 29.03 1.85 -22.12
CA LYS E 800 28.27 2.40 -21.00
C LYS E 800 28.82 1.92 -19.66
N GLU E 801 29.31 0.69 -19.60
CA GLU E 801 29.96 0.20 -18.40
C GLU E 801 31.46 0.46 -18.41
N LEU E 802 32.06 0.58 -19.59
CA LEU E 802 33.51 0.70 -19.68
C LEU E 802 33.98 2.09 -19.24
N MET E 803 33.24 3.13 -19.63
CA MET E 803 33.67 4.50 -19.32
C MET E 803 33.73 4.82 -17.82
N PRO E 804 32.72 4.49 -16.99
CA PRO E 804 32.86 4.79 -15.55
C PRO E 804 34.06 4.14 -14.88
N LEU E 805 34.37 2.89 -15.22
CA LEU E 805 35.46 2.21 -14.54
C LEU E 805 36.81 2.80 -14.93
N ILE E 806 36.96 3.24 -16.19
CA ILE E 806 38.23 3.83 -16.57
C ILE E 806 38.35 5.26 -16.05
N ILE E 807 37.26 6.03 -15.97
CA ILE E 807 37.41 7.36 -15.40
C ILE E 807 37.61 7.30 -13.89
N ASN E 808 37.16 6.22 -13.24
CA ASN E 808 37.38 6.07 -11.81
C ASN E 808 38.88 5.99 -11.49
N THR E 809 39.63 5.24 -12.27
CA THR E 809 41.09 5.22 -12.12
C THR E 809 41.77 6.36 -12.86
N PHE E 810 41.03 7.11 -13.68
CA PHE E 810 41.60 8.30 -14.32
C PHE E 810 41.57 9.52 -13.43
N GLN E 811 40.65 9.61 -12.48
CA GLN E 811 40.56 10.78 -11.61
C GLN E 811 40.67 10.36 -10.15
N ASP E 812 41.24 11.25 -9.35
CA ASP E 812 41.42 11.09 -7.90
C ASP E 812 42.24 9.83 -7.59
N GLN E 813 43.49 9.87 -8.03
CA GLN E 813 44.42 8.78 -7.75
C GLN E 813 44.76 8.74 -6.26
N SER E 814 44.85 7.53 -5.71
CA SER E 814 45.31 7.38 -4.34
C SER E 814 46.80 7.64 -4.22
N ASN E 815 47.56 7.32 -5.26
CA ASN E 815 48.99 7.57 -5.31
C ASN E 815 49.35 8.12 -6.68
N SER E 816 50.41 8.93 -6.73
CA SER E 816 50.86 9.55 -7.97
C SER E 816 51.58 8.48 -8.80
N PHE E 817 50.79 7.65 -9.46
CA PHE E 817 51.33 6.54 -10.24
C PHE E 817 51.54 6.98 -11.68
N LYS E 818 51.86 6.01 -12.55
CA LYS E 818 52.11 6.29 -13.97
C LYS E 818 50.78 6.36 -14.70
N ARG E 819 50.37 7.58 -15.06
CA ARG E 819 49.11 7.82 -15.74
C ARG E 819 49.24 7.81 -17.26
N ASP E 820 50.43 7.52 -17.80
CA ASP E 820 50.58 7.45 -19.24
C ASP E 820 49.71 6.36 -19.83
N ALA E 821 49.65 5.20 -19.17
CA ALA E 821 48.76 4.13 -19.62
C ALA E 821 47.30 4.54 -19.48
N ALA E 822 46.96 5.26 -18.41
CA ALA E 822 45.58 5.69 -18.21
C ALA E 822 45.14 6.70 -19.26
N LEU E 823 46.07 7.50 -19.77
CA LEU E 823 45.76 8.36 -20.90
C LEU E 823 45.66 7.55 -22.19
N THR E 824 46.61 6.63 -22.41
CA THR E 824 46.70 5.96 -23.69
C THR E 824 45.54 5.00 -23.91
N THR E 825 45.00 4.40 -22.83
CA THR E 825 43.87 3.49 -23.01
C THR E 825 42.66 4.23 -23.56
N LEU E 826 42.36 5.42 -23.03
CA LEU E 826 41.30 6.22 -23.60
C LEU E 826 41.67 6.69 -25.00
N GLY E 827 42.97 6.95 -25.21
CA GLY E 827 43.43 7.36 -26.53
C GLY E 827 43.09 6.36 -27.61
N GLN E 828 43.28 5.07 -27.32
CA GLN E 828 42.80 4.06 -28.26
C GLN E 828 41.29 3.95 -28.27
N LEU E 829 40.65 3.86 -27.10
CA LEU E 829 39.27 3.36 -27.08
C LEU E 829 38.29 4.39 -27.61
N ALA E 830 38.46 5.66 -27.25
CA ALA E 830 37.53 6.68 -27.72
C ALA E 830 37.58 6.82 -29.24
N ALA E 831 38.79 6.87 -29.79
CA ALA E 831 38.95 7.01 -31.24
C ALA E 831 38.42 5.79 -31.97
N SER E 832 38.71 4.58 -31.44
CA SER E 832 38.22 3.38 -32.10
C SER E 832 36.71 3.25 -32.03
N SER E 833 36.11 3.64 -30.89
CA SER E 833 34.66 3.57 -30.76
C SER E 833 33.97 4.57 -31.66
N GLY E 834 34.53 5.78 -31.79
CA GLY E 834 33.86 6.85 -32.50
C GLY E 834 32.81 7.56 -31.69
N TYR E 835 32.61 7.16 -30.44
CA TYR E 835 31.73 7.82 -29.48
C TYR E 835 32.51 9.03 -28.96
N VAL E 836 32.43 10.14 -29.69
CA VAL E 836 33.32 11.28 -29.49
C VAL E 836 32.61 12.49 -28.91
N VAL E 837 31.51 12.92 -29.53
CA VAL E 837 30.82 14.10 -29.02
C VAL E 837 29.92 13.75 -27.84
N GLY E 838 29.42 12.51 -27.79
CA GLY E 838 28.59 12.03 -26.71
C GLY E 838 29.15 12.08 -25.31
N PRO E 839 30.39 11.58 -25.07
CA PRO E 839 30.84 11.42 -23.67
C PRO E 839 30.84 12.68 -22.84
N LEU E 840 31.10 13.84 -23.44
CA LEU E 840 31.00 15.09 -22.70
C LEU E 840 29.57 15.34 -22.24
N LEU E 841 28.59 15.02 -23.08
CA LEU E 841 27.20 15.23 -22.70
C LEU E 841 26.72 14.20 -21.67
N ASP E 842 27.08 12.93 -21.85
CA ASP E 842 26.60 11.92 -20.91
C ASP E 842 27.33 11.99 -19.57
N TYR E 843 28.62 12.34 -19.58
CA TYR E 843 29.43 12.39 -18.38
C TYR E 843 30.04 13.79 -18.28
N PRO E 844 29.29 14.77 -17.78
CA PRO E 844 29.78 16.16 -17.76
C PRO E 844 30.73 16.44 -16.60
N GLU E 845 31.80 15.64 -16.53
CA GLU E 845 32.82 15.83 -15.50
C GLU E 845 34.20 15.82 -16.13
N LEU E 846 34.31 15.13 -17.28
CA LEU E 846 35.61 14.95 -17.93
C LEU E 846 36.28 16.28 -18.25
N LEU E 847 35.49 17.32 -18.50
CA LEU E 847 36.05 18.67 -18.55
C LEU E 847 36.69 19.03 -17.21
N GLY E 848 36.04 18.65 -16.11
CA GLY E 848 36.60 18.94 -14.80
C GLY E 848 37.90 18.20 -14.54
N ILE E 849 38.01 16.96 -15.03
CA ILE E 849 39.28 16.26 -14.92
C ILE E 849 40.34 16.92 -15.80
N LEU E 850 39.99 17.27 -17.03
CA LEU E 850 41.02 17.72 -17.97
C LEU E 850 41.53 19.11 -17.64
N ILE E 851 40.70 19.96 -17.03
CA ILE E 851 41.15 21.32 -16.74
C ILE E 851 42.23 21.31 -15.66
N ASN E 852 42.11 20.44 -14.67
CA ASN E 852 43.03 20.48 -13.53
C ASN E 852 44.08 19.38 -13.56
N ILE E 853 43.97 18.41 -14.46
CA ILE E 853 45.04 17.41 -14.54
C ILE E 853 46.33 18.04 -15.06
N LEU E 854 46.23 19.05 -15.93
CA LEU E 854 47.42 19.77 -16.36
C LEU E 854 48.06 20.54 -15.21
N LYS E 855 47.23 21.20 -14.40
CA LYS E 855 47.73 22.03 -13.30
C LYS E 855 48.19 21.23 -12.11
N THR E 856 47.78 19.97 -11.98
CA THR E 856 48.11 19.18 -10.81
C THR E 856 49.60 18.81 -10.79
N GLU E 857 50.06 18.10 -11.80
CA GLU E 857 51.38 17.47 -11.79
C GLU E 857 52.31 18.13 -12.81
N ASN E 858 53.56 17.64 -12.85
CA ASN E 858 54.62 18.29 -13.61
C ASN E 858 55.42 17.34 -14.50
N ASN E 859 54.78 16.31 -15.07
CA ASN E 859 55.49 15.42 -15.98
C ASN E 859 55.05 15.66 -17.41
N PRO E 860 55.98 15.95 -18.33
CA PRO E 860 55.60 16.24 -19.71
C PRO E 860 54.92 15.09 -20.42
N HIS E 861 55.26 13.84 -20.07
CA HIS E 861 54.63 12.69 -20.71
C HIS E 861 53.13 12.66 -20.40
N ILE E 862 52.77 12.79 -19.12
CA ILE E 862 51.36 12.83 -18.76
C ILE E 862 50.69 14.08 -19.29
N ARG E 863 51.41 15.21 -19.35
CA ARG E 863 50.79 16.43 -19.89
C ARG E 863 50.45 16.28 -21.38
N ARG E 864 51.39 15.75 -22.17
CA ARG E 864 51.10 15.54 -23.58
C ARG E 864 50.07 14.44 -23.77
N GLY E 865 50.00 13.46 -22.86
CA GLY E 865 48.90 12.51 -22.91
C GLY E 865 47.55 13.16 -22.66
N THR E 866 47.49 14.11 -21.72
CA THR E 866 46.24 14.81 -21.44
C THR E 866 45.80 15.64 -22.64
N VAL E 867 46.75 16.27 -23.32
CA VAL E 867 46.34 17.03 -24.50
C VAL E 867 46.02 16.11 -25.69
N ARG E 868 46.63 14.92 -25.77
CA ARG E 868 46.08 13.88 -26.65
C ARG E 868 44.63 13.58 -26.31
N LEU E 869 44.30 13.49 -25.01
CA LEU E 869 42.94 13.16 -24.61
C LEU E 869 41.96 14.25 -25.03
N ILE E 870 42.31 15.50 -24.78
CA ILE E 870 41.38 16.56 -25.15
C ILE E 870 41.28 16.66 -26.66
N GLY E 871 42.36 16.37 -27.38
CA GLY E 871 42.30 16.36 -28.83
C GLY E 871 41.39 15.28 -29.38
N ILE E 872 41.47 14.07 -28.83
CA ILE E 872 40.63 13.00 -29.35
C ILE E 872 39.17 13.22 -28.96
N LEU E 873 38.90 13.81 -27.80
CA LEU E 873 37.51 14.11 -27.47
C LEU E 873 36.96 15.27 -28.30
N GLY E 874 37.80 16.22 -28.69
CA GLY E 874 37.42 17.23 -29.64
C GLY E 874 36.67 18.41 -29.03
N ALA E 875 36.39 19.39 -29.89
CA ALA E 875 35.73 20.61 -29.48
C ALA E 875 34.23 20.40 -29.33
N LEU E 876 33.60 21.29 -28.56
CA LEU E 876 32.17 21.20 -28.28
C LEU E 876 31.44 22.50 -28.57
N ASP E 877 30.17 22.59 -28.15
CA ASP E 877 29.25 23.71 -28.34
C ASP E 877 29.21 24.56 -27.08
N PRO E 878 29.49 25.86 -27.17
CA PRO E 878 29.34 26.73 -26.00
C PRO E 878 27.91 27.17 -25.76
N TYR E 879 27.00 26.23 -25.89
CA TYR E 879 25.64 26.29 -25.36
C TYR E 879 25.29 25.02 -24.61
N LYS E 880 25.74 23.87 -25.09
CA LYS E 880 25.61 22.61 -24.37
C LYS E 880 26.77 22.38 -23.43
N HIS E 881 27.76 23.27 -23.42
CA HIS E 881 28.86 23.16 -22.46
C HIS E 881 28.38 23.34 -21.02
N ARG E 882 27.47 24.29 -20.80
CA ARG E 882 26.94 24.50 -19.46
C ARG E 882 25.98 23.40 -19.04
N GLU E 883 25.35 22.71 -19.99
CA GLU E 883 24.41 21.64 -19.69
C GLU E 883 25.15 20.37 -19.25
N ASP E 902 25.84 31.89 -5.78
CA ASP E 902 24.53 31.66 -5.19
C ASP E 902 24.35 32.51 -3.94
N ILE E 903 25.44 32.71 -3.20
CA ILE E 903 25.44 33.48 -1.96
C ILE E 903 26.54 34.52 -2.03
N ALA E 904 26.48 35.48 -1.11
CA ALA E 904 27.47 36.53 -1.00
C ALA E 904 28.04 36.54 0.41
N LEU E 905 29.37 36.55 0.51
CA LEU E 905 30.04 36.48 1.80
C LEU E 905 30.19 37.88 2.36
N LEU E 906 29.74 38.06 3.62
CA LEU E 906 29.80 39.31 4.39
C LEU E 906 29.28 40.52 3.62
N MET E 907 28.41 40.30 2.64
CA MET E 907 27.79 41.37 1.87
C MET E 907 26.38 41.67 2.38
N GLN E 908 26.09 41.29 3.62
CA GLN E 908 24.81 41.59 4.23
C GLN E 908 24.62 43.07 4.50
N GLY E 909 25.68 43.87 4.37
CA GLY E 909 25.61 45.31 4.53
C GLY E 909 24.97 46.02 3.35
N VAL E 910 24.29 45.28 2.48
CA VAL E 910 23.53 45.91 1.41
C VAL E 910 22.35 46.68 1.98
N SER E 911 21.68 46.14 3.00
CA SER E 911 20.57 46.82 3.65
C SER E 911 21.04 47.90 4.63
N PRO E 912 21.91 47.59 5.64
CA PRO E 912 22.32 48.65 6.57
C PRO E 912 23.55 49.41 6.09
N SER E 913 24.06 50.30 6.94
CA SER E 913 25.25 51.08 6.65
C SER E 913 26.09 51.13 7.94
N ASN E 914 27.04 52.06 7.99
CA ASN E 914 27.96 52.13 9.11
C ASN E 914 27.30 52.82 10.30
N ASP E 915 26.41 52.07 10.97
CA ASP E 915 25.93 52.45 12.31
C ASP E 915 26.35 51.42 13.35
N GLU E 916 25.97 50.15 13.18
CA GLU E 916 26.43 49.05 14.03
C GLU E 916 26.73 47.83 13.17
N TYR E 917 27.30 48.06 11.99
CA TYR E 917 27.71 47.01 11.08
C TYR E 917 28.83 46.15 11.65
N TYR E 918 29.56 46.67 12.64
CA TYR E 918 30.81 46.02 13.05
C TYR E 918 30.57 44.80 13.95
N PRO E 919 29.79 44.85 15.04
CA PRO E 919 29.59 43.64 15.84
C PRO E 919 28.89 42.53 15.10
N THR E 920 28.15 42.84 14.03
CA THR E 920 27.51 41.79 13.25
C THR E 920 28.55 40.86 12.64
N VAL E 921 29.53 41.41 11.93
CA VAL E 921 30.56 40.56 11.34
C VAL E 921 31.50 40.00 12.41
N VAL E 922 31.71 40.74 13.51
CA VAL E 922 32.58 40.25 14.57
C VAL E 922 32.00 38.99 15.21
N ILE E 923 30.68 38.95 15.40
CA ILE E 923 30.05 37.71 15.88
C ILE E 923 30.01 36.67 14.77
N HIS E 924 29.71 37.10 13.53
CA HIS E 924 29.43 36.15 12.46
C HIS E 924 30.66 35.31 12.10
N ASN E 925 31.83 35.93 11.99
CA ASN E 925 33.01 35.17 11.59
C ASN E 925 33.42 34.15 12.65
N LEU E 926 33.32 34.51 13.93
CA LEU E 926 33.64 33.57 15.00
C LEU E 926 32.64 32.43 15.04
N MET E 927 31.35 32.73 14.86
CA MET E 927 30.36 31.67 14.80
C MET E 927 30.59 30.77 13.60
N LYS E 928 31.13 31.32 12.52
CA LYS E 928 31.48 30.50 11.35
C LYS E 928 32.67 29.60 11.66
N ILE E 929 33.68 30.11 12.36
CA ILE E 929 34.92 29.36 12.52
C ILE E 929 34.83 28.43 13.73
N LEU E 930 33.70 28.46 14.43
CA LEU E 930 33.49 27.50 15.51
C LEU E 930 33.02 26.14 15.01
N ASN E 931 33.24 25.82 13.74
CA ASN E 931 33.12 24.46 13.25
C ASN E 931 34.30 23.64 13.76
N ASP E 932 34.02 22.42 14.23
CA ASP E 932 34.98 21.71 15.07
C ASP E 932 36.28 21.19 14.40
N PRO E 933 36.45 21.04 13.07
CA PRO E 933 37.79 20.63 12.60
C PRO E 933 38.88 21.66 12.88
N SER E 934 38.53 22.95 12.95
CA SER E 934 39.51 23.98 13.27
C SER E 934 39.76 24.10 14.77
N LEU E 935 38.96 23.42 15.61
CA LEU E 935 39.02 23.60 17.05
C LEU E 935 39.99 22.64 17.72
N SER E 936 41.08 22.27 17.05
CA SER E 936 42.14 21.52 17.72
C SER E 936 42.74 22.33 18.86
N ILE E 937 42.97 23.62 18.64
CA ILE E 937 43.46 24.50 19.70
C ILE E 937 42.63 25.78 19.73
N HIS E 938 41.70 25.92 18.79
CA HIS E 938 40.97 27.18 18.61
C HIS E 938 39.72 27.21 19.48
N HIS E 939 39.97 27.26 20.79
CA HIS E 939 38.89 27.40 21.77
C HIS E 939 39.02 28.66 22.59
N THR E 940 40.18 28.87 23.23
CA THR E 940 40.30 29.91 24.24
C THR E 940 40.26 31.30 23.62
N ALA E 941 40.85 31.48 22.43
CA ALA E 941 40.76 32.78 21.77
C ALA E 941 39.35 33.03 21.25
N ALA E 942 38.73 31.99 20.65
CA ALA E 942 37.40 32.14 20.10
C ALA E 942 36.34 32.37 21.16
N ILE E 943 36.62 32.04 22.42
CA ILE E 943 35.66 32.34 23.47
C ILE E 943 36.05 33.63 24.19
N GLN E 944 37.36 33.90 24.30
CA GLN E 944 37.83 35.08 25.02
C GLN E 944 37.51 36.36 24.27
N ALA E 945 37.57 36.32 22.94
CA ALA E 945 37.19 37.50 22.16
C ALA E 945 35.73 37.87 22.41
N ILE E 946 34.86 36.87 22.44
CA ILE E 946 33.44 37.14 22.67
C ILE E 946 33.20 37.62 24.09
N MET E 947 33.89 37.00 25.06
CA MET E 947 33.83 37.46 26.44
C MET E 947 34.22 38.92 26.55
N HIS E 948 35.32 39.29 25.92
CA HIS E 948 35.83 40.65 26.01
C HIS E 948 34.87 41.65 25.34
N ILE E 949 34.34 41.31 24.17
CA ILE E 949 33.48 42.26 23.47
C ILE E 949 32.16 42.42 24.21
N PHE E 950 31.59 41.33 24.75
CA PHE E 950 30.36 41.45 25.53
C PHE E 950 30.58 42.27 26.79
N GLN E 951 31.70 42.01 27.49
CA GLN E 951 31.98 42.70 28.73
C GLN E 951 32.22 44.19 28.51
N ASN E 952 32.88 44.54 27.42
CA ASN E 952 33.12 45.96 27.15
C ASN E 952 31.88 46.64 26.61
N LEU E 953 31.07 45.95 25.81
CA LEU E 953 29.94 46.58 25.14
C LEU E 953 28.73 46.68 26.06
N GLY E 954 28.21 45.55 26.50
CA GLY E 954 27.05 45.60 27.39
C GLY E 954 25.78 45.01 26.82
N LEU E 955 24.63 45.51 27.30
CA LEU E 955 23.33 44.90 27.02
C LEU E 955 22.76 45.36 25.68
N ARG E 956 23.54 45.18 24.63
CA ARG E 956 23.09 45.47 23.27
C ARG E 956 23.37 44.35 22.28
N CYS E 957 24.29 43.44 22.57
CA CYS E 957 24.49 42.26 21.74
C CYS E 957 23.55 41.11 22.13
N VAL E 958 22.46 41.43 22.82
CA VAL E 958 21.55 40.40 23.32
C VAL E 958 20.75 39.71 22.23
N SER E 959 20.78 40.24 21.01
CA SER E 959 20.07 39.60 19.91
C SER E 959 20.80 38.39 19.36
N PHE E 960 22.04 38.17 19.77
CA PHE E 960 22.85 37.07 19.29
C PHE E 960 22.89 35.89 20.25
N LEU E 961 21.99 35.85 21.25
CA LEU E 961 21.95 34.72 22.16
C LEU E 961 21.56 33.45 21.42
N ASP E 962 20.63 33.57 20.47
CA ASP E 962 20.14 32.44 19.68
C ASP E 962 21.26 31.81 18.85
N GLN E 963 22.33 32.55 18.58
CA GLN E 963 23.50 31.99 17.91
C GLN E 963 24.64 31.64 18.84
N ILE E 964 24.79 32.35 19.96
CA ILE E 964 25.94 32.13 20.82
C ILE E 964 25.74 30.92 21.71
N ILE E 965 24.50 30.65 22.16
CA ILE E 965 24.27 29.52 23.05
C ILE E 965 24.48 28.18 22.32
N PRO E 966 23.90 27.93 21.13
CA PRO E 966 24.16 26.64 20.47
C PRO E 966 25.63 26.37 20.17
N GLY E 967 26.40 27.40 19.81
CA GLY E 967 27.82 27.20 19.60
C GLY E 967 28.55 26.77 20.85
N ILE E 968 28.28 27.48 21.96
CA ILE E 968 28.98 27.16 23.21
C ILE E 968 28.53 25.80 23.74
N ILE E 969 27.31 25.36 23.40
CA ILE E 969 26.90 24.09 23.97
C ILE E 969 27.38 22.92 23.11
N LEU E 970 27.51 23.12 21.81
CA LEU E 970 28.24 22.14 21.01
C LEU E 970 29.70 22.08 21.41
N VAL E 971 30.25 23.19 21.91
CA VAL E 971 31.56 23.12 22.56
C VAL E 971 31.49 22.30 23.84
N MET E 972 30.42 22.48 24.62
CA MET E 972 30.25 21.72 25.87
C MET E 972 30.19 20.22 25.62
N ARG E 973 29.56 19.81 24.51
CA ARG E 973 29.23 18.41 24.29
C ARG E 973 30.47 17.53 24.20
N SER E 974 31.51 17.98 23.49
CA SER E 974 32.72 17.19 23.28
C SER E 974 33.94 18.07 23.56
N CYS E 975 34.54 17.90 24.74
CA CYS E 975 35.71 18.67 25.14
C CYS E 975 36.39 17.95 26.30
N PRO E 976 37.71 18.08 26.42
CA PRO E 976 38.41 17.53 27.59
C PRO E 976 38.03 18.30 28.84
N PRO E 977 38.15 17.68 30.02
CA PRO E 977 37.78 18.36 31.27
C PRO E 977 38.86 19.24 31.87
N SER E 978 39.94 19.53 31.14
CA SER E 978 40.96 20.43 31.65
C SER E 978 40.55 21.90 31.54
N GLN E 979 39.54 22.20 30.75
CA GLN E 979 39.09 23.58 30.51
C GLN E 979 37.60 23.76 30.79
N LEU E 980 36.93 22.74 31.32
CA LEU E 980 35.53 22.86 31.67
C LEU E 980 35.31 23.89 32.78
N ASP E 981 36.26 23.98 33.71
CA ASP E 981 36.20 25.02 34.74
C ASP E 981 36.23 26.41 34.11
N PHE E 982 37.11 26.61 33.12
CA PHE E 982 37.21 27.90 32.45
C PHE E 982 35.94 28.20 31.65
N TYR E 983 35.38 27.19 30.99
CA TYR E 983 34.13 27.38 30.25
C TYR E 983 32.98 27.79 31.15
N PHE E 984 32.82 27.09 32.28
CA PHE E 984 31.73 27.46 33.18
C PHE E 984 31.98 28.78 33.88
N GLN E 985 33.24 29.14 34.11
CA GLN E 985 33.54 30.47 34.64
C GLN E 985 33.13 31.55 33.66
N GLN E 986 33.45 31.36 32.38
CA GLN E 986 33.04 32.34 31.38
C GLN E 986 31.53 32.37 31.21
N LEU E 987 30.86 31.23 31.37
CA LEU E 987 29.41 31.22 31.30
C LEU E 987 28.79 31.97 32.49
N GLY E 988 29.38 31.82 33.67
CA GLY E 988 28.96 32.65 34.80
C GLY E 988 29.19 34.12 34.55
N SER E 989 30.28 34.47 33.86
CA SER E 989 30.50 35.86 33.47
C SER E 989 29.43 36.34 32.49
N LEU E 990 29.01 35.48 31.56
CA LEU E 990 27.89 35.82 30.69
C LEU E 990 26.62 36.07 31.48
N ILE E 991 26.35 35.22 32.47
CA ILE E 991 25.12 35.33 33.23
C ILE E 991 25.10 36.60 34.08
N SER E 992 26.24 36.94 34.67
CA SER E 992 26.31 38.13 35.53
C SER E 992 26.10 39.43 34.76
N ILE E 993 26.16 39.42 33.43
CA ILE E 993 25.97 40.63 32.65
C ILE E 993 24.71 40.59 31.78
N VAL E 994 24.27 39.41 31.37
CA VAL E 994 23.00 39.24 30.66
C VAL E 994 22.09 38.46 31.59
N LYS E 995 21.03 39.10 32.07
CA LYS E 995 20.29 38.57 33.21
C LYS E 995 19.10 37.72 32.81
N GLN E 996 18.14 38.30 32.10
CA GLN E 996 16.84 37.65 31.91
C GLN E 996 16.70 36.97 30.56
N HIS E 997 17.40 37.45 29.53
CA HIS E 997 17.24 36.91 28.19
C HIS E 997 17.79 35.49 28.06
N ILE E 998 18.36 34.94 29.13
CA ILE E 998 18.83 33.55 29.15
C ILE E 998 17.65 32.64 29.43
N ARG E 999 16.48 33.23 29.68
CA ARG E 999 15.29 32.48 30.08
C ARG E 999 14.94 31.31 29.16
N PRO E 1000 14.99 31.41 27.81
CA PRO E 1000 14.70 30.23 27.01
C PRO E 1000 15.81 29.18 26.98
N HIS E 1001 16.79 29.27 27.89
CA HIS E 1001 17.89 28.30 27.92
C HIS E 1001 18.24 27.80 29.32
N VAL E 1002 17.59 28.30 30.38
CA VAL E 1002 17.94 27.88 31.73
C VAL E 1002 17.61 26.41 31.94
N GLU E 1003 16.51 25.94 31.35
CA GLU E 1003 16.18 24.52 31.39
C GLU E 1003 17.30 23.69 30.79
N LYS E 1004 17.91 24.18 29.70
CA LYS E 1004 18.95 23.39 29.06
C LYS E 1004 20.23 23.43 29.89
N ILE E 1005 20.58 24.59 30.46
CA ILE E 1005 21.83 24.66 31.22
C ILE E 1005 21.73 23.80 32.49
N TYR E 1006 20.52 23.72 33.07
CA TYR E 1006 20.30 22.74 34.14
C TYR E 1006 20.43 21.32 33.64
N GLY E 1007 19.95 21.03 32.42
CA GLY E 1007 20.15 19.72 31.84
C GLY E 1007 21.60 19.35 31.68
N VAL E 1008 22.44 20.31 31.28
CA VAL E 1008 23.88 20.04 31.11
C VAL E 1008 24.57 19.86 32.45
N ILE E 1009 24.16 20.64 33.47
CA ILE E 1009 24.67 20.32 34.81
C ILE E 1009 24.25 18.90 35.20
N ARG E 1010 23.09 18.45 34.73
CA ARG E 1010 22.63 17.09 35.00
C ARG E 1010 23.53 16.04 34.33
N GLU E 1011 23.81 16.15 33.02
CA GLU E 1011 24.65 15.06 32.50
C GLU E 1011 26.12 15.23 32.89
N PHE E 1012 26.56 16.46 33.18
CA PHE E 1012 27.89 16.70 33.71
C PHE E 1012 27.70 17.31 35.08
N PHE E 1013 27.42 16.44 36.05
CA PHE E 1013 27.62 16.74 37.47
C PHE E 1013 28.44 15.65 38.15
N PRO E 1014 29.72 15.44 37.72
CA PRO E 1014 30.56 14.48 38.44
C PRO E 1014 31.41 15.15 39.49
N ILE E 1015 32.19 14.35 40.22
CA ILE E 1015 33.14 14.93 41.18
C ILE E 1015 34.29 15.61 40.43
N ILE E 1016 34.66 15.10 39.25
CA ILE E 1016 35.83 15.64 38.55
C ILE E 1016 35.58 17.04 38.03
N LYS E 1017 34.33 17.40 37.76
CA LYS E 1017 34.01 18.78 37.43
C LYS E 1017 34.16 19.64 38.69
N LEU E 1018 34.57 20.89 38.48
CA LEU E 1018 34.78 21.79 39.61
C LEU E 1018 33.43 22.13 40.23
N GLN E 1019 33.16 21.53 41.39
CA GLN E 1019 31.90 21.77 42.09
C GLN E 1019 31.77 23.23 42.51
N ILE E 1020 32.90 23.87 42.85
CA ILE E 1020 32.87 25.29 43.18
C ILE E 1020 32.43 26.12 41.98
N THR E 1021 32.91 25.78 40.79
CA THR E 1021 32.49 26.49 39.59
C THR E 1021 31.02 26.21 39.28
N ILE E 1022 30.57 24.98 39.52
CA ILE E 1022 29.16 24.66 39.28
C ILE E 1022 28.25 25.47 40.21
N ILE E 1023 28.59 25.54 41.49
CA ILE E 1023 27.74 26.29 42.41
C ILE E 1023 27.88 27.79 42.17
N SER E 1024 29.03 28.24 41.63
CA SER E 1024 29.13 29.62 41.19
C SER E 1024 28.17 29.92 40.05
N VAL E 1025 28.05 28.98 39.10
CA VAL E 1025 27.08 29.13 38.02
C VAL E 1025 25.66 29.16 38.59
N ILE E 1026 25.38 28.31 39.58
CA ILE E 1026 24.04 28.26 40.18
C ILE E 1026 23.70 29.57 40.87
N GLU E 1027 24.63 30.10 41.67
CA GLU E 1027 24.34 31.35 42.36
C GLU E 1027 24.24 32.51 41.38
N SER E 1028 25.04 32.47 40.31
CA SER E 1028 24.96 33.52 39.30
C SER E 1028 23.60 33.53 38.61
N ILE E 1029 23.11 32.35 38.18
CA ILE E 1029 21.84 32.33 37.46
C ILE E 1029 20.69 32.66 38.40
N SER E 1030 20.74 32.20 39.65
CA SER E 1030 19.68 32.53 40.61
C SER E 1030 19.64 34.03 40.88
N LYS E 1031 20.80 34.65 41.12
CA LYS E 1031 20.82 36.08 41.41
C LYS E 1031 20.42 36.90 40.19
N ALA E 1032 20.81 36.45 38.99
CA ALA E 1032 20.47 37.20 37.79
C ALA E 1032 18.99 37.05 37.44
N LEU E 1033 18.37 35.94 37.82
CA LEU E 1033 16.98 35.70 37.49
C LEU E 1033 16.04 36.33 38.52
N GLU E 1034 16.13 35.90 39.78
CA GLU E 1034 15.50 36.57 40.92
C GLU E 1034 13.97 36.68 40.74
N GLY E 1035 13.32 35.52 40.86
CA GLY E 1035 11.87 35.52 40.99
C GLY E 1035 11.14 34.41 40.25
N GLU E 1036 11.65 33.99 39.10
CA GLU E 1036 11.11 32.85 38.39
C GLU E 1036 11.76 31.55 38.86
N PHE E 1037 12.46 31.60 40.00
CA PHE E 1037 13.29 30.51 40.48
C PHE E 1037 12.47 29.29 40.90
N LYS E 1038 11.15 29.44 41.05
CA LYS E 1038 10.32 28.40 41.63
C LYS E 1038 10.12 27.20 40.70
N ARG E 1039 10.41 27.34 39.41
CA ARG E 1039 10.09 26.28 38.45
C ARG E 1039 10.95 25.04 38.70
N PHE E 1040 12.21 25.24 39.07
CA PHE E 1040 13.21 24.17 39.11
C PHE E 1040 13.94 24.11 40.45
N VAL E 1041 13.20 24.35 41.54
CA VAL E 1041 13.78 24.15 42.87
C VAL E 1041 14.19 22.71 43.14
N PRO E 1042 13.43 21.67 42.74
CA PRO E 1042 13.91 20.30 43.01
C PRO E 1042 15.25 19.96 42.41
N GLU E 1043 15.60 20.52 41.25
CA GLU E 1043 16.90 20.22 40.64
C GLU E 1043 18.04 20.75 41.50
N THR E 1044 17.97 22.02 41.91
CA THR E 1044 19.02 22.55 42.74
C THR E 1044 19.05 21.91 44.12
N LEU E 1045 17.90 21.43 44.62
CA LEU E 1045 17.93 20.66 45.87
C LEU E 1045 18.60 19.30 45.70
N THR E 1046 18.37 18.61 44.58
CA THR E 1046 19.10 17.38 44.32
C THR E 1046 20.60 17.63 44.31
N PHE E 1047 21.03 18.65 43.55
CA PHE E 1047 22.44 18.96 43.43
C PHE E 1047 23.03 19.36 44.78
N PHE E 1048 22.28 20.14 45.57
CA PHE E 1048 22.80 20.63 46.83
C PHE E 1048 22.88 19.53 47.87
N LEU E 1049 21.91 18.61 47.86
CA LEU E 1049 22.00 17.45 48.74
C LEU E 1049 23.21 16.58 48.39
N ASP E 1050 23.45 16.38 47.08
CA ASP E 1050 24.61 15.61 46.66
C ASP E 1050 25.92 16.28 47.11
N ILE E 1051 26.00 17.60 46.97
CA ILE E 1051 27.21 18.32 47.36
C ILE E 1051 27.41 18.24 48.88
N LEU E 1052 26.33 18.41 49.64
CA LEU E 1052 26.43 18.35 51.10
C LEU E 1052 26.87 16.97 51.58
N GLU E 1053 26.31 15.91 50.99
CA GLU E 1053 26.56 14.56 51.48
C GLU E 1053 27.68 13.84 50.74
N ASN E 1054 28.36 14.49 49.81
CA ASN E 1054 29.47 13.87 49.08
C ASN E 1054 30.83 14.18 49.70
N ASP E 1055 31.20 15.45 49.76
CA ASP E 1055 32.53 15.83 50.18
C ASP E 1055 32.46 17.04 51.12
N GLN E 1056 33.33 17.05 52.13
CA GLN E 1056 33.40 18.15 53.09
C GLN E 1056 34.85 18.48 53.46
N SER E 1057 35.81 18.04 52.66
CA SER E 1057 37.23 18.17 52.98
C SER E 1057 37.69 19.63 52.86
N ASN E 1058 38.99 19.84 53.06
CA ASN E 1058 39.68 21.14 53.06
C ASN E 1058 38.87 22.24 53.75
N LYS E 1059 38.63 22.00 55.05
CA LYS E 1059 37.95 22.92 55.95
C LYS E 1059 36.51 23.21 55.54
N ARG E 1060 35.94 22.33 54.69
CA ARG E 1060 34.55 22.41 54.24
C ARG E 1060 34.24 23.75 53.58
N ILE E 1061 35.11 24.16 52.66
CA ILE E 1061 34.88 25.41 51.94
C ILE E 1061 33.68 25.30 51.01
N VAL E 1062 33.45 24.12 50.41
CA VAL E 1062 32.30 23.93 49.54
C VAL E 1062 31.02 23.82 50.36
N PRO E 1063 30.99 23.12 51.52
CA PRO E 1063 29.81 23.27 52.39
C PRO E 1063 29.56 24.68 52.87
N ILE E 1064 30.61 25.45 53.15
CA ILE E 1064 30.41 26.84 53.57
C ILE E 1064 29.79 27.66 52.44
N ARG E 1065 30.29 27.47 51.22
CA ARG E 1065 29.73 28.18 50.07
C ARG E 1065 28.29 27.75 49.80
N ILE E 1066 27.98 26.46 49.97
CA ILE E 1066 26.62 26.03 49.69
C ILE E 1066 25.66 26.50 50.78
N LEU E 1067 26.11 26.63 52.02
CA LEU E 1067 25.26 27.18 53.06
C LEU E 1067 25.15 28.70 52.98
N LYS E 1068 26.08 29.36 52.28
CA LYS E 1068 25.89 30.75 51.90
C LYS E 1068 24.96 30.90 50.70
N SER E 1069 24.90 29.89 49.82
CA SER E 1069 23.98 29.92 48.70
C SER E 1069 22.54 29.63 49.12
N LEU E 1070 22.36 28.72 50.08
CA LEU E 1070 21.03 28.33 50.55
C LEU E 1070 20.30 29.44 51.30
N VAL E 1071 20.99 30.49 51.73
CA VAL E 1071 20.33 31.61 52.37
C VAL E 1071 19.99 32.71 51.38
N THR E 1072 20.65 32.76 50.23
CA THR E 1072 20.33 33.73 49.19
C THR E 1072 19.07 33.36 48.42
N PHE E 1073 18.61 32.11 48.55
CA PHE E 1073 17.45 31.65 47.79
C PHE E 1073 16.17 32.39 48.17
N GLY E 1074 16.12 32.99 49.35
CA GLY E 1074 15.05 33.90 49.71
C GLY E 1074 13.71 33.24 49.94
N PRO E 1075 12.64 33.98 49.63
CA PRO E 1075 11.28 33.48 49.92
C PRO E 1075 10.86 32.28 49.10
N ASN E 1076 11.69 31.82 48.16
CA ASN E 1076 11.31 30.75 47.26
C ASN E 1076 11.18 29.39 47.95
N LEU E 1077 11.63 29.26 49.20
CA LEU E 1077 11.55 28.01 49.93
C LEU E 1077 10.25 27.85 50.69
N GLU E 1078 9.17 28.49 50.21
CA GLU E 1078 7.91 28.48 50.94
C GLU E 1078 7.30 27.09 50.99
N ASP E 1079 7.02 26.51 49.83
CA ASP E 1079 6.34 25.22 49.75
C ASP E 1079 7.30 24.04 49.76
N TYR E 1080 8.61 24.29 49.77
CA TYR E 1080 9.61 23.23 49.69
C TYR E 1080 10.51 23.18 50.92
N SER E 1081 10.04 23.65 52.05
CA SER E 1081 10.85 23.78 53.27
C SER E 1081 10.83 22.52 54.12
N HIS E 1082 11.12 21.38 53.50
CA HIS E 1082 11.20 20.13 54.25
C HIS E 1082 12.33 19.24 53.74
N LEU E 1083 13.23 19.77 52.92
CA LEU E 1083 14.33 18.99 52.38
C LEU E 1083 15.66 19.47 52.95
N ILE E 1084 15.97 20.77 52.83
CA ILE E 1084 17.16 21.27 53.51
C ILE E 1084 16.94 21.32 55.02
N MET E 1085 15.75 21.73 55.46
CA MET E 1085 15.51 21.97 56.89
C MET E 1085 15.81 20.78 57.79
N PRO E 1086 15.34 19.55 57.53
CA PRO E 1086 15.82 18.42 58.35
C PRO E 1086 17.31 18.19 58.21
N ILE E 1087 17.88 18.43 57.03
CA ILE E 1087 19.30 18.18 56.82
C ILE E 1087 20.15 19.15 57.63
N VAL E 1088 19.85 20.45 57.54
CA VAL E 1088 20.63 21.41 58.31
C VAL E 1088 20.31 21.34 59.79
N VAL E 1089 19.13 20.84 60.16
CA VAL E 1089 18.89 20.56 61.58
C VAL E 1089 19.75 19.39 62.04
N ARG E 1090 19.96 18.39 61.20
CA ARG E 1090 20.78 17.25 61.58
C ARG E 1090 22.26 17.61 61.63
N MET E 1091 22.75 18.36 60.65
CA MET E 1091 24.18 18.66 60.55
C MET E 1091 24.65 19.73 61.53
N THR E 1092 23.88 20.10 62.55
CA THR E 1092 24.39 20.97 63.58
C THR E 1092 24.86 20.22 64.82
N GLU E 1093 24.82 18.89 64.80
CA GLU E 1093 25.39 18.10 65.87
C GLU E 1093 26.15 16.87 65.39
N TYR E 1094 26.28 16.67 64.07
CA TYR E 1094 26.89 15.48 63.52
C TYR E 1094 28.08 15.81 62.63
N SER E 1095 28.79 16.88 62.95
CA SER E 1095 29.92 17.32 62.13
C SER E 1095 30.93 18.06 63.01
N ALA E 1096 31.89 18.72 62.37
CA ALA E 1096 32.95 19.42 63.07
C ALA E 1096 32.46 20.79 63.54
N GLY E 1097 33.38 21.63 64.00
CA GLY E 1097 33.05 22.93 64.55
C GLY E 1097 33.29 24.12 63.66
N SER E 1098 33.82 23.92 62.45
CA SER E 1098 34.03 25.05 61.55
C SER E 1098 32.74 25.44 60.83
N LEU E 1099 32.10 24.46 60.18
CA LEU E 1099 30.85 24.70 59.46
C LEU E 1099 29.62 24.54 60.34
N LYS E 1100 29.80 24.15 61.61
CA LYS E 1100 28.66 24.04 62.52
C LYS E 1100 27.98 25.38 62.73
N LYS E 1101 28.77 26.41 63.03
CA LYS E 1101 28.19 27.74 63.18
C LYS E 1101 27.65 28.28 61.87
N ILE E 1102 28.24 27.87 60.75
CA ILE E 1102 27.69 28.23 59.45
C ILE E 1102 26.28 27.67 59.28
N SER E 1103 26.12 26.40 59.66
CA SER E 1103 24.80 25.77 59.59
C SER E 1103 23.80 26.44 60.51
N ILE E 1104 24.21 26.79 61.74
CA ILE E 1104 23.26 27.41 62.64
C ILE E 1104 22.93 28.83 62.22
N ILE E 1105 23.87 29.53 61.57
CA ILE E 1105 23.55 30.86 61.05
C ILE E 1105 22.60 30.75 59.87
N THR E 1106 22.76 29.71 59.03
CA THR E 1106 21.80 29.48 57.95
C THR E 1106 20.41 29.19 58.50
N LEU E 1107 20.33 28.32 59.52
CA LEU E 1107 19.04 28.01 60.14
C LEU E 1107 18.43 29.24 60.79
N GLY E 1108 19.27 30.12 61.35
CA GLY E 1108 18.76 31.37 61.87
C GLY E 1108 18.17 32.26 60.79
N ARG E 1109 18.96 32.58 59.78
CA ARG E 1109 18.52 33.59 58.83
C ARG E 1109 17.48 33.09 57.84
N LEU E 1110 17.25 31.78 57.74
CA LEU E 1110 16.13 31.33 56.94
C LEU E 1110 14.79 31.41 57.67
N ALA E 1111 14.81 31.61 58.99
CA ALA E 1111 13.57 31.80 59.73
C ALA E 1111 13.00 33.21 59.57
N LYS E 1112 13.81 34.17 59.14
CA LYS E 1112 13.29 35.46 58.69
C LYS E 1112 12.45 35.36 57.43
N ASN E 1113 12.50 34.24 56.74
CA ASN E 1113 11.85 34.19 55.44
C ASN E 1113 10.83 33.08 55.32
N ILE E 1114 11.09 31.92 55.90
CA ILE E 1114 10.18 30.78 55.84
C ILE E 1114 9.76 30.41 57.25
N ASN E 1115 8.46 30.17 57.44
CA ASN E 1115 7.96 29.82 58.76
C ASN E 1115 8.49 28.46 59.23
N LEU E 1116 8.62 28.33 60.55
CA LEU E 1116 9.18 27.12 61.14
C LEU E 1116 8.41 26.67 62.37
N SER E 1117 7.10 26.93 62.43
CA SER E 1117 6.28 26.26 63.43
C SER E 1117 6.17 24.77 63.14
N GLU E 1118 6.35 24.39 61.88
CA GLU E 1118 6.24 22.99 61.48
C GLU E 1118 7.39 22.14 62.04
N MET E 1119 8.56 22.74 62.27
CA MET E 1119 9.73 22.00 62.71
C MET E 1119 10.35 22.58 63.98
N SER E 1120 9.57 23.33 64.75
CA SER E 1120 10.11 24.02 65.92
C SER E 1120 10.62 23.04 66.96
N SER E 1121 9.91 21.92 67.15
CA SER E 1121 10.33 20.93 68.13
C SER E 1121 11.69 20.35 67.78
N ARG E 1122 11.87 19.94 66.52
CA ARG E 1122 13.15 19.39 66.08
C ARG E 1122 14.27 20.40 66.20
N ILE E 1123 14.01 21.65 65.79
CA ILE E 1123 15.05 22.69 65.85
C ILE E 1123 15.47 22.95 67.29
N VAL E 1124 14.50 23.15 68.18
CA VAL E 1124 14.83 23.49 69.56
C VAL E 1124 15.46 22.31 70.28
N GLN E 1125 15.03 21.08 69.99
CA GLN E 1125 15.65 19.92 70.63
C GLN E 1125 17.07 19.70 70.14
N ALA E 1126 17.39 20.09 68.91
CA ALA E 1126 18.79 20.07 68.50
C ALA E 1126 19.59 21.17 69.21
N LEU E 1127 19.02 22.38 69.29
CA LEU E 1127 19.74 23.51 69.85
C LEU E 1127 20.01 23.34 71.34
N VAL E 1128 19.12 22.66 72.06
CA VAL E 1128 19.35 22.42 73.48
C VAL E 1128 20.55 21.49 73.68
N ARG E 1129 20.63 20.43 72.87
CA ARG E 1129 21.79 19.55 72.92
C ARG E 1129 23.07 20.28 72.53
N ILE E 1130 22.97 21.25 71.62
CA ILE E 1130 24.12 22.09 71.32
C ILE E 1130 24.52 22.89 72.56
N LEU E 1131 23.54 23.49 73.22
CA LEU E 1131 23.81 24.47 74.28
C LEU E 1131 24.25 23.81 75.58
N ASN E 1132 23.95 22.52 75.78
CA ASN E 1132 24.21 21.91 77.09
C ASN E 1132 25.69 21.90 77.43
N ASN E 1133 26.54 21.58 76.47
CA ASN E 1133 27.98 21.54 76.70
C ASN E 1133 28.62 22.90 76.38
N GLY E 1134 29.62 23.27 77.19
CA GLY E 1134 30.16 24.61 77.12
C GLY E 1134 31.18 24.78 76.01
N ASP E 1135 31.01 25.82 75.20
CA ASP E 1135 31.97 26.22 74.18
C ASP E 1135 32.30 27.70 74.18
N ARG E 1136 31.44 28.56 74.73
CA ARG E 1136 31.61 30.00 74.95
C ARG E 1136 31.67 30.81 73.66
N GLU E 1137 31.64 30.19 72.49
CA GLU E 1137 31.59 30.90 71.22
C GLU E 1137 30.38 30.52 70.40
N LEU E 1138 30.05 29.22 70.34
CA LEU E 1138 28.81 28.79 69.70
C LEU E 1138 27.58 29.25 70.47
N THR E 1139 27.74 29.57 71.76
CA THR E 1139 26.59 29.92 72.60
C THR E 1139 25.91 31.18 72.12
N LYS E 1140 26.69 32.21 71.78
CA LYS E 1140 26.10 33.47 71.33
C LYS E 1140 25.35 33.27 70.01
N ALA E 1141 25.95 32.51 69.08
CA ALA E 1141 25.30 32.30 67.79
C ALA E 1141 24.03 31.46 67.94
N THR E 1142 24.06 30.43 68.79
CA THR E 1142 22.86 29.60 68.93
C THR E 1142 21.76 30.33 69.70
N MET E 1143 22.12 31.17 70.68
CA MET E 1143 21.08 31.94 71.35
C MET E 1143 20.50 33.00 70.41
N ASN E 1144 21.32 33.57 69.54
CA ASN E 1144 20.81 34.50 68.53
C ASN E 1144 19.87 33.81 67.57
N THR E 1145 20.20 32.58 67.15
CA THR E 1145 19.34 31.84 66.24
C THR E 1145 17.99 31.50 66.90
N LEU E 1146 18.02 31.03 68.16
CA LEU E 1146 16.76 30.71 68.82
C LEU E 1146 15.97 31.97 69.15
N SER E 1147 16.64 33.10 69.39
CA SER E 1147 15.93 34.35 69.59
C SER E 1147 15.26 34.81 68.30
N LEU E 1148 15.92 34.61 67.17
CA LEU E 1148 15.31 34.95 65.89
C LEU E 1148 14.10 34.07 65.63
N LEU E 1149 14.19 32.78 65.99
CA LEU E 1149 13.03 31.89 65.87
C LEU E 1149 11.91 32.34 66.81
N LEU E 1150 12.24 32.87 67.98
CA LEU E 1150 11.25 33.50 68.84
C LEU E 1150 10.57 34.68 68.15
N LEU E 1151 11.35 35.52 67.47
CA LEU E 1151 10.76 36.63 66.72
C LEU E 1151 9.82 36.12 65.64
N GLN E 1152 10.18 35.02 64.98
CA GLN E 1152 9.32 34.46 63.94
C GLN E 1152 8.04 33.88 64.53
N LEU E 1153 8.14 33.18 65.66
CA LEU E 1153 7.00 32.43 66.18
C LEU E 1153 6.03 33.31 66.95
N GLY E 1154 6.55 34.22 67.79
CA GLY E 1154 5.68 35.13 68.51
C GLY E 1154 5.24 34.64 69.87
N THR E 1155 3.97 34.85 70.21
CA THR E 1155 3.45 34.46 71.51
C THR E 1155 3.27 32.96 71.66
N ASP E 1156 3.35 32.20 70.57
CA ASP E 1156 3.23 30.75 70.66
C ASP E 1156 4.43 30.12 71.35
N PHE E 1157 5.55 30.83 71.41
CA PHE E 1157 6.83 30.35 71.95
C PHE E 1157 6.81 30.15 73.46
N VAL E 1158 5.70 30.46 74.15
CA VAL E 1158 5.62 30.23 75.59
C VAL E 1158 5.68 28.74 75.92
N VAL E 1159 5.44 27.87 74.94
CA VAL E 1159 5.51 26.43 75.15
C VAL E 1159 6.95 26.00 75.40
N PHE E 1160 7.91 26.66 74.76
CA PHE E 1160 9.30 26.23 74.77
C PHE E 1160 10.17 26.96 75.79
N VAL E 1161 9.62 27.93 76.52
CA VAL E 1161 10.40 28.78 77.42
C VAL E 1161 11.07 28.03 78.58
N PRO E 1162 10.38 27.19 79.37
CA PRO E 1162 11.01 26.69 80.60
C PRO E 1162 12.23 25.79 80.39
N VAL E 1163 12.26 24.98 79.33
CA VAL E 1163 13.42 24.13 79.11
C VAL E 1163 14.64 24.96 78.71
N ILE E 1164 14.43 26.02 77.92
CA ILE E 1164 15.52 26.93 77.60
C ILE E 1164 15.99 27.64 78.85
N ASN E 1165 15.06 28.04 79.71
CA ASN E 1165 15.42 28.73 80.95
C ASN E 1165 16.25 27.83 81.86
N LYS E 1166 15.85 26.56 82.01
CA LYS E 1166 16.59 25.68 82.90
C LYS E 1166 17.95 25.32 82.32
N ALA E 1167 18.05 25.14 81.00
CA ALA E 1167 19.35 24.88 80.40
C ALA E 1167 20.28 26.08 80.54
N LEU E 1168 19.75 27.29 80.36
CA LEU E 1168 20.57 28.49 80.52
C LEU E 1168 21.00 28.68 81.96
N LEU E 1169 20.12 28.39 82.92
CA LEU E 1169 20.50 28.51 84.33
C LEU E 1169 21.52 27.45 84.71
N ARG E 1170 21.46 26.27 84.07
CA ARG E 1170 22.48 25.25 84.33
C ARG E 1170 23.84 25.68 83.78
N ASN E 1171 23.87 26.15 82.54
CA ASN E 1171 25.14 26.49 81.89
C ASN E 1171 25.64 27.89 82.25
N ARG E 1172 24.86 28.67 83.00
CA ARG E 1172 25.25 30.02 83.46
C ARG E 1172 25.59 30.94 82.29
N ILE E 1173 24.57 31.19 81.46
CA ILE E 1173 24.69 32.09 80.31
C ILE E 1173 23.62 33.16 80.43
N GLN E 1174 24.05 34.42 80.38
CA GLN E 1174 23.15 35.57 80.43
C GLN E 1174 23.46 36.49 79.27
N HIS E 1175 22.42 36.90 78.54
CA HIS E 1175 22.61 37.78 77.40
C HIS E 1175 21.48 38.81 77.34
N SER E 1176 21.83 40.00 76.83
CA SER E 1176 21.00 41.19 77.00
C SER E 1176 19.69 41.08 76.22
N VAL E 1177 19.77 40.71 74.94
CA VAL E 1177 18.59 40.71 74.09
C VAL E 1177 17.59 39.66 74.55
N TYR E 1178 18.06 38.45 74.87
CA TYR E 1178 17.16 37.39 75.29
C TYR E 1178 16.57 37.70 76.67
N ASP E 1179 17.39 38.24 77.57
CA ASP E 1179 16.91 38.60 78.89
C ASP E 1179 15.87 39.71 78.83
N GLN E 1180 16.06 40.67 77.93
CA GLN E 1180 15.10 41.75 77.77
C GLN E 1180 13.89 41.35 76.93
N LEU E 1181 13.96 40.21 76.24
CA LEU E 1181 12.87 39.80 75.37
C LEU E 1181 11.90 38.82 76.00
N VAL E 1182 12.38 37.84 76.78
CA VAL E 1182 11.46 36.84 77.34
C VAL E 1182 10.53 37.45 78.38
N ASN E 1183 11.04 38.36 79.22
CA ASN E 1183 10.17 38.99 80.21
C ASN E 1183 9.11 39.85 79.54
N LYS E 1184 9.48 40.53 78.45
CA LYS E 1184 8.49 41.27 77.67
C LYS E 1184 7.47 40.34 77.04
N LEU E 1185 7.91 39.16 76.60
CA LEU E 1185 6.99 38.17 76.05
C LEU E 1185 5.99 37.71 77.10
N LEU E 1186 6.44 37.50 78.33
CA LEU E 1186 5.51 37.05 79.37
C LEU E 1186 4.60 38.17 79.86
N ASN E 1187 5.07 39.42 79.84
CA ASN E 1187 4.19 40.54 80.22
C ASN E 1187 3.45 41.13 79.02
N ASN E 1188 3.50 40.46 77.87
CA ASN E 1188 2.70 40.81 76.69
C ASN E 1188 3.03 42.20 76.15
N GLU E 1189 4.29 42.35 75.73
CA GLU E 1189 4.73 43.55 75.02
C GLU E 1189 5.80 43.11 74.04
N CYS E 1190 5.41 42.88 72.79
CA CYS E 1190 6.31 42.33 71.78
C CYS E 1190 6.80 43.44 70.86
N LEU E 1191 8.12 43.52 70.72
CA LEU E 1191 8.75 44.51 69.83
C LEU E 1191 9.71 43.79 68.89
N PRO E 1192 9.40 43.74 67.58
CA PRO E 1192 10.30 43.17 66.56
C PRO E 1192 11.69 43.80 66.56
N LYS E 1217 37.61 52.98 22.10
CA LYS E 1217 37.64 53.98 21.04
C LYS E 1217 39.00 54.03 20.35
N LEU E 1218 39.40 55.22 19.91
CA LEU E 1218 40.63 55.38 19.15
C LEU E 1218 41.58 56.32 19.87
N PRO E 1219 42.67 55.80 20.44
CA PRO E 1219 43.67 56.65 21.10
C PRO E 1219 44.55 57.37 20.08
N VAL E 1220 45.50 58.13 20.58
CA VAL E 1220 46.45 58.85 19.72
C VAL E 1220 47.63 57.91 19.49
N ASN E 1221 47.45 57.00 18.54
CA ASN E 1221 48.51 56.07 18.15
C ASN E 1221 48.56 55.84 16.65
N GLN E 1222 47.95 56.70 15.84
CA GLN E 1222 47.85 56.51 14.40
C GLN E 1222 49.18 56.68 13.68
N ASN E 1223 50.23 57.16 14.34
CA ASN E 1223 51.52 57.31 13.68
C ASN E 1223 52.12 55.96 13.31
N ILE E 1224 51.86 54.92 14.12
CA ILE E 1224 52.32 53.59 13.74
C ILE E 1224 51.56 53.08 12.54
N LEU E 1225 50.28 53.47 12.40
CA LEU E 1225 49.55 53.13 11.17
C LEU E 1225 50.16 53.85 9.98
N LYS E 1226 50.53 55.13 10.16
CA LYS E 1226 51.12 55.89 9.06
C LYS E 1226 52.44 55.29 8.60
N ASN E 1227 53.31 54.92 9.54
CA ASN E 1227 54.58 54.32 9.16
C ASN E 1227 54.45 52.84 8.81
N ALA E 1228 53.33 52.20 9.13
CA ALA E 1228 53.05 50.89 8.58
C ALA E 1228 52.61 50.97 7.13
N TRP E 1229 51.89 52.04 6.77
CA TRP E 1229 51.56 52.27 5.37
C TRP E 1229 52.80 52.60 4.57
N TYR E 1230 53.47 53.70 4.93
CA TYR E 1230 54.49 54.31 4.08
C TYR E 1230 55.79 53.52 4.16
N CYS E 1231 55.79 52.36 3.50
CA CYS E 1231 57.04 51.60 3.35
C CYS E 1231 57.69 51.93 2.00
N SER E 1232 57.04 51.56 0.90
CA SER E 1232 57.52 51.80 -0.46
C SER E 1232 58.91 51.25 -0.70
N GLN E 1233 59.18 50.04 -0.21
CA GLN E 1233 60.36 49.28 -0.61
C GLN E 1233 59.97 47.85 -0.98
N GLN E 1234 58.93 47.72 -1.80
CA GLN E 1234 58.40 46.41 -2.17
C GLN E 1234 59.01 46.00 -3.50
N LYS E 1235 59.69 44.85 -3.52
CA LYS E 1235 60.29 44.33 -4.74
C LYS E 1235 59.46 43.22 -5.37
N THR E 1236 59.20 42.14 -4.64
CA THR E 1236 58.52 40.97 -5.19
C THR E 1236 57.54 40.43 -4.16
N LYS E 1237 57.07 39.19 -4.40
CA LYS E 1237 56.12 38.55 -3.49
C LYS E 1237 56.70 38.37 -2.10
N GLU E 1238 58.02 38.15 -2.00
CA GLU E 1238 58.71 38.12 -0.72
C GLU E 1238 58.81 39.50 -0.08
N ASP E 1239 58.17 40.50 -0.66
CA ASP E 1239 57.80 41.74 0.00
C ASP E 1239 56.30 41.87 0.20
N TRP E 1240 55.51 41.38 -0.76
CA TRP E 1240 54.08 41.63 -0.74
C TRP E 1240 53.36 40.83 0.35
N GLN E 1241 53.76 39.58 0.60
CA GLN E 1241 53.10 38.83 1.67
C GLN E 1241 53.36 39.46 3.03
N GLU E 1242 54.60 39.88 3.31
CA GLU E 1242 54.78 40.52 4.61
C GLU E 1242 54.27 41.96 4.62
N TRP E 1243 54.02 42.56 3.45
CA TRP E 1243 53.24 43.80 3.43
C TRP E 1243 51.82 43.55 3.90
N ILE E 1244 51.21 42.47 3.43
CA ILE E 1244 49.87 42.10 3.87
C ILE E 1244 49.85 41.82 5.38
N ARG E 1245 50.88 41.11 5.86
CA ARG E 1245 50.98 40.89 7.31
C ARG E 1245 51.14 42.21 8.06
N ARG E 1246 52.06 43.05 7.61
CA ARG E 1246 52.40 44.30 8.28
C ARG E 1246 51.30 45.34 8.18
N LEU E 1247 50.27 45.09 7.37
CA LEU E 1247 49.04 45.87 7.50
C LEU E 1247 48.00 45.19 8.39
N SER E 1248 47.65 43.94 8.08
CA SER E 1248 46.48 43.31 8.70
C SER E 1248 46.72 42.91 10.15
N ILE E 1249 47.96 42.84 10.60
CA ILE E 1249 48.21 42.52 12.01
C ILE E 1249 47.75 43.67 12.89
N GLN E 1250 48.12 44.90 12.55
CA GLN E 1250 47.86 46.04 13.43
C GLN E 1250 46.80 46.99 12.88
N LEU E 1251 46.08 46.62 11.82
CA LEU E 1251 44.86 47.37 11.51
C LEU E 1251 43.85 47.29 12.64
N LEU E 1252 43.93 46.28 13.50
CA LEU E 1252 42.91 46.00 14.49
C LEU E 1252 43.25 46.48 15.90
N LYS E 1253 44.50 46.86 16.17
CA LYS E 1253 44.76 47.52 17.45
C LYS E 1253 44.40 49.00 17.43
N GLU E 1254 44.03 49.56 16.28
CA GLU E 1254 43.69 50.97 16.19
C GLU E 1254 42.39 51.07 15.40
N SER E 1255 41.26 50.94 16.09
CA SER E 1255 39.95 51.04 15.49
C SER E 1255 38.99 51.50 16.57
N PRO E 1256 38.11 52.47 16.28
CA PRO E 1256 37.21 52.98 17.32
C PRO E 1256 36.03 52.06 17.57
N SER E 1257 36.30 50.79 17.86
CA SER E 1257 35.26 49.81 18.14
C SER E 1257 35.88 48.65 18.87
N ALA E 1258 35.35 48.34 20.06
CA ALA E 1258 35.91 47.25 20.86
C ALA E 1258 35.77 45.91 20.17
N CYS E 1259 34.74 45.75 19.34
CA CYS E 1259 34.51 44.49 18.63
C CYS E 1259 35.65 44.18 17.67
N LEU E 1260 36.12 45.16 16.92
CA LEU E 1260 37.30 44.96 16.09
C LEU E 1260 38.58 45.00 16.90
N ARG E 1261 38.59 45.73 18.02
CA ARG E 1261 39.80 45.84 18.82
C ARG E 1261 40.17 44.51 19.47
N SER E 1262 39.18 43.76 19.94
CA SER E 1262 39.45 42.55 20.71
C SER E 1262 39.71 41.32 19.87
N CYS E 1263 39.48 41.37 18.56
CA CYS E 1263 39.73 40.22 17.70
C CYS E 1263 41.17 40.14 17.22
N SER E 1264 42.00 41.10 17.61
CA SER E 1264 43.33 41.25 17.04
C SER E 1264 44.24 40.08 17.40
N SER E 1265 44.15 39.58 18.63
CA SER E 1265 45.01 38.46 19.04
C SER E 1265 44.67 37.20 18.26
N LEU E 1266 43.38 36.92 18.06
CA LEU E 1266 42.98 35.77 17.29
C LEU E 1266 43.33 35.96 15.82
N VAL E 1267 43.28 37.19 15.32
CA VAL E 1267 43.72 37.47 13.95
C VAL E 1267 45.22 37.21 13.82
N SER E 1268 46.01 37.63 14.81
CA SER E 1268 47.45 37.42 14.75
C SER E 1268 47.80 35.94 14.81
N VAL E 1269 47.06 35.16 15.61
CA VAL E 1269 47.40 33.75 15.75
C VAL E 1269 46.80 32.89 14.65
N TYR E 1270 45.74 33.35 13.98
CA TYR E 1270 45.02 32.52 13.03
C TYR E 1270 45.15 33.13 11.64
N TYR E 1271 45.42 32.28 10.64
CA TYR E 1271 45.83 32.79 9.32
C TYR E 1271 44.70 33.45 8.54
N PRO E 1272 43.60 32.78 8.19
CA PRO E 1272 42.67 33.36 7.23
C PRO E 1272 41.59 34.28 7.80
N LEU E 1273 41.57 34.53 9.11
CA LEU E 1273 40.49 35.33 9.67
C LEU E 1273 40.60 36.80 9.25
N ALA E 1274 41.82 37.29 9.01
CA ALA E 1274 42.04 38.70 8.75
C ALA E 1274 41.37 39.18 7.46
N ARG E 1275 41.14 38.28 6.50
CA ARG E 1275 40.54 38.69 5.24
C ARG E 1275 39.11 39.16 5.42
N GLU E 1276 38.35 38.50 6.28
CA GLU E 1276 36.98 38.94 6.54
C GLU E 1276 36.96 40.29 7.25
N LEU E 1277 37.85 40.50 8.22
CA LEU E 1277 37.89 41.76 8.94
C LEU E 1277 38.58 42.87 8.18
N PHE E 1278 39.20 42.57 7.04
CA PHE E 1278 40.00 43.55 6.31
C PHE E 1278 39.17 44.75 5.87
N ASN E 1279 38.03 44.51 5.21
CA ASN E 1279 37.22 45.60 4.69
C ASN E 1279 36.63 46.43 5.82
N ALA E 1280 36.12 45.78 6.87
CA ALA E 1280 35.51 46.49 7.98
C ALA E 1280 36.54 47.33 8.72
N SER E 1281 37.74 46.78 8.93
CA SER E 1281 38.80 47.54 9.58
C SER E 1281 39.24 48.71 8.73
N PHE E 1282 39.33 48.53 7.41
CA PHE E 1282 39.72 49.62 6.54
C PHE E 1282 38.70 50.75 6.60
N SER E 1283 37.42 50.41 6.57
CA SER E 1283 36.38 51.43 6.69
C SER E 1283 36.45 52.14 8.04
N SER E 1284 36.61 51.36 9.12
CA SER E 1284 36.57 51.93 10.47
C SER E 1284 37.77 52.83 10.73
N CYS E 1285 38.93 52.51 10.15
CA CYS E 1285 40.06 53.42 10.27
C CYS E 1285 39.87 54.65 9.38
N TRP E 1286 39.40 54.45 8.14
CA TRP E 1286 39.30 55.55 7.18
C TRP E 1286 38.31 56.61 7.61
N VAL E 1287 37.22 56.22 8.28
CA VAL E 1287 36.22 57.21 8.68
C VAL E 1287 36.80 58.19 9.70
N GLU E 1288 37.72 57.74 10.54
CA GLU E 1288 38.26 58.64 11.55
C GLU E 1288 39.54 59.35 11.11
N LEU E 1289 40.42 58.65 10.39
CA LEU E 1289 41.78 59.15 10.21
C LEU E 1289 41.80 60.36 9.27
N GLN E 1290 42.87 61.15 9.39
CA GLN E 1290 42.91 62.52 8.89
C GLN E 1290 43.28 62.57 7.40
N THR E 1291 43.06 63.74 6.82
CA THR E 1291 43.14 63.89 5.36
C THR E 1291 44.57 63.80 4.85
N SER E 1292 45.51 64.49 5.53
CA SER E 1292 46.89 64.49 5.09
C SER E 1292 47.52 63.10 5.20
N TYR E 1293 46.89 62.21 5.95
CA TYR E 1293 47.40 60.87 6.10
C TYR E 1293 46.67 59.88 5.20
N GLN E 1294 45.38 60.13 4.92
CA GLN E 1294 44.71 59.29 3.95
C GLN E 1294 45.22 59.55 2.54
N GLU E 1295 45.69 60.77 2.26
CA GLU E 1295 46.31 61.00 0.95
C GLU E 1295 47.62 60.23 0.85
N ASP E 1296 48.35 60.11 1.97
CA ASP E 1296 49.52 59.25 2.00
C ASP E 1296 49.14 57.79 1.75
N LEU E 1297 48.04 57.35 2.35
CA LEU E 1297 47.54 56.00 2.11
C LEU E 1297 47.22 55.78 0.64
N ILE E 1298 46.58 56.77 0.00
CA ILE E 1298 46.24 56.65 -1.41
C ILE E 1298 47.50 56.60 -2.28
N GLN E 1299 48.46 57.48 -2.01
CA GLN E 1299 49.65 57.51 -2.86
C GLN E 1299 50.52 56.28 -2.63
N ALA E 1300 50.44 55.67 -1.45
CA ALA E 1300 51.11 54.39 -1.25
C ALA E 1300 50.37 53.28 -1.96
N LEU E 1301 49.04 53.28 -1.88
CA LEU E 1301 48.26 52.19 -2.45
C LEU E 1301 48.30 52.18 -3.96
N CYS E 1302 48.37 53.35 -4.59
CA CYS E 1302 48.46 53.37 -6.05
C CYS E 1302 49.78 52.81 -6.53
N LYS E 1303 50.89 53.15 -5.84
CA LYS E 1303 52.16 52.53 -6.19
C LYS E 1303 52.14 51.04 -5.93
N ALA E 1304 51.45 50.62 -4.86
CA ALA E 1304 51.31 49.18 -4.60
C ALA E 1304 50.57 48.49 -5.73
N LEU E 1305 49.51 49.11 -6.22
CA LEU E 1305 48.72 48.52 -7.31
C LEU E 1305 49.39 48.64 -8.66
N SER E 1306 50.36 49.54 -8.82
CA SER E 1306 50.99 49.76 -10.11
C SER E 1306 52.33 49.05 -10.26
N SER E 1307 53.28 49.34 -9.37
CA SER E 1307 54.64 48.86 -9.52
C SER E 1307 54.82 47.47 -8.90
N SER E 1308 55.92 46.82 -9.27
CA SER E 1308 56.28 45.47 -8.81
C SER E 1308 55.17 44.47 -9.10
N GLU E 1309 54.91 44.27 -10.39
CA GLU E 1309 53.73 43.54 -10.82
C GLU E 1309 53.93 42.03 -10.72
N ASN E 1310 54.34 41.56 -9.54
CA ASN E 1310 54.41 40.11 -9.29
C ASN E 1310 53.04 39.53 -8.89
N PRO E 1311 52.34 40.02 -7.87
CA PRO E 1311 51.14 39.30 -7.43
C PRO E 1311 49.88 39.81 -8.13
N PRO E 1312 49.10 38.91 -8.72
CA PRO E 1312 47.78 39.31 -9.20
C PRO E 1312 46.72 39.24 -8.10
N GLU E 1313 46.92 38.37 -7.11
CA GLU E 1313 45.90 38.19 -6.07
C GLU E 1313 45.83 39.40 -5.15
N ILE E 1314 46.96 40.06 -4.89
CA ILE E 1314 46.94 41.24 -4.05
C ILE E 1314 46.25 42.39 -4.77
N TYR E 1315 46.49 42.51 -6.09
CA TYR E 1315 45.79 43.49 -6.90
C TYR E 1315 44.29 43.23 -6.87
N GLN E 1316 43.90 41.96 -6.99
CA GLN E 1316 42.48 41.61 -6.93
C GLN E 1316 41.89 41.99 -5.57
N MET E 1317 42.65 41.75 -4.49
CA MET E 1317 42.16 42.08 -3.16
C MET E 1317 41.95 43.58 -3.00
N LEU E 1318 42.88 44.40 -3.51
CA LEU E 1318 42.72 45.84 -3.35
C LEU E 1318 41.64 46.41 -4.27
N LEU E 1319 41.46 45.84 -5.46
CA LEU E 1319 40.33 46.24 -6.30
C LEU E 1319 39.01 45.86 -5.64
N ASN E 1320 38.96 44.71 -4.97
CA ASN E 1320 37.76 44.36 -4.21
C ASN E 1320 37.57 45.32 -3.03
N LEU E 1321 38.65 45.79 -2.43
CA LEU E 1321 38.56 46.80 -1.38
C LEU E 1321 37.93 48.08 -1.89
N VAL E 1322 38.43 48.60 -3.00
CA VAL E 1322 37.88 49.86 -3.51
C VAL E 1322 36.45 49.64 -4.01
N GLU E 1323 36.15 48.44 -4.50
CA GLU E 1323 34.77 48.09 -4.85
C GLU E 1323 33.85 48.18 -3.65
N PHE E 1324 34.26 47.58 -2.53
CA PHE E 1324 33.44 47.61 -1.32
C PHE E 1324 33.28 49.04 -0.79
N MET E 1325 34.37 49.81 -0.80
CA MET E 1325 34.34 51.16 -0.27
C MET E 1325 33.42 52.06 -1.10
N GLU E 1326 33.58 52.04 -2.41
CA GLU E 1326 32.68 52.78 -3.29
C GLU E 1326 31.26 52.24 -3.23
N HIS E 1327 31.10 50.96 -2.94
CA HIS E 1327 29.77 50.38 -2.84
C HIS E 1327 29.02 50.93 -1.65
N ASP E 1328 29.69 51.06 -0.50
CA ASP E 1328 28.93 51.45 0.68
C ASP E 1328 29.13 52.91 1.09
N ASP E 1329 30.35 53.35 1.35
CA ASP E 1329 30.57 54.59 2.10
C ASP E 1329 31.80 55.31 1.57
N LYS E 1330 31.65 56.61 1.28
CA LYS E 1330 32.70 57.60 0.99
C LYS E 1330 33.80 57.03 0.09
N PRO E 1331 33.55 56.88 -1.21
CA PRO E 1331 34.54 56.29 -2.11
C PRO E 1331 35.85 57.06 -2.11
N LEU E 1332 36.94 56.32 -2.24
CA LEU E 1332 38.27 56.90 -2.12
C LEU E 1332 38.54 57.87 -3.28
N PRO E 1333 38.99 59.08 -3.00
CA PRO E 1333 39.13 60.12 -4.04
C PRO E 1333 40.31 59.90 -4.97
N ILE E 1334 40.36 58.75 -5.61
CA ILE E 1334 41.38 58.49 -6.62
C ILE E 1334 40.75 58.78 -7.98
N PRO E 1335 41.53 59.22 -8.97
CA PRO E 1335 40.93 59.55 -10.26
C PRO E 1335 40.54 58.31 -11.03
N ILE E 1336 39.36 58.38 -11.68
CA ILE E 1336 38.84 57.26 -12.43
C ILE E 1336 39.73 56.94 -13.62
N HIS E 1337 40.44 57.94 -14.14
CA HIS E 1337 41.33 57.74 -15.28
C HIS E 1337 42.44 56.77 -14.94
N THR E 1338 43.08 56.95 -13.79
CA THR E 1338 44.09 55.98 -13.39
C THR E 1338 43.46 54.74 -12.78
N LEU E 1339 42.22 54.82 -12.31
CA LEU E 1339 41.56 53.64 -11.76
C LEU E 1339 41.27 52.63 -12.85
N GLY E 1340 40.97 53.11 -14.06
CA GLY E 1340 40.50 52.22 -15.11
C GLY E 1340 41.53 51.20 -15.56
N LYS E 1341 42.77 51.66 -15.76
CA LYS E 1341 43.77 50.79 -16.37
C LYS E 1341 44.23 49.68 -15.43
N TYR E 1342 44.05 49.84 -14.11
CA TYR E 1342 44.46 48.80 -13.17
C TYR E 1342 43.67 47.53 -13.39
N ALA E 1343 42.37 47.65 -13.70
CA ALA E 1343 41.55 46.48 -13.95
C ALA E 1343 42.02 45.72 -15.19
N GLN E 1344 42.37 46.44 -16.26
CA GLN E 1344 42.91 45.79 -17.44
C GLN E 1344 44.26 45.15 -17.15
N LYS E 1345 45.10 45.80 -16.35
CA LYS E 1345 46.41 45.25 -16.02
C LYS E 1345 46.26 43.97 -15.19
N CYS E 1346 45.28 43.93 -14.29
CA CYS E 1346 44.98 42.75 -13.51
C CYS E 1346 44.04 41.79 -14.23
N HIS E 1347 43.68 42.11 -15.47
CA HIS E 1347 42.73 41.32 -16.27
C HIS E 1347 41.38 41.19 -15.56
N ALA E 1348 40.96 42.28 -14.91
CA ALA E 1348 39.63 42.36 -14.29
C ALA E 1348 38.72 43.10 -15.28
N PHE E 1349 38.32 42.38 -16.33
CA PHE E 1349 37.55 42.98 -17.41
C PHE E 1349 36.16 43.39 -16.95
N ALA E 1350 35.59 42.63 -16.01
CA ALA E 1350 34.30 42.97 -15.43
C ALA E 1350 34.33 44.34 -14.78
N LYS E 1351 35.36 44.59 -13.96
CA LYS E 1351 35.54 45.91 -13.38
C LYS E 1351 35.81 46.93 -14.47
N ALA E 1352 36.63 46.55 -15.46
CA ALA E 1352 37.14 47.50 -16.44
C ALA E 1352 36.02 48.11 -17.26
N LEU E 1353 35.04 47.30 -17.66
CA LEU E 1353 33.93 47.83 -18.45
C LEU E 1353 33.18 48.91 -17.67
N HIS E 1354 32.90 48.64 -16.39
CA HIS E 1354 32.15 49.58 -15.56
C HIS E 1354 32.91 50.87 -15.36
N TYR E 1355 34.16 50.79 -14.92
CA TYR E 1355 34.87 52.06 -14.72
C TYR E 1355 35.43 52.67 -15.99
N LYS E 1356 35.25 52.05 -17.15
CA LYS E 1356 35.56 52.73 -18.39
C LYS E 1356 34.37 53.44 -18.98
N GLU E 1357 33.17 52.90 -18.79
CA GLU E 1357 31.98 53.52 -19.37
C GLU E 1357 31.71 54.89 -18.76
N VAL E 1358 31.93 55.03 -17.45
CA VAL E 1358 31.68 56.31 -16.79
C VAL E 1358 32.59 57.40 -17.37
N GLU E 1359 33.83 57.05 -17.71
CA GLU E 1359 34.71 58.01 -18.35
C GLU E 1359 34.27 58.29 -19.78
N PHE E 1360 33.84 57.24 -20.50
CA PHE E 1360 33.49 57.41 -21.91
C PHE E 1360 32.26 58.31 -22.08
N LEU E 1361 31.24 58.12 -21.24
CA LEU E 1361 29.92 58.68 -21.53
C LEU E 1361 29.92 60.21 -21.50
N GLU E 1362 30.77 60.81 -20.66
CA GLU E 1362 30.84 62.27 -20.62
C GLU E 1362 31.55 62.83 -21.85
N GLU E 1363 32.66 62.21 -22.26
CA GLU E 1363 33.37 62.69 -23.44
C GLU E 1363 34.17 61.54 -24.04
N PRO E 1364 34.01 61.24 -25.33
CA PRO E 1364 34.89 60.28 -25.99
C PRO E 1364 36.05 60.81 -26.81
N LYS E 1365 37.00 59.93 -27.12
CA LYS E 1365 38.06 60.20 -28.08
C LYS E 1365 38.65 58.86 -28.53
N ASN E 1366 39.69 58.94 -29.36
CA ASN E 1366 40.13 57.83 -30.19
C ASN E 1366 40.51 56.60 -29.35
N SER E 1367 41.56 56.75 -28.53
CA SER E 1367 42.06 55.60 -27.78
C SER E 1367 41.07 55.15 -26.71
N THR E 1368 40.25 56.07 -26.20
CA THR E 1368 39.22 55.69 -25.24
C THR E 1368 38.20 54.73 -25.87
N ILE E 1369 37.63 55.11 -27.02
CA ILE E 1369 36.63 54.24 -27.62
C ILE E 1369 37.28 52.99 -28.20
N GLU E 1370 38.55 53.09 -28.61
CA GLU E 1370 39.30 51.88 -28.97
C GLU E 1370 39.41 50.93 -27.79
N ALA E 1371 39.68 51.47 -26.60
CA ALA E 1371 39.76 50.65 -25.40
C ALA E 1371 38.43 50.01 -25.08
N LEU E 1372 37.34 50.78 -25.21
CA LEU E 1372 36.02 50.20 -24.99
C LEU E 1372 35.72 49.06 -25.96
N ILE E 1373 36.07 49.23 -27.24
CA ILE E 1373 35.88 48.15 -28.20
C ILE E 1373 36.71 46.93 -27.81
N SER E 1374 37.97 47.16 -27.42
CA SER E 1374 38.86 46.05 -27.06
C SER E 1374 38.33 45.29 -25.85
N ILE E 1375 37.87 46.01 -24.83
CA ILE E 1375 37.29 45.38 -23.65
C ILE E 1375 36.02 44.63 -24.05
N ASN E 1376 35.24 45.19 -24.97
CA ASN E 1376 34.02 44.53 -25.41
C ASN E 1376 34.30 43.22 -26.13
N ASN E 1377 35.46 43.12 -26.80
CA ASN E 1377 35.79 41.87 -27.48
C ASN E 1377 35.89 40.70 -26.51
N GLN E 1378 36.52 40.90 -25.35
CA GLN E 1378 36.59 39.83 -24.37
C GLN E 1378 35.39 39.79 -23.43
N LEU E 1379 34.58 40.85 -23.37
CA LEU E 1379 33.29 40.73 -22.70
C LEU E 1379 32.23 40.07 -23.56
N HIS E 1380 32.51 39.86 -24.84
CA HIS E 1380 31.74 39.06 -25.79
C HIS E 1380 30.42 39.68 -26.20
N GLN E 1381 30.04 40.85 -25.68
CA GLN E 1381 28.84 41.52 -26.17
C GLN E 1381 29.17 42.19 -27.51
N THR E 1382 29.12 41.36 -28.56
CA THR E 1382 29.32 41.88 -29.91
C THR E 1382 28.22 42.84 -30.31
N ASP E 1383 26.99 42.64 -29.81
CA ASP E 1383 25.92 43.59 -30.09
C ASP E 1383 26.22 44.95 -29.49
N SER E 1384 26.74 44.97 -28.26
CA SER E 1384 27.15 46.24 -27.68
C SER E 1384 28.37 46.81 -28.36
N ALA E 1385 29.21 45.96 -28.95
CA ALA E 1385 30.32 46.46 -29.78
C ALA E 1385 29.79 47.17 -31.02
N ILE E 1386 28.78 46.58 -31.66
CA ILE E 1386 28.13 47.24 -32.80
C ILE E 1386 27.50 48.55 -32.34
N GLY E 1387 26.92 48.56 -31.14
CA GLY E 1387 26.33 49.78 -30.63
C GLY E 1387 27.35 50.87 -30.36
N ILE E 1388 28.51 50.52 -29.80
CA ILE E 1388 29.52 51.53 -29.53
C ILE E 1388 30.14 52.01 -30.84
N LEU E 1389 30.27 51.15 -31.85
CA LEU E 1389 30.66 51.61 -33.17
C LEU E 1389 29.64 52.59 -33.74
N LYS E 1390 28.35 52.30 -33.56
CA LYS E 1390 27.30 53.16 -34.08
C LYS E 1390 27.33 54.52 -33.38
N HIS E 1391 27.54 54.53 -32.07
CA HIS E 1391 27.63 55.78 -31.33
C HIS E 1391 28.85 56.60 -31.76
N ALA E 1392 29.98 55.94 -31.99
CA ALA E 1392 31.12 56.64 -32.55
C ALA E 1392 30.84 57.14 -33.96
N GLN E 1393 29.98 56.43 -34.70
CA GLN E 1393 29.68 56.82 -36.08
C GLN E 1393 28.85 58.09 -36.15
N GLN E 1394 27.78 58.19 -35.35
CA GLN E 1394 26.95 59.38 -35.40
C GLN E 1394 26.96 60.18 -34.10
N HIS E 1395 28.09 60.19 -33.39
CA HIS E 1395 28.25 61.11 -32.28
C HIS E 1395 29.38 62.11 -32.49
N ASN E 1396 30.44 61.70 -33.18
CA ASN E 1396 31.56 62.58 -33.49
C ASN E 1396 31.83 62.65 -34.99
N GLU E 1397 31.69 61.52 -35.69
CA GLU E 1397 31.90 61.33 -37.13
C GLU E 1397 33.13 62.06 -37.67
N LEU E 1398 34.21 62.07 -36.88
CA LEU E 1398 35.44 62.72 -37.30
C LEU E 1398 36.69 61.90 -37.00
N GLN E 1399 36.60 60.82 -36.24
CA GLN E 1399 37.76 60.04 -35.81
C GLN E 1399 37.60 58.58 -36.15
N LEU E 1400 37.14 58.28 -37.37
CA LEU E 1400 36.92 56.91 -37.78
C LEU E 1400 38.25 56.17 -37.93
N LYS E 1401 38.33 54.98 -37.35
CA LYS E 1401 39.51 54.13 -37.44
C LYS E 1401 39.14 52.81 -38.10
N GLU E 1402 39.93 52.41 -39.09
CA GLU E 1402 39.67 51.20 -39.87
C GLU E 1402 40.02 49.93 -39.11
N THR E 1403 40.80 50.04 -38.03
CA THR E 1403 41.07 48.88 -37.19
C THR E 1403 39.79 48.35 -36.54
N TRP E 1404 38.81 49.23 -36.30
CA TRP E 1404 37.52 48.77 -35.79
C TRP E 1404 36.85 47.85 -36.79
N TYR E 1405 36.84 48.24 -38.07
CA TYR E 1405 36.28 47.40 -39.11
C TYR E 1405 37.03 46.08 -39.20
N GLU E 1406 38.36 46.14 -39.16
CA GLU E 1406 39.18 44.93 -39.26
C GLU E 1406 38.91 43.97 -38.11
N LYS E 1407 38.78 44.50 -36.89
CA LYS E 1407 38.60 43.67 -35.71
C LYS E 1407 37.14 43.34 -35.40
N LEU E 1408 36.19 43.94 -36.10
CA LEU E 1408 34.79 43.64 -35.86
C LEU E 1408 34.04 43.36 -37.15
N GLN E 1409 34.74 42.84 -38.16
CA GLN E 1409 34.15 42.16 -39.31
C GLN E 1409 33.28 43.11 -40.14
N ARG E 1410 33.93 44.14 -40.67
CA ARG E 1410 33.32 45.03 -41.65
C ARG E 1410 34.15 44.96 -42.92
N TRP E 1411 34.40 43.73 -43.38
CA TRP E 1411 35.46 43.45 -44.34
C TRP E 1411 35.28 44.17 -45.66
N GLU E 1412 34.04 44.26 -46.17
CA GLU E 1412 33.83 44.92 -47.45
C GLU E 1412 34.10 46.43 -47.35
N ASP E 1413 33.66 47.05 -46.25
CA ASP E 1413 33.93 48.47 -46.04
C ASP E 1413 35.42 48.73 -45.86
N ALA E 1414 36.11 47.85 -45.12
CA ALA E 1414 37.55 47.98 -44.96
C ALA E 1414 38.26 47.83 -46.31
N LEU E 1415 37.81 46.87 -47.13
CA LEU E 1415 38.39 46.68 -48.46
C LEU E 1415 38.26 47.94 -49.29
N ALA E 1416 37.04 48.49 -49.34
CA ALA E 1416 36.82 49.71 -50.10
C ALA E 1416 37.68 50.85 -49.59
N ALA E 1417 37.63 51.10 -48.28
CA ALA E 1417 38.39 52.20 -47.68
C ALA E 1417 39.88 52.05 -47.94
N TYR E 1418 40.39 50.82 -47.94
CA TYR E 1418 41.78 50.60 -48.33
C TYR E 1418 42.02 50.95 -49.80
N ASN E 1419 41.06 50.65 -50.68
CA ASN E 1419 41.21 51.04 -52.08
C ASN E 1419 41.34 52.56 -52.22
N GLU E 1420 40.39 53.32 -51.65
CA GLU E 1420 40.51 54.77 -51.79
C GLU E 1420 41.69 55.34 -51.00
N LYS E 1421 42.07 54.72 -49.89
CA LYS E 1421 43.19 55.26 -49.12
C LYS E 1421 44.51 55.05 -49.85
N GLU E 1422 44.67 53.92 -50.53
CA GLU E 1422 45.85 53.71 -51.36
C GLU E 1422 45.81 54.60 -52.60
N ALA E 1423 44.62 54.82 -53.16
CA ALA E 1423 44.50 55.66 -54.34
C ALA E 1423 44.86 57.11 -54.03
N ALA E 1424 44.41 57.63 -52.89
CA ALA E 1424 44.60 59.03 -52.57
C ALA E 1424 45.86 59.27 -51.72
N GLY E 1425 45.94 58.64 -50.56
CA GLY E 1425 47.02 58.87 -49.63
C GLY E 1425 48.31 58.19 -50.05
N GLU E 1426 49.29 58.26 -49.16
CA GLU E 1426 50.64 57.79 -49.44
C GLU E 1426 50.71 56.27 -49.30
N ASP E 1427 51.93 55.74 -49.31
CA ASP E 1427 52.18 54.30 -49.36
C ASP E 1427 52.69 53.86 -47.99
N SER E 1428 52.08 52.81 -47.43
CA SER E 1428 52.43 52.37 -46.08
C SER E 1428 52.28 50.86 -45.95
N VAL E 1429 53.36 50.19 -45.55
CA VAL E 1429 53.32 48.75 -45.33
C VAL E 1429 52.32 48.40 -44.24
N GLU E 1430 52.16 49.29 -43.26
CA GLU E 1430 51.18 49.10 -42.20
C GLU E 1430 49.75 49.05 -42.71
N VAL E 1431 49.48 49.58 -43.91
CA VAL E 1431 48.15 49.50 -44.47
C VAL E 1431 48.05 48.45 -45.60
N MET E 1432 49.16 48.15 -46.30
CA MET E 1432 49.08 46.97 -47.17
C MET E 1432 48.87 45.70 -46.38
N MET E 1433 49.48 45.59 -45.20
CA MET E 1433 49.25 44.37 -44.40
C MET E 1433 47.79 44.26 -43.98
N GLY E 1434 47.17 45.38 -43.57
CA GLY E 1434 45.76 45.36 -43.27
C GLY E 1434 44.91 45.03 -44.47
N LYS E 1435 45.30 45.54 -45.64
CA LYS E 1435 44.59 45.25 -46.88
C LYS E 1435 44.66 43.76 -47.20
N LEU E 1436 45.84 43.16 -47.02
CA LEU E 1436 46.02 41.73 -47.25
C LEU E 1436 45.18 40.90 -46.30
N ARG E 1437 45.17 41.23 -45.00
CA ARG E 1437 44.36 40.41 -44.11
C ARG E 1437 42.87 40.63 -44.33
N SER E 1438 42.47 41.84 -44.75
CA SER E 1438 41.08 42.11 -45.05
C SER E 1438 40.59 41.26 -46.22
N LEU E 1439 41.31 41.30 -47.34
CA LEU E 1439 40.84 40.48 -48.46
C LEU E 1439 41.31 39.02 -48.35
N TYR E 1440 42.05 38.68 -47.30
CA TYR E 1440 42.22 37.29 -46.90
C TYR E 1440 40.97 36.77 -46.22
N ALA E 1441 40.50 37.49 -45.20
CA ALA E 1441 39.25 37.14 -44.52
C ALA E 1441 38.03 37.32 -45.40
N LEU E 1442 38.16 38.04 -46.52
CA LEU E 1442 37.07 38.14 -47.48
C LEU E 1442 36.69 36.77 -48.05
N GLY E 1443 37.64 35.84 -48.10
CA GLY E 1443 37.37 34.49 -48.56
C GLY E 1443 37.85 34.18 -49.96
N GLU E 1444 38.35 35.18 -50.69
CA GLU E 1444 38.88 34.99 -52.03
C GLU E 1444 40.40 34.96 -51.97
N TRP E 1445 41.02 34.36 -52.99
CA TRP E 1445 42.44 34.05 -52.97
C TRP E 1445 43.21 34.49 -54.21
N GLU E 1446 42.55 34.61 -55.37
CA GLU E 1446 43.25 35.02 -56.57
C GLU E 1446 43.71 36.48 -56.47
N GLU E 1447 42.91 37.33 -55.84
CA GLU E 1447 43.34 38.70 -55.63
C GLU E 1447 44.41 38.79 -54.55
N LEU E 1448 44.39 37.89 -53.57
CA LEU E 1448 45.54 37.72 -52.68
C LEU E 1448 46.81 37.45 -53.49
N SER E 1449 46.72 36.54 -54.47
CA SER E 1449 47.89 36.22 -55.29
C SER E 1449 48.35 37.44 -56.08
N LYS E 1450 47.43 38.06 -56.81
CA LYS E 1450 47.77 39.17 -57.68
C LYS E 1450 48.09 40.45 -56.92
N LEU E 1451 47.85 40.47 -55.61
CA LEU E 1451 48.24 41.61 -54.78
C LEU E 1451 49.54 41.37 -54.03
N ALA E 1452 49.78 40.14 -53.57
CA ALA E 1452 51.04 39.81 -52.91
C ALA E 1452 52.13 39.46 -53.89
N SER E 1453 51.84 39.48 -55.18
CA SER E 1453 52.89 39.27 -56.18
C SER E 1453 53.77 40.50 -56.42
N GLU E 1454 53.61 41.57 -55.64
CA GLU E 1454 54.35 42.80 -55.92
C GLU E 1454 54.89 43.45 -54.65
N LYS E 1455 55.39 42.65 -53.69
CA LYS E 1455 56.14 43.22 -52.58
C LYS E 1455 57.39 42.39 -52.27
N TRP E 1456 58.47 42.72 -52.97
CA TRP E 1456 59.82 42.33 -52.54
C TRP E 1456 60.86 43.44 -52.61
N GLY E 1457 60.65 44.48 -53.42
CA GLY E 1457 61.65 45.52 -53.60
C GLY E 1457 61.96 46.32 -52.35
N THR E 1458 60.94 46.94 -51.77
CA THR E 1458 61.08 47.68 -50.51
C THR E 1458 60.81 46.81 -49.29
N ALA E 1459 60.57 45.52 -49.48
CA ALA E 1459 60.21 44.61 -48.39
C ALA E 1459 61.46 44.30 -47.58
N LYS E 1460 61.72 45.13 -46.57
CA LYS E 1460 62.81 44.89 -45.63
C LYS E 1460 62.47 43.68 -44.76
N PRO E 1461 63.49 43.02 -44.19
CA PRO E 1461 63.27 41.68 -43.60
C PRO E 1461 62.21 41.58 -42.53
N GLU E 1462 62.05 42.59 -41.67
CA GLU E 1462 61.01 42.49 -40.65
C GLU E 1462 59.61 42.58 -41.25
N VAL E 1463 59.43 43.41 -42.28
CA VAL E 1463 58.14 43.44 -42.96
C VAL E 1463 57.94 42.15 -43.77
N LYS E 1464 59.03 41.58 -44.27
CA LYS E 1464 58.96 40.27 -44.92
C LYS E 1464 58.44 39.20 -43.97
N LYS E 1465 59.01 39.16 -42.76
CA LYS E 1465 58.53 38.20 -41.77
C LYS E 1465 57.10 38.51 -41.34
N ALA E 1466 56.71 39.78 -41.32
CA ALA E 1466 55.33 40.13 -41.02
C ALA E 1466 54.38 39.59 -42.09
N MET E 1467 54.72 39.76 -43.37
CA MET E 1467 53.81 39.39 -44.45
C MET E 1467 53.86 37.89 -44.78
N ALA E 1468 54.89 37.19 -44.31
CA ALA E 1468 55.07 35.78 -44.70
C ALA E 1468 53.88 34.86 -44.38
N PRO E 1469 53.30 34.86 -43.18
CA PRO E 1469 52.24 33.85 -42.92
C PRO E 1469 50.96 34.09 -43.71
N LEU E 1470 50.58 35.36 -43.91
CA LEU E 1470 49.39 35.65 -44.70
C LEU E 1470 49.58 35.21 -46.14
N ALA E 1471 50.77 35.45 -46.70
CA ALA E 1471 51.07 35.02 -48.06
C ALA E 1471 51.10 33.50 -48.16
N ALA E 1472 51.62 32.83 -47.13
CA ALA E 1472 51.62 31.37 -47.14
C ALA E 1472 50.21 30.81 -47.13
N GLY E 1473 49.34 31.39 -46.29
CA GLY E 1473 47.95 30.97 -46.26
C GLY E 1473 47.25 31.24 -47.58
N ALA E 1474 47.55 32.39 -48.20
CA ALA E 1474 47.01 32.69 -49.52
C ALA E 1474 47.45 31.66 -50.55
N ALA E 1475 48.72 31.28 -50.51
CA ALA E 1475 49.24 30.30 -51.46
C ALA E 1475 48.57 28.95 -51.28
N TRP E 1476 48.37 28.54 -50.02
CA TRP E 1476 47.64 27.29 -49.77
C TRP E 1476 46.21 27.39 -50.28
N GLY E 1477 45.56 28.54 -50.09
CA GLY E 1477 44.19 28.71 -50.55
C GLY E 1477 44.09 28.62 -52.07
N LEU E 1478 45.06 29.21 -52.78
CA LEU E 1478 45.06 29.11 -54.24
C LEU E 1478 45.62 27.78 -54.74
N GLU E 1479 46.15 26.95 -53.84
CA GLU E 1479 46.45 25.54 -54.10
C GLU E 1479 47.58 25.35 -55.11
N GLN E 1480 48.68 26.07 -54.90
CA GLN E 1480 49.98 25.72 -55.45
C GLN E 1480 51.01 25.79 -54.34
N TRP E 1481 51.90 24.80 -54.28
CA TRP E 1481 52.69 24.53 -53.09
C TRP E 1481 54.16 24.86 -53.23
N ASP E 1482 54.65 25.10 -54.45
CA ASP E 1482 56.07 25.36 -54.64
C ASP E 1482 56.49 26.66 -53.96
N GLU E 1483 55.69 27.71 -54.11
CA GLU E 1483 56.01 28.99 -53.48
C GLU E 1483 55.87 28.93 -51.96
N ILE E 1484 55.09 28.00 -51.43
CA ILE E 1484 54.94 27.85 -49.99
C ILE E 1484 56.29 27.52 -49.37
N ALA E 1485 57.15 26.80 -50.09
CA ALA E 1485 58.50 26.54 -49.61
C ALA E 1485 59.27 27.84 -49.42
N GLN E 1486 59.18 28.77 -50.38
CA GLN E 1486 59.87 30.04 -50.25
C GLN E 1486 59.30 30.89 -49.12
N TYR E 1487 57.98 30.93 -48.99
CA TYR E 1487 57.40 31.74 -47.91
C TYR E 1487 57.67 31.14 -46.53
N THR E 1488 57.73 29.81 -46.42
CA THR E 1488 58.14 29.21 -45.15
C THR E 1488 59.63 29.40 -44.91
N SER E 1489 60.44 29.48 -45.97
CA SER E 1489 61.85 29.77 -45.80
C SER E 1489 62.05 31.18 -45.25
N VAL E 1490 61.28 32.15 -45.75
CA VAL E 1490 61.35 33.50 -45.21
C VAL E 1490 60.50 33.67 -43.97
N MET E 1491 59.78 32.64 -43.55
CA MET E 1491 59.00 32.69 -42.33
C MET E 1491 59.94 32.67 -41.12
N LYS E 1492 59.44 33.19 -39.99
CA LYS E 1492 60.22 33.35 -38.77
C LYS E 1492 60.65 31.99 -38.20
N SER E 1493 61.49 32.04 -37.17
CA SER E 1493 62.08 30.83 -36.61
C SER E 1493 61.06 30.00 -35.84
N GLN E 1494 60.22 30.64 -35.02
CA GLN E 1494 59.35 29.93 -34.09
C GLN E 1494 57.96 30.58 -34.11
N SER E 1495 57.02 29.93 -34.80
CA SER E 1495 55.64 30.38 -34.78
C SER E 1495 54.68 29.23 -35.06
N PRO E 1496 53.64 29.07 -34.24
CA PRO E 1496 52.70 27.95 -34.42
C PRO E 1496 52.04 27.94 -35.78
N ASP E 1497 51.84 29.10 -36.38
CA ASP E 1497 51.40 29.15 -37.77
C ASP E 1497 52.42 28.49 -38.69
N LYS E 1498 53.72 28.70 -38.42
CA LYS E 1498 54.74 28.04 -39.23
C LYS E 1498 54.75 26.54 -39.01
N GLU E 1499 54.59 26.06 -37.78
CA GLU E 1499 54.49 24.61 -37.62
C GLU E 1499 53.23 24.05 -38.28
N PHE E 1500 52.11 24.77 -38.25
CA PHE E 1500 50.91 24.30 -38.92
C PHE E 1500 51.12 24.22 -40.43
N TYR E 1501 51.67 25.28 -41.03
CA TYR E 1501 51.91 25.27 -42.47
C TYR E 1501 53.00 24.28 -42.87
N ASP E 1502 53.99 24.08 -42.00
CA ASP E 1502 55.04 23.11 -42.30
C ASP E 1502 54.49 21.70 -42.24
N ALA E 1503 53.59 21.42 -41.28
CA ALA E 1503 52.90 20.14 -41.27
C ALA E 1503 52.04 19.98 -42.51
N ILE E 1504 51.43 21.07 -42.98
CA ILE E 1504 50.62 21.02 -44.19
C ILE E 1504 51.48 20.63 -45.40
N LEU E 1505 52.64 21.30 -45.55
CA LEU E 1505 53.49 21.01 -46.72
C LEU E 1505 54.13 19.63 -46.59
N CYS E 1506 54.46 19.22 -45.37
CA CYS E 1506 54.96 17.87 -45.15
C CYS E 1506 53.91 16.82 -45.51
N LEU E 1507 52.65 17.09 -45.18
CA LEU E 1507 51.58 16.19 -45.59
C LEU E 1507 51.43 16.16 -47.11
N HIS E 1508 51.57 17.33 -47.75
CA HIS E 1508 51.44 17.38 -49.20
C HIS E 1508 52.55 16.61 -49.90
N ARG E 1509 53.78 16.70 -49.37
CA ARG E 1509 54.91 15.97 -49.92
C ARG E 1509 55.03 14.59 -49.26
N ASN E 1510 54.02 14.24 -48.46
CA ASN E 1510 53.76 12.92 -47.85
C ASN E 1510 55.02 12.21 -47.35
N ASN E 1511 55.82 12.93 -46.57
CA ASN E 1511 56.85 12.29 -45.77
C ASN E 1511 56.21 11.68 -44.52
N PHE E 1512 56.80 10.59 -44.04
CA PHE E 1512 56.32 9.93 -42.84
C PHE E 1512 57.44 9.75 -41.81
N LYS E 1513 58.49 10.55 -41.88
CA LYS E 1513 59.63 10.42 -41.00
C LYS E 1513 59.83 11.63 -40.10
N LYS E 1514 59.98 12.82 -40.66
CA LYS E 1514 60.29 14.02 -39.89
C LYS E 1514 59.09 14.95 -39.72
N ALA E 1515 58.00 14.70 -40.44
CA ALA E 1515 56.74 15.39 -40.14
C ALA E 1515 56.31 15.10 -38.71
N GLU E 1516 56.54 13.87 -38.25
CA GLU E 1516 56.26 13.52 -36.86
C GLU E 1516 57.16 14.31 -35.90
N VAL E 1517 58.42 14.51 -36.28
CA VAL E 1517 59.32 15.27 -35.41
C VAL E 1517 58.88 16.73 -35.31
N HIS E 1518 58.51 17.33 -36.44
CA HIS E 1518 58.04 18.72 -36.44
C HIS E 1518 56.73 18.85 -35.67
N ILE E 1519 55.81 17.90 -35.86
CA ILE E 1519 54.53 17.99 -35.18
C ILE E 1519 54.72 17.77 -33.68
N PHE E 1520 55.71 16.95 -33.29
CA PHE E 1520 56.06 16.80 -31.87
C PHE E 1520 56.66 18.08 -31.31
N ASN E 1521 57.46 18.80 -32.12
CA ASN E 1521 57.96 20.10 -31.67
C ASN E 1521 56.81 21.06 -31.41
N ALA E 1522 55.78 21.01 -32.26
CA ALA E 1522 54.59 21.81 -32.00
C ALA E 1522 53.88 21.37 -30.72
N ARG E 1523 53.89 20.05 -30.45
CA ARG E 1523 53.35 19.56 -29.18
C ARG E 1523 54.14 20.10 -28.00
N ASP E 1524 55.46 20.23 -28.17
CA ASP E 1524 56.29 20.80 -27.13
C ASP E 1524 55.98 22.28 -26.92
N LEU E 1525 55.70 23.02 -27.99
CA LEU E 1525 55.49 24.46 -27.83
C LEU E 1525 54.12 24.75 -27.23
N LEU E 1526 53.10 23.95 -27.55
CA LEU E 1526 51.74 24.31 -27.14
C LEU E 1526 51.53 24.29 -25.63
N VAL E 1527 52.27 23.45 -24.91
CA VAL E 1527 51.89 23.09 -23.55
C VAL E 1527 51.95 24.29 -22.60
N THR E 1528 52.89 25.20 -22.81
CA THR E 1528 53.01 26.35 -21.90
C THR E 1528 51.80 27.27 -22.02
N GLU E 1529 51.30 27.53 -23.23
CA GLU E 1529 50.10 28.35 -23.33
C GLU E 1529 48.86 27.58 -22.95
N LEU E 1530 48.85 26.25 -23.10
CA LEU E 1530 47.73 25.49 -22.56
C LEU E 1530 47.65 25.64 -21.05
N SER E 1531 48.80 25.56 -20.38
CA SER E 1531 48.82 25.74 -18.93
C SER E 1531 48.43 27.16 -18.54
N ALA E 1532 48.88 28.15 -19.31
CA ALA E 1532 48.55 29.54 -19.01
C ALA E 1532 47.07 29.82 -19.20
N LEU E 1533 46.45 29.23 -20.23
CA LEU E 1533 45.09 29.59 -20.63
C LEU E 1533 44.07 28.54 -20.21
N VAL E 1534 44.22 27.96 -19.02
CA VAL E 1534 43.28 26.96 -18.54
C VAL E 1534 42.45 27.45 -17.35
N ASN E 1535 42.91 28.48 -16.63
CA ASN E 1535 42.21 28.90 -15.41
C ASN E 1535 41.08 29.88 -15.68
N GLU E 1536 40.95 30.40 -16.90
CA GLU E 1536 39.86 31.32 -17.22
C GLU E 1536 38.66 30.54 -17.76
N SER E 1537 37.68 31.27 -18.31
CA SER E 1537 36.43 30.67 -18.75
C SER E 1537 36.62 29.85 -20.03
N TYR E 1538 35.69 28.91 -20.21
CA TYR E 1538 35.68 28.06 -21.40
C TYR E 1538 35.41 28.87 -22.66
N ASN E 1539 34.59 29.91 -22.58
CA ASN E 1539 34.37 30.77 -23.74
C ASN E 1539 35.66 31.46 -24.17
N ARG E 1540 36.52 31.81 -23.21
CA ARG E 1540 37.83 32.34 -23.55
C ARG E 1540 38.75 31.25 -24.09
N ALA E 1541 38.65 30.04 -23.55
CA ALA E 1541 39.55 28.95 -23.93
C ALA E 1541 39.11 28.20 -25.18
N TYR E 1542 37.97 28.56 -25.77
CA TYR E 1542 37.46 27.83 -26.92
C TYR E 1542 38.40 27.87 -28.11
N ASN E 1543 39.13 28.98 -28.29
CA ASN E 1543 40.12 29.03 -29.37
C ASN E 1543 41.23 28.00 -29.15
N VAL E 1544 41.70 27.88 -27.91
CA VAL E 1544 42.68 26.86 -27.58
C VAL E 1544 42.11 25.47 -27.85
N VAL E 1545 40.84 25.27 -27.50
CA VAL E 1545 40.19 23.98 -27.70
C VAL E 1545 40.17 23.63 -29.18
N VAL E 1546 39.77 24.58 -30.03
CA VAL E 1546 39.63 24.24 -31.44
C VAL E 1546 40.98 24.07 -32.11
N ARG E 1547 41.99 24.85 -31.72
CA ARG E 1547 43.30 24.61 -32.34
C ARG E 1547 43.90 23.28 -31.88
N ALA E 1548 43.68 22.90 -30.62
CA ALA E 1548 44.10 21.57 -30.18
C ALA E 1548 43.35 20.49 -30.95
N GLN E 1549 42.06 20.73 -31.21
CA GLN E 1549 41.26 19.74 -31.94
C GLN E 1549 41.79 19.55 -33.36
N ILE E 1550 42.07 20.64 -34.06
CA ILE E 1550 42.55 20.50 -35.43
C ILE E 1550 43.97 19.92 -35.47
N ILE E 1551 44.80 20.25 -34.47
CA ILE E 1551 46.18 19.78 -34.55
C ILE E 1551 46.29 18.31 -34.13
N ALA E 1552 45.36 17.83 -33.31
CA ALA E 1552 45.26 16.39 -33.05
C ALA E 1552 44.42 15.68 -34.11
N GLU E 1553 43.70 16.43 -34.93
CA GLU E 1553 43.02 15.86 -36.08
C GLU E 1553 44.00 15.54 -37.19
N LEU E 1554 44.99 16.40 -37.41
CA LEU E 1554 45.87 16.16 -38.54
C LEU E 1554 46.89 15.05 -38.26
N GLU E 1555 47.11 14.67 -37.01
CA GLU E 1555 47.99 13.52 -36.78
C GLU E 1555 47.31 12.22 -37.19
N GLU E 1556 46.01 12.10 -36.94
CA GLU E 1556 45.31 10.92 -37.46
C GLU E 1556 45.01 11.06 -38.94
N ILE E 1557 45.01 12.29 -39.48
CA ILE E 1557 45.10 12.45 -40.93
C ILE E 1557 46.36 11.78 -41.45
N ILE E 1558 47.50 12.03 -40.80
CA ILE E 1558 48.75 11.38 -41.19
C ILE E 1558 48.64 9.86 -41.04
N LYS E 1559 47.97 9.41 -39.97
CA LYS E 1559 47.73 7.99 -39.78
C LYS E 1559 46.88 7.39 -40.90
N TYR E 1560 45.99 8.18 -41.50
CA TYR E 1560 45.14 7.69 -42.58
C TYR E 1560 45.95 7.28 -43.82
N LYS E 1561 47.21 7.73 -43.93
CA LYS E 1561 48.03 7.47 -45.10
C LYS E 1561 48.74 6.11 -45.03
N LYS E 1562 48.18 5.16 -44.30
CA LYS E 1562 48.77 3.83 -44.21
C LYS E 1562 48.77 3.13 -45.57
N LEU E 1563 49.76 2.28 -45.79
CA LEU E 1563 50.06 1.67 -47.09
C LEU E 1563 49.17 0.49 -47.52
N PRO E 1564 49.02 -0.61 -46.72
CA PRO E 1564 48.70 -1.92 -47.31
C PRO E 1564 47.48 -2.03 -48.22
N GLN E 1565 46.28 -1.70 -47.75
CA GLN E 1565 45.11 -1.87 -48.60
C GLN E 1565 44.26 -0.62 -48.74
N ASN E 1566 44.10 0.17 -47.69
CA ASN E 1566 43.32 1.42 -47.69
C ASN E 1566 41.88 1.20 -48.14
N SER E 1567 41.32 0.02 -47.87
CA SER E 1567 39.98 -0.29 -48.37
C SER E 1567 39.13 -1.05 -47.36
N ASP E 1568 39.41 -0.95 -46.06
CA ASP E 1568 38.63 -1.69 -45.08
C ASP E 1568 38.07 -0.82 -43.96
N LYS E 1569 38.80 0.22 -43.56
CA LYS E 1569 38.42 1.03 -42.40
C LYS E 1569 37.41 2.11 -42.74
N ARG E 1570 36.82 2.09 -43.94
CA ARG E 1570 35.88 3.14 -44.33
C ARG E 1570 34.60 3.08 -43.51
N LEU E 1571 34.25 1.90 -43.00
CA LEU E 1571 32.95 1.73 -42.35
C LEU E 1571 32.88 2.45 -41.02
N THR E 1572 34.01 2.59 -40.31
CA THR E 1572 34.00 3.09 -38.95
C THR E 1572 34.91 4.29 -38.72
N MET E 1573 35.44 4.89 -39.77
CA MET E 1573 36.41 5.93 -39.45
C MET E 1573 36.20 7.19 -40.28
N ARG E 1574 35.53 7.11 -41.42
CA ARG E 1574 35.21 8.31 -42.18
C ARG E 1574 34.20 9.18 -41.45
N GLU E 1575 33.30 8.56 -40.68
CA GLU E 1575 32.22 9.31 -40.05
C GLU E 1575 32.67 10.01 -38.76
N THR E 1576 33.89 9.75 -38.30
CA THR E 1576 34.38 10.42 -37.10
C THR E 1576 34.48 11.92 -37.31
N TRP E 1577 35.02 12.35 -38.45
CA TRP E 1577 35.09 13.78 -38.72
C TRP E 1577 33.69 14.37 -38.86
N ASN E 1578 32.78 13.59 -39.43
CA ASN E 1578 31.41 14.08 -39.60
C ASN E 1578 30.75 14.32 -38.26
N THR E 1579 30.91 13.36 -37.33
CA THR E 1579 30.35 13.52 -36.00
C THR E 1579 31.00 14.68 -35.26
N ARG E 1580 32.33 14.81 -35.38
CA ARG E 1580 33.03 15.91 -34.71
C ARG E 1580 32.59 17.27 -35.27
N LEU E 1581 32.43 17.35 -36.59
CA LEU E 1581 31.97 18.57 -37.23
C LEU E 1581 30.58 18.96 -36.79
N LEU E 1582 29.66 17.98 -36.76
CA LEU E 1582 28.30 18.29 -36.34
C LEU E 1582 28.22 18.61 -34.86
N GLY E 1583 29.10 18.01 -34.05
CA GLY E 1583 29.16 18.36 -32.65
C GLY E 1583 29.66 19.79 -32.42
N CYS E 1584 30.69 20.19 -33.18
CA CYS E 1584 31.14 21.57 -33.13
C CYS E 1584 30.05 22.49 -33.66
N GLN E 1585 29.84 23.61 -32.97
CA GLN E 1585 28.75 24.50 -33.31
C GLN E 1585 29.05 25.25 -34.60
N LYS E 1586 28.00 25.79 -35.20
CA LYS E 1586 28.05 26.34 -36.56
C LYS E 1586 28.76 27.68 -36.55
N ASN E 1587 30.05 27.66 -36.88
CA ASN E 1587 30.81 28.86 -37.22
C ASN E 1587 31.35 28.71 -38.62
N ILE E 1588 31.09 29.70 -39.47
CA ILE E 1588 31.50 29.63 -40.87
C ILE E 1588 33.01 29.53 -40.99
N ASP E 1589 33.73 30.32 -40.20
CA ASP E 1589 35.18 30.41 -40.34
C ASP E 1589 35.87 29.10 -39.97
N VAL E 1590 35.56 28.56 -38.79
CA VAL E 1590 36.21 27.31 -38.39
C VAL E 1590 35.70 26.16 -39.23
N TRP E 1591 34.44 26.23 -39.67
CA TRP E 1591 33.89 25.17 -40.51
C TRP E 1591 34.63 25.11 -41.84
N GLN E 1592 34.84 26.25 -42.49
CA GLN E 1592 35.56 26.24 -43.75
C GLN E 1592 37.03 25.92 -43.57
N ARG E 1593 37.62 26.33 -42.44
CA ARG E 1593 39.03 26.03 -42.21
C ARG E 1593 39.26 24.53 -42.08
N ILE E 1594 38.47 23.86 -41.23
CA ILE E 1594 38.70 22.43 -41.07
C ILE E 1594 38.15 21.67 -42.27
N LEU E 1595 37.21 22.25 -43.02
CA LEU E 1595 36.78 21.65 -44.28
C LEU E 1595 37.93 21.64 -45.29
N ARG E 1596 38.66 22.75 -45.39
CA ARG E 1596 39.82 22.78 -46.28
C ARG E 1596 40.89 21.81 -45.82
N VAL E 1597 41.08 21.71 -44.49
CA VAL E 1597 42.05 20.75 -43.96
C VAL E 1597 41.67 19.32 -44.33
N ARG E 1598 40.38 18.97 -44.20
CA ARG E 1598 39.92 17.65 -44.60
C ARG E 1598 40.06 17.43 -46.10
N SER E 1599 39.69 18.42 -46.91
CA SER E 1599 39.78 18.29 -48.36
C SER E 1599 41.22 18.21 -48.84
N LEU E 1600 42.18 18.64 -48.01
CA LEU E 1600 43.58 18.47 -48.36
C LEU E 1600 43.99 17.00 -48.48
N VAL E 1601 43.23 16.08 -47.89
CA VAL E 1601 43.60 14.68 -47.94
C VAL E 1601 42.50 13.87 -48.62
N ILE E 1602 41.25 14.34 -48.56
CA ILE E 1602 40.15 13.57 -49.13
C ILE E 1602 39.60 14.31 -50.36
N LYS E 1603 39.11 13.53 -51.31
CA LYS E 1603 38.56 14.08 -52.56
C LYS E 1603 37.20 14.71 -52.29
N PRO E 1604 37.00 16.00 -52.60
CA PRO E 1604 35.68 16.62 -52.37
C PRO E 1604 34.55 15.99 -53.17
N LYS E 1605 34.82 15.47 -54.36
CA LYS E 1605 33.77 14.87 -55.17
C LYS E 1605 33.20 13.63 -54.49
N GLU E 1606 34.06 12.79 -53.92
CA GLU E 1606 33.60 11.65 -53.14
C GLU E 1606 33.21 12.04 -51.72
N ASP E 1607 33.56 13.25 -51.28
CA ASP E 1607 33.22 13.76 -49.96
C ASP E 1607 32.01 14.68 -50.02
N ALA E 1608 31.31 14.73 -51.15
CA ALA E 1608 30.23 15.68 -51.38
C ALA E 1608 29.00 15.44 -50.52
N GLN E 1609 29.06 14.47 -49.61
CA GLN E 1609 27.94 14.21 -48.71
C GLN E 1609 27.81 15.25 -47.61
N VAL E 1610 28.77 16.15 -47.44
CA VAL E 1610 28.72 17.18 -46.40
C VAL E 1610 29.04 18.56 -46.97
N ARG E 1611 29.53 18.61 -48.20
CA ARG E 1611 29.81 19.90 -48.81
C ARG E 1611 28.54 20.71 -49.02
N ILE E 1612 27.44 20.05 -49.38
CA ILE E 1612 26.17 20.77 -49.50
C ILE E 1612 25.66 21.21 -48.14
N LYS E 1613 25.91 20.42 -47.10
CA LYS E 1613 25.58 20.85 -45.75
C LYS E 1613 26.43 22.01 -45.29
N PHE E 1614 27.62 22.19 -45.85
CA PHE E 1614 28.34 23.44 -45.63
C PHE E 1614 27.68 24.58 -46.39
N ALA E 1615 27.35 24.35 -47.66
CA ALA E 1615 26.91 25.43 -48.53
C ALA E 1615 25.58 26.01 -48.06
N ASN E 1616 24.65 25.15 -47.65
CA ASN E 1616 23.33 25.65 -47.28
C ASN E 1616 23.39 26.54 -46.03
N LEU E 1617 24.12 26.11 -45.00
CA LEU E 1617 24.24 26.98 -43.83
C LEU E 1617 25.14 28.18 -44.09
N CYS E 1618 26.04 28.09 -45.07
CA CYS E 1618 26.74 29.30 -45.51
C CYS E 1618 25.75 30.33 -46.06
N ARG E 1619 24.79 29.85 -46.85
CA ARG E 1619 23.76 30.76 -47.36
C ARG E 1619 22.88 31.31 -46.23
N LYS E 1620 22.50 30.46 -45.27
CA LYS E 1620 21.72 30.96 -44.13
C LYS E 1620 22.51 31.97 -43.30
N SER E 1621 23.83 31.80 -43.21
CA SER E 1621 24.66 32.84 -42.60
C SER E 1621 24.59 34.12 -43.41
N GLY E 1622 24.62 34.01 -44.74
CA GLY E 1622 24.39 35.16 -45.57
C GLY E 1622 25.63 35.84 -46.11
N ARG E 1623 26.56 35.05 -46.65
CA ARG E 1623 27.75 35.58 -47.29
C ARG E 1623 27.85 35.04 -48.70
N MET E 1624 28.50 35.80 -49.58
CA MET E 1624 28.45 35.55 -51.01
C MET E 1624 29.72 34.90 -51.55
N ALA E 1625 30.89 35.44 -51.19
CA ALA E 1625 32.14 34.98 -51.80
C ALA E 1625 32.42 33.52 -51.47
N LEU E 1626 32.22 33.12 -50.22
CA LEU E 1626 32.41 31.71 -49.86
C LEU E 1626 31.36 30.84 -50.51
N ALA E 1627 30.14 31.36 -50.71
CA ALA E 1627 29.11 30.60 -51.40
C ALA E 1627 29.51 30.29 -52.84
N LYS E 1628 30.02 31.30 -53.56
CA LYS E 1628 30.56 31.03 -54.90
C LYS E 1628 31.73 30.06 -54.86
N LYS E 1629 32.66 30.27 -53.91
CA LYS E 1629 33.86 29.43 -53.85
C LYS E 1629 33.54 28.00 -53.45
N VAL E 1630 32.37 27.76 -52.88
CA VAL E 1630 31.96 26.38 -52.59
C VAL E 1630 31.19 25.80 -53.76
N LEU E 1631 30.25 26.56 -54.34
CA LEU E 1631 29.40 26.01 -55.39
C LEU E 1631 30.15 25.75 -56.67
N ASN E 1632 31.17 26.57 -57.00
CA ASN E 1632 31.91 26.31 -58.22
C ASN E 1632 32.70 25.00 -58.13
N THR E 1633 33.31 24.73 -56.97
CA THR E 1633 34.01 23.47 -56.77
C THR E 1633 33.03 22.31 -56.68
N LEU E 1634 31.84 22.54 -56.12
CA LEU E 1634 30.83 21.49 -56.08
C LEU E 1634 30.37 21.10 -57.47
N LEU E 1635 30.18 22.09 -58.35
CA LEU E 1635 29.79 21.79 -59.72
C LEU E 1635 30.94 21.18 -60.49
N GLU E 1636 32.17 21.62 -60.24
CA GLU E 1636 33.34 21.08 -60.92
C GLU E 1636 34.04 20.03 -60.08
N ALA E 1647 28.22 17.19 -64.87
CA ALA E 1647 27.56 17.07 -66.17
C ALA E 1647 26.04 17.08 -66.01
N LYS E 1648 25.44 15.90 -66.02
CA LYS E 1648 24.00 15.72 -65.86
C LYS E 1648 23.71 14.72 -64.75
N ALA E 1649 24.41 14.86 -63.64
CA ALA E 1649 24.25 13.97 -62.49
C ALA E 1649 24.33 14.80 -61.22
N SER E 1650 24.45 14.10 -60.09
CA SER E 1650 24.49 14.65 -58.74
C SER E 1650 23.31 15.58 -58.46
N PRO E 1651 22.09 15.04 -58.33
CA PRO E 1651 20.90 15.88 -58.12
C PRO E 1651 20.96 16.77 -56.88
N PRO E 1652 21.52 16.31 -55.73
CA PRO E 1652 21.67 17.27 -54.62
C PRO E 1652 22.63 18.41 -54.95
N VAL E 1653 23.70 18.12 -55.69
CA VAL E 1653 24.63 19.16 -56.08
C VAL E 1653 23.96 20.16 -57.01
N VAL E 1654 23.08 19.68 -57.88
CA VAL E 1654 22.31 20.59 -58.73
C VAL E 1654 21.34 21.41 -57.89
N TYR E 1655 20.65 20.75 -56.94
CA TYR E 1655 19.70 21.43 -56.07
C TYR E 1655 20.37 22.50 -55.21
N ALA E 1656 21.69 22.39 -55.01
CA ALA E 1656 22.42 23.44 -54.31
C ALA E 1656 22.28 24.79 -55.00
N GLN E 1657 22.60 24.87 -56.29
CA GLN E 1657 22.40 26.18 -56.92
C GLN E 1657 20.94 26.42 -57.31
N LEU E 1658 20.11 25.37 -57.38
CA LEU E 1658 18.67 25.63 -57.40
C LEU E 1658 18.24 26.48 -56.21
N LYS E 1659 18.77 26.18 -55.03
CA LYS E 1659 18.53 27.04 -53.88
C LYS E 1659 19.23 28.39 -54.03
N TYR E 1660 20.48 28.38 -54.49
CA TYR E 1660 21.31 29.58 -54.37
C TYR E 1660 20.95 30.67 -55.37
N LEU E 1661 20.45 30.31 -56.56
CA LEU E 1661 19.99 31.34 -57.48
C LEU E 1661 18.80 32.11 -56.92
N TRP E 1662 17.88 31.43 -56.24
CA TRP E 1662 16.79 32.15 -55.61
C TRP E 1662 17.32 32.92 -54.40
N ALA E 1663 18.32 32.38 -53.71
CA ALA E 1663 18.95 33.12 -52.61
C ALA E 1663 19.53 34.44 -53.10
N THR E 1664 20.14 34.43 -54.29
CA THR E 1664 20.59 35.68 -54.90
C THR E 1664 19.41 36.56 -55.28
N GLY E 1665 18.37 35.97 -55.86
CA GLY E 1665 17.19 36.73 -56.24
C GLY E 1665 16.84 36.59 -57.71
N LEU E 1666 17.44 35.62 -58.39
CA LEU E 1666 17.16 35.36 -59.80
C LEU E 1666 15.98 34.39 -59.88
N GLN E 1667 14.78 34.94 -59.75
CA GLN E 1667 13.57 34.14 -59.64
C GLN E 1667 12.86 33.95 -60.97
N ASP E 1668 12.83 35.01 -61.79
CA ASP E 1668 12.17 34.93 -63.10
C ASP E 1668 12.83 33.89 -63.99
N GLU E 1669 14.16 33.84 -63.97
CA GLU E 1669 14.87 32.78 -64.69
C GLU E 1669 14.74 31.44 -64.01
N ALA E 1670 14.49 31.41 -62.70
CA ALA E 1670 14.28 30.15 -62.00
C ALA E 1670 12.92 29.53 -62.28
N LEU E 1671 11.94 30.35 -62.70
CA LEU E 1671 10.57 29.91 -62.96
C LEU E 1671 10.47 28.68 -63.85
N LYS E 1672 10.94 28.79 -65.09
CA LYS E 1672 10.87 27.66 -66.01
C LYS E 1672 11.94 26.63 -65.70
N GLN E 1673 13.07 27.06 -65.13
CA GLN E 1673 14.17 26.14 -64.85
C GLN E 1673 13.75 25.06 -63.86
N LEU E 1674 13.18 25.45 -62.72
CA LEU E 1674 12.81 24.45 -61.72
C LEU E 1674 11.72 23.53 -62.23
N ILE E 1675 10.80 24.04 -63.04
CA ILE E 1675 9.75 23.20 -63.62
C ILE E 1675 10.38 22.15 -64.53
N ASN E 1676 11.33 22.56 -65.37
CA ASN E 1676 12.01 21.60 -66.25
C ASN E 1676 12.81 20.59 -65.46
N PHE E 1677 13.45 21.03 -64.36
CA PHE E 1677 14.23 20.12 -63.53
C PHE E 1677 13.33 19.06 -62.91
N THR E 1678 12.20 19.48 -62.34
CA THR E 1678 11.24 18.53 -61.79
C THR E 1678 10.72 17.60 -62.87
N SER E 1679 10.55 18.13 -64.09
CA SER E 1679 10.07 17.32 -65.19
C SER E 1679 11.03 16.19 -65.51
N ARG E 1680 12.34 16.46 -65.56
CA ARG E 1680 13.19 15.34 -65.96
C ARG E 1680 13.68 14.50 -64.80
N MET E 1681 13.60 14.96 -63.54
CA MET E 1681 13.64 13.97 -62.46
C MET E 1681 12.43 13.03 -62.52
N ALA E 1682 11.24 13.56 -62.82
CA ALA E 1682 10.07 12.71 -62.95
C ALA E 1682 10.24 11.72 -64.09
N HIS E 1683 10.81 12.18 -65.20
CA HIS E 1683 11.08 11.28 -66.31
C HIS E 1683 12.13 10.23 -65.96
N ASP E 1684 13.13 10.59 -65.17
CA ASP E 1684 14.15 9.62 -64.76
C ASP E 1684 13.56 8.55 -63.85
N LEU E 1685 12.74 8.96 -62.87
CA LEU E 1685 12.18 7.99 -61.93
C LEU E 1685 11.03 7.20 -62.54
N GLY E 1686 10.33 7.75 -63.53
CA GLY E 1686 9.13 7.15 -64.06
C GLY E 1686 7.99 8.14 -64.04
N LEU E 1687 7.23 8.23 -65.13
CA LEU E 1687 6.22 9.28 -65.27
C LEU E 1687 5.11 9.13 -64.23
N ASP E 1688 4.51 7.94 -64.15
CA ASP E 1688 3.41 7.72 -63.23
C ASP E 1688 3.64 6.47 -62.38
N VAL E 1704 21.07 0.12 -53.81
CA VAL E 1704 19.96 0.40 -54.72
C VAL E 1704 18.67 0.88 -54.02
N PRO E 1705 18.18 0.19 -52.96
CA PRO E 1705 16.95 0.69 -52.30
C PRO E 1705 17.12 2.06 -51.67
N ARG E 1706 18.15 2.24 -50.83
CA ARG E 1706 18.46 3.57 -50.33
C ARG E 1706 18.88 4.50 -51.45
N HIS E 1707 19.62 3.98 -52.43
CA HIS E 1707 20.12 4.76 -53.56
C HIS E 1707 19.01 5.29 -54.47
N VAL E 1708 17.79 4.78 -54.34
CA VAL E 1708 16.66 5.43 -54.99
C VAL E 1708 15.76 6.16 -53.99
N GLU E 1709 15.67 5.68 -52.74
CA GLU E 1709 14.80 6.31 -51.75
C GLU E 1709 15.27 7.72 -51.42
N ASP E 1710 16.59 7.92 -51.31
CA ASP E 1710 17.10 9.25 -50.99
C ASP E 1710 16.78 10.25 -52.09
N TYR E 1711 16.89 9.84 -53.36
CA TYR E 1711 16.59 10.77 -54.44
C TYR E 1711 15.08 11.00 -54.58
N THR E 1712 14.25 9.98 -54.29
CA THR E 1712 12.81 10.24 -54.27
C THR E 1712 12.43 11.20 -53.15
N LYS E 1713 13.07 11.07 -51.99
CA LYS E 1713 12.81 11.99 -50.88
C LYS E 1713 13.23 13.41 -51.28
N LEU E 1714 14.39 13.52 -51.93
CA LEU E 1714 14.86 14.82 -52.40
C LEU E 1714 13.91 15.41 -53.45
N LEU E 1715 13.38 14.57 -54.33
CA LEU E 1715 12.41 15.02 -55.32
C LEU E 1715 11.14 15.53 -54.65
N ALA E 1716 10.67 14.83 -53.62
CA ALA E 1716 9.50 15.29 -52.88
C ALA E 1716 9.77 16.62 -52.20
N ARG E 1717 10.99 16.78 -51.65
CA ARG E 1717 11.40 18.07 -51.12
C ARG E 1717 11.35 19.14 -52.20
N CYS E 1718 11.77 18.78 -53.42
CA CYS E 1718 11.71 19.72 -54.53
C CYS E 1718 10.28 20.16 -54.82
N PHE E 1719 9.35 19.18 -54.89
CA PHE E 1719 7.94 19.51 -55.13
C PHE E 1719 7.40 20.45 -54.07
N LEU E 1720 7.70 20.16 -52.80
CA LEU E 1720 7.31 21.07 -51.72
C LEU E 1720 7.93 22.45 -51.94
N LYS E 1721 9.16 22.48 -52.44
CA LYS E 1721 9.86 23.75 -52.62
C LYS E 1721 9.16 24.63 -53.64
N GLN E 1722 8.79 24.09 -54.83
CA GLN E 1722 7.99 24.98 -55.68
C GLN E 1722 6.59 25.16 -55.13
N GLY E 1723 6.15 24.30 -54.22
CA GLY E 1723 4.90 24.55 -53.52
C GLY E 1723 4.90 25.89 -52.81
N GLU E 1724 5.97 26.18 -52.08
CA GLU E 1724 6.07 27.55 -51.54
C GLU E 1724 6.48 28.56 -52.60
N TRP E 1725 7.27 28.17 -53.61
CA TRP E 1725 7.78 29.15 -54.56
C TRP E 1725 6.65 29.77 -55.39
N ARG E 1726 5.65 28.98 -55.77
CA ARG E 1726 4.59 29.52 -56.62
C ARG E 1726 3.65 30.42 -55.84
N VAL E 1727 3.31 30.05 -54.60
CA VAL E 1727 2.46 30.91 -53.79
C VAL E 1727 3.23 32.15 -53.36
N CYS E 1728 4.56 32.10 -53.37
CA CYS E 1728 5.35 33.29 -53.06
C CYS E 1728 5.23 34.34 -54.17
N LEU E 1729 5.11 33.91 -55.42
CA LEU E 1729 5.16 34.83 -56.56
C LEU E 1729 3.79 35.12 -57.15
N GLN E 1730 3.09 34.09 -57.63
CA GLN E 1730 1.81 34.51 -58.19
C GLN E 1730 0.70 34.37 -57.15
N PRO E 1731 -0.16 35.36 -57.00
CA PRO E 1731 -1.19 35.33 -55.95
C PRO E 1731 -2.33 34.40 -56.32
N LYS E 1732 -3.27 34.30 -55.40
CA LYS E 1732 -4.44 33.44 -55.54
C LYS E 1732 -5.57 34.24 -56.16
N TRP E 1733 -6.81 33.75 -56.02
CA TRP E 1733 -8.02 34.34 -56.62
C TRP E 1733 -8.01 34.23 -58.13
N ARG E 1734 -7.42 33.16 -58.65
CA ARG E 1734 -7.32 32.91 -60.07
C ARG E 1734 -7.99 31.58 -60.40
N LEU E 1735 -8.22 31.35 -61.69
CA LEU E 1735 -8.91 30.15 -62.15
C LEU E 1735 -7.98 28.99 -62.50
N SER E 1736 -6.68 29.23 -62.56
CA SER E 1736 -5.73 28.17 -62.91
C SER E 1736 -4.65 27.96 -61.87
N ASN E 1737 -4.11 29.04 -61.30
CA ASN E 1737 -3.02 28.91 -60.33
C ASN E 1737 -3.38 28.14 -59.06
N PRO E 1738 -4.57 28.30 -58.45
CA PRO E 1738 -4.94 27.35 -57.39
C PRO E 1738 -4.98 25.91 -57.86
N ASP E 1739 -5.46 25.67 -59.07
CA ASP E 1739 -5.38 24.33 -59.64
C ASP E 1739 -3.94 23.94 -59.96
N SER E 1740 -3.07 24.92 -60.20
CA SER E 1740 -1.66 24.61 -60.40
C SER E 1740 -0.99 24.16 -59.11
N ILE E 1741 -1.33 24.81 -57.99
CA ILE E 1741 -0.68 24.42 -56.74
C ILE E 1741 -1.32 23.18 -56.14
N LEU E 1742 -2.61 22.94 -56.42
CA LEU E 1742 -3.28 21.77 -55.86
C LEU E 1742 -2.68 20.48 -56.39
N GLY E 1743 -2.39 20.43 -57.69
CA GLY E 1743 -1.76 19.24 -58.25
C GLY E 1743 -0.37 18.98 -57.70
N SER E 1744 0.43 20.04 -57.55
CA SER E 1744 1.75 19.89 -56.96
C SER E 1744 1.67 19.44 -55.52
N TYR E 1745 0.71 19.97 -54.76
CA TYR E 1745 0.53 19.55 -53.38
C TYR E 1745 0.08 18.09 -53.29
N LEU E 1746 -0.80 17.67 -54.20
CA LEU E 1746 -1.21 16.27 -54.22
C LEU E 1746 -0.05 15.35 -54.59
N LEU E 1747 0.81 15.79 -55.52
CA LEU E 1747 1.97 15.00 -55.87
C LEU E 1747 2.95 14.91 -54.71
N ALA E 1748 3.12 16.00 -53.97
CA ALA E 1748 3.95 15.97 -52.77
C ALA E 1748 3.35 15.05 -51.72
N THR E 1749 2.02 15.02 -51.62
CA THR E 1749 1.36 14.09 -50.72
C THR E 1749 1.62 12.65 -51.13
N HIS E 1750 1.57 12.37 -52.43
CA HIS E 1750 1.83 11.02 -52.92
C HIS E 1750 3.28 10.61 -52.69
N PHE E 1751 4.21 11.56 -52.80
CA PHE E 1751 5.63 11.25 -52.67
C PHE E 1751 6.13 11.29 -51.23
N ASP E 1752 5.38 11.88 -50.30
CA ASP E 1752 5.76 11.90 -48.89
C ASP E 1752 4.59 11.39 -48.05
N ASN E 1753 4.82 10.28 -47.34
CA ASN E 1753 3.84 9.77 -46.39
C ASN E 1753 4.23 10.01 -44.95
N THR E 1754 5.43 10.55 -44.70
CA THR E 1754 5.95 10.75 -43.35
C THR E 1754 6.44 12.18 -43.16
N TRP E 1755 5.67 13.16 -43.63
CA TRP E 1755 6.03 14.55 -43.44
C TRP E 1755 4.78 15.36 -43.15
N TYR E 1756 4.95 16.41 -42.34
CA TYR E 1756 3.84 17.21 -41.83
C TYR E 1756 3.62 18.51 -42.60
N LYS E 1757 4.69 19.22 -42.96
CA LYS E 1757 4.53 20.56 -43.49
C LYS E 1757 3.99 20.56 -44.93
N ALA E 1758 4.13 19.45 -45.66
CA ALA E 1758 3.46 19.32 -46.95
C ALA E 1758 1.94 19.36 -46.77
N TRP E 1759 1.43 18.54 -45.85
CA TRP E 1759 0.02 18.60 -45.49
C TRP E 1759 -0.36 19.98 -44.98
N HIS E 1760 0.55 20.61 -44.22
CA HIS E 1760 0.27 21.93 -43.66
C HIS E 1760 0.07 22.98 -44.75
N ASN E 1761 0.94 22.98 -45.77
CA ASN E 1761 0.78 23.99 -46.81
C ASN E 1761 -0.37 23.68 -47.75
N TRP E 1762 -0.68 22.39 -47.96
CA TRP E 1762 -1.92 22.06 -48.66
C TRP E 1762 -3.13 22.58 -47.89
N ALA E 1763 -3.10 22.41 -46.56
CA ALA E 1763 -4.15 22.93 -45.70
C ALA E 1763 -4.27 24.45 -45.80
N LEU E 1764 -3.13 25.13 -45.84
CA LEU E 1764 -3.14 26.57 -46.03
C LEU E 1764 -3.79 26.95 -47.36
N ALA E 1765 -3.48 26.21 -48.42
CA ALA E 1765 -4.01 26.51 -49.73
C ALA E 1765 -5.54 26.37 -49.78
N ASN E 1766 -6.06 25.23 -49.31
CA ASN E 1766 -7.50 25.10 -49.47
C ASN E 1766 -8.25 25.89 -48.40
N PHE E 1767 -7.62 26.18 -47.27
CA PHE E 1767 -8.21 27.14 -46.33
C PHE E 1767 -8.34 28.51 -46.97
N GLU E 1768 -7.32 28.94 -47.72
CA GLU E 1768 -7.39 30.21 -48.41
C GLU E 1768 -8.49 30.21 -49.47
N VAL E 1769 -8.60 29.11 -50.23
CA VAL E 1769 -9.61 29.11 -51.29
C VAL E 1769 -11.02 29.08 -50.69
N ILE E 1770 -11.23 28.36 -49.59
CA ILE E 1770 -12.57 28.36 -49.01
C ILE E 1770 -12.87 29.68 -48.32
N SER E 1771 -11.84 30.34 -47.77
CA SER E 1771 -12.07 31.66 -47.17
C SER E 1771 -12.47 32.68 -48.23
N MET E 1772 -11.79 32.67 -49.38
CA MET E 1772 -12.15 33.65 -50.41
C MET E 1772 -13.45 33.28 -51.11
N LEU E 1773 -13.80 31.98 -51.15
CA LEU E 1773 -15.11 31.61 -51.67
C LEU E 1773 -16.23 32.03 -50.72
N THR E 1774 -16.00 31.90 -49.40
CA THR E 1774 -16.98 32.38 -48.43
C THR E 1774 -17.13 33.88 -48.50
N SER E 1775 -16.02 34.61 -48.68
CA SER E 1775 -16.10 36.06 -48.87
C SER E 1775 -16.86 36.40 -50.14
N VAL E 1776 -16.62 35.65 -51.22
CA VAL E 1776 -17.35 35.85 -52.47
C VAL E 1776 -18.66 35.09 -52.44
N SER E 1813 -23.18 27.03 -55.28
CA SER E 1813 -22.50 25.79 -55.65
C SER E 1813 -22.96 24.64 -54.78
N SER E 1814 -22.48 24.64 -53.52
CA SER E 1814 -22.81 23.64 -52.50
C SER E 1814 -22.41 22.22 -52.91
N ASN E 1815 -21.54 22.08 -53.90
CA ASN E 1815 -21.04 20.78 -54.33
C ASN E 1815 -19.53 20.66 -54.27
N LEU E 1816 -18.80 21.71 -54.66
CA LEU E 1816 -17.34 21.68 -54.57
C LEU E 1816 -16.86 21.82 -53.14
N ILE E 1817 -17.73 22.24 -52.22
CA ILE E 1817 -17.33 22.30 -50.81
C ILE E 1817 -17.02 20.91 -50.28
N HIS E 1818 -17.64 19.88 -50.85
CA HIS E 1818 -17.32 18.50 -50.47
C HIS E 1818 -15.89 18.15 -50.83
N ARG E 1819 -15.43 18.54 -52.02
CA ARG E 1819 -14.05 18.25 -52.38
C ARG E 1819 -13.10 19.31 -51.81
N HIS E 1820 -13.64 20.37 -51.20
CA HIS E 1820 -12.82 21.26 -50.40
C HIS E 1820 -12.51 20.69 -49.03
N VAL E 1821 -13.54 20.44 -48.22
CA VAL E 1821 -13.36 20.41 -46.76
C VAL E 1821 -13.13 19.01 -46.19
N ILE E 1822 -13.73 17.97 -46.77
CA ILE E 1822 -13.48 16.60 -46.29
C ILE E 1822 -12.03 16.18 -46.50
N PRO E 1823 -11.40 16.36 -47.67
CA PRO E 1823 -9.95 16.17 -47.73
C PRO E 1823 -9.20 17.14 -46.83
N ALA E 1824 -9.74 18.34 -46.62
CA ALA E 1824 -9.10 19.30 -45.73
C ALA E 1824 -9.07 18.78 -44.29
N ILE E 1825 -10.20 18.28 -43.79
CA ILE E 1825 -10.22 17.80 -42.41
C ILE E 1825 -9.45 16.48 -42.29
N LYS E 1826 -9.43 15.67 -43.36
CA LYS E 1826 -8.59 14.48 -43.35
C LYS E 1826 -7.11 14.85 -43.24
N GLY E 1827 -6.68 15.85 -44.01
CA GLY E 1827 -5.31 16.32 -43.93
C GLY E 1827 -5.00 16.95 -42.57
N PHE E 1828 -5.98 17.65 -42.00
CA PHE E 1828 -5.87 18.20 -40.65
C PHE E 1828 -5.54 17.09 -39.66
N PHE E 1829 -6.49 16.16 -39.49
CA PHE E 1829 -6.31 15.08 -38.51
C PHE E 1829 -5.05 14.28 -38.79
N HIS E 1830 -4.67 14.13 -40.07
CA HIS E 1830 -3.41 13.46 -40.39
C HIS E 1830 -2.22 14.26 -39.88
N SER E 1831 -2.29 15.60 -40.00
CA SER E 1831 -1.20 16.46 -39.53
C SER E 1831 -1.06 16.39 -38.02
N ILE E 1832 -2.17 16.46 -37.28
CA ILE E 1832 -2.10 16.33 -35.83
C ILE E 1832 -1.62 14.93 -35.44
N SER E 1833 -2.02 13.90 -36.18
CA SER E 1833 -1.55 12.56 -35.90
C SER E 1833 -0.04 12.45 -36.08
N LEU E 1834 0.51 13.11 -37.11
CA LEU E 1834 1.95 13.10 -37.31
C LEU E 1834 2.67 13.88 -36.23
N SER E 1835 2.19 15.08 -35.91
CA SER E 1835 2.92 15.96 -35.01
C SER E 1835 2.75 15.56 -33.56
N GLU E 1836 1.52 15.62 -33.04
CA GLU E 1836 1.13 15.20 -31.70
C GLU E 1836 1.84 15.97 -30.58
N SER E 1837 2.52 17.06 -30.89
CA SER E 1837 3.22 17.81 -29.85
C SER E 1837 2.91 19.30 -29.88
N SER E 1838 2.80 19.91 -31.06
CA SER E 1838 2.64 21.36 -31.18
C SER E 1838 1.59 21.69 -32.24
N SER E 1839 0.46 20.98 -32.20
CA SER E 1839 -0.57 21.09 -33.23
C SER E 1839 -1.70 22.04 -32.83
N LEU E 1840 -1.41 22.99 -31.93
CA LEU E 1840 -2.46 23.87 -31.41
C LEU E 1840 -3.04 24.77 -32.50
N GLN E 1841 -2.18 25.32 -33.36
CA GLN E 1841 -2.66 26.21 -34.41
C GLN E 1841 -3.53 25.46 -35.40
N ASP E 1842 -3.13 24.25 -35.80
CA ASP E 1842 -3.90 23.47 -36.77
C ASP E 1842 -5.23 23.02 -36.17
N ALA E 1843 -5.23 22.67 -34.88
CA ALA E 1843 -6.48 22.37 -34.21
C ALA E 1843 -7.40 23.59 -34.23
N LEU E 1844 -6.84 24.77 -34.02
CA LEU E 1844 -7.65 26.00 -34.08
C LEU E 1844 -8.23 26.20 -35.47
N ARG E 1845 -7.43 25.97 -36.53
CA ARG E 1845 -7.98 26.10 -37.87
C ARG E 1845 -9.10 25.11 -38.13
N LEU E 1846 -8.95 23.86 -37.65
CA LEU E 1846 -9.98 22.87 -37.94
C LEU E 1846 -11.27 23.17 -37.17
N LEU E 1847 -11.16 23.65 -35.93
CA LEU E 1847 -12.35 24.12 -35.23
C LEU E 1847 -13.02 25.29 -35.95
N THR E 1848 -12.24 26.25 -36.43
CA THR E 1848 -12.83 27.40 -37.11
C THR E 1848 -13.53 26.97 -38.40
N LEU E 1849 -12.93 26.06 -39.16
CA LEU E 1849 -13.55 25.61 -40.41
C LEU E 1849 -14.77 24.75 -40.13
N TRP E 1850 -14.74 23.94 -39.07
CA TRP E 1850 -15.91 23.16 -38.70
C TRP E 1850 -17.07 24.07 -38.30
N PHE E 1851 -16.78 25.13 -37.55
CA PHE E 1851 -17.85 26.06 -37.20
C PHE E 1851 -18.30 26.87 -38.41
N THR E 1852 -17.40 27.09 -39.37
CA THR E 1852 -17.79 27.79 -40.59
C THR E 1852 -18.76 26.96 -41.42
N PHE E 1853 -18.45 25.68 -41.62
CA PHE E 1853 -19.35 24.76 -42.33
C PHE E 1853 -19.52 23.49 -41.50
N GLY E 1854 -20.42 23.56 -40.51
CA GLY E 1854 -20.85 22.38 -39.78
C GLY E 1854 -22.15 21.78 -40.27
N GLY E 1855 -22.26 21.55 -41.58
CA GLY E 1855 -23.50 21.02 -42.12
C GLY E 1855 -23.31 19.99 -43.21
N ILE E 1856 -22.17 19.30 -43.20
CA ILE E 1856 -21.88 18.29 -44.21
C ILE E 1856 -21.80 16.91 -43.54
N PRO E 1857 -22.79 16.05 -43.75
CA PRO E 1857 -22.82 14.76 -43.02
C PRO E 1857 -21.62 13.86 -43.30
N GLU E 1858 -21.18 13.78 -44.56
CA GLU E 1858 -20.00 12.97 -44.86
C GLU E 1858 -18.78 13.53 -44.16
N ALA E 1859 -18.69 14.85 -44.02
CA ALA E 1859 -17.67 15.44 -43.19
C ALA E 1859 -17.85 15.05 -41.72
N THR E 1860 -19.08 14.86 -41.26
CA THR E 1860 -19.28 14.42 -39.88
C THR E 1860 -18.71 13.02 -39.66
N GLN E 1861 -19.00 12.07 -40.56
CA GLN E 1861 -18.36 10.76 -40.38
C GLN E 1861 -16.85 10.84 -40.57
N ALA E 1862 -16.37 11.72 -41.46
CA ALA E 1862 -14.93 11.87 -41.63
C ALA E 1862 -14.27 12.36 -40.35
N MET E 1863 -14.88 13.34 -39.68
CA MET E 1863 -14.29 13.86 -38.45
C MET E 1863 -14.46 12.92 -37.28
N HIS E 1864 -15.53 12.11 -37.27
CA HIS E 1864 -15.61 11.04 -36.26
C HIS E 1864 -14.51 10.00 -36.47
N GLU E 1865 -14.21 9.65 -37.73
CA GLU E 1865 -13.10 8.73 -37.99
C GLU E 1865 -11.77 9.34 -37.57
N GLY E 1866 -11.59 10.64 -37.85
CA GLY E 1866 -10.39 11.32 -37.39
C GLY E 1866 -10.29 11.38 -35.88
N PHE E 1867 -11.43 11.54 -35.20
CA PHE E 1867 -11.45 11.53 -33.74
C PHE E 1867 -11.07 10.16 -33.20
N ASN E 1868 -11.56 9.09 -33.83
CA ASN E 1868 -11.17 7.75 -33.43
C ASN E 1868 -9.67 7.52 -33.63
N LEU E 1869 -9.13 8.05 -34.74
CA LEU E 1869 -7.71 7.84 -35.02
C LEU E 1869 -6.82 8.72 -34.15
N ILE E 1870 -7.34 9.87 -33.69
CA ILE E 1870 -6.48 10.88 -33.06
C ILE E 1870 -6.25 10.52 -31.59
N GLN E 1871 -5.15 11.05 -31.05
CA GLN E 1871 -4.82 10.87 -29.64
C GLN E 1871 -5.48 11.95 -28.79
N ILE E 1872 -5.70 11.61 -27.51
CA ILE E 1872 -6.44 12.48 -26.61
C ILE E 1872 -5.54 13.33 -25.72
N GLY E 1873 -4.25 13.02 -25.62
CA GLY E 1873 -3.36 13.79 -24.77
C GLY E 1873 -3.15 15.22 -25.27
N THR E 1874 -2.99 15.38 -26.58
CA THR E 1874 -2.71 16.69 -27.15
C THR E 1874 -3.94 17.61 -27.13
N TRP E 1875 -5.13 17.04 -27.04
CA TRP E 1875 -6.41 17.73 -27.19
C TRP E 1875 -6.73 18.72 -26.04
N LEU E 1876 -5.83 19.00 -25.10
CA LEU E 1876 -6.20 19.82 -23.95
C LEU E 1876 -6.32 21.30 -24.30
N GLU E 1877 -5.60 21.76 -25.33
CA GLU E 1877 -5.46 23.19 -25.56
C GLU E 1877 -6.68 23.82 -26.22
N VAL E 1878 -7.64 23.03 -26.69
CA VAL E 1878 -8.77 23.61 -27.41
C VAL E 1878 -9.83 24.12 -26.45
N LEU E 1879 -9.93 23.51 -25.27
CA LEU E 1879 -11.00 23.85 -24.33
C LEU E 1879 -11.04 25.32 -23.86
N PRO E 1880 -9.92 26.03 -23.64
CA PRO E 1880 -10.05 27.44 -23.19
C PRO E 1880 -10.82 28.34 -24.15
N GLN E 1881 -10.95 27.95 -25.41
CA GLN E 1881 -11.87 28.60 -26.33
C GLN E 1881 -13.20 27.85 -26.47
N LEU E 1882 -13.23 26.55 -26.19
CA LEU E 1882 -14.49 25.81 -26.24
C LEU E 1882 -15.46 26.29 -25.18
N ILE E 1883 -14.99 26.49 -23.95
CA ILE E 1883 -15.86 27.09 -22.94
C ILE E 1883 -16.15 28.56 -23.27
N SER E 1884 -15.22 29.24 -23.95
CA SER E 1884 -15.45 30.63 -24.33
C SER E 1884 -16.62 30.76 -25.31
N ARG E 1885 -16.70 29.87 -26.30
CA ARG E 1885 -17.81 29.84 -27.25
C ARG E 1885 -18.69 28.60 -27.04
N ILE E 1886 -18.87 28.21 -25.77
CA ILE E 1886 -19.63 27.00 -25.44
C ILE E 1886 -21.12 27.14 -25.71
N HIS E 1887 -21.62 28.34 -26.02
CA HIS E 1887 -23.00 28.49 -26.44
C HIS E 1887 -23.14 28.03 -27.89
N GLN E 1888 -24.15 27.20 -28.16
CA GLN E 1888 -24.36 26.64 -29.49
C GLN E 1888 -25.69 27.11 -30.06
N PRO E 1889 -25.70 27.97 -31.07
CA PRO E 1889 -26.94 28.28 -31.79
C PRO E 1889 -27.17 27.45 -33.05
N ASN E 1890 -26.27 26.53 -33.39
CA ASN E 1890 -26.38 25.73 -34.60
C ASN E 1890 -27.19 24.47 -34.30
N GLN E 1891 -27.30 23.58 -35.29
CA GLN E 1891 -28.18 22.42 -35.18
C GLN E 1891 -27.40 21.15 -34.80
N ILE E 1892 -26.46 20.72 -35.64
CA ILE E 1892 -25.72 19.49 -35.35
C ILE E 1892 -24.36 19.78 -34.74
N VAL E 1893 -23.87 21.02 -34.86
CA VAL E 1893 -22.65 21.46 -34.20
C VAL E 1893 -22.79 21.30 -32.69
N SER E 1894 -24.01 21.45 -32.16
CA SER E 1894 -24.24 21.28 -30.73
C SER E 1894 -23.92 19.86 -30.28
N ARG E 1895 -24.50 18.86 -30.95
CA ARG E 1895 -24.20 17.47 -30.56
C ARG E 1895 -22.76 17.09 -30.85
N SER E 1896 -22.18 17.58 -31.95
CA SER E 1896 -20.78 17.28 -32.22
C SER E 1896 -19.87 17.86 -31.13
N LEU E 1897 -20.17 19.09 -30.69
CA LEU E 1897 -19.37 19.73 -29.66
C LEU E 1897 -19.52 19.03 -28.32
N LEU E 1898 -20.74 18.61 -27.96
CA LEU E 1898 -20.88 17.92 -26.69
C LEU E 1898 -20.27 16.52 -26.74
N SER E 1899 -20.25 15.89 -27.92
CA SER E 1899 -19.53 14.63 -28.06
C SER E 1899 -18.03 14.83 -27.88
N LEU E 1900 -17.49 15.92 -28.45
CA LEU E 1900 -16.09 16.24 -28.22
C LEU E 1900 -15.81 16.53 -26.75
N LEU E 1901 -16.72 17.23 -26.08
CA LEU E 1901 -16.56 17.48 -24.65
C LEU E 1901 -16.58 16.19 -23.85
N SER E 1902 -17.44 15.26 -24.24
CA SER E 1902 -17.48 13.95 -23.59
C SER E 1902 -16.16 13.21 -23.79
N ASP E 1903 -15.63 13.24 -25.01
CA ASP E 1903 -14.35 12.57 -25.29
C ASP E 1903 -13.22 13.20 -24.49
N LEU E 1904 -13.24 14.52 -24.33
CA LEU E 1904 -12.28 15.18 -23.45
C LEU E 1904 -12.47 14.75 -22.01
N GLY E 1905 -13.73 14.62 -21.56
CA GLY E 1905 -14.05 14.31 -20.19
C GLY E 1905 -13.94 12.86 -19.79
N LYS E 1906 -13.63 11.95 -20.74
CA LYS E 1906 -13.29 10.58 -20.34
C LYS E 1906 -12.20 10.54 -19.28
N ALA E 1907 -11.13 11.31 -19.45
CA ALA E 1907 -9.98 11.21 -18.55
C ALA E 1907 -9.47 12.60 -18.21
N HIS E 1908 -8.61 12.65 -17.18
CA HIS E 1908 -7.96 13.85 -16.65
C HIS E 1908 -8.98 14.93 -16.29
N PRO E 1909 -9.78 14.72 -15.23
CA PRO E 1909 -10.80 15.73 -14.89
C PRO E 1909 -10.21 17.05 -14.45
N GLN E 1910 -9.14 17.02 -13.65
CA GLN E 1910 -8.58 18.23 -13.08
C GLN E 1910 -8.07 19.20 -14.14
N ALA E 1911 -7.86 18.73 -15.37
CA ALA E 1911 -7.44 19.61 -16.44
C ALA E 1911 -8.59 20.47 -16.97
N LEU E 1912 -9.85 20.11 -16.65
CA LEU E 1912 -10.96 20.89 -17.20
C LEU E 1912 -12.09 21.14 -16.21
N VAL E 1913 -11.98 20.74 -14.95
CA VAL E 1913 -13.04 21.05 -13.99
C VAL E 1913 -13.12 22.55 -13.73
N TYR E 1914 -11.98 23.24 -13.75
CA TYR E 1914 -11.97 24.67 -13.44
C TYR E 1914 -12.78 25.53 -14.41
N PRO E 1915 -12.76 25.32 -15.74
CA PRO E 1915 -13.70 26.05 -16.59
C PRO E 1915 -15.16 25.67 -16.39
N LEU E 1916 -15.45 24.51 -15.79
CA LEU E 1916 -16.82 24.04 -15.72
C LEU E 1916 -17.68 24.92 -14.82
N MET E 1917 -17.24 25.20 -13.60
CA MET E 1917 -18.07 26.06 -12.75
C MET E 1917 -18.05 27.50 -13.23
N VAL E 1918 -16.99 27.92 -13.92
CA VAL E 1918 -17.00 29.21 -14.59
C VAL E 1918 -18.13 29.27 -15.59
N ALA E 1919 -18.33 28.18 -16.34
CA ALA E 1919 -19.46 28.11 -17.26
C ALA E 1919 -20.79 28.03 -16.51
N ILE E 1920 -20.80 27.43 -15.32
CA ILE E 1920 -22.03 27.39 -14.52
C ILE E 1920 -22.45 28.79 -14.11
N LYS E 1921 -21.51 29.63 -13.69
CA LYS E 1921 -21.85 30.96 -13.20
C LYS E 1921 -21.89 32.00 -14.33
N SER E 1922 -22.20 31.57 -15.55
CA SER E 1922 -22.30 32.46 -16.71
C SER E 1922 -23.70 33.07 -16.75
N GLU E 1923 -24.07 33.67 -17.91
CA GLU E 1923 -25.33 34.39 -18.04
C GLU E 1923 -26.24 33.86 -19.15
N SER E 1924 -25.72 33.14 -20.13
CA SER E 1924 -26.51 32.71 -21.30
C SER E 1924 -27.15 31.34 -21.02
N LEU E 1925 -28.47 31.27 -21.18
CA LEU E 1925 -29.27 30.22 -20.53
C LEU E 1925 -28.88 28.82 -20.97
N SER E 1926 -28.65 28.62 -22.28
CA SER E 1926 -28.36 27.28 -22.78
C SER E 1926 -27.01 26.76 -22.29
N ARG E 1927 -26.04 27.65 -22.09
CA ARG E 1927 -24.70 27.19 -21.79
C ARG E 1927 -24.60 26.64 -20.37
N GLN E 1928 -25.41 27.14 -19.42
CA GLN E 1928 -25.37 26.53 -18.09
C GLN E 1928 -25.97 25.14 -18.12
N LYS E 1929 -27.02 24.94 -18.92
CA LYS E 1929 -27.58 23.60 -19.07
C LYS E 1929 -26.57 22.64 -19.67
N ALA E 1930 -25.85 23.09 -20.71
CA ALA E 1930 -24.82 22.25 -21.30
C ALA E 1930 -23.72 21.94 -20.30
N ALA E 1931 -23.27 22.96 -19.56
CA ALA E 1931 -22.19 22.76 -18.60
C ALA E 1931 -22.61 21.86 -17.44
N LEU E 1932 -23.85 21.99 -16.98
CA LEU E 1932 -24.31 21.12 -15.90
C LEU E 1932 -24.49 19.69 -16.39
N SER E 1933 -24.85 19.51 -17.66
CA SER E 1933 -24.85 18.16 -18.23
C SER E 1933 -23.44 17.57 -18.24
N ILE E 1934 -22.45 18.39 -18.64
CA ILE E 1934 -21.07 17.93 -18.64
C ILE E 1934 -20.63 17.56 -17.22
N ILE E 1935 -20.93 18.42 -16.25
CA ILE E 1935 -20.56 18.14 -14.87
C ILE E 1935 -21.34 16.95 -14.33
N GLU E 1936 -22.57 16.75 -14.78
CA GLU E 1936 -23.34 15.60 -14.35
C GLU E 1936 -22.69 14.30 -14.79
N LYS E 1937 -22.23 14.23 -16.03
CA LYS E 1937 -21.54 13.00 -16.44
C LYS E 1937 -20.15 12.90 -15.81
N MET E 1938 -19.49 14.03 -15.55
CA MET E 1938 -18.20 13.98 -14.88
C MET E 1938 -18.33 13.46 -13.44
N ARG E 1939 -19.40 13.84 -12.76
CA ARG E 1939 -19.63 13.32 -11.41
C ARG E 1939 -20.23 11.93 -11.42
N ILE E 1940 -20.81 11.49 -12.54
CA ILE E 1940 -21.04 10.05 -12.74
C ILE E 1940 -19.70 9.32 -12.75
N HIS E 1941 -18.73 9.87 -13.49
CA HIS E 1941 -17.41 9.24 -13.55
C HIS E 1941 -16.74 9.23 -12.18
N SER E 1942 -16.64 10.40 -11.55
CA SER E 1942 -16.12 10.55 -10.19
C SER E 1942 -16.62 11.86 -9.59
N PRO E 1943 -17.45 11.82 -8.54
CA PRO E 1943 -17.93 13.07 -7.94
C PRO E 1943 -17.07 13.58 -6.78
N VAL E 1944 -16.12 12.77 -6.30
CA VAL E 1944 -15.29 13.14 -5.16
C VAL E 1944 -14.41 14.34 -5.47
N LEU E 1945 -14.09 14.56 -6.74
CA LEU E 1945 -13.42 15.79 -7.15
C LEU E 1945 -14.40 16.91 -7.42
N VAL E 1946 -15.59 16.56 -7.91
CA VAL E 1946 -16.55 17.58 -8.35
C VAL E 1946 -17.10 18.36 -7.18
N ASP E 1947 -17.48 17.68 -6.09
CA ASP E 1947 -18.07 18.38 -4.96
C ASP E 1947 -17.07 19.31 -4.30
N GLN E 1948 -15.84 18.84 -4.10
CA GLN E 1948 -14.83 19.68 -3.48
C GLN E 1948 -14.39 20.81 -4.41
N ALA E 1949 -14.39 20.59 -5.73
CA ALA E 1949 -14.09 21.65 -6.67
C ALA E 1949 -15.16 22.74 -6.63
N GLU E 1950 -16.43 22.33 -6.55
CA GLU E 1950 -17.51 23.31 -6.41
C GLU E 1950 -17.37 24.09 -5.11
N LEU E 1951 -17.03 23.40 -4.02
CA LEU E 1951 -16.85 24.07 -2.74
C LEU E 1951 -15.72 25.09 -2.79
N VAL E 1952 -14.57 24.69 -3.34
CA VAL E 1952 -13.43 25.61 -3.34
C VAL E 1952 -13.66 26.76 -4.31
N SER E 1953 -14.41 26.55 -5.38
CA SER E 1953 -14.75 27.66 -6.26
C SER E 1953 -15.68 28.64 -5.56
N HIS E 1954 -16.77 28.14 -4.98
CA HIS E 1954 -17.72 28.98 -4.26
C HIS E 1954 -17.10 29.63 -3.04
N GLU E 1955 -15.97 29.11 -2.56
CA GLU E 1955 -15.33 29.68 -1.39
C GLU E 1955 -14.20 30.64 -1.75
N LEU E 1956 -13.49 30.40 -2.85
CA LEU E 1956 -12.58 31.42 -3.33
C LEU E 1956 -13.34 32.66 -3.79
N ILE E 1957 -14.52 32.51 -4.39
CA ILE E 1957 -15.31 33.70 -4.68
C ILE E 1957 -15.82 34.34 -3.38
N ARG E 1958 -15.95 33.54 -2.31
CA ARG E 1958 -16.26 34.08 -0.99
C ARG E 1958 -15.14 35.00 -0.51
N MET E 1959 -13.90 34.50 -0.52
CA MET E 1959 -12.79 35.34 -0.07
C MET E 1959 -12.39 36.41 -1.08
N ALA E 1960 -12.93 36.38 -2.30
CA ALA E 1960 -12.49 37.32 -3.33
C ALA E 1960 -12.72 38.77 -2.92
N VAL E 1961 -13.93 39.09 -2.47
CA VAL E 1961 -14.31 40.46 -2.17
C VAL E 1961 -14.96 40.49 -0.79
N LEU E 1962 -14.50 41.40 0.07
CA LEU E 1962 -15.11 41.56 1.39
C LEU E 1962 -16.43 42.32 1.29
N TRP E 1963 -17.27 42.15 2.32
CA TRP E 1963 -18.62 42.69 2.27
C TRP E 1963 -18.68 44.21 2.38
N HIS E 1964 -17.64 44.86 2.88
CA HIS E 1964 -17.63 46.32 2.79
C HIS E 1964 -17.52 46.79 1.35
N GLU E 1965 -16.83 46.01 0.51
CA GLU E 1965 -16.51 46.47 -0.84
C GLU E 1965 -17.72 46.43 -1.77
N GLN E 1966 -18.61 45.44 -1.65
CA GLN E 1966 -19.80 45.47 -2.50
C GLN E 1966 -20.69 46.67 -2.19
N TRP E 1967 -20.91 46.99 -0.91
CA TRP E 1967 -21.67 48.19 -0.59
C TRP E 1967 -20.93 49.45 -1.01
N TYR E 1968 -19.59 49.47 -0.92
CA TYR E 1968 -18.84 50.62 -1.42
C TYR E 1968 -19.04 50.79 -2.93
N GLU E 1969 -19.01 49.70 -3.68
CA GLU E 1969 -19.17 49.77 -5.14
C GLU E 1969 -20.60 50.11 -5.52
N GLY E 1970 -21.59 49.61 -4.78
CA GLY E 1970 -22.96 49.98 -5.04
C GLY E 1970 -23.31 51.37 -4.60
N LEU E 1971 -22.51 51.96 -3.72
CA LEU E 1971 -22.76 53.32 -3.25
C LEU E 1971 -22.04 54.37 -4.10
N ASP E 1972 -20.77 54.14 -4.44
CA ASP E 1972 -20.01 55.18 -5.12
C ASP E 1972 -20.46 55.36 -6.57
N ASP E 1973 -20.75 54.25 -7.27
CA ASP E 1973 -21.27 54.35 -8.63
C ASP E 1973 -22.64 55.02 -8.64
N ALA E 1974 -23.50 54.66 -7.67
CA ALA E 1974 -24.81 55.29 -7.58
C ALA E 1974 -24.70 56.78 -7.29
N SER E 1975 -23.76 57.17 -6.42
CA SER E 1975 -23.57 58.59 -6.12
C SER E 1975 -23.04 59.34 -7.33
N ARG E 1976 -22.10 58.74 -8.07
CA ARG E 1976 -21.59 59.37 -9.28
C ARG E 1976 -22.68 59.55 -10.32
N GLN E 1977 -23.51 58.52 -10.51
CA GLN E 1977 -24.61 58.63 -11.47
C GLN E 1977 -25.65 59.66 -11.02
N PHE E 1978 -25.91 59.72 -9.71
CA PHE E 1978 -26.85 60.70 -9.18
C PHE E 1978 -26.34 62.12 -9.39
N PHE E 1979 -25.04 62.34 -9.16
CA PHE E 1979 -24.48 63.68 -9.38
C PHE E 1979 -24.42 64.01 -10.86
N GLY E 1980 -24.23 63.01 -11.73
CA GLY E 1980 -24.11 63.26 -13.14
C GLY E 1980 -25.41 63.43 -13.92
N GLU E 1981 -26.25 62.41 -13.93
CA GLU E 1981 -27.37 62.36 -14.87
C GLU E 1981 -28.75 62.38 -14.23
N HIS E 1982 -28.89 61.96 -12.97
CA HIS E 1982 -30.15 62.00 -12.22
C HIS E 1982 -31.26 61.21 -12.92
N ASN E 1983 -31.06 59.89 -13.02
CA ASN E 1983 -32.05 59.00 -13.61
C ASN E 1983 -32.52 58.01 -12.56
N THR E 1984 -33.83 58.01 -12.30
CA THR E 1984 -34.39 57.15 -11.25
C THR E 1984 -34.27 55.68 -11.61
N GLU E 1985 -34.30 55.34 -12.90
CA GLU E 1985 -34.15 53.94 -13.31
C GLU E 1985 -32.79 53.40 -12.91
N LYS E 1986 -31.72 54.15 -13.19
CA LYS E 1986 -30.40 53.69 -12.81
C LYS E 1986 -30.14 53.85 -11.31
N MET E 1987 -30.83 54.78 -10.64
CA MET E 1987 -30.80 54.79 -9.17
C MET E 1987 -31.36 53.50 -8.60
N PHE E 1988 -32.51 53.06 -9.12
CA PHE E 1988 -33.09 51.80 -8.67
C PHE E 1988 -32.18 50.62 -9.01
N ALA E 1989 -31.58 50.64 -10.20
CA ALA E 1989 -30.69 49.55 -10.62
C ALA E 1989 -29.46 49.46 -9.72
N ALA E 1990 -28.87 50.61 -9.37
CA ALA E 1990 -27.68 50.62 -8.53
C ALA E 1990 -28.00 50.46 -7.05
N LEU E 1991 -29.26 50.64 -6.64
CA LEU E 1991 -29.61 50.51 -5.22
C LEU E 1991 -30.25 49.18 -4.87
N GLU E 1992 -30.85 48.47 -5.82
CA GLU E 1992 -31.47 47.19 -5.50
C GLU E 1992 -30.50 46.10 -5.01
N PRO E 1993 -29.29 45.91 -5.54
CA PRO E 1993 -28.49 44.76 -5.06
C PRO E 1993 -28.06 44.88 -3.62
N LEU E 1994 -27.66 46.09 -3.18
CA LEU E 1994 -27.25 46.29 -1.80
C LEU E 1994 -28.40 46.02 -0.84
N TYR E 1995 -29.60 46.46 -1.20
CA TYR E 1995 -30.76 46.22 -0.36
C TYR E 1995 -31.12 44.73 -0.32
N GLU E 1996 -31.00 44.03 -1.44
CA GLU E 1996 -31.46 42.65 -1.47
C GLU E 1996 -30.44 41.67 -0.89
N MET E 1997 -29.15 41.98 -0.91
CA MET E 1997 -28.16 41.03 -0.40
C MET E 1997 -28.10 40.97 1.13
N LEU E 1998 -28.69 41.93 1.84
CA LEU E 1998 -28.52 41.97 3.29
C LEU E 1998 -29.55 41.14 4.05
N LYS E 1999 -30.54 40.57 3.36
CA LYS E 1999 -31.61 39.83 4.02
C LYS E 1999 -31.50 38.32 3.81
N ARG E 2000 -30.30 37.83 3.51
CA ARG E 2000 -30.09 36.41 3.28
C ARG E 2000 -29.73 35.66 4.56
N GLY E 2001 -29.55 36.35 5.68
CA GLY E 2001 -29.06 35.73 6.88
C GLY E 2001 -27.55 35.69 6.89
N PRO E 2002 -26.95 35.44 8.05
CA PRO E 2002 -25.49 35.41 8.13
C PRO E 2002 -24.90 34.04 7.85
N GLU E 2003 -23.76 34.05 7.16
CA GLU E 2003 -22.98 32.84 6.98
C GLU E 2003 -21.48 33.02 7.16
N THR E 2004 -21.02 34.19 7.61
CA THR E 2004 -19.61 34.41 7.87
C THR E 2004 -19.46 35.46 8.96
N LEU E 2005 -18.24 35.51 9.54
CA LEU E 2005 -17.98 36.44 10.62
C LEU E 2005 -18.01 37.89 10.16
N ARG E 2006 -17.60 38.15 8.92
CA ARG E 2006 -17.71 39.50 8.38
C ARG E 2006 -19.17 39.93 8.26
N GLU E 2007 -20.04 39.02 7.81
CA GLU E 2007 -21.46 39.32 7.78
C GLU E 2007 -22.03 39.52 9.17
N ILE E 2008 -21.53 38.74 10.13
CA ILE E 2008 -21.95 38.89 11.53
C ILE E 2008 -21.59 40.28 12.04
N SER E 2009 -20.36 40.72 11.76
CA SER E 2009 -19.91 42.03 12.19
C SER E 2009 -20.61 43.16 11.43
N PHE E 2010 -21.07 42.89 10.21
CA PHE E 2010 -21.74 43.91 9.43
C PHE E 2010 -23.19 44.11 9.85
N GLN E 2011 -23.93 43.00 10.02
CA GLN E 2011 -25.38 43.10 10.17
C GLN E 2011 -25.77 43.74 11.49
N ASN E 2012 -24.96 43.57 12.54
CA ASN E 2012 -25.27 44.15 13.83
C ASN E 2012 -24.71 45.55 14.00
N SER E 2013 -23.95 46.05 13.04
CA SER E 2013 -23.29 47.35 13.14
C SER E 2013 -23.82 48.39 12.19
N PHE E 2014 -23.85 48.10 10.89
CA PHE E 2014 -24.17 49.10 9.89
C PHE E 2014 -25.44 48.80 9.11
N GLY E 2015 -26.20 47.78 9.50
CA GLY E 2015 -27.47 47.53 8.83
C GLY E 2015 -28.58 48.44 9.30
N ARG E 2016 -28.51 48.91 10.56
CA ARG E 2016 -29.57 49.74 11.11
C ARG E 2016 -29.66 51.09 10.41
N ASP E 2017 -28.51 51.70 10.09
CA ASP E 2017 -28.51 52.98 9.40
C ASP E 2017 -29.11 52.86 8.01
N LEU E 2018 -28.76 51.80 7.28
CA LEU E 2018 -29.34 51.58 5.96
C LEU E 2018 -30.84 51.31 6.04
N ASN E 2019 -31.27 50.55 7.06
CA ASN E 2019 -32.71 50.30 7.22
C ASN E 2019 -33.46 51.58 7.56
N ASP E 2020 -32.84 52.46 8.37
CA ASP E 2020 -33.47 53.74 8.69
C ASP E 2020 -33.54 54.65 7.47
N ALA E 2021 -32.49 54.65 6.64
CA ALA E 2021 -32.51 55.44 5.41
C ALA E 2021 -33.44 54.86 4.36
N TYR E 2022 -33.78 53.56 4.48
CA TYR E 2022 -34.76 52.96 3.59
C TYR E 2022 -36.14 53.58 3.72
N GLU E 2023 -36.43 54.22 4.86
CA GLU E 2023 -37.72 54.88 5.04
C GLU E 2023 -37.88 56.05 4.07
N TRP E 2024 -36.79 56.77 3.81
CA TRP E 2024 -36.85 57.88 2.86
C TRP E 2024 -37.18 57.39 1.46
N LEU E 2025 -36.54 56.29 1.04
CA LEU E 2025 -36.85 55.71 -0.27
C LEU E 2025 -38.26 55.14 -0.32
N MET E 2026 -38.73 54.55 0.78
CA MET E 2026 -40.10 54.05 0.83
C MET E 2026 -41.11 55.19 0.69
N ASN E 2027 -40.84 56.32 1.34
CA ASN E 2027 -41.70 57.48 1.19
C ASN E 2027 -41.63 58.06 -0.22
N TYR E 2028 -40.43 58.05 -0.81
CA TYR E 2028 -40.25 58.59 -2.16
C TYR E 2028 -40.99 57.74 -3.19
N LYS E 2029 -41.01 56.42 -3.00
CA LYS E 2029 -41.69 55.55 -3.96
C LYS E 2029 -43.19 55.80 -4.02
N LYS E 2030 -43.79 56.25 -2.91
CA LYS E 2030 -45.20 56.54 -2.87
C LYS E 2030 -45.54 58.01 -3.09
N SER E 2031 -44.60 58.92 -2.90
CA SER E 2031 -44.88 60.34 -3.05
C SER E 2031 -44.37 60.94 -4.36
N LYS E 2032 -43.31 60.39 -4.94
CA LYS E 2032 -42.72 60.82 -6.20
C LYS E 2032 -42.31 62.29 -6.16
N ASP E 2033 -41.34 62.59 -5.29
CA ASP E 2033 -40.79 63.93 -5.14
C ASP E 2033 -39.34 63.84 -4.70
N VAL E 2034 -38.52 64.73 -5.26
CA VAL E 2034 -37.06 64.64 -5.12
C VAL E 2034 -36.64 64.92 -3.68
N SER E 2035 -37.40 65.73 -2.96
CA SER E 2035 -36.98 66.24 -1.65
C SER E 2035 -36.84 65.13 -0.60
N ASN E 2036 -37.45 63.97 -0.81
CA ASN E 2036 -37.38 62.87 0.15
C ASN E 2036 -36.18 61.97 -0.06
N LEU E 2037 -35.12 62.47 -0.71
CA LEU E 2037 -33.91 61.68 -0.92
C LEU E 2037 -32.63 62.37 -0.46
N ASN E 2038 -32.66 63.67 -0.16
CA ASN E 2038 -31.44 64.37 0.25
C ASN E 2038 -30.94 63.87 1.59
N GLN E 2039 -31.87 63.68 2.53
CA GLN E 2039 -31.48 63.15 3.86
C GLN E 2039 -30.82 61.79 3.62
N ALA E 2040 -31.53 60.89 2.92
CA ALA E 2040 -31.02 59.55 2.68
C ALA E 2040 -29.64 59.58 2.04
N TRP E 2041 -29.42 60.53 1.12
CA TRP E 2041 -28.11 60.67 0.51
C TRP E 2041 -27.07 61.13 1.53
N ASP E 2042 -27.46 61.99 2.47
CA ASP E 2042 -26.55 62.39 3.54
C ASP E 2042 -26.20 61.22 4.45
N ILE E 2043 -27.20 60.39 4.77
CA ILE E 2043 -26.95 59.20 5.58
C ILE E 2043 -26.00 58.24 4.86
N TYR E 2044 -26.24 58.03 3.56
CA TYR E 2044 -25.34 57.19 2.78
C TYR E 2044 -23.98 57.85 2.61
N TYR E 2045 -23.89 59.17 2.67
CA TYR E 2045 -22.60 59.84 2.64
C TYR E 2045 -21.81 59.56 3.91
N ASN E 2046 -22.48 59.59 5.06
CA ASN E 2046 -21.83 59.20 6.32
C ASN E 2046 -21.41 57.73 6.28
N VAL E 2047 -22.26 56.88 5.71
CA VAL E 2047 -21.93 55.46 5.53
C VAL E 2047 -20.69 55.32 4.65
N PHE E 2048 -20.65 56.07 3.55
CA PHE E 2048 -19.50 56.08 2.67
C PHE E 2048 -18.24 56.52 3.41
N ARG E 2049 -18.37 57.54 4.26
CA ARG E 2049 -17.22 58.05 5.00
C ARG E 2049 -16.68 56.99 5.96
N LYS E 2050 -17.57 56.30 6.69
CA LYS E 2050 -17.08 55.32 7.65
C LYS E 2050 -16.51 54.08 6.96
N ILE E 2051 -17.14 53.63 5.87
CA ILE E 2051 -16.62 52.48 5.14
C ILE E 2051 -15.28 52.82 4.49
N GLY E 2052 -15.16 54.00 3.89
CA GLY E 2052 -13.89 54.40 3.32
C GLY E 2052 -12.84 54.78 4.35
N LYS E 2053 -13.25 54.98 5.60
CA LYS E 2053 -12.26 55.18 6.67
C LYS E 2053 -11.75 53.84 7.18
N GLN E 2054 -12.61 52.83 7.26
CA GLN E 2054 -12.17 51.52 7.70
C GLN E 2054 -11.48 50.73 6.59
N LEU E 2055 -11.72 51.07 5.32
CA LEU E 2055 -11.07 50.35 4.22
C LEU E 2055 -9.54 50.38 4.26
N PRO E 2056 -8.84 51.50 4.56
CA PRO E 2056 -7.38 51.42 4.68
C PRO E 2056 -6.92 50.88 6.03
N GLN E 2057 -7.81 50.22 6.76
CA GLN E 2057 -7.45 49.59 8.02
C GLN E 2057 -7.51 48.07 7.97
N LEU E 2058 -7.57 47.49 6.77
CA LEU E 2058 -7.49 46.04 6.59
C LEU E 2058 -6.33 45.75 5.65
N GLN E 2059 -5.13 45.65 6.21
CA GLN E 2059 -3.94 45.22 5.47
C GLN E 2059 -3.67 43.73 5.63
N THR E 2060 -4.48 43.04 6.42
CA THR E 2060 -4.35 41.60 6.59
C THR E 2060 -5.73 41.05 6.92
N LEU E 2061 -6.09 39.95 6.26
CA LEU E 2061 -7.34 39.28 6.53
C LEU E 2061 -7.05 37.95 7.19
N GLU E 2062 -7.90 37.57 8.13
CA GLU E 2062 -7.68 36.39 8.96
C GLU E 2062 -8.77 35.37 8.66
N LEU E 2063 -8.36 34.10 8.63
CA LEU E 2063 -9.17 33.05 8.05
C LEU E 2063 -10.46 32.84 8.85
N GLN E 2064 -10.36 32.85 10.18
CA GLN E 2064 -11.52 32.72 11.05
C GLN E 2064 -12.49 33.88 10.92
N HIS E 2065 -12.02 35.00 10.36
CA HIS E 2065 -12.86 36.18 10.17
C HIS E 2065 -13.49 36.23 8.78
N VAL E 2066 -12.80 35.73 7.76
CA VAL E 2066 -13.37 35.72 6.42
C VAL E 2066 -14.26 34.49 6.21
N SER E 2067 -13.76 33.29 6.51
CA SER E 2067 -14.56 32.08 6.41
C SER E 2067 -13.95 30.99 7.29
N PRO E 2068 -14.64 30.57 8.35
CA PRO E 2068 -14.01 29.68 9.34
C PRO E 2068 -13.70 28.28 8.83
N LYS E 2069 -14.33 27.81 7.75
CA LYS E 2069 -14.21 26.41 7.36
C LYS E 2069 -13.01 26.14 6.47
N LEU E 2070 -12.13 27.11 6.25
CA LEU E 2070 -10.92 26.82 5.50
C LEU E 2070 -9.94 26.00 6.34
N LEU E 2071 -10.06 26.06 7.67
CA LEU E 2071 -9.29 25.13 8.50
C LEU E 2071 -9.65 23.68 8.17
N SER E 2072 -10.90 23.42 7.78
CA SER E 2072 -11.30 22.07 7.40
C SER E 2072 -11.14 21.82 5.91
N ALA E 2073 -11.06 22.88 5.09
CA ALA E 2073 -10.85 22.73 3.66
C ALA E 2073 -9.40 22.34 3.40
N HIS E 2074 -9.11 21.05 3.59
CA HIS E 2074 -7.80 20.49 3.27
C HIS E 2074 -7.98 19.02 2.89
N ASP E 2075 -6.87 18.39 2.54
CA ASP E 2075 -6.83 16.97 2.13
C ASP E 2075 -7.81 16.69 0.98
N LEU E 2076 -7.93 17.66 0.08
CA LEU E 2076 -8.73 17.52 -1.13
C LEU E 2076 -7.78 17.35 -2.30
N GLU E 2077 -8.02 16.32 -3.11
CA GLU E 2077 -7.05 15.90 -4.12
C GLU E 2077 -6.94 16.85 -5.31
N LEU E 2078 -7.46 18.07 -5.28
CA LEU E 2078 -7.20 19.01 -6.37
C LEU E 2078 -5.72 19.39 -6.39
N ALA E 2079 -5.23 19.73 -7.57
CA ALA E 2079 -3.90 20.30 -7.67
C ALA E 2079 -3.93 21.78 -7.28
N VAL E 2080 -2.75 22.35 -7.13
CA VAL E 2080 -2.69 23.81 -6.95
C VAL E 2080 -3.22 24.47 -8.23
N PRO E 2081 -4.01 25.54 -8.15
CA PRO E 2081 -4.69 26.02 -9.36
C PRO E 2081 -3.79 26.71 -10.38
N GLY E 2082 -2.66 26.10 -10.69
CA GLY E 2082 -1.83 26.57 -11.78
C GLY E 2082 -1.09 25.48 -12.53
N THR E 2083 -1.29 24.22 -12.15
CA THR E 2083 -0.49 23.12 -12.65
C THR E 2083 -1.35 22.17 -13.47
N ARG E 2084 -0.86 21.84 -14.66
CA ARG E 2084 -1.53 20.90 -15.56
C ARG E 2084 -0.54 20.44 -16.61
N ALA E 2085 -0.47 19.13 -16.83
CA ALA E 2085 0.45 18.56 -17.81
C ALA E 2085 -0.08 17.20 -18.24
N SER E 2086 -0.50 17.09 -19.49
CA SER E 2086 -1.00 15.83 -20.01
C SER E 2086 0.12 14.81 -20.10
N GLY E 2087 -0.18 13.58 -19.70
CA GLY E 2087 0.82 12.51 -19.69
C GLY E 2087 1.63 12.53 -18.40
N GLY E 2088 2.94 12.72 -18.52
CA GLY E 2088 3.81 12.72 -17.37
C GLY E 2088 3.67 13.94 -16.50
N LYS E 2089 3.08 13.77 -15.32
CA LYS E 2089 2.95 14.86 -14.36
C LYS E 2089 2.80 14.29 -12.95
N PRO E 2090 3.64 14.73 -12.01
CA PRO E 2090 3.43 14.32 -10.61
C PRO E 2090 2.15 14.90 -10.05
N ILE E 2091 1.56 14.17 -9.10
CA ILE E 2091 0.31 14.61 -8.49
C ILE E 2091 0.61 15.73 -7.51
N VAL E 2092 -0.09 16.86 -7.68
CA VAL E 2092 0.03 18.00 -6.78
C VAL E 2092 -1.10 17.91 -5.77
N LYS E 2093 -0.73 17.87 -4.49
CA LYS E 2093 -1.69 17.68 -3.40
C LYS E 2093 -1.72 18.93 -2.55
N ILE E 2094 -2.92 19.49 -2.37
CA ILE E 2094 -3.11 20.67 -1.53
C ILE E 2094 -3.12 20.23 -0.07
N SER E 2095 -2.31 20.89 0.75
CA SER E 2095 -2.14 20.48 2.15
C SER E 2095 -2.73 21.47 3.14
N LYS E 2096 -2.33 22.74 3.08
CA LYS E 2096 -2.76 23.70 4.08
C LYS E 2096 -2.70 25.11 3.50
N PHE E 2097 -3.33 26.05 4.20
CA PHE E 2097 -3.32 27.45 3.85
C PHE E 2097 -2.79 28.27 5.03
N GLU E 2098 -1.77 29.06 4.79
CA GLU E 2098 -1.29 29.96 5.83
C GLU E 2098 -2.32 31.04 6.11
N PRO E 2099 -2.48 31.46 7.37
CA PRO E 2099 -3.64 32.26 7.76
C PRO E 2099 -3.63 33.70 7.25
N VAL E 2100 -2.49 34.37 7.33
CA VAL E 2100 -2.42 35.81 7.11
C VAL E 2100 -2.37 36.10 5.61
N PHE E 2101 -3.04 37.18 5.22
CA PHE E 2101 -3.09 37.63 3.83
C PHE E 2101 -2.52 39.04 3.74
N SER E 2102 -2.65 39.64 2.55
CA SER E 2102 -2.17 40.99 2.33
C SER E 2102 -3.01 41.65 1.26
N VAL E 2103 -2.99 42.99 1.25
CA VAL E 2103 -3.69 43.78 0.24
C VAL E 2103 -2.70 44.75 -0.38
N ILE E 2104 -3.00 45.16 -1.61
CA ILE E 2104 -2.20 46.13 -2.34
C ILE E 2104 -3.12 47.25 -2.81
N SER E 2105 -2.72 48.49 -2.57
CA SER E 2105 -3.53 49.65 -2.97
C SER E 2105 -3.50 49.76 -4.49
N SER E 2106 -4.61 49.37 -5.14
CA SER E 2106 -4.65 49.37 -6.60
C SER E 2106 -5.98 49.89 -7.15
N LYS E 2107 -6.89 50.35 -6.24
CA LYS E 2107 -8.23 50.77 -6.64
C LYS E 2107 -9.14 49.57 -6.84
N GLN E 2108 -8.59 48.37 -6.72
CA GLN E 2108 -9.36 47.15 -6.68
C GLN E 2108 -8.91 46.23 -5.56
N ARG E 2109 -7.73 46.46 -4.98
CA ARG E 2109 -7.24 45.84 -3.75
C ARG E 2109 -7.18 44.32 -3.90
N PRO E 2110 -6.20 43.79 -4.65
CA PRO E 2110 -6.09 42.34 -4.81
C PRO E 2110 -5.66 41.66 -3.53
N ARG E 2111 -5.77 40.33 -3.51
CA ARG E 2111 -5.41 39.55 -2.33
C ARG E 2111 -4.32 38.56 -2.69
N LYS E 2112 -3.22 38.58 -1.95
CA LYS E 2112 -2.13 37.65 -2.18
C LYS E 2112 -2.27 36.47 -1.22
N PHE E 2113 -2.41 35.27 -1.78
CA PHE E 2113 -2.46 34.05 -0.98
C PHE E 2113 -1.21 33.22 -1.18
N CYS E 2114 -0.87 32.46 -0.15
CA CYS E 2114 0.14 31.42 -0.24
C CYS E 2114 -0.47 30.13 0.27
N ILE E 2115 -0.12 29.01 -0.38
CA ILE E 2115 -0.65 27.70 -0.06
C ILE E 2115 0.51 26.77 0.24
N LYS E 2116 0.47 26.12 1.40
CA LYS E 2116 1.46 25.10 1.73
C LYS E 2116 1.22 23.87 0.88
N GLY E 2117 2.27 23.38 0.24
CA GLY E 2117 2.13 22.24 -0.65
C GLY E 2117 2.57 20.93 -0.04
N SER E 2118 2.11 19.82 -0.61
CA SER E 2118 2.54 18.51 -0.16
C SER E 2118 4.03 18.30 -0.41
N ASP E 2119 4.57 18.96 -1.44
CA ASP E 2119 6.01 18.98 -1.67
C ASP E 2119 6.76 19.80 -0.63
N GLY E 2120 6.05 20.55 0.21
CA GLY E 2120 6.66 21.31 1.28
C GLY E 2120 7.03 22.73 0.95
N LYS E 2121 6.95 23.13 -0.32
CA LYS E 2121 7.24 24.50 -0.72
C LYS E 2121 5.94 25.26 -0.97
N ASP E 2122 5.83 26.44 -0.38
CA ASP E 2122 4.62 27.25 -0.54
C ASP E 2122 4.51 27.77 -1.98
N TYR E 2123 3.28 27.81 -2.46
CA TYR E 2123 2.97 28.35 -3.79
C TYR E 2123 2.18 29.63 -3.59
N LYS E 2124 2.65 30.72 -4.16
CA LYS E 2124 2.07 32.04 -3.96
C LYS E 2124 1.29 32.47 -5.20
N TYR E 2125 0.00 32.69 -5.04
CA TYR E 2125 -0.86 33.23 -6.09
C TYR E 2125 -1.43 34.55 -5.60
N VAL E 2126 -2.04 35.29 -6.53
CA VAL E 2126 -2.74 36.53 -6.20
C VAL E 2126 -4.07 36.55 -6.94
N LEU E 2127 -5.16 36.81 -6.21
CA LEU E 2127 -6.48 36.84 -6.82
C LEU E 2127 -6.96 38.26 -6.96
N LYS E 2128 -7.64 38.51 -8.07
CA LYS E 2128 -8.28 39.79 -8.34
C LYS E 2128 -9.72 39.58 -8.72
N GLY E 2129 -10.59 40.41 -8.15
CA GLY E 2129 -11.99 40.46 -8.54
C GLY E 2129 -12.26 41.68 -9.39
N HIS E 2130 -13.49 41.72 -9.93
CA HIS E 2130 -13.98 42.79 -10.79
C HIS E 2130 -13.12 42.97 -12.05
N GLU E 2131 -12.44 41.91 -12.47
CA GLU E 2131 -11.65 41.91 -13.69
C GLU E 2131 -11.61 40.50 -14.26
N ASP E 2132 -11.88 40.38 -15.54
CA ASP E 2132 -11.81 39.09 -16.23
C ASP E 2132 -10.37 38.77 -16.57
N ILE E 2133 -9.98 37.51 -16.35
CA ILE E 2133 -8.63 37.08 -16.65
C ILE E 2133 -8.59 35.92 -17.64
N ARG E 2134 -9.71 35.61 -18.30
CA ARG E 2134 -9.63 34.68 -19.41
C ARG E 2134 -8.80 35.27 -20.53
N GLN E 2135 -8.85 36.60 -20.68
CA GLN E 2135 -7.94 37.29 -21.58
C GLN E 2135 -6.50 37.13 -21.13
N ASP E 2136 -6.26 37.13 -19.82
CA ASP E 2136 -4.91 36.86 -19.31
C ASP E 2136 -4.47 35.45 -19.67
N SER E 2137 -5.37 34.47 -19.52
CA SER E 2137 -5.02 33.09 -19.84
C SER E 2137 -4.70 32.92 -21.32
N LEU E 2138 -5.49 33.56 -22.19
CA LEU E 2138 -5.23 33.41 -23.62
C LEU E 2138 -4.00 34.21 -24.07
N VAL E 2139 -3.71 35.35 -23.45
CA VAL E 2139 -2.47 36.01 -23.83
C VAL E 2139 -1.29 35.24 -23.27
N MET E 2140 -1.50 34.48 -22.19
CA MET E 2140 -0.44 33.62 -21.69
C MET E 2140 -0.15 32.48 -22.66
N GLN E 2141 -1.19 31.87 -23.23
CA GLN E 2141 -0.93 30.83 -24.21
C GLN E 2141 -0.34 31.41 -25.50
N LEU E 2142 -0.71 32.66 -25.83
CA LEU E 2142 -0.05 33.34 -26.93
C LEU E 2142 1.43 33.54 -26.64
N PHE E 2143 1.77 33.90 -25.40
CA PHE E 2143 3.17 34.02 -25.00
C PHE E 2143 3.88 32.68 -25.09
N GLY E 2144 3.21 31.61 -24.69
CA GLY E 2144 3.82 30.29 -24.81
C GLY E 2144 4.14 29.93 -26.25
N LEU E 2145 3.20 30.19 -27.16
CA LEU E 2145 3.44 29.82 -28.56
C LEU E 2145 4.47 30.73 -29.21
N VAL E 2146 4.49 32.02 -28.85
CA VAL E 2146 5.53 32.87 -29.44
C VAL E 2146 6.90 32.51 -28.85
N ASN E 2147 6.94 32.05 -27.59
CA ASN E 2147 8.19 31.56 -27.02
C ASN E 2147 8.66 30.32 -27.77
N THR E 2148 7.73 29.44 -28.12
CA THR E 2148 8.07 28.28 -28.93
C THR E 2148 8.64 28.69 -30.28
N LEU E 2149 8.02 29.69 -30.92
CA LEU E 2149 8.53 30.18 -32.19
C LEU E 2149 9.93 30.77 -32.04
N LEU E 2150 10.15 31.54 -30.98
CA LEU E 2150 11.45 32.18 -30.76
C LEU E 2150 12.53 31.14 -30.51
N GLN E 2151 12.21 30.07 -29.79
CA GLN E 2151 13.21 29.02 -29.56
C GLN E 2151 13.31 28.06 -30.73
N ASN E 2152 12.41 28.14 -31.71
CA ASN E 2152 12.49 27.25 -32.87
C ASN E 2152 13.77 27.46 -33.68
N ASP E 2153 14.14 28.72 -33.93
CA ASP E 2153 15.26 29.00 -34.81
C ASP E 2153 16.58 28.96 -34.02
N ALA E 2154 17.66 29.39 -34.67
CA ALA E 2154 18.97 29.42 -34.02
C ALA E 2154 19.75 30.69 -34.35
N GLU E 2155 19.09 31.71 -34.91
CA GLU E 2155 19.77 32.95 -35.25
C GLU E 2155 20.11 33.73 -33.98
N CYS E 2156 19.08 34.12 -33.23
CA CYS E 2156 19.24 34.83 -31.97
C CYS E 2156 19.00 33.92 -30.76
N PHE E 2157 18.99 32.60 -30.99
CA PHE E 2157 18.85 31.66 -29.88
C PHE E 2157 20.03 31.75 -28.92
N ARG E 2158 21.20 32.16 -29.41
CA ARG E 2158 22.37 32.32 -28.56
C ARG E 2158 22.19 33.47 -27.57
N ARG E 2159 21.35 34.44 -27.90
CA ARG E 2159 21.08 35.55 -26.99
C ARG E 2159 20.03 35.23 -25.94
N HIS E 2160 19.49 34.01 -25.93
CA HIS E 2160 18.62 33.50 -24.88
C HIS E 2160 17.37 34.37 -24.73
N LEU E 2161 16.66 34.53 -25.85
CA LEU E 2161 15.43 35.30 -25.82
C LEU E 2161 14.29 34.43 -25.28
N ASP E 2162 13.50 35.01 -24.38
CA ASP E 2162 12.47 34.25 -23.70
C ASP E 2162 11.42 35.20 -23.17
N ILE E 2163 10.17 34.73 -23.13
CA ILE E 2163 9.06 35.44 -22.54
C ILE E 2163 8.61 34.61 -21.35
N GLN E 2164 8.66 35.20 -20.14
CA GLN E 2164 8.44 34.43 -18.94
C GLN E 2164 6.97 34.09 -18.78
N GLN E 2165 6.71 32.87 -18.31
CA GLN E 2165 5.36 32.34 -18.19
C GLN E 2165 5.01 32.12 -16.73
N TYR E 2166 3.82 32.55 -16.33
CA TYR E 2166 3.30 32.23 -15.02
C TYR E 2166 1.87 31.73 -15.15
N PRO E 2167 1.46 30.77 -14.31
CA PRO E 2167 0.13 30.18 -14.46
C PRO E 2167 -0.97 31.17 -14.11
N ALA E 2168 -2.12 30.98 -14.75
CA ALA E 2168 -3.27 31.86 -14.55
C ALA E 2168 -4.53 31.16 -15.02
N ILE E 2169 -5.46 30.90 -14.11
CA ILE E 2169 -6.76 30.35 -14.49
C ILE E 2169 -7.88 31.18 -13.87
N PRO E 2170 -8.97 31.42 -14.58
CA PRO E 2170 -10.10 32.13 -13.99
C PRO E 2170 -11.00 31.21 -13.20
N LEU E 2171 -11.60 31.77 -12.15
CA LEU E 2171 -12.54 31.03 -11.31
C LEU E 2171 -13.94 31.64 -11.35
N SER E 2172 -14.14 32.70 -12.11
CA SER E 2172 -15.40 33.43 -12.17
C SER E 2172 -15.32 34.39 -13.35
N PRO E 2173 -16.46 34.81 -13.89
CA PRO E 2173 -16.42 35.81 -14.97
C PRO E 2173 -15.75 37.11 -14.58
N LYS E 2174 -15.80 37.49 -13.31
CA LYS E 2174 -15.24 38.77 -12.86
C LYS E 2174 -14.17 38.60 -11.80
N SER E 2175 -13.63 37.40 -11.61
CA SER E 2175 -12.53 37.24 -10.66
C SER E 2175 -11.71 36.02 -11.03
N GLY E 2176 -10.52 35.94 -10.46
CA GLY E 2176 -9.69 34.78 -10.68
C GLY E 2176 -8.32 34.93 -10.05
N LEU E 2177 -7.44 33.99 -10.40
CA LEU E 2177 -6.13 33.84 -9.80
C LEU E 2177 -5.03 34.02 -10.83
N LEU E 2178 -3.92 34.61 -10.39
CA LEU E 2178 -2.74 34.87 -11.21
C LEU E 2178 -1.51 34.37 -10.47
N GLY E 2179 -0.46 34.10 -11.22
CA GLY E 2179 0.80 33.67 -10.64
C GLY E 2179 1.57 34.80 -9.99
N TRP E 2180 2.71 34.45 -9.40
CA TRP E 2180 3.55 35.41 -8.68
C TRP E 2180 4.98 34.91 -8.80
N VAL E 2181 5.74 35.55 -9.70
CA VAL E 2181 7.12 35.12 -9.96
C VAL E 2181 7.96 35.34 -8.70
N PRO E 2182 8.77 34.38 -8.28
CA PRO E 2182 9.58 34.55 -7.07
C PRO E 2182 10.67 35.60 -7.27
N ASN E 2183 11.31 35.93 -6.15
CA ASN E 2183 12.46 36.85 -5.99
C ASN E 2183 12.42 38.01 -7.00
N SER E 2184 11.32 38.75 -6.98
CA SER E 2184 11.13 39.87 -7.87
C SER E 2184 10.59 41.06 -7.09
N ASP E 2185 10.91 42.25 -7.59
CA ASP E 2185 10.41 43.50 -7.03
C ASP E 2185 9.81 44.36 -8.14
N THR E 2186 8.75 45.08 -7.79
CA THR E 2186 8.14 46.04 -8.69
C THR E 2186 9.12 47.18 -8.96
N PHE E 2187 9.07 47.71 -10.19
CA PHE E 2187 9.82 48.92 -10.49
C PHE E 2187 9.47 50.04 -9.52
N HIS E 2188 8.19 50.16 -9.18
CA HIS E 2188 7.75 51.21 -8.27
C HIS E 2188 8.32 51.00 -6.86
N VAL E 2189 8.32 49.76 -6.37
CA VAL E 2189 8.82 49.57 -5.01
C VAL E 2189 10.32 49.72 -4.97
N LEU E 2190 11.02 49.33 -6.05
CA LEU E 2190 12.46 49.58 -6.12
C LEU E 2190 12.75 51.08 -6.12
N ILE E 2191 11.97 51.84 -6.89
CA ILE E 2191 12.19 53.28 -6.99
C ILE E 2191 11.93 53.95 -5.65
N ARG E 2192 10.81 53.62 -5.00
CA ARG E 2192 10.51 54.24 -3.72
C ARG E 2192 11.52 53.83 -2.66
N GLU E 2193 12.00 52.58 -2.68
CA GLU E 2193 13.00 52.16 -1.72
C GLU E 2193 14.29 52.94 -1.89
N HIS E 2194 14.75 53.10 -3.14
CA HIS E 2194 15.99 53.82 -3.37
C HIS E 2194 15.87 55.29 -2.99
N ARG E 2195 14.76 55.93 -3.37
CA ARG E 2195 14.61 57.35 -3.09
C ARG E 2195 14.43 57.60 -1.60
N GLU E 2196 13.68 56.74 -0.91
CA GLU E 2196 13.53 56.90 0.53
C GLU E 2196 14.83 56.60 1.26
N ALA E 2197 15.67 55.73 0.72
CA ALA E 2197 16.96 55.47 1.33
C ALA E 2197 17.88 56.67 1.19
N LYS E 2198 17.98 57.23 -0.01
CA LYS E 2198 18.91 58.33 -0.25
C LYS E 2198 18.26 59.70 -0.11
N LYS E 2199 17.10 59.78 0.54
CA LYS E 2199 16.49 61.06 0.94
C LYS E 2199 16.14 61.93 -0.26
N ILE E 2200 15.56 61.31 -1.27
CA ILE E 2200 14.99 62.03 -2.42
C ILE E 2200 13.47 61.84 -2.37
N PRO E 2201 12.68 62.88 -2.54
CA PRO E 2201 11.23 62.72 -2.55
C PRO E 2201 10.79 61.81 -3.68
N LEU E 2202 9.74 61.01 -3.41
CA LEU E 2202 9.28 60.03 -4.39
C LEU E 2202 8.73 60.71 -5.64
N ASN E 2203 8.08 61.85 -5.47
CA ASN E 2203 7.48 62.58 -6.58
C ASN E 2203 8.14 63.95 -6.75
N ILE E 2204 9.47 64.02 -6.63
CA ILE E 2204 10.15 65.30 -6.76
C ILE E 2204 10.11 65.77 -8.22
N GLU E 2205 10.03 64.84 -9.17
CA GLU E 2205 9.90 65.23 -10.57
C GLU E 2205 8.54 65.90 -10.81
N HIS E 2206 7.47 65.29 -10.33
CA HIS E 2206 6.16 65.91 -10.43
C HIS E 2206 6.10 67.22 -9.65
N TRP E 2207 6.86 67.30 -8.56
CA TRP E 2207 6.90 68.52 -7.76
C TRP E 2207 7.58 69.66 -8.50
N VAL E 2208 8.69 69.37 -9.19
CA VAL E 2208 9.34 70.44 -9.95
C VAL E 2208 8.54 70.75 -11.22
N MET E 2209 7.71 69.82 -11.68
CA MET E 2209 6.76 70.16 -12.74
C MET E 2209 5.69 71.13 -12.24
N LEU E 2210 5.19 70.92 -11.03
CA LEU E 2210 4.18 71.82 -10.45
C LEU E 2210 4.80 73.06 -9.79
N GLN E 2211 6.12 73.18 -9.79
CA GLN E 2211 6.77 74.40 -9.33
C GLN E 2211 6.25 75.62 -10.08
N MET E 2212 6.12 75.51 -11.40
CA MET E 2212 5.65 76.60 -12.23
C MET E 2212 4.12 76.70 -12.27
N ALA E 2213 3.46 75.63 -12.70
CA ALA E 2213 2.03 75.67 -12.97
C ALA E 2213 1.28 74.91 -11.88
N PRO E 2214 0.43 75.57 -11.12
CA PRO E 2214 -0.34 74.85 -10.08
C PRO E 2214 -1.24 73.78 -10.64
N ASP E 2215 -1.79 73.98 -11.83
CA ASP E 2215 -2.55 72.95 -12.53
C ASP E 2215 -1.76 72.50 -13.75
N TYR E 2216 -1.56 71.19 -13.85
CA TYR E 2216 -0.73 70.62 -14.91
C TYR E 2216 -1.50 69.77 -15.89
N ASP E 2217 -2.50 69.03 -15.45
CA ASP E 2217 -3.27 68.14 -16.32
C ASP E 2217 -4.23 68.88 -17.25
N ASN E 2218 -4.18 70.21 -17.35
CA ASN E 2218 -5.08 70.96 -18.20
C ASN E 2218 -4.34 72.00 -19.05
N LEU E 2219 -3.05 71.81 -19.28
CA LEU E 2219 -2.20 72.84 -19.87
C LEU E 2219 -2.02 72.70 -21.39
N THR E 2220 -3.11 72.55 -22.13
CA THR E 2220 -3.15 72.56 -23.61
C THR E 2220 -2.07 71.62 -24.16
N LEU E 2221 -1.25 72.06 -25.12
CA LEU E 2221 -0.15 71.26 -25.64
C LEU E 2221 1.20 71.92 -25.38
N LEU E 2222 1.39 73.17 -25.80
CA LEU E 2222 2.71 73.81 -25.71
C LEU E 2222 3.05 74.15 -24.26
N GLN E 2223 2.07 74.50 -23.45
CA GLN E 2223 2.32 74.73 -22.03
C GLN E 2223 2.76 73.45 -21.35
N LYS E 2224 2.15 72.32 -21.72
CA LYS E 2224 2.59 71.03 -21.22
C LYS E 2224 3.99 70.71 -21.72
N VAL E 2225 4.32 71.15 -22.93
CA VAL E 2225 5.67 70.97 -23.47
C VAL E 2225 6.70 71.69 -22.60
N GLU E 2226 6.42 72.95 -22.24
CA GLU E 2226 7.21 73.63 -21.21
C GLU E 2226 7.34 72.86 -19.92
N VAL E 2227 6.21 72.41 -19.36
CA VAL E 2227 6.27 71.79 -18.03
C VAL E 2227 7.06 70.49 -18.07
N PHE E 2228 6.96 69.73 -19.16
CA PHE E 2228 7.75 68.52 -19.30
C PHE E 2228 9.21 68.83 -19.55
N THR E 2229 9.49 69.82 -20.42
CA THR E 2229 10.86 70.11 -20.81
C THR E 2229 11.68 70.65 -19.66
N TYR E 2230 11.07 71.45 -18.78
CA TYR E 2230 11.82 71.93 -17.61
C TYR E 2230 12.20 70.78 -16.68
N ALA E 2231 11.31 69.82 -16.50
CA ALA E 2231 11.63 68.65 -15.67
C ALA E 2231 12.75 67.83 -16.29
N LEU E 2232 12.69 67.60 -17.60
CA LEU E 2232 13.77 66.87 -18.26
C LEU E 2232 15.09 67.62 -18.19
N ASN E 2233 15.03 68.95 -18.22
CA ASN E 2233 16.28 69.71 -18.16
C ASN E 2233 16.87 69.77 -16.76
N ASN E 2234 16.04 69.83 -15.72
CA ASN E 2234 16.52 70.10 -14.37
C ASN E 2234 16.29 68.94 -13.41
N THR E 2235 16.05 67.73 -13.91
CA THR E 2235 15.88 66.56 -13.05
C THR E 2235 16.66 65.39 -13.65
N GLU E 2236 17.80 65.08 -13.07
CA GLU E 2236 18.60 63.95 -13.52
C GLU E 2236 17.97 62.66 -13.01
N GLY E 2237 18.08 61.59 -13.81
CA GLY E 2237 17.34 60.38 -13.53
C GLY E 2237 18.11 59.07 -13.54
N GLN E 2238 19.32 59.05 -12.96
CA GLN E 2238 20.16 57.86 -12.98
C GLN E 2238 19.83 56.86 -11.87
N ASP E 2239 18.61 56.93 -11.32
CA ASP E 2239 18.24 56.10 -10.18
C ASP E 2239 18.22 54.61 -10.55
N LEU E 2240 17.69 54.27 -11.72
CA LEU E 2240 17.66 52.86 -12.11
C LEU E 2240 19.06 52.33 -12.39
N TYR E 2241 19.92 53.16 -13.00
CA TYR E 2241 21.31 52.77 -13.19
C TYR E 2241 21.99 52.50 -11.86
N LYS E 2242 21.80 53.39 -10.88
CA LYS E 2242 22.42 53.21 -9.58
C LYS E 2242 21.88 51.97 -8.88
N VAL E 2243 20.58 51.69 -9.03
CA VAL E 2243 20.00 50.50 -8.40
C VAL E 2243 20.56 49.23 -9.01
N LEU E 2244 20.56 49.14 -10.34
CA LEU E 2244 21.08 47.95 -10.99
C LEU E 2244 22.58 47.77 -10.73
N TRP E 2245 23.31 48.85 -10.50
CA TRP E 2245 24.70 48.70 -10.11
C TRP E 2245 24.85 48.24 -8.67
N LEU E 2246 24.02 48.76 -7.76
CA LEU E 2246 24.19 48.50 -6.34
C LEU E 2246 23.75 47.09 -5.97
N LYS E 2247 22.59 46.66 -6.43
CA LYS E 2247 22.07 45.37 -5.95
C LYS E 2247 22.84 44.17 -6.48
N SER E 2248 23.74 44.35 -7.44
CA SER E 2248 24.60 43.25 -7.86
C SER E 2248 25.65 42.97 -6.79
N ARG E 2249 26.00 41.69 -6.63
CA ARG E 2249 27.01 41.33 -5.64
C ARG E 2249 28.40 41.73 -6.08
N SER E 2250 28.63 41.83 -7.38
CA SER E 2250 29.93 42.14 -7.96
C SER E 2250 29.73 42.50 -9.41
N SER E 2251 30.75 43.11 -10.01
CA SER E 2251 30.65 43.53 -11.40
C SER E 2251 30.55 42.34 -12.34
N GLU E 2252 31.16 41.20 -11.97
CA GLU E 2252 31.08 40.00 -12.79
C GLU E 2252 29.70 39.38 -12.80
N THR E 2253 28.78 39.86 -11.96
CA THR E 2253 27.36 39.57 -12.09
C THR E 2253 26.59 40.71 -12.73
N TRP E 2254 27.01 41.94 -12.45
CA TRP E 2254 26.36 43.12 -13.03
C TRP E 2254 26.44 43.14 -14.54
N LEU E 2255 27.55 42.64 -15.11
CA LEU E 2255 27.74 42.73 -16.55
C LEU E 2255 26.69 41.93 -17.31
N GLU E 2256 26.36 40.73 -16.85
CA GLU E 2256 25.30 39.98 -17.51
C GLU E 2256 23.91 40.33 -16.99
N ARG E 2257 23.80 40.87 -15.77
CA ARG E 2257 22.50 41.34 -15.30
C ARG E 2257 21.95 42.42 -16.21
N ARG E 2258 22.78 43.42 -16.54
CA ARG E 2258 22.31 44.50 -17.40
C ARG E 2258 21.99 44.00 -18.82
N THR E 2259 22.77 43.04 -19.33
CA THR E 2259 22.47 42.51 -20.65
C THR E 2259 21.14 41.76 -20.66
N THR E 2260 20.90 40.92 -19.65
CA THR E 2260 19.62 40.21 -19.57
C THR E 2260 18.46 41.18 -19.48
N TYR E 2261 18.63 42.24 -18.69
CA TYR E 2261 17.66 43.32 -18.62
C TYR E 2261 17.35 43.87 -20.01
N THR E 2262 18.39 44.19 -20.79
CA THR E 2262 18.18 44.79 -22.10
C THR E 2262 17.46 43.85 -23.05
N ARG E 2263 17.87 42.57 -23.07
CA ARG E 2263 17.27 41.62 -23.99
C ARG E 2263 15.81 41.38 -23.66
N SER E 2264 15.49 41.21 -22.37
CA SER E 2264 14.09 41.02 -21.98
C SER E 2264 13.25 42.23 -22.32
N LEU E 2265 13.79 43.44 -22.05
CA LEU E 2265 13.05 44.65 -22.36
C LEU E 2265 12.77 44.76 -23.85
N ALA E 2266 13.76 44.47 -24.69
CA ALA E 2266 13.57 44.59 -26.13
C ALA E 2266 12.54 43.58 -26.64
N VAL E 2267 12.66 42.32 -26.23
CA VAL E 2267 11.78 41.30 -26.78
C VAL E 2267 10.34 41.54 -26.33
N MET E 2268 10.15 41.95 -25.07
CA MET E 2268 8.78 42.20 -24.64
C MET E 2268 8.24 43.51 -25.23
N SER E 2269 9.11 44.47 -25.53
CA SER E 2269 8.64 45.69 -26.19
C SER E 2269 8.09 45.38 -27.58
N MET E 2270 8.81 44.56 -28.35
CA MET E 2270 8.30 44.22 -29.68
C MET E 2270 7.07 43.32 -29.59
N THR E 2271 7.04 42.42 -28.61
CA THR E 2271 5.84 41.60 -28.41
C THR E 2271 4.63 42.46 -28.06
N GLY E 2272 4.84 43.46 -27.20
CA GLY E 2272 3.75 44.36 -26.87
C GLY E 2272 3.28 45.18 -28.04
N TYR E 2273 4.21 45.61 -28.90
CA TYR E 2273 3.81 46.35 -30.09
C TYR E 2273 2.98 45.46 -31.02
N ILE E 2274 3.43 44.23 -31.27
CA ILE E 2274 2.71 43.37 -32.19
C ILE E 2274 1.39 42.90 -31.59
N LEU E 2275 1.26 42.94 -30.26
CA LEU E 2275 -0.02 42.64 -29.64
C LEU E 2275 -0.93 43.85 -29.61
N GLY E 2276 -0.38 45.06 -29.67
CA GLY E 2276 -1.20 46.24 -29.54
C GLY E 2276 -1.69 46.43 -28.12
N LEU E 2277 -0.79 46.28 -27.16
CA LEU E 2277 -1.10 46.37 -25.74
C LEU E 2277 -0.60 47.69 -25.17
N GLY E 2278 -1.48 48.38 -24.45
CA GLY E 2278 -1.13 49.63 -23.80
C GLY E 2278 -1.12 49.52 -22.29
N ASP E 2279 -1.21 50.67 -21.63
CA ASP E 2279 -1.25 50.80 -20.17
C ASP E 2279 0.01 50.20 -19.55
N ARG E 2280 1.14 50.80 -19.89
CA ARG E 2280 2.44 50.43 -19.33
C ARG E 2280 2.81 51.34 -18.17
N HIS E 2281 1.95 51.36 -17.15
CA HIS E 2281 2.27 52.08 -15.93
C HIS E 2281 3.41 51.37 -15.20
N PRO E 2282 4.22 52.12 -14.43
CA PRO E 2282 5.44 51.52 -13.84
C PRO E 2282 5.18 50.38 -12.87
N SER E 2283 3.97 50.23 -12.36
CA SER E 2283 3.69 49.11 -11.47
C SER E 2283 3.40 47.82 -12.22
N ASN E 2284 3.39 47.85 -13.56
CA ASN E 2284 3.29 46.60 -14.33
C ASN E 2284 4.64 45.89 -14.45
N LEU E 2285 5.71 46.66 -14.63
CA LEU E 2285 7.02 46.08 -14.90
C LEU E 2285 7.63 45.51 -13.61
N MET E 2286 7.94 44.22 -13.63
CA MET E 2286 8.55 43.55 -12.49
C MET E 2286 10.00 43.25 -12.83
N LEU E 2287 10.89 43.48 -11.87
CA LEU E 2287 12.30 43.23 -12.08
C LEU E 2287 12.77 42.16 -11.10
N ASP E 2288 13.40 41.11 -11.64
CA ASP E 2288 14.02 40.09 -10.80
C ASP E 2288 15.23 40.69 -10.09
N ARG E 2289 15.48 40.22 -8.87
CA ARG E 2289 16.69 40.58 -8.15
C ARG E 2289 17.83 39.61 -8.44
N ILE E 2290 17.57 38.54 -9.19
CA ILE E 2290 18.60 37.54 -9.45
C ILE E 2290 18.95 37.54 -10.93
N THR E 2291 17.94 37.35 -11.79
CA THR E 2291 18.18 37.19 -13.21
C THR E 2291 18.13 38.51 -13.96
N GLY E 2292 17.04 39.25 -13.82
CA GLY E 2292 16.87 40.49 -14.53
C GLY E 2292 15.94 40.44 -15.71
N LYS E 2293 15.32 39.30 -15.98
CA LYS E 2293 14.30 39.23 -17.02
C LYS E 2293 13.08 40.03 -16.59
N VAL E 2294 12.76 41.09 -17.33
CA VAL E 2294 11.62 41.92 -16.99
C VAL E 2294 10.33 41.13 -17.16
N ILE E 2295 9.49 41.16 -16.14
CA ILE E 2295 8.24 40.43 -16.15
C ILE E 2295 7.15 41.42 -16.55
N HIS E 2296 6.05 40.92 -17.10
CA HIS E 2296 4.91 41.75 -17.43
C HIS E 2296 3.63 41.13 -16.89
N ILE E 2297 2.75 41.98 -16.35
CA ILE E 2297 1.53 41.57 -15.68
C ILE E 2297 0.38 42.49 -16.09
N ASP E 2298 -0.84 42.07 -15.75
CA ASP E 2298 -2.08 42.84 -15.92
C ASP E 2298 -2.31 43.17 -17.40
N PHE E 2299 -2.54 42.12 -18.17
CA PHE E 2299 -2.85 42.25 -19.59
C PHE E 2299 -4.36 42.42 -19.74
N GLY E 2300 -4.81 43.66 -19.54
CA GLY E 2300 -6.23 43.93 -19.59
C GLY E 2300 -6.65 44.95 -20.63
N ASP E 2301 -5.70 45.44 -21.41
CA ASP E 2301 -5.93 46.52 -22.37
C ASP E 2301 -5.38 46.17 -23.74
N CYS E 2302 -5.70 44.97 -24.22
CA CYS E 2302 -5.19 44.52 -25.51
C CYS E 2302 -5.89 45.24 -26.65
N PHE E 2303 -5.28 45.16 -27.84
CA PHE E 2303 -5.84 45.62 -29.11
C PHE E 2303 -6.10 47.13 -29.10
N GLU E 2304 -5.02 47.89 -28.88
CA GLU E 2304 -5.04 49.35 -28.86
C GLU E 2304 -6.17 49.91 -27.99
N ALA E 2305 -6.38 49.28 -26.83
CA ALA E 2305 -7.51 49.65 -25.99
C ALA E 2305 -7.36 51.05 -25.44
N ALA E 2306 -6.20 51.35 -24.86
CA ALA E 2306 -5.98 52.69 -24.31
C ALA E 2306 -5.73 53.72 -25.41
N ILE E 2307 -5.33 53.30 -26.61
CA ILE E 2307 -5.24 54.22 -27.73
C ILE E 2307 -6.63 54.64 -28.18
N LEU E 2308 -7.56 53.69 -28.28
CA LEU E 2308 -8.93 53.98 -28.69
C LEU E 2308 -9.78 54.13 -27.44
N ARG E 2309 -9.64 55.28 -26.79
CA ARG E 2309 -10.40 55.60 -25.59
C ARG E 2309 -10.58 57.11 -25.53
N GLU E 2310 -11.79 57.54 -25.16
CA GLU E 2310 -12.13 58.96 -25.21
C GLU E 2310 -11.36 59.77 -24.19
N LYS E 2311 -11.28 59.29 -22.95
CA LYS E 2311 -10.67 60.03 -21.86
C LYS E 2311 -9.25 59.50 -21.60
N PHE E 2312 -8.27 60.39 -21.67
CA PHE E 2312 -6.86 60.13 -21.37
C PHE E 2312 -6.29 58.98 -22.20
N PRO E 2313 -6.15 59.13 -23.52
CA PRO E 2313 -5.61 58.04 -24.33
C PRO E 2313 -4.10 58.10 -24.48
N GLU E 2314 -3.41 57.00 -24.19
CA GLU E 2314 -1.96 56.97 -24.35
C GLU E 2314 -1.60 56.68 -25.80
N LYS E 2315 -0.55 57.35 -26.29
CA LYS E 2315 -0.20 57.33 -27.70
C LYS E 2315 1.20 56.77 -27.98
N VAL E 2316 1.83 56.13 -27.00
CA VAL E 2316 3.18 55.62 -27.19
C VAL E 2316 3.08 54.13 -27.54
N PRO E 2317 3.90 53.63 -28.46
CA PRO E 2317 3.84 52.19 -28.78
C PRO E 2317 4.31 51.32 -27.63
N PHE E 2318 5.47 51.64 -27.06
CA PHE E 2318 6.00 50.86 -25.94
C PHE E 2318 6.75 51.80 -25.00
N ARG E 2319 6.88 51.36 -23.75
CA ARG E 2319 7.46 52.20 -22.71
C ARG E 2319 8.97 52.30 -22.89
N LEU E 2320 9.46 53.52 -23.08
CA LEU E 2320 10.88 53.78 -23.22
C LEU E 2320 11.11 55.23 -22.84
N THR E 2321 11.86 55.45 -21.76
CA THR E 2321 11.94 56.77 -21.15
C THR E 2321 13.32 56.96 -20.55
N ARG E 2322 13.43 57.93 -19.64
CA ARG E 2322 14.73 58.44 -19.20
C ARG E 2322 15.55 57.36 -18.49
N MET E 2323 15.06 56.84 -17.36
CA MET E 2323 15.87 55.89 -16.62
C MET E 2323 15.95 54.54 -17.30
N LEU E 2324 14.95 54.17 -18.12
CA LEU E 2324 15.08 52.98 -18.96
C LEU E 2324 16.27 53.13 -19.91
N THR E 2325 16.37 54.29 -20.56
CA THR E 2325 17.46 54.56 -21.49
C THR E 2325 18.80 54.60 -20.76
N TYR E 2326 18.83 55.19 -19.57
CA TYR E 2326 20.08 55.25 -18.82
C TYR E 2326 20.49 53.88 -18.29
N ALA E 2327 19.52 53.03 -17.95
CA ALA E 2327 19.82 51.73 -17.35
C ALA E 2327 20.03 50.63 -18.38
N MET E 2328 19.75 50.86 -19.66
CA MET E 2328 20.12 49.88 -20.66
C MET E 2328 21.62 50.01 -20.96
N GLU E 2329 22.05 49.42 -22.08
CA GLU E 2329 23.46 49.21 -22.39
C GLU E 2329 24.26 50.52 -22.40
N VAL E 2330 25.58 50.36 -22.43
CA VAL E 2330 26.52 51.43 -22.08
C VAL E 2330 26.37 52.63 -23.00
N SER E 2331 25.96 52.43 -24.25
CA SER E 2331 25.84 53.55 -25.18
C SER E 2331 24.42 54.11 -25.20
N GLY E 2332 23.44 53.27 -25.53
CA GLY E 2332 22.07 53.74 -25.61
C GLY E 2332 21.17 52.73 -26.29
N ILE E 2333 20.07 53.23 -26.86
CA ILE E 2333 19.10 52.38 -27.53
C ILE E 2333 19.65 51.78 -28.82
N GLU E 2334 20.70 52.38 -29.38
CA GLU E 2334 21.21 51.98 -30.70
C GLU E 2334 21.94 50.65 -30.69
N GLY E 2335 22.22 50.08 -29.53
CA GLY E 2335 22.99 48.86 -29.48
C GLY E 2335 22.19 47.58 -29.45
N SER E 2336 22.26 46.88 -28.31
CA SER E 2336 21.61 45.58 -28.20
C SER E 2336 20.10 45.68 -28.32
N PHE E 2337 19.53 46.80 -27.85
CA PHE E 2337 18.09 47.02 -28.00
C PHE E 2337 17.68 47.01 -29.46
N ARG E 2338 18.36 47.82 -30.28
CA ARG E 2338 18.03 47.89 -31.70
C ARG E 2338 18.30 46.58 -32.40
N ILE E 2339 19.43 45.94 -32.10
CA ILE E 2339 19.78 44.69 -32.78
C ILE E 2339 18.77 43.60 -32.46
N THR E 2340 18.48 43.40 -31.17
CA THR E 2340 17.57 42.34 -30.76
C THR E 2340 16.14 42.65 -31.19
N CYS E 2341 15.74 43.91 -31.19
CA CYS E 2341 14.38 44.23 -31.61
C CYS E 2341 14.22 43.99 -33.11
N GLU E 2342 15.23 44.32 -33.91
CA GLU E 2342 15.18 44.00 -35.33
C GLU E 2342 15.14 42.49 -35.55
N ASN E 2343 15.94 41.74 -34.78
CA ASN E 2343 15.97 40.29 -34.94
C ASN E 2343 14.63 39.65 -34.60
N VAL E 2344 14.03 40.07 -33.48
CA VAL E 2344 12.75 39.46 -33.08
C VAL E 2344 11.63 39.91 -34.01
N MET E 2345 11.72 41.14 -34.55
CA MET E 2345 10.74 41.57 -35.54
C MET E 2345 10.85 40.72 -36.80
N LYS E 2346 12.08 40.41 -37.22
CA LYS E 2346 12.27 39.53 -38.38
C LYS E 2346 11.71 38.14 -38.11
N VAL E 2347 11.91 37.61 -36.90
CA VAL E 2347 11.39 36.29 -36.56
C VAL E 2347 9.86 36.29 -36.60
N LEU E 2348 9.23 37.34 -36.07
CA LEU E 2348 7.78 37.44 -36.14
C LEU E 2348 7.29 37.65 -37.57
N ARG E 2349 8.09 38.30 -38.41
CA ARG E 2349 7.71 38.48 -39.80
C ARG E 2349 7.74 37.16 -40.56
N ASP E 2350 8.70 36.30 -40.23
CA ASP E 2350 8.89 35.05 -40.98
C ASP E 2350 7.75 34.05 -40.81
N ASN E 2351 6.85 34.26 -39.84
CA ASN E 2351 5.76 33.34 -39.54
C ASN E 2351 4.44 34.08 -39.44
N LYS E 2352 4.13 34.86 -40.48
CA LYS E 2352 2.99 35.78 -40.45
C LYS E 2352 1.67 35.05 -40.22
N GLY E 2353 1.37 34.04 -41.04
CA GLY E 2353 0.07 33.40 -40.96
C GLY E 2353 -0.14 32.61 -39.68
N SER E 2354 0.90 31.90 -39.22
CA SER E 2354 0.79 31.07 -38.02
C SER E 2354 0.46 31.92 -36.80
N LEU E 2355 1.11 33.08 -36.68
CA LEU E 2355 0.72 34.04 -35.67
C LEU E 2355 -0.66 34.61 -35.95
N MET E 2356 -0.98 34.84 -37.23
CA MET E 2356 -2.18 35.56 -37.60
C MET E 2356 -3.42 34.80 -37.15
N ALA E 2357 -3.40 33.47 -37.27
CA ALA E 2357 -4.57 32.68 -36.90
C ALA E 2357 -4.90 32.83 -35.42
N ILE E 2358 -3.87 32.86 -34.57
CA ILE E 2358 -4.08 32.92 -33.12
C ILE E 2358 -4.81 34.19 -32.72
N LEU E 2359 -4.56 35.30 -33.42
CA LEU E 2359 -5.19 36.57 -33.04
C LEU E 2359 -6.70 36.50 -33.16
N GLU E 2360 -7.22 36.09 -34.31
CA GLU E 2360 -8.67 35.95 -34.40
C GLU E 2360 -9.18 34.75 -33.64
N ALA E 2361 -8.30 33.79 -33.29
CA ALA E 2361 -8.74 32.63 -32.51
C ALA E 2361 -9.34 33.03 -31.18
N PHE E 2362 -8.98 34.21 -30.65
CA PHE E 2362 -9.72 34.79 -29.54
C PHE E 2362 -10.41 36.10 -29.88
N ALA E 2363 -10.09 36.73 -31.01
CA ALA E 2363 -10.78 37.95 -31.38
C ALA E 2363 -12.19 37.68 -31.90
N PHE E 2364 -12.50 36.46 -32.33
CA PHE E 2364 -13.86 36.17 -32.77
C PHE E 2364 -14.85 36.11 -31.61
N ASP E 2365 -14.42 35.72 -30.42
CA ASP E 2365 -15.35 35.57 -29.31
C ASP E 2365 -15.89 36.93 -28.89
N PRO E 2366 -17.21 37.06 -28.68
CA PRO E 2366 -17.80 38.38 -28.44
C PRO E 2366 -17.74 38.85 -26.99
N LEU E 2367 -16.93 38.18 -26.16
CA LEU E 2367 -16.87 38.51 -24.73
C LEU E 2367 -15.51 39.05 -24.32
N ILE E 2368 -14.70 39.53 -25.28
CA ILE E 2368 -13.39 40.07 -24.98
C ILE E 2368 -13.18 41.47 -25.54
N ASN E 2369 -13.90 41.89 -26.57
CA ASN E 2369 -13.69 43.20 -27.20
C ASN E 2369 -14.25 44.29 -26.30
N TRP E 2370 -13.51 44.55 -25.22
CA TRP E 2370 -13.90 45.56 -24.24
C TRP E 2370 -13.11 46.85 -24.39
N GLY E 2371 -12.33 46.99 -25.44
CA GLY E 2371 -11.75 48.26 -25.80
C GLY E 2371 -12.63 49.09 -26.70
N PHE E 2372 -13.83 48.60 -27.01
CA PHE E 2372 -14.77 49.29 -27.88
C PHE E 2372 -16.18 49.06 -27.33
N ASP E 2373 -16.71 50.06 -26.63
CA ASP E 2373 -18.03 49.97 -26.01
C ASP E 2373 -18.87 51.17 -26.38
N LEU E 2374 -18.74 51.65 -27.62
CA LEU E 2374 -19.50 52.80 -28.09
C LEU E 2374 -20.96 52.42 -28.34
N HIS E 2413 -27.09 42.74 -36.70
CA HIS E 2413 -27.34 42.22 -35.35
C HIS E 2413 -26.17 42.54 -34.43
N LYS E 2414 -26.31 42.16 -33.17
CA LYS E 2414 -25.27 42.45 -32.17
C LYS E 2414 -23.97 41.75 -32.51
N ASN E 2415 -24.06 40.47 -32.84
CA ASN E 2415 -22.86 39.75 -33.29
C ASN E 2415 -22.32 40.33 -34.58
N ALA E 2416 -23.19 40.85 -35.44
CA ALA E 2416 -22.75 41.44 -36.69
C ALA E 2416 -21.90 42.69 -36.45
N ILE E 2417 -22.37 43.61 -35.61
CA ILE E 2417 -21.61 44.83 -35.38
C ILE E 2417 -20.34 44.54 -34.57
N ARG E 2418 -20.43 43.62 -33.59
CA ARG E 2418 -19.23 43.27 -32.83
C ARG E 2418 -18.19 42.60 -33.73
N ASN E 2419 -18.64 41.76 -34.67
CA ASN E 2419 -17.72 41.16 -35.61
C ASN E 2419 -17.19 42.19 -36.62
N ALA E 2420 -17.96 43.24 -36.90
CA ALA E 2420 -17.44 44.32 -37.74
C ALA E 2420 -16.26 45.02 -37.05
N ARG E 2421 -16.43 45.33 -35.76
CA ARG E 2421 -15.33 45.91 -35.00
C ARG E 2421 -14.16 44.93 -34.92
N ALA E 2422 -14.46 43.64 -34.80
CA ALA E 2422 -13.41 42.62 -34.79
C ALA E 2422 -12.65 42.59 -36.11
N MET E 2423 -13.36 42.70 -37.23
CA MET E 2423 -12.69 42.74 -38.53
C MET E 2423 -11.82 43.98 -38.64
N LEU E 2424 -12.30 45.11 -38.10
CA LEU E 2424 -11.48 46.33 -38.07
C LEU E 2424 -10.17 46.08 -37.34
N VAL E 2425 -10.23 45.53 -36.12
CA VAL E 2425 -9.01 45.35 -35.35
C VAL E 2425 -8.12 44.28 -35.97
N LEU E 2426 -8.71 43.25 -36.59
CA LEU E 2426 -7.90 42.24 -37.26
C LEU E 2426 -7.18 42.79 -38.48
N LYS E 2427 -7.84 43.63 -39.28
CA LYS E 2427 -7.11 44.14 -40.44
C LYS E 2427 -6.07 45.16 -40.02
N ARG E 2428 -6.29 45.86 -38.89
CA ARG E 2428 -5.22 46.66 -38.32
C ARG E 2428 -4.03 45.77 -37.93
N ILE E 2429 -4.32 44.61 -37.33
CA ILE E 2429 -3.25 43.68 -36.95
C ILE E 2429 -2.51 43.18 -38.19
N THR E 2430 -3.24 42.83 -39.25
CA THR E 2430 -2.60 42.34 -40.46
C THR E 2430 -1.77 43.43 -41.12
N ASP E 2431 -2.24 44.68 -41.07
CA ASP E 2431 -1.43 45.79 -41.55
C ASP E 2431 -0.13 45.90 -40.76
N LYS E 2432 -0.20 45.73 -39.43
CA LYS E 2432 1.00 45.75 -38.61
C LYS E 2432 1.96 44.63 -38.99
N LEU E 2433 1.44 43.42 -39.20
CA LEU E 2433 2.27 42.30 -39.62
C LEU E 2433 2.83 42.46 -41.03
N THR E 2434 2.15 43.19 -41.91
CA THR E 2434 2.67 43.34 -43.27
C THR E 2434 3.72 44.44 -43.35
N GLY E 2435 3.40 45.63 -42.86
CA GLY E 2435 4.38 46.70 -42.91
C GLY E 2435 3.82 48.02 -43.42
N ASN E 2436 2.51 48.09 -43.59
CA ASN E 2436 1.82 49.34 -43.93
C ASN E 2436 0.96 49.70 -42.73
N ASP E 2437 1.57 50.31 -41.72
CA ASP E 2437 0.88 50.59 -40.47
C ASP E 2437 1.04 52.05 -40.05
N ILE E 2438 2.18 52.67 -40.37
CA ILE E 2438 2.40 54.07 -40.04
C ILE E 2438 1.59 54.92 -41.01
N ARG E 2439 1.43 56.21 -40.69
CA ARG E 2439 0.63 57.08 -41.55
C ARG E 2439 1.27 57.27 -42.91
N ARG E 2440 2.59 57.35 -42.97
CA ARG E 2440 3.31 57.51 -44.24
C ARG E 2440 3.18 56.21 -45.01
N PHE E 2441 2.26 56.18 -45.97
CA PHE E 2441 1.82 54.94 -46.61
C PHE E 2441 2.87 54.46 -47.60
N ASN E 2442 3.63 53.45 -47.20
CA ASN E 2442 4.56 52.73 -48.06
C ASN E 2442 4.96 51.46 -47.32
N ASP E 2443 5.45 50.48 -48.08
CA ASP E 2443 5.93 49.25 -47.47
C ASP E 2443 7.21 49.55 -46.69
N LEU E 2444 7.35 48.91 -45.54
CA LEU E 2444 8.48 49.13 -44.65
C LEU E 2444 9.10 47.80 -44.28
N ASP E 2445 10.43 47.72 -44.35
CA ASP E 2445 11.13 46.50 -44.03
C ASP E 2445 11.45 46.47 -42.53
N VAL E 2446 12.31 45.54 -42.12
CA VAL E 2446 12.61 45.31 -40.71
C VAL E 2446 13.30 46.50 -40.04
N PRO E 2447 14.49 46.99 -40.50
CA PRO E 2447 15.23 47.96 -39.67
C PRO E 2447 14.60 49.34 -39.57
N GLU E 2448 14.28 49.98 -40.69
CA GLU E 2448 13.91 51.39 -40.61
C GLU E 2448 12.49 51.58 -40.08
N GLN E 2449 11.62 50.57 -40.21
CA GLN E 2449 10.29 50.67 -39.61
C GLN E 2449 10.37 50.76 -38.10
N VAL E 2450 11.14 49.86 -37.48
CA VAL E 2450 11.31 49.93 -36.03
C VAL E 2450 12.17 51.14 -35.65
N ASP E 2451 13.00 51.63 -36.58
CA ASP E 2451 13.72 52.88 -36.31
C ASP E 2451 12.75 54.05 -36.13
N LYS E 2452 11.83 54.22 -37.08
CA LYS E 2452 10.80 55.25 -36.88
C LYS E 2452 9.87 54.93 -35.72
N LEU E 2453 9.71 53.64 -35.40
CA LEU E 2453 8.88 53.26 -34.25
C LEU E 2453 9.49 53.76 -32.94
N ILE E 2454 10.78 53.49 -32.73
CA ILE E 2454 11.43 53.96 -31.51
C ILE E 2454 11.57 55.47 -31.53
N GLN E 2455 11.72 56.07 -32.72
CA GLN E 2455 11.77 57.52 -32.81
C GLN E 2455 10.44 58.15 -32.38
N GLN E 2456 9.33 57.56 -32.80
CA GLN E 2456 8.03 58.07 -32.40
C GLN E 2456 7.71 57.71 -30.95
N ALA E 2457 8.35 56.67 -30.41
CA ALA E 2457 8.16 56.35 -29.00
C ALA E 2457 8.90 57.33 -28.10
N THR E 2458 10.11 57.73 -28.48
CA THR E 2458 10.93 58.58 -27.63
C THR E 2458 10.59 60.06 -27.74
N SER E 2459 9.44 60.41 -28.32
CA SER E 2459 9.08 61.82 -28.48
C SER E 2459 8.59 62.42 -27.18
N VAL E 2460 8.60 63.75 -27.11
CA VAL E 2460 8.20 64.44 -25.90
C VAL E 2460 6.70 64.71 -25.91
N GLU E 2461 6.20 65.29 -27.00
CA GLU E 2461 4.77 65.54 -27.12
C GLU E 2461 3.97 64.26 -27.24
N ASN E 2462 4.62 63.14 -27.56
CA ASN E 2462 3.94 61.86 -27.49
C ASN E 2462 3.63 61.50 -26.05
N LEU E 2463 4.60 61.64 -25.15
CA LEU E 2463 4.42 61.25 -23.76
C LEU E 2463 3.57 62.25 -22.99
N CYS E 2464 3.68 63.53 -23.31
CA CYS E 2464 3.18 64.58 -22.43
C CYS E 2464 1.65 64.66 -22.37
N GLN E 2465 0.93 63.95 -23.23
CA GLN E 2465 -0.53 63.98 -23.22
C GLN E 2465 -1.14 62.85 -22.41
N HIS E 2466 -0.40 62.30 -21.46
CA HIS E 2466 -0.81 61.09 -20.76
C HIS E 2466 -1.58 61.43 -19.49
N TYR E 2467 -1.83 60.42 -18.67
CA TYR E 2467 -2.40 60.58 -17.35
C TYR E 2467 -1.39 61.25 -16.42
N ILE E 2468 -1.92 61.89 -15.38
CA ILE E 2468 -1.06 62.55 -14.40
C ILE E 2468 -0.32 61.52 -13.54
N GLY E 2469 -0.75 60.27 -13.56
CA GLY E 2469 -0.14 59.22 -12.77
C GLY E 2469 0.50 58.10 -13.55
N TRP E 2470 0.65 58.23 -14.87
CA TRP E 2470 1.32 57.22 -15.67
C TRP E 2470 2.83 57.36 -15.66
N CYS E 2471 3.34 58.36 -14.95
CA CYS E 2471 4.76 58.69 -14.86
C CYS E 2471 5.39 58.87 -16.24
N PRO E 2472 5.05 59.92 -16.99
CA PRO E 2472 5.83 60.22 -18.18
C PRO E 2472 7.11 60.95 -17.81
N PHE E 2473 7.10 61.66 -16.68
CA PHE E 2473 8.29 62.33 -16.19
C PHE E 2473 9.36 61.33 -15.82
N TRP E 2474 8.97 60.16 -15.31
CA TRP E 2474 9.88 59.06 -15.18
C TRP E 2474 10.32 58.65 -16.57
N THR F 85 28.82 -1.46 64.83
CA THR F 85 28.56 -2.79 64.32
C THR F 85 28.46 -3.81 65.46
N LEU F 86 29.58 -4.43 65.80
CA LEU F 86 29.65 -5.43 66.85
C LEU F 86 29.92 -4.82 68.22
N ASN F 87 29.96 -3.49 68.32
CA ASN F 87 30.30 -2.84 69.59
C ASN F 87 29.22 -3.06 70.64
N LEU F 88 27.97 -3.27 70.23
CA LEU F 88 26.91 -3.54 71.20
C LEU F 88 27.14 -4.87 71.91
N ILE F 89 27.44 -5.93 71.15
CA ILE F 89 27.72 -7.22 71.77
C ILE F 89 29.06 -7.18 72.50
N PHE F 90 30.01 -6.37 72.01
CA PHE F 90 31.26 -6.17 72.73
C PHE F 90 31.01 -5.57 74.11
N ASP F 91 30.14 -4.56 74.19
CA ASP F 91 29.78 -3.99 75.47
C ASP F 91 28.95 -4.96 76.32
N LYS F 92 28.19 -5.84 75.67
CA LYS F 92 27.51 -6.91 76.41
C LYS F 92 28.53 -7.81 77.11
N LEU F 93 29.62 -8.15 76.42
CA LEU F 93 30.71 -8.89 77.06
C LEU F 93 31.34 -8.07 78.18
N LYS F 94 31.74 -6.84 77.90
CA LYS F 94 32.32 -5.99 78.95
C LYS F 94 31.26 -5.14 79.65
N SER F 95 30.17 -5.80 80.04
CA SER F 95 29.07 -5.19 80.78
C SER F 95 29.10 -5.69 82.21
N ASP F 96 29.05 -4.76 83.17
CA ASP F 96 29.08 -5.13 84.57
C ASP F 96 27.76 -5.77 84.98
N VAL F 97 27.79 -6.50 86.10
CA VAL F 97 26.63 -7.21 86.63
C VAL F 97 25.45 -6.33 87.03
N PRO F 98 25.58 -5.03 87.36
CA PRO F 98 24.37 -4.20 87.47
C PRO F 98 23.87 -3.66 86.14
N GLN F 99 24.56 -3.94 85.03
CA GLN F 99 24.16 -3.47 83.71
C GLN F 99 23.44 -4.56 82.90
N GLU F 100 22.76 -5.47 83.59
CA GLU F 100 22.01 -6.52 82.89
C GLU F 100 20.85 -5.96 82.09
N ARG F 101 20.26 -4.85 82.55
CA ARG F 101 19.22 -4.19 81.77
C ARG F 101 19.77 -3.65 80.46
N ALA F 102 20.96 -3.04 80.50
CA ALA F 102 21.62 -2.58 79.28
C ALA F 102 21.98 -3.75 78.38
N SER F 103 22.44 -4.86 78.97
CA SER F 103 22.75 -6.04 78.17
C SER F 103 21.50 -6.59 77.49
N GLY F 104 20.38 -6.62 78.19
CA GLY F 104 19.14 -7.07 77.57
C GLY F 104 18.65 -6.13 76.49
N ALA F 105 18.80 -4.82 76.70
CA ALA F 105 18.44 -3.86 75.67
C ALA F 105 19.31 -4.03 74.42
N ASN F 106 20.61 -4.27 74.61
CA ASN F 106 21.48 -4.52 73.47
C ASN F 106 21.14 -5.85 72.79
N GLU F 107 20.71 -6.85 73.56
CA GLU F 107 20.25 -8.10 72.98
C GLU F 107 19.01 -7.89 72.11
N LEU F 108 18.07 -7.08 72.60
CA LEU F 108 16.89 -6.75 71.81
C LEU F 108 17.26 -5.98 70.55
N SER F 109 18.23 -5.06 70.66
CA SER F 109 18.69 -4.34 69.49
C SER F 109 19.35 -5.27 68.48
N THR F 110 20.13 -6.23 68.96
CA THR F 110 20.76 -7.22 68.07
C THR F 110 19.70 -8.07 67.38
N THR F 111 18.67 -8.48 68.12
CA THR F 111 17.58 -9.24 67.52
C THR F 111 16.85 -8.43 66.46
N LEU F 112 16.61 -7.15 66.74
CA LEU F 112 15.95 -6.29 65.75
C LEU F 112 16.80 -6.10 64.50
N THR F 113 18.12 -5.90 64.67
CA THR F 113 19.00 -5.75 63.52
C THR F 113 19.07 -7.03 62.70
N SER F 114 19.08 -8.19 63.36
CA SER F 114 19.07 -9.46 62.64
C SER F 114 17.76 -9.66 61.89
N LEU F 115 16.64 -9.29 62.51
CA LEU F 115 15.34 -9.42 61.86
C LEU F 115 15.14 -8.39 60.75
N ALA F 116 15.92 -7.31 60.76
CA ALA F 116 15.84 -6.32 59.68
C ALA F 116 16.26 -6.89 58.34
N ARG F 117 17.06 -7.96 58.31
CA ARG F 117 17.41 -8.60 57.05
C ARG F 117 16.18 -9.27 56.45
N GLU F 118 16.00 -9.07 55.14
CA GLU F 118 14.81 -9.56 54.45
C GLU F 118 15.12 -10.48 53.28
N VAL F 119 16.39 -10.76 53.00
CA VAL F 119 16.77 -11.62 51.89
C VAL F 119 17.63 -12.75 52.41
N SER F 120 17.69 -13.83 51.63
CA SER F 120 18.46 -15.02 52.00
C SER F 120 19.94 -14.77 51.71
N ALA F 121 20.77 -14.88 52.74
CA ALA F 121 22.20 -14.68 52.61
C ALA F 121 22.91 -15.45 53.72
N GLU F 122 24.23 -15.28 53.79
CA GLU F 122 25.04 -15.93 54.82
C GLU F 122 26.02 -15.00 55.50
N GLN F 123 25.99 -13.69 55.19
CA GLN F 123 26.90 -12.76 55.83
C GLN F 123 26.62 -12.65 57.32
N PHE F 124 25.35 -12.59 57.70
CA PHE F 124 25.00 -12.55 59.12
C PHE F 124 25.39 -13.85 59.82
N GLN F 125 25.25 -14.98 59.12
CA GLN F 125 25.62 -16.27 59.70
C GLN F 125 27.13 -16.34 59.96
N ARG F 126 27.94 -15.95 58.98
CA ARG F 126 29.39 -16.02 59.17
C ARG F 126 29.86 -14.98 60.19
N PHE F 127 29.23 -13.80 60.23
CA PHE F 127 29.57 -12.82 61.25
C PHE F 127 29.24 -13.34 62.64
N SER F 128 28.08 -13.98 62.81
CA SER F 128 27.71 -14.55 64.10
C SER F 128 28.66 -15.68 64.50
N ASN F 129 29.06 -16.51 63.53
CA ASN F 129 29.98 -17.59 63.83
C ASN F 129 31.35 -17.06 64.26
N SER F 130 31.86 -16.05 63.55
CA SER F 130 33.15 -15.46 63.91
C SER F 130 33.07 -14.77 65.27
N LEU F 131 31.95 -14.09 65.55
CA LEU F 131 31.78 -13.45 66.85
C LEU F 131 31.70 -14.49 67.96
N ASN F 132 31.02 -15.60 67.73
CA ASN F 132 30.96 -16.67 68.73
C ASN F 132 32.34 -17.27 68.96
N ASN F 133 33.12 -17.43 67.89
CA ASN F 133 34.48 -17.96 68.04
C ASN F 133 35.35 -17.02 68.86
N LYS F 134 35.29 -15.71 68.58
CA LYS F 134 36.12 -14.79 69.35
C LYS F 134 35.60 -14.62 70.78
N ILE F 135 34.30 -14.78 71.01
CA ILE F 135 33.78 -14.78 72.36
C ILE F 135 34.30 -15.98 73.13
N PHE F 136 34.28 -17.16 72.51
CA PHE F 136 34.83 -18.36 73.15
C PHE F 136 36.33 -18.23 73.40
N GLU F 137 37.03 -17.49 72.54
CA GLU F 137 38.44 -17.22 72.78
C GLU F 137 38.65 -16.24 73.92
N LEU F 138 37.74 -15.27 74.07
CA LEU F 138 37.92 -14.16 75.01
C LEU F 138 37.11 -14.31 76.30
N ILE F 139 36.54 -15.49 76.57
CA ILE F 139 35.89 -15.70 77.87
C ILE F 139 36.93 -15.64 78.98
N HIS F 140 36.50 -15.18 80.15
CA HIS F 140 37.35 -15.07 81.33
C HIS F 140 36.63 -15.74 82.49
N GLY F 141 36.82 -17.05 82.64
CA GLY F 141 36.15 -17.79 83.69
C GLY F 141 36.70 -17.58 85.08
N PHE F 142 37.94 -17.10 85.20
CA PHE F 142 38.53 -16.87 86.51
C PHE F 142 37.85 -15.71 87.23
N THR F 143 37.57 -14.62 86.51
CA THR F 143 36.90 -13.46 87.06
C THR F 143 35.39 -13.47 86.82
N SER F 144 34.87 -14.54 86.21
CA SER F 144 33.44 -14.67 85.87
C SER F 144 32.96 -13.49 85.04
N SER F 145 33.77 -13.09 84.05
CA SER F 145 33.47 -11.96 83.19
C SER F 145 33.69 -12.36 81.73
N GLU F 146 33.00 -11.63 80.84
CA GLU F 146 33.08 -11.82 79.40
C GLU F 146 32.70 -13.24 78.97
N LYS F 147 31.84 -13.88 79.76
CA LYS F 147 31.35 -15.22 79.46
C LYS F 147 29.85 -15.29 79.28
N ILE F 148 29.08 -14.46 79.99
CA ILE F 148 27.64 -14.43 79.82
C ILE F 148 27.24 -13.84 78.48
N GLY F 149 28.16 -13.15 77.79
CA GLY F 149 27.84 -12.64 76.47
C GLY F 149 27.60 -13.74 75.46
N GLY F 150 28.33 -14.85 75.58
CA GLY F 150 28.08 -15.98 74.71
C GLY F 150 26.70 -16.59 74.94
N ILE F 151 26.28 -16.68 76.20
CA ILE F 151 24.95 -17.21 76.51
C ILE F 151 23.88 -16.24 76.03
N LEU F 152 24.14 -14.94 76.12
CA LEU F 152 23.21 -13.95 75.56
C LEU F 152 23.11 -14.08 74.06
N ALA F 153 24.23 -14.35 73.38
CA ALA F 153 24.19 -14.60 71.94
C ALA F 153 23.42 -15.88 71.64
N VAL F 154 23.54 -16.89 72.51
CA VAL F 154 22.77 -18.12 72.36
C VAL F 154 21.27 -17.82 72.46
N ASP F 155 20.90 -17.02 73.45
CA ASP F 155 19.49 -16.64 73.62
C ASP F 155 18.99 -15.75 72.49
N THR F 156 19.91 -15.03 71.84
CA THR F 156 19.52 -14.28 70.65
C THR F 156 19.30 -15.19 69.46
N LEU F 157 20.19 -16.17 69.27
CA LEU F 157 20.12 -17.06 68.12
C LEU F 157 19.05 -18.13 68.24
N ILE F 158 18.55 -18.39 69.44
CA ILE F 158 17.47 -19.35 69.62
C ILE F 158 16.24 -18.62 70.14
N SER F 159 15.08 -19.24 69.90
CA SER F 159 13.77 -18.73 70.37
C SER F 159 13.51 -17.31 69.90
N PHE F 160 13.96 -17.00 68.69
CA PHE F 160 13.77 -15.68 68.11
C PHE F 160 13.09 -15.68 66.76
N TYR F 161 13.21 -16.75 65.99
CA TYR F 161 12.54 -16.84 64.70
C TYR F 161 12.37 -18.31 64.34
N LEU F 162 11.29 -18.62 63.62
CA LEU F 162 11.01 -19.98 63.17
C LEU F 162 11.87 -20.28 61.93
N SER F 163 13.15 -20.51 62.19
CA SER F 163 14.12 -20.73 61.12
C SER F 163 14.24 -22.21 60.81
N THR F 164 14.23 -22.53 59.51
CA THR F 164 14.50 -23.89 59.07
C THR F 164 15.98 -24.17 58.88
N GLU F 165 16.83 -23.14 58.95
CA GLU F 165 18.27 -23.28 58.81
C GLU F 165 19.04 -22.83 60.04
N GLU F 166 18.69 -21.65 60.59
CA GLU F 166 19.43 -21.12 61.73
C GLU F 166 19.16 -21.92 63.00
N LEU F 167 17.92 -22.42 63.18
CA LEU F 167 17.58 -23.15 64.40
C LEU F 167 18.27 -24.51 64.47
N PRO F 168 18.02 -25.47 63.56
CA PRO F 168 18.52 -26.83 63.80
C PRO F 168 20.02 -27.00 63.57
N ASN F 169 20.65 -26.13 62.79
CA ASN F 169 22.07 -26.27 62.51
C ASN F 169 22.93 -25.88 63.70
N GLN F 170 22.48 -24.93 64.51
CA GLN F 170 23.26 -24.42 65.62
C GLN F 170 23.02 -25.15 66.93
N THR F 171 22.11 -26.13 66.95
CA THR F 171 21.77 -26.81 68.19
C THR F 171 22.96 -27.55 68.78
N SER F 172 23.63 -28.36 67.95
CA SER F 172 24.79 -29.11 68.43
C SER F 172 25.94 -28.18 68.82
N ARG F 173 26.15 -27.12 68.05
CA ARG F 173 27.23 -26.18 68.34
C ARG F 173 27.00 -25.47 69.68
N LEU F 174 25.78 -25.00 69.92
CA LEU F 174 25.50 -24.34 71.18
C LEU F 174 25.48 -25.31 72.35
N ALA F 175 25.05 -26.56 72.12
CA ALA F 175 25.12 -27.57 73.16
C ALA F 175 26.56 -27.86 73.54
N ASN F 176 27.45 -27.97 72.55
CA ASN F 176 28.87 -28.17 72.83
C ASN F 176 29.46 -26.96 73.55
N TYR F 177 29.05 -25.76 73.15
CA TYR F 177 29.51 -24.54 73.83
C TYR F 177 29.12 -24.56 75.31
N LEU F 178 27.87 -24.92 75.60
CA LEU F 178 27.41 -24.94 76.98
C LEU F 178 28.06 -26.07 77.77
N ARG F 179 28.29 -27.22 77.13
CA ARG F 179 28.98 -28.32 77.79
C ARG F 179 30.42 -27.96 78.11
N VAL F 180 31.07 -27.16 77.26
CA VAL F 180 32.40 -26.66 77.57
C VAL F 180 32.34 -25.65 78.71
N LEU F 181 31.32 -24.78 78.71
CA LEU F 181 31.24 -23.71 79.70
C LEU F 181 30.82 -24.20 81.08
N ILE F 182 30.16 -25.37 81.18
CA ILE F 182 29.66 -25.83 82.48
C ILE F 182 30.76 -26.08 83.50
N PRO F 183 31.82 -26.86 83.22
CA PRO F 183 32.79 -27.12 84.30
C PRO F 183 33.70 -25.94 84.61
N SER F 184 34.05 -25.14 83.60
CA SER F 184 34.98 -24.03 83.79
C SER F 184 34.25 -22.72 84.09
N SER F 185 33.37 -22.74 85.09
CA SER F 185 32.65 -21.54 85.49
C SER F 185 32.25 -21.66 86.95
N ASP F 186 32.05 -20.51 87.58
CA ASP F 186 31.70 -20.42 88.99
C ASP F 186 30.18 -20.38 89.17
N ILE F 187 29.74 -20.05 90.38
CA ILE F 187 28.33 -19.97 90.73
C ILE F 187 27.69 -18.79 90.02
N GLU F 188 26.35 -18.73 90.06
CA GLU F 188 25.47 -17.75 89.41
C GLU F 188 25.52 -17.86 87.89
N VAL F 189 26.22 -18.84 87.34
CA VAL F 189 26.27 -19.06 85.90
C VAL F 189 25.64 -20.39 85.51
N MET F 190 25.52 -21.35 86.44
CA MET F 190 25.02 -22.67 86.10
C MET F 190 23.55 -22.64 85.71
N ARG F 191 22.74 -21.80 86.36
CA ARG F 191 21.33 -21.68 85.99
C ARG F 191 21.19 -21.13 84.57
N LEU F 192 21.96 -20.09 84.25
CA LEU F 192 21.91 -19.48 82.92
C LEU F 192 22.51 -20.39 81.86
N ALA F 193 23.36 -21.34 82.26
CA ALA F 193 23.86 -22.33 81.31
C ALA F 193 22.87 -23.46 81.11
N ALA F 194 22.16 -23.88 82.16
CA ALA F 194 21.28 -25.04 82.10
C ALA F 194 19.91 -24.73 81.50
N ASN F 195 19.37 -23.54 81.76
CA ASN F 195 18.07 -23.21 81.17
C ASN F 195 18.15 -23.08 79.66
N THR F 196 19.28 -22.61 79.14
CA THR F 196 19.48 -22.57 77.69
C THR F 196 19.57 -23.97 77.10
N LEU F 197 20.24 -24.90 77.81
CA LEU F 197 20.26 -26.29 77.35
C LEU F 197 18.87 -26.89 77.34
N GLY F 198 18.08 -26.61 78.38
CA GLY F 198 16.71 -27.08 78.39
C GLY F 198 15.87 -26.48 77.27
N ARG F 199 16.12 -25.21 76.94
CA ARG F 199 15.43 -24.58 75.84
C ARG F 199 15.80 -25.22 74.50
N LEU F 200 17.08 -25.53 74.31
CA LEU F 200 17.53 -26.11 73.05
C LEU F 200 17.35 -27.63 72.99
N THR F 201 16.86 -28.26 74.06
CA THR F 201 16.45 -29.65 73.95
C THR F 201 15.32 -29.82 72.93
N VAL F 202 14.34 -28.91 72.94
CA VAL F 202 13.21 -28.96 72.00
C VAL F 202 13.03 -27.63 71.28
N PRO F 203 13.96 -27.22 70.42
CA PRO F 203 13.83 -25.94 69.70
C PRO F 203 13.21 -26.06 68.32
N GLY F 204 12.69 -27.22 67.94
CA GLY F 204 12.22 -27.45 66.59
C GLY F 204 13.17 -28.22 65.70
N GLY F 205 14.27 -28.74 66.25
CA GLY F 205 15.25 -29.49 65.49
C GLY F 205 14.90 -30.96 65.39
N THR F 206 15.92 -31.76 65.09
CA THR F 206 15.76 -33.19 64.90
C THR F 206 16.55 -34.05 65.88
N LEU F 207 17.46 -33.47 66.64
CA LEU F 207 18.32 -34.20 67.58
C LEU F 207 17.92 -33.82 68.99
N THR F 208 16.98 -34.55 69.56
CA THR F 208 16.50 -34.31 70.92
C THR F 208 16.76 -35.48 71.86
N SER F 209 16.31 -36.68 71.48
CA SER F 209 16.38 -37.83 72.38
C SER F 209 17.82 -38.26 72.64
N ASP F 210 18.65 -38.28 71.60
CA ASP F 210 20.06 -38.67 71.77
C ASP F 210 20.79 -37.68 72.67
N PHE F 211 20.56 -36.39 72.47
CA PHE F 211 21.18 -35.37 73.33
C PHE F 211 20.71 -35.52 74.76
N VAL F 212 19.40 -35.71 74.97
CA VAL F 212 18.85 -35.83 76.31
C VAL F 212 19.43 -37.05 77.02
N GLU F 213 19.53 -38.17 76.31
CA GLU F 213 20.20 -39.35 76.86
C GLU F 213 21.66 -39.07 77.17
N PHE F 214 22.31 -38.21 76.38
CA PHE F 214 23.69 -37.85 76.68
C PHE F 214 23.81 -37.10 78.01
N GLU F 215 22.92 -36.12 78.25
CA GLU F 215 23.01 -35.46 79.56
C GLU F 215 22.58 -36.39 80.69
N VAL F 216 21.66 -37.33 80.44
CA VAL F 216 21.30 -38.29 81.48
C VAL F 216 22.49 -39.17 81.83
N ARG F 217 23.22 -39.64 80.81
CA ARG F 217 24.41 -40.44 81.05
C ARG F 217 25.48 -39.64 81.80
N THR F 218 25.68 -38.38 81.42
CA THR F 218 26.63 -37.53 82.12
C THR F 218 26.23 -37.33 83.58
N CYS F 219 24.93 -37.10 83.82
CA CYS F 219 24.45 -36.87 85.17
C CYS F 219 24.61 -38.11 86.04
N ILE F 220 24.28 -39.29 85.51
CA ILE F 220 24.41 -40.50 86.32
C ILE F 220 25.89 -40.85 86.52
N ASP F 221 26.74 -40.55 85.55
CA ASP F 221 28.18 -40.76 85.73
C ASP F 221 28.74 -39.84 86.81
N TRP F 222 28.28 -38.58 86.84
CA TRP F 222 28.71 -37.68 87.90
C TRP F 222 28.17 -38.10 89.26
N LEU F 223 26.92 -38.57 89.31
CA LEU F 223 26.29 -38.95 90.57
C LEU F 223 26.72 -40.32 91.06
N THR F 224 27.43 -41.11 90.24
CA THR F 224 27.94 -42.40 90.67
C THR F 224 29.04 -42.17 91.69
N LEU F 225 28.73 -42.37 92.98
CA LEU F 225 29.65 -42.15 94.08
C LEU F 225 29.63 -43.35 95.00
N THR F 226 30.81 -43.75 95.47
CA THR F 226 30.96 -44.88 96.37
C THR F 226 31.49 -44.40 97.72
N ALA F 227 31.07 -45.11 98.78
CA ALA F 227 31.53 -44.76 100.13
C ALA F 227 33.02 -44.97 100.30
N ASP F 228 33.56 -46.07 99.76
CA ASP F 228 34.98 -46.36 99.82
C ASP F 228 35.63 -46.04 98.48
N ASN F 229 36.90 -45.63 98.54
CA ASN F 229 37.68 -45.21 97.37
C ASN F 229 36.97 -44.09 96.63
N ASN F 230 36.85 -42.95 97.31
CA ASN F 230 36.11 -41.81 96.78
C ASN F 230 36.83 -41.22 95.57
N SER F 231 36.15 -41.24 94.42
CA SER F 231 36.68 -40.65 93.20
C SER F 231 35.79 -39.54 92.63
N SER F 232 34.53 -39.47 93.03
CA SER F 232 33.61 -38.43 92.58
C SER F 232 33.47 -37.30 93.60
N SER F 233 34.32 -37.27 94.62
CA SER F 233 34.25 -36.23 95.63
C SER F 233 34.61 -34.86 95.05
N SER F 234 35.46 -34.83 94.02
CA SER F 234 35.78 -33.56 93.36
C SER F 234 34.60 -33.00 92.60
N LYS F 235 33.69 -33.87 92.14
CA LYS F 235 32.49 -33.41 91.45
C LYS F 235 31.49 -32.73 92.38
N LEU F 236 31.61 -32.97 93.70
CA LEU F 236 30.71 -32.37 94.66
C LEU F 236 30.88 -30.86 94.81
N GLU F 237 31.93 -30.29 94.22
CA GLU F 237 32.12 -28.85 94.27
C GLU F 237 31.08 -28.14 93.40
N TYR F 238 31.05 -28.45 92.10
CA TYR F 238 30.15 -27.78 91.17
C TYR F 238 29.42 -28.71 90.22
N ARG F 239 29.89 -29.94 89.98
CA ARG F 239 29.31 -30.78 88.94
C ARG F 239 27.92 -31.27 89.33
N ARG F 240 27.72 -31.62 90.61
CA ARG F 240 26.42 -32.15 91.04
C ARG F 240 25.34 -31.08 90.96
N HIS F 241 25.67 -29.83 91.30
CA HIS F 241 24.71 -28.74 91.20
C HIS F 241 24.30 -28.51 89.74
N ALA F 242 25.28 -28.51 88.83
CA ALA F 242 24.97 -28.36 87.41
C ALA F 242 24.21 -29.56 86.88
N ALA F 243 24.54 -30.77 87.36
CA ALA F 243 23.82 -31.97 86.94
C ALA F 243 22.35 -31.89 87.38
N LEU F 244 22.10 -31.42 88.60
CA LEU F 244 20.72 -31.31 89.07
C LEU F 244 19.98 -30.19 88.34
N LEU F 245 20.67 -29.12 87.96
CA LEU F 245 20.03 -28.08 87.15
C LEU F 245 19.67 -28.61 85.77
N ILE F 246 20.53 -29.42 85.16
CA ILE F 246 20.21 -30.05 83.89
C ILE F 246 19.05 -31.02 84.06
N ILE F 247 18.98 -31.70 85.21
CA ILE F 247 17.87 -32.58 85.52
C ILE F 247 16.57 -31.78 85.58
N LYS F 248 16.60 -30.60 86.21
CA LYS F 248 15.43 -29.73 86.25
C LYS F 248 15.03 -29.27 84.85
N ALA F 249 16.01 -28.94 84.02
CA ALA F 249 15.73 -28.51 82.66
C ALA F 249 15.06 -29.61 81.86
N LEU F 250 15.57 -30.84 81.99
CA LEU F 250 14.94 -31.98 81.32
C LEU F 250 13.54 -32.24 81.87
N ALA F 251 13.36 -32.05 83.17
CA ALA F 251 12.05 -32.29 83.79
C ALA F 251 11.01 -31.31 83.29
N ASP F 252 11.35 -30.02 83.22
CA ASP F 252 10.36 -29.03 82.82
C ASP F 252 10.36 -28.73 81.33
N ASN F 253 11.21 -29.38 80.53
CA ASN F 253 11.15 -29.24 79.10
C ASN F 253 10.75 -30.51 78.36
N SER F 254 10.91 -31.69 78.97
CA SER F 254 10.51 -32.94 78.35
C SER F 254 10.31 -34.00 79.43
N PRO F 255 9.15 -34.02 80.09
CA PRO F 255 8.92 -35.02 81.15
C PRO F 255 8.89 -36.44 80.65
N TYR F 256 8.51 -36.67 79.39
CA TYR F 256 8.38 -38.03 78.87
C TYR F 256 9.73 -38.73 78.80
N LEU F 257 10.79 -38.00 78.41
CA LEU F 257 12.10 -38.61 78.28
C LEU F 257 12.70 -38.95 79.64
N LEU F 258 12.45 -38.10 80.65
CA LEU F 258 12.99 -38.32 81.98
C LEU F 258 12.09 -39.21 82.84
N TYR F 259 10.89 -39.53 82.37
CA TYR F 259 9.99 -40.42 83.10
C TYR F 259 10.60 -41.79 83.41
N PRO F 260 11.30 -42.48 82.50
CA PRO F 260 12.01 -43.69 82.94
C PRO F 260 13.07 -43.43 84.01
N TYR F 261 13.71 -42.26 83.98
CA TYR F 261 14.75 -41.93 84.96
C TYR F 261 14.09 -41.26 86.17
N VAL F 262 13.50 -42.09 87.02
CA VAL F 262 12.90 -41.64 88.27
C VAL F 262 13.50 -42.41 89.42
N ASN F 263 13.42 -43.75 89.34
CA ASN F 263 14.05 -44.60 90.36
C ASN F 263 15.56 -44.46 90.33
N SER F 264 16.15 -44.24 89.15
CA SER F 264 17.58 -43.99 89.06
C SER F 264 17.97 -42.73 89.81
N ILE F 265 17.17 -41.65 89.64
CA ILE F 265 17.43 -40.41 90.36
C ILE F 265 17.26 -40.61 91.87
N LEU F 266 16.23 -41.36 92.25
CA LEU F 266 16.00 -41.64 93.68
C LEU F 266 17.18 -42.38 94.29
N ASP F 267 17.69 -43.40 93.59
CA ASP F 267 18.83 -44.16 94.10
C ASP F 267 20.10 -43.33 94.09
N ASN F 268 20.27 -42.46 93.10
CA ASN F 268 21.47 -41.64 93.00
C ASN F 268 21.44 -40.42 93.90
N ILE F 269 20.30 -40.10 94.53
CA ILE F 269 20.23 -38.98 95.44
C ILE F 269 19.99 -39.41 96.89
N TRP F 270 19.50 -40.63 97.13
CA TRP F 270 19.23 -41.04 98.51
C TRP F 270 20.51 -41.23 99.31
N VAL F 271 21.49 -41.93 98.74
CA VAL F 271 22.73 -42.23 99.47
C VAL F 271 23.66 -41.01 99.51
N PRO F 272 24.08 -40.38 98.35
CA PRO F 272 24.97 -39.21 98.43
C PRO F 272 24.22 -37.89 98.54
N LEU F 273 23.27 -37.83 99.46
CA LEU F 273 22.52 -36.60 99.69
C LEU F 273 23.35 -35.56 100.43
N ARG F 274 24.24 -36.01 101.31
CA ARG F 274 25.06 -35.10 102.09
C ARG F 274 26.18 -34.51 101.23
N ASP F 275 26.27 -33.19 101.22
CA ASP F 275 27.24 -32.48 100.37
C ASP F 275 27.91 -31.41 101.21
N ALA F 276 28.71 -30.56 100.55
CA ALA F 276 29.44 -29.52 101.26
C ALA F 276 28.52 -28.37 101.67
N LYS F 277 27.63 -27.95 100.79
CA LYS F 277 26.79 -26.78 101.03
C LYS F 277 25.33 -27.12 100.73
N LEU F 278 24.47 -26.12 100.89
CA LEU F 278 23.03 -26.28 100.74
C LEU F 278 22.56 -26.21 99.29
N ILE F 279 23.44 -25.81 98.35
CA ILE F 279 23.00 -25.56 96.98
C ILE F 279 22.58 -26.87 96.31
N ILE F 280 23.41 -27.90 96.42
CA ILE F 280 23.10 -29.18 95.80
C ILE F 280 21.90 -29.83 96.47
N ARG F 281 21.77 -29.67 97.79
CA ARG F 281 20.62 -30.21 98.50
C ARG F 281 19.32 -29.54 98.08
N LEU F 282 19.33 -28.22 97.93
CA LEU F 282 18.15 -27.51 97.46
C LEU F 282 17.81 -27.89 96.02
N ASP F 283 18.85 -28.07 95.19
CA ASP F 283 18.62 -28.53 93.82
C ASP F 283 18.00 -29.92 93.80
N ALA F 284 18.45 -30.80 94.68
CA ALA F 284 17.88 -32.14 94.79
C ALA F 284 16.42 -32.06 95.23
N ALA F 285 16.10 -31.18 96.17
CA ALA F 285 14.72 -31.00 96.60
C ALA F 285 13.84 -30.51 95.46
N VAL F 286 14.32 -29.54 94.69
CA VAL F 286 13.56 -29.01 93.56
C VAL F 286 13.38 -30.09 92.49
N ALA F 287 14.43 -30.90 92.25
CA ALA F 287 14.31 -31.99 91.29
C ALA F 287 13.31 -33.04 91.76
N LEU F 288 13.29 -33.32 93.07
CA LEU F 288 12.31 -34.25 93.61
C LEU F 288 10.89 -33.71 93.46
N GLY F 289 10.71 -32.41 93.66
CA GLY F 289 9.40 -31.82 93.45
C GLY F 289 8.96 -31.87 92.00
N LYS F 290 9.89 -31.61 91.08
CA LYS F 290 9.57 -31.72 89.66
C LYS F 290 9.23 -33.16 89.28
N CYS F 291 9.96 -34.13 89.83
CA CYS F 291 9.67 -35.53 89.58
C CYS F 291 8.29 -35.92 90.14
N LEU F 292 7.95 -35.39 91.32
CA LEU F 292 6.64 -35.65 91.90
C LEU F 292 5.53 -35.06 91.03
N THR F 293 5.75 -33.86 90.50
CA THR F 293 4.77 -33.26 89.59
C THR F 293 4.62 -34.09 88.32
N ILE F 294 5.74 -34.58 87.78
CA ILE F 294 5.70 -35.42 86.58
C ILE F 294 4.95 -36.71 86.84
N ILE F 295 5.20 -37.34 88.00
CA ILE F 295 4.53 -38.58 88.36
C ILE F 295 3.03 -38.35 88.54
N GLN F 296 2.66 -37.26 89.20
CA GLN F 296 1.25 -36.96 89.39
C GLN F 296 0.54 -36.65 88.08
N ASP F 297 1.23 -35.98 87.16
CA ASP F 297 0.64 -35.71 85.85
C ASP F 297 0.49 -36.99 85.02
N ARG F 298 1.47 -37.89 85.10
CA ARG F 298 1.43 -39.11 84.30
C ARG F 298 0.44 -40.13 84.86
N ASP F 299 0.27 -40.17 86.19
CA ASP F 299 -0.55 -41.13 86.92
C ASP F 299 -0.18 -42.57 86.56
N PRO F 300 0.99 -43.04 87.00
CA PRO F 300 1.40 -44.41 86.65
C PRO F 300 0.70 -45.45 87.52
N ALA F 301 0.74 -46.69 87.05
CA ALA F 301 0.16 -47.80 87.79
C ALA F 301 1.04 -48.15 88.99
N LEU F 302 0.41 -48.31 90.16
CA LEU F 302 1.06 -48.70 91.40
C LEU F 302 2.17 -47.71 91.79
N GLY F 303 1.76 -46.48 92.05
CA GLY F 303 2.68 -45.46 92.54
C GLY F 303 3.03 -45.58 94.01
N LYS F 304 2.34 -46.46 94.74
CA LYS F 304 2.63 -46.67 96.16
C LYS F 304 4.07 -47.10 96.38
N GLN F 305 4.65 -47.83 95.43
CA GLN F 305 6.07 -48.16 95.47
C GLN F 305 6.97 -46.94 95.40
N TRP F 306 6.44 -45.78 95.00
CA TRP F 306 7.16 -44.52 95.07
C TRP F 306 6.82 -43.72 96.31
N PHE F 307 5.52 -43.53 96.60
CA PHE F 307 5.16 -42.72 97.76
C PHE F 307 5.47 -43.40 99.09
N GLN F 308 5.79 -44.70 99.10
CA GLN F 308 6.28 -45.33 100.32
C GLN F 308 7.80 -45.42 100.36
N ARG F 309 8.44 -45.62 99.21
CA ARG F 309 9.91 -45.68 99.19
C ARG F 309 10.53 -44.32 99.48
N LEU F 310 9.89 -43.22 99.08
CA LEU F 310 10.41 -41.91 99.45
C LEU F 310 10.37 -41.72 100.96
N PHE F 311 9.29 -42.16 101.61
CA PHE F 311 9.21 -42.07 103.06
C PHE F 311 10.21 -43.00 103.74
N GLN F 312 10.44 -44.18 103.16
CA GLN F 312 11.44 -45.09 103.70
C GLN F 312 12.83 -44.50 103.62
N GLY F 313 13.17 -43.87 102.50
CA GLY F 313 14.45 -43.19 102.39
C GLY F 313 14.55 -42.02 103.34
N CYS F 314 13.44 -41.32 103.56
CA CYS F 314 13.41 -40.23 104.54
C CYS F 314 13.71 -40.75 105.94
N THR F 315 13.10 -41.87 106.32
CA THR F 315 13.34 -42.45 107.64
C THR F 315 14.77 -42.96 107.76
N HIS F 316 15.31 -43.53 106.67
CA HIS F 316 16.70 -43.97 106.68
C HIS F 316 17.66 -42.80 106.87
N GLY F 317 17.37 -41.67 106.22
CA GLY F 317 18.18 -40.48 106.44
C GLY F 317 18.03 -39.92 107.85
N LEU F 318 16.82 -39.99 108.40
CA LEU F 318 16.59 -39.50 109.75
C LEU F 318 17.30 -40.37 110.79
N SER F 319 17.42 -41.67 110.53
CA SER F 319 18.12 -42.56 111.45
C SER F 319 19.61 -42.24 111.54
N LEU F 320 20.16 -41.52 110.56
CA LEU F 320 21.58 -41.17 110.59
C LEU F 320 21.90 -40.07 111.58
N ASN F 321 20.88 -39.33 112.03
CA ASN F 321 20.89 -38.31 113.09
C ASN F 321 22.15 -37.45 113.18
N THR F 322 22.66 -37.01 112.04
CA THR F 322 23.76 -36.05 111.99
C THR F 322 23.24 -34.67 111.62
N ASN F 323 24.13 -33.68 111.76
CA ASN F 323 23.75 -32.28 111.52
C ASN F 323 23.31 -32.07 110.08
N ASP F 324 24.02 -32.66 109.12
CA ASP F 324 23.62 -32.56 107.73
C ASP F 324 22.32 -33.32 107.46
N SER F 325 22.21 -34.54 108.00
CA SER F 325 21.07 -35.40 107.69
C SER F 325 19.76 -34.89 108.26
N VAL F 326 19.80 -34.23 109.43
CA VAL F 326 18.57 -33.75 110.05
C VAL F 326 17.87 -32.74 109.15
N HIS F 327 18.63 -31.80 108.58
CA HIS F 327 18.04 -30.84 107.66
C HIS F 327 17.87 -31.39 106.25
N ALA F 328 18.67 -32.39 105.86
CA ALA F 328 18.47 -33.01 104.56
C ALA F 328 17.13 -33.75 104.51
N THR F 329 16.73 -34.37 105.62
CA THR F 329 15.43 -35.05 105.66
C THR F 329 14.28 -34.07 105.45
N LEU F 330 14.34 -32.90 106.09
CA LEU F 330 13.30 -31.90 105.88
C LEU F 330 13.37 -31.33 104.47
N LEU F 331 14.57 -31.24 103.88
CA LEU F 331 14.69 -30.82 102.50
C LEU F 331 14.00 -31.82 101.56
N VAL F 332 14.08 -33.11 101.86
CA VAL F 332 13.35 -34.10 101.08
C VAL F 332 11.85 -33.99 101.34
N PHE F 333 11.45 -33.77 102.59
CA PHE F 333 10.04 -33.61 102.94
C PHE F 333 9.44 -32.30 102.46
N ARG F 334 10.25 -31.39 101.90
CA ARG F 334 9.75 -30.13 101.38
C ARG F 334 8.58 -30.31 100.42
N GLU F 335 8.64 -31.31 99.55
CA GLU F 335 7.62 -31.52 98.52
C GLU F 335 6.83 -32.79 98.82
N LEU F 336 5.54 -32.62 99.13
CA LEU F 336 4.63 -33.74 99.30
C LEU F 336 3.21 -33.21 99.13
N LEU F 337 2.35 -34.06 98.56
CA LEU F 337 0.96 -33.68 98.34
C LEU F 337 0.00 -34.75 98.86
N SER F 338 0.44 -36.01 98.88
CA SER F 338 -0.38 -37.11 99.34
C SER F 338 0.30 -37.80 100.52
N LEU F 339 -0.50 -38.24 101.49
CA LEU F 339 -0.01 -38.88 102.70
C LEU F 339 -0.56 -40.29 102.81
N LYS F 340 0.33 -41.26 103.02
CA LYS F 340 -0.06 -42.61 103.40
C LYS F 340 0.89 -43.18 104.45
N ALA F 341 1.64 -42.32 105.12
CA ALA F 341 2.65 -42.70 106.09
C ALA F 341 2.57 -41.74 107.27
N PRO F 342 3.05 -42.14 108.46
CA PRO F 342 2.98 -41.25 109.62
C PRO F 342 3.92 -40.05 109.54
N TYR F 343 3.76 -39.24 108.48
CA TYR F 343 4.47 -37.97 108.40
C TYR F 343 4.00 -37.01 109.48
N LEU F 344 2.74 -37.13 109.88
CA LEU F 344 2.17 -36.36 110.99
C LEU F 344 2.65 -36.83 112.35
N ARG F 345 3.47 -37.88 112.40
CA ARG F 345 3.96 -38.41 113.67
C ARG F 345 5.47 -38.40 113.77
N ASP F 346 6.20 -38.66 112.68
CA ASP F 346 7.64 -38.81 112.76
C ASP F 346 8.41 -37.50 112.64
N LYS F 347 7.74 -36.38 112.38
CA LYS F 347 8.42 -35.10 112.19
C LYS F 347 8.17 -34.09 113.29
N TYR F 348 7.03 -34.14 113.97
CA TYR F 348 6.80 -33.23 115.09
C TYR F 348 7.81 -33.47 116.20
N ASP F 349 8.01 -34.73 116.57
CA ASP F 349 9.05 -35.06 117.54
C ASP F 349 10.45 -34.78 117.00
N ASP F 350 10.64 -34.90 115.68
CA ASP F 350 11.93 -34.58 115.09
C ASP F 350 12.27 -33.10 115.28
N ILE F 351 11.29 -32.23 115.02
CA ILE F 351 11.49 -30.80 115.25
C ILE F 351 11.66 -30.50 116.73
N TYR F 352 10.85 -31.13 117.58
CA TYR F 352 10.92 -30.87 119.01
C TYR F 352 12.19 -31.42 119.64
N LYS F 353 12.88 -32.33 118.98
CA LYS F 353 14.20 -32.78 119.42
C LYS F 353 15.33 -32.00 118.77
N SER F 354 15.09 -31.41 117.59
CA SER F 354 16.07 -30.59 116.89
C SER F 354 15.66 -29.13 116.89
N THR F 355 15.11 -28.65 118.01
CA THR F 355 14.74 -27.24 118.14
C THR F 355 15.94 -26.32 117.91
N MET F 356 17.04 -26.58 118.62
CA MET F 356 18.25 -25.79 118.47
C MET F 356 19.43 -26.69 118.18
N LYS F 357 20.41 -26.14 117.45
CA LYS F 357 21.68 -26.81 117.18
C LYS F 357 22.77 -26.11 118.00
N TYR F 358 23.44 -26.88 118.85
CA TYR F 358 24.51 -26.42 119.73
C TYR F 358 23.99 -25.40 120.72
N LYS F 359 23.67 -24.20 120.25
CA LYS F 359 23.08 -23.17 121.10
C LYS F 359 21.81 -22.62 120.46
N GLU F 360 21.25 -21.55 121.01
CA GLU F 360 20.04 -20.97 120.47
C GLU F 360 20.31 -20.05 119.29
N TYR F 361 21.57 -19.81 118.94
CA TYR F 361 21.91 -18.94 117.82
C TYR F 361 22.45 -19.70 116.62
N LYS F 362 22.93 -20.93 116.80
CA LYS F 362 23.55 -21.71 115.74
C LYS F 362 22.56 -22.56 114.96
N PHE F 363 21.28 -22.18 114.96
CA PHE F 363 20.24 -22.87 114.21
C PHE F 363 19.95 -22.20 112.87
N ASP F 364 20.88 -21.37 112.38
CA ASP F 364 20.59 -20.49 111.25
C ASP F 364 20.30 -21.26 109.97
N VAL F 365 21.03 -22.36 109.74
CA VAL F 365 20.86 -23.12 108.51
C VAL F 365 19.48 -23.78 108.46
N ILE F 366 19.02 -24.28 109.60
CA ILE F 366 17.83 -25.12 109.63
C ILE F 366 16.56 -24.35 110.03
N ARG F 367 16.70 -23.18 110.69
CA ARG F 367 15.52 -22.48 111.20
C ARG F 367 14.60 -22.02 110.08
N ARG F 368 15.16 -21.53 108.97
CA ARG F 368 14.33 -21.03 107.87
C ARG F 368 13.53 -22.16 107.23
N GLU F 369 14.17 -23.29 106.98
CA GLU F 369 13.45 -24.42 106.40
C GLU F 369 12.47 -25.02 107.38
N VAL F 370 12.74 -24.95 108.69
CA VAL F 370 11.79 -25.44 109.67
C VAL F 370 10.55 -24.57 109.69
N TYR F 371 10.74 -23.25 109.69
CA TYR F 371 9.60 -22.33 109.64
C TYR F 371 8.86 -22.43 108.31
N ALA F 372 9.54 -22.86 107.24
CA ALA F 372 8.87 -23.03 105.96
C ALA F 372 8.14 -24.36 105.86
N ILE F 373 8.59 -25.40 106.60
CA ILE F 373 7.88 -26.68 106.57
C ILE F 373 6.84 -26.81 107.66
N LEU F 374 6.77 -25.86 108.61
CA LEU F 374 5.62 -25.83 109.51
C LEU F 374 4.28 -25.75 108.79
N PRO F 375 4.09 -24.93 107.75
CA PRO F 375 2.85 -25.07 106.95
C PRO F 375 2.70 -26.44 106.30
N LEU F 376 3.81 -27.06 105.88
CA LEU F 376 3.71 -28.41 105.32
C LEU F 376 3.29 -29.43 106.36
N LEU F 377 3.74 -29.26 107.61
CA LEU F 377 3.28 -30.14 108.68
C LEU F 377 1.82 -29.87 109.03
N ALA F 378 1.38 -28.61 108.98
CA ALA F 378 0.01 -28.26 109.29
C ALA F 378 -0.95 -28.54 108.14
N ALA F 379 -0.45 -28.83 106.94
CA ALA F 379 -1.31 -29.05 105.78
C ALA F 379 -2.18 -30.29 105.91
N PHE F 380 -1.87 -31.22 106.82
CA PHE F 380 -2.64 -32.43 106.98
C PHE F 380 -3.44 -32.44 108.27
N ASP F 381 -2.79 -32.32 109.43
CA ASP F 381 -3.51 -32.26 110.68
C ASP F 381 -2.70 -31.52 111.75
N PRO F 382 -3.05 -30.28 112.07
CA PRO F 382 -2.46 -29.61 113.24
C PRO F 382 -3.25 -29.92 114.51
N ALA F 383 -4.08 -30.96 114.45
CA ALA F 383 -4.97 -31.38 115.54
C ALA F 383 -5.91 -30.23 115.93
N ILE F 384 -6.72 -29.81 114.96
CA ILE F 384 -7.72 -28.79 115.22
C ILE F 384 -8.83 -29.33 116.12
N PHE F 385 -9.33 -30.52 115.79
CA PHE F 385 -10.38 -31.14 116.60
C PHE F 385 -9.82 -31.91 117.78
N THR F 386 -8.65 -32.52 117.62
CA THR F 386 -8.01 -33.25 118.72
C THR F 386 -7.53 -32.29 119.81
N LYS F 387 -7.13 -31.08 119.41
CA LYS F 387 -6.61 -30.04 120.33
C LYS F 387 -5.41 -30.55 121.12
N LYS F 388 -4.53 -31.29 120.44
CA LYS F 388 -3.31 -31.80 121.05
C LYS F 388 -2.04 -31.29 120.39
N TYR F 389 -2.13 -30.65 119.23
CA TYR F 389 -0.96 -30.07 118.59
C TYR F 389 -0.97 -28.55 118.52
N LEU F 390 -2.13 -27.92 118.72
CA LEU F 390 -2.15 -26.45 118.78
C LEU F 390 -1.37 -25.95 119.99
N ASP F 391 -1.55 -26.58 121.14
CA ASP F 391 -0.76 -26.23 122.31
C ASP F 391 0.70 -26.59 122.12
N ARG F 392 0.99 -27.66 121.37
CA ARG F 392 2.38 -28.00 121.07
C ARG F 392 3.03 -26.94 120.20
N ILE F 393 2.31 -26.40 119.22
CA ILE F 393 2.84 -25.30 118.42
C ILE F 393 2.99 -24.04 119.27
N MET F 394 2.07 -23.82 120.21
CA MET F 394 2.20 -22.70 121.14
C MET F 394 3.47 -22.82 121.96
N VAL F 395 3.77 -24.02 122.45
CA VAL F 395 5.05 -24.26 123.12
C VAL F 395 6.20 -24.08 122.13
N HIS F 396 5.97 -24.42 120.86
CA HIS F 396 7.03 -24.33 119.86
C HIS F 396 7.49 -22.88 119.66
N TYR F 397 6.56 -21.93 119.64
CA TYR F 397 6.98 -20.53 119.57
C TYR F 397 6.93 -19.83 120.93
N LEU F 398 6.79 -20.58 122.02
CA LEU F 398 6.77 -19.97 123.36
C LEU F 398 8.08 -19.25 123.67
N ARG F 399 9.22 -19.89 123.42
CA ARG F 399 10.47 -19.24 123.75
C ARG F 399 10.92 -18.24 122.70
N TYR F 400 10.26 -18.19 121.55
CA TYR F 400 10.63 -17.27 120.49
C TYR F 400 10.09 -15.87 120.71
N LEU F 401 9.37 -15.64 121.82
CA LEU F 401 8.83 -14.32 122.14
C LEU F 401 9.83 -13.44 122.85
N LYS F 402 11.04 -13.92 123.11
CA LYS F 402 12.04 -13.16 123.84
C LYS F 402 13.39 -13.41 123.17
N ASN F 403 14.47 -13.05 123.87
CA ASN F 403 15.82 -13.13 123.32
C ASN F 403 16.23 -14.58 123.04
N ILE F 404 17.13 -14.74 122.07
CA ILE F 404 17.55 -16.05 121.60
C ILE F 404 19.06 -16.26 121.74
N ASP F 405 19.71 -15.50 122.62
CA ASP F 405 21.14 -15.70 122.87
C ASP F 405 21.49 -15.13 124.23
N MET F 406 22.49 -15.74 124.86
CA MET F 406 23.02 -15.27 126.15
C MET F 406 24.33 -14.51 126.00
N ASN F 407 24.81 -14.31 124.78
CA ASN F 407 26.09 -13.66 124.53
C ASN F 407 25.97 -12.17 124.25
N ALA F 408 25.04 -11.75 123.40
CA ALA F 408 24.91 -10.35 123.04
C ALA F 408 23.47 -9.85 123.04
N ALA F 409 22.49 -10.68 123.41
CA ALA F 409 21.07 -10.31 123.49
C ALA F 409 20.56 -9.79 122.14
N ASN F 410 20.72 -10.62 121.11
CA ASN F 410 20.26 -10.32 119.76
C ASN F 410 19.09 -11.23 119.40
N ASN F 411 18.47 -10.95 118.25
CA ASN F 411 17.35 -11.74 117.77
C ASN F 411 17.40 -11.74 116.24
N SER F 412 17.81 -12.87 115.67
CA SER F 412 17.94 -12.98 114.22
C SER F 412 16.75 -13.68 113.57
N ASP F 413 15.99 -14.46 114.33
CA ASP F 413 14.87 -15.23 113.78
C ASP F 413 13.51 -14.63 114.14
N LYS F 414 13.47 -13.43 114.71
CA LYS F 414 12.18 -12.83 115.04
C LYS F 414 11.36 -12.41 113.81
N PRO F 415 11.93 -12.06 112.62
CA PRO F 415 11.03 -11.90 111.47
C PRO F 415 10.57 -13.24 110.92
N PHE F 416 11.45 -14.24 111.00
CA PHE F 416 11.13 -15.54 110.42
C PHE F 416 10.05 -16.28 111.22
N ILE F 417 10.03 -16.13 112.54
CA ILE F 417 8.97 -16.75 113.33
C ILE F 417 7.62 -16.09 113.02
N LEU F 418 7.63 -14.78 112.78
CA LEU F 418 6.40 -14.10 112.36
C LEU F 418 5.97 -14.58 110.97
N VAL F 419 6.94 -14.81 110.09
CA VAL F 419 6.64 -15.38 108.77
C VAL F 419 5.99 -16.75 108.93
N SER F 420 6.53 -17.57 109.82
CA SER F 420 5.99 -18.91 110.04
C SER F 420 4.56 -18.85 110.58
N ILE F 421 4.31 -18.00 111.58
CA ILE F 421 2.97 -17.97 112.17
C ILE F 421 1.96 -17.39 111.19
N GLY F 422 2.37 -16.39 110.39
CA GLY F 422 1.48 -15.88 109.36
C GLY F 422 1.20 -16.91 108.28
N ASP F 423 2.22 -17.69 107.90
CA ASP F 423 2.03 -18.72 106.89
C ASP F 423 1.09 -19.82 107.38
N ILE F 424 1.26 -20.26 108.63
CA ILE F 424 0.35 -21.29 109.14
C ILE F 424 -1.04 -20.73 109.36
N ALA F 425 -1.14 -19.43 109.66
CA ALA F 425 -2.46 -18.80 109.74
C ALA F 425 -3.16 -18.82 108.39
N PHE F 426 -2.44 -18.46 107.33
CA PHE F 426 -3.03 -18.44 105.99
C PHE F 426 -3.38 -19.86 105.53
N GLU F 427 -2.53 -20.84 105.85
CA GLU F 427 -2.83 -22.22 105.46
C GLU F 427 -4.04 -22.75 106.20
N VAL F 428 -4.06 -22.63 107.53
CA VAL F 428 -5.17 -23.09 108.36
C VAL F 428 -5.43 -22.03 109.43
N GLY F 429 -6.57 -21.35 109.34
CA GLY F 429 -6.91 -20.35 110.34
C GLY F 429 -7.50 -20.93 111.61
N SER F 430 -8.07 -22.13 111.55
CA SER F 430 -8.69 -22.75 112.71
C SER F 430 -7.69 -23.25 113.73
N SER F 431 -6.41 -23.34 113.37
CA SER F 431 -5.37 -23.70 114.32
C SER F 431 -4.82 -22.50 115.08
N ILE F 432 -5.19 -21.29 114.68
CA ILE F 432 -4.76 -20.08 115.35
C ILE F 432 -5.93 -19.31 115.97
N SER F 433 -7.14 -19.47 115.45
CA SER F 433 -8.36 -18.92 116.05
C SER F 433 -8.55 -19.25 117.53
N PRO F 434 -8.01 -20.34 118.08
CA PRO F 434 -7.93 -20.42 119.55
C PRO F 434 -6.98 -19.40 120.16
N TYR F 435 -5.80 -19.21 119.59
CA TYR F 435 -4.73 -18.44 120.23
C TYR F 435 -4.22 -17.34 119.29
N MET F 436 -4.64 -16.10 119.54
CA MET F 436 -4.03 -14.97 118.85
C MET F 436 -3.68 -13.81 119.77
N THR F 437 -4.20 -13.77 121.00
CA THR F 437 -3.95 -12.62 121.87
C THR F 437 -2.49 -12.51 122.26
N LEU F 438 -1.78 -13.64 122.37
CA LEU F 438 -0.34 -13.59 122.59
C LEU F 438 0.37 -12.97 121.39
N ILE F 439 -0.08 -13.30 120.17
CA ILE F 439 0.50 -12.70 118.97
C ILE F 439 0.25 -11.19 118.95
N LEU F 440 -0.97 -10.77 119.29
CA LEU F 440 -1.27 -9.34 119.32
C LEU F 440 -0.46 -8.61 120.38
N ASP F 441 -0.28 -9.24 121.56
CA ASP F 441 0.57 -8.65 122.59
C ASP F 441 2.01 -8.54 122.12
N ASN F 442 2.50 -9.55 121.40
CA ASN F 442 3.85 -9.49 120.84
C ASN F 442 3.98 -8.36 119.83
N ILE F 443 2.96 -8.18 118.98
CA ILE F 443 2.98 -7.08 118.00
C ILE F 443 3.01 -5.73 118.71
N ARG F 444 2.17 -5.58 119.74
CA ARG F 444 2.12 -4.33 120.48
C ARG F 444 3.44 -4.05 121.18
N GLU F 445 4.05 -5.07 121.79
CA GLU F 445 5.30 -4.88 122.51
C GLU F 445 6.50 -4.75 121.59
N GLY F 446 6.38 -5.18 120.33
CA GLY F 446 7.46 -4.98 119.39
C GLY F 446 7.32 -3.70 118.59
N LEU F 447 6.13 -3.10 118.62
CA LEU F 447 5.84 -1.89 117.86
C LEU F 447 5.80 -0.64 118.75
N ARG F 448 6.67 -0.57 119.75
CA ARG F 448 6.77 0.67 120.54
C ARG F 448 7.63 1.69 119.82
N THR F 449 8.90 1.38 119.60
CA THR F 449 9.83 2.25 118.90
C THR F 449 10.39 1.51 117.69
N LYS F 450 10.73 2.28 116.66
CA LYS F 450 11.16 1.70 115.38
C LYS F 450 12.54 2.24 115.02
N PHE F 451 13.53 1.35 115.04
CA PHE F 451 14.85 1.64 114.50
C PHE F 451 14.90 1.11 113.07
N LYS F 452 16.08 1.18 112.44
CA LYS F 452 16.26 0.55 111.14
C LYS F 452 16.13 -0.97 111.25
N VAL F 453 16.63 -1.54 112.33
CA VAL F 453 16.47 -2.97 112.56
C VAL F 453 15.00 -3.32 112.77
N ARG F 454 14.26 -2.46 113.46
CA ARG F 454 12.83 -2.69 113.64
C ARG F 454 12.09 -2.61 112.32
N LYS F 455 12.47 -1.67 111.46
CA LYS F 455 11.84 -1.55 110.15
C LYS F 455 12.14 -2.76 109.28
N GLN F 456 13.39 -3.23 109.28
CA GLN F 456 13.75 -4.38 108.46
C GLN F 456 13.18 -5.69 109.01
N PHE F 457 12.87 -5.75 110.31
CA PHE F 457 12.20 -6.91 110.85
C PHE F 457 10.68 -6.80 110.79
N GLU F 458 10.16 -5.60 110.54
CA GLU F 458 8.73 -5.33 110.49
C GLU F 458 8.21 -5.17 109.07
N LYS F 459 9.11 -5.22 108.08
CA LYS F 459 8.68 -5.13 106.68
C LYS F 459 7.72 -6.25 106.31
N ASP F 460 8.02 -7.48 106.73
CA ASP F 460 7.15 -8.61 106.46
C ASP F 460 6.01 -8.74 107.46
N LEU F 461 6.04 -7.94 108.54
CA LEU F 461 4.98 -7.99 109.54
C LEU F 461 3.65 -7.59 108.95
N PHE F 462 3.65 -6.66 107.99
CA PHE F 462 2.42 -6.29 107.29
C PHE F 462 1.79 -7.50 106.62
N TYR F 463 2.60 -8.27 105.90
CA TYR F 463 2.14 -9.43 105.15
C TYR F 463 1.65 -10.53 106.09
N CYS F 464 2.38 -10.77 107.18
CA CYS F 464 1.95 -11.76 108.16
C CYS F 464 0.65 -11.36 108.83
N ILE F 465 0.52 -10.09 109.21
CA ILE F 465 -0.71 -9.62 109.86
C ILE F 465 -1.89 -9.67 108.90
N GLY F 466 -1.64 -9.38 107.62
CA GLY F 466 -2.70 -9.51 106.63
C GLY F 466 -3.17 -10.94 106.47
N LYS F 467 -2.23 -11.89 106.46
CA LYS F 467 -2.62 -13.30 106.41
C LYS F 467 -3.41 -13.71 107.65
N LEU F 468 -2.98 -13.26 108.83
CA LEU F 468 -3.68 -13.60 110.06
C LEU F 468 -5.09 -13.01 110.09
N ALA F 469 -5.23 -11.77 109.63
CA ALA F 469 -6.55 -11.14 109.59
C ALA F 469 -7.46 -11.83 108.58
N CYS F 470 -6.91 -12.24 107.43
CA CYS F 470 -7.70 -12.99 106.47
C CYS F 470 -8.15 -14.32 107.03
N ALA F 471 -7.28 -14.98 107.79
CA ALA F 471 -7.64 -16.24 108.44
C ALA F 471 -8.74 -16.05 109.46
N LEU F 472 -8.64 -14.99 110.27
CA LEU F 472 -9.62 -14.79 111.34
C LEU F 472 -10.95 -14.29 110.80
N GLY F 473 -10.94 -13.57 109.67
CA GLY F 473 -12.15 -13.16 109.01
C GLY F 473 -12.97 -12.17 109.80
N PRO F 474 -14.30 -12.30 109.71
CA PRO F 474 -15.19 -11.36 110.43
C PRO F 474 -15.07 -11.43 111.94
N ALA F 475 -14.56 -12.54 112.48
CA ALA F 475 -14.36 -12.64 113.92
C ALA F 475 -13.24 -11.74 114.41
N PHE F 476 -12.41 -11.22 113.50
CA PHE F 476 -11.32 -10.31 113.85
C PHE F 476 -11.91 -8.90 113.95
N ALA F 477 -12.74 -8.72 114.96
CA ALA F 477 -13.42 -7.45 115.22
C ALA F 477 -13.05 -6.87 116.58
N LYS F 478 -13.09 -7.69 117.64
CA LYS F 478 -12.67 -7.22 118.95
C LYS F 478 -11.18 -6.93 118.99
N HIS F 479 -10.39 -7.73 118.27
CA HIS F 479 -8.94 -7.53 118.27
C HIS F 479 -8.56 -6.27 117.49
N LEU F 480 -9.20 -6.01 116.36
CA LEU F 480 -9.00 -4.76 115.64
C LEU F 480 -9.89 -3.72 116.31
N ASN F 481 -9.39 -3.17 117.42
CA ASN F 481 -10.12 -2.18 118.19
C ASN F 481 -9.40 -0.86 118.31
N LYS F 482 -8.15 -0.86 118.76
CA LYS F 482 -7.45 0.36 119.14
C LYS F 482 -5.98 0.00 119.36
N ASP F 483 -5.12 1.02 119.24
CA ASP F 483 -3.67 0.92 119.45
C ASP F 483 -3.02 0.02 118.40
N LEU F 484 -3.73 -0.28 117.32
CA LEU F 484 -3.20 -1.06 116.22
C LEU F 484 -3.08 -0.26 114.93
N LEU F 485 -4.17 0.38 114.50
CA LEU F 485 -4.13 1.15 113.25
C LEU F 485 -3.29 2.42 113.37
N ASN F 486 -3.24 3.03 114.55
CA ASN F 486 -2.39 4.19 114.74
C ASN F 486 -0.91 3.85 114.56
N LEU F 487 -0.47 2.74 115.14
CA LEU F 487 0.89 2.28 114.91
C LEU F 487 1.08 1.71 113.51
N MET F 488 0.00 1.22 112.90
CA MET F 488 0.04 0.75 111.52
C MET F 488 0.41 1.90 110.59
N LEU F 489 -0.19 3.06 110.79
CA LEU F 489 0.07 4.22 109.93
C LEU F 489 1.09 5.20 110.49
N ASN F 490 1.65 4.93 111.68
CA ASN F 490 2.77 5.72 112.19
C ASN F 490 4.07 5.07 111.69
N CYS F 491 4.31 5.23 110.39
CA CYS F 491 5.43 4.58 109.72
C CYS F 491 5.67 5.22 108.35
N PRO F 492 6.89 5.22 107.85
CA PRO F 492 7.11 5.59 106.45
C PRO F 492 6.43 4.60 105.51
N MET F 493 5.97 5.13 104.38
CA MET F 493 5.11 4.36 103.49
C MET F 493 5.89 3.26 102.78
N SER F 494 5.22 2.13 102.55
CA SER F 494 5.79 1.04 101.76
C SER F 494 4.70 0.39 100.92
N ASP F 495 5.15 -0.27 99.85
CA ASP F 495 4.24 -1.02 98.99
C ASP F 495 3.55 -2.12 99.79
N HIS F 496 4.29 -2.79 100.67
CA HIS F 496 3.69 -3.78 101.54
C HIS F 496 2.65 -3.14 102.46
N MET F 497 2.92 -1.94 102.96
CA MET F 497 1.98 -1.24 103.83
C MET F 497 0.67 -0.97 103.11
N GLN F 498 0.72 -0.34 101.93
CA GLN F 498 -0.52 -0.05 101.21
C GLN F 498 -1.22 -1.33 100.76
N GLU F 499 -0.44 -2.33 100.33
CA GLU F 499 -1.00 -3.55 99.79
C GLU F 499 -1.74 -4.33 100.88
N THR F 500 -1.16 -4.41 102.07
CA THR F 500 -1.81 -5.12 103.16
C THR F 500 -2.97 -4.33 103.74
N LEU F 501 -2.89 -3.00 103.75
CA LEU F 501 -4.06 -2.22 104.13
C LEU F 501 -5.23 -2.46 103.18
N MET F 502 -4.94 -2.55 101.89
CA MET F 502 -5.99 -2.87 100.92
C MET F 502 -6.55 -4.26 101.16
N ILE F 503 -5.68 -5.23 101.47
CA ILE F 503 -6.15 -6.59 101.73
C ILE F 503 -7.06 -6.65 102.95
N LEU F 504 -6.67 -6.00 104.05
CA LEU F 504 -7.53 -6.04 105.23
C LEU F 504 -8.85 -5.31 104.98
N ASN F 505 -8.81 -4.22 104.21
CA ASN F 505 -10.05 -3.51 103.88
C ASN F 505 -10.99 -4.38 103.05
N GLU F 506 -10.47 -5.10 102.06
CA GLU F 506 -11.38 -5.95 101.29
C GLU F 506 -11.79 -7.19 102.06
N LYS F 507 -10.96 -7.64 103.02
CA LYS F 507 -11.29 -8.83 103.78
C LYS F 507 -12.42 -8.57 104.77
N ILE F 508 -12.35 -7.47 105.51
CA ILE F 508 -13.39 -7.13 106.47
C ILE F 508 -14.01 -5.80 106.10
N PRO F 509 -15.33 -5.72 105.90
CA PRO F 509 -16.00 -4.44 105.63
C PRO F 509 -16.49 -3.78 106.91
N SER F 510 -15.56 -3.46 107.80
CA SER F 510 -15.89 -2.83 109.08
C SER F 510 -15.38 -1.40 109.17
N LEU F 511 -14.07 -1.20 108.99
CA LEU F 511 -13.46 0.12 109.05
C LEU F 511 -12.77 0.36 107.70
N GLU F 512 -13.45 1.08 106.82
CA GLU F 512 -12.94 1.34 105.48
C GLU F 512 -12.55 2.80 105.30
N SER F 513 -13.50 3.71 105.49
CA SER F 513 -13.22 5.14 105.34
C SER F 513 -12.27 5.62 106.42
N THR F 514 -12.34 5.01 107.61
CA THR F 514 -11.51 5.43 108.74
C THR F 514 -10.02 5.28 108.42
N VAL F 515 -9.65 4.25 107.68
CA VAL F 515 -8.24 4.04 107.35
C VAL F 515 -7.92 4.66 106.00
N ASN F 516 -8.90 4.70 105.09
CA ASN F 516 -8.64 5.26 103.77
C ASN F 516 -8.42 6.77 103.83
N SER F 517 -9.20 7.48 104.65
CA SER F 517 -9.00 8.91 104.81
C SER F 517 -7.64 9.20 105.41
N ARG F 518 -7.20 8.38 106.38
CA ARG F 518 -5.91 8.63 107.02
C ARG F 518 -4.74 8.28 106.12
N ILE F 519 -4.86 7.27 105.26
CA ILE F 519 -3.77 7.03 104.31
C ILE F 519 -3.75 8.10 103.23
N LEU F 520 -4.92 8.63 102.84
CA LEU F 520 -4.92 9.79 101.95
C LEU F 520 -4.31 11.01 102.62
N ASN F 521 -4.46 11.14 103.94
CA ASN F 521 -3.82 12.25 104.64
C ASN F 521 -2.32 12.06 104.73
N LEU F 522 -1.87 10.81 104.86
CA LEU F 522 -0.44 10.54 104.78
C LEU F 522 0.11 10.90 103.40
N LEU F 523 -0.64 10.55 102.35
CA LEU F 523 -0.27 10.97 101.00
C LEU F 523 -0.25 12.49 100.88
N SER F 524 -1.21 13.15 101.50
CA SER F 524 -1.25 14.61 101.54
C SER F 524 0.04 15.17 102.13
N ILE F 525 0.29 14.88 103.41
CA ILE F 525 1.44 15.43 104.11
C ILE F 525 2.75 15.01 103.46
N SER F 526 2.76 13.93 102.67
CA SER F 526 3.93 13.63 101.87
C SER F 526 4.05 14.57 100.67
N LEU F 527 2.94 14.89 100.02
CA LEU F 527 3.01 15.73 98.82
C LEU F 527 3.12 17.21 99.17
N SER F 528 2.08 17.76 99.79
CA SER F 528 2.08 19.13 100.29
C SER F 528 1.27 19.18 101.57
N GLY F 529 1.62 20.11 102.46
CA GLY F 529 1.03 20.04 103.78
C GLY F 529 -0.32 20.68 103.90
N GLU F 530 -1.36 19.86 103.75
CA GLU F 530 -2.75 20.22 104.03
C GLU F 530 -3.50 18.90 104.23
N LYS F 531 -4.83 18.98 104.20
CA LYS F 531 -5.69 17.82 104.28
C LYS F 531 -6.58 17.78 103.04
N PHE F 532 -6.73 16.59 102.45
CA PHE F 532 -7.59 16.44 101.29
C PHE F 532 -9.05 16.68 101.66
N ILE F 533 -9.63 17.74 101.07
CA ILE F 533 -11.02 18.11 101.24
C ILE F 533 -11.61 18.39 99.87
N GLN F 534 -12.93 18.26 99.74
CA GLN F 534 -13.55 18.54 98.45
C GLN F 534 -14.08 19.97 98.39
N SER F 535 -15.06 20.30 99.24
CA SER F 535 -15.62 21.65 99.24
C SER F 535 -16.22 21.94 100.61
N ASN F 536 -15.45 22.56 101.47
CA ASN F 536 -16.00 23.21 102.65
C ASN F 536 -15.52 24.64 102.82
N GLN F 537 -14.26 24.92 102.50
CA GLN F 537 -13.69 26.26 102.58
C GLN F 537 -12.48 26.32 101.65
N GLN F 543 -8.66 26.38 100.17
CA GLN F 543 -7.38 25.71 100.31
C GLN F 543 -6.24 26.72 100.12
N PHE F 544 -5.02 26.23 99.99
CA PHE F 544 -3.84 27.05 99.77
C PHE F 544 -3.16 26.63 98.46
N SER F 545 -2.10 27.36 98.11
CA SER F 545 -1.31 27.06 96.92
C SER F 545 -0.33 25.94 97.25
N ILE F 546 0.58 25.63 96.31
CA ILE F 546 1.52 24.52 96.46
C ILE F 546 2.91 25.09 96.22
N GLU F 547 3.55 25.59 97.27
CA GLU F 547 4.95 26.00 97.17
C GLU F 547 5.73 25.69 98.44
N LYS F 548 5.03 25.37 99.53
CA LYS F 548 5.62 24.88 100.78
C LYS F 548 5.73 23.37 100.84
N ALA F 549 5.80 22.68 99.70
CA ALA F 549 5.84 21.22 99.71
C ALA F 549 7.11 20.71 100.38
N ARG F 550 8.26 21.30 100.05
CA ARG F 550 9.52 20.84 100.63
C ARG F 550 9.61 21.17 102.12
N LYS F 551 9.14 22.36 102.50
CA LYS F 551 9.17 22.74 103.91
C LYS F 551 8.12 22.00 104.73
N SER F 552 7.14 21.38 104.08
CA SER F 552 6.21 20.51 104.78
C SER F 552 6.65 19.05 104.80
N ARG F 553 7.53 18.65 103.88
CA ARG F 553 7.99 17.27 103.82
C ARG F 553 9.35 17.04 104.47
N ASN F 554 10.12 18.09 104.74
CA ASN F 554 11.47 17.89 105.25
C ASN F 554 11.45 17.37 106.69
N GLN F 555 10.55 17.90 107.53
CA GLN F 555 10.49 17.43 108.91
C GLN F 555 9.83 16.05 109.02
N SER F 556 9.22 15.55 107.94
CA SER F 556 8.46 14.30 108.01
C SER F 556 9.37 13.11 108.28
N PHE F 557 10.50 13.00 107.56
CA PHE F 557 11.36 11.84 107.78
C PHE F 557 12.17 11.96 109.06
N MET F 558 12.50 13.17 109.50
CA MET F 558 13.18 13.32 110.78
C MET F 558 12.26 13.10 111.97
N LYS F 559 10.95 13.29 111.79
CA LYS F 559 10.01 12.94 112.84
C LYS F 559 9.98 11.44 113.11
N LYS F 560 10.38 10.63 112.13
CA LYS F 560 10.51 9.18 112.30
C LYS F 560 11.92 8.76 112.67
N THR F 561 12.92 9.32 112.02
CA THR F 561 14.31 8.98 112.31
C THR F 561 15.03 10.13 113.01
N ILE F 568 18.74 16.04 99.76
CA ILE F 568 19.05 14.66 99.42
C ILE F 568 18.36 14.28 98.12
N THR F 569 18.19 12.98 97.90
CA THR F 569 17.49 12.52 96.70
C THR F 569 15.99 12.72 96.82
N ASP F 570 15.36 12.07 97.81
CA ASP F 570 13.93 12.15 98.10
C ASP F 570 13.05 11.75 96.93
N ALA F 571 13.62 11.03 95.96
CA ALA F 571 12.82 10.54 94.84
C ALA F 571 11.98 9.32 95.21
N GLN F 572 12.51 8.47 96.08
CA GLN F 572 11.84 7.21 96.41
C GLN F 572 10.53 7.44 97.13
N ILE F 573 10.47 8.42 98.04
CA ILE F 573 9.24 8.69 98.77
C ILE F 573 8.15 9.19 97.83
N LEU F 574 8.50 10.10 96.92
CA LEU F 574 7.51 10.60 95.98
C LEU F 574 7.07 9.51 95.00
N ILE F 575 8.00 8.65 94.59
CA ILE F 575 7.63 7.57 93.68
C ILE F 575 6.69 6.59 94.36
N GLN F 576 6.98 6.23 95.62
CA GLN F 576 6.09 5.34 96.36
C GLN F 576 4.73 5.98 96.61
N CYS F 577 4.70 7.28 96.88
CA CYS F 577 3.43 7.95 97.10
C CYS F 577 2.62 8.07 95.81
N PHE F 578 3.29 8.22 94.67
CA PHE F 578 2.58 8.26 93.40
C PHE F 578 2.13 6.88 92.94
N LYS F 579 2.79 5.81 93.39
CA LYS F 579 2.44 4.48 92.93
C LYS F 579 1.11 3.97 93.47
N MET F 580 0.49 4.65 94.43
CA MET F 580 -0.83 4.24 94.90
C MET F 580 -1.97 5.01 94.26
N LEU F 581 -1.72 6.26 93.84
CA LEU F 581 -2.78 7.07 93.25
C LEU F 581 -3.26 6.49 91.93
N GLN F 582 -2.47 5.65 91.29
CA GLN F 582 -2.89 4.95 90.08
C GLN F 582 -3.50 3.58 90.38
N LEU F 583 -3.46 3.12 91.63
CA LEU F 583 -3.86 1.76 91.97
C LEU F 583 -5.08 1.71 92.88
N ILE F 584 -5.03 2.35 94.05
CA ILE F 584 -6.07 2.19 95.05
C ILE F 584 -7.19 3.18 94.77
N HIS F 585 -8.43 2.69 94.74
CA HIS F 585 -9.60 3.48 94.42
C HIS F 585 -10.20 4.09 95.68
N HIS F 586 -10.70 5.32 95.55
CA HIS F 586 -11.31 6.04 96.66
C HIS F 586 -12.65 6.61 96.20
N GLN F 587 -13.69 6.38 97.01
CA GLN F 587 -15.04 6.84 96.65
C GLN F 587 -15.19 8.35 96.79
N TYR F 588 -14.27 9.01 97.51
CA TYR F 588 -14.31 10.45 97.66
C TYR F 588 -13.97 11.12 96.34
N SER F 589 -14.24 12.42 96.26
CA SER F 589 -13.97 13.18 95.05
C SER F 589 -12.48 13.17 94.72
N LEU F 590 -12.16 12.97 93.45
CA LEU F 590 -10.79 12.62 93.06
C LEU F 590 -10.26 13.43 91.88
N THR F 591 -10.91 14.54 91.51
CA THR F 591 -10.49 15.33 90.36
C THR F 591 -9.90 16.67 90.77
N GLU F 592 -9.39 16.79 91.99
CA GLU F 592 -8.89 18.07 92.48
C GLU F 592 -7.41 18.05 92.82
N PHE F 593 -6.88 16.94 93.33
CA PHE F 593 -5.43 16.86 93.57
C PHE F 593 -4.63 16.68 92.28
N VAL F 594 -5.29 16.68 91.12
CA VAL F 594 -4.59 16.91 89.87
C VAL F 594 -3.95 18.30 89.88
N ARG F 595 -4.56 19.26 90.59
CA ARG F 595 -3.97 20.58 90.76
C ARG F 595 -2.75 20.54 91.68
N LEU F 596 -2.53 19.41 92.37
CA LEU F 596 -1.27 19.15 93.04
C LEU F 596 -0.27 18.51 92.08
N ILE F 597 -0.71 17.47 91.38
CA ILE F 597 0.19 16.65 90.59
C ILE F 597 0.78 17.44 89.41
N THR F 598 -0.05 18.23 88.73
CA THR F 598 0.41 18.96 87.55
C THR F 598 1.48 19.97 87.90
N ILE F 599 1.38 20.59 89.08
CA ILE F 599 2.48 21.40 89.58
C ILE F 599 3.65 20.50 89.94
N SER F 600 3.37 19.28 90.42
CA SER F 600 4.42 18.34 90.81
C SER F 600 4.97 17.53 89.63
N TYR F 601 4.75 17.97 88.39
CA TYR F 601 5.44 17.36 87.25
C TYR F 601 6.95 17.51 87.35
N ILE F 602 7.47 18.73 87.23
CA ILE F 602 8.91 18.91 87.06
C ILE F 602 9.45 19.36 88.42
N GLU F 603 8.78 18.93 89.50
CA GLU F 603 9.27 19.26 90.83
C GLU F 603 10.62 18.62 91.10
N HIS F 604 10.80 17.37 90.68
CA HIS F 604 12.10 16.70 90.73
C HIS F 604 12.50 16.30 89.32
N GLU F 605 13.71 16.67 88.92
CA GLU F 605 14.20 16.31 87.60
C GLU F 605 14.47 14.82 87.52
N ASP F 606 13.86 14.16 86.54
CA ASP F 606 14.01 12.73 86.34
C ASP F 606 13.44 12.37 84.98
N SER F 607 13.82 11.19 84.50
CA SER F 607 13.15 10.57 83.37
C SER F 607 12.03 9.64 83.79
N SER F 608 11.79 9.52 85.10
CA SER F 608 10.74 8.66 85.63
C SER F 608 9.75 9.40 86.51
N VAL F 609 10.19 10.41 87.27
CA VAL F 609 9.27 11.14 88.14
C VAL F 609 8.25 11.92 87.32
N ARG F 610 8.74 12.66 86.31
CA ARG F 610 7.84 13.39 85.42
C ARG F 610 6.91 12.45 84.68
N LYS F 611 7.45 11.33 84.19
CA LYS F 611 6.64 10.37 83.44
C LYS F 611 5.54 9.77 84.31
N LEU F 612 5.88 9.38 85.55
CA LEU F 612 4.90 8.77 86.43
C LEU F 612 3.85 9.79 86.89
N ALA F 613 4.27 11.03 87.15
CA ALA F 613 3.30 12.07 87.51
C ALA F 613 2.35 12.35 86.35
N ALA F 614 2.89 12.42 85.14
CA ALA F 614 2.06 12.70 83.97
C ALA F 614 1.07 11.56 83.72
N LEU F 615 1.53 10.31 83.85
CA LEU F 615 0.61 9.19 83.64
C LEU F 615 -0.39 9.06 84.78
N THR F 616 -0.04 9.50 85.99
CA THR F 616 -1.02 9.53 87.07
C THR F 616 -2.11 10.55 86.79
N SER F 617 -1.72 11.76 86.36
CA SER F 617 -2.71 12.75 85.97
C SER F 617 -3.52 12.29 84.77
N CYS F 618 -2.92 11.49 83.88
CA CYS F 618 -3.64 11.00 82.72
C CYS F 618 -4.63 9.90 83.07
N ASP F 619 -4.30 9.06 84.05
CA ASP F 619 -5.18 7.98 84.49
C ASP F 619 -6.18 8.41 85.55
N LEU F 620 -6.05 9.62 86.09
CA LEU F 620 -7.12 10.14 86.94
C LEU F 620 -8.34 10.58 86.15
N PHE F 621 -8.21 10.81 84.85
CA PHE F 621 -9.32 11.19 83.97
C PHE F 621 -9.49 10.11 82.92
N ILE F 622 -10.32 9.10 83.20
CA ILE F 622 -10.42 7.98 82.28
C ILE F 622 -11.57 8.08 81.28
N LYS F 623 -12.83 8.03 81.73
CA LYS F 623 -13.96 8.09 80.82
C LYS F 623 -14.93 9.23 81.14
N ASP F 624 -15.46 9.27 82.36
CA ASP F 624 -16.42 10.32 82.73
C ASP F 624 -16.31 10.53 84.24
N ASP F 625 -15.47 11.49 84.63
CA ASP F 625 -15.47 12.03 85.97
C ASP F 625 -15.74 13.53 85.97
N ILE F 626 -14.95 14.29 85.23
CA ILE F 626 -15.16 15.72 85.02
C ILE F 626 -15.01 15.97 83.52
N CYS F 627 -14.86 14.89 82.76
CA CYS F 627 -14.47 15.00 81.37
C CYS F 627 -15.63 15.40 80.47
N LYS F 628 -16.68 14.58 80.41
CA LYS F 628 -17.77 14.79 79.46
C LYS F 628 -18.98 15.46 80.10
N GLN F 629 -18.78 16.27 81.13
CA GLN F 629 -19.82 17.10 81.69
C GLN F 629 -19.50 18.56 81.41
N THR F 630 -20.50 19.33 81.01
CA THR F 630 -20.31 20.66 80.46
C THR F 630 -20.85 21.72 81.41
N SER F 631 -19.95 22.54 81.94
CA SER F 631 -20.26 23.73 82.74
C SER F 631 -18.96 24.45 83.05
N VAL F 632 -19.07 25.72 83.42
CA VAL F 632 -17.92 26.44 83.93
C VAL F 632 -17.51 25.81 85.25
N HIS F 633 -16.19 25.72 85.46
CA HIS F 633 -15.53 24.95 86.52
C HIS F 633 -15.80 23.45 86.41
N ALA F 634 -16.38 23.00 85.31
CA ALA F 634 -16.37 21.60 84.92
C ALA F 634 -15.77 21.41 83.54
N LEU F 635 -15.38 22.48 82.88
CA LEU F 635 -14.82 22.47 81.54
C LEU F 635 -13.47 23.15 81.46
N HIS F 636 -13.28 24.28 82.14
CA HIS F 636 -12.00 24.96 82.06
C HIS F 636 -10.90 24.25 82.83
N SER F 637 -11.25 23.47 83.86
CA SER F 637 -10.25 22.63 84.52
C SER F 637 -9.74 21.56 83.58
N VAL F 638 -10.64 20.92 82.82
CA VAL F 638 -10.24 19.94 81.81
C VAL F 638 -9.38 20.61 80.75
N SER F 639 -9.78 21.80 80.32
CA SER F 639 -9.00 22.52 79.31
C SER F 639 -7.59 22.83 79.81
N GLU F 640 -7.48 23.29 81.06
CA GLU F 640 -6.17 23.61 81.63
C GLU F 640 -5.30 22.37 81.76
N VAL F 641 -5.85 21.26 82.25
CA VAL F 641 -5.03 20.07 82.45
C VAL F 641 -4.62 19.47 81.10
N LEU F 642 -5.51 19.52 80.10
CA LEU F 642 -5.14 18.98 78.80
C LEU F 642 -4.09 19.86 78.12
N SER F 643 -4.19 21.18 78.29
CA SER F 643 -3.17 22.08 77.77
C SER F 643 -1.83 21.83 78.44
N LYS F 644 -1.83 21.61 79.77
CA LYS F 644 -0.59 21.33 80.48
C LYS F 644 0.03 20.01 80.03
N LEU F 645 -0.80 18.98 79.83
CA LEU F 645 -0.29 17.70 79.38
C LEU F 645 0.28 17.80 77.97
N LEU F 646 -0.39 18.52 77.08
CA LEU F 646 0.14 18.71 75.74
C LEU F 646 1.43 19.51 75.76
N MET F 647 1.51 20.52 76.64
CA MET F 647 2.70 21.36 76.74
C MET F 647 3.90 20.53 77.19
N ILE F 648 3.74 19.73 78.23
CA ILE F 648 4.86 18.90 78.67
C ILE F 648 5.16 17.81 77.65
N ALA F 649 4.13 17.33 76.94
CA ALA F 649 4.30 16.30 75.93
C ALA F 649 5.18 16.78 74.78
N ILE F 650 4.98 18.01 74.33
CA ILE F 650 5.77 18.54 73.22
C ILE F 650 6.98 19.34 73.68
N THR F 651 7.14 19.55 74.99
CA THR F 651 8.24 20.36 75.51
C THR F 651 9.36 19.55 76.15
N ASP F 652 9.03 18.46 76.84
CA ASP F 652 10.02 17.77 77.68
C ASP F 652 11.14 17.19 76.82
N PRO F 653 12.41 17.42 77.18
CA PRO F 653 13.52 17.12 76.26
C PRO F 653 13.83 15.63 76.11
N VAL F 654 13.74 14.88 77.20
CA VAL F 654 14.13 13.47 77.17
C VAL F 654 13.12 12.71 76.31
N ALA F 655 13.62 12.03 75.28
CA ALA F 655 12.75 11.57 74.19
C ALA F 655 12.20 10.17 74.39
N GLU F 656 11.61 9.91 75.56
CA GLU F 656 10.71 8.76 75.71
C GLU F 656 9.53 9.03 76.60
N ILE F 657 9.41 10.22 77.19
CA ILE F 657 8.14 10.61 77.81
C ILE F 657 7.06 10.76 76.75
N ARG F 658 7.39 11.41 75.64
CA ARG F 658 6.43 11.73 74.60
C ARG F 658 6.14 10.57 73.66
N LEU F 659 6.76 9.41 73.87
CA LEU F 659 6.36 8.22 73.12
C LEU F 659 5.15 7.54 73.74
N GLU F 660 4.77 7.90 74.95
CA GLU F 660 3.59 7.32 75.59
C GLU F 660 2.63 8.34 76.20
N ILE F 661 3.08 9.55 76.55
CA ILE F 661 2.15 10.54 77.08
C ILE F 661 1.15 10.96 76.00
N LEU F 662 1.54 10.91 74.73
CA LEU F 662 0.57 11.17 73.67
C LEU F 662 -0.24 9.92 73.36
N GLN F 663 0.32 8.73 73.59
CA GLN F 663 -0.42 7.50 73.33
C GLN F 663 -1.56 7.32 74.31
N HIS F 664 -1.35 7.67 75.57
CA HIS F 664 -2.36 7.45 76.60
C HIS F 664 -3.47 8.48 76.60
N LEU F 665 -3.51 9.38 75.61
CA LEU F 665 -4.61 10.34 75.48
C LEU F 665 -5.83 9.61 74.96
N GLY F 666 -6.73 9.24 75.86
CA GLY F 666 -7.92 8.51 75.47
C GLY F 666 -8.88 9.36 74.66
N SER F 667 -9.85 8.70 74.06
CA SER F 667 -10.80 9.37 73.17
C SER F 667 -11.77 10.29 73.90
N ASN F 668 -11.68 10.41 75.22
CA ASN F 668 -12.55 11.30 75.95
C ASN F 668 -12.09 12.76 75.89
N PHE F 669 -10.85 13.01 75.50
CA PHE F 669 -10.32 14.36 75.39
C PHE F 669 -10.48 14.95 74.00
N ASP F 670 -11.14 14.22 73.08
CA ASP F 670 -11.31 14.69 71.71
C ASP F 670 -12.04 16.02 71.59
N PRO F 671 -13.19 16.26 72.23
CA PRO F 671 -13.84 17.57 72.07
C PRO F 671 -13.04 18.72 72.66
N GLN F 672 -12.09 18.46 73.56
CA GLN F 672 -11.29 19.53 74.13
C GLN F 672 -10.01 19.78 73.35
N LEU F 673 -9.39 18.76 72.78
CA LEU F 673 -8.18 18.97 72.00
C LEU F 673 -8.44 19.06 70.50
N ALA F 674 -9.70 19.01 70.07
CA ALA F 674 -10.01 19.19 68.66
C ALA F 674 -10.11 20.66 68.25
N GLN F 675 -10.09 21.58 69.20
CA GLN F 675 -10.15 22.99 68.90
C GLN F 675 -8.86 23.42 68.20
N PRO F 676 -8.94 24.43 67.31
CA PRO F 676 -7.75 24.83 66.54
C PRO F 676 -6.59 25.33 67.39
N ASP F 677 -6.86 25.95 68.55
CA ASP F 677 -5.79 26.49 69.38
C ASP F 677 -4.85 25.41 69.88
N ASN F 678 -5.40 24.25 70.26
CA ASN F 678 -4.56 23.10 70.60
C ASN F 678 -4.16 22.30 69.38
N LEU F 679 -4.99 22.32 68.33
CA LEU F 679 -4.73 21.49 67.15
C LEU F 679 -3.48 21.95 66.43
N ARG F 680 -3.28 23.27 66.32
CA ARG F 680 -2.11 23.79 65.64
C ARG F 680 -0.82 23.39 66.35
N LEU F 681 -0.82 23.48 67.67
CA LEU F 681 0.31 22.98 68.46
C LEU F 681 0.41 21.47 68.40
N LEU F 682 -0.69 20.78 68.10
CA LEU F 682 -0.63 19.32 68.03
C LEU F 682 0.05 18.85 66.76
N PHE F 683 -0.40 19.32 65.59
CA PHE F 683 0.15 18.67 64.39
C PHE F 683 1.52 19.22 64.01
N MET F 684 2.19 19.99 64.87
CA MET F 684 3.62 20.17 64.69
C MET F 684 4.41 19.04 65.33
N ALA F 685 3.74 18.11 66.00
CA ALA F 685 4.37 16.88 66.46
C ALA F 685 4.43 15.82 65.36
N LEU F 686 3.89 16.10 64.18
CA LEU F 686 4.08 15.24 63.04
C LEU F 686 5.52 15.28 62.52
N ASN F 687 6.32 16.23 62.99
CA ASN F 687 7.73 16.36 62.63
C ASN F 687 8.52 16.42 63.94
N ASP F 688 9.01 15.28 64.39
CA ASP F 688 9.70 15.17 65.66
C ASP F 688 10.85 14.19 65.53
N GLU F 689 11.61 14.02 66.61
CA GLU F 689 12.79 13.17 66.64
C GLU F 689 12.46 11.71 66.35
N ILE F 690 11.75 11.07 67.28
CA ILE F 690 11.52 9.63 67.18
C ILE F 690 10.41 9.36 66.19
N PHE F 691 10.55 8.27 65.44
CA PHE F 691 9.56 7.93 64.43
C PHE F 691 8.26 7.41 65.03
N GLY F 692 8.29 6.89 66.25
CA GLY F 692 7.06 6.48 66.91
C GLY F 692 6.12 7.65 67.16
N ILE F 693 6.67 8.83 67.42
CA ILE F 693 5.86 10.03 67.57
C ILE F 693 5.10 10.32 66.29
N GLN F 694 5.77 10.21 65.15
CA GLN F 694 5.08 10.42 63.88
C GLN F 694 4.10 9.29 63.57
N LEU F 695 4.36 8.09 64.07
CA LEU F 695 3.41 7.00 63.86
C LEU F 695 2.12 7.21 64.65
N GLU F 696 2.20 7.72 65.87
CA GLU F 696 1.01 7.86 66.69
C GLU F 696 0.30 9.21 66.56
N ALA F 697 1.04 10.29 66.29
CA ALA F 697 0.41 11.59 66.13
C ALA F 697 -0.47 11.63 64.89
N ILE F 698 -0.07 10.92 63.83
CA ILE F 698 -0.92 10.88 62.64
C ILE F 698 -2.17 10.06 62.92
N LYS F 699 -2.10 9.08 63.82
CA LYS F 699 -3.31 8.37 64.22
C LYS F 699 -4.24 9.28 65.00
N ILE F 700 -3.68 10.12 65.86
CA ILE F 700 -4.50 11.10 66.58
C ILE F 700 -5.15 12.07 65.60
N ILE F 701 -4.40 12.50 64.59
CA ILE F 701 -4.96 13.40 63.57
C ILE F 701 -6.08 12.72 62.79
N GLY F 702 -5.86 11.46 62.39
CA GLY F 702 -6.90 10.74 61.68
C GLY F 702 -8.15 10.51 62.51
N ARG F 703 -7.97 10.29 63.82
CA ARG F 703 -9.13 10.20 64.71
C ARG F 703 -9.86 11.53 64.80
N LEU F 704 -9.11 12.63 64.86
CA LEU F 704 -9.73 13.96 64.92
C LEU F 704 -10.33 14.39 63.59
N SER F 705 -10.05 13.68 62.51
CA SER F 705 -10.56 14.02 61.18
C SER F 705 -12.07 13.85 61.04
N SER F 706 -12.82 13.52 62.09
CA SER F 706 -14.27 13.48 62.03
C SER F 706 -14.91 14.20 63.22
N VAL F 707 -14.12 14.88 64.03
CA VAL F 707 -14.65 15.60 65.19
C VAL F 707 -14.81 17.07 64.84
N ASN F 708 -13.72 17.71 64.44
CA ASN F 708 -13.71 19.10 63.98
C ASN F 708 -13.06 19.14 62.61
N PRO F 709 -13.74 18.64 61.58
CA PRO F 709 -13.08 18.43 60.28
C PRO F 709 -12.73 19.71 59.55
N ALA F 710 -13.43 20.81 59.81
CA ALA F 710 -13.18 22.04 59.07
C ALA F 710 -11.78 22.59 59.30
N TYR F 711 -11.20 22.31 60.47
CA TYR F 711 -9.86 22.78 60.80
C TYR F 711 -8.82 21.67 60.70
N VAL F 712 -9.22 20.45 60.35
CA VAL F 712 -8.32 19.30 60.26
C VAL F 712 -8.07 18.92 58.82
N VAL F 713 -9.15 18.79 58.02
CA VAL F 713 -9.04 18.21 56.69
C VAL F 713 -8.14 18.99 55.75
N PRO F 714 -8.21 20.34 55.67
CA PRO F 714 -7.22 21.05 54.84
C PRO F 714 -5.78 20.85 55.26
N SER F 715 -5.52 20.81 56.57
CA SER F 715 -4.16 20.52 57.02
C SER F 715 -3.75 19.09 56.68
N LEU F 716 -4.70 18.16 56.72
CA LEU F 716 -4.43 16.81 56.27
C LEU F 716 -4.07 16.78 54.79
N ARG F 717 -4.75 17.58 53.98
CA ARG F 717 -4.40 17.71 52.58
C ARG F 717 -2.99 18.25 52.42
N LYS F 718 -2.66 19.26 53.21
CA LYS F 718 -1.33 19.87 53.13
C LYS F 718 -0.24 18.86 53.44
N THR F 719 -0.40 18.11 54.55
CA THR F 719 0.65 17.16 54.91
C THR F 719 0.67 15.95 53.98
N LEU F 720 -0.47 15.58 53.40
CA LEU F 720 -0.46 14.51 52.41
C LEU F 720 0.30 14.91 51.16
N LEU F 721 0.04 16.11 50.65
CA LEU F 721 0.80 16.62 49.51
C LEU F 721 2.28 16.76 49.86
N GLU F 722 2.55 17.15 51.10
CA GLU F 722 3.91 17.39 51.56
C GLU F 722 4.71 16.09 51.57
N LEU F 723 4.12 15.04 52.15
CA LEU F 723 4.74 13.72 52.18
C LEU F 723 4.90 13.14 50.79
N LEU F 724 3.90 13.33 49.91
CA LEU F 724 4.00 12.77 48.56
C LEU F 724 5.12 13.45 47.80
N THR F 725 5.26 14.77 47.94
CA THR F 725 6.36 15.48 47.30
C THR F 725 7.71 15.00 47.82
N GLN F 726 7.83 14.79 49.14
CA GLN F 726 9.09 14.30 49.68
C GLN F 726 9.41 12.89 49.20
N LEU F 727 8.38 12.04 49.08
CA LEU F 727 8.59 10.67 48.62
C LEU F 727 9.02 10.65 47.16
N LYS F 728 8.42 11.48 46.32
CA LYS F 728 8.85 11.54 44.93
C LYS F 728 10.26 12.12 44.83
N PHE F 729 10.59 13.09 45.67
CA PHE F 729 11.84 13.82 45.54
C PHE F 729 13.03 13.03 46.08
N SER F 730 12.99 12.68 47.37
CA SER F 730 14.15 12.15 48.06
C SER F 730 14.54 10.78 47.53
N ASN F 731 15.71 10.31 47.94
CA ASN F 731 16.28 9.08 47.41
C ASN F 731 16.69 8.11 48.50
N MET F 732 17.01 8.63 49.69
CA MET F 732 17.71 7.81 50.67
C MET F 732 16.73 6.82 51.29
N PRO F 733 17.10 5.54 51.41
CA PRO F 733 16.11 4.49 51.72
C PRO F 733 15.39 4.66 53.05
N LYS F 734 16.05 5.18 54.09
CA LYS F 734 15.34 5.35 55.36
C LYS F 734 14.24 6.39 55.26
N LYS F 735 14.51 7.50 54.55
CA LYS F 735 13.45 8.48 54.31
C LYS F 735 12.33 7.88 53.48
N LYS F 736 12.68 7.06 52.47
CA LYS F 736 11.65 6.39 51.69
C LYS F 736 10.79 5.48 52.56
N GLU F 737 11.43 4.73 53.47
CA GLU F 737 10.72 3.84 54.38
C GLU F 737 9.75 4.61 55.26
N GLU F 738 10.25 5.69 55.88
CA GLU F 738 9.42 6.47 56.79
C GLU F 738 8.24 7.09 56.06
N SER F 739 8.47 7.61 54.85
CA SER F 739 7.37 8.18 54.07
C SER F 739 6.33 7.11 53.74
N ALA F 740 6.78 5.92 53.33
CA ALA F 740 5.84 4.87 52.93
C ALA F 740 4.98 4.42 54.10
N THR F 741 5.59 4.17 55.26
CA THR F 741 4.78 3.67 56.36
C THR F 741 3.98 4.79 57.03
N LEU F 742 4.43 6.04 56.95
CA LEU F 742 3.59 7.16 57.37
C LEU F 742 2.35 7.25 56.50
N LEU F 743 2.52 7.04 55.19
CA LEU F 743 1.37 7.01 54.29
C LEU F 743 0.43 5.86 54.65
N CYS F 744 0.99 4.70 54.98
CA CYS F 744 0.16 3.56 55.38
C CYS F 744 -0.68 3.89 56.61
N THR F 745 -0.05 4.39 57.67
CA THR F 745 -0.77 4.64 58.90
C THR F 745 -1.75 5.81 58.75
N LEU F 746 -1.42 6.81 57.94
CA LEU F 746 -2.37 7.89 57.67
C LEU F 746 -3.59 7.39 56.90
N ILE F 747 -3.37 6.59 55.86
CA ILE F 747 -4.48 6.17 55.03
C ILE F 747 -5.35 5.17 55.79
N ASN F 748 -4.77 4.47 56.77
CA ASN F 748 -5.58 3.63 57.63
C ASN F 748 -6.36 4.47 58.64
N SER F 749 -5.73 5.49 59.23
CA SER F 749 -6.35 6.23 60.32
C SER F 749 -7.35 7.28 59.86
N SER F 750 -7.36 7.67 58.59
CA SER F 750 -8.35 8.62 58.10
C SER F 750 -8.88 8.16 56.76
N ASP F 751 -10.18 7.92 56.68
CA ASP F 751 -10.82 7.45 55.46
C ASP F 751 -11.44 8.58 54.64
N GLU F 752 -11.42 9.82 55.14
CA GLU F 752 -12.05 10.93 54.44
C GLU F 752 -11.12 11.61 53.45
N VAL F 753 -9.80 11.58 53.70
CA VAL F 753 -8.83 12.19 52.81
C VAL F 753 -8.31 11.12 51.86
N ALA F 754 -9.06 10.02 51.75
CA ALA F 754 -8.57 8.84 51.04
C ALA F 754 -9.00 8.81 49.57
N LYS F 755 -10.31 8.79 49.33
CA LYS F 755 -10.83 8.44 48.00
C LYS F 755 -10.46 9.42 46.89
N PRO F 756 -10.66 10.74 47.02
CA PRO F 756 -10.42 11.61 45.86
C PRO F 756 -8.96 11.72 45.45
N TYR F 757 -8.02 11.35 46.33
CA TYR F 757 -6.60 11.48 46.04
C TYR F 757 -5.96 10.17 45.62
N ILE F 758 -6.75 9.21 45.16
CA ILE F 758 -6.23 7.87 44.89
C ILE F 758 -5.30 7.87 43.68
N ASP F 759 -5.61 8.68 42.65
CA ASP F 759 -4.73 8.73 41.48
C ASP F 759 -3.36 9.32 41.79
N PRO F 760 -3.23 10.50 42.43
CA PRO F 760 -1.89 10.98 42.76
C PRO F 760 -1.16 10.11 43.76
N ILE F 761 -1.87 9.49 44.69
CA ILE F 761 -1.20 8.66 45.69
C ILE F 761 -0.81 7.31 45.11
N LEU F 762 -1.36 6.92 43.95
CA LEU F 762 -0.94 5.70 43.29
C LEU F 762 0.16 5.94 42.26
N ASP F 763 0.15 7.10 41.60
CA ASP F 763 1.10 7.36 40.53
C ASP F 763 2.55 7.41 41.04
N VAL F 764 2.76 7.64 42.33
CA VAL F 764 4.11 7.63 42.89
C VAL F 764 4.45 6.27 43.50
N ILE F 765 3.49 5.67 44.21
CA ILE F 765 3.76 4.41 44.90
C ILE F 765 3.95 3.27 43.91
N LEU F 766 3.15 3.23 42.86
CA LEU F 766 3.19 2.09 41.94
C LEU F 766 4.54 1.87 41.26
N PRO F 767 5.25 2.88 40.73
CA PRO F 767 6.60 2.59 40.18
C PRO F 767 7.68 2.64 41.26
N LYS F 768 7.53 1.80 42.29
CA LYS F 768 8.53 1.68 43.35
C LYS F 768 8.91 0.23 43.58
N CYS F 769 8.74 -0.62 42.56
CA CYS F 769 9.17 -2.02 42.64
C CYS F 769 10.55 -2.17 42.01
N GLN F 770 11.53 -1.64 42.71
CA GLN F 770 12.91 -1.64 42.27
C GLN F 770 13.76 -2.52 43.19
N ASP F 771 15.05 -2.61 42.87
CA ASP F 771 15.92 -3.62 43.47
C ASP F 771 17.14 -3.02 44.18
N ALA F 772 17.16 -1.72 44.46
CA ALA F 772 18.27 -1.17 45.25
C ALA F 772 18.21 -1.66 46.69
N SER F 773 17.00 -1.72 47.25
CA SER F 773 16.77 -2.33 48.55
C SER F 773 15.41 -3.03 48.52
N SER F 774 15.18 -3.87 49.53
CA SER F 774 14.06 -4.79 49.52
C SER F 774 12.89 -4.32 50.36
N ALA F 775 13.16 -3.81 51.55
CA ALA F 775 12.07 -3.40 52.43
C ALA F 775 11.35 -2.16 51.91
N VAL F 776 12.00 -1.36 51.04
CA VAL F 776 11.28 -0.26 50.40
C VAL F 776 10.18 -0.79 49.49
N ALA F 777 10.46 -1.85 48.73
CA ALA F 777 9.43 -2.45 47.88
C ALA F 777 8.39 -3.16 48.73
N SER F 778 8.81 -3.75 49.85
CA SER F 778 7.86 -4.33 50.79
C SER F 778 6.87 -3.29 51.30
N THR F 779 7.39 -2.13 51.72
CA THR F 779 6.52 -1.07 52.21
C THR F 779 5.68 -0.47 51.09
N ALA F 780 6.20 -0.42 49.86
CA ALA F 780 5.40 0.07 48.76
C ALA F 780 4.21 -0.84 48.48
N LEU F 781 4.45 -2.16 48.51
CA LEU F 781 3.33 -3.09 48.34
C LEU F 781 2.36 -3.00 49.52
N LYS F 782 2.87 -2.73 50.72
CA LYS F 782 1.99 -2.50 51.86
C LYS F 782 1.12 -1.26 51.65
N VAL F 783 1.72 -0.19 51.10
CA VAL F 783 0.94 1.00 50.75
C VAL F 783 -0.15 0.64 49.76
N LEU F 784 0.19 -0.14 48.73
CA LEU F 784 -0.79 -0.49 47.72
C LEU F 784 -1.93 -1.30 48.30
N GLY F 785 -1.62 -2.27 49.16
CA GLY F 785 -2.66 -3.05 49.79
C GLY F 785 -3.56 -2.21 50.69
N GLU F 786 -2.96 -1.31 51.48
CA GLU F 786 -3.74 -0.45 52.35
C GLU F 786 -4.63 0.50 51.55
N LEU F 787 -4.11 1.07 50.46
CA LEU F 787 -4.92 1.92 49.61
C LEU F 787 -6.08 1.15 49.00
N SER F 788 -5.83 -0.08 48.56
CA SER F 788 -6.90 -0.88 47.97
C SER F 788 -7.99 -1.17 48.99
N VAL F 789 -7.59 -1.62 50.18
CA VAL F 789 -8.59 -2.01 51.18
C VAL F 789 -9.29 -0.78 51.76
N VAL F 790 -8.66 0.40 51.71
CA VAL F 790 -9.31 1.59 52.20
C VAL F 790 -10.30 2.12 51.18
N GLY F 791 -9.88 2.27 49.93
CA GLY F 791 -10.80 2.74 48.93
C GLY F 791 -11.83 1.70 48.56
N GLY F 792 -11.44 0.68 47.80
CA GLY F 792 -12.35 -0.42 47.50
C GLY F 792 -13.41 -0.08 46.48
N LYS F 793 -13.61 -0.96 45.49
CA LYS F 793 -14.74 -0.98 44.56
C LYS F 793 -14.76 0.17 43.54
N GLU F 794 -13.90 1.18 43.65
CA GLU F 794 -13.65 2.05 42.50
C GLU F 794 -12.38 1.66 41.76
N MET F 795 -11.80 0.51 42.09
CA MET F 795 -10.62 0.01 41.39
C MET F 795 -10.95 -0.65 40.05
N THR F 796 -12.17 -0.47 39.55
CA THR F 796 -12.57 -1.09 38.30
C THR F 796 -11.76 -0.56 37.12
N ARG F 797 -11.34 0.70 37.18
CA ARG F 797 -10.49 1.27 36.15
C ARG F 797 -9.03 1.37 36.57
N TYR F 798 -8.65 0.62 37.62
CA TYR F 798 -7.26 0.40 37.97
C TYR F 798 -6.80 -1.05 37.87
N LEU F 799 -7.71 -2.02 37.96
CA LEU F 799 -7.32 -3.42 38.13
C LEU F 799 -6.55 -3.93 36.91
N LYS F 800 -6.95 -3.51 35.71
CA LYS F 800 -6.36 -4.03 34.48
C LYS F 800 -4.87 -3.71 34.39
N GLU F 801 -4.45 -2.59 34.97
CA GLU F 801 -3.03 -2.24 35.02
C GLU F 801 -2.35 -2.67 36.32
N LEU F 802 -3.09 -2.68 37.42
CA LEU F 802 -2.50 -3.01 38.71
C LEU F 802 -2.12 -4.49 38.79
N MET F 803 -2.97 -5.35 38.21
CA MET F 803 -2.80 -6.79 38.36
C MET F 803 -1.52 -7.32 37.69
N PRO F 804 -1.13 -6.92 36.46
CA PRO F 804 0.13 -7.40 35.91
C PRO F 804 1.37 -7.05 36.73
N LEU F 805 1.44 -5.85 37.30
CA LEU F 805 2.65 -5.48 38.04
C LEU F 805 2.75 -6.28 39.33
N ILE F 806 1.62 -6.49 40.01
CA ILE F 806 1.67 -7.26 41.24
C ILE F 806 1.94 -8.74 40.97
N ILE F 807 1.46 -9.28 39.84
CA ILE F 807 1.88 -10.67 39.57
C ILE F 807 3.34 -10.72 39.12
N ASN F 808 3.84 -9.66 38.48
CA ASN F 808 5.25 -9.64 38.11
C ASN F 808 6.15 -9.65 39.34
N THR F 809 5.79 -8.88 40.36
CA THR F 809 6.55 -8.97 41.61
C THR F 809 6.15 -10.18 42.45
N PHE F 810 5.05 -10.84 42.12
CA PHE F 810 4.64 -12.05 42.81
C PHE F 810 5.48 -13.25 42.35
N GLN F 811 5.77 -13.31 41.05
CA GLN F 811 6.72 -14.29 40.54
C GLN F 811 8.10 -13.65 40.53
N ASP F 812 9.10 -14.36 39.99
CA ASP F 812 10.49 -13.93 39.97
C ASP F 812 11.00 -13.62 41.39
N GLN F 813 11.07 -14.69 42.17
CA GLN F 813 11.44 -14.63 43.58
C GLN F 813 12.93 -14.41 43.81
N SER F 814 13.69 -14.01 42.78
CA SER F 814 15.13 -13.84 42.91
C SER F 814 15.47 -12.77 43.96
N ASN F 815 14.75 -11.64 43.93
CA ASN F 815 14.86 -10.65 44.99
C ASN F 815 13.84 -10.97 46.07
N SER F 816 14.11 -12.07 46.78
CA SER F 816 13.17 -12.59 47.77
C SER F 816 13.17 -11.74 49.02
N PHE F 817 12.39 -10.67 49.03
CA PHE F 817 12.24 -9.84 50.22
C PHE F 817 11.25 -10.50 51.18
N LYS F 818 10.81 -9.76 52.19
CA LYS F 818 9.77 -10.25 53.06
C LYS F 818 8.46 -10.27 52.28
N ARG F 819 8.23 -11.38 51.56
CA ARG F 819 7.13 -11.51 50.62
C ARG F 819 5.79 -11.74 51.28
N ASP F 820 5.73 -11.75 52.61
CA ASP F 820 4.45 -11.77 53.30
C ASP F 820 3.62 -10.54 52.94
N ALA F 821 4.28 -9.39 52.81
CA ALA F 821 3.60 -8.19 52.35
C ALA F 821 3.08 -8.34 50.92
N ALA F 822 3.87 -8.97 50.05
CA ALA F 822 3.44 -9.19 48.66
C ALA F 822 2.27 -10.14 48.57
N LEU F 823 2.21 -11.16 49.44
CA LEU F 823 1.01 -11.98 49.54
C LEU F 823 -0.17 -11.16 50.06
N THR F 824 0.06 -10.36 51.10
CA THR F 824 -1.02 -9.68 51.79
C THR F 824 -1.67 -8.62 50.91
N THR F 825 -0.87 -7.93 50.09
CA THR F 825 -1.42 -6.87 49.26
C THR F 825 -2.36 -7.41 48.20
N LEU F 826 -1.97 -8.53 47.56
CA LEU F 826 -2.89 -9.23 46.68
C LEU F 826 -4.11 -9.70 47.44
N GLY F 827 -3.90 -10.12 48.70
CA GLY F 827 -5.00 -10.45 49.60
C GLY F 827 -6.06 -9.38 49.70
N GLN F 828 -5.72 -8.20 50.22
CA GLN F 828 -6.79 -7.23 50.39
C GLN F 828 -7.23 -6.62 49.08
N LEU F 829 -6.37 -6.62 48.05
CA LEU F 829 -6.80 -6.14 46.74
C LEU F 829 -7.92 -7.02 46.20
N ALA F 830 -7.71 -8.33 46.19
CA ALA F 830 -8.74 -9.25 45.72
C ALA F 830 -9.95 -9.24 46.64
N ALA F 831 -9.75 -8.99 47.94
CA ALA F 831 -10.88 -8.94 48.86
C ALA F 831 -11.77 -7.73 48.56
N SER F 832 -11.17 -6.55 48.46
CA SER F 832 -11.95 -5.33 48.32
C SER F 832 -12.48 -5.12 46.91
N SER F 833 -11.76 -5.59 45.89
CA SER F 833 -12.20 -5.35 44.52
C SER F 833 -13.52 -6.06 44.22
N GLY F 834 -13.67 -7.29 44.71
CA GLY F 834 -14.79 -8.12 44.33
C GLY F 834 -14.62 -8.85 43.02
N TYR F 835 -13.60 -8.49 42.24
CA TYR F 835 -13.23 -9.17 41.00
C TYR F 835 -12.43 -10.40 41.41
N VAL F 836 -13.14 -11.49 41.71
CA VAL F 836 -12.56 -12.65 42.37
C VAL F 836 -12.50 -13.87 41.44
N VAL F 837 -13.54 -14.10 40.64
CA VAL F 837 -13.50 -15.19 39.67
C VAL F 837 -12.81 -14.75 38.39
N GLY F 838 -12.86 -13.45 38.07
CA GLY F 838 -12.19 -12.89 36.92
C GLY F 838 -10.69 -13.07 36.77
N PRO F 839 -9.88 -12.86 37.83
CA PRO F 839 -8.42 -12.92 37.63
C PRO F 839 -7.90 -14.26 37.15
N LEU F 840 -8.46 -15.36 37.63
CA LEU F 840 -7.98 -16.67 37.23
C LEU F 840 -8.26 -16.94 35.75
N LEU F 841 -9.45 -16.56 35.28
CA LEU F 841 -9.76 -16.77 33.87
C LEU F 841 -9.00 -15.80 32.98
N ASP F 842 -8.82 -14.57 33.44
CA ASP F 842 -8.19 -13.55 32.60
C ASP F 842 -6.67 -13.71 32.52
N TYR F 843 -6.04 -14.14 33.60
CA TYR F 843 -4.58 -14.28 33.68
C TYR F 843 -4.26 -15.70 34.10
N PRO F 844 -4.25 -16.65 33.16
CA PRO F 844 -4.07 -18.07 33.49
C PRO F 844 -2.62 -18.47 33.75
N GLU F 845 -1.97 -17.76 34.67
CA GLU F 845 -0.61 -18.10 35.08
C GLU F 845 -0.51 -18.10 36.61
N LEU F 846 -1.37 -17.30 37.25
CA LEU F 846 -1.35 -17.18 38.71
C LEU F 846 -1.52 -18.53 39.39
N LEU F 847 -2.30 -19.43 38.79
CA LEU F 847 -2.31 -20.82 39.24
C LEU F 847 -0.92 -21.43 39.14
N GLY F 848 -0.20 -21.13 38.05
CA GLY F 848 1.13 -21.68 37.86
C GLY F 848 2.13 -21.19 38.89
N ILE F 849 1.98 -19.95 39.35
CA ILE F 849 2.86 -19.49 40.42
C ILE F 849 2.40 -20.02 41.78
N LEU F 850 1.09 -20.10 42.03
CA LEU F 850 0.65 -20.50 43.36
C LEU F 850 0.87 -21.98 43.62
N ILE F 851 0.91 -22.81 42.58
CA ILE F 851 1.10 -24.24 42.81
C ILE F 851 2.51 -24.51 43.32
N ASN F 852 3.52 -23.80 42.81
CA ASN F 852 4.89 -24.10 43.18
C ASN F 852 5.47 -23.09 44.16
N ILE F 853 4.75 -22.03 44.51
CA ILE F 853 5.26 -21.15 45.57
C ILE F 853 5.30 -21.89 46.91
N LEU F 854 4.36 -22.81 47.13
CA LEU F 854 4.41 -23.65 48.32
C LEU F 854 5.63 -24.56 48.29
N LYS F 855 5.94 -25.13 47.13
CA LYS F 855 7.04 -26.08 47.01
C LYS F 855 8.41 -25.40 46.99
N THR F 856 8.47 -24.10 46.68
CA THR F 856 9.75 -23.46 46.45
C THR F 856 10.53 -23.26 47.74
N GLU F 857 9.99 -22.49 48.68
CA GLU F 857 10.73 -22.11 49.87
C GLU F 857 10.23 -22.86 51.10
N ASN F 858 10.94 -22.63 52.21
CA ASN F 858 10.61 -23.24 53.49
C ASN F 858 10.29 -22.19 54.56
N ASN F 859 9.97 -20.98 54.14
CA ASN F 859 9.68 -19.91 55.09
C ASN F 859 8.26 -20.05 55.60
N PRO F 860 8.06 -20.12 56.92
CA PRO F 860 6.73 -20.46 57.45
C PRO F 860 5.71 -19.34 57.30
N HIS F 861 6.15 -18.10 57.51
CA HIS F 861 5.25 -16.96 57.34
C HIS F 861 4.71 -16.89 55.92
N ILE F 862 5.58 -17.03 54.92
CA ILE F 862 5.13 -17.04 53.53
C ILE F 862 4.32 -18.29 53.23
N ARG F 863 4.68 -19.42 53.84
CA ARG F 863 3.97 -20.68 53.57
C ARG F 863 2.50 -20.59 54.01
N ARG F 864 2.23 -20.03 55.19
CA ARG F 864 0.83 -19.77 55.49
C ARG F 864 0.30 -18.48 54.88
N GLY F 865 1.15 -17.58 54.38
CA GLY F 865 0.62 -16.40 53.72
C GLY F 865 0.03 -16.71 52.36
N THR F 866 0.54 -17.75 51.71
CA THR F 866 -0.02 -18.17 50.43
C THR F 866 -1.43 -18.74 50.58
N VAL F 867 -1.74 -19.35 51.72
CA VAL F 867 -2.98 -20.12 51.81
C VAL F 867 -4.19 -19.19 51.86
N ARG F 868 -4.11 -18.04 52.56
CA ARG F 868 -5.24 -17.10 52.50
C ARG F 868 -5.44 -16.57 51.09
N LEU F 869 -4.34 -16.29 50.39
CA LEU F 869 -4.46 -15.76 49.03
C LEU F 869 -5.15 -16.76 48.12
N ILE F 870 -4.70 -18.02 48.15
CA ILE F 870 -5.30 -19.02 47.27
C ILE F 870 -6.73 -19.33 47.70
N GLY F 871 -7.03 -19.21 49.00
CA GLY F 871 -8.39 -19.41 49.44
C GLY F 871 -9.34 -18.31 48.98
N ILE F 872 -8.89 -17.06 49.07
CA ILE F 872 -9.77 -15.94 48.75
C ILE F 872 -9.79 -15.59 47.27
N LEU F 873 -8.93 -16.20 46.46
CA LEU F 873 -9.12 -16.08 45.02
C LEU F 873 -10.31 -16.87 44.52
N GLY F 874 -10.83 -17.81 45.32
CA GLY F 874 -12.05 -18.51 44.98
C GLY F 874 -11.80 -19.81 44.24
N ALA F 875 -12.77 -20.72 44.36
CA ALA F 875 -12.71 -21.98 43.63
C ALA F 875 -13.12 -21.78 42.18
N LEU F 876 -12.78 -22.75 41.34
CA LEU F 876 -12.96 -22.64 39.91
C LEU F 876 -13.85 -23.76 39.38
N ASP F 877 -13.96 -23.83 38.05
CA ASP F 877 -14.77 -24.80 37.35
C ASP F 877 -13.86 -25.73 36.57
N PRO F 878 -13.87 -27.04 36.84
CA PRO F 878 -12.96 -27.95 36.13
C PRO F 878 -13.40 -28.29 34.72
N TYR F 879 -13.86 -27.29 33.99
CA TYR F 879 -13.91 -27.26 32.53
C TYR F 879 -13.29 -26.00 31.97
N LYS F 880 -13.48 -24.87 32.63
CA LYS F 880 -12.81 -23.62 32.27
C LYS F 880 -11.43 -23.51 32.91
N HIS F 881 -11.06 -24.47 33.76
CA HIS F 881 -9.72 -24.46 34.34
C HIS F 881 -8.65 -24.66 33.28
N ARG F 882 -8.88 -25.57 32.33
CA ARG F 882 -7.91 -25.81 31.28
C ARG F 882 -7.84 -24.67 30.27
N GLU F 883 -8.91 -23.88 30.15
CA GLU F 883 -8.95 -22.78 29.20
C GLU F 883 -8.15 -21.59 29.73
N ASP F 902 3.05 -34.02 23.50
CA ASP F 902 3.01 -33.74 22.07
C ASP F 902 3.93 -34.69 21.31
N ILE F 903 5.06 -35.04 21.93
CA ILE F 903 6.07 -35.88 21.32
C ILE F 903 6.39 -37.03 22.28
N ALA F 904 7.37 -37.83 21.90
CA ALA F 904 7.82 -38.95 22.72
C ALA F 904 9.31 -39.17 22.49
N LEU F 905 9.96 -39.77 23.47
CA LEU F 905 11.40 -39.98 23.44
C LEU F 905 11.70 -41.46 23.26
N LEU F 906 12.54 -41.78 22.27
CA LEU F 906 12.95 -43.14 21.87
C LEU F 906 11.76 -44.06 21.63
N MET F 907 10.56 -43.50 21.42
CA MET F 907 9.37 -44.27 21.13
C MET F 907 9.18 -44.45 19.63
N GLN F 908 10.12 -43.94 18.83
CA GLN F 908 10.11 -44.12 17.39
C GLN F 908 10.36 -45.56 16.98
N GLY F 909 10.72 -46.43 17.93
CA GLY F 909 10.73 -47.85 17.74
C GLY F 909 9.38 -48.51 17.71
N VAL F 910 8.31 -47.72 17.61
CA VAL F 910 6.97 -48.28 17.42
C VAL F 910 6.86 -48.94 16.05
N SER F 911 7.50 -48.34 15.03
CA SER F 911 7.47 -48.90 13.69
C SER F 911 8.45 -50.07 13.53
N PRO F 912 9.77 -49.93 13.84
CA PRO F 912 10.65 -51.09 13.69
C PRO F 912 10.72 -51.95 14.95
N SER F 913 11.60 -52.95 14.92
CA SER F 913 11.81 -53.85 16.05
C SER F 913 13.31 -54.09 16.17
N ASN F 914 13.69 -55.12 16.93
CA ASN F 914 15.10 -55.38 17.21
C ASN F 914 15.77 -56.05 16.01
N ASP F 915 16.01 -55.24 14.98
CA ASP F 915 16.92 -55.63 13.90
C ASP F 915 18.15 -54.73 13.84
N GLU F 916 17.96 -53.41 13.70
CA GLU F 916 19.03 -52.42 13.78
C GLU F 916 18.54 -51.20 14.54
N TYR F 917 17.75 -51.44 15.59
CA TYR F 917 17.22 -50.38 16.43
C TYR F 917 18.30 -49.65 17.23
N TYR F 918 19.48 -50.26 17.36
CA TYR F 918 20.52 -49.80 18.27
C TYR F 918 21.35 -48.65 17.71
N PRO F 919 21.82 -48.68 16.44
CA PRO F 919 22.51 -47.48 15.92
C PRO F 919 21.65 -46.24 15.90
N THR F 920 20.35 -46.40 15.68
CA THR F 920 19.46 -45.24 15.67
C THR F 920 19.47 -44.51 16.99
N VAL F 921 19.32 -45.24 18.10
CA VAL F 921 19.31 -44.58 19.41
C VAL F 921 20.71 -44.10 19.78
N VAL F 922 21.76 -44.88 19.47
CA VAL F 922 23.09 -44.47 19.90
C VAL F 922 23.61 -43.30 19.06
N ILE F 923 22.96 -43.00 17.95
CA ILE F 923 23.28 -41.77 17.21
C ILE F 923 22.39 -40.62 17.65
N HIS F 924 21.09 -40.88 17.83
CA HIS F 924 20.15 -39.82 18.16
C HIS F 924 20.40 -39.25 19.54
N ASN F 925 20.86 -40.08 20.48
CA ASN F 925 21.17 -39.57 21.81
C ASN F 925 22.38 -38.64 21.79
N LEU F 926 23.42 -39.01 21.03
CA LEU F 926 24.63 -38.19 20.98
C LEU F 926 24.43 -36.94 20.16
N MET F 927 23.50 -36.96 19.19
CA MET F 927 23.31 -35.79 18.35
C MET F 927 22.72 -34.63 19.14
N LYS F 928 21.80 -34.90 20.06
CA LYS F 928 21.13 -33.80 20.75
C LYS F 928 21.93 -33.27 21.93
N ILE F 929 23.05 -33.88 22.28
CA ILE F 929 23.89 -33.39 23.36
C ILE F 929 25.10 -32.63 22.83
N LEU F 930 25.07 -32.23 21.56
CA LEU F 930 26.10 -31.37 21.00
C LEU F 930 25.68 -29.90 20.98
N ASN F 931 24.60 -29.56 21.68
CA ASN F 931 24.28 -28.16 21.93
C ASN F 931 25.25 -27.58 22.96
N ASP F 932 25.78 -26.40 22.67
CA ASP F 932 26.94 -25.87 23.39
C ASP F 932 26.83 -25.55 24.89
N PRO F 933 25.66 -25.41 25.55
CA PRO F 933 25.72 -25.26 27.02
C PRO F 933 26.34 -26.48 27.71
N SER F 934 26.11 -27.68 27.19
CA SER F 934 26.73 -28.88 27.74
C SER F 934 28.17 -29.06 27.28
N LEU F 935 28.66 -28.22 26.38
CA LEU F 935 29.95 -28.42 25.72
C LEU F 935 31.07 -27.62 26.38
N SER F 936 31.05 -27.50 27.70
CA SER F 936 32.22 -26.97 28.39
C SER F 936 33.42 -27.89 28.20
N ILE F 937 33.21 -29.20 28.33
CA ILE F 937 34.24 -30.20 28.06
C ILE F 937 33.74 -31.34 27.20
N HIS F 938 32.49 -31.33 26.78
CA HIS F 938 31.88 -32.49 26.12
C HIS F 938 32.09 -32.40 24.60
N HIS F 939 33.35 -32.55 24.20
CA HIS F 939 33.70 -32.67 22.79
C HIS F 939 34.38 -33.99 22.47
N THR F 940 35.45 -34.31 23.20
CA THR F 940 36.35 -35.39 22.76
C THR F 940 35.70 -36.76 22.92
N ALA F 941 35.00 -36.99 24.04
CA ALA F 941 34.31 -38.27 24.19
C ALA F 941 33.16 -38.40 23.21
N ALA F 942 32.41 -37.31 23.01
CA ALA F 942 31.30 -37.30 22.07
C ALA F 942 31.74 -37.52 20.64
N ILE F 943 33.00 -37.20 20.31
CA ILE F 943 33.44 -37.44 18.94
C ILE F 943 34.13 -38.79 18.83
N GLN F 944 34.86 -39.23 19.86
CA GLN F 944 35.53 -40.51 19.74
C GLN F 944 34.54 -41.67 19.83
N ALA F 945 33.39 -41.46 20.48
CA ALA F 945 32.36 -42.48 20.46
C ALA F 945 31.88 -42.75 19.04
N ILE F 946 31.61 -41.69 18.28
CA ILE F 946 31.14 -41.82 16.91
C ILE F 946 32.25 -42.39 16.02
N MET F 947 33.49 -41.94 16.25
CA MET F 947 34.63 -42.52 15.56
C MET F 947 34.71 -44.02 15.77
N HIS F 948 34.56 -44.46 17.02
CA HIS F 948 34.70 -45.88 17.33
C HIS F 948 33.58 -46.70 16.72
N ILE F 949 32.33 -46.21 16.80
CA ILE F 949 31.23 -47.02 16.29
C ILE F 949 31.29 -47.09 14.77
N PHE F 950 31.63 -45.98 14.10
CA PHE F 950 31.77 -46.02 12.65
C PHE F 950 32.91 -46.94 12.23
N GLN F 951 34.05 -46.87 12.93
CA GLN F 951 35.21 -47.68 12.57
C GLN F 951 34.95 -49.16 12.77
N ASN F 952 34.23 -49.53 13.84
CA ASN F 952 33.93 -50.93 14.05
C ASN F 952 32.80 -51.42 13.14
N LEU F 953 31.84 -50.56 12.81
CA LEU F 953 30.66 -50.99 12.06
C LEU F 953 30.96 -51.04 10.57
N GLY F 954 31.30 -49.92 9.96
CA GLY F 954 31.59 -49.89 8.55
C GLY F 954 30.53 -49.15 7.74
N LEU F 955 30.41 -49.55 6.48
CA LEU F 955 29.61 -48.83 5.50
C LEU F 955 28.13 -49.19 5.57
N ARG F 956 27.53 -49.06 6.76
CA ARG F 956 26.11 -49.28 6.91
C ARG F 956 25.40 -48.20 7.71
N CYS F 957 26.11 -47.43 8.54
CA CYS F 957 25.55 -46.28 9.22
C CYS F 957 25.64 -45.02 8.38
N VAL F 958 25.78 -45.15 7.06
CA VAL F 958 26.02 -44.03 6.18
C VAL F 958 24.79 -43.15 5.98
N SER F 959 23.63 -43.58 6.47
CA SER F 959 22.42 -42.78 6.34
C SER F 959 22.41 -41.55 7.25
N PHE F 960 23.32 -41.48 8.21
CA PHE F 960 23.35 -40.39 9.17
C PHE F 960 24.34 -39.30 8.77
N LEU F 961 24.90 -39.39 7.56
CA LEU F 961 25.82 -38.37 7.07
C LEU F 961 25.12 -37.04 6.83
N ASP F 962 23.80 -37.05 6.68
CA ASP F 962 23.05 -35.81 6.54
C ASP F 962 22.94 -35.07 7.87
N GLN F 963 23.24 -35.74 8.98
CA GLN F 963 23.21 -35.12 10.31
C GLN F 963 24.59 -34.91 10.91
N ILE F 964 25.52 -35.84 10.71
CA ILE F 964 26.78 -35.79 11.48
C ILE F 964 27.66 -34.64 11.01
N ILE F 965 27.84 -34.47 9.71
CA ILE F 965 28.82 -33.50 9.21
C ILE F 965 28.27 -32.08 9.37
N PRO F 966 26.99 -31.79 9.12
CA PRO F 966 26.44 -30.52 9.61
C PRO F 966 26.52 -30.37 11.12
N GLY F 967 26.55 -31.47 11.88
CA GLY F 967 26.75 -31.37 13.30
C GLY F 967 28.22 -31.17 13.69
N ILE F 968 29.13 -31.48 12.78
CA ILE F 968 30.55 -31.28 13.06
C ILE F 968 31.05 -29.93 12.57
N ILE F 969 30.39 -29.31 11.58
CA ILE F 969 30.84 -28.00 11.11
C ILE F 969 30.53 -26.92 12.15
N LEU F 970 29.43 -27.08 12.91
CA LEU F 970 29.18 -26.15 14.00
C LEU F 970 30.24 -26.27 15.09
N VAL F 971 30.75 -27.49 15.33
CA VAL F 971 31.87 -27.66 16.24
C VAL F 971 33.13 -27.04 15.66
N MET F 972 33.28 -27.11 14.33
CA MET F 972 34.42 -26.47 13.67
C MET F 972 34.38 -24.96 13.89
N ARG F 973 33.18 -24.38 13.86
CA ARG F 973 33.03 -22.93 13.79
C ARG F 973 33.56 -22.24 15.04
N SER F 974 33.27 -22.77 16.22
CA SER F 974 33.62 -22.13 17.48
C SER F 974 34.42 -23.11 18.34
N CYS F 975 35.74 -23.05 18.22
CA CYS F 975 36.64 -23.90 18.99
C CYS F 975 38.05 -23.32 18.91
N PRO F 976 38.84 -23.42 19.97
CA PRO F 976 40.22 -22.94 19.93
C PRO F 976 41.09 -23.87 19.10
N PRO F 977 42.24 -23.38 18.61
CA PRO F 977 43.14 -24.23 17.83
C PRO F 977 43.74 -25.42 18.59
N SER F 978 43.43 -25.60 19.87
CA SER F 978 44.01 -26.69 20.63
C SER F 978 43.56 -28.05 20.12
N GLN F 979 42.28 -28.17 19.76
CA GLN F 979 41.70 -29.44 19.35
C GLN F 979 41.35 -29.49 17.87
N LEU F 980 41.71 -28.46 17.09
CA LEU F 980 41.44 -28.47 15.66
C LEU F 980 42.25 -29.55 14.95
N ASP F 981 43.47 -29.81 15.42
CA ASP F 981 44.27 -30.91 14.88
C ASP F 981 43.55 -32.24 15.08
N PHE F 982 43.01 -32.46 16.28
CA PHE F 982 42.30 -33.70 16.57
C PHE F 982 41.03 -33.82 15.72
N TYR F 983 40.31 -32.71 15.56
CA TYR F 983 39.09 -32.72 14.74
C TYR F 983 39.39 -33.06 13.29
N PHE F 984 40.40 -32.43 12.70
CA PHE F 984 40.70 -32.74 11.30
C PHE F 984 41.29 -34.13 11.14
N GLN F 985 42.01 -34.63 12.15
CA GLN F 985 42.49 -36.01 12.08
C GLN F 985 41.32 -37.00 12.10
N GLN F 986 40.33 -36.75 12.95
CA GLN F 986 39.18 -37.64 12.98
C GLN F 986 38.32 -37.50 11.73
N LEU F 987 38.29 -36.31 11.12
CA LEU F 987 37.59 -36.16 9.85
C LEU F 987 38.29 -36.92 8.73
N GLY F 988 39.62 -36.90 8.73
CA GLY F 988 40.36 -37.75 7.81
C GLY F 988 40.08 -39.23 8.04
N SER F 989 39.91 -39.62 9.30
CA SER F 989 39.55 -41.00 9.62
C SER F 989 38.16 -41.34 9.08
N LEU F 990 37.21 -40.40 9.18
CA LEU F 990 35.90 -40.59 8.56
C LEU F 990 36.02 -40.76 7.06
N ILE F 991 36.88 -39.96 6.43
CA ILE F 991 37.00 -39.99 4.98
C ILE F 991 37.63 -41.30 4.52
N SER F 992 38.63 -41.79 5.24
CA SER F 992 39.31 -43.02 4.82
C SER F 992 38.42 -44.26 4.90
N ILE F 993 37.25 -44.17 5.54
CA ILE F 993 36.36 -45.33 5.64
C ILE F 993 35.07 -45.09 4.87
N VAL F 994 34.66 -43.83 4.73
CA VAL F 994 33.49 -43.46 3.95
C VAL F 994 33.97 -42.65 2.77
N LYS F 995 33.82 -43.19 1.56
CA LYS F 995 34.55 -42.67 0.42
C LYS F 995 33.75 -41.64 -0.39
N GLN F 996 32.61 -42.06 -0.94
CA GLN F 996 31.93 -41.25 -1.95
C GLN F 996 30.75 -40.47 -1.42
N HIS F 997 30.10 -40.95 -0.35
CA HIS F 997 28.89 -40.30 0.15
C HIS F 997 29.18 -38.94 0.78
N ILE F 998 30.44 -38.55 0.90
CA ILE F 998 30.82 -37.21 1.30
C ILE F 998 30.55 -36.19 0.20
N ARG F 999 30.23 -36.66 -1.01
CA ARG F 999 30.07 -35.78 -2.16
C ARG F 999 29.15 -34.58 -1.96
N PRO F 1000 27.98 -34.67 -1.33
CA PRO F 1000 27.20 -33.46 -1.06
C PRO F 1000 27.73 -32.59 0.08
N HIS F 1001 28.97 -32.80 0.53
CA HIS F 1001 29.55 -31.97 1.58
C HIS F 1001 30.99 -31.57 1.30
N VAL F 1002 31.56 -31.95 0.16
CA VAL F 1002 32.95 -31.62 -0.14
C VAL F 1002 33.13 -30.12 -0.34
N GLU F 1003 32.13 -29.45 -0.91
CA GLU F 1003 32.18 -28.00 -0.96
C GLU F 1003 32.21 -27.41 0.45
N LYS F 1004 31.52 -28.06 1.39
CA LYS F 1004 31.53 -27.58 2.76
C LYS F 1004 32.90 -27.81 3.42
N ILE F 1005 33.56 -28.93 3.13
CA ILE F 1005 34.86 -29.16 3.77
C ILE F 1005 35.94 -28.25 3.20
N TYR F 1006 35.95 -28.01 1.88
CA TYR F 1006 36.83 -26.96 1.36
C TYR F 1006 36.43 -25.56 1.83
N GLY F 1007 35.16 -25.29 2.06
CA GLY F 1007 34.81 -24.03 2.68
C GLY F 1007 35.39 -23.90 4.08
N VAL F 1008 35.35 -25.00 4.84
CA VAL F 1008 35.93 -25.01 6.18
C VAL F 1008 37.42 -24.72 6.11
N ILE F 1009 38.12 -25.38 5.17
CA ILE F 1009 39.57 -25.17 5.04
C ILE F 1009 39.87 -23.75 4.57
N ARG F 1010 39.02 -23.20 3.69
CA ARG F 1010 39.29 -21.88 3.14
C ARG F 1010 39.15 -20.78 4.20
N GLU F 1011 38.03 -20.74 4.92
CA GLU F 1011 37.96 -19.78 6.01
C GLU F 1011 38.74 -20.19 7.26
N PHE F 1012 39.31 -21.40 7.32
CA PHE F 1012 40.34 -21.71 8.30
C PHE F 1012 41.50 -22.37 7.56
N PHE F 1013 42.36 -21.55 6.96
CA PHE F 1013 43.67 -21.99 6.47
C PHE F 1013 44.77 -21.04 6.94
N PRO F 1014 45.02 -20.96 8.27
CA PRO F 1014 46.15 -20.15 8.73
C PRO F 1014 47.42 -20.96 8.89
N ILE F 1015 48.49 -20.32 9.35
CA ILE F 1015 49.70 -21.07 9.69
C ILE F 1015 49.50 -21.85 10.98
N ILE F 1016 48.70 -21.32 11.91
CA ILE F 1016 48.57 -21.94 13.24
C ILE F 1016 47.85 -23.28 13.15
N LYS F 1017 46.99 -23.47 12.15
CA LYS F 1017 46.41 -24.79 11.92
C LYS F 1017 47.49 -25.73 11.42
N LEU F 1018 47.41 -27.00 11.82
CA LEU F 1018 48.43 -27.96 11.44
C LEU F 1018 48.37 -28.22 9.93
N GLN F 1019 49.36 -27.68 9.21
CA GLN F 1019 49.40 -27.85 7.76
C GLN F 1019 49.57 -29.31 7.39
N ILE F 1020 50.28 -30.09 8.20
CA ILE F 1020 50.41 -31.52 7.95
C ILE F 1020 49.06 -32.21 8.04
N THR F 1021 48.25 -31.83 9.03
CA THR F 1021 46.91 -32.42 9.15
C THR F 1021 46.02 -31.97 8.00
N ILE F 1022 46.16 -30.72 7.56
CA ILE F 1022 45.35 -30.24 6.44
C ILE F 1022 45.69 -31.00 5.17
N ILE F 1023 46.98 -31.19 4.88
CA ILE F 1023 47.33 -31.92 3.66
C ILE F 1023 47.02 -33.40 3.81
N SER F 1024 47.00 -33.93 5.03
CA SER F 1024 46.52 -35.30 5.24
C SER F 1024 45.04 -35.41 4.89
N VAL F 1025 44.25 -34.41 5.29
CA VAL F 1025 42.83 -34.38 4.93
C VAL F 1025 42.67 -34.31 3.41
N ILE F 1026 43.47 -33.48 2.76
CA ILE F 1026 43.38 -33.33 1.30
C ILE F 1026 43.74 -34.63 0.60
N GLU F 1027 44.83 -35.27 1.00
CA GLU F 1027 45.20 -36.52 0.34
C GLU F 1027 44.20 -37.62 0.60
N SER F 1028 43.61 -37.65 1.80
CA SER F 1028 42.59 -38.65 2.11
C SER F 1028 41.35 -38.45 1.25
N ILE F 1029 40.87 -37.21 1.13
CA ILE F 1029 39.64 -36.99 0.36
C ILE F 1029 39.91 -37.22 -1.12
N SER F 1030 41.10 -36.85 -1.61
CA SER F 1030 41.43 -37.10 -3.01
C SER F 1030 41.47 -38.59 -3.30
N LYS F 1031 42.11 -39.36 -2.43
CA LYS F 1031 42.20 -40.81 -2.66
C LYS F 1031 40.83 -41.47 -2.54
N ALA F 1032 40.00 -41.01 -1.61
CA ALA F 1032 38.68 -41.59 -1.46
C ALA F 1032 37.71 -41.16 -2.56
N LEU F 1033 38.00 -40.05 -3.23
CA LEU F 1033 37.13 -39.55 -4.29
C LEU F 1033 37.50 -40.15 -5.63
N GLU F 1034 38.73 -39.88 -6.11
CA GLU F 1034 39.34 -40.58 -7.24
C GLU F 1034 38.50 -40.45 -8.52
N GLY F 1035 38.47 -39.23 -9.04
CA GLY F 1035 37.96 -39.04 -10.39
C GLY F 1035 37.09 -37.83 -10.64
N GLU F 1036 36.31 -37.41 -9.66
CA GLU F 1036 35.47 -36.23 -9.78
C GLU F 1036 36.21 -34.97 -9.30
N PHE F 1037 37.54 -35.07 -9.16
CA PHE F 1037 38.38 -34.01 -8.62
C PHE F 1037 38.50 -32.80 -9.53
N LYS F 1038 38.04 -32.90 -10.79
CA LYS F 1038 38.26 -31.85 -11.78
C LYS F 1038 37.61 -30.53 -11.38
N ARG F 1039 36.50 -30.59 -10.63
CA ARG F 1039 35.70 -29.40 -10.38
C ARG F 1039 36.43 -28.37 -9.54
N PHE F 1040 37.50 -28.78 -8.86
CA PHE F 1040 38.09 -27.99 -7.78
C PHE F 1040 39.58 -28.22 -7.64
N VAL F 1041 40.27 -28.57 -8.74
CA VAL F 1041 41.74 -28.62 -8.73
C VAL F 1041 42.37 -27.28 -8.35
N PRO F 1042 41.97 -26.12 -8.91
CA PRO F 1042 42.69 -24.88 -8.59
C PRO F 1042 42.67 -24.48 -7.12
N GLU F 1043 41.60 -24.81 -6.39
CA GLU F 1043 41.54 -24.43 -4.97
C GLU F 1043 42.64 -25.12 -4.17
N THR F 1044 42.67 -26.45 -4.20
CA THR F 1044 43.74 -27.18 -3.53
C THR F 1044 45.09 -26.89 -4.15
N LEU F 1045 45.13 -26.48 -5.41
CA LEU F 1045 46.40 -26.25 -6.07
C LEU F 1045 47.02 -24.94 -5.59
N THR F 1046 46.18 -23.91 -5.40
CA THR F 1046 46.63 -22.65 -4.81
C THR F 1046 46.99 -22.83 -3.35
N PHE F 1047 46.24 -23.67 -2.62
CA PHE F 1047 46.64 -24.01 -1.26
C PHE F 1047 48.02 -24.67 -1.25
N PHE F 1048 48.29 -25.51 -2.25
CA PHE F 1048 49.59 -26.15 -2.36
C PHE F 1048 50.68 -25.13 -2.66
N LEU F 1049 50.39 -24.14 -3.49
CA LEU F 1049 51.33 -23.04 -3.72
C LEU F 1049 51.64 -22.30 -2.42
N ASP F 1050 50.61 -22.00 -1.63
CA ASP F 1050 50.83 -21.28 -0.37
C ASP F 1050 51.67 -22.12 0.59
N ILE F 1051 51.41 -23.43 0.67
CA ILE F 1051 52.18 -24.29 1.55
C ILE F 1051 53.63 -24.37 1.09
N LEU F 1052 53.86 -24.47 -0.22
CA LEU F 1052 55.22 -24.50 -0.74
C LEU F 1052 55.97 -23.21 -0.44
N GLU F 1053 55.33 -22.07 -0.60
CA GLU F 1053 56.00 -20.78 -0.50
C GLU F 1053 55.91 -20.15 0.88
N ASN F 1054 55.33 -20.83 1.87
CA ASN F 1054 55.27 -20.30 3.23
C ASN F 1054 56.41 -20.79 4.11
N ASP F 1055 56.53 -22.10 4.31
CA ASP F 1055 57.50 -22.64 5.25
C ASP F 1055 58.15 -23.90 4.68
N GLN F 1056 59.46 -24.01 4.86
CA GLN F 1056 60.24 -25.17 4.43
C GLN F 1056 61.20 -25.63 5.52
N SER F 1057 60.96 -25.22 6.77
CA SER F 1057 61.86 -25.53 7.87
C SER F 1057 61.80 -27.00 8.24
N ASN F 1058 62.57 -27.35 9.27
CA ASN F 1058 62.77 -28.71 9.80
C ASN F 1058 62.88 -29.76 8.70
N LYS F 1059 63.91 -29.58 7.87
CA LYS F 1059 64.28 -30.46 6.76
C LYS F 1059 63.21 -30.55 5.69
N ARG F 1060 62.29 -29.58 5.68
CA ARG F 1060 61.23 -29.47 4.67
C ARG F 1060 60.36 -30.72 4.59
N ILE F 1061 59.90 -31.18 5.76
CA ILE F 1061 59.04 -32.36 5.80
C ILE F 1061 57.70 -32.07 5.15
N VAL F 1062 57.18 -30.85 5.31
CA VAL F 1062 55.91 -30.49 4.70
C VAL F 1062 56.06 -30.30 3.19
N PRO F 1063 57.13 -29.65 2.68
CA PRO F 1063 57.35 -29.72 1.22
C PRO F 1063 57.55 -31.13 0.68
N ILE F 1064 58.21 -32.01 1.44
CA ILE F 1064 58.37 -33.38 0.97
C ILE F 1064 57.01 -34.08 0.89
N ARG F 1065 56.16 -33.88 1.90
CA ARG F 1065 54.82 -34.46 1.87
C ARG F 1065 53.98 -33.87 0.74
N ILE F 1066 54.13 -32.57 0.47
CA ILE F 1066 53.32 -31.97 -0.59
C ILE F 1066 53.81 -32.43 -1.96
N LEU F 1067 55.10 -32.71 -2.11
CA LEU F 1067 55.59 -33.27 -3.37
C LEU F 1067 55.24 -34.74 -3.52
N LYS F 1068 55.01 -35.44 -2.40
CA LYS F 1068 54.43 -36.78 -2.48
C LYS F 1068 52.92 -36.74 -2.69
N SER F 1069 52.28 -35.61 -2.42
CA SER F 1069 50.85 -35.45 -2.64
C SER F 1069 50.52 -35.01 -4.06
N LEU F 1070 51.34 -34.14 -4.65
CA LEU F 1070 51.13 -33.71 -6.04
C LEU F 1070 51.31 -34.83 -7.04
N VAL F 1071 52.15 -35.82 -6.75
CA VAL F 1071 52.32 -36.92 -7.68
C VAL F 1071 51.15 -37.89 -7.66
N THR F 1072 50.38 -37.91 -6.57
CA THR F 1072 49.25 -38.82 -6.45
C THR F 1072 48.10 -38.42 -7.36
N PHE F 1073 48.05 -37.15 -7.78
CA PHE F 1073 46.90 -36.64 -8.52
C PHE F 1073 46.72 -37.32 -9.87
N GLY F 1074 47.78 -37.86 -10.45
CA GLY F 1074 47.67 -38.68 -11.63
C GLY F 1074 47.30 -37.94 -12.90
N PRO F 1075 46.41 -38.51 -13.70
CA PRO F 1075 46.01 -37.87 -14.97
C PRO F 1075 45.21 -36.60 -14.80
N ASN F 1076 45.03 -36.13 -13.57
CA ASN F 1076 44.12 -35.04 -13.25
C ASN F 1076 44.58 -33.71 -13.83
N LEU F 1077 45.87 -33.54 -14.08
CA LEU F 1077 46.44 -32.27 -14.52
C LEU F 1077 46.50 -32.13 -16.03
N GLU F 1078 45.58 -32.78 -16.75
CA GLU F 1078 45.64 -32.75 -18.21
C GLU F 1078 45.31 -31.38 -18.78
N ASP F 1079 44.69 -30.50 -18.01
CA ASP F 1079 44.33 -29.17 -18.48
C ASP F 1079 44.85 -28.04 -17.59
N TYR F 1080 45.41 -28.35 -16.43
CA TYR F 1080 45.87 -27.34 -15.48
C TYR F 1080 47.38 -27.46 -15.22
N SER F 1081 48.12 -28.03 -16.17
CA SER F 1081 49.55 -28.27 -16.00
C SER F 1081 50.37 -27.10 -16.52
N HIS F 1082 50.05 -25.90 -16.05
CA HIS F 1082 50.83 -24.72 -16.36
C HIS F 1082 51.11 -23.85 -15.15
N LEU F 1083 50.65 -24.26 -13.95
CA LEU F 1083 50.85 -23.49 -12.74
C LEU F 1083 51.99 -24.03 -11.88
N ILE F 1084 51.91 -25.30 -11.48
CA ILE F 1084 52.94 -25.86 -10.61
C ILE F 1084 54.15 -26.33 -11.41
N MET F 1085 53.95 -26.77 -12.65
CA MET F 1085 55.08 -27.27 -13.42
C MET F 1085 56.19 -26.24 -13.63
N PRO F 1086 55.92 -24.97 -13.96
CA PRO F 1086 56.99 -23.98 -13.84
C PRO F 1086 57.52 -23.80 -12.43
N ILE F 1087 56.67 -23.94 -11.41
CA ILE F 1087 57.15 -23.77 -10.04
C ILE F 1087 58.11 -24.90 -9.66
N VAL F 1088 57.74 -26.15 -9.92
CA VAL F 1088 58.65 -27.24 -9.60
C VAL F 1088 59.85 -27.27 -10.54
N VAL F 1089 59.76 -26.65 -11.70
CA VAL F 1089 60.96 -26.43 -12.51
C VAL F 1089 61.87 -25.40 -11.85
N ARG F 1090 61.28 -24.36 -11.24
CA ARG F 1090 62.08 -23.33 -10.61
C ARG F 1090 62.75 -23.82 -9.32
N MET F 1091 62.03 -24.59 -8.51
CA MET F 1091 62.56 -25.02 -7.22
C MET F 1091 63.51 -26.20 -7.32
N THR F 1092 64.08 -26.50 -8.48
CA THR F 1092 65.13 -27.51 -8.55
C THR F 1092 66.52 -26.89 -8.58
N GLU F 1093 66.62 -25.55 -8.53
CA GLU F 1093 67.90 -24.87 -8.39
C GLU F 1093 67.87 -23.69 -7.44
N TYR F 1094 66.76 -23.41 -6.78
CA TYR F 1094 66.64 -22.25 -5.89
C TYR F 1094 66.36 -22.68 -4.45
N SER F 1095 66.82 -23.86 -4.06
CA SER F 1095 66.59 -24.39 -2.73
C SER F 1095 67.73 -25.33 -2.37
N ALA F 1096 67.59 -26.01 -1.23
CA ALA F 1096 68.63 -26.90 -0.72
C ALA F 1096 68.55 -28.25 -1.45
N GLY F 1097 69.35 -29.21 -1.00
CA GLY F 1097 69.47 -30.50 -1.65
C GLY F 1097 68.70 -31.64 -1.03
N SER F 1098 68.04 -31.42 0.12
CA SER F 1098 67.24 -32.48 0.72
C SER F 1098 65.98 -32.73 -0.08
N LEU F 1099 65.27 -31.66 -0.46
CA LEU F 1099 64.05 -31.76 -1.25
C LEU F 1099 64.27 -31.52 -2.73
N LYS F 1100 65.52 -31.28 -3.14
CA LYS F 1100 65.81 -31.08 -4.56
C LYS F 1100 65.53 -32.35 -5.35
N LYS F 1101 66.02 -33.49 -4.86
CA LYS F 1101 65.75 -34.76 -5.52
C LYS F 1101 64.27 -35.11 -5.43
N ILE F 1102 63.59 -34.69 -4.36
CA ILE F 1102 62.16 -34.90 -4.25
C ILE F 1102 61.42 -34.15 -5.36
N SER F 1103 61.85 -32.90 -5.61
CA SER F 1103 61.24 -32.11 -6.69
C SER F 1103 61.49 -32.73 -8.05
N ILE F 1104 62.71 -33.21 -8.30
CA ILE F 1104 62.97 -33.78 -9.63
C ILE F 1104 62.26 -35.12 -9.79
N ILE F 1105 62.07 -35.88 -8.71
CA ILE F 1105 61.29 -37.10 -8.79
C ILE F 1105 59.82 -36.78 -9.04
N THR F 1106 59.32 -35.69 -8.44
CA THR F 1106 57.97 -35.24 -8.73
C THR F 1106 57.81 -34.88 -10.20
N LEU F 1107 58.80 -34.18 -10.75
CA LEU F 1107 58.79 -33.84 -12.18
C LEU F 1107 58.76 -35.09 -13.05
N GLY F 1108 59.65 -36.04 -12.75
CA GLY F 1108 59.69 -37.27 -13.52
C GLY F 1108 58.41 -38.07 -13.43
N ARG F 1109 57.82 -38.16 -12.25
CA ARG F 1109 56.62 -38.98 -12.11
C ARG F 1109 55.41 -38.31 -12.77
N LEU F 1110 55.33 -36.97 -12.71
CA LEU F 1110 54.29 -36.28 -13.45
C LEU F 1110 54.49 -36.36 -14.95
N ALA F 1111 55.73 -36.59 -15.41
CA ALA F 1111 55.96 -36.72 -16.84
C ALA F 1111 55.41 -38.02 -17.41
N LYS F 1112 55.23 -39.07 -16.60
CA LYS F 1112 54.51 -40.25 -17.06
C LYS F 1112 53.06 -39.96 -17.40
N ASN F 1113 52.47 -38.92 -16.83
CA ASN F 1113 51.02 -38.81 -16.88
C ASN F 1113 50.54 -37.58 -17.65
N ILE F 1114 51.25 -36.47 -17.59
CA ILE F 1114 50.88 -35.26 -18.32
C ILE F 1114 51.97 -34.94 -19.32
N ASN F 1115 51.58 -34.63 -20.55
CA ASN F 1115 52.54 -34.36 -21.61
C ASN F 1115 53.33 -33.07 -21.34
N LEU F 1116 54.60 -33.08 -21.76
CA LEU F 1116 55.47 -31.93 -21.56
C LEU F 1116 56.32 -31.63 -22.79
N SER F 1117 55.76 -31.79 -24.00
CA SER F 1117 56.41 -31.23 -25.17
C SER F 1117 56.38 -29.70 -25.13
N GLU F 1118 55.45 -29.11 -24.39
CA GLU F 1118 55.35 -27.67 -24.28
C GLU F 1118 56.49 -27.08 -23.47
N MET F 1119 56.81 -27.69 -22.32
CA MET F 1119 57.76 -27.12 -21.37
C MET F 1119 59.11 -27.83 -21.40
N SER F 1120 59.40 -28.55 -22.49
CA SER F 1120 60.62 -29.35 -22.54
C SER F 1120 61.87 -28.49 -22.52
N SER F 1121 61.83 -27.32 -23.16
CA SER F 1121 62.99 -26.43 -23.16
C SER F 1121 63.32 -25.96 -21.75
N ARG F 1122 62.31 -25.49 -21.02
CA ARG F 1122 62.53 -25.04 -19.66
C ARG F 1122 63.02 -26.17 -18.75
N ILE F 1123 62.41 -27.35 -18.88
CA ILE F 1123 62.80 -28.48 -18.03
C ILE F 1123 64.25 -28.88 -18.30
N VAL F 1124 64.61 -29.04 -19.58
CA VAL F 1124 65.93 -29.53 -19.92
C VAL F 1124 67.00 -28.49 -19.60
N GLN F 1125 66.72 -27.22 -19.87
CA GLN F 1125 67.71 -26.19 -19.56
C GLN F 1125 67.83 -25.93 -18.06
N ALA F 1126 66.80 -26.27 -17.27
CA ALA F 1126 66.99 -26.27 -15.82
C ALA F 1126 67.82 -27.45 -15.36
N LEU F 1127 67.61 -28.61 -15.96
CA LEU F 1127 68.32 -29.81 -15.49
C LEU F 1127 69.79 -29.81 -15.91
N VAL F 1128 70.12 -29.13 -17.00
CA VAL F 1128 71.52 -29.10 -17.45
C VAL F 1128 72.40 -28.36 -16.44
N ARG F 1129 71.88 -27.28 -15.85
CA ARG F 1129 72.62 -26.56 -14.83
C ARG F 1129 72.83 -27.42 -13.59
N ILE F 1130 71.89 -28.33 -13.30
CA ILE F 1130 72.13 -29.32 -12.26
C ILE F 1130 73.26 -30.26 -12.67
N LEU F 1131 73.19 -30.76 -13.89
CA LEU F 1131 74.13 -31.81 -14.31
C LEU F 1131 75.55 -31.30 -14.47
N ASN F 1132 75.75 -29.98 -14.67
CA ASN F 1132 77.09 -29.50 -14.98
C ASN F 1132 78.06 -29.68 -13.80
N ASN F 1133 77.63 -29.35 -12.58
CA ASN F 1133 78.48 -29.50 -11.41
C ASN F 1133 78.24 -30.85 -10.76
N GLY F 1134 79.31 -31.59 -10.51
CA GLY F 1134 79.18 -32.97 -10.06
C GLY F 1134 78.69 -33.05 -8.63
N ASP F 1135 77.74 -33.95 -8.38
CA ASP F 1135 77.23 -34.22 -7.04
C ASP F 1135 77.27 -35.71 -6.75
N ARG F 1136 77.27 -36.52 -7.82
CA ARG F 1136 77.49 -37.97 -7.81
C ARG F 1136 76.29 -38.72 -7.24
N GLU F 1137 75.34 -38.00 -6.66
CA GLU F 1137 74.12 -38.61 -6.14
C GLU F 1137 72.88 -38.09 -6.85
N LEU F 1138 72.79 -36.77 -7.07
CA LEU F 1138 71.70 -36.22 -7.87
C LEU F 1138 71.81 -36.62 -9.33
N THR F 1139 72.97 -37.08 -9.77
CA THR F 1139 73.20 -37.36 -11.19
C THR F 1139 72.31 -38.50 -11.69
N LYS F 1140 72.23 -39.58 -10.91
CA LYS F 1140 71.39 -40.71 -11.31
C LYS F 1140 69.92 -40.31 -11.38
N ALA F 1141 69.46 -39.54 -10.39
CA ALA F 1141 68.05 -39.15 -10.36
C ALA F 1141 67.71 -38.20 -11.50
N THR F 1142 68.58 -37.24 -11.80
CA THR F 1142 68.28 -36.32 -12.90
C THR F 1142 68.41 -37.01 -14.24
N MET F 1143 69.34 -37.96 -14.38
CA MET F 1143 69.44 -38.76 -15.59
C MET F 1143 68.18 -39.59 -15.80
N ASN F 1144 67.66 -40.17 -14.72
CA ASN F 1144 66.43 -40.95 -14.83
C ASN F 1144 65.24 -40.08 -15.20
N THR F 1145 65.17 -38.87 -14.63
CA THR F 1145 64.06 -37.97 -14.96
C THR F 1145 64.13 -37.53 -16.43
N LEU F 1146 65.31 -37.16 -16.92
CA LEU F 1146 65.40 -36.74 -18.31
C LEU F 1146 65.19 -37.91 -19.27
N SER F 1147 65.62 -39.11 -18.90
CA SER F 1147 65.35 -40.27 -19.73
C SER F 1147 63.86 -40.60 -19.75
N LEU F 1148 63.17 -40.40 -18.62
CA LEU F 1148 61.73 -40.65 -18.61
C LEU F 1148 61.02 -39.63 -19.48
N LEU F 1149 61.47 -38.38 -19.45
CA LEU F 1149 60.88 -37.38 -20.36
C LEU F 1149 61.20 -37.72 -21.81
N LEU F 1150 62.33 -38.36 -22.07
CA LEU F 1150 62.62 -38.92 -23.39
C LEU F 1150 61.60 -39.98 -23.79
N LEU F 1151 61.26 -40.88 -22.86
CA LEU F 1151 60.19 -41.83 -23.13
C LEU F 1151 58.87 -41.14 -23.44
N GLN F 1152 58.57 -40.06 -22.71
CA GLN F 1152 57.32 -39.34 -22.95
C GLN F 1152 57.32 -38.66 -24.31
N LEU F 1153 58.45 -38.07 -24.71
CA LEU F 1153 58.48 -37.25 -25.93
C LEU F 1153 58.62 -38.11 -27.17
N GLY F 1154 59.57 -39.03 -27.19
CA GLY F 1154 59.72 -39.92 -28.33
C GLY F 1154 60.79 -39.53 -29.31
N THR F 1155 60.46 -39.56 -30.61
CA THR F 1155 61.42 -39.28 -31.66
C THR F 1155 61.76 -37.81 -31.79
N ASP F 1156 61.05 -36.93 -31.10
CA ASP F 1156 61.30 -35.50 -31.18
C ASP F 1156 62.52 -35.06 -30.38
N PHE F 1157 63.10 -35.94 -29.57
CA PHE F 1157 64.18 -35.57 -28.66
C PHE F 1157 65.51 -35.36 -29.38
N VAL F 1158 65.55 -35.63 -30.69
CA VAL F 1158 66.75 -35.39 -31.49
C VAL F 1158 67.13 -33.92 -31.50
N VAL F 1159 66.19 -33.02 -31.20
CA VAL F 1159 66.53 -31.62 -31.04
C VAL F 1159 67.38 -31.41 -29.80
N PHE F 1160 67.15 -32.21 -28.76
CA PHE F 1160 67.81 -32.04 -27.47
C PHE F 1160 68.95 -33.02 -27.23
N VAL F 1161 69.22 -33.93 -28.17
CA VAL F 1161 70.32 -34.89 -27.99
C VAL F 1161 71.68 -34.23 -27.82
N PRO F 1162 72.13 -33.30 -28.68
CA PRO F 1162 73.57 -32.97 -28.67
C PRO F 1162 74.07 -32.25 -27.44
N VAL F 1163 73.29 -31.31 -26.88
CA VAL F 1163 73.77 -30.58 -25.70
C VAL F 1163 73.81 -31.51 -24.48
N ILE F 1164 72.86 -32.43 -24.38
CA ILE F 1164 72.91 -33.43 -23.32
C ILE F 1164 74.14 -34.32 -23.47
N ASN F 1165 74.43 -34.73 -24.70
CA ASN F 1165 75.62 -35.55 -24.94
C ASN F 1165 76.89 -34.78 -24.59
N LYS F 1166 76.93 -33.49 -24.92
CA LYS F 1166 78.12 -32.68 -24.62
C LYS F 1166 78.32 -32.54 -23.12
N ALA F 1167 77.24 -32.25 -22.38
CA ALA F 1167 77.36 -32.11 -20.94
C ALA F 1167 77.76 -33.43 -20.28
N LEU F 1168 77.19 -34.55 -20.76
CA LEU F 1168 77.54 -35.85 -20.22
C LEU F 1168 79.00 -36.20 -20.49
N LEU F 1169 79.49 -35.89 -21.70
CA LEU F 1169 80.90 -36.15 -22.01
C LEU F 1169 81.82 -35.23 -21.21
N ARG F 1170 81.38 -34.01 -20.91
CA ARG F 1170 82.19 -33.12 -20.09
C ARG F 1170 82.28 -33.64 -18.65
N ASN F 1171 81.16 -34.02 -18.06
CA ASN F 1171 81.15 -34.44 -16.67
C ASN F 1171 81.54 -35.90 -16.48
N ARG F 1172 81.70 -36.66 -17.56
CA ARG F 1172 82.09 -38.08 -17.54
C ARG F 1172 81.11 -38.91 -16.71
N ILE F 1173 79.86 -38.92 -17.16
CA ILE F 1173 78.80 -39.73 -16.56
C ILE F 1173 78.16 -40.56 -17.66
N GLN F 1174 78.14 -41.89 -17.47
CA GLN F 1174 77.57 -42.80 -18.44
C GLN F 1174 76.70 -43.81 -17.72
N HIS F 1175 75.66 -44.28 -18.42
CA HIS F 1175 74.80 -45.32 -17.85
C HIS F 1175 74.19 -46.15 -18.98
N SER F 1176 73.94 -47.42 -18.65
CA SER F 1176 73.56 -48.41 -19.66
C SER F 1176 72.21 -48.10 -20.28
N VAL F 1177 71.22 -47.74 -19.46
CA VAL F 1177 69.86 -47.53 -19.97
C VAL F 1177 69.83 -46.33 -20.91
N TYR F 1178 70.49 -45.23 -20.53
CA TYR F 1178 70.50 -44.06 -21.39
C TYR F 1178 71.29 -44.32 -22.66
N ASP F 1179 72.45 -44.96 -22.55
CA ASP F 1179 73.26 -45.23 -23.74
C ASP F 1179 72.51 -46.13 -24.72
N GLN F 1180 71.91 -47.20 -24.21
CA GLN F 1180 71.19 -48.13 -25.07
C GLN F 1180 69.97 -47.49 -25.71
N LEU F 1181 69.21 -46.69 -24.95
CA LEU F 1181 67.99 -46.18 -25.54
C LEU F 1181 68.28 -45.04 -26.51
N VAL F 1182 69.35 -44.27 -26.26
CA VAL F 1182 69.72 -43.22 -27.20
C VAL F 1182 70.27 -43.80 -28.49
N ASN F 1183 71.17 -44.80 -28.41
CA ASN F 1183 71.67 -45.32 -29.67
C ASN F 1183 70.71 -46.29 -30.34
N LYS F 1184 69.61 -46.66 -29.66
CA LYS F 1184 68.48 -47.25 -30.36
C LYS F 1184 67.60 -46.17 -31.00
N LEU F 1185 67.52 -45.00 -30.37
CA LEU F 1185 66.77 -43.89 -30.95
C LEU F 1185 67.39 -43.41 -32.26
N LEU F 1186 68.73 -43.39 -32.32
CA LEU F 1186 69.37 -42.89 -33.53
C LEU F 1186 69.11 -43.81 -34.73
N ASN F 1187 69.08 -45.13 -34.50
CA ASN F 1187 68.83 -46.07 -35.58
C ASN F 1187 67.39 -46.60 -35.59
N ASN F 1188 66.49 -45.92 -34.89
CA ASN F 1188 65.03 -46.10 -35.04
C ASN F 1188 64.58 -47.49 -34.61
N GLU F 1189 64.80 -47.81 -33.34
CA GLU F 1189 64.21 -48.99 -32.69
C GLU F 1189 63.83 -48.59 -31.28
N CYS F 1190 62.59 -48.15 -31.11
CA CYS F 1190 62.12 -47.58 -29.85
C CYS F 1190 61.39 -48.66 -29.05
N LEU F 1191 61.84 -48.88 -27.81
CA LEU F 1191 61.22 -49.83 -26.90
C LEU F 1191 60.96 -49.13 -25.57
N PRO F 1192 59.70 -48.98 -25.14
CA PRO F 1192 59.36 -48.39 -23.85
C PRO F 1192 59.89 -49.19 -22.68
N LYS F 1217 30.93 -57.90 20.12
CA LYS F 1217 29.77 -58.70 20.53
C LYS F 1217 29.77 -58.94 22.04
N LEU F 1218 29.33 -60.13 22.45
CA LEU F 1218 29.13 -60.44 23.85
C LEU F 1218 30.11 -61.52 24.29
N PRO F 1219 31.12 -61.20 25.10
CA PRO F 1219 32.04 -62.22 25.61
C PRO F 1219 31.46 -62.90 26.84
N VAL F 1220 32.26 -63.78 27.43
CA VAL F 1220 31.83 -64.54 28.62
C VAL F 1220 32.29 -63.74 29.84
N ASN F 1221 31.52 -62.72 30.19
CA ASN F 1221 31.83 -61.89 31.35
C ASN F 1221 30.58 -61.50 32.14
N GLN F 1222 29.42 -62.08 31.84
CA GLN F 1222 28.17 -61.64 32.44
C GLN F 1222 28.01 -62.05 33.91
N ASN F 1223 28.97 -62.78 34.48
CA ASN F 1223 28.93 -63.04 35.92
C ASN F 1223 29.04 -61.75 36.71
N ILE F 1224 29.76 -60.75 36.19
CA ILE F 1224 29.81 -59.46 36.85
C ILE F 1224 28.44 -58.77 36.79
N LEU F 1225 27.69 -58.98 35.71
CA LEU F 1225 26.31 -58.47 35.69
C LEU F 1225 25.45 -59.20 36.71
N LYS F 1226 25.65 -60.51 36.84
CA LYS F 1226 24.89 -61.30 37.80
C LYS F 1226 25.14 -60.84 39.23
N ASN F 1227 26.41 -60.61 39.58
CA ASN F 1227 26.73 -60.19 40.94
C ASN F 1227 26.54 -58.69 41.16
N ALA F 1228 26.40 -57.90 40.09
CA ALA F 1228 25.91 -56.54 40.25
C ALA F 1228 24.42 -56.51 40.48
N TRP F 1229 23.69 -57.47 39.90
CA TRP F 1229 22.26 -57.61 40.18
C TRP F 1229 22.04 -58.04 41.62
N TYR F 1230 22.58 -59.21 41.98
CA TYR F 1230 22.21 -59.89 43.23
C TYR F 1230 22.94 -59.24 44.41
N CYS F 1231 22.48 -58.04 44.76
CA CYS F 1231 22.94 -57.40 45.98
C CYS F 1231 21.99 -57.68 47.15
N SER F 1232 20.75 -57.20 47.05
CA SER F 1232 19.71 -57.41 48.06
C SER F 1232 20.14 -56.93 49.44
N GLN F 1233 20.86 -55.82 49.49
CA GLN F 1233 21.18 -55.12 50.75
C GLN F 1233 20.86 -53.64 50.62
N GLN F 1234 19.69 -53.32 50.10
CA GLN F 1234 19.29 -51.94 49.87
C GLN F 1234 18.39 -51.49 51.01
N LYS F 1235 18.79 -50.39 51.67
CA LYS F 1235 17.99 -49.83 52.76
C LYS F 1235 17.20 -48.60 52.33
N THR F 1236 17.87 -47.55 51.87
CA THR F 1236 17.21 -46.29 51.53
C THR F 1236 17.83 -45.72 50.25
N LYS F 1237 17.57 -44.43 50.00
CA LYS F 1237 18.08 -43.77 48.80
C LYS F 1237 19.59 -43.82 48.72
N GLU F 1238 20.27 -43.77 49.88
CA GLU F 1238 21.71 -43.93 49.92
C GLU F 1238 22.15 -45.36 49.61
N ASP F 1239 21.22 -46.24 49.24
CA ASP F 1239 21.51 -47.49 48.56
C ASP F 1239 21.00 -47.50 47.14
N TRP F 1240 19.83 -46.90 46.89
CA TRP F 1240 19.22 -46.95 45.57
C TRP F 1240 20.01 -46.13 44.53
N GLN F 1241 20.66 -45.06 44.96
CA GLN F 1241 21.46 -44.28 44.00
C GLN F 1241 22.63 -45.10 43.47
N GLU F 1242 23.39 -45.74 44.36
CA GLU F 1242 24.46 -46.58 43.84
C GLU F 1242 23.93 -47.87 43.25
N TRP F 1243 22.67 -48.23 43.52
CA TRP F 1243 22.05 -49.29 42.72
C TRP F 1243 21.90 -48.86 41.26
N ILE F 1244 21.44 -47.63 41.04
CA ILE F 1244 21.36 -47.07 39.70
C ILE F 1244 22.73 -47.07 39.03
N ARG F 1245 23.74 -46.63 39.77
CA ARG F 1245 25.09 -46.62 39.23
C ARG F 1245 25.58 -48.03 38.93
N ARG F 1246 25.45 -48.95 39.90
CA ARG F 1246 25.95 -50.31 39.81
C ARG F 1246 25.18 -51.15 38.81
N LEU F 1247 24.08 -50.65 38.25
CA LEU F 1247 23.54 -51.24 37.04
C LEU F 1247 24.03 -50.51 35.79
N SER F 1248 23.75 -49.21 35.69
CA SER F 1248 23.87 -48.49 34.42
C SER F 1248 25.31 -48.25 33.99
N ILE F 1249 26.28 -48.34 34.90
CA ILE F 1249 27.67 -48.16 34.50
C ILE F 1249 28.12 -49.34 33.64
N GLN F 1250 27.84 -50.56 34.08
CA GLN F 1250 28.38 -51.74 33.40
C GLN F 1250 27.34 -52.52 32.61
N LEU F 1251 26.11 -51.99 32.47
CA LEU F 1251 25.23 -52.57 31.47
C LEU F 1251 25.77 -52.44 30.06
N LEU F 1252 26.70 -51.52 29.83
CA LEU F 1252 27.17 -51.22 28.49
C LEU F 1252 28.56 -51.77 28.17
N LYS F 1253 29.28 -52.33 29.15
CA LYS F 1253 30.44 -53.13 28.80
C LYS F 1253 30.09 -54.55 28.44
N GLU F 1254 28.84 -54.97 28.59
CA GLU F 1254 28.43 -56.34 28.28
C GLU F 1254 27.15 -56.23 27.46
N SER F 1255 27.29 -56.13 26.14
CA SER F 1255 26.16 -56.02 25.24
C SER F 1255 26.60 -56.51 23.87
N PRO F 1256 25.78 -57.29 23.17
CA PRO F 1256 26.19 -57.82 21.87
C PRO F 1256 26.04 -56.81 20.75
N SER F 1257 26.55 -55.59 20.95
CA SER F 1257 26.48 -54.54 19.93
C SER F 1257 27.57 -53.54 20.24
N ALA F 1258 28.46 -53.31 19.27
CA ALA F 1258 29.55 -52.35 19.48
C ALA F 1258 29.01 -50.94 19.68
N CYS F 1259 27.83 -50.65 19.13
CA CYS F 1259 27.23 -49.33 19.28
C CYS F 1259 26.95 -49.00 20.73
N LEU F 1260 26.32 -49.93 21.45
CA LEU F 1260 26.12 -49.73 22.88
C LEU F 1260 27.39 -49.96 23.66
N ARG F 1261 28.32 -50.77 23.13
CA ARG F 1261 29.55 -51.07 23.85
C ARG F 1261 30.43 -49.83 23.97
N SER F 1262 30.53 -49.03 22.91
CA SER F 1262 31.50 -47.95 22.88
C SER F 1262 31.04 -46.69 23.61
N CYS F 1263 29.76 -46.57 23.93
CA CYS F 1263 29.23 -45.38 24.58
C CYS F 1263 29.40 -45.42 26.09
N SER F 1264 29.94 -46.52 26.63
CA SER F 1264 29.99 -46.74 28.06
C SER F 1264 30.87 -45.74 28.79
N SER F 1265 31.97 -45.32 28.17
CA SER F 1265 32.87 -44.37 28.84
C SER F 1265 32.19 -43.02 29.03
N LEU F 1266 31.51 -42.51 28.00
CA LEU F 1266 30.83 -41.24 28.15
C LEU F 1266 29.61 -41.40 29.04
N VAL F 1267 29.02 -42.58 29.08
CA VAL F 1267 27.94 -42.85 30.03
C VAL F 1267 28.47 -42.78 31.46
N SER F 1268 29.66 -43.33 31.69
CA SER F 1268 30.25 -43.31 33.02
C SER F 1268 30.60 -41.90 33.46
N VAL F 1269 31.11 -41.09 32.53
CA VAL F 1269 31.52 -39.75 32.93
C VAL F 1269 30.36 -38.74 32.90
N TYR F 1270 29.27 -39.05 32.22
CA TYR F 1270 28.21 -38.07 31.98
C TYR F 1270 26.91 -38.57 32.61
N TYR F 1271 26.17 -37.64 33.23
CA TYR F 1271 25.13 -38.06 34.18
C TYR F 1271 23.90 -38.69 33.52
N PRO F 1272 23.15 -38.00 32.66
CA PRO F 1272 21.82 -38.49 32.30
C PRO F 1272 21.72 -39.36 31.06
N LEU F 1273 22.81 -39.67 30.35
CA LEU F 1273 22.68 -40.45 29.12
C LEU F 1273 22.26 -41.89 29.41
N ALA F 1274 22.65 -42.42 30.57
CA ALA F 1274 22.28 -43.79 30.92
C ALA F 1274 20.77 -43.97 31.04
N ARG F 1275 20.04 -42.89 31.37
CA ARG F 1275 18.59 -43.01 31.53
C ARG F 1275 17.90 -43.37 30.22
N GLU F 1276 18.30 -42.76 29.11
CA GLU F 1276 17.72 -43.15 27.84
C GLU F 1276 18.57 -44.15 27.07
N LEU F 1277 19.68 -44.62 27.63
CA LEU F 1277 20.27 -45.86 27.14
C LEU F 1277 19.76 -47.09 27.90
N PHE F 1278 19.00 -46.87 28.97
CA PHE F 1278 18.59 -47.96 29.87
C PHE F 1278 17.77 -49.02 29.15
N ASN F 1279 16.73 -48.60 28.42
CA ASN F 1279 15.82 -49.56 27.79
C ASN F 1279 16.54 -50.38 26.74
N ALA F 1280 17.35 -49.72 25.91
CA ALA F 1280 18.09 -50.43 24.86
C ALA F 1280 19.08 -51.41 25.46
N SER F 1281 19.79 -50.99 26.51
CA SER F 1281 20.74 -51.90 27.15
C SER F 1281 20.04 -53.09 27.77
N PHE F 1282 18.88 -52.84 28.42
CA PHE F 1282 18.13 -53.93 29.03
C PHE F 1282 17.66 -54.93 28.00
N SER F 1283 17.13 -54.44 26.87
CA SER F 1283 16.70 -55.34 25.81
C SER F 1283 17.89 -56.13 25.25
N SER F 1284 19.00 -55.44 25.00
CA SER F 1284 20.14 -56.09 24.36
C SER F 1284 20.76 -57.16 25.24
N CYS F 1285 20.80 -56.95 26.55
CA CYS F 1285 21.30 -58.01 27.42
C CYS F 1285 20.28 -59.13 27.58
N TRP F 1286 18.99 -58.78 27.70
CA TRP F 1286 17.96 -59.77 27.98
C TRP F 1286 17.76 -60.72 26.81
N VAL F 1287 17.95 -60.26 25.58
CA VAL F 1287 17.72 -61.15 24.44
C VAL F 1287 18.80 -62.20 24.29
N GLU F 1288 19.81 -62.19 25.16
CA GLU F 1288 20.86 -63.20 25.08
C GLU F 1288 21.10 -63.92 26.41
N LEU F 1289 21.06 -63.22 27.53
CA LEU F 1289 21.50 -63.82 28.79
C LEU F 1289 20.54 -64.91 29.26
N GLN F 1290 21.11 -65.93 29.89
CA GLN F 1290 20.45 -67.23 30.05
C GLN F 1290 19.37 -67.19 31.13
N THR F 1291 18.44 -68.15 31.03
CA THR F 1291 17.21 -68.12 31.82
C THR F 1291 17.45 -68.28 33.31
N SER F 1292 18.47 -69.05 33.70
CA SER F 1292 18.78 -69.21 35.12
C SER F 1292 19.17 -67.90 35.76
N TYR F 1293 19.68 -66.95 34.98
CA TYR F 1293 19.97 -65.61 35.45
C TYR F 1293 18.85 -64.63 35.14
N GLN F 1294 18.04 -64.92 34.11
CA GLN F 1294 16.82 -64.17 33.88
C GLN F 1294 15.92 -64.23 35.11
N GLU F 1295 15.63 -65.43 35.61
CA GLU F 1295 14.77 -65.57 36.78
C GLU F 1295 15.41 -64.90 37.99
N ASP F 1296 16.73 -64.88 38.05
CA ASP F 1296 17.42 -64.09 39.08
C ASP F 1296 17.10 -62.61 38.92
N LEU F 1297 17.06 -62.12 37.68
CA LEU F 1297 16.72 -60.72 37.44
C LEU F 1297 15.31 -60.41 37.93
N ILE F 1298 14.33 -61.27 37.61
CA ILE F 1298 12.97 -61.03 38.09
C ILE F 1298 12.90 -61.09 39.61
N GLN F 1299 13.53 -62.09 40.23
CA GLN F 1299 13.41 -62.20 41.68
C GLN F 1299 14.15 -61.09 42.41
N ALA F 1300 15.19 -60.53 41.80
CA ALA F 1300 15.84 -59.36 42.37
C ALA F 1300 14.99 -58.11 42.18
N LEU F 1301 14.44 -57.95 40.98
CA LEU F 1301 13.71 -56.73 40.66
C LEU F 1301 12.39 -56.65 41.42
N CYS F 1302 11.76 -57.79 41.71
CA CYS F 1302 10.54 -57.75 42.50
C CYS F 1302 10.82 -57.29 43.93
N LYS F 1303 11.91 -57.76 44.53
CA LYS F 1303 12.29 -57.27 45.85
C LYS F 1303 12.66 -55.79 45.78
N ALA F 1304 13.31 -55.37 44.70
CA ALA F 1304 13.65 -53.96 44.54
C ALA F 1304 12.39 -53.11 44.46
N LEU F 1305 11.38 -53.57 43.75
CA LEU F 1305 10.14 -52.84 43.60
C LEU F 1305 9.21 -52.95 44.81
N SER F 1306 9.41 -53.94 45.68
CA SER F 1306 8.53 -54.15 46.82
C SER F 1306 9.12 -53.60 48.12
N SER F 1307 10.29 -54.09 48.51
CA SER F 1307 10.84 -53.75 49.81
C SER F 1307 11.56 -52.40 49.76
N SER F 1308 11.77 -51.83 50.96
CA SER F 1308 12.45 -50.55 51.15
C SER F 1308 11.76 -49.45 50.36
N GLU F 1309 10.53 -49.14 50.76
CA GLU F 1309 9.68 -48.26 49.97
C GLU F 1309 10.03 -46.79 50.15
N ASN F 1310 11.30 -46.45 49.98
CA ASN F 1310 11.73 -45.05 49.98
C ASN F 1310 11.53 -44.38 48.61
N PRO F 1311 12.07 -44.88 47.50
CA PRO F 1311 12.04 -44.09 46.27
C PRO F 1311 10.78 -44.35 45.44
N PRO F 1312 10.09 -43.30 45.04
CA PRO F 1312 9.05 -43.47 44.01
C PRO F 1312 9.61 -43.43 42.60
N GLU F 1313 10.74 -42.74 42.42
CA GLU F 1313 11.31 -42.61 41.08
C GLU F 1313 11.84 -43.94 40.57
N ILE F 1314 12.43 -44.76 41.45
CA ILE F 1314 12.88 -46.09 41.05
C ILE F 1314 11.70 -46.95 40.61
N TYR F 1315 10.61 -46.90 41.37
CA TYR F 1315 9.42 -47.66 41.02
C TYR F 1315 8.87 -47.22 39.68
N GLN F 1316 8.81 -45.91 39.46
CA GLN F 1316 8.32 -45.39 38.18
C GLN F 1316 9.23 -45.82 37.04
N MET F 1317 10.55 -45.75 37.24
CA MET F 1317 11.48 -46.11 36.17
C MET F 1317 11.38 -47.58 35.81
N LEU F 1318 11.27 -48.45 36.81
CA LEU F 1318 11.23 -49.88 36.49
C LEU F 1318 9.86 -50.31 35.95
N LEU F 1319 8.77 -49.67 36.40
CA LEU F 1319 7.48 -49.93 35.76
C LEU F 1319 7.48 -49.47 34.31
N ASN F 1320 8.11 -48.31 34.03
CA ASN F 1320 8.24 -47.90 32.63
C ASN F 1320 9.12 -48.84 31.85
N LEU F 1321 10.14 -49.43 32.48
CA LEU F 1321 11.01 -50.37 31.78
C LEU F 1321 10.24 -51.63 31.40
N VAL F 1322 9.50 -52.21 32.35
CA VAL F 1322 8.75 -53.42 32.03
C VAL F 1322 7.61 -53.10 31.06
N GLU F 1323 7.08 -51.89 31.10
CA GLU F 1323 6.09 -51.45 30.12
C GLU F 1323 6.71 -51.43 28.73
N PHE F 1324 7.91 -50.86 28.59
CA PHE F 1324 8.56 -50.78 27.29
C PHE F 1324 8.93 -52.16 26.77
N MET F 1325 9.37 -53.06 27.64
CA MET F 1325 9.66 -54.44 27.23
C MET F 1325 8.41 -55.14 26.74
N GLU F 1326 7.33 -55.07 27.53
CA GLU F 1326 6.07 -55.69 27.14
C GLU F 1326 5.48 -55.06 25.88
N HIS F 1327 5.84 -53.81 25.60
CA HIS F 1327 5.28 -53.13 24.44
C HIS F 1327 5.72 -53.79 23.14
N ASP F 1328 6.97 -54.18 23.05
CA ASP F 1328 7.38 -54.75 21.77
C ASP F 1328 7.93 -56.17 21.85
N ASP F 1329 8.80 -56.47 22.81
CA ASP F 1329 9.64 -57.65 22.71
C ASP F 1329 9.65 -58.44 24.00
N LYS F 1330 9.22 -59.71 23.93
CA LYS F 1330 9.31 -60.76 24.95
C LYS F 1330 9.04 -60.24 26.36
N PRO F 1331 7.78 -59.98 26.69
CA PRO F 1331 7.46 -59.38 28.00
C PRO F 1331 7.93 -60.25 29.16
N LEU F 1332 8.25 -59.57 30.26
CA LEU F 1332 8.84 -60.23 31.42
C LEU F 1332 7.85 -61.23 32.01
N PRO F 1333 8.27 -62.45 32.30
CA PRO F 1333 7.38 -63.46 32.90
C PRO F 1333 7.13 -63.24 34.38
N ILE F 1334 6.82 -62.01 34.75
CA ILE F 1334 6.47 -61.66 36.13
C ILE F 1334 4.97 -61.92 36.29
N PRO F 1335 4.47 -62.16 37.49
CA PRO F 1335 3.03 -62.40 37.65
C PRO F 1335 2.25 -61.10 37.48
N ILE F 1336 1.21 -61.16 36.64
CA ILE F 1336 0.33 -60.01 36.48
C ILE F 1336 -0.41 -59.72 37.77
N HIS F 1337 -0.62 -60.75 38.60
CA HIS F 1337 -1.34 -60.56 39.85
C HIS F 1337 -0.59 -59.62 40.79
N THR F 1338 0.74 -59.77 40.88
CA THR F 1338 1.50 -58.84 41.70
C THR F 1338 1.84 -57.57 40.95
N LEU F 1339 1.94 -57.64 39.61
CA LEU F 1339 2.18 -56.42 38.84
C LEU F 1339 1.04 -55.44 38.98
N GLY F 1340 -0.19 -55.94 39.12
CA GLY F 1340 -1.32 -55.05 39.37
C GLY F 1340 -1.19 -54.31 40.69
N LYS F 1341 -0.73 -55.00 41.73
CA LYS F 1341 -0.57 -54.35 43.03
C LYS F 1341 0.60 -53.38 43.03
N TYR F 1342 1.66 -53.68 42.29
CA TYR F 1342 2.85 -52.81 42.28
C TYR F 1342 2.50 -51.41 41.79
N ALA F 1343 1.63 -51.32 40.78
CA ALA F 1343 1.25 -50.01 40.27
C ALA F 1343 0.43 -49.23 41.30
N GLN F 1344 -0.43 -49.91 42.05
CA GLN F 1344 -1.19 -49.24 43.09
C GLN F 1344 -0.27 -48.72 44.19
N LYS F 1345 0.72 -49.52 44.58
CA LYS F 1345 1.70 -49.04 45.56
C LYS F 1345 2.51 -47.86 45.02
N CYS F 1346 2.86 -47.91 43.73
CA CYS F 1346 3.58 -46.84 43.08
C CYS F 1346 2.71 -45.62 42.82
N HIS F 1347 1.39 -45.74 43.01
CA HIS F 1347 0.42 -44.70 42.65
C HIS F 1347 0.49 -44.37 41.16
N ALA F 1348 0.71 -45.41 40.36
CA ALA F 1348 0.67 -45.30 38.90
C ALA F 1348 -0.66 -45.90 38.44
N PHE F 1349 -1.69 -45.05 38.47
CA PHE F 1349 -3.05 -45.52 38.20
C PHE F 1349 -3.24 -45.90 36.74
N ALA F 1350 -2.52 -45.25 35.83
CA ALA F 1350 -2.57 -45.60 34.42
C ALA F 1350 -2.09 -47.03 34.20
N LYS F 1351 -0.98 -47.40 34.86
CA LYS F 1351 -0.53 -48.77 34.83
C LYS F 1351 -1.53 -49.69 35.53
N ALA F 1352 -2.09 -49.21 36.65
CA ALA F 1352 -2.91 -50.07 37.50
C ALA F 1352 -4.18 -50.52 36.78
N LEU F 1353 -4.85 -49.61 36.07
CA LEU F 1353 -6.09 -49.95 35.39
C LEU F 1353 -5.87 -51.04 34.34
N HIS F 1354 -4.88 -50.83 33.48
CA HIS F 1354 -4.60 -51.79 32.41
C HIS F 1354 -4.12 -53.13 32.97
N TYR F 1355 -3.28 -53.10 33.99
CA TYR F 1355 -2.79 -54.34 34.57
C TYR F 1355 -3.87 -55.07 35.35
N LYS F 1356 -4.92 -54.37 35.79
CA LYS F 1356 -5.98 -55.00 36.55
C LYS F 1356 -7.12 -55.51 35.69
N GLU F 1357 -7.31 -54.96 34.49
CA GLU F 1357 -8.42 -55.42 33.67
C GLU F 1357 -8.30 -56.88 33.26
N VAL F 1358 -7.09 -57.36 33.00
CA VAL F 1358 -6.91 -58.68 32.40
C VAL F 1358 -7.38 -59.78 33.36
N GLU F 1359 -7.18 -59.59 34.66
CA GLU F 1359 -7.65 -60.58 35.62
C GLU F 1359 -9.17 -60.54 35.74
N PHE F 1360 -9.75 -59.34 35.76
CA PHE F 1360 -11.19 -59.22 36.00
C PHE F 1360 -12.00 -59.70 34.81
N LEU F 1361 -11.51 -59.46 33.58
CA LEU F 1361 -12.30 -59.77 32.40
C LEU F 1361 -12.54 -61.27 32.25
N GLU F 1362 -11.55 -62.09 32.61
CA GLU F 1362 -11.74 -63.54 32.51
C GLU F 1362 -12.57 -64.07 33.67
N GLU F 1363 -12.24 -63.66 34.90
CA GLU F 1363 -13.00 -64.12 36.05
C GLU F 1363 -13.00 -63.06 37.17
N PRO F 1364 -14.17 -62.67 37.65
CA PRO F 1364 -14.23 -61.72 38.76
C PRO F 1364 -14.37 -62.38 40.12
N LYS F 1365 -14.05 -61.64 41.18
CA LYS F 1365 -14.35 -62.04 42.54
C LYS F 1365 -14.34 -60.79 43.41
N ASN F 1366 -14.59 -60.99 44.72
CA ASN F 1366 -15.02 -59.91 45.60
C ASN F 1366 -14.00 -58.77 45.66
N SER F 1367 -12.81 -59.06 46.19
CA SER F 1367 -11.83 -57.99 46.39
C SER F 1367 -11.30 -57.46 45.07
N THR F 1368 -11.28 -58.29 44.02
CA THR F 1368 -10.86 -57.81 42.72
C THR F 1368 -11.80 -56.74 42.18
N ILE F 1369 -13.10 -57.02 42.17
CA ILE F 1369 -14.03 -56.02 41.65
C ILE F 1369 -14.13 -54.84 42.59
N GLU F 1370 -13.93 -55.06 43.90
CA GLU F 1370 -13.83 -53.95 44.83
C GLU F 1370 -12.65 -53.03 44.48
N ALA F 1371 -11.51 -53.65 44.16
CA ALA F 1371 -10.32 -52.88 43.80
C ALA F 1371 -10.55 -52.09 42.52
N LEU F 1372 -11.15 -52.71 41.51
CA LEU F 1372 -11.44 -51.99 40.27
C LEU F 1372 -12.40 -50.83 40.50
N ILE F 1373 -13.45 -51.06 41.30
CA ILE F 1373 -14.41 -49.99 41.59
C ILE F 1373 -13.72 -48.83 42.31
N SER F 1374 -12.88 -49.15 43.30
CA SER F 1374 -12.18 -48.09 44.03
C SER F 1374 -11.21 -47.34 43.13
N ILE F 1375 -10.42 -48.07 42.35
CA ILE F 1375 -9.39 -47.48 41.50
C ILE F 1375 -10.02 -46.60 40.42
N ASN F 1376 -11.20 -46.98 39.95
CA ASN F 1376 -11.88 -46.17 38.94
C ASN F 1376 -12.25 -44.79 39.45
N ASN F 1377 -12.34 -44.60 40.77
CA ASN F 1377 -12.58 -43.27 41.32
C ASN F 1377 -11.40 -42.35 41.06
N GLN F 1378 -10.18 -42.83 41.32
CA GLN F 1378 -9.00 -42.02 41.01
C GLN F 1378 -8.81 -41.88 39.51
N LEU F 1379 -9.22 -42.89 38.72
CA LEU F 1379 -9.19 -42.72 37.27
C LEU F 1379 -10.28 -41.78 36.77
N HIS F 1380 -11.29 -41.49 37.60
CA HIS F 1380 -12.37 -40.53 37.36
C HIS F 1380 -13.34 -40.94 36.25
N GLN F 1381 -13.27 -42.18 35.75
CA GLN F 1381 -14.35 -42.66 34.88
C GLN F 1381 -15.44 -43.29 35.75
N THR F 1382 -16.26 -42.41 36.32
CA THR F 1382 -17.43 -42.86 37.07
C THR F 1382 -18.41 -43.61 36.18
N ASP F 1383 -18.45 -43.28 34.89
CA ASP F 1383 -19.29 -44.03 33.97
C ASP F 1383 -18.85 -45.48 33.86
N SER F 1384 -17.54 -45.71 33.74
CA SER F 1384 -17.04 -47.08 33.71
C SER F 1384 -17.16 -47.75 35.07
N ALA F 1385 -17.14 -46.97 36.16
CA ALA F 1385 -17.42 -47.53 37.48
C ALA F 1385 -18.86 -48.05 37.54
N ILE F 1386 -19.80 -47.27 37.01
CA ILE F 1386 -21.19 -47.72 36.94
C ILE F 1386 -21.30 -48.96 36.06
N GLY F 1387 -20.53 -49.00 34.97
CA GLY F 1387 -20.52 -50.20 34.13
C GLY F 1387 -20.01 -51.42 34.86
N ILE F 1388 -18.97 -51.26 35.67
CA ILE F 1388 -18.45 -52.36 36.48
C ILE F 1388 -19.49 -52.80 37.50
N LEU F 1389 -20.22 -51.84 38.07
CA LEU F 1389 -21.31 -52.17 38.96
C LEU F 1389 -22.38 -53.00 38.26
N LYS F 1390 -22.72 -52.62 37.03
CA LYS F 1390 -23.71 -53.38 36.27
C LYS F 1390 -23.21 -54.78 35.94
N HIS F 1391 -21.92 -54.91 35.64
CA HIS F 1391 -21.37 -56.23 35.37
C HIS F 1391 -21.43 -57.11 36.60
N ALA F 1392 -21.06 -56.57 37.76
CA ALA F 1392 -21.16 -57.33 39.01
C ALA F 1392 -22.61 -57.62 39.36
N GLN F 1393 -23.54 -56.78 38.90
CA GLN F 1393 -24.95 -56.98 39.20
C GLN F 1393 -25.55 -58.11 38.37
N GLN F 1394 -25.49 -57.99 37.04
CA GLN F 1394 -26.14 -58.94 36.15
C GLN F 1394 -25.15 -59.87 35.44
N HIS F 1395 -24.01 -60.15 36.06
CA HIS F 1395 -23.12 -61.17 35.52
C HIS F 1395 -22.74 -62.17 36.60
N ASN F 1396 -22.75 -61.71 37.86
CA ASN F 1396 -22.46 -62.56 39.00
C ASN F 1396 -23.67 -62.80 39.89
N GLU F 1397 -24.39 -61.73 40.22
CA GLU F 1397 -25.60 -61.69 41.06
C GLU F 1397 -25.53 -62.59 42.28
N LEU F 1398 -24.34 -62.73 42.87
CA LEU F 1398 -24.16 -63.57 44.04
C LEU F 1398 -23.30 -62.94 45.13
N GLN F 1399 -22.57 -61.86 44.85
CA GLN F 1399 -21.59 -61.29 45.77
C GLN F 1399 -21.77 -59.79 45.89
N LEU F 1400 -23.01 -59.36 46.07
CA LEU F 1400 -23.30 -57.93 46.17
C LEU F 1400 -22.73 -57.35 47.46
N LYS F 1401 -22.07 -56.20 47.35
CA LYS F 1401 -21.49 -55.50 48.49
C LYS F 1401 -22.08 -54.11 48.57
N GLU F 1402 -22.51 -53.72 49.76
CA GLU F 1402 -23.13 -52.42 49.98
C GLU F 1402 -22.11 -51.29 50.08
N THR F 1403 -20.83 -51.63 50.22
CA THR F 1403 -19.78 -50.62 50.13
C THR F 1403 -19.76 -49.97 48.76
N TRP F 1404 -20.16 -50.70 47.71
CA TRP F 1404 -20.28 -50.11 46.38
C TRP F 1404 -21.30 -48.97 46.39
N TYR F 1405 -22.46 -49.21 46.99
CA TYR F 1405 -23.46 -48.16 47.10
C TYR F 1405 -22.95 -47.00 47.94
N GLU F 1406 -22.30 -47.32 49.05
CA GLU F 1406 -21.78 -46.27 49.94
C GLU F 1406 -20.71 -45.42 49.27
N LYS F 1407 -19.96 -45.99 48.33
CA LYS F 1407 -18.88 -45.26 47.68
C LYS F 1407 -19.24 -44.70 46.31
N LEU F 1408 -20.39 -45.10 45.74
CA LEU F 1408 -20.80 -44.59 44.44
C LEU F 1408 -22.24 -44.11 44.44
N GLN F 1409 -22.74 -43.67 45.60
CA GLN F 1409 -23.97 -42.88 45.72
C GLN F 1409 -25.19 -43.63 45.19
N ARG F 1410 -25.50 -44.72 45.88
CA ARG F 1410 -26.74 -45.46 45.65
C ARG F 1410 -27.53 -45.42 46.95
N TRP F 1411 -27.69 -44.19 47.48
CA TRP F 1411 -28.15 -43.97 48.84
C TRP F 1411 -29.51 -44.61 49.11
N GLU F 1412 -30.43 -44.54 48.13
CA GLU F 1412 -31.74 -45.15 48.33
C GLU F 1412 -31.64 -46.67 48.44
N ASP F 1413 -30.78 -47.28 47.62
CA ASP F 1413 -30.57 -48.73 47.72
C ASP F 1413 -29.94 -49.12 49.03
N ALA F 1414 -28.97 -48.33 49.49
CA ALA F 1414 -28.33 -48.61 50.78
C ALA F 1414 -29.35 -48.47 51.93
N LEU F 1415 -30.18 -47.43 51.88
CA LEU F 1415 -31.20 -47.23 52.90
C LEU F 1415 -32.20 -48.38 52.91
N ALA F 1416 -32.59 -48.86 51.72
CA ALA F 1416 -33.48 -50.01 51.66
C ALA F 1416 -32.81 -51.26 52.24
N ALA F 1417 -31.54 -51.48 51.89
CA ALA F 1417 -30.88 -52.73 52.27
C ALA F 1417 -30.60 -52.78 53.76
N TYR F 1418 -30.24 -51.64 54.36
CA TYR F 1418 -29.94 -51.60 55.80
C TYR F 1418 -31.14 -51.97 56.65
N ASN F 1419 -32.35 -51.63 56.21
CA ASN F 1419 -33.54 -51.96 56.99
C ASN F 1419 -33.70 -53.47 57.15
N GLU F 1420 -33.67 -54.21 56.04
CA GLU F 1420 -33.76 -55.66 56.12
C GLU F 1420 -32.52 -56.26 56.75
N LYS F 1421 -31.35 -55.62 56.58
CA LYS F 1421 -30.13 -56.14 57.21
C LYS F 1421 -30.25 -56.11 58.73
N GLU F 1422 -30.76 -55.00 59.28
CA GLU F 1422 -30.95 -54.93 60.73
C GLU F 1422 -32.11 -55.80 61.18
N ALA F 1423 -33.15 -55.91 60.35
CA ALA F 1423 -34.31 -56.71 60.72
C ALA F 1423 -33.97 -58.20 60.81
N ALA F 1424 -33.18 -58.70 59.86
CA ALA F 1424 -32.88 -60.14 59.77
C ALA F 1424 -31.56 -60.51 60.43
N GLY F 1425 -30.47 -59.88 60.00
CA GLY F 1425 -29.16 -60.23 60.49
C GLY F 1425 -28.92 -59.73 61.91
N GLU F 1426 -27.75 -60.09 62.42
CA GLU F 1426 -27.37 -59.76 63.79
C GLU F 1426 -27.02 -58.27 63.90
N ASP F 1427 -26.60 -57.86 65.09
CA ASP F 1427 -26.26 -56.46 65.37
C ASP F 1427 -24.76 -56.28 65.30
N SER F 1428 -24.30 -55.42 64.40
CA SER F 1428 -22.88 -55.13 64.25
C SER F 1428 -22.71 -53.62 64.17
N VAL F 1429 -21.67 -53.12 64.85
CA VAL F 1429 -21.49 -51.67 65.01
C VAL F 1429 -21.26 -50.97 63.68
N GLU F 1430 -20.76 -51.68 62.67
CA GLU F 1430 -20.50 -51.03 61.38
C GLU F 1430 -21.79 -50.68 60.65
N VAL F 1431 -22.84 -51.50 60.77
CA VAL F 1431 -24.02 -51.25 59.97
C VAL F 1431 -24.78 -50.03 60.47
N MET F 1432 -24.75 -49.76 61.78
CA MET F 1432 -25.42 -48.55 62.26
C MET F 1432 -24.72 -47.29 61.77
N MET F 1433 -23.38 -47.26 61.78
CA MET F 1433 -22.71 -46.07 61.29
C MET F 1433 -22.83 -45.96 59.77
N GLY F 1434 -22.90 -47.09 59.06
CA GLY F 1434 -23.18 -47.04 57.64
C GLY F 1434 -24.54 -46.45 57.35
N LYS F 1435 -25.55 -46.86 58.12
CA LYS F 1435 -26.88 -46.28 57.99
C LYS F 1435 -26.86 -44.79 58.33
N LEU F 1436 -26.10 -44.43 59.36
CA LEU F 1436 -26.00 -43.04 59.77
C LEU F 1436 -25.43 -42.18 58.65
N ARG F 1437 -24.32 -42.59 58.05
CA ARG F 1437 -23.76 -41.80 56.96
C ARG F 1437 -24.64 -41.83 55.72
N SER F 1438 -25.31 -42.96 55.44
CA SER F 1438 -26.15 -43.06 54.26
C SER F 1438 -27.33 -42.11 54.34
N LEU F 1439 -28.10 -42.16 55.43
CA LEU F 1439 -29.23 -41.25 55.56
C LEU F 1439 -28.84 -39.92 56.18
N TYR F 1440 -27.55 -39.68 56.38
CA TYR F 1440 -27.02 -38.32 56.49
C TYR F 1440 -26.87 -37.71 55.11
N ALA F 1441 -26.18 -38.41 54.20
CA ALA F 1441 -26.02 -37.93 52.83
C ALA F 1441 -27.32 -37.93 52.05
N LEU F 1442 -28.34 -38.64 52.53
CA LEU F 1442 -29.64 -38.63 51.88
C LEU F 1442 -30.26 -37.24 51.85
N GLY F 1443 -29.97 -36.42 52.87
CA GLY F 1443 -30.47 -35.07 52.91
C GLY F 1443 -31.57 -34.80 53.92
N GLU F 1444 -31.68 -35.63 54.96
CA GLU F 1444 -32.64 -35.44 56.03
C GLU F 1444 -31.93 -35.63 57.37
N TRP F 1445 -32.47 -34.98 58.41
CA TRP F 1445 -31.80 -34.90 59.70
C TRP F 1445 -32.67 -35.30 60.90
N GLU F 1446 -34.00 -35.21 60.79
CA GLU F 1446 -34.85 -35.63 61.91
C GLU F 1446 -34.72 -37.12 62.18
N GLU F 1447 -34.64 -37.93 61.11
CA GLU F 1447 -34.45 -39.36 61.32
C GLU F 1447 -33.02 -39.68 61.72
N LEU F 1448 -32.05 -38.84 61.35
CA LEU F 1448 -30.72 -38.92 61.98
C LEU F 1448 -30.81 -38.76 63.49
N SER F 1449 -31.59 -37.78 63.95
CA SER F 1449 -31.75 -37.59 65.39
C SER F 1449 -32.43 -38.80 66.02
N LYS F 1450 -33.54 -39.25 65.43
CA LYS F 1450 -34.28 -40.38 65.99
C LYS F 1450 -33.55 -41.70 65.88
N LEU F 1451 -32.51 -41.78 65.05
CA LEU F 1451 -31.72 -43.01 64.93
C LEU F 1451 -30.47 -42.98 65.82
N ALA F 1452 -29.77 -41.86 65.87
CA ALA F 1452 -28.63 -41.72 66.77
C ALA F 1452 -29.06 -41.51 68.21
N SER F 1453 -30.37 -41.37 68.47
CA SER F 1453 -30.88 -41.14 69.82
C SER F 1453 -30.80 -42.37 70.71
N GLU F 1454 -30.33 -43.52 70.22
CA GLU F 1454 -30.33 -44.72 71.03
C GLU F 1454 -29.01 -45.45 70.99
N LYS F 1455 -27.89 -44.73 70.85
CA LYS F 1455 -26.58 -45.35 70.81
C LYS F 1455 -25.66 -44.73 71.86
N TRP F 1456 -25.79 -45.18 73.09
CA TRP F 1456 -24.73 -44.92 74.06
C TRP F 1456 -24.35 -46.12 74.91
N GLY F 1457 -25.27 -47.07 75.12
CA GLY F 1457 -25.11 -48.11 76.11
C GLY F 1457 -23.88 -48.99 75.91
N THR F 1458 -23.84 -49.75 74.82
CA THR F 1458 -22.66 -50.55 74.51
C THR F 1458 -21.65 -49.76 73.68
N ALA F 1459 -21.80 -48.45 73.58
CA ALA F 1459 -20.95 -47.60 72.74
C ALA F 1459 -19.59 -47.44 73.43
N LYS F 1460 -18.67 -48.33 73.08
CA LYS F 1460 -17.30 -48.26 73.56
C LYS F 1460 -16.59 -47.05 72.95
N PRO F 1461 -15.55 -46.52 73.63
CA PRO F 1461 -15.02 -45.19 73.25
C PRO F 1461 -14.53 -45.05 71.82
N GLU F 1462 -13.93 -46.08 71.23
CA GLU F 1462 -13.46 -45.92 69.85
C GLU F 1462 -14.62 -45.85 68.85
N VAL F 1463 -15.69 -46.60 69.10
CA VAL F 1463 -16.87 -46.46 68.26
C VAL F 1463 -17.56 -45.12 68.53
N LYS F 1464 -17.49 -44.64 69.77
CA LYS F 1464 -18.03 -43.33 70.11
C LYS F 1464 -17.34 -42.24 69.30
N LYS F 1465 -16.00 -42.22 69.32
CA LYS F 1465 -15.26 -41.24 68.53
C LYS F 1465 -15.39 -41.53 67.03
N ALA F 1466 -15.78 -42.75 66.66
CA ALA F 1466 -16.07 -43.02 65.26
C ALA F 1466 -17.31 -42.28 64.79
N MET F 1467 -18.45 -42.43 65.49
CA MET F 1467 -19.62 -41.77 64.94
C MET F 1467 -19.77 -40.32 65.40
N ALA F 1468 -18.90 -39.85 66.31
CA ALA F 1468 -19.00 -38.49 66.82
C ALA F 1468 -19.06 -37.39 65.76
N PRO F 1469 -18.21 -37.37 64.71
CA PRO F 1469 -18.35 -36.28 63.72
C PRO F 1469 -19.65 -36.34 62.96
N LEU F 1470 -20.13 -37.55 62.63
CA LEU F 1470 -21.41 -37.67 61.94
C LEU F 1470 -22.55 -37.16 62.81
N ALA F 1471 -22.51 -37.48 64.11
CA ALA F 1471 -23.53 -36.99 65.03
C ALA F 1471 -23.47 -35.47 65.15
N ALA F 1472 -22.27 -34.89 65.20
CA ALA F 1472 -22.15 -33.44 65.27
C ALA F 1472 -22.70 -32.77 64.02
N GLY F 1473 -22.38 -33.31 62.85
CA GLY F 1473 -22.93 -32.76 61.61
C GLY F 1473 -24.43 -32.89 61.54
N ALA F 1474 -24.96 -34.03 62.01
CA ALA F 1474 -26.40 -34.22 62.06
C ALA F 1474 -27.05 -33.19 62.97
N ALA F 1475 -26.46 -32.95 64.14
CA ALA F 1475 -27.02 -31.99 65.09
C ALA F 1475 -27.01 -30.59 64.52
N TRP F 1476 -25.93 -30.20 63.84
CA TRP F 1476 -25.90 -28.90 63.18
C TRP F 1476 -26.97 -28.81 62.11
N GLY F 1477 -27.14 -29.88 61.32
CA GLY F 1477 -28.15 -29.87 60.28
C GLY F 1477 -29.56 -29.73 60.82
N LEU F 1478 -29.84 -30.36 61.96
CA LEU F 1478 -31.15 -30.20 62.59
C LEU F 1478 -31.24 -28.96 63.47
N GLU F 1479 -30.15 -28.21 63.60
CA GLU F 1479 -30.15 -26.84 64.13
C GLU F 1479 -30.52 -26.79 65.62
N GLN F 1480 -29.85 -27.63 66.42
CA GLN F 1480 -29.70 -27.43 67.85
C GLN F 1480 -28.24 -27.64 68.23
N TRP F 1481 -27.73 -26.78 69.11
CA TRP F 1481 -26.30 -26.59 69.25
C TRP F 1481 -25.73 -27.09 70.57
N ASP F 1482 -26.56 -27.27 71.60
CA ASP F 1482 -26.03 -27.69 72.90
C ASP F 1482 -25.43 -29.10 72.84
N GLU F 1483 -26.09 -30.03 72.13
CA GLU F 1483 -25.56 -31.39 72.04
C GLU F 1483 -24.31 -31.44 71.16
N ILE F 1484 -24.08 -30.43 70.33
CA ILE F 1484 -22.84 -30.35 69.56
C ILE F 1484 -21.66 -30.21 70.50
N ALA F 1485 -21.85 -29.54 71.64
CA ALA F 1485 -20.78 -29.44 72.63
C ALA F 1485 -20.40 -30.81 73.17
N GLN F 1486 -21.39 -31.65 73.47
CA GLN F 1486 -21.10 -33.01 73.93
C GLN F 1486 -20.45 -33.85 72.84
N TYR F 1487 -20.92 -33.70 71.60
CA TYR F 1487 -20.32 -34.45 70.50
C TYR F 1487 -18.87 -34.05 70.25
N THR F 1488 -18.56 -32.76 70.37
CA THR F 1488 -17.18 -32.32 70.23
C THR F 1488 -16.36 -32.69 71.46
N SER F 1489 -16.99 -32.80 72.63
CA SER F 1489 -16.28 -33.29 73.81
C SER F 1489 -15.86 -34.74 73.63
N VAL F 1490 -16.74 -35.57 73.07
CA VAL F 1490 -16.38 -36.96 72.79
C VAL F 1490 -15.64 -37.10 71.46
N MET F 1491 -15.45 -36.01 70.73
CA MET F 1491 -14.72 -36.04 69.47
C MET F 1491 -13.23 -36.27 69.74
N LYS F 1492 -12.54 -36.79 68.73
CA LYS F 1492 -11.11 -37.11 68.82
C LYS F 1492 -10.30 -35.83 69.04
N SER F 1493 -9.00 -36.03 69.31
CA SER F 1493 -8.14 -34.91 69.69
C SER F 1493 -7.79 -34.03 68.48
N GLN F 1494 -7.56 -34.64 67.32
CA GLN F 1494 -7.01 -33.92 66.17
C GLN F 1494 -7.72 -34.37 64.90
N SER F 1495 -8.57 -33.50 64.35
CA SER F 1495 -9.24 -33.80 63.08
C SER F 1495 -9.77 -32.54 62.41
N PRO F 1496 -9.53 -32.37 61.11
CA PRO F 1496 -10.05 -31.17 60.41
C PRO F 1496 -11.55 -31.02 60.53
N ASP F 1497 -12.27 -32.12 60.66
CA ASP F 1497 -13.69 -32.06 60.98
C ASP F 1497 -13.92 -31.39 62.33
N LYS F 1498 -13.07 -31.67 63.33
CA LYS F 1498 -13.30 -31.05 64.63
C LYS F 1498 -12.92 -29.58 64.60
N GLU F 1499 -11.89 -29.20 63.81
CA GLU F 1499 -11.65 -27.76 63.66
C GLU F 1499 -12.82 -27.07 62.98
N PHE F 1500 -13.39 -27.68 61.94
CA PHE F 1500 -14.50 -27.06 61.22
C PHE F 1500 -15.73 -26.92 62.12
N TYR F 1501 -16.10 -28.00 62.81
CA TYR F 1501 -17.28 -27.96 63.68
C TYR F 1501 -17.06 -27.07 64.91
N ASP F 1502 -15.85 -27.06 65.46
CA ASP F 1502 -15.58 -26.24 66.63
C ASP F 1502 -15.58 -24.77 66.26
N ALA F 1503 -15.04 -24.43 65.08
CA ALA F 1503 -15.16 -23.06 64.59
C ALA F 1503 -16.61 -22.67 64.36
N ILE F 1504 -17.42 -23.61 63.86
CA ILE F 1504 -18.84 -23.36 63.66
C ILE F 1504 -19.52 -23.02 64.99
N LEU F 1505 -19.27 -23.84 66.02
CA LEU F 1505 -19.95 -23.60 67.29
C LEU F 1505 -19.41 -22.36 67.98
N CYS F 1506 -18.12 -22.06 67.81
CA CYS F 1506 -17.57 -20.83 68.34
C CYS F 1506 -18.19 -19.61 67.67
N LEU F 1507 -18.42 -19.68 66.37
CA LEU F 1507 -19.11 -18.59 65.68
C LEU F 1507 -20.55 -18.47 66.15
N HIS F 1508 -21.20 -19.60 66.42
CA HIS F 1508 -22.58 -19.57 66.90
C HIS F 1508 -22.66 -18.92 68.29
N ARG F 1509 -21.76 -19.30 69.19
CA ARG F 1509 -21.73 -18.72 70.53
C ARG F 1509 -20.89 -17.46 70.61
N ASN F 1510 -20.50 -16.91 69.46
CA ASN F 1510 -19.91 -15.58 69.27
C ASN F 1510 -18.87 -15.20 70.31
N ASN F 1511 -17.91 -16.10 70.49
CA ASN F 1511 -16.67 -15.78 71.21
C ASN F 1511 -15.55 -15.69 70.19
N PHE F 1512 -14.87 -14.54 70.16
CA PHE F 1512 -13.92 -14.23 69.09
C PHE F 1512 -12.51 -14.03 69.64
N LYS F 1513 -12.13 -14.81 70.64
CA LYS F 1513 -10.79 -14.74 71.21
C LYS F 1513 -9.94 -15.94 70.81
N LYS F 1514 -10.40 -17.15 71.12
CA LYS F 1514 -9.66 -18.36 70.77
C LYS F 1514 -10.12 -18.96 69.45
N ALA F 1515 -11.17 -18.41 68.84
CA ALA F 1515 -11.57 -18.83 67.50
C ALA F 1515 -10.45 -18.57 66.50
N GLU F 1516 -9.77 -17.43 66.63
CA GLU F 1516 -8.66 -17.13 65.75
C GLU F 1516 -7.52 -18.12 65.92
N VAL F 1517 -7.22 -18.51 67.16
CA VAL F 1517 -6.19 -19.50 67.41
C VAL F 1517 -6.58 -20.85 66.81
N HIS F 1518 -7.84 -21.24 66.97
CA HIS F 1518 -8.29 -22.53 66.47
C HIS F 1518 -8.27 -22.58 64.95
N ILE F 1519 -8.67 -21.50 64.29
CA ILE F 1519 -8.62 -21.49 62.84
C ILE F 1519 -7.18 -21.34 62.34
N PHE F 1520 -6.29 -20.72 63.13
CA PHE F 1520 -4.88 -20.77 62.79
C PHE F 1520 -4.35 -22.20 62.84
N ASN F 1521 -4.80 -22.98 63.83
CA ASN F 1521 -4.47 -24.40 63.87
C ASN F 1521 -5.02 -25.12 62.65
N ALA F 1522 -6.21 -24.72 62.21
CA ALA F 1522 -6.81 -25.33 61.02
C ALA F 1522 -5.95 -25.07 59.77
N ARG F 1523 -5.52 -23.82 59.60
CA ARG F 1523 -4.60 -23.51 58.50
C ARG F 1523 -3.28 -24.27 58.62
N ASP F 1524 -2.73 -24.36 59.83
CA ASP F 1524 -1.46 -25.07 60.03
C ASP F 1524 -1.62 -26.56 59.72
N LEU F 1525 -2.81 -27.11 59.95
CA LEU F 1525 -3.06 -28.49 59.55
C LEU F 1525 -3.16 -28.61 58.02
N LEU F 1526 -3.92 -27.71 57.39
CA LEU F 1526 -4.20 -27.89 55.97
C LEU F 1526 -3.02 -27.56 55.07
N VAL F 1527 -2.06 -26.75 55.56
CA VAL F 1527 -0.98 -26.30 54.69
C VAL F 1527 -0.09 -27.47 54.28
N THR F 1528 0.10 -28.46 55.18
CA THR F 1528 1.03 -29.53 54.88
C THR F 1528 0.52 -30.43 53.75
N GLU F 1529 -0.78 -30.76 53.73
CA GLU F 1529 -1.22 -31.57 52.61
C GLU F 1529 -1.56 -30.72 51.39
N LEU F 1530 -1.75 -29.40 51.54
CA LEU F 1530 -1.68 -28.57 50.35
C LEU F 1530 -0.32 -28.69 49.67
N SER F 1531 0.75 -28.65 50.47
CA SER F 1531 2.09 -28.82 49.92
C SER F 1531 2.27 -30.23 49.34
N ALA F 1532 1.71 -31.23 50.00
CA ALA F 1532 1.91 -32.61 49.55
C ALA F 1532 1.16 -32.89 48.26
N LEU F 1533 -0.12 -32.49 48.17
CA LEU F 1533 -1.00 -32.90 47.09
C LEU F 1533 -1.14 -31.83 46.01
N VAL F 1534 -0.08 -31.09 45.71
CA VAL F 1534 -0.16 -30.03 44.72
C VAL F 1534 0.41 -30.45 43.35
N ASN F 1535 1.28 -31.45 43.32
CA ASN F 1535 1.92 -31.83 42.06
C ASN F 1535 1.11 -32.84 41.25
N GLU F 1536 -0.08 -33.22 41.70
CA GLU F 1536 -0.96 -34.09 40.93
C GLU F 1536 -1.88 -33.23 40.05
N SER F 1537 -2.89 -33.86 39.47
CA SER F 1537 -3.80 -33.15 38.59
C SER F 1537 -4.76 -32.26 39.37
N TYR F 1538 -5.26 -31.22 38.70
CA TYR F 1538 -6.19 -30.30 39.32
C TYR F 1538 -7.52 -30.98 39.62
N ASN F 1539 -7.94 -31.91 38.75
CA ASN F 1539 -9.17 -32.66 39.01
C ASN F 1539 -9.03 -33.49 40.28
N ARG F 1540 -7.86 -34.07 40.51
CA ARG F 1540 -7.61 -34.80 41.75
C ARG F 1540 -7.55 -33.84 42.94
N ALA F 1541 -6.95 -32.67 42.76
CA ALA F 1541 -6.75 -31.74 43.86
C ALA F 1541 -7.93 -30.79 44.09
N TYR F 1542 -9.02 -30.96 43.34
CA TYR F 1542 -10.17 -30.08 43.50
C TYR F 1542 -10.76 -30.17 44.89
N ASN F 1543 -10.82 -31.37 45.48
CA ASN F 1543 -11.38 -31.48 46.82
C ASN F 1543 -10.56 -30.72 47.85
N VAL F 1544 -9.23 -30.79 47.74
CA VAL F 1544 -8.37 -30.05 48.66
C VAL F 1544 -8.51 -28.56 48.43
N VAL F 1545 -8.57 -28.13 47.17
CA VAL F 1545 -8.64 -26.69 46.93
C VAL F 1545 -10.01 -26.15 47.32
N VAL F 1546 -11.06 -26.97 47.26
CA VAL F 1546 -12.37 -26.44 47.63
C VAL F 1546 -12.54 -26.46 49.14
N ARG F 1547 -11.92 -27.40 49.86
CA ARG F 1547 -11.97 -27.28 51.32
C ARG F 1547 -11.13 -26.09 51.78
N ALA F 1548 -10.00 -25.83 51.11
CA ALA F 1548 -9.24 -24.62 51.40
C ALA F 1548 -10.03 -23.36 51.03
N GLN F 1549 -10.90 -23.44 50.03
CA GLN F 1549 -11.74 -22.31 49.69
C GLN F 1549 -12.82 -22.08 50.75
N ILE F 1550 -13.50 -23.16 51.16
CA ILE F 1550 -14.59 -23.01 52.11
C ILE F 1550 -14.08 -22.69 53.50
N ILE F 1551 -12.82 -22.98 53.80
CA ILE F 1551 -12.25 -22.56 55.07
C ILE F 1551 -11.88 -21.08 55.08
N ALA F 1552 -12.01 -20.40 53.95
CA ALA F 1552 -11.49 -19.05 53.80
C ALA F 1552 -12.53 -17.95 54.04
N GLU F 1553 -13.83 -18.25 53.91
CA GLU F 1553 -14.80 -17.18 54.18
C GLU F 1553 -14.98 -16.96 55.67
N LEU F 1554 -14.67 -17.95 56.50
CA LEU F 1554 -15.10 -17.92 57.89
C LEU F 1554 -14.39 -16.83 58.71
N GLU F 1555 -13.10 -16.55 58.43
CA GLU F 1555 -12.43 -15.52 59.22
C GLU F 1555 -12.96 -14.12 58.87
N GLU F 1556 -13.32 -13.88 57.61
CA GLU F 1556 -13.96 -12.63 57.27
C GLU F 1556 -15.46 -12.59 57.63
N ILE F 1557 -16.10 -13.74 57.83
CA ILE F 1557 -17.40 -13.73 58.51
C ILE F 1557 -17.22 -13.33 59.97
N ILE F 1558 -16.13 -13.74 60.59
CA ILE F 1558 -15.80 -13.22 61.92
C ILE F 1558 -15.56 -11.72 61.87
N LYS F 1559 -14.87 -11.26 60.82
CA LYS F 1559 -14.64 -9.83 60.62
C LYS F 1559 -15.95 -9.06 60.41
N TYR F 1560 -16.97 -9.72 59.87
CA TYR F 1560 -18.30 -9.16 59.63
C TYR F 1560 -18.99 -8.63 60.89
N LYS F 1561 -18.45 -8.91 62.09
CA LYS F 1561 -19.10 -8.48 63.32
C LYS F 1561 -18.89 -7.00 63.63
N LYS F 1562 -18.48 -6.21 62.64
CA LYS F 1562 -18.23 -4.78 62.83
C LYS F 1562 -19.45 -4.06 63.38
N LEU F 1563 -19.24 -3.31 64.46
CA LEU F 1563 -20.27 -2.76 65.36
C LEU F 1563 -21.01 -1.50 64.89
N PRO F 1564 -20.31 -0.39 64.56
CA PRO F 1564 -20.96 0.94 64.69
C PRO F 1564 -22.20 1.16 63.83
N GLN F 1565 -22.27 0.58 62.64
CA GLN F 1565 -23.45 0.86 61.83
C GLN F 1565 -24.15 -0.38 61.29
N ASN F 1566 -23.40 -1.43 60.95
CA ASN F 1566 -23.92 -2.68 60.36
C ASN F 1566 -24.67 -2.43 59.04
N SER F 1567 -24.49 -1.26 58.42
CA SER F 1567 -25.32 -0.92 57.27
C SER F 1567 -24.54 -0.15 56.20
N ASP F 1568 -23.24 -0.42 56.03
CA ASP F 1568 -22.48 0.39 55.08
C ASP F 1568 -21.91 -0.39 53.90
N LYS F 1569 -21.33 -1.57 54.12
CA LYS F 1569 -20.71 -2.31 53.04
C LYS F 1569 -21.53 -3.52 52.61
N ARG F 1570 -22.85 -3.45 52.78
CA ARG F 1570 -23.70 -4.48 52.19
C ARG F 1570 -23.78 -4.36 50.68
N LEU F 1571 -23.25 -3.27 50.11
CA LEU F 1571 -23.17 -3.06 48.67
C LEU F 1571 -22.01 -3.83 48.04
N THR F 1572 -21.20 -4.51 48.83
CA THR F 1572 -20.01 -5.18 48.28
C THR F 1572 -19.77 -6.56 48.87
N MET F 1573 -20.76 -7.19 49.49
CA MET F 1573 -20.45 -8.51 50.05
C MET F 1573 -21.34 -9.63 49.53
N ARG F 1574 -22.65 -9.38 49.31
CA ARG F 1574 -23.42 -10.47 48.74
C ARG F 1574 -23.08 -10.65 47.28
N GLU F 1575 -22.58 -9.60 46.63
CA GLU F 1575 -22.04 -9.74 45.29
C GLU F 1575 -20.83 -10.67 45.28
N THR F 1576 -19.96 -10.55 46.29
CA THR F 1576 -18.84 -11.47 46.40
C THR F 1576 -19.30 -12.89 46.67
N TRP F 1577 -20.29 -13.04 47.56
CA TRP F 1577 -20.83 -14.38 47.83
C TRP F 1577 -21.36 -15.02 46.56
N ASN F 1578 -22.19 -14.28 45.83
CA ASN F 1578 -22.81 -14.79 44.61
C ASN F 1578 -21.76 -15.08 43.54
N THR F 1579 -20.75 -14.21 43.42
CA THR F 1579 -19.73 -14.40 42.41
C THR F 1579 -18.90 -15.65 42.69
N ARG F 1580 -18.47 -15.84 43.94
CA ARG F 1580 -17.73 -17.05 44.27
C ARG F 1580 -18.60 -18.30 44.13
N LEU F 1581 -19.86 -18.21 44.55
CA LEU F 1581 -20.75 -19.36 44.49
C LEU F 1581 -21.00 -19.77 43.04
N LEU F 1582 -21.23 -18.80 42.16
CA LEU F 1582 -21.48 -19.12 40.76
C LEU F 1582 -20.19 -19.51 40.04
N GLY F 1583 -19.04 -19.01 40.49
CA GLY F 1583 -17.79 -19.49 39.95
C GLY F 1583 -17.54 -20.94 40.29
N CYS F 1584 -17.94 -21.36 41.48
CA CYS F 1584 -17.99 -22.78 41.79
C CYS F 1584 -18.97 -23.47 40.86
N GLN F 1585 -18.59 -24.64 40.38
CA GLN F 1585 -19.42 -25.35 39.40
C GLN F 1585 -20.68 -25.91 40.06
N LYS F 1586 -21.66 -26.23 39.22
CA LYS F 1586 -22.97 -26.64 39.70
C LYS F 1586 -22.92 -28.05 40.26
N ASN F 1587 -22.48 -28.19 41.50
CA ASN F 1587 -22.51 -29.48 42.19
C ASN F 1587 -23.24 -29.36 43.53
N ILE F 1588 -24.24 -30.23 43.70
CA ILE F 1588 -25.27 -30.01 44.70
C ILE F 1588 -24.69 -30.12 46.10
N ASP F 1589 -23.78 -31.07 46.32
CA ASP F 1589 -23.32 -31.38 47.67
C ASP F 1589 -22.59 -30.21 48.32
N VAL F 1590 -21.46 -29.79 47.74
CA VAL F 1590 -20.75 -28.67 48.36
C VAL F 1590 -21.46 -27.37 48.08
N TRP F 1591 -22.32 -27.30 47.06
CA TRP F 1591 -23.13 -26.11 46.85
C TRP F 1591 -24.03 -25.86 48.06
N GLN F 1592 -24.77 -26.89 48.49
CA GLN F 1592 -25.61 -26.73 49.67
C GLN F 1592 -24.79 -26.66 50.95
N ARG F 1593 -23.59 -27.25 50.95
CA ARG F 1593 -22.71 -27.11 52.12
C ARG F 1593 -22.36 -25.64 52.37
N ILE F 1594 -21.89 -24.96 51.32
CA ILE F 1594 -21.57 -23.54 51.49
C ILE F 1594 -22.85 -22.71 51.62
N LEU F 1595 -23.97 -23.21 51.10
CA LEU F 1595 -25.24 -22.54 51.34
C LEU F 1595 -25.60 -22.54 52.83
N ARG F 1596 -25.42 -23.68 53.50
CA ARG F 1596 -25.69 -23.74 54.93
C ARG F 1596 -24.69 -22.90 55.72
N VAL F 1597 -23.43 -22.88 55.28
CA VAL F 1597 -22.44 -22.01 55.91
C VAL F 1597 -22.85 -20.55 55.78
N ARG F 1598 -23.34 -20.16 54.60
CA ARG F 1598 -23.91 -18.83 54.39
C ARG F 1598 -25.05 -18.56 55.35
N SER F 1599 -26.04 -19.44 55.37
CA SER F 1599 -27.25 -19.23 56.16
C SER F 1599 -26.99 -19.27 57.66
N LEU F 1600 -25.84 -19.79 58.09
CA LEU F 1600 -25.50 -19.75 59.50
C LEU F 1600 -25.34 -18.31 59.99
N VAL F 1601 -24.99 -17.39 59.10
CA VAL F 1601 -24.84 -15.99 59.47
C VAL F 1601 -25.88 -15.09 58.81
N ILE F 1602 -26.31 -15.38 57.57
CA ILE F 1602 -27.23 -14.50 56.87
C ILE F 1602 -28.62 -15.12 56.95
N LYS F 1603 -29.65 -14.26 56.87
CA LYS F 1603 -31.04 -14.61 57.12
C LYS F 1603 -31.70 -14.97 55.78
N PRO F 1604 -32.15 -16.22 55.59
CA PRO F 1604 -32.52 -16.67 54.23
C PRO F 1604 -33.68 -15.92 53.57
N LYS F 1605 -34.63 -15.36 54.33
CA LYS F 1605 -35.68 -14.59 53.67
C LYS F 1605 -35.13 -13.33 53.01
N GLU F 1606 -34.17 -12.68 53.66
CA GLU F 1606 -33.46 -11.58 53.00
C GLU F 1606 -32.38 -12.07 52.05
N ASP F 1607 -32.04 -13.35 52.10
CA ASP F 1607 -31.09 -13.95 51.16
C ASP F 1607 -31.79 -14.66 50.01
N ALA F 1608 -33.11 -14.48 49.87
CA ALA F 1608 -33.91 -15.20 48.90
C ALA F 1608 -33.57 -14.87 47.45
N GLN F 1609 -32.61 -13.99 47.18
CA GLN F 1609 -32.22 -13.70 45.81
C GLN F 1609 -31.35 -14.78 45.19
N VAL F 1610 -30.93 -15.78 45.97
CA VAL F 1610 -30.13 -16.88 45.43
C VAL F 1610 -30.65 -18.24 45.86
N ARG F 1611 -31.55 -18.33 46.84
CA ARG F 1611 -32.04 -19.63 47.27
C ARG F 1611 -32.94 -20.27 46.22
N ILE F 1612 -33.67 -19.45 45.46
CA ILE F 1612 -34.47 -20.01 44.38
C ILE F 1612 -33.56 -20.49 43.24
N LYS F 1613 -32.41 -19.82 43.05
CA LYS F 1613 -31.42 -20.32 42.12
C LYS F 1613 -30.77 -21.59 42.63
N PHE F 1614 -30.78 -21.84 43.94
CA PHE F 1614 -30.51 -23.19 44.40
C PHE F 1614 -31.60 -24.15 43.98
N ALA F 1615 -32.85 -23.78 44.24
CA ALA F 1615 -33.97 -24.72 44.12
C ALA F 1615 -34.14 -25.21 42.69
N ASN F 1616 -34.03 -24.31 41.72
CA ASN F 1616 -34.26 -24.72 40.34
C ASN F 1616 -33.20 -25.69 39.85
N LEU F 1617 -31.93 -25.45 40.16
CA LEU F 1617 -30.89 -26.40 39.77
C LEU F 1617 -30.97 -27.68 40.59
N CYS F 1618 -31.47 -27.62 41.82
CA CYS F 1618 -31.70 -28.84 42.58
C CYS F 1618 -32.75 -29.71 41.90
N ARG F 1619 -33.83 -29.10 41.42
CA ARG F 1619 -34.84 -29.85 40.69
C ARG F 1619 -34.28 -30.40 39.38
N LYS F 1620 -33.48 -29.58 38.67
CA LYS F 1620 -32.87 -30.06 37.43
C LYS F 1620 -31.90 -31.21 37.67
N SER F 1621 -31.20 -31.20 38.80
CA SER F 1621 -30.41 -32.35 39.19
C SER F 1621 -31.31 -33.56 39.44
N GLY F 1622 -32.44 -33.34 40.09
CA GLY F 1622 -33.45 -34.37 40.22
C GLY F 1622 -33.45 -35.12 41.53
N ARG F 1623 -33.12 -34.47 42.64
CA ARG F 1623 -33.17 -35.09 43.95
C ARG F 1623 -34.37 -34.58 44.73
N MET F 1624 -34.85 -35.41 45.66
CA MET F 1624 -36.17 -35.27 46.25
C MET F 1624 -36.15 -34.63 47.62
N ALA F 1625 -35.43 -35.23 48.57
CA ALA F 1625 -35.50 -34.81 49.97
C ALA F 1625 -34.91 -33.42 50.18
N LEU F 1626 -33.80 -33.13 49.51
CA LEU F 1626 -33.20 -31.80 49.64
C LEU F 1626 -34.09 -30.73 49.03
N ALA F 1627 -34.79 -31.08 47.94
CA ALA F 1627 -35.78 -30.17 47.38
C ALA F 1627 -36.91 -29.90 48.38
N LYS F 1628 -37.39 -30.94 49.07
CA LYS F 1628 -38.38 -30.74 50.13
C LYS F 1628 -37.86 -29.81 51.22
N LYS F 1629 -36.66 -30.09 51.73
CA LYS F 1629 -36.12 -29.35 52.86
C LYS F 1629 -35.73 -27.93 52.48
N VAL F 1630 -35.58 -27.63 51.19
CA VAL F 1630 -35.31 -26.24 50.84
C VAL F 1630 -36.60 -25.50 50.52
N LEU F 1631 -37.54 -26.15 49.84
CA LEU F 1631 -38.79 -25.48 49.49
C LEU F 1631 -39.63 -25.17 50.73
N ASN F 1632 -39.61 -26.06 51.75
CA ASN F 1632 -40.38 -25.76 52.94
C ASN F 1632 -39.82 -24.56 53.69
N THR F 1633 -38.49 -24.44 53.74
CA THR F 1633 -37.88 -23.26 54.35
C THR F 1633 -38.14 -22.01 53.53
N LEU F 1634 -38.16 -22.13 52.20
CA LEU F 1634 -38.50 -20.98 51.35
C LEU F 1634 -39.94 -20.53 51.59
N LEU F 1635 -40.86 -21.48 51.74
CA LEU F 1635 -42.23 -21.11 52.06
C LEU F 1635 -42.34 -20.50 53.45
N GLU F 1636 -41.57 -21.02 54.40
CA GLU F 1636 -41.56 -20.48 55.75
C GLU F 1636 -40.41 -19.49 55.94
N ALA F 1647 -46.86 -15.46 53.26
CA ALA F 1647 -48.32 -15.28 53.28
C ALA F 1647 -48.87 -15.21 51.86
N LYS F 1648 -49.00 -13.98 51.35
CA LYS F 1648 -49.51 -13.73 50.00
C LYS F 1648 -48.58 -12.78 49.27
N ALA F 1649 -47.28 -13.04 49.36
CA ALA F 1649 -46.26 -12.22 48.74
C ALA F 1649 -45.17 -13.13 48.18
N SER F 1650 -44.04 -12.52 47.81
CA SER F 1650 -42.86 -13.17 47.21
C SER F 1650 -43.24 -14.04 46.01
N PRO F 1651 -43.58 -13.42 44.88
CA PRO F 1651 -44.00 -14.21 43.69
C PRO F 1651 -42.93 -15.17 43.19
N PRO F 1652 -41.62 -14.85 43.21
CA PRO F 1652 -40.65 -15.89 42.86
C PRO F 1652 -40.68 -17.07 43.82
N VAL F 1653 -40.88 -16.81 45.11
CA VAL F 1653 -40.93 -17.89 46.09
C VAL F 1653 -42.16 -18.76 45.83
N VAL F 1654 -43.29 -18.15 45.47
CA VAL F 1654 -44.47 -18.92 45.11
C VAL F 1654 -44.22 -19.74 43.85
N TYR F 1655 -43.61 -19.11 42.83
CA TYR F 1655 -43.30 -19.80 41.59
C TYR F 1655 -42.35 -20.98 41.80
N ALA F 1656 -41.59 -20.96 42.89
CA ALA F 1656 -40.76 -22.11 43.24
C ALA F 1656 -41.59 -23.37 43.47
N GLN F 1657 -42.61 -23.30 44.35
CA GLN F 1657 -43.41 -24.52 44.51
C GLN F 1657 -44.36 -24.72 43.34
N LEU F 1658 -44.66 -23.68 42.57
CA LEU F 1658 -45.33 -23.90 41.29
C LEU F 1658 -44.53 -24.85 40.42
N LYS F 1659 -43.25 -24.54 40.22
CA LYS F 1659 -42.38 -25.41 39.45
C LYS F 1659 -42.19 -26.77 40.11
N TYR F 1660 -42.21 -26.82 41.44
CA TYR F 1660 -42.12 -28.09 42.14
C TYR F 1660 -43.30 -29.00 41.82
N LEU F 1661 -44.52 -28.49 41.99
CA LEU F 1661 -45.70 -29.30 41.67
C LEU F 1661 -45.74 -29.63 40.19
N TRP F 1662 -45.18 -28.77 39.34
CA TRP F 1662 -45.04 -29.08 37.93
C TRP F 1662 -44.16 -30.31 37.72
N ALA F 1663 -42.98 -30.32 38.36
CA ALA F 1663 -42.05 -31.44 38.20
C ALA F 1663 -42.49 -32.68 38.98
N THR F 1664 -43.44 -32.53 39.90
CA THR F 1664 -43.89 -33.67 40.71
C THR F 1664 -44.53 -34.74 39.85
N GLY F 1665 -45.32 -34.34 38.86
CA GLY F 1665 -46.10 -35.25 38.05
C GLY F 1665 -47.60 -35.08 38.21
N LEU F 1666 -48.05 -34.31 39.19
CA LEU F 1666 -49.46 -34.00 39.36
C LEU F 1666 -49.77 -32.71 38.63
N GLN F 1667 -50.59 -32.80 37.57
CA GLN F 1667 -50.90 -31.65 36.74
C GLN F 1667 -52.34 -31.21 36.79
N ASP F 1668 -53.27 -32.09 37.18
CA ASP F 1668 -54.69 -31.74 37.18
C ASP F 1668 -54.98 -30.61 38.14
N GLU F 1669 -54.38 -30.64 39.33
CA GLU F 1669 -54.53 -29.51 40.25
C GLU F 1669 -53.73 -28.30 39.79
N ALA F 1670 -52.66 -28.54 39.02
CA ALA F 1670 -51.89 -27.41 38.48
C ALA F 1670 -52.70 -26.62 37.47
N LEU F 1671 -53.57 -27.29 36.70
CA LEU F 1671 -54.42 -26.60 35.73
C LEU F 1671 -55.30 -25.55 36.40
N LYS F 1672 -56.02 -25.96 37.45
CA LYS F 1672 -56.88 -25.02 38.16
C LYS F 1672 -56.09 -24.06 39.04
N GLN F 1673 -54.87 -24.43 39.45
CA GLN F 1673 -54.08 -23.52 40.26
C GLN F 1673 -53.52 -22.36 39.45
N LEU F 1674 -52.97 -22.65 38.26
CA LEU F 1674 -52.28 -21.62 37.49
C LEU F 1674 -53.23 -20.55 36.99
N ILE F 1675 -54.47 -20.92 36.69
CA ILE F 1675 -55.46 -19.94 36.23
C ILE F 1675 -55.72 -18.91 37.33
N ASN F 1676 -55.93 -19.37 38.56
CA ASN F 1676 -56.16 -18.46 39.68
C ASN F 1676 -54.91 -17.65 39.99
N PHE F 1677 -53.72 -18.27 39.87
CA PHE F 1677 -52.48 -17.55 40.07
C PHE F 1677 -52.37 -16.39 39.09
N THR F 1678 -52.55 -16.67 37.81
CA THR F 1678 -52.53 -15.63 36.79
C THR F 1678 -53.59 -14.58 37.05
N SER F 1679 -54.76 -15.01 37.55
CA SER F 1679 -55.84 -14.08 37.83
C SER F 1679 -55.44 -13.05 38.89
N ARG F 1680 -54.94 -13.50 40.05
CA ARG F 1680 -54.66 -12.50 41.07
C ARG F 1680 -53.36 -11.74 40.81
N MET F 1681 -52.40 -12.32 40.09
CA MET F 1681 -51.21 -11.52 39.79
C MET F 1681 -51.51 -10.47 38.71
N ALA F 1682 -52.38 -10.81 37.75
CA ALA F 1682 -52.85 -9.81 36.80
C ALA F 1682 -53.68 -8.74 37.50
N HIS F 1683 -54.48 -9.14 38.50
CA HIS F 1683 -55.22 -8.15 39.29
C HIS F 1683 -54.28 -7.22 40.04
N ASP F 1684 -53.18 -7.77 40.58
CA ASP F 1684 -52.20 -6.94 41.28
C ASP F 1684 -51.53 -5.95 40.33
N LEU F 1685 -51.13 -6.41 39.14
CA LEU F 1685 -50.46 -5.51 38.21
C LEU F 1685 -51.41 -4.57 37.48
N GLY F 1686 -52.70 -4.87 37.44
CA GLY F 1686 -53.64 -4.09 36.66
C GLY F 1686 -54.28 -4.92 35.56
N LEU F 1687 -55.57 -4.72 35.33
CA LEU F 1687 -56.30 -5.57 34.37
C LEU F 1687 -55.80 -5.37 32.95
N ASP F 1688 -55.72 -4.12 32.50
CA ASP F 1688 -55.28 -3.82 31.14
C ASP F 1688 -54.16 -2.79 31.13
N VAL F 1704 -38.64 2.36 42.66
CA VAL F 1704 -39.92 1.79 42.27
C VAL F 1704 -39.92 1.16 40.85
N PRO F 1705 -39.37 1.84 39.81
CA PRO F 1705 -39.28 1.16 38.51
C PRO F 1705 -38.43 -0.10 38.54
N ARG F 1706 -37.28 -0.06 39.22
CA ARG F 1706 -36.49 -1.28 39.39
C ARG F 1706 -37.13 -2.21 40.40
N HIS F 1707 -37.97 -1.69 41.30
CA HIS F 1707 -38.72 -2.54 42.22
C HIS F 1707 -39.74 -3.39 41.47
N VAL F 1708 -40.30 -2.86 40.38
CA VAL F 1708 -41.36 -3.56 39.65
C VAL F 1708 -40.88 -4.22 38.36
N GLU F 1709 -39.69 -3.88 37.86
CA GLU F 1709 -39.27 -4.41 36.57
C GLU F 1709 -39.01 -5.91 36.64
N ASP F 1710 -38.39 -6.39 37.72
CA ASP F 1710 -38.17 -7.82 37.88
C ASP F 1710 -39.48 -8.58 38.01
N TYR F 1711 -40.45 -8.01 38.72
CA TYR F 1711 -41.75 -8.67 38.82
C TYR F 1711 -42.50 -8.65 37.50
N THR F 1712 -42.29 -7.62 36.67
CA THR F 1712 -42.87 -7.66 35.33
C THR F 1712 -42.17 -8.69 34.45
N LYS F 1713 -40.88 -8.89 34.67
CA LYS F 1713 -40.16 -9.94 33.95
C LYS F 1713 -40.73 -11.31 34.34
N LEU F 1714 -41.02 -11.50 35.63
CA LEU F 1714 -41.64 -12.75 36.08
C LEU F 1714 -43.08 -12.89 35.58
N LEU F 1715 -43.82 -11.78 35.55
CA LEU F 1715 -45.11 -11.68 34.85
C LEU F 1715 -45.03 -12.32 33.47
N ALA F 1716 -44.14 -11.78 32.62
CA ALA F 1716 -44.00 -12.27 31.25
C ALA F 1716 -43.49 -13.71 31.21
N ARG F 1717 -42.61 -14.08 32.13
CA ARG F 1717 -42.08 -15.44 32.16
C ARG F 1717 -43.18 -16.44 32.44
N CYS F 1718 -44.01 -16.17 33.45
CA CYS F 1718 -45.13 -17.06 33.75
C CYS F 1718 -46.13 -17.10 32.61
N PHE F 1719 -46.39 -15.95 31.97
CA PHE F 1719 -47.32 -15.92 30.85
C PHE F 1719 -46.83 -16.77 29.69
N LEU F 1720 -45.53 -16.76 29.43
CA LEU F 1720 -44.96 -17.76 28.52
C LEU F 1720 -45.17 -19.17 29.06
N LYS F 1721 -45.04 -19.33 30.37
CA LYS F 1721 -44.88 -20.67 30.92
C LYS F 1721 -46.17 -21.47 30.90
N GLN F 1722 -47.34 -20.82 31.01
CA GLN F 1722 -48.51 -21.71 30.95
C GLN F 1722 -48.77 -22.18 29.52
N GLY F 1723 -48.19 -21.53 28.51
CA GLY F 1723 -48.45 -21.90 27.14
C GLY F 1723 -47.94 -23.29 26.79
N GLU F 1724 -46.75 -23.63 27.28
CA GLU F 1724 -46.23 -24.98 27.10
C GLU F 1724 -47.14 -26.01 27.77
N TRP F 1725 -47.64 -25.67 28.96
CA TRP F 1725 -48.56 -26.57 29.66
C TRP F 1725 -49.84 -26.78 28.87
N ARG F 1726 -50.38 -25.69 28.31
CA ARG F 1726 -51.59 -25.78 27.49
C ARG F 1726 -51.36 -26.66 26.26
N VAL F 1727 -50.29 -26.39 25.51
CA VAL F 1727 -50.06 -27.13 24.27
C VAL F 1727 -49.67 -28.58 24.55
N CYS F 1728 -49.11 -28.86 25.72
CA CYS F 1728 -48.71 -30.23 26.05
C CYS F 1728 -49.86 -31.06 26.60
N LEU F 1729 -50.75 -30.44 27.36
CA LEU F 1729 -51.79 -31.22 28.03
C LEU F 1729 -53.10 -31.21 27.24
N GLN F 1730 -53.50 -30.05 26.72
CA GLN F 1730 -54.70 -29.98 25.90
C GLN F 1730 -54.29 -29.99 24.43
N PRO F 1731 -54.61 -31.05 23.69
CA PRO F 1731 -54.16 -31.13 22.28
C PRO F 1731 -54.88 -30.14 21.37
N LYS F 1732 -54.42 -30.07 20.13
CA LYS F 1732 -54.92 -29.10 19.17
C LYS F 1732 -56.07 -29.72 18.38
N TRP F 1733 -56.41 -29.11 17.23
CA TRP F 1733 -57.54 -29.49 16.39
C TRP F 1733 -58.87 -29.25 17.10
N ARG F 1734 -58.94 -28.22 17.93
CA ARG F 1734 -60.13 -27.84 18.67
C ARG F 1734 -60.57 -26.45 18.23
N LEU F 1735 -61.69 -25.98 18.81
CA LEU F 1735 -62.26 -24.70 18.43
C LEU F 1735 -62.09 -23.62 19.48
N SER F 1736 -61.79 -23.98 20.72
CA SER F 1736 -61.61 -23.00 21.79
C SER F 1736 -60.21 -23.00 22.39
N ASN F 1737 -59.64 -24.18 22.62
CA ASN F 1737 -58.28 -24.26 23.16
C ASN F 1737 -57.23 -23.62 22.26
N PRO F 1738 -57.22 -23.79 20.92
CA PRO F 1738 -56.29 -23.00 20.12
C PRO F 1738 -56.49 -21.50 20.26
N ASP F 1739 -57.74 -21.05 20.39
CA ASP F 1739 -57.97 -19.63 20.66
C ASP F 1739 -57.43 -19.24 22.03
N SER F 1740 -57.52 -20.14 23.00
CA SER F 1740 -56.98 -19.88 24.34
C SER F 1740 -55.46 -19.72 24.29
N ILE F 1741 -54.77 -20.62 23.59
CA ILE F 1741 -53.32 -20.50 23.53
C ILE F 1741 -52.92 -19.31 22.67
N LEU F 1742 -53.72 -18.96 21.66
CA LEU F 1742 -53.43 -17.76 20.89
C LEU F 1742 -53.55 -16.51 21.75
N GLY F 1743 -54.59 -16.44 22.60
CA GLY F 1743 -54.71 -15.32 23.51
C GLY F 1743 -53.59 -15.26 24.53
N SER F 1744 -53.19 -16.43 25.05
CA SER F 1744 -52.06 -16.46 25.99
C SER F 1744 -50.78 -16.00 25.33
N TYR F 1745 -50.54 -16.43 24.09
CA TYR F 1745 -49.32 -16.04 23.38
C TYR F 1745 -49.36 -14.55 23.01
N LEU F 1746 -50.55 -14.03 22.68
CA LEU F 1746 -50.66 -12.59 22.44
C LEU F 1746 -50.43 -11.79 23.72
N LEU F 1747 -50.86 -12.31 24.86
CA LEU F 1747 -50.59 -11.63 26.12
C LEU F 1747 -49.09 -11.68 26.44
N ALA F 1748 -48.44 -12.80 26.14
CA ALA F 1748 -46.98 -12.87 26.27
C ALA F 1748 -46.30 -11.90 25.34
N THR F 1749 -46.86 -11.71 24.13
CA THR F 1749 -46.37 -10.69 23.22
C THR F 1749 -46.49 -9.30 23.82
N HIS F 1750 -47.62 -9.03 24.48
CA HIS F 1750 -47.84 -7.73 25.09
C HIS F 1750 -46.85 -7.47 26.23
N PHE F 1751 -46.56 -8.50 27.03
CA PHE F 1751 -45.68 -8.29 28.18
C PHE F 1751 -44.21 -8.58 27.90
N ASP F 1752 -43.85 -9.04 26.70
CA ASP F 1752 -42.46 -9.26 26.35
C ASP F 1752 -42.12 -8.51 25.06
N ASN F 1753 -41.02 -7.76 25.10
CA ASN F 1753 -40.51 -7.09 23.91
C ASN F 1753 -39.09 -7.47 23.56
N THR F 1754 -38.39 -8.21 24.42
CA THR F 1754 -36.97 -8.54 24.24
C THR F 1754 -36.73 -10.03 24.47
N TRP F 1755 -37.55 -10.88 23.84
CA TRP F 1755 -37.35 -12.31 23.98
C TRP F 1755 -37.79 -13.01 22.69
N TYR F 1756 -37.19 -14.17 22.44
CA TYR F 1756 -37.33 -14.90 21.18
C TYR F 1756 -38.29 -16.08 21.28
N LYS F 1757 -38.16 -16.90 22.34
CA LYS F 1757 -39.00 -18.09 22.46
C LYS F 1757 -40.46 -17.73 22.68
N ALA F 1758 -40.71 -16.54 23.23
CA ALA F 1758 -42.07 -16.06 23.44
C ALA F 1758 -42.85 -15.99 22.13
N TRP F 1759 -42.18 -15.59 21.05
CA TRP F 1759 -42.85 -15.61 19.76
C TRP F 1759 -42.57 -16.88 18.98
N HIS F 1760 -41.51 -17.61 19.34
CA HIS F 1760 -41.27 -18.91 18.71
C HIS F 1760 -42.41 -19.88 18.99
N ASN F 1761 -42.90 -19.91 20.23
CA ASN F 1761 -44.01 -20.81 20.55
C ASN F 1761 -45.29 -20.40 19.83
N TRP F 1762 -45.54 -19.09 19.73
CA TRP F 1762 -46.70 -18.62 19.00
C TRP F 1762 -46.60 -18.97 17.52
N ALA F 1763 -45.41 -18.82 16.96
CA ALA F 1763 -45.18 -19.20 15.57
C ALA F 1763 -45.38 -20.70 15.36
N LEU F 1764 -44.98 -21.51 16.34
CA LEU F 1764 -45.24 -22.94 16.29
C LEU F 1764 -46.74 -23.21 16.29
N ALA F 1765 -47.50 -22.48 17.11
CA ALA F 1765 -48.95 -22.65 17.11
C ALA F 1765 -49.57 -22.27 15.77
N ASN F 1766 -49.10 -21.17 15.18
CA ASN F 1766 -49.58 -20.79 13.85
C ASN F 1766 -49.23 -21.84 12.80
N PHE F 1767 -48.01 -22.39 12.86
CA PHE F 1767 -47.62 -23.43 11.94
C PHE F 1767 -48.51 -24.66 12.08
N GLU F 1768 -48.82 -25.03 13.32
CA GLU F 1768 -49.67 -26.20 13.55
C GLU F 1768 -51.08 -25.98 13.00
N VAL F 1769 -51.66 -24.80 13.26
CA VAL F 1769 -53.04 -24.58 12.83
C VAL F 1769 -53.11 -24.47 11.30
N ILE F 1770 -52.13 -23.81 10.67
CA ILE F 1770 -52.19 -23.71 9.22
C ILE F 1770 -51.90 -25.06 8.57
N SER F 1771 -51.03 -25.87 9.18
CA SER F 1771 -50.79 -27.21 8.64
C SER F 1771 -52.04 -28.08 8.74
N MET F 1772 -52.75 -28.02 9.86
CA MET F 1772 -53.93 -28.87 9.99
C MET F 1772 -55.08 -28.37 9.14
N LEU F 1773 -55.19 -27.06 8.91
CA LEU F 1773 -56.24 -26.59 8.00
C LEU F 1773 -55.87 -26.88 6.55
N THR F 1774 -54.58 -26.86 6.20
CA THR F 1774 -54.16 -27.27 4.87
C THR F 1774 -54.44 -28.75 4.63
N SER F 1775 -54.18 -29.59 5.64
CA SER F 1775 -54.52 -31.00 5.54
C SER F 1775 -56.03 -31.19 5.42
N VAL F 1776 -56.80 -30.43 6.20
CA VAL F 1776 -58.25 -30.50 6.13
C VAL F 1776 -58.77 -29.65 4.97
N SER F 1813 -62.35 -20.66 2.66
CA SER F 1813 -62.20 -19.52 3.57
C SER F 1813 -61.48 -18.36 2.88
N SER F 1814 -60.15 -18.49 2.77
CA SER F 1814 -59.28 -17.53 2.11
C SER F 1814 -59.35 -16.13 2.74
N ASN F 1815 -59.78 -16.04 3.99
CA ASN F 1815 -59.85 -14.78 4.72
C ASN F 1815 -59.14 -14.83 6.06
N LEU F 1816 -59.18 -15.96 6.75
CA LEU F 1816 -58.46 -16.10 8.00
C LEU F 1816 -56.96 -16.32 7.80
N ILE F 1817 -56.53 -16.63 6.57
CA ILE F 1817 -55.10 -16.79 6.33
C ILE F 1817 -54.36 -15.47 6.52
N HIS F 1818 -55.07 -14.36 6.32
CA HIS F 1818 -54.48 -13.04 6.59
C HIS F 1818 -54.10 -12.90 8.06
N ARG F 1819 -54.98 -13.35 8.96
CA ARG F 1819 -54.66 -13.22 10.37
C ARG F 1819 -53.83 -14.40 10.88
N HIS F 1820 -53.71 -15.46 10.07
CA HIS F 1820 -52.70 -16.48 10.37
C HIS F 1820 -51.29 -15.98 10.10
N VAL F 1821 -50.98 -15.66 8.84
CA VAL F 1821 -49.59 -15.72 8.39
C VAL F 1821 -48.85 -14.39 8.46
N ILE F 1822 -49.54 -13.26 8.18
CA ILE F 1822 -48.87 -11.96 8.22
C ILE F 1822 -48.36 -11.59 9.61
N PRO F 1823 -49.15 -11.71 10.69
CA PRO F 1823 -48.53 -11.58 12.02
C PRO F 1823 -47.49 -12.66 12.28
N ALA F 1824 -47.70 -13.87 11.73
CA ALA F 1824 -46.72 -14.93 11.90
C ALA F 1824 -45.39 -14.58 11.23
N ILE F 1825 -45.43 -14.01 10.03
CA ILE F 1825 -44.16 -13.68 9.38
C ILE F 1825 -43.54 -12.43 9.99
N LYS F 1826 -44.35 -11.52 10.53
CA LYS F 1826 -43.79 -10.40 11.29
C LYS F 1826 -43.05 -10.91 12.53
N GLY F 1827 -43.67 -11.83 13.27
CA GLY F 1827 -43.00 -12.44 14.40
C GLY F 1827 -41.76 -13.23 13.99
N PHE F 1828 -41.82 -13.88 12.83
CA PHE F 1828 -40.66 -14.53 12.25
C PHE F 1828 -39.50 -13.55 12.10
N PHE F 1829 -39.70 -12.52 11.26
CA PHE F 1829 -38.63 -11.60 10.94
C PHE F 1829 -38.08 -10.90 12.19
N HIS F 1830 -38.96 -10.58 13.14
CA HIS F 1830 -38.45 -10.00 14.38
C HIS F 1830 -37.70 -11.04 15.21
N SER F 1831 -38.07 -12.32 15.11
CA SER F 1831 -37.32 -13.36 15.82
C SER F 1831 -35.91 -13.52 15.27
N ILE F 1832 -35.78 -13.52 13.94
CA ILE F 1832 -34.43 -13.53 13.36
C ILE F 1832 -33.68 -12.26 13.73
N SER F 1833 -34.37 -11.12 13.78
CA SER F 1833 -33.72 -9.87 14.18
C SER F 1833 -33.20 -9.95 15.62
N LEU F 1834 -33.97 -10.58 16.50
CA LEU F 1834 -33.55 -10.72 17.89
C LEU F 1834 -32.40 -11.71 18.05
N SER F 1835 -32.50 -12.86 17.37
CA SER F 1835 -31.50 -13.91 17.55
C SER F 1835 -30.21 -13.58 16.80
N GLU F 1836 -30.29 -13.50 15.47
CA GLU F 1836 -29.22 -13.09 14.56
C GLU F 1836 -28.02 -14.03 14.58
N SER F 1837 -28.13 -15.20 15.20
CA SER F 1837 -27.00 -16.13 15.21
C SER F 1837 -27.38 -17.54 14.81
N SER F 1838 -28.53 -18.03 15.23
CA SER F 1838 -28.91 -19.44 15.04
C SER F 1838 -30.36 -19.55 14.57
N SER F 1839 -30.72 -18.76 13.55
CA SER F 1839 -32.09 -18.66 13.11
C SER F 1839 -32.37 -19.46 11.83
N LEU F 1840 -31.56 -20.48 11.54
CA LEU F 1840 -31.72 -21.23 10.30
C LEU F 1840 -33.02 -22.03 10.28
N GLN F 1841 -33.41 -22.59 11.42
CA GLN F 1841 -34.64 -23.36 11.48
C GLN F 1841 -35.86 -22.47 11.25
N ASP F 1842 -35.87 -21.27 11.84
CA ASP F 1842 -36.98 -20.36 11.62
C ASP F 1842 -36.99 -19.82 10.20
N ALA F 1843 -35.81 -19.61 9.62
CA ALA F 1843 -35.74 -19.24 8.21
C ALA F 1843 -36.35 -20.32 7.33
N LEU F 1844 -36.04 -21.59 7.62
CA LEU F 1844 -36.63 -22.68 6.85
C LEU F 1844 -38.13 -22.76 7.05
N ARG F 1845 -38.60 -22.52 8.28
CA ARG F 1845 -40.04 -22.43 8.53
C ARG F 1845 -40.69 -21.38 7.65
N LEU F 1846 -40.11 -20.17 7.61
CA LEU F 1846 -40.77 -19.08 6.90
C LEU F 1846 -40.71 -19.29 5.39
N LEU F 1847 -39.62 -19.87 4.88
CA LEU F 1847 -39.59 -20.23 3.46
C LEU F 1847 -40.64 -21.29 3.13
N THR F 1848 -40.80 -22.30 3.99
CA THR F 1848 -41.80 -23.32 3.73
C THR F 1848 -43.21 -22.73 3.73
N LEU F 1849 -43.48 -21.82 4.68
CA LEU F 1849 -44.80 -21.19 4.72
C LEU F 1849 -45.02 -20.28 3.52
N TRP F 1850 -43.97 -19.57 3.08
CA TRP F 1850 -44.08 -18.72 1.90
C TRP F 1850 -44.37 -19.54 0.65
N PHE F 1851 -43.72 -20.69 0.50
CA PHE F 1851 -44.02 -21.54 -0.64
C PHE F 1851 -45.37 -22.22 -0.51
N THR F 1852 -45.82 -22.46 0.73
CA THR F 1852 -47.14 -23.04 0.94
C THR F 1852 -48.24 -22.07 0.50
N PHE F 1853 -48.13 -20.80 0.91
CA PHE F 1853 -49.06 -19.76 0.47
C PHE F 1853 -48.25 -18.56 -0.02
N GLY F 1854 -47.78 -18.65 -1.27
CA GLY F 1854 -47.10 -17.54 -1.91
C GLY F 1854 -47.97 -16.70 -2.81
N GLY F 1855 -49.14 -16.30 -2.34
CA GLY F 1855 -50.05 -15.57 -3.20
C GLY F 1855 -50.84 -14.45 -2.53
N ILE F 1856 -50.29 -13.86 -1.48
CA ILE F 1856 -51.02 -12.83 -0.75
C ILE F 1856 -50.23 -11.52 -0.80
N PRO F 1857 -50.77 -10.48 -1.44
CA PRO F 1857 -49.98 -9.26 -1.67
C PRO F 1857 -49.60 -8.51 -0.40
N GLU F 1858 -50.51 -8.41 0.57
CA GLU F 1858 -50.13 -7.75 1.82
C GLU F 1858 -49.06 -8.54 2.54
N ALA F 1859 -49.06 -9.87 2.40
CA ALA F 1859 -47.95 -10.66 2.89
C ALA F 1859 -46.67 -10.35 2.12
N THR F 1860 -46.77 -10.07 0.82
CA THR F 1860 -45.57 -9.68 0.06
C THR F 1860 -44.98 -8.38 0.59
N GLN F 1861 -45.82 -7.38 0.86
CA GLN F 1861 -45.28 -6.15 1.45
C GLN F 1861 -44.77 -6.37 2.87
N ALA F 1862 -45.41 -7.25 3.63
CA ALA F 1862 -44.94 -7.53 4.99
C ALA F 1862 -43.57 -8.20 4.96
N MET F 1863 -43.37 -9.16 4.06
CA MET F 1863 -42.05 -9.81 3.97
C MET F 1863 -41.01 -8.88 3.34
N HIS F 1864 -41.44 -7.93 2.51
CA HIS F 1864 -40.51 -6.91 2.04
C HIS F 1864 -40.05 -6.04 3.20
N GLU F 1865 -40.96 -5.65 4.09
CA GLU F 1865 -40.59 -4.89 5.28
C GLU F 1865 -39.68 -5.70 6.18
N GLY F 1866 -39.97 -6.99 6.35
CA GLY F 1866 -39.09 -7.85 7.12
C GLY F 1866 -37.72 -7.99 6.49
N PHE F 1867 -37.65 -8.00 5.16
CA PHE F 1867 -36.37 -8.04 4.46
C PHE F 1867 -35.59 -6.76 4.68
N ASN F 1868 -36.28 -5.62 4.71
CA ASN F 1868 -35.61 -4.35 5.01
C ASN F 1868 -35.09 -4.35 6.43
N LEU F 1869 -35.86 -4.92 7.37
CA LEU F 1869 -35.43 -4.93 8.77
C LEU F 1869 -34.34 -5.96 9.03
N ILE F 1870 -34.28 -7.03 8.24
CA ILE F 1870 -33.42 -8.16 8.56
C ILE F 1870 -31.99 -7.88 8.10
N GLN F 1871 -31.04 -8.58 8.71
CA GLN F 1871 -29.63 -8.47 8.34
C GLN F 1871 -29.33 -9.43 7.18
N ILE F 1872 -28.06 -9.43 6.75
CA ILE F 1872 -27.65 -10.22 5.61
C ILE F 1872 -26.80 -11.43 5.99
N GLY F 1873 -26.24 -11.46 7.20
CA GLY F 1873 -25.39 -12.57 7.59
C GLY F 1873 -26.15 -13.87 7.76
N THR F 1874 -27.34 -13.80 8.37
CA THR F 1874 -28.06 -15.01 8.75
C THR F 1874 -28.81 -15.66 7.60
N TRP F 1875 -28.72 -15.10 6.39
CA TRP F 1875 -29.40 -15.67 5.23
C TRP F 1875 -28.54 -16.66 4.46
N LEU F 1876 -27.32 -16.94 4.91
CA LEU F 1876 -26.43 -17.84 4.17
C LEU F 1876 -26.91 -19.27 4.24
N GLU F 1877 -27.54 -19.67 5.35
CA GLU F 1877 -27.91 -21.06 5.57
C GLU F 1877 -29.06 -21.52 4.68
N VAL F 1878 -29.80 -20.60 4.06
CA VAL F 1878 -30.96 -21.00 3.28
C VAL F 1878 -30.60 -21.32 1.83
N LEU F 1879 -29.57 -20.66 1.29
CA LEU F 1879 -29.19 -20.89 -0.10
C LEU F 1879 -28.82 -22.34 -0.44
N PRO F 1880 -28.14 -23.13 0.40
CA PRO F 1880 -27.85 -24.52 0.00
C PRO F 1880 -29.09 -25.35 -0.31
N GLN F 1881 -30.26 -24.93 0.16
CA GLN F 1881 -31.51 -25.50 -0.31
C GLN F 1881 -32.23 -24.62 -1.33
N LEU F 1882 -31.95 -23.31 -1.35
CA LEU F 1882 -32.56 -22.46 -2.37
C LEU F 1882 -32.13 -22.86 -3.77
N ILE F 1883 -30.84 -23.15 -3.95
CA ILE F 1883 -30.41 -23.73 -5.23
C ILE F 1883 -31.00 -25.14 -5.41
N SER F 1884 -31.28 -25.84 -4.31
CA SER F 1884 -31.86 -27.18 -4.43
C SER F 1884 -33.26 -27.15 -5.05
N ARG F 1885 -34.10 -26.20 -4.64
CA ARG F 1885 -35.40 -26.02 -5.30
C ARG F 1885 -35.44 -24.72 -6.11
N ILE F 1886 -34.31 -24.36 -6.73
CA ILE F 1886 -34.20 -23.12 -7.49
C ILE F 1886 -35.09 -23.09 -8.73
N HIS F 1887 -35.68 -24.21 -9.13
CA HIS F 1887 -36.68 -24.19 -10.19
C HIS F 1887 -38.01 -23.66 -9.63
N GLN F 1888 -38.59 -22.68 -10.31
CA GLN F 1888 -39.81 -22.04 -9.84
C GLN F 1888 -40.99 -22.43 -10.72
N PRO F 1889 -41.97 -23.16 -10.20
CA PRO F 1889 -43.21 -23.38 -10.95
C PRO F 1889 -44.30 -22.35 -10.68
N ASN F 1890 -44.14 -21.50 -9.66
CA ASN F 1890 -45.10 -20.45 -9.36
C ASN F 1890 -44.70 -19.18 -10.09
N GLN F 1891 -45.49 -18.11 -9.94
CA GLN F 1891 -45.25 -16.89 -10.70
C GLN F 1891 -44.73 -15.73 -9.85
N ILE F 1892 -45.47 -15.30 -8.82
CA ILE F 1892 -44.97 -14.18 -8.03
C ILE F 1892 -43.92 -14.67 -7.04
N VAL F 1893 -43.99 -15.96 -6.68
CA VAL F 1893 -42.93 -16.58 -5.89
C VAL F 1893 -41.61 -16.54 -6.65
N SER F 1894 -41.70 -16.67 -7.97
CA SER F 1894 -40.46 -16.60 -8.79
C SER F 1894 -39.82 -15.22 -8.58
N ARG F 1895 -40.57 -14.17 -8.89
CA ARG F 1895 -40.00 -12.83 -8.79
C ARG F 1895 -39.53 -12.53 -7.36
N SER F 1896 -40.28 -12.98 -6.35
CA SER F 1896 -39.83 -12.78 -4.97
C SER F 1896 -38.52 -13.50 -4.70
N LEU F 1897 -38.38 -14.72 -5.22
CA LEU F 1897 -37.16 -15.50 -5.01
C LEU F 1897 -35.97 -14.87 -5.74
N LEU F 1898 -36.18 -14.38 -6.96
CA LEU F 1898 -35.06 -13.74 -7.66
C LEU F 1898 -34.71 -12.41 -7.02
N SER F 1899 -35.68 -11.71 -6.45
CA SER F 1899 -35.37 -10.51 -5.67
C SER F 1899 -34.54 -10.84 -4.44
N LEU F 1900 -34.88 -11.93 -3.75
CA LEU F 1900 -34.08 -12.38 -2.62
C LEU F 1900 -32.67 -12.75 -3.06
N LEU F 1901 -32.54 -13.43 -4.20
CA LEU F 1901 -31.22 -13.80 -4.71
C LEU F 1901 -30.42 -12.55 -5.07
N SER F 1902 -31.08 -11.54 -5.65
CA SER F 1902 -30.42 -10.29 -5.95
C SER F 1902 -29.93 -9.59 -4.68
N ASP F 1903 -30.76 -9.61 -3.63
CA ASP F 1903 -30.35 -9.03 -2.36
C ASP F 1903 -29.17 -9.79 -1.75
N LEU F 1904 -29.16 -11.11 -1.89
CA LEU F 1904 -28.05 -11.91 -1.37
C LEU F 1904 -26.77 -11.68 -2.16
N GLY F 1905 -26.88 -11.42 -3.46
CA GLY F 1905 -25.69 -11.26 -4.27
C GLY F 1905 -24.97 -9.95 -4.13
N LYS F 1906 -25.40 -9.07 -3.23
CA LYS F 1906 -24.72 -7.79 -3.06
C LYS F 1906 -23.31 -7.96 -2.53
N ALA F 1907 -23.12 -8.87 -1.57
CA ALA F 1907 -21.85 -9.01 -0.88
C ALA F 1907 -21.46 -10.48 -0.79
N HIS F 1908 -20.15 -10.70 -0.59
CA HIS F 1908 -19.52 -12.02 -0.48
C HIS F 1908 -19.87 -12.91 -1.66
N PRO F 1909 -19.34 -12.63 -2.86
CA PRO F 1909 -19.64 -13.51 -4.00
C PRO F 1909 -19.16 -14.94 -3.82
N GLN F 1910 -17.95 -15.11 -3.25
CA GLN F 1910 -17.36 -16.42 -3.09
C GLN F 1910 -18.19 -17.34 -2.19
N ALA F 1911 -19.09 -16.76 -1.38
CA ALA F 1911 -19.98 -17.58 -0.56
C ALA F 1911 -21.05 -18.27 -1.38
N LEU F 1912 -21.29 -17.84 -2.62
CA LEU F 1912 -22.35 -18.45 -3.41
C LEU F 1912 -21.99 -18.67 -4.87
N VAL F 1913 -20.75 -18.41 -5.31
CA VAL F 1913 -20.41 -18.70 -6.71
C VAL F 1913 -20.44 -20.20 -6.98
N TYR F 1914 -20.06 -21.02 -5.99
CA TYR F 1914 -20.00 -22.46 -6.22
C TYR F 1914 -21.35 -23.10 -6.55
N PRO F 1915 -22.47 -22.77 -5.90
CA PRO F 1915 -23.75 -23.29 -6.39
C PRO F 1915 -24.17 -22.75 -7.75
N LEU F 1916 -23.61 -21.63 -8.20
CA LEU F 1916 -24.09 -21.01 -9.44
C LEU F 1916 -23.79 -21.87 -10.66
N MET F 1917 -22.53 -22.28 -10.85
CA MET F 1917 -22.25 -23.10 -12.02
C MET F 1917 -22.78 -24.52 -11.85
N VAL F 1918 -22.98 -24.98 -10.62
CA VAL F 1918 -23.69 -26.22 -10.38
C VAL F 1918 -25.11 -26.11 -10.94
N ALA F 1919 -25.77 -24.99 -10.71
CA ALA F 1919 -27.08 -24.76 -11.30
C ALA F 1919 -27.01 -24.58 -12.80
N ILE F 1920 -25.90 -24.05 -13.33
CA ILE F 1920 -25.72 -23.95 -14.77
C ILE F 1920 -25.70 -25.33 -15.42
N LYS F 1921 -24.97 -26.27 -14.82
CA LYS F 1921 -24.84 -27.60 -15.40
C LYS F 1921 -25.96 -28.55 -14.98
N SER F 1922 -27.12 -28.01 -14.62
CA SER F 1922 -28.30 -28.79 -14.25
C SER F 1922 -29.02 -29.30 -15.49
N GLU F 1923 -30.27 -29.70 -15.33
CA GLU F 1923 -31.05 -30.27 -16.43
C GLU F 1923 -32.33 -29.50 -16.76
N SER F 1924 -33.10 -29.06 -15.75
CA SER F 1924 -34.40 -28.44 -16.00
C SER F 1924 -34.22 -27.03 -16.54
N LEU F 1925 -34.94 -26.73 -17.64
CA LEU F 1925 -34.56 -25.64 -18.53
C LEU F 1925 -34.61 -24.26 -17.86
N SER F 1926 -35.62 -24.02 -17.02
CA SER F 1926 -35.80 -22.68 -16.46
C SER F 1926 -34.70 -22.32 -15.46
N ARG F 1927 -34.17 -23.30 -14.74
CA ARG F 1927 -33.23 -23.00 -13.67
C ARG F 1927 -31.87 -22.54 -14.22
N GLN F 1928 -31.46 -23.03 -15.40
CA GLN F 1928 -30.23 -22.51 -15.98
C GLN F 1928 -30.39 -21.05 -16.34
N LYS F 1929 -31.54 -20.68 -16.89
CA LYS F 1929 -31.80 -19.29 -17.25
C LYS F 1929 -31.78 -18.41 -16.02
N ALA F 1930 -32.42 -18.85 -14.94
CA ALA F 1930 -32.39 -18.08 -13.70
C ALA F 1930 -30.97 -17.94 -13.17
N ALA F 1931 -30.21 -19.03 -13.16
CA ALA F 1931 -28.85 -18.99 -12.63
C ALA F 1931 -27.94 -18.12 -13.49
N LEU F 1932 -28.09 -18.18 -14.82
CA LEU F 1932 -27.24 -17.36 -15.67
C LEU F 1932 -27.63 -15.88 -15.60
N SER F 1933 -28.89 -15.57 -15.34
CA SER F 1933 -29.27 -14.19 -15.04
C SER F 1933 -28.58 -13.71 -13.77
N ILE F 1934 -28.60 -14.55 -12.73
CA ILE F 1934 -27.90 -14.22 -11.49
C ILE F 1934 -26.41 -14.04 -11.76
N ILE F 1935 -25.83 -14.88 -12.61
CA ILE F 1935 -24.39 -14.81 -12.87
C ILE F 1935 -24.03 -13.56 -13.68
N GLU F 1936 -24.88 -13.15 -14.62
CA GLU F 1936 -24.64 -11.85 -15.27
C GLU F 1936 -24.70 -10.71 -14.27
N LYS F 1937 -25.63 -10.77 -13.33
CA LYS F 1937 -25.69 -9.74 -12.30
C LYS F 1937 -24.41 -9.73 -11.45
N MET F 1938 -23.95 -10.93 -11.03
CA MET F 1938 -22.76 -11.04 -10.19
C MET F 1938 -21.51 -10.62 -10.95
N ARG F 1939 -21.46 -10.91 -12.25
CA ARG F 1939 -20.33 -10.52 -13.09
C ARG F 1939 -20.34 -9.02 -13.35
N ILE F 1940 -21.53 -8.43 -13.48
CA ILE F 1940 -21.65 -6.98 -13.62
C ILE F 1940 -21.09 -6.29 -12.39
N HIS F 1941 -21.41 -6.81 -11.20
CA HIS F 1941 -20.75 -6.30 -10.00
C HIS F 1941 -19.24 -6.56 -10.03
N SER F 1942 -18.84 -7.81 -10.29
CA SER F 1942 -17.43 -8.17 -10.35
C SER F 1942 -17.20 -9.38 -11.24
N PRO F 1943 -16.45 -9.25 -12.34
CA PRO F 1943 -16.22 -10.41 -13.21
C PRO F 1943 -15.00 -11.24 -12.84
N VAL F 1944 -14.06 -10.63 -12.11
CA VAL F 1944 -12.74 -11.21 -11.91
C VAL F 1944 -12.81 -12.50 -11.09
N LEU F 1945 -13.81 -12.63 -10.23
CA LEU F 1945 -14.00 -13.88 -9.51
C LEU F 1945 -14.83 -14.85 -10.34
N VAL F 1946 -15.81 -14.35 -11.08
CA VAL F 1946 -16.77 -15.21 -11.78
C VAL F 1946 -16.09 -15.99 -12.90
N ASP F 1947 -15.26 -15.31 -13.70
CA ASP F 1947 -14.63 -16.00 -14.82
C ASP F 1947 -13.66 -17.09 -14.35
N GLN F 1948 -12.86 -16.78 -13.31
CA GLN F 1948 -11.93 -17.78 -12.80
C GLN F 1948 -12.65 -18.91 -12.07
N ALA F 1949 -13.79 -18.62 -11.43
CA ALA F 1949 -14.58 -19.68 -10.81
C ALA F 1949 -15.15 -20.61 -11.87
N GLU F 1950 -15.64 -20.06 -12.97
CA GLU F 1950 -16.12 -20.88 -14.07
C GLU F 1950 -15.00 -21.73 -14.65
N LEU F 1951 -13.82 -21.13 -14.81
CA LEU F 1951 -12.67 -21.86 -15.34
C LEU F 1951 -12.26 -23.01 -14.42
N VAL F 1952 -12.18 -22.76 -13.12
CA VAL F 1952 -11.73 -23.82 -12.22
C VAL F 1952 -12.79 -24.89 -12.08
N SER F 1953 -14.08 -24.54 -12.17
CA SER F 1953 -15.12 -25.57 -12.15
C SER F 1953 -15.03 -26.45 -13.39
N HIS F 1954 -14.97 -25.83 -14.57
CA HIS F 1954 -14.85 -26.58 -15.82
C HIS F 1954 -13.54 -27.35 -15.90
N GLU F 1955 -12.54 -26.97 -15.12
CA GLU F 1955 -11.26 -27.67 -15.13
C GLU F 1955 -11.26 -28.85 -14.16
N LEU F 1956 -11.77 -28.66 -12.94
CA LEU F 1956 -11.84 -29.77 -11.99
C LEU F 1956 -12.82 -30.85 -12.47
N ILE F 1957 -13.90 -30.48 -13.15
CA ILE F 1957 -14.81 -31.50 -13.68
C ILE F 1957 -14.09 -32.38 -14.70
N ARG F 1958 -13.05 -31.86 -15.35
CA ARG F 1958 -12.34 -32.69 -16.32
C ARG F 1958 -11.14 -33.40 -15.72
N MET F 1959 -10.54 -32.89 -14.64
CA MET F 1959 -9.64 -33.78 -13.89
C MET F 1959 -10.40 -34.87 -13.17
N ALA F 1960 -11.71 -34.74 -13.00
CA ALA F 1960 -12.47 -35.73 -12.24
C ALA F 1960 -12.34 -37.12 -12.84
N VAL F 1961 -12.77 -37.30 -14.08
CA VAL F 1961 -12.87 -38.62 -14.68
C VAL F 1961 -12.00 -38.64 -15.93
N LEU F 1962 -10.92 -39.42 -15.90
CA LEU F 1962 -10.03 -39.56 -17.04
C LEU F 1962 -10.67 -40.43 -18.10
N TRP F 1963 -10.33 -40.15 -19.37
CA TRP F 1963 -11.12 -40.61 -20.52
C TRP F 1963 -11.27 -42.13 -20.55
N HIS F 1964 -10.23 -42.86 -20.12
CA HIS F 1964 -10.34 -44.31 -19.99
C HIS F 1964 -11.48 -44.69 -19.05
N GLU F 1965 -11.71 -43.90 -18.01
CA GLU F 1965 -12.70 -44.28 -17.01
C GLU F 1965 -14.12 -44.11 -17.55
N GLN F 1966 -14.41 -43.00 -18.25
CA GLN F 1966 -15.77 -42.91 -18.80
C GLN F 1966 -15.97 -43.86 -19.97
N TRP F 1967 -14.92 -44.15 -20.74
CA TRP F 1967 -15.06 -45.18 -21.76
C TRP F 1967 -15.37 -46.53 -21.12
N TYR F 1968 -14.69 -46.85 -20.03
CA TYR F 1968 -14.97 -48.08 -19.28
C TYR F 1968 -16.38 -48.08 -18.73
N GLU F 1969 -16.84 -46.95 -18.21
CA GLU F 1969 -18.15 -46.86 -17.58
C GLU F 1969 -19.28 -46.96 -18.59
N GLY F 1970 -19.07 -46.46 -19.81
CA GLY F 1970 -20.00 -46.77 -20.87
C GLY F 1970 -19.96 -48.23 -21.26
N LEU F 1971 -18.74 -48.79 -21.34
CA LEU F 1971 -18.56 -50.12 -21.90
C LEU F 1971 -19.17 -51.21 -21.01
N ASP F 1972 -18.96 -51.14 -19.70
CA ASP F 1972 -19.42 -52.24 -18.85
C ASP F 1972 -20.94 -52.20 -18.74
N ASP F 1973 -21.51 -51.00 -18.70
CA ASP F 1973 -22.96 -50.86 -18.68
C ASP F 1973 -23.57 -51.39 -19.97
N ALA F 1974 -22.96 -51.07 -21.11
CA ALA F 1974 -23.46 -51.60 -22.38
C ALA F 1974 -23.36 -53.11 -22.42
N SER F 1975 -22.23 -53.67 -21.96
CA SER F 1975 -22.06 -55.12 -21.98
C SER F 1975 -23.06 -55.81 -21.05
N ARG F 1976 -23.29 -55.24 -19.87
CA ARG F 1976 -24.25 -55.81 -18.93
C ARG F 1976 -25.66 -55.76 -19.49
N GLN F 1977 -26.05 -54.64 -20.10
CA GLN F 1977 -27.38 -54.54 -20.70
C GLN F 1977 -27.55 -55.51 -21.86
N PHE F 1978 -26.51 -55.66 -22.69
CA PHE F 1978 -26.56 -56.61 -23.80
C PHE F 1978 -26.68 -58.04 -23.30
N PHE F 1979 -25.92 -58.40 -22.26
CA PHE F 1979 -26.01 -59.76 -21.72
C PHE F 1979 -27.33 -60.00 -21.02
N GLY F 1980 -27.91 -58.97 -20.42
CA GLY F 1980 -29.16 -59.12 -19.69
C GLY F 1980 -30.42 -59.14 -20.51
N GLU F 1981 -30.73 -58.03 -21.20
CA GLU F 1981 -32.06 -57.86 -21.76
C GLU F 1981 -32.12 -57.77 -23.29
N HIS F 1982 -31.02 -57.39 -23.95
CA HIS F 1982 -30.93 -57.38 -25.42
C HIS F 1982 -31.97 -56.45 -26.05
N ASN F 1983 -31.89 -55.18 -25.70
CA ASN F 1983 -32.79 -54.16 -26.26
C ASN F 1983 -31.98 -53.17 -27.08
N THR F 1984 -32.30 -53.07 -28.37
CA THR F 1984 -31.53 -52.24 -29.29
C THR F 1984 -31.61 -50.76 -28.94
N GLU F 1985 -32.74 -50.31 -28.39
CA GLU F 1985 -32.86 -48.92 -27.98
C GLU F 1985 -31.87 -48.57 -26.87
N LYS F 1986 -31.76 -49.44 -25.86
CA LYS F 1986 -30.80 -49.16 -24.79
C LYS F 1986 -29.37 -49.44 -25.24
N MET F 1987 -29.17 -50.32 -26.24
CA MET F 1987 -27.84 -50.43 -26.83
C MET F 1987 -27.42 -49.12 -27.50
N PHE F 1988 -28.33 -48.50 -28.27
CA PHE F 1988 -28.02 -47.22 -28.88
C PHE F 1988 -27.81 -46.15 -27.82
N ALA F 1989 -28.62 -46.17 -26.75
CA ALA F 1989 -28.46 -45.19 -25.67
C ALA F 1989 -27.12 -45.33 -24.97
N ALA F 1990 -26.69 -46.57 -24.71
CA ALA F 1990 -25.41 -46.79 -24.04
C ALA F 1990 -24.22 -46.64 -24.95
N LEU F 1991 -24.42 -46.68 -26.27
CA LEU F 1991 -23.30 -46.60 -27.19
C LEU F 1991 -23.14 -45.24 -27.85
N GLU F 1992 -24.15 -44.38 -27.81
CA GLU F 1992 -24.01 -43.05 -28.42
C GLU F 1992 -22.93 -42.16 -27.79
N PRO F 1993 -22.78 -42.04 -26.42
CA PRO F 1993 -21.92 -40.96 -25.90
C PRO F 1993 -20.44 -41.19 -26.18
N LEU F 1994 -19.97 -42.42 -25.96
CA LEU F 1994 -18.57 -42.74 -26.24
C LEU F 1994 -18.26 -42.61 -27.73
N TYR F 1995 -19.20 -43.02 -28.58
CA TYR F 1995 -19.01 -42.90 -30.02
C TYR F 1995 -18.93 -41.44 -30.45
N GLU F 1996 -19.72 -40.57 -29.81
CA GLU F 1996 -19.79 -39.19 -30.27
C GLU F 1996 -18.70 -38.30 -29.68
N MET F 1997 -18.22 -38.57 -28.47
CA MET F 1997 -17.28 -37.64 -27.83
C MET F 1997 -15.86 -37.71 -28.40
N LEU F 1998 -15.57 -38.67 -29.27
CA LEU F 1998 -14.20 -38.80 -29.79
C LEU F 1998 -13.90 -37.85 -30.95
N LYS F 1999 -14.87 -37.10 -31.44
CA LYS F 1999 -14.69 -36.21 -32.58
C LYS F 1999 -14.91 -34.75 -32.20
N ARG F 2000 -14.42 -34.35 -31.04
CA ARG F 2000 -14.34 -32.95 -30.65
C ARG F 2000 -12.94 -32.37 -30.72
N GLY F 2001 -11.94 -33.17 -31.03
CA GLY F 2001 -10.58 -32.68 -31.08
C GLY F 2001 -9.93 -32.72 -29.71
N PRO F 2002 -8.60 -32.70 -29.67
CA PRO F 2002 -7.90 -32.82 -28.39
C PRO F 2002 -8.00 -31.55 -27.55
N GLU F 2003 -7.97 -31.73 -26.24
CA GLU F 2003 -7.80 -30.63 -25.30
C GLU F 2003 -6.78 -30.90 -24.21
N THR F 2004 -6.23 -32.11 -24.11
CA THR F 2004 -5.23 -32.41 -23.10
C THR F 2004 -4.33 -33.54 -23.61
N LEU F 2005 -3.20 -33.72 -22.92
CA LEU F 2005 -2.26 -34.77 -23.30
C LEU F 2005 -2.86 -36.16 -23.10
N ARG F 2006 -3.75 -36.32 -22.13
CA ARG F 2006 -4.45 -37.59 -21.97
C ARG F 2006 -5.32 -37.88 -23.18
N GLU F 2007 -6.02 -36.87 -23.69
CA GLU F 2007 -6.82 -37.04 -24.90
C GLU F 2007 -5.93 -37.32 -26.10
N ILE F 2008 -4.77 -36.67 -26.16
CA ILE F 2008 -3.82 -36.90 -27.24
C ILE F 2008 -3.36 -38.37 -27.24
N SER F 2009 -3.04 -38.88 -26.05
CA SER F 2009 -2.62 -40.28 -25.95
C SER F 2009 -3.77 -41.24 -26.19
N PHE F 2010 -4.99 -40.84 -25.86
CA PHE F 2010 -6.13 -41.73 -26.03
C PHE F 2010 -6.55 -41.85 -27.49
N GLN F 2011 -6.52 -40.73 -28.24
CA GLN F 2011 -7.12 -40.73 -29.56
C GLN F 2011 -6.27 -41.48 -30.58
N ASN F 2012 -4.94 -41.47 -30.42
CA ASN F 2012 -4.07 -42.13 -31.39
C ASN F 2012 -3.75 -43.57 -31.01
N SER F 2013 -4.16 -44.02 -29.83
CA SER F 2013 -3.86 -45.37 -29.36
C SER F 2013 -5.04 -46.32 -29.43
N PHE F 2014 -6.26 -45.82 -29.21
CA PHE F 2014 -7.43 -46.68 -29.14
C PHE F 2014 -8.50 -46.34 -30.17
N GLY F 2015 -8.36 -45.23 -30.90
CA GLY F 2015 -9.40 -44.82 -31.82
C GLY F 2015 -9.56 -45.75 -33.02
N ARG F 2016 -8.46 -46.34 -33.49
CA ARG F 2016 -8.50 -47.13 -34.73
C ARG F 2016 -9.34 -48.39 -34.56
N ASP F 2017 -9.16 -49.12 -33.46
CA ASP F 2017 -9.92 -50.35 -33.25
C ASP F 2017 -11.40 -50.06 -33.08
N LEU F 2018 -11.73 -49.00 -32.34
CA LEU F 2018 -13.13 -48.63 -32.15
C LEU F 2018 -13.77 -48.19 -33.47
N ASN F 2019 -13.04 -47.45 -34.29
CA ASN F 2019 -13.58 -47.05 -35.58
C ASN F 2019 -13.74 -48.24 -36.52
N ASP F 2020 -12.82 -49.21 -36.44
CA ASP F 2020 -12.96 -50.43 -37.23
C ASP F 2020 -14.18 -51.23 -36.79
N ALA F 2021 -14.42 -51.32 -35.47
CA ALA F 2021 -15.62 -52.00 -34.99
C ALA F 2021 -16.88 -51.22 -35.28
N TYR F 2022 -16.78 -49.90 -35.47
CA TYR F 2022 -17.92 -49.08 -35.84
C TYR F 2022 -18.47 -49.46 -37.21
N GLU F 2023 -17.66 -50.04 -38.08
CA GLU F 2023 -18.16 -50.53 -39.36
C GLU F 2023 -19.17 -51.65 -39.18
N TRP F 2024 -18.95 -52.49 -38.16
CA TRP F 2024 -19.90 -53.57 -37.87
C TRP F 2024 -21.26 -53.02 -37.48
N LEU F 2025 -21.29 -51.99 -36.63
CA LEU F 2025 -22.57 -51.40 -36.24
C LEU F 2025 -23.18 -50.60 -37.38
N MET F 2026 -22.34 -49.99 -38.23
CA MET F 2026 -22.86 -49.30 -39.42
C MET F 2026 -23.54 -50.28 -40.37
N ASN F 2027 -22.97 -51.48 -40.50
CA ASN F 2027 -23.63 -52.53 -41.28
C ASN F 2027 -24.86 -53.07 -40.57
N TYR F 2028 -24.82 -53.13 -39.23
CA TYR F 2028 -25.96 -53.59 -38.44
C TYR F 2028 -27.16 -52.69 -38.62
N LYS F 2029 -26.94 -51.37 -38.64
CA LYS F 2029 -28.06 -50.42 -38.73
C LYS F 2029 -28.79 -50.51 -40.06
N LYS F 2030 -28.19 -51.14 -41.08
CA LYS F 2030 -28.86 -51.36 -42.36
C LYS F 2030 -29.25 -52.81 -42.60
N SER F 2031 -28.62 -53.76 -41.92
CA SER F 2031 -28.93 -55.18 -42.14
C SER F 2031 -29.98 -55.70 -41.16
N LYS F 2032 -29.94 -55.23 -39.91
CA LYS F 2032 -30.86 -55.64 -38.85
C LYS F 2032 -30.84 -57.15 -38.62
N ASP F 2033 -29.62 -57.70 -38.50
CA ASP F 2033 -29.43 -59.10 -38.17
C ASP F 2033 -28.47 -59.25 -36.99
N VAL F 2034 -28.72 -60.27 -36.16
CA VAL F 2034 -28.10 -60.34 -34.85
C VAL F 2034 -26.61 -60.62 -34.95
N SER F 2035 -26.21 -61.47 -35.91
CA SER F 2035 -24.82 -61.91 -36.01
C SER F 2035 -23.85 -60.81 -36.40
N ASN F 2036 -24.35 -59.65 -36.83
CA ASN F 2036 -23.49 -58.55 -37.27
C ASN F 2036 -22.74 -57.87 -36.13
N LEU F 2037 -23.08 -58.17 -34.88
CA LEU F 2037 -22.48 -57.49 -33.75
C LEU F 2037 -21.53 -58.36 -32.93
N ASN F 2038 -21.40 -59.64 -33.26
CA ASN F 2038 -20.55 -60.53 -32.46
C ASN F 2038 -19.07 -60.17 -32.59
N GLN F 2039 -18.61 -59.88 -33.80
CA GLN F 2039 -17.21 -59.50 -33.99
C GLN F 2039 -16.92 -58.15 -33.35
N ALA F 2040 -17.86 -57.21 -33.45
CA ALA F 2040 -17.72 -55.92 -32.78
C ALA F 2040 -17.67 -56.09 -31.27
N TRP F 2041 -18.47 -57.01 -30.73
CA TRP F 2041 -18.44 -57.27 -29.29
C TRP F 2041 -17.15 -57.93 -28.88
N ASP F 2042 -16.56 -58.78 -29.74
CA ASP F 2042 -15.24 -59.32 -29.45
C ASP F 2042 -14.18 -58.22 -29.43
N ILE F 2043 -14.27 -57.28 -30.37
CA ILE F 2043 -13.33 -56.16 -30.40
C ILE F 2043 -13.49 -55.30 -29.14
N TYR F 2044 -14.72 -55.01 -28.75
CA TYR F 2044 -14.96 -54.29 -27.50
C TYR F 2044 -14.55 -55.10 -26.29
N TYR F 2045 -14.58 -56.44 -26.36
CA TYR F 2045 -14.09 -57.24 -25.25
C TYR F 2045 -12.58 -57.10 -25.11
N ASN F 2046 -11.85 -57.09 -26.24
CA ASN F 2046 -10.42 -56.84 -26.18
C ASN F 2046 -10.13 -55.43 -25.66
N VAL F 2047 -10.94 -54.45 -26.08
CA VAL F 2047 -10.81 -53.09 -25.57
C VAL F 2047 -11.06 -53.06 -24.07
N PHE F 2048 -12.09 -53.77 -23.61
CA PHE F 2048 -12.40 -53.90 -22.19
C PHE F 2048 -11.20 -54.47 -21.45
N ARG F 2049 -10.60 -55.52 -22.00
CA ARG F 2049 -9.46 -56.17 -21.35
C ARG F 2049 -8.28 -55.22 -21.22
N LYS F 2050 -7.94 -54.51 -22.31
CA LYS F 2050 -6.76 -53.64 -22.25
C LYS F 2050 -7.00 -52.42 -21.36
N ILE F 2051 -8.19 -51.83 -21.42
CA ILE F 2051 -8.48 -50.67 -20.57
C ILE F 2051 -8.55 -51.09 -19.11
N GLY F 2052 -9.19 -52.21 -18.80
CA GLY F 2052 -9.23 -52.68 -17.43
C GLY F 2052 -7.94 -53.29 -16.95
N LYS F 2053 -6.98 -53.51 -17.85
CA LYS F 2053 -5.64 -53.88 -17.42
C LYS F 2053 -4.80 -52.65 -17.10
N GLN F 2054 -4.92 -51.60 -17.93
CA GLN F 2054 -4.13 -50.39 -17.70
C GLN F 2054 -4.70 -49.53 -16.58
N LEU F 2055 -6.01 -49.60 -16.34
CA LEU F 2055 -6.63 -48.76 -15.32
C LEU F 2055 -6.08 -48.99 -13.91
N PRO F 2056 -5.84 -50.21 -13.42
CA PRO F 2056 -5.14 -50.36 -12.14
C PRO F 2056 -3.63 -50.16 -12.21
N GLN F 2057 -3.12 -49.50 -13.26
CA GLN F 2057 -1.71 -49.14 -13.32
C GLN F 2057 -1.50 -47.63 -13.24
N LEU F 2058 -2.53 -46.88 -12.86
CA LEU F 2058 -2.40 -45.44 -12.62
C LEU F 2058 -2.70 -45.17 -11.15
N GLN F 2059 -1.69 -45.30 -10.31
CA GLN F 2059 -1.78 -44.95 -8.90
C GLN F 2059 -1.41 -43.50 -8.64
N THR F 2060 -1.00 -42.76 -9.66
CA THR F 2060 -0.63 -41.36 -9.51
C THR F 2060 -0.87 -40.68 -10.85
N LEU F 2061 -1.59 -39.56 -10.81
CA LEU F 2061 -1.90 -38.78 -12.01
C LEU F 2061 -0.99 -37.55 -12.03
N GLU F 2062 -0.36 -37.31 -13.17
CA GLU F 2062 0.55 -36.19 -13.33
C GLU F 2062 -0.21 -34.94 -13.73
N LEU F 2063 0.09 -33.83 -13.05
CA LEU F 2063 -0.66 -32.59 -13.26
C LEU F 2063 -0.50 -32.08 -14.68
N GLN F 2064 0.72 -32.09 -15.21
CA GLN F 2064 0.92 -31.63 -16.58
C GLN F 2064 0.33 -32.61 -17.58
N HIS F 2065 0.24 -33.89 -17.22
CA HIS F 2065 -0.32 -34.87 -18.13
C HIS F 2065 -1.85 -34.79 -18.21
N VAL F 2066 -2.50 -34.46 -17.10
CA VAL F 2066 -3.97 -34.38 -17.12
C VAL F 2066 -4.45 -32.98 -17.50
N SER F 2067 -3.69 -31.93 -17.19
CA SER F 2067 -4.11 -30.58 -17.56
C SER F 2067 -2.92 -29.64 -17.65
N PRO F 2068 -2.58 -29.15 -18.84
CA PRO F 2068 -1.57 -28.08 -18.94
C PRO F 2068 -2.00 -26.79 -18.28
N LYS F 2069 -3.31 -26.51 -18.22
CA LYS F 2069 -3.79 -25.26 -17.64
C LYS F 2069 -3.65 -25.24 -16.12
N LEU F 2070 -3.58 -26.41 -15.48
CA LEU F 2070 -3.40 -26.46 -14.03
C LEU F 2070 -2.06 -25.86 -13.61
N LEU F 2071 -1.06 -25.92 -14.49
CA LEU F 2071 0.23 -25.31 -14.17
C LEU F 2071 0.09 -23.80 -13.95
N SER F 2072 -0.65 -23.13 -14.83
CA SER F 2072 -0.89 -21.71 -14.70
C SER F 2072 -2.06 -21.38 -13.78
N ALA F 2073 -2.82 -22.39 -13.35
CA ALA F 2073 -3.98 -22.15 -12.50
C ALA F 2073 -3.50 -21.77 -11.10
N HIS F 2074 -3.12 -20.50 -10.96
CA HIS F 2074 -2.66 -19.96 -9.70
C HIS F 2074 -2.92 -18.45 -9.70
N ASP F 2075 -2.66 -17.84 -8.53
CA ASP F 2075 -2.83 -16.40 -8.33
C ASP F 2075 -4.25 -15.95 -8.67
N LEU F 2076 -5.23 -16.74 -8.23
CA LEU F 2076 -6.64 -16.41 -8.35
C LEU F 2076 -7.22 -16.16 -6.97
N GLU F 2077 -8.01 -15.09 -6.84
CA GLU F 2077 -8.49 -14.64 -5.53
C GLU F 2077 -9.52 -15.59 -4.93
N LEU F 2078 -9.99 -16.58 -5.67
CA LEU F 2078 -10.91 -17.57 -5.14
C LEU F 2078 -10.25 -18.35 -4.00
N ALA F 2079 -10.99 -18.54 -2.91
CA ALA F 2079 -10.47 -19.22 -1.74
C ALA F 2079 -10.49 -20.73 -1.93
N VAL F 2080 -9.93 -21.44 -0.95
CA VAL F 2080 -9.98 -22.90 -0.95
C VAL F 2080 -11.43 -23.35 -0.80
N PRO F 2081 -11.89 -24.35 -1.56
CA PRO F 2081 -13.34 -24.63 -1.59
C PRO F 2081 -13.89 -25.29 -0.35
N GLY F 2082 -13.56 -24.78 0.84
CA GLY F 2082 -14.19 -25.25 2.05
C GLY F 2082 -14.38 -24.19 3.12
N THR F 2083 -13.97 -22.96 2.83
CA THR F 2083 -13.89 -21.90 3.83
C THR F 2083 -14.95 -20.85 3.56
N ARG F 2084 -15.74 -20.53 4.58
CA ARG F 2084 -16.79 -19.52 4.48
C ARG F 2084 -17.17 -19.09 5.89
N ALA F 2085 -17.21 -17.78 6.11
CA ALA F 2085 -17.55 -17.25 7.43
C ALA F 2085 -18.09 -15.84 7.26
N SER F 2086 -19.36 -15.64 7.60
CA SER F 2086 -19.98 -14.33 7.51
C SER F 2086 -19.37 -13.39 8.55
N GLY F 2087 -19.10 -12.15 8.12
CA GLY F 2087 -18.48 -11.17 8.99
C GLY F 2087 -16.98 -11.31 9.06
N GLY F 2088 -16.45 -11.63 10.25
CA GLY F 2088 -15.03 -11.78 10.42
C GLY F 2088 -14.46 -13.03 9.77
N LYS F 2089 -13.71 -12.86 8.69
CA LYS F 2089 -13.10 -13.99 8.01
C LYS F 2089 -11.82 -13.55 7.30
N PRO F 2090 -10.69 -14.17 7.60
CA PRO F 2090 -9.46 -13.88 6.85
C PRO F 2090 -9.58 -14.36 5.41
N ILE F 2091 -8.92 -13.63 4.52
CA ILE F 2091 -8.93 -13.96 3.11
C ILE F 2091 -8.04 -15.17 2.87
N VAL F 2092 -8.57 -16.18 2.19
CA VAL F 2092 -7.84 -17.38 1.85
C VAL F 2092 -7.41 -17.27 0.39
N LYS F 2093 -6.11 -17.42 0.15
CA LYS F 2093 -5.50 -17.18 -1.16
C LYS F 2093 -4.92 -18.50 -1.66
N ILE F 2094 -5.38 -18.96 -2.81
CA ILE F 2094 -4.89 -20.20 -3.40
C ILE F 2094 -3.56 -19.92 -4.09
N SER F 2095 -2.55 -20.71 -3.77
CA SER F 2095 -1.20 -20.47 -4.28
C SER F 2095 -0.72 -21.50 -5.29
N LYS F 2096 -0.74 -22.79 -4.95
CA LYS F 2096 -0.18 -23.79 -5.84
C LYS F 2096 -0.78 -25.16 -5.53
N PHE F 2097 -0.57 -26.09 -6.47
CA PHE F 2097 -0.97 -27.48 -6.32
C PHE F 2097 0.24 -28.36 -6.61
N GLU F 2098 0.39 -29.44 -5.86
CA GLU F 2098 1.48 -30.38 -6.13
C GLU F 2098 1.19 -31.13 -7.43
N PRO F 2099 2.23 -31.49 -8.18
CA PRO F 2099 2.00 -32.18 -9.46
C PRO F 2099 1.44 -33.58 -9.33
N VAL F 2100 1.59 -34.23 -8.17
CA VAL F 2100 1.28 -35.65 -8.02
C VAL F 2100 -0.05 -35.80 -7.28
N PHE F 2101 -0.82 -36.81 -7.67
CA PHE F 2101 -2.08 -37.17 -7.05
C PHE F 2101 -2.03 -38.64 -6.63
N SER F 2102 -3.18 -39.16 -6.21
CA SER F 2102 -3.26 -40.57 -5.84
C SER F 2102 -4.70 -41.04 -6.01
N VAL F 2103 -4.86 -42.37 -6.10
CA VAL F 2103 -6.17 -42.99 -6.27
C VAL F 2103 -6.35 -44.05 -5.19
N ILE F 2104 -7.62 -44.33 -4.89
CA ILE F 2104 -7.99 -45.36 -3.93
C ILE F 2104 -8.95 -46.32 -4.61
N SER F 2105 -8.68 -47.63 -4.50
CA SER F 2105 -9.52 -48.64 -5.13
C SER F 2105 -10.85 -48.71 -4.39
N SER F 2106 -11.91 -48.17 -4.99
CA SER F 2106 -13.21 -48.13 -4.34
C SER F 2106 -14.37 -48.42 -5.29
N LYS F 2107 -14.04 -48.83 -6.56
CA LYS F 2107 -15.06 -49.07 -7.57
C LYS F 2107 -15.53 -47.75 -8.19
N GLN F 2108 -15.09 -46.63 -7.63
CA GLN F 2108 -15.29 -45.33 -8.23
C GLN F 2108 -14.03 -44.48 -8.24
N ARG F 2109 -12.99 -44.89 -7.51
CA ARG F 2109 -11.63 -44.38 -7.58
C ARG F 2109 -11.57 -42.87 -7.37
N PRO F 2110 -11.63 -42.40 -6.12
CA PRO F 2110 -11.52 -40.97 -5.85
C PRO F 2110 -10.08 -40.50 -6.01
N ARG F 2111 -9.91 -39.18 -6.01
CA ARG F 2111 -8.60 -38.56 -6.18
C ARG F 2111 -8.27 -37.74 -4.94
N LYS F 2112 -7.20 -38.10 -4.24
CA LYS F 2112 -6.71 -37.24 -3.17
C LYS F 2112 -6.03 -36.02 -3.78
N PHE F 2113 -6.37 -34.84 -3.27
CA PHE F 2113 -5.90 -33.59 -3.86
C PHE F 2113 -5.42 -32.68 -2.75
N CYS F 2114 -4.41 -31.88 -3.04
CA CYS F 2114 -3.90 -30.94 -2.06
C CYS F 2114 -3.55 -29.62 -2.73
N ILE F 2115 -3.59 -28.56 -1.93
CA ILE F 2115 -3.33 -27.19 -2.38
C ILE F 2115 -2.32 -26.56 -1.42
N LYS F 2116 -1.29 -25.93 -1.99
CA LYS F 2116 -0.38 -25.13 -1.18
C LYS F 2116 -1.06 -23.81 -0.86
N GLY F 2117 -1.18 -23.49 0.44
CA GLY F 2117 -1.92 -22.33 0.87
C GLY F 2117 -1.04 -21.13 1.16
N SER F 2118 -1.65 -19.94 1.03
CA SER F 2118 -0.96 -18.71 1.36
C SER F 2118 -0.60 -18.63 2.84
N ASP F 2119 -1.34 -19.33 3.70
CA ASP F 2119 -0.98 -19.43 5.11
C ASP F 2119 0.23 -20.31 5.33
N GLY F 2120 0.70 -21.02 4.29
CA GLY F 2120 1.81 -21.93 4.42
C GLY F 2120 1.43 -23.33 4.83
N LYS F 2121 0.16 -23.58 5.13
CA LYS F 2121 -0.32 -24.90 5.52
C LYS F 2121 -1.07 -25.52 4.35
N ASP F 2122 -0.75 -26.78 4.07
CA ASP F 2122 -1.38 -27.50 2.98
C ASP F 2122 -2.85 -27.76 3.28
N TYR F 2123 -3.69 -27.61 2.26
CA TYR F 2123 -5.12 -27.86 2.37
C TYR F 2123 -5.45 -29.09 1.54
N LYS F 2124 -5.89 -30.16 2.20
CA LYS F 2124 -6.08 -31.44 1.53
C LYS F 2124 -7.56 -31.77 1.44
N TYR F 2125 -8.04 -31.99 0.21
CA TYR F 2125 -9.39 -32.43 -0.07
C TYR F 2125 -9.35 -33.76 -0.81
N VAL F 2126 -10.53 -34.33 -1.05
CA VAL F 2126 -10.65 -35.51 -1.90
C VAL F 2126 -11.77 -35.28 -2.90
N LEU F 2127 -11.48 -35.54 -4.17
CA LEU F 2127 -12.42 -35.30 -5.25
C LEU F 2127 -13.10 -36.62 -5.60
N LYS F 2128 -14.42 -36.58 -5.69
CA LYS F 2128 -15.21 -37.75 -6.04
C LYS F 2128 -16.08 -37.42 -7.24
N GLY F 2129 -16.35 -38.44 -8.05
CA GLY F 2129 -17.24 -38.30 -9.18
C GLY F 2129 -18.21 -39.45 -9.23
N HIS F 2130 -19.22 -39.31 -10.08
CA HIS F 2130 -20.30 -40.29 -10.26
C HIS F 2130 -21.04 -40.59 -8.95
N GLU F 2131 -20.98 -39.67 -7.99
CA GLU F 2131 -21.68 -39.80 -6.72
C GLU F 2131 -22.08 -38.40 -6.27
N ASP F 2132 -23.37 -38.17 -6.12
CA ASP F 2132 -23.86 -36.87 -5.70
C ASP F 2132 -23.44 -36.61 -4.25
N ILE F 2133 -22.78 -35.48 -4.01
CA ILE F 2133 -22.34 -35.10 -2.68
C ILE F 2133 -23.11 -33.90 -2.15
N ARG F 2134 -24.13 -33.45 -2.88
CA ARG F 2134 -24.91 -32.33 -2.38
C ARG F 2134 -25.69 -32.72 -1.13
N GLN F 2135 -26.16 -33.98 -1.06
CA GLN F 2135 -26.74 -34.47 0.18
C GLN F 2135 -25.70 -34.61 1.28
N ASP F 2136 -24.44 -34.85 0.95
CA ASP F 2136 -23.39 -34.84 1.96
C ASP F 2136 -23.20 -33.44 2.53
N SER F 2137 -23.06 -32.44 1.64
CA SER F 2137 -22.96 -31.05 2.08
C SER F 2137 -24.20 -30.61 2.85
N LEU F 2138 -25.33 -31.23 2.54
CA LEU F 2138 -26.60 -30.92 3.18
C LEU F 2138 -26.70 -31.54 4.57
N VAL F 2139 -26.19 -32.77 4.74
CA VAL F 2139 -26.24 -33.39 6.07
C VAL F 2139 -25.12 -32.82 6.94
N MET F 2140 -24.16 -32.12 6.33
CA MET F 2140 -23.15 -31.42 7.12
C MET F 2140 -23.78 -30.39 8.05
N GLN F 2141 -24.74 -29.60 7.55
CA GLN F 2141 -25.36 -28.63 8.43
C GLN F 2141 -26.27 -29.30 9.45
N LEU F 2142 -26.79 -30.49 9.14
CA LEU F 2142 -27.51 -31.27 10.14
C LEU F 2142 -26.61 -31.65 11.30
N PHE F 2143 -25.39 -32.13 10.99
CA PHE F 2143 -24.42 -32.41 12.03
C PHE F 2143 -24.04 -31.15 12.80
N GLY F 2144 -23.87 -30.04 12.10
CA GLY F 2144 -23.55 -28.78 12.76
C GLY F 2144 -24.62 -28.37 13.75
N LEU F 2145 -25.89 -28.47 13.35
CA LEU F 2145 -26.96 -28.01 14.23
C LEU F 2145 -27.23 -28.98 15.37
N VAL F 2146 -27.06 -30.30 15.16
CA VAL F 2146 -27.22 -31.20 16.28
C VAL F 2146 -26.07 -31.03 17.27
N ASN F 2147 -24.87 -30.73 16.77
CA ASN F 2147 -23.75 -30.40 17.66
C ASN F 2147 -24.05 -29.12 18.43
N THR F 2148 -24.66 -28.14 17.75
CA THR F 2148 -25.05 -26.91 18.42
C THR F 2148 -26.05 -27.17 19.54
N LEU F 2149 -27.03 -28.04 19.29
CA LEU F 2149 -27.98 -28.40 20.33
C LEU F 2149 -27.30 -29.10 21.50
N LEU F 2150 -26.36 -30.02 21.19
CA LEU F 2150 -25.64 -30.73 22.25
C LEU F 2150 -24.83 -29.77 23.11
N GLN F 2151 -24.15 -28.81 22.50
CA GLN F 2151 -23.36 -27.87 23.30
C GLN F 2151 -24.24 -26.85 24.01
N ASN F 2152 -25.41 -26.53 23.45
CA ASN F 2152 -26.35 -25.67 24.15
C ASN F 2152 -26.87 -26.33 25.41
N ASP F 2153 -27.20 -27.62 25.33
CA ASP F 2153 -27.52 -28.36 26.54
C ASP F 2153 -26.26 -28.66 27.34
N ALA F 2154 -26.44 -28.99 28.62
CA ALA F 2154 -25.29 -29.21 29.48
C ALA F 2154 -25.50 -30.40 30.42
N GLU F 2155 -26.34 -31.36 30.03
CA GLU F 2155 -26.54 -32.54 30.85
C GLU F 2155 -25.31 -33.44 30.83
N CYS F 2156 -24.64 -33.53 29.68
CA CYS F 2156 -23.42 -34.31 29.53
C CYS F 2156 -22.34 -33.49 28.86
N PHE F 2157 -22.29 -32.20 29.14
CA PHE F 2157 -21.32 -31.31 28.52
C PHE F 2157 -19.91 -31.70 28.93
N ARG F 2158 -19.74 -32.13 30.19
CA ARG F 2158 -18.45 -32.63 30.65
C ARG F 2158 -18.03 -33.91 29.92
N ARG F 2159 -18.99 -34.66 29.38
CA ARG F 2159 -18.65 -35.86 28.62
C ARG F 2159 -18.10 -35.55 27.25
N HIS F 2160 -18.10 -34.29 26.83
CA HIS F 2160 -17.47 -33.83 25.59
C HIS F 2160 -18.09 -34.51 24.36
N LEU F 2161 -19.41 -34.50 24.30
CA LEU F 2161 -20.11 -35.10 23.17
C LEU F 2161 -20.05 -34.14 21.98
N ASP F 2162 -19.55 -34.62 20.86
CA ASP F 2162 -19.27 -33.74 19.72
C ASP F 2162 -19.20 -34.62 18.47
N ILE F 2163 -19.57 -34.00 17.34
CA ILE F 2163 -19.50 -34.64 16.03
C ILE F 2163 -18.57 -33.81 15.16
N GLN F 2164 -17.58 -34.47 14.55
CA GLN F 2164 -16.62 -33.76 13.71
C GLN F 2164 -17.25 -33.28 12.42
N GLN F 2165 -16.84 -32.10 11.97
CA GLN F 2165 -17.26 -31.54 10.71
C GLN F 2165 -16.07 -31.41 9.77
N TYR F 2166 -16.28 -31.76 8.50
CA TYR F 2166 -15.30 -31.47 7.48
C TYR F 2166 -15.98 -30.80 6.30
N PRO F 2167 -15.37 -29.77 5.72
CA PRO F 2167 -16.04 -29.01 4.66
C PRO F 2167 -16.22 -29.86 3.40
N ALA F 2168 -17.31 -29.57 2.68
CA ALA F 2168 -17.63 -30.31 1.46
C ALA F 2168 -18.60 -29.47 0.66
N ILE F 2169 -18.21 -29.08 -0.56
CA ILE F 2169 -19.11 -28.38 -1.46
C ILE F 2169 -19.09 -29.04 -2.84
N PRO F 2170 -20.24 -29.21 -3.48
CA PRO F 2170 -20.26 -29.84 -4.81
C PRO F 2170 -19.79 -28.89 -5.89
N LEU F 2171 -19.27 -29.48 -6.96
CA LEU F 2171 -18.89 -28.74 -8.15
C LEU F 2171 -19.69 -29.14 -9.38
N SER F 2172 -20.58 -30.12 -9.24
CA SER F 2172 -21.33 -30.70 -10.35
C SER F 2172 -22.42 -31.59 -9.75
N PRO F 2173 -23.48 -31.88 -10.51
CA PRO F 2173 -24.49 -32.83 -10.01
C PRO F 2173 -23.93 -34.20 -9.68
N LYS F 2174 -22.88 -34.65 -10.38
CA LYS F 2174 -22.34 -35.99 -10.17
C LYS F 2174 -20.89 -35.98 -9.71
N SER F 2175 -20.39 -34.87 -9.16
CA SER F 2175 -19.04 -34.84 -8.63
C SER F 2175 -18.93 -33.73 -7.60
N GLY F 2176 -17.79 -33.72 -6.91
CA GLY F 2176 -17.52 -32.66 -5.95
C GLY F 2176 -16.32 -32.98 -5.09
N LEU F 2177 -16.19 -32.20 -4.02
CA LEU F 2177 -15.05 -32.24 -3.10
C LEU F 2177 -15.51 -32.55 -1.69
N LEU F 2178 -14.71 -33.33 -0.98
CA LEU F 2178 -14.95 -33.69 0.41
C LEU F 2178 -13.71 -33.36 1.22
N GLY F 2179 -13.91 -33.21 2.54
CA GLY F 2179 -12.81 -32.94 3.44
C GLY F 2179 -11.95 -34.16 3.72
N TRP F 2180 -10.91 -33.94 4.51
CA TRP F 2180 -9.93 -34.98 4.83
C TRP F 2180 -9.31 -34.64 6.18
N VAL F 2181 -9.74 -35.35 7.22
CA VAL F 2181 -9.30 -35.04 8.58
C VAL F 2181 -7.82 -35.32 8.71
N PRO F 2182 -7.02 -34.41 9.27
CA PRO F 2182 -5.59 -34.65 9.39
C PRO F 2182 -5.28 -35.71 10.44
N ASN F 2183 -4.08 -36.28 10.31
CA ASN F 2183 -3.49 -37.31 11.18
C ASN F 2183 -4.51 -38.36 11.62
N SER F 2184 -5.11 -39.00 10.62
CA SER F 2184 -6.09 -40.04 10.89
C SER F 2184 -5.97 -41.12 9.83
N ASP F 2185 -6.63 -42.24 10.09
CA ASP F 2185 -6.56 -43.42 9.23
C ASP F 2185 -7.82 -44.24 9.39
N THR F 2186 -8.07 -45.12 8.43
CA THR F 2186 -9.29 -45.91 8.44
C THR F 2186 -9.12 -47.18 9.25
N PHE F 2187 -10.27 -47.74 9.66
CA PHE F 2187 -10.27 -49.00 10.37
C PHE F 2187 -9.67 -50.10 9.51
N HIS F 2188 -9.94 -50.07 8.20
CA HIS F 2188 -9.42 -51.07 7.30
C HIS F 2188 -7.90 -51.03 7.22
N VAL F 2189 -7.33 -49.82 7.10
CA VAL F 2189 -5.88 -49.75 7.00
C VAL F 2189 -5.23 -50.10 8.33
N LEU F 2190 -5.87 -49.76 9.46
CA LEU F 2190 -5.34 -50.20 10.75
C LEU F 2190 -5.33 -51.73 10.85
N ILE F 2191 -6.42 -52.36 10.43
CA ILE F 2191 -6.52 -53.81 10.51
C ILE F 2191 -5.49 -54.49 9.63
N ARG F 2192 -5.37 -54.03 8.37
CA ARG F 2192 -4.41 -54.68 7.48
C ARG F 2192 -2.98 -54.45 7.94
N GLU F 2193 -2.68 -53.26 8.46
CA GLU F 2193 -1.34 -52.99 8.97
C GLU F 2193 -1.01 -53.92 10.13
N HIS F 2194 -1.92 -54.05 11.08
CA HIS F 2194 -1.65 -54.90 12.24
C HIS F 2194 -1.50 -56.36 11.85
N ARG F 2195 -2.40 -56.86 10.99
CA ARG F 2195 -2.35 -58.27 10.63
C ARG F 2195 -1.12 -58.58 9.78
N GLU F 2196 -0.75 -57.68 8.86
CA GLU F 2196 0.44 -57.90 8.06
C GLU F 2196 1.70 -57.80 8.91
N ALA F 2197 1.68 -56.97 9.96
CA ALA F 2197 2.84 -56.89 10.85
C ALA F 2197 2.99 -58.17 11.67
N LYS F 2198 1.89 -58.68 12.21
CA LYS F 2198 1.98 -59.83 13.10
C LYS F 2198 1.69 -61.15 12.41
N LYS F 2199 1.71 -61.17 11.08
CA LYS F 2199 1.65 -62.41 10.28
C LYS F 2199 0.34 -63.16 10.50
N ILE F 2200 -0.78 -62.44 10.37
CA ILE F 2200 -2.11 -63.01 10.38
C ILE F 2200 -2.74 -62.69 9.02
N PRO F 2201 -3.36 -63.64 8.34
CA PRO F 2201 -4.02 -63.33 7.07
C PRO F 2201 -5.10 -62.29 7.23
N LEU F 2202 -5.24 -61.42 6.23
CA LEU F 2202 -6.20 -60.33 6.31
C LEU F 2202 -7.63 -60.84 6.34
N ASN F 2203 -7.90 -61.91 5.61
CA ASN F 2203 -9.25 -62.48 5.54
C ASN F 2203 -9.29 -63.89 6.10
N ILE F 2204 -8.61 -64.13 7.22
CA ILE F 2204 -8.61 -65.46 7.81
C ILE F 2204 -9.96 -65.78 8.43
N GLU F 2205 -10.70 -64.75 8.86
CA GLU F 2205 -12.05 -64.97 9.37
C GLU F 2205 -13.00 -65.40 8.27
N HIS F 2206 -12.78 -64.90 7.05
CA HIS F 2206 -13.55 -65.38 5.91
C HIS F 2206 -13.06 -66.76 5.46
N TRP F 2207 -11.76 -67.01 5.61
CA TRP F 2207 -11.17 -68.25 5.15
C TRP F 2207 -11.60 -69.43 6.01
N VAL F 2208 -11.80 -69.20 7.31
CA VAL F 2208 -12.28 -70.29 8.16
C VAL F 2208 -13.73 -70.62 7.83
N MET F 2209 -14.50 -69.66 7.30
CA MET F 2209 -15.84 -69.96 6.83
C MET F 2209 -15.82 -70.73 5.52
N LEU F 2210 -14.96 -70.33 4.57
CA LEU F 2210 -14.83 -71.12 3.35
C LEU F 2210 -14.16 -72.47 3.55
N GLN F 2211 -13.52 -72.69 4.69
CA GLN F 2211 -13.00 -74.02 4.99
C GLN F 2211 -14.13 -75.04 5.10
N MET F 2212 -15.24 -74.66 5.71
CA MET F 2212 -16.40 -75.54 5.82
C MET F 2212 -17.34 -75.40 4.64
N ALA F 2213 -17.76 -74.18 4.32
CA ALA F 2213 -18.75 -73.97 3.28
C ALA F 2213 -18.07 -73.50 2.01
N PRO F 2214 -18.06 -74.30 0.94
CA PRO F 2214 -17.46 -73.82 -0.32
C PRO F 2214 -18.15 -72.60 -0.89
N ASP F 2215 -19.46 -72.48 -0.71
CA ASP F 2215 -20.19 -71.26 -1.01
C ASP F 2215 -20.81 -70.71 0.27
N TYR F 2216 -20.76 -69.39 0.43
CA TYR F 2216 -21.19 -68.78 1.68
C TYR F 2216 -22.21 -67.68 1.41
N ASP F 2217 -22.10 -67.02 0.26
CA ASP F 2217 -23.06 -65.99 -0.11
C ASP F 2217 -24.37 -66.55 -0.64
N ASN F 2218 -24.44 -67.86 -0.88
CA ASN F 2218 -25.63 -68.48 -1.44
C ASN F 2218 -26.30 -69.45 -0.48
N LEU F 2219 -25.82 -69.59 0.74
CA LEU F 2219 -26.43 -70.49 1.71
C LEU F 2219 -27.78 -69.94 2.18
N THR F 2220 -28.51 -70.76 2.92
CA THR F 2220 -29.77 -70.32 3.50
C THR F 2220 -29.48 -69.68 4.86
N LEU F 2221 -30.55 -69.30 5.56
CA LEU F 2221 -30.40 -68.63 6.84
C LEU F 2221 -29.78 -69.56 7.88
N LEU F 2222 -30.20 -70.82 7.92
CA LEU F 2222 -29.71 -71.71 8.96
C LEU F 2222 -28.27 -72.16 8.69
N GLN F 2223 -27.94 -72.45 7.43
CA GLN F 2223 -26.55 -72.77 7.10
C GLN F 2223 -25.64 -71.59 7.37
N LYS F 2224 -26.11 -70.37 7.05
CA LYS F 2224 -25.32 -69.19 7.33
C LYS F 2224 -25.13 -68.98 8.83
N VAL F 2225 -26.18 -69.25 9.62
CA VAL F 2225 -26.07 -69.17 11.07
C VAL F 2225 -25.02 -70.17 11.58
N GLU F 2226 -25.02 -71.39 11.06
CA GLU F 2226 -24.05 -72.38 11.50
C GLU F 2226 -22.63 -71.97 11.18
N VAL F 2227 -22.36 -71.52 9.95
CA VAL F 2227 -20.98 -71.18 9.60
C VAL F 2227 -20.54 -69.92 10.35
N PHE F 2228 -21.44 -68.97 10.55
CA PHE F 2228 -21.09 -67.78 11.32
C PHE F 2228 -20.80 -68.13 12.77
N THR F 2229 -21.57 -69.06 13.34
CA THR F 2229 -21.33 -69.49 14.71
C THR F 2229 -19.98 -70.19 14.83
N TYR F 2230 -19.61 -70.98 13.83
CA TYR F 2230 -18.30 -71.63 13.87
C TYR F 2230 -17.17 -70.60 13.79
N ALA F 2231 -17.34 -69.59 12.93
CA ALA F 2231 -16.33 -68.54 12.83
C ALA F 2231 -16.19 -67.78 14.15
N LEU F 2232 -17.32 -67.46 14.78
CA LEU F 2232 -17.28 -66.80 16.09
C LEU F 2232 -16.62 -67.67 17.15
N ASN F 2233 -16.91 -68.97 17.14
CA ASN F 2233 -16.37 -69.83 18.18
C ASN F 2233 -14.89 -70.10 17.99
N ASN F 2234 -14.38 -70.03 16.76
CA ASN F 2234 -12.99 -70.38 16.51
C ASN F 2234 -12.18 -69.24 15.88
N THR F 2235 -12.59 -67.99 16.06
CA THR F 2235 -11.78 -66.86 15.62
C THR F 2235 -11.81 -65.77 16.68
N GLU F 2236 -10.72 -65.65 17.44
CA GLU F 2236 -10.58 -64.59 18.43
C GLU F 2236 -10.23 -63.29 17.73
N GLY F 2237 -10.75 -62.18 18.26
CA GLY F 2237 -10.71 -60.93 17.53
C GLY F 2237 -10.29 -59.67 18.27
N GLN F 2238 -9.28 -59.77 19.14
CA GLN F 2238 -8.86 -58.64 19.95
C GLN F 2238 -7.86 -57.73 19.24
N ASP F 2239 -7.85 -57.72 17.91
CA ASP F 2239 -6.87 -56.95 17.16
C ASP F 2239 -7.01 -55.45 17.39
N LEU F 2240 -8.25 -54.95 17.43
CA LEU F 2240 -8.45 -53.52 17.62
C LEU F 2240 -8.06 -53.10 19.03
N TYR F 2241 -8.35 -53.94 20.03
CA TYR F 2241 -7.94 -53.65 21.39
C TYR F 2241 -6.42 -53.61 21.51
N LYS F 2242 -5.74 -54.57 20.88
CA LYS F 2242 -4.28 -54.56 20.87
C LYS F 2242 -3.73 -53.33 20.17
N VAL F 2243 -4.36 -52.91 19.07
CA VAL F 2243 -3.91 -51.73 18.33
C VAL F 2243 -4.07 -50.48 19.18
N LEU F 2244 -5.23 -50.33 19.82
CA LEU F 2244 -5.45 -49.17 20.68
C LEU F 2244 -4.51 -49.15 21.86
N TRP F 2245 -4.11 -50.31 22.36
CA TRP F 2245 -3.12 -50.33 23.44
C TRP F 2245 -1.73 -49.97 22.92
N LEU F 2246 -1.37 -50.46 21.74
CA LEU F 2246 0.00 -50.28 21.24
C LEU F 2246 0.24 -48.86 20.76
N LYS F 2247 -0.70 -48.28 20.02
CA LYS F 2247 -0.42 -46.98 19.39
C LYS F 2247 -0.33 -45.83 20.38
N SER F 2248 -0.76 -46.02 21.63
CA SER F 2248 -0.58 -44.99 22.63
C SER F 2248 0.87 -44.93 23.08
N ARG F 2249 1.35 -43.71 23.36
CA ARG F 2249 2.73 -43.55 23.80
C ARG F 2249 2.92 -44.05 25.23
N SER F 2250 1.88 -43.98 26.04
CA SER F 2250 1.94 -44.38 27.44
C SER F 2250 0.53 -44.61 27.93
N SER F 2251 0.42 -45.29 29.07
CA SER F 2251 -0.90 -45.65 29.58
C SER F 2251 -1.68 -44.42 30.04
N GLU F 2252 -0.98 -43.36 30.45
CA GLU F 2252 -1.66 -42.13 30.85
C GLU F 2252 -2.30 -41.42 29.67
N THR F 2253 -2.00 -41.83 28.44
CA THR F 2253 -2.75 -41.41 27.26
C THR F 2253 -3.77 -42.44 26.83
N TRP F 2254 -3.45 -43.73 26.98
CA TRP F 2254 -4.37 -44.79 26.59
C TRP F 2254 -5.65 -44.73 27.40
N LEU F 2255 -5.55 -44.35 28.68
CA LEU F 2255 -6.70 -44.40 29.58
C LEU F 2255 -7.82 -43.50 29.11
N GLU F 2256 -7.51 -42.29 28.63
CA GLU F 2256 -8.57 -41.44 28.10
C GLU F 2256 -8.74 -41.58 26.59
N ARG F 2257 -7.75 -42.16 25.89
CA ARG F 2257 -7.94 -42.46 24.48
C ARG F 2257 -9.11 -43.43 24.28
N ARG F 2258 -9.16 -44.49 25.09
CA ARG F 2258 -10.24 -45.45 24.94
C ARG F 2258 -11.59 -44.83 25.30
N THR F 2259 -11.62 -43.95 26.31
CA THR F 2259 -12.87 -43.30 26.66
C THR F 2259 -13.36 -42.39 25.54
N THR F 2260 -12.46 -41.61 24.93
CA THR F 2260 -12.85 -40.77 23.82
C THR F 2260 -13.41 -41.60 22.67
N TYR F 2261 -12.75 -42.74 22.40
CA TYR F 2261 -13.24 -43.69 21.41
C TYR F 2261 -14.68 -44.10 21.70
N THR F 2262 -14.93 -44.52 22.95
CA THR F 2262 -16.26 -45.02 23.31
C THR F 2262 -17.33 -43.92 23.18
N ARG F 2263 -17.01 -42.71 23.66
CA ARG F 2263 -17.99 -41.63 23.65
C ARG F 2263 -18.34 -41.21 22.24
N SER F 2264 -17.33 -41.06 21.37
CA SER F 2264 -17.61 -40.73 19.98
C SER F 2264 -18.41 -41.82 19.28
N LEU F 2265 -18.05 -43.09 19.53
CA LEU F 2265 -18.78 -44.19 18.92
C LEU F 2265 -20.24 -44.19 19.33
N ALA F 2266 -20.51 -43.97 20.62
CA ALA F 2266 -21.89 -43.98 21.10
C ALA F 2266 -22.70 -42.85 20.49
N VAL F 2267 -22.16 -41.63 20.53
CA VAL F 2267 -22.94 -40.50 20.06
C VAL F 2267 -23.20 -40.60 18.55
N MET F 2268 -22.20 -41.04 17.79
CA MET F 2268 -22.41 -41.15 16.35
C MET F 2268 -23.34 -42.31 16.01
N SER F 2269 -23.30 -43.39 16.80
CA SER F 2269 -24.20 -44.51 16.55
C SER F 2269 -25.66 -44.11 16.77
N MET F 2270 -25.94 -43.41 17.86
CA MET F 2270 -27.31 -42.92 18.07
C MET F 2270 -27.72 -41.90 17.03
N THR F 2271 -26.80 -41.02 16.62
CA THR F 2271 -27.12 -40.06 15.56
C THR F 2271 -27.43 -40.79 14.25
N GLY F 2272 -26.65 -41.82 13.92
CA GLY F 2272 -26.92 -42.59 12.73
C GLY F 2272 -28.24 -43.30 12.77
N TYR F 2273 -28.61 -43.82 13.94
CA TYR F 2273 -29.92 -44.45 14.06
C TYR F 2273 -31.05 -43.45 13.83
N ILE F 2274 -30.96 -42.29 14.48
CA ILE F 2274 -32.06 -41.33 14.36
C ILE F 2274 -32.08 -40.71 12.95
N LEU F 2275 -30.97 -40.76 12.23
CA LEU F 2275 -30.97 -40.34 10.84
C LEU F 2275 -31.41 -41.46 9.90
N GLY F 2276 -31.38 -42.70 10.34
CA GLY F 2276 -31.75 -43.81 9.48
C GLY F 2276 -30.75 -44.05 8.38
N LEU F 2277 -29.47 -44.07 8.73
CA LEU F 2277 -28.38 -44.24 7.77
C LEU F 2277 -27.76 -45.63 7.92
N GLY F 2278 -27.65 -46.35 6.81
CA GLY F 2278 -27.00 -47.65 6.80
C GLY F 2278 -25.65 -47.61 6.12
N ASP F 2279 -25.23 -48.77 5.58
CA ASP F 2279 -23.99 -48.92 4.83
C ASP F 2279 -22.79 -48.52 5.69
N ARG F 2280 -22.61 -49.25 6.79
CA ARG F 2280 -21.47 -49.06 7.68
C ARG F 2280 -20.36 -50.06 7.38
N HIS F 2281 -19.87 -50.02 6.14
CA HIS F 2281 -18.69 -50.81 5.80
C HIS F 2281 -17.46 -50.21 6.49
N PRO F 2282 -16.46 -51.04 6.79
CA PRO F 2282 -15.37 -50.59 7.67
C PRO F 2282 -14.56 -49.42 7.15
N SER F 2283 -14.63 -49.09 5.86
CA SER F 2283 -13.87 -47.96 5.37
C SER F 2283 -14.50 -46.62 5.71
N ASN F 2284 -15.78 -46.59 6.09
CA ASN F 2284 -16.37 -45.36 6.58
C ASN F 2284 -15.79 -44.97 7.93
N LEU F 2285 -15.65 -45.93 8.84
CA LEU F 2285 -15.08 -45.65 10.15
C LEU F 2285 -13.62 -45.30 10.00
N MET F 2286 -13.21 -44.20 10.62
CA MET F 2286 -11.87 -43.66 10.42
C MET F 2286 -11.39 -43.12 11.76
N LEU F 2287 -10.37 -43.76 12.32
CA LEU F 2287 -9.93 -43.47 13.68
C LEU F 2287 -8.76 -42.51 13.68
N ASP F 2288 -8.87 -41.44 14.46
CA ASP F 2288 -7.76 -40.54 14.68
C ASP F 2288 -6.66 -41.25 15.46
N ARG F 2289 -5.42 -40.91 15.14
CA ARG F 2289 -4.27 -41.47 15.86
C ARG F 2289 -3.84 -40.62 17.03
N ILE F 2290 -4.39 -39.43 17.20
CA ILE F 2290 -4.07 -38.55 18.31
C ILE F 2290 -5.24 -38.41 19.28
N THR F 2291 -6.37 -37.88 18.80
CA THR F 2291 -7.54 -37.76 19.66
C THR F 2291 -8.23 -39.09 19.85
N GLY F 2292 -8.18 -39.96 18.85
CA GLY F 2292 -8.76 -41.29 18.95
C GLY F 2292 -10.27 -41.32 19.09
N LYS F 2293 -10.96 -40.49 18.33
CA LYS F 2293 -12.42 -40.49 18.33
C LYS F 2293 -12.93 -40.60 16.90
N VAL F 2294 -14.01 -41.37 16.73
CA VAL F 2294 -14.36 -41.93 15.43
C VAL F 2294 -14.82 -40.84 14.47
N ILE F 2295 -14.49 -41.01 13.20
CA ILE F 2295 -14.95 -40.13 12.13
C ILE F 2295 -15.94 -40.93 11.28
N HIS F 2296 -16.87 -40.22 10.64
CA HIS F 2296 -17.79 -40.86 9.70
C HIS F 2296 -17.76 -40.13 8.37
N ILE F 2297 -17.76 -40.90 7.29
CA ILE F 2297 -17.66 -40.36 5.93
C ILE F 2297 -18.62 -41.11 5.01
N ASP F 2298 -18.86 -40.50 3.84
CA ASP F 2298 -19.63 -41.08 2.73
C ASP F 2298 -21.05 -41.40 3.21
N PHE F 2299 -21.80 -40.32 3.45
CA PHE F 2299 -23.20 -40.43 3.84
C PHE F 2299 -24.06 -40.45 2.57
N GLY F 2300 -24.08 -41.59 1.91
CA GLY F 2300 -24.76 -41.69 0.63
C GLY F 2300 -26.02 -42.53 0.62
N ASP F 2301 -26.39 -43.06 1.79
CA ASP F 2301 -27.52 -43.98 1.90
C ASP F 2301 -28.44 -43.56 3.05
N CYS F 2302 -28.80 -42.29 3.08
CA CYS F 2302 -29.68 -41.78 4.13
C CYS F 2302 -31.11 -42.26 3.91
N PHE F 2303 -31.92 -42.15 4.97
CA PHE F 2303 -33.33 -42.53 4.99
C PHE F 2303 -33.54 -44.00 4.61
N GLU F 2304 -33.03 -44.87 5.50
CA GLU F 2304 -33.48 -46.25 5.60
C GLU F 2304 -33.16 -47.03 4.32
N ALA F 2305 -32.20 -46.51 3.54
CA ALA F 2305 -32.06 -46.85 2.13
C ALA F 2305 -31.61 -48.29 1.95
N ALA F 2306 -30.45 -48.65 2.52
CA ALA F 2306 -29.93 -49.99 2.33
C ALA F 2306 -30.81 -51.05 3.00
N ILE F 2307 -31.66 -50.66 3.95
CA ILE F 2307 -32.65 -51.59 4.48
C ILE F 2307 -33.75 -51.83 3.44
N LEU F 2308 -34.23 -50.77 2.80
CA LEU F 2308 -35.24 -50.91 1.74
C LEU F 2308 -34.54 -50.93 0.38
N ARG F 2309 -33.98 -52.09 0.06
CA ARG F 2309 -33.32 -52.33 -1.21
C ARG F 2309 -33.48 -53.80 -1.54
N GLU F 2310 -33.76 -54.09 -2.82
CA GLU F 2310 -34.11 -55.45 -3.22
C GLU F 2310 -32.94 -56.41 -3.09
N LYS F 2311 -31.76 -56.01 -3.55
CA LYS F 2311 -30.60 -56.88 -3.58
C LYS F 2311 -29.69 -56.55 -2.39
N PHE F 2312 -29.42 -57.58 -1.56
CA PHE F 2312 -28.52 -57.55 -0.42
C PHE F 2312 -28.87 -56.43 0.56
N PRO F 2313 -30.00 -56.52 1.26
CA PRO F 2313 -30.36 -55.45 2.20
C PRO F 2313 -29.81 -55.67 3.60
N GLU F 2314 -29.12 -54.67 4.15
CA GLU F 2314 -28.60 -54.79 5.50
C GLU F 2314 -29.72 -54.60 6.51
N LYS F 2315 -29.69 -55.40 7.58
CA LYS F 2315 -30.81 -55.47 8.50
C LYS F 2315 -30.38 -55.20 9.93
N VAL F 2316 -29.58 -54.16 10.14
CA VAL F 2316 -29.05 -53.84 11.46
C VAL F 2316 -29.18 -52.33 11.66
N PRO F 2317 -29.53 -51.86 12.87
CA PRO F 2317 -29.62 -50.41 13.09
C PRO F 2317 -28.28 -49.71 13.03
N PHE F 2318 -27.29 -50.21 13.76
CA PHE F 2318 -25.99 -49.58 13.82
C PHE F 2318 -24.92 -50.65 13.94
N ARG F 2319 -23.68 -50.26 13.61
CA ARG F 2319 -22.58 -51.21 13.57
C ARG F 2319 -22.03 -51.45 14.97
N LEU F 2320 -22.05 -52.71 15.40
CA LEU F 2320 -21.54 -53.09 16.71
C LEU F 2320 -21.22 -54.58 16.63
N THR F 2321 -19.95 -54.93 16.78
CA THR F 2321 -19.48 -56.27 16.47
C THR F 2321 -18.32 -56.61 17.41
N ARG F 2322 -17.52 -57.61 17.01
CA ARG F 2322 -16.54 -58.22 17.91
C ARG F 2322 -15.50 -57.22 18.40
N MET F 2323 -14.68 -56.68 17.50
CA MET F 2323 -13.58 -55.83 17.95
C MET F 2323 -14.09 -54.49 18.45
N LEU F 2324 -15.24 -54.02 17.97
CA LEU F 2324 -15.85 -52.84 18.56
C LEU F 2324 -16.18 -53.08 20.04
N THR F 2325 -16.83 -54.22 20.32
CA THR F 2325 -17.18 -54.56 21.69
C THR F 2325 -15.95 -54.76 22.55
N TYR F 2326 -14.92 -55.39 22.00
CA TYR F 2326 -13.71 -55.65 22.78
C TYR F 2326 -12.93 -54.37 23.03
N ALA F 2327 -12.92 -53.45 22.07
CA ALA F 2327 -12.13 -52.23 22.17
C ALA F 2327 -12.86 -51.08 22.85
N MET F 2328 -14.15 -51.21 23.13
CA MET F 2328 -14.80 -50.20 23.96
C MET F 2328 -14.49 -50.44 25.44
N GLU F 2329 -15.28 -49.83 26.32
CA GLU F 2329 -14.97 -49.70 27.73
C GLU F 2329 -14.72 -51.04 28.42
N VAL F 2330 -14.24 -50.94 29.66
CA VAL F 2330 -13.51 -52.02 30.32
C VAL F 2330 -14.35 -53.28 30.44
N SER F 2331 -15.66 -53.14 30.67
CA SER F 2331 -16.52 -54.31 30.82
C SER F 2331 -17.18 -54.68 29.49
N GLY F 2332 -17.93 -53.77 28.91
CA GLY F 2332 -18.64 -54.07 27.68
C GLY F 2332 -19.52 -52.92 27.24
N ILE F 2333 -20.54 -53.26 26.45
CA ILE F 2333 -21.45 -52.27 25.91
C ILE F 2333 -22.30 -51.60 26.98
N GLU F 2334 -22.46 -52.25 28.14
CA GLU F 2334 -23.42 -51.82 29.14
C GLU F 2334 -22.96 -50.61 29.95
N GLY F 2335 -21.73 -50.15 29.77
CA GLY F 2335 -21.23 -49.06 30.59
C GLY F 2335 -21.40 -47.67 30.01
N SER F 2336 -20.27 -47.04 29.70
CA SER F 2336 -20.27 -45.67 29.20
C SER F 2336 -20.99 -45.57 27.86
N PHE F 2337 -20.79 -46.58 26.99
CA PHE F 2337 -21.50 -46.62 25.72
C PHE F 2337 -23.00 -46.56 25.91
N ARG F 2338 -23.53 -47.46 26.75
CA ARG F 2338 -24.98 -47.53 26.92
C ARG F 2338 -25.51 -46.25 27.56
N ILE F 2339 -24.89 -45.80 28.64
CA ILE F 2339 -25.43 -44.65 29.36
C ILE F 2339 -25.35 -43.39 28.49
N THR F 2340 -24.29 -43.27 27.68
CA THR F 2340 -24.24 -42.19 26.72
C THR F 2340 -25.33 -42.34 25.68
N CYS F 2341 -25.70 -43.57 25.33
CA CYS F 2341 -26.80 -43.75 24.38
C CYS F 2341 -28.11 -43.19 24.94
N GLU F 2342 -28.48 -43.54 26.18
CA GLU F 2342 -29.76 -42.97 26.62
C GLU F 2342 -29.63 -41.48 26.92
N ASN F 2343 -28.44 -41.01 27.28
CA ASN F 2343 -28.27 -39.58 27.51
C ASN F 2343 -28.48 -38.78 26.22
N VAL F 2344 -27.82 -39.19 25.13
CA VAL F 2344 -27.98 -38.46 23.89
C VAL F 2344 -29.37 -38.68 23.32
N MET F 2345 -29.99 -39.84 23.60
CA MET F 2345 -31.36 -40.04 23.16
C MET F 2345 -32.31 -39.10 23.88
N LYS F 2346 -32.08 -38.88 25.18
CA LYS F 2346 -32.89 -37.93 25.93
C LYS F 2346 -32.70 -36.51 25.42
N VAL F 2347 -31.46 -36.16 25.07
CA VAL F 2347 -31.19 -34.84 24.51
C VAL F 2347 -31.92 -34.66 23.18
N LEU F 2348 -31.89 -35.70 22.34
CA LEU F 2348 -32.61 -35.64 21.07
C LEU F 2348 -34.11 -35.60 21.27
N ARG F 2349 -34.62 -36.22 22.34
CA ARG F 2349 -36.04 -36.14 22.65
C ARG F 2349 -36.43 -34.74 23.08
N ASP F 2350 -35.58 -34.07 23.85
CA ASP F 2350 -35.93 -32.78 24.45
C ASP F 2350 -36.06 -31.65 23.44
N ASN F 2351 -35.63 -31.85 22.19
CA ASN F 2351 -35.75 -30.84 21.14
C ASN F 2351 -36.43 -31.49 19.93
N LYS F 2352 -37.56 -32.14 20.20
CA LYS F 2352 -38.23 -32.98 19.20
C LYS F 2352 -38.77 -32.18 18.02
N GLY F 2353 -38.89 -30.86 18.13
CA GLY F 2353 -39.44 -30.04 17.07
C GLY F 2353 -38.46 -29.65 15.98
N SER F 2354 -37.33 -29.05 16.38
CA SER F 2354 -36.35 -28.58 15.42
C SER F 2354 -35.77 -29.74 14.62
N LEU F 2355 -35.64 -30.91 15.26
CA LEU F 2355 -35.11 -32.07 14.57
C LEU F 2355 -36.05 -32.53 13.45
N MET F 2356 -37.35 -32.71 13.75
CA MET F 2356 -38.22 -33.15 12.68
C MET F 2356 -38.27 -32.11 11.59
N ALA F 2357 -38.33 -30.83 11.99
CA ALA F 2357 -38.43 -29.73 11.02
C ALA F 2357 -37.25 -29.72 10.06
N ILE F 2358 -36.02 -29.85 10.58
CA ILE F 2358 -34.88 -29.88 9.68
C ILE F 2358 -34.89 -31.14 8.83
N LEU F 2359 -35.49 -32.23 9.31
CA LEU F 2359 -35.64 -33.39 8.44
C LEU F 2359 -36.60 -33.14 7.27
N GLU F 2360 -37.78 -32.55 7.51
CA GLU F 2360 -38.57 -32.31 6.29
C GLU F 2360 -38.07 -31.11 5.51
N ALA F 2361 -37.13 -30.34 6.06
CA ALA F 2361 -36.54 -29.24 5.29
C ALA F 2361 -35.86 -29.74 4.03
N PHE F 2362 -35.46 -31.01 3.99
CA PHE F 2362 -34.90 -31.61 2.79
C PHE F 2362 -35.50 -32.95 2.44
N ALA F 2363 -36.49 -33.44 3.20
CA ALA F 2363 -37.19 -34.65 2.78
C ALA F 2363 -38.06 -34.41 1.55
N PHE F 2364 -38.43 -33.15 1.29
CA PHE F 2364 -39.36 -32.86 0.21
C PHE F 2364 -38.70 -32.66 -1.15
N ASP F 2365 -37.43 -32.23 -1.18
CA ASP F 2365 -36.78 -31.98 -2.46
C ASP F 2365 -36.60 -33.29 -3.22
N PRO F 2366 -36.97 -33.36 -4.50
CA PRO F 2366 -37.01 -34.65 -5.20
C PRO F 2366 -35.69 -35.11 -5.79
N LEU F 2367 -34.59 -34.48 -5.37
CA LEU F 2367 -33.27 -34.81 -5.90
C LEU F 2367 -32.39 -35.53 -4.89
N ILE F 2368 -32.98 -36.05 -3.80
CA ILE F 2368 -32.21 -36.77 -2.78
C ILE F 2368 -32.85 -38.14 -2.58
N ASN F 2369 -34.12 -38.26 -2.95
CA ASN F 2369 -34.90 -39.48 -2.72
C ASN F 2369 -34.44 -40.57 -3.70
N TRP F 2370 -33.26 -41.12 -3.42
CA TRP F 2370 -32.68 -42.16 -4.24
C TRP F 2370 -32.60 -43.50 -3.53
N GLY F 2371 -33.23 -43.62 -2.36
CA GLY F 2371 -33.38 -44.92 -1.75
C GLY F 2371 -34.41 -45.80 -2.41
N PHE F 2372 -35.23 -45.24 -3.29
CA PHE F 2372 -36.21 -45.98 -4.07
C PHE F 2372 -36.12 -45.55 -5.53
N ASP F 2373 -36.25 -46.53 -6.43
CA ASP F 2373 -36.29 -46.23 -7.86
C ASP F 2373 -37.32 -47.08 -8.58
N LEU F 2374 -38.33 -47.58 -7.88
CA LEU F 2374 -39.35 -48.43 -8.48
C LEU F 2374 -40.27 -47.62 -9.39
N HIS F 2413 -49.29 -36.32 -11.03
CA HIS F 2413 -48.05 -35.91 -11.67
C HIS F 2413 -46.89 -36.56 -10.93
N LYS F 2414 -45.65 -36.29 -11.36
CA LYS F 2414 -44.49 -36.96 -10.78
C LYS F 2414 -44.33 -36.61 -9.30
N ASN F 2415 -44.58 -35.36 -8.93
CA ASN F 2415 -44.49 -34.97 -7.52
C ASN F 2415 -45.56 -35.66 -6.69
N ALA F 2416 -46.78 -35.75 -7.21
CA ALA F 2416 -47.85 -36.41 -6.49
C ALA F 2416 -47.58 -37.90 -6.31
N ILE F 2417 -46.96 -38.53 -7.32
CA ILE F 2417 -46.60 -39.93 -7.19
C ILE F 2417 -45.47 -40.11 -6.18
N ARG F 2418 -44.43 -39.26 -6.25
CA ARG F 2418 -43.23 -39.47 -5.46
C ARG F 2418 -43.40 -39.08 -4.00
N ASN F 2419 -44.25 -38.10 -3.69
CA ASN F 2419 -44.31 -37.57 -2.34
C ASN F 2419 -44.95 -38.53 -1.34
N ALA F 2420 -45.59 -39.60 -1.81
CA ALA F 2420 -46.14 -40.59 -0.88
C ALA F 2420 -45.03 -41.25 -0.06
N ARG F 2421 -43.92 -41.61 -0.71
CA ARG F 2421 -42.80 -42.19 0.03
C ARG F 2421 -42.09 -41.16 0.88
N ALA F 2422 -42.14 -39.88 0.49
CA ALA F 2422 -41.64 -38.83 1.35
C ALA F 2422 -42.46 -38.75 2.64
N MET F 2423 -43.79 -38.88 2.51
CA MET F 2423 -44.64 -38.95 3.69
C MET F 2423 -44.32 -40.19 4.52
N LEU F 2424 -44.07 -41.32 3.84
CA LEU F 2424 -43.71 -42.55 4.53
C LEU F 2424 -42.47 -42.35 5.39
N VAL F 2425 -41.39 -41.83 4.80
CA VAL F 2425 -40.14 -41.69 5.54
C VAL F 2425 -40.28 -40.59 6.60
N LEU F 2426 -41.09 -39.56 6.35
CA LEU F 2426 -41.30 -38.52 7.35
C LEU F 2426 -42.01 -39.07 8.58
N LYS F 2427 -43.07 -39.85 8.38
CA LYS F 2427 -43.77 -40.38 9.55
C LYS F 2427 -42.97 -41.49 10.21
N ARG F 2428 -42.12 -42.20 9.46
CA ARG F 2428 -41.17 -43.11 10.09
C ARG F 2428 -40.20 -42.34 10.99
N ILE F 2429 -39.74 -41.18 10.53
CA ILE F 2429 -38.84 -40.36 11.34
C ILE F 2429 -39.55 -39.89 12.60
N THR F 2430 -40.80 -39.45 12.47
CA THR F 2430 -41.53 -38.98 13.65
C THR F 2430 -41.80 -40.14 14.61
N ASP F 2431 -42.07 -41.33 14.09
CA ASP F 2431 -42.23 -42.51 14.95
C ASP F 2431 -40.95 -42.81 15.71
N LYS F 2432 -39.80 -42.67 15.05
CA LYS F 2432 -38.52 -42.84 15.74
C LYS F 2432 -38.33 -41.78 16.82
N LEU F 2433 -38.69 -40.52 16.52
CA LEU F 2433 -38.56 -39.44 17.49
C LEU F 2433 -39.53 -39.57 18.66
N THR F 2434 -40.65 -40.28 18.48
CA THR F 2434 -41.61 -40.47 19.58
C THR F 2434 -41.32 -41.71 20.39
N GLY F 2435 -41.28 -42.89 19.75
CA GLY F 2435 -41.04 -44.11 20.47
C GLY F 2435 -41.83 -45.30 19.97
N ASN F 2436 -42.84 -45.04 19.13
CA ASN F 2436 -43.61 -46.12 18.52
C ASN F 2436 -42.99 -46.48 17.17
N ASP F 2437 -41.84 -47.15 17.24
CA ASP F 2437 -41.06 -47.47 16.05
C ASP F 2437 -40.80 -48.96 15.88
N ILE F 2438 -40.56 -49.70 16.96
CA ILE F 2438 -40.28 -51.13 16.87
C ILE F 2438 -41.57 -51.86 16.50
N ARG F 2439 -41.45 -53.13 16.11
CA ARG F 2439 -42.61 -53.91 15.69
C ARG F 2439 -43.60 -54.10 16.84
N ARG F 2440 -43.10 -54.34 18.05
CA ARG F 2440 -43.94 -54.50 19.22
C ARG F 2440 -44.57 -53.15 19.54
N PHE F 2441 -45.84 -52.99 19.20
CA PHE F 2441 -46.48 -51.67 19.15
C PHE F 2441 -46.91 -51.24 20.56
N ASN F 2442 -46.11 -50.37 21.16
CA ASN F 2442 -46.46 -49.64 22.38
C ASN F 2442 -45.46 -48.52 22.54
N ASP F 2443 -45.82 -47.53 23.34
CA ASP F 2443 -44.92 -46.41 23.60
C ASP F 2443 -43.73 -46.92 24.42
N LEU F 2444 -42.54 -46.52 24.02
CA LEU F 2444 -41.31 -46.92 24.69
C LEU F 2444 -40.57 -45.67 25.14
N ASP F 2445 -40.03 -45.71 26.35
CA ASP F 2445 -39.29 -44.58 26.87
C ASP F 2445 -37.85 -44.65 26.37
N VAL F 2446 -36.98 -43.81 26.93
CA VAL F 2446 -35.62 -43.67 26.44
C VAL F 2446 -34.76 -44.91 26.73
N PRO F 2447 -34.63 -45.41 28.00
CA PRO F 2447 -33.66 -46.50 28.23
C PRO F 2447 -33.99 -47.85 27.63
N GLU F 2448 -35.20 -48.38 27.83
CA GLU F 2448 -35.45 -49.75 27.42
C GLU F 2448 -35.58 -49.87 25.90
N GLN F 2449 -36.00 -48.81 25.22
CA GLN F 2449 -36.06 -48.84 23.77
C GLN F 2449 -34.67 -49.00 23.17
N VAL F 2450 -33.70 -48.24 23.68
CA VAL F 2450 -32.34 -48.39 23.16
C VAL F 2450 -31.71 -49.68 23.67
N ASP F 2451 -32.19 -50.22 24.80
CA ASP F 2451 -31.74 -51.55 25.21
C ASP F 2451 -32.15 -52.61 24.19
N LYS F 2452 -33.43 -52.60 23.79
CA LYS F 2452 -33.85 -53.52 22.73
C LYS F 2452 -33.17 -53.20 21.40
N LEU F 2453 -32.83 -51.93 21.19
CA LEU F 2453 -32.11 -51.55 19.97
C LEU F 2453 -30.72 -52.18 19.92
N ILE F 2454 -29.97 -52.10 21.01
CA ILE F 2454 -28.64 -52.70 21.00
C ILE F 2454 -28.73 -54.22 20.99
N GLN F 2455 -29.79 -54.79 21.58
CA GLN F 2455 -29.97 -56.23 21.48
C GLN F 2455 -30.21 -56.66 20.03
N GLN F 2456 -31.11 -55.98 19.33
CA GLN F 2456 -31.41 -56.31 17.95
C GLN F 2456 -30.26 -55.92 17.01
N ALA F 2457 -29.39 -55.03 17.45
CA ALA F 2457 -28.17 -54.75 16.71
C ALA F 2457 -27.14 -55.87 16.86
N THR F 2458 -26.99 -56.42 18.06
CA THR F 2458 -26.01 -57.46 18.30
C THR F 2458 -26.53 -58.86 18.04
N SER F 2459 -27.78 -59.01 17.62
CA SER F 2459 -28.28 -60.32 17.24
C SER F 2459 -27.53 -60.86 16.02
N VAL F 2460 -27.26 -62.18 16.04
CA VAL F 2460 -26.49 -62.81 14.96
C VAL F 2460 -27.30 -62.87 13.68
N GLU F 2461 -28.60 -63.16 13.79
CA GLU F 2461 -29.46 -63.28 12.62
C GLU F 2461 -29.50 -62.00 11.81
N ASN F 2462 -29.47 -60.85 12.48
CA ASN F 2462 -29.47 -59.58 11.76
C ASN F 2462 -28.19 -59.40 10.96
N LEU F 2463 -27.04 -59.75 11.55
CA LEU F 2463 -25.76 -59.51 10.88
C LEU F 2463 -25.54 -60.48 9.73
N CYS F 2464 -25.90 -61.75 9.91
CA CYS F 2464 -25.38 -62.80 9.06
C CYS F 2464 -26.01 -62.82 7.66
N GLN F 2465 -27.07 -62.07 7.42
CA GLN F 2465 -27.70 -62.00 6.11
C GLN F 2465 -27.16 -60.85 5.26
N HIS F 2466 -25.93 -60.44 5.49
CA HIS F 2466 -25.39 -59.23 4.87
C HIS F 2466 -24.67 -59.56 3.56
N TYR F 2467 -23.98 -58.55 3.03
CA TYR F 2467 -23.10 -58.72 1.88
C TYR F 2467 -21.85 -59.50 2.28
N ILE F 2468 -21.20 -60.11 1.29
CA ILE F 2468 -20.03 -60.93 1.57
C ILE F 2468 -18.85 -60.04 1.98
N GLY F 2469 -18.85 -58.78 1.56
CA GLY F 2469 -17.78 -57.86 1.81
C GLY F 2469 -18.07 -56.77 2.84
N TRP F 2470 -19.19 -56.85 3.54
CA TRP F 2470 -19.51 -55.87 4.58
C TRP F 2470 -18.80 -56.16 5.89
N CYS F 2471 -18.09 -57.28 5.96
CA CYS F 2471 -17.41 -57.79 7.15
C CYS F 2471 -18.35 -57.89 8.35
N PRO F 2472 -19.34 -58.78 8.34
CA PRO F 2472 -20.06 -59.06 9.59
C PRO F 2472 -19.25 -60.01 10.47
N PHE F 2473 -18.43 -60.84 9.83
CA PHE F 2473 -17.53 -61.72 10.58
C PHE F 2473 -16.53 -60.93 11.39
N TRP F 2474 -16.12 -59.77 10.89
CA TRP F 2474 -15.42 -58.81 11.71
C TRP F 2474 -16.38 -58.38 12.80
N ILE G 39 -5.95 -121.87 -11.49
CA ILE G 39 -5.77 -120.47 -11.11
C ILE G 39 -4.68 -120.36 -10.06
N PHE G 40 -3.74 -119.44 -10.27
CA PHE G 40 -2.58 -119.30 -9.41
C PHE G 40 -2.34 -117.82 -9.14
N TYR G 41 -1.65 -117.53 -8.04
CA TYR G 41 -1.45 -116.17 -7.59
C TYR G 41 0.02 -115.95 -7.28
N PHE G 42 0.37 -114.67 -7.10
CA PHE G 42 1.71 -114.18 -6.76
C PHE G 42 2.75 -114.48 -7.84
N ASP G 43 2.31 -114.96 -9.00
CA ASP G 43 3.19 -115.20 -10.14
C ASP G 43 2.82 -114.32 -11.33
N ASP G 44 2.15 -113.20 -11.08
CA ASP G 44 1.71 -112.32 -12.15
C ASP G 44 2.86 -111.43 -12.62
N LYS G 45 2.53 -110.47 -13.49
CA LYS G 45 3.56 -109.65 -14.12
C LYS G 45 4.20 -108.68 -13.13
N ARG G 46 3.46 -108.26 -12.10
CA ARG G 46 3.98 -107.27 -11.17
C ARG G 46 4.96 -107.86 -10.16
N HIS G 47 4.93 -109.17 -9.94
CA HIS G 47 5.61 -109.74 -8.77
C HIS G 47 7.11 -109.86 -8.98
N LYS G 48 7.53 -110.50 -10.08
CA LYS G 48 8.95 -110.69 -10.33
C LYS G 48 9.67 -109.40 -10.70
N THR G 49 8.93 -108.31 -10.92
CA THR G 49 9.50 -107.04 -11.35
C THR G 49 9.45 -105.95 -10.29
N ASN G 50 8.44 -105.96 -9.41
CA ASN G 50 8.21 -104.90 -8.42
C ASN G 50 8.07 -103.53 -9.10
N GLY G 51 7.39 -103.51 -10.24
CA GLY G 51 7.16 -102.27 -10.96
C GLY G 51 8.43 -101.62 -11.49
N ASN G 52 9.40 -102.42 -11.91
CA ASN G 52 10.67 -101.89 -12.38
C ASN G 52 10.87 -102.19 -13.85
N PRO G 53 11.48 -101.28 -14.61
CA PRO G 53 11.73 -101.54 -16.03
C PRO G 53 12.94 -102.45 -16.23
N ILE G 54 13.10 -102.88 -17.48
CA ILE G 54 14.25 -103.72 -17.82
C ILE G 54 15.52 -102.92 -17.65
N PRO G 55 16.55 -103.44 -16.98
CA PRO G 55 17.79 -102.67 -16.77
C PRO G 55 18.47 -102.29 -18.07
N GLU G 56 19.04 -101.07 -18.07
CA GLU G 56 19.66 -100.54 -19.27
C GLU G 56 20.84 -101.40 -19.71
N GLU G 57 21.70 -101.77 -18.76
CA GLU G 57 22.90 -102.56 -19.08
C GLU G 57 22.51 -103.88 -19.72
N ASP G 58 21.49 -104.54 -19.17
CA ASP G 58 20.94 -105.73 -19.81
C ASP G 58 20.33 -105.40 -21.17
N LYS G 59 19.92 -104.15 -21.41
CA LYS G 59 19.38 -103.81 -22.72
C LYS G 59 20.48 -103.71 -23.78
N GLN G 60 21.64 -103.14 -23.47
CA GLN G 60 22.71 -103.29 -24.48
C GLN G 60 23.21 -104.73 -24.55
N ARG G 61 23.33 -105.41 -23.42
CA ARG G 61 23.78 -106.81 -23.45
C ARG G 61 22.63 -107.70 -23.88
N ASP G 62 22.25 -107.55 -25.15
CA ASP G 62 21.17 -108.35 -25.72
C ASP G 62 21.65 -109.77 -25.99
N VAL G 63 20.86 -110.74 -25.53
CA VAL G 63 21.16 -112.15 -25.75
C VAL G 63 20.22 -112.76 -26.79
N ASN G 64 18.94 -112.42 -26.73
CA ASN G 64 17.94 -112.97 -27.63
C ASN G 64 17.67 -112.07 -28.83
N ARG G 65 18.53 -111.06 -29.05
CA ARG G 65 18.37 -110.09 -30.14
C ARG G 65 17.00 -109.43 -30.12
N TYR G 66 16.54 -109.10 -28.91
CA TYR G 66 15.22 -108.51 -28.70
C TYR G 66 15.24 -107.00 -28.66
N TYR G 67 16.39 -106.38 -28.44
CA TYR G 67 16.50 -104.95 -28.21
C TYR G 67 17.63 -104.34 -29.04
N GLN G 68 17.67 -104.63 -30.34
CA GLN G 68 18.66 -104.00 -31.21
C GLN G 68 18.11 -102.68 -31.73
N PRO G 69 18.70 -101.54 -31.34
CA PRO G 69 18.20 -100.25 -31.83
C PRO G 69 18.99 -99.67 -32.99
N ILE G 70 18.36 -98.77 -33.73
CA ILE G 70 19.06 -97.75 -34.51
C ILE G 70 18.45 -96.40 -34.15
N THR G 71 19.28 -95.48 -33.67
CA THR G 71 18.74 -94.27 -33.07
C THR G 71 18.30 -93.27 -34.13
N ASP G 72 19.03 -93.18 -35.24
CA ASP G 72 18.77 -92.15 -36.25
C ASP G 72 17.79 -92.61 -37.33
N TRP G 73 16.63 -93.11 -36.90
CA TRP G 73 15.62 -93.49 -37.88
C TRP G 73 14.94 -92.29 -38.51
N LYS G 74 14.82 -91.18 -37.77
CA LYS G 74 14.11 -90.02 -38.28
C LYS G 74 14.89 -89.34 -39.40
N ILE G 75 14.16 -88.78 -40.35
CA ILE G 75 14.76 -88.02 -41.45
C ILE G 75 15.16 -86.65 -40.93
N MET G 76 16.35 -86.19 -41.32
CA MET G 76 16.90 -84.95 -40.79
C MET G 76 16.11 -83.72 -41.23
N LYS G 77 15.25 -83.85 -42.23
CA LYS G 77 14.37 -82.80 -42.77
C LYS G 77 15.14 -81.66 -43.42
N ASP G 78 16.46 -81.71 -43.48
CA ASP G 78 17.25 -80.73 -44.24
C ASP G 78 17.25 -81.18 -45.70
N ARG G 79 16.19 -80.80 -46.41
CA ARG G 79 15.93 -81.33 -47.74
C ARG G 79 16.70 -80.52 -48.78
N GLN G 80 17.68 -81.15 -49.42
CA GLN G 80 18.36 -80.58 -50.57
C GLN G 80 17.69 -81.16 -51.81
N LYS G 81 16.85 -80.37 -52.45
CA LYS G 81 16.17 -80.80 -53.67
C LYS G 81 17.10 -80.54 -54.85
N THR G 82 16.54 -80.59 -56.06
CA THR G 82 17.24 -80.16 -57.27
C THR G 82 16.32 -79.19 -58.00
N VAL G 83 16.64 -77.90 -57.93
CA VAL G 83 15.79 -76.86 -58.51
C VAL G 83 16.25 -76.47 -59.91
N SER G 84 17.46 -76.85 -60.30
CA SER G 84 18.04 -76.48 -61.58
C SER G 84 18.45 -77.71 -62.35
N ALA G 85 18.14 -77.73 -63.64
CA ALA G 85 18.59 -78.80 -64.51
C ALA G 85 18.92 -78.23 -65.88
N ALA G 86 20.03 -78.68 -66.46
CA ALA G 86 20.53 -78.15 -67.71
C ALA G 86 21.02 -79.28 -68.60
N LEU G 87 20.62 -79.23 -69.87
CA LEU G 87 20.84 -80.31 -70.83
C LEU G 87 21.85 -79.83 -71.87
N LEU G 88 22.91 -80.61 -72.08
CA LEU G 88 24.02 -80.23 -72.95
C LEU G 88 24.13 -81.31 -74.02
N LEU G 89 23.38 -81.13 -75.10
CA LEU G 89 23.38 -82.08 -76.20
C LEU G 89 24.40 -81.61 -77.25
N CYS G 90 25.46 -82.39 -77.45
CA CYS G 90 26.46 -82.10 -78.46
C CYS G 90 26.32 -83.14 -79.56
N LEU G 91 25.41 -82.87 -80.50
CA LEU G 91 25.09 -83.84 -81.55
C LEU G 91 25.01 -83.10 -82.89
N ASN G 92 26.04 -83.27 -83.72
CA ASN G 92 26.06 -82.75 -85.08
C ASN G 92 25.55 -83.83 -86.05
N LEU G 93 24.25 -84.08 -85.97
CA LEU G 93 23.61 -85.14 -86.72
C LEU G 93 23.69 -84.86 -88.21
N GLY G 94 24.50 -85.64 -88.92
CA GLY G 94 24.76 -85.43 -90.32
C GLY G 94 26.21 -85.74 -90.66
N VAL G 95 27.07 -85.75 -89.65
CA VAL G 95 28.48 -86.08 -89.83
C VAL G 95 28.88 -87.00 -88.67
N ASP G 96 29.97 -87.73 -88.86
CA ASP G 96 30.41 -88.74 -87.91
C ASP G 96 31.65 -88.31 -87.12
N PRO G 97 31.87 -88.91 -85.95
CA PRO G 97 33.16 -88.76 -85.27
C PRO G 97 34.26 -89.45 -86.05
N PRO G 98 35.51 -89.00 -85.91
CA PRO G 98 36.58 -89.51 -86.79
C PRO G 98 37.20 -90.82 -86.35
N ASP G 99 36.94 -91.29 -85.13
CA ASP G 99 37.66 -92.43 -84.60
C ASP G 99 36.92 -93.76 -84.76
N VAL G 100 35.60 -93.75 -84.80
CA VAL G 100 34.80 -94.98 -84.88
C VAL G 100 34.04 -95.00 -86.19
N MET G 101 34.21 -96.08 -86.94
CA MET G 101 33.54 -96.21 -88.22
C MET G 101 32.06 -96.53 -88.03
N LYS G 102 31.27 -96.17 -89.03
CA LYS G 102 29.83 -96.42 -89.08
C LYS G 102 29.50 -97.34 -90.24
N THR G 103 28.21 -97.55 -90.45
CA THR G 103 27.67 -98.24 -91.62
C THR G 103 26.55 -97.40 -92.19
N HIS G 104 26.05 -97.80 -93.36
CA HIS G 104 24.93 -97.08 -93.97
C HIS G 104 23.69 -97.11 -93.08
N PRO G 105 23.28 -98.24 -92.47
CA PRO G 105 22.44 -98.12 -91.27
C PRO G 105 23.31 -98.07 -90.03
N CYS G 106 23.12 -97.06 -89.18
CA CYS G 106 23.94 -96.90 -87.99
C CYS G 106 23.04 -96.70 -86.78
N ALA G 107 23.67 -96.58 -85.61
CA ALA G 107 22.94 -96.25 -84.40
C ALA G 107 22.34 -94.86 -84.54
N ARG G 108 21.04 -94.79 -84.74
CA ARG G 108 20.43 -93.56 -85.23
C ARG G 108 19.33 -93.02 -84.33
N VAL G 109 18.45 -93.88 -83.82
CA VAL G 109 17.31 -93.42 -83.05
C VAL G 109 17.77 -92.99 -81.67
N GLU G 110 17.38 -91.78 -81.28
CA GLU G 110 17.78 -91.20 -80.01
C GLU G 110 16.62 -90.38 -79.48
N ALA G 111 16.31 -90.57 -78.19
CA ALA G 111 15.14 -89.95 -77.56
C ALA G 111 13.85 -90.30 -78.31
N TRP G 112 13.81 -91.52 -78.82
CA TRP G 112 12.60 -92.11 -79.42
C TRP G 112 12.09 -91.30 -80.61
N VAL G 113 12.98 -91.02 -81.56
CA VAL G 113 12.61 -90.32 -82.78
C VAL G 113 13.64 -90.67 -83.85
N ASP G 114 13.19 -90.69 -85.10
CA ASP G 114 14.09 -90.87 -86.23
C ASP G 114 14.60 -89.51 -86.67
N PRO G 115 15.90 -89.25 -86.62
CA PRO G 115 16.41 -87.94 -87.06
C PRO G 115 16.72 -87.89 -88.55
N LEU G 116 16.98 -89.04 -89.17
CA LEU G 116 17.42 -89.04 -90.56
C LEU G 116 16.31 -88.65 -91.51
N ASN G 117 15.09 -89.16 -91.27
CA ASN G 117 13.97 -88.79 -92.13
C ASN G 117 13.53 -87.36 -91.88
N PHE G 118 13.85 -86.80 -90.72
CA PHE G 118 13.52 -85.42 -90.41
C PHE G 118 14.36 -84.49 -91.27
N GLN G 119 13.82 -83.31 -91.57
CA GLN G 119 14.35 -82.45 -92.61
C GLN G 119 15.06 -81.23 -92.03
N ASP G 120 16.21 -80.90 -92.63
CA ASP G 120 16.88 -79.60 -92.48
C ASP G 120 17.37 -79.36 -91.05
N SER G 121 17.98 -80.39 -90.46
CA SER G 121 18.75 -80.28 -89.21
C SER G 121 17.92 -79.71 -88.05
N LYS G 122 16.62 -80.02 -88.02
CA LYS G 122 15.77 -79.65 -86.91
C LYS G 122 15.48 -80.83 -85.99
N LYS G 123 16.10 -81.98 -86.24
CA LYS G 123 16.14 -83.07 -85.29
C LYS G 123 17.58 -83.35 -84.82
N ALA G 124 18.53 -82.52 -85.22
CA ALA G 124 19.89 -82.67 -84.74
C ALA G 124 19.98 -82.40 -83.25
N ILE G 125 19.48 -81.24 -82.80
CA ILE G 125 19.31 -80.97 -81.38
C ILE G 125 17.87 -80.53 -81.12
N GLU G 126 17.26 -79.90 -82.13
CA GLU G 126 16.12 -79.01 -81.89
C GLU G 126 14.92 -79.77 -81.36
N GLN G 127 14.68 -80.98 -81.85
CA GLN G 127 13.52 -81.76 -81.43
C GLN G 127 13.89 -82.81 -80.39
N ILE G 128 15.09 -83.38 -80.47
CA ILE G 128 15.46 -84.43 -79.54
C ILE G 128 15.71 -83.86 -78.14
N GLY G 129 16.22 -82.64 -78.04
CA GLY G 129 16.36 -82.02 -76.73
C GLY G 129 15.01 -81.73 -76.10
N LYS G 130 14.05 -81.30 -76.91
CA LYS G 130 12.69 -81.10 -76.42
C LYS G 130 12.07 -82.39 -75.94
N ASN G 131 12.26 -83.49 -76.68
CA ASN G 131 11.78 -84.78 -76.24
C ASN G 131 12.43 -85.22 -74.94
N LEU G 132 13.75 -85.05 -74.83
CA LEU G 132 14.45 -85.50 -73.63
C LEU G 132 14.06 -84.68 -72.42
N GLN G 133 13.83 -83.37 -72.60
CA GLN G 133 13.32 -82.55 -71.50
C GLN G 133 11.91 -82.95 -71.11
N ALA G 134 11.06 -83.25 -72.09
CA ALA G 134 9.69 -83.67 -71.79
C ALA G 134 9.67 -85.00 -71.04
N GLN G 135 10.58 -85.91 -71.38
CA GLN G 135 10.63 -87.18 -70.66
C GLN G 135 11.23 -87.03 -69.27
N TYR G 136 12.25 -86.18 -69.12
CA TYR G 136 12.75 -85.84 -67.79
C TYR G 136 11.71 -85.14 -66.93
N GLU G 137 10.72 -84.48 -67.55
CA GLU G 137 9.67 -83.84 -66.78
C GLU G 137 8.85 -84.84 -65.98
N THR G 138 8.72 -86.07 -66.48
CA THR G 138 7.89 -87.07 -65.82
C THR G 138 8.51 -87.64 -64.55
N LEU G 139 9.82 -87.47 -64.35
CA LEU G 139 10.44 -87.90 -63.10
C LEU G 139 10.04 -86.98 -61.95
N SER G 140 10.09 -85.67 -62.19
CA SER G 140 9.69 -84.68 -61.20
C SER G 140 9.29 -83.41 -61.94
N LEU G 141 8.19 -82.81 -61.50
CA LEU G 141 7.61 -81.64 -62.17
C LEU G 141 7.96 -80.34 -61.48
N ARG G 142 8.85 -80.36 -60.49
CA ARG G 142 9.18 -79.17 -59.72
C ARG G 142 10.58 -78.63 -60.04
N THR G 143 11.22 -79.13 -61.08
CA THR G 143 12.56 -78.71 -61.46
C THR G 143 12.52 -77.94 -62.76
N ARG G 144 13.21 -76.81 -62.81
CA ARG G 144 13.23 -76.02 -64.03
C ARG G 144 14.25 -76.59 -65.02
N TYR G 145 14.03 -76.28 -66.30
CA TYR G 145 14.84 -76.81 -67.38
C TYR G 145 15.17 -75.69 -68.36
N LYS G 146 16.33 -75.80 -69.01
CA LYS G 146 16.61 -75.04 -70.22
C LYS G 146 17.66 -75.80 -70.99
N GLN G 147 17.50 -75.83 -72.31
CA GLN G 147 18.29 -76.69 -73.17
C GLN G 147 19.44 -75.93 -73.81
N SER G 148 20.17 -76.60 -74.70
CA SER G 148 21.28 -75.99 -75.44
C SER G 148 21.32 -76.60 -76.82
N LEU G 149 21.69 -75.80 -77.80
CA LEU G 149 21.61 -76.17 -79.22
C LEU G 149 23.02 -76.18 -79.81
N ASP G 150 23.70 -77.32 -79.67
CA ASP G 150 25.06 -77.54 -80.17
C ASP G 150 26.00 -76.45 -79.70
N PRO G 151 26.40 -76.46 -78.43
CA PRO G 151 27.00 -75.28 -77.81
C PRO G 151 28.53 -75.22 -77.95
N CYS G 152 29.07 -74.08 -77.57
CA CYS G 152 30.50 -73.79 -77.57
C CYS G 152 30.96 -73.43 -76.16
N VAL G 153 32.20 -72.95 -76.04
CA VAL G 153 32.75 -72.64 -74.73
C VAL G 153 32.08 -71.39 -74.14
N GLU G 154 31.80 -70.39 -74.98
CA GLU G 154 31.08 -69.22 -74.51
C GLU G 154 29.65 -69.58 -74.14
N ASP G 155 29.07 -70.58 -74.81
CA ASP G 155 27.75 -71.06 -74.44
C ASP G 155 27.77 -71.75 -73.08
N VAL G 156 28.73 -72.67 -72.88
CA VAL G 156 28.80 -73.38 -71.61
C VAL G 156 29.30 -72.50 -70.48
N LYS G 157 29.75 -71.28 -70.79
CA LYS G 157 30.00 -70.31 -69.73
C LYS G 157 28.71 -70.00 -69.00
N ARG G 158 27.74 -69.36 -69.67
CA ARG G 158 26.53 -69.04 -68.93
C ARG G 158 25.59 -70.22 -68.76
N PHE G 159 25.77 -71.31 -69.53
CA PHE G 159 25.06 -72.56 -69.31
C PHE G 159 25.22 -73.07 -67.88
N CYS G 160 26.33 -72.76 -67.25
CA CYS G 160 26.56 -73.08 -65.84
C CYS G 160 26.42 -71.88 -64.93
N ASN G 161 26.96 -70.72 -65.33
CA ASN G 161 26.97 -69.56 -64.45
C ASN G 161 25.57 -69.04 -64.17
N SER G 162 24.71 -68.95 -65.20
CA SER G 162 23.40 -68.34 -65.03
C SER G 162 22.48 -69.16 -64.15
N LEU G 163 22.71 -70.47 -64.06
CA LEU G 163 21.90 -71.30 -63.18
C LEU G 163 22.51 -71.45 -61.80
N ARG G 164 23.84 -71.41 -61.68
CA ARG G 164 24.41 -71.49 -60.35
C ARG G 164 24.21 -70.17 -59.61
N ARG G 165 24.16 -69.06 -60.34
CA ARG G 165 23.88 -67.79 -59.69
C ARG G 165 22.42 -67.65 -59.25
N THR G 166 21.54 -68.56 -59.65
CA THR G 166 20.16 -68.53 -59.18
C THR G 166 19.82 -69.71 -58.26
N SER G 167 20.62 -70.76 -58.24
CA SER G 167 20.48 -71.84 -57.26
C SER G 167 21.59 -71.67 -56.24
N LYS G 168 21.25 -71.12 -55.07
CA LYS G 168 22.26 -70.73 -54.09
C LYS G 168 22.99 -71.93 -53.53
N GLU G 169 22.24 -72.92 -53.04
CA GLU G 169 22.84 -74.14 -52.52
C GLU G 169 22.12 -75.40 -52.96
N ASP G 170 20.96 -75.31 -53.60
CA ASP G 170 20.23 -76.49 -54.01
C ASP G 170 20.96 -77.18 -55.17
N ARG G 171 20.73 -78.49 -55.30
CA ARG G 171 21.50 -79.28 -56.23
C ARG G 171 21.13 -78.96 -57.68
N ILE G 172 22.05 -79.27 -58.59
CA ILE G 172 21.94 -78.93 -60.00
C ILE G 172 22.17 -80.18 -60.83
N LEU G 173 21.27 -80.43 -61.78
CA LEU G 173 21.40 -81.53 -62.72
C LEU G 173 22.11 -81.06 -63.98
N PHE G 174 23.15 -81.80 -64.37
CA PHE G 174 23.93 -81.46 -65.56
C PHE G 174 23.98 -82.69 -66.45
N HIS G 175 23.28 -82.62 -67.58
CA HIS G 175 23.22 -83.71 -68.53
C HIS G 175 24.21 -83.42 -69.66
N TYR G 176 25.07 -84.39 -69.96
CA TYR G 176 26.03 -84.30 -71.05
C TYR G 176 25.73 -85.43 -72.03
N ASN G 177 25.40 -85.08 -73.26
CA ASN G 177 25.03 -86.04 -74.29
C ASN G 177 26.01 -85.87 -75.45
N GLY G 178 27.13 -86.58 -75.36
CA GLY G 178 28.11 -86.55 -76.43
C GLY G 178 28.16 -87.83 -77.24
N HIS G 179 27.59 -87.80 -78.44
CA HIS G 179 27.74 -88.89 -79.40
C HIS G 179 28.20 -88.44 -80.77
N GLY G 180 28.08 -87.17 -81.11
CA GLY G 180 28.64 -86.62 -82.33
C GLY G 180 29.99 -85.99 -82.04
N VAL G 181 30.60 -86.44 -80.95
CA VAL G 181 31.82 -85.86 -80.40
C VAL G 181 32.87 -86.96 -80.32
N PRO G 182 34.15 -86.68 -80.57
CA PRO G 182 35.18 -87.72 -80.45
C PRO G 182 35.39 -88.19 -79.02
N LYS G 183 36.34 -89.11 -78.85
CA LYS G 183 36.57 -89.75 -77.56
C LYS G 183 37.05 -88.72 -76.53
N PRO G 184 36.49 -88.74 -75.32
CA PRO G 184 36.99 -87.83 -74.27
C PRO G 184 38.43 -88.14 -73.90
N THR G 185 39.13 -87.07 -73.50
CA THR G 185 40.58 -87.12 -73.31
C THR G 185 40.93 -87.76 -71.97
N LYS G 186 41.92 -88.66 -71.99
CA LYS G 186 42.42 -89.25 -70.75
C LYS G 186 43.09 -88.20 -69.88
N SER G 187 43.67 -87.16 -70.48
CA SER G 187 44.31 -86.10 -69.70
C SER G 187 43.33 -85.22 -68.95
N GLY G 188 42.03 -85.35 -69.22
CA GLY G 188 41.04 -84.62 -68.46
C GLY G 188 40.38 -83.47 -69.21
N GLU G 189 40.12 -83.67 -70.50
CA GLU G 189 39.47 -82.67 -71.32
C GLU G 189 38.18 -83.22 -71.91
N ILE G 190 37.24 -82.31 -72.18
CA ILE G 190 35.97 -82.65 -72.82
C ILE G 190 35.84 -81.80 -74.07
N TRP G 191 35.58 -82.45 -75.20
CA TRP G 191 35.48 -81.74 -76.46
C TRP G 191 34.14 -81.00 -76.57
N VAL G 192 34.20 -79.73 -76.95
CA VAL G 192 33.00 -78.92 -77.20
C VAL G 192 33.16 -78.28 -78.57
N PHE G 193 32.04 -78.03 -79.24
CA PHE G 193 32.05 -77.46 -80.57
C PHE G 193 32.57 -76.03 -80.58
N ASN G 194 33.00 -75.57 -81.75
CA ASN G 194 33.25 -74.16 -81.98
C ASN G 194 32.08 -73.55 -82.74
N ARG G 195 32.15 -72.25 -82.97
CA ARG G 195 31.11 -71.59 -83.75
C ARG G 195 31.26 -71.85 -85.23
N GLY G 196 32.46 -72.21 -85.68
CA GLY G 196 32.74 -72.40 -87.09
C GLY G 196 32.42 -73.77 -87.64
N TYR G 197 32.10 -74.73 -86.76
CA TYR G 197 31.75 -76.10 -87.15
C TYR G 197 32.85 -76.75 -87.99
N THR G 198 34.10 -76.52 -87.60
CA THR G 198 35.24 -77.09 -88.30
C THR G 198 36.14 -77.94 -87.42
N GLN G 199 36.22 -77.65 -86.12
CA GLN G 199 37.04 -78.43 -85.21
C GLN G 199 36.46 -78.28 -83.81
N TYR G 200 36.86 -79.18 -82.92
CA TYR G 200 36.36 -79.21 -81.55
C TYR G 200 37.44 -78.76 -80.58
N ILE G 201 37.07 -77.87 -79.68
CA ILE G 201 38.01 -77.28 -78.72
C ILE G 201 37.88 -77.96 -77.36
N PRO G 202 38.95 -78.11 -76.61
CA PRO G 202 38.84 -78.71 -75.27
C PRO G 202 38.27 -77.74 -74.26
N VAL G 203 37.57 -78.29 -73.28
CA VAL G 203 37.17 -77.60 -72.06
C VAL G 203 37.55 -78.49 -70.89
N SER G 204 38.27 -77.93 -69.91
CA SER G 204 38.81 -78.72 -68.82
C SER G 204 37.76 -78.98 -67.75
N LEU G 205 38.02 -80.01 -66.95
CA LEU G 205 37.14 -80.35 -65.84
C LEU G 205 37.12 -79.24 -64.80
N TYR G 206 38.28 -78.62 -64.54
CA TYR G 206 38.28 -77.41 -63.71
C TYR G 206 37.44 -76.30 -64.31
N ASP G 207 37.50 -76.10 -65.63
CA ASP G 207 36.75 -75.01 -66.23
C ASP G 207 35.25 -75.25 -66.03
N LEU G 208 34.79 -76.46 -66.32
CA LEU G 208 33.39 -76.80 -66.14
C LEU G 208 32.97 -76.74 -64.67
N GLN G 209 33.83 -77.23 -63.77
CA GLN G 209 33.49 -77.28 -62.36
C GLN G 209 33.46 -75.89 -61.74
N THR G 210 34.39 -75.02 -62.15
CA THR G 210 34.39 -73.65 -61.67
C THR G 210 33.19 -72.87 -62.21
N TRP G 211 32.77 -73.17 -63.44
CA TRP G 211 31.56 -72.53 -63.93
C TRP G 211 30.31 -73.06 -63.21
N LEU G 212 30.32 -74.33 -62.80
CA LEU G 212 29.29 -74.88 -61.93
C LEU G 212 29.63 -74.59 -60.46
N GLY G 213 28.90 -75.23 -59.55
CA GLY G 213 29.19 -75.08 -58.14
C GLY G 213 29.39 -76.40 -57.42
N ALA G 214 29.17 -76.42 -56.10
CA ALA G 214 29.55 -77.59 -55.30
C ALA G 214 28.54 -78.73 -55.36
N PRO G 215 27.22 -78.52 -55.21
CA PRO G 215 26.29 -79.63 -55.46
C PRO G 215 26.32 -80.06 -56.92
N CYS G 216 26.02 -81.35 -57.12
CA CYS G 216 26.26 -82.00 -58.41
C CYS G 216 25.27 -83.14 -58.53
N ILE G 217 24.62 -83.26 -59.68
CA ILE G 217 24.18 -84.56 -60.16
C ILE G 217 24.41 -84.58 -61.67
N PHE G 218 25.46 -85.28 -62.08
CA PHE G 218 25.95 -85.27 -63.44
C PHE G 218 25.58 -86.58 -64.13
N VAL G 219 25.12 -86.49 -65.37
CA VAL G 219 24.80 -87.68 -66.17
C VAL G 219 25.56 -87.57 -67.49
N TYR G 220 26.56 -88.43 -67.68
CA TYR G 220 27.36 -88.48 -68.90
C TYR G 220 26.88 -89.60 -69.80
N ASP G 221 26.78 -89.32 -71.10
CA ASP G 221 26.38 -90.33 -72.08
C ASP G 221 27.43 -90.53 -73.16
N CYS G 222 28.71 -90.42 -72.81
CA CYS G 222 29.77 -90.49 -73.80
C CYS G 222 30.25 -91.92 -73.97
N ASN G 223 31.36 -92.09 -74.70
CA ASN G 223 31.89 -93.40 -75.06
C ASN G 223 32.76 -93.99 -73.97
N SER G 224 33.82 -93.29 -73.59
CA SER G 224 34.73 -93.73 -72.54
C SER G 224 34.59 -92.74 -71.38
N ALA G 225 33.63 -93.02 -70.51
CA ALA G 225 33.30 -92.17 -69.36
C ALA G 225 34.01 -92.62 -68.11
N GLU G 226 35.23 -93.11 -68.20
CA GLU G 226 35.89 -93.73 -67.06
C GLU G 226 37.26 -93.13 -66.79
N ASN G 227 38.01 -92.79 -67.86
CA ASN G 227 39.18 -91.96 -67.70
C ASN G 227 38.80 -90.62 -67.09
N ILE G 228 37.62 -90.10 -67.46
CA ILE G 228 37.17 -88.83 -66.91
C ILE G 228 36.85 -88.97 -65.43
N LEU G 229 36.35 -90.13 -65.00
CA LEU G 229 36.09 -90.32 -63.57
C LEU G 229 37.37 -90.54 -62.78
N ILE G 230 38.30 -91.34 -63.30
CA ILE G 230 39.58 -91.50 -62.63
C ILE G 230 40.28 -90.14 -62.50
N ASN G 231 40.26 -89.36 -63.59
CA ASN G 231 40.85 -88.03 -63.54
C ASN G 231 40.10 -87.12 -62.60
N PHE G 232 38.76 -87.18 -62.56
CA PHE G 232 37.98 -86.30 -61.72
C PHE G 232 38.23 -86.58 -60.24
N GLN G 233 38.35 -87.86 -59.89
CA GLN G 233 38.77 -88.21 -58.54
C GLN G 233 40.17 -87.67 -58.25
N LYS G 234 41.07 -87.73 -59.23
CA LYS G 234 42.41 -87.18 -59.05
C LYS G 234 42.36 -85.66 -58.87
N PHE G 235 41.53 -84.95 -59.64
CA PHE G 235 41.46 -83.50 -59.53
C PHE G 235 40.89 -83.10 -58.18
N VAL G 236 39.85 -83.78 -57.71
CA VAL G 236 39.27 -83.40 -56.43
C VAL G 236 40.20 -83.74 -55.28
N GLN G 237 40.94 -84.87 -55.36
CA GLN G 237 41.89 -85.14 -54.29
C GLN G 237 43.07 -84.17 -54.33
N LYS G 238 43.47 -83.72 -55.53
CA LYS G 238 44.54 -82.74 -55.61
C LYS G 238 44.09 -81.38 -55.07
N ARG G 239 42.83 -81.00 -55.29
CA ARG G 239 42.37 -79.73 -54.74
C ARG G 239 42.16 -79.82 -53.22
N ILE G 240 41.75 -80.98 -52.70
CA ILE G 240 41.69 -81.08 -51.24
C ILE G 240 43.08 -81.24 -50.63
N LYS G 241 44.08 -81.63 -51.42
CA LYS G 241 45.46 -81.54 -50.95
C LYS G 241 45.95 -80.09 -50.96
N ASP G 242 45.57 -79.32 -51.98
CA ASP G 242 45.87 -77.89 -52.02
C ASP G 242 45.04 -77.09 -51.02
N ASP G 243 44.03 -77.72 -50.42
CA ASP G 243 43.25 -77.08 -49.36
C ASP G 243 44.07 -76.76 -48.11
N GLU G 244 45.28 -77.33 -47.99
CA GLU G 244 46.21 -76.87 -46.96
C GLU G 244 46.46 -75.37 -47.11
N GLU G 245 46.60 -74.90 -48.35
CA GLU G 245 46.46 -73.49 -48.72
C GLU G 245 47.48 -72.60 -48.01
N GLY G 246 48.75 -72.83 -48.32
CA GLY G 246 49.76 -71.85 -47.95
C GLY G 246 49.55 -70.54 -48.68
N ASN G 247 49.42 -70.61 -50.01
CA ASN G 247 48.94 -69.50 -50.83
C ASN G 247 48.04 -70.04 -51.94
N HIS G 248 47.26 -71.07 -51.64
CA HIS G 248 46.53 -71.85 -52.64
C HIS G 248 45.03 -71.77 -52.37
N ASP G 249 44.36 -70.79 -52.98
CA ASP G 249 42.91 -70.70 -52.90
C ASP G 249 42.42 -70.12 -54.22
N VAL G 250 42.02 -70.99 -55.14
CA VAL G 250 41.45 -70.56 -56.41
C VAL G 250 40.03 -70.08 -56.16
N ALA G 251 39.72 -68.87 -56.66
CA ALA G 251 38.41 -68.28 -56.46
C ALA G 251 37.32 -69.13 -57.11
N ALA G 252 36.44 -69.68 -56.29
CA ALA G 252 35.37 -70.57 -56.73
C ALA G 252 34.03 -70.08 -56.18
N PRO G 253 32.94 -70.29 -56.92
CA PRO G 253 31.64 -69.75 -56.48
C PRO G 253 31.06 -70.44 -55.26
N SER G 254 31.50 -71.64 -54.91
CA SER G 254 30.95 -72.37 -53.78
C SER G 254 32.09 -73.01 -53.01
N PRO G 255 31.93 -73.17 -51.69
CA PRO G 255 33.04 -73.68 -50.86
C PRO G 255 33.47 -75.08 -51.24
N THR G 256 34.77 -75.35 -51.00
CA THR G 256 35.36 -76.63 -51.34
C THR G 256 34.83 -77.75 -50.46
N SER G 257 34.34 -77.42 -49.27
CA SER G 257 33.88 -78.44 -48.33
C SER G 257 32.65 -79.19 -48.80
N ALA G 258 31.96 -78.69 -49.83
CA ALA G 258 30.81 -79.38 -50.41
C ALA G 258 31.10 -79.94 -51.80
N TYR G 259 32.39 -80.12 -52.14
CA TYR G 259 32.71 -80.74 -53.42
C TYR G 259 32.64 -82.26 -53.35
N GLN G 260 33.10 -82.83 -52.25
CA GLN G 260 33.26 -84.29 -52.14
C GLN G 260 31.95 -85.04 -51.99
N ASP G 261 30.83 -84.35 -51.82
CA ASP G 261 29.54 -84.98 -51.62
C ASP G 261 28.54 -84.62 -52.71
N CYS G 262 28.98 -84.65 -53.98
CA CYS G 262 28.08 -84.39 -55.09
C CYS G 262 28.20 -85.51 -56.11
N PHE G 263 27.08 -85.93 -56.68
CA PHE G 263 26.96 -87.23 -57.32
C PHE G 263 26.97 -87.15 -58.83
N GLN G 264 27.40 -88.23 -59.45
CA GLN G 264 27.47 -88.33 -60.90
C GLN G 264 27.40 -89.80 -61.32
N LEU G 265 27.16 -90.02 -62.60
CA LEU G 265 27.10 -91.36 -63.17
C LEU G 265 28.09 -91.47 -64.32
N ALA G 266 28.19 -92.68 -64.89
CA ALA G 266 29.05 -92.94 -66.04
C ALA G 266 28.35 -93.92 -66.97
N SER G 267 28.91 -94.12 -68.16
CA SER G 267 28.21 -94.83 -69.23
C SER G 267 28.71 -96.24 -69.50
N CYS G 268 30.00 -96.52 -69.35
CA CYS G 268 30.55 -97.83 -69.69
C CYS G 268 31.50 -98.23 -68.56
N THR G 269 32.34 -99.24 -68.82
CA THR G 269 33.26 -99.74 -67.80
C THR G 269 34.69 -99.27 -67.97
N SER G 270 35.17 -99.12 -69.19
CA SER G 270 36.52 -98.65 -69.48
C SER G 270 36.55 -98.18 -70.92
N ASP G 271 37.75 -98.05 -71.49
CA ASP G 271 37.89 -97.64 -72.88
C ASP G 271 37.48 -98.76 -73.84
N GLU G 272 36.20 -99.12 -73.86
CA GLU G 272 35.64 -100.00 -74.88
C GLU G 272 34.50 -99.27 -75.61
N LEU G 273 33.93 -99.96 -76.59
CA LEU G 273 33.03 -99.34 -77.55
C LEU G 273 31.60 -99.33 -77.02
N LEU G 274 30.80 -98.41 -77.57
CA LEU G 274 29.39 -98.29 -77.25
C LEU G 274 28.59 -99.31 -78.05
N LEU G 275 27.28 -99.13 -78.05
CA LEU G 275 26.36 -99.96 -78.81
C LEU G 275 26.04 -99.27 -80.13
N MET G 276 26.01 -100.05 -81.22
CA MET G 276 25.81 -99.46 -82.54
C MET G 276 24.84 -100.22 -83.44
N SER G 277 24.28 -101.34 -83.01
CA SER G 277 23.43 -102.14 -83.88
C SER G 277 22.12 -101.40 -84.17
N PRO G 278 21.48 -101.68 -85.31
CA PRO G 278 20.15 -101.12 -85.56
C PRO G 278 19.07 -101.71 -84.67
N GLU G 279 19.37 -102.76 -83.91
CA GLU G 279 18.39 -103.42 -83.06
C GLU G 279 18.31 -102.79 -81.67
N LEU G 280 18.71 -101.53 -81.53
CA LEU G 280 18.82 -100.91 -80.22
C LEU G 280 18.78 -99.40 -80.36
N PRO G 281 18.21 -98.69 -79.39
CA PRO G 281 18.27 -97.23 -79.41
C PRO G 281 19.70 -96.74 -79.21
N ALA G 282 20.06 -95.66 -79.93
CA ALA G 282 21.42 -95.18 -79.89
C ALA G 282 21.78 -94.50 -78.58
N ASP G 283 20.81 -94.12 -77.77
CA ASP G 283 21.08 -93.45 -76.49
C ASP G 283 20.29 -94.22 -75.41
N LEU G 284 20.54 -95.54 -75.38
CA LEU G 284 19.84 -96.43 -74.48
C LEU G 284 20.13 -96.13 -73.02
N PHE G 285 21.25 -95.47 -72.71
CA PHE G 285 21.56 -95.15 -71.33
C PHE G 285 20.56 -94.13 -70.78
N SER G 286 20.34 -93.03 -71.50
CA SER G 286 19.34 -92.09 -71.05
C SER G 286 17.94 -92.62 -71.29
N CYS G 287 17.78 -93.59 -72.20
CA CYS G 287 16.50 -94.29 -72.25
C CYS G 287 16.21 -95.01 -70.94
N CYS G 288 17.23 -95.66 -70.37
CA CYS G 288 17.08 -96.26 -69.05
C CYS G 288 16.77 -95.21 -67.99
N LEU G 289 17.45 -94.07 -68.06
CA LEU G 289 17.32 -93.06 -67.01
C LEU G 289 16.18 -92.08 -67.21
N THR G 290 15.36 -92.19 -68.26
CA THR G 290 14.14 -91.39 -68.30
C THR G 290 12.88 -92.16 -68.68
N CYS G 291 12.99 -93.31 -69.34
CA CYS G 291 11.81 -94.10 -69.73
C CYS G 291 12.13 -95.57 -69.53
N PRO G 292 12.00 -96.06 -68.29
CA PRO G 292 12.40 -97.44 -68.00
C PRO G 292 11.42 -98.48 -68.52
N ILE G 293 10.12 -98.19 -68.42
CA ILE G 293 9.11 -99.21 -68.68
C ILE G 293 9.08 -99.61 -70.15
N GLU G 294 9.05 -98.61 -71.04
CA GLU G 294 8.91 -98.90 -72.46
C GLU G 294 10.13 -99.63 -73.01
N ILE G 295 11.33 -99.19 -72.64
CA ILE G 295 12.51 -99.86 -73.14
C ILE G 295 12.69 -101.21 -72.45
N SER G 296 12.17 -101.37 -71.22
CA SER G 296 12.17 -102.68 -70.59
C SER G 296 11.28 -103.64 -71.36
N ILE G 297 10.10 -103.18 -71.78
CA ILE G 297 9.20 -104.00 -72.57
C ILE G 297 9.85 -104.37 -73.91
N ARG G 298 10.49 -103.41 -74.56
CA ARG G 298 11.10 -103.68 -75.86
C ARG G 298 12.30 -104.61 -75.74
N ILE G 299 13.13 -104.43 -74.73
CA ILE G 299 14.26 -105.32 -74.49
C ILE G 299 13.76 -106.72 -74.16
N PHE G 300 12.67 -106.82 -73.39
CA PHE G 300 12.09 -108.12 -73.09
C PHE G 300 11.56 -108.79 -74.35
N LEU G 301 10.94 -108.02 -75.24
CA LEU G 301 10.46 -108.59 -76.51
C LEU G 301 11.62 -109.06 -77.37
N MET G 302 12.71 -108.31 -77.43
CA MET G 302 13.85 -108.70 -78.24
C MET G 302 14.68 -109.80 -77.61
N GLN G 303 14.53 -110.03 -76.30
CA GLN G 303 15.24 -111.11 -75.62
C GLN G 303 14.34 -112.32 -75.36
N SER G 304 13.07 -112.25 -75.74
CA SER G 304 12.16 -113.37 -75.50
C SER G 304 12.44 -114.50 -76.47
N PRO G 305 12.71 -115.72 -75.98
CA PRO G 305 12.88 -116.85 -76.90
C PRO G 305 11.64 -117.17 -77.72
N LEU G 306 10.45 -116.83 -77.23
CA LEU G 306 9.21 -117.10 -77.96
C LEU G 306 8.92 -115.92 -78.87
N LYS G 307 9.80 -115.76 -79.87
CA LYS G 307 9.60 -114.72 -80.86
C LYS G 307 8.52 -115.09 -81.87
N ASP G 308 8.41 -116.38 -82.18
CA ASP G 308 7.38 -116.84 -83.09
C ASP G 308 5.99 -116.71 -82.48
N SER G 309 4.98 -116.70 -83.36
CA SER G 309 3.58 -116.50 -82.98
C SER G 309 3.38 -115.19 -82.23
N LYS G 310 4.12 -114.16 -82.64
CA LYS G 310 4.03 -112.84 -82.06
C LYS G 310 3.92 -111.80 -83.16
N TYR G 311 3.30 -110.67 -82.84
CA TYR G 311 3.15 -109.56 -83.78
C TYR G 311 4.39 -108.68 -83.73
N LYS G 312 5.51 -109.27 -84.18
CA LYS G 312 6.81 -108.62 -84.27
C LYS G 312 7.27 -108.04 -82.93
N SER G 333 16.82 -104.16 -90.15
CA SER G 333 16.54 -103.50 -88.89
C SER G 333 15.11 -103.80 -88.42
N LYS G 334 14.99 -104.61 -87.38
CA LYS G 334 13.70 -105.05 -86.85
C LYS G 334 13.49 -104.51 -85.45
N ILE G 335 12.37 -103.84 -85.24
CA ILE G 335 11.98 -103.31 -83.93
C ILE G 335 10.47 -103.46 -83.79
N PRO G 336 9.97 -104.01 -82.68
CA PRO G 336 8.53 -104.20 -82.53
C PRO G 336 7.79 -102.88 -82.42
N ASN G 337 6.55 -102.87 -82.91
CA ASN G 337 5.68 -101.71 -82.75
C ASN G 337 4.78 -101.86 -81.52
N VAL G 338 5.39 -102.13 -80.38
CA VAL G 338 4.66 -102.36 -79.15
C VAL G 338 4.28 -101.02 -78.52
N ASN G 339 3.07 -100.94 -77.99
CA ASN G 339 2.59 -99.72 -77.34
C ASN G 339 1.91 -100.18 -76.04
N ILE G 340 2.48 -99.81 -74.91
CA ILE G 340 1.88 -100.06 -73.60
C ILE G 340 0.90 -98.93 -73.32
N PRO G 341 -0.39 -99.20 -73.15
CA PRO G 341 -1.38 -98.12 -73.07
C PRO G 341 -1.36 -97.41 -71.72
N GLY G 342 -1.81 -96.16 -71.76
CA GLY G 342 -1.97 -95.36 -70.55
C GLY G 342 -0.93 -94.30 -70.34
N MET G 343 -0.67 -93.98 -69.06
CA MET G 343 0.30 -92.96 -68.69
C MET G 343 0.91 -93.32 -67.35
N LEU G 344 1.98 -92.60 -66.99
CA LEU G 344 2.74 -92.93 -65.80
C LEU G 344 2.02 -92.53 -64.52
N SER G 345 1.33 -91.40 -64.52
CA SER G 345 0.83 -90.80 -63.28
C SER G 345 -0.35 -91.56 -62.69
N ASP G 346 -1.30 -91.97 -63.53
CA ASP G 346 -2.52 -92.59 -63.02
C ASP G 346 -2.20 -93.98 -62.46
N ARG G 347 -2.81 -94.30 -61.32
CA ARG G 347 -2.52 -95.56 -60.65
C ARG G 347 -3.19 -96.73 -61.36
N ARG G 348 -4.44 -96.57 -61.78
CA ARG G 348 -5.24 -97.69 -62.26
C ARG G 348 -4.81 -98.17 -63.65
N THR G 349 -4.27 -97.28 -64.47
CA THR G 349 -3.87 -97.66 -65.81
C THR G 349 -2.68 -98.61 -65.78
N PRO G 350 -2.55 -99.50 -66.77
CA PRO G 350 -1.43 -100.45 -66.77
C PRO G 350 -0.06 -99.80 -66.76
N LEU G 351 0.12 -98.65 -67.41
CA LEU G 351 1.42 -98.01 -67.41
C LEU G 351 1.81 -97.53 -66.00
N GLY G 352 0.87 -96.90 -65.30
CA GLY G 352 1.13 -96.48 -63.93
C GLY G 352 1.30 -97.66 -62.99
N GLU G 353 0.52 -98.73 -63.21
CA GLU G 353 0.69 -99.95 -62.42
C GLU G 353 2.08 -100.52 -62.60
N LEU G 354 2.57 -100.54 -63.84
CA LEU G 354 3.93 -101.03 -64.09
C LEU G 354 4.96 -100.10 -63.49
N ASN G 355 4.70 -98.79 -63.48
CA ASN G 355 5.62 -97.86 -62.83
C ASN G 355 5.71 -98.13 -61.33
N TRP G 356 4.58 -98.35 -60.68
CA TRP G 356 4.57 -98.59 -59.24
C TRP G 356 5.23 -99.93 -58.92
N ILE G 357 4.95 -100.96 -59.74
CA ILE G 357 5.56 -102.27 -59.50
C ILE G 357 7.05 -102.21 -59.74
N PHE G 358 7.51 -101.42 -60.72
CA PHE G 358 8.93 -101.26 -60.96
C PHE G 358 9.60 -100.52 -59.81
N THR G 359 8.95 -99.47 -59.29
CA THR G 359 9.52 -98.73 -58.17
C THR G 359 9.70 -99.62 -56.95
N ALA G 360 8.68 -100.41 -56.63
CA ALA G 360 8.79 -101.32 -55.49
C ALA G 360 9.87 -102.37 -55.73
N ILE G 361 9.93 -102.92 -56.95
CA ILE G 361 10.89 -103.99 -57.25
C ILE G 361 12.31 -103.46 -57.19
N THR G 362 12.56 -102.25 -57.68
CA THR G 362 13.90 -101.70 -57.67
C THR G 362 14.28 -101.15 -56.30
N ASP G 363 13.30 -100.90 -55.42
CA ASP G 363 13.64 -100.47 -54.08
C ASP G 363 13.97 -101.65 -53.16
N THR G 364 13.25 -102.77 -53.31
CA THR G 364 13.51 -103.89 -52.43
C THR G 364 14.83 -104.59 -52.74
N ILE G 365 15.38 -104.41 -53.95
CA ILE G 365 16.73 -104.89 -54.22
C ILE G 365 17.75 -104.01 -53.52
N ALA G 366 17.59 -102.69 -53.63
CA ALA G 366 18.56 -101.76 -53.09
C ALA G 366 18.61 -101.81 -51.57
N TRP G 367 17.46 -101.95 -50.91
CA TRP G 367 17.46 -101.93 -49.45
C TRP G 367 18.17 -103.15 -48.87
N THR G 368 18.02 -104.32 -49.48
CA THR G 368 18.71 -105.50 -49.02
C THR G 368 20.11 -105.64 -49.59
N SER G 369 20.49 -104.81 -50.57
CA SER G 369 21.86 -104.86 -51.07
C SER G 369 22.77 -103.87 -50.35
N LEU G 370 22.42 -102.59 -50.40
CA LEU G 370 23.31 -101.55 -49.89
C LEU G 370 23.25 -101.48 -48.36
N PRO G 371 24.31 -100.97 -47.73
CA PRO G 371 24.30 -100.78 -46.28
C PRO G 371 23.28 -99.74 -45.86
N ARG G 372 23.05 -99.70 -44.54
CA ARG G 372 22.07 -98.78 -43.96
C ARG G 372 22.39 -97.31 -44.21
N PRO G 373 23.58 -96.78 -43.91
CA PRO G 373 23.79 -95.35 -44.15
C PRO G 373 23.88 -95.00 -45.62
N LEU G 374 24.39 -95.90 -46.45
CA LEU G 374 24.38 -95.67 -47.89
C LEU G 374 22.96 -95.59 -48.42
N PHE G 375 22.09 -96.48 -47.95
CA PHE G 375 20.69 -96.44 -48.34
C PHE G 375 20.02 -95.15 -47.87
N LYS G 376 20.34 -94.71 -46.65
CA LYS G 376 19.79 -93.47 -46.14
C LYS G 376 20.26 -92.27 -46.97
N LYS G 377 21.52 -92.28 -47.38
CA LYS G 377 22.06 -91.19 -48.18
C LYS G 377 21.49 -91.20 -49.60
N LEU G 378 21.20 -92.37 -50.16
CA LEU G 378 20.76 -92.45 -51.55
C LEU G 378 19.25 -92.31 -51.69
N PHE G 379 18.48 -93.18 -51.06
CA PHE G 379 17.05 -93.24 -51.28
C PHE G 379 16.22 -92.70 -50.12
N ARG G 380 16.78 -91.84 -49.28
CA ARG G 380 16.00 -91.27 -48.19
C ARG G 380 16.26 -89.78 -48.01
N HIS G 381 16.72 -89.10 -49.06
CA HIS G 381 16.94 -87.67 -48.98
C HIS G 381 16.10 -86.87 -49.96
N ASP G 382 16.11 -87.20 -51.25
CA ASP G 382 15.35 -86.40 -52.21
C ASP G 382 14.90 -87.26 -53.38
N LEU G 383 13.75 -86.88 -53.94
CA LEU G 383 13.05 -87.70 -54.91
C LEU G 383 13.80 -87.77 -56.25
N MET G 384 14.52 -86.70 -56.61
CA MET G 384 15.21 -86.70 -57.90
C MET G 384 16.33 -87.73 -57.91
N ILE G 385 17.21 -87.69 -56.91
CA ILE G 385 18.25 -88.70 -56.79
C ILE G 385 17.65 -90.07 -56.57
N ALA G 386 16.52 -90.14 -55.85
CA ALA G 386 15.85 -91.42 -55.65
C ALA G 386 15.46 -92.05 -56.98
N ALA G 387 14.78 -91.30 -57.85
CA ALA G 387 14.35 -91.85 -59.13
C ALA G 387 15.54 -92.14 -60.04
N LEU G 388 16.55 -91.27 -60.04
CA LEU G 388 17.72 -91.50 -60.89
C LEU G 388 18.45 -92.77 -60.49
N PHE G 389 18.68 -92.96 -59.20
CA PHE G 389 19.37 -94.17 -58.75
C PHE G 389 18.49 -95.41 -58.89
N ARG G 390 17.17 -95.26 -58.87
CA ARG G 390 16.31 -96.41 -59.11
C ARG G 390 16.36 -96.84 -60.58
N ASN G 391 16.48 -95.88 -61.49
CA ASN G 391 16.66 -96.27 -62.89
C ASN G 391 18.08 -96.77 -63.16
N PHE G 392 19.05 -96.34 -62.35
CA PHE G 392 20.42 -96.80 -62.52
C PHE G 392 20.54 -98.30 -62.28
N LEU G 393 19.68 -98.87 -61.45
CA LEU G 393 19.73 -100.32 -61.24
C LEU G 393 19.29 -101.08 -62.48
N LEU G 394 18.25 -100.60 -63.16
CA LEU G 394 17.86 -101.22 -64.42
C LEU G 394 18.93 -101.04 -65.47
N ALA G 395 19.61 -99.89 -65.48
CA ALA G 395 20.76 -99.71 -66.35
C ALA G 395 21.85 -100.72 -66.04
N LYS G 396 22.14 -100.92 -64.74
CA LYS G 396 23.09 -101.94 -64.31
C LYS G 396 22.64 -103.34 -64.67
N ARG G 397 21.34 -103.54 -64.89
CA ARG G 397 20.88 -104.85 -65.35
C ARG G 397 21.11 -105.02 -66.85
N ILE G 398 20.73 -104.02 -67.65
CA ILE G 398 20.66 -104.21 -69.09
C ILE G 398 22.00 -103.95 -69.79
N MET G 399 22.71 -102.88 -69.41
CA MET G 399 23.96 -102.55 -70.08
C MET G 399 25.05 -103.62 -70.05
N PRO G 400 25.33 -104.33 -68.94
CA PRO G 400 26.34 -105.40 -69.02
C PRO G 400 25.91 -106.56 -69.90
N TRP G 401 24.62 -106.70 -70.21
CA TRP G 401 24.21 -107.63 -71.25
C TRP G 401 24.60 -107.14 -72.63
N TYR G 402 24.96 -105.86 -72.76
CA TYR G 402 25.54 -105.31 -73.98
C TYR G 402 26.91 -104.71 -73.68
N ASN G 403 27.62 -105.32 -72.72
CA ASN G 403 29.00 -105.02 -72.29
C ASN G 403 29.21 -103.53 -71.98
N CYS G 404 28.48 -103.08 -70.95
CA CYS G 404 28.70 -101.76 -70.36
C CYS G 404 28.45 -101.88 -68.85
N HIS G 405 29.47 -101.61 -68.05
CA HIS G 405 29.36 -101.69 -66.59
C HIS G 405 29.59 -100.30 -66.02
N PRO G 406 28.52 -99.52 -65.82
CA PRO G 406 28.70 -98.12 -65.41
C PRO G 406 29.24 -98.00 -63.99
N VAL G 407 29.78 -96.81 -63.71
CA VAL G 407 30.41 -96.51 -62.43
C VAL G 407 29.74 -95.29 -61.82
N SER G 408 29.38 -95.39 -60.54
CA SER G 408 28.78 -94.29 -59.81
C SER G 408 29.82 -93.64 -58.90
N ASP G 409 29.39 -92.64 -58.13
CA ASP G 409 30.30 -91.94 -57.22
C ASP G 409 30.58 -92.77 -55.97
N PRO G 410 29.57 -93.35 -55.30
CA PRO G 410 29.90 -94.43 -54.36
C PRO G 410 29.81 -95.79 -55.04
N GLU G 411 30.76 -96.66 -54.70
CA GLU G 411 30.84 -97.95 -55.37
C GLU G 411 29.70 -98.85 -54.94
N LEU G 412 28.76 -99.10 -55.85
CA LEU G 412 27.74 -100.07 -55.51
C LEU G 412 28.30 -101.48 -55.59
N PRO G 413 27.93 -102.36 -54.66
CA PRO G 413 28.40 -103.75 -54.72
C PRO G 413 27.87 -104.46 -55.95
N ASP G 414 28.63 -105.47 -56.40
CA ASP G 414 28.31 -106.20 -57.60
C ASP G 414 27.05 -107.05 -57.48
N SER G 415 26.44 -107.11 -56.31
CA SER G 415 25.19 -107.83 -56.11
C SER G 415 23.97 -107.08 -56.64
N ILE G 416 24.18 -105.98 -57.38
CA ILE G 416 23.06 -105.23 -57.91
C ILE G 416 22.35 -106.02 -59.01
N THR G 417 23.11 -106.68 -59.88
CA THR G 417 22.51 -107.40 -60.99
C THR G 417 22.20 -108.86 -60.66
N THR G 418 22.76 -109.40 -59.58
CA THR G 418 22.63 -110.82 -59.27
C THR G 418 21.59 -111.10 -58.19
N HIS G 419 20.82 -110.10 -57.79
CA HIS G 419 19.79 -110.34 -56.79
C HIS G 419 18.64 -111.07 -57.47
N PRO G 420 18.12 -112.15 -56.89
CA PRO G 420 17.41 -113.17 -57.67
C PRO G 420 15.95 -112.86 -57.98
N MET G 421 15.46 -111.64 -57.88
CA MET G 421 14.06 -111.38 -58.17
C MET G 421 13.83 -110.88 -59.60
N TRP G 422 14.88 -110.87 -60.42
CA TRP G 422 14.68 -110.63 -61.84
C TRP G 422 13.85 -111.74 -62.47
N LYS G 423 13.79 -112.92 -61.84
CA LYS G 423 12.77 -113.89 -62.21
C LYS G 423 11.37 -113.31 -62.03
N SER G 424 11.14 -112.59 -60.92
CA SER G 424 9.84 -111.97 -60.70
C SER G 424 9.59 -110.85 -61.70
N TRP G 425 10.65 -110.13 -62.08
CA TRP G 425 10.52 -109.17 -63.18
C TRP G 425 10.09 -109.83 -64.47
N ASP G 426 10.70 -110.97 -64.80
CA ASP G 426 10.33 -111.71 -66.00
C ASP G 426 8.89 -112.19 -65.91
N LEU G 427 8.46 -112.63 -64.73
CA LEU G 427 7.08 -113.07 -64.53
C LEU G 427 6.10 -111.93 -64.77
N ALA G 428 6.41 -110.75 -64.22
CA ALA G 428 5.54 -109.60 -64.40
C ALA G 428 5.45 -109.19 -65.87
N MET G 429 6.58 -109.18 -66.57
CA MET G 429 6.58 -108.83 -67.99
C MET G 429 5.78 -109.84 -68.79
N ASP G 430 5.95 -111.13 -68.52
CA ASP G 430 5.18 -112.17 -69.19
C ASP G 430 3.70 -111.96 -68.98
N GLU G 431 3.29 -111.73 -67.73
CA GLU G 431 1.86 -111.59 -67.42
C GLU G 431 1.26 -110.38 -68.14
N VAL G 432 1.95 -109.24 -68.09
CA VAL G 432 1.36 -108.03 -68.67
C VAL G 432 1.30 -108.15 -70.19
N LEU G 433 2.32 -108.75 -70.82
CA LEU G 433 2.27 -108.85 -72.27
C LEU G 433 1.26 -109.88 -72.75
N THR G 434 1.09 -111.00 -72.01
CA THR G 434 0.02 -111.92 -72.37
C THR G 434 -1.35 -111.28 -72.22
N LYS G 435 -1.55 -110.48 -71.17
CA LYS G 435 -2.82 -109.78 -71.03
C LYS G 435 -3.03 -108.81 -72.20
N ILE G 436 -1.97 -108.10 -72.59
CA ILE G 436 -2.08 -107.13 -73.68
C ILE G 436 -2.43 -107.83 -75.00
N VAL G 437 -1.76 -108.94 -75.30
CA VAL G 437 -2.02 -109.61 -76.58
C VAL G 437 -3.40 -110.28 -76.57
N ILE G 438 -3.84 -110.77 -75.40
CA ILE G 438 -5.19 -111.32 -75.30
C ILE G 438 -6.22 -110.24 -75.55
N ASP G 439 -6.02 -109.05 -74.98
CA ASP G 439 -6.94 -107.94 -75.22
C ASP G 439 -6.92 -107.48 -76.67
N LEU G 440 -5.74 -107.46 -77.29
CA LEU G 440 -5.57 -106.92 -78.63
C LEU G 440 -5.68 -107.97 -79.72
N LYS G 441 -6.06 -109.20 -79.39
CA LYS G 441 -6.30 -110.21 -80.43
C LYS G 441 -7.42 -109.80 -81.36
N ASN G 442 -8.42 -109.09 -80.83
CA ASN G 442 -9.54 -108.61 -81.64
C ASN G 442 -9.08 -107.56 -82.63
N PHE G 526 -4.53 -106.04 -65.03
CA PHE G 526 -3.47 -105.91 -64.04
C PHE G 526 -3.03 -107.27 -63.50
N THR G 527 -1.77 -107.36 -63.11
CA THR G 527 -1.20 -108.63 -62.66
C THR G 527 -1.56 -108.88 -61.18
N GLY G 528 -0.93 -109.88 -60.58
CA GLY G 528 -1.18 -110.23 -59.20
C GLY G 528 0.09 -110.38 -58.38
N PHE G 529 1.14 -109.66 -58.81
CA PHE G 529 2.42 -109.73 -58.11
C PHE G 529 2.31 -109.17 -56.69
N PHE G 530 1.54 -108.09 -56.53
CA PHE G 530 1.38 -107.47 -55.22
C PHE G 530 0.69 -108.40 -54.23
N GLU G 531 -0.42 -109.03 -54.64
CA GLU G 531 -1.11 -109.95 -53.75
C GLU G 531 -0.28 -111.21 -53.51
N GLN G 532 0.50 -111.64 -54.51
CA GLN G 532 1.40 -112.76 -54.30
C GLN G 532 2.44 -112.42 -53.23
N ASN G 533 2.99 -111.21 -53.25
CA ASN G 533 3.96 -110.85 -52.22
C ASN G 533 3.30 -110.67 -50.85
N LEU G 534 2.07 -110.17 -50.82
CA LEU G 534 1.36 -110.08 -49.54
C LEU G 534 1.16 -111.46 -48.93
N THR G 535 0.78 -112.44 -49.75
CA THR G 535 0.66 -113.81 -49.25
C THR G 535 2.02 -114.37 -48.83
N ALA G 536 3.07 -114.11 -49.59
CA ALA G 536 4.39 -114.61 -49.21
C ALA G 536 4.83 -114.01 -47.87
N PHE G 537 4.56 -112.73 -47.65
CA PHE G 537 4.99 -112.10 -46.41
C PHE G 537 4.11 -112.51 -45.23
N GLU G 538 2.82 -112.82 -45.45
CA GLU G 538 2.04 -113.33 -44.33
C GLU G 538 2.47 -114.75 -43.96
N LEU G 539 2.92 -115.55 -44.93
CA LEU G 539 3.55 -116.81 -44.55
C LEU G 539 4.88 -116.60 -43.81
N TRP G 540 5.67 -115.60 -44.21
CA TRP G 540 6.92 -115.33 -43.50
C TRP G 540 6.66 -114.88 -42.07
N LEU G 541 5.59 -114.12 -41.85
CA LEU G 541 5.36 -113.51 -40.54
C LEU G 541 5.15 -114.54 -39.44
N LYS G 542 4.75 -115.77 -39.78
CA LYS G 542 4.50 -116.78 -38.77
C LYS G 542 5.11 -118.14 -39.07
N TYR G 543 5.89 -118.29 -40.14
CA TYR G 543 6.76 -119.45 -40.28
C TYR G 543 8.22 -119.14 -39.99
N ALA G 544 8.79 -118.17 -40.70
CA ALA G 544 10.22 -117.86 -40.60
C ALA G 544 10.49 -116.69 -39.65
N SER G 545 9.59 -116.47 -38.68
CA SER G 545 9.77 -115.38 -37.73
C SER G 545 10.85 -115.66 -36.71
N ASN G 546 11.35 -116.89 -36.61
CA ASN G 546 12.33 -117.22 -35.59
C ASN G 546 13.63 -116.47 -35.81
N VAL G 547 14.13 -116.45 -37.05
CA VAL G 547 15.33 -115.68 -37.36
C VAL G 547 14.96 -114.20 -37.41
N ARG G 548 15.76 -113.37 -36.73
CA ARG G 548 15.45 -111.96 -36.56
C ARG G 548 16.11 -111.07 -37.61
N HIS G 549 16.32 -111.58 -38.82
CA HIS G 549 16.85 -110.79 -39.91
C HIS G 549 15.74 -109.98 -40.57
N PRO G 550 16.09 -108.99 -41.39
CA PRO G 550 15.09 -108.22 -42.14
C PRO G 550 14.19 -109.13 -42.97
N PRO G 551 12.90 -108.82 -43.05
CA PRO G 551 11.94 -109.80 -43.58
C PRO G 551 11.94 -109.94 -45.09
N GLU G 552 12.50 -108.98 -45.83
CA GLU G 552 12.73 -108.96 -47.27
C GLU G 552 11.46 -108.66 -48.10
N GLN G 553 10.28 -108.58 -47.50
CA GLN G 553 9.11 -108.04 -48.20
C GLN G 553 8.61 -106.76 -47.56
N LEU G 554 9.41 -106.15 -46.69
CA LEU G 554 9.04 -104.86 -46.11
C LEU G 554 8.84 -103.77 -47.16
N PRO G 555 9.71 -103.58 -48.17
CA PRO G 555 9.40 -102.55 -49.18
C PRO G 555 8.11 -102.79 -49.94
N ILE G 556 7.80 -104.04 -50.30
CA ILE G 556 6.58 -104.27 -51.07
C ILE G 556 5.34 -104.06 -50.20
N VAL G 557 5.39 -104.52 -48.93
CA VAL G 557 4.21 -104.34 -48.10
C VAL G 557 4.04 -102.86 -47.76
N LEU G 558 5.13 -102.10 -47.71
CA LEU G 558 5.05 -100.66 -47.55
C LEU G 558 4.44 -100.00 -48.79
N GLN G 559 4.83 -100.46 -49.99
CA GLN G 559 4.42 -99.77 -51.21
C GLN G 559 2.97 -100.06 -51.58
N VAL G 560 2.44 -101.22 -51.20
CA VAL G 560 1.02 -101.49 -51.47
C VAL G 560 0.10 -100.57 -50.66
N LEU G 561 0.60 -99.97 -49.58
CA LEU G 561 -0.21 -99.15 -48.69
C LEU G 561 -0.71 -97.86 -49.34
N LEU G 562 -0.19 -97.47 -50.50
CA LEU G 562 -0.51 -96.19 -51.11
C LEU G 562 -1.75 -96.23 -52.02
N SER G 563 -2.69 -97.14 -51.76
CA SER G 563 -3.88 -97.26 -52.59
C SER G 563 -5.03 -97.71 -51.71
N GLN G 564 -6.13 -98.13 -52.34
CA GLN G 564 -7.34 -98.56 -51.64
C GLN G 564 -7.76 -99.97 -52.02
N VAL G 565 -6.87 -100.74 -52.65
CA VAL G 565 -7.22 -102.07 -53.13
C VAL G 565 -6.77 -103.19 -52.21
N HIS G 566 -5.70 -102.97 -51.42
CA HIS G 566 -5.28 -103.96 -50.43
C HIS G 566 -4.88 -103.28 -49.13
N ARG G 567 -5.34 -102.05 -48.89
CA ARG G 567 -4.83 -101.24 -47.80
C ARG G 567 -5.14 -101.85 -46.44
N ILE G 568 -6.37 -102.33 -46.26
CA ILE G 568 -6.78 -102.82 -44.94
C ILE G 568 -6.02 -104.09 -44.57
N ARG G 569 -5.95 -105.04 -45.52
CA ARG G 569 -5.22 -106.28 -45.26
C ARG G 569 -3.75 -106.02 -45.04
N ALA G 570 -3.13 -105.18 -45.88
CA ALA G 570 -1.72 -104.87 -45.73
C ALA G 570 -1.44 -104.18 -44.40
N LEU G 571 -2.33 -103.29 -43.97
CA LEU G 571 -2.06 -102.51 -42.78
C LEU G 571 -2.27 -103.33 -41.51
N VAL G 572 -3.29 -104.19 -41.48
CA VAL G 572 -3.45 -105.06 -40.32
C VAL G 572 -2.33 -106.09 -40.28
N LEU G 573 -1.86 -106.54 -41.45
CA LEU G 573 -0.72 -107.43 -41.52
C LEU G 573 0.56 -106.77 -41.01
N LEU G 574 0.77 -105.50 -41.35
CA LEU G 574 1.93 -104.79 -40.85
C LEU G 574 1.81 -104.51 -39.35
N SER G 575 0.59 -104.32 -38.86
CA SER G 575 0.39 -104.24 -37.41
C SER G 575 0.76 -105.55 -36.73
N ARG G 576 0.41 -106.67 -37.35
CA ARG G 576 0.84 -107.96 -36.83
C ARG G 576 2.35 -108.10 -36.84
N PHE G 577 3.01 -107.54 -37.87
CA PHE G 577 4.47 -107.49 -37.87
C PHE G 577 5.00 -106.65 -36.72
N LEU G 578 4.34 -105.52 -36.44
CA LEU G 578 4.73 -104.70 -35.29
C LEU G 578 4.51 -105.41 -33.98
N ASP G 579 3.54 -106.33 -33.93
CA ASP G 579 3.27 -107.11 -32.72
C ASP G 579 4.42 -108.03 -32.35
N LEU G 580 5.37 -108.26 -33.27
CA LEU G 580 6.45 -109.19 -33.02
C LEU G 580 7.36 -108.71 -31.90
N GLY G 581 7.63 -107.41 -31.83
CA GLY G 581 8.46 -106.88 -30.77
C GLY G 581 8.97 -105.48 -31.02
N PRO G 582 9.97 -105.06 -30.26
CA PRO G 582 10.47 -103.68 -30.33
C PRO G 582 11.66 -103.43 -31.26
N TRP G 583 12.13 -104.42 -32.00
CA TRP G 583 13.08 -104.19 -33.07
C TRP G 583 12.40 -104.11 -34.44
N ALA G 584 11.25 -104.78 -34.58
CA ALA G 584 10.46 -104.65 -35.79
C ALA G 584 10.02 -103.22 -36.00
N VAL G 585 9.70 -102.51 -34.91
CA VAL G 585 9.34 -101.11 -35.03
C VAL G 585 10.54 -100.27 -35.47
N TYR G 586 11.75 -100.65 -35.04
CA TYR G 586 12.94 -99.96 -35.53
C TYR G 586 13.14 -100.19 -37.02
N LEU G 587 12.91 -101.42 -37.49
CA LEU G 587 13.02 -101.68 -38.93
C LEU G 587 11.96 -100.92 -39.71
N SER G 588 10.74 -100.83 -39.19
CA SER G 588 9.68 -100.10 -39.88
C SER G 588 9.96 -98.60 -39.91
N LEU G 589 10.51 -98.06 -38.82
CA LEU G 589 10.86 -96.65 -38.81
C LEU G 589 12.05 -96.37 -39.71
N SER G 590 12.94 -97.36 -39.90
CA SER G 590 14.03 -97.20 -40.84
C SER G 590 13.53 -97.20 -42.28
N ILE G 591 12.64 -98.14 -42.61
CA ILE G 591 12.15 -98.20 -43.99
C ILE G 591 11.20 -97.05 -44.29
N GLY G 592 10.59 -96.45 -43.26
CA GLY G 592 9.83 -95.24 -43.48
C GLY G 592 8.31 -95.40 -43.47
N ILE G 593 7.78 -96.14 -42.49
CA ILE G 593 6.34 -96.19 -42.29
C ILE G 593 5.80 -94.90 -41.68
N PHE G 594 6.71 -94.08 -41.13
CA PHE G 594 6.33 -92.87 -40.42
C PHE G 594 5.54 -91.86 -41.27
N PRO G 595 5.94 -91.50 -42.51
CA PRO G 595 5.12 -90.53 -43.26
C PRO G 595 3.73 -91.04 -43.58
N TYR G 596 3.60 -92.32 -43.92
CA TYR G 596 2.27 -92.84 -44.23
C TYR G 596 1.39 -92.92 -43.00
N VAL G 597 1.94 -93.33 -41.85
CA VAL G 597 1.09 -93.39 -40.67
C VAL G 597 0.78 -91.99 -40.14
N LEU G 598 1.61 -90.99 -40.48
CA LEU G 598 1.26 -89.62 -40.14
C LEU G 598 0.15 -89.09 -41.04
N LYS G 599 0.24 -89.37 -42.34
CA LYS G 599 -0.76 -88.86 -43.29
C LYS G 599 -2.10 -89.56 -43.11
N LEU G 600 -2.10 -90.83 -42.73
CA LEU G 600 -3.32 -91.63 -42.66
C LEU G 600 -4.29 -91.12 -41.59
N LEU G 601 -3.86 -90.25 -40.68
CA LEU G 601 -4.73 -89.79 -39.60
C LEU G 601 -5.92 -89.01 -40.13
N GLN G 602 -5.79 -88.41 -41.32
CA GLN G 602 -6.87 -87.61 -41.88
C GLN G 602 -7.81 -88.41 -42.77
N SER G 603 -7.62 -89.72 -42.87
CA SER G 603 -8.48 -90.53 -43.74
C SER G 603 -9.80 -90.81 -43.02
N PRO G 604 -10.92 -90.35 -43.55
CA PRO G 604 -12.21 -90.59 -42.88
C PRO G 604 -12.76 -91.96 -43.23
N ALA G 605 -12.73 -92.87 -42.27
CA ALA G 605 -13.21 -94.24 -42.48
C ALA G 605 -13.40 -94.93 -41.14
N PRO G 606 -14.53 -95.60 -40.93
CA PRO G 606 -14.68 -96.42 -39.72
C PRO G 606 -13.69 -97.57 -39.63
N GLU G 607 -13.24 -98.09 -40.77
CA GLU G 607 -12.40 -99.29 -40.75
C GLU G 607 -10.98 -98.97 -40.33
N LEU G 608 -10.50 -97.75 -40.56
CA LEU G 608 -9.14 -97.39 -40.21
C LEU G 608 -8.95 -97.09 -38.72
N LYS G 609 -10.05 -96.92 -37.98
CA LYS G 609 -9.93 -96.59 -36.55
C LYS G 609 -9.26 -97.68 -35.72
N PRO G 610 -9.65 -98.96 -35.76
CA PRO G 610 -9.07 -99.92 -34.82
C PRO G 610 -7.69 -100.42 -35.18
N ILE G 611 -7.14 -100.05 -36.34
CA ILE G 611 -5.88 -100.63 -36.78
C ILE G 611 -4.74 -99.62 -36.73
N LEU G 612 -5.07 -98.33 -36.84
CA LEU G 612 -4.04 -97.30 -36.76
C LEU G 612 -3.55 -97.11 -35.33
N VAL G 613 -4.41 -97.40 -34.35
CA VAL G 613 -4.06 -97.18 -32.95
C VAL G 613 -2.97 -98.13 -32.49
N PHE G 614 -2.95 -99.37 -33.01
CA PHE G 614 -1.88 -100.30 -32.67
C PHE G 614 -0.53 -99.77 -33.12
N ILE G 615 -0.48 -99.27 -34.36
CA ILE G 615 0.75 -98.72 -34.91
C ILE G 615 1.24 -97.55 -34.09
N TRP G 616 0.33 -96.61 -33.80
CA TRP G 616 0.76 -95.43 -33.05
C TRP G 616 1.11 -95.78 -31.61
N ALA G 617 0.43 -96.75 -31.01
CA ALA G 617 0.76 -97.18 -29.66
C ALA G 617 2.15 -97.79 -29.59
N ARG G 618 2.47 -98.69 -30.53
CA ARG G 618 3.81 -99.28 -30.53
C ARG G 618 4.88 -98.23 -30.79
N ILE G 619 4.62 -97.32 -31.73
CA ILE G 619 5.63 -96.32 -32.08
C ILE G 619 5.89 -95.38 -30.91
N MET G 620 4.84 -94.88 -30.28
CA MET G 620 5.05 -93.98 -29.15
C MET G 620 5.48 -94.73 -27.89
N SER G 621 5.31 -96.05 -27.85
CA SER G 621 5.87 -96.82 -26.75
C SER G 621 7.37 -96.97 -26.90
N ILE G 622 7.85 -97.23 -28.12
CA ILE G 622 9.29 -97.39 -28.28
C ILE G 622 10.02 -96.05 -28.21
N ASP G 623 9.45 -95.00 -28.80
CA ASP G 623 10.06 -93.68 -28.64
C ASP G 623 9.01 -92.59 -28.87
N TYR G 624 9.12 -91.50 -28.11
CA TYR G 624 8.15 -90.42 -28.22
C TYR G 624 8.84 -89.07 -28.42
N LYS G 625 10.09 -88.96 -27.95
CA LYS G 625 10.83 -87.72 -28.11
C LYS G 625 11.05 -87.40 -29.58
N ASN G 626 11.42 -88.40 -30.37
CA ASN G 626 11.57 -88.19 -31.81
C ASN G 626 10.24 -87.99 -32.50
N THR G 627 9.17 -88.62 -31.99
CA THR G 627 7.84 -88.51 -32.57
C THR G 627 6.80 -88.15 -31.50
N GLN G 628 6.78 -86.87 -31.15
CA GLN G 628 5.66 -86.29 -30.41
C GLN G 628 5.23 -84.92 -30.90
N SER G 629 6.07 -84.17 -31.62
CA SER G 629 5.77 -82.80 -31.97
C SER G 629 5.12 -82.67 -33.33
N GLU G 630 5.12 -83.76 -34.06
CA GLU G 630 4.64 -83.70 -35.44
C GLU G 630 3.23 -84.25 -35.44
N LEU G 631 2.62 -84.28 -34.29
CA LEU G 631 1.24 -84.72 -34.17
C LEU G 631 0.27 -83.55 -33.98
N ILE G 632 0.78 -82.34 -33.77
CA ILE G 632 -0.05 -81.13 -33.70
C ILE G 632 0.05 -80.29 -34.95
N LYS G 633 0.80 -80.73 -35.96
CA LYS G 633 1.04 -79.91 -37.14
C LYS G 633 -0.25 -79.70 -37.94
N GLU G 634 -1.05 -80.75 -38.10
CA GLU G 634 -2.32 -80.64 -38.82
C GLU G 634 -3.49 -81.01 -37.92
N LYS G 635 -3.31 -80.81 -36.60
CA LYS G 635 -4.26 -81.26 -35.58
C LYS G 635 -4.51 -82.77 -35.70
N GLY G 636 -3.43 -83.53 -35.53
CA GLY G 636 -3.51 -84.97 -35.71
C GLY G 636 -4.01 -85.73 -34.50
N TYR G 637 -4.05 -85.11 -33.33
CA TYR G 637 -4.50 -85.80 -32.13
C TYR G 637 -6.01 -85.71 -31.94
N MET G 638 -6.71 -84.95 -32.78
CA MET G 638 -8.16 -85.06 -32.88
C MET G 638 -8.60 -86.47 -33.23
N TYR G 639 -7.76 -87.27 -33.89
CA TYR G 639 -8.12 -88.65 -34.18
C TYR G 639 -8.33 -89.43 -32.89
N PHE G 640 -7.36 -89.39 -31.99
CA PHE G 640 -7.51 -90.09 -30.72
C PHE G 640 -8.54 -89.41 -29.81
N VAL G 641 -8.68 -88.09 -29.92
CA VAL G 641 -9.71 -87.39 -29.15
C VAL G 641 -11.10 -87.88 -29.54
N THR G 642 -11.36 -88.02 -30.84
CA THR G 642 -12.65 -88.54 -31.30
C THR G 642 -12.78 -90.04 -31.11
N VAL G 643 -11.68 -90.78 -31.00
CA VAL G 643 -11.77 -92.19 -30.62
C VAL G 643 -12.24 -92.31 -29.18
N LEU G 644 -11.66 -91.54 -28.27
CA LEU G 644 -12.04 -91.65 -26.88
C LEU G 644 -13.40 -91.01 -26.60
N VAL G 645 -13.66 -89.86 -27.20
CA VAL G 645 -14.85 -89.06 -26.89
C VAL G 645 -15.65 -88.84 -28.17
N PRO G 646 -16.58 -89.74 -28.52
CA PRO G 646 -17.44 -89.49 -29.69
C PRO G 646 -18.42 -88.34 -29.46
N THR G 708 -15.84 -101.03 -31.82
CA THR G 708 -14.87 -100.48 -30.87
C THR G 708 -14.97 -101.19 -29.52
N THR G 709 -13.84 -101.30 -28.83
CA THR G 709 -13.80 -101.94 -27.52
C THR G 709 -12.90 -101.14 -26.58
N ASP G 710 -13.11 -101.33 -25.28
CA ASP G 710 -12.40 -100.57 -24.27
C ASP G 710 -10.90 -100.87 -24.26
N GLU G 711 -10.47 -102.03 -24.77
CA GLU G 711 -9.05 -102.28 -24.91
C GLU G 711 -8.42 -101.33 -25.92
N GLN G 712 -9.07 -101.15 -27.07
CA GLN G 712 -8.61 -100.17 -28.05
C GLN G 712 -8.71 -98.75 -27.50
N LYS G 713 -9.73 -98.49 -26.69
CA LYS G 713 -9.81 -97.19 -26.02
C LYS G 713 -8.62 -96.97 -25.10
N ALA G 714 -8.19 -98.03 -24.40
CA ALA G 714 -7.03 -97.93 -23.52
C ALA G 714 -5.75 -97.67 -24.31
N MET G 715 -5.60 -98.32 -25.46
CA MET G 715 -4.46 -98.04 -26.33
C MET G 715 -4.46 -96.58 -26.78
N ALA G 716 -5.62 -96.06 -27.17
CA ALA G 716 -5.72 -94.67 -27.58
C ALA G 716 -5.39 -93.72 -26.43
N VAL G 717 -5.86 -94.05 -25.22
CA VAL G 717 -5.56 -93.21 -24.06
C VAL G 717 -4.07 -93.21 -23.76
N PHE G 718 -3.42 -94.37 -23.91
CA PHE G 718 -1.97 -94.43 -23.75
C PHE G 718 -1.26 -93.55 -24.78
N VAL G 719 -1.75 -93.57 -26.03
CA VAL G 719 -1.14 -92.72 -27.06
C VAL G 719 -1.27 -91.25 -26.67
N LEU G 720 -2.44 -90.87 -26.18
CA LEU G 720 -2.64 -89.48 -25.76
C LEU G 720 -1.70 -89.11 -24.61
N ALA G 721 -1.51 -90.02 -23.66
CA ALA G 721 -0.63 -89.75 -22.53
C ALA G 721 0.82 -89.60 -22.97
N SER G 722 1.28 -90.49 -23.84
CA SER G 722 2.65 -90.38 -24.34
C SER G 722 2.83 -89.14 -25.21
N PHE G 723 1.76 -88.69 -25.87
CA PHE G 723 1.84 -87.45 -26.63
C PHE G 723 1.95 -86.25 -25.71
N VAL G 724 1.22 -86.25 -24.59
CA VAL G 724 1.26 -85.11 -23.68
C VAL G 724 2.37 -85.22 -22.65
N ARG G 725 3.21 -86.25 -22.72
CA ARG G 725 4.31 -86.39 -21.77
C ARG G 725 5.33 -85.27 -21.96
N ASN G 726 5.57 -84.51 -20.89
CA ASN G 726 6.53 -83.41 -20.76
C ASN G 726 6.62 -82.50 -21.98
N PHE G 727 5.49 -82.24 -22.63
CA PHE G 727 5.43 -81.31 -23.75
C PHE G 727 4.33 -80.33 -23.40
N PRO G 728 4.68 -79.23 -22.71
CA PRO G 728 3.65 -78.35 -22.15
C PRO G 728 2.73 -77.72 -23.17
N LEU G 729 3.23 -77.40 -24.37
CA LEU G 729 2.36 -76.94 -25.44
C LEU G 729 1.35 -78.01 -25.81
N GLY G 730 1.81 -79.27 -25.86
CA GLY G 730 0.91 -80.37 -26.15
C GLY G 730 -0.17 -80.54 -25.11
N GLN G 731 0.18 -80.42 -23.83
CA GLN G 731 -0.83 -80.59 -22.81
C GLN G 731 -1.79 -79.40 -22.76
N LYS G 732 -1.30 -78.19 -23.06
CA LYS G 732 -2.18 -77.04 -23.15
C LYS G 732 -3.17 -77.20 -24.30
N ASN G 733 -2.70 -77.75 -25.42
CA ASN G 733 -3.58 -77.98 -26.57
C ASN G 733 -4.48 -79.19 -26.36
N CYS G 734 -4.14 -80.08 -25.43
CA CYS G 734 -4.92 -81.29 -25.19
C CYS G 734 -5.90 -81.16 -24.03
N PHE G 735 -5.78 -80.14 -23.19
CA PHE G 735 -6.73 -79.94 -22.11
C PHE G 735 -8.11 -79.57 -22.66
N SER G 736 -9.14 -80.28 -22.21
CA SER G 736 -10.51 -79.97 -22.59
C SER G 736 -11.48 -80.59 -21.58
N LEU G 737 -12.54 -79.84 -21.28
CA LEU G 737 -13.51 -80.27 -20.28
C LEU G 737 -14.24 -81.53 -20.72
N GLU G 738 -14.52 -81.66 -22.01
CA GLU G 738 -15.15 -82.88 -22.50
C GLU G 738 -14.27 -84.09 -22.24
N LEU G 739 -12.96 -83.95 -22.48
CA LEU G 739 -12.03 -85.04 -22.22
C LEU G 739 -11.97 -85.39 -20.74
N VAL G 740 -11.94 -84.38 -19.86
CA VAL G 740 -11.82 -84.72 -18.44
C VAL G 740 -13.10 -85.36 -17.92
N ASN G 741 -14.28 -84.89 -18.36
CA ASN G 741 -15.51 -85.54 -17.94
C ASN G 741 -15.63 -86.96 -18.50
N LYS G 742 -15.17 -87.18 -19.73
CA LYS G 742 -15.21 -88.53 -20.27
C LYS G 742 -14.25 -89.45 -19.54
N LEU G 743 -13.09 -88.93 -19.12
CA LEU G 743 -12.17 -89.72 -18.31
C LEU G 743 -12.79 -90.07 -16.97
N CYS G 744 -13.52 -89.12 -16.37
CA CYS G 744 -14.23 -89.41 -15.12
C CYS G 744 -15.28 -90.50 -15.32
N PHE G 745 -16.05 -90.41 -16.40
CA PHE G 745 -17.07 -91.42 -16.68
C PHE G 745 -16.46 -92.79 -16.90
N TYR G 746 -15.33 -92.85 -17.61
CA TYR G 746 -14.71 -94.15 -17.88
C TYR G 746 -14.00 -94.71 -16.65
N ILE G 747 -13.47 -93.86 -15.78
CA ILE G 747 -12.85 -94.38 -14.57
C ILE G 747 -13.93 -94.85 -13.58
N ASP G 748 -15.13 -94.28 -13.65
CA ASP G 748 -16.24 -94.85 -12.88
C ASP G 748 -16.70 -96.17 -13.47
N ASN G 749 -17.21 -96.16 -14.70
CA ASN G 749 -17.92 -97.30 -15.26
C ASN G 749 -17.07 -97.94 -16.36
N SER G 750 -16.20 -98.86 -15.94
CA SER G 750 -15.43 -99.69 -16.86
C SER G 750 -14.84 -100.84 -16.06
N GLU G 751 -14.89 -102.04 -16.63
CA GLU G 751 -14.43 -103.24 -15.95
C GLU G 751 -13.08 -103.73 -16.45
N ILE G 752 -12.34 -102.90 -17.19
CA ILE G 752 -11.07 -103.28 -17.77
C ILE G 752 -9.95 -102.57 -17.03
N PRO G 753 -9.04 -103.30 -16.39
CA PRO G 753 -7.95 -102.66 -15.64
C PRO G 753 -7.03 -101.82 -16.49
N LEU G 754 -6.86 -102.15 -17.77
CA LEU G 754 -5.99 -101.35 -18.63
C LEU G 754 -6.55 -99.93 -18.81
N LEU G 755 -7.85 -99.85 -19.11
CA LEU G 755 -8.51 -98.55 -19.21
C LEU G 755 -8.48 -97.82 -17.88
N ARG G 756 -8.83 -98.52 -16.79
CA ARG G 756 -8.85 -97.89 -15.48
C ARG G 756 -7.45 -97.49 -15.00
N GLN G 757 -6.41 -98.08 -15.57
CA GLN G 757 -5.04 -97.76 -15.19
C GLN G 757 -4.49 -96.59 -15.98
N TRP G 758 -4.70 -96.59 -17.29
CA TRP G 758 -4.12 -95.53 -18.09
C TRP G 758 -4.95 -94.25 -18.06
N CYS G 759 -6.23 -94.31 -17.67
CA CYS G 759 -7.00 -93.08 -17.53
C CYS G 759 -6.42 -92.19 -16.43
N VAL G 760 -6.05 -92.80 -15.29
CA VAL G 760 -5.49 -92.03 -14.19
C VAL G 760 -4.13 -91.46 -14.56
N ILE G 761 -3.31 -92.22 -15.28
CA ILE G 761 -2.01 -91.72 -15.71
C ILE G 761 -2.17 -90.56 -16.68
N LEU G 762 -3.12 -90.67 -17.61
CA LEU G 762 -3.40 -89.55 -18.52
C LEU G 762 -3.87 -88.32 -17.76
N LEU G 763 -4.72 -88.50 -16.76
CA LEU G 763 -5.15 -87.37 -15.95
C LEU G 763 -3.98 -86.73 -15.20
N GLY G 764 -3.07 -87.56 -14.69
CA GLY G 764 -1.92 -87.03 -13.98
C GLY G 764 -0.99 -86.25 -14.87
N LEU G 765 -0.72 -86.76 -16.07
CA LEU G 765 0.12 -86.03 -17.01
C LEU G 765 -0.57 -84.78 -17.53
N LEU G 766 -1.91 -84.77 -17.56
CA LEU G 766 -2.64 -83.58 -17.93
C LEU G 766 -2.60 -82.53 -16.82
N PHE G 767 -2.57 -82.97 -15.57
CA PHE G 767 -2.28 -82.05 -14.46
C PHE G 767 -0.90 -81.46 -14.61
N ALA G 768 0.12 -82.31 -14.52
CA ALA G 768 1.53 -81.94 -14.61
C ALA G 768 1.89 -80.80 -13.68
N ASP G 769 2.02 -79.58 -14.22
CA ASP G 769 2.49 -78.45 -13.44
C ASP G 769 1.63 -77.20 -13.63
N ASN G 770 0.45 -77.31 -14.23
CA ASN G 770 -0.36 -76.13 -14.51
C ASN G 770 -1.34 -75.88 -13.37
N PRO G 771 -1.19 -74.80 -12.61
CA PRO G 771 -2.20 -74.47 -11.59
C PRO G 771 -3.58 -74.23 -12.17
N LEU G 772 -3.68 -73.69 -13.38
CA LEU G 772 -4.98 -73.52 -14.02
C LEU G 772 -5.64 -74.87 -14.28
N ASN G 773 -4.86 -75.82 -14.81
CA ASN G 773 -5.41 -77.15 -15.07
C ASN G 773 -5.84 -77.82 -13.77
N ARG G 774 -5.02 -77.72 -12.73
CA ARG G 774 -5.36 -78.34 -11.45
C ARG G 774 -6.61 -77.70 -10.84
N PHE G 775 -6.72 -76.38 -10.92
CA PHE G 775 -7.87 -75.68 -10.36
C PHE G 775 -9.16 -76.02 -11.10
N VAL G 776 -9.10 -76.03 -12.43
CA VAL G 776 -10.29 -76.37 -13.21
C VAL G 776 -10.71 -77.81 -12.96
N CYS G 777 -9.74 -78.73 -12.89
CA CYS G 777 -10.06 -80.12 -12.62
C CYS G 777 -10.64 -80.31 -11.23
N MET G 778 -10.12 -79.58 -10.24
CA MET G 778 -10.69 -79.62 -8.90
C MET G 778 -12.13 -79.13 -8.90
N ASN G 779 -12.40 -78.01 -9.58
CA ASN G 779 -13.76 -77.48 -9.63
C ASN G 779 -14.73 -78.40 -10.36
N THR G 780 -14.29 -79.11 -11.40
CA THR G 780 -15.20 -79.99 -12.12
C THR G 780 -15.35 -81.36 -11.47
N GLY G 781 -14.41 -81.75 -10.62
CA GLY G 781 -14.51 -83.02 -9.91
C GLY G 781 -13.60 -84.13 -10.39
N ALA G 782 -12.48 -83.82 -11.03
CA ALA G 782 -11.54 -84.85 -11.42
C ALA G 782 -10.66 -85.31 -10.26
N VAL G 783 -10.73 -84.64 -9.12
CA VAL G 783 -9.86 -84.95 -7.98
C VAL G 783 -10.58 -85.83 -6.96
N GLU G 784 -11.84 -85.51 -6.67
CA GLU G 784 -12.62 -86.37 -5.77
C GLU G 784 -12.80 -87.75 -6.37
N ILE G 785 -12.79 -87.86 -7.70
CA ILE G 785 -12.97 -89.16 -8.33
C ILE G 785 -11.67 -89.96 -8.30
N LEU G 786 -10.52 -89.30 -8.32
CA LEU G 786 -9.26 -89.99 -8.01
C LEU G 786 -9.25 -90.46 -6.57
N LEU G 787 -9.75 -89.62 -5.66
CA LEU G 787 -9.81 -90.00 -4.25
C LEU G 787 -10.74 -91.19 -4.04
N LYS G 788 -11.79 -91.29 -4.83
CA LYS G 788 -12.66 -92.47 -4.77
C LYS G 788 -11.99 -93.69 -5.40
N SER G 789 -11.31 -93.51 -6.52
CA SER G 789 -10.62 -94.61 -7.20
C SER G 789 -9.44 -95.14 -6.40
N LEU G 790 -8.97 -94.39 -5.40
CA LEU G 790 -7.97 -94.92 -4.48
C LEU G 790 -8.42 -96.22 -3.82
N LYS G 791 -9.72 -96.38 -3.60
CA LYS G 791 -10.29 -97.64 -3.12
C LYS G 791 -10.69 -98.48 -4.32
N ASP G 792 -10.12 -99.67 -4.42
CA ASP G 792 -10.02 -100.37 -5.69
C ASP G 792 -9.55 -101.80 -5.55
N PRO G 793 -10.00 -102.71 -6.41
CA PRO G 793 -9.48 -104.08 -6.39
C PRO G 793 -8.03 -104.21 -6.85
N VAL G 794 -7.71 -103.69 -8.02
CA VAL G 794 -6.39 -103.92 -8.64
C VAL G 794 -5.35 -103.05 -7.95
N PRO G 795 -4.14 -103.56 -7.67
CA PRO G 795 -3.10 -102.68 -7.12
C PRO G 795 -2.56 -101.66 -8.13
N GLU G 796 -2.71 -101.93 -9.42
CA GLU G 796 -2.16 -101.03 -10.43
C GLU G 796 -2.93 -99.71 -10.47
N VAL G 797 -4.25 -99.75 -10.29
CA VAL G 797 -4.99 -98.50 -10.27
C VAL G 797 -4.74 -97.74 -8.96
N ARG G 798 -4.44 -98.44 -7.86
CA ARG G 798 -3.92 -97.79 -6.66
C ARG G 798 -2.64 -97.02 -6.96
N THR G 799 -1.71 -97.67 -7.63
CA THR G 799 -0.43 -97.05 -7.96
C THR G 799 -0.63 -95.85 -8.88
N ALA G 800 -1.51 -95.98 -9.87
CA ALA G 800 -1.80 -94.88 -10.76
C ALA G 800 -2.43 -93.71 -10.02
N SER G 801 -3.32 -93.99 -9.07
CA SER G 801 -3.93 -92.93 -8.28
C SER G 801 -2.90 -92.19 -7.44
N ILE G 802 -1.98 -92.92 -6.82
CA ILE G 802 -0.92 -92.28 -6.03
C ILE G 802 -0.03 -91.43 -6.92
N PHE G 803 0.31 -91.96 -8.12
CA PHE G 803 1.15 -91.21 -9.05
C PHE G 803 0.46 -89.95 -9.53
N ALA G 804 -0.85 -90.02 -9.77
CA ALA G 804 -1.59 -88.82 -10.19
C ALA G 804 -1.67 -87.80 -9.06
N LEU G 805 -1.84 -88.26 -7.83
CA LEU G 805 -1.85 -87.34 -6.69
C LEU G 805 -0.48 -86.70 -6.46
N LYS G 806 0.59 -87.39 -6.88
CA LYS G 806 1.93 -86.85 -6.68
C LYS G 806 2.12 -85.53 -7.43
N HIS G 807 1.58 -85.42 -8.64
CA HIS G 807 1.72 -84.19 -9.41
C HIS G 807 0.87 -83.05 -8.87
N PHE G 808 -0.05 -83.31 -7.94
CA PHE G 808 -0.94 -82.28 -7.43
C PHE G 808 -0.25 -81.32 -6.46
N ILE G 809 0.98 -81.62 -6.03
CA ILE G 809 1.71 -80.69 -5.17
C ILE G 809 1.98 -79.40 -5.93
N SER G 810 1.95 -78.27 -5.20
CA SER G 810 1.96 -76.95 -5.80
C SER G 810 3.21 -76.66 -6.63
N GLY G 811 4.37 -76.61 -5.99
CA GLY G 811 5.62 -76.34 -6.68
C GLY G 811 6.36 -75.18 -6.05
N PHE G 812 7.33 -74.65 -6.78
CA PHE G 812 8.20 -73.59 -6.28
C PHE G 812 8.09 -72.27 -7.05
N GLN G 813 7.71 -72.30 -8.34
CA GLN G 813 7.53 -71.05 -9.07
C GLN G 813 6.14 -70.93 -9.66
N ASP G 814 5.11 -71.11 -8.83
CA ASP G 814 3.74 -71.14 -9.32
C ASP G 814 3.33 -69.81 -9.97
N ALA G 815 3.74 -68.68 -9.37
CA ALA G 815 3.40 -67.39 -9.97
C ALA G 815 4.13 -67.19 -11.30
N GLU G 816 5.38 -67.65 -11.38
CA GLU G 816 6.12 -67.66 -12.64
C GLU G 816 5.37 -68.43 -13.71
N VAL G 817 4.85 -69.60 -13.36
CA VAL G 817 4.10 -70.42 -14.33
C VAL G 817 2.79 -69.74 -14.71
N ILE G 818 2.14 -69.08 -13.74
CA ILE G 818 0.89 -68.37 -14.04
C ILE G 818 1.13 -67.26 -15.03
N LEU G 819 2.20 -66.47 -14.84
CA LEU G 819 2.52 -65.42 -15.80
C LEU G 819 2.90 -65.98 -17.17
N ARG G 820 3.62 -67.11 -17.18
CA ARG G 820 3.98 -67.74 -18.45
C ARG G 820 2.73 -68.16 -19.21
N LEU G 821 1.77 -68.78 -18.51
CA LEU G 821 0.52 -69.16 -19.14
C LEU G 821 -0.29 -67.95 -19.59
N GLN G 822 -0.25 -66.87 -18.81
CA GLN G 822 -0.98 -65.67 -19.20
C GLN G 822 -0.44 -65.09 -20.50
N GLN G 823 0.89 -65.02 -20.62
CA GLN G 823 1.49 -64.53 -21.86
C GLN G 823 1.17 -65.46 -23.03
N GLU G 824 1.22 -66.77 -22.80
CA GLU G 824 0.91 -67.70 -23.88
C GLU G 824 -0.52 -67.53 -24.37
N PHE G 825 -1.48 -67.41 -23.45
CA PHE G 825 -2.87 -67.27 -23.84
C PHE G 825 -3.12 -65.91 -24.50
N GLU G 826 -2.45 -64.85 -24.04
CA GLU G 826 -2.63 -63.55 -24.67
C GLU G 826 -2.09 -63.55 -26.10
N GLU G 827 -0.91 -64.15 -26.31
CA GLU G 827 -0.37 -64.24 -27.67
C GLU G 827 -1.26 -65.09 -28.57
N GLN G 828 -1.79 -66.19 -28.03
CA GLN G 828 -2.69 -67.03 -28.82
C GLN G 828 -3.95 -66.29 -29.20
N TYR G 829 -4.51 -65.51 -28.27
CA TYR G 829 -5.70 -64.73 -28.58
C TYR G 829 -5.43 -63.68 -29.64
N GLN G 830 -4.29 -62.99 -29.54
CA GLN G 830 -3.95 -61.99 -30.55
C GLN G 830 -3.77 -62.63 -31.93
N GLN G 831 -3.09 -63.77 -31.99
CA GLN G 831 -2.90 -64.47 -33.26
C GLN G 831 -4.23 -64.93 -33.86
N LEU G 832 -5.09 -65.51 -33.02
CA LEU G 832 -6.38 -65.99 -33.50
C LEU G 832 -7.26 -64.84 -33.98
N HIS G 833 -7.26 -63.73 -33.26
CA HIS G 833 -8.07 -62.58 -33.64
C HIS G 833 -7.57 -61.98 -34.95
N SER G 834 -6.25 -61.87 -35.12
CA SER G 834 -5.69 -61.37 -36.38
C SER G 834 -6.04 -62.29 -37.53
N GLN G 835 -5.96 -63.61 -37.32
CA GLN G 835 -6.30 -64.55 -38.38
C GLN G 835 -7.78 -64.47 -38.75
N LEU G 836 -8.66 -64.30 -37.75
CA LEU G 836 -10.07 -64.13 -38.02
C LEU G 836 -10.34 -62.85 -38.81
N GLN G 837 -9.68 -61.76 -38.45
CA GLN G 837 -9.84 -60.52 -39.21
C GLN G 837 -9.35 -60.68 -40.65
N HIS G 838 -8.24 -61.39 -40.84
CA HIS G 838 -7.73 -61.63 -42.18
C HIS G 838 -8.72 -62.45 -43.02
N LEU G 839 -9.30 -63.50 -42.43
CA LEU G 839 -10.28 -64.29 -43.17
C LEU G 839 -11.54 -63.48 -43.46
N GLN G 840 -11.97 -62.65 -42.51
CA GLN G 840 -13.14 -61.81 -42.74
C GLN G 840 -12.89 -60.80 -43.85
N ASN G 841 -11.70 -60.22 -43.89
CA ASN G 841 -11.35 -59.29 -44.96
C ASN G 841 -11.29 -60.00 -46.31
N GLN G 842 -10.73 -61.22 -46.34
CA GLN G 842 -10.70 -61.98 -47.58
C GLN G 842 -12.07 -62.48 -48.01
N SER G 843 -13.02 -62.56 -47.08
CA SER G 843 -14.36 -63.04 -47.41
C SER G 843 -15.12 -62.09 -48.34
N HIS G 844 -14.69 -60.83 -48.47
CA HIS G 844 -15.35 -59.87 -49.35
C HIS G 844 -14.81 -60.04 -50.77
N LEU G 845 -15.28 -61.09 -51.43
CA LEU G 845 -14.88 -61.41 -52.79
C LEU G 845 -15.75 -60.74 -53.84
N GLN G 846 -16.78 -59.99 -53.41
CA GLN G 846 -17.72 -59.29 -54.31
C GLN G 846 -18.40 -60.27 -55.27
N GLN G 847 -18.71 -61.47 -54.77
CA GLN G 847 -19.38 -62.48 -55.56
C GLN G 847 -20.30 -63.30 -54.67
N GLN G 848 -21.34 -63.87 -55.28
CA GLN G 848 -22.27 -64.71 -54.53
C GLN G 848 -21.60 -65.98 -54.03
N GLN G 849 -20.72 -66.56 -54.86
CA GLN G 849 -19.99 -67.80 -54.55
C GLN G 849 -20.93 -68.95 -54.21
N SER G 850 -22.02 -69.05 -54.96
CA SER G 850 -22.92 -70.19 -54.80
C SER G 850 -22.27 -71.45 -55.37
N GLN G 851 -22.38 -72.55 -54.61
CA GLN G 851 -21.72 -73.82 -54.93
C GLN G 851 -20.21 -73.63 -55.10
N GLN G 852 -19.63 -72.79 -54.23
CA GLN G 852 -18.21 -72.46 -54.28
C GLN G 852 -17.59 -72.65 -52.90
N GLN G 853 -16.38 -72.14 -52.70
CA GLN G 853 -15.69 -72.20 -51.41
C GLN G 853 -16.33 -71.32 -50.31
N GLN G 854 -17.51 -70.75 -50.57
CA GLN G 854 -18.18 -69.92 -49.57
C GLN G 854 -18.48 -70.72 -48.30
N GLN G 855 -19.12 -71.88 -48.44
CA GLN G 855 -19.43 -72.70 -47.27
C GLN G 855 -18.17 -73.17 -46.56
N HIS G 856 -17.08 -73.35 -47.30
CA HIS G 856 -15.79 -73.57 -46.66
C HIS G 856 -15.38 -72.37 -45.83
N LEU G 857 -15.66 -71.16 -46.32
CA LEU G 857 -15.34 -69.96 -45.54
C LEU G 857 -16.17 -69.90 -44.25
N GLU G 858 -17.48 -70.19 -44.31
CA GLU G 858 -18.23 -70.15 -43.06
C GLU G 858 -17.88 -71.31 -42.13
N GLN G 859 -17.50 -72.47 -42.66
CA GLN G 859 -17.09 -73.54 -41.74
C GLN G 859 -15.75 -73.23 -41.09
N GLN G 860 -14.84 -72.57 -41.82
CA GLN G 860 -13.61 -72.08 -41.18
C GLN G 860 -13.93 -71.02 -40.14
N GLN G 861 -14.90 -70.14 -40.43
CA GLN G 861 -15.34 -69.15 -39.45
C GLN G 861 -15.79 -69.83 -38.16
N MET G 862 -16.74 -70.77 -38.29
CA MET G 862 -17.29 -71.47 -37.13
C MET G 862 -16.22 -72.29 -36.40
N LYS G 863 -15.20 -72.75 -37.12
CA LYS G 863 -14.05 -73.36 -36.45
C LYS G 863 -13.20 -72.31 -35.74
N ILE G 864 -13.28 -71.04 -36.14
CA ILE G 864 -12.45 -70.02 -35.52
C ILE G 864 -13.07 -69.50 -34.23
N GLU G 865 -14.34 -69.13 -34.28
CA GLU G 865 -14.94 -68.53 -33.07
C GLU G 865 -14.97 -69.52 -31.92
N LYS G 866 -15.12 -70.81 -32.18
CA LYS G 866 -15.13 -71.79 -31.10
C LYS G 866 -13.80 -71.81 -30.35
N GLN G 867 -12.68 -71.74 -31.09
CA GLN G 867 -11.38 -71.63 -30.46
C GLN G 867 -11.21 -70.28 -29.77
N ILE G 868 -11.81 -69.22 -30.32
CA ILE G 868 -11.74 -67.92 -29.68
C ILE G 868 -12.42 -67.95 -28.32
N ARG G 869 -13.63 -68.54 -28.25
CA ARG G 869 -14.31 -68.60 -26.96
C ARG G 869 -13.61 -69.54 -25.99
N HIS G 870 -13.01 -70.64 -26.50
CA HIS G 870 -12.23 -71.52 -25.64
C HIS G 870 -11.04 -70.77 -25.04
N CYS G 871 -10.33 -70.00 -25.85
CA CYS G 871 -9.21 -69.20 -25.34
C CYS G 871 -9.68 -68.17 -24.33
N GLN G 872 -10.82 -67.52 -24.61
CA GLN G 872 -11.33 -66.51 -23.69
C GLN G 872 -11.72 -67.11 -22.35
N VAL G 873 -12.39 -68.27 -22.37
CA VAL G 873 -12.84 -68.85 -21.10
C VAL G 873 -11.67 -69.39 -20.30
N MET G 874 -10.63 -69.92 -20.98
CA MET G 874 -9.45 -70.33 -20.24
C MET G 874 -8.67 -69.13 -19.69
N GLN G 875 -8.63 -68.03 -20.44
CA GLN G 875 -7.98 -66.83 -19.94
C GLN G 875 -8.70 -66.28 -18.71
N ASN G 876 -10.04 -66.25 -18.75
CA ASN G 876 -10.80 -65.80 -17.61
C ASN G 876 -10.61 -66.73 -16.42
N GLN G 877 -10.64 -68.04 -16.65
CA GLN G 877 -10.44 -69.00 -15.58
C GLN G 877 -9.02 -68.98 -15.04
N LEU G 878 -8.07 -68.43 -15.78
CA LEU G 878 -6.71 -68.23 -15.27
C LEU G 878 -6.56 -66.92 -14.52
N GLU G 879 -7.33 -65.89 -14.90
CA GLU G 879 -7.20 -64.57 -14.26
C GLU G 879 -7.48 -64.65 -12.77
N VAL G 880 -8.47 -65.44 -12.37
CA VAL G 880 -8.69 -65.78 -10.97
C VAL G 880 -8.36 -67.25 -10.77
N ILE G 881 -7.49 -67.55 -9.80
CA ILE G 881 -6.94 -68.89 -9.63
C ILE G 881 -7.30 -69.48 -8.27
N ASP G 882 -7.23 -68.68 -7.20
CA ASP G 882 -7.52 -69.09 -5.83
C ASP G 882 -6.62 -70.27 -5.44
N LEU G 883 -5.33 -69.98 -5.37
CA LEU G 883 -4.32 -70.99 -5.06
C LEU G 883 -4.49 -71.56 -3.65
N ARG G 884 -5.08 -70.78 -2.73
CA ARG G 884 -5.22 -71.24 -1.35
C ARG G 884 -6.19 -72.42 -1.24
N LYS G 885 -7.11 -72.47 -2.21
CA LYS G 885 -8.16 -73.50 -2.36
C LYS G 885 -7.55 -74.83 -2.80
N LEU G 886 -6.47 -74.75 -3.54
CA LEU G 886 -5.63 -75.88 -3.93
C LEU G 886 -4.69 -76.27 -2.80
N LYS G 887 -4.18 -75.27 -2.07
CA LYS G 887 -3.29 -75.56 -0.95
C LYS G 887 -4.01 -76.38 0.12
N ARG G 888 -5.28 -76.05 0.39
CA ARG G 888 -6.06 -76.86 1.32
C ARG G 888 -6.39 -78.24 0.74
N GLN G 889 -6.60 -78.31 -0.57
CA GLN G 889 -6.90 -79.60 -1.20
C GLN G 889 -5.71 -80.55 -1.14
N GLU G 890 -4.48 -80.02 -1.13
CA GLU G 890 -3.31 -80.88 -0.94
C GLU G 890 -3.36 -81.58 0.41
N ILE G 891 -3.70 -80.83 1.47
CA ILE G 891 -3.77 -81.42 2.80
C ILE G 891 -4.93 -82.42 2.88
N GLY G 892 -6.03 -82.10 2.21
CA GLY G 892 -7.13 -83.07 2.13
C GLY G 892 -6.71 -84.36 1.46
N ASN G 893 -5.94 -84.25 0.37
CA ASN G 893 -5.43 -85.43 -0.32
C ASN G 893 -4.50 -86.24 0.57
N LEU G 894 -3.64 -85.56 1.32
CA LEU G 894 -2.73 -86.26 2.23
C LEU G 894 -3.51 -87.00 3.31
N ILE G 895 -4.55 -86.37 3.85
CA ILE G 895 -5.39 -87.00 4.86
C ILE G 895 -6.08 -88.24 4.28
N SER G 896 -6.55 -88.14 3.03
CA SER G 896 -7.20 -89.29 2.41
C SER G 896 -6.21 -90.41 2.11
N ILE G 897 -4.96 -90.09 1.78
CA ILE G 897 -4.02 -91.11 1.34
C ILE G 897 -3.25 -91.74 2.49
N LEU G 898 -3.28 -91.12 3.68
CA LEU G 898 -2.53 -91.63 4.83
C LEU G 898 -2.72 -93.10 5.20
N PRO G 899 -3.95 -93.69 5.23
CA PRO G 899 -4.06 -95.06 5.74
C PRO G 899 -3.57 -96.15 4.78
N LEU G 900 -2.85 -95.79 3.73
CA LEU G 900 -2.36 -96.75 2.76
C LEU G 900 -1.05 -97.40 3.16
N ILE G 901 -0.60 -97.21 4.40
CA ILE G 901 0.66 -97.81 4.84
C ILE G 901 0.54 -99.33 4.88
N ASN G 902 -0.58 -99.84 5.39
CA ASN G 902 -0.82 -101.27 5.37
C ASN G 902 -1.11 -101.73 3.95
N ASP G 903 -0.07 -102.15 3.25
CA ASP G 903 -0.13 -102.44 1.83
C ASP G 903 -0.56 -103.88 1.57
N GLY G 904 -0.77 -104.20 0.30
CA GLY G 904 -0.89 -105.57 -0.14
C GLY G 904 0.15 -105.88 -1.20
N SER G 905 0.61 -104.84 -1.88
CA SER G 905 1.65 -104.96 -2.89
C SER G 905 2.77 -103.97 -2.56
N SER G 906 4.02 -104.40 -2.82
CA SER G 906 5.16 -103.54 -2.55
C SER G 906 5.19 -102.32 -3.45
N LEU G 907 4.52 -102.37 -4.61
CA LEU G 907 4.44 -101.21 -5.48
C LEU G 907 3.68 -100.07 -4.80
N VAL G 908 2.64 -100.40 -4.04
CA VAL G 908 1.89 -99.40 -3.28
C VAL G 908 2.79 -98.74 -2.26
N ARG G 909 3.61 -99.54 -1.56
CA ARG G 909 4.55 -98.99 -0.58
C ARG G 909 5.56 -98.06 -1.24
N LYS G 910 6.10 -98.47 -2.40
CA LYS G 910 7.09 -97.65 -3.09
C LYS G 910 6.49 -96.33 -3.55
N GLU G 911 5.27 -96.36 -4.07
CA GLU G 911 4.65 -95.11 -4.49
C GLU G 911 4.30 -94.23 -3.29
N LEU G 912 3.90 -94.83 -2.18
CA LEU G 912 3.63 -94.04 -0.98
C LEU G 912 4.88 -93.34 -0.47
N VAL G 913 6.01 -94.06 -0.45
CA VAL G 913 7.23 -93.46 0.06
C VAL G 913 7.78 -92.42 -0.92
N VAL G 914 7.55 -92.58 -2.23
CA VAL G 914 8.00 -91.52 -3.13
C VAL G 914 7.09 -90.30 -3.07
N TYR G 915 5.79 -90.50 -2.78
CA TYR G 915 4.93 -89.35 -2.51
C TYR G 915 5.38 -88.60 -1.27
N PHE G 916 5.75 -89.33 -0.21
CA PHE G 916 6.29 -88.68 0.97
C PHE G 916 7.61 -87.99 0.67
N SER G 917 8.40 -88.53 -0.26
CA SER G 917 9.62 -87.87 -0.68
C SER G 917 9.33 -86.52 -1.32
N HIS G 918 8.32 -86.46 -2.20
CA HIS G 918 7.93 -85.16 -2.74
C HIS G 918 7.39 -84.22 -1.66
N ILE G 919 6.68 -84.75 -0.66
CA ILE G 919 6.15 -83.90 0.40
C ILE G 919 7.29 -83.24 1.17
N VAL G 920 8.27 -84.06 1.60
CA VAL G 920 9.39 -83.54 2.37
C VAL G 920 10.34 -82.73 1.48
N SER G 921 10.26 -82.89 0.16
CA SER G 921 11.01 -82.01 -0.72
C SER G 921 10.39 -80.63 -0.79
N ARG G 922 9.07 -80.57 -0.97
CA ARG G 922 8.41 -79.27 -1.09
C ARG G 922 8.46 -78.51 0.22
N TYR G 923 8.22 -79.19 1.34
CA TYR G 923 8.34 -78.57 2.65
C TYR G 923 9.52 -79.21 3.36
N SER G 924 10.55 -78.41 3.64
CA SER G 924 11.77 -78.92 4.26
C SER G 924 12.00 -78.36 5.66
N ASN G 925 12.11 -77.05 5.80
CA ASN G 925 12.29 -76.44 7.11
C ASN G 925 11.02 -76.51 7.95
N PHE G 926 9.87 -76.56 7.28
CA PHE G 926 8.61 -76.83 7.92
C PHE G 926 8.61 -78.21 8.58
N PHE G 927 9.54 -79.08 8.17
CA PHE G 927 9.84 -80.31 8.89
C PHE G 927 10.97 -80.16 9.91
N ILE G 928 11.91 -79.22 9.72
CA ILE G 928 12.94 -78.98 10.74
C ILE G 928 12.30 -78.57 12.07
N VAL G 929 11.24 -77.76 12.01
CA VAL G 929 10.54 -77.40 13.24
C VAL G 929 10.01 -78.64 13.94
N VAL G 930 9.55 -79.62 13.16
CA VAL G 930 9.06 -80.87 13.73
C VAL G 930 10.21 -81.68 14.31
N VAL G 931 11.35 -81.73 13.60
CA VAL G 931 12.43 -82.64 13.99
C VAL G 931 13.07 -82.20 15.29
N PHE G 932 13.26 -80.90 15.50
CA PHE G 932 13.80 -80.43 16.78
C PHE G 932 12.94 -80.90 17.96
N ASN G 933 11.64 -80.66 17.89
CA ASN G 933 10.77 -81.03 19.00
C ASN G 933 10.66 -82.53 19.16
N ASP G 934 10.70 -83.29 18.06
CA ASP G 934 10.57 -84.74 18.16
C ASP G 934 11.83 -85.36 18.78
N LEU G 935 13.01 -84.94 18.32
CA LEU G 935 14.23 -85.46 18.89
C LEU G 935 14.46 -84.97 20.31
N LEU G 936 13.85 -83.83 20.68
CA LEU G 936 13.88 -83.43 22.08
C LEU G 936 12.97 -84.30 22.93
N GLU G 937 11.75 -84.57 22.44
CA GLU G 937 10.78 -85.24 23.29
C GLU G 937 11.09 -86.72 23.44
N GLU G 938 11.72 -87.34 22.44
CA GLU G 938 12.05 -88.76 22.60
C GLU G 938 13.17 -88.95 23.61
N ILE G 939 14.13 -88.02 23.65
CA ILE G 939 15.17 -88.05 24.68
C ILE G 939 14.57 -87.70 26.04
N LYS G 940 13.60 -86.79 26.08
CA LYS G 940 12.90 -86.51 27.33
C LYS G 940 12.16 -87.74 27.85
N LEU G 941 11.55 -88.50 26.96
CA LEU G 941 10.91 -89.76 27.35
C LEU G 941 11.93 -90.78 27.81
N LEU G 942 13.12 -90.77 27.21
CA LEU G 942 14.19 -91.65 27.65
C LEU G 942 14.63 -91.30 29.07
N GLU G 943 14.73 -90.01 29.38
CA GLU G 943 15.16 -89.57 30.71
C GLU G 943 14.19 -88.55 31.30
N GLN G 960 4.93 -81.05 16.77
CA GLN G 960 3.94 -80.12 17.31
C GLN G 960 2.55 -80.75 17.31
N GLY G 961 2.50 -82.04 17.02
CA GLY G 961 1.24 -82.77 17.01
C GLY G 961 0.39 -82.55 15.79
N SER G 962 0.87 -81.80 14.80
CA SER G 962 0.11 -81.49 13.61
C SER G 962 0.19 -82.64 12.61
N ILE G 963 -0.45 -82.46 11.45
CA ILE G 963 -0.53 -83.51 10.45
C ILE G 963 0.79 -83.77 9.75
N PHE G 964 1.77 -82.88 9.93
CA PHE G 964 3.10 -83.09 9.37
C PHE G 964 4.01 -83.88 10.30
N TYR G 965 3.48 -84.39 11.41
CA TYR G 965 4.20 -85.37 12.22
C TYR G 965 3.72 -86.78 11.91
N THR G 966 2.48 -86.93 11.46
CA THR G 966 1.99 -88.23 11.05
C THR G 966 2.73 -88.74 9.82
N VAL G 967 3.21 -87.83 8.97
CA VAL G 967 4.01 -88.25 7.82
C VAL G 967 5.38 -88.76 8.28
N TRP G 968 5.97 -88.18 9.33
CA TRP G 968 7.17 -88.78 9.91
C TRP G 968 6.86 -90.15 10.50
N LYS G 969 5.71 -90.29 11.14
CA LYS G 969 5.32 -91.60 11.66
C LYS G 969 5.24 -92.62 10.53
N SER G 970 4.66 -92.22 9.40
CA SER G 970 4.61 -93.06 8.22
C SER G 970 6.01 -93.38 7.71
N LEU G 971 6.92 -92.40 7.74
CA LEU G 971 8.28 -92.62 7.27
C LEU G 971 9.00 -93.65 8.14
N LEU G 972 8.82 -93.56 9.46
CA LEU G 972 9.43 -94.53 10.36
C LEU G 972 8.85 -95.92 10.16
N ILE G 973 7.53 -96.02 9.94
CA ILE G 973 6.93 -97.33 9.69
C ILE G 973 7.46 -97.91 8.37
N LEU G 974 7.60 -97.08 7.34
CA LEU G 974 8.17 -97.57 6.08
C LEU G 974 9.63 -97.96 6.23
N ALA G 975 10.37 -97.27 7.11
CA ALA G 975 11.73 -97.69 7.41
C ALA G 975 11.75 -99.03 8.15
N GLU G 976 10.74 -99.29 8.95
CA GLU G 976 10.61 -100.59 9.61
C GLU G 976 9.94 -101.63 8.72
N ASP G 977 9.52 -101.26 7.51
CA ASP G 977 8.84 -102.21 6.65
C ASP G 977 9.80 -103.30 6.17
N PRO G 978 9.29 -104.52 5.96
CA PRO G 978 10.19 -105.65 5.69
C PRO G 978 10.76 -105.69 4.28
N PHE G 979 10.15 -105.03 3.32
CA PHE G 979 10.60 -105.14 1.93
C PHE G 979 11.96 -104.47 1.75
N LEU G 980 12.80 -105.08 0.93
CA LEU G 980 14.20 -104.68 0.82
C LEU G 980 14.32 -103.26 0.29
N GLU G 981 13.88 -103.03 -0.95
CA GLU G 981 14.07 -101.73 -1.58
C GLU G 981 13.26 -100.64 -0.89
N ASN G 982 12.09 -101.00 -0.33
CA ASN G 982 11.33 -100.04 0.46
C ASN G 982 12.11 -99.60 1.69
N LYS G 983 12.73 -100.55 2.39
CA LYS G 983 13.50 -100.22 3.58
C LYS G 983 14.71 -99.36 3.24
N GLU G 984 15.44 -99.72 2.18
CA GLU G 984 16.61 -98.92 1.80
C GLU G 984 16.19 -97.52 1.36
N LEU G 985 15.08 -97.40 0.64
CA LEU G 985 14.65 -96.09 0.17
C LEU G 985 14.20 -95.20 1.32
N SER G 986 13.46 -95.77 2.27
CA SER G 986 13.06 -95.00 3.44
C SER G 986 14.27 -94.59 4.27
N LYS G 987 15.27 -95.48 4.36
CA LYS G 987 16.51 -95.15 5.04
C LYS G 987 17.22 -93.99 4.36
N GLN G 988 17.25 -93.99 3.02
CA GLN G 988 17.86 -92.87 2.29
C GLN G 988 17.13 -91.56 2.57
N VAL G 989 15.80 -91.60 2.59
CA VAL G 989 15.03 -90.37 2.81
C VAL G 989 15.27 -89.83 4.22
N ILE G 990 15.23 -90.71 5.23
CA ILE G 990 15.41 -90.25 6.60
C ILE G 990 16.85 -89.78 6.82
N ASP G 991 17.81 -90.44 6.17
CA ASP G 991 19.19 -90.00 6.25
C ASP G 991 19.36 -88.61 5.63
N TYR G 992 18.70 -88.36 4.49
CA TYR G 992 18.81 -87.05 3.87
C TYR G 992 18.22 -85.96 4.73
N ILE G 993 17.03 -86.19 5.30
CA ILE G 993 16.42 -85.12 6.09
C ILE G 993 17.23 -84.87 7.36
N LEU G 994 17.74 -85.94 7.99
CA LEU G 994 18.55 -85.76 9.19
C LEU G 994 19.86 -85.04 8.87
N LEU G 995 20.47 -85.35 7.73
CA LEU G 995 21.72 -84.67 7.36
C LEU G 995 21.47 -83.22 6.97
N GLU G 996 20.34 -82.94 6.32
CA GLU G 996 19.99 -81.57 5.98
C GLU G 996 19.79 -80.74 7.24
N LEU G 997 19.19 -81.33 8.27
CA LEU G 997 19.13 -80.63 9.55
C LEU G 997 20.52 -80.53 10.19
N SER G 998 21.33 -81.58 10.08
CA SER G 998 22.64 -81.57 10.72
C SER G 998 23.54 -80.48 10.16
N ALA G 999 23.36 -80.13 8.89
CA ALA G 999 24.04 -78.98 8.30
C ALA G 999 23.19 -77.72 8.37
N HIS G 1000 22.70 -77.38 9.55
CA HIS G 1000 21.84 -76.20 9.68
C HIS G 1000 22.70 -74.96 9.83
N LYS G 1001 22.11 -73.81 9.48
CA LYS G 1001 22.87 -72.56 9.41
C LYS G 1001 23.29 -72.07 10.80
N GLU G 1002 22.36 -72.05 11.75
CA GLU G 1002 22.64 -71.46 13.05
C GLU G 1002 22.22 -72.34 14.23
N LEU G 1003 21.75 -73.56 13.97
CA LEU G 1003 21.44 -74.54 15.00
C LEU G 1003 22.21 -75.84 14.76
N GLY G 1004 23.13 -75.85 13.80
CA GLY G 1004 23.89 -77.06 13.51
C GLY G 1004 24.75 -77.51 14.67
N GLY G 1005 25.35 -76.56 15.38
CA GLY G 1005 26.13 -76.86 16.56
C GLY G 1005 25.34 -77.53 17.68
N PRO G 1006 24.23 -76.91 18.12
CA PRO G 1006 23.37 -77.57 19.10
C PRO G 1006 22.83 -78.91 18.63
N PHE G 1007 22.49 -79.04 17.34
CA PHE G 1007 22.01 -80.33 16.85
C PHE G 1007 23.13 -81.38 16.91
N ALA G 1008 24.35 -81.00 16.57
CA ALA G 1008 25.47 -81.93 16.63
C ALA G 1008 25.76 -82.37 18.06
N VAL G 1009 25.69 -81.42 19.01
CA VAL G 1009 25.88 -81.78 20.41
C VAL G 1009 24.77 -82.70 20.89
N MET G 1010 23.52 -82.38 20.54
CA MET G 1010 22.40 -83.13 21.08
C MET G 1010 22.31 -84.51 20.43
N GLU G 1011 22.87 -84.66 19.21
CA GLU G 1011 23.03 -85.95 18.57
C GLU G 1011 24.21 -86.73 19.14
N LYS G 1012 25.28 -86.04 19.54
CA LYS G 1012 26.34 -86.70 20.30
C LYS G 1012 25.81 -87.28 21.60
N PHE G 1013 24.79 -86.63 22.18
CA PHE G 1013 24.14 -87.16 23.37
C PHE G 1013 23.41 -88.48 23.10
N LEU G 1014 23.12 -88.82 21.84
CA LEU G 1014 22.39 -90.04 21.50
C LEU G 1014 23.18 -91.31 21.73
N LEU G 1015 24.48 -91.22 22.04
CA LEU G 1015 25.31 -92.41 22.20
C LEU G 1015 24.81 -93.27 23.36
N LYS G 1016 24.46 -92.64 24.48
CA LYS G 1016 23.84 -93.30 25.64
C LYS G 1016 24.65 -94.47 26.18
N HIS G 1068 16.41 -72.43 25.44
CA HIS G 1068 15.56 -71.31 25.83
C HIS G 1068 15.30 -70.29 24.69
N PRO G 1069 16.30 -69.95 23.85
CA PRO G 1069 15.96 -69.26 22.61
C PRO G 1069 15.60 -70.21 21.48
N MET G 1070 15.92 -71.50 21.62
CA MET G 1070 15.57 -72.47 20.58
C MET G 1070 14.06 -72.61 20.44
N ARG G 1071 13.33 -72.59 21.55
CA ARG G 1071 11.88 -72.68 21.49
C ARG G 1071 11.28 -71.46 20.78
N THR G 1072 11.81 -70.27 21.08
CA THR G 1072 11.34 -69.06 20.42
C THR G 1072 11.65 -69.10 18.93
N SER G 1073 12.84 -69.57 18.56
CA SER G 1073 13.19 -69.66 17.15
C SER G 1073 12.30 -70.65 16.41
N LEU G 1074 12.04 -71.81 17.02
CA LEU G 1074 11.17 -72.80 16.39
C LEU G 1074 9.75 -72.27 16.23
N ALA G 1075 9.23 -71.61 17.26
CA ALA G 1075 7.89 -71.03 17.17
C ALA G 1075 7.82 -69.95 16.10
N LYS G 1076 8.86 -69.12 16.01
CA LYS G 1076 8.88 -68.06 15.00
C LYS G 1076 8.92 -68.63 13.60
N LEU G 1077 9.74 -69.67 13.38
CA LEU G 1077 9.85 -70.24 12.04
C LEU G 1077 8.56 -70.97 11.64
N PHE G 1078 7.97 -71.72 12.59
CA PHE G 1078 6.71 -72.40 12.31
C PHE G 1078 5.60 -71.39 12.03
N GLN G 1079 5.57 -70.28 12.77
CA GLN G 1079 4.57 -69.24 12.49
C GLN G 1079 4.82 -68.62 11.11
N SER G 1080 6.07 -68.33 10.78
CA SER G 1080 6.39 -67.66 9.53
C SER G 1080 6.03 -68.52 8.33
N LEU G 1081 6.18 -69.84 8.44
CA LEU G 1081 5.85 -70.70 7.33
C LEU G 1081 4.51 -71.42 7.50
N GLY G 1082 3.75 -71.08 8.53
CA GLY G 1082 2.33 -71.37 8.53
C GLY G 1082 1.62 -70.17 7.94
N PHE G 1083 2.32 -69.04 7.93
CA PHE G 1083 1.80 -67.86 7.25
C PHE G 1083 1.81 -68.02 5.73
N SER G 1084 2.78 -68.74 5.18
CA SER G 1084 2.87 -68.89 3.73
C SER G 1084 1.72 -69.74 3.20
N GLU G 1085 1.46 -70.89 3.82
CA GLU G 1085 0.26 -71.67 3.52
C GLU G 1085 -0.89 -71.00 4.26
N SER G 1086 -1.43 -69.95 3.66
CA SER G 1086 -2.40 -69.07 4.30
C SER G 1086 -3.72 -69.78 4.58
N SER G 1095 -14.00 -88.10 10.71
CA SER G 1095 -13.17 -86.91 10.51
C SER G 1095 -11.72 -87.30 10.25
N ASN G 1096 -10.84 -86.98 11.20
CA ASN G 1096 -9.43 -87.29 11.10
C ASN G 1096 -9.00 -88.17 12.26
N THR G 1097 -8.17 -89.17 11.96
CA THR G 1097 -7.60 -90.05 12.97
C THR G 1097 -6.09 -90.06 12.81
N SER G 1098 -5.38 -89.52 13.79
CA SER G 1098 -3.93 -89.55 13.79
C SER G 1098 -3.39 -90.98 13.91
N MET G 1099 -4.20 -91.92 14.43
CA MET G 1099 -3.78 -93.34 14.65
C MET G 1099 -2.45 -93.30 15.40
N LYS G 1100 -1.33 -93.25 14.68
CA LYS G 1100 0.07 -93.03 15.09
C LYS G 1100 0.60 -94.09 16.06
N SER G 1101 -0.13 -95.16 16.31
CA SER G 1101 0.32 -96.21 17.19
C SER G 1101 0.89 -97.37 16.39
N HIS G 1102 1.88 -98.03 16.98
CA HIS G 1102 2.57 -99.15 16.33
C HIS G 1102 3.33 -99.92 17.40
N THR G 1103 4.24 -100.78 16.95
CA THR G 1103 5.20 -101.42 17.87
C THR G 1103 6.51 -100.69 17.60
N SER G 1104 7.10 -100.12 18.65
CA SER G 1104 8.29 -99.26 18.50
C SER G 1104 9.57 -100.00 18.92
N LYS G 1105 9.56 -101.33 18.95
CA LYS G 1105 10.74 -102.11 19.40
C LYS G 1105 11.98 -101.97 18.50
N LYS G 1106 11.86 -101.49 17.25
CA LYS G 1106 12.97 -101.28 16.29
C LYS G 1106 13.62 -99.90 16.48
N GLY G 1107 14.46 -99.46 15.53
CA GLY G 1107 15.31 -98.26 15.75
C GLY G 1107 14.99 -96.94 15.06
N PRO G 1108 14.96 -95.84 15.84
CA PRO G 1108 14.73 -94.46 15.40
C PRO G 1108 15.99 -93.56 15.50
N SER G 1109 17.18 -94.16 15.46
CA SER G 1109 18.47 -93.44 15.52
C SER G 1109 19.37 -93.90 14.37
N GLY G 1110 20.00 -92.98 13.66
CA GLY G 1110 20.89 -93.39 12.57
C GLY G 1110 21.97 -94.32 13.09
N HIS G 1132 21.66 -96.96 -3.37
CA HIS G 1132 23.02 -97.39 -3.67
C HIS G 1132 23.88 -96.21 -4.10
N THR G 1133 23.23 -95.14 -4.54
CA THR G 1133 23.94 -93.98 -5.07
C THR G 1133 24.71 -93.26 -3.96
N GLU G 1134 25.93 -92.85 -4.27
CA GLU G 1134 26.73 -92.07 -3.32
C GLU G 1134 26.12 -90.72 -2.98
N PRO G 1135 25.70 -89.88 -3.93
CA PRO G 1135 25.06 -88.62 -3.54
C PRO G 1135 23.61 -88.85 -3.15
N LEU G 1136 23.00 -87.80 -2.60
CA LEU G 1136 21.62 -87.85 -2.13
C LEU G 1136 20.82 -86.71 -2.76
N GLN G 1137 19.67 -87.06 -3.32
CA GLN G 1137 18.67 -86.08 -3.76
C GLN G 1137 17.38 -86.41 -3.02
N LEU G 1138 16.61 -85.38 -2.68
CA LEU G 1138 15.38 -85.66 -1.94
C LEU G 1138 14.24 -86.11 -2.84
N PRO G 1139 13.92 -85.43 -3.98
CA PRO G 1139 12.87 -85.97 -4.85
C PRO G 1139 13.43 -87.09 -5.70
N LEU G 1140 13.03 -88.32 -5.39
CA LEU G 1140 13.44 -89.40 -6.26
C LEU G 1140 12.39 -89.70 -7.31
N ASN G 1141 12.82 -90.30 -8.40
CA ASN G 1141 11.95 -90.59 -9.52
C ASN G 1141 11.05 -91.78 -9.23
N SER G 1142 10.03 -91.95 -10.06
CA SER G 1142 9.15 -93.11 -10.02
C SER G 1142 9.19 -93.79 -11.38
N SER G 1143 9.59 -95.06 -11.38
CA SER G 1143 9.71 -95.85 -12.61
C SER G 1143 8.38 -96.43 -13.07
N PHE G 1144 7.27 -96.04 -12.44
CA PHE G 1144 5.98 -96.66 -12.72
C PHE G 1144 5.51 -96.35 -14.14
N LEU G 1145 5.77 -95.13 -14.63
CA LEU G 1145 5.32 -94.78 -15.97
C LEU G 1145 6.04 -95.63 -17.03
N ASP G 1146 7.36 -95.75 -16.91
CA ASP G 1146 8.09 -96.58 -17.85
C ASP G 1146 7.70 -98.05 -17.71
N TYR G 1147 7.49 -98.50 -16.46
CA TYR G 1147 7.09 -99.88 -16.22
C TYR G 1147 5.75 -100.21 -16.88
N SER G 1148 4.78 -99.31 -16.78
CA SER G 1148 3.55 -99.46 -17.53
C SER G 1148 3.77 -99.33 -19.02
N ARG G 1149 4.85 -98.66 -19.42
CA ARG G 1149 5.13 -98.48 -20.84
C ARG G 1149 5.61 -99.76 -21.52
N GLU G 1150 6.39 -100.63 -20.84
CA GLU G 1150 6.83 -101.79 -21.64
C GLU G 1150 5.74 -102.83 -21.87
N TYR G 1151 4.52 -102.63 -21.38
CA TYR G 1151 3.46 -103.62 -21.60
C TYR G 1151 3.16 -103.76 -23.08
N PHE G 1152 3.23 -102.66 -23.84
CA PHE G 1152 3.03 -102.69 -25.27
C PHE G 1152 4.24 -103.22 -26.03
N GLN G 1153 5.46 -102.99 -25.52
CA GLN G 1153 6.63 -103.63 -26.11
C GLN G 1153 6.54 -105.14 -25.95
N GLU G 1154 5.92 -105.61 -24.87
CA GLU G 1154 5.59 -107.02 -24.75
C GLU G 1154 4.55 -107.40 -25.80
N PRO G 1155 4.57 -108.65 -26.28
CA PRO G 1155 3.61 -109.06 -27.30
C PRO G 1155 2.18 -109.01 -26.80
N GLN G 1156 1.26 -108.63 -27.70
CA GLN G 1156 -0.14 -108.44 -27.35
C GLN G 1156 -1.08 -109.35 -28.11
N MET G 1157 -1.02 -109.36 -29.45
CA MET G 1157 -1.99 -110.11 -30.23
C MET G 1157 -1.79 -111.62 -30.10
N LYS G 1158 -0.56 -112.09 -30.26
CA LYS G 1158 -0.30 -113.50 -30.12
C LYS G 1158 -0.17 -113.87 -28.65
N LYS G 1159 -0.47 -115.12 -28.34
CA LYS G 1159 -0.26 -115.62 -26.99
C LYS G 1159 1.24 -115.69 -26.70
N GLN G 1160 1.59 -115.53 -25.43
CA GLN G 1160 3.00 -115.52 -25.03
C GLN G 1160 3.61 -116.90 -25.17
N GLU G 1161 4.93 -116.97 -24.99
CA GLU G 1161 5.65 -118.24 -25.07
C GLU G 1161 5.28 -119.18 -23.94
N ALA G 1162 4.71 -118.66 -22.85
CA ALA G 1162 4.29 -119.53 -21.75
C ALA G 1162 3.06 -120.35 -22.13
N ASP G 1163 2.17 -119.77 -22.93
CA ASP G 1163 0.91 -120.41 -23.30
C ASP G 1163 0.94 -121.00 -24.71
N GLU G 1164 2.12 -121.11 -25.32
CA GLU G 1164 2.22 -121.69 -26.64
C GLU G 1164 1.94 -123.20 -26.58
N PRO G 1165 1.42 -123.78 -27.66
CA PRO G 1165 1.18 -125.24 -27.67
C PRO G 1165 2.44 -126.07 -27.53
N GLY G 1166 3.60 -125.53 -27.89
CA GLY G 1166 4.85 -126.22 -27.67
C GLY G 1166 6.00 -125.28 -27.36
N SER G 1167 6.62 -125.46 -26.20
CA SER G 1167 7.74 -124.63 -25.78
C SER G 1167 8.47 -125.36 -24.66
N VAL G 1168 9.62 -124.80 -24.24
CA VAL G 1168 10.37 -125.39 -23.13
C VAL G 1168 9.58 -125.26 -21.84
N GLU G 1169 8.98 -124.09 -21.59
CA GLU G 1169 8.16 -123.92 -20.40
C GLU G 1169 6.88 -124.76 -20.49
N TYR G 1170 6.32 -124.90 -21.69
CA TYR G 1170 5.10 -125.71 -21.84
C TYR G 1170 5.37 -127.18 -21.58
N ASN G 1171 6.48 -127.72 -22.09
CA ASN G 1171 6.77 -129.11 -21.82
C ASN G 1171 7.23 -129.33 -20.39
N ALA G 1172 7.84 -128.30 -19.75
CA ALA G 1172 8.11 -128.39 -18.33
C ALA G 1172 6.82 -128.48 -17.52
N ARG G 1173 5.83 -127.65 -17.88
CA ARG G 1173 4.53 -127.71 -17.20
C ARG G 1173 3.82 -129.04 -17.46
N LEU G 1174 3.94 -129.56 -18.68
CA LEU G 1174 3.33 -130.86 -19.00
C LEU G 1174 4.02 -131.98 -18.22
N TRP G 1175 5.34 -131.90 -18.07
CA TRP G 1175 6.09 -132.85 -17.26
C TRP G 1175 5.61 -132.81 -15.81
N ARG G 1176 5.44 -131.60 -15.27
CA ARG G 1176 4.95 -131.46 -13.90
C ARG G 1176 3.54 -132.01 -13.75
N ARG G 1177 2.67 -131.74 -14.73
CA ARG G 1177 1.30 -132.24 -14.68
C ARG G 1177 1.27 -133.76 -14.77
N ASN G 1178 2.11 -134.35 -15.63
CA ASN G 1178 2.16 -135.79 -15.76
C ASN G 1178 2.68 -136.44 -14.48
N ARG G 1179 3.70 -135.85 -13.84
CA ARG G 1179 4.18 -136.43 -12.59
C ARG G 1179 3.16 -136.26 -11.48
N ASN G 1180 2.39 -135.16 -11.48
CA ASN G 1180 1.30 -135.00 -10.53
C ASN G 1180 0.22 -136.05 -10.74
N GLU G 1181 -0.12 -136.33 -11.99
CA GLU G 1181 -1.12 -137.35 -12.28
C GLU G 1181 -0.64 -138.73 -11.87
N THR G 1182 0.64 -139.03 -12.08
CA THR G 1182 1.17 -140.32 -11.64
C THR G 1182 1.17 -140.43 -10.12
N ILE G 1183 1.49 -139.35 -9.42
CA ILE G 1183 1.45 -139.35 -7.96
C ILE G 1183 0.02 -139.58 -7.46
N ILE G 1184 -0.95 -138.89 -8.08
CA ILE G 1184 -2.35 -139.06 -7.70
C ILE G 1184 -2.81 -140.48 -7.97
N GLN G 1185 -2.38 -141.05 -9.10
CA GLN G 1185 -2.76 -142.43 -9.44
C GLN G 1185 -2.15 -143.43 -8.46
N GLU G 1186 -0.89 -143.25 -8.09
CA GLU G 1186 -0.26 -144.20 -7.18
C GLU G 1186 -0.73 -144.02 -5.74
N THR G 1187 -1.29 -142.86 -5.40
CA THR G 1187 -1.94 -142.71 -4.10
C THR G 1187 -3.34 -143.31 -4.15
N GLN G 1188 -4.13 -143.05 -3.11
CA GLN G 1188 -5.50 -143.55 -2.92
C GLN G 1188 -5.58 -145.08 -2.84
N GLY G 1189 -4.44 -145.75 -2.71
CA GLY G 1189 -4.42 -147.19 -2.53
C GLY G 1189 -3.68 -147.57 -1.27
N GLU G 1190 -2.84 -146.66 -0.79
CA GLU G 1190 -2.07 -146.88 0.44
C GLU G 1190 -2.88 -146.66 1.70
N LYS G 1191 -4.12 -146.17 1.58
CA LYS G 1191 -4.98 -146.00 2.74
C LYS G 1191 -5.31 -147.35 3.36
N LYS G 1192 -5.52 -148.38 2.53
CA LYS G 1192 -5.71 -149.73 3.04
C LYS G 1192 -4.46 -150.25 3.74
N LEU G 1193 -3.29 -150.01 3.14
CA LEU G 1193 -2.03 -150.44 3.74
C LEU G 1193 -1.77 -149.74 5.06
N SER G 1194 -2.30 -148.53 5.24
CA SER G 1194 -2.15 -147.81 6.49
C SER G 1194 -2.79 -148.51 7.68
N ILE G 1195 -3.72 -149.43 7.43
CA ILE G 1195 -4.42 -150.11 8.52
C ILE G 1195 -3.62 -151.29 9.04
N TYR G 1196 -3.14 -152.15 8.15
CA TYR G 1196 -2.39 -153.34 8.54
C TYR G 1196 -0.89 -153.18 8.38
N GLY G 1197 -0.40 -151.95 8.21
CA GLY G 1197 1.01 -151.72 8.05
C GLY G 1197 1.75 -151.56 9.38
N ASN G 1198 3.04 -151.28 9.27
CA ASN G 1198 3.91 -151.10 10.42
C ASN G 1198 4.64 -149.77 10.33
N TRP G 1199 4.87 -149.15 11.47
CA TRP G 1199 5.54 -147.86 11.54
C TRP G 1199 6.84 -147.90 12.32
N SER G 1200 7.31 -149.08 12.75
CA SER G 1200 8.54 -149.18 13.50
C SER G 1200 9.77 -148.91 12.64
N LYS G 1201 9.68 -149.12 11.33
CA LYS G 1201 10.80 -148.87 10.46
C LYS G 1201 11.01 -147.36 10.27
N LYS G 1202 12.27 -146.96 10.26
CA LYS G 1202 12.66 -145.56 10.10
C LYS G 1202 13.27 -145.34 8.74
N LEU G 1203 12.82 -144.28 8.05
CA LEU G 1203 13.33 -143.99 6.71
C LEU G 1203 14.75 -143.44 6.76
N ILE G 1204 14.93 -142.30 7.42
CA ILE G 1204 16.22 -141.62 7.44
C ILE G 1204 16.26 -140.71 8.67
N SER G 1205 17.49 -140.37 9.09
CA SER G 1205 17.73 -139.44 10.19
C SER G 1205 18.59 -138.29 9.69
N LEU G 1206 18.23 -137.07 10.09
CA LEU G 1206 18.89 -135.86 9.65
C LEU G 1206 19.21 -134.96 10.84
N ASN G 1207 20.29 -134.19 10.71
CA ASN G 1207 20.71 -133.25 11.72
C ASN G 1207 20.37 -131.83 11.27
N ASN G 1208 19.75 -131.05 12.15
CA ASN G 1208 19.29 -129.71 11.84
C ASN G 1208 20.17 -128.62 12.41
N LYS G 1209 21.12 -128.97 13.30
CA LYS G 1209 22.08 -128.05 13.92
C LYS G 1209 21.42 -126.99 14.80
N SER G 1210 20.12 -127.12 15.02
CA SER G 1210 19.36 -126.20 15.86
C SER G 1210 18.05 -126.87 16.23
N GLN G 1211 17.41 -126.33 17.26
CA GLN G 1211 16.15 -126.90 17.73
C GLN G 1211 15.03 -126.51 16.77
N PRO G 1212 14.35 -127.47 16.15
CA PRO G 1212 13.26 -127.13 15.24
C PRO G 1212 11.91 -127.02 15.95
N LYS G 1213 11.04 -126.21 15.36
CA LYS G 1213 9.68 -126.06 15.87
C LYS G 1213 8.61 -126.12 14.79
N LEU G 1214 8.92 -125.84 13.53
CA LEU G 1214 7.95 -125.88 12.45
C LEU G 1214 8.48 -126.77 11.33
N MET G 1215 7.65 -127.69 10.86
CA MET G 1215 8.00 -128.60 9.79
C MET G 1215 6.84 -128.71 8.81
N LYS G 1216 7.17 -128.90 7.54
CA LYS G 1216 6.14 -129.01 6.51
C LYS G 1216 6.68 -129.83 5.35
N PHE G 1217 5.97 -130.90 4.99
CA PHE G 1217 6.33 -131.67 3.82
C PHE G 1217 5.89 -130.94 2.55
N ALA G 1218 6.50 -131.32 1.43
CA ALA G 1218 6.13 -130.80 0.13
C ALA G 1218 4.98 -131.64 -0.41
N GLN G 1219 3.83 -130.99 -0.60
CA GLN G 1219 2.57 -131.70 -0.79
C GLN G 1219 2.53 -132.46 -2.12
N PHE G 1220 3.34 -132.06 -3.10
CA PHE G 1220 3.69 -132.96 -4.21
C PHE G 1220 5.17 -133.23 -4.35
N GLU G 1221 6.04 -132.25 -4.12
CA GLU G 1221 7.48 -132.46 -4.29
C GLU G 1221 8.05 -133.34 -3.19
N ASP G 1222 9.31 -133.71 -3.37
CA ASP G 1222 10.03 -134.55 -2.41
C ASP G 1222 10.94 -133.69 -1.52
N GLN G 1223 10.33 -132.83 -0.71
CA GLN G 1223 11.08 -131.92 0.15
C GLN G 1223 10.43 -131.84 1.52
N LEU G 1224 11.23 -131.42 2.51
CA LEU G 1224 10.73 -131.18 3.86
C LEU G 1224 11.36 -129.89 4.37
N ILE G 1225 10.54 -128.93 4.77
CA ILE G 1225 10.99 -127.61 5.20
C ILE G 1225 10.93 -127.55 6.72
N THR G 1226 12.05 -127.19 7.33
CA THR G 1226 12.17 -127.08 8.78
C THR G 1226 12.57 -125.66 9.14
N ALA G 1227 12.13 -125.21 10.32
CA ALA G 1227 12.51 -123.89 10.82
C ALA G 1227 12.88 -124.01 12.28
N ASP G 1228 13.80 -123.15 12.73
CA ASP G 1228 14.26 -123.21 14.10
C ASP G 1228 13.73 -122.02 14.91
N ASP G 1229 14.19 -121.91 16.16
CA ASP G 1229 13.83 -120.79 17.01
C ASP G 1229 14.61 -119.52 16.69
N ARG G 1230 15.69 -119.61 15.91
CA ARG G 1230 16.51 -118.47 15.55
C ARG G 1230 16.12 -117.88 14.20
N SER G 1231 14.88 -118.13 13.75
CA SER G 1231 14.35 -117.63 12.47
C SER G 1231 15.19 -118.09 11.28
N THR G 1232 15.82 -119.25 11.39
CA THR G 1232 16.57 -119.85 10.30
C THR G 1232 15.79 -121.03 9.76
N ILE G 1233 15.69 -121.11 8.43
CA ILE G 1233 14.89 -122.11 7.75
C ILE G 1233 15.80 -122.95 6.87
N THR G 1234 15.68 -124.26 6.98
CA THR G 1234 16.43 -125.21 6.19
C THR G 1234 15.47 -126.09 5.39
N VAL G 1235 15.97 -126.62 4.28
CA VAL G 1235 15.21 -127.53 3.43
C VAL G 1235 15.99 -128.83 3.30
N PHE G 1236 15.33 -129.95 3.58
CA PHE G 1236 15.93 -131.27 3.50
C PHE G 1236 15.26 -132.07 2.40
N ASP G 1237 16.03 -132.98 1.81
CA ASP G 1237 15.53 -133.89 0.78
C ASP G 1237 15.50 -135.29 1.37
N TRP G 1238 14.32 -135.90 1.40
CA TRP G 1238 14.20 -137.25 1.95
C TRP G 1238 14.54 -138.33 0.93
N GLU G 1239 15.16 -137.95 -0.19
CA GLU G 1239 15.82 -138.91 -1.08
C GLU G 1239 17.31 -138.99 -0.79
N LYS G 1240 18.00 -137.85 -0.85
CA LYS G 1240 19.45 -137.79 -0.80
C LYS G 1240 19.99 -137.31 0.54
N GLY G 1241 19.11 -136.82 1.42
CA GLY G 1241 19.48 -136.59 2.82
C GLY G 1241 20.53 -135.52 3.04
N LYS G 1242 20.47 -134.42 2.30
CA LYS G 1242 21.38 -133.31 2.48
C LYS G 1242 20.56 -132.02 2.43
N THR G 1243 21.03 -131.01 3.17
CA THR G 1243 20.32 -129.74 3.29
C THR G 1243 20.26 -129.05 1.93
N LEU G 1244 19.06 -128.93 1.37
CA LEU G 1244 18.89 -128.27 0.08
C LEU G 1244 19.25 -126.79 0.18
N SER G 1245 18.82 -126.13 1.25
CA SER G 1245 19.13 -124.72 1.46
C SER G 1245 19.05 -124.41 2.94
N LYS G 1246 19.76 -123.35 3.33
CA LYS G 1246 19.73 -122.83 4.70
C LYS G 1246 19.76 -121.32 4.59
N PHE G 1247 18.77 -120.65 5.18
CA PHE G 1247 18.74 -119.19 5.11
C PHE G 1247 18.11 -118.61 6.36
N SER G 1248 18.73 -117.52 6.85
CA SER G 1248 18.13 -116.74 7.92
C SER G 1248 17.02 -115.85 7.36
N ASN G 1249 16.06 -115.51 8.22
CA ASN G 1249 15.01 -114.59 7.82
C ASN G 1249 15.43 -113.13 7.95
N GLY G 1250 16.52 -112.85 8.65
CA GLY G 1250 16.95 -111.48 8.88
C GLY G 1250 16.10 -110.70 9.85
N THR G 1251 15.10 -111.33 10.45
CA THR G 1251 14.17 -110.64 11.32
C THR G 1251 14.89 -110.25 12.62
N PRO G 1252 14.63 -109.05 13.15
CA PRO G 1252 15.29 -108.63 14.40
C PRO G 1252 14.98 -109.55 15.56
N PHE G 1253 15.93 -109.61 16.50
CA PHE G 1253 15.85 -110.54 17.62
C PHE G 1253 14.67 -110.20 18.53
N GLY G 1254 14.15 -111.23 19.20
CA GLY G 1254 12.95 -111.12 19.98
C GLY G 1254 11.70 -111.64 19.31
N THR G 1255 11.83 -112.18 18.10
CA THR G 1255 10.72 -112.70 17.33
C THR G 1255 11.10 -114.05 16.76
N LYS G 1256 10.10 -114.91 16.58
CA LYS G 1256 10.31 -116.26 16.06
C LYS G 1256 9.28 -116.56 14.97
N VAL G 1257 9.69 -117.38 14.02
CA VAL G 1257 8.78 -117.82 12.97
C VAL G 1257 7.69 -118.69 13.57
N THR G 1258 6.45 -118.45 13.16
CA THR G 1258 5.29 -119.09 13.77
C THR G 1258 4.53 -120.02 12.85
N ASP G 1259 4.48 -119.73 11.54
CA ASP G 1259 3.77 -120.60 10.62
C ASP G 1259 4.56 -120.75 9.34
N LEU G 1260 4.51 -121.94 8.76
CA LEU G 1260 5.13 -122.24 7.48
C LEU G 1260 4.09 -122.88 6.57
N LYS G 1261 3.98 -122.37 5.36
CA LYS G 1261 3.04 -122.91 4.38
C LYS G 1261 3.67 -122.89 3.00
N LEU G 1262 3.02 -123.57 2.06
CA LEU G 1262 3.47 -123.63 0.67
C LEU G 1262 2.35 -123.15 -0.24
N ILE G 1263 2.69 -122.23 -1.14
CA ILE G 1263 1.74 -121.60 -2.05
C ILE G 1263 2.11 -122.02 -3.46
N ASN G 1264 1.10 -122.14 -4.32
CA ASN G 1264 1.26 -122.47 -5.74
C ASN G 1264 1.93 -123.83 -5.90
N GLU G 1265 1.30 -124.85 -5.34
CA GLU G 1265 1.91 -126.17 -5.28
C GLU G 1265 1.81 -126.94 -6.60
N ASP G 1266 0.99 -126.49 -7.54
CA ASP G 1266 0.85 -127.22 -8.81
C ASP G 1266 2.06 -127.01 -9.70
N ASP G 1267 2.63 -125.80 -9.71
CA ASP G 1267 3.69 -125.47 -10.65
C ASP G 1267 5.03 -125.15 -9.99
N SER G 1268 5.05 -124.26 -9.00
CA SER G 1268 6.31 -123.86 -8.36
C SER G 1268 6.02 -123.42 -6.94
N ALA G 1269 6.56 -124.14 -5.97
CA ALA G 1269 6.26 -123.89 -4.58
C ALA G 1269 6.88 -122.57 -4.12
N LEU G 1270 6.12 -121.83 -3.31
CA LEU G 1270 6.57 -120.60 -2.68
C LEU G 1270 6.37 -120.72 -1.18
N LEU G 1271 7.33 -120.23 -0.41
CA LEU G 1271 7.32 -120.42 1.04
C LEU G 1271 6.63 -119.25 1.74
N LEU G 1272 5.68 -119.58 2.60
CA LEU G 1272 4.94 -118.61 3.41
C LEU G 1272 5.46 -118.70 4.84
N THR G 1273 6.11 -117.64 5.29
CA THR G 1273 6.78 -117.58 6.59
C THR G 1273 6.08 -116.55 7.47
N GLY G 1274 5.08 -117.00 8.22
CA GLY G 1274 4.41 -116.13 9.17
C GLY G 1274 5.19 -116.00 10.46
N SER G 1275 5.62 -114.79 10.79
CA SER G 1275 6.48 -114.52 11.94
C SER G 1275 5.71 -113.77 13.01
N SER G 1276 6.20 -113.89 14.25
CA SER G 1276 5.47 -113.45 15.42
C SER G 1276 5.25 -111.94 15.47
N ASP G 1277 5.94 -111.17 14.65
CA ASP G 1277 5.75 -109.73 14.59
C ASP G 1277 4.84 -109.31 13.43
N GLY G 1278 4.03 -110.22 12.90
CA GLY G 1278 3.10 -109.86 11.86
C GLY G 1278 3.70 -109.73 10.48
N VAL G 1279 4.97 -110.06 10.30
CA VAL G 1279 5.64 -109.92 9.01
C VAL G 1279 5.40 -111.18 8.20
N ILE G 1280 4.77 -111.02 7.04
CA ILE G 1280 4.52 -112.12 6.11
C ILE G 1280 5.44 -111.93 4.91
N LYS G 1281 6.30 -112.90 4.66
CA LYS G 1281 7.24 -112.88 3.55
C LYS G 1281 6.99 -114.07 2.64
N ILE G 1282 7.03 -113.84 1.33
CA ILE G 1282 6.86 -114.88 0.33
C ILE G 1282 8.20 -115.08 -0.37
N TYR G 1283 8.64 -116.33 -0.44
CA TYR G 1283 9.93 -116.67 -1.03
C TYR G 1283 9.73 -117.43 -2.32
N ARG G 1284 10.50 -117.05 -3.34
CA ARG G 1284 10.51 -117.74 -4.63
C ARG G 1284 11.88 -118.34 -4.87
N ASP G 1285 11.89 -119.56 -5.40
CA ASP G 1285 13.11 -120.30 -5.71
C ASP G 1285 13.99 -120.48 -4.47
N TYR G 1286 13.37 -120.97 -3.39
CA TYR G 1286 14.08 -121.24 -2.15
C TYR G 1286 14.88 -122.54 -2.18
N GLN G 1287 14.83 -123.27 -3.30
CA GLN G 1287 15.55 -124.52 -3.43
C GLN G 1287 17.06 -124.32 -3.43
N ASP G 1288 17.53 -123.12 -3.76
CA ASP G 1288 18.96 -122.82 -3.79
C ASP G 1288 19.25 -121.50 -3.10
N VAL G 1289 20.48 -121.37 -2.61
CA VAL G 1289 20.90 -120.13 -1.97
C VAL G 1289 21.28 -119.10 -3.03
N ASP G 1290 21.73 -119.56 -4.20
CA ASP G 1290 22.28 -118.66 -5.20
C ASP G 1290 21.21 -117.75 -5.80
N THR G 1291 20.07 -118.31 -6.19
CA THR G 1291 19.06 -117.58 -6.94
C THR G 1291 17.72 -117.58 -6.20
N PHE G 1292 17.73 -117.31 -4.90
CA PHE G 1292 16.50 -117.14 -4.15
C PHE G 1292 16.09 -115.67 -4.17
N LYS G 1293 14.78 -115.43 -4.33
CA LYS G 1293 14.25 -114.08 -4.44
C LYS G 1293 12.97 -113.96 -3.63
N ILE G 1294 12.93 -112.97 -2.76
CA ILE G 1294 11.71 -112.63 -2.02
C ILE G 1294 10.78 -111.85 -2.94
N VAL G 1295 9.49 -112.20 -2.91
CA VAL G 1295 8.53 -111.61 -3.83
C VAL G 1295 7.72 -110.52 -3.15
N SER G 1296 7.00 -110.87 -2.08
CA SER G 1296 6.12 -109.94 -1.40
C SER G 1296 6.33 -110.05 0.10
N ALA G 1297 6.58 -108.91 0.76
CA ALA G 1297 6.82 -108.88 2.19
C ALA G 1297 6.02 -107.74 2.80
N TRP G 1298 4.94 -108.09 3.50
CA TRP G 1298 4.05 -107.08 4.06
C TRP G 1298 3.79 -107.37 5.54
N ARG G 1299 2.94 -106.54 6.14
CA ARG G 1299 2.59 -106.64 7.55
C ARG G 1299 1.22 -107.30 7.68
N GLY G 1300 1.20 -108.55 8.13
CA GLY G 1300 -0.06 -109.25 8.30
C GLY G 1300 -0.91 -108.66 9.41
N LEU G 1301 -0.29 -108.37 10.55
CA LEU G 1301 -0.99 -107.81 11.69
C LEU G 1301 -0.15 -106.70 12.30
N THR G 1302 -0.83 -105.63 12.75
CA THR G 1302 -0.15 -104.47 13.30
C THR G 1302 -0.36 -104.29 14.80
N ASP G 1303 -1.47 -104.75 15.36
CA ASP G 1303 -1.74 -104.65 16.78
C ASP G 1303 -1.19 -105.84 17.57
N MET G 1304 -0.19 -106.52 17.04
CA MET G 1304 0.37 -107.69 17.71
C MET G 1304 1.13 -107.28 18.96
N LEU G 1305 0.83 -107.94 20.08
CA LEU G 1305 1.52 -107.73 21.34
C LEU G 1305 2.28 -109.01 21.68
N LEU G 1306 3.59 -108.89 21.83
CA LEU G 1306 4.45 -110.05 22.05
C LEU G 1306 4.45 -110.42 23.53
N THR G 1307 3.37 -111.09 23.94
CA THR G 1307 3.29 -111.63 25.28
C THR G 1307 4.18 -112.86 25.41
N PRO G 1308 4.64 -113.18 26.63
CA PRO G 1308 5.41 -114.42 26.82
C PRO G 1308 4.64 -115.68 26.47
N ARG G 1309 3.32 -115.68 26.65
CA ARG G 1309 2.47 -116.82 26.33
C ARG G 1309 1.74 -116.64 25.00
N SER G 1310 2.38 -115.99 24.03
CA SER G 1310 1.73 -115.70 22.76
C SER G 1310 1.82 -116.90 21.82
N THR G 1311 0.70 -117.21 21.16
CA THR G 1311 0.69 -118.26 20.16
C THR G 1311 1.31 -117.82 18.83
N GLY G 1312 1.47 -116.52 18.63
CA GLY G 1312 2.07 -116.01 17.41
C GLY G 1312 1.07 -115.86 16.28
N LEU G 1313 1.61 -115.82 15.06
CA LEU G 1313 0.80 -115.65 13.86
C LEU G 1313 0.46 -117.01 13.29
N LEU G 1314 -0.85 -117.30 13.19
CA LEU G 1314 -1.33 -118.54 12.62
C LEU G 1314 -2.10 -118.24 11.34
N THR G 1315 -1.75 -118.94 10.27
CA THR G 1315 -2.30 -118.71 8.94
C THR G 1315 -2.93 -119.98 8.40
N GLU G 1316 -4.11 -119.83 7.81
CA GLU G 1316 -4.79 -120.91 7.09
C GLU G 1316 -4.97 -120.47 5.65
N TRP G 1317 -4.46 -121.26 4.72
CA TRP G 1317 -4.40 -120.87 3.31
C TRP G 1317 -5.35 -121.73 2.48
N LEU G 1318 -6.07 -121.08 1.56
CA LEU G 1318 -7.00 -121.78 0.67
C LEU G 1318 -6.71 -121.35 -0.76
N GLN G 1319 -6.18 -122.30 -1.55
CA GLN G 1319 -5.90 -122.05 -2.97
C GLN G 1319 -7.18 -121.90 -3.78
N ILE G 1320 -8.23 -122.63 -3.38
CA ILE G 1320 -9.41 -122.77 -4.23
C ILE G 1320 -10.12 -121.43 -4.41
N ARG G 1321 -10.31 -120.70 -3.33
CA ARG G 1321 -10.92 -119.38 -3.40
C ARG G 1321 -9.92 -118.25 -3.14
N GLY G 1322 -8.63 -118.56 -3.12
CA GLY G 1322 -7.60 -117.54 -3.00
C GLY G 1322 -7.62 -116.74 -1.71
N SER G 1323 -7.82 -117.42 -0.58
CA SER G 1323 -8.05 -116.74 0.69
C SER G 1323 -6.97 -117.08 1.71
N LEU G 1324 -6.64 -116.09 2.53
CA LEU G 1324 -5.66 -116.23 3.59
C LEU G 1324 -6.29 -115.81 4.90
N LEU G 1325 -6.30 -116.71 5.88
CA LEU G 1325 -6.88 -116.48 7.19
C LEU G 1325 -5.74 -116.22 8.17
N THR G 1326 -5.68 -115.02 8.73
CA THR G 1326 -4.63 -114.66 9.67
C THR G 1326 -5.24 -114.45 11.05
N THR G 1327 -4.57 -115.01 12.06
CA THR G 1327 -5.04 -114.88 13.44
C THR G 1327 -3.84 -114.86 14.38
N GLY G 1328 -4.08 -114.37 15.59
CA GLY G 1328 -3.02 -114.23 16.58
C GLY G 1328 -3.47 -113.60 17.88
N ASP G 1329 -2.71 -112.61 18.36
CA ASP G 1329 -3.01 -111.94 19.62
C ASP G 1329 -4.00 -110.79 19.46
N VAL G 1330 -4.77 -110.79 18.37
CA VAL G 1330 -5.84 -109.84 18.17
C VAL G 1330 -7.17 -110.59 18.20
N LYS G 1331 -8.21 -109.90 18.66
CA LYS G 1331 -9.52 -110.52 18.86
C LYS G 1331 -10.30 -110.70 17.57
N VAL G 1332 -9.66 -110.51 16.41
CA VAL G 1332 -10.33 -110.61 15.12
C VAL G 1332 -9.49 -111.48 14.19
N ILE G 1333 -10.13 -112.45 13.55
CA ILE G 1333 -9.52 -113.15 12.43
C ILE G 1333 -9.66 -112.30 11.18
N ARG G 1334 -8.56 -112.07 10.48
CA ARG G 1334 -8.53 -111.22 9.31
C ARG G 1334 -8.45 -112.08 8.06
N VAL G 1335 -9.37 -111.86 7.13
CA VAL G 1335 -9.46 -112.66 5.91
C VAL G 1335 -9.01 -111.76 4.76
N TRP G 1336 -7.90 -112.13 4.13
CA TRP G 1336 -7.38 -111.46 2.95
C TRP G 1336 -7.73 -112.27 1.70
N ASP G 1337 -7.95 -111.57 0.60
CA ASP G 1337 -8.02 -112.18 -0.72
C ASP G 1337 -6.71 -111.91 -1.43
N ALA G 1338 -6.01 -112.97 -1.84
CA ALA G 1338 -4.68 -112.79 -2.39
C ALA G 1338 -4.68 -112.19 -3.79
N HIS G 1339 -5.80 -112.26 -4.51
CA HIS G 1339 -5.83 -111.72 -5.87
C HIS G 1339 -5.79 -110.19 -5.85
N THR G 1340 -6.61 -109.58 -4.99
CA THR G 1340 -6.63 -108.12 -4.89
C THR G 1340 -5.59 -107.57 -3.94
N GLU G 1341 -5.09 -108.38 -3.01
CA GLU G 1341 -4.10 -107.99 -2.01
C GLU G 1341 -4.58 -106.78 -1.20
N THR G 1342 -5.75 -106.94 -0.60
CA THR G 1342 -6.33 -105.97 0.33
C THR G 1342 -6.90 -106.73 1.52
N VAL G 1343 -7.24 -105.97 2.56
CA VAL G 1343 -7.91 -106.53 3.73
C VAL G 1343 -9.38 -106.75 3.35
N GLU G 1344 -9.76 -107.99 3.12
CA GLU G 1344 -11.08 -108.26 2.57
C GLU G 1344 -12.16 -108.14 3.67
N VAL G 1345 -12.11 -109.00 4.69
CA VAL G 1345 -13.06 -108.89 5.79
C VAL G 1345 -12.37 -109.13 7.14
N ASP G 1346 -13.08 -108.74 8.20
CA ASP G 1346 -12.61 -108.88 9.57
C ASP G 1346 -13.73 -109.50 10.39
N ILE G 1347 -13.49 -110.69 10.93
CA ILE G 1347 -14.50 -111.43 11.68
C ILE G 1347 -14.03 -111.55 13.12
N PRO G 1348 -14.79 -111.06 14.11
CA PRO G 1348 -14.33 -111.14 15.49
C PRO G 1348 -14.42 -112.55 16.05
N ALA G 1349 -13.74 -112.76 17.17
CA ALA G 1349 -13.75 -114.06 17.83
C ALA G 1349 -14.81 -114.19 18.91
N LYS G 1350 -15.36 -113.06 19.38
CA LYS G 1350 -16.44 -113.02 20.37
C LYS G 1350 -16.02 -113.70 21.68
N THR G 1351 -14.74 -113.60 22.01
CA THR G 1351 -14.22 -114.11 23.28
C THR G 1351 -12.89 -113.41 23.55
N SER G 1352 -12.37 -113.58 24.76
CA SER G 1352 -11.11 -112.97 25.16
C SER G 1352 -10.01 -114.00 25.36
N SER G 1353 -10.26 -115.27 25.04
CA SER G 1353 -9.25 -116.30 25.20
C SER G 1353 -8.27 -116.27 24.04
N LEU G 1354 -7.12 -116.93 24.24
CA LEU G 1354 -6.13 -117.05 23.19
C LEU G 1354 -6.62 -118.03 22.12
N ILE G 1355 -6.08 -117.87 20.91
CA ILE G 1355 -6.45 -118.69 19.76
C ILE G 1355 -5.33 -119.67 19.46
N THR G 1356 -5.67 -120.95 19.36
CA THR G 1356 -4.68 -122.01 19.23
C THR G 1356 -4.70 -122.71 17.88
N SER G 1357 -5.88 -123.01 17.34
CA SER G 1357 -5.98 -123.77 16.10
C SER G 1357 -7.00 -123.12 15.18
N LEU G 1358 -6.80 -123.30 13.89
CA LEU G 1358 -7.70 -122.74 12.88
C LEU G 1358 -7.64 -123.62 11.65
N THR G 1359 -8.80 -124.10 11.20
CA THR G 1359 -8.86 -124.97 10.03
C THR G 1359 -10.14 -124.63 9.28
N ALA G 1360 -10.22 -125.02 8.01
CA ALA G 1360 -11.41 -124.75 7.21
C ALA G 1360 -11.58 -125.85 6.18
N ASP G 1361 -12.73 -125.86 5.53
CA ASP G 1361 -12.98 -126.81 4.46
C ASP G 1361 -12.16 -126.40 3.23
N GLN G 1362 -11.31 -127.32 2.76
CA GLN G 1362 -10.41 -127.00 1.67
C GLN G 1362 -11.13 -126.90 0.32
N LEU G 1363 -12.32 -127.46 0.20
CA LEU G 1363 -13.04 -127.46 -1.07
C LEU G 1363 -14.02 -126.29 -1.17
N ALA G 1364 -15.00 -126.22 -0.26
CA ALA G 1364 -16.00 -125.17 -0.32
C ALA G 1364 -15.44 -123.83 0.13
N GLY G 1365 -14.67 -123.82 1.22
CA GLY G 1365 -14.11 -122.58 1.74
C GLY G 1365 -15.13 -121.60 2.27
N ASN G 1366 -16.20 -122.09 2.90
CA ASN G 1366 -17.23 -121.22 3.45
C ASN G 1366 -17.36 -121.32 4.96
N ILE G 1367 -16.78 -122.35 5.58
CA ILE G 1367 -16.90 -122.59 7.01
C ILE G 1367 -15.51 -122.80 7.58
N PHE G 1368 -15.18 -122.09 8.65
CA PHE G 1368 -13.90 -122.34 9.31
C PHE G 1368 -14.10 -122.50 10.82
N VAL G 1369 -13.37 -123.47 11.38
CA VAL G 1369 -13.46 -123.85 12.78
C VAL G 1369 -12.20 -123.38 13.48
N ALA G 1370 -12.38 -122.67 14.58
CA ALA G 1370 -11.27 -122.13 15.38
C ALA G 1370 -11.32 -122.69 16.78
N GLY G 1371 -10.20 -123.27 17.23
CA GLY G 1371 -10.08 -123.78 18.58
C GLY G 1371 -9.27 -122.83 19.44
N PHE G 1372 -9.82 -122.49 20.60
CA PHE G 1372 -9.31 -121.43 21.45
C PHE G 1372 -8.61 -122.05 22.66
N ALA G 1373 -8.04 -121.17 23.49
CA ALA G 1373 -7.31 -121.64 24.67
C ALA G 1373 -8.26 -122.09 25.78
N ASP G 1374 -9.48 -121.55 25.82
CA ASP G 1374 -10.45 -121.89 26.84
C ASP G 1374 -11.26 -123.15 26.51
N GLY G 1375 -10.74 -123.99 25.61
CA GLY G 1375 -11.46 -125.19 25.21
C GLY G 1375 -12.74 -124.94 24.46
N SER G 1376 -12.78 -123.90 23.62
CA SER G 1376 -13.94 -123.60 22.82
C SER G 1376 -13.59 -123.82 21.35
N LEU G 1377 -14.41 -124.61 20.66
CA LEU G 1377 -14.22 -124.96 19.26
C LEU G 1377 -15.35 -124.31 18.48
N ARG G 1378 -15.14 -123.06 18.08
CA ARG G 1378 -16.15 -122.26 17.41
C ARG G 1378 -16.19 -122.56 15.92
N VAL G 1379 -17.38 -122.41 15.33
CA VAL G 1379 -17.60 -122.61 13.91
C VAL G 1379 -18.13 -121.32 13.32
N TYR G 1380 -17.46 -120.81 12.29
CA TYR G 1380 -17.77 -119.52 11.70
C TYR G 1380 -18.11 -119.67 10.23
N ASP G 1381 -19.14 -118.95 9.79
CA ASP G 1381 -19.55 -118.90 8.40
C ASP G 1381 -18.96 -117.66 7.74
N ARG G 1382 -18.68 -117.78 6.44
CA ARG G 1382 -18.15 -116.66 5.68
C ARG G 1382 -19.17 -116.07 4.71
N ARG G 1383 -20.20 -116.83 4.35
CA ARG G 1383 -21.27 -116.29 3.51
C ARG G 1383 -22.22 -115.38 4.28
N LEU G 1384 -22.17 -115.39 5.60
CA LEU G 1384 -22.95 -114.50 6.43
C LEU G 1384 -22.09 -113.31 6.87
N ASP G 1385 -22.75 -112.35 7.50
CA ASP G 1385 -22.06 -111.14 7.94
C ASP G 1385 -21.07 -111.45 9.06
N PRO G 1386 -20.00 -110.66 9.19
CA PRO G 1386 -19.04 -110.88 10.27
C PRO G 1386 -19.61 -110.73 11.66
N ARG G 1387 -20.59 -109.82 11.85
CA ARG G 1387 -21.09 -109.55 13.20
C ARG G 1387 -21.92 -110.70 13.75
N ASP G 1388 -22.42 -111.60 12.91
CA ASP G 1388 -23.17 -112.77 13.33
C ASP G 1388 -22.64 -114.02 12.67
N SER G 1389 -21.32 -114.18 12.68
CA SER G 1389 -20.68 -115.35 12.09
C SER G 1389 -20.81 -116.60 12.94
N MET G 1390 -21.26 -116.47 14.19
CA MET G 1390 -21.42 -117.63 15.06
C MET G 1390 -22.54 -118.53 14.55
N ILE G 1391 -22.27 -119.83 14.54
CA ILE G 1391 -23.25 -120.84 14.15
C ILE G 1391 -23.64 -121.72 15.34
N ARG G 1392 -22.67 -122.45 15.91
CA ARG G 1392 -22.92 -123.33 17.04
C ARG G 1392 -21.78 -123.19 18.03
N ARG G 1393 -22.06 -122.58 19.18
CA ARG G 1393 -21.06 -122.42 20.23
C ARG G 1393 -20.76 -123.77 20.85
N TRP G 1394 -19.51 -124.20 20.77
CA TRP G 1394 -19.09 -125.50 21.25
C TRP G 1394 -17.95 -125.36 22.24
N ARG G 1395 -17.91 -126.29 23.20
CA ARG G 1395 -16.86 -126.35 24.19
C ARG G 1395 -16.25 -127.74 24.20
N ALA G 1396 -14.93 -127.81 24.34
CA ALA G 1396 -14.21 -129.08 24.30
C ALA G 1396 -14.13 -129.67 25.70
N GLY G 1397 -14.60 -130.91 25.83
CA GLY G 1397 -14.56 -131.61 27.09
C GLY G 1397 -15.76 -131.33 27.98
N ASN G 1398 -16.06 -132.29 28.84
CA ASN G 1398 -17.16 -132.16 29.79
C ASN G 1398 -16.75 -131.50 31.10
N ASP G 1399 -15.45 -131.40 31.37
CA ASP G 1399 -14.99 -130.75 32.59
C ASP G 1399 -15.18 -129.24 32.50
N LYS G 1400 -15.51 -128.61 33.63
CA LYS G 1400 -15.74 -127.18 33.66
C LYS G 1400 -14.45 -126.36 33.57
N GLN G 1401 -13.30 -126.97 33.86
CA GLN G 1401 -12.03 -126.27 33.79
C GLN G 1401 -11.63 -126.03 32.35
N GLY G 1402 -11.03 -124.86 32.10
CA GLY G 1402 -10.54 -124.53 30.78
C GLY G 1402 -9.38 -125.41 30.34
N VAL G 1403 -9.51 -126.06 29.20
CA VAL G 1403 -8.51 -126.99 28.69
C VAL G 1403 -7.88 -126.40 27.44
N TRP G 1404 -6.55 -126.35 27.41
CA TRP G 1404 -5.85 -125.92 26.21
C TRP G 1404 -6.06 -126.92 25.08
N ILE G 1405 -6.17 -126.42 23.86
CA ILE G 1405 -6.34 -127.24 22.67
C ILE G 1405 -5.04 -127.18 21.89
N ASN G 1406 -4.47 -128.36 21.58
CA ASN G 1406 -3.17 -128.40 20.93
C ASN G 1406 -3.30 -128.09 19.43
N ASN G 1407 -4.01 -128.94 18.69
CA ASN G 1407 -4.17 -128.77 17.25
C ASN G 1407 -5.50 -129.34 16.81
N VAL G 1408 -6.15 -128.66 15.87
CA VAL G 1408 -7.38 -129.13 15.24
C VAL G 1408 -7.19 -129.08 13.73
N HIS G 1409 -7.46 -130.20 13.06
CA HIS G 1409 -7.29 -130.30 11.62
C HIS G 1409 -8.55 -130.89 11.00
N LEU G 1410 -8.67 -130.72 9.69
CA LEU G 1410 -9.76 -131.30 8.93
C LEU G 1410 -9.17 -132.05 7.74
N GLN G 1411 -9.71 -133.23 7.47
CA GLN G 1411 -9.17 -134.08 6.41
C GLN G 1411 -9.53 -133.51 5.05
N ARG G 1412 -8.55 -133.44 4.16
CA ARG G 1412 -8.83 -133.05 2.77
C ARG G 1412 -9.50 -134.19 2.03
N GLY G 1413 -9.04 -135.42 2.24
CA GLY G 1413 -9.63 -136.60 1.64
C GLY G 1413 -10.40 -137.44 2.65
N GLY G 1414 -10.73 -138.65 2.21
CA GLY G 1414 -11.52 -139.54 3.06
C GLY G 1414 -12.93 -139.02 3.27
N TYR G 1415 -13.46 -139.30 4.46
CA TYR G 1415 -14.79 -138.83 4.84
C TYR G 1415 -14.77 -137.43 5.44
N ARG G 1416 -13.58 -136.86 5.66
CA ARG G 1416 -13.40 -135.50 6.18
C ARG G 1416 -14.09 -135.33 7.54
N GLU G 1417 -13.64 -136.11 8.51
CA GLU G 1417 -14.15 -136.03 9.87
C GLU G 1417 -13.33 -135.01 10.65
N LEU G 1418 -14.02 -134.05 11.27
CA LEU G 1418 -13.34 -133.02 12.04
C LEU G 1418 -12.81 -133.60 13.35
N VAL G 1419 -11.51 -133.45 13.58
CA VAL G 1419 -10.83 -134.05 14.71
C VAL G 1419 -10.21 -132.95 15.56
N SER G 1420 -10.44 -133.02 16.86
CA SER G 1420 -9.86 -132.09 17.84
C SER G 1420 -9.07 -132.88 18.86
N GLY G 1421 -8.09 -132.21 19.47
CA GLY G 1421 -7.30 -132.85 20.51
C GLY G 1421 -7.06 -131.93 21.70
N ALA G 1422 -7.26 -132.43 22.91
CA ALA G 1422 -7.09 -131.62 24.10
C ALA G 1422 -5.87 -132.07 24.89
N THR G 1423 -5.34 -131.16 25.71
CA THR G 1423 -4.10 -131.41 26.44
C THR G 1423 -4.26 -132.42 27.57
N ASN G 1424 -5.48 -132.79 27.96
CA ASN G 1424 -5.67 -133.84 28.95
C ASN G 1424 -5.55 -135.23 28.37
N GLY G 1425 -5.45 -135.34 27.04
CA GLY G 1425 -5.23 -136.61 26.39
C GLY G 1425 -6.39 -137.15 25.57
N VAL G 1426 -7.44 -136.38 25.37
CA VAL G 1426 -8.61 -136.86 24.63
C VAL G 1426 -8.51 -136.39 23.18
N VAL G 1427 -8.91 -137.28 22.26
CA VAL G 1427 -9.04 -136.99 20.85
C VAL G 1427 -10.50 -137.20 20.48
N GLU G 1428 -11.10 -136.20 19.83
CA GLU G 1428 -12.52 -136.18 19.57
C GLU G 1428 -12.78 -136.04 18.08
N LEU G 1429 -13.82 -136.72 17.61
CA LEU G 1429 -14.33 -136.57 16.24
C LEU G 1429 -15.74 -136.00 16.33
N TRP G 1430 -15.95 -134.86 15.69
CA TRP G 1430 -17.23 -134.16 15.76
C TRP G 1430 -17.93 -134.17 14.41
N ASP G 1431 -19.09 -133.52 14.38
CA ASP G 1431 -19.83 -133.24 13.16
C ASP G 1431 -20.26 -131.78 13.19
N ILE G 1432 -20.13 -131.10 12.06
CA ILE G 1432 -20.57 -129.72 11.97
C ILE G 1432 -22.09 -129.63 12.03
N ARG G 1433 -22.78 -130.59 11.40
CA ARG G 1433 -24.23 -130.57 11.36
C ARG G 1433 -24.85 -130.79 12.73
N SER G 1434 -24.29 -131.71 13.52
CA SER G 1434 -24.80 -132.04 14.83
C SER G 1434 -24.08 -131.24 15.91
N GLU G 1435 -24.59 -131.33 17.13
CA GLU G 1435 -24.03 -130.62 18.28
C GLU G 1435 -23.31 -131.54 19.26
N ASP G 1436 -23.89 -132.71 19.56
CA ASP G 1436 -23.28 -133.62 20.51
C ASP G 1436 -22.02 -134.25 19.95
N PRO G 1437 -21.08 -134.63 20.80
CA PRO G 1437 -19.86 -135.29 20.30
C PRO G 1437 -20.16 -136.62 19.63
N VAL G 1438 -19.68 -136.77 18.40
CA VAL G 1438 -19.87 -138.02 17.66
C VAL G 1438 -19.02 -139.12 18.26
N GLU G 1439 -17.75 -138.85 18.54
CA GLU G 1439 -16.90 -139.83 19.18
C GLU G 1439 -15.80 -139.11 19.94
N SER G 1440 -15.28 -139.78 20.98
CA SER G 1440 -14.19 -139.24 21.77
C SER G 1440 -13.51 -140.37 22.51
N PHE G 1441 -12.17 -140.40 22.46
CA PHE G 1441 -11.43 -141.44 23.15
C PHE G 1441 -10.11 -140.88 23.64
N VAL G 1442 -9.62 -141.43 24.75
CA VAL G 1442 -8.37 -140.96 25.34
C VAL G 1442 -7.18 -141.57 24.61
N THR G 1458 -0.13 -135.58 29.18
CA THR G 1458 -0.30 -134.35 28.41
C THR G 1458 0.52 -134.38 27.12
N MET G 1459 -0.17 -134.58 26.00
CA MET G 1459 0.50 -134.61 24.71
C MET G 1459 1.00 -133.22 24.32
N THR G 1460 2.09 -133.20 23.57
CA THR G 1460 2.69 -131.93 23.13
C THR G 1460 2.16 -131.47 21.78
N CYS G 1461 1.82 -132.40 20.90
CA CYS G 1461 1.35 -132.04 19.56
C CYS G 1461 0.51 -133.18 19.01
N MET G 1462 -0.28 -132.86 17.99
CA MET G 1462 -1.15 -133.81 17.35
C MET G 1462 -1.45 -133.34 15.94
N GLN G 1463 -1.73 -134.29 15.05
CA GLN G 1463 -2.11 -133.97 13.68
C GLN G 1463 -2.87 -135.14 13.10
N VAL G 1464 -3.67 -134.86 12.07
CA VAL G 1464 -4.46 -135.86 11.36
C VAL G 1464 -4.10 -135.76 9.89
N HIS G 1465 -3.91 -136.92 9.25
CA HIS G 1465 -3.64 -136.94 7.82
C HIS G 1465 -4.83 -136.38 7.05
N GLU G 1466 -4.52 -135.52 6.07
CA GLU G 1466 -5.57 -134.89 5.26
C GLU G 1466 -6.32 -135.92 4.44
N HIS G 1467 -5.69 -137.04 4.11
CA HIS G 1467 -6.30 -138.07 3.28
C HIS G 1467 -6.63 -139.35 4.04
N ALA G 1468 -5.66 -139.90 4.77
CA ALA G 1468 -5.81 -141.17 5.48
C ALA G 1468 -6.72 -141.01 6.69
N PRO G 1469 -7.54 -142.03 7.00
CA PRO G 1469 -8.40 -141.99 8.18
C PRO G 1469 -7.72 -142.54 9.43
N ILE G 1470 -6.60 -141.91 9.82
CA ILE G 1470 -5.86 -142.29 11.01
C ILE G 1470 -5.63 -141.05 11.86
N ILE G 1471 -5.26 -141.29 13.12
CA ILE G 1471 -4.96 -140.22 14.06
C ILE G 1471 -3.58 -140.49 14.65
N ALA G 1472 -2.66 -139.54 14.50
CA ALA G 1472 -1.32 -139.66 15.06
C ALA G 1472 -1.24 -138.82 16.33
N THR G 1473 -1.04 -139.49 17.47
CA THR G 1473 -0.91 -138.82 18.75
C THR G 1473 0.55 -138.76 19.15
N GLY G 1474 1.04 -137.55 19.38
CA GLY G 1474 2.42 -137.32 19.75
C GLY G 1474 2.62 -137.16 21.23
N THR G 1475 3.27 -138.14 21.84
CA THR G 1475 3.54 -138.16 23.27
C THR G 1475 4.99 -138.57 23.48
N LYS G 1476 5.35 -138.95 24.71
CA LYS G 1476 6.67 -139.55 24.94
C LYS G 1476 6.90 -140.77 24.06
N GLN G 1477 5.83 -141.52 23.77
CA GLN G 1477 5.85 -142.56 22.75
C GLN G 1477 4.80 -142.23 21.71
N ILE G 1478 5.21 -142.19 20.44
CA ILE G 1478 4.30 -141.85 19.36
C ILE G 1478 3.32 -142.99 19.14
N LYS G 1479 2.03 -142.66 19.01
CA LYS G 1479 1.01 -143.67 18.79
C LYS G 1479 0.19 -143.33 17.57
N ILE G 1480 -0.33 -144.36 16.90
CA ILE G 1480 -1.15 -144.21 15.71
C ILE G 1480 -2.41 -145.03 15.91
N TRP G 1481 -3.56 -144.37 15.75
CA TRP G 1481 -4.89 -144.93 15.98
C TRP G 1481 -5.73 -144.76 14.72
N THR G 1482 -6.94 -145.31 14.76
CA THR G 1482 -7.91 -145.11 13.70
C THR G 1482 -8.86 -143.97 14.07
N THR G 1483 -9.79 -143.68 13.17
CA THR G 1483 -10.79 -142.64 13.45
C THR G 1483 -11.77 -143.09 14.51
N SER G 1484 -12.04 -144.39 14.61
CA SER G 1484 -12.95 -144.93 15.61
C SER G 1484 -12.27 -145.17 16.95
N GLY G 1485 -10.96 -144.95 17.05
CA GLY G 1485 -10.24 -145.14 18.28
C GLY G 1485 -9.46 -146.44 18.39
N ASP G 1486 -9.45 -147.26 17.35
CA ASP G 1486 -8.71 -148.51 17.39
C ASP G 1486 -7.21 -148.24 17.19
N LEU G 1487 -6.39 -148.78 18.09
CA LEU G 1487 -4.96 -148.55 18.02
C LEU G 1487 -4.35 -149.29 16.82
N LEU G 1488 -3.43 -148.62 16.13
CA LEU G 1488 -2.69 -149.22 15.03
C LEU G 1488 -1.24 -149.53 15.39
N ASN G 1489 -0.54 -148.59 16.03
CA ASN G 1489 0.85 -148.82 16.37
C ASN G 1489 1.26 -147.90 17.51
N SER G 1490 2.39 -148.22 18.13
CA SER G 1490 2.97 -147.38 19.17
C SER G 1490 4.46 -147.69 19.26
N PHE G 1491 5.28 -146.65 19.24
CA PHE G 1491 6.73 -146.85 19.31
C PHE G 1491 7.39 -145.58 19.82
N LYS G 1492 8.63 -145.74 20.31
CA LYS G 1492 9.42 -144.63 20.82
C LYS G 1492 10.33 -144.10 19.72
N ASN G 1493 10.33 -142.78 19.55
CA ASN G 1493 11.19 -142.14 18.56
C ASN G 1493 12.67 -142.28 18.92
N ALA G 1520 12.10 -138.34 26.73
CA ALA G 1520 11.88 -136.94 26.42
C ALA G 1520 10.67 -136.76 25.50
N PHE G 1521 10.10 -135.56 25.50
CA PHE G 1521 8.95 -135.27 24.68
C PHE G 1521 9.38 -134.89 23.26
N LEU G 1522 8.44 -135.06 22.33
CA LEU G 1522 8.69 -134.71 20.93
C LEU G 1522 8.81 -133.19 20.77
N SER G 1523 9.70 -132.77 19.88
CA SER G 1523 9.74 -131.37 19.49
C SER G 1523 8.75 -131.06 18.38
N SER G 1524 8.69 -131.91 17.35
CA SER G 1524 7.80 -131.63 16.23
C SER G 1524 7.48 -132.92 15.51
N MET G 1525 6.40 -132.88 14.72
CA MET G 1525 6.05 -133.97 13.82
C MET G 1525 5.27 -133.39 12.65
N ALA G 1526 5.25 -134.13 11.55
CA ALA G 1526 4.68 -133.63 10.31
C ALA G 1526 4.17 -134.77 9.46
N PHE G 1527 2.93 -134.63 8.97
CA PHE G 1527 2.33 -135.56 8.03
C PHE G 1527 2.78 -135.28 6.61
N HIS G 1528 2.76 -136.31 5.76
CA HIS G 1528 2.94 -136.09 4.34
C HIS G 1528 1.62 -136.33 3.62
N PRO G 1529 1.19 -135.40 2.76
CA PRO G 1529 -0.17 -135.47 2.21
C PRO G 1529 -0.45 -136.67 1.31
N HIS G 1530 0.39 -136.89 0.30
CA HIS G 1530 0.17 -137.95 -0.67
C HIS G 1530 0.79 -139.27 -0.22
N ARG G 1531 2.11 -139.29 -0.06
CA ARG G 1531 2.79 -140.49 0.43
C ARG G 1531 2.58 -140.63 1.93
N MET G 1532 2.58 -141.88 2.40
CA MET G 1532 2.24 -142.20 3.78
C MET G 1532 3.49 -142.10 4.63
N MET G 1533 3.79 -140.88 5.10
CA MET G 1533 4.99 -140.64 5.89
C MET G 1533 4.67 -139.67 7.02
N ILE G 1534 5.38 -139.84 8.14
CA ILE G 1534 5.39 -138.86 9.22
C ILE G 1534 6.83 -138.65 9.64
N ALA G 1535 7.25 -137.39 9.73
CA ALA G 1535 8.54 -137.03 10.29
C ALA G 1535 8.37 -136.60 11.74
N ALA G 1536 9.39 -136.82 12.55
CA ALA G 1536 9.31 -136.50 13.96
C ALA G 1536 10.68 -136.09 14.49
N THR G 1537 10.66 -135.36 15.60
CA THR G 1537 11.88 -134.95 16.29
C THR G 1537 11.55 -134.63 17.75
N ASN G 1538 12.52 -134.91 18.62
CA ASN G 1538 12.38 -134.79 20.06
C ASN G 1538 12.93 -133.45 20.54
N SER G 1539 12.44 -133.02 21.69
CA SER G 1539 12.84 -131.73 22.25
C SER G 1539 14.28 -131.78 22.75
N HIS G 1540 14.90 -130.60 22.80
CA HIS G 1540 16.29 -130.42 23.24
C HIS G 1540 17.26 -131.27 22.42
N ASP G 1541 16.95 -131.44 21.14
CA ASP G 1541 17.77 -132.21 20.22
C ASP G 1541 17.51 -131.73 18.80
N SER G 1542 18.49 -131.97 17.93
CA SER G 1542 18.41 -131.54 16.54
C SER G 1542 18.43 -132.71 15.57
N ILE G 1543 17.81 -133.83 15.95
CA ILE G 1543 17.79 -135.04 15.15
C ILE G 1543 16.35 -135.31 14.72
N VAL G 1544 16.15 -135.51 13.42
CA VAL G 1544 14.84 -135.71 12.83
C VAL G 1544 14.81 -137.09 12.18
N ASN G 1545 13.79 -137.88 12.52
CA ASN G 1545 13.62 -139.22 12.00
C ASN G 1545 12.33 -139.30 11.20
N ILE G 1546 12.41 -139.91 10.01
CA ILE G 1546 11.26 -140.03 9.12
C ILE G 1546 10.79 -141.48 9.13
N TYR G 1547 9.47 -141.68 9.19
CA TYR G 1547 8.89 -143.01 9.22
C TYR G 1547 7.84 -143.13 8.11
N LYS G 1548 7.77 -144.32 7.51
CA LYS G 1548 6.83 -144.62 6.44
C LYS G 1548 6.12 -145.94 6.74
N CYS G 1549 4.86 -146.03 6.34
CA CYS G 1549 4.11 -147.27 6.52
C CYS G 1549 4.67 -148.37 5.63
N GLU G 1550 4.83 -149.55 6.22
CA GLU G 1550 5.32 -150.71 5.49
C GLU G 1550 4.62 -151.96 5.98
N ASP G 1551 4.58 -152.97 5.12
CA ASP G 1551 3.93 -154.23 5.45
C ASP G 1551 4.87 -155.16 6.22
N ILE H 901 26.44 -98.91 -123.31
CA ILE H 901 26.39 -97.79 -122.37
C ILE H 901 27.77 -97.17 -122.22
N ASP H 902 28.75 -98.00 -121.88
CA ASP H 902 30.13 -97.55 -121.67
C ASP H 902 30.97 -98.02 -122.86
N ILE H 903 31.42 -97.06 -123.67
CA ILE H 903 32.24 -97.40 -124.84
C ILE H 903 33.60 -97.91 -124.40
N ALA H 904 34.25 -97.20 -123.47
CA ALA H 904 35.55 -97.60 -122.95
C ALA H 904 35.54 -97.47 -121.43
N LEU H 905 36.27 -98.36 -120.79
CA LEU H 905 36.30 -98.45 -119.32
C LEU H 905 37.24 -97.43 -118.69
N LEU H 906 37.62 -96.38 -119.42
CA LEU H 906 38.44 -95.30 -118.87
C LEU H 906 37.64 -94.07 -118.52
N MET H 907 36.35 -94.04 -118.87
CA MET H 907 35.52 -92.86 -118.63
C MET H 907 35.29 -92.63 -117.14
N GLN H 908 35.34 -93.69 -116.33
CA GLN H 908 35.13 -93.55 -114.90
C GLN H 908 36.27 -92.82 -114.19
N GLY H 909 37.40 -92.61 -114.86
CA GLY H 909 38.46 -91.80 -114.33
C GLY H 909 38.30 -90.31 -114.52
N VAL H 910 37.20 -89.88 -115.13
CA VAL H 910 37.02 -88.47 -115.44
C VAL H 910 36.48 -87.70 -114.24
N SER H 911 35.30 -88.12 -113.76
CA SER H 911 34.64 -87.38 -112.68
C SER H 911 35.43 -87.35 -111.35
N PRO H 912 36.02 -88.44 -110.84
CA PRO H 912 36.80 -88.34 -109.62
C PRO H 912 38.21 -87.83 -109.90
N SER H 913 39.01 -87.77 -108.84
CA SER H 913 40.35 -87.21 -108.87
C SER H 913 41.37 -88.32 -109.17
N ASN H 914 42.66 -87.99 -108.98
CA ASN H 914 43.76 -88.88 -109.33
C ASN H 914 44.24 -89.71 -108.14
N ASP H 915 44.28 -89.10 -106.94
CA ASP H 915 44.98 -89.72 -105.82
C ASP H 915 44.25 -90.97 -105.32
N GLU H 916 43.01 -90.81 -104.87
CA GLU H 916 42.27 -91.94 -104.31
C GLU H 916 41.76 -92.91 -105.36
N TYR H 917 41.88 -92.56 -106.64
CA TYR H 917 41.36 -93.39 -107.73
C TYR H 917 42.08 -94.72 -107.89
N TYR H 918 43.31 -94.84 -107.41
CA TYR H 918 44.14 -95.99 -107.75
C TYR H 918 43.56 -97.34 -107.31
N PRO H 919 43.08 -97.53 -106.08
CA PRO H 919 42.48 -98.85 -105.77
C PRO H 919 41.13 -99.07 -106.44
N THR H 920 40.41 -98.00 -106.76
CA THR H 920 39.04 -98.15 -107.27
C THR H 920 39.03 -98.83 -108.63
N VAL H 921 39.93 -98.42 -109.53
CA VAL H 921 39.97 -99.02 -110.86
C VAL H 921 40.40 -100.48 -110.78
N VAL H 922 41.38 -100.78 -109.92
CA VAL H 922 41.84 -102.15 -109.76
C VAL H 922 40.70 -103.03 -109.24
N ILE H 923 39.96 -102.54 -108.25
CA ILE H 923 38.90 -103.34 -107.65
C ILE H 923 37.74 -103.54 -108.61
N HIS H 924 37.32 -102.50 -109.32
CA HIS H 924 36.18 -102.71 -110.21
C HIS H 924 36.59 -103.28 -111.57
N ASN H 925 37.87 -103.54 -111.81
CA ASN H 925 38.21 -104.46 -112.89
C ASN H 925 38.43 -105.90 -112.43
N LEU H 926 38.92 -106.13 -111.21
CA LEU H 926 39.11 -107.50 -110.75
C LEU H 926 37.94 -108.06 -109.95
N MET H 927 36.82 -107.36 -109.84
CA MET H 927 35.64 -108.08 -109.36
C MET H 927 34.93 -108.85 -110.46
N LYS H 928 35.47 -108.89 -111.67
CA LYS H 928 34.89 -109.61 -112.78
C LYS H 928 35.42 -111.03 -112.92
N ILE H 929 36.27 -111.48 -111.99
CA ILE H 929 36.83 -112.83 -112.03
C ILE H 929 35.78 -113.90 -111.79
N LEU H 930 34.58 -113.51 -111.33
CA LEU H 930 33.52 -114.45 -110.98
C LEU H 930 33.12 -115.36 -112.13
N ASN H 931 33.33 -114.95 -113.37
CA ASN H 931 32.99 -115.81 -114.50
C ASN H 931 33.94 -117.01 -114.59
N ASP H 932 33.44 -118.06 -115.26
CA ASP H 932 34.17 -119.32 -115.31
C ASP H 932 35.57 -119.29 -115.94
N PRO H 933 35.89 -118.57 -117.03
CA PRO H 933 37.25 -118.70 -117.55
C PRO H 933 38.29 -118.05 -116.66
N SER H 934 37.99 -116.88 -116.10
CA SER H 934 38.89 -116.25 -115.14
C SER H 934 39.00 -117.09 -113.87
N LEU H 935 37.89 -117.66 -113.41
CA LEU H 935 37.95 -118.54 -112.24
C LEU H 935 38.79 -119.79 -112.51
N SER H 936 38.78 -120.28 -113.75
CA SER H 936 39.55 -121.46 -114.09
C SER H 936 41.04 -121.14 -114.23
N ILE H 937 41.37 -119.96 -114.78
CA ILE H 937 42.77 -119.61 -114.99
C ILE H 937 43.42 -118.96 -113.78
N HIS H 938 42.63 -118.52 -112.79
CA HIS H 938 43.18 -117.91 -111.57
C HIS H 938 42.43 -118.50 -110.38
N HIS H 939 43.01 -119.53 -109.78
CA HIS H 939 42.43 -120.17 -108.60
C HIS H 939 43.02 -119.68 -107.30
N THR H 940 44.29 -119.28 -107.28
CA THR H 940 44.94 -118.81 -106.08
C THR H 940 45.34 -117.34 -106.11
N ALA H 941 45.65 -116.79 -107.29
CA ALA H 941 46.07 -115.41 -107.41
C ALA H 941 44.95 -114.48 -107.85
N ALA H 942 43.73 -114.99 -107.96
CA ALA H 942 42.61 -114.16 -108.40
C ALA H 942 42.27 -113.08 -107.38
N ILE H 943 42.10 -113.48 -106.12
CA ILE H 943 41.61 -112.57 -105.09
C ILE H 943 42.62 -112.40 -103.96
N GLN H 944 43.65 -113.24 -103.88
CA GLN H 944 44.66 -113.09 -102.84
C GLN H 944 45.44 -111.79 -103.01
N ALA H 945 45.50 -111.25 -104.23
CA ALA H 945 46.06 -109.92 -104.43
C ALA H 945 45.18 -108.86 -103.77
N ILE H 946 43.85 -109.02 -103.86
CA ILE H 946 42.95 -108.10 -103.19
C ILE H 946 43.09 -108.20 -101.67
N MET H 947 43.21 -109.41 -101.13
CA MET H 947 43.48 -109.52 -99.69
C MET H 947 44.87 -108.99 -99.32
N HIS H 948 45.84 -109.05 -100.24
CA HIS H 948 47.16 -108.49 -99.94
C HIS H 948 47.09 -106.97 -99.85
N ILE H 949 46.43 -106.33 -100.81
CA ILE H 949 46.26 -104.88 -100.72
C ILE H 949 45.34 -104.53 -99.55
N PHE H 950 44.46 -105.46 -99.15
CA PHE H 950 43.59 -105.23 -97.99
C PHE H 950 44.39 -105.21 -96.69
N GLN H 951 45.29 -106.18 -96.52
CA GLN H 951 46.13 -106.18 -95.33
C GLN H 951 47.16 -105.06 -95.38
N ASN H 952 47.49 -104.55 -96.58
CA ASN H 952 48.30 -103.36 -96.67
C ASN H 952 47.54 -102.13 -96.19
N LEU H 953 46.31 -101.94 -96.66
CA LEU H 953 45.54 -100.74 -96.32
C LEU H 953 45.06 -100.75 -94.87
N GLY H 954 44.76 -101.92 -94.32
CA GLY H 954 44.25 -101.98 -92.97
C GLY H 954 42.73 -102.02 -92.89
N LEU H 955 42.12 -100.90 -92.50
CA LEU H 955 40.67 -100.82 -92.30
C LEU H 955 40.10 -99.75 -93.23
N ARG H 956 39.83 -100.13 -94.47
CA ARG H 956 39.14 -99.29 -95.43
C ARG H 956 38.14 -100.11 -96.26
N CYS H 957 38.05 -101.42 -96.02
CA CYS H 957 37.39 -102.34 -96.93
C CYS H 957 35.89 -102.13 -97.04
N VAL H 958 35.31 -101.32 -96.15
CA VAL H 958 33.85 -101.18 -96.06
C VAL H 958 33.25 -100.62 -97.35
N SER H 959 34.04 -99.89 -98.15
CA SER H 959 33.54 -99.42 -99.43
C SER H 959 33.39 -100.56 -100.43
N PHE H 960 34.22 -101.61 -100.31
CA PHE H 960 34.33 -102.63 -101.34
C PHE H 960 33.84 -104.01 -100.92
N LEU H 961 33.84 -104.32 -99.61
CA LEU H 961 33.46 -105.65 -99.17
C LEU H 961 32.01 -105.95 -99.47
N ASP H 962 31.13 -104.94 -99.38
CA ASP H 962 29.70 -105.14 -99.59
C ASP H 962 29.40 -105.66 -100.99
N GLN H 963 30.29 -105.42 -101.95
CA GLN H 963 30.09 -105.92 -103.30
C GLN H 963 31.05 -107.03 -103.70
N ILE H 964 32.15 -107.24 -102.96
CA ILE H 964 33.05 -108.32 -103.35
C ILE H 964 32.78 -109.59 -102.55
N ILE H 965 32.20 -109.45 -101.36
CA ILE H 965 31.85 -110.62 -100.56
C ILE H 965 30.77 -111.48 -101.21
N PRO H 966 29.67 -110.93 -101.76
CA PRO H 966 28.70 -111.81 -102.43
C PRO H 966 29.29 -112.61 -103.59
N GLY H 967 30.32 -112.08 -104.26
CA GLY H 967 30.98 -112.87 -105.30
C GLY H 967 31.59 -114.14 -104.76
N ILE H 968 32.35 -114.05 -103.67
CA ILE H 968 32.95 -115.24 -103.10
C ILE H 968 31.90 -116.11 -102.42
N ILE H 969 30.75 -115.53 -102.03
CA ILE H 969 29.65 -116.36 -101.55
C ILE H 969 29.10 -117.23 -102.68
N LEU H 970 28.87 -116.63 -103.85
CA LEU H 970 28.42 -117.41 -105.00
C LEU H 970 29.49 -118.36 -105.54
N VAL H 971 30.77 -118.11 -105.24
CA VAL H 971 31.82 -119.07 -105.58
C VAL H 971 31.55 -120.41 -104.92
N MET H 972 31.01 -120.40 -103.70
CA MET H 972 30.75 -121.65 -102.99
C MET H 972 29.78 -122.54 -103.76
N ARG H 973 28.72 -121.97 -104.32
CA ARG H 973 27.84 -122.76 -105.19
C ARG H 973 28.52 -123.09 -106.51
N SER H 974 29.13 -122.09 -107.15
CA SER H 974 29.77 -122.31 -108.45
C SER H 974 31.25 -122.65 -108.31
N CYS H 975 31.56 -123.61 -107.44
CA CYS H 975 32.93 -124.05 -107.23
C CYS H 975 32.98 -125.55 -107.03
N PRO H 976 34.10 -126.18 -107.34
CA PRO H 976 34.30 -127.58 -106.96
C PRO H 976 34.84 -127.66 -105.54
N PRO H 977 34.56 -128.74 -104.81
CA PRO H 977 35.01 -128.84 -103.42
C PRO H 977 36.48 -129.17 -103.23
N SER H 978 37.29 -129.13 -104.28
CA SER H 978 38.70 -129.48 -104.13
C SER H 978 39.48 -128.38 -103.43
N GLN H 979 39.22 -127.12 -103.77
CA GLN H 979 39.93 -125.97 -103.21
C GLN H 979 39.14 -125.30 -102.08
N LEU H 980 38.29 -126.06 -101.38
CA LEU H 980 37.54 -125.53 -100.26
C LEU H 980 38.46 -125.06 -99.15
N ASP H 981 39.60 -125.73 -98.97
CA ASP H 981 40.55 -125.32 -97.96
C ASP H 981 41.13 -123.93 -98.24
N PHE H 982 41.52 -123.68 -99.50
CA PHE H 982 42.02 -122.37 -99.87
C PHE H 982 40.93 -121.32 -99.80
N TYR H 983 39.71 -121.69 -100.18
CA TYR H 983 38.58 -120.76 -100.07
C TYR H 983 38.36 -120.32 -98.62
N PHE H 984 38.28 -121.29 -97.70
CA PHE H 984 38.07 -120.95 -96.31
C PHE H 984 39.25 -120.22 -95.70
N GLN H 985 40.47 -120.51 -96.17
CA GLN H 985 41.63 -119.73 -95.72
C GLN H 985 41.51 -118.28 -96.14
N GLN H 986 41.04 -118.04 -97.37
CA GLN H 986 40.85 -116.66 -97.83
C GLN H 986 39.76 -115.96 -97.03
N LEU H 987 38.64 -116.66 -96.75
CA LEU H 987 37.60 -116.04 -95.91
C LEU H 987 38.11 -115.74 -94.51
N GLY H 988 38.91 -116.65 -93.94
CA GLY H 988 39.47 -116.40 -92.63
C GLY H 988 40.41 -115.22 -92.62
N SER H 989 41.22 -115.08 -93.68
CA SER H 989 42.12 -113.93 -93.77
C SER H 989 41.35 -112.63 -93.87
N LEU H 990 40.28 -112.59 -94.68
CA LEU H 990 39.54 -111.34 -94.83
C LEU H 990 38.76 -111.01 -93.55
N ILE H 991 38.25 -112.02 -92.85
CA ILE H 991 37.59 -111.78 -91.57
C ILE H 991 38.60 -111.29 -90.53
N SER H 992 39.82 -111.81 -90.58
CA SER H 992 40.87 -111.30 -89.70
C SER H 992 41.20 -109.85 -90.02
N ILE H 993 41.19 -109.48 -91.30
CA ILE H 993 41.54 -108.12 -91.69
C ILE H 993 40.42 -107.15 -91.29
N VAL H 994 39.23 -107.33 -91.85
CA VAL H 994 38.09 -106.50 -91.50
C VAL H 994 37.20 -107.27 -90.53
N LYS H 995 36.90 -106.65 -89.39
CA LYS H 995 36.42 -107.39 -88.23
C LYS H 995 34.90 -107.43 -88.11
N GLN H 996 34.26 -106.26 -88.08
CA GLN H 996 32.90 -106.17 -87.58
C GLN H 996 31.86 -105.74 -88.60
N HIS H 997 32.27 -105.14 -89.72
CA HIS H 997 31.32 -104.57 -90.67
C HIS H 997 30.76 -105.60 -91.64
N ILE H 998 30.82 -106.89 -91.30
CA ILE H 998 30.34 -107.95 -92.18
C ILE H 998 28.96 -108.32 -91.67
N ARG H 999 28.37 -107.42 -90.86
CA ARG H 999 27.04 -107.66 -90.32
C ARG H 999 25.93 -107.91 -91.35
N PRO H 1000 25.81 -107.21 -92.49
CA PRO H 1000 24.67 -107.48 -93.36
C PRO H 1000 24.75 -108.79 -94.12
N HIS H 1001 25.84 -109.55 -94.00
CA HIS H 1001 25.98 -110.81 -94.72
C HIS H 1001 26.48 -111.96 -93.88
N VAL H 1002 26.77 -111.77 -92.59
CA VAL H 1002 27.34 -112.83 -91.77
C VAL H 1002 26.33 -113.96 -91.56
N GLU H 1003 25.03 -113.63 -91.51
CA GLU H 1003 24.03 -114.68 -91.39
C GLU H 1003 23.94 -115.51 -92.65
N LYS H 1004 24.12 -114.88 -93.83
CA LYS H 1004 24.20 -115.65 -95.07
C LYS H 1004 25.45 -116.51 -95.09
N ILE H 1005 26.57 -116.00 -94.58
CA ILE H 1005 27.80 -116.78 -94.51
C ILE H 1005 27.61 -118.01 -93.63
N TYR H 1006 26.98 -117.82 -92.47
CA TYR H 1006 26.72 -118.95 -91.58
C TYR H 1006 25.74 -119.93 -92.18
N GLY H 1007 24.74 -119.44 -92.92
CA GLY H 1007 23.85 -120.34 -93.63
C GLY H 1007 24.56 -121.19 -94.66
N VAL H 1008 25.48 -120.58 -95.41
CA VAL H 1008 26.25 -121.34 -96.39
C VAL H 1008 27.16 -122.35 -95.70
N ILE H 1009 27.78 -121.93 -94.58
CA ILE H 1009 28.67 -122.82 -93.83
C ILE H 1009 27.91 -124.03 -93.32
N ARG H 1010 26.73 -123.80 -92.74
CA ARG H 1010 25.91 -124.92 -92.28
C ARG H 1010 25.32 -125.72 -93.43
N GLU H 1011 25.24 -125.13 -94.62
CA GLU H 1011 24.71 -125.87 -95.77
C GLU H 1011 25.76 -126.68 -96.50
N PHE H 1012 27.06 -126.43 -96.25
CA PHE H 1012 28.07 -127.31 -96.84
C PHE H 1012 27.92 -128.75 -96.35
N PHE H 1013 27.88 -128.93 -95.04
CA PHE H 1013 28.12 -130.23 -94.40
C PHE H 1013 29.36 -130.91 -94.97
N PRO H 1014 30.54 -130.29 -94.85
CA PRO H 1014 31.73 -130.84 -95.52
C PRO H 1014 32.29 -132.06 -94.83
N ILE H 1015 32.31 -133.20 -95.54
CA ILE H 1015 32.78 -134.44 -94.96
C ILE H 1015 34.31 -134.49 -94.91
N ILE H 1016 34.99 -133.62 -95.64
CA ILE H 1016 36.44 -133.65 -95.73
C ILE H 1016 37.06 -133.09 -94.45
N LYS H 1017 38.36 -133.32 -94.27
CA LYS H 1017 39.08 -132.86 -93.08
C LYS H 1017 39.33 -131.36 -93.20
N LEU H 1018 38.28 -130.60 -92.87
CA LEU H 1018 38.33 -129.14 -92.96
C LEU H 1018 37.69 -128.47 -91.76
N GLN H 1019 37.17 -129.25 -90.80
CA GLN H 1019 36.47 -128.68 -89.67
C GLN H 1019 37.39 -127.88 -88.77
N ILE H 1020 38.69 -128.19 -88.75
CA ILE H 1020 39.63 -127.36 -88.00
C ILE H 1020 39.72 -125.96 -88.59
N THR H 1021 39.73 -125.86 -89.93
CA THR H 1021 39.73 -124.55 -90.56
C THR H 1021 38.40 -123.84 -90.34
N ILE H 1022 37.30 -124.60 -90.35
CA ILE H 1022 35.98 -123.99 -90.14
C ILE H 1022 35.87 -123.40 -88.73
N ILE H 1023 36.29 -124.17 -87.72
CA ILE H 1023 36.21 -123.66 -86.35
C ILE H 1023 37.24 -122.57 -86.12
N SER H 1024 38.37 -122.60 -86.82
CA SER H 1024 39.32 -121.49 -86.76
C SER H 1024 38.71 -120.21 -87.30
N VAL H 1025 37.96 -120.32 -88.40
CA VAL H 1025 37.24 -119.16 -88.93
C VAL H 1025 36.19 -118.70 -87.93
N ILE H 1026 35.52 -119.65 -87.26
CA ILE H 1026 34.49 -119.32 -86.29
C ILE H 1026 35.09 -118.52 -85.13
N GLU H 1027 36.22 -118.97 -84.59
CA GLU H 1027 36.82 -118.25 -83.46
C GLU H 1027 37.46 -116.94 -83.90
N SER H 1028 37.90 -116.86 -85.17
CA SER H 1028 38.33 -115.57 -85.69
C SER H 1028 37.17 -114.58 -85.71
N ILE H 1029 35.99 -115.04 -86.15
CA ILE H 1029 34.78 -114.22 -86.07
C ILE H 1029 34.47 -113.88 -84.62
N SER H 1030 34.72 -114.81 -83.70
CA SER H 1030 34.41 -114.58 -82.29
C SER H 1030 35.23 -113.42 -81.72
N LYS H 1031 36.55 -113.44 -81.92
CA LYS H 1031 37.33 -112.27 -81.50
C LYS H 1031 37.12 -111.06 -82.40
N ALA H 1032 36.61 -111.22 -83.62
CA ALA H 1032 36.27 -110.06 -84.42
C ALA H 1032 35.00 -109.37 -83.96
N LEU H 1033 34.10 -110.10 -83.30
CA LEU H 1033 32.82 -109.57 -82.87
C LEU H 1033 32.81 -109.14 -81.41
N GLU H 1034 33.57 -109.84 -80.56
CA GLU H 1034 33.76 -109.55 -79.12
C GLU H 1034 32.46 -109.19 -78.41
N GLY H 1035 31.40 -109.90 -78.76
CA GLY H 1035 30.13 -109.68 -78.10
C GLY H 1035 28.93 -109.54 -79.03
N GLU H 1036 29.11 -109.87 -80.30
CA GLU H 1036 28.02 -109.87 -81.26
C GLU H 1036 27.60 -111.28 -81.65
N PHE H 1037 28.04 -112.29 -80.90
CA PHE H 1037 27.79 -113.70 -81.21
C PHE H 1037 26.59 -114.26 -80.44
N LYS H 1038 25.83 -113.40 -79.75
CA LYS H 1038 24.78 -113.87 -78.85
C LYS H 1038 23.68 -114.60 -79.62
N ARG H 1039 23.28 -114.07 -80.77
CA ARG H 1039 22.19 -114.67 -81.53
C ARG H 1039 22.60 -115.92 -82.29
N PHE H 1040 23.89 -116.09 -82.57
CA PHE H 1040 24.36 -117.11 -83.50
C PHE H 1040 25.00 -118.32 -82.79
N VAL H 1041 24.75 -118.47 -81.49
CA VAL H 1041 25.35 -119.59 -80.76
C VAL H 1041 24.87 -120.97 -81.22
N PRO H 1042 23.57 -121.25 -81.39
CA PRO H 1042 23.12 -122.66 -81.33
C PRO H 1042 23.64 -123.52 -82.47
N GLU H 1043 23.78 -122.97 -83.68
CA GLU H 1043 24.29 -123.75 -84.80
C GLU H 1043 25.74 -124.15 -84.57
N THR H 1044 26.56 -123.21 -84.09
CA THR H 1044 27.95 -123.53 -83.80
C THR H 1044 28.05 -124.51 -82.63
N LEU H 1045 27.17 -124.37 -81.63
CA LEU H 1045 27.15 -125.34 -80.54
C LEU H 1045 26.80 -126.73 -81.03
N THR H 1046 25.86 -126.84 -81.98
CA THR H 1046 25.55 -128.14 -82.55
C THR H 1046 26.71 -128.67 -83.37
N PHE H 1047 27.46 -127.79 -84.03
CA PHE H 1047 28.67 -128.22 -84.73
C PHE H 1047 29.69 -128.80 -83.75
N PHE H 1048 29.90 -128.12 -82.62
CA PHE H 1048 30.80 -128.63 -81.59
C PHE H 1048 30.29 -129.95 -81.03
N LEU H 1049 28.96 -130.08 -80.88
CA LEU H 1049 28.36 -131.32 -80.42
C LEU H 1049 28.65 -132.46 -81.39
N ASP H 1050 28.50 -132.19 -82.69
CA ASP H 1050 28.77 -133.22 -83.69
C ASP H 1050 30.24 -133.62 -83.67
N ILE H 1051 31.15 -132.65 -83.54
CA ILE H 1051 32.57 -132.96 -83.52
C ILE H 1051 32.93 -133.75 -82.27
N LEU H 1052 32.41 -133.36 -81.11
CA LEU H 1052 32.75 -134.04 -79.87
C LEU H 1052 32.06 -135.38 -79.71
N GLU H 1053 30.98 -135.62 -80.44
CA GLU H 1053 30.25 -136.88 -80.34
C GLU H 1053 30.67 -137.89 -81.40
N ASN H 1054 30.83 -137.46 -82.65
CA ASN H 1054 31.22 -138.34 -83.73
C ASN H 1054 32.49 -137.82 -84.40
N ASP H 1055 33.22 -138.74 -85.02
CA ASP H 1055 34.50 -138.48 -85.68
C ASP H 1055 35.51 -137.87 -84.70
N GLN H 1056 35.83 -138.65 -83.68
CA GLN H 1056 36.78 -138.22 -82.66
C GLN H 1056 38.20 -138.33 -83.21
N SER H 1057 38.89 -137.21 -83.31
CA SER H 1057 40.28 -137.22 -83.75
C SER H 1057 41.17 -137.83 -82.68
N ASN H 1058 42.19 -138.56 -83.12
CA ASN H 1058 43.08 -139.25 -82.19
C ASN H 1058 43.88 -138.26 -81.35
N LYS H 1059 44.38 -137.18 -81.96
CA LYS H 1059 45.15 -136.19 -81.23
C LYS H 1059 44.29 -135.21 -80.46
N ARG H 1060 42.98 -135.18 -80.71
CA ARG H 1060 42.01 -134.33 -80.01
C ARG H 1060 42.33 -132.85 -80.15
N ILE H 1061 43.06 -132.46 -81.19
CA ILE H 1061 43.41 -131.06 -81.38
C ILE H 1061 42.19 -130.22 -81.76
N VAL H 1062 41.31 -130.78 -82.60
CA VAL H 1062 40.06 -130.10 -82.90
C VAL H 1062 39.18 -129.94 -81.66
N PRO H 1063 38.99 -130.97 -80.81
CA PRO H 1063 38.34 -130.70 -79.51
C PRO H 1063 39.07 -129.66 -78.67
N ILE H 1064 40.39 -129.64 -78.65
CA ILE H 1064 41.11 -128.66 -77.82
C ILE H 1064 40.82 -127.24 -78.30
N ARG H 1065 40.80 -127.05 -79.61
CA ARG H 1065 40.39 -125.76 -80.16
C ARG H 1065 38.94 -125.46 -79.85
N ILE H 1066 38.08 -126.48 -79.76
CA ILE H 1066 36.68 -126.26 -79.38
C ILE H 1066 36.59 -125.76 -77.94
N LEU H 1067 37.36 -126.37 -77.04
CA LEU H 1067 37.40 -125.89 -75.65
C LEU H 1067 37.93 -124.47 -75.57
N LYS H 1068 38.93 -124.13 -76.39
CA LYS H 1068 39.41 -122.76 -76.42
C LYS H 1068 38.32 -121.82 -76.91
N SER H 1069 37.52 -122.27 -77.89
CA SER H 1069 36.41 -121.46 -78.38
C SER H 1069 35.36 -121.22 -77.30
N LEU H 1070 35.01 -122.28 -76.55
CA LEU H 1070 34.09 -122.10 -75.43
C LEU H 1070 34.67 -121.22 -74.34
N VAL H 1071 35.98 -121.24 -74.17
CA VAL H 1071 36.63 -120.30 -73.25
C VAL H 1071 36.43 -118.87 -73.73
N THR H 1072 36.69 -118.63 -75.01
CA THR H 1072 36.64 -117.28 -75.56
C THR H 1072 35.22 -116.78 -75.79
N PHE H 1073 34.21 -117.65 -75.75
CA PHE H 1073 32.83 -117.20 -75.92
C PHE H 1073 32.43 -116.23 -74.81
N GLY H 1074 32.72 -116.57 -73.56
CA GLY H 1074 32.43 -115.69 -72.45
C GLY H 1074 30.97 -115.58 -72.12
N PRO H 1075 30.55 -114.40 -71.64
CA PRO H 1075 29.20 -114.23 -71.08
C PRO H 1075 28.11 -114.01 -72.15
N ASN H 1076 27.93 -115.02 -73.00
CA ASN H 1076 26.81 -115.01 -73.93
C ASN H 1076 26.14 -116.37 -74.06
N LEU H 1077 26.55 -117.36 -73.28
CA LEU H 1077 25.93 -118.67 -73.28
C LEU H 1077 24.99 -118.90 -72.09
N GLU H 1078 25.06 -118.05 -71.07
CA GLU H 1078 24.22 -118.18 -69.89
C GLU H 1078 22.74 -118.04 -70.22
N ASP H 1079 22.40 -117.40 -71.34
CA ASP H 1079 21.03 -117.36 -71.79
C ASP H 1079 20.51 -118.75 -72.15
N TYR H 1080 21.37 -119.56 -72.77
CA TYR H 1080 20.95 -120.85 -73.32
C TYR H 1080 21.82 -121.98 -72.82
N SER H 1081 22.35 -121.86 -71.59
CA SER H 1081 23.21 -122.88 -71.01
C SER H 1081 22.35 -123.99 -70.39
N HIS H 1082 21.51 -124.58 -71.24
CA HIS H 1082 20.67 -125.70 -70.83
C HIS H 1082 20.76 -126.89 -71.77
N LEU H 1083 21.59 -126.82 -72.81
CA LEU H 1083 21.88 -127.96 -73.65
C LEU H 1083 23.37 -128.23 -73.80
N ILE H 1084 24.22 -127.36 -73.24
CA ILE H 1084 25.66 -127.58 -73.28
C ILE H 1084 26.15 -128.42 -72.11
N MET H 1085 25.39 -128.43 -71.00
CA MET H 1085 25.67 -129.25 -69.84
C MET H 1085 25.74 -130.75 -70.12
N PRO H 1086 24.86 -131.35 -70.94
CA PRO H 1086 25.08 -132.75 -71.30
C PRO H 1086 26.43 -133.01 -71.97
N ILE H 1087 26.85 -132.10 -72.85
CA ILE H 1087 28.17 -132.20 -73.46
C ILE H 1087 29.24 -132.08 -72.39
N VAL H 1088 29.05 -131.16 -71.45
CA VAL H 1088 30.04 -130.91 -70.41
C VAL H 1088 30.22 -132.14 -69.53
N VAL H 1089 29.12 -132.75 -69.10
CA VAL H 1089 29.23 -133.93 -68.24
C VAL H 1089 29.74 -135.13 -69.03
N ARG H 1090 29.41 -135.23 -70.32
CA ARG H 1090 29.99 -136.27 -71.16
C ARG H 1090 31.51 -136.13 -71.24
N MET H 1091 32.00 -134.93 -71.50
CA MET H 1091 33.43 -134.74 -71.72
C MET H 1091 34.21 -134.65 -70.41
N THR H 1092 33.53 -134.45 -69.29
CA THR H 1092 34.20 -134.41 -68.00
C THR H 1092 34.07 -135.70 -67.22
N GLU H 1093 33.17 -136.61 -67.61
CA GLU H 1093 32.88 -137.77 -66.79
C GLU H 1093 33.32 -139.09 -67.39
N TYR H 1094 33.30 -139.24 -68.71
CA TYR H 1094 33.63 -140.50 -69.36
C TYR H 1094 34.62 -140.27 -70.49
N SER H 1095 35.69 -139.52 -70.20
CA SER H 1095 36.69 -139.22 -71.22
C SER H 1095 38.09 -139.49 -70.71
N ALA H 1096 39.11 -139.13 -71.51
CA ALA H 1096 40.49 -139.31 -71.12
C ALA H 1096 40.94 -138.18 -70.21
N GLY H 1097 41.60 -138.54 -69.11
CA GLY H 1097 42.00 -137.56 -68.12
C GLY H 1097 42.99 -136.52 -68.63
N SER H 1098 43.81 -136.91 -69.60
CA SER H 1098 44.82 -135.99 -70.15
C SER H 1098 44.19 -134.78 -70.82
N LEU H 1099 42.95 -134.91 -71.29
CA LEU H 1099 42.17 -133.77 -71.76
C LEU H 1099 41.09 -133.37 -70.77
N LYS H 1100 40.68 -134.28 -69.88
CA LYS H 1100 39.70 -133.93 -68.86
C LYS H 1100 40.25 -132.90 -67.89
N LYS H 1101 41.57 -132.85 -67.70
CA LYS H 1101 42.15 -131.79 -66.88
C LYS H 1101 41.92 -130.41 -67.52
N ILE H 1102 42.13 -130.30 -68.83
CA ILE H 1102 41.85 -129.04 -69.52
C ILE H 1102 40.36 -128.76 -69.49
N SER H 1103 39.54 -129.81 -69.58
CA SER H 1103 38.09 -129.63 -69.51
C SER H 1103 37.66 -129.06 -68.16
N ILE H 1104 38.20 -129.57 -67.06
CA ILE H 1104 37.73 -129.11 -65.77
C ILE H 1104 38.33 -127.75 -65.42
N ILE H 1105 39.55 -127.44 -65.89
CA ILE H 1105 40.02 -126.07 -65.68
C ILE H 1105 39.25 -125.10 -66.58
N THR H 1106 38.78 -125.56 -67.73
CA THR H 1106 37.86 -124.76 -68.53
C THR H 1106 36.56 -124.51 -67.78
N LEU H 1107 36.07 -125.53 -67.07
CA LEU H 1107 34.90 -125.35 -66.21
C LEU H 1107 35.17 -124.32 -65.12
N GLY H 1108 36.37 -124.37 -64.53
CA GLY H 1108 36.73 -123.39 -63.52
C GLY H 1108 36.79 -121.97 -64.07
N ARG H 1109 37.32 -121.82 -65.28
CA ARG H 1109 37.30 -120.50 -65.94
C ARG H 1109 35.88 -120.04 -66.22
N LEU H 1110 35.05 -120.91 -66.81
CA LEU H 1110 33.69 -120.51 -67.19
C LEU H 1110 32.75 -120.39 -66.01
N ALA H 1111 33.18 -120.82 -64.82
CA ALA H 1111 32.38 -120.55 -63.62
C ALA H 1111 32.17 -119.05 -63.41
N LYS H 1112 33.16 -118.23 -63.77
CA LYS H 1112 32.97 -116.79 -63.75
C LYS H 1112 32.36 -116.26 -65.05
N ASN H 1113 32.16 -117.11 -66.05
CA ASN H 1113 31.48 -116.71 -67.27
C ASN H 1113 29.99 -116.98 -67.19
N ILE H 1114 29.62 -118.25 -66.97
CA ILE H 1114 28.23 -118.64 -66.80
C ILE H 1114 28.10 -119.34 -65.45
N ASN H 1115 27.02 -119.02 -64.73
CA ASN H 1115 26.83 -119.60 -63.41
C ASN H 1115 26.20 -120.97 -63.52
N LEU H 1116 26.63 -121.87 -62.65
CA LEU H 1116 26.11 -123.24 -62.58
C LEU H 1116 25.52 -123.44 -61.19
N SER H 1117 24.26 -123.05 -61.02
CA SER H 1117 23.54 -123.28 -59.77
C SER H 1117 22.26 -124.06 -59.95
N GLU H 1118 21.86 -124.34 -61.19
CA GLU H 1118 20.70 -125.18 -61.47
C GLU H 1118 21.10 -126.57 -61.96
N MET H 1119 22.26 -126.68 -62.61
CA MET H 1119 22.92 -127.95 -62.89
C MET H 1119 24.07 -128.26 -61.93
N SER H 1120 24.16 -127.54 -60.80
CA SER H 1120 25.10 -127.93 -59.77
C SER H 1120 24.78 -129.31 -59.23
N SER H 1121 23.48 -129.59 -59.07
CA SER H 1121 23.02 -130.89 -58.58
C SER H 1121 23.39 -132.01 -59.53
N ARG H 1122 23.67 -131.68 -60.80
CA ARG H 1122 24.16 -132.67 -61.75
C ARG H 1122 25.68 -132.67 -61.91
N ILE H 1123 26.38 -131.58 -61.61
CA ILE H 1123 27.82 -131.57 -61.84
C ILE H 1123 28.63 -132.01 -60.62
N VAL H 1124 28.08 -131.87 -59.40
CA VAL H 1124 28.87 -132.21 -58.22
C VAL H 1124 29.13 -133.72 -58.14
N GLN H 1125 28.13 -134.56 -58.47
CA GLN H 1125 28.39 -136.00 -58.42
C GLN H 1125 29.22 -136.44 -59.61
N ALA H 1126 29.22 -135.67 -60.69
CA ALA H 1126 30.14 -135.93 -61.79
C ALA H 1126 31.57 -135.67 -61.35
N LEU H 1127 31.82 -134.55 -60.68
CA LEU H 1127 33.18 -134.20 -60.31
C LEU H 1127 33.73 -135.09 -59.20
N VAL H 1128 32.89 -135.48 -58.22
CA VAL H 1128 33.40 -136.37 -57.19
C VAL H 1128 33.70 -137.75 -57.75
N ARG H 1129 33.10 -138.08 -58.90
CA ARG H 1129 33.41 -139.33 -59.58
C ARG H 1129 34.83 -139.32 -60.14
N ILE H 1130 35.46 -138.15 -60.26
CA ILE H 1130 36.90 -138.08 -60.53
C ILE H 1130 37.68 -137.93 -59.22
N LEU H 1131 37.10 -137.22 -58.25
CA LEU H 1131 37.76 -137.07 -56.95
C LEU H 1131 38.05 -138.41 -56.28
N ASN H 1132 37.16 -139.39 -56.42
CA ASN H 1132 37.37 -140.65 -55.70
C ASN H 1132 38.54 -141.44 -56.27
N ASN H 1133 38.69 -141.47 -57.59
CA ASN H 1133 39.78 -142.22 -58.23
C ASN H 1133 40.87 -141.23 -58.65
N GLY H 1134 41.79 -140.95 -57.71
CA GLY H 1134 42.87 -140.06 -58.00
C GLY H 1134 44.01 -140.73 -58.77
N ASP H 1135 44.80 -139.89 -59.44
CA ASP H 1135 45.98 -140.37 -60.16
C ASP H 1135 47.17 -139.44 -59.99
N ARG H 1136 47.14 -138.54 -58.99
CA ARG H 1136 48.17 -137.57 -58.63
C ARG H 1136 48.39 -136.49 -59.67
N GLU H 1137 47.68 -136.52 -60.80
CA GLU H 1137 47.74 -135.46 -61.81
C GLU H 1137 46.41 -134.74 -61.96
N LEU H 1138 45.30 -135.49 -62.09
CA LEU H 1138 43.98 -134.87 -62.15
C LEU H 1138 43.57 -134.27 -60.82
N THR H 1139 44.20 -134.69 -59.72
CA THR H 1139 43.88 -134.13 -58.41
C THR H 1139 44.23 -132.64 -58.36
N LYS H 1140 45.39 -132.28 -58.93
CA LYS H 1140 45.77 -130.87 -58.99
C LYS H 1140 44.79 -130.07 -59.84
N ALA H 1141 44.34 -130.65 -60.95
CA ALA H 1141 43.42 -129.94 -61.82
C ALA H 1141 42.01 -129.87 -61.25
N THR H 1142 41.67 -130.72 -60.28
CA THR H 1142 40.32 -130.63 -59.73
C THR H 1142 40.24 -129.86 -58.42
N MET H 1143 41.31 -129.87 -57.61
CA MET H 1143 41.26 -129.14 -56.34
C MET H 1143 41.15 -127.63 -56.55
N ASN H 1144 41.94 -127.08 -57.48
CA ASN H 1144 41.87 -125.65 -57.76
C ASN H 1144 40.52 -125.27 -58.33
N THR H 1145 39.92 -126.15 -59.15
CA THR H 1145 38.64 -125.81 -59.77
C THR H 1145 37.49 -125.88 -58.77
N LEU H 1146 37.52 -126.84 -57.85
CA LEU H 1146 36.48 -126.87 -56.82
C LEU H 1146 36.62 -125.67 -55.89
N SER H 1147 37.87 -125.28 -55.58
CA SER H 1147 38.07 -124.06 -54.81
C SER H 1147 37.55 -122.83 -55.57
N LEU H 1148 37.76 -122.81 -56.90
CA LEU H 1148 37.25 -121.71 -57.70
C LEU H 1148 35.72 -121.67 -57.70
N LEU H 1149 35.08 -122.83 -57.72
CA LEU H 1149 33.62 -122.86 -57.66
C LEU H 1149 33.10 -122.36 -56.31
N LEU H 1150 33.76 -122.79 -55.23
CA LEU H 1150 33.46 -122.25 -53.90
C LEU H 1150 33.61 -120.73 -53.88
N LEU H 1151 34.69 -120.22 -54.46
CA LEU H 1151 34.92 -118.78 -54.50
C LEU H 1151 33.87 -118.06 -55.33
N GLN H 1152 33.50 -118.65 -56.49
CA GLN H 1152 32.63 -117.94 -57.42
C GLN H 1152 31.19 -117.90 -56.93
N LEU H 1153 30.75 -118.88 -56.15
CA LEU H 1153 29.41 -118.70 -55.59
C LEU H 1153 29.41 -118.15 -54.18
N GLY H 1154 30.18 -118.75 -53.25
CA GLY H 1154 30.30 -118.25 -51.90
C GLY H 1154 30.00 -119.32 -50.87
N THR H 1155 29.34 -118.92 -49.79
CA THR H 1155 29.07 -119.80 -48.67
C THR H 1155 27.92 -120.77 -48.94
N ASP H 1156 27.33 -120.75 -50.14
CA ASP H 1156 26.18 -121.59 -50.42
C ASP H 1156 26.51 -123.08 -50.47
N PHE H 1157 27.78 -123.43 -50.73
CA PHE H 1157 28.22 -124.83 -50.72
C PHE H 1157 28.67 -125.32 -49.36
N VAL H 1158 28.12 -124.77 -48.27
CA VAL H 1158 28.20 -125.47 -47.00
C VAL H 1158 27.50 -126.82 -47.07
N VAL H 1159 26.56 -126.98 -48.01
CA VAL H 1159 25.95 -128.27 -48.28
C VAL H 1159 27.00 -129.27 -48.80
N PHE H 1160 27.86 -128.81 -49.71
CA PHE H 1160 28.77 -129.70 -50.41
C PHE H 1160 30.16 -129.78 -49.79
N VAL H 1161 30.49 -128.94 -48.81
CA VAL H 1161 31.77 -129.07 -48.09
C VAL H 1161 31.96 -130.44 -47.44
N PRO H 1162 31.00 -130.99 -46.66
CA PRO H 1162 31.33 -132.20 -45.89
C PRO H 1162 31.67 -133.43 -46.73
N VAL H 1163 30.83 -133.78 -47.71
CA VAL H 1163 31.10 -134.96 -48.52
C VAL H 1163 32.36 -134.76 -49.36
N ILE H 1164 32.60 -133.54 -49.83
CA ILE H 1164 33.78 -133.27 -50.66
C ILE H 1164 35.06 -133.44 -49.83
N ASN H 1165 35.09 -132.87 -48.63
CA ASN H 1165 36.30 -133.02 -47.83
C ASN H 1165 36.47 -134.44 -47.31
N LYS H 1166 35.37 -135.15 -47.06
CA LYS H 1166 35.47 -136.55 -46.65
C LYS H 1166 36.09 -137.40 -47.76
N ALA H 1167 35.61 -137.22 -48.99
CA ALA H 1167 36.21 -137.93 -50.13
C ALA H 1167 37.65 -137.50 -50.35
N LEU H 1168 37.94 -136.22 -50.12
CA LEU H 1168 39.30 -135.71 -50.30
C LEU H 1168 40.27 -136.38 -49.33
N LEU H 1169 39.89 -136.43 -48.05
CA LEU H 1169 40.76 -137.07 -47.05
C LEU H 1169 40.83 -138.57 -47.24
N ARG H 1170 39.75 -139.21 -47.70
CA ARG H 1170 39.82 -140.64 -47.96
C ARG H 1170 40.66 -140.97 -49.20
N ASN H 1171 40.79 -140.02 -50.14
CA ASN H 1171 41.66 -140.20 -51.29
C ASN H 1171 43.06 -139.64 -51.07
N ARG H 1172 43.31 -139.01 -49.91
CA ARG H 1172 44.63 -138.52 -49.51
C ARG H 1172 45.15 -137.49 -50.51
N ILE H 1173 44.43 -136.39 -50.61
CA ILE H 1173 44.78 -135.27 -51.48
C ILE H 1173 44.80 -134.01 -50.62
N GLN H 1174 45.89 -133.23 -50.73
CA GLN H 1174 46.11 -132.07 -49.88
C GLN H 1174 46.09 -130.80 -50.72
N HIS H 1175 45.50 -129.74 -50.15
CA HIS H 1175 45.49 -128.43 -50.81
C HIS H 1175 45.44 -127.37 -49.71
N SER H 1176 46.58 -126.74 -49.45
CA SER H 1176 46.63 -125.65 -48.48
C SER H 1176 45.77 -124.47 -48.91
N VAL H 1177 45.69 -124.22 -50.23
CA VAL H 1177 44.83 -123.16 -50.74
C VAL H 1177 43.37 -123.47 -50.42
N TYR H 1178 42.96 -124.72 -50.64
CA TYR H 1178 41.58 -125.10 -50.33
C TYR H 1178 41.30 -125.02 -48.83
N ASP H 1179 42.26 -125.44 -48.01
CA ASP H 1179 42.06 -125.38 -46.56
C ASP H 1179 41.93 -123.93 -46.08
N GLN H 1180 42.80 -123.04 -46.58
CA GLN H 1180 42.70 -121.63 -46.23
C GLN H 1180 41.39 -121.04 -46.74
N LEU H 1181 40.96 -121.45 -47.93
CA LEU H 1181 39.72 -120.92 -48.50
C LEU H 1181 38.50 -121.36 -47.69
N VAL H 1182 38.45 -122.62 -47.27
CA VAL H 1182 37.29 -123.08 -46.50
C VAL H 1182 37.32 -122.47 -45.09
N ASN H 1183 38.51 -122.28 -44.52
CA ASN H 1183 38.58 -121.59 -43.23
C ASN H 1183 38.13 -120.14 -43.36
N LYS H 1184 38.53 -119.46 -44.45
CA LYS H 1184 38.10 -118.09 -44.69
C LYS H 1184 36.61 -118.01 -44.95
N LEU H 1185 36.04 -119.02 -45.61
CA LEU H 1185 34.60 -119.05 -45.84
C LEU H 1185 33.84 -119.25 -44.53
N LEU H 1186 34.39 -120.07 -43.63
CA LEU H 1186 33.81 -120.19 -42.30
C LEU H 1186 33.90 -118.88 -41.52
N ASN H 1187 35.03 -118.19 -41.64
CA ASN H 1187 35.28 -116.95 -40.91
C ASN H 1187 34.79 -115.70 -41.66
N ASN H 1188 34.05 -115.90 -42.76
CA ASN H 1188 33.39 -114.81 -43.50
C ASN H 1188 34.41 -113.81 -44.08
N GLU H 1189 35.28 -114.32 -44.94
CA GLU H 1189 36.12 -113.49 -45.78
C GLU H 1189 36.49 -114.25 -47.04
N CYS H 1190 36.73 -113.52 -48.12
CA CYS H 1190 36.98 -114.13 -49.42
C CYS H 1190 37.66 -113.10 -50.31
N LEU H 1191 38.10 -113.56 -51.48
CA LEU H 1191 38.77 -112.71 -52.45
C LEU H 1191 38.17 -112.93 -53.83
N PRO H 1192 38.13 -111.88 -54.67
CA PRO H 1192 37.56 -112.03 -56.03
C PRO H 1192 38.42 -112.90 -56.94
N LYS H 1217 58.52 -97.80 -100.62
CA LYS H 1217 57.76 -97.34 -101.77
C LYS H 1217 58.22 -98.02 -103.05
N LEU H 1218 59.43 -97.69 -103.48
CA LEU H 1218 60.02 -98.25 -104.70
C LEU H 1218 61.47 -98.64 -104.42
N PRO H 1219 61.83 -99.91 -104.55
CA PRO H 1219 63.23 -100.31 -104.40
C PRO H 1219 64.02 -100.05 -105.68
N VAL H 1220 65.29 -100.44 -105.67
CA VAL H 1220 66.16 -100.26 -106.82
C VAL H 1220 65.93 -101.40 -107.80
N ASN H 1221 65.01 -101.18 -108.75
CA ASN H 1221 64.69 -102.21 -109.74
C ASN H 1221 64.52 -101.63 -111.15
N GLN H 1222 65.07 -100.46 -111.43
CA GLN H 1222 64.95 -99.83 -112.74
C GLN H 1222 66.10 -100.17 -113.67
N ASN H 1223 67.05 -101.00 -113.24
CA ASN H 1223 68.21 -101.33 -114.06
C ASN H 1223 67.90 -102.34 -115.16
N ILE H 1224 66.72 -102.95 -115.15
CA ILE H 1224 66.38 -103.96 -116.14
C ILE H 1224 65.42 -103.45 -117.21
N LEU H 1225 64.75 -102.32 -116.99
CA LEU H 1225 63.80 -101.78 -117.95
C LEU H 1225 64.43 -100.80 -118.94
N LYS H 1226 65.71 -100.48 -118.78
CA LYS H 1226 66.36 -99.58 -119.73
C LYS H 1226 66.50 -100.22 -121.11
N ASN H 1227 66.77 -101.53 -121.15
CA ASN H 1227 66.84 -102.23 -122.43
C ASN H 1227 65.48 -102.27 -123.12
N ALA H 1228 64.41 -102.49 -122.34
CA ALA H 1228 63.08 -102.47 -122.89
C ALA H 1228 62.62 -101.06 -123.27
N TRP H 1229 63.25 -100.04 -122.69
CA TRP H 1229 62.98 -98.67 -123.13
C TRP H 1229 63.67 -98.38 -124.46
N TYR H 1230 64.99 -98.48 -124.48
CA TYR H 1230 65.80 -98.16 -125.65
C TYR H 1230 66.40 -99.45 -126.21
N CYS H 1231 65.83 -99.91 -127.33
CA CYS H 1231 66.36 -101.08 -128.04
C CYS H 1231 66.90 -100.70 -129.41
N SER H 1232 66.05 -100.10 -130.25
CA SER H 1232 66.43 -99.64 -131.60
C SER H 1232 67.04 -100.75 -132.45
N GLN H 1233 66.48 -101.96 -132.32
CA GLN H 1233 67.01 -103.11 -133.05
C GLN H 1233 65.89 -103.97 -133.64
N GLN H 1234 64.72 -103.40 -133.90
CA GLN H 1234 63.59 -104.14 -134.45
C GLN H 1234 63.13 -103.50 -135.75
N LYS H 1235 62.61 -104.32 -136.66
CA LYS H 1235 62.13 -103.82 -137.94
C LYS H 1235 60.82 -104.50 -138.37
N THR H 1236 60.05 -105.04 -137.43
CA THR H 1236 58.84 -105.77 -137.75
C THR H 1236 57.71 -105.29 -136.84
N LYS H 1237 56.48 -105.33 -137.35
CA LYS H 1237 55.31 -104.99 -136.54
C LYS H 1237 55.15 -105.97 -135.38
N GLU H 1238 55.40 -107.26 -135.63
CA GLU H 1238 55.35 -108.25 -134.55
C GLU H 1238 56.41 -107.98 -133.50
N ASP H 1239 57.61 -107.59 -133.94
CA ASP H 1239 58.68 -107.25 -132.99
C ASP H 1239 58.32 -106.02 -132.17
N TRP H 1240 57.72 -105.01 -132.80
CA TRP H 1240 57.28 -103.83 -132.06
C TRP H 1240 56.19 -104.17 -131.06
N GLN H 1241 55.25 -105.02 -131.44
CA GLN H 1241 54.22 -105.46 -130.50
C GLN H 1241 54.81 -106.26 -129.35
N GLU H 1242 55.81 -107.09 -129.64
CA GLU H 1242 56.51 -107.84 -128.61
C GLU H 1242 57.18 -106.89 -127.61
N TRP H 1243 57.86 -105.87 -128.13
CA TRP H 1243 58.49 -104.86 -127.28
C TRP H 1243 57.45 -104.12 -126.45
N ILE H 1244 56.30 -103.80 -127.06
CA ILE H 1244 55.26 -103.04 -126.38
C ILE H 1244 54.67 -103.82 -125.21
N ARG H 1245 54.28 -105.08 -125.45
CA ARG H 1245 53.67 -105.77 -124.31
C ARG H 1245 54.71 -106.28 -123.32
N ARG H 1246 55.98 -106.40 -123.74
CA ARG H 1246 57.04 -106.69 -122.79
C ARG H 1246 57.22 -105.53 -121.81
N LEU H 1247 57.30 -104.30 -122.33
CA LEU H 1247 57.42 -103.15 -121.44
C LEU H 1247 56.14 -102.94 -120.63
N SER H 1248 54.98 -103.24 -121.21
CA SER H 1248 53.72 -103.13 -120.46
C SER H 1248 53.66 -104.13 -119.32
N ILE H 1249 54.16 -105.35 -119.53
CA ILE H 1249 54.18 -106.35 -118.48
C ILE H 1249 55.16 -105.94 -117.37
N GLN H 1250 56.36 -105.48 -117.75
CA GLN H 1250 57.34 -105.14 -116.73
C GLN H 1250 57.13 -103.76 -116.12
N LEU H 1251 56.16 -102.98 -116.62
CA LEU H 1251 55.88 -101.67 -116.04
C LEU H 1251 55.32 -101.79 -114.62
N LEU H 1252 54.64 -102.89 -114.30
CA LEU H 1252 53.96 -103.02 -113.02
C LEU H 1252 54.91 -103.25 -111.86
N LYS H 1253 56.08 -103.84 -112.11
CA LYS H 1253 56.97 -104.24 -111.03
C LYS H 1253 57.57 -103.05 -110.28
N GLU H 1254 57.56 -101.86 -110.88
CA GLU H 1254 58.06 -100.65 -110.23
C GLU H 1254 56.95 -99.69 -109.86
N SER H 1255 55.69 -100.10 -109.99
CA SER H 1255 54.57 -99.23 -109.67
C SER H 1255 54.51 -98.99 -108.16
N PRO H 1256 54.43 -97.74 -107.72
CA PRO H 1256 54.43 -97.47 -106.26
C PRO H 1256 53.12 -97.81 -105.57
N SER H 1257 52.05 -98.09 -106.31
CA SER H 1257 50.75 -98.33 -105.70
C SER H 1257 50.65 -99.77 -105.19
N ALA H 1258 50.06 -99.91 -104.00
CA ALA H 1258 49.86 -101.23 -103.42
C ALA H 1258 48.91 -102.06 -104.28
N CYS H 1259 47.89 -101.43 -104.84
CA CYS H 1259 46.95 -102.10 -105.73
C CYS H 1259 47.53 -102.38 -107.11
N LEU H 1260 48.76 -101.92 -107.40
CA LEU H 1260 49.43 -102.26 -108.64
C LEU H 1260 50.63 -103.18 -108.48
N ARG H 1261 51.28 -103.23 -107.32
CA ARG H 1261 52.40 -104.15 -107.17
C ARG H 1261 51.96 -105.60 -107.25
N SER H 1262 50.82 -105.94 -106.63
CA SER H 1262 50.38 -107.32 -106.55
C SER H 1262 49.81 -107.85 -107.87
N CYS H 1263 49.53 -106.98 -108.82
CA CYS H 1263 48.93 -107.40 -110.09
C CYS H 1263 49.96 -107.72 -111.16
N SER H 1264 51.26 -107.66 -110.83
CA SER H 1264 52.30 -107.92 -111.83
C SER H 1264 52.25 -109.36 -112.32
N SER H 1265 52.17 -110.32 -111.39
CA SER H 1265 52.09 -111.73 -111.78
C SER H 1265 50.80 -112.03 -112.51
N LEU H 1266 49.70 -111.41 -112.09
CA LEU H 1266 48.42 -111.61 -112.76
C LEU H 1266 48.46 -111.10 -114.20
N VAL H 1267 49.08 -109.94 -114.42
CA VAL H 1267 49.20 -109.39 -115.76
C VAL H 1267 50.14 -110.23 -116.61
N SER H 1268 51.21 -110.76 -116.00
CA SER H 1268 52.09 -111.67 -116.72
C SER H 1268 51.36 -112.93 -117.15
N VAL H 1269 50.49 -113.46 -116.28
CA VAL H 1269 49.74 -114.68 -116.61
C VAL H 1269 48.71 -114.39 -117.70
N TYR H 1270 47.93 -113.32 -117.54
CA TYR H 1270 46.81 -113.02 -118.41
C TYR H 1270 46.97 -111.63 -118.99
N TYR H 1271 46.90 -111.53 -120.32
CA TYR H 1271 47.17 -110.29 -121.05
C TYR H 1271 46.04 -109.27 -121.13
N PRO H 1272 44.79 -109.65 -121.48
CA PRO H 1272 43.80 -108.62 -121.87
C PRO H 1272 43.47 -107.55 -120.82
N LEU H 1273 43.58 -107.86 -119.52
CA LEU H 1273 43.25 -106.83 -118.54
C LEU H 1273 44.30 -105.73 -118.47
N ALA H 1274 45.53 -106.00 -118.95
CA ALA H 1274 46.55 -104.96 -119.03
C ALA H 1274 46.16 -103.86 -120.01
N ARG H 1275 45.32 -104.16 -121.00
CA ARG H 1275 44.85 -103.14 -121.93
C ARG H 1275 44.05 -102.06 -121.20
N GLU H 1276 43.14 -102.48 -120.31
CA GLU H 1276 42.38 -101.51 -119.52
C GLU H 1276 43.16 -101.00 -118.33
N LEU H 1277 44.20 -101.72 -117.90
CA LEU H 1277 45.09 -101.24 -116.86
C LEU H 1277 46.09 -100.22 -117.37
N PHE H 1278 46.24 -100.11 -118.70
CA PHE H 1278 47.34 -99.36 -119.31
C PHE H 1278 47.33 -97.88 -118.96
N ASN H 1279 46.22 -97.34 -118.46
CA ASN H 1279 46.20 -95.95 -118.03
C ASN H 1279 46.71 -95.80 -116.60
N ALA H 1280 46.25 -96.66 -115.69
CA ALA H 1280 46.65 -96.56 -114.30
C ALA H 1280 48.14 -96.83 -114.11
N SER H 1281 48.66 -97.85 -114.81
CA SER H 1281 50.08 -98.17 -114.72
C SER H 1281 50.94 -97.03 -115.24
N PHE H 1282 50.55 -96.43 -116.36
CA PHE H 1282 51.32 -95.32 -116.92
C PHE H 1282 51.27 -94.10 -116.02
N SER H 1283 50.09 -93.80 -115.45
CA SER H 1283 50.00 -92.67 -114.54
C SER H 1283 50.82 -92.91 -113.27
N SER H 1284 50.85 -94.15 -112.78
CA SER H 1284 51.68 -94.47 -111.63
C SER H 1284 53.16 -94.31 -111.95
N CYS H 1285 53.58 -94.79 -113.12
CA CYS H 1285 55.01 -94.80 -113.44
C CYS H 1285 55.52 -93.41 -113.79
N TRP H 1286 54.70 -92.58 -114.43
CA TRP H 1286 55.17 -91.29 -114.92
C TRP H 1286 55.60 -90.38 -113.78
N VAL H 1287 54.78 -90.31 -112.72
CA VAL H 1287 55.08 -89.43 -111.60
C VAL H 1287 56.30 -89.94 -110.83
N GLU H 1288 56.47 -91.26 -110.75
CA GLU H 1288 57.60 -91.81 -110.01
C GLU H 1288 58.91 -91.70 -110.79
N LEU H 1289 58.85 -91.70 -112.11
CA LEU H 1289 60.06 -91.65 -112.92
C LEU H 1289 60.71 -90.26 -112.85
N GLN H 1290 62.04 -90.25 -112.95
CA GLN H 1290 62.86 -89.08 -112.69
C GLN H 1290 63.06 -88.28 -113.99
N THR H 1291 63.50 -87.03 -113.81
CA THR H 1291 63.53 -86.07 -114.92
C THR H 1291 64.48 -86.51 -116.03
N SER H 1292 65.62 -87.12 -115.69
CA SER H 1292 66.55 -87.57 -116.72
C SER H 1292 65.97 -88.71 -117.54
N TYR H 1293 65.11 -89.53 -116.94
CA TYR H 1293 64.43 -90.59 -117.67
C TYR H 1293 63.16 -90.09 -118.36
N GLN H 1294 62.71 -88.87 -118.04
CA GLN H 1294 61.54 -88.30 -118.71
C GLN H 1294 61.79 -88.11 -120.20
N GLU H 1295 62.92 -87.50 -120.57
CA GLU H 1295 63.21 -87.37 -121.98
C GLU H 1295 63.56 -88.71 -122.62
N ASP H 1296 64.04 -89.68 -121.84
CA ASP H 1296 64.27 -91.02 -122.37
C ASP H 1296 62.97 -91.66 -122.79
N LEU H 1297 61.95 -91.61 -121.93
CA LEU H 1297 60.64 -92.14 -122.33
C LEU H 1297 60.02 -91.30 -123.42
N ILE H 1298 60.32 -89.99 -123.46
CA ILE H 1298 59.83 -89.13 -124.54
C ILE H 1298 60.36 -89.60 -125.88
N GLN H 1299 61.67 -89.80 -125.97
CA GLN H 1299 62.24 -90.21 -127.25
C GLN H 1299 61.86 -91.65 -127.58
N ALA H 1300 61.67 -92.49 -126.57
CA ALA H 1300 61.20 -93.85 -126.83
C ALA H 1300 59.82 -93.85 -127.44
N LEU H 1301 58.90 -93.04 -126.91
CA LEU H 1301 57.55 -93.02 -127.46
C LEU H 1301 57.54 -92.34 -128.83
N CYS H 1302 58.39 -91.31 -129.02
CA CYS H 1302 58.46 -90.67 -130.33
C CYS H 1302 58.96 -91.65 -131.40
N LYS H 1303 60.02 -92.42 -131.10
CA LYS H 1303 60.49 -93.37 -132.09
C LYS H 1303 59.50 -94.52 -132.30
N ALA H 1304 58.78 -94.90 -131.24
CA ALA H 1304 57.74 -95.92 -131.40
C ALA H 1304 56.62 -95.44 -132.31
N LEU H 1305 56.21 -94.18 -132.17
CA LEU H 1305 55.17 -93.64 -133.03
C LEU H 1305 55.67 -93.40 -134.44
N SER H 1306 56.96 -93.09 -134.60
CA SER H 1306 57.51 -92.88 -135.94
C SER H 1306 57.69 -94.19 -136.70
N SER H 1307 58.08 -95.26 -136.01
CA SER H 1307 58.31 -96.54 -136.66
C SER H 1307 57.00 -97.16 -137.12
N SER H 1308 57.07 -97.87 -138.24
CA SER H 1308 55.93 -98.55 -138.87
C SER H 1308 54.80 -97.55 -139.17
N GLU H 1309 55.13 -96.59 -140.05
CA GLU H 1309 54.20 -95.50 -140.35
C GLU H 1309 53.02 -95.95 -141.19
N ASN H 1310 53.14 -97.05 -141.92
CA ASN H 1310 52.04 -97.48 -142.80
C ASN H 1310 50.92 -98.18 -142.02
N PRO H 1311 51.15 -99.25 -141.25
CA PRO H 1311 50.03 -99.90 -140.55
C PRO H 1311 49.80 -99.31 -139.17
N PRO H 1312 48.60 -98.78 -138.91
CA PRO H 1312 48.25 -98.37 -137.54
C PRO H 1312 47.77 -99.56 -136.72
N GLU H 1313 48.62 -100.02 -135.80
CA GLU H 1313 48.28 -101.17 -134.97
C GLU H 1313 47.86 -100.78 -133.55
N ILE H 1314 48.75 -100.11 -132.81
CA ILE H 1314 48.50 -99.71 -131.44
C ILE H 1314 48.88 -98.27 -131.16
N TYR H 1315 49.42 -97.56 -132.16
CA TYR H 1315 49.83 -96.17 -131.95
C TYR H 1315 48.64 -95.25 -131.70
N GLN H 1316 47.46 -95.62 -132.22
CA GLN H 1316 46.25 -94.88 -131.88
C GLN H 1316 45.96 -94.98 -130.38
N MET H 1317 46.11 -96.17 -129.80
CA MET H 1317 45.95 -96.32 -128.36
C MET H 1317 47.06 -95.61 -127.60
N LEU H 1318 48.27 -95.56 -128.17
CA LEU H 1318 49.35 -94.79 -127.55
C LEU H 1318 48.99 -93.31 -127.46
N LEU H 1319 48.50 -92.74 -128.57
CA LEU H 1319 48.04 -91.36 -128.55
C LEU H 1319 46.85 -91.16 -127.64
N ASN H 1320 45.98 -92.17 -127.53
CA ASN H 1320 44.86 -92.10 -126.59
C ASN H 1320 45.36 -91.99 -125.16
N LEU H 1321 46.36 -92.79 -124.80
CA LEU H 1321 46.97 -92.70 -123.48
C LEU H 1321 47.63 -91.35 -123.25
N VAL H 1322 48.33 -90.86 -124.28
CA VAL H 1322 49.02 -89.57 -124.17
C VAL H 1322 48.02 -88.45 -123.92
N GLU H 1323 46.92 -88.42 -124.68
CA GLU H 1323 45.89 -87.41 -124.45
C GLU H 1323 45.19 -87.62 -123.11
N PHE H 1324 45.02 -88.88 -122.70
CA PHE H 1324 44.36 -89.18 -121.44
C PHE H 1324 45.12 -88.59 -120.27
N MET H 1325 46.45 -88.72 -120.29
CA MET H 1325 47.22 -88.07 -119.23
C MET H 1325 47.35 -86.57 -119.50
N GLU H 1326 47.29 -86.14 -120.77
CA GLU H 1326 47.33 -84.74 -121.14
C GLU H 1326 46.09 -83.96 -120.72
N HIS H 1327 45.02 -84.64 -120.28
CA HIS H 1327 43.79 -83.96 -119.91
C HIS H 1327 44.03 -82.88 -118.86
N ASP H 1328 44.44 -83.28 -117.66
CA ASP H 1328 44.64 -82.32 -116.57
C ASP H 1328 45.94 -82.51 -115.80
N ASP H 1329 46.52 -83.71 -115.77
CA ASP H 1329 47.61 -84.02 -114.85
C ASP H 1329 48.96 -83.85 -115.53
N LYS H 1330 49.33 -82.58 -115.75
CA LYS H 1330 50.67 -82.17 -116.19
C LYS H 1330 51.08 -82.82 -117.50
N PRO H 1331 50.55 -82.36 -118.65
CA PRO H 1331 50.86 -82.98 -119.95
C PRO H 1331 52.33 -83.12 -120.27
N LEU H 1332 52.67 -84.09 -121.12
CA LEU H 1332 54.05 -84.31 -121.51
C LEU H 1332 54.59 -83.14 -122.33
N PRO H 1333 55.89 -82.85 -122.24
CA PRO H 1333 56.49 -81.80 -123.08
C PRO H 1333 56.82 -82.30 -124.48
N ILE H 1334 55.80 -82.74 -125.20
CA ILE H 1334 55.95 -83.22 -126.57
C ILE H 1334 55.60 -82.05 -127.48
N PRO H 1335 56.35 -81.79 -128.54
CA PRO H 1335 55.92 -80.76 -129.49
C PRO H 1335 54.58 -81.10 -130.13
N ILE H 1336 53.71 -80.10 -130.18
CA ILE H 1336 52.36 -80.30 -130.71
C ILE H 1336 52.40 -80.57 -132.21
N HIS H 1337 53.37 -80.00 -132.92
CA HIS H 1337 53.57 -80.34 -134.33
C HIS H 1337 53.96 -81.80 -134.49
N THR H 1338 54.82 -82.32 -133.60
CA THR H 1338 55.17 -83.73 -133.65
C THR H 1338 53.96 -84.60 -133.33
N LEU H 1339 53.13 -84.20 -132.36
CA LEU H 1339 51.90 -84.94 -132.09
C LEU H 1339 51.00 -84.99 -133.31
N GLY H 1340 50.84 -83.84 -133.99
CA GLY H 1340 50.04 -83.81 -135.20
C GLY H 1340 50.61 -84.71 -136.28
N LYS H 1341 51.94 -84.75 -136.40
CA LYS H 1341 52.53 -85.58 -137.45
C LYS H 1341 52.42 -87.07 -137.12
N TYR H 1342 52.50 -87.44 -135.84
CA TYR H 1342 52.26 -88.85 -135.50
C TYR H 1342 50.81 -89.22 -135.75
N ALA H 1343 49.87 -88.32 -135.44
CA ALA H 1343 48.46 -88.61 -135.70
C ALA H 1343 48.20 -88.76 -137.20
N GLN H 1344 48.80 -87.89 -138.01
CA GLN H 1344 48.65 -88.00 -139.46
C GLN H 1344 49.27 -89.28 -140.00
N LYS H 1345 50.44 -89.67 -139.47
CA LYS H 1345 51.09 -90.90 -139.93
C LYS H 1345 50.31 -92.13 -139.49
N CYS H 1346 49.64 -92.06 -138.34
CA CYS H 1346 48.91 -93.19 -137.79
C CYS H 1346 47.41 -93.09 -137.99
N HIS H 1347 46.97 -92.25 -138.94
CA HIS H 1347 45.63 -92.22 -139.53
C HIS H 1347 44.60 -91.62 -138.57
N ALA H 1348 45.02 -91.19 -137.38
CA ALA H 1348 44.10 -90.58 -136.41
C ALA H 1348 43.75 -89.18 -136.91
N PHE H 1349 42.75 -89.11 -137.79
CA PHE H 1349 42.40 -87.86 -138.44
C PHE H 1349 41.82 -86.85 -137.45
N ALA H 1350 40.98 -87.30 -136.53
CA ALA H 1350 40.36 -86.37 -135.59
C ALA H 1350 41.37 -85.85 -134.56
N LYS H 1351 42.25 -86.72 -134.07
CA LYS H 1351 43.31 -86.27 -133.19
C LYS H 1351 44.28 -85.34 -133.92
N ALA H 1352 44.56 -85.63 -135.19
CA ALA H 1352 45.35 -84.71 -135.99
C ALA H 1352 44.66 -83.37 -136.15
N LEU H 1353 43.33 -83.39 -136.31
CA LEU H 1353 42.57 -82.14 -136.42
C LEU H 1353 42.68 -81.33 -135.13
N HIS H 1354 42.54 -81.97 -133.98
CA HIS H 1354 42.65 -81.25 -132.71
C HIS H 1354 44.07 -80.71 -132.52
N TYR H 1355 45.09 -81.52 -132.84
CA TYR H 1355 46.47 -81.07 -132.73
C TYR H 1355 46.76 -79.90 -133.65
N LYS H 1356 46.27 -79.96 -134.89
CA LYS H 1356 46.49 -78.88 -135.83
C LYS H 1356 45.69 -77.64 -135.47
N GLU H 1357 44.53 -77.80 -134.84
CA GLU H 1357 43.80 -76.66 -134.31
C GLU H 1357 44.58 -75.97 -133.20
N VAL H 1358 45.21 -76.77 -132.33
CA VAL H 1358 46.07 -76.19 -131.30
C VAL H 1358 47.26 -75.47 -131.93
N GLU H 1359 47.84 -76.07 -132.97
CA GLU H 1359 48.96 -75.44 -133.68
C GLU H 1359 48.54 -74.12 -134.32
N PHE H 1360 47.36 -74.09 -134.94
CA PHE H 1360 46.86 -72.86 -135.56
C PHE H 1360 46.55 -71.80 -134.51
N LEU H 1361 45.99 -72.20 -133.36
CA LEU H 1361 45.73 -71.24 -132.30
C LEU H 1361 47.03 -70.66 -131.74
N GLU H 1362 48.07 -71.49 -131.64
CA GLU H 1362 49.37 -70.97 -131.22
C GLU H 1362 49.97 -70.04 -132.27
N GLU H 1363 49.85 -70.40 -133.55
CA GLU H 1363 50.39 -69.60 -134.64
C GLU H 1363 49.67 -69.93 -135.95
N PRO H 1364 49.15 -68.93 -136.66
CA PRO H 1364 48.40 -69.21 -137.91
C PRO H 1364 49.35 -69.36 -139.08
N LYS H 1365 49.25 -70.50 -139.77
CA LYS H 1365 50.06 -70.79 -140.94
C LYS H 1365 49.15 -71.25 -142.08
N ASN H 1366 49.49 -70.85 -143.31
CA ASN H 1366 48.69 -71.22 -144.47
C ASN H 1366 48.73 -72.72 -144.72
N SER H 1367 49.88 -73.36 -144.49
CA SER H 1367 49.97 -74.81 -144.61
C SER H 1367 49.08 -75.50 -143.59
N THR H 1368 49.04 -75.00 -142.36
CA THR H 1368 48.13 -75.54 -141.35
C THR H 1368 46.67 -75.32 -141.76
N ILE H 1369 46.36 -74.16 -142.34
CA ILE H 1369 44.99 -73.88 -142.75
C ILE H 1369 44.55 -74.85 -143.84
N GLU H 1370 45.41 -75.09 -144.83
CA GLU H 1370 45.07 -76.06 -145.87
C GLU H 1370 45.05 -77.49 -145.31
N ALA H 1371 45.82 -77.76 -144.25
CA ALA H 1371 45.74 -79.07 -143.60
C ALA H 1371 44.38 -79.29 -142.95
N LEU H 1372 43.87 -78.29 -142.23
CA LEU H 1372 42.52 -78.41 -141.67
C LEU H 1372 41.46 -78.44 -142.77
N ILE H 1373 41.69 -77.74 -143.88
CA ILE H 1373 40.74 -77.82 -145.00
C ILE H 1373 40.68 -79.23 -145.55
N SER H 1374 41.84 -79.86 -145.75
CA SER H 1374 41.87 -81.25 -146.23
C SER H 1374 41.27 -82.20 -145.21
N ILE H 1375 41.50 -81.94 -143.92
CA ILE H 1375 40.94 -82.78 -142.86
C ILE H 1375 39.42 -82.70 -142.86
N ASN H 1376 38.88 -81.49 -143.00
CA ASN H 1376 37.43 -81.33 -143.10
C ASN H 1376 36.89 -81.98 -144.36
N ASN H 1377 37.65 -81.92 -145.45
CA ASN H 1377 37.21 -82.55 -146.70
C ASN H 1377 37.13 -84.07 -146.56
N GLN H 1378 38.13 -84.69 -145.92
CA GLN H 1378 38.07 -86.14 -145.74
C GLN H 1378 37.08 -86.54 -144.65
N LEU H 1379 36.78 -85.65 -143.72
CA LEU H 1379 35.76 -85.90 -142.70
C LEU H 1379 34.38 -85.43 -143.14
N HIS H 1380 34.24 -84.99 -144.39
CA HIS H 1380 32.97 -84.54 -144.97
C HIS H 1380 32.42 -83.32 -144.22
N GLN H 1381 33.29 -82.38 -143.91
CA GLN H 1381 32.87 -81.12 -143.29
C GLN H 1381 33.13 -80.00 -144.29
N THR H 1382 32.20 -79.85 -145.23
CA THR H 1382 32.30 -78.79 -146.23
C THR H 1382 32.10 -77.43 -145.59
N ASP H 1383 31.18 -77.33 -144.63
CA ASP H 1383 30.96 -76.08 -143.93
C ASP H 1383 32.19 -75.65 -143.15
N SER H 1384 32.82 -76.60 -142.45
CA SER H 1384 34.03 -76.29 -141.69
C SER H 1384 35.18 -75.90 -142.60
N ALA H 1385 35.36 -76.61 -143.72
CA ALA H 1385 36.43 -76.25 -144.65
C ALA H 1385 36.21 -74.86 -145.25
N ILE H 1386 34.97 -74.56 -145.66
CA ILE H 1386 34.67 -73.27 -146.26
C ILE H 1386 34.85 -72.15 -145.23
N GLY H 1387 34.41 -72.38 -143.99
CA GLY H 1387 34.58 -71.37 -142.97
C GLY H 1387 36.04 -71.12 -142.61
N ILE H 1388 36.85 -72.19 -142.58
CA ILE H 1388 38.28 -72.02 -142.30
C ILE H 1388 38.95 -71.26 -143.43
N LEU H 1389 38.60 -71.57 -144.68
CA LEU H 1389 39.17 -70.84 -145.82
C LEU H 1389 38.76 -69.37 -145.79
N LYS H 1390 37.49 -69.09 -145.47
CA LYS H 1390 37.01 -67.72 -145.39
C LYS H 1390 37.71 -66.95 -144.27
N HIS H 1391 37.90 -67.59 -143.11
CA HIS H 1391 38.61 -66.95 -142.01
C HIS H 1391 40.06 -66.67 -142.38
N ALA H 1392 40.71 -67.60 -143.08
CA ALA H 1392 42.08 -67.39 -143.55
C ALA H 1392 42.15 -66.21 -144.52
N GLN H 1393 41.19 -66.12 -145.44
CA GLN H 1393 41.18 -65.02 -146.39
C GLN H 1393 40.91 -63.69 -145.70
N GLN H 1394 40.04 -63.68 -144.69
CA GLN H 1394 39.67 -62.45 -144.02
C GLN H 1394 40.66 -62.01 -142.95
N HIS H 1395 41.55 -62.90 -142.51
CA HIS H 1395 42.53 -62.57 -141.48
C HIS H 1395 43.95 -62.49 -142.02
N ASN H 1396 44.44 -63.57 -142.63
CA ASN H 1396 45.81 -63.56 -143.14
C ASN H 1396 45.92 -62.86 -144.47
N GLU H 1397 44.85 -62.83 -145.25
CA GLU H 1397 44.77 -62.15 -146.55
C GLU H 1397 45.85 -62.64 -147.52
N ALA H 1716 -5.46 -77.61 -163.90
CA ALA H 1716 -5.20 -77.84 -162.48
C ALA H 1716 -3.81 -77.33 -162.09
N ARG H 1717 -2.80 -78.13 -162.41
CA ARG H 1717 -1.42 -77.73 -162.10
C ARG H 1717 -0.99 -76.53 -162.94
N CYS H 1718 -1.45 -76.46 -164.19
CA CYS H 1718 -1.16 -75.30 -165.03
C CYS H 1718 -1.82 -74.05 -164.48
N PHE H 1719 -3.06 -74.18 -164.00
CA PHE H 1719 -3.75 -73.03 -163.42
C PHE H 1719 -3.10 -72.59 -162.12
N LEU H 1720 -2.64 -73.53 -161.31
CA LEU H 1720 -1.92 -73.18 -160.09
C LEU H 1720 -0.61 -72.47 -160.41
N LYS H 1721 0.11 -72.96 -161.43
CA LYS H 1721 1.34 -72.29 -161.85
C LYS H 1721 1.06 -70.87 -162.35
N GLN H 1722 -0.01 -70.71 -163.15
CA GLN H 1722 -0.37 -69.39 -163.65
C GLN H 1722 -0.72 -68.45 -162.50
N GLY H 1723 -1.48 -68.93 -161.53
CA GLY H 1723 -1.85 -68.10 -160.39
C GLY H 1723 -0.65 -67.71 -159.54
N GLU H 1724 0.27 -68.65 -159.31
CA GLU H 1724 1.42 -68.32 -158.47
C GLU H 1724 2.40 -67.39 -159.18
N TRP H 1725 2.59 -67.57 -160.49
CA TRP H 1725 3.39 -66.61 -161.24
C TRP H 1725 2.74 -65.24 -161.29
N ARG H 1726 1.41 -65.18 -161.44
CA ARG H 1726 0.71 -63.90 -161.46
C ARG H 1726 0.83 -63.18 -160.12
N VAL H 1727 0.66 -63.90 -159.01
CA VAL H 1727 0.75 -63.27 -157.71
C VAL H 1727 2.20 -62.92 -157.38
N CYS H 1728 3.17 -63.63 -157.99
CA CYS H 1728 4.56 -63.27 -157.80
C CYS H 1728 4.91 -62.00 -158.55
N LEU H 1729 4.46 -61.88 -159.81
CA LEU H 1729 4.82 -60.72 -160.61
C LEU H 1729 4.04 -59.48 -160.21
N GLN H 1730 2.81 -59.64 -159.73
CA GLN H 1730 1.96 -58.50 -159.41
C GLN H 1730 1.38 -58.67 -158.02
N PRO H 1731 1.42 -57.64 -157.17
CA PRO H 1731 0.98 -57.79 -155.78
C PRO H 1731 -0.53 -57.89 -155.66
N LYS H 1732 -0.96 -58.34 -154.48
CA LYS H 1732 -2.37 -58.50 -154.15
C LYS H 1732 -3.01 -57.17 -153.74
N TRP H 1733 -4.20 -57.27 -153.12
CA TRP H 1733 -4.93 -56.13 -152.55
C TRP H 1733 -5.42 -55.17 -153.64
N ARG H 1734 -6.03 -55.74 -154.67
CA ARG H 1734 -6.77 -54.94 -155.66
C ARG H 1734 -8.17 -55.52 -155.83
N LEU H 1735 -8.91 -55.02 -156.81
CA LEU H 1735 -10.26 -55.51 -157.09
C LEU H 1735 -10.31 -56.44 -158.29
N SER H 1736 -9.16 -56.80 -158.86
CA SER H 1736 -9.11 -57.69 -160.02
C SER H 1736 -8.30 -58.94 -159.80
N ASN H 1737 -7.15 -58.84 -159.12
CA ASN H 1737 -6.36 -60.02 -158.81
C ASN H 1737 -7.07 -61.05 -157.94
N PRO H 1738 -7.79 -60.69 -156.86
CA PRO H 1738 -8.54 -61.73 -156.13
C PRO H 1738 -9.54 -62.48 -156.99
N ASP H 1739 -10.25 -61.79 -157.90
CA ASP H 1739 -11.19 -62.49 -158.78
C ASP H 1739 -10.46 -63.43 -159.72
N SER H 1740 -9.32 -63.01 -160.27
CA SER H 1740 -8.57 -63.85 -161.19
C SER H 1740 -8.02 -65.09 -160.49
N ILE H 1741 -7.46 -64.93 -159.29
CA ILE H 1741 -6.93 -66.09 -158.57
C ILE H 1741 -8.07 -66.97 -158.08
N LEU H 1742 -9.23 -66.40 -157.75
CA LEU H 1742 -10.38 -67.21 -157.38
C LEU H 1742 -10.86 -68.06 -158.56
N GLY H 1743 -10.91 -67.47 -159.75
CA GLY H 1743 -11.26 -68.23 -160.93
C GLY H 1743 -10.27 -69.33 -161.25
N SER H 1744 -8.97 -69.02 -161.13
CA SER H 1744 -7.93 -70.02 -161.38
C SER H 1744 -8.03 -71.18 -160.38
N TYR H 1745 -8.25 -70.86 -159.09
CA TYR H 1745 -8.35 -71.90 -158.08
C TYR H 1745 -9.63 -72.71 -158.25
N LEU H 1746 -10.72 -72.06 -158.68
CA LEU H 1746 -11.96 -72.78 -158.95
C LEU H 1746 -11.79 -73.74 -160.13
N LEU H 1747 -11.10 -73.31 -161.18
CA LEU H 1747 -10.84 -74.20 -162.30
C LEU H 1747 -9.92 -75.35 -161.91
N ALA H 1748 -8.91 -75.07 -161.08
CA ALA H 1748 -8.03 -76.14 -160.59
C ALA H 1748 -8.79 -77.14 -159.75
N THR H 1749 -9.70 -76.66 -158.89
CA THR H 1749 -10.50 -77.55 -158.07
C THR H 1749 -11.48 -78.36 -158.91
N HIS H 1750 -12.04 -77.74 -159.95
CA HIS H 1750 -12.93 -78.48 -160.86
C HIS H 1750 -12.18 -79.58 -161.60
N PHE H 1751 -10.94 -79.31 -162.01
CA PHE H 1751 -10.16 -80.35 -162.69
C PHE H 1751 -9.70 -81.44 -161.72
N ASP H 1752 -9.33 -81.06 -160.49
CA ASP H 1752 -8.91 -82.02 -159.46
C ASP H 1752 -9.68 -81.68 -158.19
N ASN H 1753 -10.89 -82.23 -158.07
CA ASN H 1753 -11.77 -81.94 -156.93
C ASN H 1753 -11.25 -82.49 -155.61
N THR H 1754 -10.28 -83.40 -155.65
CA THR H 1754 -9.71 -83.98 -154.43
C THR H 1754 -8.27 -83.54 -154.23
N TRP H 1755 -7.97 -82.26 -154.50
CA TRP H 1755 -6.60 -81.77 -154.45
C TRP H 1755 -6.47 -80.79 -153.28
N TYR H 1756 -5.66 -81.20 -152.30
CA TYR H 1756 -5.59 -80.55 -150.99
C TYR H 1756 -5.17 -79.09 -151.10
N LYS H 1757 -4.12 -78.82 -151.88
CA LYS H 1757 -3.61 -77.46 -151.95
C LYS H 1757 -4.60 -76.58 -152.70
N ALA H 1758 -5.37 -77.16 -153.62
CA ALA H 1758 -6.44 -76.41 -154.29
C ALA H 1758 -7.51 -75.98 -153.31
N TRP H 1759 -8.00 -76.92 -152.48
CA TRP H 1759 -9.03 -76.58 -151.50
C TRP H 1759 -8.51 -75.54 -150.51
N HIS H 1760 -7.29 -75.74 -150.01
CA HIS H 1760 -6.71 -74.80 -149.05
C HIS H 1760 -6.49 -73.42 -149.67
N ASN H 1761 -6.05 -73.39 -150.93
CA ASN H 1761 -5.80 -72.13 -151.61
C ASN H 1761 -7.09 -71.37 -151.88
N TRP H 1762 -8.15 -72.08 -152.28
CA TRP H 1762 -9.45 -71.45 -152.47
C TRP H 1762 -9.98 -70.88 -151.16
N ALA H 1763 -9.83 -71.65 -150.08
CA ALA H 1763 -10.29 -71.18 -148.77
C ALA H 1763 -9.51 -69.94 -148.31
N LEU H 1764 -8.18 -69.95 -148.50
CA LEU H 1764 -7.40 -68.80 -148.06
C LEU H 1764 -7.61 -67.59 -148.96
N ALA H 1765 -7.89 -67.81 -150.25
CA ALA H 1765 -8.23 -66.70 -151.13
C ALA H 1765 -9.54 -66.05 -150.69
N ASN H 1766 -10.53 -66.86 -150.32
CA ASN H 1766 -11.74 -66.32 -149.72
C ASN H 1766 -11.42 -65.61 -148.41
N PHE H 1767 -10.44 -66.10 -147.66
CA PHE H 1767 -10.00 -65.41 -146.44
C PHE H 1767 -9.45 -64.02 -146.73
N GLU H 1768 -8.59 -63.88 -147.74
CA GLU H 1768 -8.08 -62.54 -148.03
C GLU H 1768 -9.17 -61.62 -148.57
N VAL H 1769 -10.10 -62.16 -149.36
CA VAL H 1769 -11.21 -61.34 -149.85
C VAL H 1769 -12.06 -60.85 -148.67
N ILE H 1770 -12.34 -61.75 -147.71
CA ILE H 1770 -13.12 -61.37 -146.53
C ILE H 1770 -12.34 -60.36 -145.68
N SER H 1771 -11.02 -60.51 -145.61
CA SER H 1771 -10.21 -59.58 -144.84
C SER H 1771 -10.23 -58.18 -145.43
N MET H 1772 -10.09 -58.08 -146.76
CA MET H 1772 -10.17 -56.76 -147.40
C MET H 1772 -11.57 -56.17 -147.30
N LEU H 1773 -12.61 -57.03 -147.38
CA LEU H 1773 -13.97 -56.54 -147.20
C LEU H 1773 -14.19 -55.99 -145.79
N THR H 1774 -13.64 -56.67 -144.78
CA THR H 1774 -13.74 -56.21 -143.41
C THR H 1774 -12.97 -54.90 -143.21
N SER H 1775 -11.78 -54.80 -143.82
CA SER H 1775 -11.01 -53.58 -143.72
C SER H 1775 -11.71 -52.39 -144.38
N VAL H 1776 -12.36 -52.63 -145.52
CA VAL H 1776 -13.13 -51.58 -146.17
C VAL H 1776 -14.33 -51.20 -145.32
N SER H 1777 -15.05 -52.20 -144.80
CA SER H 1777 -16.22 -51.94 -143.96
C SER H 1777 -15.83 -51.38 -142.60
N SER H 1813 -19.96 -53.34 -146.06
CA SER H 1813 -20.62 -54.25 -147.00
C SER H 1813 -21.54 -55.22 -146.27
N SER H 1814 -20.92 -56.22 -145.62
CA SER H 1814 -21.60 -57.26 -144.85
C SER H 1814 -22.57 -58.07 -145.70
N ASN H 1815 -22.40 -58.04 -147.01
CA ASN H 1815 -23.20 -58.84 -147.93
C ASN H 1815 -22.34 -59.65 -148.89
N LEU H 1816 -21.21 -59.12 -149.32
CA LEU H 1816 -20.29 -59.87 -150.17
C LEU H 1816 -19.46 -60.88 -149.38
N ILE H 1817 -19.50 -60.83 -148.05
CA ILE H 1817 -18.83 -61.84 -147.24
C ILE H 1817 -19.63 -63.13 -147.19
N HIS H 1818 -20.94 -63.08 -147.45
CA HIS H 1818 -21.76 -64.29 -147.43
C HIS H 1818 -21.41 -65.22 -148.60
N ARG H 1819 -21.08 -64.66 -149.75
CA ARG H 1819 -20.71 -65.47 -150.91
C ARG H 1819 -19.32 -66.09 -150.78
N HIS H 1820 -18.54 -65.71 -149.75
CA HIS H 1820 -17.20 -66.23 -149.56
C HIS H 1820 -17.00 -66.99 -148.26
N VAL H 1821 -17.89 -66.83 -147.27
CA VAL H 1821 -17.72 -67.55 -146.01
C VAL H 1821 -17.98 -69.04 -146.21
N ILE H 1822 -18.98 -69.39 -147.02
CA ILE H 1822 -19.35 -70.79 -147.24
C ILE H 1822 -18.35 -71.51 -148.14
N PRO H 1823 -17.88 -70.94 -149.28
CA PRO H 1823 -16.81 -71.63 -150.02
C PRO H 1823 -15.54 -71.83 -149.21
N ALA H 1824 -15.17 -70.85 -148.38
CA ALA H 1824 -13.98 -71.01 -147.54
C ALA H 1824 -14.18 -72.13 -146.52
N ILE H 1825 -15.36 -72.21 -145.91
CA ILE H 1825 -15.65 -73.26 -144.94
C ILE H 1825 -15.62 -74.63 -145.60
N LYS H 1826 -16.24 -74.75 -146.78
CA LYS H 1826 -16.25 -76.03 -147.49
C LYS H 1826 -14.85 -76.44 -147.91
N GLY H 1827 -14.05 -75.49 -148.42
CA GLY H 1827 -12.69 -75.81 -148.82
C GLY H 1827 -11.82 -76.22 -147.64
N PHE H 1828 -11.95 -75.52 -146.52
CA PHE H 1828 -11.19 -75.87 -145.33
C PHE H 1828 -11.58 -77.25 -144.80
N PHE H 1829 -12.88 -77.54 -144.79
CA PHE H 1829 -13.34 -78.87 -144.36
C PHE H 1829 -12.80 -79.96 -145.27
N HIS H 1830 -12.87 -79.75 -146.59
CA HIS H 1830 -12.38 -80.74 -147.54
C HIS H 1830 -10.88 -80.95 -147.41
N SER H 1831 -10.13 -79.86 -147.24
CA SER H 1831 -8.67 -79.97 -147.07
C SER H 1831 -8.32 -80.70 -145.78
N ILE H 1832 -9.04 -80.41 -144.69
CA ILE H 1832 -8.79 -81.08 -143.42
C ILE H 1832 -9.07 -82.57 -143.54
N SER H 1833 -10.20 -82.92 -144.17
CA SER H 1833 -10.53 -84.33 -144.36
C SER H 1833 -9.55 -85.03 -145.29
N LEU H 1834 -8.98 -84.29 -146.24
CA LEU H 1834 -8.00 -84.88 -147.15
C LEU H 1834 -6.68 -85.16 -146.44
N SER H 1835 -6.21 -84.24 -145.61
CA SER H 1835 -4.89 -84.40 -145.00
C SER H 1835 -4.96 -85.11 -143.65
N GLU H 1836 -5.65 -84.52 -142.67
CA GLU H 1836 -5.75 -85.02 -141.29
C GLU H 1836 -4.39 -85.20 -140.62
N SER H 1837 -3.36 -84.50 -141.09
CA SER H 1837 -2.01 -84.64 -140.54
C SER H 1837 -1.49 -83.34 -139.94
N SER H 1838 -1.50 -82.25 -140.69
CA SER H 1838 -0.96 -80.98 -140.22
C SER H 1838 -2.05 -79.91 -140.23
N SER H 1839 -3.22 -80.24 -139.71
CA SER H 1839 -4.38 -79.36 -139.76
C SER H 1839 -4.39 -78.31 -138.66
N LEU H 1840 -3.24 -78.01 -138.05
CA LEU H 1840 -3.19 -77.02 -136.97
C LEU H 1840 -3.63 -75.64 -137.48
N GLN H 1841 -2.98 -75.18 -138.55
CA GLN H 1841 -3.27 -73.84 -139.07
C GLN H 1841 -4.67 -73.77 -139.67
N ASP H 1842 -5.11 -74.85 -140.33
CA ASP H 1842 -6.45 -74.86 -140.90
C ASP H 1842 -7.52 -74.83 -139.81
N ALA H 1843 -7.31 -75.59 -138.73
CA ALA H 1843 -8.28 -75.62 -137.65
C ALA H 1843 -8.36 -74.29 -136.93
N LEU H 1844 -7.21 -73.68 -136.64
CA LEU H 1844 -7.24 -72.38 -135.96
C LEU H 1844 -7.79 -71.29 -136.88
N ARG H 1845 -7.52 -71.38 -138.19
CA ARG H 1845 -8.10 -70.45 -139.14
C ARG H 1845 -9.62 -70.57 -139.16
N LEU H 1846 -10.14 -71.80 -139.18
CA LEU H 1846 -11.59 -72.02 -139.16
C LEU H 1846 -12.20 -71.48 -137.87
N LEU H 1847 -11.52 -71.70 -136.75
CA LEU H 1847 -12.03 -71.19 -135.48
C LEU H 1847 -12.04 -69.67 -135.45
N THR H 1848 -11.00 -69.03 -136.01
CA THR H 1848 -11.00 -67.57 -136.07
C THR H 1848 -12.09 -67.05 -136.98
N LEU H 1849 -12.35 -67.75 -138.10
CA LEU H 1849 -13.43 -67.35 -138.99
C LEU H 1849 -14.79 -67.45 -138.28
N TRP H 1850 -15.01 -68.54 -137.56
CA TRP H 1850 -16.27 -68.73 -136.85
C TRP H 1850 -16.43 -67.71 -135.72
N PHE H 1851 -15.35 -67.41 -135.01
CA PHE H 1851 -15.42 -66.42 -133.94
C PHE H 1851 -15.62 -65.01 -134.48
N THR H 1852 -15.06 -64.72 -135.66
CA THR H 1852 -15.27 -63.42 -136.27
C THR H 1852 -16.70 -63.27 -136.78
N PHE H 1853 -17.22 -64.29 -137.47
CA PHE H 1853 -18.59 -64.27 -137.98
C PHE H 1853 -19.28 -65.55 -137.53
N GLY H 1854 -19.79 -65.54 -136.30
CA GLY H 1854 -20.67 -66.56 -135.78
C GLY H 1854 -22.15 -66.23 -135.85
N GLY H 1855 -22.52 -65.19 -136.59
CA GLY H 1855 -23.91 -64.80 -136.69
C GLY H 1855 -24.47 -64.92 -138.10
N ILE H 1856 -23.88 -65.81 -138.90
CA ILE H 1856 -24.32 -66.07 -140.26
C ILE H 1856 -25.00 -67.44 -140.27
N PRO H 1857 -26.32 -67.50 -140.42
CA PRO H 1857 -27.01 -68.80 -140.37
C PRO H 1857 -26.57 -69.78 -141.45
N GLU H 1858 -26.26 -69.28 -142.65
CA GLU H 1858 -25.74 -70.15 -143.69
C GLU H 1858 -24.44 -70.80 -143.27
N ALA H 1859 -23.56 -70.03 -142.61
CA ALA H 1859 -22.36 -70.60 -142.03
C ALA H 1859 -22.68 -71.60 -140.93
N THR H 1860 -23.75 -71.35 -140.16
CA THR H 1860 -24.12 -72.29 -139.10
C THR H 1860 -24.48 -73.66 -139.68
N GLN H 1861 -25.37 -73.70 -140.69
CA GLN H 1861 -25.67 -75.00 -141.27
C GLN H 1861 -24.49 -75.56 -142.07
N ALA H 1862 -23.62 -74.70 -142.60
CA ALA H 1862 -22.44 -75.20 -143.31
C ALA H 1862 -21.52 -75.97 -142.36
N MET H 1863 -21.25 -75.41 -141.19
CA MET H 1863 -20.41 -76.12 -140.24
C MET H 1863 -21.15 -77.26 -139.56
N HIS H 1864 -22.48 -77.17 -139.45
CA HIS H 1864 -23.27 -78.29 -138.94
C HIS H 1864 -23.20 -79.49 -139.86
N GLU H 1865 -23.30 -79.28 -141.18
CA GLU H 1865 -23.15 -80.39 -142.11
C GLU H 1865 -21.70 -80.79 -142.30
N GLY H 1866 -20.75 -79.90 -141.99
CA GLY H 1866 -19.36 -80.29 -141.96
C GLY H 1866 -18.92 -81.05 -140.72
N PHE H 1867 -19.77 -81.08 -139.69
CA PHE H 1867 -19.52 -81.93 -138.52
C PHE H 1867 -19.23 -83.38 -138.91
N ASN H 1868 -20.09 -83.96 -139.74
CA ASN H 1868 -19.92 -85.35 -140.13
C ASN H 1868 -18.68 -85.54 -140.99
N LEU H 1869 -18.37 -84.54 -141.82
CA LEU H 1869 -17.21 -84.65 -142.71
C LEU H 1869 -15.91 -84.55 -141.92
N ILE H 1870 -15.87 -83.73 -140.87
CA ILE H 1870 -14.65 -83.57 -140.09
C ILE H 1870 -14.62 -84.61 -138.98
N GLN H 1871 -13.41 -84.95 -138.51
CA GLN H 1871 -13.21 -85.90 -137.45
C GLN H 1871 -13.09 -85.18 -136.11
N ILE H 1872 -12.79 -85.95 -135.06
CA ILE H 1872 -12.65 -85.41 -133.71
C ILE H 1872 -11.17 -85.41 -133.34
N GLY H 1873 -10.39 -86.24 -134.03
CA GLY H 1873 -8.95 -86.30 -133.78
C GLY H 1873 -8.23 -85.00 -134.13
N THR H 1874 -8.74 -84.28 -135.13
CA THR H 1874 -8.17 -82.98 -135.46
C THR H 1874 -8.30 -82.01 -134.29
N TRP H 1875 -9.50 -81.92 -133.71
CA TRP H 1875 -9.68 -81.06 -132.54
C TRP H 1875 -8.93 -81.60 -131.32
N LEU H 1876 -8.76 -82.93 -131.24
CA LEU H 1876 -7.95 -83.50 -130.18
C LEU H 1876 -6.51 -83.04 -130.27
N GLU H 1877 -5.96 -83.00 -131.49
CA GLU H 1877 -4.60 -82.50 -131.69
C GLU H 1877 -4.51 -80.99 -131.59
N VAL H 1878 -5.61 -80.28 -131.82
CA VAL H 1878 -5.59 -78.82 -131.90
C VAL H 1878 -6.48 -78.34 -130.73
N LEU H 1879 -6.37 -79.05 -129.61
CA LEU H 1879 -7.15 -78.68 -128.42
C LEU H 1879 -6.92 -77.27 -127.87
N PRO H 1880 -5.68 -76.77 -127.67
CA PRO H 1880 -5.48 -75.70 -126.67
C PRO H 1880 -6.23 -74.39 -126.94
N GLN H 1881 -6.39 -73.98 -128.19
CA GLN H 1881 -7.10 -72.74 -128.45
C GLN H 1881 -8.59 -72.85 -128.15
N LEU H 1882 -9.15 -74.05 -128.16
CA LEU H 1882 -10.53 -74.23 -127.71
C LEU H 1882 -10.67 -73.88 -126.23
N ILE H 1883 -9.73 -74.35 -125.41
CA ILE H 1883 -9.75 -74.00 -123.99
C ILE H 1883 -9.45 -72.51 -123.82
N SER H 1884 -8.56 -71.96 -124.65
CA SER H 1884 -8.24 -70.55 -124.57
C SER H 1884 -9.46 -69.68 -124.86
N ARG H 1885 -10.26 -70.07 -125.86
CA ARG H 1885 -11.48 -69.36 -126.22
C ARG H 1885 -12.73 -70.09 -125.74
N ILE H 1886 -12.65 -70.77 -124.59
CA ILE H 1886 -13.80 -71.49 -124.03
C ILE H 1886 -14.93 -70.55 -123.63
N HIS H 1887 -14.67 -69.25 -123.50
CA HIS H 1887 -15.71 -68.27 -123.25
C HIS H 1887 -16.28 -67.80 -124.58
N GLN H 1888 -17.60 -67.89 -124.73
CA GLN H 1888 -18.27 -67.55 -125.96
C GLN H 1888 -19.32 -66.47 -125.73
N PRO H 1889 -19.36 -65.43 -126.56
CA PRO H 1889 -20.39 -64.39 -126.40
C PRO H 1889 -21.67 -64.66 -127.18
N ASN H 1890 -21.69 -65.63 -128.09
CA ASN H 1890 -22.87 -65.94 -128.89
C ASN H 1890 -23.42 -67.31 -128.49
N GLN H 1891 -24.75 -67.41 -128.47
CA GLN H 1891 -25.40 -68.64 -128.04
C GLN H 1891 -25.14 -69.78 -129.03
N ILE H 1892 -25.21 -69.50 -130.33
CA ILE H 1892 -24.98 -70.55 -131.33
C ILE H 1892 -23.54 -71.01 -131.31
N VAL H 1893 -22.59 -70.06 -131.20
CA VAL H 1893 -21.18 -70.41 -131.10
C VAL H 1893 -20.92 -71.24 -129.85
N SER H 1894 -21.53 -70.84 -128.73
CA SER H 1894 -21.37 -71.57 -127.48
C SER H 1894 -21.91 -72.99 -127.59
N ARG H 1895 -23.09 -73.14 -128.19
CA ARG H 1895 -23.67 -74.47 -128.34
C ARG H 1895 -22.82 -75.36 -129.24
N SER H 1896 -22.30 -74.79 -130.34
CA SER H 1896 -21.43 -75.56 -131.22
C SER H 1896 -20.16 -75.99 -130.51
N LEU H 1897 -19.56 -75.09 -129.74
CA LEU H 1897 -18.33 -75.43 -129.02
C LEU H 1897 -18.60 -76.46 -127.92
N LEU H 1898 -19.74 -76.35 -127.23
CA LEU H 1898 -20.08 -77.36 -126.23
C LEU H 1898 -20.31 -78.73 -126.85
N SER H 1899 -20.97 -78.78 -128.01
CA SER H 1899 -21.14 -80.05 -128.70
C SER H 1899 -19.78 -80.61 -129.14
N LEU H 1900 -18.89 -79.75 -129.64
CA LEU H 1900 -17.57 -80.19 -130.05
C LEU H 1900 -16.77 -80.74 -128.87
N LEU H 1901 -16.81 -80.06 -127.72
CA LEU H 1901 -16.06 -80.54 -126.57
C LEU H 1901 -16.72 -81.76 -125.95
N SER H 1902 -18.03 -81.92 -126.10
CA SER H 1902 -18.68 -83.16 -125.69
C SER H 1902 -18.20 -84.33 -126.55
N ASP H 1903 -18.06 -84.10 -127.85
CA ASP H 1903 -17.47 -85.12 -128.73
C ASP H 1903 -16.03 -85.40 -128.33
N LEU H 1904 -15.28 -84.36 -127.95
CA LEU H 1904 -13.91 -84.54 -127.49
C LEU H 1904 -13.87 -85.36 -126.20
N GLY H 1905 -14.82 -85.12 -125.30
CA GLY H 1905 -14.91 -85.93 -124.09
C GLY H 1905 -15.28 -87.37 -124.39
N LYS H 1906 -16.11 -87.59 -125.41
CA LYS H 1906 -16.39 -88.96 -125.84
C LYS H 1906 -15.16 -89.62 -126.43
N ALA H 1907 -14.32 -88.87 -127.13
CA ALA H 1907 -13.14 -89.39 -127.82
C ALA H 1907 -11.89 -88.97 -127.05
N HIS H 1908 -11.45 -89.83 -126.12
CA HIS H 1908 -10.28 -89.64 -125.26
C HIS H 1908 -10.33 -88.33 -124.50
N PRO H 1909 -11.13 -88.24 -123.43
CA PRO H 1909 -11.19 -87.00 -122.63
C PRO H 1909 -9.96 -86.76 -121.76
N GLN H 1910 -9.00 -87.68 -121.72
CA GLN H 1910 -7.86 -87.58 -120.83
C GLN H 1910 -6.88 -86.47 -121.21
N ALA H 1911 -7.02 -85.88 -122.39
CA ALA H 1911 -6.10 -84.84 -122.86
C ALA H 1911 -6.58 -83.44 -122.56
N LEU H 1912 -7.70 -83.27 -121.84
CA LEU H 1912 -8.24 -81.93 -121.60
C LEU H 1912 -8.75 -81.70 -120.18
N VAL H 1913 -8.61 -82.66 -119.26
CA VAL H 1913 -9.11 -82.47 -117.90
C VAL H 1913 -8.29 -81.42 -117.17
N TYR H 1914 -6.97 -81.38 -117.41
CA TYR H 1914 -6.14 -80.36 -116.76
C TYR H 1914 -6.51 -78.94 -117.22
N PRO H 1915 -6.59 -78.62 -118.52
CA PRO H 1915 -7.14 -77.31 -118.89
C PRO H 1915 -8.58 -77.13 -118.48
N LEU H 1916 -9.33 -78.23 -118.29
CA LEU H 1916 -10.70 -78.11 -117.84
C LEU H 1916 -10.77 -77.51 -116.44
N MET H 1917 -10.00 -78.05 -115.48
CA MET H 1917 -10.12 -77.40 -114.17
C MET H 1917 -9.29 -76.13 -114.09
N VAL H 1918 -8.37 -75.89 -115.03
CA VAL H 1918 -7.83 -74.54 -115.19
C VAL H 1918 -8.94 -73.56 -115.52
N ALA H 1919 -9.84 -73.95 -116.44
CA ALA H 1919 -10.99 -73.11 -116.75
C ALA H 1919 -11.92 -72.98 -115.55
N ILE H 1920 -12.07 -74.05 -114.77
CA ILE H 1920 -12.90 -74.00 -113.56
C ILE H 1920 -12.35 -72.97 -112.58
N LYS H 1921 -11.05 -73.00 -112.33
CA LYS H 1921 -10.44 -72.11 -111.35
C LYS H 1921 -10.01 -70.78 -111.94
N SER H 1922 -10.32 -70.52 -113.21
CA SER H 1922 -10.04 -69.23 -113.82
C SER H 1922 -10.91 -68.14 -113.18
N GLU H 1923 -10.65 -66.89 -113.59
CA GLU H 1923 -11.28 -65.73 -112.98
C GLU H 1923 -12.45 -65.18 -113.79
N SER H 1924 -12.91 -65.89 -114.81
CA SER H 1924 -14.00 -65.41 -115.66
C SER H 1924 -15.28 -66.12 -115.28
N LEU H 1925 -16.20 -65.39 -114.65
CA LEU H 1925 -17.46 -65.96 -114.19
C LEU H 1925 -18.25 -66.56 -115.36
N SER H 1926 -18.15 -65.92 -116.53
CA SER H 1926 -18.73 -66.50 -117.74
C SER H 1926 -18.09 -67.85 -118.07
N ARG H 1927 -16.78 -67.98 -117.82
CA ARG H 1927 -16.11 -69.25 -118.09
C ARG H 1927 -16.60 -70.34 -117.14
N GLN H 1928 -16.75 -70.04 -115.84
CA GLN H 1928 -17.35 -71.07 -114.96
C GLN H 1928 -18.80 -71.38 -115.35
N LYS H 1929 -19.59 -70.36 -115.69
CA LYS H 1929 -20.99 -70.63 -116.08
C LYS H 1929 -21.06 -71.48 -117.34
N ALA H 1930 -20.16 -71.25 -118.29
CA ALA H 1930 -20.12 -72.10 -119.48
C ALA H 1930 -19.63 -73.51 -119.14
N ALA H 1931 -18.70 -73.62 -118.20
CA ALA H 1931 -18.12 -74.91 -117.86
C ALA H 1931 -19.00 -75.75 -116.94
N LEU H 1932 -20.05 -75.17 -116.35
CA LEU H 1932 -21.01 -75.99 -115.61
C LEU H 1932 -21.62 -77.05 -116.50
N SER H 1933 -21.88 -76.72 -117.77
CA SER H 1933 -22.40 -77.72 -118.71
C SER H 1933 -21.39 -78.83 -118.95
N ILE H 1934 -20.09 -78.48 -119.03
CA ILE H 1934 -19.05 -79.48 -119.18
C ILE H 1934 -19.02 -80.41 -117.97
N ILE H 1935 -19.15 -79.83 -116.77
CA ILE H 1935 -19.19 -80.63 -115.55
C ILE H 1935 -20.39 -81.57 -115.57
N GLU H 1936 -21.55 -81.06 -115.95
CA GLU H 1936 -22.77 -81.86 -115.96
C GLU H 1936 -22.69 -82.99 -116.98
N LYS H 1937 -22.15 -82.72 -118.17
CA LYS H 1937 -22.03 -83.77 -119.17
C LYS H 1937 -20.93 -84.76 -118.85
N MET H 1938 -19.94 -84.36 -118.04
CA MET H 1938 -18.91 -85.29 -117.62
C MET H 1938 -19.37 -86.16 -116.45
N ARG H 1939 -20.35 -85.70 -115.67
CA ARG H 1939 -20.87 -86.53 -114.57
C ARG H 1939 -21.51 -87.82 -115.09
N ILE H 1940 -22.23 -87.74 -116.21
CA ILE H 1940 -22.87 -88.93 -116.76
C ILE H 1940 -21.87 -89.89 -117.39
N HIS H 1941 -20.63 -89.47 -117.59
CA HIS H 1941 -19.59 -90.34 -118.14
C HIS H 1941 -18.69 -90.91 -117.05
N SER H 1942 -18.03 -90.06 -116.27
CA SER H 1942 -17.14 -90.53 -115.22
C SER H 1942 -16.92 -89.46 -114.15
N PRO H 1943 -17.69 -89.46 -113.07
CA PRO H 1943 -17.42 -88.51 -111.97
C PRO H 1943 -16.07 -88.72 -111.30
N VAL H 1944 -15.59 -89.97 -111.26
CA VAL H 1944 -14.38 -90.29 -110.52
C VAL H 1944 -13.17 -89.60 -111.14
N LEU H 1945 -13.14 -89.49 -112.47
CA LEU H 1945 -12.02 -88.85 -113.15
C LEU H 1945 -11.84 -87.41 -112.69
N VAL H 1946 -12.91 -86.60 -112.78
CA VAL H 1946 -12.81 -85.20 -112.40
C VAL H 1946 -12.63 -85.04 -110.89
N ASP H 1947 -13.28 -85.90 -110.10
CA ASP H 1947 -13.13 -85.80 -108.65
C ASP H 1947 -11.69 -86.04 -108.22
N GLN H 1948 -11.09 -87.14 -108.69
CA GLN H 1948 -9.69 -87.41 -108.39
C GLN H 1948 -8.78 -86.37 -109.02
N ALA H 1949 -9.17 -85.82 -110.17
CA ALA H 1949 -8.35 -84.81 -110.83
C ALA H 1949 -8.26 -83.54 -110.00
N GLU H 1950 -9.39 -83.05 -109.49
CA GLU H 1950 -9.34 -81.86 -108.65
C GLU H 1950 -8.71 -82.15 -107.30
N LEU H 1951 -8.91 -83.37 -106.76
CA LEU H 1951 -8.27 -83.73 -105.50
C LEU H 1951 -6.76 -83.76 -105.61
N VAL H 1952 -6.22 -84.28 -106.72
CA VAL H 1952 -4.79 -84.27 -106.91
C VAL H 1952 -4.30 -82.91 -107.41
N SER H 1953 -5.18 -82.08 -107.97
CA SER H 1953 -4.76 -80.77 -108.44
C SER H 1953 -4.54 -79.81 -107.27
N HIS H 1954 -5.57 -79.65 -106.43
CA HIS H 1954 -5.56 -78.60 -105.41
C HIS H 1954 -4.35 -78.69 -104.49
N GLU H 1955 -3.93 -79.93 -104.17
CA GLU H 1955 -2.71 -80.11 -103.38
C GLU H 1955 -1.48 -79.61 -104.14
N LEU H 1956 -1.40 -79.88 -105.44
CA LEU H 1956 -0.27 -79.40 -106.22
C LEU H 1956 -0.25 -77.88 -106.34
N ILE H 1957 -1.40 -77.21 -106.43
CA ILE H 1957 -1.35 -75.75 -106.46
C ILE H 1957 -0.94 -75.19 -105.10
N ARG H 1958 -1.53 -75.70 -104.00
CA ARG H 1958 -1.08 -75.27 -102.68
C ARG H 1958 0.38 -75.62 -102.39
N MET H 1959 0.94 -76.61 -103.07
CA MET H 1959 2.33 -76.95 -102.82
C MET H 1959 3.28 -76.24 -103.78
N ALA H 1960 2.79 -75.88 -104.98
CA ALA H 1960 3.55 -75.03 -105.87
C ALA H 1960 3.73 -73.64 -105.28
N VAL H 1961 2.66 -73.06 -104.77
CA VAL H 1961 2.75 -71.81 -104.02
C VAL H 1961 2.81 -72.23 -102.56
N LEU H 1962 4.04 -72.48 -102.08
CA LEU H 1962 4.22 -73.06 -100.75
C LEU H 1962 3.72 -72.08 -99.69
N TRP H 1963 3.35 -72.63 -98.54
CA TRP H 1963 2.39 -71.94 -97.68
C TRP H 1963 2.93 -70.68 -97.02
N HIS H 1964 4.25 -70.49 -96.97
CA HIS H 1964 4.74 -69.24 -96.39
C HIS H 1964 4.81 -68.12 -97.43
N GLU H 1965 4.90 -68.48 -98.71
CA GLU H 1965 4.98 -67.49 -99.79
C GLU H 1965 3.76 -66.58 -99.92
N GLN H 1966 2.55 -67.03 -99.55
CA GLN H 1966 1.39 -66.12 -99.63
C GLN H 1966 1.61 -64.87 -98.77
N TRP H 1967 1.78 -65.04 -97.47
CA TRP H 1967 2.04 -63.86 -96.65
C TRP H 1967 3.43 -63.28 -96.87
N TYR H 1968 4.38 -64.04 -97.41
CA TYR H 1968 5.67 -63.44 -97.76
C TYR H 1968 5.52 -62.39 -98.84
N GLU H 1969 4.87 -62.75 -99.95
CA GLU H 1969 4.64 -61.77 -101.01
C GLU H 1969 3.63 -60.72 -100.58
N GLY H 1970 2.68 -61.08 -99.72
CA GLY H 1970 1.74 -60.10 -99.21
C GLY H 1970 2.40 -59.04 -98.34
N LEU H 1971 3.45 -59.41 -97.61
CA LEU H 1971 4.21 -58.41 -96.88
C LEU H 1971 5.09 -57.60 -97.83
N ASP H 1972 5.75 -58.26 -98.79
CA ASP H 1972 6.72 -57.56 -99.63
C ASP H 1972 6.05 -56.55 -100.56
N ASP H 1973 4.97 -56.96 -101.24
CA ASP H 1973 4.31 -56.08 -102.20
C ASP H 1973 3.67 -54.90 -101.49
N ALA H 1974 3.14 -55.14 -100.29
CA ALA H 1974 2.64 -54.03 -99.46
C ALA H 1974 3.78 -53.12 -99.05
N SER H 1975 4.93 -53.69 -98.69
CA SER H 1975 6.02 -52.90 -98.11
C SER H 1975 6.60 -51.92 -99.12
N ARG H 1976 6.88 -52.37 -100.34
CA ARG H 1976 7.56 -51.43 -101.23
C ARG H 1976 6.61 -50.36 -101.77
N GLN H 1977 5.33 -50.66 -101.95
CA GLN H 1977 4.41 -49.60 -102.34
C GLN H 1977 4.07 -48.67 -101.19
N PHE H 1978 4.17 -49.16 -99.94
CA PHE H 1978 4.00 -48.25 -98.81
C PHE H 1978 5.20 -47.34 -98.67
N PHE H 1979 6.40 -47.86 -98.96
CA PHE H 1979 7.57 -46.98 -99.03
C PHE H 1979 7.44 -45.99 -100.18
N GLY H 1980 6.80 -46.40 -101.27
CA GLY H 1980 6.58 -45.52 -102.40
C GLY H 1980 5.60 -44.40 -102.14
N GLU H 1981 4.31 -44.72 -101.94
CA GLU H 1981 3.30 -43.68 -101.87
C GLU H 1981 2.21 -43.89 -100.81
N HIS H 1982 2.37 -44.88 -99.91
CA HIS H 1982 1.59 -45.00 -98.69
C HIS H 1982 0.08 -45.14 -98.97
N ASN H 1983 -0.26 -46.26 -99.62
CA ASN H 1983 -1.66 -46.59 -99.91
C ASN H 1983 -2.24 -47.60 -98.91
N THR H 1984 -2.77 -47.05 -97.81
CA THR H 1984 -3.31 -47.87 -96.73
C THR H 1984 -4.53 -48.68 -97.15
N GLU H 1985 -5.36 -48.14 -98.04
CA GLU H 1985 -6.48 -48.90 -98.57
C GLU H 1985 -6.00 -50.13 -99.32
N LYS H 1986 -4.89 -50.00 -100.06
CA LYS H 1986 -4.34 -51.12 -100.80
C LYS H 1986 -3.67 -52.11 -99.84
N MET H 1987 -3.11 -51.62 -98.72
CA MET H 1987 -2.70 -52.50 -97.63
C MET H 1987 -3.85 -53.35 -97.13
N PHE H 1988 -4.99 -52.71 -96.86
CA PHE H 1988 -6.15 -53.44 -96.35
C PHE H 1988 -6.67 -54.43 -97.38
N ALA H 1989 -6.62 -54.06 -98.66
CA ALA H 1989 -7.02 -54.98 -99.72
C ALA H 1989 -6.10 -56.19 -99.78
N ALA H 1990 -4.80 -55.99 -99.58
CA ALA H 1990 -3.87 -57.12 -99.54
C ALA H 1990 -4.14 -58.03 -98.35
N LEU H 1991 -4.39 -57.43 -97.19
CA LEU H 1991 -4.48 -58.21 -95.95
C LEU H 1991 -5.87 -58.75 -95.66
N GLU H 1992 -6.89 -58.34 -96.43
CA GLU H 1992 -8.22 -58.90 -96.22
C GLU H 1992 -8.30 -60.40 -96.51
N PRO H 1993 -7.84 -60.93 -97.66
CA PRO H 1993 -8.00 -62.37 -97.88
C PRO H 1993 -6.92 -63.23 -97.23
N LEU H 1994 -5.83 -62.63 -96.76
CA LEU H 1994 -4.74 -63.42 -96.19
C LEU H 1994 -5.10 -64.01 -94.84
N TYR H 1995 -6.08 -63.44 -94.14
CA TYR H 1995 -6.48 -63.90 -92.82
C TYR H 1995 -7.81 -64.63 -92.83
N GLU H 1996 -8.34 -64.98 -94.00
CA GLU H 1996 -9.64 -65.64 -94.06
C GLU H 1996 -9.55 -67.10 -93.64
N MET H 1997 -8.54 -67.83 -94.10
CA MET H 1997 -8.53 -69.28 -93.93
C MET H 1997 -8.23 -69.69 -92.49
N LEU H 1998 -7.63 -68.82 -91.69
CA LEU H 1998 -7.38 -69.16 -90.28
C LEU H 1998 -8.68 -69.28 -89.50
N LYS H 1999 -9.66 -68.43 -89.81
CA LYS H 1999 -10.97 -68.58 -89.19
C LYS H 1999 -11.89 -69.48 -90.00
N ARG H 2000 -11.58 -69.73 -91.28
CA ARG H 2000 -12.33 -70.71 -92.04
C ARG H 2000 -12.09 -72.13 -91.52
N GLY H 2001 -10.82 -72.47 -91.26
CA GLY H 2001 -10.50 -73.77 -90.72
C GLY H 2001 -9.14 -74.28 -91.17
N PRO H 2002 -8.41 -74.92 -90.25
CA PRO H 2002 -7.13 -75.52 -90.62
C PRO H 2002 -7.30 -76.70 -91.55
N GLU H 2003 -6.29 -76.91 -92.40
CA GLU H 2003 -6.39 -77.99 -93.38
C GLU H 2003 -5.21 -78.95 -93.37
N THR H 2004 -3.99 -78.46 -93.19
CA THR H 2004 -2.80 -79.29 -93.33
C THR H 2004 -1.91 -79.19 -92.11
N LEU H 2005 -1.04 -80.20 -91.98
CA LEU H 2005 -0.14 -80.27 -90.83
C LEU H 2005 0.88 -79.13 -90.84
N ARG H 2006 1.38 -78.75 -92.01
CA ARG H 2006 2.32 -77.63 -92.08
C ARG H 2006 1.61 -76.31 -91.75
N GLU H 2007 0.35 -76.17 -92.16
CA GLU H 2007 -0.43 -75.01 -91.76
C GLU H 2007 -0.62 -74.97 -90.26
N ILE H 2008 -0.87 -76.13 -89.64
CA ILE H 2008 -0.93 -76.21 -88.17
C ILE H 2008 0.41 -75.82 -87.55
N SER H 2009 1.50 -76.26 -88.17
CA SER H 2009 2.83 -75.97 -87.65
C SER H 2009 3.14 -74.48 -87.71
N PHE H 2010 2.60 -73.77 -88.70
CA PHE H 2010 2.72 -72.32 -88.66
C PHE H 2010 1.73 -71.69 -87.68
N GLN H 2011 0.54 -72.28 -87.55
CA GLN H 2011 -0.51 -71.71 -86.70
C GLN H 2011 -0.08 -71.69 -85.23
N ASN H 2012 0.45 -72.81 -84.74
CA ASN H 2012 0.82 -72.86 -83.33
C ASN H 2012 2.13 -72.13 -83.04
N SER H 2013 2.84 -71.69 -84.09
CA SER H 2013 4.12 -71.00 -83.91
C SER H 2013 4.00 -69.48 -84.04
N PHE H 2014 3.55 -69.01 -85.20
CA PHE H 2014 3.59 -67.58 -85.54
C PHE H 2014 2.21 -67.03 -85.82
N GLY H 2015 1.23 -67.34 -84.98
CA GLY H 2015 -0.10 -66.80 -85.19
C GLY H 2015 -0.37 -65.54 -84.39
N ARG H 2016 0.23 -65.44 -83.20
CA ARG H 2016 -0.07 -64.35 -82.28
C ARG H 2016 0.37 -63.00 -82.85
N ASP H 2017 1.54 -62.95 -83.49
CA ASP H 2017 2.01 -61.69 -84.07
C ASP H 2017 1.12 -61.24 -85.21
N LEU H 2018 0.66 -62.18 -86.06
CA LEU H 2018 -0.27 -61.86 -87.12
C LEU H 2018 -1.59 -61.33 -86.55
N ASN H 2019 -2.08 -61.96 -85.48
CA ASN H 2019 -3.30 -61.47 -84.84
C ASN H 2019 -3.12 -60.06 -84.32
N ASP H 2020 -2.00 -59.80 -83.61
CA ASP H 2020 -1.75 -58.47 -83.05
C ASP H 2020 -1.65 -57.42 -84.13
N ALA H 2021 -0.99 -57.75 -85.25
CA ALA H 2021 -0.98 -56.86 -86.40
C ALA H 2021 -2.39 -56.61 -86.91
N TYR H 2022 -3.26 -57.62 -86.85
CA TYR H 2022 -4.62 -57.42 -87.33
C TYR H 2022 -5.39 -56.43 -86.46
N GLU H 2023 -5.33 -56.56 -85.13
CA GLU H 2023 -6.08 -55.55 -84.37
C GLU H 2023 -5.36 -54.20 -84.36
N TRP H 2024 -4.06 -54.16 -84.61
CA TRP H 2024 -3.43 -52.85 -84.78
C TRP H 2024 -3.90 -52.18 -86.08
N LEU H 2025 -4.14 -52.98 -87.13
CA LEU H 2025 -4.78 -52.45 -88.33
C LEU H 2025 -6.20 -51.97 -88.02
N MET H 2026 -6.93 -52.71 -87.19
CA MET H 2026 -8.26 -52.28 -86.78
C MET H 2026 -8.21 -50.96 -86.02
N ASN H 2027 -7.23 -50.81 -85.12
CA ASN H 2027 -7.07 -49.57 -84.38
C ASN H 2027 -6.71 -48.41 -85.30
N TYR H 2028 -5.85 -48.66 -86.29
CA TYR H 2028 -5.52 -47.64 -87.28
C TYR H 2028 -6.75 -47.22 -88.08
N LYS H 2029 -7.59 -48.19 -88.45
CA LYS H 2029 -8.81 -47.87 -89.18
C LYS H 2029 -9.78 -47.05 -88.31
N LYS H 2030 -9.89 -47.40 -87.03
CA LYS H 2030 -10.85 -46.74 -86.15
C LYS H 2030 -10.34 -45.44 -85.56
N SER H 2031 -9.05 -45.13 -85.66
CA SER H 2031 -8.50 -43.95 -85.01
C SER H 2031 -7.59 -43.10 -85.89
N LYS H 2032 -6.99 -43.65 -86.95
CA LYS H 2032 -5.99 -42.98 -87.77
C LYS H 2032 -4.84 -42.47 -86.91
N ASP H 2033 -4.13 -43.44 -86.34
CA ASP H 2033 -3.01 -43.19 -85.43
C ASP H 2033 -1.67 -43.58 -86.05
N VAL H 2034 -0.87 -42.55 -86.37
CA VAL H 2034 0.37 -42.75 -87.11
C VAL H 2034 1.41 -43.49 -86.26
N SER H 2035 1.44 -43.21 -84.95
CA SER H 2035 2.40 -43.88 -84.08
C SER H 2035 2.13 -45.39 -84.03
N ASN H 2036 0.86 -45.78 -83.91
CA ASN H 2036 0.54 -47.20 -83.93
C ASN H 2036 0.72 -47.79 -85.33
N LEU H 2037 0.59 -46.98 -86.38
CA LEU H 2037 0.96 -47.45 -87.72
C LEU H 2037 2.44 -47.78 -87.79
N ASN H 2038 3.28 -46.93 -87.20
CA ASN H 2038 4.72 -47.21 -87.16
C ASN H 2038 5.01 -48.45 -86.31
N GLN H 2039 4.28 -48.62 -85.21
CA GLN H 2039 4.45 -49.83 -84.40
C GLN H 2039 4.03 -51.09 -85.17
N ALA H 2040 2.96 -50.99 -85.95
CA ALA H 2040 2.53 -52.11 -86.79
C ALA H 2040 3.57 -52.41 -87.85
N TRP H 2041 4.19 -51.39 -88.43
CA TRP H 2041 5.25 -51.64 -89.39
C TRP H 2041 6.51 -52.18 -88.72
N ASP H 2042 6.75 -51.82 -87.46
CA ASP H 2042 7.84 -52.43 -86.71
C ASP H 2042 7.60 -53.92 -86.48
N ILE H 2043 6.37 -54.30 -86.10
CA ILE H 2043 6.11 -55.72 -85.91
C ILE H 2043 6.07 -56.44 -87.26
N TYR H 2044 5.75 -55.71 -88.34
CA TYR H 2044 5.86 -56.29 -89.68
C TYR H 2044 7.31 -56.57 -90.04
N TYR H 2045 8.22 -55.65 -89.70
CA TYR H 2045 9.64 -55.91 -89.87
C TYR H 2045 10.09 -57.09 -89.01
N ASN H 2046 9.52 -57.21 -87.81
CA ASN H 2046 9.86 -58.32 -86.92
C ASN H 2046 9.44 -59.65 -87.51
N VAL H 2047 8.21 -59.73 -88.01
CA VAL H 2047 7.74 -60.99 -88.59
C VAL H 2047 8.45 -61.27 -89.93
N PHE H 2048 8.79 -60.21 -90.68
CA PHE H 2048 9.56 -60.39 -91.90
C PHE H 2048 10.93 -60.97 -91.60
N ARG H 2049 11.56 -60.50 -90.53
CA ARG H 2049 12.83 -61.10 -90.09
C ARG H 2049 12.63 -62.56 -89.69
N LYS H 2050 11.65 -62.82 -88.80
CA LYS H 2050 11.45 -64.18 -88.32
C LYS H 2050 10.87 -65.13 -89.38
N ILE H 2051 10.61 -64.63 -90.58
CA ILE H 2051 10.37 -65.48 -91.74
C ILE H 2051 11.62 -65.61 -92.61
N GLY H 2052 12.24 -64.49 -92.96
CA GLY H 2052 13.31 -64.47 -93.94
C GLY H 2052 14.64 -64.99 -93.46
N LYS H 2053 14.79 -65.09 -92.15
CA LYS H 2053 16.05 -65.67 -91.69
C LYS H 2053 16.05 -67.12 -92.15
N GLN H 2054 15.05 -67.86 -91.69
CA GLN H 2054 14.99 -69.29 -91.92
C GLN H 2054 14.32 -69.66 -93.24
N LEU H 2055 13.92 -68.68 -94.05
CA LEU H 2055 13.42 -68.98 -95.40
C LEU H 2055 14.39 -69.80 -96.25
N PRO H 2056 15.69 -69.51 -96.35
CA PRO H 2056 16.57 -70.36 -97.16
C PRO H 2056 16.98 -71.67 -96.51
N GLN H 2057 16.35 -72.07 -95.41
CA GLN H 2057 16.70 -73.31 -94.72
C GLN H 2057 15.74 -74.45 -95.04
N LEU H 2058 14.83 -74.27 -95.99
CA LEU H 2058 13.94 -75.34 -96.44
C LEU H 2058 14.49 -75.96 -97.72
N GLN H 2059 15.54 -76.78 -97.55
CA GLN H 2059 16.19 -77.41 -98.69
C GLN H 2059 15.35 -78.53 -99.28
N THR H 2060 14.39 -79.07 -98.53
CA THR H 2060 13.52 -80.12 -99.04
C THR H 2060 12.15 -79.99 -98.37
N LEU H 2061 11.14 -80.50 -99.05
CA LEU H 2061 9.78 -80.51 -98.55
C LEU H 2061 9.29 -81.96 -98.46
N GLU H 2062 8.66 -82.30 -97.33
CA GLU H 2062 8.17 -83.65 -97.11
C GLU H 2062 6.65 -83.65 -97.27
N LEU H 2063 6.17 -84.51 -98.18
CA LEU H 2063 4.76 -84.50 -98.53
C LEU H 2063 3.90 -85.07 -97.41
N GLN H 2064 4.46 -85.93 -96.56
CA GLN H 2064 3.70 -86.48 -95.44
C GLN H 2064 3.29 -85.41 -94.45
N HIS H 2065 4.04 -84.31 -94.36
CA HIS H 2065 3.69 -83.21 -93.47
C HIS H 2065 3.13 -82.00 -94.22
N VAL H 2066 3.41 -81.87 -95.51
CA VAL H 2066 2.80 -80.80 -96.30
C VAL H 2066 1.36 -81.16 -96.66
N SER H 2067 1.16 -82.33 -97.26
CA SER H 2067 -0.15 -82.82 -97.66
C SER H 2067 -0.13 -84.34 -97.72
N PRO H 2068 -0.42 -85.04 -96.62
CA PRO H 2068 -0.36 -86.51 -96.64
C PRO H 2068 -1.45 -87.16 -97.47
N LYS H 2069 -2.51 -86.44 -97.83
CA LYS H 2069 -3.57 -87.03 -98.64
C LYS H 2069 -3.08 -87.42 -100.03
N LEU H 2070 -2.03 -86.76 -100.52
CA LEU H 2070 -1.42 -87.18 -101.77
C LEU H 2070 -0.81 -88.56 -101.66
N LEU H 2071 -0.15 -88.85 -100.53
CA LEU H 2071 0.35 -90.21 -100.31
C LEU H 2071 -0.80 -91.18 -100.08
N SER H 2072 -1.86 -90.74 -99.40
CA SER H 2072 -3.01 -91.60 -99.15
C SER H 2072 -3.69 -92.04 -100.44
N ALA H 2073 -3.80 -91.12 -101.41
CA ALA H 2073 -4.39 -91.42 -102.69
C ALA H 2073 -3.32 -92.04 -103.59
N HIS H 2074 -3.38 -93.37 -103.75
CA HIS H 2074 -2.44 -94.10 -104.58
C HIS H 2074 -3.20 -94.90 -105.63
N ASP H 2075 -2.43 -95.54 -106.53
CA ASP H 2075 -2.96 -96.31 -107.65
C ASP H 2075 -3.91 -95.48 -108.50
N LEU H 2076 -3.48 -94.26 -108.82
CA LEU H 2076 -4.34 -93.29 -109.47
C LEU H 2076 -4.58 -93.68 -110.93
N GLU H 2077 -5.84 -93.63 -111.35
CA GLU H 2077 -6.23 -94.06 -112.69
C GLU H 2077 -6.15 -92.96 -113.74
N LEU H 2078 -5.81 -91.73 -113.35
CA LEU H 2078 -5.76 -90.64 -114.29
C LEU H 2078 -4.57 -90.79 -115.24
N ALA H 2079 -4.64 -90.10 -116.36
CA ALA H 2079 -3.53 -90.07 -117.31
C ALA H 2079 -2.35 -89.28 -116.74
N VAL H 2080 -1.15 -89.70 -117.11
CA VAL H 2080 0.07 -89.03 -116.67
C VAL H 2080 0.18 -87.68 -117.37
N PRO H 2081 0.32 -86.59 -116.62
CA PRO H 2081 0.48 -85.28 -117.27
C PRO H 2081 1.81 -85.17 -117.99
N GLY H 2082 1.82 -84.38 -119.06
CA GLY H 2082 3.01 -84.19 -119.85
C GLY H 2082 2.76 -84.24 -121.35
N THR H 2083 3.63 -84.93 -122.08
CA THR H 2083 3.51 -85.00 -123.52
C THR H 2083 2.37 -85.93 -123.92
N ARG H 2084 1.89 -85.75 -125.15
CA ARG H 2084 0.82 -86.56 -125.71
C ARG H 2084 1.24 -87.08 -127.08
N ALA H 2085 0.64 -88.19 -127.48
CA ALA H 2085 0.90 -88.78 -128.78
C ALA H 2085 -0.06 -88.21 -129.82
N SER H 2086 0.17 -88.59 -131.08
CA SER H 2086 -0.68 -88.12 -132.17
C SER H 2086 -2.04 -88.82 -132.10
N GLY H 2087 -3.10 -88.03 -132.24
CA GLY H 2087 -4.45 -88.60 -132.15
C GLY H 2087 -4.78 -89.01 -130.73
N GLY H 2088 -5.44 -90.14 -130.60
CA GLY H 2088 -5.79 -90.66 -129.28
C GLY H 2088 -4.66 -91.43 -128.64
N LYS H 2089 -3.99 -90.81 -127.68
CA LYS H 2089 -2.88 -91.46 -127.01
C LYS H 2089 -3.37 -92.55 -126.07
N PRO H 2090 -2.58 -93.60 -125.85
CA PRO H 2090 -2.95 -94.61 -124.86
C PRO H 2090 -2.96 -94.05 -123.45
N ILE H 2091 -3.83 -94.61 -122.62
CA ILE H 2091 -3.98 -94.14 -121.24
C ILE H 2091 -2.90 -94.78 -120.38
N VAL H 2092 -2.14 -93.96 -119.68
CA VAL H 2092 -1.10 -94.41 -118.78
C VAL H 2092 -1.47 -93.98 -117.36
N LYS H 2093 -1.55 -94.94 -116.44
CA LYS H 2093 -2.01 -94.68 -115.10
C LYS H 2093 -0.85 -94.22 -114.21
N ILE H 2094 -1.18 -93.88 -112.97
CA ILE H 2094 -0.21 -93.37 -111.99
C ILE H 2094 -0.21 -94.30 -110.78
N SER H 2095 0.98 -94.74 -110.38
CA SER H 2095 1.09 -95.63 -109.23
C SER H 2095 1.04 -94.84 -107.92
N LYS H 2096 2.01 -93.95 -107.71
CA LYS H 2096 2.10 -93.16 -106.48
C LYS H 2096 2.97 -91.94 -106.75
N PHE H 2097 3.32 -91.22 -105.68
CA PHE H 2097 4.15 -90.03 -105.77
C PHE H 2097 5.33 -90.16 -104.81
N GLU H 2098 6.47 -89.66 -105.23
CA GLU H 2098 7.63 -89.60 -104.36
C GLU H 2098 7.48 -88.41 -103.40
N PRO H 2099 7.52 -88.64 -102.09
CA PRO H 2099 7.25 -87.55 -101.14
C PRO H 2099 8.43 -86.63 -100.88
N VAL H 2100 9.56 -86.83 -101.56
CA VAL H 2100 10.75 -86.01 -101.36
C VAL H 2100 10.96 -85.15 -102.60
N PHE H 2101 11.31 -83.88 -102.38
CA PHE H 2101 11.53 -82.92 -103.45
C PHE H 2101 12.80 -82.13 -103.18
N SER H 2102 13.38 -81.59 -104.25
CA SER H 2102 14.56 -80.75 -104.16
C SER H 2102 14.19 -79.33 -104.55
N VAL H 2103 14.64 -78.36 -103.76
CA VAL H 2103 14.27 -76.96 -103.92
C VAL H 2103 15.36 -76.25 -104.71
N ILE H 2104 14.95 -75.48 -105.72
CA ILE H 2104 15.86 -74.72 -106.56
C ILE H 2104 15.83 -73.26 -106.11
N SER H 2105 16.95 -72.57 -106.26
CA SER H 2105 17.07 -71.17 -105.85
C SER H 2105 16.94 -70.29 -107.10
N SER H 2106 15.73 -69.80 -107.34
CA SER H 2106 15.46 -68.93 -108.49
C SER H 2106 14.53 -67.79 -108.08
N LYS H 2107 14.72 -67.29 -106.82
CA LYS H 2107 13.96 -66.18 -106.25
C LYS H 2107 12.48 -66.56 -106.03
N GLN H 2108 12.07 -67.76 -106.41
CA GLN H 2108 10.70 -68.23 -106.23
C GLN H 2108 10.64 -69.57 -105.52
N ARG H 2109 11.77 -70.23 -105.28
CA ARG H 2109 11.92 -71.57 -104.73
C ARG H 2109 11.06 -72.60 -105.47
N PRO H 2110 11.36 -72.90 -106.73
CA PRO H 2110 10.67 -74.02 -107.40
C PRO H 2110 11.22 -75.35 -106.90
N ARG H 2111 10.40 -76.38 -107.05
CA ARG H 2111 10.71 -77.70 -106.53
C ARG H 2111 10.70 -78.74 -107.64
N LYS H 2112 11.25 -79.91 -107.32
CA LYS H 2112 11.37 -81.01 -108.27
C LYS H 2112 10.30 -82.05 -107.92
N PHE H 2113 9.26 -82.13 -108.75
CA PHE H 2113 8.18 -83.08 -108.56
C PHE H 2113 8.47 -84.40 -109.26
N CYS H 2114 8.16 -85.50 -108.60
CA CYS H 2114 8.37 -86.84 -109.13
C CYS H 2114 7.05 -87.60 -109.07
N ILE H 2115 6.77 -88.36 -110.14
CA ILE H 2115 5.54 -89.15 -110.27
C ILE H 2115 5.93 -90.58 -110.59
N LYS H 2116 5.39 -91.53 -109.84
CA LYS H 2116 5.57 -92.95 -110.14
C LYS H 2116 4.40 -93.40 -111.00
N GLY H 2117 4.67 -93.67 -112.28
CA GLY H 2117 3.64 -94.04 -113.22
C GLY H 2117 3.32 -95.53 -113.18
N SER H 2118 2.36 -95.92 -114.02
CA SER H 2118 1.97 -97.31 -114.12
C SER H 2118 3.00 -98.17 -114.84
N ASP H 2119 3.93 -97.55 -115.56
CA ASP H 2119 4.95 -98.29 -116.30
C ASP H 2119 6.14 -98.68 -115.43
N GLY H 2120 6.16 -98.28 -114.16
CA GLY H 2120 7.26 -98.59 -113.28
C GLY H 2120 8.42 -97.61 -113.34
N LYS H 2121 8.35 -96.60 -114.20
CA LYS H 2121 9.38 -95.59 -114.31
C LYS H 2121 9.00 -94.35 -113.52
N ASP H 2122 9.84 -93.31 -113.61
CA ASP H 2122 9.62 -92.06 -112.90
C ASP H 2122 9.48 -90.93 -113.91
N TYR H 2123 8.46 -90.11 -113.73
CA TYR H 2123 8.23 -88.93 -114.55
C TYR H 2123 8.46 -87.70 -113.68
N LYS H 2124 9.46 -86.90 -114.02
CA LYS H 2124 9.91 -85.82 -113.16
C LYS H 2124 9.76 -84.48 -113.87
N TYR H 2125 9.41 -83.46 -113.10
CA TYR H 2125 9.14 -82.13 -113.62
C TYR H 2125 9.63 -81.09 -112.62
N VAL H 2126 9.69 -79.83 -113.06
CA VAL H 2126 10.00 -78.69 -112.22
C VAL H 2126 8.71 -77.89 -112.05
N LEU H 2127 8.35 -77.60 -110.80
CA LEU H 2127 7.06 -77.02 -110.49
C LEU H 2127 7.20 -75.53 -110.22
N LYS H 2128 6.44 -74.72 -110.95
CA LYS H 2128 6.47 -73.27 -110.82
C LYS H 2128 5.10 -72.79 -110.32
N GLY H 2129 5.10 -71.71 -109.54
CA GLY H 2129 3.90 -71.25 -108.88
C GLY H 2129 3.63 -69.77 -109.12
N HIS H 2130 2.39 -69.38 -108.78
CA HIS H 2130 1.84 -68.03 -108.88
C HIS H 2130 2.24 -67.31 -110.18
N GLU H 2131 2.04 -68.01 -111.29
CA GLU H 2131 2.33 -67.46 -112.61
C GLU H 2131 1.41 -68.12 -113.63
N ASP H 2132 0.91 -67.32 -114.57
CA ASP H 2132 0.15 -67.83 -115.70
C ASP H 2132 1.13 -68.13 -116.83
N ILE H 2133 1.79 -69.28 -116.71
CA ILE H 2133 2.93 -69.61 -117.56
C ILE H 2133 2.54 -70.01 -118.98
N ARG H 2134 1.24 -70.13 -119.26
CA ARG H 2134 0.69 -70.81 -120.44
C ARG H 2134 1.21 -70.24 -121.77
N GLN H 2135 1.89 -69.08 -121.70
CA GLN H 2135 2.61 -68.59 -122.87
C GLN H 2135 3.69 -69.57 -123.31
N ASP H 2136 4.37 -70.23 -122.37
CA ASP H 2136 5.35 -71.24 -122.78
C ASP H 2136 4.65 -72.41 -123.47
N SER H 2137 3.45 -72.75 -123.01
CA SER H 2137 2.68 -73.81 -123.65
C SER H 2137 2.30 -73.44 -125.08
N LEU H 2138 1.94 -72.18 -125.31
CA LEU H 2138 1.61 -71.80 -126.69
C LEU H 2138 2.86 -71.73 -127.56
N VAL H 2139 4.00 -71.35 -126.98
CA VAL H 2139 5.24 -71.37 -127.74
C VAL H 2139 5.67 -72.81 -128.02
N MET H 2140 5.21 -73.76 -127.22
CA MET H 2140 5.55 -75.17 -127.45
C MET H 2140 5.03 -75.67 -128.79
N GLN H 2141 3.81 -75.26 -129.19
CA GLN H 2141 3.37 -75.67 -130.52
C GLN H 2141 4.08 -74.89 -131.62
N LEU H 2142 4.63 -73.71 -131.32
CA LEU H 2142 5.54 -73.08 -132.27
C LEU H 2142 6.81 -73.91 -132.46
N PHE H 2143 7.33 -74.49 -131.37
CA PHE H 2143 8.42 -75.46 -131.50
C PHE H 2143 7.98 -76.67 -132.34
N GLY H 2144 6.77 -77.16 -132.11
CA GLY H 2144 6.27 -78.27 -132.91
C GLY H 2144 6.22 -77.94 -134.38
N LEU H 2145 5.71 -76.74 -134.72
CA LEU H 2145 5.66 -76.29 -136.11
C LEU H 2145 7.05 -76.16 -136.70
N VAL H 2146 8.00 -75.60 -135.95
CA VAL H 2146 9.32 -75.39 -136.53
C VAL H 2146 10.05 -76.71 -136.71
N ASN H 2147 9.90 -77.66 -135.78
CA ASN H 2147 10.50 -78.97 -136.00
C ASN H 2147 9.84 -79.69 -137.17
N THR H 2148 8.53 -79.49 -137.35
CA THR H 2148 7.86 -80.05 -138.53
C THR H 2148 8.43 -79.45 -139.82
N LEU H 2149 8.69 -78.14 -139.83
CA LEU H 2149 9.22 -77.51 -141.04
C LEU H 2149 10.65 -77.94 -141.34
N LEU H 2150 11.49 -78.06 -140.31
CA LEU H 2150 12.84 -78.59 -140.53
C LEU H 2150 12.82 -80.07 -140.95
N GLN H 2151 11.87 -80.86 -140.45
CA GLN H 2151 11.75 -82.23 -140.95
C GLN H 2151 11.30 -82.24 -142.40
N ASN H 2152 10.38 -81.34 -142.77
CA ASN H 2152 9.91 -81.29 -144.16
C ASN H 2152 11.00 -80.82 -145.11
N ASP H 2153 11.84 -79.88 -144.68
CA ASP H 2153 12.92 -79.39 -145.52
C ASP H 2153 13.97 -80.48 -145.72
N ALA H 2154 14.36 -80.68 -146.98
CA ALA H 2154 15.34 -81.71 -147.30
C ALA H 2154 16.73 -81.34 -146.80
N GLU H 2155 17.10 -80.06 -146.93
CA GLU H 2155 18.42 -79.63 -146.48
C GLU H 2155 18.55 -79.71 -144.96
N CYS H 2156 17.50 -79.31 -144.24
CA CYS H 2156 17.52 -79.43 -142.78
C CYS H 2156 17.52 -80.89 -142.35
N PHE H 2157 16.75 -81.73 -143.05
CA PHE H 2157 16.75 -83.17 -142.75
C PHE H 2157 18.11 -83.79 -143.04
N ARG H 2158 18.78 -83.34 -144.11
CA ARG H 2158 20.13 -83.80 -144.39
C ARG H 2158 21.11 -83.35 -143.29
N ARG H 2159 20.98 -82.10 -142.84
CA ARG H 2159 21.82 -81.59 -141.77
C ARG H 2159 21.49 -82.19 -140.41
N HIS H 2160 20.35 -82.89 -140.31
CA HIS H 2160 19.92 -83.58 -139.08
C HIS H 2160 19.75 -82.58 -137.92
N LEU H 2161 19.10 -81.47 -138.21
CA LEU H 2161 18.77 -80.48 -137.20
C LEU H 2161 17.69 -81.03 -136.27
N ASP H 2162 17.76 -80.64 -134.99
CA ASP H 2162 16.75 -81.09 -134.04
C ASP H 2162 16.68 -80.13 -132.87
N ILE H 2163 15.46 -79.83 -132.43
CA ILE H 2163 15.19 -79.06 -131.22
C ILE H 2163 14.28 -79.89 -130.34
N GLN H 2164 14.76 -80.29 -129.17
CA GLN H 2164 14.03 -81.18 -128.27
C GLN H 2164 13.20 -80.32 -127.31
N GLN H 2165 11.89 -80.28 -127.54
CA GLN H 2165 10.99 -79.57 -126.64
C GLN H 2165 10.50 -80.52 -125.54
N TYR H 2166 10.62 -80.09 -124.32
CA TYR H 2166 10.23 -80.92 -123.19
C TYR H 2166 8.73 -80.79 -122.92
N PRO H 2167 8.11 -81.81 -122.33
CA PRO H 2167 6.70 -81.69 -121.96
C PRO H 2167 6.50 -80.62 -120.89
N ALA H 2168 5.40 -79.87 -121.02
CA ALA H 2168 5.06 -78.85 -120.04
C ALA H 2168 3.57 -78.59 -120.12
N ILE H 2169 2.86 -78.82 -119.02
CA ILE H 2169 1.41 -78.67 -118.96
C ILE H 2169 1.10 -77.47 -118.08
N PRO H 2170 0.13 -76.64 -118.44
CA PRO H 2170 -0.31 -75.58 -117.51
C PRO H 2170 -1.19 -76.13 -116.41
N LEU H 2171 -0.64 -76.24 -115.20
CA LEU H 2171 -1.40 -76.80 -114.09
C LEU H 2171 -2.52 -75.86 -113.63
N SER H 2172 -2.30 -74.56 -113.72
CA SER H 2172 -3.18 -73.57 -113.11
C SER H 2172 -2.84 -72.21 -113.69
N PRO H 2173 -3.72 -71.22 -113.51
CA PRO H 2173 -3.27 -69.83 -113.70
C PRO H 2173 -2.20 -69.41 -112.71
N LYS H 2174 -2.00 -70.16 -111.62
CA LYS H 2174 -0.99 -69.85 -110.62
C LYS H 2174 -0.01 -71.00 -110.40
N SER H 2175 0.04 -72.00 -111.28
CA SER H 2175 1.03 -73.05 -111.16
C SER H 2175 1.18 -73.76 -112.50
N GLY H 2176 2.29 -74.49 -112.63
CA GLY H 2176 2.58 -75.22 -113.85
C GLY H 2176 3.76 -76.14 -113.68
N LEU H 2177 3.88 -77.07 -114.63
CA LEU H 2177 4.97 -78.03 -114.68
C LEU H 2177 5.82 -77.79 -115.92
N LEU H 2178 7.14 -77.92 -115.76
CA LEU H 2178 8.09 -77.80 -116.86
C LEU H 2178 8.93 -79.07 -116.92
N GLY H 2179 9.16 -79.58 -118.13
CA GLY H 2179 9.94 -80.79 -118.27
C GLY H 2179 11.42 -80.57 -118.10
N TRP H 2180 12.02 -81.21 -117.10
CA TRP H 2180 13.46 -81.13 -116.91
C TRP H 2180 14.11 -82.15 -117.83
N VAL H 2181 15.01 -81.68 -118.70
CA VAL H 2181 15.63 -82.58 -119.66
C VAL H 2181 16.57 -83.54 -118.95
N PRO H 2182 16.59 -84.83 -119.31
CA PRO H 2182 17.35 -85.81 -118.54
C PRO H 2182 18.75 -86.05 -119.11
N ASN H 2183 19.64 -86.45 -118.21
CA ASN H 2183 21.04 -86.75 -118.48
C ASN H 2183 21.68 -85.55 -119.20
N SER H 2184 21.77 -84.45 -118.45
CA SER H 2184 22.28 -83.20 -118.99
C SER H 2184 22.73 -82.31 -117.84
N ASP H 2185 23.50 -81.29 -118.17
CA ASP H 2185 23.96 -80.31 -117.19
C ASP H 2185 23.97 -78.93 -117.82
N THR H 2186 23.63 -77.93 -117.02
CA THR H 2186 23.56 -76.57 -117.50
C THR H 2186 24.95 -75.93 -117.54
N PHE H 2187 25.08 -74.89 -118.38
CA PHE H 2187 26.33 -74.17 -118.46
C PHE H 2187 26.64 -73.41 -117.17
N HIS H 2188 25.61 -73.09 -116.39
CA HIS H 2188 25.84 -72.45 -115.09
C HIS H 2188 26.67 -73.35 -114.18
N VAL H 2189 26.21 -74.58 -113.97
CA VAL H 2189 26.94 -75.51 -113.11
C VAL H 2189 28.21 -75.99 -113.79
N LEU H 2190 28.19 -76.07 -115.13
CA LEU H 2190 29.26 -76.72 -115.89
C LEU H 2190 30.62 -76.07 -115.69
N ILE H 2191 30.67 -74.82 -115.22
CA ILE H 2191 31.95 -74.17 -115.02
C ILE H 2191 32.47 -74.31 -113.59
N ARG H 2192 31.60 -74.57 -112.61
CA ARG H 2192 32.02 -74.58 -111.20
C ARG H 2192 33.05 -75.68 -110.93
N GLU H 2193 32.76 -76.92 -111.33
CA GLU H 2193 33.69 -78.00 -111.04
C GLU H 2193 34.96 -77.87 -111.85
N HIS H 2194 34.86 -77.33 -113.07
CA HIS H 2194 36.06 -77.07 -113.87
C HIS H 2194 36.96 -76.05 -113.20
N ARG H 2195 36.37 -75.03 -112.57
CA ARG H 2195 37.18 -74.02 -111.89
C ARG H 2195 37.78 -74.58 -110.61
N GLU H 2196 37.01 -75.33 -109.82
CA GLU H 2196 37.53 -75.83 -108.56
C GLU H 2196 38.48 -77.01 -108.74
N ALA H 2197 38.49 -77.64 -109.93
CA ALA H 2197 39.53 -78.62 -110.23
C ALA H 2197 40.89 -77.95 -110.29
N LYS H 2198 40.98 -76.76 -110.87
CA LYS H 2198 42.20 -75.98 -110.88
C LYS H 2198 42.36 -75.15 -109.61
N LYS H 2199 41.31 -75.07 -108.78
CA LYS H 2199 41.29 -74.30 -107.54
C LYS H 2199 41.58 -72.83 -107.82
N ILE H 2200 40.77 -72.24 -108.70
CA ILE H 2200 40.90 -70.85 -109.10
C ILE H 2200 39.53 -70.19 -108.96
N PRO H 2201 39.45 -68.90 -108.63
CA PRO H 2201 38.17 -68.32 -108.21
C PRO H 2201 37.15 -68.27 -109.34
N LEU H 2202 35.88 -68.35 -108.92
CA LEU H 2202 34.78 -68.45 -109.88
C LEU H 2202 34.55 -67.12 -110.60
N ASN H 2203 34.23 -66.07 -109.84
CA ASN H 2203 33.99 -64.75 -110.42
C ASN H 2203 35.30 -63.97 -110.56
N ILE H 2204 36.27 -64.60 -111.20
CA ILE H 2204 37.64 -64.07 -111.22
C ILE H 2204 37.71 -62.78 -112.01
N GLU H 2205 37.13 -62.75 -113.22
CA GLU H 2205 37.21 -61.56 -114.06
C GLU H 2205 36.40 -60.42 -113.46
N HIS H 2206 35.25 -60.73 -112.87
CA HIS H 2206 34.45 -59.70 -112.24
C HIS H 2206 35.18 -59.09 -111.06
N TRP H 2207 35.85 -59.92 -110.25
CA TRP H 2207 36.63 -59.38 -109.15
C TRP H 2207 37.82 -58.56 -109.66
N VAL H 2208 38.45 -59.02 -110.74
CA VAL H 2208 39.60 -58.32 -111.30
C VAL H 2208 39.21 -56.92 -111.77
N MET H 2209 38.07 -56.79 -112.44
CA MET H 2209 37.71 -55.45 -112.89
C MET H 2209 37.08 -54.63 -111.76
N LEU H 2210 36.45 -55.28 -110.77
CA LEU H 2210 35.98 -54.56 -109.60
C LEU H 2210 37.13 -54.01 -108.76
N GLN H 2211 38.33 -54.58 -108.91
CA GLN H 2211 39.49 -54.06 -108.19
C GLN H 2211 39.75 -52.59 -108.49
N MET H 2212 39.35 -52.11 -109.66
CA MET H 2212 39.43 -50.70 -109.99
C MET H 2212 38.09 -50.09 -110.37
N ALA H 2213 37.01 -50.86 -110.34
CA ALA H 2213 35.69 -50.28 -110.56
C ALA H 2213 34.82 -50.41 -109.32
N PRO H 2214 34.94 -49.50 -108.35
CA PRO H 2214 34.13 -49.61 -107.13
C PRO H 2214 32.66 -49.30 -107.34
N ASP H 2215 32.30 -48.65 -108.45
CA ASP H 2215 30.93 -48.24 -108.73
C ASP H 2215 30.54 -48.63 -110.15
N TYR H 2216 30.75 -49.92 -110.48
CA TYR H 2216 30.45 -50.40 -111.82
C TYR H 2216 28.97 -50.26 -112.16
N ASP H 2217 28.09 -50.63 -111.22
CA ASP H 2217 26.66 -50.59 -111.49
C ASP H 2217 26.15 -49.16 -111.63
N ASN H 2218 26.56 -48.28 -110.71
CA ASN H 2218 26.16 -46.87 -110.76
C ASN H 2218 27.19 -46.14 -111.61
N LEU H 2219 26.95 -46.17 -112.92
CA LEU H 2219 27.93 -45.67 -113.87
C LEU H 2219 27.22 -45.32 -115.17
N THR H 2220 27.86 -44.48 -115.98
CA THR H 2220 27.25 -44.04 -117.23
C THR H 2220 27.60 -45.03 -118.34
N LEU H 2221 27.27 -44.66 -119.57
CA LEU H 2221 27.28 -45.62 -120.67
C LEU H 2221 28.72 -45.93 -121.13
N LEU H 2222 29.57 -44.92 -121.24
CA LEU H 2222 30.80 -45.11 -122.02
C LEU H 2222 31.94 -45.73 -121.21
N GLN H 2223 32.09 -45.41 -119.93
CA GLN H 2223 33.28 -45.87 -119.23
C GLN H 2223 33.18 -47.30 -118.71
N LYS H 2224 32.05 -47.98 -118.92
CA LYS H 2224 31.99 -49.41 -118.63
C LYS H 2224 32.72 -50.22 -119.69
N VAL H 2225 32.82 -49.68 -120.91
CA VAL H 2225 33.34 -50.43 -122.04
C VAL H 2225 34.82 -50.76 -121.82
N GLU H 2226 35.60 -49.77 -121.39
CA GLU H 2226 37.04 -50.00 -121.27
C GLU H 2226 37.38 -50.92 -120.11
N VAL H 2227 36.64 -50.85 -119.00
CA VAL H 2227 36.91 -51.78 -117.91
C VAL H 2227 36.47 -53.19 -118.29
N PHE H 2228 35.38 -53.31 -119.05
CA PHE H 2228 34.98 -54.62 -119.56
C PHE H 2228 36.02 -55.18 -120.52
N THR H 2229 36.59 -54.33 -121.36
CA THR H 2229 37.65 -54.75 -122.28
C THR H 2229 38.90 -55.16 -121.51
N TYR H 2230 39.23 -54.44 -120.44
CA TYR H 2230 40.35 -54.80 -119.60
C TYR H 2230 40.16 -56.18 -118.98
N ALA H 2231 38.94 -56.45 -118.50
CA ALA H 2231 38.62 -57.76 -117.95
C ALA H 2231 38.76 -58.86 -119.01
N LEU H 2232 38.24 -58.61 -120.21
CA LEU H 2232 38.35 -59.61 -121.27
C LEU H 2232 39.80 -59.86 -121.66
N ASN H 2233 40.60 -58.79 -121.75
CA ASN H 2233 41.99 -58.95 -122.17
C ASN H 2233 42.81 -59.69 -121.12
N ASN H 2234 42.57 -59.40 -119.84
CA ASN H 2234 43.34 -60.07 -118.79
C ASN H 2234 42.86 -61.49 -118.53
N THR H 2235 41.59 -61.79 -118.81
CA THR H 2235 40.99 -63.06 -118.42
C THR H 2235 40.89 -64.00 -119.63
N GLU H 2236 41.42 -65.20 -119.47
CA GLU H 2236 41.25 -66.24 -120.48
C GLU H 2236 39.79 -66.71 -120.50
N GLY H 2237 39.30 -67.00 -121.70
CA GLY H 2237 37.89 -67.32 -121.88
C GLY H 2237 37.62 -68.59 -122.66
N GLN H 2238 38.38 -69.66 -122.43
CA GLN H 2238 38.20 -70.93 -123.14
C GLN H 2238 37.83 -72.08 -122.22
N ASP H 2239 37.15 -71.80 -121.11
CA ASP H 2239 36.88 -72.83 -120.11
C ASP H 2239 35.93 -73.90 -120.65
N LEU H 2240 34.84 -73.49 -121.29
CA LEU H 2240 33.92 -74.44 -121.90
C LEU H 2240 34.59 -75.22 -123.02
N TYR H 2241 35.42 -74.52 -123.81
CA TYR H 2241 36.09 -75.15 -124.93
C TYR H 2241 37.03 -76.26 -124.46
N LYS H 2242 37.75 -76.04 -123.36
CA LYS H 2242 38.60 -77.11 -122.85
C LYS H 2242 37.80 -78.17 -122.10
N VAL H 2243 36.70 -77.81 -121.43
CA VAL H 2243 36.03 -78.81 -120.62
C VAL H 2243 35.21 -79.77 -121.49
N LEU H 2244 34.76 -79.35 -122.67
CA LEU H 2244 34.15 -80.30 -123.60
C LEU H 2244 35.16 -81.33 -124.07
N TRP H 2245 36.41 -80.91 -124.34
CA TRP H 2245 37.46 -81.86 -124.65
C TRP H 2245 37.75 -82.77 -123.46
N LEU H 2246 37.73 -82.23 -122.25
CA LEU H 2246 37.98 -83.04 -121.06
C LEU H 2246 36.92 -84.12 -120.89
N LYS H 2247 35.64 -83.73 -120.98
CA LYS H 2247 34.53 -84.66 -120.80
C LYS H 2247 34.27 -85.52 -122.03
N SER H 2248 34.92 -85.23 -123.16
CA SER H 2248 34.75 -86.06 -124.35
C SER H 2248 35.34 -87.45 -124.12
N ARG H 2249 34.60 -88.47 -124.55
CA ARG H 2249 35.08 -89.84 -124.41
C ARG H 2249 36.28 -90.11 -125.31
N SER H 2250 36.26 -89.57 -126.52
CA SER H 2250 37.33 -89.79 -127.50
C SER H 2250 37.31 -88.63 -128.50
N SER H 2251 38.14 -88.73 -129.53
CA SER H 2251 38.22 -87.68 -130.53
C SER H 2251 36.94 -87.62 -131.36
N GLU H 2252 36.42 -88.77 -131.80
CA GLU H 2252 35.16 -88.78 -132.51
C GLU H 2252 34.00 -88.36 -131.62
N THR H 2253 34.11 -88.64 -130.31
CA THR H 2253 33.14 -88.12 -129.35
C THR H 2253 33.16 -86.60 -129.36
N TRP H 2254 34.35 -86.00 -129.30
CA TRP H 2254 34.45 -84.55 -129.37
C TRP H 2254 33.93 -84.01 -130.69
N LEU H 2255 34.12 -84.77 -131.78
CA LEU H 2255 33.56 -84.37 -133.07
C LEU H 2255 32.05 -84.29 -133.02
N GLU H 2256 31.39 -85.30 -132.48
CA GLU H 2256 29.94 -85.26 -132.48
C GLU H 2256 29.42 -84.20 -131.50
N ARG H 2257 30.12 -84.02 -130.37
CA ARG H 2257 29.76 -82.92 -129.46
C ARG H 2257 29.86 -81.56 -130.14
N ARG H 2258 30.94 -81.31 -130.88
CA ARG H 2258 31.09 -80.00 -131.50
C ARG H 2258 30.05 -79.79 -132.59
N THR H 2259 29.77 -80.83 -133.39
CA THR H 2259 28.72 -80.68 -134.41
C THR H 2259 27.38 -80.37 -133.79
N THR H 2260 26.96 -81.17 -132.81
CA THR H 2260 25.67 -80.98 -132.15
C THR H 2260 25.60 -79.61 -131.49
N TYR H 2261 26.67 -79.21 -130.80
CA TYR H 2261 26.72 -77.92 -130.13
C TYR H 2261 26.53 -76.78 -131.12
N THR H 2262 27.29 -76.78 -132.22
CA THR H 2262 27.20 -75.72 -133.21
C THR H 2262 25.80 -75.61 -133.80
N ARG H 2263 25.27 -76.71 -134.36
CA ARG H 2263 24.01 -76.48 -135.08
C ARG H 2263 22.85 -76.29 -134.12
N SER H 2264 22.92 -76.86 -132.91
CA SER H 2264 21.90 -76.61 -131.92
C SER H 2264 21.85 -75.15 -131.52
N LEU H 2265 23.02 -74.56 -131.18
CA LEU H 2265 23.01 -73.16 -130.78
C LEU H 2265 22.59 -72.27 -131.92
N ALA H 2266 23.02 -72.59 -133.15
CA ALA H 2266 22.62 -71.81 -134.30
C ALA H 2266 21.10 -71.80 -134.47
N VAL H 2267 20.49 -72.99 -134.57
CA VAL H 2267 19.06 -73.04 -134.86
C VAL H 2267 18.27 -72.45 -133.70
N MET H 2268 18.71 -72.66 -132.46
CA MET H 2268 17.95 -72.16 -131.33
C MET H 2268 18.06 -70.65 -131.21
N SER H 2269 19.22 -70.08 -131.53
CA SER H 2269 19.37 -68.63 -131.46
C SER H 2269 18.59 -67.94 -132.57
N MET H 2270 18.54 -68.53 -133.77
CA MET H 2270 17.63 -67.96 -134.78
C MET H 2270 16.17 -68.07 -134.38
N THR H 2271 15.73 -69.23 -133.84
CA THR H 2271 14.34 -69.33 -133.41
C THR H 2271 14.03 -68.31 -132.33
N GLY H 2272 14.95 -68.09 -131.40
CA GLY H 2272 14.77 -67.03 -130.42
C GLY H 2272 14.75 -65.65 -131.06
N TYR H 2273 15.51 -65.44 -132.13
CA TYR H 2273 15.53 -64.13 -132.78
C TYR H 2273 14.17 -63.81 -133.40
N ILE H 2274 13.61 -64.74 -134.16
CA ILE H 2274 12.27 -64.48 -134.71
C ILE H 2274 11.21 -64.46 -133.60
N LEU H 2275 11.34 -65.33 -132.60
CA LEU H 2275 10.35 -65.37 -131.52
C LEU H 2275 10.38 -64.10 -130.67
N GLY H 2276 11.51 -63.40 -130.63
CA GLY H 2276 11.69 -62.34 -129.68
C GLY H 2276 12.13 -62.80 -128.31
N LEU H 2277 12.54 -64.05 -128.17
CA LEU H 2277 12.97 -64.58 -126.88
C LEU H 2277 14.32 -64.00 -126.50
N GLY H 2278 14.35 -63.27 -125.39
CA GLY H 2278 15.56 -62.71 -124.85
C GLY H 2278 15.73 -63.10 -123.40
N ASP H 2279 16.50 -62.27 -122.67
CA ASP H 2279 16.79 -62.46 -121.25
C ASP H 2279 17.41 -63.85 -121.02
N ARG H 2280 18.32 -64.23 -121.89
CA ARG H 2280 19.00 -65.52 -121.79
C ARG H 2280 20.30 -65.38 -121.02
N HIS H 2281 20.54 -66.31 -120.12
CA HIS H 2281 21.68 -66.32 -119.22
C HIS H 2281 22.18 -67.75 -119.07
N PRO H 2282 23.44 -67.94 -118.63
CA PRO H 2282 23.96 -69.30 -118.49
C PRO H 2282 23.21 -70.18 -117.50
N SER H 2283 22.33 -69.61 -116.68
CA SER H 2283 21.46 -70.43 -115.86
C SER H 2283 20.45 -71.20 -116.70
N ASN H 2284 19.75 -70.50 -117.59
CA ASN H 2284 18.79 -71.19 -118.46
C ASN H 2284 19.45 -71.82 -119.68
N LEU H 2285 20.69 -71.46 -120.00
CA LEU H 2285 21.47 -72.20 -120.99
C LEU H 2285 21.83 -73.57 -120.42
N MET H 2286 21.51 -74.64 -121.15
CA MET H 2286 21.71 -75.99 -120.65
C MET H 2286 22.26 -76.89 -121.74
N LEU H 2287 23.50 -77.35 -121.56
CA LEU H 2287 24.09 -78.35 -122.43
C LEU H 2287 23.47 -79.72 -122.14
N ASP H 2288 23.66 -80.65 -123.08
CA ASP H 2288 23.32 -82.04 -122.90
C ASP H 2288 24.63 -82.78 -122.64
N ARG H 2289 24.63 -83.63 -121.61
CA ARG H 2289 25.84 -84.35 -121.23
C ARG H 2289 26.29 -85.31 -122.33
N ILE H 2290 25.35 -85.98 -122.99
CA ILE H 2290 25.69 -86.98 -124.00
C ILE H 2290 25.98 -86.33 -125.35
N THR H 2291 25.12 -85.42 -125.81
CA THR H 2291 25.23 -84.86 -127.14
C THR H 2291 25.71 -83.40 -127.14
N GLY H 2292 25.08 -82.54 -126.35
CA GLY H 2292 25.46 -81.16 -126.28
C GLY H 2292 24.42 -80.16 -126.73
N LYS H 2293 23.17 -80.56 -126.88
CA LYS H 2293 22.13 -79.64 -127.34
C LYS H 2293 21.76 -78.66 -126.23
N VAL H 2294 21.30 -77.48 -126.66
CA VAL H 2294 20.95 -76.41 -125.74
C VAL H 2294 19.45 -76.41 -125.52
N ILE H 2295 19.03 -76.28 -124.26
CA ILE H 2295 17.63 -76.25 -123.87
C ILE H 2295 17.42 -75.06 -122.94
N HIS H 2296 16.41 -74.25 -123.21
CA HIS H 2296 16.16 -73.04 -122.46
C HIS H 2296 14.93 -73.19 -121.58
N ILE H 2297 14.78 -72.25 -120.63
CA ILE H 2297 13.70 -72.25 -119.66
C ILE H 2297 13.20 -70.81 -119.58
N ASP H 2298 11.96 -70.65 -119.10
CA ASP H 2298 11.36 -69.34 -118.78
C ASP H 2298 11.24 -68.45 -120.02
N PHE H 2299 10.37 -68.90 -120.92
CA PHE H 2299 10.12 -68.23 -122.20
C PHE H 2299 9.06 -67.14 -122.09
N GLY H 2300 8.90 -66.53 -120.91
CA GLY H 2300 7.94 -65.45 -120.77
C GLY H 2300 8.30 -64.23 -121.61
N ASP H 2301 9.60 -63.95 -121.71
CA ASP H 2301 10.07 -62.85 -122.54
C ASP H 2301 10.04 -63.28 -124.00
N CYS H 2302 9.15 -62.65 -124.78
CA CYS H 2302 9.00 -63.00 -126.19
C CYS H 2302 8.52 -61.78 -126.94
N PHE H 2303 8.64 -61.84 -128.28
CA PHE H 2303 8.26 -60.75 -129.18
C PHE H 2303 8.99 -59.46 -128.81
N GLU H 2304 10.26 -59.59 -128.43
CA GLU H 2304 11.13 -58.47 -128.06
C GLU H 2304 10.53 -57.65 -126.92
N ALA H 2305 9.98 -58.35 -125.92
CA ALA H 2305 9.38 -57.66 -124.77
C ALA H 2305 10.43 -56.98 -123.90
N ALA H 2306 11.69 -57.41 -123.97
CA ALA H 2306 12.75 -56.80 -123.18
C ALA H 2306 13.13 -55.41 -123.67
N ILE H 2307 12.78 -55.06 -124.89
CA ILE H 2307 13.11 -53.73 -125.41
C ILE H 2307 12.24 -52.64 -124.79
N LEU H 2308 11.12 -53.01 -124.16
CA LEU H 2308 10.19 -52.03 -123.61
C LEU H 2308 10.30 -51.86 -122.10
N ARG H 2309 10.76 -52.87 -121.39
CA ARG H 2309 10.88 -52.77 -119.94
C ARG H 2309 12.00 -51.80 -119.56
N GLU H 2310 11.83 -51.16 -118.40
CA GLU H 2310 12.71 -50.07 -118.01
C GLU H 2310 14.11 -50.57 -117.65
N LYS H 2311 14.19 -51.75 -117.04
CA LYS H 2311 15.47 -52.19 -116.48
C LYS H 2311 16.44 -52.62 -117.57
N PHE H 2312 17.26 -51.67 -118.04
CA PHE H 2312 18.36 -51.88 -118.99
C PHE H 2312 17.91 -52.59 -120.26
N PRO H 2313 17.22 -51.91 -121.17
CA PRO H 2313 16.81 -52.54 -122.43
C PRO H 2313 18.02 -52.99 -123.25
N GLU H 2314 17.85 -54.09 -123.97
CA GLU H 2314 18.94 -54.74 -124.65
C GLU H 2314 19.29 -54.03 -125.95
N LYS H 2315 20.43 -54.41 -126.51
CA LYS H 2315 20.80 -54.08 -127.89
C LYS H 2315 21.15 -55.31 -128.70
N VAL H 2316 21.59 -56.39 -128.04
CA VAL H 2316 21.91 -57.67 -128.68
C VAL H 2316 20.66 -58.55 -128.67
N PRO H 2317 20.27 -59.14 -129.80
CA PRO H 2317 19.05 -59.98 -129.81
C PRO H 2317 19.24 -61.33 -129.14
N PHE H 2318 20.36 -62.00 -129.42
CA PHE H 2318 20.64 -63.32 -128.87
C PHE H 2318 22.04 -63.33 -128.28
N ARG H 2319 22.17 -63.94 -127.10
CA ARG H 2319 23.42 -63.90 -126.34
C ARG H 2319 24.46 -64.76 -127.03
N LEU H 2320 25.40 -64.11 -127.72
CA LEU H 2320 26.55 -64.76 -128.35
C LEU H 2320 27.79 -64.07 -127.78
N THR H 2321 28.36 -64.64 -126.73
CA THR H 2321 29.37 -63.99 -125.93
C THR H 2321 30.77 -64.44 -126.34
N ARG H 2322 31.77 -63.85 -125.66
CA ARG H 2322 33.16 -64.21 -125.90
C ARG H 2322 33.42 -65.67 -125.55
N MET H 2323 32.72 -66.20 -124.55
CA MET H 2323 32.82 -67.61 -124.23
C MET H 2323 32.38 -68.47 -125.41
N LEU H 2324 31.25 -68.11 -126.03
CA LEU H 2324 30.77 -68.85 -127.19
C LEU H 2324 31.73 -68.74 -128.37
N THR H 2325 32.26 -67.52 -128.61
CA THR H 2325 33.19 -67.35 -129.72
C THR H 2325 34.48 -68.14 -129.52
N TYR H 2326 35.00 -68.18 -128.28
CA TYR H 2326 36.21 -68.96 -128.04
C TYR H 2326 35.94 -70.46 -128.02
N ALA H 2327 34.72 -70.87 -127.68
CA ALA H 2327 34.35 -72.28 -127.78
C ALA H 2327 34.10 -72.69 -129.23
N MET H 2328 33.83 -71.72 -130.10
CA MET H 2328 33.67 -72.01 -131.52
C MET H 2328 35.00 -72.47 -132.11
N GLU H 2329 34.92 -73.11 -133.28
CA GLU H 2329 36.09 -73.63 -133.96
C GLU H 2329 36.93 -72.47 -134.51
N VAL H 2330 38.09 -72.80 -135.07
CA VAL H 2330 39.00 -71.78 -135.61
C VAL H 2330 38.40 -71.03 -136.79
N SER H 2331 37.34 -71.57 -137.41
CA SER H 2331 36.65 -70.86 -138.48
C SER H 2331 35.90 -69.63 -137.96
N GLY H 2332 35.66 -69.55 -136.65
CA GLY H 2332 35.02 -68.41 -136.06
C GLY H 2332 33.51 -68.41 -136.24
N ILE H 2333 32.92 -67.25 -135.94
CA ILE H 2333 31.48 -67.09 -136.03
C ILE H 2333 30.98 -67.11 -137.47
N GLU H 2334 31.84 -66.84 -138.44
CA GLU H 2334 31.44 -66.74 -139.84
C GLU H 2334 31.56 -68.06 -140.58
N GLY H 2335 31.89 -69.15 -139.90
CA GLY H 2335 32.11 -70.41 -140.56
C GLY H 2335 30.87 -71.27 -140.71
N SER H 2336 30.89 -72.45 -140.10
CA SER H 2336 29.74 -73.35 -140.15
C SER H 2336 28.52 -72.73 -139.50
N PHE H 2337 28.72 -71.87 -138.50
CA PHE H 2337 27.62 -71.15 -137.88
C PHE H 2337 26.88 -70.28 -138.89
N ARG H 2338 27.61 -69.47 -139.64
CA ARG H 2338 26.98 -68.61 -140.65
C ARG H 2338 26.42 -69.45 -141.81
N ILE H 2339 27.09 -70.54 -142.16
CA ILE H 2339 26.59 -71.40 -143.23
C ILE H 2339 25.26 -72.02 -142.85
N THR H 2340 25.13 -72.47 -141.59
CA THR H 2340 23.82 -72.90 -141.08
C THR H 2340 22.86 -71.72 -141.00
N CYS H 2341 23.39 -70.50 -140.79
CA CYS H 2341 22.53 -69.33 -140.71
C CYS H 2341 21.76 -69.10 -142.00
N GLU H 2342 22.44 -69.20 -143.15
CA GLU H 2342 21.70 -68.96 -144.40
C GLU H 2342 20.61 -70.01 -144.61
N ASN H 2343 20.90 -71.28 -144.29
CA ASN H 2343 19.90 -72.33 -144.45
C ASN H 2343 18.71 -72.10 -143.55
N VAL H 2344 18.95 -71.72 -142.29
CA VAL H 2344 17.85 -71.48 -141.36
C VAL H 2344 17.03 -70.29 -141.80
N MET H 2345 17.69 -69.21 -142.23
CA MET H 2345 16.95 -68.03 -142.71
C MET H 2345 16.13 -68.34 -143.96
N LYS H 2346 16.67 -69.12 -144.89
CA LYS H 2346 15.90 -69.40 -146.10
C LYS H 2346 14.73 -70.33 -145.81
N VAL H 2347 14.92 -71.32 -144.93
CA VAL H 2347 13.81 -72.22 -144.64
C VAL H 2347 12.74 -71.49 -143.82
N LEU H 2348 13.13 -70.52 -142.98
CA LEU H 2348 12.15 -69.76 -142.24
C LEU H 2348 11.45 -68.71 -143.07
N ARG H 2349 12.12 -68.13 -144.07
CA ARG H 2349 11.47 -67.23 -145.00
C ARG H 2349 10.60 -67.96 -146.02
N ASP H 2350 10.85 -69.25 -146.22
CA ASP H 2350 10.06 -70.04 -147.15
C ASP H 2350 8.63 -70.30 -146.66
N ASN H 2351 8.32 -70.00 -145.40
CA ASN H 2351 7.02 -70.28 -144.80
C ASN H 2351 6.44 -69.00 -144.20
N LYS H 2352 6.43 -67.93 -145.00
CA LYS H 2352 6.03 -66.62 -144.51
C LYS H 2352 4.55 -66.59 -144.09
N GLY H 2353 3.67 -67.12 -144.95
CA GLY H 2353 2.25 -67.03 -144.67
C GLY H 2353 1.80 -67.87 -143.48
N SER H 2354 2.34 -69.08 -143.36
CA SER H 2354 1.91 -69.99 -142.31
C SER H 2354 2.23 -69.44 -140.92
N LEU H 2355 3.43 -68.88 -140.74
CA LEU H 2355 3.78 -68.35 -139.43
C LEU H 2355 2.93 -67.15 -139.07
N MET H 2356 2.60 -66.30 -140.05
CA MET H 2356 1.71 -65.16 -139.77
C MET H 2356 0.31 -65.64 -139.38
N ALA H 2357 -0.19 -66.66 -140.08
CA ALA H 2357 -1.48 -67.24 -139.71
C ALA H 2357 -1.44 -67.84 -138.31
N ILE H 2358 -0.29 -68.39 -137.90
CA ILE H 2358 -0.16 -68.91 -136.55
C ILE H 2358 -0.18 -67.77 -135.53
N LEU H 2359 0.61 -66.73 -135.77
CA LEU H 2359 0.78 -65.69 -134.75
C LEU H 2359 -0.39 -64.71 -134.68
N GLU H 2360 -1.25 -64.68 -135.70
CA GLU H 2360 -2.37 -63.75 -135.68
C GLU H 2360 -3.39 -64.06 -134.59
N ALA H 2361 -3.39 -65.28 -134.06
CA ALA H 2361 -4.47 -65.70 -133.15
C ALA H 2361 -4.32 -65.07 -131.77
N PHE H 2362 -3.10 -65.07 -131.20
CA PHE H 2362 -2.90 -64.72 -129.81
C PHE H 2362 -2.39 -63.30 -129.64
N ALA H 2363 -2.81 -62.38 -130.51
CA ALA H 2363 -2.37 -61.00 -130.41
C ALA H 2363 -3.30 -60.17 -129.53
N PHE H 2364 -4.58 -60.13 -129.87
CA PHE H 2364 -5.53 -59.26 -129.19
C PHE H 2364 -6.12 -59.87 -127.92
N ASP H 2365 -5.86 -61.15 -127.66
CA ASP H 2365 -6.43 -61.82 -126.50
C ASP H 2365 -5.86 -61.27 -125.19
N PRO H 2366 -6.65 -61.26 -124.11
CA PRO H 2366 -6.18 -60.71 -122.84
C PRO H 2366 -5.42 -61.69 -121.94
N LEU H 2367 -4.95 -62.81 -122.49
CA LEU H 2367 -4.20 -63.80 -121.72
C LEU H 2367 -2.71 -63.75 -122.01
N ILE H 2368 -2.23 -62.69 -122.66
CA ILE H 2368 -0.83 -62.58 -123.02
C ILE H 2368 -0.15 -61.40 -122.34
N ASN H 2369 -0.90 -60.42 -121.86
CA ASN H 2369 -0.31 -59.18 -121.36
C ASN H 2369 0.44 -59.39 -120.05
N TRP H 2370 1.61 -60.01 -120.15
CA TRP H 2370 2.48 -60.25 -119.02
C TRP H 2370 3.86 -59.62 -119.17
N GLY H 2371 4.40 -59.57 -120.39
CA GLY H 2371 5.69 -58.98 -120.64
C GLY H 2371 5.67 -57.64 -121.33
N PHE H 2372 4.49 -57.09 -121.66
CA PHE H 2372 4.38 -55.82 -122.36
C PHE H 2372 3.61 -54.76 -121.61
N ASP H 2373 2.88 -55.11 -120.56
CA ASP H 2373 2.10 -54.14 -119.80
C ASP H 2373 2.98 -53.34 -118.84
N LYS H 2414 -8.99 -49.59 -123.10
CA LYS H 2414 -8.56 -50.87 -122.56
C LYS H 2414 -8.43 -51.91 -123.67
N ASN H 2415 -9.57 -52.38 -124.18
CA ASN H 2415 -9.55 -53.35 -125.27
C ASN H 2415 -8.96 -52.73 -126.54
N ALA H 2416 -9.32 -51.48 -126.84
CA ALA H 2416 -8.76 -50.80 -127.99
C ALA H 2416 -7.25 -50.59 -127.83
N ILE H 2417 -6.81 -50.27 -126.62
CA ILE H 2417 -5.39 -50.09 -126.35
C ILE H 2417 -4.64 -51.41 -126.55
N ARG H 2418 -5.23 -52.52 -126.08
CA ARG H 2418 -4.62 -53.83 -126.28
C ARG H 2418 -4.56 -54.19 -127.76
N ASN H 2419 -5.62 -53.88 -128.51
CA ASN H 2419 -5.61 -54.15 -129.95
C ASN H 2419 -4.54 -53.33 -130.66
N ALA H 2420 -4.40 -52.05 -130.29
CA ALA H 2420 -3.39 -51.20 -130.90
C ALA H 2420 -1.99 -51.70 -130.58
N ARG H 2421 -1.76 -52.08 -129.32
CA ARG H 2421 -0.44 -52.60 -128.94
C ARG H 2421 -0.12 -53.88 -129.69
N ALA H 2422 -1.11 -54.77 -129.81
CA ALA H 2422 -0.91 -56.01 -130.56
C ALA H 2422 -0.61 -55.73 -132.03
N MET H 2423 -1.28 -54.74 -132.62
CA MET H 2423 -1.07 -54.44 -134.03
C MET H 2423 0.29 -53.80 -134.26
N LEU H 2424 0.77 -52.98 -133.31
CA LEU H 2424 2.14 -52.49 -133.37
C LEU H 2424 3.14 -53.63 -133.24
N VAL H 2425 2.86 -54.61 -132.37
CA VAL H 2425 3.71 -55.79 -132.29
C VAL H 2425 3.72 -56.53 -133.63
N LEU H 2426 2.57 -56.59 -134.30
CA LEU H 2426 2.48 -57.26 -135.59
C LEU H 2426 3.36 -56.57 -136.63
N LYS H 2427 3.24 -55.25 -136.75
CA LYS H 2427 4.09 -54.56 -137.73
C LYS H 2427 5.56 -54.66 -137.35
N ARG H 2428 5.87 -54.63 -136.05
CA ARG H 2428 7.25 -54.74 -135.61
C ARG H 2428 7.86 -56.08 -135.98
N ILE H 2429 7.11 -57.17 -135.78
CA ILE H 2429 7.67 -58.49 -136.08
C ILE H 2429 7.73 -58.71 -137.58
N THR H 2430 6.78 -58.17 -138.36
CA THR H 2430 6.90 -58.28 -139.81
C THR H 2430 8.12 -57.51 -140.32
N ASP H 2431 8.38 -56.33 -139.77
CA ASP H 2431 9.58 -55.59 -140.12
C ASP H 2431 10.84 -56.33 -139.69
N LYS H 2432 10.80 -57.00 -138.54
CA LYS H 2432 11.95 -57.76 -138.07
C LYS H 2432 12.25 -58.93 -139.01
N LEU H 2433 11.22 -59.62 -139.49
CA LEU H 2433 11.43 -60.68 -140.47
C LEU H 2433 11.95 -60.13 -141.79
N THR H 2434 11.34 -59.06 -142.31
CA THR H 2434 11.69 -58.57 -143.63
C THR H 2434 13.07 -57.93 -143.66
N GLY H 2435 13.50 -57.33 -142.55
CA GLY H 2435 14.78 -56.67 -142.48
C GLY H 2435 14.73 -55.17 -142.62
N ASN H 2436 13.54 -54.59 -142.80
CA ASN H 2436 13.37 -53.14 -142.90
C ASN H 2436 13.04 -52.51 -141.55
N ASP H 2437 13.43 -53.14 -140.45
CA ASP H 2437 13.08 -52.63 -139.13
C ASP H 2437 13.92 -51.40 -138.76
N ILE H 2438 15.11 -51.27 -139.34
CA ILE H 2438 16.00 -50.16 -139.00
C ILE H 2438 15.85 -49.04 -140.00
N ARG H 2439 16.10 -49.32 -141.27
CA ARG H 2439 16.04 -48.34 -142.34
C ARG H 2439 14.95 -48.74 -143.33
N ARG H 2440 14.10 -47.78 -143.68
CA ARG H 2440 13.04 -48.05 -144.65
C ARG H 2440 13.61 -48.29 -146.04
N PHE H 2441 14.65 -47.55 -146.42
CA PHE H 2441 15.26 -47.72 -147.73
C PHE H 2441 16.07 -49.00 -147.84
N ASN H 2442 16.57 -49.52 -146.72
CA ASN H 2442 17.43 -50.71 -146.73
C ASN H 2442 16.55 -51.95 -146.71
N ASP H 2443 16.13 -52.39 -147.89
CA ASP H 2443 15.38 -53.64 -148.03
C ASP H 2443 16.36 -54.80 -148.12
N LEU H 2444 16.94 -55.14 -146.97
CA LEU H 2444 18.01 -56.12 -146.92
C LEU H 2444 17.47 -57.53 -147.17
N ASP H 2445 18.24 -58.32 -147.90
CA ASP H 2445 17.89 -59.70 -148.21
C ASP H 2445 18.43 -60.63 -147.12
N VAL H 2446 18.40 -61.93 -147.39
CA VAL H 2446 18.79 -62.91 -146.38
C VAL H 2446 20.26 -62.82 -145.98
N PRO H 2447 21.25 -62.82 -146.89
CA PRO H 2447 22.64 -62.78 -146.42
C PRO H 2447 23.03 -61.46 -145.80
N GLU H 2448 22.49 -60.35 -146.30
CA GLU H 2448 22.73 -59.06 -145.68
C GLU H 2448 22.12 -59.00 -144.28
N GLN H 2449 20.94 -59.61 -144.11
CA GLN H 2449 20.33 -59.70 -142.79
C GLN H 2449 21.20 -60.54 -141.85
N VAL H 2450 21.77 -61.64 -142.35
CA VAL H 2450 22.65 -62.46 -141.53
C VAL H 2450 23.89 -61.67 -141.09
N ASP H 2451 24.51 -60.96 -142.03
CA ASP H 2451 25.70 -60.18 -141.69
C ASP H 2451 25.38 -59.07 -140.71
N LYS H 2452 24.25 -58.38 -140.92
CA LYS H 2452 23.85 -57.31 -140.00
C LYS H 2452 23.56 -57.84 -138.61
N LEU H 2453 22.85 -58.97 -138.53
CA LEU H 2453 22.56 -59.57 -137.23
C LEU H 2453 23.84 -60.02 -136.54
N ILE H 2454 24.78 -60.59 -137.29
CA ILE H 2454 26.03 -61.08 -136.70
C ILE H 2454 26.83 -59.93 -136.13
N GLN H 2455 26.99 -58.84 -136.90
CA GLN H 2455 27.77 -57.72 -136.40
C GLN H 2455 27.07 -57.01 -135.26
N GLN H 2456 25.74 -56.88 -135.33
CA GLN H 2456 25.00 -56.19 -134.28
C GLN H 2456 24.95 -57.00 -133.00
N ALA H 2457 25.03 -58.33 -133.08
CA ALA H 2457 25.06 -59.16 -131.90
C ALA H 2457 26.47 -59.34 -131.34
N THR H 2458 27.50 -59.25 -132.18
CA THR H 2458 28.88 -59.40 -131.74
C THR H 2458 29.54 -58.07 -131.37
N SER H 2459 28.85 -56.94 -131.57
CA SER H 2459 29.38 -55.67 -131.09
C SER H 2459 29.45 -55.65 -129.58
N VAL H 2460 30.56 -55.14 -129.05
CA VAL H 2460 30.79 -55.13 -127.61
C VAL H 2460 29.86 -54.13 -126.93
N GLU H 2461 29.66 -52.96 -127.54
CA GLU H 2461 28.77 -51.95 -126.98
C GLU H 2461 27.34 -52.47 -126.90
N ASN H 2462 26.93 -53.29 -127.87
CA ASN H 2462 25.58 -53.86 -127.87
C ASN H 2462 25.35 -54.85 -126.73
N LEU H 2463 26.41 -55.31 -126.05
CA LEU H 2463 26.25 -56.26 -124.96
C LEU H 2463 26.72 -55.73 -123.62
N CYS H 2464 27.52 -54.66 -123.58
CA CYS H 2464 28.04 -54.16 -122.31
C CYS H 2464 26.93 -53.52 -121.48
N GLN H 2465 26.11 -52.66 -122.10
CA GLN H 2465 25.07 -51.93 -121.38
C GLN H 2465 23.89 -52.87 -121.13
N HIS H 2466 23.90 -53.52 -119.97
CA HIS H 2466 22.86 -54.47 -119.62
C HIS H 2466 22.71 -54.54 -118.11
N TYR H 2467 21.62 -55.16 -117.67
CA TYR H 2467 21.35 -55.33 -116.25
C TYR H 2467 22.17 -56.47 -115.67
N ILE H 2468 22.52 -56.33 -114.39
CA ILE H 2468 23.30 -57.37 -113.72
C ILE H 2468 22.47 -58.64 -113.55
N GLY H 2469 21.13 -58.51 -113.51
CA GLY H 2469 20.28 -59.68 -113.44
C GLY H 2469 20.40 -60.57 -114.66
N TRP H 2470 20.64 -59.96 -115.83
CA TRP H 2470 20.92 -60.73 -117.03
C TRP H 2470 22.31 -61.37 -117.01
N CYS H 2471 23.18 -60.94 -116.08
CA CYS H 2471 24.56 -61.41 -115.95
C CYS H 2471 25.29 -61.17 -117.25
N PRO H 2472 25.60 -59.93 -117.59
CA PRO H 2472 26.07 -59.62 -118.96
C PRO H 2472 27.50 -60.03 -119.25
N PHE H 2473 28.35 -60.22 -118.24
CA PHE H 2473 29.75 -60.51 -118.51
C PHE H 2473 29.95 -61.91 -119.08
N TRP H 2474 29.15 -62.88 -118.64
CA TRP H 2474 29.30 -64.26 -119.09
C TRP H 2474 28.70 -64.47 -120.47
N VAL I 3 45.75 -19.44 -107.72
CA VAL I 3 45.07 -20.37 -108.62
C VAL I 3 44.92 -21.73 -107.95
N ILE I 4 43.78 -22.38 -108.16
CA ILE I 4 43.47 -23.67 -107.55
C ILE I 4 42.85 -24.59 -108.60
N LEU I 5 43.19 -25.87 -108.52
CA LEU I 5 42.63 -26.91 -109.38
C LEU I 5 42.24 -28.10 -108.51
N VAL I 6 41.25 -28.86 -108.98
CA VAL I 6 40.67 -29.95 -108.20
C VAL I 6 40.44 -31.14 -109.13
N SER I 7 40.67 -32.35 -108.63
CA SER I 7 40.52 -33.56 -109.41
C SER I 7 39.80 -34.63 -108.59
N ALA I 8 39.15 -35.54 -109.30
CA ALA I 8 38.42 -36.64 -108.67
C ALA I 8 38.40 -37.84 -109.61
N GLY I 9 38.18 -39.01 -109.01
CA GLY I 9 38.19 -40.26 -109.75
C GLY I 9 37.59 -41.43 -108.99
N TYR I 10 38.23 -42.60 -109.08
CA TYR I 10 37.71 -43.81 -108.46
C TYR I 10 38.16 -43.97 -107.02
N ASP I 11 38.92 -43.02 -106.46
CA ASP I 11 39.24 -43.03 -105.04
C ASP I 11 38.07 -42.69 -104.15
N HIS I 12 36.95 -42.22 -104.72
CA HIS I 12 35.82 -41.65 -103.98
C HIS I 12 36.24 -40.47 -103.10
N THR I 13 37.35 -39.81 -103.44
CA THR I 13 37.85 -38.64 -102.72
C THR I 13 38.19 -37.55 -103.72
N ILE I 14 37.45 -36.46 -103.69
CA ILE I 14 37.84 -35.29 -104.47
C ILE I 14 38.99 -34.60 -103.74
N ARG I 15 39.89 -33.99 -104.50
CA ARG I 15 41.05 -33.38 -103.84
C ARG I 15 41.58 -32.22 -104.66
N PHE I 16 42.02 -31.18 -103.95
CA PHE I 16 42.65 -30.03 -104.58
C PHE I 16 44.14 -30.29 -104.81
N TRP I 17 44.75 -29.40 -105.59
CA TRP I 17 46.17 -29.53 -105.91
C TRP I 17 46.80 -28.14 -106.00
N GLU I 18 48.11 -28.11 -105.88
CA GLU I 18 48.87 -26.86 -105.98
C GLU I 18 50.25 -27.18 -106.53
N ALA I 19 50.62 -26.51 -107.63
CA ALA I 19 51.91 -26.78 -108.26
C ALA I 19 53.06 -26.21 -107.46
N LEU I 20 52.81 -25.18 -106.65
CA LEU I 20 53.89 -24.54 -105.90
C LEU I 20 54.47 -25.47 -104.85
N THR I 21 53.63 -26.23 -104.15
CA THR I 21 54.09 -27.15 -103.12
C THR I 21 54.26 -28.57 -103.61
N GLY I 22 53.61 -28.95 -104.72
CA GLY I 22 53.74 -30.29 -105.25
C GLY I 22 53.00 -31.36 -104.49
N VAL I 23 52.17 -31.00 -103.52
CA VAL I 23 51.44 -31.95 -102.71
C VAL I 23 49.97 -31.51 -102.65
N CYS I 24 49.08 -32.47 -102.40
CA CYS I 24 47.66 -32.17 -102.30
C CYS I 24 47.37 -31.37 -101.02
N SER I 25 46.37 -30.50 -101.10
CA SER I 25 46.03 -29.62 -100.00
C SER I 25 44.84 -30.14 -99.19
N ARG I 26 43.70 -30.35 -99.84
CA ARG I 26 42.49 -30.77 -99.14
C ARG I 26 41.80 -31.89 -99.89
N THR I 27 41.31 -32.88 -99.14
CA THR I 27 40.56 -34.01 -99.67
C THR I 27 39.20 -34.08 -99.00
N ILE I 28 38.17 -34.35 -99.80
CA ILE I 28 36.80 -34.51 -99.31
C ILE I 28 36.27 -35.85 -99.80
N GLN I 29 35.73 -36.63 -98.87
CA GLN I 29 35.21 -37.96 -99.18
C GLN I 29 33.79 -37.87 -99.73
N HIS I 30 33.52 -38.62 -100.79
CA HIS I 30 32.20 -38.71 -101.40
C HIS I 30 31.89 -40.17 -101.70
N SER I 31 32.11 -41.04 -100.71
CA SER I 31 31.97 -42.48 -100.89
C SER I 31 30.50 -42.93 -100.85
N ASP I 32 29.74 -42.43 -101.82
CA ASP I 32 28.36 -42.87 -102.01
C ASP I 32 28.12 -43.20 -103.47
N SER I 33 28.90 -42.57 -104.35
CA SER I 33 28.76 -42.78 -105.79
C SER I 33 30.07 -42.38 -106.45
N GLN I 34 30.17 -42.70 -107.74
CA GLN I 34 31.33 -42.33 -108.54
C GLN I 34 31.11 -40.95 -109.16
N VAL I 35 32.05 -40.04 -108.90
CA VAL I 35 31.94 -38.69 -109.43
C VAL I 35 32.23 -38.71 -110.92
N ASN I 36 31.28 -38.19 -111.71
CA ASN I 36 31.43 -38.16 -113.16
C ASN I 36 32.14 -36.89 -113.62
N ARG I 37 31.72 -35.74 -113.11
CA ARG I 37 32.33 -34.46 -113.49
C ARG I 37 32.33 -33.54 -112.29
N LEU I 38 33.03 -32.41 -112.43
CA LEU I 38 32.94 -31.37 -111.41
C LEU I 38 33.32 -30.04 -112.04
N GLU I 39 32.79 -28.96 -111.46
CA GLU I 39 33.03 -27.61 -111.96
C GLU I 39 33.14 -26.64 -110.79
N ILE I 40 34.13 -25.77 -110.87
CA ILE I 40 34.40 -24.76 -109.85
C ILE I 40 33.86 -23.42 -110.32
N THR I 41 33.23 -22.67 -109.41
CA THR I 41 32.64 -21.38 -109.74
C THR I 41 33.76 -20.41 -110.14
N ASN I 42 33.43 -19.49 -111.05
CA ASN I 42 34.44 -18.62 -111.64
C ASN I 42 35.14 -17.74 -110.61
N ASP I 43 34.40 -17.22 -109.63
CA ASP I 43 34.99 -16.40 -108.58
C ASP I 43 35.37 -17.21 -107.34
N LYS I 44 35.35 -18.55 -107.44
CA LYS I 44 35.77 -19.46 -106.38
C LYS I 44 34.92 -19.29 -105.12
N LYS I 45 33.63 -19.56 -105.28
CA LYS I 45 32.68 -19.48 -104.17
C LYS I 45 32.03 -20.81 -103.85
N LEU I 46 31.56 -21.56 -104.86
CA LEU I 46 30.93 -22.85 -104.64
C LEU I 46 31.47 -23.85 -105.65
N LEU I 47 31.42 -25.13 -105.27
CA LEU I 47 31.92 -26.21 -106.12
C LEU I 47 30.77 -27.16 -106.41
N ALA I 48 30.47 -27.37 -107.69
CA ALA I 48 29.41 -28.29 -108.09
C ALA I 48 30.02 -29.50 -108.76
N THR I 49 29.20 -30.54 -108.92
CA THR I 49 29.69 -31.77 -109.51
C THR I 49 28.54 -32.47 -110.24
N ALA I 50 28.92 -33.49 -111.01
CA ALA I 50 27.99 -34.43 -111.63
C ALA I 50 28.33 -35.81 -111.09
N GLY I 51 27.47 -36.33 -110.22
CA GLY I 51 27.61 -37.65 -109.67
C GLY I 51 26.45 -38.56 -110.04
N HIS I 52 25.59 -38.87 -109.07
CA HIS I 52 24.42 -39.71 -109.31
C HIS I 52 23.22 -39.08 -108.61
N GLN I 53 22.20 -38.75 -109.41
CA GLN I 53 20.87 -38.24 -109.00
C GLN I 53 20.95 -37.12 -107.95
N ASN I 54 22.06 -36.39 -107.90
CA ASN I 54 22.23 -35.33 -106.91
C ASN I 54 23.38 -34.44 -107.34
N VAL I 55 23.13 -33.13 -107.42
CA VAL I 55 24.16 -32.13 -107.65
C VAL I 55 24.29 -31.34 -106.36
N ARG I 56 25.46 -31.40 -105.72
CA ARG I 56 25.66 -30.73 -104.45
C ARG I 56 26.74 -29.68 -104.58
N LEU I 57 26.58 -28.61 -103.78
CA LEU I 57 27.45 -27.46 -103.78
C LEU I 57 28.27 -27.46 -102.50
N TYR I 58 29.58 -27.64 -102.65
CA TYR I 58 30.54 -27.54 -101.57
C TYR I 58 31.08 -26.11 -101.46
N ASP I 59 31.66 -25.81 -100.31
CA ASP I 59 32.29 -24.53 -100.06
C ASP I 59 33.81 -24.71 -100.00
N ILE I 60 34.54 -23.78 -100.61
CA ILE I 60 35.99 -23.92 -100.74
C ILE I 60 36.69 -23.51 -99.45
N ARG I 61 36.34 -22.33 -98.91
CA ARG I 61 37.06 -21.81 -97.76
C ARG I 61 36.66 -22.47 -96.44
N THR I 62 35.66 -23.34 -96.45
CA THR I 62 35.29 -24.05 -95.23
C THR I 62 36.23 -25.24 -95.01
N THR I 63 36.20 -25.76 -93.78
CA THR I 63 37.14 -26.81 -93.36
C THR I 63 36.47 -28.18 -93.43
N ASN I 64 36.31 -28.65 -94.66
CA ASN I 64 35.75 -29.97 -94.97
C ASN I 64 34.44 -30.27 -94.25
N PRO I 65 33.39 -29.47 -94.46
CA PRO I 65 32.13 -29.71 -93.74
C PRO I 65 31.20 -30.66 -94.46
N ASN I 66 30.00 -30.82 -93.94
CA ASN I 66 28.93 -31.47 -94.67
C ASN I 66 28.57 -30.64 -95.90
N PRO I 67 27.98 -31.26 -96.92
CA PRO I 67 27.62 -30.51 -98.14
C PRO I 67 26.76 -29.29 -97.84
N VAL I 68 27.20 -28.14 -98.36
CA VAL I 68 26.52 -26.88 -98.08
C VAL I 68 25.14 -26.85 -98.74
N ALA I 69 25.08 -27.24 -100.01
CA ALA I 69 23.80 -27.31 -100.72
C ALA I 69 23.71 -28.63 -101.45
N SER I 70 22.48 -29.04 -101.74
CA SER I 70 22.25 -30.27 -102.51
C SER I 70 20.92 -30.17 -103.22
N PHE I 71 20.85 -30.68 -104.45
CA PHE I 71 19.65 -30.58 -105.25
C PHE I 71 19.48 -31.86 -106.06
N GLU I 72 18.26 -32.40 -106.06
CA GLU I 72 17.93 -33.62 -106.79
C GLU I 72 16.82 -33.34 -107.79
N GLY I 73 16.38 -34.39 -108.47
CA GLY I 73 15.29 -34.25 -109.42
C GLY I 73 15.46 -35.07 -110.69
N HIS I 74 16.57 -35.77 -110.83
CA HIS I 74 16.85 -36.59 -112.00
C HIS I 74 16.86 -38.06 -111.61
N ARG I 75 16.08 -38.87 -112.33
CA ARG I 75 16.01 -40.29 -112.04
C ARG I 75 17.30 -41.00 -112.42
N GLY I 76 17.82 -40.74 -113.63
CA GLY I 76 19.06 -41.34 -114.07
C GLY I 76 20.27 -40.59 -113.54
N ASN I 77 21.44 -41.15 -113.82
CA ASN I 77 22.67 -40.51 -113.39
C ASN I 77 22.95 -39.26 -114.20
N VAL I 78 23.57 -38.27 -113.56
CA VAL I 78 23.83 -37.00 -114.20
C VAL I 78 25.20 -37.05 -114.88
N THR I 79 25.33 -36.32 -115.99
CA THR I 79 26.53 -36.36 -116.83
C THR I 79 27.39 -35.12 -116.70
N SER I 80 26.78 -33.93 -116.72
CA SER I 80 27.56 -32.70 -116.69
C SER I 80 26.76 -31.60 -116.01
N VAL I 81 27.44 -30.51 -115.69
CA VAL I 81 26.83 -29.36 -115.04
C VAL I 81 27.31 -28.09 -115.74
N SER I 82 26.39 -27.13 -115.90
CA SER I 82 26.68 -25.86 -116.54
C SER I 82 26.33 -24.72 -115.61
N PHE I 83 27.30 -23.82 -115.44
CA PHE I 83 27.26 -22.68 -114.54
C PHE I 83 26.77 -21.43 -115.25
N GLN I 84 26.92 -20.29 -114.59
CA GLN I 84 26.68 -18.98 -115.19
C GLN I 84 27.71 -18.01 -114.65
N GLN I 85 28.08 -17.03 -115.47
CA GLN I 85 29.04 -16.03 -115.01
C GLN I 85 28.47 -15.10 -113.96
N ASP I 86 27.15 -14.92 -113.93
CA ASP I 86 26.47 -14.23 -112.85
C ASP I 86 25.90 -15.19 -111.81
N ASN I 87 26.13 -16.50 -111.98
CA ASN I 87 25.66 -17.61 -111.14
C ASN I 87 24.22 -17.44 -110.64
N ARG I 88 23.32 -16.98 -111.52
CA ARG I 88 21.90 -16.92 -111.21
C ARG I 88 21.13 -18.17 -111.62
N TRP I 89 21.62 -18.93 -112.60
CA TRP I 89 20.92 -20.11 -113.09
C TRP I 89 21.91 -21.26 -113.25
N MET I 90 21.68 -22.35 -112.53
CA MET I 90 22.48 -23.57 -112.58
C MET I 90 21.70 -24.63 -113.35
N VAL I 91 22.35 -25.27 -114.32
CA VAL I 91 21.71 -26.29 -115.14
C VAL I 91 22.57 -27.54 -115.09
N THR I 92 21.96 -28.70 -115.30
CA THR I 92 22.73 -29.94 -115.44
C THR I 92 22.16 -30.77 -116.59
N SER I 93 23.01 -31.66 -117.10
CA SER I 93 22.64 -32.62 -118.13
C SER I 93 22.82 -34.03 -117.59
N SER I 94 21.78 -34.86 -117.77
CA SER I 94 21.71 -36.18 -117.16
C SER I 94 21.23 -37.17 -118.22
N GLU I 95 20.82 -38.35 -117.76
CA GLU I 95 20.42 -39.44 -118.64
C GLU I 95 18.93 -39.36 -119.03
N ASP I 96 18.33 -38.17 -118.93
CA ASP I 96 16.94 -38.00 -119.32
C ASP I 96 16.72 -36.94 -120.40
N GLY I 97 17.63 -35.98 -120.54
CA GLY I 97 17.44 -34.91 -121.48
C GLY I 97 16.55 -33.78 -121.01
N THR I 98 16.04 -33.86 -119.78
CA THR I 98 15.18 -32.82 -119.24
C THR I 98 16.04 -31.72 -118.65
N ILE I 99 15.94 -30.52 -119.21
CA ILE I 99 16.73 -29.38 -118.77
C ILE I 99 16.09 -28.82 -117.50
N LYS I 100 16.89 -28.72 -116.43
CA LYS I 100 16.43 -28.13 -115.19
C LYS I 100 17.11 -26.77 -115.01
N VAL I 101 16.70 -26.06 -113.97
CA VAL I 101 17.32 -24.79 -113.62
C VAL I 101 17.12 -24.56 -112.12
N TRP I 102 18.17 -24.11 -111.45
CA TRP I 102 18.08 -23.77 -110.03
C TRP I 102 18.85 -22.48 -109.78
N ASP I 103 18.79 -21.99 -108.55
CA ASP I 103 19.43 -20.73 -108.20
C ASP I 103 20.07 -20.82 -106.82
N VAL I 104 21.09 -19.99 -106.61
CA VAL I 104 21.82 -19.86 -105.36
C VAL I 104 21.04 -18.90 -104.46
N ARG I 105 21.45 -18.78 -103.19
CA ARG I 105 20.96 -17.76 -102.25
C ARG I 105 19.47 -17.95 -101.94
N SER I 106 19.21 -19.01 -101.15
CA SER I 106 17.88 -19.38 -100.63
C SER I 106 16.95 -19.73 -101.78
N PRO I 107 17.18 -20.87 -102.43
CA PRO I 107 16.43 -21.20 -103.65
C PRO I 107 14.96 -21.47 -103.38
N SER I 108 14.14 -21.18 -104.39
CA SER I 108 12.75 -21.60 -104.48
C SER I 108 12.65 -22.70 -105.53
N ILE I 109 11.43 -23.07 -105.88
CA ILE I 109 11.19 -24.05 -106.93
C ILE I 109 10.82 -23.33 -108.22
N PRO I 110 11.68 -23.35 -109.24
CA PRO I 110 11.30 -22.80 -110.54
C PRO I 110 10.73 -23.86 -111.46
N ARG I 111 10.40 -23.48 -112.70
CA ARG I 111 9.86 -24.43 -113.66
C ARG I 111 10.92 -25.42 -114.11
N ASN I 112 10.46 -26.60 -114.51
CA ASN I 112 11.32 -27.65 -115.05
C ASN I 112 10.83 -28.02 -116.44
N TYR I 113 11.79 -28.22 -117.35
CA TYR I 113 11.49 -28.48 -118.76
C TYR I 113 11.75 -29.95 -119.05
N LYS I 114 10.77 -30.61 -119.66
CA LYS I 114 10.86 -32.02 -120.00
C LYS I 114 11.14 -32.19 -121.48
N HIS I 115 12.06 -33.09 -121.81
CA HIS I 115 12.46 -33.31 -123.19
C HIS I 115 12.99 -34.73 -123.34
N ASN I 116 12.67 -35.35 -124.47
CA ASN I 116 13.18 -36.69 -124.79
C ASN I 116 14.60 -36.58 -125.33
N ALA I 117 15.11 -37.68 -125.91
CA ALA I 117 16.47 -37.79 -126.42
C ALA I 117 17.49 -37.40 -125.34
N PRO I 118 17.75 -38.30 -124.37
CA PRO I 118 18.62 -37.96 -123.23
C PRO I 118 20.01 -37.47 -123.63
N VAL I 119 20.27 -36.19 -123.35
CA VAL I 119 21.45 -35.50 -123.86
C VAL I 119 22.67 -35.87 -123.05
N ASN I 120 23.85 -35.51 -123.56
CA ASN I 120 25.13 -35.81 -122.93
C ASN I 120 25.83 -34.56 -122.40
N GLU I 121 26.02 -33.55 -123.24
CA GLU I 121 26.69 -32.33 -122.84
C GLU I 121 25.84 -31.12 -123.22
N VAL I 122 26.02 -30.04 -122.46
CA VAL I 122 25.28 -28.79 -122.66
C VAL I 122 26.27 -27.62 -122.65
N VAL I 123 25.83 -26.52 -123.24
CA VAL I 123 26.63 -25.29 -123.24
C VAL I 123 25.68 -24.10 -123.34
N ILE I 124 25.97 -23.05 -122.56
CA ILE I 124 25.16 -21.85 -122.47
C ILE I 124 25.84 -20.75 -123.27
N HIS I 125 25.08 -20.13 -124.18
CA HIS I 125 25.61 -19.01 -124.94
C HIS I 125 25.85 -17.80 -124.04
N PRO I 126 26.79 -16.93 -124.40
CA PRO I 126 27.12 -15.78 -123.53
C PRO I 126 25.97 -14.80 -123.30
N ASN I 127 24.88 -14.89 -124.07
CA ASN I 127 23.72 -14.07 -123.79
C ASN I 127 22.96 -14.52 -122.54
N GLN I 128 23.33 -15.69 -121.98
CA GLN I 128 22.72 -16.23 -120.76
C GLN I 128 21.22 -16.47 -120.93
N GLY I 129 20.80 -16.80 -122.14
CA GLY I 129 19.40 -17.09 -122.39
C GLY I 129 19.19 -18.21 -123.39
N GLU I 130 20.28 -18.81 -123.87
CA GLU I 130 20.19 -19.85 -124.88
C GLU I 130 21.13 -21.01 -124.53
N LEU I 131 20.66 -22.22 -124.82
CA LEU I 131 21.33 -23.45 -124.45
C LEU I 131 21.40 -24.39 -125.64
N ILE I 132 22.55 -25.02 -125.84
CA ILE I 132 22.74 -26.04 -126.87
C ILE I 132 23.16 -27.33 -126.19
N SER I 133 22.44 -28.40 -126.50
CA SER I 133 22.69 -29.73 -125.93
C SER I 133 23.01 -30.70 -127.05
N CYS I 134 23.91 -31.64 -126.79
CA CYS I 134 24.28 -32.67 -127.75
C CYS I 134 23.73 -34.02 -127.30
N ASP I 135 23.35 -34.85 -128.28
CA ASP I 135 22.81 -36.16 -127.98
C ASP I 135 23.71 -37.23 -128.59
N ARG I 136 23.48 -38.48 -128.18
CA ARG I 136 24.23 -39.62 -128.68
C ARG I 136 23.58 -40.26 -129.91
N ASP I 137 22.84 -39.47 -130.71
CA ASP I 137 22.34 -39.94 -132.00
C ASP I 137 22.65 -38.93 -133.11
N GLY I 138 23.66 -38.09 -132.91
CA GLY I 138 23.96 -37.03 -133.85
C GLY I 138 22.90 -35.95 -133.93
N ASN I 139 22.41 -35.48 -132.78
CA ASN I 139 21.41 -34.43 -132.74
C ASN I 139 21.85 -33.31 -131.80
N ILE I 140 21.46 -32.09 -132.17
CA ILE I 140 21.74 -30.90 -131.39
C ILE I 140 20.41 -30.23 -131.07
N ARG I 141 20.15 -30.00 -129.79
CA ARG I 141 18.92 -29.39 -129.32
C ARG I 141 19.24 -27.96 -128.89
N ILE I 142 18.51 -27.00 -129.47
CA ILE I 142 18.69 -25.58 -129.15
C ILE I 142 17.44 -25.11 -128.42
N TRP I 143 17.62 -24.55 -127.23
CA TRP I 143 16.51 -24.10 -126.41
C TRP I 143 16.79 -22.70 -125.87
N ASP I 144 15.72 -22.00 -125.53
CA ASP I 144 15.83 -20.66 -124.98
C ASP I 144 14.72 -20.42 -123.97
N LEU I 145 14.98 -19.49 -123.05
CA LEU I 145 14.00 -19.19 -122.01
C LEU I 145 12.76 -18.51 -122.57
N GLY I 146 12.90 -17.80 -123.69
CA GLY I 146 11.76 -17.12 -124.28
C GLY I 146 10.70 -18.07 -124.80
N GLU I 147 11.12 -19.12 -125.49
CA GLU I 147 10.17 -20.08 -126.03
C GLU I 147 9.65 -21.01 -124.94
N ASN I 148 8.50 -21.62 -125.21
CA ASN I 148 7.85 -22.53 -124.27
C ASN I 148 8.02 -23.99 -124.67
N GLN I 149 7.71 -24.34 -125.91
CA GLN I 149 7.84 -25.70 -126.40
C GLN I 149 8.59 -25.84 -127.72
N CYS I 150 8.69 -24.78 -128.51
CA CYS I 150 9.39 -24.85 -129.79
C CYS I 150 10.89 -24.89 -129.57
N THR I 151 11.59 -25.51 -130.52
CA THR I 151 13.04 -25.64 -130.47
C THR I 151 13.57 -25.80 -131.88
N HIS I 152 14.87 -26.07 -132.00
CA HIS I 152 15.53 -26.25 -133.29
C HIS I 152 16.21 -27.61 -133.32
N GLN I 153 16.21 -28.23 -134.49
CA GLN I 153 16.78 -29.56 -134.69
C GLN I 153 17.96 -29.46 -135.65
N LEU I 154 19.13 -29.91 -135.20
CA LEU I 154 20.33 -29.98 -136.03
C LEU I 154 20.85 -31.41 -136.01
N THR I 155 21.14 -31.95 -137.20
CA THR I 155 21.53 -33.36 -137.35
C THR I 155 22.84 -33.43 -138.11
N PRO I 156 23.97 -33.27 -137.42
CA PRO I 156 25.28 -33.41 -138.10
C PRO I 156 25.51 -34.80 -138.68
N GLU I 157 25.02 -35.86 -138.03
CA GLU I 157 25.20 -37.21 -138.51
C GLU I 157 23.92 -38.01 -138.28
N ASP I 158 23.70 -39.01 -139.12
CA ASP I 158 22.46 -39.79 -139.10
C ASP I 158 22.59 -40.96 -138.15
N ASP I 159 21.98 -40.83 -136.96
CA ASP I 159 21.90 -41.89 -135.95
C ASP I 159 23.27 -42.40 -135.54
N THR I 160 24.23 -41.49 -135.41
CA THR I 160 25.58 -41.81 -135.02
C THR I 160 25.88 -41.14 -133.67
N SER I 161 26.55 -41.87 -132.79
CA SER I 161 26.70 -41.46 -131.39
C SER I 161 27.65 -40.28 -131.29
N LEU I 162 27.09 -39.08 -131.46
CA LEU I 162 27.85 -37.85 -131.25
C LEU I 162 28.24 -37.74 -129.79
N GLN I 163 29.54 -37.71 -129.52
CA GLN I 163 30.01 -37.81 -128.14
C GLN I 163 29.79 -36.52 -127.37
N SER I 164 30.40 -35.43 -127.80
CA SER I 164 30.36 -34.20 -127.00
C SER I 164 30.51 -32.99 -127.94
N LEU I 165 30.73 -31.82 -127.36
CA LEU I 165 30.89 -30.61 -128.13
C LEU I 165 31.66 -29.58 -127.31
N SER I 166 32.11 -28.55 -128.01
CA SER I 166 32.79 -27.40 -127.40
C SER I 166 32.36 -26.14 -128.14
N MET I 167 32.42 -25.01 -127.43
CA MET I 167 31.86 -23.77 -127.95
C MET I 167 32.81 -22.62 -127.62
N ALA I 168 32.83 -21.61 -128.49
CA ALA I 168 33.79 -20.52 -128.35
C ALA I 168 33.25 -19.41 -127.47
N SER I 169 34.02 -19.04 -126.45
CA SER I 169 33.62 -17.98 -125.53
C SER I 169 33.51 -16.63 -126.22
N ASP I 170 34.17 -16.44 -127.36
CA ASP I 170 34.03 -15.24 -128.17
C ASP I 170 32.88 -15.33 -129.16
N GLY I 171 32.14 -16.43 -129.15
CA GLY I 171 30.99 -16.59 -130.02
C GLY I 171 31.31 -16.70 -131.50
N SER I 172 32.30 -17.53 -131.84
CA SER I 172 32.64 -17.78 -133.24
C SER I 172 32.47 -19.23 -133.66
N MET I 173 33.08 -20.17 -132.92
CA MET I 173 33.19 -21.55 -133.35
C MET I 173 32.35 -22.48 -132.47
N LEU I 174 31.84 -23.53 -133.09
CA LEU I 174 31.15 -24.61 -132.39
C LEU I 174 31.68 -25.94 -132.94
N ALA I 175 32.39 -26.70 -132.11
CA ALA I 175 33.00 -27.94 -132.54
C ALA I 175 32.26 -29.13 -131.94
N ALA I 176 32.21 -30.22 -132.69
CA ALA I 176 31.51 -31.43 -132.29
C ALA I 176 32.52 -32.53 -131.93
N ALA I 177 31.99 -33.67 -131.49
CA ALA I 177 32.83 -34.81 -131.14
C ALA I 177 32.00 -36.08 -131.29
N ASN I 178 32.42 -36.98 -132.18
CA ASN I 178 31.71 -38.20 -132.52
C ASN I 178 32.48 -39.41 -132.00
N THR I 179 31.75 -40.50 -131.75
CA THR I 179 32.35 -41.71 -131.23
C THR I 179 33.30 -42.39 -132.22
N LYS I 180 33.24 -42.02 -133.49
CA LYS I 180 34.14 -42.54 -134.51
C LYS I 180 35.36 -41.66 -134.70
N GLY I 181 35.57 -40.67 -133.84
CA GLY I 181 36.67 -39.74 -133.97
C GLY I 181 36.40 -38.57 -134.89
N ASN I 182 35.20 -38.44 -135.43
CA ASN I 182 34.88 -37.33 -136.32
C ASN I 182 34.51 -36.09 -135.52
N CYS I 183 34.62 -34.94 -136.19
CA CYS I 183 34.24 -33.67 -135.59
C CYS I 183 33.86 -32.70 -136.69
N TYR I 184 32.92 -31.81 -136.36
CA TYR I 184 32.46 -30.77 -137.26
C TYR I 184 32.69 -29.42 -136.62
N VAL I 185 33.12 -28.44 -137.42
CA VAL I 185 33.31 -27.07 -136.97
C VAL I 185 32.24 -26.20 -137.64
N TRP I 186 31.55 -25.40 -136.83
CA TRP I 186 30.48 -24.54 -137.28
C TRP I 186 30.84 -23.09 -136.98
N GLU I 187 30.79 -22.25 -138.01
CA GLU I 187 31.01 -20.82 -137.86
C GLU I 187 29.68 -20.11 -137.61
N MET I 188 29.68 -19.22 -136.62
CA MET I 188 28.48 -18.47 -136.27
C MET I 188 28.92 -17.06 -135.91
N PRO I 189 28.71 -16.08 -136.80
CA PRO I 189 29.13 -14.70 -136.53
C PRO I 189 28.24 -13.96 -135.55
N ASN I 190 28.46 -12.65 -135.44
CA ASN I 190 27.73 -11.79 -134.50
C ASN I 190 26.22 -11.85 -134.74
N HIS I 191 25.47 -11.26 -133.80
CA HIS I 191 24.04 -11.48 -133.63
C HIS I 191 23.76 -12.96 -133.41
N THR I 192 24.27 -13.46 -132.28
CA THR I 192 24.23 -14.88 -131.96
C THR I 192 22.81 -15.39 -131.68
N ASP I 193 21.85 -14.49 -131.44
CA ASP I 193 20.49 -14.91 -131.10
C ASP I 193 19.68 -15.26 -132.36
N ALA I 194 20.22 -16.21 -133.12
CA ALA I 194 19.57 -16.70 -134.33
C ALA I 194 20.14 -18.08 -134.65
N SER I 195 19.39 -18.82 -135.47
CA SER I 195 19.81 -20.16 -135.91
C SER I 195 20.54 -20.01 -137.24
N HIS I 196 21.81 -19.63 -137.15
CA HIS I 196 22.65 -19.37 -138.32
C HIS I 196 24.04 -19.98 -138.13
N LEU I 197 24.09 -21.16 -137.50
CA LEU I 197 25.33 -21.92 -137.34
C LEU I 197 25.72 -22.50 -138.70
N LYS I 198 26.71 -21.90 -139.35
CA LYS I 198 27.13 -22.35 -140.67
C LYS I 198 28.26 -23.36 -140.54
N PRO I 199 28.08 -24.60 -140.99
CA PRO I 199 29.18 -25.57 -140.97
C PRO I 199 30.29 -25.18 -141.94
N VAL I 200 31.51 -25.58 -141.59
CA VAL I 200 32.67 -25.23 -142.41
C VAL I 200 33.31 -26.47 -143.02
N THR I 201 33.85 -27.35 -142.17
CA THR I 201 34.56 -28.54 -142.62
C THR I 201 34.23 -29.71 -141.71
N LYS I 202 34.95 -30.82 -141.89
CA LYS I 202 34.82 -31.99 -141.05
C LYS I 202 36.20 -32.64 -140.93
N PHE I 203 36.61 -32.95 -139.70
CA PHE I 203 37.92 -33.52 -139.43
C PHE I 203 37.78 -34.84 -138.70
N ARG I 204 38.46 -35.87 -139.19
CA ARG I 204 38.50 -37.19 -138.55
C ARG I 204 39.77 -37.24 -137.71
N ALA I 205 39.69 -36.77 -136.47
CA ALA I 205 40.87 -36.68 -135.63
C ALA I 205 41.32 -38.06 -135.14
N HIS I 206 40.37 -38.94 -134.84
CA HIS I 206 40.69 -40.27 -134.32
C HIS I 206 39.76 -41.28 -134.99
N SER I 207 39.79 -42.52 -134.50
CA SER I 207 38.91 -43.57 -134.96
C SER I 207 38.26 -44.37 -133.84
N THR I 208 38.72 -44.23 -132.60
CA THR I 208 38.19 -44.94 -131.45
C THR I 208 37.26 -44.02 -130.65
N TYR I 209 36.86 -44.47 -129.47
CA TYR I 209 36.03 -43.65 -128.59
C TYR I 209 36.81 -42.42 -128.15
N ILE I 210 36.06 -41.34 -127.87
CA ILE I 210 36.63 -40.04 -127.56
C ILE I 210 35.89 -39.47 -126.36
N THR I 211 36.52 -38.51 -125.70
CA THR I 211 35.88 -37.81 -124.59
C THR I 211 35.87 -36.30 -124.84
N ARG I 212 35.52 -35.52 -123.82
CA ARG I 212 35.14 -34.12 -124.01
C ARG I 212 36.25 -33.28 -124.63
N ILE I 213 35.85 -32.36 -125.50
CA ILE I 213 36.75 -31.39 -126.13
C ILE I 213 36.58 -30.05 -125.43
N LEU I 214 37.70 -29.42 -125.09
CA LEU I 214 37.70 -28.09 -124.52
C LEU I 214 38.54 -27.16 -125.38
N LEU I 215 38.08 -25.92 -125.55
CA LEU I 215 38.82 -24.91 -126.26
C LEU I 215 38.85 -23.63 -125.41
N SER I 216 39.93 -22.86 -125.57
CA SER I 216 40.14 -21.69 -124.75
C SER I 216 39.21 -20.55 -125.16
N SER I 217 39.16 -19.52 -124.30
CA SER I 217 38.36 -18.35 -124.60
C SER I 217 38.86 -17.62 -125.85
N ASP I 218 40.18 -17.50 -125.98
CA ASP I 218 40.76 -16.99 -127.21
C ASP I 218 40.63 -18.06 -128.30
N VAL I 219 39.99 -17.69 -129.41
CA VAL I 219 39.64 -18.69 -130.44
C VAL I 219 40.84 -18.79 -131.37
N LYS I 220 41.81 -19.59 -130.95
CA LYS I 220 42.98 -19.87 -131.77
C LYS I 220 43.48 -21.30 -131.66
N HIS I 221 42.81 -22.17 -130.89
CA HIS I 221 43.22 -23.56 -130.74
C HIS I 221 41.98 -24.43 -130.62
N LEU I 222 42.18 -25.72 -130.86
CA LEU I 222 41.13 -26.72 -130.66
C LEU I 222 41.81 -28.01 -130.21
N ALA I 223 41.73 -28.31 -128.92
CA ALA I 223 42.42 -29.46 -128.36
C ALA I 223 41.41 -30.49 -127.89
N THR I 224 41.61 -31.73 -128.33
CA THR I 224 40.80 -32.88 -127.94
C THR I 224 41.69 -33.91 -127.26
N CYS I 225 41.03 -34.86 -126.60
CA CYS I 225 41.72 -36.00 -126.02
C CYS I 225 40.82 -37.23 -126.16
N SER I 226 41.42 -38.35 -126.54
CA SER I 226 40.69 -39.53 -126.95
C SER I 226 41.01 -40.69 -126.01
N ALA I 227 40.53 -41.89 -126.39
CA ALA I 227 40.72 -43.11 -125.61
C ALA I 227 41.80 -44.00 -126.20
N ASP I 228 42.87 -43.40 -126.71
CA ASP I 228 44.05 -44.13 -127.17
C ASP I 228 45.32 -43.46 -126.66
N HIS I 229 45.27 -42.95 -125.42
CA HIS I 229 46.37 -42.21 -124.80
C HIS I 229 46.81 -41.03 -125.67
N THR I 230 45.84 -40.35 -126.26
CA THR I 230 46.11 -39.30 -127.24
C THR I 230 45.50 -37.98 -126.80
N ALA I 231 46.31 -36.92 -126.82
CA ALA I 231 45.85 -35.56 -126.61
C ALA I 231 46.35 -34.73 -127.78
N ARG I 232 45.43 -34.30 -128.65
CA ARG I 232 45.79 -33.71 -129.94
C ARG I 232 45.19 -32.31 -130.04
N VAL I 233 46.03 -31.33 -130.34
CA VAL I 233 45.59 -29.95 -130.51
C VAL I 233 45.85 -29.53 -131.95
N TRP I 234 44.82 -28.95 -132.57
CA TRP I 234 44.87 -28.41 -133.92
C TRP I 234 44.61 -26.91 -133.86
N SER I 235 44.79 -26.24 -134.99
CA SER I 235 44.53 -24.82 -135.11
C SER I 235 43.12 -24.57 -135.65
N ILE I 236 42.49 -23.50 -135.17
CA ILE I 236 41.14 -23.15 -135.56
C ILE I 236 41.07 -21.84 -136.35
N ASP I 237 42.13 -21.04 -136.36
CA ASP I 237 42.11 -19.78 -137.09
C ASP I 237 43.35 -19.51 -137.92
N ASP I 238 44.44 -20.28 -137.77
CA ASP I 238 45.67 -20.07 -138.52
C ASP I 238 46.04 -21.40 -139.18
N ASP I 239 45.88 -21.45 -140.50
CA ASP I 239 46.23 -22.45 -141.51
C ASP I 239 45.57 -23.82 -141.28
N PHE I 240 44.83 -23.95 -140.16
CA PHE I 240 43.94 -25.08 -139.91
C PHE I 240 44.67 -26.43 -139.96
N LYS I 241 45.79 -26.53 -139.26
CA LYS I 241 46.60 -27.74 -139.26
C LYS I 241 46.87 -28.20 -137.84
N LEU I 242 47.43 -29.40 -137.74
CA LEU I 242 47.73 -30.01 -136.44
C LEU I 242 48.88 -29.26 -135.77
N GLU I 243 48.61 -28.72 -134.57
CA GLU I 243 49.67 -28.10 -133.79
C GLU I 243 50.52 -29.16 -133.11
N THR I 244 49.93 -29.97 -132.24
CA THR I 244 50.74 -30.88 -131.43
C THR I 244 49.95 -32.11 -131.01
N THR I 245 50.53 -33.28 -131.20
CA THR I 245 50.00 -34.51 -130.64
C THR I 245 50.81 -34.90 -129.40
N LEU I 246 50.15 -35.57 -128.46
CA LEU I 246 50.77 -35.96 -127.21
C LEU I 246 50.33 -37.36 -126.83
N ASP I 247 51.29 -38.21 -126.47
CA ASP I 247 51.04 -39.59 -126.09
C ASP I 247 51.98 -39.94 -124.95
N GLY I 248 52.07 -41.24 -124.64
CA GLY I 248 52.95 -41.73 -123.61
C GLY I 248 52.28 -41.99 -122.27
N HIS I 249 51.00 -41.66 -122.13
CA HIS I 249 50.29 -41.92 -120.88
C HIS I 249 50.06 -43.41 -120.70
N GLN I 250 50.15 -43.86 -119.45
CA GLN I 250 49.95 -45.28 -119.15
C GLN I 250 48.52 -45.72 -119.42
N ARG I 251 47.55 -44.90 -119.02
CA ARG I 251 46.14 -45.21 -119.22
C ARG I 251 45.47 -44.13 -120.04
N TRP I 252 44.25 -44.41 -120.46
CA TRP I 252 43.55 -43.56 -121.42
C TRP I 252 43.15 -42.24 -120.78
N VAL I 253 43.42 -41.14 -121.49
CA VAL I 253 43.25 -39.81 -120.93
C VAL I 253 41.78 -39.41 -120.91
N TRP I 254 41.32 -38.93 -119.76
CA TRP I 254 39.96 -38.44 -119.57
C TRP I 254 39.93 -36.93 -119.81
N ASP I 255 38.85 -36.27 -119.37
CA ASP I 255 38.59 -34.87 -119.70
C ASP I 255 39.70 -33.96 -119.20
N CYS I 256 39.92 -32.87 -119.94
CA CYS I 256 41.04 -31.97 -119.73
C CYS I 256 40.55 -30.55 -119.49
N ALA I 257 41.45 -29.72 -118.95
CA ALA I 257 41.16 -28.32 -118.70
C ALA I 257 42.35 -27.47 -119.10
N PHE I 258 42.10 -26.18 -119.27
CA PHE I 258 43.10 -25.22 -119.76
C PHE I 258 43.44 -24.19 -118.70
N SER I 259 44.44 -23.38 -119.01
CA SER I 259 44.81 -22.23 -118.19
C SER I 259 44.16 -20.96 -118.75
N ALA I 260 44.44 -19.83 -118.11
CA ALA I 260 43.87 -18.56 -118.53
C ALA I 260 44.55 -18.01 -119.78
N ASP I 261 45.85 -18.26 -119.95
CA ASP I 261 46.60 -17.70 -121.06
C ASP I 261 46.56 -18.56 -122.31
N SER I 262 45.78 -19.64 -122.30
CA SER I 262 45.61 -20.55 -123.44
C SER I 262 46.94 -21.16 -123.89
N ALA I 263 47.83 -21.45 -122.93
CA ALA I 263 49.11 -22.06 -123.23
C ALA I 263 49.45 -23.25 -122.35
N TYR I 264 48.69 -23.51 -121.29
CA TYR I 264 48.93 -24.64 -120.40
C TYR I 264 47.68 -25.48 -120.30
N LEU I 265 47.86 -26.81 -120.31
CA LEU I 265 46.73 -27.72 -120.27
C LEU I 265 47.01 -28.85 -119.29
N VAL I 266 45.97 -29.31 -118.61
CA VAL I 266 46.10 -30.41 -117.67
C VAL I 266 45.52 -31.67 -118.29
N THR I 267 46.07 -32.81 -117.89
CA THR I 267 45.62 -34.12 -118.36
C THR I 267 45.37 -35.01 -117.15
N ALA I 268 44.12 -35.44 -116.97
CA ALA I 268 43.74 -36.36 -115.92
C ALA I 268 43.31 -37.67 -116.55
N SER I 269 43.94 -38.76 -116.12
CA SER I 269 43.67 -40.08 -116.68
C SER I 269 43.55 -41.07 -115.53
N SER I 270 43.22 -42.32 -115.88
CA SER I 270 43.07 -43.38 -114.90
C SER I 270 44.39 -44.08 -114.58
N ASP I 271 45.52 -43.41 -114.83
CA ASP I 271 46.84 -43.97 -114.57
C ASP I 271 47.35 -43.65 -113.17
N HIS I 272 46.45 -43.37 -112.22
CA HIS I 272 46.77 -43.03 -110.84
C HIS I 272 47.65 -41.78 -110.72
N TYR I 273 47.65 -40.94 -111.75
CA TYR I 273 48.46 -39.74 -111.79
C TYR I 273 47.73 -38.70 -112.62
N VAL I 274 48.07 -37.43 -112.39
CA VAL I 274 47.60 -36.33 -113.24
C VAL I 274 48.80 -35.49 -113.62
N ARG I 275 48.71 -34.85 -114.79
CA ARG I 275 49.84 -34.11 -115.33
C ARG I 275 49.40 -32.72 -115.78
N LEU I 276 50.36 -31.81 -115.85
CA LEU I 276 50.16 -30.46 -116.38
C LEU I 276 51.29 -30.16 -117.34
N TRP I 277 50.93 -29.72 -118.54
CA TRP I 277 51.87 -29.51 -119.63
C TRP I 277 51.77 -28.09 -120.16
N ASP I 278 52.88 -27.61 -120.72
CA ASP I 278 52.94 -26.37 -121.48
C ASP I 278 52.86 -26.74 -122.96
N LEU I 279 51.81 -26.28 -123.64
CA LEU I 279 51.59 -26.69 -125.03
C LEU I 279 52.67 -26.16 -125.96
N SER I 280 53.23 -24.98 -125.65
CA SER I 280 54.29 -24.43 -126.50
C SER I 280 55.55 -25.31 -126.45
N THR I 281 55.92 -25.76 -125.25
CA THR I 281 57.12 -26.58 -125.10
C THR I 281 56.85 -28.07 -125.20
N ARG I 282 55.58 -28.48 -125.23
CA ARG I 282 55.11 -29.88 -125.22
C ARG I 282 55.95 -30.76 -124.29
N GLU I 283 56.12 -30.29 -123.06
CA GLU I 283 56.99 -30.93 -122.09
C GLU I 283 56.28 -31.02 -120.75
N ILE I 284 56.76 -31.94 -119.91
CA ILE I 284 56.22 -32.09 -118.56
C ILE I 284 56.52 -30.83 -117.75
N VAL I 285 55.48 -30.20 -117.25
CA VAL I 285 55.61 -29.06 -116.33
C VAL I 285 55.36 -29.49 -114.89
N ARG I 286 54.26 -30.21 -114.66
CA ARG I 286 53.94 -30.72 -113.33
C ARG I 286 53.37 -32.11 -113.43
N GLN I 287 53.57 -32.90 -112.37
CA GLN I 287 53.05 -34.26 -112.30
C GLN I 287 52.64 -34.54 -110.85
N TYR I 288 51.33 -34.56 -110.61
CA TYR I 288 50.80 -34.79 -109.27
C TYR I 288 50.38 -36.25 -109.13
N GLY I 289 50.79 -36.86 -108.01
CA GLY I 289 50.46 -38.24 -107.75
C GLY I 289 50.01 -38.43 -106.32
N GLY I 290 49.40 -39.57 -106.06
CA GLY I 290 48.85 -39.88 -104.76
C GLY I 290 47.51 -40.56 -104.87
N HIS I 291 46.97 -40.61 -106.09
CA HIS I 291 45.70 -41.26 -106.34
C HIS I 291 45.87 -42.76 -106.29
N HIS I 292 45.19 -43.42 -105.34
CA HIS I 292 45.28 -44.87 -105.25
C HIS I 292 44.54 -45.54 -106.41
N LYS I 293 43.47 -44.94 -106.88
CA LYS I 293 42.73 -45.42 -108.04
C LYS I 293 42.86 -44.40 -109.17
N GLY I 294 42.14 -44.63 -110.26
CA GLY I 294 42.20 -43.73 -111.39
C GLY I 294 41.48 -42.41 -111.12
N ALA I 295 41.75 -41.44 -112.00
CA ALA I 295 41.15 -40.12 -111.93
C ALA I 295 40.38 -39.87 -113.22
N VAL I 296 39.12 -39.46 -113.10
CA VAL I 296 38.25 -39.33 -114.26
C VAL I 296 37.89 -37.88 -114.57
N CYS I 297 37.78 -37.00 -113.57
CA CYS I 297 37.28 -35.66 -113.81
C CYS I 297 38.16 -34.63 -113.13
N VAL I 298 38.19 -33.43 -113.70
CA VAL I 298 39.09 -32.37 -113.25
C VAL I 298 38.41 -31.02 -113.52
N ALA I 299 38.70 -30.05 -112.67
CA ALA I 299 38.24 -28.68 -112.84
C ALA I 299 39.35 -27.72 -112.45
N LEU I 300 39.39 -26.57 -113.11
CA LEU I 300 40.45 -25.59 -112.89
C LEU I 300 39.93 -24.21 -113.28
N ASN I 301 40.30 -23.20 -112.50
CA ASN I 301 40.05 -21.82 -112.86
C ASN I 301 41.14 -20.93 -112.25
N ASP I 302 41.27 -19.73 -112.79
CA ASP I 302 42.30 -18.80 -112.35
C ASP I 302 41.69 -17.50 -111.87
N ILE J 39 0.15 122.21 7.79
CA ILE J 39 0.44 120.79 7.83
C ILE J 39 1.85 120.56 8.36
N PHE J 40 2.00 119.57 9.24
CA PHE J 40 3.26 119.24 9.85
C PHE J 40 3.44 117.73 9.86
N TYR J 41 4.71 117.30 9.89
CA TYR J 41 5.04 115.89 9.78
C TYR J 41 5.96 115.48 10.91
N PHE J 42 6.10 114.16 11.08
CA PHE J 42 6.90 113.49 12.10
C PHE J 42 6.39 113.73 13.52
N ASP J 43 5.23 114.35 13.68
CA ASP J 43 4.66 114.58 15.00
C ASP J 43 3.27 113.93 14.93
N ASP J 44 3.24 112.68 14.49
CA ASP J 44 1.99 111.95 14.37
C ASP J 44 1.86 110.98 15.55
N LYS J 45 0.82 110.14 15.51
CA LYS J 45 0.56 109.23 16.61
C LYS J 45 1.62 108.14 16.72
N ARG J 46 2.18 107.70 15.59
CA ARG J 46 3.16 106.62 15.61
C ARG J 46 4.53 107.05 16.10
N HIS J 47 4.85 108.35 16.05
CA HIS J 47 6.24 108.78 16.17
C HIS J 47 6.72 108.74 17.62
N LYS J 48 6.04 109.47 18.51
CA LYS J 48 6.51 109.61 19.88
C LYS J 48 6.43 108.30 20.67
N THR J 49 5.73 107.29 20.15
CA THR J 49 5.60 106.02 20.85
C THR J 49 6.28 104.85 20.15
N ASN J 50 6.53 104.95 18.83
CA ASN J 50 7.10 103.87 18.03
C ASN J 50 6.25 102.60 18.11
N GLY J 51 4.94 102.78 18.16
CA GLY J 51 4.02 101.65 18.24
C GLY J 51 4.13 100.84 19.51
N ASN J 52 4.36 101.51 20.64
CA ASN J 52 4.51 100.81 21.90
C ASN J 52 3.35 101.15 22.85
N PRO J 53 2.85 100.17 23.59
CA PRO J 53 1.75 100.45 24.52
C PRO J 53 2.24 101.18 25.76
N ILE J 54 1.28 101.72 26.50
CA ILE J 54 1.60 102.41 27.75
C ILE J 54 2.18 101.41 28.73
N PRO J 55 3.30 101.72 29.39
CA PRO J 55 3.92 100.75 30.29
C PRO J 55 3.04 100.41 31.48
N GLU J 56 3.18 99.17 31.95
CA GLU J 56 2.36 98.68 33.06
C GLU J 56 2.66 99.44 34.35
N GLU J 57 3.93 99.81 34.57
CA GLU J 57 4.29 100.58 35.75
C GLU J 57 3.61 101.95 35.73
N ASP J 58 3.63 102.63 34.57
CA ASP J 58 2.99 103.93 34.48
C ASP J 58 1.48 103.82 34.59
N LYS J 59 0.90 102.74 34.06
CA LYS J 59 -0.54 102.53 34.20
C LYS J 59 -0.92 102.28 35.65
N GLN J 60 -0.10 101.53 36.38
CA GLN J 60 -0.35 101.29 37.80
C GLN J 60 -0.22 102.58 38.60
N ARG J 61 0.83 103.36 38.34
CA ARG J 61 1.03 104.63 39.02
C ARG J 61 0.28 105.73 38.25
N ASP J 62 -1.04 105.69 38.40
CA ASP J 62 -1.89 106.67 37.73
C ASP J 62 -1.70 108.04 38.36
N VAL J 63 -1.54 109.06 37.50
CA VAL J 63 -1.32 110.43 37.94
C VAL J 63 -2.55 111.28 37.70
N ASN J 64 -3.15 111.16 36.52
CA ASN J 64 -4.33 111.93 36.15
C ASN J 64 -5.62 111.18 36.41
N ARG J 65 -5.55 110.07 37.16
CA ARG J 65 -6.72 109.24 37.48
C ARG J 65 -7.43 108.76 36.21
N TYR J 66 -6.65 108.41 35.20
CA TYR J 66 -7.17 108.01 33.90
C TYR J 66 -7.29 106.51 33.74
N TYR J 67 -6.60 105.72 34.56
CA TYR J 67 -6.51 104.27 34.42
C TYR J 67 -6.79 103.58 35.75
N GLN J 68 -7.89 103.93 36.42
CA GLN J 68 -8.28 103.24 37.65
C GLN J 68 -9.06 101.98 37.31
N PRO J 69 -8.53 100.79 37.60
CA PRO J 69 -9.20 99.56 37.17
C PRO J 69 -10.07 98.95 38.27
N ILE J 70 -10.93 98.03 37.84
CA ILE J 70 -11.58 97.06 38.72
C ILE J 70 -11.44 95.70 38.07
N THR J 71 -11.23 94.67 38.90
CA THR J 71 -10.95 93.34 38.35
C THR J 71 -12.20 92.50 38.20
N ASP J 72 -12.96 92.32 39.28
CA ASP J 72 -14.11 91.41 39.28
C ASP J 72 -15.40 92.14 38.94
N TRP J 73 -15.39 92.82 37.79
CA TRP J 73 -16.63 93.45 37.33
C TRP J 73 -17.66 92.43 36.90
N LYS J 74 -17.22 91.30 36.35
CA LYS J 74 -18.14 90.29 35.86
C LYS J 74 -18.83 89.59 37.01
N ILE J 75 -20.07 89.17 36.78
CA ILE J 75 -20.84 88.41 37.76
C ILE J 75 -20.28 87.00 37.82
N MET J 76 -20.09 86.49 39.05
CA MET J 76 -19.49 85.17 39.26
C MET J 76 -20.35 84.03 38.75
N LYS J 77 -21.63 84.28 38.44
CA LYS J 77 -22.59 83.32 37.91
C LYS J 77 -22.87 82.16 38.88
N ASP J 78 -22.45 82.28 40.13
CA ASP J 78 -22.83 81.31 41.17
C ASP J 78 -24.22 81.70 41.66
N ARG J 79 -25.22 81.34 40.85
CA ARG J 79 -26.56 81.86 41.03
C ARG J 79 -27.29 81.09 42.11
N GLN J 80 -27.83 81.82 43.09
CA GLN J 80 -28.64 81.26 44.18
C GLN J 80 -29.91 82.09 44.26
N LYS J 81 -30.93 81.68 43.53
CA LYS J 81 -32.24 82.31 43.59
C LYS J 81 -33.08 81.53 44.59
N THR J 82 -33.68 82.24 45.55
CA THR J 82 -34.54 81.62 46.55
C THR J 82 -35.69 80.88 45.87
N VAL J 83 -35.90 79.63 46.29
CA VAL J 83 -36.89 78.77 45.64
C VAL J 83 -38.09 78.48 46.54
N SER J 84 -37.94 78.54 47.85
CA SER J 84 -38.98 78.13 48.78
C SER J 84 -39.20 79.21 49.83
N ALA J 85 -40.46 79.44 50.18
CA ALA J 85 -40.79 80.42 51.20
C ALA J 85 -41.85 79.88 52.13
N ALA J 86 -41.71 80.25 53.40
CA ALA J 86 -42.57 79.78 54.49
C ALA J 86 -43.17 80.98 55.20
N LEU J 87 -44.48 80.94 55.43
CA LEU J 87 -45.22 82.05 56.02
C LEU J 87 -45.76 81.61 57.38
N LEU J 88 -45.03 81.96 58.44
CA LEU J 88 -45.41 81.64 59.81
C LEU J 88 -46.13 82.86 60.37
N LEU J 89 -47.45 82.83 60.29
CA LEU J 89 -48.30 83.87 60.86
C LEU J 89 -48.81 83.38 62.22
N CYS J 90 -48.63 84.20 63.25
CA CYS J 90 -49.12 83.86 64.59
C CYS J 90 -50.10 84.97 65.00
N LEU J 91 -51.36 84.81 64.60
CA LEU J 91 -52.36 85.87 64.78
C LEU J 91 -53.67 85.25 65.24
N ASN J 92 -53.91 85.29 66.55
CA ASN J 92 -55.19 84.88 67.12
C ASN J 92 -56.09 86.11 67.20
N LEU J 93 -56.66 86.48 66.06
CA LEU J 93 -57.46 87.69 65.97
C LEU J 93 -58.77 87.48 66.72
N GLY J 94 -58.93 88.19 67.84
CA GLY J 94 -60.05 88.02 68.72
C GLY J 94 -59.65 88.15 70.17
N VAL J 95 -58.34 88.12 70.43
CA VAL J 95 -57.78 88.27 71.77
C VAL J 95 -56.53 89.14 71.64
N ASP J 96 -56.04 89.66 72.77
CA ASP J 96 -54.92 90.58 72.75
C ASP J 96 -53.68 90.01 73.44
N PRO J 97 -52.49 90.49 73.09
CA PRO J 97 -51.31 90.19 73.89
C PRO J 97 -51.41 90.85 75.26
N PRO J 98 -50.76 90.28 76.28
CA PRO J 98 -51.10 90.65 77.66
C PRO J 98 -50.63 92.02 78.13
N ASP J 99 -49.38 92.38 77.83
CA ASP J 99 -48.73 93.47 78.54
C ASP J 99 -48.76 94.79 77.78
N VAL J 100 -49.52 94.89 76.71
CA VAL J 100 -49.75 96.16 76.01
C VAL J 100 -51.26 96.40 75.90
N MET J 101 -51.68 97.60 76.26
CA MET J 101 -53.09 97.95 76.27
C MET J 101 -53.55 98.37 74.88
N LYS J 102 -54.85 98.28 74.65
CA LYS J 102 -55.46 98.62 73.37
C LYS J 102 -56.54 99.67 73.59
N THR J 103 -57.09 100.14 72.48
CA THR J 103 -58.30 100.95 72.46
C THR J 103 -59.45 100.13 71.89
N HIS J 104 -60.67 100.62 72.07
CA HIS J 104 -61.82 99.94 71.49
C HIS J 104 -61.75 99.92 69.96
N PRO J 105 -61.42 101.00 69.24
CA PRO J 105 -60.89 100.83 67.89
C PRO J 105 -59.40 100.62 67.94
N CYS J 106 -58.91 99.46 67.50
CA CYS J 106 -57.51 99.12 67.65
C CYS J 106 -56.82 99.08 66.30
N ALA J 107 -55.49 99.14 66.35
CA ALA J 107 -54.67 99.01 65.14
C ALA J 107 -54.82 97.58 64.63
N ARG J 108 -55.60 97.43 63.57
CA ARG J 108 -56.08 96.10 63.22
C ARG J 108 -55.86 95.71 61.77
N VAL J 109 -55.98 96.66 60.84
CA VAL J 109 -56.01 96.33 59.42
C VAL J 109 -54.67 95.75 58.98
N GLU J 110 -54.74 94.66 58.23
CA GLU J 110 -53.56 93.96 57.73
C GLU J 110 -53.91 93.38 56.37
N ALA J 111 -52.97 93.50 55.41
CA ALA J 111 -53.18 93.08 54.03
C ALA J 111 -54.42 93.71 53.41
N TRP J 112 -54.70 94.94 53.81
CA TRP J 112 -55.78 95.76 53.25
C TRP J 112 -57.15 95.10 53.39
N VAL J 113 -57.35 94.35 54.49
CA VAL J 113 -58.64 93.75 54.79
C VAL J 113 -59.00 94.05 56.24
N ASP J 114 -60.30 93.99 56.53
CA ASP J 114 -60.80 94.13 57.88
C ASP J 114 -61.12 92.76 58.45
N PRO J 115 -60.54 92.35 59.57
CA PRO J 115 -60.93 91.08 60.18
C PRO J 115 -62.12 91.17 61.12
N LEU J 116 -62.37 92.32 61.75
CA LEU J 116 -63.49 92.37 62.69
C LEU J 116 -64.83 92.28 61.97
N ASN J 117 -64.95 92.89 60.80
CA ASN J 117 -66.20 92.76 60.04
C ASN J 117 -66.32 91.38 59.43
N PHE J 118 -65.19 90.70 59.21
CA PHE J 118 -65.21 89.33 58.71
C PHE J 118 -65.73 88.39 59.79
N GLN J 119 -66.37 87.31 59.35
CA GLN J 119 -67.18 86.48 60.22
C GLN J 119 -66.48 85.17 60.57
N ASP J 120 -66.67 84.74 61.83
CA ASP J 120 -66.33 83.39 62.29
C ASP J 120 -64.83 83.10 62.21
N SER J 121 -64.01 84.13 62.44
CA SER J 121 -62.57 83.99 62.64
C SER J 121 -61.87 83.33 61.45
N LYS J 122 -62.30 83.68 60.24
CA LYS J 122 -61.60 83.25 59.04
C LYS J 122 -60.84 84.39 58.38
N LYS J 123 -60.66 85.51 59.08
CA LYS J 123 -59.68 86.52 58.70
C LYS J 123 -58.56 86.60 59.73
N ALA J 124 -58.54 85.68 60.70
CA ALA J 124 -57.44 85.62 61.64
C ALA J 124 -56.16 85.16 60.95
N ILE J 125 -56.24 84.09 60.18
CA ILE J 125 -55.10 83.61 59.40
C ILE J 125 -55.47 83.38 57.93
N GLU J 126 -56.54 82.62 57.69
CA GLU J 126 -56.67 81.88 56.44
C GLU J 126 -56.89 82.79 55.23
N GLN J 127 -57.33 84.02 55.43
CA GLN J 127 -57.50 84.96 54.33
C GLN J 127 -56.37 85.97 54.23
N ILE J 128 -55.91 86.47 55.38
CA ILE J 128 -54.84 87.47 55.36
C ILE J 128 -53.52 86.84 54.92
N GLY J 129 -53.24 85.61 55.32
CA GLY J 129 -52.05 84.93 54.83
C GLY J 129 -52.13 84.62 53.35
N LYS J 130 -53.32 84.28 52.86
CA LYS J 130 -53.51 84.07 51.43
C LYS J 130 -53.22 85.35 50.65
N ASN J 131 -53.73 86.48 51.13
CA ASN J 131 -53.45 87.76 50.49
C ASN J 131 -51.97 88.12 50.57
N LEU J 132 -51.32 87.83 51.70
CA LEU J 132 -49.90 88.12 51.85
C LEU J 132 -49.05 87.29 50.90
N GLN J 133 -49.41 86.02 50.72
CA GLN J 133 -48.72 85.19 49.73
C GLN J 133 -48.97 85.70 48.32
N ALA J 134 -50.20 86.12 48.02
CA ALA J 134 -50.48 86.66 46.70
C ALA J 134 -49.71 87.95 46.45
N GLN J 135 -49.44 88.73 47.50
CA GLN J 135 -48.67 89.95 47.33
C GLN J 135 -47.17 89.68 47.14
N TYR J 136 -46.58 88.75 47.91
CA TYR J 136 -45.23 88.29 47.56
C TYR J 136 -45.14 87.55 46.24
N GLU J 137 -46.27 87.12 45.66
CA GLU J 137 -46.19 86.55 44.32
C GLU J 137 -45.73 87.58 43.29
N THR J 138 -46.02 88.86 43.53
CA THR J 138 -45.63 89.89 42.58
C THR J 138 -44.14 90.23 42.61
N LEU J 139 -43.44 89.92 43.72
CA LEU J 139 -42.00 90.15 43.75
C LEU J 139 -41.27 89.21 42.81
N SER J 140 -41.60 87.92 42.88
CA SER J 140 -41.02 86.93 41.98
C SER J 140 -42.02 85.79 41.82
N LEU J 141 -42.15 85.30 40.59
CA LEU J 141 -43.10 84.25 40.26
C LEU J 141 -42.49 82.86 40.25
N ARG J 142 -41.22 82.73 40.64
CA ARG J 142 -40.52 81.46 40.55
C ARG J 142 -40.24 80.85 41.92
N THR J 143 -40.90 81.32 42.97
CA THR J 143 -40.69 80.82 44.32
C THR J 143 -41.93 80.06 44.79
N ARG J 144 -41.73 78.83 45.24
CA ARG J 144 -42.84 78.10 45.84
C ARG J 144 -43.13 78.63 47.24
N TYR J 145 -44.36 78.44 47.68
CA TYR J 145 -44.85 79.05 48.90
C TYR J 145 -45.53 78.00 49.77
N LYS J 146 -45.49 78.24 51.08
CA LYS J 146 -46.29 77.45 52.01
C LYS J 146 -46.68 78.34 53.19
N GLN J 147 -47.91 78.16 53.66
CA GLN J 147 -48.47 78.99 54.72
C GLN J 147 -48.65 78.16 55.99
N SER J 148 -48.86 78.86 57.11
CA SER J 148 -49.18 78.19 58.37
C SER J 148 -50.45 78.76 58.96
N LEU J 149 -51.32 77.88 59.46
CA LEU J 149 -52.59 78.26 60.09
C LEU J 149 -52.46 78.25 61.61
N ASP J 150 -51.70 79.23 62.14
CA ASP J 150 -51.43 79.37 63.58
C ASP J 150 -50.88 78.09 64.16
N PRO J 151 -49.63 77.74 63.86
CA PRO J 151 -49.13 76.40 64.19
C PRO J 151 -48.49 76.32 65.57
N CYS J 152 -48.15 75.08 65.95
CA CYS J 152 -47.51 74.74 67.21
C CYS J 152 -46.08 74.26 66.93
N VAL J 153 -45.42 73.76 67.98
CA VAL J 153 -44.01 73.38 67.85
C VAL J 153 -43.87 72.14 66.96
N GLU J 154 -44.78 71.16 67.11
CA GLU J 154 -44.73 69.97 66.27
C GLU J 154 -45.08 70.30 64.83
N ASP J 155 -45.91 71.32 64.62
CA ASP J 155 -46.20 71.77 63.27
C ASP J 155 -45.00 72.47 62.64
N VAL J 156 -44.37 73.39 63.37
CA VAL J 156 -43.27 74.17 62.80
C VAL J 156 -42.04 73.28 62.58
N LYS J 157 -41.95 72.17 63.30
CA LYS J 157 -40.86 71.22 63.05
C LYS J 157 -40.87 70.73 61.61
N ARG J 158 -42.01 70.21 61.14
CA ARG J 158 -42.06 69.76 59.75
C ARG J 158 -42.14 70.95 58.81
N PHE J 159 -42.78 72.04 59.25
CA PHE J 159 -42.90 73.27 58.48
C PHE J 159 -41.54 73.82 58.06
N CYS J 160 -40.50 73.58 58.87
CA CYS J 160 -39.14 73.92 58.48
C CYS J 160 -38.38 72.76 57.87
N ASN J 161 -38.54 71.55 58.40
CA ASN J 161 -37.74 70.41 57.95
C ASN J 161 -38.04 70.03 56.51
N SER J 162 -39.30 69.98 56.12
CA SER J 162 -39.64 69.59 54.75
C SER J 162 -39.14 70.62 53.75
N LEU J 163 -39.29 71.91 54.07
CA LEU J 163 -38.86 72.95 53.15
C LEU J 163 -37.35 73.03 53.06
N ARG J 164 -36.64 72.64 54.13
CA ARG J 164 -35.19 72.52 54.03
C ARG J 164 -34.79 71.31 53.19
N ARG J 165 -35.42 70.16 53.43
CA ARG J 165 -34.98 68.95 52.75
C ARG J 165 -35.40 68.89 51.30
N THR J 166 -36.33 69.75 50.86
CA THR J 166 -36.70 69.77 49.45
C THR J 166 -35.78 70.63 48.60
N SER J 167 -34.85 71.37 49.21
CA SER J 167 -33.91 72.22 48.48
C SER J 167 -32.56 72.09 49.15
N LYS J 168 -31.59 71.47 48.45
CA LYS J 168 -30.37 71.00 49.10
C LYS J 168 -29.53 72.15 49.63
N GLU J 169 -29.10 73.06 48.75
CA GLU J 169 -28.30 74.21 49.16
C GLU J 169 -28.94 75.52 48.75
N ASP J 170 -30.14 75.49 48.17
CA ASP J 170 -30.82 76.71 47.79
C ASP J 170 -31.33 77.46 49.03
N ARG J 171 -31.67 78.72 48.82
CA ARG J 171 -32.02 79.63 49.90
C ARG J 171 -33.53 79.70 50.09
N ILE J 172 -33.95 79.90 51.33
CA ILE J 172 -35.35 79.81 51.74
C ILE J 172 -35.74 81.08 52.48
N LEU J 173 -36.91 81.62 52.16
CA LEU J 173 -37.48 82.75 52.86
C LEU J 173 -38.34 82.28 54.02
N PHE J 174 -38.24 82.96 55.16
CA PHE J 174 -38.96 82.59 56.38
C PHE J 174 -39.57 83.86 56.97
N HIS J 175 -40.89 83.96 56.94
CA HIS J 175 -41.61 85.17 57.32
C HIS J 175 -42.33 84.95 58.64
N TYR J 176 -41.74 85.46 59.72
CA TYR J 176 -42.34 85.41 61.04
C TYR J 176 -43.19 86.66 61.24
N ASN J 177 -44.50 86.48 61.39
CA ASN J 177 -45.45 87.57 61.57
C ASN J 177 -46.10 87.36 62.93
N GLY J 178 -45.45 87.91 63.97
CA GLY J 178 -45.98 87.85 65.31
C GLY J 178 -46.57 89.15 65.81
N HIS J 179 -47.90 89.24 65.82
CA HIS J 179 -48.58 90.36 66.47
C HIS J 179 -49.65 89.92 67.48
N GLY J 180 -50.12 88.67 67.41
CA GLY J 180 -51.02 88.14 68.41
C GLY J 180 -50.25 87.34 69.45
N VAL J 181 -48.97 87.70 69.61
CA VAL J 181 -48.02 86.97 70.44
C VAL J 181 -47.39 87.96 71.41
N PRO J 182 -47.09 87.55 72.65
CA PRO J 182 -46.36 88.44 73.55
C PRO J 182 -44.98 88.79 73.03
N LYS J 183 -44.35 89.75 73.70
CA LYS J 183 -43.08 90.30 73.24
C LYS J 183 -41.98 89.26 73.34
N PRO J 184 -41.06 89.22 72.36
CA PRO J 184 -39.96 88.25 72.41
C PRO J 184 -39.02 88.51 73.57
N THR J 185 -38.15 87.55 73.81
CA THR J 185 -37.34 87.51 75.02
C THR J 185 -36.01 88.24 74.82
N LYS J 186 -35.18 88.22 75.86
CA LYS J 186 -33.79 88.61 75.78
C LYS J 186 -32.84 87.43 75.91
N SER J 187 -33.33 86.27 76.36
CA SER J 187 -32.52 85.07 76.46
C SER J 187 -32.49 84.25 75.18
N GLY J 188 -33.30 84.61 74.18
CA GLY J 188 -33.27 83.91 72.92
C GLY J 188 -34.41 82.93 72.70
N GLU J 189 -35.63 83.33 73.04
CA GLU J 189 -36.81 82.49 72.86
C GLU J 189 -37.87 83.24 72.07
N ILE J 190 -38.66 82.49 71.31
CA ILE J 190 -39.77 83.03 70.53
C ILE J 190 -41.03 82.26 70.91
N TRP J 191 -42.09 82.98 71.26
CA TRP J 191 -43.31 82.33 71.71
C TRP J 191 -44.08 81.74 70.53
N VAL J 192 -44.54 80.51 70.68
CA VAL J 192 -45.32 79.81 69.67
C VAL J 192 -46.57 79.26 70.35
N PHE J 193 -47.66 79.19 69.59
CA PHE J 193 -48.94 78.71 70.12
C PHE J 193 -48.85 77.23 70.51
N ASN J 194 -49.77 76.82 71.38
CA ASN J 194 -50.01 75.41 71.64
C ASN J 194 -51.27 74.98 70.89
N ARG J 195 -51.58 73.69 70.98
CA ARG J 195 -52.81 73.20 70.40
C ARG J 195 -54.03 73.56 71.23
N GLY J 196 -53.84 73.78 72.53
CA GLY J 196 -54.94 74.03 73.44
C GLY J 196 -55.42 75.47 73.54
N TYR J 197 -54.70 76.40 72.92
CA TYR J 197 -55.09 77.82 72.86
C TYR J 197 -55.28 78.42 74.25
N THR J 198 -54.40 78.04 75.18
CA THR J 198 -54.45 78.57 76.55
C THR J 198 -53.13 79.19 76.99
N GLN J 199 -52.01 78.70 76.49
CA GLN J 199 -50.71 79.21 76.88
C GLN J 199 -49.77 79.14 75.69
N TYR J 200 -48.69 79.91 75.76
CA TYR J 200 -47.71 79.99 74.68
C TYR J 200 -46.41 79.35 75.13
N ILE J 201 -45.88 78.45 74.29
CA ILE J 201 -44.68 77.69 74.63
C ILE J 201 -43.47 78.34 73.97
N PRO J 202 -42.31 78.36 74.62
CA PRO J 202 -41.10 78.87 73.98
C PRO J 202 -40.60 77.95 72.89
N VAL J 203 -39.96 78.56 71.88
CA VAL J 203 -39.16 77.84 70.89
C VAL J 203 -37.86 78.60 70.74
N SER J 204 -36.75 77.89 70.92
CA SER J 204 -35.44 78.52 70.92
C SER J 204 -35.04 78.96 69.51
N LEU J 205 -34.30 80.07 69.45
CA LEU J 205 -33.68 80.46 68.19
C LEU J 205 -32.68 79.40 67.73
N TYR J 206 -31.95 78.80 68.68
CA TYR J 206 -31.07 77.69 68.37
C TYR J 206 -31.85 76.50 67.84
N ASP J 207 -33.03 76.23 68.43
CA ASP J 207 -33.86 75.14 67.94
C ASP J 207 -34.34 75.41 66.52
N LEU J 208 -34.76 76.64 66.24
CA LEU J 208 -35.20 76.99 64.88
C LEU J 208 -34.04 76.90 63.89
N GLN J 209 -32.85 77.34 64.30
CA GLN J 209 -31.69 77.24 63.43
C GLN J 209 -31.32 75.79 63.15
N THR J 210 -31.43 74.93 64.16
CA THR J 210 -31.16 73.51 63.97
C THR J 210 -32.19 72.86 63.07
N TRP J 211 -33.46 73.28 63.17
CA TRP J 211 -34.48 72.72 62.30
C TRP J 211 -34.33 73.19 60.86
N LEU J 212 -34.01 74.46 60.66
CA LEU J 212 -33.75 74.98 59.32
C LEU J 212 -32.30 74.68 58.95
N GLY J 213 -31.82 75.27 57.86
CA GLY J 213 -30.46 75.08 57.45
C GLY J 213 -29.64 76.35 57.43
N ALA J 214 -28.60 76.40 56.60
CA ALA J 214 -27.70 77.55 56.59
C ALA J 214 -28.26 78.77 55.87
N PRO J 215 -28.71 78.70 54.61
CA PRO J 215 -29.19 79.92 53.95
C PRO J 215 -30.52 80.39 54.53
N CYS J 216 -30.75 81.70 54.43
CA CYS J 216 -31.85 82.35 55.12
C CYS J 216 -32.30 83.56 54.34
N ILE J 217 -33.60 83.86 54.42
CA ILE J 217 -34.11 85.24 54.35
C ILE J 217 -35.08 85.36 55.51
N PHE J 218 -34.61 85.85 56.66
CA PHE J 218 -35.47 85.99 57.82
C PHE J 218 -36.16 87.35 57.76
N VAL J 219 -37.49 87.34 57.75
CA VAL J 219 -38.27 88.59 57.80
C VAL J 219 -39.12 88.53 59.06
N TYR J 220 -38.78 89.36 60.04
CA TYR J 220 -39.38 89.35 61.35
C TYR J 220 -40.25 90.58 61.52
N ASP J 221 -41.51 90.40 61.95
CA ASP J 221 -42.42 91.52 62.13
C ASP J 221 -42.86 91.68 63.58
N CYS J 222 -42.02 91.26 64.52
CA CYS J 222 -42.42 91.24 65.93
C CYS J 222 -42.25 92.63 66.55
N ASN J 223 -42.47 92.72 67.86
CA ASN J 223 -42.40 93.99 68.56
C ASN J 223 -40.96 94.43 68.79
N SER J 224 -40.05 93.49 69.03
CA SER J 224 -38.64 93.81 69.26
C SER J 224 -37.79 92.74 68.59
N ALA J 225 -37.39 93.00 67.34
CA ALA J 225 -36.55 92.09 66.57
C ALA J 225 -35.08 92.49 66.63
N GLU J 226 -34.64 93.03 67.75
CA GLU J 226 -33.28 93.57 67.89
C GLU J 226 -32.47 92.83 68.94
N ASN J 227 -33.01 92.69 70.16
CA ASN J 227 -32.38 91.82 71.14
C ASN J 227 -32.37 90.38 70.66
N ILE J 228 -33.36 89.99 69.86
CA ILE J 228 -33.37 88.63 69.33
C ILE J 228 -32.27 88.45 68.28
N LEU J 229 -31.92 89.49 67.52
CA LEU J 229 -30.78 89.36 66.63
C LEU J 229 -29.45 89.50 67.35
N ILE J 230 -29.42 90.25 68.46
CA ILE J 230 -28.23 90.22 69.31
C ILE J 230 -28.00 88.79 69.83
N ASN J 231 -29.08 88.15 70.26
CA ASN J 231 -29.00 86.75 70.69
C ASN J 231 -28.63 85.83 69.54
N PHE J 232 -29.11 86.12 68.32
CA PHE J 232 -28.76 85.31 67.16
C PHE J 232 -27.27 85.43 66.84
N GLN J 233 -26.73 86.64 66.94
CA GLN J 233 -25.30 86.84 66.76
C GLN J 233 -24.49 86.12 67.83
N LYS J 234 -24.97 86.19 69.07
CA LYS J 234 -24.31 85.44 70.15
C LYS J 234 -24.36 83.94 69.89
N PHE J 235 -25.49 83.44 69.39
CA PHE J 235 -25.63 82.02 69.10
C PHE J 235 -24.69 81.59 67.98
N VAL J 236 -24.59 82.38 66.91
CA VAL J 236 -23.73 81.96 65.80
C VAL J 236 -22.27 82.07 66.19
N GLN J 237 -21.88 83.06 67.00
CA GLN J 237 -20.50 83.09 67.45
C GLN J 237 -20.21 81.97 68.46
N LYS J 238 -21.21 81.58 69.25
CA LYS J 238 -21.04 80.47 70.17
C LYS J 238 -20.87 79.15 69.43
N ARG J 239 -21.66 78.95 68.36
CA ARG J 239 -21.48 77.74 67.57
C ARG J 239 -20.18 77.79 66.76
N ILE J 240 -19.70 78.98 66.41
CA ILE J 240 -18.38 79.09 65.79
C ILE J 240 -17.30 78.66 66.79
N LYS J 241 -17.42 79.10 68.04
CA LYS J 241 -16.48 78.68 69.07
C LYS J 241 -16.57 77.18 69.32
N ASP J 242 -17.79 76.63 69.35
CA ASP J 242 -17.97 75.19 69.53
C ASP J 242 -17.47 74.39 68.33
N ASP J 243 -17.39 75.00 67.16
CA ASP J 243 -16.84 74.31 66.00
C ASP J 243 -15.32 74.44 65.89
N GLU J 244 -14.74 75.51 66.43
CA GLU J 244 -13.33 75.78 66.23
C GLU J 244 -12.50 75.59 67.50
N GLU J 245 -12.82 76.29 68.58
CA GLU J 245 -11.98 76.23 69.77
C GLU J 245 -12.31 75.01 70.62
N GLY J 246 -13.51 74.97 71.17
CA GLY J 246 -13.97 73.78 71.87
C GLY J 246 -14.65 72.84 70.89
N ASN J 247 -13.86 72.19 70.05
CA ASN J 247 -14.35 71.52 68.84
C ASN J 247 -15.32 70.38 69.14
N HIS J 248 -16.60 70.62 68.86
CA HIS J 248 -17.64 69.62 68.98
C HIS J 248 -18.66 69.86 67.86
N ASP J 249 -19.36 68.80 67.48
CA ASP J 249 -20.28 68.86 66.35
C ASP J 249 -21.69 68.51 66.83
N VAL J 250 -22.56 69.50 66.88
CA VAL J 250 -23.98 69.26 67.07
C VAL J 250 -24.59 68.90 65.73
N ALA J 251 -25.35 67.80 65.68
CA ALA J 251 -25.92 67.30 64.43
C ALA J 251 -26.83 68.32 63.79
N ALA J 252 -26.41 68.87 62.65
CA ALA J 252 -27.10 69.94 61.95
C ALA J 252 -27.26 69.58 60.48
N PRO J 253 -28.35 70.03 59.85
CA PRO J 253 -28.58 69.62 58.45
C PRO J 253 -27.64 70.27 57.45
N SER J 254 -27.05 71.41 57.79
CA SER J 254 -26.20 72.12 56.84
C SER J 254 -24.89 72.50 57.51
N PRO J 255 -23.80 72.57 56.74
CA PRO J 255 -22.50 72.88 57.34
C PRO J 255 -22.44 74.25 57.99
N THR J 256 -21.59 74.36 59.01
CA THR J 256 -21.47 75.59 59.79
C THR J 256 -20.85 76.71 58.98
N SER J 257 -20.13 76.38 57.90
CA SER J 257 -19.41 77.37 57.12
C SER J 257 -20.33 78.34 56.39
N ALA J 258 -21.61 78.00 56.23
CA ALA J 258 -22.56 78.86 55.54
C ALA J 258 -23.63 79.44 56.47
N TYR J 259 -23.45 79.34 57.79
CA TYR J 259 -24.40 79.95 58.70
C TYR J 259 -24.26 81.46 58.73
N GLN J 260 -23.02 81.96 58.69
CA GLN J 260 -22.75 83.39 58.77
C GLN J 260 -23.12 84.15 57.49
N ASP J 261 -23.47 83.43 56.42
CA ASP J 261 -23.75 84.09 55.15
C ASP J 261 -25.19 84.58 55.05
N CYS J 262 -26.11 83.99 55.80
CA CYS J 262 -27.53 84.19 55.56
C CYS J 262 -28.05 85.48 56.18
N PHE J 263 -29.09 86.04 55.57
CA PHE J 263 -29.53 87.39 55.82
C PHE J 263 -30.86 87.45 56.56
N GLN J 264 -31.01 88.53 57.33
CA GLN J 264 -32.19 88.76 58.16
C GLN J 264 -32.58 90.23 58.08
N LEU J 265 -33.78 90.53 58.56
CA LEU J 265 -34.28 91.89 58.71
C LEU J 265 -34.96 92.02 60.06
N ALA J 266 -35.02 93.24 60.57
CA ALA J 266 -35.66 93.55 61.83
C ALA J 266 -36.74 94.59 61.61
N SER J 267 -37.54 94.85 62.64
CA SER J 267 -38.67 95.76 62.52
C SER J 267 -38.60 97.00 63.41
N CYS J 268 -37.88 96.94 64.53
CA CYS J 268 -37.78 98.10 65.42
C CYS J 268 -36.32 98.42 65.68
N THR J 269 -36.05 99.29 66.67
CA THR J 269 -34.67 99.63 67.02
C THR J 269 -34.23 99.09 68.38
N SER J 270 -35.12 99.02 69.35
CA SER J 270 -34.85 98.45 70.67
C SER J 270 -36.20 98.12 71.30
N ASP J 271 -36.22 97.91 72.61
CA ASP J 271 -37.47 97.62 73.29
C ASP J 271 -38.36 98.86 73.41
N GLU J 272 -38.86 99.36 72.28
CA GLU J 272 -39.90 100.39 72.25
C GLU J 272 -41.11 99.88 71.49
N LEU J 273 -42.24 100.53 71.74
CA LEU J 273 -43.54 100.06 71.28
C LEU J 273 -43.73 100.28 69.79
N LEU J 274 -44.60 99.46 69.20
CA LEU J 274 -45.02 99.61 67.81
C LEU J 274 -46.09 100.69 67.68
N LEU J 275 -46.74 100.73 66.52
CA LEU J 275 -47.73 101.74 66.21
C LEU J 275 -49.12 101.23 66.56
N MET J 276 -49.99 102.16 66.97
CA MET J 276 -51.32 101.77 67.44
C MET J 276 -52.47 102.62 66.93
N SER J 277 -52.21 103.71 66.20
CA SER J 277 -53.28 104.61 65.80
C SER J 277 -54.17 103.97 64.74
N PRO J 278 -55.45 104.36 64.68
CA PRO J 278 -56.32 103.89 63.58
C PRO J 278 -55.96 104.48 62.23
N GLU J 279 -55.11 105.51 62.18
CA GLU J 279 -54.75 106.18 60.93
C GLU J 279 -53.61 105.50 60.20
N LEU J 280 -53.37 104.21 60.46
CA LEU J 280 -52.19 103.54 59.93
C LEU J 280 -52.45 102.05 59.87
N PRO J 281 -51.93 101.36 58.85
CA PRO J 281 -52.02 99.90 58.82
C PRO J 281 -51.27 99.25 59.98
N ALA J 282 -51.86 98.19 60.53
CA ALA J 282 -51.27 97.53 61.69
C ALA J 282 -50.06 96.70 61.35
N ASP J 283 -49.81 96.42 60.07
CA ASP J 283 -48.67 95.60 59.65
C ASP J 283 -47.91 96.42 58.59
N LEU J 284 -47.61 97.67 58.99
CA LEU J 284 -46.99 98.65 58.11
C LEU J 284 -45.66 98.16 57.55
N PHE J 285 -44.92 97.38 58.33
CA PHE J 285 -43.61 96.92 57.88
C PHE J 285 -43.73 96.00 56.68
N SER J 286 -44.56 94.96 56.78
CA SER J 286 -44.70 94.07 55.64
C SER J 286 -45.51 94.70 54.53
N CYS J 287 -46.35 95.70 54.83
CA CYS J 287 -46.96 96.47 53.76
C CYS J 287 -45.90 97.18 52.93
N CYS J 288 -44.89 97.74 53.60
CA CYS J 288 -43.77 98.34 52.89
C CYS J 288 -43.00 97.30 52.09
N LEU J 289 -42.80 96.12 52.67
CA LEU J 289 -41.98 95.09 52.02
C LEU J 289 -42.71 94.19 51.04
N THR J 290 -44.01 94.37 50.82
CA THR J 290 -44.62 93.67 49.68
C THR J 290 -45.50 94.54 48.80
N CYS J 291 -45.79 95.77 49.18
CA CYS J 291 -46.61 96.67 48.37
C CYS J 291 -46.13 98.10 48.60
N PRO J 292 -45.05 98.50 47.93
CA PRO J 292 -44.45 99.80 48.21
C PRO J 292 -45.22 100.97 47.60
N ILE J 293 -45.83 100.75 46.43
CA ILE J 293 -46.47 101.85 45.71
C ILE J 293 -47.67 102.36 46.47
N GLU J 294 -48.56 101.46 46.90
CA GLU J 294 -49.79 101.88 47.58
C GLU J 294 -49.48 102.49 48.94
N ILE J 295 -48.53 101.93 49.68
CA ILE J 295 -48.19 102.51 50.97
C ILE J 295 -47.53 103.86 50.78
N SER J 296 -46.75 104.04 49.71
CA SER J 296 -46.19 105.35 49.41
C SER J 296 -47.28 106.36 49.11
N ILE J 297 -48.28 105.96 48.32
CA ILE J 297 -49.40 106.85 47.99
C ILE J 297 -50.14 107.26 49.27
N ARG J 298 -50.45 106.29 50.13
CA ARG J 298 -51.26 106.59 51.29
C ARG J 298 -50.48 107.39 52.34
N ILE J 299 -49.20 107.08 52.53
CA ILE J 299 -48.36 107.85 53.44
C ILE J 299 -48.20 109.27 52.93
N PHE J 300 -48.04 109.44 51.62
CA PHE J 300 -47.93 110.79 51.05
C PHE J 300 -49.24 111.56 51.22
N LEU J 301 -50.38 110.89 51.06
CA LEU J 301 -51.66 111.57 51.24
C LEU J 301 -51.87 111.98 52.70
N MET J 302 -51.48 111.14 53.65
CA MET J 302 -51.62 111.51 55.05
C MET J 302 -50.57 112.52 55.51
N GLN J 303 -49.43 112.61 54.84
CA GLN J 303 -48.42 113.58 55.20
C GLN J 303 -48.44 114.82 54.33
N SER J 304 -49.39 114.93 53.42
CA SER J 304 -49.49 116.12 52.58
C SER J 304 -50.06 117.27 53.38
N PRO J 305 -49.39 118.42 53.46
CA PRO J 305 -49.98 119.59 54.14
C PRO J 305 -51.27 120.07 53.50
N LEU J 306 -51.43 119.90 52.19
CA LEU J 306 -52.63 120.34 51.48
C LEU J 306 -53.66 119.21 51.52
N LYS J 307 -54.14 118.94 52.74
CA LYS J 307 -55.22 117.97 52.90
C LYS J 307 -56.54 118.54 52.43
N ASP J 308 -56.75 119.84 52.61
CA ASP J 308 -57.96 120.50 52.15
C ASP J 308 -58.00 120.55 50.63
N SER J 309 -59.21 120.76 50.10
CA SER J 309 -59.49 120.76 48.66
C SER J 309 -59.06 119.44 48.01
N LYS J 310 -59.26 118.34 48.75
CA LYS J 310 -58.93 117.01 48.27
C LYS J 310 -60.10 116.08 48.56
N TYR J 311 -60.20 115.01 47.76
CA TYR J 311 -61.25 114.01 47.93
C TYR J 311 -60.84 112.96 48.96
N LYS J 312 -60.52 113.45 50.16
CA LYS J 312 -60.11 112.64 51.31
C LYS J 312 -58.91 111.76 51.00
N SER J 333 -61.60 107.82 62.68
CA SER J 333 -60.61 107.11 61.88
C SER J 333 -60.80 107.42 60.41
N LYS J 334 -59.82 108.10 59.82
CA LYS J 334 -59.89 108.55 58.44
C LYS J 334 -58.81 107.84 57.63
N ILE J 335 -59.21 107.24 56.51
CA ILE J 335 -58.32 106.59 55.56
C ILE J 335 -58.84 106.87 54.16
N PRO J 336 -58.03 107.37 53.24
CA PRO J 336 -58.56 107.74 51.92
C PRO J 336 -58.90 106.52 51.08
N ASN J 337 -59.88 106.68 50.20
CA ASN J 337 -60.27 105.64 49.26
C ASN J 337 -59.54 105.83 47.92
N VAL J 338 -58.21 105.86 48.01
CA VAL J 338 -57.35 106.13 46.87
C VAL J 338 -56.93 104.80 46.24
N ASN J 339 -56.93 104.77 44.91
CA ASN J 339 -56.47 103.61 44.17
C ASN J 339 -55.69 104.07 42.94
N ILE J 340 -54.56 103.42 42.69
CA ILE J 340 -53.75 103.69 41.51
C ILE J 340 -54.09 102.62 40.47
N PRO J 341 -54.68 102.99 39.34
CA PRO J 341 -55.19 101.98 38.42
C PRO J 341 -54.09 101.29 37.64
N GLY J 342 -54.40 100.08 37.18
CA GLY J 342 -53.53 99.33 36.29
C GLY J 342 -52.96 98.07 36.92
N MET J 343 -51.82 97.66 36.39
CA MET J 343 -51.15 96.43 36.78
C MET J 343 -49.73 96.74 37.21
N LEU J 344 -49.21 95.95 38.15
CA LEU J 344 -47.86 96.17 38.64
C LEU J 344 -46.81 95.84 37.58
N SER J 345 -47.11 94.94 36.65
CA SER J 345 -46.11 94.46 35.70
C SER J 345 -46.16 95.17 34.35
N ASP J 346 -47.32 95.68 33.95
CA ASP J 346 -47.44 96.35 32.66
C ASP J 346 -46.68 97.66 32.69
N ARG J 347 -45.87 97.89 31.64
CA ARG J 347 -44.97 99.04 31.64
C ARG J 347 -45.73 100.34 31.41
N ARG J 348 -46.69 100.34 30.48
CA ARG J 348 -47.33 101.59 30.07
C ARG J 348 -48.27 102.13 31.14
N THR J 349 -48.92 101.26 31.90
CA THR J 349 -49.89 101.70 32.89
C THR J 349 -49.21 102.43 34.04
N PRO J 350 -49.89 103.37 34.70
CA PRO J 350 -49.26 104.13 35.78
C PRO J 350 -48.73 103.30 36.93
N LEU J 351 -49.37 102.18 37.28
CA LEU J 351 -48.88 101.37 38.40
C LEU J 351 -47.51 100.78 38.09
N GLY J 352 -47.39 100.10 36.95
CA GLY J 352 -46.10 99.57 36.54
C GLY J 352 -45.08 100.65 36.26
N GLU J 353 -45.52 101.80 35.74
CA GLU J 353 -44.61 102.90 35.51
C GLU J 353 -44.04 103.42 36.83
N LEU J 354 -44.88 103.48 37.87
CA LEU J 354 -44.41 103.90 39.18
C LEU J 354 -43.47 102.88 39.79
N ASN J 355 -43.75 101.59 39.56
CA ASN J 355 -42.81 100.56 40.03
C ASN J 355 -41.45 100.70 39.36
N TRP J 356 -41.47 100.90 38.03
CA TRP J 356 -40.25 101.06 37.27
C TRP J 356 -39.48 102.30 37.71
N ILE J 357 -40.18 103.41 37.96
CA ILE J 357 -39.50 104.63 38.35
C ILE J 357 -38.94 104.50 39.77
N PHE J 358 -39.69 103.85 40.67
CA PHE J 358 -39.22 103.70 42.05
C PHE J 358 -37.99 102.84 42.13
N THR J 359 -37.91 101.80 41.28
CA THR J 359 -36.73 100.93 41.25
C THR J 359 -35.46 101.75 41.05
N ALA J 360 -35.47 102.64 40.06
CA ALA J 360 -34.30 103.46 39.80
C ALA J 360 -34.09 104.51 40.89
N ILE J 361 -35.19 105.09 41.40
CA ILE J 361 -35.08 106.10 42.46
C ILE J 361 -34.37 105.56 43.69
N THR J 362 -34.63 104.31 44.04
CA THR J 362 -33.94 103.79 45.21
C THR J 362 -32.61 103.12 44.88
N ASP J 363 -32.43 102.63 43.65
CA ASP J 363 -31.15 102.06 43.27
C ASP J 363 -30.06 103.13 43.20
N THR J 364 -30.41 104.33 42.73
CA THR J 364 -29.40 105.38 42.66
C THR J 364 -29.00 105.86 44.06
N ILE J 365 -29.90 105.71 45.04
CA ILE J 365 -29.51 105.97 46.42
C ILE J 365 -28.59 104.87 46.94
N ALA J 366 -28.96 103.61 46.65
CA ALA J 366 -28.22 102.48 47.20
C ALA J 366 -26.79 102.43 46.69
N TRP J 367 -26.58 102.67 45.39
CA TRP J 367 -25.24 102.58 44.83
C TRP J 367 -24.33 103.68 45.36
N THR J 368 -24.83 104.90 45.46
CA THR J 368 -23.99 105.99 45.97
C THR J 368 -23.89 106.00 47.48
N SER J 369 -24.69 105.17 48.17
CA SER J 369 -24.54 105.06 49.62
C SER J 369 -23.60 103.93 50.01
N LEU J 370 -23.91 102.71 49.59
CA LEU J 370 -23.16 101.55 50.06
C LEU J 370 -21.84 101.42 49.31
N PRO J 371 -20.85 100.75 49.92
CA PRO J 371 -19.59 100.51 49.22
C PRO J 371 -19.74 99.53 48.08
N ARG J 372 -18.67 99.43 47.28
CA ARG J 372 -18.68 98.59 46.08
C ARG J 372 -18.90 97.10 46.37
N PRO J 373 -18.13 96.44 47.25
CA PRO J 373 -18.39 95.00 47.44
C PRO J 373 -19.69 94.73 48.18
N LEU J 374 -20.11 95.63 49.08
CA LEU J 374 -21.42 95.46 49.70
C LEU J 374 -22.54 95.57 48.68
N PHE J 375 -22.42 96.50 47.74
CA PHE J 375 -23.39 96.61 46.66
C PHE J 375 -23.38 95.36 45.78
N LYS J 376 -22.19 94.83 45.50
CA LYS J 376 -22.10 93.62 44.71
C LYS J 376 -22.71 92.42 45.43
N LYS J 377 -22.61 92.40 46.76
CA LYS J 377 -23.21 91.32 47.54
C LYS J 377 -24.72 91.46 47.65
N LEU J 378 -25.23 92.69 47.71
CA LEU J 378 -26.66 92.89 47.95
C LEU J 378 -27.47 92.92 46.65
N PHE J 379 -27.15 93.85 45.75
CA PHE J 379 -27.97 94.06 44.56
C PHE J 379 -27.34 93.54 43.28
N ARG J 380 -26.51 92.50 43.36
CA ARG J 380 -25.95 91.95 42.13
C ARG J 380 -25.90 90.43 42.12
N HIS J 381 -26.69 89.75 42.95
CA HIS J 381 -26.69 88.29 42.94
C HIS J 381 -28.05 87.68 42.64
N ASP J 382 -29.12 88.12 43.31
CA ASP J 382 -30.41 87.49 43.07
C ASP J 382 -31.54 88.51 43.19
N LEU J 383 -32.57 88.30 42.37
CA LEU J 383 -33.68 89.23 42.29
C LEU J 383 -34.51 89.24 43.58
N MET J 384 -34.48 88.14 44.33
CA MET J 384 -35.28 88.05 45.55
C MET J 384 -34.72 89.00 46.62
N ILE J 385 -33.43 88.88 46.91
CA ILE J 385 -32.76 89.82 47.81
C ILE J 385 -32.82 91.22 47.24
N ALA J 386 -32.73 91.36 45.92
CA ALA J 386 -32.83 92.67 45.29
C ALA J 386 -34.15 93.35 45.66
N ALA J 387 -35.27 92.66 45.47
CA ALA J 387 -36.57 93.24 45.76
C ALA J 387 -36.76 93.48 47.26
N LEU J 388 -36.32 92.55 48.11
CA LEU J 388 -36.49 92.72 49.55
C LEU J 388 -35.70 93.92 50.07
N PHE J 389 -34.44 94.06 49.66
CA PHE J 389 -33.68 95.22 50.10
C PHE J 389 -34.20 96.50 49.45
N ARG J 390 -34.75 96.40 48.24
CA ARG J 390 -35.32 97.55 47.57
C ARG J 390 -36.51 98.10 48.34
N ASN J 391 -37.34 97.21 48.88
CA ASN J 391 -38.43 97.67 49.74
C ASN J 391 -37.94 98.06 51.13
N PHE J 392 -36.87 97.41 51.61
CA PHE J 392 -36.33 97.75 52.92
C PHE J 392 -35.75 99.16 52.94
N LEU J 393 -35.30 99.66 51.79
CA LEU J 393 -34.80 101.02 51.75
C LEU J 393 -35.92 102.02 52.01
N LEU J 394 -37.08 101.81 51.39
CA LEU J 394 -38.25 102.62 51.69
C LEU J 394 -38.68 102.44 53.13
N ALA J 395 -38.55 101.23 53.67
CA ALA J 395 -38.86 101.00 55.08
C ALA J 395 -37.95 101.82 55.98
N LYS J 396 -36.65 101.86 55.65
CA LYS J 396 -35.71 102.70 56.41
C LYS J 396 -36.03 104.16 56.26
N ARG J 397 -36.65 104.55 55.14
CA ARG J 397 -37.09 105.93 55.02
C ARG J 397 -38.28 106.23 55.93
N ILE J 398 -39.28 105.36 55.94
CA ILE J 398 -40.58 105.71 56.51
C ILE J 398 -40.69 105.35 58.00
N MET J 399 -40.19 104.18 58.40
CA MET J 399 -40.33 103.74 59.79
C MET J 399 -39.79 104.72 60.84
N PRO J 400 -38.63 105.38 60.66
CA PRO J 400 -38.22 106.38 61.67
C PRO J 400 -39.16 107.55 61.79
N TRP J 401 -39.99 107.83 60.78
CA TRP J 401 -41.01 108.85 60.93
C TRP J 401 -42.13 108.42 61.88
N TYR J 402 -42.18 107.14 62.23
CA TYR J 402 -43.08 106.61 63.25
C TYR J 402 -42.29 105.85 64.31
N ASN J 403 -41.01 106.21 64.44
CA ASN J 403 -40.12 105.75 65.52
C ASN J 403 -39.87 104.25 65.45
N CYS J 404 -39.25 103.83 64.34
CA CYS J 404 -38.75 102.48 64.17
C CYS J 404 -37.50 102.55 63.31
N HIS J 405 -36.38 102.03 63.82
CA HIS J 405 -35.11 102.05 63.10
C HIS J 405 -34.65 100.60 62.93
N PRO J 406 -35.02 99.94 61.84
CA PRO J 406 -34.71 98.51 61.70
C PRO J 406 -33.22 98.25 61.52
N VAL J 407 -32.85 96.99 61.71
CA VAL J 407 -31.46 96.55 61.65
C VAL J 407 -31.35 95.39 60.68
N SER J 408 -30.42 95.49 59.74
CA SER J 408 -30.13 94.40 58.80
C SER J 408 -28.87 93.66 59.23
N ASP J 409 -28.62 92.52 58.56
CA ASP J 409 -27.45 91.71 58.92
C ASP J 409 -26.14 92.44 58.64
N PRO J 410 -25.92 93.09 57.50
CA PRO J 410 -24.83 94.07 57.44
C PRO J 410 -25.34 95.46 57.77
N GLU J 411 -24.54 96.19 58.55
CA GLU J 411 -24.95 97.50 59.05
C GLU J 411 -24.93 98.52 57.91
N LEU J 412 -26.11 98.91 57.45
CA LEU J 412 -26.18 99.96 56.45
C LEU J 412 -25.80 101.31 57.07
N PRO J 413 -25.15 102.18 56.32
CA PRO J 413 -24.80 103.51 56.86
C PRO J 413 -26.05 104.34 57.15
N ASP J 414 -25.92 105.23 58.13
CA ASP J 414 -27.03 106.06 58.57
C ASP J 414 -27.44 107.10 57.53
N SER J 415 -26.65 107.31 56.48
CA SER J 415 -26.97 108.28 55.44
C SER J 415 -28.01 107.78 54.45
N ILE J 416 -28.71 106.70 54.76
CA ILE J 416 -29.60 106.09 53.78
C ILE J 416 -30.95 106.82 53.74
N THR J 417 -31.31 107.49 54.84
CA THR J 417 -32.54 108.27 54.84
C THR J 417 -32.32 109.75 54.52
N THR J 418 -31.08 110.23 54.63
CA THR J 418 -30.76 111.63 54.44
C THR J 418 -30.29 111.96 53.03
N HIS J 419 -30.27 110.98 52.14
CA HIS J 419 -29.82 111.24 50.77
C HIS J 419 -30.90 112.03 50.04
N PRO J 420 -30.53 113.09 49.31
CA PRO J 420 -31.53 114.08 48.90
C PRO J 420 -32.36 113.71 47.68
N MET J 421 -32.40 112.42 47.32
CA MET J 421 -33.28 111.99 46.23
C MET J 421 -34.75 112.01 46.67
N TRP J 422 -34.99 112.05 47.98
CA TRP J 422 -36.36 111.99 48.47
C TRP J 422 -37.17 113.22 48.09
N LYS J 423 -36.53 114.35 47.79
CA LYS J 423 -37.28 115.49 47.28
C LYS J 423 -37.86 115.19 45.90
N SER J 424 -37.10 114.51 45.04
CA SER J 424 -37.63 114.09 43.75
C SER J 424 -38.65 112.98 43.92
N TRP J 425 -38.47 112.15 44.96
CA TRP J 425 -39.47 111.13 45.27
C TRP J 425 -40.80 111.79 45.61
N ASP J 426 -40.75 112.89 46.36
CA ASP J 426 -41.97 113.66 46.63
C ASP J 426 -42.51 114.32 45.37
N LEU J 427 -41.61 114.78 44.49
CA LEU J 427 -42.03 115.44 43.26
C LEU J 427 -42.83 114.51 42.36
N ALA J 428 -42.38 113.25 42.26
CA ALA J 428 -43.10 112.28 41.44
C ALA J 428 -44.51 112.06 41.94
N MET J 429 -44.68 111.94 43.26
CA MET J 429 -46.02 111.80 43.84
C MET J 429 -46.86 113.04 43.58
N ASP J 430 -46.25 114.22 43.77
CA ASP J 430 -46.95 115.49 43.54
C ASP J 430 -47.45 115.60 42.12
N GLU J 431 -46.73 115.04 41.16
CA GLU J 431 -47.22 115.10 39.78
C GLU J 431 -48.29 114.04 39.52
N VAL J 432 -48.05 112.81 39.96
CA VAL J 432 -48.93 111.71 39.54
C VAL J 432 -50.30 111.83 40.19
N LEU J 433 -50.36 112.23 41.46
CA LEU J 433 -51.66 112.31 42.11
C LEU J 433 -52.49 113.47 41.57
N THR J 434 -51.83 114.59 41.22
CA THR J 434 -52.55 115.68 40.57
C THR J 434 -53.07 115.26 39.20
N LYS J 435 -52.28 114.47 38.45
CA LYS J 435 -52.76 113.96 37.18
C LYS J 435 -53.99 113.07 37.37
N ILE J 436 -53.97 112.21 38.39
CA ILE J 436 -55.11 111.35 38.68
C ILE J 436 -56.32 112.17 39.07
N VAL J 437 -56.12 113.23 39.88
CA VAL J 437 -57.21 114.10 40.30
C VAL J 437 -57.84 114.80 39.09
N ILE J 438 -56.99 115.28 38.17
CA ILE J 438 -57.49 115.93 36.97
C ILE J 438 -58.28 114.95 36.12
N ASP J 439 -57.79 113.72 36.00
CA ASP J 439 -58.51 112.70 35.23
C ASP J 439 -59.86 112.37 35.87
N LEU J 440 -59.90 112.27 37.20
CA LEU J 440 -61.11 111.84 37.90
C LEU J 440 -62.00 113.00 38.31
N LYS J 441 -61.68 114.23 37.92
CA LYS J 441 -62.57 115.36 38.20
C LYS J 441 -63.92 115.20 37.51
N ASN J 442 -63.96 114.52 36.37
CA ASN J 442 -65.19 114.26 35.65
C ASN J 442 -66.15 113.40 36.47
N PHE J 526 -48.43 109.85 32.42
CA PHE J 526 -47.09 109.56 32.94
C PHE J 526 -46.31 110.85 33.24
N THR J 527 -45.41 110.77 34.21
CA THR J 527 -44.63 111.94 34.62
C THR J 527 -43.45 112.14 33.66
N GLY J 528 -42.55 113.04 34.02
CA GLY J 528 -41.40 113.35 33.19
C GLY J 528 -40.09 113.26 33.94
N PHE J 529 -40.04 112.43 34.97
CA PHE J 529 -38.83 112.27 35.77
C PHE J 529 -37.72 111.59 34.97
N PHE J 530 -38.08 110.59 34.16
CA PHE J 530 -37.09 109.91 33.33
C PHE J 530 -36.47 110.86 32.30
N GLU J 531 -37.31 111.60 31.57
CA GLU J 531 -36.78 112.53 30.59
C GLU J 531 -36.03 113.68 31.24
N GLN J 532 -36.47 114.10 32.42
CA GLN J 532 -35.76 115.14 33.15
C GLN J 532 -34.36 114.68 33.53
N ASN J 533 -34.22 113.43 33.98
CA ASN J 533 -32.89 112.93 34.32
C ASN J 533 -32.05 112.68 33.07
N LEU J 534 -32.69 112.30 31.96
CA LEU J 534 -31.97 112.15 30.70
C LEU J 534 -31.39 113.48 30.24
N THR J 535 -32.16 114.56 30.37
CA THR J 535 -31.65 115.88 30.07
C THR J 535 -30.62 116.34 31.09
N ALA J 536 -30.76 115.91 32.35
CA ALA J 536 -29.84 116.36 33.38
C ALA J 536 -28.47 115.72 33.26
N PHE J 537 -28.41 114.47 32.79
CA PHE J 537 -27.13 113.78 32.72
C PHE J 537 -26.26 114.31 31.57
N GLU J 538 -26.88 114.80 30.50
CA GLU J 538 -26.10 115.39 29.41
C GLU J 538 -25.39 116.66 29.83
N LEU J 539 -25.82 117.29 30.93
CA LEU J 539 -25.08 118.42 31.48
C LEU J 539 -23.80 117.96 32.17
N TRP J 540 -23.89 116.88 32.95
CA TRP J 540 -22.69 116.37 33.62
C TRP J 540 -21.70 115.78 32.64
N LEU J 541 -22.19 115.19 31.53
CA LEU J 541 -21.27 114.51 30.61
C LEU J 541 -20.28 115.47 29.97
N LYS J 542 -20.71 116.71 29.70
CA LYS J 542 -19.85 117.65 28.98
C LYS J 542 -19.68 118.98 29.71
N TYR J 543 -20.03 119.05 30.99
CA TYR J 543 -19.84 120.30 31.72
C TYR J 543 -19.16 120.07 33.07
N ALA J 544 -19.35 118.88 33.65
CA ALA J 544 -18.82 118.59 34.97
C ALA J 544 -18.02 117.29 34.97
N SER J 545 -17.41 116.96 33.85
CA SER J 545 -16.61 115.74 33.76
C SER J 545 -15.16 115.93 34.17
N ASN J 546 -14.79 117.14 34.63
CA ASN J 546 -13.40 117.40 35.03
C ASN J 546 -13.00 116.51 36.20
N VAL J 547 -13.86 116.40 37.20
CA VAL J 547 -13.64 115.45 38.29
C VAL J 547 -14.10 114.07 37.83
N ARG J 548 -13.26 113.06 38.06
CA ARG J 548 -13.50 111.72 37.54
C ARG J 548 -14.27 110.84 38.52
N HIS J 549 -15.11 111.44 39.35
CA HIS J 549 -15.95 110.73 40.31
C HIS J 549 -17.14 110.07 39.59
N PRO J 550 -17.79 109.11 40.23
CA PRO J 550 -18.98 108.47 39.64
C PRO J 550 -20.02 109.48 39.22
N PRO J 551 -20.63 109.30 38.04
CA PRO J 551 -21.55 110.30 37.50
C PRO J 551 -22.77 110.60 38.35
N GLU J 552 -23.23 109.64 39.16
CA GLU J 552 -24.36 109.75 40.09
C GLU J 552 -25.73 109.76 39.39
N GLN J 553 -25.76 109.76 38.06
CA GLN J 553 -26.99 109.47 37.33
C GLN J 553 -26.88 108.22 36.47
N LEU J 554 -25.88 107.39 36.71
CA LEU J 554 -25.72 106.17 35.90
C LEU J 554 -26.85 105.17 36.08
N PRO J 555 -27.32 104.84 37.30
CA PRO J 555 -28.46 103.92 37.38
C PRO J 555 -29.73 104.45 36.74
N ILE J 556 -30.05 105.74 36.92
CA ILE J 556 -31.26 106.28 36.34
C ILE J 556 -31.14 106.35 34.81
N VAL J 557 -29.95 106.63 34.27
CA VAL J 557 -29.82 106.61 32.82
C VAL J 557 -29.80 105.18 32.29
N LEU J 558 -29.42 104.21 33.11
CA LEU J 558 -29.40 102.83 32.64
C LEU J 558 -30.80 102.23 32.60
N GLN J 559 -31.60 102.47 33.65
CA GLN J 559 -32.90 101.81 33.78
C GLN J 559 -33.90 102.23 32.72
N VAL J 560 -33.65 103.32 31.99
CA VAL J 560 -34.55 103.74 30.92
C VAL J 560 -34.26 103.02 29.62
N LEU J 561 -33.28 102.13 29.59
CA LEU J 561 -32.93 101.40 28.38
C LEU J 561 -33.84 100.20 28.13
N LEU J 562 -34.77 99.90 29.05
CA LEU J 562 -35.65 98.75 28.93
C LEU J 562 -36.97 99.08 28.24
N SER J 563 -37.00 100.11 27.40
CA SER J 563 -38.23 100.52 26.74
C SER J 563 -37.89 101.19 25.42
N GLN J 564 -38.79 101.07 24.44
CA GLN J 564 -38.60 101.67 23.13
C GLN J 564 -39.22 103.06 23.03
N VAL J 565 -38.92 103.93 24.00
CA VAL J 565 -39.40 105.30 23.95
C VAL J 565 -38.29 106.33 24.12
N HIS J 566 -37.20 106.02 24.82
CA HIS J 566 -36.04 106.91 24.88
C HIS J 566 -34.75 106.14 24.63
N ARG J 567 -34.86 104.95 24.03
CA ARG J 567 -33.72 104.04 23.96
C ARG J 567 -32.59 104.60 23.12
N ILE J 568 -32.91 105.24 22.00
CA ILE J 568 -31.88 105.74 21.09
C ILE J 568 -31.08 106.85 21.76
N ARG J 569 -31.78 107.82 22.36
CA ARG J 569 -31.09 108.93 23.02
C ARG J 569 -30.30 108.44 24.22
N ALA J 570 -30.88 107.54 25.02
CA ALA J 570 -30.18 107.02 26.19
C ALA J 570 -28.92 106.26 25.77
N LEU J 571 -29.00 105.47 24.70
CA LEU J 571 -27.86 104.65 24.32
C LEU J 571 -26.77 105.48 23.67
N VAL J 572 -27.13 106.48 22.85
CA VAL J 572 -26.10 107.35 22.29
C VAL J 572 -25.46 108.21 23.38
N LEU J 573 -26.23 108.60 24.40
CA LEU J 573 -25.67 109.35 25.50
C LEU J 573 -24.75 108.48 26.35
N LEU J 574 -25.10 107.20 26.52
CA LEU J 574 -24.22 106.28 27.23
C LEU J 574 -22.93 106.03 26.43
N SER J 575 -23.04 105.99 25.10
CA SER J 575 -21.84 105.90 24.27
C SER J 575 -20.97 107.14 24.44
N ARG J 576 -21.58 108.32 24.51
CA ARG J 576 -20.82 109.54 24.75
C ARG J 576 -20.16 109.51 26.12
N PHE J 577 -20.81 108.89 27.10
CA PHE J 577 -20.17 108.68 28.40
C PHE J 577 -18.98 107.73 28.28
N LEU J 578 -19.13 106.66 27.49
CA LEU J 578 -18.03 105.73 27.25
C LEU J 578 -16.87 106.40 26.52
N ASP J 579 -17.16 107.46 25.76
CA ASP J 579 -16.13 108.21 25.05
C ASP J 579 -15.17 108.95 25.98
N LEU J 580 -15.49 109.04 27.27
CA LEU J 580 -14.60 109.70 28.22
C LEU J 580 -13.27 108.99 28.32
N GLY J 581 -13.27 107.66 28.30
CA GLY J 581 -12.04 106.92 28.34
C GLY J 581 -12.19 105.52 28.94
N PRO J 582 -11.10 105.02 29.54
CA PRO J 582 -11.09 103.63 30.02
C PRO J 582 -11.47 103.42 31.46
N TRP J 583 -11.85 104.45 32.21
CA TRP J 583 -12.44 104.25 33.53
C TRP J 583 -13.96 104.30 33.49
N ALA J 584 -14.53 105.03 32.53
CA ALA J 584 -15.97 105.05 32.35
C ALA J 584 -16.49 103.66 32.00
N VAL J 585 -15.73 102.91 31.20
CA VAL J 585 -16.13 101.54 30.87
C VAL J 585 -16.07 100.67 32.11
N TYR J 586 -15.11 100.92 33.00
CA TYR J 586 -15.05 100.14 34.25
C TYR J 586 -16.23 100.45 35.14
N LEU J 587 -16.63 101.71 35.25
CA LEU J 587 -17.81 102.05 36.05
C LEU J 587 -19.09 101.46 35.43
N SER J 588 -19.20 101.51 34.10
CA SER J 588 -20.39 100.99 33.44
C SER J 588 -20.48 99.48 33.56
N LEU J 589 -19.34 98.79 33.52
CA LEU J 589 -19.34 97.34 33.73
C LEU J 589 -19.45 96.97 35.20
N SER J 590 -19.15 97.89 36.11
CA SER J 590 -19.44 97.65 37.53
C SER J 590 -20.94 97.71 37.77
N ILE J 591 -21.60 98.74 37.23
CA ILE J 591 -23.06 98.81 37.35
C ILE J 591 -23.74 97.69 36.59
N GLY J 592 -23.22 97.30 35.43
CA GLY J 592 -23.82 96.20 34.71
C GLY J 592 -24.64 96.57 33.49
N ILE J 593 -24.12 97.44 32.62
CA ILE J 593 -24.71 97.60 31.31
C ILE J 593 -24.53 96.36 30.45
N PHE J 594 -23.68 95.44 30.89
CA PHE J 594 -23.30 94.28 30.09
C PHE J 594 -24.46 93.35 29.72
N PRO J 595 -25.39 92.96 30.62
CA PRO J 595 -26.48 92.08 30.16
C PRO J 595 -27.38 92.73 29.13
N TYR J 596 -27.72 94.01 29.29
CA TYR J 596 -28.55 94.68 28.30
C TYR J 596 -27.82 94.83 26.98
N VAL J 597 -26.51 95.14 27.04
CA VAL J 597 -25.73 95.26 25.81
C VAL J 597 -25.67 93.93 25.08
N LEU J 598 -25.48 92.83 25.81
CA LEU J 598 -25.45 91.52 25.19
C LEU J 598 -26.80 91.14 24.59
N LYS J 599 -27.89 91.45 25.30
CA LYS J 599 -29.22 91.09 24.81
C LYS J 599 -29.64 91.96 23.62
N LEU J 600 -29.11 93.17 23.52
CA LEU J 600 -29.53 94.09 22.46
C LEU J 600 -29.09 93.62 21.08
N LEU J 601 -28.19 92.64 20.99
CA LEU J 601 -27.72 92.13 19.70
C LEU J 601 -28.83 91.55 18.86
N GLN J 602 -29.88 91.02 19.47
CA GLN J 602 -30.96 90.40 18.73
C GLN J 602 -32.07 91.36 18.34
N SER J 603 -31.92 92.65 18.65
CA SER J 603 -32.97 93.61 18.34
C SER J 603 -32.91 93.98 16.86
N PRO J 604 -33.93 93.66 16.06
CA PRO J 604 -33.89 93.97 14.63
C PRO J 604 -34.31 95.40 14.36
N ALA J 605 -33.36 96.24 14.00
CA ALA J 605 -33.61 97.65 13.72
C ALA J 605 -32.43 98.25 12.98
N PRO J 606 -32.68 99.00 11.91
CA PRO J 606 -31.57 99.73 11.26
C PRO J 606 -30.94 100.79 12.15
N GLU J 607 -31.68 101.30 13.14
CA GLU J 607 -31.17 102.41 13.94
C GLU J 607 -30.11 101.95 14.94
N LEU J 608 -30.20 100.71 15.41
CA LEU J 608 -29.29 100.24 16.45
C LEU J 608 -27.89 99.90 15.92
N LYS J 609 -27.71 99.83 14.60
CA LYS J 609 -26.41 99.44 14.04
C LYS J 609 -25.27 100.41 14.36
N PRO J 610 -25.39 101.73 14.13
CA PRO J 610 -24.21 102.59 14.36
C PRO J 610 -23.88 102.83 15.82
N ILE J 611 -24.77 102.53 16.75
CA ILE J 611 -24.56 102.89 18.15
C ILE J 611 -24.14 101.71 19.03
N LEU J 612 -24.51 100.48 18.68
CA LEU J 612 -24.11 99.33 19.47
C LEU J 612 -22.65 98.97 19.25
N VAL J 613 -22.13 99.22 18.04
CA VAL J 613 -20.76 98.86 17.72
C VAL J 613 -19.77 99.69 18.52
N PHE J 614 -20.10 100.95 18.82
CA PHE J 614 -19.24 101.78 19.65
C PHE J 614 -19.09 101.16 21.04
N ILE J 615 -20.22 100.76 21.64
CA ILE J 615 -20.18 100.16 22.97
C ILE J 615 -19.37 98.89 22.96
N TRP J 616 -19.61 98.02 21.97
CA TRP J 616 -18.91 96.74 21.95
C TRP J 616 -17.42 96.93 21.69
N ALA J 617 -17.05 97.84 20.81
CA ALA J 617 -15.64 98.08 20.53
C ALA J 617 -14.92 98.67 21.72
N ARG J 618 -15.53 99.65 22.40
CA ARG J 618 -14.88 100.22 23.57
C ARG J 618 -14.80 99.24 24.72
N ILE J 619 -15.78 98.33 24.84
CA ILE J 619 -15.70 97.31 25.88
C ILE J 619 -14.60 96.31 25.59
N MET J 620 -14.54 95.81 24.36
CA MET J 620 -13.55 94.79 24.04
C MET J 620 -12.15 95.37 23.86
N SER J 621 -12.02 96.69 23.75
CA SER J 621 -10.69 97.29 23.73
C SER J 621 -10.07 97.29 25.12
N ILE J 622 -10.89 97.29 26.17
CA ILE J 622 -10.38 97.29 27.53
C ILE J 622 -10.42 95.92 28.18
N ASP J 623 -11.27 95.00 27.68
CA ASP J 623 -11.32 93.67 28.25
C ASP J 623 -11.91 92.70 27.23
N TYR J 624 -11.24 91.58 27.00
CA TYR J 624 -11.77 90.54 26.14
C TYR J 624 -11.68 89.14 26.71
N LYS J 625 -10.72 88.87 27.59
CA LYS J 625 -10.66 87.57 28.26
C LYS J 625 -11.93 87.33 29.07
N ASN J 626 -12.39 88.36 29.80
CA ASN J 626 -13.64 88.23 30.53
C ASN J 626 -14.84 88.21 29.60
N THR J 627 -14.75 88.90 28.46
CA THR J 627 -15.85 88.94 27.50
C THR J 627 -15.36 88.63 26.07
N GLN J 628 -15.24 87.34 25.78
CA GLN J 628 -15.24 86.85 24.41
C GLN J 628 -16.05 85.58 24.22
N SER J 629 -16.39 84.86 25.28
CA SER J 629 -16.96 83.53 25.16
C SER J 629 -18.48 83.52 25.13
N GLU J 630 -19.12 84.53 25.71
CA GLU J 630 -20.58 84.61 25.68
C GLU J 630 -21.10 85.12 24.35
N LEU J 631 -20.21 85.61 23.48
CA LEU J 631 -20.61 86.14 22.19
C LEU J 631 -20.90 85.05 21.17
N ILE J 632 -20.67 83.78 21.53
CA ILE J 632 -20.93 82.66 20.63
C ILE J 632 -22.17 81.87 21.05
N LYS J 633 -22.71 82.14 22.25
CA LYS J 633 -23.76 81.29 22.82
C LYS J 633 -25.03 81.29 21.98
N GLU J 634 -25.55 82.48 21.66
CA GLU J 634 -26.77 82.62 20.89
C GLU J 634 -26.50 83.10 19.47
N LYS J 635 -25.29 82.85 18.97
CA LYS J 635 -24.80 83.38 17.70
C LYS J 635 -24.87 84.90 17.69
N GLY J 636 -24.14 85.50 18.64
CA GLY J 636 -24.18 86.94 18.82
C GLY J 636 -23.33 87.73 17.86
N TYR J 637 -22.40 87.08 17.15
CA TYR J 637 -21.49 87.80 16.28
C TYR J 637 -22.02 87.91 14.86
N MET J 638 -23.21 87.34 14.60
CA MET J 638 -23.91 87.60 13.35
C MET J 638 -24.19 89.08 13.15
N TYR J 639 -24.32 89.84 14.25
CA TYR J 639 -24.51 91.28 14.14
C TYR J 639 -23.36 91.93 13.38
N PHE J 640 -22.13 91.67 13.82
CA PHE J 640 -20.97 92.26 13.17
C PHE J 640 -20.68 91.60 11.83
N VAL J 641 -21.00 90.31 11.70
CA VAL J 641 -20.82 89.63 10.41
C VAL J 641 -21.72 90.25 9.34
N THR J 642 -22.98 90.52 9.67
CA THR J 642 -23.88 91.14 8.71
C THR J 642 -23.66 92.65 8.60
N VAL J 643 -22.97 93.26 9.56
CA VAL J 643 -22.51 94.63 9.34
C VAL J 643 -21.42 94.66 8.29
N LEU J 644 -20.47 93.72 8.37
CA LEU J 644 -19.36 93.73 7.43
C LEU J 644 -19.80 93.23 6.04
N VAL J 645 -20.62 92.20 6.00
CA VAL J 645 -21.11 91.60 4.76
C VAL J 645 -22.63 91.72 4.73
N PRO J 646 -23.16 92.77 4.11
CA PRO J 646 -24.63 92.83 3.95
C PRO J 646 -25.14 91.84 2.92
N THR J 708 -24.35 104.31 7.47
CA THR J 708 -23.19 103.44 7.64
C THR J 708 -21.97 103.96 6.87
N THR J 709 -20.81 103.96 7.53
CA THR J 709 -19.57 104.43 6.94
C THR J 709 -18.45 103.46 7.26
N ASP J 710 -17.34 103.62 6.53
CA ASP J 710 -16.19 102.73 6.67
C ASP J 710 -15.55 102.82 8.04
N GLU J 711 -15.71 103.95 8.75
CA GLU J 711 -15.22 104.01 10.13
C GLU J 711 -16.00 103.06 11.03
N GLN J 712 -17.33 103.01 10.87
CA GLN J 712 -18.13 102.04 11.60
C GLN J 712 -17.78 100.61 11.17
N LYS J 713 -17.49 100.43 9.88
CA LYS J 713 -17.04 99.12 9.42
C LYS J 713 -15.74 98.70 10.11
N ALA J 714 -14.82 99.65 10.29
CA ALA J 714 -13.57 99.36 10.98
C ALA J 714 -13.80 99.03 12.44
N MET J 715 -14.77 99.71 13.07
CA MET J 715 -15.17 99.36 14.42
C MET J 715 -15.64 97.91 14.51
N ALA J 716 -16.50 97.51 13.57
CA ALA J 716 -16.98 96.13 13.54
C ALA J 716 -15.85 95.14 13.29
N VAL J 717 -14.90 95.51 12.42
CA VAL J 717 -13.75 94.65 12.15
C VAL J 717 -12.93 94.45 13.41
N PHE J 718 -12.71 95.53 14.17
CA PHE J 718 -11.95 95.42 15.41
C PHE J 718 -12.67 94.52 16.42
N VAL J 719 -14.00 94.64 16.49
CA VAL J 719 -14.77 93.79 17.39
C VAL J 719 -14.61 92.32 17.00
N LEU J 720 -14.69 92.03 15.71
CA LEU J 720 -14.51 90.65 15.25
C LEU J 720 -13.12 90.13 15.57
N ALA J 721 -12.10 90.97 15.38
CA ALA J 721 -10.73 90.54 15.66
C ALA J 721 -10.52 90.25 17.15
N SER J 722 -11.02 91.12 18.02
CA SER J 722 -10.90 90.87 19.45
C SER J 722 -11.74 89.67 19.88
N PHE J 723 -12.83 89.39 19.17
CA PHE J 723 -13.57 88.16 19.43
C PHE J 723 -12.74 86.93 19.08
N VAL J 724 -12.05 86.96 17.94
CA VAL J 724 -11.36 85.77 17.46
C VAL J 724 -9.93 85.72 17.98
N ARG J 725 -9.57 86.64 18.87
CA ARG J 725 -8.23 86.63 19.43
C ARG J 725 -8.04 85.43 20.36
N ASN J 726 -7.08 84.57 20.02
CA ASN J 726 -6.65 83.37 20.75
C ASN J 726 -7.79 82.55 21.34
N PHE J 727 -8.91 82.47 20.63
CA PHE J 727 -10.04 81.64 21.04
C PHE J 727 -10.33 80.74 19.84
N PRO J 728 -9.67 79.57 19.78
CA PRO J 728 -9.71 78.76 18.55
C PRO J 728 -11.10 78.30 18.15
N LEU J 729 -11.97 78.00 19.11
CA LEU J 729 -13.36 77.70 18.77
C LEU J 729 -14.03 78.90 18.12
N GLY J 730 -13.74 80.09 18.64
CA GLY J 730 -14.29 81.30 18.05
C GLY J 730 -13.83 81.52 16.62
N GLN J 731 -12.54 81.30 16.36
CA GLN J 731 -12.07 81.50 14.99
C GLN J 731 -12.58 80.40 14.05
N LYS J 732 -12.75 79.18 14.55
CA LYS J 732 -13.31 78.11 13.73
C LYS J 732 -14.74 78.42 13.35
N ASN J 733 -15.46 79.02 14.28
CA ASN J 733 -16.89 79.31 14.08
C ASN J 733 -17.02 80.54 13.22
N CYS J 734 -16.06 81.44 13.29
CA CYS J 734 -16.08 82.70 12.56
C CYS J 734 -15.48 82.61 11.15
N PHE J 735 -14.76 81.55 10.83
CA PHE J 735 -14.22 81.40 9.48
C PHE J 735 -15.34 81.25 8.46
N SER J 736 -15.26 82.04 7.39
CA SER J 736 -16.26 81.99 6.33
C SER J 736 -15.69 82.60 5.06
N LEU J 737 -15.95 81.94 3.93
CA LEU J 737 -15.43 82.40 2.65
C LEU J 737 -16.01 83.74 2.25
N GLU J 738 -17.27 83.99 2.61
CA GLU J 738 -17.87 85.29 2.31
C GLU J 738 -17.16 86.42 3.02
N LEU J 739 -16.84 86.23 4.31
CA LEU J 739 -16.10 87.23 5.05
C LEU J 739 -14.69 87.40 4.49
N VAL J 740 -14.05 86.30 4.07
CA VAL J 740 -12.70 86.40 3.50
C VAL J 740 -12.73 87.22 2.23
N ASN J 741 -13.68 86.93 1.33
CA ASN J 741 -13.77 87.68 0.08
C ASN J 741 -14.15 89.13 0.32
N LYS J 742 -14.98 89.40 1.32
CA LYS J 742 -15.35 90.78 1.60
C LYS J 742 -14.16 91.56 2.16
N LEU J 743 -13.34 90.91 2.99
CA LEU J 743 -12.12 91.56 3.45
C LEU J 743 -11.17 91.82 2.30
N CYS J 744 -11.09 90.89 1.35
CA CYS J 744 -10.25 91.09 0.17
C CYS J 744 -10.76 92.26 -0.68
N PHE J 745 -12.07 92.42 -0.78
CA PHE J 745 -12.61 93.55 -1.53
C PHE J 745 -12.35 94.87 -0.80
N TYR J 746 -12.51 94.88 0.52
CA TYR J 746 -12.37 96.12 1.27
C TYR J 746 -10.91 96.54 1.40
N ILE J 747 -9.97 95.59 1.42
CA ILE J 747 -8.57 95.99 1.51
C ILE J 747 -8.11 96.66 0.22
N ASP J 748 -8.73 96.31 -0.91
CA ASP J 748 -8.40 96.98 -2.17
C ASP J 748 -9.14 98.30 -2.29
N ASN J 749 -10.47 98.26 -2.24
CA ASN J 749 -11.28 99.45 -2.52
C ASN J 749 -11.77 100.05 -1.21
N SER J 750 -10.89 100.86 -0.59
CA SER J 750 -11.24 101.65 0.58
C SER J 750 -10.18 102.73 0.75
N GLU J 751 -10.64 103.93 1.08
CA GLU J 751 -9.76 105.08 1.28
C GLU J 751 -9.49 105.36 2.75
N ILE J 752 -9.86 104.46 3.65
CA ILE J 752 -9.77 104.70 5.08
C ILE J 752 -8.60 103.89 5.63
N PRO J 753 -7.55 104.53 6.16
CA PRO J 753 -6.43 103.77 6.74
C PRO J 753 -6.82 102.88 7.90
N LEU J 754 -7.82 103.28 8.70
CA LEU J 754 -8.25 102.45 9.81
C LEU J 754 -8.83 101.12 9.33
N LEU J 755 -9.69 101.18 8.30
CA LEU J 755 -10.24 99.97 7.72
C LEU J 755 -9.15 99.12 7.08
N ARG J 756 -8.26 99.75 6.31
CA ARG J 756 -7.19 99.01 5.67
C ARG J 756 -6.18 98.46 6.67
N GLN J 757 -6.14 99.00 7.88
CA GLN J 757 -5.24 98.52 8.91
C GLN J 757 -5.85 97.35 9.66
N TRP J 758 -7.11 97.47 10.07
CA TRP J 758 -7.69 96.41 10.89
C TRP J 758 -8.17 95.22 10.07
N CYS J 759 -8.43 95.38 8.78
CA CYS J 759 -8.81 94.23 7.96
C CYS J 759 -7.69 93.21 7.89
N VAL J 760 -6.45 93.68 7.75
CA VAL J 760 -5.30 92.77 7.68
C VAL J 760 -5.08 92.07 9.01
N ILE J 761 -5.27 92.79 10.13
CA ILE J 761 -5.12 92.16 11.44
C ILE J 761 -6.19 91.10 11.66
N LEU J 762 -7.43 91.38 11.21
CA LEU J 762 -8.49 90.38 11.29
C LEU J 762 -8.15 89.15 10.46
N LEU J 763 -7.62 89.35 9.25
CA LEU J 763 -7.21 88.22 8.43
C LEU J 763 -6.08 87.43 9.08
N GLY J 764 -5.13 88.12 9.70
CA GLY J 764 -4.03 87.42 10.36
C GLY J 764 -4.49 86.60 11.54
N LEU J 765 -5.45 87.13 12.30
CA LEU J 765 -5.99 86.37 13.42
C LEU J 765 -6.87 85.22 12.95
N LEU J 766 -7.48 85.35 11.76
CA LEU J 766 -8.18 84.21 11.18
C LEU J 766 -7.21 83.13 10.76
N PHE J 767 -6.03 83.52 10.25
CA PHE J 767 -4.98 82.57 9.93
C PHE J 767 -4.56 81.84 11.19
N ALA J 768 -3.97 82.60 12.13
CA ALA J 768 -3.54 82.10 13.44
C ALA J 768 -2.67 80.87 13.34
N ASP J 769 -3.27 79.69 13.51
CA ASP J 769 -2.50 78.46 13.54
C ASP J 769 -3.15 77.32 12.76
N ASN J 770 -4.22 77.57 12.01
CA ASN J 770 -4.94 76.51 11.33
C ASN J 770 -4.37 76.31 9.93
N PRO J 771 -3.75 75.16 9.62
CA PRO J 771 -3.33 74.89 8.24
C PRO J 771 -4.50 74.84 7.28
N LEU J 772 -5.67 74.41 7.73
CA LEU J 772 -6.86 74.41 6.87
C LEU J 772 -7.24 75.83 6.48
N ASN J 773 -7.25 76.73 7.46
CA ASN J 773 -7.58 78.13 7.18
C ASN J 773 -6.54 78.75 6.26
N ARG J 774 -5.26 78.48 6.51
CA ARG J 774 -4.21 79.03 5.66
C ARG J 774 -4.30 78.51 4.23
N PHE J 775 -4.58 77.22 4.07
CA PHE J 775 -4.68 76.61 2.74
C PHE J 775 -5.88 77.14 1.96
N VAL J 776 -7.03 77.24 2.63
CA VAL J 776 -8.23 77.77 1.96
C VAL J 776 -8.03 79.22 1.58
N CYS J 777 -7.41 80.01 2.47
CA CYS J 777 -7.16 81.41 2.16
C CYS J 777 -6.17 81.57 1.01
N MET J 778 -5.15 80.71 0.95
CA MET J 778 -4.22 80.75 -0.17
C MET J 778 -4.93 80.40 -1.48
N ASN J 779 -5.78 79.37 -1.45
CA ASN J 779 -6.47 78.95 -2.67
C ASN J 779 -7.42 80.03 -3.16
N THR J 780 -8.12 80.70 -2.25
CA THR J 780 -9.04 81.74 -2.71
C THR J 780 -8.31 83.01 -3.14
N GLY J 781 -7.21 83.38 -2.47
CA GLY J 781 -6.45 84.53 -2.89
C GLY J 781 -6.31 85.65 -1.87
N ALA J 782 -6.38 85.31 -0.59
CA ALA J 782 -6.12 86.31 0.43
C ALA J 782 -4.63 86.60 0.58
N VAL J 783 -3.79 85.59 0.36
CA VAL J 783 -2.34 85.79 0.52
C VAL J 783 -1.80 86.67 -0.59
N GLU J 784 -2.28 86.48 -1.81
CA GLU J 784 -1.86 87.33 -2.91
C GLU J 784 -2.25 88.78 -2.67
N ILE J 785 -3.40 89.02 -2.04
CA ILE J 785 -3.81 90.40 -1.79
C ILE J 785 -3.11 90.98 -0.57
N LEU J 786 -2.65 90.15 0.37
CA LEU J 786 -1.72 90.64 1.39
C LEU J 786 -0.42 91.09 0.76
N LEU J 787 0.13 90.28 -0.15
CA LEU J 787 1.37 90.62 -0.82
C LEU J 787 1.21 91.85 -1.72
N LYS J 788 0.01 92.05 -2.26
CA LYS J 788 -0.25 93.28 -3.00
C LYS J 788 -0.36 94.48 -2.07
N SER J 789 -1.08 94.34 -0.95
CA SER J 789 -1.26 95.43 0.00
C SER J 789 0.03 95.80 0.72
N LEU J 790 1.07 94.98 0.62
CA LEU J 790 2.38 95.38 1.12
C LEU J 790 2.85 96.69 0.51
N LYS J 791 2.50 96.96 -0.75
CA LYS J 791 2.86 98.20 -1.42
C LYS J 791 1.71 99.19 -1.24
N ASP J 792 2.00 100.29 -0.56
CA ASP J 792 0.99 101.07 0.15
C ASP J 792 1.52 102.37 0.73
N PRO J 793 0.68 103.41 0.84
CA PRO J 793 1.15 104.68 1.42
C PRO J 793 1.46 104.63 2.92
N VAL J 794 0.52 104.16 3.73
CA VAL J 794 0.63 104.29 5.19
C VAL J 794 1.65 103.29 5.72
N PRO J 795 2.46 103.64 6.73
CA PRO J 795 3.29 102.63 7.39
C PRO J 795 2.50 101.61 8.20
N GLU J 796 1.32 101.99 8.70
CA GLU J 796 0.55 101.10 9.55
C GLU J 796 0.06 99.88 8.80
N VAL J 797 -0.34 100.06 7.54
CA VAL J 797 -0.79 98.91 6.76
C VAL J 797 0.38 98.00 6.38
N ARG J 798 1.59 98.56 6.20
CA ARG J 798 2.79 97.73 6.09
C ARG J 798 2.99 96.89 7.34
N THR J 799 2.87 97.51 8.50
CA THR J 799 3.06 96.81 9.76
C THR J 799 2.04 95.70 9.92
N ALA J 800 0.77 95.99 9.58
CA ALA J 800 -0.27 94.98 9.64
C ALA J 800 0.00 93.83 8.68
N SER J 801 0.47 94.14 7.47
CA SER J 801 0.76 93.08 6.51
C SER J 801 1.88 92.18 6.99
N ILE J 802 2.93 92.77 7.57
CA ILE J 802 4.02 91.96 8.12
C ILE J 802 3.52 91.09 9.27
N PHE J 803 2.67 91.66 10.14
CA PHE J 803 2.12 90.89 11.24
C PHE J 803 1.23 89.76 10.76
N ALA J 804 0.52 89.98 9.65
CA ALA J 804 -0.31 88.91 9.09
C ALA J 804 0.55 87.81 8.48
N LEU J 805 1.65 88.19 7.81
CA LEU J 805 2.56 87.19 7.28
C LEU J 805 3.29 86.42 8.36
N LYS J 806 3.40 87.00 9.56
CA LYS J 806 4.03 86.30 10.68
C LYS J 806 3.36 84.96 10.98
N HIS J 807 2.03 84.95 10.99
CA HIS J 807 1.30 83.74 11.34
C HIS J 807 1.26 82.71 10.20
N PHE J 808 1.75 83.06 9.01
CA PHE J 808 1.75 82.14 7.89
C PHE J 808 2.85 81.09 7.97
N ILE J 809 3.79 81.21 8.90
CA ILE J 809 4.78 80.16 9.10
C ILE J 809 4.07 78.89 9.58
N SER J 810 4.60 77.75 9.16
CA SER J 810 3.91 76.47 9.34
C SER J 810 3.67 76.12 10.80
N GLY J 811 4.74 75.93 11.56
CA GLY J 811 4.62 75.56 12.96
C GLY J 811 5.37 74.28 13.27
N PHE J 812 5.16 73.77 14.48
CA PHE J 812 5.89 72.61 14.98
C PHE J 812 5.04 71.34 15.01
N GLN J 813 3.75 71.45 15.29
CA GLN J 813 2.87 70.29 15.47
C GLN J 813 1.66 70.39 14.56
N ASP J 814 1.92 70.66 13.28
CA ASP J 814 0.84 70.90 12.33
C ASP J 814 -0.01 69.65 12.10
N ALA J 815 0.62 68.47 12.05
CA ALA J 815 -0.17 67.24 11.92
C ALA J 815 -1.03 67.00 13.14
N GLU J 816 -0.50 67.33 14.33
CA GLU J 816 -1.29 67.24 15.55
C GLU J 816 -2.51 68.14 15.48
N VAL J 817 -2.33 69.38 14.99
CA VAL J 817 -3.44 70.30 14.85
C VAL J 817 -4.43 69.82 13.81
N ILE J 818 -3.93 69.19 12.73
CA ILE J 818 -4.83 68.64 11.71
C ILE J 818 -5.71 67.55 12.29
N LEU J 819 -5.13 66.65 13.09
CA LEU J 819 -5.93 65.61 13.73
C LEU J 819 -6.92 66.20 14.72
N ARG J 820 -6.50 67.24 15.45
CA ARG J 820 -7.40 67.94 16.37
C ARG J 820 -8.60 68.51 15.64
N LEU J 821 -8.35 69.19 14.52
CA LEU J 821 -9.43 69.78 13.74
C LEU J 821 -10.33 68.71 13.13
N GLN J 822 -9.73 67.58 12.72
CA GLN J 822 -10.54 66.50 12.18
C GLN J 822 -11.50 65.94 13.22
N GLN J 823 -11.01 65.75 14.45
CA GLN J 823 -11.89 65.30 15.53
C GLN J 823 -12.97 66.32 15.83
N GLU J 824 -12.61 67.61 15.85
CA GLU J 824 -13.60 68.64 16.13
C GLU J 824 -14.70 68.66 15.08
N PHE J 825 -14.33 68.57 13.80
CA PHE J 825 -15.31 68.60 12.73
C PHE J 825 -16.16 67.33 12.73
N GLU J 826 -15.56 66.18 13.04
CA GLU J 826 -16.33 64.94 13.09
C GLU J 826 -17.36 64.97 14.22
N GLU J 827 -16.95 65.45 15.40
CA GLU J 827 -17.90 65.57 16.50
C GLU J 827 -19.00 66.57 16.18
N GLN J 828 -18.65 67.68 15.54
CA GLN J 828 -19.66 68.67 15.17
C GLN J 828 -20.65 68.09 14.16
N TYR J 829 -20.15 67.32 13.18
CA TYR J 829 -21.05 66.72 12.21
C TYR J 829 -21.98 65.70 12.86
N GLN J 830 -21.44 64.90 13.79
CA GLN J 830 -22.29 63.92 14.48
C GLN J 830 -23.37 64.61 15.30
N GLN J 831 -23.00 65.66 16.03
CA GLN J 831 -23.97 66.40 16.83
C GLN J 831 -25.04 67.05 15.96
N LEU J 832 -24.61 67.66 14.84
CA LEU J 832 -25.55 68.30 13.93
C LEU J 832 -26.51 67.29 13.31
N HIS J 833 -25.99 66.13 12.91
CA HIS J 833 -26.83 65.11 12.31
C HIS J 833 -27.83 64.57 13.31
N SER J 834 -27.40 64.35 14.56
CA SER J 834 -28.33 63.88 15.59
C SER J 834 -29.41 64.91 15.85
N GLN J 835 -29.05 66.19 15.91
CA GLN J 835 -30.04 67.24 16.15
C GLN J 835 -31.03 67.34 14.99
N LEU J 836 -30.54 67.23 13.75
CA LEU J 836 -31.42 67.25 12.59
C LEU J 836 -32.38 66.07 12.60
N GLN J 837 -31.89 64.88 12.93
CA GLN J 837 -32.76 63.70 13.01
C GLN J 837 -33.81 63.87 14.11
N HIS J 838 -33.41 64.43 15.25
CA HIS J 838 -34.37 64.67 16.33
C HIS J 838 -35.46 65.64 15.90
N LEU J 839 -35.08 66.73 15.23
CA LEU J 839 -36.10 67.69 14.81
C LEU J 839 -36.99 67.11 13.71
N GLN J 840 -36.41 66.31 12.81
CA GLN J 840 -37.21 65.66 11.78
C GLN J 840 -38.20 64.66 12.39
N ASN J 841 -37.78 63.93 13.42
CA ASN J 841 -38.69 63.02 14.11
C ASN J 841 -39.79 63.78 14.83
N GLN J 842 -39.45 64.91 15.46
CA GLN J 842 -40.45 65.73 16.11
C GLN J 842 -41.39 66.41 15.11
N SER J 843 -40.97 66.55 13.86
CA SER J 843 -41.81 67.18 12.84
C SER J 843 -43.07 66.38 12.53
N HIS J 844 -43.11 65.09 12.87
CA HIS J 844 -44.30 64.27 12.64
C HIS J 844 -45.27 64.45 13.81
N LEU J 845 -45.93 65.60 13.81
CA LEU J 845 -46.90 65.95 14.85
C LEU J 845 -48.30 65.47 14.53
N GLN J 846 -48.50 64.81 13.39
CA GLN J 846 -49.80 64.32 12.93
C GLN J 846 -50.83 65.44 12.82
N GLN J 847 -50.38 66.64 12.46
CA GLN J 847 -51.25 67.78 12.28
C GLN J 847 -50.77 68.60 11.10
N GLN J 848 -51.72 69.30 10.46
CA GLN J 848 -51.37 70.15 9.32
C GLN J 848 -50.50 71.33 9.74
N GLN J 849 -50.78 71.88 10.92
CA GLN J 849 -50.04 73.02 11.48
C GLN J 849 -50.07 74.23 10.55
N SER J 850 -51.21 74.46 9.92
CA SER J 850 -51.39 75.65 9.10
C SER J 850 -51.47 76.89 9.98
N GLN J 851 -50.76 77.94 9.58
CA GLN J 851 -50.62 79.18 10.36
C GLN J 851 -50.11 78.89 11.77
N GLN J 852 -49.17 77.94 11.85
CA GLN J 852 -48.59 77.51 13.11
C GLN J 852 -47.07 77.57 13.03
N GLN J 853 -46.39 76.94 13.98
CA GLN J 853 -44.92 76.88 14.02
C GLN J 853 -44.32 75.96 12.93
N GLN J 854 -45.12 75.51 11.96
CA GLN J 854 -44.62 74.65 10.90
C GLN J 854 -43.52 75.34 10.09
N GLN J 855 -43.79 76.56 9.61
CA GLN J 855 -42.80 77.28 8.83
C GLN J 855 -41.56 77.58 9.65
N HIS J 856 -41.71 77.75 10.97
CA HIS J 856 -40.55 77.82 11.86
C HIS J 856 -39.76 76.52 11.81
N LEU J 857 -40.46 75.38 11.76
CA LEU J 857 -39.77 74.09 11.67
C LEU J 857 -38.99 73.97 10.37
N GLU J 858 -39.58 74.37 9.23
CA GLU J 858 -38.80 74.26 7.99
C GLU J 858 -37.66 75.27 7.93
N GLN J 859 -37.83 76.49 8.44
CA GLN J 859 -36.71 77.42 8.41
C GLN J 859 -35.59 76.94 9.32
N GLN J 860 -35.94 76.27 10.42
CA GLN J 860 -34.93 75.59 11.23
C GLN J 860 -34.26 74.47 10.43
N GLN J 861 -35.03 73.75 9.61
CA GLN J 861 -34.45 72.74 8.74
C GLN J 861 -33.36 73.33 7.85
N MET J 862 -33.70 74.32 7.02
CA MET J 862 -32.68 74.88 6.12
C MET J 862 -31.52 75.50 6.87
N LYS J 863 -31.80 76.13 8.02
CA LYS J 863 -30.70 76.60 8.87
C LYS J 863 -29.84 75.45 9.39
N ILE J 864 -30.37 74.23 9.41
CA ILE J 864 -29.56 73.08 9.81
C ILE J 864 -28.71 72.58 8.63
N GLU J 865 -29.35 72.37 7.49
CA GLU J 865 -28.63 71.81 6.33
C GLU J 865 -27.56 72.76 5.83
N LYS J 866 -27.70 74.06 6.01
CA LYS J 866 -26.64 74.99 5.60
C LYS J 866 -25.38 74.76 6.43
N GLN J 867 -25.53 74.58 7.75
CA GLN J 867 -24.40 74.24 8.61
C GLN J 867 -23.87 72.85 8.28
N ILE J 868 -24.75 71.92 7.90
CA ILE J 868 -24.30 70.58 7.56
C ILE J 868 -23.39 70.59 6.34
N ARG J 869 -23.80 71.26 5.27
CA ARG J 869 -22.96 71.28 4.07
C ARG J 869 -21.71 72.14 4.28
N HIS J 870 -21.80 73.19 5.12
CA HIS J 870 -20.60 73.93 5.47
C HIS J 870 -19.59 73.04 6.20
N CYS J 871 -20.07 72.23 7.14
CA CYS J 871 -19.19 71.32 7.86
C CYS J 871 -18.59 70.28 6.92
N GLN J 872 -19.39 69.78 5.98
CA GLN J 872 -18.89 68.77 5.04
C GLN J 872 -17.80 69.34 4.14
N VAL J 873 -18.00 70.53 3.60
CA VAL J 873 -17.01 71.09 2.69
C VAL J 873 -15.73 71.45 3.46
N MET J 874 -15.86 71.93 4.71
CA MET J 874 -14.67 72.17 5.51
C MET J 874 -13.95 70.86 5.85
N GLN J 875 -14.71 69.78 6.06
CA GLN J 875 -14.10 68.49 6.34
C GLN J 875 -13.29 67.99 5.16
N ASN J 876 -13.83 68.13 3.94
CA ASN J 876 -13.10 67.70 2.75
C ASN J 876 -11.87 68.57 2.53
N GLN J 877 -12.02 69.89 2.68
CA GLN J 877 -10.89 70.80 2.52
C GLN J 877 -9.87 70.68 3.64
N LEU J 878 -10.20 69.99 4.73
CA LEU J 878 -9.21 69.58 5.71
C LEU J 878 -8.56 68.25 5.35
N GLU J 879 -9.33 67.34 4.78
CA GLU J 879 -8.80 66.03 4.38
C GLU J 879 -7.72 66.20 3.32
N VAL J 880 -7.88 67.15 2.41
CA VAL J 880 -6.82 67.51 1.46
C VAL J 880 -6.24 68.86 1.88
N ILE J 881 -4.93 68.91 2.12
CA ILE J 881 -4.28 70.04 2.78
C ILE J 881 -3.14 70.63 1.95
N ASP J 882 -2.26 69.78 1.40
CA ASP J 882 -1.10 70.17 0.59
C ASP J 882 -0.17 71.12 1.35
N LEU J 883 0.37 70.59 2.44
CA LEU J 883 1.32 71.32 3.27
C LEU J 883 2.58 71.67 2.50
N ARG J 884 2.94 70.89 1.49
CA ARG J 884 4.08 71.23 0.66
C ARG J 884 3.85 72.52 -0.13
N LYS J 885 2.59 72.68 -0.55
CA LYS J 885 2.06 73.83 -1.32
C LYS J 885 2.00 75.07 -0.43
N LEU J 886 1.81 74.86 0.85
CA LEU J 886 1.88 75.93 1.86
C LEU J 886 3.33 76.30 2.17
N LYS J 887 4.20 75.30 2.26
CA LYS J 887 5.59 75.56 2.60
C LYS J 887 6.35 76.25 1.47
N ARG J 888 5.93 76.04 0.22
CA ARG J 888 6.52 76.83 -0.86
C ARG J 888 5.95 78.25 -0.87
N GLN J 889 4.68 78.41 -0.52
CA GLN J 889 4.11 79.75 -0.48
C GLN J 889 4.77 80.61 0.59
N GLU J 890 5.15 80.02 1.72
CA GLU J 890 5.83 80.83 2.74
C GLU J 890 7.21 81.29 2.27
N ILE J 891 7.89 80.48 1.46
CA ILE J 891 9.18 80.89 0.90
C ILE J 891 8.97 82.01 -0.11
N GLY J 892 7.92 81.91 -0.92
CA GLY J 892 7.56 83.01 -1.79
C GLY J 892 7.27 84.29 -1.03
N ASN J 893 6.61 84.15 0.13
CA ASN J 893 6.33 85.30 0.98
C ASN J 893 7.62 85.94 1.49
N LEU J 894 8.59 85.11 1.90
CA LEU J 894 9.87 85.64 2.34
C LEU J 894 10.59 86.38 1.21
N ILE J 895 10.54 85.81 0.00
CA ILE J 895 11.17 86.45 -1.15
C ILE J 895 10.52 87.80 -1.45
N SER J 896 9.20 87.87 -1.35
CA SER J 896 8.52 89.14 -1.58
C SER J 896 8.79 90.15 -0.47
N ILE J 897 8.95 89.70 0.78
CA ILE J 897 9.11 90.61 1.90
C ILE J 897 10.57 91.06 2.09
N LEU J 898 11.52 90.41 1.43
CA LEU J 898 12.93 90.76 1.61
C LEU J 898 13.32 92.22 1.41
N PRO J 899 12.88 92.93 0.35
CA PRO J 899 13.43 94.28 0.12
C PRO J 899 12.90 95.37 1.03
N LEU J 900 12.26 95.03 2.14
CA LEU J 900 11.71 96.04 3.05
C LEU J 900 12.72 96.51 4.08
N ILE J 901 14.01 96.19 3.90
CA ILE J 901 15.02 96.60 4.87
C ILE J 901 15.19 98.12 4.85
N ASN J 902 15.17 98.72 3.66
CA ASN J 902 15.27 100.17 3.57
C ASN J 902 13.95 100.78 4.02
N ASP J 903 13.82 101.03 5.32
CA ASP J 903 12.55 101.45 5.91
C ASP J 903 12.34 102.94 5.73
N GLY J 904 11.16 103.39 6.14
CA GLY J 904 10.87 104.81 6.29
C GLY J 904 10.46 105.11 7.71
N SER J 905 9.94 104.10 8.40
CA SER J 905 9.54 104.22 9.81
C SER J 905 10.13 103.05 10.58
N SER J 906 10.47 103.32 11.85
CA SER J 906 11.09 102.30 12.70
C SER J 906 10.16 101.15 13.03
N LEU J 907 8.84 101.39 12.94
CA LEU J 907 7.89 100.30 13.18
C LEU J 907 8.03 99.21 12.14
N VAL J 908 8.28 99.60 10.88
CA VAL J 908 8.53 98.62 9.82
C VAL J 908 9.77 97.81 10.13
N ARG J 909 10.82 98.47 10.63
CA ARG J 909 12.05 97.77 10.98
C ARG J 909 11.82 96.77 12.11
N LYS J 910 11.07 97.18 13.14
CA LYS J 910 10.82 96.28 14.26
C LYS J 910 9.99 95.08 13.83
N GLU J 911 8.99 95.29 12.97
CA GLU J 911 8.21 94.15 12.50
C GLU J 911 9.03 93.24 11.60
N LEU J 912 9.93 93.82 10.80
CA LEU J 912 10.79 92.98 9.95
C LEU J 912 11.71 92.13 10.80
N VAL J 913 12.29 92.70 11.86
CA VAL J 913 13.23 91.93 12.67
C VAL J 913 12.49 90.89 13.52
N VAL J 914 11.24 91.16 13.93
CA VAL J 914 10.55 90.09 14.67
C VAL J 914 10.07 88.99 13.72
N TYR J 915 9.75 89.33 12.46
CA TYR J 915 9.46 88.29 11.49
C TYR J 915 10.68 87.42 11.24
N PHE J 916 11.86 88.03 11.14
CA PHE J 916 13.08 87.23 11.00
C PHE J 916 13.36 86.40 12.25
N SER J 917 12.96 86.90 13.41
CA SER J 917 13.08 86.12 14.64
C SER J 917 12.22 84.86 14.56
N HIS J 918 10.98 84.99 14.08
CA HIS J 918 10.17 83.79 13.85
C HIS J 918 10.79 82.87 12.81
N ILE J 919 11.42 83.44 11.77
CA ILE J 919 12.03 82.63 10.73
C ILE J 919 13.14 81.76 11.31
N VAL J 920 14.04 82.37 12.08
CA VAL J 920 15.14 81.61 12.67
C VAL J 920 14.63 80.65 13.74
N SER J 921 13.57 81.03 14.46
CA SER J 921 13.00 80.13 15.46
C SER J 921 12.44 78.87 14.83
N ARG J 922 11.74 79.01 13.71
CA ARG J 922 11.20 77.82 13.05
C ARG J 922 12.29 77.00 12.38
N TYR J 923 13.20 77.66 11.66
CA TYR J 923 14.34 76.97 11.04
C TYR J 923 15.62 77.51 11.67
N SER J 924 15.99 76.94 12.82
CA SER J 924 17.27 77.24 13.45
C SER J 924 18.38 76.32 13.00
N ASN J 925 18.08 75.08 12.62
CA ASN J 925 19.12 74.13 12.26
C ASN J 925 19.53 74.23 10.78
N PHE J 926 18.83 75.02 9.97
CA PHE J 926 19.44 75.53 8.75
C PHE J 926 20.52 76.55 9.09
N PHE J 927 20.27 77.33 10.13
CA PHE J 927 21.11 78.46 10.42
C PHE J 927 22.44 78.04 11.03
N ILE J 928 22.49 76.88 11.69
CA ILE J 928 23.77 76.40 12.20
C ILE J 928 24.73 76.10 11.05
N VAL J 929 24.23 75.48 9.98
CA VAL J 929 25.12 75.15 8.87
C VAL J 929 25.49 76.40 8.09
N VAL J 930 24.55 77.35 7.92
CA VAL J 930 24.93 78.56 7.18
C VAL J 930 25.92 79.40 8.00
N VAL J 931 25.77 79.43 9.33
CA VAL J 931 26.68 80.22 10.15
C VAL J 931 28.06 79.58 10.20
N PHE J 932 28.12 78.25 10.31
CA PHE J 932 29.42 77.59 10.29
C PHE J 932 30.13 77.81 8.96
N ASN J 933 29.41 77.70 7.85
CA ASN J 933 30.01 77.92 6.55
C ASN J 933 30.50 79.36 6.41
N ASP J 934 29.73 80.33 6.90
CA ASP J 934 30.12 81.72 6.71
C ASP J 934 31.28 82.12 7.64
N LEU J 935 31.33 81.55 8.84
CA LEU J 935 32.50 81.78 9.68
C LEU J 935 33.74 81.07 9.14
N LEU J 936 33.56 80.04 8.32
CA LEU J 936 34.72 79.52 7.58
C LEU J 936 35.13 80.47 6.46
N GLU J 937 34.15 80.98 5.70
CA GLU J 937 34.50 81.85 4.58
C GLU J 937 35.04 83.21 5.03
N GLU J 938 34.68 83.68 6.23
CA GLU J 938 35.27 84.94 6.69
C GLU J 938 36.75 84.77 6.99
N ILE J 939 37.15 83.60 7.51
CA ILE J 939 38.57 83.30 7.68
C ILE J 939 39.25 83.18 6.33
N LYS J 940 38.61 82.47 5.39
CA LYS J 940 39.18 82.34 4.06
C LYS J 940 39.29 83.66 3.32
N LEU J 941 38.44 84.64 3.65
CA LEU J 941 38.48 85.96 3.02
C LEU J 941 39.41 86.92 3.74
N LEU J 942 39.66 86.71 5.03
CA LEU J 942 40.60 87.55 5.75
C LEU J 942 42.02 87.36 5.23
N GLU J 943 42.40 86.12 4.94
CA GLU J 943 43.74 85.84 4.44
C GLU J 943 43.74 84.58 3.57
N GLN J 960 25.74 78.92 2.14
CA GLN J 960 25.66 78.04 0.98
C GLN J 960 25.14 78.83 -0.22
N GLY J 961 25.02 80.14 -0.06
CA GLY J 961 24.54 80.98 -1.13
C GLY J 961 23.05 80.92 -1.40
N SER J 962 22.29 80.28 -0.52
CA SER J 962 20.87 80.06 -0.71
C SER J 962 20.08 81.19 -0.04
N ILE J 963 18.76 81.04 0.00
CA ILE J 963 17.89 82.09 0.52
C ILE J 963 18.02 82.23 2.03
N PHE J 964 18.64 81.26 2.70
CA PHE J 964 18.85 81.35 4.13
C PHE J 964 20.11 82.12 4.50
N TYR J 965 20.86 82.60 3.51
CA TYR J 965 21.96 83.51 3.74
C TYR J 965 21.56 84.97 3.61
N THR J 966 20.58 85.26 2.75
CA THR J 966 20.08 86.62 2.62
C THR J 966 19.40 87.09 3.89
N VAL J 967 18.74 86.18 4.61
CA VAL J 967 18.15 86.55 5.89
C VAL J 967 19.22 86.88 6.93
N TRP J 968 20.36 86.17 6.91
CA TRP J 968 21.44 86.55 7.81
C TRP J 968 22.03 87.89 7.42
N LYS J 969 22.12 88.15 6.12
CA LYS J 969 22.58 89.46 5.66
C LYS J 969 21.66 90.55 6.15
N SER J 970 20.34 90.30 6.10
CA SER J 970 19.37 91.25 6.64
C SER J 970 19.56 91.44 8.13
N LEU J 971 19.91 90.36 8.85
CA LEU J 971 20.16 90.47 10.28
C LEU J 971 21.38 91.35 10.57
N LEU J 972 22.44 91.21 9.79
CA LEU J 972 23.59 92.11 9.94
C LEU J 972 23.22 93.56 9.61
N ILE J 973 22.41 93.78 8.58
CA ILE J 973 22.03 95.14 8.24
C ILE J 973 21.17 95.75 9.36
N LEU J 974 20.30 94.95 9.96
CA LEU J 974 19.53 95.42 11.11
C LEU J 974 20.44 95.68 12.31
N ALA J 975 21.50 94.88 12.47
CA ALA J 975 22.48 95.15 13.51
C ALA J 975 23.20 96.47 13.28
N GLU J 976 23.45 96.81 12.02
CA GLU J 976 24.06 98.08 11.66
C GLU J 976 23.04 99.21 11.54
N ASP J 977 21.75 98.93 11.74
CA ASP J 977 20.74 99.95 11.63
C ASP J 977 20.86 100.95 12.78
N PRO J 978 20.58 102.23 12.51
CA PRO J 978 20.86 103.28 13.51
C PRO J 978 19.87 103.34 14.66
N PHE J 979 18.66 102.79 14.51
CA PHE J 979 17.64 102.96 15.54
C PHE J 979 17.99 102.16 16.79
N LEU J 980 17.64 102.72 17.95
CA LEU J 980 18.09 102.20 19.23
C LEU J 980 17.54 100.79 19.48
N GLU J 981 16.21 100.67 19.58
CA GLU J 981 15.63 99.38 19.93
C GLU J 981 15.79 98.38 18.80
N ASN J 982 15.84 98.84 17.55
CA ASN J 982 16.11 97.94 16.44
C ASN J 982 17.49 97.31 16.55
N LYS J 983 18.50 98.15 16.83
CA LYS J 983 19.86 97.64 16.99
C LYS J 983 19.98 96.72 18.18
N GLU J 984 19.36 97.08 19.31
CA GLU J 984 19.42 96.24 20.50
C GLU J 984 18.75 94.88 20.26
N LEU J 985 17.59 94.89 19.61
CA LEU J 985 16.87 93.64 19.39
C LEU J 985 17.59 92.74 18.39
N SER J 986 18.15 93.33 17.33
CA SER J 986 18.95 92.56 16.39
C SER J 986 20.19 91.98 17.06
N LYS J 987 20.80 92.75 17.96
CA LYS J 987 21.94 92.24 18.73
C LYS J 987 21.54 91.07 19.61
N GLN J 988 20.34 91.15 20.22
CA GLN J 988 19.87 90.03 21.03
C GLN J 988 19.68 88.78 20.18
N VAL J 989 19.11 88.94 18.99
CA VAL J 989 18.88 87.79 18.11
C VAL J 989 20.22 87.17 17.67
N ILE J 990 21.18 88.01 17.28
CA ILE J 990 22.46 87.48 16.84
C ILE J 990 23.21 86.82 17.98
N ASP J 991 23.09 87.37 19.19
CA ASP J 991 23.72 86.76 20.35
C ASP J 991 23.11 85.40 20.64
N TYR J 992 21.78 85.28 20.54
CA TYR J 992 21.15 83.99 20.79
C TYR J 992 21.56 82.95 19.77
N ILE J 993 21.59 83.31 18.48
CA ILE J 993 21.92 82.31 17.48
C ILE J 993 23.38 81.88 17.59
N LEU J 994 24.28 82.84 17.87
CA LEU J 994 25.69 82.46 18.02
C LEU J 994 25.89 81.62 19.27
N LEU J 995 25.17 81.92 20.36
CA LEU J 995 25.27 81.10 21.56
C LEU J 995 24.72 79.70 21.33
N GLU J 996 23.64 79.59 20.55
CA GLU J 996 23.09 78.27 20.24
C GLU J 996 24.07 77.43 19.44
N LEU J 997 24.71 78.03 18.45
CA LEU J 997 25.72 77.28 17.69
C LEU J 997 26.92 76.95 18.56
N SER J 998 27.29 77.85 19.49
CA SER J 998 28.38 77.55 20.42
C SER J 998 28.03 76.38 21.33
N ALA J 999 26.78 76.28 21.75
CA ALA J 999 26.35 75.19 22.60
C ALA J 999 25.98 73.93 21.82
N HIS J 1000 25.98 73.98 20.49
CA HIS J 1000 25.69 72.80 19.68
C HIS J 1000 26.74 71.73 19.92
N LYS J 1001 26.27 70.52 20.26
CA LYS J 1001 27.16 69.47 20.74
C LYS J 1001 27.96 68.81 19.63
N GLU J 1002 27.43 68.78 18.40
CA GLU J 1002 28.09 68.02 17.34
C GLU J 1002 29.40 68.67 16.89
N LEU J 1003 29.49 70.01 16.96
CA LEU J 1003 30.65 70.73 16.45
C LEU J 1003 31.04 71.88 17.38
N GLY J 1004 30.70 71.76 18.67
CA GLY J 1004 31.01 72.83 19.61
C GLY J 1004 32.49 73.02 19.83
N GLY J 1005 33.26 71.93 19.80
CA GLY J 1005 34.69 72.00 19.88
C GLY J 1005 35.35 72.81 18.78
N PRO J 1006 35.10 72.44 17.51
CA PRO J 1006 35.60 73.28 16.41
C PRO J 1006 35.06 74.70 16.42
N PHE J 1007 33.81 74.91 16.87
CA PHE J 1007 33.33 76.29 16.95
C PHE J 1007 34.05 77.08 18.03
N ALA J 1008 34.40 76.43 19.15
CA ALA J 1008 35.22 77.09 20.17
C ALA J 1008 36.60 77.41 19.63
N VAL J 1009 37.16 76.51 18.81
CA VAL J 1009 38.44 76.78 18.17
C VAL J 1009 38.33 78.00 17.26
N MET J 1010 37.24 78.09 16.50
CA MET J 1010 37.01 79.24 15.63
C MET J 1010 36.88 80.52 16.45
N GLU J 1011 36.19 80.44 17.60
CA GLU J 1011 36.06 81.60 18.48
C GLU J 1011 37.41 82.04 19.03
N LYS J 1012 38.26 81.08 19.40
CA LYS J 1012 39.60 81.43 19.87
C LYS J 1012 40.43 82.06 18.75
N PHE J 1013 40.25 81.59 17.52
CA PHE J 1013 40.95 82.22 16.40
C PHE J 1013 40.43 83.63 16.14
N LEU J 1014 39.15 83.88 16.45
CA LEU J 1014 38.58 85.21 16.28
C LEU J 1014 39.21 86.25 17.20
N LEU J 1015 39.92 85.81 18.24
CA LEU J 1015 40.51 86.74 19.22
C LEU J 1015 41.65 87.57 18.63
N LYS J 1016 42.14 87.25 17.44
CA LYS J 1016 43.22 88.01 16.82
C LYS J 1016 42.75 89.41 16.44
N HIS J 1068 38.80 66.50 6.07
CA HIS J 1068 38.00 66.97 7.20
C HIS J 1068 36.59 66.38 7.16
N PRO J 1069 36.09 65.93 8.31
CA PRO J 1069 34.70 65.45 8.38
C PRO J 1069 33.67 66.56 8.49
N MET J 1070 34.12 67.81 8.64
CA MET J 1070 33.19 68.93 8.74
C MET J 1070 32.35 69.08 7.48
N ARG J 1071 32.97 68.95 6.30
CA ARG J 1071 32.22 69.08 5.06
C ARG J 1071 31.15 68.02 4.94
N THR J 1072 31.50 66.77 5.26
CA THR J 1072 30.54 65.67 5.17
C THR J 1072 29.40 65.85 6.17
N SER J 1073 29.72 66.22 7.41
CA SER J 1073 28.69 66.38 8.42
C SER J 1073 27.77 67.55 8.11
N LEU J 1074 28.33 68.67 7.69
CA LEU J 1074 27.54 69.85 7.39
C LEU J 1074 26.64 69.61 6.18
N ALA J 1075 27.17 68.94 5.14
CA ALA J 1075 26.34 68.59 3.99
C ALA J 1075 25.26 67.60 4.37
N LYS J 1076 25.56 66.66 5.29
CA LYS J 1076 24.55 65.70 5.72
C LYS J 1076 23.41 66.37 6.46
N LEU J 1077 23.72 67.31 7.36
CA LEU J 1077 22.66 68.05 8.04
C LEU J 1077 21.84 68.90 7.06
N PHE J 1078 22.51 69.59 6.14
CA PHE J 1078 21.76 70.41 5.19
C PHE J 1078 20.86 69.55 4.30
N GLN J 1079 21.35 68.40 3.86
CA GLN J 1079 20.54 67.51 3.03
C GLN J 1079 19.36 66.95 3.80
N SER J 1080 19.59 66.46 5.01
CA SER J 1080 18.52 65.87 5.80
C SER J 1080 17.49 66.90 6.24
N LEU J 1081 17.88 68.17 6.35
CA LEU J 1081 16.93 69.20 6.74
C LEU J 1081 16.25 69.86 5.55
N GLY J 1082 16.85 69.82 4.36
CA GLY J 1082 16.10 70.18 3.16
C GLY J 1082 15.14 69.11 2.71
N PHE J 1083 15.43 67.85 3.03
CA PHE J 1083 14.50 66.76 2.73
C PHE J 1083 13.19 66.92 3.50
N SER J 1084 13.23 67.51 4.69
CA SER J 1084 12.00 67.72 5.45
C SER J 1084 11.10 68.76 4.80
N GLU J 1085 11.69 69.86 4.32
CA GLU J 1085 10.91 70.87 3.61
C GLU J 1085 10.46 70.37 2.24
N SER J 1086 11.23 69.45 1.64
CA SER J 1086 10.89 68.82 0.36
C SER J 1086 10.77 69.86 -0.76
N SER J 1095 12.70 88.13 -11.42
CA SER J 1095 12.73 86.87 -10.67
C SER J 1095 13.23 87.11 -9.25
N ASN J 1096 14.39 86.54 -8.92
CA ASN J 1096 15.01 86.68 -7.61
C ASN J 1096 16.30 87.46 -7.73
N THR J 1097 16.48 88.44 -6.85
CA THR J 1097 17.70 89.23 -6.79
C THR J 1097 18.23 89.18 -5.37
N SER J 1098 19.45 88.64 -5.21
CA SER J 1098 20.03 88.51 -3.88
C SER J 1098 20.48 89.86 -3.33
N MET J 1099 20.85 90.80 -4.21
CA MET J 1099 21.36 92.12 -3.84
C MET J 1099 22.55 92.02 -2.90
N LYS J 1100 22.28 91.84 -1.61
CA LYS J 1100 23.23 91.54 -0.52
C LYS J 1100 24.45 92.46 -0.51
N SER J 1101 24.33 93.67 -1.04
CA SER J 1101 25.42 94.63 -1.04
C SER J 1101 25.17 95.71 -0.01
N HIS J 1102 26.25 96.19 0.61
CA HIS J 1102 26.20 97.21 1.63
C HIS J 1102 27.60 97.80 1.79
N THR J 1103 27.77 98.56 2.86
CA THR J 1103 29.10 99.04 3.28
C THR J 1103 29.39 98.20 4.51
N SER J 1104 30.54 97.55 4.55
CA SER J 1104 30.81 96.57 5.64
C SER J 1104 31.85 97.07 6.63
N LYS J 1105 32.13 98.36 6.74
CA LYS J 1105 33.17 98.77 7.73
C LYS J 1105 32.79 98.43 9.19
N LYS J 1106 31.51 98.36 9.55
CA LYS J 1106 31.05 98.01 10.92
C LYS J 1106 31.23 96.51 11.22
N GLY J 1107 31.16 96.13 12.51
CA GLY J 1107 31.48 94.78 13.04
C GLY J 1107 30.54 93.60 12.89
N PRO J 1108 31.09 92.44 12.46
CA PRO J 1108 30.41 91.15 12.32
C PRO J 1108 30.92 90.09 13.33
N SER J 1109 31.48 90.56 14.46
CA SER J 1109 32.00 89.69 15.55
C SER J 1109 31.43 90.16 16.89
N GLY J 1110 30.97 89.23 17.71
CA GLY J 1110 30.42 89.61 19.01
C GLY J 1110 31.45 90.39 19.82
N HIS J 1132 17.00 94.10 27.16
CA HIS J 1132 17.47 94.38 28.50
C HIS J 1132 17.32 93.17 29.41
N THR J 1133 16.51 92.21 28.96
CA THR J 1133 16.23 91.02 29.76
C THR J 1133 17.48 90.15 29.88
N GLU J 1134 17.70 89.63 31.09
CA GLU J 1134 18.82 88.73 31.31
C GLU J 1134 18.72 87.43 30.52
N PRO J 1135 17.60 86.70 30.50
CA PRO J 1135 17.52 85.51 29.63
C PRO J 1135 17.28 85.90 28.19
N LEU J 1136 17.31 84.89 27.33
CA LEU J 1136 17.11 85.08 25.89
C LEU J 1136 16.06 84.11 25.38
N GLN J 1137 15.21 84.60 24.48
CA GLN J 1137 14.19 83.79 23.83
C GLN J 1137 14.32 83.96 22.32
N LEU J 1138 14.17 82.86 21.59
CA LEU J 1138 14.31 82.93 20.13
C LEU J 1138 13.05 83.46 19.46
N PRO J 1139 11.83 83.02 19.80
CA PRO J 1139 10.66 83.74 19.28
C PRO J 1139 10.41 84.99 20.10
N LEU J 1140 10.06 86.06 19.39
CA LEU J 1140 9.91 87.37 20.00
C LEU J 1140 8.47 87.86 19.84
N ASN J 1141 8.01 88.64 20.82
CA ASN J 1141 6.66 89.16 20.80
C ASN J 1141 6.59 90.46 20.01
N SER J 1142 5.38 90.79 19.56
CA SER J 1142 5.12 92.03 18.85
C SER J 1142 4.04 92.80 19.59
N SER J 1143 4.36 94.03 20.01
CA SER J 1143 3.44 94.88 20.73
C SER J 1143 2.51 95.66 19.80
N PHE J 1144 2.53 95.36 18.51
CA PHE J 1144 1.75 96.14 17.55
C PHE J 1144 0.26 95.98 17.78
N LEU J 1145 -0.19 94.78 18.14
CA LEU J 1145 -1.61 94.59 18.37
C LEU J 1145 -2.10 95.40 19.56
N ASP J 1146 -1.30 95.46 20.62
CA ASP J 1146 -1.67 96.26 21.79
C ASP J 1146 -1.62 97.75 21.46
N TYR J 1147 -0.63 98.19 20.69
CA TYR J 1147 -0.59 99.59 20.28
C TYR J 1147 -1.80 99.94 19.41
N SER J 1148 -2.25 99.01 18.58
CA SER J 1148 -3.39 99.27 17.71
C SER J 1148 -4.69 99.31 18.50
N ARG J 1149 -4.87 98.38 19.46
CA ARG J 1149 -6.09 98.40 20.26
C ARG J 1149 -6.12 99.57 21.23
N GLU J 1150 -4.96 100.15 21.55
CA GLU J 1150 -4.93 101.29 22.46
C GLU J 1150 -5.52 102.55 21.84
N TYR J 1151 -5.71 102.57 20.52
CA TYR J 1151 -6.22 103.76 19.85
C TYR J 1151 -7.67 104.05 20.25
N PHE J 1152 -8.46 103.01 20.46
CA PHE J 1152 -9.88 103.19 20.75
C PHE J 1152 -10.13 103.76 22.13
N GLN J 1153 -9.26 103.44 23.10
CA GLN J 1153 -9.42 103.98 24.43
C GLN J 1153 -9.18 105.49 24.48
N GLU J 1154 -8.48 106.03 23.48
CA GLU J 1154 -8.35 107.47 23.36
C GLU J 1154 -9.68 108.10 22.97
N PRO J 1155 -9.92 109.36 23.33
CA PRO J 1155 -11.18 110.01 22.95
C PRO J 1155 -11.35 110.09 21.44
N GLN J 1156 -12.57 109.85 20.99
CA GLN J 1156 -12.86 109.80 19.56
C GLN J 1156 -13.93 110.79 19.13
N MET J 1157 -15.09 110.82 19.80
CA MET J 1157 -16.17 111.71 19.39
C MET J 1157 -15.80 113.17 19.58
N LYS J 1158 -15.34 113.53 20.76
CA LYS J 1158 -14.85 114.90 20.97
C LYS J 1158 -13.46 115.04 20.40
N LYS J 1159 -13.12 116.26 19.99
CA LYS J 1159 -11.75 116.53 19.56
C LYS J 1159 -10.82 116.43 20.77
N GLN J 1160 -9.56 116.11 20.48
CA GLN J 1160 -8.58 115.92 21.54
C GLN J 1160 -8.30 117.23 22.27
N GLU J 1161 -7.70 117.11 23.45
CA GLU J 1161 -7.34 118.30 24.23
C GLU J 1161 -6.28 119.13 23.54
N ALA J 1162 -5.50 118.54 22.64
CA ALA J 1162 -4.50 119.31 21.89
C ALA J 1162 -5.17 120.32 20.96
N ASP J 1163 -6.25 119.92 20.30
CA ASP J 1163 -6.92 120.76 19.30
C ASP J 1163 -8.17 121.42 19.83
N GLU J 1164 -8.42 121.34 21.14
CA GLU J 1164 -9.60 121.97 21.72
C GLU J 1164 -9.46 123.49 21.67
N PRO J 1165 -10.58 124.23 21.67
CA PRO J 1165 -10.50 125.69 21.66
C PRO J 1165 -9.85 126.30 22.90
N GLY J 1166 -9.73 125.55 23.99
CA GLY J 1166 -8.98 126.04 25.14
C GLY J 1166 -8.24 124.96 25.88
N SER J 1167 -6.91 125.12 25.98
CA SER J 1167 -6.06 124.18 26.70
C SER J 1167 -4.71 124.85 26.92
N VAL J 1168 -3.88 124.22 27.75
CA VAL J 1168 -2.52 124.72 27.95
C VAL J 1168 -1.72 124.59 26.66
N GLU J 1169 -1.83 123.46 25.97
CA GLU J 1169 -1.15 123.31 24.69
C GLU J 1169 -1.73 124.24 23.64
N TYR J 1170 -3.04 124.50 23.68
CA TYR J 1170 -3.64 125.40 22.72
C TYR J 1170 -3.17 126.84 22.92
N ASN J 1171 -3.09 127.31 24.17
CA ASN J 1171 -2.60 128.67 24.36
C ASN J 1171 -1.09 128.75 24.14
N ALA J 1172 -0.36 127.65 24.33
CA ALA J 1172 1.05 127.64 23.93
C ALA J 1172 1.19 127.77 22.42
N ARG J 1173 0.35 127.06 21.66
CA ARG J 1173 0.38 127.18 20.20
C ARG J 1173 -0.04 128.58 19.76
N LEU J 1174 -1.02 129.17 20.44
CA LEU J 1174 -1.41 130.54 20.13
C LEU J 1174 -0.30 131.53 20.45
N TRP J 1175 0.42 131.30 21.54
CA TRP J 1175 1.60 132.09 21.89
C TRP J 1175 2.64 132.02 20.77
N ARG J 1176 2.91 130.82 20.28
CA ARG J 1176 3.90 130.64 19.21
C ARG J 1176 3.43 131.31 17.92
N ARG J 1177 2.14 131.18 17.59
CA ARG J 1177 1.61 131.81 16.38
C ARG J 1177 1.67 133.32 16.47
N ASN J 1178 1.32 133.89 17.63
CA ASN J 1178 1.43 135.33 17.82
C ASN J 1178 2.87 135.80 17.75
N ARG J 1179 3.80 135.02 18.30
CA ARG J 1179 5.21 135.39 18.25
C ARG J 1179 5.72 135.40 16.81
N ASN J 1180 5.37 134.37 16.03
CA ASN J 1180 5.79 134.32 14.65
C ASN J 1180 5.17 135.45 13.84
N GLU J 1181 3.89 135.77 14.11
CA GLU J 1181 3.24 136.87 13.43
C GLU J 1181 3.92 138.19 13.77
N THR J 1182 4.30 138.40 15.03
CA THR J 1182 4.99 139.63 15.40
C THR J 1182 6.35 139.71 14.73
N ILE J 1183 7.08 138.60 14.65
CA ILE J 1183 8.39 138.59 14.00
C ILE J 1183 8.25 138.95 12.53
N ILE J 1184 7.25 138.36 11.87
CA ILE J 1184 6.92 138.73 10.49
C ILE J 1184 6.59 140.22 10.40
N GLN J 1185 5.98 140.76 11.46
CA GLN J 1185 5.66 142.19 11.45
C GLN J 1185 6.91 143.07 11.53
N GLU J 1186 7.89 142.76 12.41
CA GLU J 1186 9.00 143.72 12.40
C GLU J 1186 10.02 143.42 11.30
N THR J 1187 9.96 142.25 10.65
CA THR J 1187 10.86 142.04 9.52
C THR J 1187 10.22 142.69 8.29
N GLN J 1188 10.81 142.45 7.12
CA GLN J 1188 10.46 143.04 5.83
C GLN J 1188 10.67 144.55 5.80
N GLY J 1189 11.35 145.11 6.79
CA GLY J 1189 11.69 146.52 6.80
C GLY J 1189 13.18 146.71 6.96
N GLU J 1190 13.86 145.67 7.46
CA GLU J 1190 15.32 145.70 7.60
C GLU J 1190 16.03 145.51 6.28
N LYS J 1191 15.31 145.17 5.20
CA LYS J 1191 15.94 145.05 3.89
C LYS J 1191 16.49 146.39 3.41
N LYS J 1192 15.77 147.47 3.68
CA LYS J 1192 16.28 148.81 3.35
C LYS J 1192 17.51 149.15 4.18
N LEU J 1193 17.49 148.82 5.46
CA LEU J 1193 18.64 149.11 6.34
C LEU J 1193 19.86 148.28 5.95
N SER J 1194 19.64 147.11 5.38
CA SER J 1194 20.75 146.26 4.94
C SER J 1194 21.55 146.88 3.79
N ILE J 1195 21.03 147.92 3.15
CA ILE J 1195 21.75 148.58 2.06
C ILE J 1195 22.70 149.65 2.58
N TYR J 1196 22.20 150.53 3.47
CA TYR J 1196 23.01 151.61 4.00
C TYR J 1196 23.51 151.36 5.42
N GLY J 1197 23.52 150.10 5.85
CA GLY J 1197 24.04 149.76 7.16
C GLY J 1197 25.43 149.17 7.12
N ASN J 1198 26.08 149.19 8.27
CA ASN J 1198 27.45 148.68 8.41
C ASN J 1198 27.43 147.26 8.95
N TRP J 1199 28.61 146.64 8.97
CA TRP J 1199 28.77 145.28 9.45
C TRP J 1199 30.04 145.11 10.29
N SER J 1200 30.74 146.20 10.60
CA SER J 1200 31.96 146.10 11.39
C SER J 1200 31.68 145.79 12.85
N LYS J 1201 30.49 146.11 13.35
CA LYS J 1201 30.14 145.84 14.74
C LYS J 1201 29.93 144.35 14.95
N LYS J 1202 30.43 143.84 16.08
CA LYS J 1202 30.33 142.43 16.43
C LYS J 1202 29.33 142.26 17.57
N LEU J 1203 28.52 141.20 17.49
CA LEU J 1203 27.51 140.97 18.50
C LEU J 1203 28.10 140.29 19.74
N ILE J 1204 28.65 139.08 19.57
CA ILE J 1204 29.18 138.31 20.69
C ILE J 1204 30.14 137.28 20.13
N SER J 1205 31.05 136.82 20.98
CA SER J 1205 32.03 135.79 20.61
C SER J 1205 31.75 134.52 21.40
N LEU J 1206 31.84 133.38 20.73
CA LEU J 1206 31.57 132.09 21.34
C LEU J 1206 32.71 131.13 21.04
N ASN J 1207 33.00 130.26 22.00
CA ASN J 1207 34.03 129.24 21.85
C ASN J 1207 33.36 127.88 21.76
N ASN J 1208 33.72 127.10 20.73
CA ASN J 1208 33.05 125.85 20.41
C ASN J 1208 33.85 124.62 20.82
N LYS J 1209 35.08 124.79 21.31
CA LYS J 1209 35.96 123.72 21.79
C LYS J 1209 36.40 122.78 20.67
N SER J 1210 35.96 123.02 19.44
CA SER J 1210 36.32 122.18 18.31
C SER J 1210 36.04 122.96 17.03
N GLN J 1211 36.65 122.51 15.94
CA GLN J 1211 36.49 123.19 14.66
C GLN J 1211 35.11 122.90 14.10
N PRO J 1212 34.26 123.91 13.89
CA PRO J 1212 32.93 123.66 13.35
C PRO J 1212 32.94 123.46 11.85
N LYS J 1213 31.99 122.66 11.38
CA LYS J 1213 31.79 122.46 9.95
C LYS J 1213 30.35 122.52 9.49
N LEU J 1214 29.37 122.46 10.39
CA LEU J 1214 27.97 122.62 10.01
C LEU J 1214 27.34 123.72 10.85
N MET J 1215 26.44 124.46 10.22
CA MET J 1215 25.95 125.71 10.76
C MET J 1215 24.48 125.89 10.39
N LYS J 1216 23.69 126.42 11.33
CA LYS J 1216 22.29 126.72 11.03
C LYS J 1216 21.67 127.66 12.05
N PHE J 1217 21.11 128.77 11.58
CA PHE J 1217 20.32 129.62 12.46
C PHE J 1217 18.91 129.08 12.62
N ALA J 1218 18.24 129.52 13.67
CA ALA J 1218 16.82 129.22 13.88
C ALA J 1218 16.00 130.34 13.29
N GLN J 1219 15.22 130.03 12.25
CA GLN J 1219 14.57 131.06 11.45
C GLN J 1219 13.41 131.75 12.17
N PHE J 1220 12.86 131.11 13.20
CA PHE J 1220 12.00 131.77 14.19
C PHE J 1220 12.65 131.89 15.56
N GLU J 1221 13.27 130.83 16.06
CA GLU J 1221 13.77 130.82 17.42
C GLU J 1221 15.11 131.55 17.51
N ASP J 1222 15.57 131.75 18.73
CA ASP J 1222 16.84 132.44 18.99
C ASP J 1222 17.95 131.42 19.26
N GLN J 1223 18.20 130.56 18.29
CA GLN J 1223 19.17 129.47 18.44
C GLN J 1223 20.12 129.41 17.26
N LEU J 1224 21.33 128.91 17.52
CA LEU J 1224 22.33 128.68 16.48
C LEU J 1224 22.92 127.29 16.68
N ILE J 1225 22.78 126.42 15.70
CA ILE J 1225 23.22 125.03 15.79
C ILE J 1225 24.53 124.90 15.03
N THR J 1226 25.54 124.35 15.70
CA THR J 1226 26.85 124.10 15.11
C THR J 1226 27.21 122.63 15.27
N ALA J 1227 28.01 122.13 14.34
CA ALA J 1227 28.45 120.73 14.38
C ALA J 1227 29.89 120.65 13.90
N ASP J 1228 30.68 119.80 14.56
CA ASP J 1228 32.11 119.72 14.31
C ASP J 1228 32.46 118.46 13.51
N ASP J 1229 33.77 118.23 13.35
CA ASP J 1229 34.23 117.06 12.61
C ASP J 1229 34.06 115.77 13.42
N ARG J 1230 34.04 115.87 14.75
CA ARG J 1230 33.98 114.70 15.61
C ARG J 1230 32.56 114.24 15.89
N SER J 1231 31.61 114.56 15.00
CA SER J 1231 30.20 114.17 15.12
C SER J 1231 29.57 114.71 16.39
N THR J 1232 30.07 115.82 16.91
CA THR J 1232 29.52 116.47 18.09
C THR J 1232 28.77 117.72 17.64
N ILE J 1233 27.54 117.86 18.12
CA ILE J 1233 26.66 118.97 17.76
C ILE J 1233 26.36 119.77 19.02
N THR J 1234 26.53 121.09 18.93
CA THR J 1234 26.26 122.00 20.03
C THR J 1234 25.23 123.04 19.59
N VAL J 1235 24.51 123.57 20.57
CA VAL J 1235 23.51 124.61 20.35
C VAL J 1235 23.88 125.81 21.21
N PHE J 1236 23.89 126.99 20.58
CA PHE J 1236 24.26 128.23 21.25
C PHE J 1236 23.08 129.20 21.24
N ASP J 1237 22.97 129.99 22.30
CA ASP J 1237 21.95 131.03 22.41
C ASP J 1237 22.67 132.37 22.29
N TRP J 1238 22.53 133.00 21.11
CA TRP J 1238 23.38 134.15 20.80
C TRP J 1238 23.04 135.38 21.64
N GLU J 1239 21.81 135.46 22.17
CA GLU J 1239 21.54 136.51 23.16
C GLU J 1239 22.30 136.26 24.46
N LYS J 1240 22.23 135.03 24.98
CA LYS J 1240 22.72 134.77 26.33
C LYS J 1240 24.16 134.26 26.33
N GLY J 1241 24.57 133.56 25.27
CA GLY J 1241 25.97 133.21 25.10
C GLY J 1241 26.48 132.01 25.84
N LYS J 1242 25.62 131.12 26.31
CA LYS J 1242 26.02 129.84 26.87
C LYS J 1242 25.42 128.71 26.06
N THR J 1243 26.10 127.57 26.05
CA THR J 1243 25.71 126.43 25.22
C THR J 1243 24.39 125.85 25.72
N LEU J 1244 23.42 125.74 24.82
CA LEU J 1244 22.16 125.11 25.19
C LEU J 1244 22.33 123.61 25.39
N SER J 1245 23.02 122.93 24.47
CA SER J 1245 23.24 121.50 24.58
C SER J 1245 24.47 121.11 23.78
N LYS J 1246 25.05 119.98 24.17
CA LYS J 1246 26.17 119.35 23.46
C LYS J 1246 25.89 117.86 23.43
N PHE J 1247 25.94 117.25 22.25
CA PHE J 1247 25.71 115.81 22.18
C PHE J 1247 26.51 115.20 21.04
N SER J 1248 27.03 114.00 21.28
CA SER J 1248 27.65 113.19 20.25
C SER J 1248 26.59 112.43 19.47
N ASN J 1249 26.86 112.20 18.19
CA ASN J 1249 25.95 111.43 17.36
C ASN J 1249 26.10 109.93 17.53
N GLY J 1250 27.18 109.48 18.17
CA GLY J 1250 27.43 108.06 18.35
C GLY J 1250 27.82 107.32 17.10
N THR J 1251 28.00 108.01 15.99
CA THR J 1251 28.33 107.38 14.72
C THR J 1251 29.74 106.78 14.80
N PRO J 1252 29.96 105.60 14.21
CA PRO J 1252 31.31 105.02 14.20
C PRO J 1252 32.32 105.92 13.51
N PHE J 1253 33.57 105.83 13.97
CA PHE J 1253 34.64 106.69 13.49
C PHE J 1253 34.93 106.43 12.01
N GLY J 1254 35.36 107.48 11.31
CA GLY J 1254 35.55 107.43 9.88
C GLY J 1254 34.46 108.13 9.09
N THR J 1255 33.48 108.71 9.76
CA THR J 1255 32.40 109.45 9.12
C THR J 1255 32.14 110.73 9.89
N LYS J 1256 31.62 111.73 9.19
CA LYS J 1256 31.34 113.04 9.76
C LYS J 1256 29.95 113.49 9.37
N VAL J 1257 29.31 114.24 10.26
CA VAL J 1257 28.00 114.79 9.96
C VAL J 1257 28.13 115.84 8.86
N THR J 1258 27.22 115.80 7.88
CA THR J 1258 27.41 116.53 6.64
C THR J 1258 26.33 117.54 6.30
N ASP J 1259 25.14 117.45 6.89
CA ASP J 1259 24.12 118.45 6.64
C ASP J 1259 23.25 118.61 7.88
N LEU J 1260 22.82 119.85 8.14
CA LEU J 1260 21.96 120.16 9.26
C LEU J 1260 20.77 120.97 8.76
N LYS J 1261 19.57 120.60 9.18
CA LYS J 1261 18.41 121.42 8.90
C LYS J 1261 17.36 121.22 9.98
N LEU J 1262 16.24 121.93 9.86
CA LEU J 1262 15.20 121.94 10.88
C LEU J 1262 13.84 121.67 10.26
N ILE J 1263 13.04 120.88 10.97
CA ILE J 1263 11.74 120.41 10.50
C ILE J 1263 10.67 120.94 11.44
N ASN J 1264 9.57 121.41 10.86
CA ASN J 1264 8.39 121.89 11.58
C ASN J 1264 8.76 123.03 12.54
N GLU J 1265 9.25 124.12 11.95
CA GLU J 1265 9.73 125.26 12.71
C GLU J 1265 8.61 126.20 13.14
N ASP J 1266 7.37 125.96 12.70
CA ASP J 1266 6.26 126.77 13.14
C ASP J 1266 5.97 126.56 14.62
N ASP J 1267 6.05 125.32 15.09
CA ASP J 1267 5.68 124.98 16.47
C ASP J 1267 6.84 124.46 17.29
N SER J 1268 7.56 123.43 16.81
CA SER J 1268 8.65 122.85 17.58
C SER J 1268 9.67 122.27 16.60
N ALA J 1269 10.85 122.86 16.56
CA ALA J 1269 11.87 122.48 15.59
C ALA J 1269 12.44 121.10 15.88
N LEU J 1270 12.67 120.33 14.82
CA LEU J 1270 13.31 119.02 14.90
C LEU J 1270 14.58 119.04 14.06
N LEU J 1271 15.67 118.51 14.61
CA LEU J 1271 16.98 118.64 14.00
C LEU J 1271 17.26 117.46 13.08
N LEU J 1272 17.39 117.72 11.79
CA LEU J 1272 17.77 116.74 10.79
C LEU J 1272 19.28 116.78 10.61
N THR J 1273 19.94 115.66 10.91
CA THR J 1273 21.40 115.54 10.91
C THR J 1273 21.81 114.50 9.88
N GLY J 1274 22.01 114.94 8.64
CA GLY J 1274 22.51 114.05 7.61
C GLY J 1274 23.99 113.76 7.77
N SER J 1275 24.33 112.49 7.89
CA SER J 1275 25.70 112.06 8.14
C SER J 1275 26.27 111.34 6.92
N SER J 1276 27.59 111.42 6.77
CA SER J 1276 28.28 110.96 5.56
C SER J 1276 28.20 109.46 5.32
N ASP J 1277 27.50 108.70 6.16
CA ASP J 1277 27.26 107.29 5.90
C ASP J 1277 25.80 107.01 5.52
N GLY J 1278 25.08 108.03 5.06
CA GLY J 1278 23.71 107.83 4.62
C GLY J 1278 22.69 107.72 5.74
N VAL J 1279 23.06 108.04 6.97
CA VAL J 1279 22.18 107.91 8.11
C VAL J 1279 21.51 109.25 8.35
N ILE J 1280 20.17 109.27 8.31
CA ILE J 1280 19.38 110.45 8.64
C ILE J 1280 18.72 110.21 9.98
N LYS J 1281 19.06 111.03 10.97
CA LYS J 1281 18.47 110.98 12.30
C LYS J 1281 17.70 112.25 12.56
N ILE J 1282 16.51 112.11 13.14
CA ILE J 1282 15.66 113.24 13.50
C ILE J 1282 15.61 113.33 15.02
N TYR J 1283 15.93 114.51 15.54
CA TYR J 1283 16.00 114.73 16.97
C TYR J 1283 14.86 115.63 17.43
N ARG J 1284 14.19 115.24 18.51
CA ARG J 1284 13.14 116.03 19.13
C ARG J 1284 13.59 116.48 20.51
N ASP J 1285 13.30 117.75 20.83
CA ASP J 1285 13.66 118.36 22.11
C ASP J 1285 15.17 118.29 22.30
N TYR J 1286 15.91 118.76 21.29
CA TYR J 1286 17.37 118.83 21.37
C TYR J 1286 17.85 120.03 22.17
N GLN J 1287 16.93 120.87 22.66
CA GLN J 1287 17.29 122.03 23.46
C GLN J 1287 17.92 121.65 24.78
N ASP J 1288 17.72 120.42 25.24
CA ASP J 1288 18.23 119.99 26.54
C ASP J 1288 18.91 118.63 26.43
N VAL J 1289 19.82 118.36 27.37
CA VAL J 1289 20.47 117.06 27.44
C VAL J 1289 19.65 116.09 28.27
N ASP J 1290 18.82 116.60 29.19
CA ASP J 1290 18.10 115.72 30.11
C ASP J 1290 17.02 114.91 29.39
N THR J 1291 16.22 115.56 28.55
CA THR J 1291 15.05 114.94 27.96
C THR J 1291 15.05 115.07 26.44
N PHE J 1292 16.18 114.74 25.81
CA PHE J 1292 16.24 114.69 24.37
C PHE J 1292 15.87 113.27 23.90
N LYS J 1293 15.02 113.19 22.87
CA LYS J 1293 14.55 111.92 22.35
C LYS J 1293 14.66 111.91 20.84
N ILE J 1294 15.29 110.88 20.30
CA ILE J 1294 15.36 110.68 18.86
C ILE J 1294 14.07 110.04 18.37
N VAL J 1295 13.54 110.54 17.26
CA VAL J 1295 12.25 110.07 16.77
C VAL J 1295 12.43 109.02 15.68
N SER J 1296 13.08 109.39 14.58
CA SER J 1296 13.23 108.48 13.45
C SER J 1296 14.66 108.53 12.94
N ALA J 1297 15.29 107.36 12.83
CA ALA J 1297 16.67 107.25 12.37
C ALA J 1297 16.73 106.14 11.33
N TRP J 1298 16.92 106.51 10.07
CA TRP J 1298 16.90 105.55 8.97
C TRP J 1298 18.10 105.76 8.06
N ARG J 1299 18.18 104.92 7.03
CA ARG J 1299 19.26 104.96 6.06
C ARG J 1299 18.78 105.69 4.81
N GLY J 1300 19.42 106.83 4.51
CA GLY J 1300 19.04 107.58 3.33
C GLY J 1300 19.58 106.97 2.05
N LEU J 1301 20.90 106.80 1.97
CA LEU J 1301 21.53 106.19 0.82
C LEU J 1301 22.32 104.98 1.26
N THR J 1302 22.36 103.97 0.40
CA THR J 1302 23.00 102.70 0.73
C THR J 1302 24.15 102.35 -0.20
N ASP J 1303 24.02 102.63 -1.50
CA ASP J 1303 25.06 102.31 -2.47
C ASP J 1303 26.18 103.35 -2.52
N MET J 1304 26.08 104.40 -1.72
CA MET J 1304 27.10 105.44 -1.71
C MET J 1304 28.42 104.90 -1.16
N LEU J 1305 29.52 105.36 -1.74
CA LEU J 1305 30.86 104.93 -1.34
C LEU J 1305 31.60 106.08 -0.67
N LEU J 1306 32.45 105.75 0.30
CA LEU J 1306 33.20 106.74 1.06
C LEU J 1306 34.50 107.06 0.33
N THR J 1307 34.46 108.09 -0.53
CA THR J 1307 35.68 108.55 -1.19
C THR J 1307 36.32 109.66 -0.36
N PRO J 1308 37.65 109.82 -0.46
CA PRO J 1308 38.32 110.91 0.27
C PRO J 1308 37.84 112.30 -0.14
N ARG J 1309 37.44 112.49 -1.40
CA ARG J 1309 36.98 113.78 -1.90
C ARG J 1309 35.46 113.87 -1.94
N SER J 1310 34.79 113.28 -0.97
CA SER J 1310 33.32 113.24 -0.95
C SER J 1310 32.76 114.40 -0.15
N THR J 1311 31.78 115.10 -0.72
CA THR J 1311 31.05 116.12 0.01
C THR J 1311 30.02 115.55 0.96
N GLY J 1312 29.70 114.26 0.84
CA GLY J 1312 28.80 113.61 1.77
C GLY J 1312 27.34 113.67 1.39
N LEU J 1313 26.47 113.66 2.39
CA LEU J 1313 25.03 113.65 2.18
C LEU J 1313 24.53 115.09 2.19
N LEU J 1314 23.99 115.54 1.05
CA LEU J 1314 23.39 116.87 0.93
C LEU J 1314 21.88 116.72 0.84
N THR J 1315 21.17 117.48 1.68
CA THR J 1315 19.72 117.40 1.77
C THR J 1315 19.10 118.78 1.52
N GLU J 1316 17.99 118.78 0.78
CA GLU J 1316 17.18 119.98 0.58
C GLU J 1316 15.74 119.61 0.86
N TRP J 1317 15.16 120.24 1.87
CA TRP J 1317 13.85 119.86 2.38
C TRP J 1317 12.82 120.95 2.10
N LEU J 1318 11.59 120.54 1.77
CA LEU J 1318 10.49 121.46 1.49
C LEU J 1318 9.36 121.21 2.47
N GLN J 1319 9.00 122.24 3.23
CA GLN J 1319 7.84 122.19 4.12
C GLN J 1319 6.52 122.26 3.37
N ILE J 1320 6.49 122.98 2.24
CA ILE J 1320 5.22 123.31 1.61
C ILE J 1320 4.55 122.07 1.03
N ARG J 1321 5.32 121.19 0.38
CA ARG J 1321 4.72 120.01 -0.22
C ARG J 1321 5.13 118.71 0.47
N GLY J 1322 6.33 118.64 1.06
CA GLY J 1322 6.66 117.53 1.93
C GLY J 1322 7.75 116.61 1.41
N SER J 1323 8.61 117.14 0.56
CA SER J 1323 9.64 116.37 -0.12
C SER J 1323 11.01 116.66 0.47
N LEU J 1324 11.76 115.59 0.74
CA LEU J 1324 13.15 115.66 1.15
C LEU J 1324 14.00 115.14 0.00
N LEU J 1325 14.75 116.04 -0.64
CA LEU J 1325 15.62 115.70 -1.75
C LEU J 1325 17.00 115.39 -1.20
N THR J 1326 17.45 114.14 -1.33
CA THR J 1326 18.75 113.74 -0.84
C THR J 1326 19.67 113.41 -2.01
N THR J 1327 20.95 113.72 -1.85
CA THR J 1327 21.94 113.52 -2.88
C THR J 1327 23.31 113.32 -2.24
N GLY J 1328 24.24 112.80 -3.04
CA GLY J 1328 25.58 112.53 -2.55
C GLY J 1328 26.52 112.01 -3.63
N ASP J 1329 27.27 110.96 -3.31
CA ASP J 1329 28.21 110.36 -4.24
C ASP J 1329 27.56 109.33 -5.17
N VAL J 1330 26.24 109.39 -5.33
CA VAL J 1330 25.52 108.54 -6.27
C VAL J 1330 24.99 109.41 -7.39
N LYS J 1331 24.79 108.80 -8.55
CA LYS J 1331 24.39 109.52 -9.75
C LYS J 1331 22.89 109.83 -9.79
N VAL J 1332 22.18 109.65 -8.68
CA VAL J 1332 20.73 109.82 -8.64
C VAL J 1332 20.36 110.69 -7.44
N ILE J 1333 19.53 111.69 -7.68
CA ILE J 1333 18.86 112.43 -6.61
C ILE J 1333 17.61 111.66 -6.22
N ARG J 1334 17.44 111.40 -4.93
CA ARG J 1334 16.32 110.60 -4.43
C ARG J 1334 15.37 111.49 -3.66
N VAL J 1335 14.07 111.32 -3.90
CA VAL J 1335 13.05 112.14 -3.25
C VAL J 1335 12.27 111.26 -2.27
N TRP J 1336 12.29 111.65 -1.00
CA TRP J 1336 11.47 111.01 0.01
C TRP J 1336 10.27 111.90 0.33
N ASP J 1337 9.18 111.27 0.72
CA ASP J 1337 8.01 111.96 1.25
C ASP J 1337 8.01 111.85 2.76
N ALA J 1338 7.77 112.96 3.45
CA ALA J 1338 7.71 112.91 4.90
C ALA J 1338 6.33 112.50 5.42
N HIS J 1339 5.44 112.05 4.54
CA HIS J 1339 4.11 111.62 4.94
C HIS J 1339 3.89 110.12 4.78
N THR J 1340 4.46 109.51 3.75
CA THR J 1340 4.31 108.09 3.51
C THR J 1340 5.55 107.28 3.86
N GLU J 1341 6.68 107.97 4.11
CA GLU J 1341 7.95 107.33 4.47
C GLU J 1341 8.36 106.27 3.46
N THR J 1342 8.28 106.62 2.19
CA THR J 1342 8.66 105.73 1.10
C THR J 1342 9.50 106.49 0.08
N VAL J 1343 10.29 105.73 -0.68
CA VAL J 1343 11.08 106.31 -1.77
C VAL J 1343 10.11 106.73 -2.87
N GLU J 1344 9.92 108.04 -3.05
CA GLU J 1344 8.92 108.52 -3.98
C GLU J 1344 9.38 108.41 -5.43
N VAL J 1345 10.48 109.07 -5.77
CA VAL J 1345 10.95 109.08 -7.15
C VAL J 1345 12.47 109.26 -7.17
N ASP J 1346 13.11 108.59 -8.13
CA ASP J 1346 14.54 108.68 -8.36
C ASP J 1346 14.77 109.41 -9.67
N ILE J 1347 15.59 110.46 -9.65
CA ILE J 1347 15.88 111.26 -10.82
C ILE J 1347 17.38 111.22 -11.08
N PRO J 1348 17.83 110.80 -12.24
CA PRO J 1348 19.27 110.72 -12.49
C PRO J 1348 19.88 112.09 -12.75
N ALA J 1349 21.22 112.13 -12.71
CA ALA J 1349 21.94 113.35 -13.01
C ALA J 1349 22.41 113.44 -14.45
N LYS J 1350 22.48 112.30 -15.16
CA LYS J 1350 22.98 112.22 -16.54
C LYS J 1350 24.38 112.80 -16.68
N THR J 1351 25.25 112.48 -15.73
CA THR J 1351 26.67 112.80 -15.81
C THR J 1351 27.42 111.93 -14.81
N SER J 1352 28.72 112.11 -14.73
CA SER J 1352 29.56 111.42 -13.76
C SER J 1352 30.27 112.37 -12.82
N SER J 1353 30.02 113.67 -12.92
CA SER J 1353 30.65 114.63 -12.04
C SER J 1353 30.01 114.59 -10.65
N LEU J 1354 30.76 115.08 -9.67
CA LEU J 1354 30.29 115.10 -8.30
C LEU J 1354 29.22 116.18 -8.12
N ILE J 1355 28.20 115.86 -7.33
CA ILE J 1355 27.09 116.77 -7.06
C ILE J 1355 27.44 117.62 -5.85
N THR J 1356 27.35 118.94 -6.00
CA THR J 1356 27.83 119.83 -4.95
C THR J 1356 26.86 120.94 -4.54
N SER J 1357 25.86 121.30 -5.35
CA SER J 1357 24.96 122.38 -4.95
C SER J 1357 23.54 122.08 -5.42
N LEU J 1358 22.69 121.71 -4.47
CA LEU J 1358 21.28 121.46 -4.75
C LEU J 1358 20.45 122.65 -4.29
N THR J 1359 19.52 123.09 -5.13
CA THR J 1359 18.71 124.24 -4.78
C THR J 1359 17.32 124.05 -5.37
N ALA J 1360 16.29 124.47 -4.64
CA ALA J 1360 14.93 124.32 -5.10
C ALA J 1360 14.12 125.55 -4.69
N ASP J 1361 12.99 125.74 -5.35
CA ASP J 1361 12.08 126.82 -4.97
C ASP J 1361 11.32 126.40 -3.72
N GLN J 1362 11.30 127.28 -2.72
CA GLN J 1362 10.64 126.94 -1.47
C GLN J 1362 9.13 126.96 -1.58
N LEU J 1363 8.56 127.70 -2.53
CA LEU J 1363 7.12 127.87 -2.59
C LEU J 1363 6.46 126.84 -3.51
N ALA J 1364 6.82 126.85 -4.80
CA ALA J 1364 6.17 125.94 -5.74
C ALA J 1364 6.64 124.50 -5.54
N GLY J 1365 7.95 124.30 -5.40
CA GLY J 1365 8.47 122.96 -5.21
C GLY J 1365 8.41 122.08 -6.43
N ASN J 1366 8.30 122.65 -7.62
CA ASN J 1366 8.20 121.88 -8.85
C ASN J 1366 9.47 121.90 -9.68
N ILE J 1367 10.42 122.77 -9.35
CA ILE J 1367 11.63 122.92 -10.14
C ILE J 1367 12.83 122.96 -9.19
N PHE J 1368 13.94 122.37 -9.62
CA PHE J 1368 15.15 122.46 -8.80
C PHE J 1368 16.40 122.36 -9.66
N VAL J 1369 17.44 123.07 -9.25
CA VAL J 1369 18.67 123.22 -10.01
C VAL J 1369 19.80 122.52 -9.26
N ALA J 1370 20.58 121.73 -9.98
CA ALA J 1370 21.73 121.04 -9.44
C ALA J 1370 23.01 121.52 -10.13
N GLY J 1371 23.95 122.02 -9.34
CA GLY J 1371 25.27 122.39 -9.84
C GLY J 1371 26.29 121.38 -9.39
N PHE J 1372 27.19 121.03 -10.30
CA PHE J 1372 28.08 119.89 -10.15
C PHE J 1372 29.53 120.38 -9.99
N ALA J 1373 30.44 119.43 -9.87
CA ALA J 1373 31.85 119.76 -9.70
C ALA J 1373 32.48 120.25 -11.00
N ASP J 1374 31.98 119.78 -12.14
CA ASP J 1374 32.50 120.19 -13.44
C ASP J 1374 31.91 121.49 -13.94
N GLY J 1375 31.24 122.24 -13.07
CA GLY J 1375 30.65 123.50 -13.46
C GLY J 1375 29.34 123.38 -14.23
N SER J 1376 28.70 122.22 -14.21
CA SER J 1376 27.45 122.02 -14.93
C SER J 1376 26.28 122.37 -14.03
N LEU J 1377 25.35 123.17 -14.56
CA LEU J 1377 24.18 123.66 -13.83
C LEU J 1377 22.94 123.19 -14.57
N ARG J 1378 22.27 122.19 -14.02
CA ARG J 1378 21.18 121.52 -14.71
C ARG J 1378 19.85 121.82 -14.03
N VAL J 1379 18.83 122.03 -14.85
CA VAL J 1379 17.49 122.39 -14.40
C VAL J 1379 16.63 121.13 -14.45
N TYR J 1380 15.92 120.85 -13.34
CA TYR J 1380 15.27 119.57 -13.13
C TYR J 1380 13.81 119.82 -12.79
N ASP J 1381 12.91 119.32 -13.63
CA ASP J 1381 11.48 119.53 -13.46
C ASP J 1381 10.87 118.29 -12.82
N ARG J 1382 9.96 118.52 -11.86
CA ARG J 1382 9.36 117.42 -11.11
C ARG J 1382 8.01 117.00 -11.66
N ARG J 1383 7.36 117.86 -12.46
CA ARG J 1383 6.10 117.49 -13.07
C ARG J 1383 6.29 116.59 -14.30
N LEU J 1384 7.53 116.40 -14.74
CA LEU J 1384 7.84 115.53 -15.86
C LEU J 1384 8.57 114.28 -15.34
N ASP J 1385 8.69 113.31 -16.24
CA ASP J 1385 9.31 112.04 -15.89
C ASP J 1385 10.81 112.21 -15.63
N PRO J 1386 11.40 111.34 -14.82
CA PRO J 1386 12.86 111.42 -14.59
C PRO J 1386 13.70 111.22 -15.84
N ARG J 1387 13.28 110.38 -16.78
CA ARG J 1387 14.09 110.12 -17.96
C ARG J 1387 14.19 111.32 -18.88
N ASP J 1388 13.25 112.25 -18.79
CA ASP J 1388 13.26 113.51 -19.54
C ASP J 1388 13.00 114.68 -18.61
N SER J 1389 13.63 114.64 -17.43
CA SER J 1389 13.57 115.75 -16.47
C SER J 1389 14.39 116.93 -16.93
N MET J 1390 15.10 116.81 -18.05
CA MET J 1390 15.95 117.87 -18.56
C MET J 1390 15.13 119.09 -18.95
N ILE J 1391 15.64 120.27 -18.59
CA ILE J 1391 15.11 121.53 -19.12
C ILE J 1391 16.27 122.28 -19.77
N ARG J 1392 17.24 122.69 -18.96
CA ARG J 1392 18.39 123.44 -19.47
C ARG J 1392 19.66 122.96 -18.80
N ARG J 1393 20.72 122.87 -19.60
CA ARG J 1393 22.06 122.57 -19.15
C ARG J 1393 22.91 123.82 -19.34
N TRP J 1394 23.60 124.25 -18.29
CA TRP J 1394 24.40 125.46 -18.28
C TRP J 1394 25.81 125.14 -17.78
N ARG J 1395 26.74 126.06 -18.07
CA ARG J 1395 28.11 125.98 -17.60
C ARG J 1395 28.47 127.25 -16.85
N ALA J 1396 29.15 127.09 -15.72
CA ALA J 1396 29.59 128.23 -14.90
C ALA J 1396 30.77 128.91 -15.58
N GLY J 1397 30.52 130.09 -16.14
CA GLY J 1397 31.57 130.86 -16.78
C GLY J 1397 31.86 130.39 -18.20
N ASN J 1398 32.70 131.17 -18.88
CA ASN J 1398 33.09 130.88 -20.25
C ASN J 1398 34.37 130.06 -20.33
N ASP J 1399 35.01 129.77 -19.21
CA ASP J 1399 36.23 128.98 -19.22
C ASP J 1399 35.91 127.53 -19.52
N LYS J 1400 36.74 126.92 -20.39
CA LYS J 1400 36.53 125.52 -20.75
C LYS J 1400 36.94 124.57 -19.64
N GLN J 1401 37.76 125.02 -18.69
CA GLN J 1401 38.16 124.16 -17.59
C GLN J 1401 37.00 123.96 -16.62
N GLY J 1402 36.94 122.77 -16.03
CA GLY J 1402 35.92 122.48 -15.04
C GLY J 1402 36.14 123.23 -13.74
N VAL J 1403 35.22 124.15 -13.43
CA VAL J 1403 35.33 124.99 -12.24
C VAL J 1403 34.44 124.41 -11.15
N TRP J 1404 35.00 124.23 -9.96
CA TRP J 1404 34.23 123.77 -8.83
C TRP J 1404 33.24 124.84 -8.39
N ILE J 1405 32.05 124.40 -7.98
CA ILE J 1405 31.00 125.30 -7.50
C ILE J 1405 30.85 125.08 -6.01
N ASN J 1406 30.90 126.16 -5.24
CA ASN J 1406 30.84 126.04 -3.78
C ASN J 1406 29.40 125.87 -3.30
N ASN J 1407 28.56 126.89 -3.54
CA ASN J 1407 27.18 126.83 -3.11
C ASN J 1407 26.30 127.56 -4.11
N VAL J 1408 25.07 127.07 -4.27
CA VAL J 1408 24.03 127.74 -5.03
C VAL J 1408 22.78 127.81 -4.15
N HIS J 1409 22.22 129.01 -4.02
CA HIS J 1409 21.05 129.22 -3.18
C HIS J 1409 19.96 129.93 -3.98
N LEU J 1410 18.76 129.95 -3.41
CA LEU J 1410 17.65 130.72 -3.96
C LEU J 1410 16.97 131.46 -2.82
N GLN J 1411 16.64 132.72 -3.07
CA GLN J 1411 15.99 133.54 -2.05
C GLN J 1411 14.59 133.03 -1.77
N ARG J 1412 14.16 133.13 -0.51
CA ARG J 1412 12.77 132.82 -0.17
C ARG J 1412 11.89 134.04 -0.36
N GLY J 1413 12.39 135.23 0.00
CA GLY J 1413 11.69 136.47 -0.20
C GLY J 1413 12.32 137.32 -1.29
N GLY J 1414 11.86 138.57 -1.36
CA GLY J 1414 12.36 139.47 -2.39
C GLY J 1414 11.91 139.03 -3.77
N TYR J 1415 12.76 139.29 -4.76
CA TYR J 1415 12.47 138.92 -6.14
C TYR J 1415 12.89 137.50 -6.47
N ARG J 1416 13.55 136.80 -5.53
CA ARG J 1416 13.98 135.41 -5.68
C ARG J 1416 14.88 135.23 -6.91
N GLU J 1417 16.02 135.92 -6.87
CA GLU J 1417 17.00 135.83 -7.95
C GLU J 1417 17.94 134.66 -7.67
N LEU J 1418 18.05 133.75 -8.64
CA LEU J 1418 18.92 132.59 -8.51
C LEU J 1418 20.38 133.04 -8.60
N VAL J 1419 21.17 132.67 -7.60
CA VAL J 1419 22.55 133.12 -7.49
C VAL J 1419 23.45 131.89 -7.41
N SER J 1420 24.51 131.91 -8.21
CA SER J 1420 25.53 130.87 -8.21
C SER J 1420 26.90 131.48 -7.92
N GLY J 1421 27.81 130.64 -7.46
CA GLY J 1421 29.17 131.10 -7.18
C GLY J 1421 30.23 130.09 -7.55
N ALA J 1422 31.34 130.55 -8.12
CA ALA J 1422 32.42 129.66 -8.53
C ALA J 1422 33.66 129.90 -7.69
N THR J 1423 34.59 128.95 -7.74
CA THR J 1423 35.80 129.00 -6.93
C THR J 1423 36.80 130.05 -7.40
N ASN J 1424 36.61 130.64 -8.57
CA ASN J 1424 37.48 131.71 -9.04
C ASN J 1424 37.06 133.07 -8.51
N GLY J 1425 35.99 133.13 -7.72
CA GLY J 1425 35.52 134.38 -7.15
C GLY J 1425 34.40 135.05 -7.91
N VAL J 1426 33.83 134.39 -8.91
CA VAL J 1426 32.80 134.98 -9.75
C VAL J 1426 31.43 134.54 -9.25
N VAL J 1427 30.56 135.51 -8.99
CA VAL J 1427 29.21 135.29 -8.49
C VAL J 1427 28.23 135.76 -9.55
N GLU J 1428 27.25 134.93 -9.86
CA GLU J 1428 26.36 135.12 -10.98
C GLU J 1428 24.91 135.14 -10.50
N LEU J 1429 24.07 135.85 -11.25
CA LEU J 1429 22.63 135.83 -11.07
C LEU J 1429 22.00 135.43 -12.39
N TRP J 1430 21.07 134.47 -12.35
CA TRP J 1430 20.63 133.83 -13.56
C TRP J 1430 19.13 134.00 -13.76
N ASP J 1431 18.63 133.47 -14.87
CA ASP J 1431 17.21 133.40 -15.17
C ASP J 1431 16.87 131.98 -15.61
N ILE J 1432 15.83 131.40 -15.00
CA ILE J 1432 15.42 130.04 -15.34
C ILE J 1432 14.82 130.01 -16.74
N ARG J 1433 13.93 130.94 -17.06
CA ARG J 1433 13.27 130.94 -18.35
C ARG J 1433 14.18 131.39 -19.49
N SER J 1434 15.35 131.94 -19.17
CA SER J 1434 16.33 132.33 -20.17
C SER J 1434 17.52 131.38 -20.13
N GLU J 1435 18.51 131.68 -20.96
CA GLU J 1435 19.72 130.86 -21.06
C GLU J 1435 20.98 131.57 -20.57
N ASP J 1436 21.17 132.84 -20.95
CA ASP J 1436 22.37 133.58 -20.58
C ASP J 1436 22.23 134.15 -19.16
N PRO J 1437 23.34 134.23 -18.42
CA PRO J 1437 23.30 134.85 -17.10
C PRO J 1437 22.93 136.31 -17.18
N VAL J 1438 22.13 136.77 -16.21
CA VAL J 1438 21.68 138.16 -16.19
C VAL J 1438 22.84 139.09 -15.85
N GLU J 1439 23.62 138.74 -14.83
CA GLU J 1439 24.72 139.59 -14.39
C GLU J 1439 25.72 138.74 -13.62
N SER J 1440 26.99 138.83 -14.01
CA SER J 1440 28.06 138.09 -13.37
C SER J 1440 29.17 139.05 -12.99
N PHE J 1441 29.60 139.01 -11.74
CA PHE J 1441 30.64 139.91 -11.25
C PHE J 1441 31.59 139.17 -10.34
N VAL J 1442 32.83 139.64 -10.27
CA VAL J 1442 33.82 139.03 -9.40
C VAL J 1442 33.47 139.27 -7.93
N THR J 1458 40.55 132.48 -4.53
CA THR J 1458 39.87 131.23 -4.23
C THR J 1458 38.92 131.40 -3.03
N MET J 1459 37.68 131.76 -3.33
CA MET J 1459 36.68 131.93 -2.28
C MET J 1459 36.30 130.60 -1.66
N THR J 1460 35.95 130.64 -0.37
CA THR J 1460 35.74 129.43 0.40
C THR J 1460 34.28 128.96 0.38
N CYS J 1461 33.34 129.83 0.72
CA CYS J 1461 31.95 129.43 0.84
C CYS J 1461 31.05 130.56 0.37
N MET J 1462 29.84 130.18 -0.07
CA MET J 1462 28.87 131.09 -0.66
C MET J 1462 27.53 130.94 0.04
N GLN J 1463 26.84 132.05 0.24
CA GLN J 1463 25.46 132.04 0.71
C GLN J 1463 24.80 133.36 0.35
N VAL J 1464 23.50 133.28 0.10
CA VAL J 1464 22.67 134.45 -0.20
C VAL J 1464 21.51 134.46 0.76
N HIS J 1465 21.21 135.63 1.33
CA HIS J 1465 20.09 135.75 2.26
C HIS J 1465 18.77 135.46 1.54
N GLU J 1466 17.89 134.74 2.23
CA GLU J 1466 16.63 134.31 1.62
C GLU J 1466 15.67 135.48 1.37
N HIS J 1467 15.84 136.59 2.08
CA HIS J 1467 14.92 137.71 1.95
C HIS J 1467 15.57 138.95 1.37
N ALA J 1468 16.65 139.44 1.98
CA ALA J 1468 17.28 140.67 1.50
C ALA J 1468 18.13 140.39 0.26
N PRO J 1469 18.20 141.36 -0.66
CA PRO J 1469 18.99 141.16 -1.91
C PRO J 1469 20.46 141.56 -1.77
N ILE J 1470 21.23 140.75 -1.05
CA ILE J 1470 22.66 140.96 -0.92
C ILE J 1470 23.36 139.64 -1.22
N ILE J 1471 24.67 139.74 -1.48
CA ILE J 1471 25.52 138.57 -1.66
C ILE J 1471 26.76 138.73 -0.80
N ALA J 1472 26.96 137.80 0.13
CA ALA J 1472 28.12 137.82 1.00
C ALA J 1472 29.07 136.69 0.61
N THR J 1473 30.35 137.01 0.53
CA THR J 1473 31.35 136.02 0.13
C THR J 1473 32.11 135.50 1.34
N GLY J 1474 32.58 134.26 1.23
CA GLY J 1474 33.47 133.70 2.21
C GLY J 1474 34.90 133.71 1.72
N THR J 1475 35.69 134.67 2.20
CA THR J 1475 37.08 134.84 1.76
C THR J 1475 37.93 135.09 3.00
N LYS J 1476 39.17 135.53 2.76
CA LYS J 1476 40.01 135.97 3.88
C LYS J 1476 39.42 137.19 4.57
N GLN J 1477 38.76 138.06 3.81
CA GLN J 1477 38.02 139.19 4.35
C GLN J 1477 36.57 139.06 3.92
N ILE J 1478 35.66 139.16 4.89
CA ILE J 1478 34.24 139.06 4.59
C ILE J 1478 33.79 140.30 3.84
N LYS J 1479 33.17 140.10 2.68
CA LYS J 1479 32.72 141.20 1.85
C LYS J 1479 31.27 140.97 1.44
N ILE J 1480 30.52 142.07 1.34
CA ILE J 1480 29.09 142.04 1.07
C ILE J 1480 28.79 142.99 -0.08
N TRP J 1481 28.18 142.46 -1.13
CA TRP J 1481 27.66 143.18 -2.29
C TRP J 1481 26.14 143.22 -2.24
N THR J 1482 25.56 143.98 -3.16
CA THR J 1482 24.16 143.84 -3.49
C THR J 1482 23.99 142.69 -4.49
N THR J 1483 22.76 142.51 -4.99
CA THR J 1483 22.56 141.52 -6.03
C THR J 1483 23.10 141.98 -7.38
N SER J 1484 23.12 143.27 -7.64
CA SER J 1484 23.57 143.78 -8.93
C SER J 1484 25.09 143.92 -9.01
N GLY J 1485 25.81 143.57 -7.94
CA GLY J 1485 27.25 143.67 -7.91
C GLY J 1485 27.79 144.93 -7.27
N ASP J 1486 26.92 145.77 -6.71
CA ASP J 1486 27.37 146.99 -6.05
C ASP J 1486 27.87 146.66 -4.64
N LEU J 1487 29.04 147.18 -4.30
CA LEU J 1487 29.64 146.89 -3.00
C LEU J 1487 28.81 147.48 -1.86
N LEU J 1488 28.80 146.76 -0.74
CA LEU J 1488 28.18 147.27 0.47
C LEU J 1488 29.17 147.38 1.63
N ASN J 1489 29.95 146.33 1.90
CA ASN J 1489 30.86 146.40 3.04
C ASN J 1489 32.00 145.41 2.86
N SER J 1490 33.05 145.60 3.65
CA SER J 1490 34.18 144.68 3.67
C SER J 1490 34.92 144.85 4.99
N PHE J 1491 35.22 143.74 5.65
CA PHE J 1491 35.95 143.77 6.92
C PHE J 1491 36.59 142.41 7.15
N LYS J 1492 37.61 142.39 7.99
CA LYS J 1492 38.31 141.16 8.34
C LYS J 1492 37.74 140.59 9.63
N ASN J 1493 37.37 139.31 9.60
CA ASN J 1493 36.89 138.60 10.79
C ASN J 1493 38.09 138.23 11.64
N SER J 1494 38.56 139.20 12.42
CA SER J 1494 39.72 139.01 13.28
C SER J 1494 39.39 138.10 14.46
N ALA J 1520 43.98 134.35 7.71
CA ALA J 1520 43.54 132.98 7.45
C ALA J 1520 42.19 132.98 6.74
N PHE J 1521 41.73 131.79 6.35
CA PHE J 1521 40.45 131.66 5.67
C PHE J 1521 39.33 131.37 6.67
N LEU J 1522 38.11 131.69 6.26
CA LEU J 1522 36.94 131.43 7.09
C LEU J 1522 36.67 129.93 7.18
N SER J 1523 36.19 129.49 8.34
CA SER J 1523 35.70 128.12 8.48
C SER J 1523 34.21 128.03 8.19
N SER J 1524 33.44 129.04 8.57
CA SER J 1524 31.99 128.99 8.40
C SER J 1524 31.42 130.41 8.35
N MET J 1525 30.29 130.53 7.67
CA MET J 1525 29.43 131.70 7.76
C MET J 1525 28.00 131.26 7.53
N ALA J 1526 27.06 132.04 8.07
CA ALA J 1526 25.67 131.62 8.10
C ALA J 1526 24.76 132.83 8.15
N PHE J 1527 23.73 132.83 7.31
CA PHE J 1527 22.72 133.88 7.30
C PHE J 1527 21.63 133.59 8.34
N HIS J 1528 20.99 134.65 8.80
CA HIS J 1528 19.76 134.51 9.57
C HIS J 1528 18.58 134.94 8.70
N PRO J 1529 17.56 134.11 8.54
CA PRO J 1529 16.50 134.41 7.57
C PRO J 1529 15.64 135.63 7.88
N HIS J 1530 15.04 135.69 9.07
CA HIS J 1530 14.13 136.79 9.38
C HIS J 1530 14.88 138.01 9.89
N ARG J 1531 15.51 137.89 11.05
CA ARG J 1531 16.38 138.97 11.53
C ARG J 1531 17.68 138.97 10.75
N MET J 1532 18.34 140.12 10.69
CA MET J 1532 19.41 140.35 9.73
C MET J 1532 20.77 140.19 10.41
N MET J 1533 21.29 138.96 10.40
CA MET J 1533 22.62 138.69 10.95
C MET J 1533 23.36 137.70 10.07
N ILE J 1534 24.68 137.73 10.18
CA ILE J 1534 25.55 136.69 9.63
C ILE J 1534 26.57 136.31 10.69
N ALA J 1535 26.68 135.01 10.97
CA ALA J 1535 27.71 134.49 11.85
C ALA J 1535 28.86 133.96 11.01
N ALA J 1536 30.05 133.92 11.62
CA ALA J 1536 31.24 133.48 10.89
C ALA J 1536 32.29 132.98 11.88
N THR J 1537 33.23 132.21 11.34
CA THR J 1537 34.38 131.72 12.09
C THR J 1537 35.48 131.30 11.12
N ASN J 1538 36.72 131.36 11.60
CA ASN J 1538 37.91 131.07 10.80
C ASN J 1538 38.42 129.66 11.06
N SER J 1539 39.15 129.14 10.08
CA SER J 1539 39.66 127.78 10.15
C SER J 1539 40.78 127.67 11.19
N HIS J 1540 41.03 126.41 11.62
CA HIS J 1540 42.03 126.08 12.62
C HIS J 1540 41.81 126.85 13.92
N ASP J 1541 40.56 127.14 14.24
CA ASP J 1541 40.20 127.88 15.44
C ASP J 1541 38.74 127.57 15.77
N SER J 1542 38.40 127.70 17.05
CA SER J 1542 37.06 127.39 17.54
C SER J 1542 36.36 128.63 18.10
N ILE J 1543 36.55 129.78 17.46
CA ILE J 1543 35.97 131.05 17.90
C ILE J 1543 35.01 131.54 16.82
N VAL J 1544 33.78 131.82 17.23
CA VAL J 1544 32.71 132.21 16.32
C VAL J 1544 32.24 133.61 16.69
N ASN J 1545 32.15 134.49 15.70
CA ASN J 1545 31.69 135.86 15.88
C ASN J 1545 30.51 136.14 14.96
N ILE J 1546 29.50 136.83 15.49
CA ILE J 1546 28.28 137.11 14.76
C ILE J 1546 28.16 138.62 14.57
N TYR J 1547 27.69 139.03 13.39
CA TYR J 1547 27.56 140.44 13.06
C TYR J 1547 26.11 140.73 12.65
N LYS J 1548 25.66 141.93 12.98
CA LYS J 1548 24.30 142.39 12.71
C LYS J 1548 24.35 143.76 12.05
N CYS J 1549 23.47 143.98 11.08
CA CYS J 1549 23.38 145.27 10.42
C CYS J 1549 22.91 146.34 11.39
N GLU J 1550 23.53 147.52 11.31
CA GLU J 1550 23.17 148.64 12.15
C GLU J 1550 23.32 149.93 11.37
N ASP J 1551 22.64 150.97 11.83
CA ASP J 1551 22.69 152.27 11.17
C ASP J 1551 23.99 153.00 11.49
N ILE K 901 -87.00 103.31 85.74
CA ILE K 901 -86.36 102.09 85.27
C ILE K 901 -85.73 101.34 86.44
N ASP K 902 -84.87 102.03 87.19
CA ASP K 902 -84.17 101.46 88.33
C ASP K 902 -84.88 101.92 89.60
N ILE K 903 -85.51 100.98 90.31
CA ILE K 903 -86.23 101.31 91.53
C ILE K 903 -85.27 101.74 92.63
N ALA K 904 -84.20 100.97 92.84
CA ALA K 904 -83.21 101.29 93.84
C ALA K 904 -81.82 101.05 93.26
N LEU K 905 -80.84 101.80 93.76
CA LEU K 905 -79.48 101.74 93.26
C LEU K 905 -78.65 100.61 93.87
N LEU K 906 -79.31 99.58 94.39
CA LEU K 906 -78.64 98.36 94.82
C LEU K 906 -78.77 97.24 93.81
N MET K 907 -79.41 97.50 92.67
CA MET K 907 -79.65 96.47 91.67
C MET K 907 -78.36 96.05 90.98
N GLN K 908 -77.41 96.97 90.82
CA GLN K 908 -76.20 96.69 90.06
C GLN K 908 -75.27 95.71 90.75
N GLY K 909 -75.53 95.35 92.00
CA GLY K 909 -74.77 94.32 92.67
C GLY K 909 -75.19 92.90 92.37
N VAL K 910 -76.14 92.70 91.47
CA VAL K 910 -76.71 91.38 91.23
C VAL K 910 -75.93 90.66 90.14
N SER K 911 -75.89 91.25 88.95
CA SER K 911 -75.26 90.57 87.81
C SER K 911 -73.75 90.33 87.97
N PRO K 912 -72.92 91.30 88.39
CA PRO K 912 -71.49 90.99 88.53
C PRO K 912 -71.12 90.33 89.84
N SER K 913 -69.83 90.12 90.05
CA SER K 913 -69.29 89.49 91.25
C SER K 913 -68.99 90.56 92.30
N ASN K 914 -68.26 90.18 93.34
CA ASN K 914 -67.97 91.08 94.46
C ASN K 914 -66.48 91.31 94.67
N ASP K 915 -65.66 91.14 93.63
CA ASP K 915 -64.22 91.35 93.74
C ASP K 915 -63.78 92.68 93.15
N GLU K 916 -64.11 92.95 91.89
CA GLU K 916 -63.86 94.25 91.28
C GLU K 916 -65.03 95.20 91.45
N TYR K 917 -66.07 94.78 92.19
CA TYR K 917 -67.31 95.55 92.26
C TYR K 917 -67.11 96.89 92.99
N TYR K 918 -66.28 96.91 94.04
CA TYR K 918 -66.18 98.11 94.87
C TYR K 918 -65.69 99.34 94.11
N PRO K 919 -64.59 99.31 93.34
CA PRO K 919 -64.26 100.51 92.55
C PRO K 919 -65.32 100.86 91.53
N THR K 920 -65.99 99.87 90.94
CA THR K 920 -67.03 100.15 89.96
C THR K 920 -68.21 100.88 90.59
N VAL K 921 -68.67 100.40 91.75
CA VAL K 921 -69.81 101.03 92.40
C VAL K 921 -69.43 102.42 92.91
N VAL K 922 -68.20 102.59 93.42
CA VAL K 922 -67.75 103.91 93.83
C VAL K 922 -67.71 104.87 92.64
N ILE K 923 -67.24 104.39 91.49
CA ILE K 923 -67.09 105.25 90.32
C ILE K 923 -68.46 105.67 89.79
N HIS K 924 -69.38 104.73 89.59
CA HIS K 924 -70.62 105.19 89.00
C HIS K 924 -71.62 105.68 90.05
N ASN K 925 -71.23 105.71 91.34
CA ASN K 925 -71.96 106.49 92.32
C ASN K 925 -71.42 107.91 92.46
N LEU K 926 -70.11 108.10 92.31
CA LEU K 926 -69.50 109.42 92.42
C LEU K 926 -69.35 110.13 91.08
N MET K 927 -69.83 109.54 89.98
CA MET K 927 -69.82 110.30 88.74
C MET K 927 -70.98 111.29 88.64
N LYS K 928 -71.81 111.40 89.67
CA LYS K 928 -72.98 112.27 89.66
C LYS K 928 -72.71 113.66 90.21
N ILE K 929 -71.46 113.99 90.51
CA ILE K 929 -71.11 115.33 91.00
C ILE K 929 -71.28 116.42 89.95
N LEU K 930 -71.59 116.03 88.70
CA LEU K 930 -71.66 116.96 87.59
C LEU K 930 -72.72 118.04 87.77
N ASN K 931 -73.70 117.84 88.65
CA ASN K 931 -74.73 118.86 88.79
C ASN K 931 -74.30 119.95 89.78
N ASP K 932 -75.02 121.07 89.71
CA ASP K 932 -74.61 122.30 90.40
C ASP K 932 -74.53 122.19 91.92
N PRO K 933 -75.52 121.62 92.64
CA PRO K 933 -75.35 121.55 94.11
C PRO K 933 -74.18 120.69 94.54
N SER K 934 -73.91 119.58 93.83
CA SER K 934 -72.77 118.75 94.19
C SER K 934 -71.46 119.46 93.89
N LEU K 935 -71.39 120.17 92.75
CA LEU K 935 -70.19 120.97 92.48
C LEU K 935 -70.00 122.06 93.52
N SER K 936 -71.09 122.64 94.01
CA SER K 936 -70.99 123.70 95.01
C SER K 936 -70.53 123.15 96.36
N ILE K 937 -71.02 121.98 96.75
CA ILE K 937 -70.67 121.42 98.05
C ILE K 937 -69.36 120.63 98.04
N HIS K 938 -68.85 120.27 96.87
CA HIS K 938 -67.59 119.53 96.78
C HIS K 938 -66.85 119.99 95.53
N HIS K 939 -65.72 120.67 95.73
CA HIS K 939 -64.89 121.16 94.65
C HIS K 939 -63.60 120.38 94.50
N THR K 940 -62.82 120.26 95.58
CA THR K 940 -61.55 119.52 95.53
C THR K 940 -61.77 118.03 95.79
N ALA K 941 -62.31 117.70 96.96
CA ALA K 941 -62.49 116.32 97.39
C ALA K 941 -63.51 115.56 96.55
N ALA K 942 -64.27 116.26 95.70
CA ALA K 942 -65.18 115.58 94.78
C ALA K 942 -64.43 114.67 93.82
N ILE K 943 -63.31 115.14 93.28
CA ILE K 943 -62.66 114.44 92.17
C ILE K 943 -61.25 114.05 92.55
N GLN K 944 -60.62 114.77 93.50
CA GLN K 944 -59.28 114.35 93.89
C GLN K 944 -59.29 113.01 94.59
N ALA K 945 -60.44 112.61 95.14
CA ALA K 945 -60.59 111.25 95.64
C ALA K 945 -60.43 110.23 94.52
N ILE K 946 -61.05 110.48 93.37
CA ILE K 946 -60.92 109.49 92.30
C ILE K 946 -59.54 109.55 91.67
N MET K 947 -58.91 110.73 91.61
CA MET K 947 -57.50 110.70 91.19
C MET K 947 -56.59 110.00 92.21
N HIS K 948 -56.92 110.07 93.51
CA HIS K 948 -56.11 109.36 94.49
C HIS K 948 -56.27 107.85 94.35
N ILE K 949 -57.50 107.38 94.13
CA ILE K 949 -57.67 105.95 93.90
C ILE K 949 -57.06 105.55 92.55
N PHE K 950 -57.03 106.46 91.58
CA PHE K 950 -56.34 106.19 90.33
C PHE K 950 -54.85 106.05 90.53
N GLN K 951 -54.27 106.90 91.39
CA GLN K 951 -52.87 106.80 91.73
C GLN K 951 -52.59 105.49 92.46
N ASN K 952 -53.53 105.05 93.30
CA ASN K 952 -53.37 103.77 93.98
C ASN K 952 -53.40 102.60 92.99
N LEU K 953 -54.35 102.61 92.06
CA LEU K 953 -54.53 101.46 91.17
C LEU K 953 -53.47 101.40 90.07
N GLY K 954 -53.04 102.56 89.55
CA GLY K 954 -52.10 102.57 88.45
C GLY K 954 -52.74 102.82 87.10
N LEU K 955 -52.86 101.78 86.27
CA LEU K 955 -53.38 101.89 84.90
C LEU K 955 -54.56 100.96 84.74
N ARG K 956 -55.75 101.44 85.13
CA ARG K 956 -56.99 100.70 84.91
C ARG K 956 -58.10 101.68 84.50
N CYS K 957 -57.77 102.95 84.27
CA CYS K 957 -58.75 104.01 84.04
C CYS K 957 -59.58 103.80 82.78
N VAL K 958 -59.16 102.91 81.88
CA VAL K 958 -59.82 102.74 80.59
C VAL K 958 -61.27 102.28 80.71
N SER K 959 -61.65 101.74 81.87
CA SER K 959 -63.03 101.32 82.08
C SER K 959 -63.99 102.50 82.08
N PHE K 960 -63.61 103.62 82.71
CA PHE K 960 -64.54 104.73 82.88
C PHE K 960 -64.01 106.08 82.44
N LEU K 961 -62.83 106.16 81.82
CA LEU K 961 -62.28 107.46 81.44
C LEU K 961 -63.15 108.12 80.38
N ASP K 962 -63.67 107.33 79.44
CA ASP K 962 -64.36 107.90 78.30
C ASP K 962 -65.68 108.59 78.66
N GLN K 963 -66.17 108.43 79.90
CA GLN K 963 -67.23 109.29 80.37
C GLN K 963 -66.94 109.99 81.69
N ILE K 964 -65.74 109.86 82.26
CA ILE K 964 -65.39 110.78 83.35
C ILE K 964 -64.59 112.00 82.90
N ILE K 965 -63.86 111.91 81.79
CA ILE K 965 -63.25 113.11 81.21
C ILE K 965 -64.31 114.11 80.76
N PRO K 966 -65.36 113.73 80.02
CA PRO K 966 -66.34 114.76 79.61
C PRO K 966 -67.03 115.47 80.77
N GLY K 967 -67.06 114.87 81.96
CA GLY K 967 -67.58 115.59 83.12
C GLY K 967 -66.78 116.84 83.44
N ILE K 968 -65.45 116.70 83.54
CA ILE K 968 -64.64 117.87 83.84
C ILE K 968 -64.55 118.79 82.62
N ILE K 969 -64.68 118.23 81.41
CA ILE K 969 -64.72 119.06 80.22
C ILE K 969 -65.95 119.97 80.22
N LEU K 970 -67.10 119.43 80.62
CA LEU K 970 -68.29 120.27 80.77
C LEU K 970 -68.20 121.20 81.97
N VAL K 971 -67.46 120.80 83.01
CA VAL K 971 -67.21 121.70 84.15
C VAL K 971 -66.43 122.93 83.69
N MET K 972 -65.53 122.74 82.71
CA MET K 972 -64.76 123.86 82.16
C MET K 972 -65.66 125.02 81.72
N ARG K 973 -66.80 124.72 81.09
CA ARG K 973 -67.78 125.77 80.78
C ARG K 973 -68.63 126.10 81.99
N SER K 974 -69.12 125.08 82.71
CA SER K 974 -70.00 125.33 83.85
C SER K 974 -69.21 125.51 85.14
N CYS K 975 -68.19 126.36 85.10
CA CYS K 975 -67.43 126.74 86.28
C CYS K 975 -67.09 128.21 86.21
N PRO K 976 -66.93 128.86 87.37
CA PRO K 976 -66.27 130.17 87.38
C PRO K 976 -64.78 130.02 87.15
N PRO K 977 -64.13 131.03 86.56
CA PRO K 977 -62.71 130.89 86.21
C PRO K 977 -61.74 131.08 87.36
N SER K 978 -62.22 131.23 88.60
CA SER K 978 -61.32 131.52 89.72
C SER K 978 -60.54 130.29 90.18
N GLN K 979 -61.00 129.08 89.87
CA GLN K 979 -60.36 127.85 90.33
C GLN K 979 -59.75 127.05 89.17
N LEU K 980 -59.48 127.71 88.05
CA LEU K 980 -58.87 127.05 86.90
C LEU K 980 -57.48 126.53 87.20
N ASP K 981 -56.77 127.12 88.17
CA ASP K 981 -55.47 126.61 88.56
C ASP K 981 -55.58 125.20 89.13
N PHE K 982 -56.50 125.01 90.09
CA PHE K 982 -56.73 123.68 90.65
C PHE K 982 -57.28 122.73 89.61
N TYR K 983 -58.16 123.23 88.73
CA TYR K 983 -58.70 122.39 87.67
C TYR K 983 -57.59 121.83 86.77
N PHE K 984 -56.70 122.71 86.29
CA PHE K 984 -55.61 122.28 85.44
C PHE K 984 -54.61 121.42 86.20
N GLN K 985 -54.43 121.65 87.50
CA GLN K 985 -53.58 120.76 88.29
C GLN K 985 -54.16 119.35 88.31
N GLN K 986 -55.48 119.24 88.49
CA GLN K 986 -56.11 117.92 88.49
C GLN K 986 -56.00 117.25 87.12
N LEU K 987 -56.21 118.02 86.04
CA LEU K 987 -56.05 117.45 84.71
C LEU K 987 -54.62 117.01 84.46
N GLY K 988 -53.64 117.80 84.91
CA GLY K 988 -52.25 117.42 84.72
C GLY K 988 -51.88 116.17 85.50
N SER K 989 -52.40 116.02 86.72
CA SER K 989 -52.17 114.81 87.48
C SER K 989 -52.80 113.59 86.78
N LEU K 990 -54.00 113.76 86.24
CA LEU K 990 -54.66 112.63 85.57
C LEU K 990 -53.95 112.26 84.27
N ILE K 991 -53.42 113.25 83.54
CA ILE K 991 -52.62 112.96 82.35
C ILE K 991 -51.31 112.29 82.74
N SER K 992 -50.74 112.67 83.89
CA SER K 992 -49.56 111.95 84.38
C SER K 992 -49.90 110.51 84.72
N ILE K 993 -51.11 110.26 85.19
CA ILE K 993 -51.51 108.89 85.53
C ILE K 993 -51.73 108.07 84.27
N VAL K 994 -52.69 108.46 83.44
CA VAL K 994 -53.04 107.71 82.23
C VAL K 994 -52.42 108.43 81.03
N LYS K 995 -51.77 107.67 80.16
CA LYS K 995 -50.79 108.24 79.23
C LYS K 995 -51.32 108.46 77.81
N GLN K 996 -51.76 107.39 77.14
CA GLN K 996 -51.93 107.45 75.70
C GLN K 996 -53.33 107.08 75.20
N HIS K 997 -54.26 106.74 76.09
CA HIS K 997 -55.61 106.38 75.67
C HIS K 997 -56.56 107.56 75.70
N ILE K 998 -56.04 108.78 75.96
CA ILE K 998 -56.85 109.99 75.94
C ILE K 998 -57.20 110.39 74.51
N ARG K 999 -56.54 109.78 73.52
CA ARG K 999 -56.59 110.15 72.10
C ARG K 999 -57.97 110.32 71.46
N PRO K 1000 -59.07 109.69 71.91
CA PRO K 1000 -60.38 110.08 71.36
C PRO K 1000 -60.93 111.38 71.96
N HIS K 1001 -60.20 112.05 72.84
CA HIS K 1001 -60.67 113.29 73.43
C HIS K 1001 -59.64 114.41 73.42
N VAL K 1002 -58.36 114.13 73.16
CA VAL K 1002 -57.30 115.11 73.31
C VAL K 1002 -57.51 116.31 72.40
N GLU K 1003 -58.17 116.13 71.26
CA GLU K 1003 -58.55 117.28 70.44
C GLU K 1003 -59.60 118.13 71.14
N LYS K 1004 -60.50 117.52 71.91
CA LYS K 1004 -61.45 118.31 72.68
C LYS K 1004 -60.76 119.08 73.81
N ILE K 1005 -59.82 118.44 74.52
CA ILE K 1005 -59.07 119.16 75.55
C ILE K 1005 -58.28 120.32 74.94
N TYR K 1006 -57.63 120.08 73.80
CA TYR K 1006 -56.88 121.16 73.15
C TYR K 1006 -57.81 122.27 72.66
N GLY K 1007 -59.00 121.92 72.19
CA GLY K 1007 -59.96 122.94 71.80
C GLY K 1007 -60.42 123.79 72.96
N VAL K 1008 -60.66 123.16 74.11
CA VAL K 1008 -61.02 123.93 75.31
C VAL K 1008 -59.88 124.83 75.75
N ILE K 1009 -58.64 124.30 75.72
CA ILE K 1009 -57.48 125.07 76.12
C ILE K 1009 -57.29 126.28 75.22
N ARG K 1010 -57.44 126.08 73.90
CA ARG K 1010 -57.29 127.20 72.97
C ARG K 1010 -58.47 128.15 73.02
N GLU K 1011 -59.65 127.68 73.45
CA GLU K 1011 -60.80 128.57 73.62
C GLU K 1011 -60.71 129.38 74.90
N PHE K 1012 -59.91 128.93 75.88
CA PHE K 1012 -59.76 129.65 77.13
C PHE K 1012 -59.23 131.07 76.95
N PHE K 1013 -57.99 131.20 76.46
CA PHE K 1013 -57.19 132.42 76.52
C PHE K 1013 -57.22 133.02 77.93
N PRO K 1014 -56.70 132.32 78.94
CA PRO K 1014 -56.81 132.84 80.32
C PRO K 1014 -55.85 133.98 80.55
N ILE K 1015 -56.40 135.15 80.90
CA ILE K 1015 -55.57 136.33 81.13
C ILE K 1015 -54.80 136.20 82.45
N ILE K 1016 -55.33 135.43 83.39
CA ILE K 1016 -54.73 135.27 84.72
C ILE K 1016 -53.44 134.46 84.62
N LYS K 1017 -52.69 134.39 85.72
CA LYS K 1017 -51.44 133.67 85.74
C LYS K 1017 -51.69 132.16 85.77
N LEU K 1018 -51.83 131.58 84.58
CA LEU K 1018 -52.14 130.16 84.43
C LEU K 1018 -51.31 129.48 83.35
N GLN K 1019 -50.56 130.25 82.55
CA GLN K 1019 -49.83 129.69 81.42
C GLN K 1019 -48.73 128.74 81.87
N ILE K 1020 -48.17 128.94 83.06
CA ILE K 1020 -47.17 128.00 83.57
C ILE K 1020 -47.80 126.62 83.81
N THR K 1021 -49.00 126.60 84.40
CA THR K 1021 -49.71 125.33 84.58
C THR K 1021 -50.11 124.74 83.23
N ILE K 1022 -50.49 125.59 82.27
CA ILE K 1022 -50.87 125.08 80.96
C ILE K 1022 -49.70 124.41 80.26
N ILE K 1023 -48.53 125.06 80.27
CA ILE K 1023 -47.38 124.48 79.59
C ILE K 1023 -46.87 123.26 80.36
N SER K 1024 -47.04 123.24 81.69
CA SER K 1024 -46.73 122.03 82.44
C SER K 1024 -47.63 120.88 82.01
N VAL K 1025 -48.91 121.16 81.78
CA VAL K 1025 -49.83 120.15 81.27
C VAL K 1025 -49.38 119.67 79.88
N ILE K 1026 -48.99 120.61 79.03
CA ILE K 1026 -48.55 120.26 77.67
C ILE K 1026 -47.32 119.36 77.70
N GLU K 1027 -46.35 119.68 78.54
CA GLU K 1027 -45.16 118.83 78.60
C GLU K 1027 -45.46 117.50 79.27
N SER K 1028 -46.44 117.46 80.17
CA SER K 1028 -46.90 116.18 80.70
C SER K 1028 -47.48 115.32 79.59
N ILE K 1029 -48.26 115.93 78.70
CA ILE K 1029 -48.74 115.20 77.52
C ILE K 1029 -47.58 114.77 76.64
N SER K 1030 -46.54 115.61 76.55
CA SER K 1030 -45.39 115.29 75.69
C SER K 1030 -44.66 114.03 76.17
N LYS K 1031 -44.28 113.99 77.44
CA LYS K 1031 -43.71 112.78 78.01
C LYS K 1031 -44.74 111.74 78.43
N ALA K 1032 -46.01 111.94 78.12
CA ALA K 1032 -46.97 110.83 78.13
C ALA K 1032 -47.18 110.23 76.74
N LEU K 1033 -46.86 110.97 75.68
CA LEU K 1033 -47.10 110.55 74.31
C LEU K 1033 -45.85 110.00 73.63
N GLU K 1034 -44.80 110.82 73.55
CA GLU K 1034 -43.57 110.52 72.79
C GLU K 1034 -43.87 109.97 71.40
N GLY K 1035 -44.59 110.76 70.60
CA GLY K 1035 -44.78 110.38 69.21
C GLY K 1035 -46.14 110.68 68.61
N GLU K 1036 -47.10 111.11 69.43
CA GLU K 1036 -48.44 111.42 68.93
C GLU K 1036 -48.69 112.92 68.89
N PHE K 1037 -47.64 113.73 68.90
CA PHE K 1037 -47.75 115.18 68.93
C PHE K 1037 -47.66 115.81 67.55
N LYS K 1038 -47.46 114.99 66.49
CA LYS K 1038 -47.15 115.53 65.17
C LYS K 1038 -48.31 116.32 64.58
N ARG K 1039 -49.54 115.95 64.90
CA ARG K 1039 -50.71 116.59 64.29
C ARG K 1039 -51.23 117.78 65.09
N PHE K 1040 -50.57 118.15 66.19
CA PHE K 1040 -51.02 119.25 67.05
C PHE K 1040 -49.88 120.22 67.33
N VAL K 1041 -48.97 120.39 66.38
CA VAL K 1041 -47.77 121.19 66.56
C VAL K 1041 -48.01 122.70 66.52
N PRO K 1042 -48.60 123.29 65.47
CA PRO K 1042 -48.48 124.74 65.32
C PRO K 1042 -49.35 125.54 66.29
N GLU K 1043 -50.48 125.00 66.76
CA GLU K 1043 -51.22 125.70 67.80
C GLU K 1043 -50.42 125.81 69.08
N THR K 1044 -49.73 124.74 69.46
CA THR K 1044 -48.83 124.79 70.61
C THR K 1044 -47.67 125.73 70.35
N LEU K 1045 -47.16 125.77 69.12
CA LEU K 1045 -46.11 126.71 68.78
C LEU K 1045 -46.57 128.15 68.96
N THR K 1046 -47.80 128.46 68.54
CA THR K 1046 -48.34 129.80 68.76
C THR K 1046 -48.56 130.07 70.23
N PHE K 1047 -48.93 129.04 71.00
CA PHE K 1047 -49.06 129.19 72.45
C PHE K 1047 -47.73 129.60 73.07
N PHE K 1048 -46.64 128.95 72.65
CA PHE K 1048 -45.31 129.36 73.12
C PHE K 1048 -44.96 130.75 72.61
N LEU K 1049 -45.35 131.04 71.36
CA LEU K 1049 -44.99 132.30 70.72
C LEU K 1049 -45.61 133.49 71.45
N ASP K 1050 -46.82 133.31 71.99
CA ASP K 1050 -47.48 134.42 72.67
C ASP K 1050 -46.69 134.88 73.88
N ILE K 1051 -46.19 133.95 74.70
CA ILE K 1051 -45.33 134.32 75.82
C ILE K 1051 -43.97 134.79 75.32
N LEU K 1052 -43.42 134.13 74.29
CA LEU K 1052 -42.09 134.48 73.80
C LEU K 1052 -42.05 135.87 73.17
N GLU K 1053 -43.20 136.40 72.75
CA GLU K 1053 -43.27 137.74 72.17
C GLU K 1053 -43.78 138.79 73.15
N ASN K 1054 -44.89 138.50 73.83
CA ASN K 1054 -45.52 139.44 74.75
C ASN K 1054 -45.66 138.81 76.13
N ASP K 1055 -45.93 139.67 77.11
CA ASP K 1055 -46.11 139.28 78.52
C ASP K 1055 -44.86 138.55 79.04
N GLN K 1056 -43.74 139.27 79.04
CA GLN K 1056 -42.46 138.72 79.46
C GLN K 1056 -42.35 138.80 80.98
N SER K 1057 -42.08 137.66 81.61
CA SER K 1057 -41.83 137.63 83.05
C SER K 1057 -40.43 138.12 83.34
N ASN K 1058 -40.22 138.56 84.58
CA ASN K 1058 -38.91 139.06 84.99
C ASN K 1058 -37.86 137.96 85.00
N LYS K 1059 -38.22 136.78 85.50
CA LYS K 1059 -37.28 135.66 85.56
C LYS K 1059 -37.27 134.81 84.30
N ARG K 1060 -38.20 135.04 83.38
CA ARG K 1060 -38.31 134.31 82.11
C ARG K 1060 -38.40 132.80 82.33
N ILE K 1061 -39.03 132.39 83.44
CA ILE K 1061 -39.13 130.98 83.76
C ILE K 1061 -40.08 130.26 82.80
N VAL K 1062 -41.13 130.93 82.36
CA VAL K 1062 -42.05 130.36 81.37
C VAL K 1062 -41.31 130.19 80.03
N PRO K 1063 -40.53 131.16 79.53
CA PRO K 1063 -39.66 130.86 78.39
C PRO K 1063 -38.65 129.75 78.64
N ILE K 1064 -38.14 129.60 79.87
CA ILE K 1064 -37.20 128.51 80.14
C ILE K 1064 -37.87 127.15 80.01
N ARG K 1065 -39.07 127.01 80.58
CA ARG K 1065 -39.83 125.77 80.38
C ARG K 1065 -40.25 125.59 78.93
N ILE K 1066 -40.47 126.67 78.20
CA ILE K 1066 -40.74 126.57 76.77
C ILE K 1066 -39.52 125.99 76.04
N LEU K 1067 -38.33 126.46 76.39
CA LEU K 1067 -37.10 125.93 75.79
C LEU K 1067 -36.93 124.46 76.13
N LYS K 1068 -37.24 124.08 77.37
CA LYS K 1068 -37.19 122.66 77.74
C LYS K 1068 -38.20 121.85 76.94
N SER K 1069 -39.37 122.42 76.67
CA SER K 1069 -40.38 121.75 75.85
C SER K 1069 -39.88 121.54 74.42
N LEU K 1070 -39.23 122.55 73.85
CA LEU K 1070 -38.64 122.39 72.51
C LEU K 1070 -37.50 121.37 72.52
N VAL K 1071 -36.77 121.26 73.63
CA VAL K 1071 -35.78 120.18 73.75
C VAL K 1071 -36.48 118.82 73.72
N THR K 1072 -37.55 118.68 74.50
CA THR K 1072 -38.21 117.39 74.62
C THR K 1072 -39.04 117.02 73.39
N PHE K 1073 -39.36 117.99 72.53
CA PHE K 1073 -40.13 117.68 71.33
C PHE K 1073 -39.38 116.73 70.40
N GLY K 1074 -38.07 116.96 70.22
CA GLY K 1074 -37.26 116.10 69.40
C GLY K 1074 -37.64 116.12 67.94
N PRO K 1075 -37.61 114.94 67.30
CA PRO K 1075 -37.86 114.88 65.86
C PRO K 1075 -39.33 115.05 65.50
N ASN K 1076 -39.88 116.23 65.76
CA ASN K 1076 -41.27 116.51 65.41
C ASN K 1076 -41.47 117.86 64.75
N LEU K 1077 -40.49 118.77 64.78
CA LEU K 1077 -40.61 120.09 64.18
C LEU K 1077 -40.05 120.17 62.78
N GLU K 1078 -39.30 119.15 62.34
CA GLU K 1078 -38.62 119.19 61.04
C GLU K 1078 -39.61 119.29 59.88
N ASP K 1079 -40.85 118.86 60.07
CA ASP K 1079 -41.86 119.03 59.04
C ASP K 1079 -42.19 120.50 58.83
N TYR K 1080 -42.28 121.27 59.91
CA TYR K 1080 -42.76 122.65 59.85
C TYR K 1080 -41.78 123.62 60.50
N SER K 1081 -40.49 123.36 60.39
CA SER K 1081 -39.47 124.23 60.98
C SER K 1081 -39.17 125.42 60.06
N HIS K 1082 -40.23 126.11 59.65
CA HIS K 1082 -40.11 127.31 58.84
C HIS K 1082 -40.79 128.52 59.50
N LEU K 1083 -41.28 128.35 60.73
CA LEU K 1083 -41.84 129.45 61.50
C LEU K 1083 -41.25 129.56 62.89
N ILE K 1084 -40.51 128.56 63.37
CA ILE K 1084 -39.85 128.64 64.66
C ILE K 1084 -38.50 129.35 64.57
N MET K 1085 -37.87 129.38 63.39
CA MET K 1085 -36.64 130.12 63.20
C MET K 1085 -36.76 131.62 63.49
N PRO K 1086 -37.84 132.34 63.13
CA PRO K 1086 -37.94 133.74 63.60
C PRO K 1086 -37.89 133.87 65.12
N ILE K 1087 -38.55 132.96 65.84
CA ILE K 1087 -38.47 132.97 67.30
C ILE K 1087 -37.04 132.69 67.75
N VAL K 1088 -36.37 131.76 67.06
CA VAL K 1088 -35.00 131.38 67.41
C VAL K 1088 -34.07 132.58 67.27
N VAL K 1089 -34.13 133.27 66.13
CA VAL K 1089 -33.23 134.39 65.91
C VAL K 1089 -33.61 135.57 66.79
N ARG K 1090 -34.89 135.71 67.13
CA ARG K 1090 -35.29 136.77 68.06
C ARG K 1090 -34.72 136.52 69.45
N MET K 1091 -34.84 135.30 69.95
CA MET K 1091 -34.34 135.01 71.30
C MET K 1091 -32.84 134.80 71.34
N THR K 1092 -32.17 134.69 70.20
CA THR K 1092 -30.72 134.57 70.18
C THR K 1092 -30.01 135.82 69.68
N GLU K 1093 -30.73 136.86 69.26
CA GLU K 1093 -30.10 138.04 68.69
C GLU K 1093 -30.26 139.29 69.55
N TYR K 1094 -31.48 139.63 69.97
CA TYR K 1094 -31.72 140.81 70.78
C TYR K 1094 -32.23 140.45 72.17
N SER K 1095 -31.64 139.43 72.78
CA SER K 1095 -32.06 138.97 74.09
C SER K 1095 -30.92 139.10 75.09
N ALA K 1096 -31.20 138.70 76.32
CA ALA K 1096 -30.18 138.70 77.38
C ALA K 1096 -29.35 137.44 77.30
N GLY K 1097 -28.03 137.59 77.47
CA GLY K 1097 -27.13 136.46 77.32
C GLY K 1097 -27.29 135.39 78.36
N SER K 1098 -27.77 135.77 79.56
CA SER K 1098 -27.87 134.83 80.67
C SER K 1098 -28.86 133.70 80.38
N LEU K 1099 -29.84 133.94 79.50
CA LEU K 1099 -30.68 132.89 78.97
C LEU K 1099 -30.38 132.56 77.51
N LYS K 1100 -29.67 133.44 76.81
CA LYS K 1100 -29.24 133.13 75.45
C LYS K 1100 -28.27 131.95 75.44
N LYS K 1101 -27.50 131.77 76.52
CA LYS K 1101 -26.64 130.59 76.61
C LYS K 1101 -27.47 129.30 76.61
N ILE K 1102 -28.55 129.27 77.41
CA ILE K 1102 -29.44 128.11 77.41
C ILE K 1102 -30.12 127.96 76.05
N SER K 1103 -30.48 129.08 75.42
CA SER K 1103 -31.12 129.01 74.11
C SER K 1103 -30.19 128.42 73.06
N ILE K 1104 -28.91 128.79 73.08
CA ILE K 1104 -28.03 128.29 72.04
C ILE K 1104 -27.53 126.88 72.34
N ILE K 1105 -27.46 126.48 73.62
CA ILE K 1105 -27.20 125.06 73.86
C ILE K 1105 -28.43 124.23 73.51
N THR K 1106 -29.63 124.81 73.63
CA THR K 1106 -30.82 124.17 73.11
C THR K 1106 -30.73 124.01 71.59
N LEU K 1107 -30.21 125.04 70.91
CA LEU K 1107 -29.97 124.93 69.47
C LEU K 1107 -28.97 123.83 69.16
N GLY K 1108 -27.92 123.72 69.97
CA GLY K 1108 -26.96 122.64 69.77
C GLY K 1108 -27.57 121.27 69.97
N ARG K 1109 -28.48 121.13 70.93
CA ARG K 1109 -29.19 119.87 71.12
C ARG K 1109 -30.09 119.57 69.92
N LEU K 1110 -30.89 120.56 69.49
CA LEU K 1110 -31.83 120.32 68.41
C LEU K 1110 -31.16 120.25 67.03
N ALA K 1111 -29.87 120.57 66.95
CA ALA K 1111 -29.14 120.32 65.72
C ALA K 1111 -29.14 118.85 65.36
N LYS K 1112 -29.15 117.97 66.36
CA LYS K 1112 -29.32 116.54 66.14
C LYS K 1112 -30.78 116.12 66.13
N ASN K 1113 -31.71 117.06 66.29
CA ASN K 1113 -33.13 116.77 66.21
C ASN K 1113 -33.74 117.23 64.89
N ILE K 1114 -33.51 118.48 64.51
CA ILE K 1114 -34.04 119.02 63.26
C ILE K 1114 -32.87 119.62 62.47
N ASN K 1115 -32.79 119.30 61.20
CA ASN K 1115 -31.71 119.80 60.37
C ASN K 1115 -31.93 121.26 60.03
N LEU K 1116 -30.84 122.02 59.98
CA LEU K 1116 -30.86 123.44 59.64
C LEU K 1116 -29.87 123.66 58.51
N SER K 1117 -30.34 123.49 57.27
CA SER K 1117 -29.53 123.71 56.09
C SER K 1117 -30.19 124.67 55.12
N GLU K 1118 -31.33 125.24 55.47
CA GLU K 1118 -32.05 126.17 54.60
C GLU K 1118 -32.23 127.55 55.23
N MET K 1119 -32.26 127.65 56.54
CA MET K 1119 -32.05 128.89 57.30
C MET K 1119 -30.63 129.01 57.85
N SER K 1120 -29.69 128.20 57.35
CA SER K 1120 -28.32 128.26 57.86
C SER K 1120 -27.68 129.60 57.59
N SER K 1121 -28.04 130.27 56.49
CA SER K 1121 -27.50 131.60 56.22
C SER K 1121 -27.88 132.58 57.31
N ARG K 1122 -29.10 132.44 57.85
CA ARG K 1122 -29.51 133.30 58.96
C ARG K 1122 -28.89 132.85 60.28
N ILE K 1123 -28.76 131.54 60.51
CA ILE K 1123 -28.25 131.12 61.82
C ILE K 1123 -26.77 131.41 61.96
N VAL K 1124 -25.99 131.33 60.87
CA VAL K 1124 -24.56 131.60 61.01
C VAL K 1124 -24.32 133.08 61.27
N GLN K 1125 -25.09 133.97 60.65
CA GLN K 1125 -24.93 135.38 60.94
C GLN K 1125 -25.45 135.72 62.34
N ALA K 1126 -26.50 135.02 62.80
CA ALA K 1126 -26.96 135.20 64.16
C ALA K 1126 -25.89 134.77 65.16
N LEU K 1127 -25.17 133.68 64.87
CA LEU K 1127 -24.10 133.25 65.76
C LEU K 1127 -22.94 134.25 65.75
N VAL K 1128 -22.45 134.62 64.57
CA VAL K 1128 -21.29 135.49 64.50
C VAL K 1128 -21.59 136.90 64.99
N ARG K 1129 -22.87 137.29 65.05
CA ARG K 1129 -23.22 138.54 65.69
C ARG K 1129 -23.09 138.46 67.21
N ILE K 1130 -22.97 137.26 67.77
CA ILE K 1130 -22.79 137.07 69.20
C ILE K 1130 -21.33 136.75 69.55
N LEU K 1131 -20.64 136.02 68.66
CA LEU K 1131 -19.23 135.72 68.89
C LEU K 1131 -18.36 136.97 69.01
N ASN K 1132 -18.69 138.03 68.25
CA ASN K 1132 -17.84 139.22 68.26
C ASN K 1132 -17.92 139.95 69.60
N ASN K 1133 -19.13 140.19 70.10
CA ASN K 1133 -19.32 140.91 71.36
C ASN K 1133 -19.45 139.93 72.52
N GLY K 1134 -18.41 139.12 72.71
CA GLY K 1134 -18.42 138.15 73.78
C GLY K 1134 -18.22 138.80 75.14
N ASP K 1135 -18.70 138.10 76.18
CA ASP K 1135 -18.55 138.55 77.56
C ASP K 1135 -17.87 137.48 78.42
N ARG K 1136 -17.11 136.58 77.79
CA ARG K 1136 -16.36 135.47 78.39
C ARG K 1136 -17.24 134.40 79.01
N GLU K 1137 -18.56 134.55 78.98
CA GLU K 1137 -19.49 133.55 79.47
C GLU K 1137 -20.39 132.99 78.38
N LEU K 1138 -20.88 133.84 77.47
CA LEU K 1138 -21.62 133.35 76.31
C LEU K 1138 -20.73 132.56 75.38
N THR K 1139 -19.42 132.84 75.37
CA THR K 1139 -18.50 132.15 74.48
C THR K 1139 -18.44 130.66 74.81
N LYS K 1140 -18.53 130.31 76.10
CA LYS K 1140 -18.47 128.93 76.54
C LYS K 1140 -19.60 128.10 75.97
N ALA K 1141 -20.70 128.72 75.55
CA ALA K 1141 -21.76 128.01 74.86
C ALA K 1141 -21.73 128.23 73.34
N THR K 1142 -21.22 129.37 72.87
CA THR K 1142 -21.14 129.58 71.42
C THR K 1142 -20.17 128.62 70.76
N MET K 1143 -18.99 128.39 71.37
CA MET K 1143 -18.09 127.45 70.72
C MET K 1143 -18.61 126.02 70.81
N ASN K 1144 -19.35 125.70 71.88
CA ASN K 1144 -19.98 124.38 71.96
C ASN K 1144 -21.04 124.21 70.87
N THR K 1145 -21.86 125.24 70.64
CA THR K 1145 -22.90 125.10 69.64
C THR K 1145 -22.33 125.14 68.23
N LEU K 1146 -21.20 125.81 68.01
CA LEU K 1146 -20.62 125.75 66.67
C LEU K 1146 -19.89 124.43 66.44
N SER K 1147 -19.34 123.81 67.50
CA SER K 1147 -18.82 122.45 67.36
C SER K 1147 -19.95 121.47 67.04
N LEU K 1148 -21.10 121.64 67.68
CA LEU K 1148 -22.26 120.81 67.33
C LEU K 1148 -22.73 121.08 65.91
N LEU K 1149 -22.64 122.34 65.45
CA LEU K 1149 -22.96 122.64 64.06
C LEU K 1149 -21.98 121.96 63.11
N LEU K 1150 -20.69 121.92 63.48
CA LEU K 1150 -19.71 121.14 62.74
C LEU K 1150 -20.13 119.68 62.63
N LEU K 1151 -20.50 119.08 63.77
CA LEU K 1151 -20.88 117.67 63.78
C LEU K 1151 -22.12 117.41 62.93
N GLN K 1152 -23.10 118.32 62.98
CA GLN K 1152 -24.33 118.14 62.23
C GLN K 1152 -24.13 118.34 60.74
N LEU K 1153 -23.40 119.40 60.35
CA LEU K 1153 -23.23 119.71 58.94
C LEU K 1153 -22.23 118.78 58.26
N GLY K 1154 -21.24 118.28 59.00
CA GLY K 1154 -20.24 117.42 58.41
C GLY K 1154 -19.11 118.21 57.76
N THR K 1155 -18.64 117.75 56.60
CA THR K 1155 -17.55 118.39 55.89
C THR K 1155 -17.97 119.65 55.14
N ASP K 1156 -19.25 119.99 55.16
CA ASP K 1156 -19.76 121.16 54.45
C ASP K 1156 -19.53 122.47 55.20
N PHE K 1157 -18.69 122.48 56.23
CA PHE K 1157 -18.40 123.70 56.97
C PHE K 1157 -17.33 124.55 56.28
N VAL K 1158 -16.75 124.04 55.19
CA VAL K 1158 -15.69 124.75 54.45
C VAL K 1158 -16.17 126.11 53.98
N VAL K 1159 -17.47 126.25 53.73
CA VAL K 1159 -18.04 127.54 53.36
C VAL K 1159 -17.88 128.54 54.50
N PHE K 1160 -18.12 128.10 55.74
CA PHE K 1160 -18.10 128.97 56.90
C PHE K 1160 -16.82 128.89 57.71
N VAL K 1161 -15.78 128.24 57.19
CA VAL K 1161 -14.48 128.19 57.86
C VAL K 1161 -13.85 129.57 58.03
N PRO K 1162 -13.63 130.39 56.95
CA PRO K 1162 -12.70 131.53 57.10
C PRO K 1162 -13.19 132.64 58.02
N VAL K 1163 -14.42 133.12 57.79
CA VAL K 1163 -14.92 134.25 58.58
C VAL K 1163 -15.11 133.83 60.03
N ILE K 1164 -15.51 132.59 60.29
CA ILE K 1164 -15.73 132.14 61.65
C ILE K 1164 -14.41 132.04 62.41
N ASN K 1165 -13.39 131.43 61.78
CA ASN K 1165 -12.12 131.33 62.49
C ASN K 1165 -11.47 132.70 62.66
N LYS K 1166 -11.62 133.59 61.67
CA LYS K 1166 -11.08 134.93 61.81
C LYS K 1166 -11.74 135.70 62.94
N ALA K 1167 -13.07 135.60 63.05
CA ALA K 1167 -13.77 136.25 64.15
C ALA K 1167 -13.37 135.65 65.50
N LEU K 1168 -13.20 134.33 65.54
CA LEU K 1168 -12.81 133.67 66.78
C LEU K 1168 -11.42 134.13 67.24
N LEU K 1169 -10.47 134.18 66.31
CA LEU K 1169 -9.12 134.61 66.69
C LEU K 1169 -9.07 136.10 67.02
N ARG K 1170 -9.89 136.91 66.34
CA ARG K 1170 -9.90 138.34 66.67
C ARG K 1170 -10.60 138.62 67.99
N ASN K 1171 -11.49 137.73 68.43
CA ASN K 1171 -12.10 137.84 69.74
C ASN K 1171 -11.33 137.09 70.81
N ARG K 1172 -10.27 136.37 70.42
CA ARG K 1172 -9.34 135.70 71.34
C ARG K 1172 -10.06 134.65 72.19
N ILE K 1173 -10.64 133.67 71.51
CA ILE K 1173 -11.30 132.53 72.14
C ILE K 1173 -10.61 131.27 71.66
N GLN K 1174 -10.22 130.42 72.61
CA GLN K 1174 -9.49 129.18 72.31
C GLN K 1174 -10.36 127.98 72.64
N HIS K 1175 -10.28 126.96 71.78
CA HIS K 1175 -11.03 125.73 71.99
C HIS K 1175 -10.24 124.58 71.35
N SER K 1176 -9.56 123.80 72.20
CA SER K 1176 -8.80 122.66 71.70
C SER K 1176 -9.73 121.64 71.04
N VAL K 1177 -10.95 121.49 71.55
CA VAL K 1177 -11.92 120.59 70.93
C VAL K 1177 -12.26 121.08 69.53
N TYR K 1178 -12.46 122.39 69.36
CA TYR K 1178 -12.77 122.94 68.05
C TYR K 1178 -11.60 122.77 67.09
N ASP K 1179 -10.37 123.00 67.56
CA ASP K 1179 -9.20 122.84 66.69
C ASP K 1179 -9.03 121.38 66.27
N GLN K 1180 -9.19 120.45 67.22
CA GLN K 1180 -9.08 119.03 66.90
C GLN K 1180 -10.18 118.62 65.94
N LEU K 1181 -11.39 119.14 66.12
CA LEU K 1181 -12.50 118.76 65.25
C LEU K 1181 -12.33 119.32 63.84
N VAL K 1182 -11.85 120.55 63.70
CA VAL K 1182 -11.66 121.10 62.35
C VAL K 1182 -10.50 120.41 61.65
N ASN K 1183 -9.43 120.07 62.38
CA ASN K 1183 -8.35 119.28 61.77
C ASN K 1183 -8.81 117.88 61.40
N LYS K 1184 -9.66 117.26 62.22
CA LYS K 1184 -10.20 115.94 61.90
C LYS K 1184 -11.14 116.02 60.69
N LEU K 1185 -11.87 117.12 60.55
CA LEU K 1185 -12.71 117.31 59.37
C LEU K 1185 -11.86 117.49 58.12
N LEU K 1186 -10.72 118.18 58.25
CA LEU K 1186 -9.79 118.27 57.14
C LEU K 1186 -9.22 116.90 56.77
N ASN K 1187 -8.91 116.08 57.79
CA ASN K 1187 -8.29 114.78 57.58
C ASN K 1187 -9.30 113.64 57.46
N ASN K 1188 -10.59 113.96 57.33
CA ASN K 1188 -11.67 113.00 57.06
C ASN K 1188 -11.81 111.96 58.17
N GLU K 1189 -12.13 112.46 59.38
CA GLU K 1189 -12.56 111.61 60.47
C GLU K 1189 -13.42 112.44 61.41
N CYS K 1190 -14.35 111.77 62.10
CA CYS K 1190 -15.33 112.47 62.93
C CYS K 1190 -15.92 111.48 63.93
N LEU K 1191 -16.72 112.02 64.85
CA LEU K 1191 -17.41 111.24 65.86
C LEU K 1191 -18.84 111.74 65.96
N PRO K 1192 -19.81 110.85 66.26
CA PRO K 1192 -21.20 111.30 66.36
C PRO K 1192 -21.50 111.99 67.69
N LYS K 1217 -53.84 97.81 103.57
CA LYS K 1217 -55.11 97.13 103.72
C LYS K 1217 -55.90 97.67 104.91
N LEU K 1218 -55.50 97.28 106.12
CA LEU K 1218 -56.18 97.74 107.32
C LEU K 1218 -55.17 98.10 108.40
N PRO K 1219 -55.07 99.37 108.79
CA PRO K 1219 -54.19 99.77 109.88
C PRO K 1219 -54.87 99.53 111.23
N VAL K 1220 -54.17 99.91 112.29
CA VAL K 1220 -54.70 99.77 113.64
C VAL K 1220 -55.52 100.99 113.98
N ASN K 1221 -56.81 100.97 113.62
CA ASN K 1221 -57.69 102.11 113.88
C ASN K 1221 -59.08 101.68 114.35
N GLN K 1222 -59.27 100.41 114.70
CA GLN K 1222 -60.58 99.94 115.16
C GLN K 1222 -60.85 100.25 116.62
N ASN K 1223 -59.82 100.63 117.39
CA ASN K 1223 -60.00 100.86 118.83
C ASN K 1223 -60.90 102.07 119.09
N ILE K 1224 -60.76 103.13 118.29
CA ILE K 1224 -61.59 104.32 118.49
C ILE K 1224 -63.04 104.07 118.11
N LEU K 1225 -63.31 103.06 117.30
CA LEU K 1225 -64.67 102.71 116.88
C LEU K 1225 -65.16 101.40 117.50
N LYS K 1226 -64.43 100.85 118.49
CA LYS K 1226 -64.91 99.68 119.21
C LYS K 1226 -66.20 99.98 119.96
N ASN K 1227 -66.31 101.18 120.54
CA ASN K 1227 -67.49 101.57 121.29
C ASN K 1227 -68.72 101.78 120.40
N ALA K 1228 -68.54 101.78 119.07
CA ALA K 1228 -69.66 102.04 118.17
C ALA K 1228 -70.69 100.92 118.23
N TRP K 1229 -70.26 99.66 118.33
CA TRP K 1229 -71.22 98.56 118.35
C TRP K 1229 -72.06 98.57 119.63
N TYR K 1230 -71.40 98.43 120.78
CA TYR K 1230 -72.10 98.24 122.05
C TYR K 1230 -72.22 99.58 122.76
N CYS K 1231 -73.43 100.12 122.80
CA CYS K 1231 -73.73 101.33 123.56
C CYS K 1231 -74.74 101.08 124.67
N SER K 1232 -75.90 100.52 124.32
CA SER K 1232 -76.96 100.14 125.27
C SER K 1232 -77.43 101.33 126.12
N GLN K 1233 -77.45 102.53 125.52
CA GLN K 1233 -77.88 103.73 126.24
C GLN K 1233 -78.78 104.62 125.41
N GLN K 1234 -79.39 104.10 124.35
CA GLN K 1234 -80.26 104.87 123.46
C GLN K 1234 -81.70 104.39 123.64
N LYS K 1235 -82.62 105.34 123.87
CA LYS K 1235 -84.02 105.02 124.01
C LYS K 1235 -84.92 105.96 123.24
N THR K 1236 -84.38 106.65 122.22
CA THR K 1236 -85.13 107.60 121.42
C THR K 1236 -84.85 107.30 119.95
N LYS K 1237 -85.85 107.55 119.10
CA LYS K 1237 -85.68 107.32 117.67
C LYS K 1237 -84.59 108.20 117.09
N GLU K 1238 -84.53 109.47 117.51
CA GLU K 1238 -83.48 110.37 117.05
C GLU K 1238 -82.11 109.91 117.53
N ASP K 1239 -82.03 109.42 118.77
CA ASP K 1239 -80.76 108.90 119.28
C ASP K 1239 -80.31 107.66 118.51
N TRP K 1240 -81.26 106.79 118.17
CA TRP K 1240 -80.90 105.59 117.42
C TRP K 1240 -80.47 105.95 116.00
N GLN K 1241 -81.13 106.92 115.36
CA GLN K 1241 -80.69 107.40 114.06
C GLN K 1241 -79.29 108.02 114.15
N GLU K 1242 -79.03 108.73 115.25
CA GLU K 1242 -77.69 109.26 115.50
C GLU K 1242 -76.66 108.15 115.55
N TRP K 1243 -76.96 107.09 116.30
CA TRP K 1243 -76.01 105.97 116.43
C TRP K 1243 -75.81 105.27 115.09
N ILE K 1244 -76.89 105.12 114.31
CA ILE K 1244 -76.76 104.51 112.97
C ILE K 1244 -75.85 105.34 112.08
N ARG K 1245 -76.01 106.67 112.04
CA ARG K 1245 -75.14 107.35 111.09
C ARG K 1245 -73.76 107.63 111.67
N ARG K 1246 -73.57 107.48 112.99
CA ARG K 1246 -72.21 107.37 113.52
C ARG K 1246 -71.53 106.09 113.02
N LEU K 1247 -72.26 104.97 113.06
CA LEU K 1247 -71.71 103.74 112.48
C LEU K 1247 -71.44 103.90 110.99
N SER K 1248 -72.33 104.59 110.28
CA SER K 1248 -72.14 104.80 108.84
C SER K 1248 -70.90 105.66 108.56
N ILE K 1249 -70.66 106.68 109.39
CA ILE K 1249 -69.50 107.54 109.18
C ILE K 1249 -68.22 106.77 109.50
N GLN K 1250 -68.18 106.06 110.63
CA GLN K 1250 -66.97 105.32 110.99
C GLN K 1250 -66.79 104.04 110.21
N LEU K 1251 -67.78 103.63 109.40
CA LEU K 1251 -67.69 102.37 108.68
C LEU K 1251 -66.70 102.43 107.52
N LEU K 1252 -66.36 103.62 107.03
CA LEU K 1252 -65.49 103.73 105.86
C LEU K 1252 -64.01 103.78 106.22
N LYS K 1253 -63.65 104.13 107.44
CA LYS K 1253 -62.25 104.34 107.79
C LYS K 1253 -61.49 103.05 108.06
N GLU K 1254 -62.04 101.89 107.68
CA GLU K 1254 -61.34 100.62 107.84
C GLU K 1254 -61.45 99.71 106.62
N SER K 1255 -62.10 100.13 105.56
CA SER K 1255 -62.31 99.28 104.40
C SER K 1255 -60.99 98.98 103.70
N PRO K 1256 -60.65 97.71 103.45
CA PRO K 1256 -59.39 97.40 102.77
C PRO K 1256 -59.33 97.90 101.33
N SER K 1257 -60.48 98.12 100.70
CA SER K 1257 -60.49 98.58 99.32
C SER K 1257 -60.04 100.04 99.24
N ALA K 1258 -59.29 100.36 98.18
CA ALA K 1258 -58.73 101.69 98.00
C ALA K 1258 -59.79 102.75 97.70
N CYS K 1259 -61.00 102.35 97.36
CA CYS K 1259 -62.02 103.28 96.89
C CYS K 1259 -62.96 103.75 97.99
N LEU K 1260 -62.63 103.51 99.26
CA LEU K 1260 -63.45 103.98 100.36
C LEU K 1260 -62.73 104.78 101.43
N ARG K 1261 -61.39 104.81 101.46
CA ARG K 1261 -60.73 105.71 102.41
C ARG K 1261 -61.01 107.17 102.08
N SER K 1262 -60.94 107.53 100.80
CA SER K 1262 -61.09 108.93 100.43
C SER K 1262 -62.53 109.42 100.46
N CYS K 1263 -63.49 108.51 100.59
CA CYS K 1263 -64.91 108.87 100.63
C CYS K 1263 -65.43 109.11 102.04
N SER K 1264 -64.59 108.94 103.07
CA SER K 1264 -65.03 109.19 104.43
C SER K 1264 -65.39 110.65 104.65
N SER K 1265 -64.54 111.56 104.16
CA SER K 1265 -64.83 112.98 104.27
C SER K 1265 -66.06 113.35 103.45
N LEU K 1266 -66.24 112.72 102.29
CA LEU K 1266 -67.43 112.97 101.48
C LEU K 1266 -68.70 112.55 102.21
N VAL K 1267 -68.67 111.39 102.86
CA VAL K 1267 -69.82 110.91 103.62
C VAL K 1267 -70.09 111.83 104.81
N SER K 1268 -69.02 112.29 105.48
CA SER K 1268 -69.19 113.21 106.59
C SER K 1268 -69.82 114.53 106.14
N VAL K 1269 -69.40 115.04 104.99
CA VAL K 1269 -69.91 116.32 104.50
C VAL K 1269 -71.35 116.18 104.03
N TYR K 1270 -71.62 115.18 103.19
CA TYR K 1270 -72.93 115.01 102.55
C TYR K 1270 -73.47 113.64 102.93
N TYR K 1271 -74.71 113.62 103.43
CA TYR K 1271 -75.34 112.41 103.97
C TYR K 1271 -75.96 111.45 102.95
N PRO K 1272 -76.77 111.90 101.96
CA PRO K 1272 -77.58 110.94 101.19
C PRO K 1272 -76.81 109.86 100.44
N LEU K 1273 -75.57 110.11 99.98
CA LEU K 1273 -74.88 109.06 99.23
C LEU K 1273 -74.42 107.92 100.13
N ALA K 1274 -74.33 108.17 101.44
CA ALA K 1274 -74.01 107.09 102.37
C ALA K 1274 -75.11 106.03 102.40
N ARG K 1275 -76.35 106.43 102.12
CA ARG K 1275 -77.45 105.48 102.06
C ARG K 1275 -77.24 104.45 100.95
N GLU K 1276 -76.81 104.91 99.77
CA GLU K 1276 -76.56 104.00 98.67
C GLU K 1276 -75.19 103.32 98.78
N LEU K 1277 -74.25 103.91 99.53
CA LEU K 1277 -72.97 103.26 99.76
C LEU K 1277 -73.04 102.21 100.86
N PHE K 1278 -74.12 102.24 101.67
CA PHE K 1278 -74.19 101.46 102.90
C PHE K 1278 -74.10 99.95 102.65
N ASN K 1279 -74.52 99.49 101.48
CA ASN K 1279 -74.39 98.06 101.18
C ASN K 1279 -72.95 97.68 100.87
N ALA K 1280 -72.26 98.49 100.06
CA ALA K 1280 -70.93 98.13 99.60
C ALA K 1280 -69.92 98.16 100.74
N SER K 1281 -70.01 99.18 101.61
CA SER K 1281 -69.09 99.28 102.74
C SER K 1281 -69.27 98.11 103.70
N PHE K 1282 -70.52 97.73 103.98
CA PHE K 1282 -70.76 96.61 104.88
C PHE K 1282 -70.28 95.30 104.27
N SER K 1283 -70.55 95.09 102.97
CA SER K 1283 -70.09 93.86 102.32
C SER K 1283 -68.58 93.80 102.26
N SER K 1284 -67.91 94.96 102.14
CA SER K 1284 -66.46 94.98 102.15
C SER K 1284 -65.91 94.65 103.53
N CYS K 1285 -66.45 95.29 104.57
CA CYS K 1285 -65.88 95.13 105.90
C CYS K 1285 -66.29 93.82 106.58
N TRP K 1286 -67.31 93.13 106.05
CA TRP K 1286 -67.78 91.92 106.72
C TRP K 1286 -66.71 90.84 106.73
N VAL K 1287 -66.04 90.63 105.60
CA VAL K 1287 -64.99 89.62 105.54
C VAL K 1287 -63.76 90.08 106.31
N GLU K 1288 -63.55 91.39 106.43
CA GLU K 1288 -62.40 91.90 107.13
C GLU K 1288 -62.55 91.79 108.65
N LEU K 1289 -63.78 91.92 109.16
CA LEU K 1289 -64.01 91.89 110.59
C LEU K 1289 -63.76 90.51 111.17
N GLN K 1290 -63.11 90.48 112.33
CA GLN K 1290 -62.63 89.24 112.93
C GLN K 1290 -63.75 88.53 113.70
N THR K 1291 -63.55 87.24 113.95
CA THR K 1291 -64.63 86.40 114.45
C THR K 1291 -65.07 86.77 115.87
N SER K 1292 -64.23 87.46 116.64
CA SER K 1292 -64.66 87.95 117.94
C SER K 1292 -65.66 89.08 117.79
N TYR K 1293 -65.42 89.99 116.84
CA TYR K 1293 -66.35 91.07 116.57
C TYR K 1293 -67.51 90.65 115.70
N GLN K 1294 -67.47 89.44 115.14
CA GLN K 1294 -68.62 88.93 114.38
C GLN K 1294 -69.85 88.80 115.26
N GLU K 1295 -69.73 88.12 116.40
CA GLU K 1295 -70.86 88.07 117.32
C GLU K 1295 -71.18 89.42 117.94
N ASP K 1296 -70.19 90.31 118.04
CA ASP K 1296 -70.45 91.67 118.51
C ASP K 1296 -71.38 92.41 117.57
N LEU K 1297 -71.09 92.36 116.26
CA LEU K 1297 -71.97 93.00 115.29
C LEU K 1297 -73.30 92.27 115.21
N ILE K 1298 -73.31 90.95 115.43
CA ILE K 1298 -74.57 90.21 115.45
C ILE K 1298 -75.48 90.73 116.56
N GLN K 1299 -74.95 90.82 117.78
CA GLN K 1299 -75.78 91.27 118.90
C GLN K 1299 -76.12 92.75 118.79
N ALA K 1300 -75.22 93.56 118.22
CA ALA K 1300 -75.53 94.97 117.99
C ALA K 1300 -76.67 95.12 117.00
N LEU K 1301 -76.67 94.33 115.92
CA LEU K 1301 -77.78 94.35 114.97
C LEU K 1301 -79.06 93.89 115.63
N CYS K 1302 -79.00 92.83 116.45
CA CYS K 1302 -80.19 92.34 117.11
C CYS K 1302 -80.80 93.37 118.05
N LYS K 1303 -79.97 94.03 118.86
CA LYS K 1303 -80.51 95.03 119.78
C LYS K 1303 -80.98 96.28 119.05
N ALA K 1304 -80.31 96.67 117.96
CA ALA K 1304 -80.77 97.81 117.18
C ALA K 1304 -82.11 97.52 116.52
N LEU K 1305 -82.31 96.29 116.04
CA LEU K 1305 -83.59 95.95 115.42
C LEU K 1305 -84.68 95.76 116.47
N SER K 1306 -84.31 95.36 117.68
CA SER K 1306 -85.29 95.20 118.75
C SER K 1306 -85.74 96.52 119.34
N SER K 1307 -84.84 97.51 119.42
CA SER K 1307 -85.19 98.80 120.02
C SER K 1307 -86.19 99.54 119.14
N SER K 1308 -87.09 100.27 119.81
CA SER K 1308 -88.16 101.05 119.16
C SER K 1308 -89.02 100.17 118.26
N GLU K 1309 -89.69 99.20 118.89
CA GLU K 1309 -90.47 98.22 118.14
C GLU K 1309 -91.74 98.80 117.55
N ASN K 1310 -92.26 99.90 118.10
CA ASN K 1310 -93.50 100.47 117.58
C ASN K 1310 -93.28 101.23 116.27
N PRO K 1311 -92.41 102.25 116.18
CA PRO K 1311 -92.28 102.96 114.90
C PRO K 1311 -91.21 102.35 114.02
N PRO K 1312 -91.57 101.89 112.83
CA PRO K 1312 -90.53 101.47 111.87
C PRO K 1312 -89.93 102.67 111.17
N GLU K 1313 -88.71 103.06 111.55
CA GLU K 1313 -88.07 104.25 110.98
C GLU K 1313 -87.01 103.90 109.94
N ILE K 1314 -85.95 103.19 110.35
CA ILE K 1314 -84.82 102.90 109.47
C ILE K 1314 -84.37 101.45 109.57
N TYR K 1315 -85.05 100.60 110.32
CA TYR K 1315 -84.64 99.21 110.45
C TYR K 1315 -84.95 98.37 109.21
N GLN K 1316 -85.88 98.84 108.37
CA GLN K 1316 -86.21 98.09 107.16
C GLN K 1316 -85.03 98.02 106.21
N MET K 1317 -84.24 99.09 106.10
CA MET K 1317 -83.05 99.01 105.26
C MET K 1317 -81.96 98.17 105.91
N LEU K 1318 -81.96 98.04 107.23
CA LEU K 1318 -81.03 97.09 107.87
C LEU K 1318 -81.37 95.66 107.51
N LEU K 1319 -82.67 95.32 107.54
CA LEU K 1319 -83.09 93.99 107.05
C LEU K 1319 -82.79 93.83 105.57
N ASN K 1320 -82.94 94.91 104.78
CA ASN K 1320 -82.62 94.84 103.37
C ASN K 1320 -81.14 94.57 103.15
N LEU K 1321 -80.27 95.20 103.94
CA LEU K 1321 -78.83 94.94 103.86
C LEU K 1321 -78.52 93.50 104.24
N VAL K 1322 -79.17 92.99 105.29
CA VAL K 1322 -78.95 91.62 105.72
C VAL K 1322 -79.33 90.65 104.61
N GLU K 1323 -80.49 90.87 103.97
CA GLU K 1323 -80.89 90.01 102.86
C GLU K 1323 -79.94 90.16 101.67
N PHE K 1324 -79.47 91.39 101.44
CA PHE K 1324 -78.57 91.66 100.31
C PHE K 1324 -77.26 90.91 100.45
N MET K 1325 -76.68 90.90 101.65
CA MET K 1325 -75.47 90.13 101.86
C MET K 1325 -75.74 88.68 102.21
N GLU K 1326 -77.01 88.28 102.37
CA GLU K 1326 -77.30 86.88 102.63
C GLU K 1326 -77.84 86.13 101.41
N HIS K 1327 -77.99 86.79 100.25
CA HIS K 1327 -78.27 86.05 99.02
C HIS K 1327 -77.36 84.85 98.73
N ASP K 1328 -76.09 85.10 98.49
CA ASP K 1328 -75.20 84.02 98.10
C ASP K 1328 -73.81 84.06 98.72
N ASP K 1329 -73.35 85.21 99.22
CA ASP K 1329 -72.01 85.31 99.79
C ASP K 1329 -72.05 85.22 101.31
N LYS K 1330 -72.28 83.98 101.77
CA LYS K 1330 -72.12 83.56 103.16
C LYS K 1330 -73.03 84.33 104.12
N PRO K 1331 -74.34 83.98 104.18
CA PRO K 1331 -75.28 84.69 105.07
C PRO K 1331 -74.85 84.82 106.53
N LEU K 1332 -75.43 85.81 107.22
CA LEU K 1332 -75.10 86.10 108.61
C LEU K 1332 -75.59 84.98 109.52
N PRO K 1333 -74.92 84.75 110.65
CA PRO K 1333 -75.39 83.75 111.63
C PRO K 1333 -76.46 84.32 112.57
N ILE K 1334 -77.49 84.91 111.99
CA ILE K 1334 -78.67 85.35 112.75
C ILE K 1334 -79.72 84.25 112.64
N PRO K 1335 -80.36 83.84 113.73
CA PRO K 1335 -81.41 82.83 113.64
C PRO K 1335 -82.56 83.30 112.76
N ILE K 1336 -83.11 82.36 111.98
CA ILE K 1336 -84.18 82.69 111.05
C ILE K 1336 -85.45 83.08 111.80
N HIS K 1337 -85.71 82.44 112.95
CA HIS K 1337 -86.86 82.83 113.77
C HIS K 1337 -86.70 84.25 114.29
N THR K 1338 -85.49 84.62 114.71
CA THR K 1338 -85.25 85.99 115.14
C THR K 1338 -85.42 86.97 113.98
N LEU K 1339 -84.94 86.60 112.80
CA LEU K 1339 -85.13 87.46 111.62
C LEU K 1339 -86.62 87.65 111.32
N GLY K 1340 -87.40 86.57 111.39
CA GLY K 1340 -88.83 86.68 111.18
C GLY K 1340 -89.52 87.54 112.21
N LYS K 1341 -89.12 87.40 113.48
CA LYS K 1341 -89.75 88.21 114.52
C LYS K 1341 -89.34 89.68 114.42
N TYR K 1342 -88.12 89.96 113.94
CA TYR K 1342 -87.74 91.35 113.72
C TYR K 1342 -88.50 91.94 112.54
N ALA K 1343 -88.74 91.14 111.50
CA ALA K 1343 -89.56 91.59 110.38
C ALA K 1343 -90.98 91.87 110.83
N GLN K 1344 -91.53 91.01 111.69
CA GLN K 1344 -92.87 91.23 112.23
C GLN K 1344 -92.92 92.49 113.10
N LYS K 1345 -91.87 92.73 113.89
CA LYS K 1345 -91.83 93.93 114.73
C LYS K 1345 -91.72 95.19 113.89
N CYS K 1346 -90.97 95.14 112.79
CA CYS K 1346 -90.83 96.28 111.89
C CYS K 1346 -91.93 96.34 110.85
N HIS K 1347 -92.89 95.41 110.89
CA HIS K 1347 -94.06 95.38 109.99
C HIS K 1347 -93.65 95.22 108.53
N ALA K 1348 -92.51 94.60 108.29
CA ALA K 1348 -92.08 94.22 106.94
C ALA K 1348 -92.80 92.92 106.59
N PHE K 1349 -93.96 93.06 105.94
CA PHE K 1349 -94.82 91.91 105.71
C PHE K 1349 -94.20 90.91 104.75
N ALA K 1350 -93.57 91.39 103.67
CA ALA K 1350 -92.96 90.48 102.70
C ALA K 1350 -91.73 89.78 103.30
N LYS K 1351 -90.92 90.52 104.06
CA LYS K 1351 -89.78 89.92 104.72
C LYS K 1351 -90.22 88.87 105.74
N ALA K 1352 -91.27 89.17 106.51
CA ALA K 1352 -91.80 88.21 107.46
C ALA K 1352 -92.36 86.98 106.75
N LEU K 1353 -93.03 87.19 105.61
CA LEU K 1353 -93.55 86.05 104.84
C LEU K 1353 -92.42 85.17 104.33
N HIS K 1354 -91.35 85.76 103.81
CA HIS K 1354 -90.20 84.98 103.35
C HIS K 1354 -89.56 84.21 104.48
N TYR K 1355 -89.34 84.88 105.62
CA TYR K 1355 -88.66 84.23 106.74
C TYR K 1355 -89.52 83.11 107.33
N LYS K 1356 -90.83 83.34 107.45
CA LYS K 1356 -91.71 82.31 107.98
C LYS K 1356 -91.89 81.16 107.00
N GLU K 1357 -91.85 81.43 105.69
CA GLU K 1357 -91.87 80.35 104.71
C GLU K 1357 -90.60 79.50 104.81
N VAL K 1358 -89.45 80.14 105.00
CA VAL K 1358 -88.21 79.39 105.21
C VAL K 1358 -88.29 78.55 106.48
N GLU K 1359 -88.84 79.13 107.56
CA GLU K 1359 -88.98 78.40 108.81
C GLU K 1359 -89.93 77.21 108.67
N PHE K 1360 -91.02 77.40 107.92
CA PHE K 1360 -91.96 76.31 107.68
C PHE K 1360 -91.34 75.22 106.83
N LEU K 1361 -90.53 75.59 105.83
CA LEU K 1361 -89.83 74.60 105.02
C LEU K 1361 -88.85 73.81 105.86
N GLU K 1362 -88.15 74.48 106.78
CA GLU K 1362 -87.27 73.77 107.70
C GLU K 1362 -88.04 72.84 108.63
N GLU K 1363 -89.18 73.30 109.15
CA GLU K 1363 -90.02 72.51 110.04
C GLU K 1363 -91.44 73.06 110.06
N PRO K 1364 -92.45 72.24 109.81
CA PRO K 1364 -93.84 72.74 109.78
C PRO K 1364 -94.44 72.76 111.18
N LYS K 1365 -94.89 73.93 111.62
CA LYS K 1365 -95.55 74.11 112.90
C LYS K 1365 -96.89 74.78 112.68
N ASN K 1366 -97.85 74.47 113.57
CA ASN K 1366 -99.19 75.03 113.45
C ASN K 1366 -99.18 76.55 113.65
N SER K 1367 -98.38 77.04 114.60
CA SER K 1367 -98.26 78.48 114.80
C SER K 1367 -97.68 79.16 113.57
N THR K 1368 -96.66 78.54 112.95
CA THR K 1368 -96.11 79.08 111.72
C THR K 1368 -97.15 79.10 110.61
N ILE K 1369 -97.93 78.01 110.50
CA ILE K 1369 -98.94 77.92 109.44
C ILE K 1369 -100.01 79.00 109.61
N GLU K 1370 -100.46 79.21 110.84
CA GLU K 1370 -101.45 80.27 111.07
C GLU K 1370 -100.82 81.65 110.89
N ALA K 1371 -99.51 81.79 111.13
CA ALA K 1371 -98.83 83.05 110.85
C ALA K 1371 -98.83 83.35 109.34
N LEU K 1372 -98.53 82.34 108.52
CA LEU K 1372 -98.62 82.53 107.07
C LEU K 1372 -100.06 82.80 106.63
N ILE K 1373 -101.03 82.16 107.28
CA ILE K 1373 -102.43 82.42 106.94
C ILE K 1373 -102.79 83.87 107.24
N SER K 1374 -102.37 84.38 108.40
CA SER K 1374 -102.62 85.78 108.75
C SER K 1374 -101.89 86.73 107.80
N ILE K 1375 -100.66 86.38 107.41
CA ILE K 1375 -99.89 87.21 106.48
C ILE K 1375 -100.59 87.28 105.13
N ASN K 1376 -101.08 86.14 104.64
CA ASN K 1376 -101.83 86.13 103.39
C ASN K 1376 -103.14 86.91 103.52
N ASN K 1377 -103.77 86.85 104.68
CA ASN K 1377 -105.01 87.60 104.90
C ASN K 1377 -104.77 89.10 104.87
N GLN K 1378 -103.69 89.57 105.50
CA GLN K 1378 -103.39 91.00 105.46
C GLN K 1378 -102.77 91.44 104.14
N LEU K 1379 -102.23 90.51 103.36
CA LEU K 1379 -101.76 90.80 102.01
C LEU K 1379 -102.81 90.50 100.95
N HIS K 1380 -104.03 90.15 101.36
CA HIS K 1380 -105.15 89.86 100.46
C HIS K 1380 -104.84 88.68 99.54
N GLN K 1381 -104.29 87.61 100.12
CA GLN K 1381 -104.05 86.36 99.39
C GLN K 1381 -104.97 85.30 99.99
N THR K 1382 -106.23 85.32 99.55
CA THR K 1382 -107.20 84.37 100.09
C THR K 1382 -106.95 82.97 99.55
N ASP K 1383 -106.62 82.86 98.27
CA ASP K 1383 -106.30 81.56 97.69
C ASP K 1383 -105.06 80.96 98.34
N SER K 1384 -104.04 81.78 98.57
CA SER K 1384 -102.82 81.30 99.23
C SER K 1384 -103.10 80.86 100.66
N ALA K 1385 -103.89 81.64 101.41
CA ALA K 1385 -104.22 81.25 102.78
C ALA K 1385 -105.03 79.95 102.81
N ILE K 1386 -106.00 79.82 101.91
CA ILE K 1386 -106.82 78.61 101.85
C ILE K 1386 -105.96 77.40 101.48
N GLY K 1387 -105.05 77.57 100.52
CA GLY K 1387 -104.17 76.47 100.14
C GLY K 1387 -103.23 76.06 101.25
N ILE K 1388 -102.69 77.04 101.98
CA ILE K 1388 -101.80 76.71 103.11
C ILE K 1388 -102.57 75.97 104.20
N LEU K 1389 -103.79 76.42 104.51
CA LEU K 1389 -104.61 75.74 105.51
C LEU K 1389 -104.96 74.32 105.07
N LYS K 1390 -105.30 74.14 103.78
CA LYS K 1390 -105.63 72.82 103.28
C LYS K 1390 -104.42 71.90 103.28
N HIS K 1391 -103.24 72.42 102.94
CA HIS K 1391 -102.01 71.63 103.01
C HIS K 1391 -101.71 71.22 104.44
N ALA K 1392 -101.91 72.14 105.39
CA ALA K 1392 -101.72 71.81 106.80
C ALA K 1392 -102.66 70.71 107.25
N GLN K 1393 -103.94 70.81 106.85
CA GLN K 1393 -104.92 69.79 107.23
C GLN K 1393 -104.60 68.44 106.59
N GLN K 1394 -104.12 68.45 105.34
CA GLN K 1394 -103.88 67.21 104.62
C GLN K 1394 -102.53 66.58 104.94
N HIS K 1395 -101.60 67.32 105.55
CA HIS K 1395 -100.29 66.79 105.88
C HIS K 1395 -100.10 66.62 107.38
N ASN K 1396 -100.25 67.70 108.17
CA ASN K 1396 -100.04 67.61 109.60
C ASN K 1396 -101.26 67.05 110.33
N GLU K 1397 -102.45 67.17 109.75
CA GLU K 1397 -103.70 66.66 110.31
C GLU K 1397 -103.97 67.19 111.71
N ALA K 1716 -139.59 88.40 74.72
CA ALA K 1716 -138.18 88.48 74.35
C ALA K 1716 -137.30 87.78 75.38
N ARG K 1717 -137.08 88.46 76.51
CA ARG K 1717 -136.29 87.86 77.58
C ARG K 1717 -136.97 86.64 78.18
N CYS K 1718 -138.29 86.72 78.35
CA CYS K 1718 -139.03 85.57 78.87
C CYS K 1718 -139.00 84.40 77.90
N PHE K 1719 -139.11 84.68 76.59
CA PHE K 1719 -139.02 83.62 75.60
C PHE K 1719 -137.62 83.00 75.57
N LEU K 1720 -136.59 83.83 75.71
CA LEU K 1720 -135.22 83.30 75.76
C LEU K 1720 -135.02 82.42 76.99
N LYS K 1721 -135.57 82.85 78.14
CA LYS K 1721 -135.48 82.05 79.35
C LYS K 1721 -136.20 80.72 79.20
N GLN K 1722 -137.41 80.75 78.63
CA GLN K 1722 -138.16 79.52 78.41
C GLN K 1722 -137.43 78.58 77.45
N GLY K 1723 -136.87 79.12 76.37
CA GLY K 1723 -136.14 78.29 75.44
C GLY K 1723 -134.89 77.68 76.03
N GLU K 1724 -134.12 78.47 76.79
CA GLU K 1724 -132.89 77.94 77.37
C GLU K 1724 -133.19 76.93 78.47
N TRP K 1725 -134.27 77.13 79.23
CA TRP K 1725 -134.66 76.12 80.20
C TRP K 1725 -135.18 74.85 79.53
N ARG K 1726 -135.87 74.98 78.40
CA ARG K 1726 -136.32 73.82 77.65
C ARG K 1726 -135.13 73.02 77.10
N VAL K 1727 -134.11 73.71 76.59
CA VAL K 1727 -132.92 73.02 76.11
C VAL K 1727 -132.16 72.39 77.27
N CYS K 1728 -132.11 73.06 78.42
CA CYS K 1728 -131.40 72.51 79.57
C CYS K 1728 -132.09 71.25 80.11
N LEU K 1729 -133.43 71.26 80.16
CA LEU K 1729 -134.15 70.13 80.73
C LEU K 1729 -134.27 68.98 79.73
N GLN K 1730 -134.72 69.28 78.52
CA GLN K 1730 -134.90 68.27 77.49
C GLN K 1730 -133.82 68.40 76.43
N PRO K 1731 -133.20 67.30 76.03
CA PRO K 1731 -132.13 67.38 75.01
C PRO K 1731 -132.68 67.78 73.65
N LYS K 1732 -131.79 68.36 72.85
CA LYS K 1732 -132.13 68.80 71.50
C LYS K 1732 -132.08 67.64 70.52
N TRP K 1733 -132.06 67.95 69.22
CA TRP K 1733 -131.96 66.98 68.12
C TRP K 1733 -133.17 66.06 68.07
N ARG K 1734 -134.33 66.55 68.50
CA ARG K 1734 -135.59 65.82 68.40
C ARG K 1734 -136.34 66.29 67.15
N LEU K 1735 -137.59 65.84 67.02
CA LEU K 1735 -138.46 66.28 65.94
C LEU K 1735 -139.47 67.33 66.39
N SER K 1736 -139.47 67.70 67.66
CA SER K 1736 -140.37 68.71 68.18
C SER K 1736 -139.65 69.81 68.96
N ASN K 1737 -138.58 69.47 69.68
CA ASN K 1737 -137.80 70.49 70.37
C ASN K 1737 -137.17 71.54 69.46
N PRO K 1738 -136.56 71.20 68.31
CA PRO K 1738 -136.09 72.27 67.40
C PRO K 1738 -137.21 73.18 66.92
N ASP K 1739 -138.40 72.64 66.64
CA ASP K 1739 -139.52 73.48 66.24
C ASP K 1739 -139.95 74.42 67.36
N SER K 1740 -140.00 73.90 68.60
CA SER K 1740 -140.40 74.73 69.73
C SER K 1740 -139.39 75.85 69.99
N ILE K 1741 -138.09 75.53 69.95
CA ILE K 1741 -137.10 76.58 70.19
C ILE K 1741 -137.05 77.55 69.02
N LEU K 1742 -137.33 77.09 67.80
CA LEU K 1742 -137.41 78.00 66.66
C LEU K 1742 -138.58 78.97 66.82
N GLY K 1743 -139.72 78.47 67.27
CA GLY K 1743 -140.86 79.35 67.52
C GLY K 1743 -140.59 80.35 68.63
N SER K 1744 -139.93 79.89 69.70
CA SER K 1744 -139.58 80.80 70.80
C SER K 1744 -138.61 81.88 70.33
N TYR K 1745 -137.60 81.50 69.54
CA TYR K 1745 -136.64 82.48 69.05
C TYR K 1745 -137.29 83.44 68.05
N LEU K 1746 -138.22 82.94 67.23
CA LEU K 1746 -138.94 83.81 66.30
C LEU K 1746 -139.81 84.82 67.05
N LEU K 1747 -140.48 84.38 68.12
CA LEU K 1747 -141.27 85.32 68.93
C LEU K 1747 -140.38 86.34 69.62
N ALA K 1748 -139.22 85.89 70.13
CA ALA K 1748 -138.28 86.82 70.77
C ALA K 1748 -137.75 87.84 69.76
N THR K 1749 -137.45 87.40 68.54
CA THR K 1749 -136.98 88.32 67.51
C THR K 1749 -138.08 89.29 67.08
N HIS K 1750 -139.32 88.81 67.02
CA HIS K 1750 -140.45 89.69 66.67
C HIS K 1750 -140.65 90.76 67.74
N PHE K 1751 -140.51 90.39 69.02
CA PHE K 1751 -140.64 91.38 70.08
C PHE K 1751 -139.45 92.34 70.11
N ASP K 1752 -138.24 91.83 69.89
CA ASP K 1752 -137.03 92.65 69.85
C ASP K 1752 -136.27 92.33 68.56
N ASN K 1753 -136.64 93.01 67.48
CA ASN K 1753 -136.05 92.78 66.17
C ASN K 1753 -134.59 93.21 66.06
N THR K 1754 -134.06 93.93 67.05
CA THR K 1754 -132.68 94.38 67.03
C THR K 1754 -131.92 93.82 68.24
N TRP K 1755 -132.14 92.55 68.57
CA TRP K 1755 -131.54 91.95 69.74
C TRP K 1755 -130.57 90.87 69.26
N TYR K 1756 -129.29 91.07 69.59
CA TYR K 1756 -128.20 90.42 68.86
C TYR K 1756 -128.18 88.91 69.06
N LYS K 1757 -128.25 88.45 70.32
CA LYS K 1757 -128.26 87.02 70.54
C LYS K 1757 -129.57 86.37 70.10
N ALA K 1758 -130.67 87.14 70.01
CA ALA K 1758 -131.87 86.61 69.38
C ALA K 1758 -131.61 86.28 67.92
N TRP K 1759 -131.04 87.23 67.18
CA TRP K 1759 -130.73 87.00 65.77
C TRP K 1759 -129.74 85.84 65.62
N HIS K 1760 -128.69 85.84 66.44
CA HIS K 1760 -127.65 84.82 66.33
C HIS K 1760 -128.20 83.43 66.65
N ASN K 1761 -129.02 83.32 67.70
CA ASN K 1761 -129.54 82.03 68.10
C ASN K 1761 -130.59 81.51 67.12
N TRP K 1762 -131.46 82.40 66.63
CA TRP K 1762 -132.43 81.99 65.62
C TRP K 1762 -131.76 81.61 64.31
N ALA K 1763 -130.60 82.21 64.02
CA ALA K 1763 -129.84 81.80 62.83
C ALA K 1763 -129.15 80.46 63.04
N LEU K 1764 -128.55 80.25 64.21
CA LEU K 1764 -127.81 78.99 64.42
C LEU K 1764 -128.74 77.81 64.61
N ALA K 1765 -129.97 78.04 65.08
CA ALA K 1765 -130.93 76.94 65.19
C ALA K 1765 -131.19 76.31 63.83
N ASN K 1766 -131.25 77.14 62.78
CA ASN K 1766 -131.30 76.62 61.43
C ASN K 1766 -130.05 75.80 61.10
N PHE K 1767 -128.90 76.16 61.66
CA PHE K 1767 -127.70 75.35 61.44
C PHE K 1767 -127.82 73.97 62.07
N GLU K 1768 -128.30 73.88 63.31
CA GLU K 1768 -128.47 72.52 63.87
C GLU K 1768 -129.54 71.74 63.12
N VAL K 1769 -130.62 72.40 62.68
CA VAL K 1769 -131.64 71.70 61.91
C VAL K 1769 -131.07 71.18 60.60
N ILE K 1770 -130.30 72.01 59.89
CA ILE K 1770 -129.72 71.61 58.61
C ILE K 1770 -128.70 70.49 58.81
N SER K 1771 -127.91 70.55 59.89
CA SER K 1771 -126.92 69.51 60.12
C SER K 1771 -127.55 68.18 60.52
N MET K 1772 -128.62 68.20 61.33
CA MET K 1772 -129.41 66.98 61.54
C MET K 1772 -130.02 66.46 60.24
N LEU K 1773 -130.51 67.35 59.38
CA LEU K 1773 -131.07 66.90 58.11
C LEU K 1773 -130.01 66.25 57.23
N THR K 1774 -128.81 66.83 57.22
CA THR K 1774 -127.70 66.24 56.46
C THR K 1774 -127.30 64.89 57.03
N SER K 1775 -127.26 64.76 58.36
CA SER K 1775 -126.91 63.49 58.98
C SER K 1775 -127.96 62.43 58.69
N VAL K 1776 -129.25 62.81 58.68
CA VAL K 1776 -130.31 61.86 58.36
C VAL K 1776 -130.22 61.44 56.89
N SER K 1777 -130.06 62.41 55.99
CA SER K 1777 -129.96 62.12 54.57
C SER K 1777 -128.57 61.62 54.20
N SER K 1813 -132.85 64.89 51.97
CA SER K 1813 -133.92 65.87 52.01
C SER K 1813 -133.84 66.82 50.81
N SER K 1814 -132.91 67.77 50.89
CA SER K 1814 -132.63 68.78 49.86
C SER K 1814 -133.82 69.69 49.57
N ASN K 1815 -134.84 69.68 50.42
CA ASN K 1815 -135.98 70.58 50.28
C ASN K 1815 -136.27 71.35 51.56
N LEU K 1816 -136.09 70.72 52.72
CA LEU K 1816 -136.29 71.40 54.00
C LEU K 1816 -135.13 72.30 54.39
N ILE K 1817 -134.00 72.20 53.69
CA ILE K 1817 -132.88 73.10 53.96
C ILE K 1817 -133.05 74.45 53.30
N HIS K 1818 -133.91 74.54 52.28
CA HIS K 1818 -134.11 75.82 51.59
C HIS K 1818 -134.90 76.80 52.45
N ARG K 1819 -135.77 76.29 53.33
CA ARG K 1819 -136.53 77.14 54.24
C ARG K 1819 -135.71 77.63 55.42
N HIS K 1820 -134.48 77.13 55.58
CA HIS K 1820 -133.64 77.49 56.71
C HIS K 1820 -132.30 78.07 56.33
N VAL K 1821 -131.88 77.94 55.06
CA VAL K 1821 -130.61 78.54 54.64
C VAL K 1821 -130.71 80.07 54.64
N ILE K 1822 -131.86 80.60 54.24
CA ILE K 1822 -132.05 82.06 54.14
C ILE K 1822 -132.26 82.70 55.51
N PRO K 1823 -133.13 82.17 56.40
CA PRO K 1823 -133.20 82.79 57.74
C PRO K 1823 -131.90 82.74 58.52
N ALA K 1824 -131.11 81.67 58.37
CA ALA K 1824 -129.81 81.62 59.03
C ALA K 1824 -128.87 82.69 58.51
N ILE K 1825 -128.84 82.89 57.19
CA ILE K 1825 -128.00 83.93 56.59
C ILE K 1825 -128.43 85.30 57.06
N LYS K 1826 -129.75 85.56 57.07
CA LYS K 1826 -130.26 86.86 57.50
C LYS K 1826 -129.95 87.12 58.97
N GLY K 1827 -130.13 86.10 59.82
CA GLY K 1827 -129.83 86.28 61.23
C GLY K 1827 -128.36 86.50 61.51
N PHE K 1828 -127.48 85.76 60.81
CA PHE K 1828 -126.05 85.95 60.97
C PHE K 1828 -125.64 87.34 60.51
N PHE K 1829 -126.18 87.81 59.38
CA PHE K 1829 -125.85 89.14 58.88
C PHE K 1829 -126.33 90.22 59.84
N HIS K 1830 -127.55 90.07 60.38
CA HIS K 1830 -128.08 91.04 61.32
C HIS K 1830 -127.25 91.06 62.61
N SER K 1831 -126.86 89.89 63.12
CA SER K 1831 -126.04 89.85 64.33
C SER K 1831 -124.67 90.47 64.10
N ILE K 1832 -124.07 90.22 62.92
CA ILE K 1832 -122.77 90.79 62.61
C ILE K 1832 -122.87 92.31 62.52
N SER K 1833 -123.91 92.81 61.83
CA SER K 1833 -124.09 94.26 61.73
C SER K 1833 -124.41 94.88 63.09
N LEU K 1834 -125.04 94.12 63.99
CA LEU K 1834 -125.33 94.65 65.31
C LEU K 1834 -124.09 94.73 66.18
N SER K 1835 -123.23 93.72 66.11
CA SER K 1835 -122.07 93.68 67.01
C SER K 1835 -120.83 94.34 66.41
N GLU K 1836 -120.34 93.81 65.29
CA GLU K 1836 -119.12 94.26 64.62
C GLU K 1836 -117.88 94.24 65.54
N SER K 1837 -117.90 93.44 66.60
CA SER K 1837 -116.81 93.39 67.55
C SER K 1837 -116.15 92.02 67.64
N SER K 1838 -116.93 90.96 67.85
CA SER K 1838 -116.39 89.63 68.06
C SER K 1838 -117.03 88.63 67.11
N SER K 1839 -117.08 88.98 65.82
CA SER K 1839 -117.77 88.19 64.81
C SER K 1839 -116.91 87.08 64.24
N LEU K 1840 -115.90 86.60 64.99
CA LEU K 1840 -115.07 85.50 64.54
C LEU K 1840 -115.90 84.25 64.26
N GLN K 1841 -116.69 83.83 65.26
CA GLN K 1841 -117.48 82.62 65.13
C GLN K 1841 -118.58 82.77 64.09
N ASP K 1842 -119.19 83.96 64.00
CA ASP K 1842 -120.23 84.18 63.00
C ASP K 1842 -119.66 84.12 61.59
N ALA K 1843 -118.50 84.75 61.38
CA ALA K 1843 -117.88 84.74 60.06
C ALA K 1843 -117.47 83.34 59.65
N LEU K 1844 -116.83 82.59 60.56
CA LEU K 1844 -116.43 81.23 60.19
C LEU K 1844 -117.65 80.34 59.98
N ARG K 1845 -118.71 80.50 60.78
CA ARG K 1845 -119.90 79.69 60.63
C ARG K 1845 -120.59 79.96 59.30
N LEU K 1846 -120.69 81.22 58.90
CA LEU K 1846 -121.32 81.52 57.61
C LEU K 1846 -120.44 81.03 56.47
N LEU K 1847 -119.12 81.06 56.64
CA LEU K 1847 -118.24 80.51 55.61
C LEU K 1847 -118.41 78.99 55.48
N THR K 1848 -118.56 78.29 56.61
CA THR K 1848 -118.82 76.86 56.54
C THR K 1848 -120.15 76.55 55.88
N LEU K 1849 -121.21 77.32 56.18
CA LEU K 1849 -122.48 77.04 55.53
C LEU K 1849 -122.42 77.36 54.03
N TRP K 1850 -121.69 78.42 53.66
CA TRP K 1850 -121.51 78.73 52.25
C TRP K 1850 -120.73 77.64 51.52
N PHE K 1851 -119.67 77.11 52.15
CA PHE K 1851 -118.91 76.05 51.52
C PHE K 1851 -119.68 74.74 51.49
N THR K 1852 -120.59 74.53 52.44
CA THR K 1852 -121.42 73.34 52.42
C THR K 1852 -122.46 73.42 51.30
N PHE K 1853 -123.16 74.56 51.19
CA PHE K 1853 -124.17 74.77 50.14
C PHE K 1853 -123.90 76.12 49.49
N GLY K 1854 -122.99 76.13 48.52
CA GLY K 1854 -122.77 77.30 47.70
C GLY K 1854 -123.42 77.20 46.34
N GLY K 1855 -124.37 76.28 46.20
CA GLY K 1855 -125.04 76.07 44.93
C GLY K 1855 -126.53 76.33 44.98
N ILE K 1856 -126.96 77.21 45.87
CA ILE K 1856 -128.36 77.59 46.03
C ILE K 1856 -128.52 79.02 45.53
N PRO K 1857 -129.29 79.25 44.46
CA PRO K 1857 -129.47 80.63 43.96
C PRO K 1857 -130.12 81.56 44.97
N GLU K 1858 -131.04 81.05 45.79
CA GLU K 1858 -131.62 81.88 46.85
C GLU K 1858 -130.57 82.29 47.87
N ALA K 1859 -129.68 81.38 48.23
CA ALA K 1859 -128.59 81.71 49.15
C ALA K 1859 -127.64 82.74 48.52
N THR K 1860 -127.35 82.59 47.23
CA THR K 1860 -126.49 83.56 46.55
C THR K 1860 -127.13 84.95 46.55
N GLN K 1861 -128.44 85.02 46.29
CA GLN K 1861 -129.12 86.30 46.31
C GLN K 1861 -129.14 86.90 47.71
N ALA K 1862 -129.33 86.05 48.73
CA ALA K 1862 -129.35 86.53 50.12
C ALA K 1862 -127.99 87.10 50.52
N MET K 1863 -126.91 86.42 50.17
CA MET K 1863 -125.59 86.95 50.53
C MET K 1863 -125.23 88.16 49.67
N HIS K 1864 -125.71 88.20 48.42
CA HIS K 1864 -125.50 89.38 47.58
C HIS K 1864 -126.17 90.62 48.17
N GLU K 1865 -127.40 90.47 48.65
CA GLU K 1865 -128.06 91.60 49.30
C GLU K 1865 -127.53 91.84 50.71
N GLY K 1866 -126.86 90.86 51.32
CA GLY K 1866 -126.19 91.07 52.58
C GLY K 1866 -124.81 91.69 52.48
N PHE K 1867 -124.27 91.81 51.26
CA PHE K 1867 -123.06 92.62 51.05
C PHE K 1867 -123.19 94.01 51.67
N ASN K 1868 -124.30 94.71 51.41
CA ASN K 1868 -124.46 96.07 51.92
C ASN K 1868 -124.54 96.09 53.44
N LEU K 1869 -125.23 95.11 54.02
CA LEU K 1869 -125.35 95.06 55.48
C LEU K 1869 -124.01 94.74 56.14
N ILE K 1870 -123.23 93.84 55.54
CA ILE K 1870 -121.96 93.44 56.12
C ILE K 1870 -120.89 94.46 55.77
N GLN K 1871 -119.81 94.45 56.57
CA GLN K 1871 -118.68 95.35 56.39
C GLN K 1871 -117.44 94.56 56.00
N ILE K 1872 -116.39 95.29 55.66
CA ILE K 1872 -115.14 94.68 55.21
C ILE K 1872 -114.16 94.48 56.37
N GLY K 1873 -114.29 95.25 57.45
CA GLY K 1873 -113.41 95.09 58.60
C GLY K 1873 -113.55 93.74 59.28
N THR K 1874 -114.75 93.15 59.23
CA THR K 1874 -114.94 91.81 59.76
C THR K 1874 -114.08 90.80 59.00
N TRP K 1875 -114.09 90.88 57.66
CA TRP K 1875 -113.23 90.00 56.86
C TRP K 1875 -111.76 90.34 57.05
N LEU K 1876 -111.44 91.61 57.31
CA LEU K 1876 -110.07 91.98 57.61
C LEU K 1876 -109.58 91.32 58.89
N GLU K 1877 -110.44 91.24 59.90
CA GLU K 1877 -110.08 90.57 61.14
C GLU K 1877 -110.11 89.05 61.00
N VAL K 1878 -110.92 88.53 60.09
CA VAL K 1878 -111.16 87.09 59.99
C VAL K 1878 -110.61 86.67 58.62
N LEU K 1879 -109.48 87.27 58.24
CA LEU K 1879 -108.85 86.94 56.96
C LEU K 1879 -108.42 85.48 56.80
N PRO K 1880 -107.72 84.81 57.76
CA PRO K 1880 -106.86 83.67 57.37
C PRO K 1880 -107.57 82.49 56.73
N GLN K 1881 -108.79 82.17 57.16
CA GLN K 1881 -109.49 81.03 56.58
C GLN K 1881 -109.88 81.28 55.12
N LEU K 1882 -110.04 82.54 54.72
CA LEU K 1882 -110.29 82.83 53.31
C LEU K 1882 -109.09 82.44 52.46
N ILE K 1883 -107.88 82.79 52.91
CA ILE K 1883 -106.67 82.38 52.21
C ILE K 1883 -106.50 80.87 52.27
N SER K 1884 -106.86 80.26 53.40
CA SER K 1884 -106.77 78.81 53.53
C SER K 1884 -107.67 78.10 52.52
N ARG K 1885 -108.89 78.60 52.35
CA ARG K 1885 -109.85 78.05 51.40
C ARG K 1885 -109.93 78.86 50.11
N ILE K 1886 -108.82 79.48 49.71
CA ILE K 1886 -108.78 80.29 48.49
C ILE K 1886 -108.99 79.45 47.23
N HIS K 1887 -108.84 78.13 47.31
CA HIS K 1887 -109.17 77.27 46.19
C HIS K 1887 -110.65 76.92 46.22
N GLN K 1888 -111.36 77.20 45.13
CA GLN K 1888 -112.80 77.02 45.06
C GLN K 1888 -113.17 76.04 43.97
N PRO K 1889 -113.98 75.01 44.27
CA PRO K 1889 -114.45 74.10 43.22
C PRO K 1889 -115.72 74.56 42.51
N ASN K 1890 -116.35 75.64 42.95
CA ASN K 1890 -117.57 76.15 42.37
C ASN K 1890 -117.33 77.53 41.78
N GLN K 1891 -117.90 77.78 40.60
CA GLN K 1891 -117.72 79.07 39.93
C GLN K 1891 -118.39 80.19 40.70
N ILE K 1892 -119.59 79.97 41.23
CA ILE K 1892 -120.30 81.01 41.96
C ILE K 1892 -119.57 81.33 43.27
N VAL K 1893 -119.12 80.30 43.99
CA VAL K 1893 -118.36 80.51 45.21
C VAL K 1893 -117.06 81.24 44.91
N SER K 1894 -116.41 80.87 43.80
CA SER K 1894 -115.17 81.54 43.40
C SER K 1894 -115.40 83.01 43.09
N ARG K 1895 -116.49 83.32 42.37
CA ARG K 1895 -116.79 84.71 42.05
C ARG K 1895 -117.11 85.52 43.29
N SER K 1896 -117.86 84.92 44.22
CA SER K 1896 -118.17 85.61 45.48
C SER K 1896 -116.90 85.88 46.28
N LEU K 1897 -115.99 84.90 46.34
CA LEU K 1897 -114.74 85.10 47.07
C LEU K 1897 -113.86 86.13 46.37
N LEU K 1898 -113.86 86.15 45.04
CA LEU K 1898 -113.09 87.17 44.32
C LEU K 1898 -113.62 88.57 44.57
N SER K 1899 -114.95 88.72 44.59
CA SER K 1899 -115.52 90.02 44.93
C SER K 1899 -115.20 90.42 46.37
N LEU K 1900 -115.25 89.45 47.29
CA LEU K 1900 -114.93 89.73 48.68
C LEU K 1900 -113.47 90.16 48.85
N LEU K 1901 -112.55 89.47 48.18
CA LEU K 1901 -111.14 89.86 48.27
C LEU K 1901 -110.85 91.15 47.51
N SER K 1902 -111.64 91.47 46.47
CA SER K 1902 -111.51 92.77 45.85
C SER K 1902 -111.91 93.88 46.81
N ASP K 1903 -113.00 93.66 47.58
CA ASP K 1903 -113.38 94.61 48.62
C ASP K 1903 -112.29 94.71 49.69
N LEU K 1904 -111.69 93.58 50.05
CA LEU K 1904 -110.59 93.59 51.03
C LEU K 1904 -109.38 94.35 50.49
N GLY K 1905 -109.09 94.20 49.20
CA GLY K 1905 -107.99 94.96 48.60
C GLY K 1905 -108.29 96.45 48.57
N LYS K 1906 -109.56 96.80 48.35
CA LYS K 1906 -109.95 98.20 48.43
C LYS K 1906 -109.82 98.75 49.84
N ALA K 1907 -110.12 97.94 50.85
CA ALA K 1907 -110.09 98.37 52.24
C ALA K 1907 -108.90 97.73 52.96
N HIS K 1908 -107.78 98.47 53.00
CA HIS K 1908 -106.52 98.08 53.65
C HIS K 1908 -106.00 96.74 53.14
N PRO K 1909 -105.42 96.70 51.94
CA PRO K 1909 -104.85 95.43 51.43
C PRO K 1909 -103.53 95.05 52.06
N GLN K 1910 -102.99 95.84 52.99
CA GLN K 1910 -101.67 95.58 53.55
C GLN K 1910 -101.65 94.38 54.48
N ALA K 1911 -102.82 93.86 54.88
CA ALA K 1911 -102.88 92.75 55.81
C ALA K 1911 -102.99 91.39 55.14
N LEU K 1912 -102.89 91.33 53.81
CA LEU K 1912 -103.07 90.06 53.11
C LEU K 1912 -102.06 89.80 52.00
N VAL K 1913 -101.07 90.68 51.79
CA VAL K 1913 -100.10 90.46 50.73
C VAL K 1913 -99.18 89.28 51.07
N TYR K 1914 -98.83 89.13 52.35
CA TYR K 1914 -98.01 87.97 52.73
C TYR K 1914 -98.73 86.64 52.49
N PRO K 1915 -99.97 86.43 52.96
CA PRO K 1915 -100.68 85.21 52.54
C PRO K 1915 -100.94 85.17 51.05
N LEU K 1916 -100.97 86.31 50.38
CA LEU K 1916 -101.15 86.32 48.94
C LEU K 1916 -99.99 85.62 48.23
N MET K 1917 -98.74 86.00 48.54
CA MET K 1917 -97.71 85.25 47.83
C MET K 1917 -97.42 83.90 48.48
N VAL K 1918 -97.91 83.65 49.70
CA VAL K 1918 -97.96 82.27 50.18
C VAL K 1918 -98.85 81.43 49.27
N ALA K 1919 -100.00 81.97 48.88
CA ALA K 1919 -100.87 81.27 47.93
C ALA K 1919 -100.20 81.15 46.56
N ILE K 1920 -99.45 82.17 46.15
CA ILE K 1920 -98.72 82.10 44.88
C ILE K 1920 -97.71 80.95 44.90
N LYS K 1921 -96.90 80.87 45.94
CA LYS K 1921 -95.84 79.87 46.02
C LYS K 1921 -96.32 78.54 46.57
N SER K 1922 -97.61 78.40 46.88
CA SER K 1922 -98.16 77.13 47.30
C SER K 1922 -98.12 76.11 46.15
N GLU K 1923 -98.31 74.85 46.50
CA GLU K 1923 -98.19 73.76 45.54
C GLU K 1923 -99.50 73.42 44.83
N SER K 1924 -100.57 74.17 45.08
CA SER K 1924 -101.87 73.86 44.50
C SER K 1924 -102.04 74.67 43.21
N LEU K 1925 -101.98 73.97 42.07
CA LEU K 1925 -102.11 74.61 40.77
C LEU K 1925 -103.42 75.39 40.65
N SER K 1926 -104.49 74.83 41.22
CA SER K 1926 -105.76 75.55 41.27
C SER K 1926 -105.64 76.83 42.11
N ARG K 1927 -104.80 76.81 43.15
CA ARG K 1927 -104.58 78.04 43.92
C ARG K 1927 -103.84 79.10 43.11
N GLN K 1928 -102.87 78.71 42.27
CA GLN K 1928 -102.31 79.73 41.40
C GLN K 1928 -103.31 80.24 40.36
N LYS K 1929 -104.16 79.37 39.80
CA LYS K 1929 -105.21 79.89 38.91
C LYS K 1929 -106.17 80.83 39.65
N ALA K 1930 -106.46 80.54 40.92
CA ALA K 1930 -107.33 81.42 41.69
C ALA K 1930 -106.65 82.76 41.98
N ALA K 1931 -105.35 82.73 42.28
CA ALA K 1931 -104.65 83.91 42.77
C ALA K 1931 -104.04 84.76 41.66
N LEU K 1932 -103.92 84.24 40.43
CA LEU K 1932 -103.44 85.08 39.34
C LEU K 1932 -104.43 86.19 39.03
N SER K 1933 -105.73 85.95 39.24
CA SER K 1933 -106.71 87.02 39.10
C SER K 1933 -106.50 88.10 40.18
N ILE K 1934 -106.15 87.69 41.39
CA ILE K 1934 -105.83 88.64 42.45
C ILE K 1934 -104.60 89.47 42.07
N ILE K 1935 -103.59 88.80 41.51
CA ILE K 1935 -102.39 89.51 41.05
C ILE K 1935 -102.76 90.52 39.96
N GLU K 1936 -103.58 90.11 39.00
CA GLU K 1936 -103.97 91.00 37.92
C GLU K 1936 -104.76 92.20 38.41
N LYS K 1937 -105.69 91.98 39.35
CA LYS K 1937 -106.47 93.10 39.86
C LYS K 1937 -105.68 93.99 40.83
N MET K 1938 -104.62 93.46 41.44
CA MET K 1938 -103.77 94.30 42.27
C MET K 1938 -102.73 95.05 41.43
N ARG K 1939 -102.50 94.59 40.19
CA ARG K 1939 -101.64 95.32 39.27
C ARG K 1939 -102.18 96.71 38.98
N ILE K 1940 -103.49 96.84 38.75
CA ILE K 1940 -104.07 98.14 38.44
C ILE K 1940 -104.16 99.05 39.65
N HIS K 1941 -103.91 98.54 40.85
CA HIS K 1941 -103.91 99.35 42.06
C HIS K 1941 -102.50 99.76 42.47
N SER K 1942 -101.61 98.78 42.70
CA SER K 1942 -100.24 99.08 43.09
C SER K 1942 -99.31 97.92 42.75
N PRO K 1943 -98.67 97.94 41.59
CA PRO K 1943 -97.69 96.88 41.29
C PRO K 1943 -96.47 96.90 42.19
N VAL K 1944 -96.11 98.08 42.70
CA VAL K 1944 -94.87 98.23 43.48
C VAL K 1944 -94.94 97.42 44.76
N LEU K 1945 -96.11 97.39 45.42
CA LEU K 1945 -96.26 96.64 46.65
C LEU K 1945 -95.96 95.16 46.44
N VAL K 1946 -96.61 94.53 45.45
CA VAL K 1946 -96.42 93.11 45.21
C VAL K 1946 -95.01 92.83 44.71
N ASP K 1947 -94.48 93.70 43.84
CA ASP K 1947 -93.14 93.48 43.29
C ASP K 1947 -92.08 93.52 44.38
N GLN K 1948 -92.08 94.57 45.21
CA GLN K 1948 -91.12 94.67 46.29
C GLN K 1948 -91.33 93.57 47.33
N ALA K 1949 -92.59 93.21 47.59
CA ALA K 1949 -92.89 92.19 48.58
C ALA K 1949 -92.36 90.83 48.14
N GLU K 1950 -92.58 90.46 46.88
CA GLU K 1950 -92.06 89.18 46.41
C GLU K 1950 -90.54 89.22 46.27
N LEU K 1951 -89.97 90.38 45.91
CA LEU K 1951 -88.52 90.48 45.80
C LEU K 1951 -87.83 90.29 47.15
N VAL K 1952 -88.38 90.90 48.21
CA VAL K 1952 -87.81 90.66 49.53
C VAL K 1952 -88.16 89.25 50.03
N SER K 1953 -89.34 88.73 49.68
CA SER K 1953 -89.80 87.47 50.24
C SER K 1953 -88.98 86.30 49.70
N HIS K 1954 -88.70 86.27 48.40
CA HIS K 1954 -87.93 85.16 47.84
C HIS K 1954 -86.55 85.08 48.50
N GLU K 1955 -85.92 86.23 48.71
CA GLU K 1955 -84.67 86.25 49.46
C GLU K 1955 -84.86 85.82 50.90
N LEU K 1956 -86.02 86.10 51.49
CA LEU K 1956 -86.29 85.60 52.84
C LEU K 1956 -86.31 84.07 52.88
N ILE K 1957 -86.92 83.43 51.88
CA ILE K 1957 -86.86 81.96 51.86
C ILE K 1957 -85.44 81.46 51.59
N ARG K 1958 -84.72 82.09 50.66
CA ARG K 1958 -83.33 81.64 50.44
C ARG K 1958 -82.45 81.84 51.68
N MET K 1959 -82.75 82.83 52.51
CA MET K 1959 -81.95 83.02 53.71
C MET K 1959 -82.43 82.16 54.87
N ALA K 1960 -83.72 81.84 54.91
CA ALA K 1960 -84.24 80.90 55.89
C ALA K 1960 -83.69 79.50 55.65
N VAL K 1961 -83.66 79.07 54.40
CA VAL K 1961 -83.02 77.79 54.07
C VAL K 1961 -81.65 78.10 53.51
N LEU K 1962 -80.64 78.11 54.39
CA LEU K 1962 -79.31 78.57 54.02
C LEU K 1962 -78.70 77.63 52.99
N TRP K 1963 -77.87 78.20 52.11
CA TRP K 1963 -77.59 77.58 50.81
C TRP K 1963 -76.89 76.24 50.92
N HIS K 1964 -76.30 75.90 52.06
CA HIS K 1964 -75.68 74.59 52.21
C HIS K 1964 -76.66 73.54 52.73
N GLU K 1965 -77.69 73.96 53.47
CA GLU K 1965 -78.55 72.94 54.07
C GLU K 1965 -79.48 72.30 53.06
N GLN K 1966 -79.57 72.83 51.83
CA GLN K 1966 -80.22 72.08 50.75
C GLN K 1966 -79.54 70.74 50.52
N TRP K 1967 -78.23 70.76 50.21
CA TRP K 1967 -77.51 69.51 50.06
C TRP K 1967 -77.40 68.75 51.37
N TYR K 1968 -77.33 69.47 52.50
CA TYR K 1968 -77.29 68.79 53.79
C TYR K 1968 -78.51 67.91 54.02
N GLU K 1969 -79.71 68.47 53.84
CA GLU K 1969 -80.93 67.68 54.02
C GLU K 1969 -81.11 66.66 52.90
N GLY K 1970 -80.65 66.99 51.69
CA GLY K 1970 -80.76 66.04 50.59
C GLY K 1970 -79.88 64.82 50.78
N LEU K 1971 -78.80 64.96 51.54
CA LEU K 1971 -78.01 63.78 51.91
C LEU K 1971 -78.58 63.11 53.16
N ASP K 1972 -79.05 63.91 54.12
CA ASP K 1972 -79.52 63.35 55.39
C ASP K 1972 -80.75 62.48 55.21
N ASP K 1973 -81.74 62.97 54.45
CA ASP K 1973 -82.94 62.16 54.23
C ASP K 1973 -82.63 60.95 53.36
N ALA K 1974 -81.65 61.06 52.47
CA ALA K 1974 -81.34 59.98 51.54
C ALA K 1974 -80.58 58.84 52.21
N SER K 1975 -79.68 59.17 53.15
CA SER K 1975 -78.75 58.18 53.67
C SER K 1975 -79.47 57.07 54.44
N ARG K 1976 -80.36 57.43 55.35
CA ARG K 1976 -80.98 56.40 56.18
C ARG K 1976 -82.02 55.59 55.43
N GLN K 1977 -82.72 56.19 54.46
CA GLN K 1977 -83.62 55.38 53.65
C GLN K 1977 -82.86 54.48 52.68
N PHE K 1978 -81.68 54.91 52.22
CA PHE K 1978 -80.87 54.01 51.41
C PHE K 1978 -80.34 52.86 52.24
N PHE K 1979 -79.93 53.13 53.48
CA PHE K 1979 -79.46 52.07 54.37
C PHE K 1979 -80.59 51.15 54.79
N GLY K 1980 -81.83 51.63 54.84
CA GLY K 1980 -82.95 50.80 55.25
C GLY K 1980 -83.61 50.01 54.13
N GLU K 1981 -84.05 50.69 53.08
CA GLU K 1981 -84.83 50.04 52.02
C GLU K 1981 -84.21 50.12 50.64
N HIS K 1982 -83.12 50.89 50.46
CA HIS K 1982 -82.39 50.99 49.20
C HIS K 1982 -83.28 51.46 48.05
N ASN K 1983 -83.77 52.70 48.19
CA ASN K 1983 -84.67 53.29 47.20
C ASN K 1983 -83.87 54.20 46.27
N THR K 1984 -83.25 53.57 45.27
CA THR K 1984 -82.45 54.30 44.29
C THR K 1984 -83.29 55.25 43.45
N GLU K 1985 -84.54 54.88 43.18
CA GLU K 1985 -85.45 55.80 42.48
C GLU K 1985 -85.69 57.04 43.32
N LYS K 1986 -85.83 56.87 44.64
CA LYS K 1986 -86.00 58.02 45.52
C LYS K 1986 -84.72 58.85 45.57
N MET K 1987 -83.55 58.19 45.49
CA MET K 1987 -82.28 58.91 45.38
C MET K 1987 -82.25 59.80 44.14
N PHE K 1988 -82.62 59.22 42.99
CA PHE K 1988 -82.61 59.98 41.74
C PHE K 1988 -83.63 61.11 41.77
N ALA K 1989 -84.81 60.86 42.33
CA ALA K 1989 -85.83 61.90 42.42
C ALA K 1989 -85.38 63.04 43.32
N ALA K 1990 -84.67 62.72 44.41
CA ALA K 1990 -84.14 63.77 45.28
C ALA K 1990 -83.05 64.56 44.59
N LEU K 1991 -82.15 63.89 43.87
CA LEU K 1991 -81.00 64.55 43.28
C LEU K 1991 -81.31 65.25 41.96
N GLU K 1992 -82.46 64.97 41.35
CA GLU K 1992 -82.79 65.62 40.08
C GLU K 1992 -82.94 67.14 40.18
N PRO K 1993 -83.74 67.71 41.10
CA PRO K 1993 -83.89 69.18 41.09
C PRO K 1993 -82.77 69.92 41.82
N LEU K 1994 -81.95 69.22 42.61
CA LEU K 1994 -80.86 69.89 43.31
C LEU K 1994 -79.80 70.43 42.34
N TYR K 1995 -79.52 69.69 41.27
CA TYR K 1995 -78.50 70.07 40.32
C TYR K 1995 -79.04 70.92 39.18
N GLU K 1996 -80.30 71.35 39.24
CA GLU K 1996 -80.82 72.25 38.21
C GLU K 1996 -80.23 73.64 38.32
N MET K 1997 -79.80 74.03 39.52
CA MET K 1997 -79.30 75.39 39.74
C MET K 1997 -77.99 75.65 39.02
N LEU K 1998 -77.13 74.64 38.89
CA LEU K 1998 -75.82 74.85 38.28
C LEU K 1998 -75.93 75.14 36.79
N LYS K 1999 -77.01 74.69 36.13
CA LYS K 1999 -77.28 75.07 34.76
C LYS K 1999 -78.26 76.24 34.63
N ARG K 2000 -79.03 76.52 35.68
CA ARG K 2000 -79.89 77.69 35.66
C ARG K 2000 -79.07 78.97 35.79
N GLY K 2001 -78.13 78.99 36.74
CA GLY K 2001 -77.26 80.14 36.90
C GLY K 2001 -77.10 80.56 38.34
N PRO K 2002 -75.88 80.97 38.70
CA PRO K 2002 -75.64 81.51 40.05
C PRO K 2002 -76.36 82.84 40.26
N GLU K 2003 -76.70 83.11 41.51
CA GLU K 2003 -77.44 84.33 41.82
C GLU K 2003 -76.78 85.18 42.90
N THR K 2004 -76.23 84.56 43.94
CA THR K 2004 -75.72 85.29 45.09
C THR K 2004 -74.24 85.00 45.31
N LEU K 2005 -73.60 85.88 46.08
CA LEU K 2005 -72.18 85.73 46.39
C LEU K 2005 -71.90 84.48 47.20
N ARG K 2006 -72.78 84.16 48.16
CA ARG K 2006 -72.59 82.95 48.94
C ARG K 2006 -72.85 81.70 48.11
N GLU K 2007 -73.79 81.78 47.16
CA GLU K 2007 -73.98 80.70 46.20
C GLU K 2007 -72.72 80.48 45.37
N ILE K 2008 -72.09 81.57 44.93
CA ILE K 2008 -70.82 81.48 44.20
C ILE K 2008 -69.74 80.86 45.08
N SER K 2009 -69.69 81.26 46.35
CA SER K 2009 -68.67 80.76 47.27
C SER K 2009 -68.84 79.26 47.53
N PHE K 2010 -70.09 78.79 47.56
CA PHE K 2010 -70.30 77.35 47.66
C PHE K 2010 -69.97 76.64 46.35
N GLN K 2011 -70.30 77.27 45.22
CA GLN K 2011 -70.16 76.62 43.92
C GLN K 2011 -68.70 76.41 43.55
N ASN K 2012 -67.89 77.46 43.69
CA ASN K 2012 -66.49 77.35 43.29
C ASN K 2012 -65.67 76.51 44.25
N SER K 2013 -66.23 76.13 45.40
CA SER K 2013 -65.53 75.34 46.40
C SER K 2013 -65.94 73.87 46.38
N PHE K 2014 -67.23 73.57 46.44
CA PHE K 2014 -67.71 72.21 46.66
C PHE K 2014 -68.46 71.63 45.47
N GLY K 2015 -68.32 72.22 44.28
CA GLY K 2015 -69.05 71.73 43.13
C GLY K 2015 -68.40 70.54 42.45
N ARG K 2016 -67.08 70.40 42.58
CA ARG K 2016 -66.35 69.37 41.84
C ARG K 2016 -66.75 67.97 42.26
N ASP K 2017 -66.94 67.76 43.58
CA ASP K 2017 -67.33 66.43 44.05
C ASP K 2017 -68.74 66.08 43.61
N LEU K 2018 -69.65 67.05 43.57
CA LEU K 2018 -70.98 66.80 43.06
C LEU K 2018 -70.96 66.47 41.58
N ASN K 2019 -70.12 67.17 40.81
CA ASN K 2019 -69.96 66.85 39.40
C ASN K 2019 -69.40 65.45 39.20
N ASP K 2020 -68.46 65.05 40.06
CA ASP K 2020 -67.90 63.70 39.98
C ASP K 2020 -68.91 62.64 40.40
N ALA K 2021 -69.83 62.99 41.30
CA ALA K 2021 -70.86 62.04 41.70
C ALA K 2021 -71.95 61.90 40.64
N TYR K 2022 -72.19 62.96 39.85
CA TYR K 2022 -73.22 62.90 38.82
C TYR K 2022 -72.92 61.83 37.77
N GLU K 2023 -71.66 61.74 37.33
CA GLU K 2023 -71.31 60.73 36.33
C GLU K 2023 -71.39 59.33 36.90
N TRP K 2024 -71.07 59.16 38.20
CA TRP K 2024 -71.23 57.86 38.83
C TRP K 2024 -72.70 57.48 38.92
N LEU K 2025 -73.57 58.47 39.19
CA LEU K 2025 -75.01 58.20 39.17
C LEU K 2025 -75.48 57.80 37.77
N MET K 2026 -74.95 58.46 36.74
CA MET K 2026 -75.29 58.11 35.36
C MET K 2026 -74.83 56.69 35.04
N ASN K 2027 -73.62 56.32 35.47
CA ASN K 2027 -73.12 54.99 35.24
C ASN K 2027 -73.95 53.94 35.97
N TYR K 2028 -74.39 54.24 37.19
CA TYR K 2028 -75.26 53.33 37.92
C TYR K 2028 -76.61 53.17 37.22
N LYS K 2029 -77.15 54.27 36.68
CA LYS K 2029 -78.41 54.19 35.96
C LYS K 2029 -78.26 53.36 34.68
N LYS K 2030 -77.15 53.51 33.97
CA LYS K 2030 -77.00 52.88 32.66
C LYS K 2030 -76.44 51.46 32.73
N SER K 2031 -75.82 51.07 33.84
CA SER K 2031 -75.14 49.78 33.86
C SER K 2031 -75.40 48.94 35.12
N LYS K 2032 -75.94 49.53 36.20
CA LYS K 2032 -76.20 48.84 37.47
C LYS K 2032 -74.91 48.23 38.01
N ASP K 2033 -73.99 49.12 38.36
CA ASP K 2033 -72.65 48.74 38.84
C ASP K 2033 -72.52 48.99 40.34
N VAL K 2034 -72.46 47.89 41.09
CA VAL K 2034 -72.50 47.94 42.55
C VAL K 2034 -71.23 48.61 43.10
N SER K 2035 -70.07 48.29 42.54
CA SER K 2035 -68.82 48.86 43.04
C SER K 2035 -68.78 50.37 42.86
N ASN K 2036 -69.23 50.85 41.69
CA ASN K 2036 -69.27 52.29 41.48
C ASN K 2036 -70.36 52.95 42.32
N LEU K 2037 -71.45 52.24 42.62
CA LEU K 2037 -72.42 52.77 43.57
C LEU K 2037 -71.80 52.93 44.97
N ASN K 2038 -71.01 51.95 45.40
CA ASN K 2038 -70.34 52.07 46.69
C ASN K 2038 -69.32 53.20 46.68
N GLN K 2039 -68.60 53.39 45.57
CA GLN K 2039 -67.67 54.52 45.48
C GLN K 2039 -68.40 55.85 45.50
N ALA K 2040 -69.56 55.94 44.84
CA ALA K 2040 -70.36 57.15 44.88
C ALA K 2040 -70.87 57.43 46.28
N TRP K 2041 -71.28 56.39 47.00
CA TRP K 2041 -71.72 56.60 48.38
C TRP K 2041 -70.56 56.93 49.30
N ASP K 2042 -69.35 56.46 48.98
CA ASP K 2042 -68.18 56.87 49.75
C ASP K 2042 -67.85 58.34 49.52
N ILE K 2043 -67.94 58.81 48.27
CA ILE K 2043 -67.69 60.22 48.03
C ILE K 2043 -68.80 61.06 48.64
N TYR K 2044 -70.02 60.51 48.72
CA TYR K 2044 -71.10 61.19 49.43
C TYR K 2044 -70.83 61.24 50.93
N TYR K 2045 -70.25 60.18 51.48
CA TYR K 2045 -69.87 60.18 52.90
C TYR K 2045 -68.82 61.25 53.17
N ASN K 2046 -67.83 61.39 52.30
CA ASN K 2046 -66.81 62.42 52.52
C ASN K 2046 -67.37 63.83 52.34
N VAL K 2047 -68.25 64.04 51.36
CA VAL K 2047 -68.82 65.38 51.24
C VAL K 2047 -69.76 65.68 52.41
N PHE K 2048 -70.45 64.67 52.93
CA PHE K 2048 -71.24 64.86 54.14
C PHE K 2048 -70.34 65.17 55.32
N ARG K 2049 -69.16 64.57 55.37
CA ARG K 2049 -68.20 64.86 56.43
C ARG K 2049 -67.72 66.31 56.36
N LYS K 2050 -67.37 66.78 55.16
CA LYS K 2050 -66.90 68.15 55.04
C LYS K 2050 -68.04 69.16 55.03
N ILE K 2051 -69.28 68.71 55.04
CA ILE K 2051 -70.39 69.59 55.39
C ILE K 2051 -70.59 69.63 56.91
N GLY K 2052 -70.56 68.47 57.55
CA GLY K 2052 -70.86 68.39 58.98
C GLY K 2052 -69.80 69.05 59.85
N LYS K 2053 -68.55 68.88 59.46
CA LYS K 2053 -67.53 69.51 60.31
C LYS K 2053 -67.70 71.02 60.21
N GLN K 2054 -67.75 71.55 58.99
CA GLN K 2054 -67.81 72.99 58.81
C GLN K 2054 -69.18 73.59 59.14
N LEU K 2055 -70.18 72.77 59.46
CA LEU K 2055 -71.49 73.31 59.85
C LEU K 2055 -71.45 74.15 61.13
N PRO K 2056 -71.10 73.60 62.30
CA PRO K 2056 -71.52 74.24 63.56
C PRO K 2056 -70.72 75.46 63.97
N GLN K 2057 -69.88 76.04 63.10
CA GLN K 2057 -69.12 77.22 63.47
C GLN K 2057 -69.65 78.50 62.86
N LEU K 2058 -70.68 78.43 62.01
CA LEU K 2058 -71.27 79.62 61.40
C LEU K 2058 -72.14 80.31 62.45
N GLN K 2059 -71.47 81.04 63.35
CA GLN K 2059 -72.16 81.73 64.43
C GLN K 2059 -72.99 82.91 63.94
N THR K 2060 -72.68 83.46 62.78
CA THR K 2060 -73.43 84.57 62.22
C THR K 2060 -73.35 84.52 60.71
N LEU K 2061 -74.33 85.14 60.06
CA LEU K 2061 -74.36 85.27 58.61
C LEU K 2061 -74.57 86.74 58.25
N GLU K 2062 -73.93 87.17 57.18
CA GLU K 2062 -73.92 88.57 56.77
C GLU K 2062 -74.79 88.75 55.54
N LEU K 2063 -75.70 89.71 55.60
CA LEU K 2063 -76.62 89.96 54.49
C LEU K 2063 -75.89 90.47 53.27
N GLN K 2064 -74.79 91.21 53.44
CA GLN K 2064 -74.05 91.76 52.32
C GLN K 2064 -73.44 90.68 51.43
N HIS K 2065 -73.24 89.48 51.96
CA HIS K 2065 -72.73 88.36 51.17
C HIS K 2065 -73.78 87.29 50.88
N VAL K 2066 -74.73 87.08 51.79
CA VAL K 2066 -75.80 86.13 51.52
C VAL K 2066 -76.73 86.66 50.44
N SER K 2067 -77.17 87.91 50.58
CA SER K 2067 -78.06 88.56 49.64
C SER K 2067 -77.95 90.07 49.78
N PRO K 2068 -76.99 90.71 49.10
CA PRO K 2068 -76.83 92.17 49.25
C PRO K 2068 -78.00 92.97 48.68
N LYS K 2069 -78.84 92.38 47.83
CA LYS K 2069 -79.97 93.10 47.26
C LYS K 2069 -80.98 93.50 48.33
N LEU K 2070 -81.06 92.75 49.42
CA LEU K 2070 -81.92 93.16 50.53
C LEU K 2070 -81.43 94.45 51.17
N LEU K 2071 -80.11 94.60 51.32
CA LEU K 2071 -79.57 95.86 51.79
C LEU K 2071 -79.77 96.97 50.75
N SER K 2072 -79.61 96.63 49.48
CA SER K 2072 -79.77 97.62 48.41
C SER K 2072 -81.19 98.17 48.35
N ALA K 2073 -82.19 97.33 48.57
CA ALA K 2073 -83.58 97.76 48.59
C ALA K 2073 -83.90 98.34 49.96
N HIS K 2074 -83.77 99.66 50.07
CA HIS K 2074 -84.04 100.39 51.30
C HIS K 2074 -85.23 101.32 51.12
N ASP K 2075 -85.63 101.95 52.22
CA ASP K 2075 -86.78 102.86 52.26
C ASP K 2075 -88.04 102.16 51.78
N LEU K 2076 -88.30 100.98 52.34
CA LEU K 2076 -89.40 100.14 51.89
C LEU K 2076 -90.74 100.72 52.32
N GLU K 2077 -91.71 100.69 51.40
CA GLU K 2077 -93.05 101.22 51.65
C GLU K 2077 -94.02 100.17 52.15
N LEU K 2078 -93.59 98.92 52.28
CA LEU K 2078 -94.48 97.85 52.72
C LEU K 2078 -94.81 97.99 54.19
N ALA K 2079 -95.91 97.36 54.60
CA ALA K 2079 -96.27 97.31 56.01
C ALA K 2079 -95.33 96.37 56.75
N VAL K 2080 -95.09 96.69 58.03
CA VAL K 2080 -94.21 95.87 58.87
C VAL K 2080 -94.92 94.57 59.19
N PRO K 2081 -94.33 93.41 58.88
CA PRO K 2081 -94.99 92.15 59.17
C PRO K 2081 -95.06 91.85 60.66
N GLY K 2082 -96.08 91.10 61.04
CA GLY K 2082 -96.26 90.72 62.44
C GLY K 2082 -97.68 90.91 62.93
N THR K 2083 -97.83 91.56 64.09
CA THR K 2083 -99.13 91.77 64.67
C THR K 2083 -99.90 92.85 63.90
N ARG K 2084 -101.22 92.79 64.01
CA ARG K 2084 -102.11 93.73 63.35
C ARG K 2084 -103.09 94.32 64.36
N ALA K 2085 -103.59 95.49 64.03
CA ALA K 2085 -104.58 96.17 64.86
C ALA K 2085 -105.99 95.78 64.44
N SER K 2086 -106.97 96.17 65.25
CA SER K 2086 -108.36 95.86 64.97
C SER K 2086 -108.86 96.72 63.81
N GLY K 2087 -109.56 96.09 62.87
CA GLY K 2087 -110.06 96.83 61.72
C GLY K 2087 -108.94 97.22 60.78
N GLY K 2088 -109.01 98.46 60.29
CA GLY K 2088 -107.99 98.98 59.41
C GLY K 2088 -106.79 99.51 60.16
N LYS K 2089 -105.70 98.75 60.18
CA LYS K 2089 -104.51 99.16 60.91
C LYS K 2089 -103.78 100.27 60.17
N PRO K 2090 -103.06 101.13 60.88
CA PRO K 2090 -102.25 102.15 60.20
C PRO K 2090 -101.10 101.53 59.44
N ILE K 2091 -100.70 102.21 58.37
CA ILE K 2091 -99.61 101.74 57.53
C ILE K 2091 -98.29 102.21 58.12
N VAL K 2092 -97.40 101.27 58.43
CA VAL K 2092 -96.08 101.56 58.97
C VAL K 2092 -95.04 101.06 57.99
N LYS K 2093 -94.18 101.94 57.52
CA LYS K 2093 -93.20 101.59 56.50
C LYS K 2093 -91.97 100.95 57.14
N ILE K 2094 -91.03 100.53 56.29
CA ILE K 2094 -89.80 99.87 56.73
C ILE K 2094 -88.62 100.70 56.23
N SER K 2095 -87.71 101.04 57.15
CA SER K 2095 -86.56 101.86 56.78
C SER K 2095 -85.46 101.00 56.16
N LYS K 2096 -84.93 100.04 56.91
CA LYS K 2096 -83.85 99.20 56.42
C LYS K 2096 -83.81 97.91 57.26
N PHE K 2097 -82.86 97.06 56.94
CA PHE K 2097 -82.65 95.80 57.64
C PHE K 2097 -81.25 95.76 58.23
N GLU K 2098 -81.15 95.33 59.49
CA GLU K 2098 -79.85 95.09 60.08
C GLU K 2098 -79.22 93.85 59.44
N PRO K 2099 -77.98 93.94 58.93
CA PRO K 2099 -77.38 92.82 58.20
C PRO K 2099 -76.65 91.80 59.07
N VAL K 2100 -76.75 91.89 60.39
CA VAL K 2100 -76.11 90.95 61.30
C VAL K 2100 -77.20 90.16 62.03
N PHE K 2101 -77.03 88.85 62.10
CA PHE K 2101 -77.98 87.96 62.73
C PHE K 2101 -77.24 86.97 63.62
N SER K 2102 -77.97 86.38 64.57
CA SER K 2102 -77.43 85.39 65.48
C SER K 2102 -78.06 84.04 65.19
N VAL K 2103 -77.23 83.00 65.19
CA VAL K 2103 -77.66 81.65 64.85
C VAL K 2103 -77.92 80.87 66.13
N ILE K 2104 -79.11 80.27 66.20
CA ILE K 2104 -79.52 79.47 67.36
C ILE K 2104 -79.30 78.00 67.02
N SER K 2105 -78.98 77.20 68.04
CA SER K 2105 -78.73 75.77 67.86
C SER K 2105 -79.98 75.01 68.31
N SER K 2106 -80.85 74.68 67.35
CA SER K 2106 -82.04 73.90 67.62
C SER K 2106 -82.28 72.88 66.53
N LYS K 2107 -81.16 72.27 66.04
CA LYS K 2107 -81.13 71.21 65.03
C LYS K 2107 -81.53 71.73 63.65
N GLN K 2108 -81.97 72.99 63.53
CA GLN K 2108 -82.36 73.57 62.26
C GLN K 2108 -81.62 74.86 61.96
N ARG K 2109 -80.82 75.38 62.88
CA ARG K 2109 -80.11 76.65 62.81
C ARG K 2109 -81.02 77.82 62.45
N PRO K 2110 -81.95 78.20 63.31
CA PRO K 2110 -82.73 79.41 63.05
C PRO K 2110 -81.90 80.65 63.32
N ARG K 2111 -82.33 81.76 62.73
CA ARG K 2111 -81.58 83.00 62.76
C ARG K 2111 -82.43 84.14 63.33
N LYS K 2112 -81.76 85.14 63.89
CA LYS K 2112 -82.41 86.27 64.54
C LYS K 2112 -82.50 87.42 63.55
N PHE K 2113 -83.66 87.55 62.91
CA PHE K 2113 -83.91 88.65 61.98
C PHE K 2113 -84.15 89.95 62.73
N CYS K 2114 -83.59 91.03 62.20
CA CYS K 2114 -83.77 92.36 62.78
C CYS K 2114 -84.23 93.32 61.69
N ILE K 2115 -85.27 94.08 61.99
CA ILE K 2115 -85.87 95.01 61.03
C ILE K 2115 -85.86 96.41 61.64
N LYS K 2116 -85.36 97.38 60.87
CA LYS K 2116 -85.42 98.78 61.25
C LYS K 2116 -86.61 99.41 60.52
N GLY K 2117 -87.68 99.66 61.26
CA GLY K 2117 -88.89 100.21 60.69
C GLY K 2117 -88.84 101.72 60.52
N SER K 2118 -89.95 102.26 60.02
CA SER K 2118 -90.06 103.69 59.82
C SER K 2118 -90.25 104.46 61.13
N ASP K 2119 -90.58 103.77 62.22
CA ASP K 2119 -90.79 104.41 63.50
C ASP K 2119 -89.49 104.66 64.27
N GLY K 2120 -88.35 104.24 63.72
CA GLY K 2120 -87.07 104.44 64.39
C GLY K 2120 -86.72 103.39 65.41
N LYS K 2121 -87.55 102.37 65.59
CA LYS K 2121 -87.29 101.30 66.55
C LYS K 2121 -86.81 100.05 65.80
N ASP K 2122 -86.58 98.98 66.55
CA ASP K 2122 -86.10 97.71 66.02
C ASP K 2122 -87.10 96.61 66.33
N TYR K 2123 -87.43 95.80 65.33
CA TYR K 2123 -88.33 94.66 65.48
C TYR K 2123 -87.52 93.39 65.26
N LYS K 2124 -87.57 92.48 66.23
CA LYS K 2124 -86.80 91.25 66.16
C LYS K 2124 -87.70 90.06 65.89
N TYR K 2125 -87.13 89.04 65.25
CA TYR K 2125 -87.89 87.85 64.88
C TYR K 2125 -86.93 86.67 64.87
N VAL K 2126 -87.52 85.47 64.97
CA VAL K 2126 -86.80 84.22 64.82
C VAL K 2126 -87.31 83.57 63.54
N LEU K 2127 -86.39 83.26 62.62
CA LEU K 2127 -86.74 82.77 61.30
C LEU K 2127 -86.57 81.25 61.26
N LYS K 2128 -87.65 80.55 60.90
CA LYS K 2128 -87.63 79.10 60.82
C LYS K 2128 -87.95 78.69 59.39
N GLY K 2129 -87.33 77.59 58.93
CA GLY K 2129 -87.39 77.21 57.53
C GLY K 2129 -87.87 75.79 57.32
N HIS K 2130 -88.16 75.50 56.05
CA HIS K 2130 -88.64 74.21 55.53
C HIS K 2130 -89.67 73.54 56.44
N GLU K 2131 -90.70 74.31 56.81
CA GLU K 2131 -91.89 73.81 57.48
C GLU K 2131 -92.99 74.85 57.38
N ASP K 2132 -94.22 74.41 57.63
CA ASP K 2132 -95.39 75.28 57.56
C ASP K 2132 -95.81 75.65 58.98
N ILE K 2133 -95.59 76.90 59.36
CA ILE K 2133 -95.90 77.37 60.71
C ILE K 2133 -97.31 77.95 60.75
N ARG K 2134 -98.08 77.72 59.68
CA ARG K 2134 -99.47 78.15 59.65
C ARG K 2134 -100.31 77.40 60.69
N GLN K 2135 -99.86 76.23 61.15
CA GLN K 2135 -100.49 75.62 62.30
C GLN K 2135 -100.35 76.50 63.54
N ASP K 2136 -99.16 77.05 63.77
CA ASP K 2136 -98.99 78.03 64.84
C ASP K 2136 -99.84 79.27 64.58
N SER K 2137 -99.92 79.69 63.33
CA SER K 2137 -100.71 80.87 62.98
C SER K 2137 -102.19 80.66 63.28
N LEU K 2138 -102.66 79.41 63.15
CA LEU K 2138 -104.07 79.14 63.44
C LEU K 2138 -104.29 78.83 64.92
N VAL K 2139 -103.24 78.46 65.65
CA VAL K 2139 -103.35 78.44 67.11
C VAL K 2139 -103.32 79.86 67.68
N MET K 2140 -102.82 80.82 66.89
CA MET K 2140 -102.78 82.20 67.36
C MET K 2140 -104.17 82.76 67.67
N GLN K 2141 -105.17 82.45 66.84
CA GLN K 2141 -106.51 82.92 67.19
C GLN K 2141 -107.15 82.09 68.30
N LEU K 2142 -106.65 80.89 68.57
CA LEU K 2142 -107.01 80.22 69.82
C LEU K 2142 -106.51 81.01 71.02
N PHE K 2143 -105.27 81.52 70.93
CA PHE K 2143 -104.77 82.43 71.96
C PHE K 2143 -105.63 83.68 72.06
N GLY K 2144 -106.00 84.26 70.91
CA GLY K 2144 -106.85 85.44 70.92
C GLY K 2144 -108.19 85.18 71.59
N LEU K 2145 -108.81 84.03 71.28
CA LEU K 2145 -110.08 83.67 71.89
C LEU K 2145 -109.93 83.46 73.39
N VAL K 2146 -108.86 82.79 73.82
CA VAL K 2146 -108.74 82.51 75.26
C VAL K 2146 -108.46 83.81 76.02
N ASN K 2147 -107.69 84.75 75.45
CA ASN K 2147 -107.51 86.03 76.12
C ASN K 2147 -108.80 86.86 76.11
N THR K 2148 -109.59 86.78 75.03
CA THR K 2148 -110.85 87.51 74.99
C THR K 2148 -111.82 86.99 76.03
N LEU K 2149 -111.94 85.66 76.14
CA LEU K 2149 -112.80 85.08 77.18
C LEU K 2149 -112.24 85.33 78.57
N LEU K 2150 -110.90 85.40 78.69
CA LEU K 2150 -110.27 85.72 79.96
C LEU K 2150 -110.64 87.12 80.42
N GLN K 2151 -110.64 88.07 79.50
CA GLN K 2151 -111.08 89.43 79.82
C GLN K 2151 -112.58 89.47 80.10
N ASN K 2152 -113.36 88.69 79.36
CA ASN K 2152 -114.82 88.70 79.52
C ASN K 2152 -115.24 88.14 80.87
N ASP K 2153 -114.54 87.11 81.35
CA ASP K 2153 -114.86 86.52 82.65
C ASP K 2153 -114.51 87.51 83.75
N ALA K 2154 -115.51 87.90 84.56
CA ALA K 2154 -115.32 88.94 85.56
C ALA K 2154 -114.36 88.50 86.66
N GLU K 2155 -114.49 87.25 87.12
CA GLU K 2155 -113.56 86.74 88.12
C GLU K 2155 -112.14 86.64 87.57
N CYS K 2156 -112.01 86.21 86.31
CA CYS K 2156 -110.70 86.21 85.67
C CYS K 2156 -110.21 87.62 85.44
N PHE K 2157 -111.11 88.55 85.10
CA PHE K 2157 -110.73 89.96 84.99
C PHE K 2157 -110.31 90.53 86.34
N ARG K 2158 -110.95 90.08 87.42
CA ARG K 2158 -110.50 90.47 88.75
C ARG K 2158 -109.11 89.91 89.05
N ARG K 2159 -108.85 88.66 88.65
CA ARG K 2159 -107.54 88.07 88.83
C ARG K 2159 -106.48 88.71 87.93
N HIS K 2160 -106.91 89.41 86.88
CA HIS K 2160 -106.01 90.12 85.96
C HIS K 2160 -105.01 89.17 85.29
N LEU K 2161 -105.49 88.00 84.89
CA LEU K 2161 -104.66 87.05 84.17
C LEU K 2161 -104.37 87.57 82.75
N ASP K 2162 -103.25 87.13 82.20
CA ASP K 2162 -102.86 87.54 80.86
C ASP K 2162 -101.93 86.51 80.25
N ILE K 2163 -102.13 86.22 78.96
CA ILE K 2163 -101.25 85.37 78.17
C ILE K 2163 -100.78 86.23 77.01
N GLN K 2164 -99.53 86.70 77.08
CA GLN K 2164 -98.99 87.62 76.09
C GLN K 2164 -98.55 86.82 74.86
N GLN K 2165 -99.46 86.65 73.92
CA GLN K 2165 -99.10 86.00 72.66
C GLN K 2165 -98.26 86.95 71.80
N TYR K 2166 -97.27 86.38 71.14
CA TYR K 2166 -96.31 87.15 70.35
C TYR K 2166 -96.75 87.21 68.89
N PRO K 2167 -96.30 88.22 68.16
CA PRO K 2167 -96.57 88.25 66.71
C PRO K 2167 -95.90 87.07 66.01
N ALA K 2168 -96.59 86.54 64.99
CA ALA K 2168 -96.04 85.43 64.22
C ALA K 2168 -96.69 85.44 62.84
N ILE K 2169 -95.92 85.79 61.83
CA ILE K 2169 -96.40 85.85 60.45
C ILE K 2169 -95.88 84.61 59.72
N PRO K 2170 -96.72 83.91 58.94
CA PRO K 2170 -96.21 82.82 58.11
C PRO K 2170 -95.63 83.37 56.80
N LEU K 2171 -94.31 83.29 56.68
CA LEU K 2171 -93.65 83.83 55.50
C LEU K 2171 -93.90 82.97 54.26
N SER K 2172 -94.06 81.66 54.44
CA SER K 2172 -94.06 80.73 53.34
C SER K 2172 -94.61 79.40 53.85
N PRO K 2173 -95.01 78.50 52.94
CA PRO K 2173 -95.19 77.10 53.36
C PRO K 2173 -93.91 76.46 53.87
N LYS K 2174 -92.75 77.04 53.56
CA LYS K 2174 -91.47 76.51 54.01
C LYS K 2174 -90.66 77.50 54.85
N SER K 2175 -91.26 78.59 55.32
CA SER K 2175 -90.54 79.50 56.22
C SER K 2175 -91.54 80.35 56.99
N GLY K 2176 -91.06 80.95 58.08
CA GLY K 2176 -91.90 81.77 58.91
C GLY K 2176 -91.10 82.56 59.92
N LEU K 2177 -91.74 83.59 60.45
CA LEU K 2177 -91.18 84.45 61.49
C LEU K 2177 -91.96 84.28 62.78
N LEU K 2178 -91.24 84.21 63.89
CA LEU K 2178 -91.84 84.15 65.23
C LEU K 2178 -91.35 85.35 66.02
N GLY K 2179 -92.27 86.12 66.57
CA GLY K 2179 -91.88 87.27 67.38
C GLY K 2179 -91.18 86.85 68.65
N TRP K 2180 -90.16 87.61 69.02
CA TRP K 2180 -89.34 87.32 70.19
C TRP K 2180 -89.78 88.22 71.34
N VAL K 2181 -90.11 87.60 72.47
CA VAL K 2181 -90.55 88.38 73.63
C VAL K 2181 -89.36 89.16 74.19
N PRO K 2182 -89.55 90.43 74.57
CA PRO K 2182 -88.43 91.23 75.03
C PRO K 2182 -88.20 91.13 76.53
N ASN K 2183 -86.92 91.20 76.90
CA ASN K 2183 -86.46 91.21 78.29
C ASN K 2183 -86.95 89.96 79.03
N SER K 2184 -86.36 88.82 78.64
CA SER K 2184 -86.75 87.54 79.22
C SER K 2184 -85.59 86.56 79.06
N ASP K 2185 -85.65 85.47 79.83
CA ASP K 2185 -84.66 84.40 79.75
C ASP K 2185 -85.28 83.07 80.16
N THR K 2186 -85.04 82.04 79.36
CA THR K 2186 -85.64 80.73 79.60
C THR K 2186 -84.97 80.02 80.78
N PHE K 2187 -85.66 78.99 81.26
CA PHE K 2187 -85.19 78.28 82.45
C PHE K 2187 -83.88 77.53 82.21
N HIS K 2188 -83.68 77.04 80.98
CA HIS K 2188 -82.41 76.41 80.64
C HIS K 2188 -81.25 77.39 80.82
N VAL K 2189 -81.40 78.59 80.26
CA VAL K 2189 -80.38 79.60 80.43
C VAL K 2189 -80.22 79.96 81.91
N LEU K 2190 -81.35 80.10 82.63
CA LEU K 2190 -81.32 80.53 84.03
C LEU K 2190 -80.55 79.55 84.89
N ILE K 2191 -80.86 78.26 84.76
CA ILE K 2191 -80.12 77.26 85.50
C ILE K 2191 -78.68 77.22 85.03
N ARG K 2192 -78.42 77.60 83.76
CA ARG K 2192 -77.03 77.64 83.30
C ARG K 2192 -76.22 78.69 84.07
N GLU K 2193 -76.71 79.94 84.16
CA GLU K 2193 -75.86 80.90 84.87
C GLU K 2193 -75.86 80.62 86.36
N HIS K 2194 -76.96 80.09 86.91
CA HIS K 2194 -76.96 79.75 88.33
C HIS K 2194 -75.91 78.68 88.64
N ARG K 2195 -75.83 77.64 87.81
CA ARG K 2195 -74.85 76.58 88.06
C ARG K 2195 -73.42 77.07 87.83
N GLU K 2196 -73.20 77.91 86.81
CA GLU K 2196 -71.83 78.38 86.59
C GLU K 2196 -71.41 79.42 87.63
N ALA K 2197 -72.38 80.13 88.21
CA ALA K 2197 -72.04 81.07 89.28
C ALA K 2197 -71.78 80.34 90.59
N LYS K 2198 -72.53 79.27 90.84
CA LYS K 2198 -72.27 78.45 92.03
C LYS K 2198 -71.06 77.55 91.84
N LYS K 2199 -70.56 77.44 90.60
CA LYS K 2199 -69.37 76.64 90.25
C LYS K 2199 -69.56 75.17 90.61
N ILE K 2200 -70.76 74.64 90.35
CA ILE K 2200 -71.08 73.24 90.53
C ILE K 2200 -71.74 72.76 89.25
N PRO K 2201 -71.54 71.50 88.83
CA PRO K 2201 -71.87 71.12 87.45
C PRO K 2201 -73.37 71.11 87.17
N LEU K 2202 -73.70 71.33 85.90
CA LEU K 2202 -75.09 71.46 85.50
C LEU K 2202 -75.81 70.10 85.55
N ASN K 2203 -75.30 69.11 84.83
CA ASN K 2203 -75.94 67.81 84.76
C ASN K 2203 -75.41 66.86 85.84
N ILE K 2204 -75.35 67.37 87.08
CA ILE K 2204 -74.77 66.58 88.16
C ILE K 2204 -75.71 65.45 88.56
N GLU K 2205 -77.02 65.71 88.60
CA GLU K 2205 -77.95 64.66 89.01
C GLU K 2205 -78.09 63.60 87.94
N HIS K 2206 -78.05 64.01 86.66
CA HIS K 2206 -78.05 63.03 85.59
C HIS K 2206 -76.77 62.21 85.59
N TRP K 2207 -75.64 62.84 85.93
CA TRP K 2207 -74.37 62.11 86.00
C TRP K 2207 -74.41 61.07 87.12
N VAL K 2208 -74.80 61.47 88.32
CA VAL K 2208 -74.84 60.51 89.42
C VAL K 2208 -75.96 59.49 89.20
N MET K 2209 -76.96 59.83 88.39
CA MET K 2209 -77.99 58.87 88.02
C MET K 2209 -77.45 57.80 87.07
N LEU K 2210 -76.67 58.21 86.06
CA LEU K 2210 -76.13 57.23 85.14
C LEU K 2210 -74.89 56.54 85.69
N GLN K 2211 -74.36 56.99 86.83
CA GLN K 2211 -73.22 56.31 87.45
C GLN K 2211 -73.52 54.84 87.69
N MET K 2212 -74.71 54.53 88.20
CA MET K 2212 -75.15 53.15 88.35
C MET K 2212 -76.07 52.72 87.21
N ALA K 2213 -76.21 53.53 86.17
CA ALA K 2213 -77.06 53.23 85.03
C ALA K 2213 -76.26 53.41 83.74
N PRO K 2214 -75.36 52.47 83.43
CA PRO K 2214 -74.59 52.59 82.19
C PRO K 2214 -75.41 52.40 80.93
N ASP K 2215 -76.61 51.83 81.05
CA ASP K 2215 -77.48 51.56 79.91
C ASP K 2215 -78.90 52.03 80.23
N TYR K 2216 -79.01 53.27 80.69
CA TYR K 2216 -80.29 53.81 81.15
C TYR K 2216 -81.31 53.86 80.03
N ASP K 2217 -80.91 54.31 78.85
CA ASP K 2217 -81.84 54.41 77.73
C ASP K 2217 -82.34 53.04 77.31
N ASN K 2218 -81.43 52.06 77.28
CA ASN K 2218 -81.77 50.69 76.88
C ASN K 2218 -82.28 49.96 78.11
N LEU K 2219 -83.54 50.21 78.44
CA LEU K 2219 -84.13 49.69 79.66
C LEU K 2219 -85.64 49.51 79.46
N THR K 2220 -86.24 48.70 80.33
CA THR K 2220 -87.66 48.44 80.26
C THR K 2220 -88.43 49.51 81.03
N LEU K 2221 -89.71 49.25 81.31
CA LEU K 2221 -90.57 50.28 81.87
C LEU K 2221 -90.28 50.52 83.35
N LEU K 2222 -89.86 49.50 84.09
CA LEU K 2222 -89.83 49.61 85.54
C LEU K 2222 -88.47 49.98 86.11
N GLN K 2223 -87.36 49.54 85.52
CA GLN K 2223 -86.07 49.80 86.14
C GLN K 2223 -85.61 51.24 86.02
N LYS K 2224 -86.26 52.05 85.19
CA LYS K 2224 -85.93 53.47 85.15
C LYS K 2224 -86.40 54.22 86.40
N VAL K 2225 -87.47 53.74 87.02
CA VAL K 2225 -88.09 54.45 88.15
C VAL K 2225 -87.13 54.54 89.32
N GLU K 2226 -86.46 53.43 89.64
CA GLU K 2226 -85.60 53.39 90.83
C GLU K 2226 -84.39 54.31 90.67
N VAL K 2227 -83.74 54.25 89.51
CA VAL K 2227 -82.58 55.10 89.29
C VAL K 2227 -83.00 56.56 89.17
N PHE K 2228 -84.24 56.83 88.74
CA PHE K 2228 -84.72 58.20 88.76
C PHE K 2228 -84.94 58.70 90.18
N THR K 2229 -85.60 57.87 91.01
CA THR K 2229 -85.92 58.28 92.37
C THR K 2229 -84.70 58.42 93.25
N TYR K 2230 -83.65 57.62 93.01
CA TYR K 2230 -82.43 57.77 93.81
C TYR K 2230 -81.79 59.13 93.59
N ALA K 2231 -81.67 59.53 92.32
CA ALA K 2231 -81.11 60.85 92.01
C ALA K 2231 -82.04 61.96 92.48
N LEU K 2232 -83.36 61.75 92.37
CA LEU K 2232 -84.31 62.77 92.81
C LEU K 2232 -84.23 62.97 94.32
N ASN K 2233 -84.00 61.89 95.07
CA ASN K 2233 -83.86 62.01 96.52
C ASN K 2233 -82.53 62.66 96.88
N ASN K 2234 -81.45 62.28 96.22
CA ASN K 2234 -80.14 62.80 96.58
C ASN K 2234 -79.99 64.27 96.20
N THR K 2235 -80.58 64.68 95.07
CA THR K 2235 -80.33 66.01 94.52
C THR K 2235 -81.37 67.02 94.99
N GLU K 2236 -80.89 68.21 95.33
CA GLU K 2236 -81.76 69.32 95.71
C GLU K 2236 -82.54 69.82 94.49
N GLY K 2237 -83.65 70.49 94.76
CA GLY K 2237 -84.53 70.98 93.71
C GLY K 2237 -85.00 72.40 93.90
N GLN K 2238 -84.15 73.26 94.46
CA GLN K 2238 -84.56 74.63 94.77
C GLN K 2238 -83.65 75.66 94.09
N ASP K 2239 -83.06 75.31 92.94
CA ASP K 2239 -82.22 76.25 92.23
C ASP K 2239 -83.03 77.41 91.68
N LEU K 2240 -84.15 77.13 91.01
CA LEU K 2240 -84.98 78.17 90.45
C LEU K 2240 -85.69 78.97 91.55
N TYR K 2241 -86.18 78.26 92.57
CA TYR K 2241 -86.80 78.92 93.71
C TYR K 2241 -85.81 79.83 94.43
N LYS K 2242 -84.53 79.46 94.44
CA LYS K 2242 -83.51 80.34 94.99
C LYS K 2242 -83.23 81.53 94.07
N VAL K 2243 -83.12 81.28 92.75
CA VAL K 2243 -82.66 82.33 91.86
C VAL K 2243 -83.73 83.39 91.65
N LEU K 2244 -85.02 83.05 91.75
CA LEU K 2244 -86.04 84.09 91.72
C LEU K 2244 -85.90 85.05 92.91
N TRP K 2245 -85.62 84.52 94.10
CA TRP K 2245 -85.33 85.38 95.24
C TRP K 2245 -84.04 86.16 95.04
N LEU K 2246 -83.03 85.53 94.43
CA LEU K 2246 -81.76 86.21 94.18
C LEU K 2246 -81.94 87.41 93.28
N LYS K 2247 -82.58 87.19 92.13
CA LYS K 2247 -82.79 88.19 91.09
C LYS K 2247 -83.91 89.16 91.41
N SER K 2248 -84.74 88.86 92.40
CA SER K 2248 -85.79 89.78 92.81
C SER K 2248 -85.17 91.05 93.39
N ARG K 2249 -85.77 92.20 93.07
CA ARG K 2249 -85.25 93.47 93.56
C ARG K 2249 -85.38 93.58 95.07
N SER K 2250 -86.43 93.01 95.65
CA SER K 2250 -86.69 93.13 97.08
C SER K 2250 -87.70 92.05 97.47
N SER K 2251 -87.95 91.98 98.79
CA SER K 2251 -88.92 91.03 99.31
C SER K 2251 -90.32 91.33 98.78
N GLU K 2252 -90.69 92.60 98.74
CA GLU K 2252 -91.98 92.96 98.16
C GLU K 2252 -91.98 92.77 96.65
N THR K 2253 -90.81 92.88 96.01
CA THR K 2253 -90.71 92.60 94.58
C THR K 2253 -90.95 91.12 94.29
N TRP K 2254 -90.59 90.24 95.24
CA TRP K 2254 -90.79 88.80 95.06
C TRP K 2254 -92.27 88.46 94.86
N LEU K 2255 -93.17 89.20 95.53
CA LEU K 2255 -94.55 88.77 95.65
C LEU K 2255 -95.27 88.74 94.29
N GLU K 2256 -95.22 89.85 93.56
CA GLU K 2256 -95.92 89.88 92.27
C GLU K 2256 -95.26 88.93 91.29
N ARG K 2257 -93.94 88.77 91.34
CA ARG K 2257 -93.25 87.85 90.45
C ARG K 2257 -93.72 86.42 90.68
N ARG K 2258 -93.80 86.00 91.95
CA ARG K 2258 -94.20 84.62 92.21
C ARG K 2258 -95.67 84.40 91.89
N THR K 2259 -96.53 85.38 92.18
CA THR K 2259 -97.95 85.24 91.86
C THR K 2259 -98.16 85.13 90.34
N THR K 2260 -97.58 86.06 89.59
CA THR K 2260 -97.73 86.01 88.13
C THR K 2260 -97.10 84.75 87.56
N TYR K 2261 -95.98 84.29 88.13
CA TYR K 2261 -95.36 83.05 87.68
C TYR K 2261 -96.31 81.87 87.83
N THR K 2262 -96.84 81.65 89.03
CA THR K 2262 -97.68 80.48 89.24
C THR K 2262 -98.97 80.58 88.45
N ARG K 2263 -99.59 81.76 88.40
CA ARG K 2263 -100.87 81.87 87.70
C ARG K 2263 -100.69 81.76 86.19
N SER K 2264 -99.59 82.30 85.66
CA SER K 2264 -99.35 82.22 84.23
C SER K 2264 -99.05 80.79 83.80
N LEU K 2265 -98.20 80.09 84.55
CA LEU K 2265 -97.93 78.71 84.16
C LEU K 2265 -99.14 77.81 84.39
N ALA K 2266 -99.97 78.12 85.39
CA ALA K 2266 -101.21 77.38 85.58
C ALA K 2266 -102.13 77.54 84.38
N VAL K 2267 -102.43 78.79 84.00
CA VAL K 2267 -103.37 79.01 82.92
C VAL K 2267 -102.80 78.49 81.60
N MET K 2268 -101.47 78.59 81.43
CA MET K 2268 -100.85 77.99 80.25
C MET K 2268 -100.96 76.48 80.27
N SER K 2269 -100.89 75.87 81.45
CA SER K 2269 -101.05 74.42 81.56
C SER K 2269 -102.45 74.00 81.15
N MET K 2270 -103.47 74.73 81.63
CA MET K 2270 -104.83 74.36 81.23
C MET K 2270 -105.08 74.61 79.74
N THR K 2271 -104.56 75.71 79.20
CA THR K 2271 -104.72 75.95 77.76
C THR K 2271 -104.01 74.88 76.95
N GLY K 2272 -102.83 74.46 77.38
CA GLY K 2272 -102.14 73.39 76.68
C GLY K 2272 -102.88 72.06 76.78
N TYR K 2273 -103.52 71.80 77.92
CA TYR K 2273 -104.30 70.58 78.06
C TYR K 2273 -105.52 70.60 77.14
N ILE K 2274 -106.26 71.69 77.12
CA ILE K 2274 -107.45 71.76 76.29
C ILE K 2274 -107.11 71.88 74.80
N LEU K 2275 -105.89 72.33 74.48
CA LEU K 2275 -105.44 72.38 73.10
C LEU K 2275 -104.82 71.06 72.67
N GLY K 2276 -104.44 70.21 73.63
CA GLY K 2276 -103.65 69.05 73.30
C GLY K 2276 -102.19 69.35 73.08
N LEU K 2277 -101.72 70.52 73.52
CA LEU K 2277 -100.33 70.90 73.34
C LEU K 2277 -99.44 70.08 74.26
N GLY K 2278 -98.48 69.37 73.67
CA GLY K 2278 -97.52 68.61 74.45
C GLY K 2278 -96.11 68.95 74.04
N ASP K 2279 -95.17 68.06 74.36
CA ASP K 2279 -93.75 68.19 74.02
C ASP K 2279 -93.19 69.51 74.57
N ARG K 2280 -93.26 69.64 75.88
CA ARG K 2280 -92.78 70.82 76.58
C ARG K 2280 -91.49 70.50 77.33
N HIS K 2281 -90.50 71.39 77.19
CA HIS K 2281 -89.21 71.24 77.84
C HIS K 2281 -88.73 72.62 78.28
N PRO K 2282 -87.85 72.69 79.29
CA PRO K 2282 -87.41 73.99 79.81
C PRO K 2282 -86.64 74.84 78.81
N SER K 2283 -86.24 74.30 77.66
CA SER K 2283 -85.66 75.15 76.63
C SER K 2283 -86.71 76.05 76.01
N ASN K 2284 -87.88 75.50 75.66
CA ASN K 2284 -88.94 76.34 75.11
C ASN K 2284 -89.78 77.01 76.18
N LEU K 2285 -89.76 76.51 77.41
CA LEU K 2285 -90.36 77.24 78.53
C LEU K 2285 -89.57 78.51 78.79
N MET K 2286 -90.18 79.66 78.54
CA MET K 2286 -89.48 80.95 78.56
C MET K 2286 -89.99 81.78 79.74
N LEU K 2287 -89.10 82.09 80.68
CA LEU K 2287 -89.44 82.90 81.83
C LEU K 2287 -89.20 84.38 81.54
N ASP K 2288 -90.12 85.22 82.00
CA ASP K 2288 -90.06 86.67 81.76
C ASP K 2288 -89.27 87.37 82.86
N ARG K 2289 -88.34 88.22 82.45
CA ARG K 2289 -87.60 89.07 83.38
C ARG K 2289 -88.44 90.20 83.99
N ILE K 2290 -89.48 90.65 83.29
CA ILE K 2290 -90.28 91.77 83.80
C ILE K 2290 -91.36 91.26 84.76
N THR K 2291 -92.26 90.42 84.26
CA THR K 2291 -93.41 89.97 85.04
C THR K 2291 -93.22 88.59 85.64
N GLY K 2292 -92.52 87.69 84.97
CA GLY K 2292 -92.42 86.31 85.41
C GLY K 2292 -93.36 85.35 84.72
N LYS K 2293 -94.05 85.80 83.67
CA LYS K 2293 -94.95 84.94 82.93
C LYS K 2293 -94.18 83.96 82.05
N VAL K 2294 -94.78 82.83 81.79
CA VAL K 2294 -94.18 81.78 80.98
C VAL K 2294 -94.59 82.00 79.52
N ILE K 2295 -93.66 81.72 78.62
CA ILE K 2295 -93.89 81.81 77.18
C ILE K 2295 -93.49 80.47 76.57
N HIS K 2296 -94.37 79.89 75.76
CA HIS K 2296 -94.13 78.59 75.18
C HIS K 2296 -93.85 78.74 73.68
N ILE K 2297 -93.13 77.76 73.13
CA ILE K 2297 -92.66 77.77 71.75
C ILE K 2297 -93.04 76.44 71.12
N ASP K 2298 -93.09 76.44 69.78
CA ASP K 2298 -93.17 75.23 68.95
C ASP K 2298 -94.43 74.42 69.26
N PHE K 2299 -95.57 75.03 68.90
CA PHE K 2299 -96.88 74.47 69.15
C PHE K 2299 -97.33 73.49 68.08
N GLY K 2300 -96.40 72.86 67.36
CA GLY K 2300 -96.78 71.90 66.34
C GLY K 2300 -97.46 70.66 66.92
N ASP K 2301 -97.02 70.21 68.08
CA ASP K 2301 -97.59 69.02 68.71
C ASP K 2301 -98.85 69.44 69.47
N CYS K 2302 -99.99 69.39 68.77
CA CYS K 2302 -101.27 69.76 69.34
C CYS K 2302 -102.24 68.58 69.22
N PHE K 2303 -103.38 68.71 69.91
CA PHE K 2303 -104.42 67.67 69.96
C PHE K 2303 -103.85 66.34 70.47
N GLU K 2304 -102.93 66.43 71.42
CA GLU K 2304 -102.28 65.27 72.05
C GLU K 2304 -101.62 64.36 71.02
N ALA K 2305 -100.93 64.97 70.06
CA ALA K 2305 -100.21 64.21 69.03
C ALA K 2305 -99.02 63.45 69.59
N ALA K 2306 -98.52 63.85 70.76
CA ALA K 2306 -97.38 63.18 71.36
C ALA K 2306 -97.73 61.76 71.79
N ILE K 2307 -98.98 61.52 72.18
CA ILE K 2307 -99.41 60.16 72.49
C ILE K 2307 -99.49 59.33 71.22
N LEU K 2308 -100.02 59.91 70.14
CA LEU K 2308 -100.22 59.15 68.91
C LEU K 2308 -98.89 58.81 68.24
N ARG K 2309 -97.92 59.72 68.26
CA ARG K 2309 -96.63 59.45 67.64
C ARG K 2309 -95.87 58.36 68.40
N GLU K 2310 -95.04 57.62 67.67
CA GLU K 2310 -94.46 56.39 68.20
C GLU K 2310 -93.31 56.65 69.18
N LYS K 2311 -92.55 57.72 68.99
CA LYS K 2311 -91.32 57.91 69.75
C LYS K 2311 -91.61 58.28 71.21
N PHE K 2312 -91.76 57.25 72.05
CA PHE K 2312 -92.01 57.37 73.48
C PHE K 2312 -93.20 58.27 73.80
N PRO K 2313 -94.43 57.81 73.59
CA PRO K 2313 -95.61 58.64 73.86
C PRO K 2313 -95.67 59.07 75.32
N GLU K 2314 -96.17 60.29 75.53
CA GLU K 2314 -96.23 60.84 76.87
C GLU K 2314 -97.40 60.25 77.66
N LYS K 2315 -97.15 59.99 78.93
CA LYS K 2315 -98.20 59.60 79.86
C LYS K 2315 -98.68 60.76 80.73
N VAL K 2316 -97.79 61.70 81.03
CA VAL K 2316 -98.15 62.88 81.83
C VAL K 2316 -99.06 63.78 80.99
N PRO K 2317 -100.07 64.43 81.59
CA PRO K 2317 -100.87 65.39 80.82
C PRO K 2317 -100.10 66.63 80.41
N PHE K 2318 -99.45 67.27 81.38
CA PHE K 2318 -98.66 68.47 81.13
C PHE K 2318 -97.42 68.45 82.02
N ARG K 2319 -96.39 69.16 81.58
CA ARG K 2319 -95.12 69.16 82.27
C ARG K 2319 -95.24 69.92 83.60
N LEU K 2320 -95.26 69.17 84.70
CA LEU K 2320 -95.24 69.75 86.05
C LEU K 2320 -94.29 68.90 86.87
N THR K 2321 -93.02 69.31 86.90
CA THR K 2321 -91.98 68.52 87.54
C THR K 2321 -91.80 68.95 89.00
N ARG K 2322 -90.94 68.20 89.71
CA ARG K 2322 -90.63 68.52 91.09
C ARG K 2322 -89.98 69.89 91.22
N MET K 2323 -89.22 70.29 90.21
CA MET K 2323 -88.63 71.63 90.18
C MET K 2323 -89.71 72.70 90.17
N LEU K 2324 -90.76 72.51 89.35
CA LEU K 2324 -91.88 73.44 89.33
C LEU K 2324 -92.64 73.43 90.65
N THR K 2325 -92.86 72.24 91.23
CA THR K 2325 -93.61 72.17 92.48
C THR K 2325 -92.86 72.87 93.60
N TYR K 2326 -91.53 72.75 93.63
CA TYR K 2326 -90.74 73.49 94.60
C TYR K 2326 -90.65 74.96 94.28
N ALA K 2327 -90.82 75.35 93.01
CA ALA K 2327 -90.90 76.76 92.67
C ALA K 2327 -92.26 77.37 92.96
N MET K 2328 -93.28 76.54 93.19
CA MET K 2328 -94.61 77.01 93.56
C MET K 2328 -94.63 77.67 94.93
N GLU K 2329 -95.79 78.18 95.32
CA GLU K 2329 -95.98 78.66 96.67
C GLU K 2329 -95.91 77.51 97.67
N VAL K 2330 -95.70 77.86 98.94
CA VAL K 2330 -95.63 76.85 99.99
C VAL K 2330 -96.97 76.16 100.24
N SER K 2331 -98.06 76.66 99.67
CA SER K 2331 -99.34 75.97 99.74
C SER K 2331 -99.37 74.70 98.93
N GLY K 2332 -98.37 74.46 98.09
CA GLY K 2332 -98.29 73.22 97.33
C GLY K 2332 -99.05 73.29 96.02
N ILE K 2333 -99.18 72.11 95.42
CA ILE K 2333 -99.88 71.99 94.14
C ILE K 2333 -101.37 72.25 94.27
N GLU K 2334 -101.92 72.12 95.47
CA GLU K 2334 -103.35 72.26 95.71
C GLU K 2334 -103.73 73.64 96.25
N GLY K 2335 -102.81 74.59 96.23
CA GLY K 2335 -103.07 75.92 96.74
C GLY K 2335 -103.82 76.79 95.76
N SER K 2336 -103.29 77.98 95.47
CA SER K 2336 -103.90 78.88 94.49
C SER K 2336 -103.98 78.24 93.10
N PHE K 2337 -103.14 77.24 92.84
CA PHE K 2337 -103.20 76.50 91.58
C PHE K 2337 -104.57 75.85 91.40
N ARG K 2338 -105.12 75.26 92.47
CA ARG K 2338 -106.41 74.60 92.38
C ARG K 2338 -107.53 75.58 92.13
N ILE K 2339 -107.48 76.76 92.76
CA ILE K 2339 -108.52 77.77 92.53
C ILE K 2339 -108.43 78.30 91.10
N THR K 2340 -107.21 78.50 90.60
CA THR K 2340 -107.04 78.89 89.20
C THR K 2340 -107.57 77.82 88.26
N CYS K 2341 -107.34 76.55 88.59
CA CYS K 2341 -107.88 75.45 87.79
C CYS K 2341 -109.40 75.49 87.77
N GLU K 2342 -110.01 75.69 88.94
CA GLU K 2342 -111.47 75.73 89.03
C GLU K 2342 -112.02 76.87 88.20
N ASN K 2343 -111.40 78.05 88.28
CA ASN K 2343 -111.85 79.19 87.48
C ASN K 2343 -111.70 78.92 85.99
N VAL K 2344 -110.58 78.33 85.58
CA VAL K 2344 -110.33 78.14 84.15
C VAL K 2344 -111.30 77.12 83.56
N MET K 2345 -111.46 75.96 84.22
CA MET K 2345 -112.43 75.01 83.68
C MET K 2345 -113.88 75.47 83.85
N LYS K 2346 -114.20 76.30 84.85
CA LYS K 2346 -115.57 76.76 84.93
C LYS K 2346 -115.88 77.75 83.80
N VAL K 2347 -114.93 78.62 83.45
CA VAL K 2347 -115.20 79.52 82.33
C VAL K 2347 -115.12 78.76 81.00
N LEU K 2348 -114.28 77.72 80.93
CA LEU K 2348 -114.21 76.93 79.70
C LEU K 2348 -115.48 76.13 79.47
N ARG K 2349 -116.07 75.59 80.54
CA ARG K 2349 -117.34 74.89 80.40
C ARG K 2349 -118.49 75.87 80.19
N ASP K 2350 -118.35 77.12 80.67
CA ASP K 2350 -119.35 78.14 80.36
C ASP K 2350 -119.26 78.61 78.91
N ASN K 2351 -118.09 78.48 78.28
CA ASN K 2351 -117.89 78.84 76.88
C ASN K 2351 -117.75 77.61 76.00
N LYS K 2352 -118.61 76.61 76.25
CA LYS K 2352 -118.51 75.32 75.57
C LYS K 2352 -118.77 75.43 74.08
N GLY K 2353 -119.76 76.24 73.68
CA GLY K 2353 -120.12 76.31 72.27
C GLY K 2353 -119.06 76.99 71.41
N SER K 2354 -118.43 78.05 71.94
CA SER K 2354 -117.47 78.81 71.14
C SER K 2354 -116.23 77.98 70.81
N LEU K 2355 -115.75 77.18 71.76
CA LEU K 2355 -114.54 76.40 71.52
C LEU K 2355 -114.77 75.32 70.47
N MET K 2356 -115.92 74.63 70.51
CA MET K 2356 -116.19 73.63 69.48
C MET K 2356 -116.45 74.28 68.14
N ALA K 2357 -117.09 75.46 68.14
CA ALA K 2357 -117.27 76.19 66.88
C ALA K 2357 -115.93 76.59 66.28
N ILE K 2358 -114.96 76.94 67.11
CA ILE K 2358 -113.62 77.27 66.61
C ILE K 2358 -112.93 76.03 66.06
N LEU K 2359 -112.95 74.94 66.82
CA LEU K 2359 -112.17 73.76 66.42
C LEU K 2359 -112.84 72.92 65.35
N GLU K 2360 -114.11 73.18 65.03
CA GLU K 2360 -114.76 72.44 63.96
C GLU K 2360 -114.27 72.84 62.57
N ALA K 2361 -113.70 74.03 62.42
CA ALA K 2361 -113.40 74.55 61.09
C ALA K 2361 -112.21 73.84 60.46
N PHE K 2362 -111.13 73.63 61.21
CA PHE K 2362 -109.87 73.13 60.67
C PHE K 2362 -109.68 71.64 60.92
N ALA K 2363 -110.76 70.88 61.02
CA ALA K 2363 -110.63 69.44 61.25
C ALA K 2363 -110.39 68.68 59.94
N PHE K 2364 -111.34 68.74 59.02
CA PHE K 2364 -111.36 67.84 57.86
C PHE K 2364 -110.42 68.25 56.75
N ASP K 2365 -109.86 69.47 56.79
CA ASP K 2365 -109.01 69.93 55.71
C ASP K 2365 -107.70 69.14 55.68
N PRO K 2366 -107.14 68.91 54.48
CA PRO K 2366 -105.88 68.16 54.38
C PRO K 2366 -104.65 69.04 54.57
N LEU K 2367 -104.85 70.24 55.11
CA LEU K 2367 -103.76 71.18 55.36
C LEU K 2367 -103.28 71.15 56.81
N ILE K 2368 -103.79 70.22 57.62
CA ILE K 2368 -103.45 70.15 59.03
C ILE K 2368 -102.59 68.93 59.36
N ASN K 2369 -102.59 67.90 58.52
CA ASN K 2369 -101.96 66.62 58.84
C ASN K 2369 -100.44 66.77 58.78
N TRP K 2370 -99.90 67.37 59.83
CA TRP K 2370 -98.46 67.54 60.01
C TRP K 2370 -97.93 66.75 61.20
N GLY K 2371 -98.64 66.75 62.32
CA GLY K 2371 -98.25 65.99 63.49
C GLY K 2371 -99.04 64.71 63.72
N PHE K 2372 -99.84 64.28 62.75
CA PHE K 2372 -100.66 63.08 62.89
C PHE K 2372 -100.51 62.08 61.77
N ASP K 2373 -99.87 62.44 60.66
CA ASP K 2373 -99.71 61.53 59.54
C ASP K 2373 -98.60 60.51 59.79
N LYS K 2414 -107.51 58.89 51.25
CA LYS K 2414 -107.14 60.30 51.18
C LYS K 2414 -108.11 61.16 51.98
N ASN K 2415 -109.18 61.62 51.31
CA ASN K 2415 -110.18 62.44 51.98
C ASN K 2415 -110.91 61.65 53.06
N ALA K 2416 -111.21 60.38 52.80
CA ALA K 2416 -111.87 59.54 53.80
C ALA K 2416 -110.99 59.34 55.02
N ILE K 2417 -109.70 59.07 54.81
CA ILE K 2417 -108.77 58.93 55.94
C ILE K 2417 -108.68 60.24 56.70
N ARG K 2418 -108.59 61.36 55.98
CA ARG K 2418 -108.42 62.67 56.62
C ARG K 2418 -109.63 63.02 57.48
N ASN K 2419 -110.84 62.91 56.92
CA ASN K 2419 -112.00 63.31 57.72
C ASN K 2419 -112.37 62.28 58.77
N ALA K 2420 -112.04 61.00 58.57
CA ALA K 2420 -112.23 60.03 59.65
C ALA K 2420 -111.30 60.31 60.82
N ARG K 2421 -110.04 60.62 60.53
CA ARG K 2421 -109.10 61.02 61.58
C ARG K 2421 -109.56 62.30 62.26
N ALA K 2422 -110.08 63.25 61.47
CA ALA K 2422 -110.61 64.47 62.05
C ALA K 2422 -111.77 64.19 63.00
N MET K 2423 -112.70 63.30 62.60
CA MET K 2423 -113.84 62.99 63.44
C MET K 2423 -113.40 62.28 64.72
N LEU K 2424 -112.42 61.38 64.63
CA LEU K 2424 -111.96 60.72 65.86
C LEU K 2424 -111.27 61.71 66.79
N VAL K 2425 -110.50 62.65 66.22
CA VAL K 2425 -109.93 63.72 67.05
C VAL K 2425 -111.03 64.56 67.69
N LEU K 2426 -112.10 64.85 66.94
CA LEU K 2426 -113.20 65.64 67.49
C LEU K 2426 -113.83 64.95 68.69
N LYS K 2427 -114.17 63.67 68.54
CA LYS K 2427 -114.82 63.00 69.67
C LYS K 2427 -113.84 62.78 70.81
N ARG K 2428 -112.54 62.59 70.52
CA ARG K 2428 -111.55 62.47 71.57
C ARG K 2428 -111.44 63.76 72.38
N ILE K 2429 -111.43 64.91 71.71
CA ILE K 2429 -111.34 66.18 72.42
C ILE K 2429 -112.60 66.44 73.24
N THR K 2430 -113.78 66.12 72.68
CA THR K 2430 -115.00 66.32 73.44
C THR K 2430 -115.04 65.43 74.68
N ASP K 2431 -114.63 64.17 74.54
CA ASP K 2431 -114.59 63.26 75.68
C ASP K 2431 -113.56 63.72 76.72
N LYS K 2432 -112.41 64.22 76.26
CA LYS K 2432 -111.39 64.69 77.18
C LYS K 2432 -111.86 65.91 77.96
N LEU K 2433 -112.54 66.84 77.28
CA LEU K 2433 -113.05 68.03 77.97
C LEU K 2433 -114.17 67.67 78.94
N THR K 2434 -115.07 66.78 78.55
CA THR K 2434 -116.17 66.41 79.44
C THR K 2434 -115.67 65.62 80.64
N GLY K 2435 -114.69 64.74 80.44
CA GLY K 2435 -114.17 63.92 81.51
C GLY K 2435 -114.48 62.44 81.41
N ASN K 2436 -115.12 62.00 80.33
CA ASN K 2436 -115.46 60.60 80.11
C ASN K 2436 -114.50 59.90 79.16
N ASP K 2437 -113.33 60.48 78.91
CA ASP K 2437 -112.38 59.91 77.97
C ASP K 2437 -111.71 58.65 78.50
N ILE K 2438 -111.72 58.44 79.82
CA ILE K 2438 -111.07 57.28 80.41
C ILE K 2438 -112.11 56.21 80.74
N ARG K 2439 -113.10 56.57 81.55
CA ARG K 2439 -114.15 55.66 81.97
C ARG K 2439 -115.49 56.18 81.48
N ARG K 2440 -116.29 55.30 80.88
CA ARG K 2440 -117.61 55.69 80.39
C ARG K 2440 -118.57 55.99 81.54
N PHE K 2441 -118.50 55.21 82.62
CA PHE K 2441 -119.38 55.42 83.76
C PHE K 2441 -118.99 56.63 84.59
N ASN K 2442 -117.74 57.07 84.51
CA ASN K 2442 -117.25 58.17 85.34
C ASN K 2442 -117.51 59.48 84.62
N ASP K 2443 -118.70 60.04 84.83
CA ASP K 2443 -119.03 61.38 84.34
C ASP K 2443 -118.57 62.41 85.37
N LEU K 2444 -117.25 62.52 85.49
CA LEU K 2444 -116.65 63.32 86.54
C LEU K 2444 -116.84 64.81 86.27
N ASP K 2445 -117.10 65.56 87.33
CA ASP K 2445 -117.32 66.99 87.23
C ASP K 2445 -115.99 67.75 87.24
N VAL K 2446 -116.06 69.07 87.34
CA VAL K 2446 -114.89 69.94 87.26
C VAL K 2446 -113.90 69.70 88.41
N PRO K 2447 -114.29 69.68 89.70
CA PRO K 2447 -113.26 69.45 90.73
C PRO K 2447 -112.65 68.06 90.70
N GLU K 2448 -113.42 67.03 90.34
CA GLU K 2448 -112.85 65.70 90.19
C GLU K 2448 -111.90 65.65 89.01
N GLN K 2449 -112.22 66.39 87.94
CA GLN K 2449 -111.28 66.53 86.82
C GLN K 2449 -110.00 67.21 87.27
N VAL K 2450 -110.11 68.23 88.11
CA VAL K 2450 -108.92 68.90 88.66
C VAL K 2450 -108.07 67.92 89.44
N ASP K 2451 -108.70 67.15 90.32
CA ASP K 2451 -107.96 66.20 91.15
C ASP K 2451 -107.29 65.12 90.31
N LYS K 2452 -108.00 64.60 89.32
CA LYS K 2452 -107.42 63.53 88.50
C LYS K 2452 -106.31 64.05 87.60
N LEU K 2453 -106.46 65.26 87.06
CA LEU K 2453 -105.37 65.85 86.28
C LEU K 2453 -104.16 66.13 87.16
N ILE K 2454 -104.38 66.58 88.40
CA ILE K 2454 -103.26 66.84 89.31
C ILE K 2454 -102.52 65.55 89.63
N GLN K 2455 -103.25 64.47 89.92
CA GLN K 2455 -102.58 63.22 90.24
C GLN K 2455 -101.89 62.62 89.01
N GLN K 2456 -102.48 62.79 87.82
CA GLN K 2456 -101.83 62.30 86.61
C GLN K 2456 -100.55 63.07 86.32
N ALA K 2457 -100.57 64.38 86.55
CA ALA K 2457 -99.38 65.19 86.30
C ALA K 2457 -98.30 64.94 87.35
N THR K 2458 -98.69 64.69 88.59
CA THR K 2458 -97.73 64.49 89.66
C THR K 2458 -97.28 63.05 89.81
N SER K 2459 -97.87 62.12 89.06
CA SER K 2459 -97.39 60.74 89.08
C SER K 2459 -96.00 60.67 88.45
N VAL K 2460 -95.06 60.05 89.16
CA VAL K 2460 -93.69 59.94 88.66
C VAL K 2460 -93.59 58.95 87.52
N GLU K 2461 -94.41 57.89 87.54
CA GLU K 2461 -94.42 56.92 86.44
C GLU K 2461 -94.87 57.58 85.15
N ASN K 2462 -95.77 58.56 85.24
CA ASN K 2462 -96.22 59.31 84.07
C ASN K 2462 -95.13 60.15 83.44
N LEU K 2463 -94.02 60.38 84.14
CA LEU K 2463 -92.94 61.21 83.61
C LEU K 2463 -91.63 60.47 83.38
N CYS K 2464 -91.41 59.33 84.03
CA CYS K 2464 -90.15 58.61 83.81
C CYS K 2464 -90.09 58.02 82.40
N GLN K 2465 -91.15 57.34 81.98
CA GLN K 2465 -91.17 56.67 80.67
C GLN K 2465 -91.38 57.72 79.57
N HIS K 2466 -90.27 58.33 79.17
CA HIS K 2466 -90.30 59.43 78.22
C HIS K 2466 -89.04 59.41 77.37
N TYR K 2467 -89.11 60.12 76.25
CA TYR K 2467 -87.94 60.32 75.40
C TYR K 2467 -86.96 61.28 76.07
N ILE K 2468 -85.66 61.05 75.82
CA ILE K 2468 -84.63 61.90 76.39
C ILE K 2468 -84.71 63.30 75.80
N GLY K 2469 -85.15 63.41 74.54
CA GLY K 2469 -85.29 64.72 73.92
C GLY K 2469 -86.36 65.58 74.58
N TRP K 2470 -87.36 64.95 75.20
CA TRP K 2470 -88.36 65.68 75.97
C TRP K 2470 -87.77 66.29 77.22
N CYS K 2471 -86.62 65.79 77.70
CA CYS K 2471 -85.94 66.23 78.91
C CYS K 2471 -86.88 66.13 80.11
N PRO K 2472 -87.24 64.93 80.56
CA PRO K 2472 -88.17 64.81 81.69
C PRO K 2472 -87.53 65.07 83.04
N PHE K 2473 -86.21 64.90 83.15
CA PHE K 2473 -85.52 65.07 84.42
C PHE K 2473 -85.59 66.51 84.92
N TRP K 2474 -85.49 67.49 84.03
CA TRP K 2474 -85.56 68.89 84.45
C TRP K 2474 -87.00 69.31 84.73
N VAL L 3 -75.08 21.79 89.85
CA VAL L 3 -74.94 22.58 91.07
C VAL L 3 -74.31 23.93 90.75
N ILE L 4 -74.75 24.54 89.64
CA ILE L 4 -74.14 25.75 89.12
C ILE L 4 -75.17 26.87 89.05
N LEU L 5 -74.73 28.08 89.37
CA LEU L 5 -75.53 29.28 89.30
C LEU L 5 -74.76 30.38 88.59
N VAL L 6 -75.51 31.26 87.93
CA VAL L 6 -74.95 32.36 87.14
C VAL L 6 -75.73 33.63 87.47
N SER L 7 -75.04 34.77 87.46
CA SER L 7 -75.62 36.06 87.77
C SER L 7 -75.23 37.09 86.74
N ALA L 8 -76.15 38.00 86.43
CA ALA L 8 -75.92 39.10 85.50
C ALA L 8 -76.56 40.37 86.05
N GLY L 9 -75.98 41.51 85.69
CA GLY L 9 -76.48 42.78 86.18
C GLY L 9 -75.90 43.98 85.46
N TYR L 10 -75.61 45.05 86.22
CA TYR L 10 -75.07 46.28 85.66
C TYR L 10 -73.55 46.25 85.57
N ASP L 11 -72.92 45.09 85.79
CA ASP L 11 -71.48 44.94 85.70
C ASP L 11 -70.99 44.73 84.28
N HIS L 12 -71.90 44.72 83.29
CA HIS L 12 -71.64 44.58 81.86
C HIS L 12 -71.08 43.19 81.52
N THR L 13 -71.04 42.29 82.51
CA THR L 13 -70.52 40.94 82.36
C THR L 13 -71.40 40.00 83.17
N ILE L 14 -71.69 38.85 82.59
CA ILE L 14 -72.33 37.75 83.31
C ILE L 14 -71.22 36.93 83.96
N ARG L 15 -71.55 36.23 85.04
CA ARG L 15 -70.51 35.45 85.71
C ARG L 15 -71.14 34.30 86.48
N PHE L 16 -70.46 33.15 86.45
CA PHE L 16 -70.91 32.03 87.27
C PHE L 16 -70.42 32.19 88.71
N TRP L 17 -70.91 31.30 89.58
CA TRP L 17 -70.55 31.32 90.98
C TRP L 17 -70.53 29.89 91.50
N GLU L 18 -69.89 29.71 92.67
CA GLU L 18 -69.84 28.41 93.32
C GLU L 18 -69.64 28.62 94.81
N ALA L 19 -70.52 28.00 95.61
CA ALA L 19 -70.45 28.17 97.05
C ALA L 19 -69.29 27.41 97.67
N LEU L 20 -68.82 26.36 97.00
CA LEU L 20 -67.75 25.54 97.57
C LEU L 20 -66.44 26.32 97.68
N THR L 21 -66.11 27.13 96.67
CA THR L 21 -64.87 27.88 96.69
C THR L 21 -65.05 29.33 97.11
N GLY L 22 -66.25 29.89 96.97
CA GLY L 22 -66.50 31.25 97.40
C GLY L 22 -65.94 32.34 96.52
N VAL L 23 -65.46 32.00 95.32
CA VAL L 23 -64.89 32.97 94.41
C VAL L 23 -65.52 32.75 93.04
N CYS L 24 -65.55 33.82 92.24
CA CYS L 24 -66.13 33.74 90.91
C CYS L 24 -65.28 32.84 90.01
N SER L 25 -65.95 32.05 89.17
CA SER L 25 -65.27 31.08 88.32
C SER L 25 -64.96 31.66 86.94
N ARG L 26 -65.98 32.08 86.20
CA ARG L 26 -65.80 32.56 84.85
C ARG L 26 -66.79 33.67 84.53
N THR L 27 -66.31 34.68 83.80
CA THR L 27 -67.10 35.84 83.39
C THR L 27 -67.12 35.93 81.88
N ILE L 28 -68.24 36.43 81.35
CA ILE L 28 -68.44 36.64 79.92
C ILE L 28 -68.94 38.05 79.70
N GLN L 29 -68.30 38.77 78.79
CA GLN L 29 -68.66 40.15 78.48
C GLN L 29 -70.03 40.20 77.78
N HIS L 30 -70.67 41.36 77.84
CA HIS L 30 -71.96 41.58 77.18
C HIS L 30 -71.94 42.87 76.39
N SER L 31 -70.92 43.04 75.55
CA SER L 31 -70.73 44.31 74.85
C SER L 31 -71.70 44.48 73.68
N ASP L 32 -72.99 44.30 73.92
CA ASP L 32 -74.02 44.67 72.97
C ASP L 32 -75.10 45.51 73.64
N SER L 33 -75.44 45.17 74.89
CA SER L 33 -76.56 45.77 75.61
C SER L 33 -76.44 45.38 77.08
N GLN L 34 -77.50 45.66 77.84
CA GLN L 34 -77.60 45.30 79.24
C GLN L 34 -78.52 44.08 79.38
N VAL L 35 -78.08 43.09 80.16
CA VAL L 35 -78.85 41.86 80.33
C VAL L 35 -80.11 42.16 81.13
N ASN L 36 -81.27 41.77 80.59
CA ASN L 36 -82.52 41.87 81.31
C ASN L 36 -82.79 40.63 82.14
N ARG L 37 -82.74 39.46 81.52
CA ARG L 37 -82.93 38.18 82.20
C ARG L 37 -81.95 37.17 81.64
N LEU L 38 -81.79 36.06 82.36
CA LEU L 38 -80.99 34.97 81.83
C LEU L 38 -81.46 33.66 82.44
N GLU L 39 -81.49 32.62 81.63
CA GLU L 39 -81.96 31.30 82.02
C GLU L 39 -80.95 30.26 81.54
N ILE L 40 -80.99 29.09 82.17
CA ILE L 40 -80.03 28.02 81.90
C ILE L 40 -80.80 26.78 81.45
N THR L 41 -80.20 26.03 80.53
CA THR L 41 -80.78 24.79 80.07
C THR L 41 -80.77 23.77 81.21
N ASN L 42 -81.77 22.88 81.22
CA ASN L 42 -81.93 21.94 82.32
C ASN L 42 -80.75 20.98 82.45
N ASP L 43 -80.24 20.48 81.31
CA ASP L 43 -79.11 19.55 81.33
C ASP L 43 -77.78 20.25 81.08
N LYS L 44 -77.73 21.58 81.28
CA LYS L 44 -76.50 22.38 81.23
C LYS L 44 -75.81 22.27 79.87
N LYS L 45 -76.51 22.74 78.84
CA LYS L 45 -75.98 22.75 77.48
C LYS L 45 -75.80 24.14 76.93
N LEU L 46 -76.85 24.97 76.97
CA LEU L 46 -76.79 26.33 76.46
C LEU L 46 -77.34 27.29 77.49
N LEU L 47 -76.72 28.47 77.58
CA LEU L 47 -77.10 29.50 78.55
C LEU L 47 -77.69 30.67 77.78
N ALA L 48 -78.98 30.94 78.01
CA ALA L 48 -79.67 32.00 77.29
C ALA L 48 -79.64 33.29 78.10
N THR L 49 -79.31 34.39 77.43
CA THR L 49 -79.37 35.71 78.03
C THR L 49 -80.20 36.62 77.14
N ALA L 50 -80.84 37.60 77.77
CA ALA L 50 -81.83 38.46 77.12
C ALA L 50 -81.39 39.90 77.31
N GLY L 51 -81.02 40.56 76.21
CA GLY L 51 -80.58 41.94 76.25
C GLY L 51 -81.52 42.90 75.56
N HIS L 52 -81.15 43.31 74.35
CA HIS L 52 -81.95 44.24 73.56
C HIS L 52 -82.05 43.69 72.14
N GLN L 53 -83.29 43.45 71.69
CA GLN L 53 -83.65 42.87 70.40
C GLN L 53 -82.77 41.68 70.01
N ASN L 54 -82.31 40.92 71.01
CA ASN L 54 -81.42 39.80 70.80
C ASN L 54 -81.58 38.82 71.96
N VAL L 55 -81.69 37.54 71.64
CA VAL L 55 -81.56 36.46 72.61
C VAL L 55 -80.30 35.68 72.26
N ARG L 56 -79.43 35.48 73.24
CA ARG L 56 -78.08 34.97 72.97
C ARG L 56 -77.83 33.70 73.76
N LEU L 57 -77.43 32.65 73.06
CA LEU L 57 -77.07 31.37 73.68
C LEU L 57 -75.56 31.25 73.71
N TYR L 58 -75.01 31.17 74.92
CA TYR L 58 -73.61 30.87 75.15
C TYR L 58 -73.44 29.39 75.48
N ASP L 59 -72.20 28.93 75.40
CA ASP L 59 -71.83 27.55 75.73
C ASP L 59 -71.12 27.51 77.07
N ILE L 60 -71.51 26.55 77.90
CA ILE L 60 -71.00 26.49 79.27
C ILE L 60 -69.67 25.74 79.35
N ARG L 61 -69.60 24.53 78.78
CA ARG L 61 -68.41 23.72 78.96
C ARG L 61 -67.22 24.20 78.15
N THR L 62 -67.40 25.18 77.26
CA THR L 62 -66.29 25.72 76.51
C THR L 62 -65.53 26.74 77.36
N THR L 63 -64.31 27.07 76.91
CA THR L 63 -63.43 27.97 77.65
C THR L 63 -63.50 29.38 77.07
N ASN L 64 -64.62 30.04 77.39
CA ASN L 64 -64.87 31.43 77.03
C ASN L 64 -64.69 31.73 75.54
N PRO L 65 -65.51 31.14 74.66
CA PRO L 65 -65.43 31.47 73.24
C PRO L 65 -66.33 32.64 72.87
N ASN L 66 -66.41 32.93 71.58
CA ASN L 66 -67.45 33.83 71.10
C ASN L 66 -68.82 33.18 71.30
N PRO L 67 -69.89 33.98 71.43
CA PRO L 67 -71.24 33.42 71.58
C PRO L 67 -71.59 32.47 70.45
N VAL L 68 -72.21 31.35 70.79
CA VAL L 68 -72.46 30.30 69.81
C VAL L 68 -73.82 30.42 69.13
N ALA L 69 -74.75 31.19 69.69
CA ALA L 69 -76.01 31.41 68.99
C ALA L 69 -76.56 32.80 69.34
N SER L 70 -77.21 33.42 68.37
CA SER L 70 -77.85 34.71 68.57
C SER L 70 -79.05 34.81 67.65
N PHE L 71 -80.19 35.24 68.19
CA PHE L 71 -81.42 35.34 67.42
C PHE L 71 -82.06 36.70 67.64
N GLU L 72 -82.65 37.24 66.57
CA GLU L 72 -83.36 38.50 66.56
C GLU L 72 -84.85 38.24 66.30
N GLY L 73 -85.61 39.31 66.12
CA GLY L 73 -87.02 39.17 65.79
C GLY L 73 -87.94 40.08 66.56
N HIS L 74 -87.38 40.98 67.36
CA HIS L 74 -88.17 41.92 68.14
C HIS L 74 -87.67 43.34 67.91
N ARG L 75 -88.60 44.30 68.02
CA ARG L 75 -88.25 45.70 67.89
C ARG L 75 -87.91 46.32 69.24
N GLY L 76 -88.75 46.09 70.24
CA GLY L 76 -88.45 46.51 71.59
C GLY L 76 -87.51 45.55 72.28
N ASN L 77 -87.06 45.95 73.46
CA ASN L 77 -86.12 45.11 74.20
C ASN L 77 -86.83 43.91 74.81
N VAL L 78 -86.12 42.80 74.85
CA VAL L 78 -86.68 41.54 75.32
C VAL L 78 -86.77 41.55 76.85
N THR L 79 -87.73 40.79 77.37
CA THR L 79 -88.01 40.76 78.80
C THR L 79 -87.76 39.39 79.42
N SER L 80 -88.27 38.32 78.83
CA SER L 80 -88.13 37.00 79.42
C SER L 80 -87.93 35.95 78.34
N VAL L 81 -87.33 34.82 78.74
CA VAL L 81 -87.10 33.69 77.85
C VAL L 81 -87.60 32.42 78.54
N SER L 82 -88.40 31.63 77.84
CA SER L 82 -88.92 30.37 78.34
C SER L 82 -88.31 29.22 77.54
N PHE L 83 -87.79 28.24 78.29
CA PHE L 83 -87.11 27.07 77.76
C PHE L 83 -88.09 25.92 77.55
N GLN L 84 -87.55 24.74 77.30
CA GLN L 84 -88.34 23.52 77.23
C GLN L 84 -87.51 22.38 77.79
N GLN L 85 -88.18 21.44 78.48
CA GLN L 85 -87.46 20.32 79.07
C GLN L 85 -86.92 19.36 78.01
N ASP L 86 -87.54 19.32 76.84
CA ASP L 86 -87.00 18.60 75.70
C ASP L 86 -86.21 19.48 74.75
N ASN L 87 -86.02 20.76 75.11
CA ASN L 87 -85.31 21.81 74.36
C ASN L 87 -85.59 21.80 72.86
N ARG L 88 -86.86 21.58 72.48
CA ARG L 88 -87.25 21.62 71.08
C ARG L 88 -87.88 22.95 70.67
N TRP L 89 -88.36 23.76 71.61
CA TRP L 89 -89.00 25.03 71.29
C TRP L 89 -88.57 26.07 72.33
N MET L 90 -87.86 27.10 71.86
CA MET L 90 -87.44 28.21 72.69
C MET L 90 -88.33 29.41 72.40
N VAL L 91 -88.89 30.03 73.45
CA VAL L 91 -89.81 31.15 73.28
C VAL L 91 -89.27 32.32 74.08
N THR L 92 -89.59 33.55 73.65
CA THR L 92 -89.24 34.73 74.42
C THR L 92 -90.33 35.78 74.31
N SER L 93 -90.37 36.66 75.32
CA SER L 93 -91.32 37.76 75.41
C SER L 93 -90.57 39.07 75.55
N SER L 94 -91.08 40.10 74.86
CA SER L 94 -90.39 41.38 74.70
C SER L 94 -91.41 42.50 74.89
N GLU L 95 -91.04 43.71 74.43
CA GLU L 95 -91.89 44.90 74.51
C GLU L 95 -92.84 44.97 73.29
N ASP L 96 -93.02 43.86 72.58
CA ASP L 96 -93.92 43.82 71.44
C ASP L 96 -95.11 42.88 71.60
N GLY L 97 -95.04 41.91 72.50
CA GLY L 97 -96.13 41.00 72.73
C GLY L 97 -96.26 39.88 71.72
N THR L 98 -95.40 39.84 70.71
CA THR L 98 -95.46 38.79 69.70
C THR L 98 -94.72 37.56 70.20
N ILE L 99 -95.39 36.42 70.16
CA ILE L 99 -94.81 35.17 70.64
C ILE L 99 -94.03 34.53 69.50
N LYS L 100 -92.72 34.42 69.69
CA LYS L 100 -91.83 33.82 68.70
C LYS L 100 -91.25 32.52 69.26
N VAL L 101 -91.08 31.54 68.38
CA VAL L 101 -90.59 30.22 68.76
C VAL L 101 -89.49 29.81 67.79
N TRP L 102 -88.39 29.30 68.34
CA TRP L 102 -87.24 28.85 67.53
C TRP L 102 -86.77 27.52 68.09
N ASP L 103 -85.67 27.01 67.53
CA ASP L 103 -85.17 25.70 67.95
C ASP L 103 -83.66 25.63 67.80
N VAL L 104 -83.07 24.68 68.53
CA VAL L 104 -81.64 24.37 68.52
C VAL L 104 -81.36 23.43 67.34
N ARG L 105 -80.08 23.15 67.07
CA ARG L 105 -79.64 22.14 66.11
C ARG L 105 -80.06 22.51 64.68
N SER L 106 -79.34 23.53 64.16
CA SER L 106 -79.47 24.04 62.80
C SER L 106 -80.86 24.64 62.59
N PRO L 107 -81.13 25.79 63.21
CA PRO L 107 -82.49 26.35 63.18
C PRO L 107 -82.92 26.79 61.80
N SER L 108 -84.23 26.76 61.59
CA SER L 108 -84.91 27.29 60.42
C SER L 108 -85.83 28.42 60.88
N ILE L 109 -86.67 28.91 59.96
CA ILE L 109 -87.61 29.96 60.30
C ILE L 109 -89.03 29.39 60.34
N PRO L 110 -89.57 29.11 61.53
CA PRO L 110 -90.97 28.68 61.62
C PRO L 110 -91.93 29.85 61.69
N ARG L 111 -93.21 29.57 61.90
CA ARG L 111 -94.21 30.62 61.98
C ARG L 111 -94.01 31.50 63.20
N ASN L 112 -94.42 32.76 63.08
CA ASN L 112 -94.35 33.72 64.16
C ASN L 112 -95.75 34.23 64.47
N TYR L 113 -96.06 34.35 65.75
CA TYR L 113 -97.39 34.74 66.21
C TYR L 113 -97.35 36.20 66.66
N LYS L 114 -98.29 37.00 66.17
CA LYS L 114 -98.35 38.42 66.46
C LYS L 114 -99.50 38.72 67.42
N HIS L 115 -99.25 39.65 68.35
CA HIS L 115 -100.24 40.02 69.34
C HIS L 115 -99.96 41.42 69.83
N ASN L 116 -100.98 42.26 69.86
CA ASN L 116 -100.86 43.63 70.35
C ASN L 116 -100.86 43.63 71.88
N ALA L 117 -100.87 44.85 72.46
CA ALA L 117 -100.84 45.08 73.90
C ALA L 117 -99.68 44.33 74.54
N PRO L 118 -98.46 44.84 74.40
CA PRO L 118 -97.25 44.02 74.60
C PRO L 118 -97.17 43.36 75.97
N VAL L 119 -96.77 42.09 75.96
CA VAL L 119 -96.83 41.26 77.15
C VAL L 119 -95.68 41.57 78.09
N ASN L 120 -95.83 41.16 79.34
CA ASN L 120 -94.80 41.32 80.37
C ASN L 120 -94.02 40.03 80.59
N GLU L 121 -94.71 38.93 80.91
CA GLU L 121 -94.01 37.67 81.17
C GLU L 121 -94.79 36.52 80.56
N VAL L 122 -94.10 35.38 80.39
CA VAL L 122 -94.67 34.19 79.77
C VAL L 122 -94.32 32.96 80.61
N VAL L 123 -95.11 31.90 80.40
CA VAL L 123 -94.86 30.61 81.04
C VAL L 123 -95.49 29.52 80.18
N ILE L 124 -94.93 28.32 80.25
CA ILE L 124 -95.36 27.17 79.45
C ILE L 124 -95.84 26.08 80.39
N HIS L 125 -97.03 25.55 80.13
CA HIS L 125 -97.56 24.44 80.91
C HIS L 125 -96.75 23.17 80.67
N PRO L 126 -96.75 22.25 81.64
CA PRO L 126 -96.00 20.99 81.47
C PRO L 126 -96.50 20.11 80.33
N ASN L 127 -97.70 20.35 79.81
CA ASN L 127 -98.17 19.61 78.64
C ASN L 127 -97.43 19.99 77.36
N GLN L 128 -96.60 21.04 77.41
CA GLN L 128 -95.72 21.45 76.32
C GLN L 128 -96.49 21.94 75.12
N GLY L 129 -97.72 22.39 75.32
CA GLY L 129 -98.54 22.91 74.24
C GLY L 129 -99.30 24.17 74.60
N GLU L 130 -99.24 24.58 75.86
CA GLU L 130 -100.02 25.70 76.36
C GLU L 130 -99.11 26.79 76.89
N LEU L 131 -99.43 28.04 76.55
CA LEU L 131 -98.64 29.20 76.94
C LEU L 131 -99.55 30.22 77.63
N ILE L 132 -99.13 30.70 78.79
CA ILE L 132 -99.84 31.75 79.52
C ILE L 132 -98.94 32.95 79.62
N SER L 133 -99.44 34.11 79.17
CA SER L 133 -98.71 35.37 79.22
C SER L 133 -99.44 36.33 80.14
N CYS L 134 -98.71 36.96 81.05
CA CYS L 134 -99.25 38.05 81.86
C CYS L 134 -98.81 39.37 81.26
N ASP L 135 -99.77 40.30 81.16
CA ASP L 135 -99.56 41.61 80.58
C ASP L 135 -99.55 42.66 81.68
N ARG L 136 -99.18 43.88 81.33
CA ARG L 136 -99.14 45.01 82.24
C ARG L 136 -100.45 45.79 82.27
N ASP L 137 -101.49 45.30 81.58
CA ASP L 137 -102.83 45.84 81.72
C ASP L 137 -103.73 44.94 82.55
N GLY L 138 -103.13 44.12 83.41
CA GLY L 138 -103.89 43.20 84.25
C GLY L 138 -104.61 42.11 83.49
N ASN L 139 -103.95 41.48 82.53
CA ASN L 139 -104.58 40.45 81.70
C ASN L 139 -103.71 39.20 81.66
N ILE L 140 -104.39 38.06 81.60
CA ILE L 140 -103.77 36.75 81.44
C ILE L 140 -104.28 36.16 80.13
N ARG L 141 -103.35 35.77 79.26
CA ARG L 141 -103.68 35.33 77.91
C ARG L 141 -103.18 33.91 77.71
N ILE L 142 -104.07 33.03 77.27
CA ILE L 142 -103.77 31.61 77.09
C ILE L 142 -103.78 31.31 75.60
N TRP L 143 -102.74 30.64 75.12
CA TRP L 143 -102.64 30.28 73.70
C TRP L 143 -102.09 28.87 73.58
N ASP L 144 -102.36 28.26 72.43
CA ASP L 144 -101.87 26.91 72.15
C ASP L 144 -101.56 26.77 70.66
N LEU L 145 -100.74 25.76 70.36
CA LEU L 145 -100.33 25.52 68.97
C LEU L 145 -101.47 25.02 68.10
N GLY L 146 -102.49 24.40 68.70
CA GLY L 146 -103.61 23.91 67.92
C GLY L 146 -104.42 25.02 67.27
N GLU L 147 -104.69 26.09 68.02
CA GLU L 147 -105.42 27.21 67.49
C GLU L 147 -104.54 28.04 66.57
N ASN L 148 -105.18 28.72 65.61
CA ASN L 148 -104.49 29.58 64.66
C ASN L 148 -104.54 31.05 65.07
N GLN L 149 -105.73 31.55 65.45
CA GLN L 149 -105.89 32.93 65.88
C GLN L 149 -106.67 33.10 67.17
N CYS L 150 -107.42 32.09 67.61
CA CYS L 150 -108.20 32.20 68.82
C CYS L 150 -107.31 32.08 70.06
N THR L 151 -107.74 32.72 71.14
CA THR L 151 -107.03 32.67 72.41
C THR L 151 -108.04 32.85 73.54
N HIS L 152 -107.53 32.89 74.77
CA HIS L 152 -108.36 33.05 75.96
C HIS L 152 -107.96 34.33 76.67
N GLN L 153 -108.96 35.10 77.10
CA GLN L 153 -108.75 36.37 77.77
C GLN L 153 -109.20 36.25 79.22
N LEU L 154 -108.30 36.53 80.15
CA LEU L 154 -108.58 36.53 81.57
C LEU L 154 -108.24 37.90 82.15
N THR L 155 -109.11 38.41 83.02
CA THR L 155 -108.98 39.75 83.59
C THR L 155 -109.03 39.66 85.10
N PRO L 156 -107.90 39.37 85.75
CA PRO L 156 -107.86 39.37 87.22
C PRO L 156 -108.18 40.73 87.84
N GLU L 157 -107.81 41.82 87.18
CA GLU L 157 -108.09 43.15 87.69
C GLU L 157 -108.28 44.10 86.52
N ASP L 158 -108.98 45.20 86.77
CA ASP L 158 -109.39 46.13 85.72
C ASP L 158 -108.28 47.17 85.50
N ASP L 159 -107.54 47.00 84.41
CA ASP L 159 -106.57 47.98 83.92
C ASP L 159 -105.51 48.33 84.97
N THR L 160 -104.98 47.30 85.61
CA THR L 160 -103.91 47.47 86.59
C THR L 160 -102.58 47.07 85.97
N SER L 161 -101.49 47.51 86.60
CA SER L 161 -100.15 47.19 86.12
C SER L 161 -99.67 45.90 86.79
N LEU L 162 -100.25 44.79 86.34
CA LEU L 162 -99.92 43.48 86.89
C LEU L 162 -98.45 43.16 86.63
N GLN L 163 -97.76 42.73 87.68
CA GLN L 163 -96.30 42.60 87.60
C GLN L 163 -95.88 41.30 86.92
N SER L 164 -96.21 40.15 87.52
CA SER L 164 -95.60 38.90 87.07
C SER L 164 -96.51 37.73 87.42
N LEU L 165 -95.97 36.52 87.31
CA LEU L 165 -96.73 35.32 87.63
C LEU L 165 -95.78 34.23 88.10
N SER L 166 -96.37 33.17 88.63
CA SER L 166 -95.65 31.98 89.06
C SER L 166 -96.53 30.76 88.83
N MET L 167 -95.89 29.64 88.50
CA MET L 167 -96.60 28.44 88.08
C MET L 167 -95.85 27.21 88.57
N ALA L 168 -96.60 26.13 88.81
CA ALA L 168 -96.06 24.91 89.39
C ALA L 168 -96.05 23.79 88.37
N SER L 169 -94.93 23.06 88.30
CA SER L 169 -94.79 21.96 87.34
C SER L 169 -95.77 20.83 87.60
N ASP L 170 -96.29 20.71 88.83
CA ASP L 170 -97.29 19.68 89.12
C ASP L 170 -98.66 19.99 88.53
N GLY L 171 -98.87 21.22 88.05
CA GLY L 171 -100.13 21.59 87.45
C GLY L 171 -101.27 21.68 88.45
N SER L 172 -101.08 22.46 89.50
CA SER L 172 -102.12 22.65 90.51
C SER L 172 -102.43 24.10 90.80
N MET L 173 -101.44 24.99 90.75
CA MET L 173 -101.60 26.36 91.21
C MET L 173 -101.04 27.33 90.18
N LEU L 174 -101.63 28.53 90.15
CA LEU L 174 -101.11 29.61 89.32
C LEU L 174 -101.31 30.93 90.04
N ALA L 175 -100.23 31.68 90.26
CA ALA L 175 -100.31 32.94 90.98
C ALA L 175 -99.94 34.09 90.05
N ALA L 176 -100.62 35.22 90.23
CA ALA L 176 -100.33 36.45 89.49
C ALA L 176 -100.12 37.58 90.47
N ALA L 177 -99.28 38.54 90.09
CA ALA L 177 -98.85 39.61 90.98
C ALA L 177 -98.98 40.96 90.29
N ASN L 178 -99.60 41.91 91.00
CA ASN L 178 -99.76 43.30 90.61
C ASN L 178 -98.70 44.16 91.29
N THR L 179 -98.36 45.27 90.63
CA THR L 179 -97.38 46.18 91.19
C THR L 179 -97.91 46.97 92.38
N LYS L 180 -99.22 46.94 92.62
CA LYS L 180 -99.81 47.60 93.79
C LYS L 180 -99.50 46.88 95.08
N GLY L 181 -98.94 45.68 95.03
CA GLY L 181 -98.67 44.89 96.21
C GLY L 181 -99.66 43.77 96.46
N ASN L 182 -100.48 43.42 95.47
CA ASN L 182 -101.48 42.37 95.61
C ASN L 182 -101.14 41.19 94.71
N CYS L 183 -101.71 40.04 95.06
CA CYS L 183 -101.53 38.84 94.27
C CYS L 183 -102.82 38.03 94.29
N TYR L 184 -103.02 37.26 93.23
CA TYR L 184 -104.19 36.41 93.06
C TYR L 184 -103.74 34.98 92.84
N VAL L 185 -104.46 34.03 93.45
CA VAL L 185 -104.11 32.62 93.41
C VAL L 185 -105.26 31.86 92.75
N TRP L 186 -104.94 31.02 91.78
CA TRP L 186 -105.91 30.26 91.00
C TRP L 186 -105.61 28.78 91.12
N GLU L 187 -106.62 28.01 91.52
CA GLU L 187 -106.53 26.55 91.56
C GLU L 187 -106.89 25.99 90.19
N MET L 188 -106.14 24.96 89.78
CA MET L 188 -106.28 24.39 88.44
C MET L 188 -105.95 22.91 88.55
N PRO L 189 -106.97 22.06 88.73
CA PRO L 189 -106.73 20.61 88.91
C PRO L 189 -106.36 19.88 87.63
N ASN L 190 -106.36 18.55 87.69
CA ASN L 190 -105.95 17.69 86.58
C ASN L 190 -106.83 17.92 85.34
N HIS L 191 -106.43 17.28 84.25
CA HIS L 191 -106.90 17.58 82.89
C HIS L 191 -106.61 19.05 82.55
N THR L 192 -105.31 19.32 82.47
CA THR L 192 -104.79 20.68 82.35
C THR L 192 -105.18 21.35 81.04
N ASP L 193 -105.55 20.58 80.01
CA ASP L 193 -105.83 21.14 78.68
C ASP L 193 -107.26 21.66 78.61
N ALA L 194 -107.58 22.61 79.48
CA ALA L 194 -108.88 23.26 79.50
C ALA L 194 -108.76 24.60 80.18
N SER L 195 -109.75 25.46 79.95
CA SER L 195 -109.80 26.79 80.56
C SER L 195 -110.67 26.68 81.81
N HIS L 196 -110.07 26.18 82.88
CA HIS L 196 -110.78 25.92 84.13
C HIS L 196 -109.96 26.41 85.33
N LEU L 197 -109.28 27.54 85.17
CA LEU L 197 -108.53 28.15 86.26
C LEU L 197 -109.48 28.76 87.27
N LYS L 198 -109.80 28.02 88.33
CA LYS L 198 -110.74 28.49 89.33
C LYS L 198 -110.04 29.45 90.29
N PRO L 199 -110.51 30.69 90.42
CA PRO L 199 -109.92 31.60 91.40
C PRO L 199 -110.18 31.16 92.82
N VAL L 200 -109.24 31.51 93.72
CA VAL L 200 -109.33 31.14 95.13
C VAL L 200 -109.53 32.37 96.01
N THR L 201 -108.55 33.28 96.04
CA THR L 201 -108.61 34.46 96.87
C THR L 201 -107.55 35.45 96.40
N LYS L 202 -107.46 36.58 97.08
CA LYS L 202 -106.47 37.62 96.81
C LYS L 202 -105.74 37.96 98.09
N PHE L 203 -104.40 37.98 98.02
CA PHE L 203 -103.57 38.29 99.17
C PHE L 203 -102.81 39.58 98.91
N ARG L 204 -102.91 40.53 99.85
CA ARG L 204 -102.18 41.79 99.77
C ARG L 204 -100.82 41.58 100.43
N ALA L 205 -99.84 41.19 99.61
CA ALA L 205 -98.53 40.85 100.16
C ALA L 205 -97.72 42.10 100.51
N HIS L 206 -97.84 43.15 99.70
CA HIS L 206 -97.07 44.37 99.89
C HIS L 206 -97.95 45.56 99.56
N SER L 207 -97.33 46.73 99.41
CA SER L 207 -98.02 47.94 98.99
C SER L 207 -97.30 48.70 97.88
N THR L 208 -96.00 48.52 97.72
CA THR L 208 -95.22 49.17 96.68
C THR L 208 -94.95 48.18 95.55
N TYR L 209 -94.06 48.55 94.63
CA TYR L 209 -93.73 47.72 93.48
C TYR L 209 -93.06 46.42 93.94
N ILE L 210 -93.21 45.38 93.10
CA ILE L 210 -92.81 44.03 93.44
C ILE L 210 -92.05 43.45 92.25
N THR L 211 -91.14 42.54 92.52
CA THR L 211 -90.39 41.84 91.48
C THR L 211 -90.99 40.46 91.25
N ARG L 212 -90.30 39.64 90.45
CA ARG L 212 -90.86 38.38 89.98
C ARG L 212 -91.04 37.38 91.11
N ILE L 213 -92.00 36.46 90.91
CA ILE L 213 -92.31 35.40 91.87
C ILE L 213 -91.97 34.06 91.25
N LEU L 214 -91.24 33.24 91.98
CA LEU L 214 -90.90 31.89 91.55
C LEU L 214 -91.72 30.89 92.37
N LEU L 215 -92.19 29.85 91.70
CA LEU L 215 -92.96 28.78 92.34
C LEU L 215 -92.30 27.45 92.02
N SER L 216 -91.96 26.69 93.06
CA SER L 216 -91.23 25.45 92.89
C SER L 216 -92.13 24.35 92.34
N SER L 217 -91.50 23.26 91.90
CA SER L 217 -92.25 22.10 91.43
C SER L 217 -93.06 21.49 92.56
N ASP L 218 -92.47 21.36 93.74
CA ASP L 218 -93.20 20.90 94.93
C ASP L 218 -94.08 22.04 95.43
N VAL L 219 -95.39 21.80 95.47
CA VAL L 219 -96.35 22.87 95.80
C VAL L 219 -96.48 22.86 97.32
N LYS L 220 -95.52 23.51 97.98
CA LYS L 220 -95.56 23.68 99.43
C LYS L 220 -95.07 25.04 99.90
N HIS L 221 -94.68 25.94 98.99
CA HIS L 221 -94.16 27.25 99.35
C HIS L 221 -94.48 28.22 98.23
N LEU L 222 -94.48 29.52 98.56
CA LEU L 222 -94.64 30.58 97.57
C LEU L 222 -93.78 31.75 98.01
N ALA L 223 -92.63 31.93 97.36
CA ALA L 223 -91.68 32.97 97.73
C ALA L 223 -91.71 34.10 96.71
N THR L 224 -91.71 35.33 97.21
CA THR L 224 -91.77 36.53 96.38
C THR L 224 -90.76 37.53 96.91
N CYS L 225 -90.38 38.46 96.04
CA CYS L 225 -89.47 39.54 96.40
C CYS L 225 -90.03 40.85 95.87
N SER L 226 -89.93 41.90 96.68
CA SER L 226 -90.52 43.19 96.37
C SER L 226 -89.43 44.25 96.25
N ALA L 227 -89.84 45.50 96.11
CA ALA L 227 -88.93 46.65 95.98
C ALA L 227 -88.83 47.45 97.26
N ASP L 228 -88.83 46.78 98.41
CA ASP L 228 -88.64 47.44 99.69
C ASP L 228 -87.70 46.63 100.58
N HIS L 229 -86.65 46.08 99.98
CA HIS L 229 -85.69 45.19 100.65
C HIS L 229 -86.39 44.01 101.30
N THR L 230 -87.41 43.46 100.62
CA THR L 230 -88.29 42.48 101.23
C THR L 230 -88.35 41.22 100.38
N ALA L 231 -88.18 40.07 101.03
CA ALA L 231 -88.38 38.77 100.38
C ALA L 231 -89.20 37.90 101.34
N ARG L 232 -90.43 37.59 100.94
CA ARG L 232 -91.38 36.92 101.83
C ARG L 232 -91.79 35.58 101.22
N VAL L 233 -91.79 34.54 102.05
CA VAL L 233 -92.30 33.22 101.66
C VAL L 233 -93.57 32.94 102.46
N TRP L 234 -94.59 32.48 101.76
CA TRP L 234 -95.91 32.18 102.30
C TRP L 234 -96.22 30.71 102.03
N SER L 235 -97.25 30.21 102.71
CA SER L 235 -97.71 28.84 102.52
C SER L 235 -98.76 28.78 101.42
N ILE L 236 -98.75 27.67 100.68
CA ILE L 236 -99.74 27.45 99.63
C ILE L 236 -100.67 26.28 99.96
N ASP L 237 -100.29 25.38 100.87
CA ASP L 237 -101.14 24.26 101.24
C ASP L 237 -101.18 23.98 102.73
N ASP L 238 -100.56 24.82 103.57
CA ASP L 238 -100.52 24.61 105.02
C ASP L 238 -100.88 25.92 105.71
N ASP L 239 -102.17 26.12 105.96
CA ASP L 239 -102.79 27.22 106.70
C ASP L 239 -102.76 28.55 105.96
N PHE L 240 -102.12 28.63 104.79
CA PHE L 240 -102.14 29.82 103.91
C PHE L 240 -101.65 31.08 104.64
N LYS L 241 -100.57 30.94 105.40
CA LYS L 241 -100.04 32.04 106.20
C LYS L 241 -98.62 32.38 105.76
N LEU L 242 -98.21 33.61 106.08
CA LEU L 242 -96.86 34.07 105.78
C LEU L 242 -95.86 33.33 106.65
N GLU L 243 -95.06 32.45 106.04
CA GLU L 243 -94.08 31.69 106.79
C GLU L 243 -92.94 32.58 107.27
N THR L 244 -92.21 33.20 106.34
CA THR L 244 -90.99 33.89 106.75
C THR L 244 -90.71 35.09 105.87
N THR L 245 -90.53 36.25 106.49
CA THR L 245 -90.06 37.43 105.79
C THR L 245 -88.55 37.59 105.96
N LEU L 246 -87.95 38.33 105.03
CA LEU L 246 -86.51 38.54 105.02
C LEU L 246 -86.22 39.96 104.58
N ASP L 247 -85.34 40.65 105.32
CA ASP L 247 -84.99 42.03 105.04
C ASP L 247 -83.52 42.23 105.38
N GLY L 248 -83.09 43.49 105.46
CA GLY L 248 -81.72 43.82 105.78
C GLY L 248 -80.82 44.07 104.61
N HIS L 249 -81.30 43.86 103.38
CA HIS L 249 -80.49 44.10 102.19
C HIS L 249 -80.26 45.61 101.99
N GLN L 250 -79.10 45.95 101.45
CA GLN L 250 -78.75 47.35 101.25
C GLN L 250 -79.61 47.99 100.16
N ARG L 251 -79.90 47.25 99.09
CA ARG L 251 -80.69 47.76 97.98
C ARG L 251 -81.91 46.87 97.75
N TRP L 252 -82.78 47.32 96.86
CA TRP L 252 -84.03 46.63 96.59
C TRP L 252 -83.76 45.32 95.86
N VAL L 253 -84.36 44.24 96.35
CA VAL L 253 -84.05 42.90 95.86
C VAL L 253 -84.75 42.67 94.53
N TRP L 254 -83.98 42.20 93.55
CA TRP L 254 -84.51 41.84 92.24
C TRP L 254 -84.84 40.34 92.23
N ASP L 255 -85.04 39.77 91.05
CA ASP L 255 -85.55 38.41 90.91
C ASP L 255 -84.65 37.38 91.60
N CYS L 256 -85.28 36.47 92.33
CA CYS L 256 -84.61 35.43 93.08
C CYS L 256 -84.85 34.06 92.44
N ALA L 257 -84.09 33.07 92.89
CA ALA L 257 -84.19 31.73 92.34
C ALA L 257 -84.16 30.70 93.47
N PHE L 258 -84.70 29.52 93.17
CA PHE L 258 -84.87 28.44 94.13
C PHE L 258 -83.74 27.41 94.00
N SER L 259 -83.73 26.46 94.94
CA SER L 259 -82.90 25.28 94.85
C SER L 259 -83.74 24.10 94.36
N ALA L 260 -83.13 22.91 94.36
CA ALA L 260 -83.85 21.72 93.89
C ALA L 260 -84.88 21.24 94.91
N ASP L 261 -84.54 21.32 96.21
CA ASP L 261 -85.41 20.83 97.26
C ASP L 261 -86.39 21.88 97.77
N SER L 262 -86.40 23.07 97.17
CA SER L 262 -87.25 24.19 97.60
C SER L 262 -87.02 24.55 99.06
N ALA L 263 -85.76 24.48 99.49
CA ALA L 263 -85.38 24.87 100.83
C ALA L 263 -84.24 25.87 100.86
N TYR L 264 -83.63 26.19 99.72
CA TYR L 264 -82.59 27.20 99.63
C TYR L 264 -82.97 28.19 98.53
N LEU L 265 -82.64 29.46 98.76
CA LEU L 265 -82.97 30.49 97.80
C LEU L 265 -81.78 31.44 97.61
N VAL L 266 -81.54 31.82 96.36
CA VAL L 266 -80.52 32.81 96.03
C VAL L 266 -81.21 34.10 95.63
N THR L 267 -80.75 35.20 96.23
CA THR L 267 -81.32 36.52 96.03
C THR L 267 -80.26 37.45 95.44
N ALA L 268 -80.64 38.18 94.40
CA ALA L 268 -79.78 39.16 93.75
C ALA L 268 -80.43 40.53 93.80
N SER L 269 -79.62 41.55 94.07
CA SER L 269 -80.10 42.93 94.15
C SER L 269 -79.05 43.84 93.55
N SER L 270 -79.35 45.14 93.53
CA SER L 270 -78.40 46.15 93.09
C SER L 270 -77.51 46.64 94.22
N ASP L 271 -77.36 45.85 95.28
CA ASP L 271 -76.53 46.20 96.43
C ASP L 271 -75.09 45.74 96.26
N HIS L 272 -74.64 45.55 95.01
CA HIS L 272 -73.28 45.14 94.66
C HIS L 272 -72.94 43.76 95.20
N TYR L 273 -73.95 42.96 95.54
CA TYR L 273 -73.72 41.66 96.17
C TYR L 273 -74.90 40.75 95.85
N VAL L 274 -74.65 39.44 95.92
CA VAL L 274 -75.70 38.43 95.82
C VAL L 274 -75.54 37.47 96.99
N ARG L 275 -76.66 36.90 97.44
CA ARG L 275 -76.70 36.11 98.66
C ARG L 275 -77.43 34.79 98.43
N LEU L 276 -77.13 33.82 99.28
CA LEU L 276 -77.78 32.52 99.30
C LEU L 276 -78.17 32.20 100.73
N TRP L 277 -79.45 31.82 100.92
CA TRP L 277 -80.02 31.59 102.24
C TRP L 277 -80.66 30.20 102.29
N ASP L 278 -80.65 29.64 103.49
CA ASP L 278 -81.44 28.45 103.83
C ASP L 278 -82.74 28.92 104.46
N LEU L 279 -83.87 28.56 103.84
CA LEU L 279 -85.15 29.09 104.29
C LEU L 279 -85.55 28.54 105.65
N SER L 280 -85.20 27.28 105.93
CA SER L 280 -85.55 26.67 107.21
C SER L 280 -84.84 27.37 108.37
N THR L 281 -83.55 27.66 108.20
CA THR L 281 -82.78 28.33 109.23
C THR L 281 -82.89 29.85 109.17
N ARG L 282 -83.45 30.39 108.08
CA ARG L 282 -83.53 31.83 107.78
C ARG L 282 -82.28 32.58 108.20
N GLU L 283 -81.13 32.08 107.77
CA GLU L 283 -79.84 32.61 108.17
C GLU L 283 -78.94 32.73 106.94
N ILE L 284 -77.88 33.53 107.09
CA ILE L 284 -76.90 33.70 106.03
C ILE L 284 -76.19 32.37 105.80
N VAL L 285 -76.22 31.89 104.56
CA VAL L 285 -75.47 30.72 104.14
C VAL L 285 -74.27 31.10 103.28
N ARG L 286 -74.49 31.91 102.24
CA ARG L 286 -73.42 32.36 101.38
C ARG L 286 -73.66 33.81 100.99
N GLN L 287 -72.57 34.53 100.74
CA GLN L 287 -72.64 35.93 100.31
C GLN L 287 -71.50 36.15 99.32
N TYR L 288 -71.81 36.07 98.02
CA TYR L 288 -70.78 36.18 97.00
C TYR L 288 -70.41 37.65 96.79
N GLY L 289 -69.11 37.92 96.71
CA GLY L 289 -68.63 39.26 96.53
C GLY L 289 -67.67 39.36 95.36
N GLY L 290 -67.66 40.54 94.74
CA GLY L 290 -66.82 40.78 93.58
C GLY L 290 -67.52 41.62 92.53
N HIS L 291 -68.81 41.86 92.73
CA HIS L 291 -69.59 42.65 91.79
C HIS L 291 -69.32 44.13 91.98
N HIS L 292 -68.69 44.77 90.99
CA HIS L 292 -68.45 46.21 91.07
C HIS L 292 -69.76 46.98 90.98
N LYS L 293 -70.70 46.51 90.16
CA LYS L 293 -72.02 47.11 90.01
C LYS L 293 -73.08 46.15 90.54
N GLY L 294 -74.34 46.53 90.37
CA GLY L 294 -75.43 45.71 90.86
C GLY L 294 -75.74 44.52 89.97
N ALA L 295 -76.56 43.63 90.49
CA ALA L 295 -77.01 42.43 89.78
C ALA L 295 -78.52 42.49 89.60
N VAL L 296 -78.98 42.11 88.41
CA VAL L 296 -80.39 42.22 88.08
C VAL L 296 -81.08 40.86 87.93
N CYS L 297 -80.36 39.82 87.52
CA CYS L 297 -81.01 38.52 87.33
C CYS L 297 -80.01 37.41 87.60
N VAL L 298 -80.55 36.22 87.92
CA VAL L 298 -79.76 35.03 88.20
C VAL L 298 -80.42 33.83 87.54
N ALA L 299 -79.68 32.72 87.51
CA ALA L 299 -80.21 31.44 87.05
C ALA L 299 -79.42 30.33 87.73
N LEU L 300 -80.11 29.46 88.46
CA LEU L 300 -79.49 28.39 89.22
C LEU L 300 -80.09 27.06 88.80
N ASN L 301 -79.24 26.02 88.78
CA ASN L 301 -79.74 24.67 88.56
C ASN L 301 -78.76 23.69 89.16
N ASP L 302 -79.21 22.45 89.32
CA ASP L 302 -78.39 21.38 89.86
C ASP L 302 -78.23 20.25 88.83
#